data_9H73
#
_entry.id   9H73
#
_cell.length_a   1.00
_cell.length_b   1.00
_cell.length_c   1.00
_cell.angle_alpha   90.00
_cell.angle_beta   90.00
_cell.angle_gamma   90.00
#
_symmetry.space_group_name_H-M   'P 1'
#
loop_
_entity.id
_entity.type
_entity.pdbx_description
1 polymer 'NB-ARC domain-containing protein'
2 non-polymer "ADENOSINE-5'-TRIPHOSPHATE"
#
_entity_poly.entity_id   1
_entity_poly.type   'polypeptide(L)'
_entity_poly.pdbx_seq_one_letter_code
;MADAISAAGSCEQPECECLDGTGMLDAAAREVASFLHLKSNWSDLDKAKKLLLAVETTVRARVTAEVDKLNICDPQVQVW
LRRVEELQLDAIDEDYSQLRKYSCLGQCTIHAHRRASIGRRVLEALDEANKLIEEGRRFKKFGFKPLPKIVDPLPQIKTF
GLETMLSQLYDLFEKGDSNIIGVWGQGGVGKTTLLHVFNNDLEKKAHDYQVVIFIEVSNSEALNTVEIQQTISERLNLPW
NDAEPIAKRARFLIKALGRKRFVILLDDVRKKFCLEDVGIPTPDINSQSKLILTSRYREVCFQMNAQRSLIEMQILGNDA
SWELFLSKLSTETSAAVEPLGSQSATREHAMKIAQSCGGLPLALNVIGTAVAGLEEGEWQSAADAIATNMDNIDGVDEMF
GRLKYSFDRLTPTQQQCFLYCTLFPEYGSISKEQLIGYWLAEGLLLNDSEKGYQIIRSLVSACLLQVSGSMSSKVKMHHV
IRQLGLWLVNKSDTKFLVQPGMALDNAPSAEEWNEATRISIMSNNITELSFSPKCKNVTTLLMQNNPNLNKMSYGFFRTM
SSLKVLDLSHTAITSLPECDALVALEHLNLSHTHIMRLPERLWLLKELRHLDLSVTVAFEDTMNNCSKLHKLKVLNLFRS
HYGIRDVDNLNLDSLKELLFLGITIYAEDVLKKLNMPRPLAKSTHRLNLKYCAEMQSIKISDLSHMEHLEELYVESCYDL
NTVVADAELTTSQLQFLTLSVLPSLESVLVAPMSHNFQYIRKLIISHCPKLSNITWVRRLQLLERLVISHCDGVLEIVED
EEQYGEQMKMQDHASYEQEEHAMVETSRNDTGQSDFPKLRLIVLTGLKKLRSICKAREFPCLETLRVEDCPNLRSIPLSC
THNYWKLKQICGSVEWWEKLQWENRKEVACLDSKYFIPIGSDYKDHDGDYKDHDLDAAAADYKDDDDK
;
_entity_poly.pdbx_strand_id   A,B,C,D,E,F,G,H,I,J,K,L,M,N,O,P
#
loop_
_chem_comp.id
_chem_comp.type
_chem_comp.name
_chem_comp.formula
ATP non-polymer ADENOSINE-5'-TRIPHOSPHATE 'C10 H16 N5 O13 P3'
#
# COMPACT_ATOMS: atom_id res chain seq x y z
N LEU A 36 -116.49 31.06 -51.98
CA LEU A 36 -115.73 30.08 -52.75
C LEU A 36 -114.27 30.06 -52.32
N HIS A 37 -113.86 28.95 -51.70
CA HIS A 37 -112.51 28.83 -51.17
C HIS A 37 -111.90 27.46 -51.41
N LEU A 38 -112.53 26.60 -52.21
CA LEU A 38 -112.12 25.20 -52.30
C LEU A 38 -110.72 25.06 -52.89
N LYS A 39 -110.44 25.76 -53.98
CA LYS A 39 -109.15 25.60 -54.64
C LYS A 39 -108.00 26.12 -53.79
N SER A 40 -108.17 27.28 -53.16
CA SER A 40 -107.13 27.81 -52.28
C SER A 40 -106.92 26.90 -51.08
N ASN A 41 -108.01 26.40 -50.48
CA ASN A 41 -107.87 25.53 -49.32
C ASN A 41 -107.23 24.21 -49.70
N TRP A 42 -107.49 23.72 -50.92
CA TRP A 42 -106.87 22.47 -51.36
C TRP A 42 -105.39 22.66 -51.65
N SER A 43 -105.01 23.81 -52.20
CA SER A 43 -103.59 24.11 -52.37
C SER A 43 -102.89 24.18 -51.03
N ASP A 44 -103.51 24.84 -50.05
CA ASP A 44 -102.95 24.86 -48.70
C ASP A 44 -102.87 23.46 -48.11
N LEU A 45 -103.86 22.61 -48.39
CA LEU A 45 -103.82 21.22 -47.93
C LEU A 45 -102.65 20.46 -48.54
N ASP A 46 -102.38 20.69 -49.82
CA ASP A 46 -101.24 20.03 -50.45
C ASP A 46 -99.92 20.50 -49.83
N LYS A 47 -99.79 21.81 -49.59
CA LYS A 47 -98.60 22.32 -48.92
C LYS A 47 -98.43 21.69 -47.55
N ALA A 48 -99.53 21.62 -46.79
CA ALA A 48 -99.50 21.03 -45.45
C ALA A 48 -99.15 19.55 -45.51
N LYS A 49 -99.65 18.84 -46.52
CA LYS A 49 -99.34 17.42 -46.66
C LYS A 49 -97.86 17.21 -46.91
N LYS A 50 -97.27 18.01 -47.80
CA LYS A 50 -95.83 17.86 -48.05
C LYS A 50 -95.01 18.22 -46.82
N LEU A 51 -95.38 19.29 -46.12
CA LEU A 51 -94.66 19.67 -44.91
C LEU A 51 -94.81 18.59 -43.83
N LEU A 52 -95.99 17.96 -43.76
CA LEU A 52 -96.21 16.90 -42.79
C LEU A 52 -95.37 15.67 -43.12
N LEU A 53 -95.24 15.36 -44.41
CA LEU A 53 -94.33 14.27 -44.80
C LEU A 53 -92.91 14.58 -44.38
N ALA A 54 -92.47 15.82 -44.57
CA ALA A 54 -91.12 16.20 -44.15
C ALA A 54 -90.94 16.05 -42.63
N VAL A 55 -91.92 16.54 -41.86
CA VAL A 55 -91.82 16.48 -40.40
C VAL A 55 -91.85 15.02 -39.93
N GLU A 56 -92.69 14.19 -40.56
CA GLU A 56 -92.74 12.78 -40.21
C GLU A 56 -91.42 12.09 -40.52
N THR A 57 -90.80 12.43 -41.65
CA THR A 57 -89.48 11.88 -41.96
C THR A 57 -88.46 12.26 -40.91
N THR A 58 -88.46 13.53 -40.50
CA THR A 58 -87.52 13.97 -39.46
C THR A 58 -87.77 13.22 -38.15
N VAL A 59 -89.03 13.08 -37.75
CA VAL A 59 -89.36 12.43 -36.49
C VAL A 59 -88.97 10.95 -36.54
N ARG A 60 -89.25 10.29 -37.67
CA ARG A 60 -88.90 8.88 -37.80
C ARG A 60 -87.40 8.68 -37.78
N ALA A 61 -86.64 9.56 -38.42
CA ALA A 61 -85.18 9.46 -38.36
C ALA A 61 -84.69 9.64 -36.92
N ARG A 62 -85.26 10.61 -36.21
CA ARG A 62 -84.87 10.84 -34.83
C ARG A 62 -85.20 9.64 -33.94
N VAL A 63 -86.35 9.00 -34.17
CA VAL A 63 -86.74 7.84 -33.39
C VAL A 63 -85.84 6.64 -33.72
N THR A 64 -85.55 6.43 -35.00
CA THR A 64 -84.64 5.34 -35.38
C THR A 64 -83.26 5.55 -34.78
N ALA A 65 -82.86 6.82 -34.61
CA ALA A 65 -81.62 7.08 -33.90
C ALA A 65 -81.71 6.70 -32.43
N GLU A 66 -82.92 6.56 -31.89
CA GLU A 66 -83.11 6.16 -30.50
C GLU A 66 -83.22 4.66 -30.34
N VAL A 67 -83.94 3.98 -31.25
CA VAL A 67 -84.05 2.53 -31.17
C VAL A 67 -82.69 1.87 -31.42
N ASP A 68 -81.81 2.55 -32.15
CA ASP A 68 -80.45 2.03 -32.33
C ASP A 68 -79.69 1.96 -31.01
N LYS A 69 -80.03 2.82 -30.05
CA LYS A 69 -79.45 2.76 -28.71
C LYS A 69 -80.21 1.83 -27.79
N LEU A 70 -81.03 0.93 -28.35
CA LEU A 70 -81.85 -0.03 -27.63
C LEU A 70 -82.96 0.63 -26.80
N ASN A 71 -83.19 1.93 -27.00
CA ASN A 71 -84.32 2.59 -26.36
C ASN A 71 -85.62 2.21 -27.07
N ILE A 72 -86.72 2.60 -26.47
CA ILE A 72 -88.04 2.38 -27.04
C ILE A 72 -88.64 3.71 -27.44
N CYS A 73 -89.34 3.73 -28.56
CA CYS A 73 -89.97 4.96 -29.04
C CYS A 73 -90.91 5.52 -27.98
N ASP A 74 -90.84 6.83 -27.78
CA ASP A 74 -91.62 7.47 -26.73
C ASP A 74 -93.10 7.31 -27.01
N PRO A 75 -93.92 7.01 -26.00
CA PRO A 75 -95.35 6.74 -26.27
C PRO A 75 -96.08 7.89 -26.94
N GLN A 76 -95.79 9.14 -26.57
CA GLN A 76 -96.45 10.27 -27.22
C GLN A 76 -96.00 10.40 -28.66
N VAL A 77 -94.71 10.22 -28.94
CA VAL A 77 -94.23 10.22 -30.31
C VAL A 77 -94.85 9.06 -31.08
N GLN A 78 -95.04 7.92 -30.42
CA GLN A 78 -95.68 6.78 -31.08
C GLN A 78 -97.12 7.11 -31.45
N VAL A 79 -97.85 7.77 -30.56
CA VAL A 79 -99.24 8.16 -30.86
C VAL A 79 -99.27 9.14 -32.01
N TRP A 80 -98.36 10.13 -32.01
CA TRP A 80 -98.32 11.10 -33.10
C TRP A 80 -98.02 10.41 -34.43
N LEU A 81 -97.06 9.49 -34.43
CA LEU A 81 -96.72 8.76 -35.65
C LEU A 81 -97.91 7.92 -36.13
N ARG A 82 -98.62 7.29 -35.20
CA ARG A 82 -99.77 6.49 -35.58
C ARG A 82 -100.86 7.35 -36.21
N ARG A 83 -101.10 8.54 -35.64
CA ARG A 83 -102.09 9.43 -36.23
C ARG A 83 -101.66 9.89 -37.63
N VAL A 84 -100.37 10.22 -37.79
CA VAL A 84 -99.86 10.60 -39.09
C VAL A 84 -100.07 9.48 -40.11
N GLU A 85 -99.78 8.24 -39.70
CA GLU A 85 -100.00 7.10 -40.58
C GLU A 85 -101.46 6.96 -40.95
N GLU A 86 -102.36 7.12 -39.97
CA GLU A 86 -103.79 6.91 -40.17
C GLU A 86 -104.45 8.05 -40.93
N LEU A 87 -103.76 9.19 -41.12
CA LEU A 87 -104.38 10.34 -41.78
C LEU A 87 -104.95 9.99 -43.15
N GLN A 88 -104.13 9.39 -44.02
CA GLN A 88 -104.58 8.90 -45.34
C GLN A 88 -105.24 10.01 -46.17
N LEU A 89 -104.43 11.00 -46.56
CA LEU A 89 -104.94 12.13 -47.33
C LEU A 89 -105.25 11.73 -48.77
N ASP A 90 -104.81 10.55 -49.20
CA ASP A 90 -105.04 10.13 -50.58
C ASP A 90 -106.52 9.93 -50.89
N ALA A 91 -107.34 9.62 -49.88
CA ALA A 91 -108.77 9.46 -50.12
C ALA A 91 -109.41 10.76 -50.57
N ILE A 92 -109.17 11.85 -49.82
CA ILE A 92 -109.72 13.13 -50.23
C ILE A 92 -109.04 13.62 -51.50
N ASP A 93 -107.75 13.27 -51.69
CA ASP A 93 -107.10 13.61 -52.96
C ASP A 93 -107.85 13.00 -54.14
N GLU A 94 -108.17 11.71 -54.06
CA GLU A 94 -108.91 11.04 -55.14
C GLU A 94 -110.31 11.59 -55.29
N ASP A 95 -110.97 11.91 -54.17
CA ASP A 95 -112.33 12.46 -54.25
C ASP A 95 -112.33 13.82 -54.96
N TYR A 96 -111.36 14.66 -54.63
CA TYR A 96 -111.23 15.95 -55.32
C TYR A 96 -110.88 15.76 -56.78
N SER A 97 -110.04 14.76 -57.10
CA SER A 97 -109.73 14.47 -58.48
C SER A 97 -110.96 14.04 -59.27
N GLN A 98 -111.82 13.22 -58.69
CA GLN A 98 -113.09 12.87 -59.33
C GLN A 98 -113.99 14.08 -59.48
N LEU A 99 -114.03 14.95 -58.47
CA LEU A 99 -114.83 16.17 -58.57
C LEU A 99 -114.34 17.07 -59.70
N ARG A 100 -113.03 17.06 -59.95
CA ARG A 100 -112.46 17.87 -61.01
C ARG A 100 -113.03 17.50 -62.37
N LYS A 101 -113.36 16.23 -62.58
CA LYS A 101 -113.94 15.81 -63.84
C LYS A 101 -115.38 16.33 -63.99
N TYR A 102 -116.09 16.47 -62.88
CA TYR A 102 -117.42 17.07 -62.91
C TYR A 102 -117.39 18.59 -62.94
N SER A 103 -116.20 19.19 -62.81
CA SER A 103 -116.09 20.63 -62.71
C SER A 103 -116.57 21.35 -63.97
N CYS A 104 -116.57 20.65 -65.12
CA CYS A 104 -117.07 21.27 -66.35
C CYS A 104 -118.55 21.63 -66.23
N LEU A 105 -119.29 20.90 -65.39
CA LEU A 105 -120.69 21.19 -65.12
C LEU A 105 -120.90 21.89 -63.78
N GLY A 106 -119.97 22.77 -63.40
CA GLY A 106 -120.06 23.47 -62.13
C GLY A 106 -121.25 24.41 -62.02
N GLN A 107 -121.77 24.88 -63.15
CA GLN A 107 -122.96 25.72 -63.11
C GLN A 107 -124.22 24.96 -62.72
N CYS A 108 -124.25 23.65 -62.99
CA CYS A 108 -125.43 22.84 -62.68
C CYS A 108 -125.49 22.51 -61.19
N THR A 109 -126.72 22.36 -60.69
CA THR A 109 -126.92 22.03 -59.28
C THR A 109 -126.77 20.55 -58.98
N ILE A 110 -126.63 19.71 -60.01
CA ILE A 110 -126.51 18.26 -59.79
C ILE A 110 -125.22 17.95 -59.05
N HIS A 111 -124.12 18.59 -59.45
CA HIS A 111 -122.81 18.31 -58.87
C HIS A 111 -122.53 19.10 -57.60
N ALA A 112 -123.47 19.92 -57.14
CA ALA A 112 -123.30 20.59 -55.86
C ALA A 112 -123.31 19.60 -54.71
N HIS A 113 -123.82 18.39 -54.94
CA HIS A 113 -123.81 17.35 -53.91
C HIS A 113 -122.38 16.97 -53.54
N ARG A 114 -121.47 16.94 -54.52
CA ARG A 114 -120.08 16.56 -54.25
C ARG A 114 -119.27 17.75 -53.77
N ARG A 115 -119.54 18.94 -54.30
CA ARG A 115 -118.69 20.09 -54.03
C ARG A 115 -118.71 20.48 -52.55
N ALA A 116 -119.90 20.47 -51.93
CA ALA A 116 -119.98 20.82 -50.52
C ALA A 116 -119.25 19.81 -49.65
N SER A 117 -119.37 18.52 -49.97
CA SER A 117 -118.68 17.49 -49.21
C SER A 117 -117.17 17.70 -49.26
N ILE A 118 -116.62 17.98 -50.44
CA ILE A 118 -115.20 18.29 -50.54
C ILE A 118 -114.90 19.61 -49.84
N GLY A 119 -115.78 20.60 -49.99
CA GLY A 119 -115.59 21.88 -49.36
C GLY A 119 -115.49 21.83 -47.85
N ARG A 120 -116.10 20.83 -47.21
CA ARG A 120 -115.95 20.64 -45.78
C ARG A 120 -114.85 19.65 -45.43
N ARG A 121 -114.65 18.62 -46.26
CA ARG A 121 -113.63 17.61 -45.97
C ARG A 121 -112.22 18.19 -46.10
N VAL A 122 -112.03 19.17 -46.99
CA VAL A 122 -110.73 19.80 -47.13
C VAL A 122 -110.34 20.49 -45.83
N LEU A 123 -111.28 21.22 -45.22
CA LEU A 123 -111.00 21.84 -43.93
C LEU A 123 -110.81 20.78 -42.85
N GLU A 124 -111.65 19.74 -42.86
CA GLU A 124 -111.58 18.70 -41.85
C GLU A 124 -110.25 17.97 -41.88
N ALA A 125 -109.60 17.91 -43.05
CA ALA A 125 -108.27 17.32 -43.15
C ALA A 125 -107.17 18.34 -42.91
N LEU A 126 -107.37 19.60 -43.32
CA LEU A 126 -106.32 20.60 -43.21
C LEU A 126 -106.07 20.98 -41.75
N ASP A 127 -107.13 21.10 -40.95
CA ASP A 127 -106.92 21.43 -39.54
C ASP A 127 -106.14 20.32 -38.83
N GLU A 128 -106.48 19.06 -39.12
CA GLU A 128 -105.73 17.95 -38.55
C GLU A 128 -104.28 17.95 -39.02
N ALA A 129 -104.06 18.22 -40.31
CA ALA A 129 -102.70 18.25 -40.83
C ALA A 129 -101.87 19.34 -40.16
N ASN A 130 -102.45 20.51 -39.97
CA ASN A 130 -101.72 21.59 -39.31
C ASN A 130 -101.47 21.29 -37.83
N LYS A 131 -102.44 20.66 -37.16
CA LYS A 131 -102.22 20.27 -35.77
C LYS A 131 -101.10 19.24 -35.66
N LEU A 132 -101.05 18.29 -36.60
CA LEU A 132 -99.96 17.33 -36.62
C LEU A 132 -98.63 18.01 -36.92
N ILE A 133 -98.65 19.03 -37.78
CA ILE A 133 -97.45 19.81 -38.05
C ILE A 133 -96.94 20.44 -36.77
N GLU A 134 -97.81 21.12 -36.03
CA GLU A 134 -97.39 21.87 -34.86
C GLU A 134 -97.16 20.98 -33.65
N GLU A 135 -97.59 19.72 -33.69
CA GLU A 135 -97.28 18.79 -32.61
C GLU A 135 -95.92 18.14 -32.82
N GLY A 136 -95.69 17.58 -34.01
CA GLY A 136 -94.44 16.88 -34.26
C GLY A 136 -93.23 17.80 -34.31
N ARG A 137 -93.45 19.08 -34.55
CA ARG A 137 -92.37 20.05 -34.50
C ARG A 137 -92.02 20.45 -33.06
N ARG A 138 -92.84 20.06 -32.09
CA ARG A 138 -92.64 20.41 -30.69
C ARG A 138 -91.94 19.33 -29.88
N PHE A 139 -91.65 18.18 -30.48
CA PHE A 139 -91.03 17.09 -29.73
C PHE A 139 -89.57 17.42 -29.43
N LYS A 140 -89.13 17.07 -28.22
CA LYS A 140 -87.75 17.26 -27.81
C LYS A 140 -87.09 15.99 -27.32
N LYS A 141 -87.85 15.02 -26.80
CA LYS A 141 -87.31 13.71 -26.48
C LYS A 141 -88.13 12.67 -27.23
N PHE A 142 -87.44 11.66 -27.76
CA PHE A 142 -88.07 10.70 -28.66
C PHE A 142 -87.99 9.26 -28.17
N GLY A 143 -87.24 8.97 -27.11
CA GLY A 143 -87.15 7.62 -26.60
C GLY A 143 -86.92 7.60 -25.11
N PHE A 144 -87.26 6.48 -24.49
CA PHE A 144 -87.06 6.27 -23.07
C PHE A 144 -86.43 4.91 -22.86
N LYS A 145 -85.48 4.85 -21.94
CA LYS A 145 -84.77 3.60 -21.68
C LYS A 145 -85.70 2.61 -20.98
N PRO A 146 -85.92 1.43 -21.55
CA PRO A 146 -86.84 0.48 -20.92
C PRO A 146 -86.25 -0.11 -19.65
N LEU A 147 -87.14 -0.65 -18.82
CA LEU A 147 -86.71 -1.26 -17.56
C LEU A 147 -85.89 -2.51 -17.86
N PRO A 148 -84.96 -2.89 -16.98
CA PRO A 148 -84.15 -4.07 -17.23
C PRO A 148 -85.01 -5.33 -17.33
N LYS A 149 -84.59 -6.24 -18.20
CA LYS A 149 -85.31 -7.49 -18.37
C LYS A 149 -85.22 -8.34 -17.11
N ILE A 150 -86.20 -9.23 -16.94
CA ILE A 150 -86.18 -10.13 -15.80
C ILE A 150 -84.90 -10.96 -15.80
N VAL A 151 -84.58 -11.55 -16.95
CA VAL A 151 -83.33 -12.27 -17.16
C VAL A 151 -82.83 -11.98 -18.55
N ASP A 152 -81.59 -11.51 -18.67
CA ASP A 152 -81.02 -11.22 -19.97
C ASP A 152 -80.23 -12.43 -20.48
N PRO A 153 -80.32 -12.74 -21.76
CA PRO A 153 -79.67 -13.95 -22.28
C PRO A 153 -78.16 -13.91 -22.10
N LEU A 154 -77.59 -15.07 -21.86
CA LEU A 154 -76.16 -15.29 -21.74
C LEU A 154 -75.67 -16.13 -22.91
N PRO A 155 -74.33 -16.20 -23.13
CA PRO A 155 -73.82 -16.98 -24.27
C PRO A 155 -74.41 -18.37 -24.40
N GLN A 156 -75.10 -18.63 -25.51
CA GLN A 156 -75.80 -19.89 -25.72
C GLN A 156 -75.00 -20.76 -26.70
N ILE A 157 -74.02 -21.48 -26.14
CA ILE A 157 -73.23 -22.40 -26.93
C ILE A 157 -73.96 -23.73 -27.05
N LYS A 158 -73.49 -24.57 -27.98
CA LYS A 158 -74.03 -25.92 -28.10
C LYS A 158 -73.53 -26.78 -26.96
N THR A 159 -74.45 -27.46 -26.28
CA THR A 159 -74.14 -28.23 -25.09
C THR A 159 -74.61 -29.66 -25.26
N PHE A 160 -73.81 -30.61 -24.75
CA PHE A 160 -74.09 -32.02 -24.87
C PHE A 160 -74.21 -32.65 -23.49
N GLY A 161 -75.24 -33.49 -23.31
CA GLY A 161 -75.39 -34.28 -22.11
C GLY A 161 -75.56 -33.49 -20.83
N LEU A 162 -76.08 -32.27 -20.94
CA LEU A 162 -76.30 -31.42 -19.78
C LEU A 162 -77.73 -31.46 -19.28
N GLU A 163 -78.59 -32.30 -19.86
CA GLU A 163 -79.99 -32.30 -19.47
C GLU A 163 -80.21 -32.84 -18.07
N THR A 164 -79.51 -33.92 -17.70
CA THR A 164 -79.70 -34.51 -16.38
C THR A 164 -79.22 -33.59 -15.27
N MET A 165 -78.05 -32.97 -15.46
CA MET A 165 -77.55 -32.07 -14.42
C MET A 165 -78.42 -30.82 -14.29
N LEU A 166 -78.88 -30.28 -15.42
CA LEU A 166 -79.81 -29.16 -15.36
C LEU A 166 -81.10 -29.56 -14.69
N SER A 167 -81.55 -30.80 -14.90
CA SER A 167 -82.73 -31.30 -14.20
C SER A 167 -82.51 -31.35 -12.71
N GLN A 168 -81.33 -31.81 -12.27
CA GLN A 168 -81.03 -31.82 -10.83
C GLN A 168 -81.02 -30.41 -10.27
N LEU A 169 -80.39 -29.48 -10.97
CA LEU A 169 -80.31 -28.10 -10.51
C LEU A 169 -81.71 -27.48 -10.42
N TYR A 170 -82.56 -27.73 -11.40
CA TYR A 170 -83.93 -27.22 -11.35
C TYR A 170 -84.73 -27.91 -10.26
N ASP A 171 -84.46 -29.19 -9.99
CA ASP A 171 -85.14 -29.88 -8.91
C ASP A 171 -84.84 -29.25 -7.56
N LEU A 172 -83.59 -28.85 -7.34
CA LEU A 172 -83.29 -28.11 -6.12
C LEU A 172 -83.89 -26.70 -6.15
N PHE A 173 -83.78 -26.03 -7.29
CA PHE A 173 -84.18 -24.62 -7.36
C PHE A 173 -85.67 -24.46 -7.12
N GLU A 174 -86.48 -25.35 -7.69
CA GLU A 174 -87.94 -25.24 -7.56
C GLU A 174 -88.42 -25.70 -6.19
N LYS A 175 -87.75 -26.67 -5.58
CA LYS A 175 -88.35 -27.41 -4.46
C LYS A 175 -87.44 -27.45 -3.24
N GLY A 176 -86.15 -27.21 -3.43
CA GLY A 176 -85.21 -27.29 -2.32
C GLY A 176 -85.57 -26.32 -1.19
N ASP A 177 -85.40 -26.80 0.04
CA ASP A 177 -85.78 -26.01 1.21
C ASP A 177 -84.84 -24.83 1.44
N SER A 178 -83.53 -25.05 1.29
CA SER A 178 -82.57 -23.98 1.51
C SER A 178 -82.52 -23.05 0.31
N ASN A 179 -82.38 -21.75 0.59
CA ASN A 179 -82.38 -20.73 -0.46
C ASN A 179 -80.99 -20.46 -1.01
N ILE A 180 -79.94 -21.03 -0.42
CA ILE A 180 -78.58 -20.93 -0.95
C ILE A 180 -78.20 -22.29 -1.50
N ILE A 181 -77.93 -22.34 -2.80
CA ILE A 181 -77.63 -23.58 -3.51
C ILE A 181 -76.18 -23.55 -3.97
N GLY A 182 -75.45 -24.61 -3.68
CA GLY A 182 -74.06 -24.69 -4.10
C GLY A 182 -73.82 -25.78 -5.11
N VAL A 183 -73.06 -25.47 -6.15
CA VAL A 183 -72.68 -26.43 -7.19
C VAL A 183 -71.16 -26.49 -7.22
N TRP A 184 -70.61 -27.71 -7.11
CA TRP A 184 -69.17 -27.87 -7.08
C TRP A 184 -68.74 -28.97 -8.03
N GLY A 185 -67.50 -28.84 -8.53
CA GLY A 185 -66.94 -29.78 -9.46
C GLY A 185 -65.55 -29.37 -9.91
N GLN A 186 -64.80 -30.29 -10.51
CA GLN A 186 -63.44 -29.97 -10.94
C GLN A 186 -63.44 -28.95 -12.07
N GLY A 187 -62.30 -28.31 -12.29
CA GLY A 187 -62.18 -27.31 -13.33
C GLY A 187 -62.48 -27.85 -14.71
N GLY A 188 -63.32 -27.13 -15.45
CA GLY A 188 -63.67 -27.55 -16.80
C GLY A 188 -64.82 -28.51 -16.90
N VAL A 189 -65.47 -28.86 -15.78
CA VAL A 189 -66.59 -29.80 -15.84
C VAL A 189 -67.84 -29.16 -16.45
N GLY A 190 -67.96 -27.83 -16.39
CA GLY A 190 -69.07 -27.16 -17.04
C GLY A 190 -69.93 -26.31 -16.12
N LYS A 191 -69.37 -25.87 -14.98
CA LYS A 191 -70.16 -25.14 -13.99
C LYS A 191 -70.63 -23.80 -14.54
N THR A 192 -69.71 -23.03 -15.14
CA THR A 192 -70.10 -21.75 -15.74
C THR A 192 -71.06 -21.97 -16.90
N THR A 193 -70.81 -23.00 -17.71
CA THR A 193 -71.74 -23.33 -18.79
C THR A 193 -73.08 -23.74 -18.22
N LEU A 194 -73.08 -24.44 -17.08
CA LEU A 194 -74.33 -24.78 -16.41
C LEU A 194 -75.08 -23.52 -16.00
N LEU A 195 -74.37 -22.55 -15.43
CA LEU A 195 -75.03 -21.30 -15.05
C LEU A 195 -75.57 -20.56 -16.25
N HIS A 196 -74.83 -20.57 -17.37
CA HIS A 196 -75.32 -19.93 -18.58
C HIS A 196 -76.59 -20.58 -19.09
N VAL A 197 -76.61 -21.92 -19.15
CA VAL A 197 -77.78 -22.61 -19.67
C VAL A 197 -78.93 -22.59 -18.68
N PHE A 198 -78.63 -22.31 -17.41
CA PHE A 198 -79.69 -22.18 -16.41
C PHE A 198 -80.33 -20.80 -16.47
N ASN A 199 -79.50 -19.76 -16.58
CA ASN A 199 -80.01 -18.41 -16.73
C ASN A 199 -80.79 -18.26 -18.03
N ASN A 200 -80.28 -18.84 -19.12
CA ASN A 200 -80.97 -18.75 -20.40
C ASN A 200 -82.25 -19.58 -20.40
N ASP A 201 -82.33 -20.59 -19.53
CA ASP A 201 -83.54 -21.41 -19.46
C ASP A 201 -84.64 -20.75 -18.64
N LEU A 202 -84.29 -19.85 -17.72
CA LEU A 202 -85.30 -19.17 -16.93
C LEU A 202 -86.20 -18.29 -17.78
N GLU A 203 -85.66 -17.65 -18.81
CA GLU A 203 -86.45 -16.80 -19.69
C GLU A 203 -87.44 -17.58 -20.55
N LYS A 204 -87.31 -18.91 -20.59
CA LYS A 204 -88.27 -19.74 -21.33
C LYS A 204 -89.46 -20.15 -20.46
N LYS A 205 -89.21 -20.48 -19.19
CA LYS A 205 -90.29 -20.93 -18.32
C LYS A 205 -90.95 -19.75 -17.62
N ALA A 206 -91.94 -20.08 -16.79
CA ALA A 206 -92.65 -19.10 -15.98
C ALA A 206 -92.21 -19.21 -14.54
N HIS A 207 -91.88 -18.07 -13.93
CA HIS A 207 -91.37 -18.05 -12.56
C HIS A 207 -91.77 -16.74 -11.92
N ASP A 208 -91.75 -16.74 -10.58
CA ASP A 208 -92.18 -15.59 -9.79
C ASP A 208 -91.06 -14.60 -9.51
N TYR A 209 -89.84 -14.90 -9.92
CA TYR A 209 -88.71 -14.05 -9.59
C TYR A 209 -88.70 -12.80 -10.46
N GLN A 210 -88.07 -11.74 -9.94
CA GLN A 210 -88.09 -10.44 -10.59
C GLN A 210 -86.77 -10.05 -11.24
N VAL A 211 -85.64 -10.46 -10.69
CA VAL A 211 -84.34 -10.22 -11.29
C VAL A 211 -83.49 -11.46 -11.19
N VAL A 212 -82.77 -11.78 -12.26
CA VAL A 212 -81.82 -12.89 -12.28
C VAL A 212 -80.45 -12.31 -12.61
N ILE A 213 -79.61 -12.19 -11.59
CA ILE A 213 -78.31 -11.51 -11.70
C ILE A 213 -77.22 -12.57 -11.81
N PHE A 214 -76.33 -12.38 -12.78
CA PHE A 214 -75.18 -13.25 -12.98
C PHE A 214 -73.92 -12.46 -12.66
N ILE A 215 -73.15 -12.94 -11.69
CA ILE A 215 -72.00 -12.22 -11.16
C ILE A 215 -70.77 -13.11 -11.30
N GLU A 216 -69.68 -12.54 -11.82
CA GLU A 216 -68.42 -13.25 -11.95
C GLU A 216 -67.49 -12.94 -10.77
N VAL A 217 -67.54 -13.78 -9.74
CA VAL A 217 -66.61 -13.61 -8.62
C VAL A 217 -65.25 -14.21 -8.97
N SER A 218 -65.15 -14.89 -10.12
CA SER A 218 -63.90 -15.52 -10.53
C SER A 218 -62.85 -14.50 -10.95
N ASN A 219 -63.22 -13.22 -11.02
CA ASN A 219 -62.27 -12.19 -11.44
C ASN A 219 -60.98 -12.24 -10.62
N SER A 220 -61.09 -12.48 -9.32
CA SER A 220 -59.94 -12.59 -8.46
C SER A 220 -60.35 -13.27 -7.16
N GLU A 221 -59.34 -13.56 -6.33
CA GLU A 221 -59.60 -14.01 -4.97
C GLU A 221 -59.63 -12.83 -4.00
N ALA A 222 -59.40 -11.62 -4.48
CA ALA A 222 -59.46 -10.44 -3.63
C ALA A 222 -60.85 -9.84 -3.50
N LEU A 223 -61.86 -10.43 -4.16
CA LEU A 223 -63.23 -9.94 -4.08
C LEU A 223 -63.32 -8.49 -4.53
N ASN A 224 -63.10 -8.24 -5.82
CA ASN A 224 -63.10 -6.88 -6.33
C ASN A 224 -64.54 -6.36 -6.31
N THR A 225 -64.87 -5.76 -5.15
CA THR A 225 -66.25 -5.45 -4.79
C THR A 225 -66.90 -4.47 -5.76
N VAL A 226 -66.11 -3.53 -6.29
CA VAL A 226 -66.68 -2.43 -7.05
C VAL A 226 -67.44 -2.92 -8.27
N GLU A 227 -66.86 -3.87 -9.02
CA GLU A 227 -67.55 -4.36 -10.21
C GLU A 227 -68.76 -5.22 -9.86
N ILE A 228 -68.72 -5.97 -8.76
CA ILE A 228 -69.90 -6.72 -8.35
C ILE A 228 -71.05 -5.78 -8.01
N GLN A 229 -70.75 -4.71 -7.27
CA GLN A 229 -71.78 -3.72 -6.97
C GLN A 229 -72.25 -3.02 -8.23
N GLN A 230 -71.34 -2.78 -9.18
CA GLN A 230 -71.73 -2.20 -10.46
C GLN A 230 -72.71 -3.10 -11.18
N THR A 231 -72.43 -4.40 -11.22
CA THR A 231 -73.32 -5.34 -11.89
C THR A 231 -74.68 -5.39 -11.22
N ILE A 232 -74.70 -5.43 -9.88
CA ILE A 232 -75.96 -5.48 -9.16
C ILE A 232 -76.78 -4.20 -9.40
N SER A 233 -76.12 -3.03 -9.35
CA SER A 233 -76.84 -1.78 -9.53
C SER A 233 -77.34 -1.63 -10.96
N GLU A 234 -76.52 -1.98 -11.95
CA GLU A 234 -76.95 -1.93 -13.34
C GLU A 234 -78.10 -2.90 -13.58
N ARG A 235 -78.09 -4.04 -12.91
CA ARG A 235 -79.16 -5.01 -13.04
C ARG A 235 -80.42 -4.61 -12.26
N LEU A 236 -80.30 -3.67 -11.34
CA LEU A 236 -81.44 -3.19 -10.55
C LEU A 236 -81.95 -1.83 -11.01
N ASN A 237 -81.50 -1.35 -12.18
CA ASN A 237 -81.87 -0.05 -12.72
C ASN A 237 -81.53 1.08 -11.75
N LEU A 238 -80.42 0.95 -11.03
CA LEU A 238 -80.01 1.97 -10.08
C LEU A 238 -78.96 2.90 -10.68
N PRO A 239 -78.95 4.16 -10.27
CA PRO A 239 -77.87 5.06 -10.73
C PRO A 239 -76.57 4.75 -10.02
N TRP A 240 -75.47 4.88 -10.75
CA TRP A 240 -74.15 4.57 -10.21
C TRP A 240 -73.55 5.83 -9.60
N ASN A 241 -73.63 5.94 -8.27
CA ASN A 241 -72.98 7.02 -7.54
C ASN A 241 -71.53 6.60 -7.30
N ASP A 242 -70.64 7.09 -8.15
CA ASP A 242 -69.27 6.58 -8.18
C ASP A 242 -68.53 6.88 -6.89
N ALA A 243 -68.74 8.06 -6.32
CA ALA A 243 -67.99 8.48 -5.14
C ALA A 243 -68.56 7.93 -3.84
N GLU A 244 -69.66 7.18 -3.89
CA GLU A 244 -70.25 6.64 -2.68
C GLU A 244 -69.32 5.61 -2.05
N PRO A 245 -69.16 5.60 -0.73
CA PRO A 245 -68.33 4.58 -0.09
C PRO A 245 -68.91 3.19 -0.24
N ILE A 246 -68.02 2.19 -0.20
CA ILE A 246 -68.43 0.82 -0.48
C ILE A 246 -69.42 0.30 0.55
N ALA A 247 -69.20 0.63 1.83
CA ALA A 247 -70.11 0.16 2.88
C ALA A 247 -71.50 0.75 2.73
N LYS A 248 -71.58 2.06 2.41
CA LYS A 248 -72.87 2.69 2.22
C LYS A 248 -73.61 2.09 1.03
N ARG A 249 -72.89 1.85 -0.07
CA ARG A 249 -73.51 1.20 -1.22
C ARG A 249 -73.96 -0.21 -0.89
N ALA A 250 -73.19 -0.92 -0.06
CA ALA A 250 -73.58 -2.26 0.34
C ALA A 250 -74.87 -2.24 1.15
N ARG A 251 -74.98 -1.31 2.10
CA ARG A 251 -76.23 -1.18 2.86
C ARG A 251 -77.39 -0.80 1.94
N PHE A 252 -77.16 0.11 1.01
CA PHE A 252 -78.20 0.53 0.08
C PHE A 252 -78.68 -0.64 -0.78
N LEU A 253 -77.74 -1.47 -1.25
CA LEU A 253 -78.11 -2.62 -2.07
C LEU A 253 -78.81 -3.69 -1.25
N ILE A 254 -78.40 -3.86 0.01
CA ILE A 254 -79.10 -4.78 0.90
C ILE A 254 -80.55 -4.34 1.07
N LYS A 255 -80.77 -3.04 1.23
CA LYS A 255 -82.14 -2.53 1.27
C LYS A 255 -82.86 -2.74 -0.06
N ALA A 256 -82.16 -2.53 -1.18
CA ALA A 256 -82.80 -2.58 -2.49
C ALA A 256 -83.13 -4.02 -2.88
N LEU A 257 -82.19 -4.94 -2.69
CA LEU A 257 -82.42 -6.33 -3.10
C LEU A 257 -83.47 -6.99 -2.21
N GLY A 258 -83.67 -6.48 -1.00
CA GLY A 258 -84.68 -7.03 -0.12
C GLY A 258 -86.10 -6.76 -0.59
N ARG A 259 -86.28 -5.84 -1.53
CA ARG A 259 -87.60 -5.52 -2.04
C ARG A 259 -88.02 -6.40 -3.21
N LYS A 260 -87.13 -7.24 -3.74
CA LYS A 260 -87.40 -8.02 -4.93
C LYS A 260 -87.07 -9.48 -4.69
N ARG A 261 -87.80 -10.36 -5.38
CA ARG A 261 -87.50 -11.78 -5.38
C ARG A 261 -86.38 -12.06 -6.38
N PHE A 262 -85.13 -12.03 -5.91
CA PHE A 262 -83.99 -12.09 -6.81
C PHE A 262 -83.42 -13.49 -6.90
N VAL A 263 -82.71 -13.75 -7.99
CA VAL A 263 -81.85 -14.91 -8.15
C VAL A 263 -80.48 -14.42 -8.55
N ILE A 264 -79.47 -14.73 -7.75
CA ILE A 264 -78.10 -14.30 -8.01
C ILE A 264 -77.25 -15.54 -8.28
N LEU A 265 -76.60 -15.57 -9.43
CA LEU A 265 -75.75 -16.68 -9.83
C LEU A 265 -74.29 -16.25 -9.71
N LEU A 266 -73.58 -16.80 -8.74
CA LEU A 266 -72.18 -16.49 -8.53
C LEU A 266 -71.35 -17.56 -9.23
N ASP A 267 -70.30 -17.15 -9.92
CA ASP A 267 -69.48 -18.06 -10.72
C ASP A 267 -68.07 -18.15 -10.14
N ASP A 268 -67.64 -19.36 -9.82
CA ASP A 268 -66.27 -19.67 -9.43
C ASP A 268 -65.80 -18.75 -8.29
N VAL A 269 -66.51 -18.87 -7.17
CA VAL A 269 -66.10 -18.21 -5.94
C VAL A 269 -65.01 -19.05 -5.30
N ARG A 270 -63.85 -18.44 -5.06
CA ARG A 270 -62.67 -19.18 -4.65
C ARG A 270 -62.33 -19.01 -3.18
N LYS A 271 -62.92 -18.04 -2.49
CA LYS A 271 -62.75 -17.88 -1.05
C LYS A 271 -64.09 -17.51 -0.44
N LYS A 272 -64.23 -17.82 0.84
CA LYS A 272 -65.40 -17.37 1.58
C LYS A 272 -65.40 -15.85 1.67
N PHE A 273 -66.54 -15.25 1.33
CA PHE A 273 -66.69 -13.81 1.42
C PHE A 273 -68.05 -13.48 2.00
N CYS A 274 -68.13 -12.32 2.66
CA CYS A 274 -69.36 -11.90 3.31
C CYS A 274 -70.29 -11.28 2.27
N LEU A 275 -71.50 -11.84 2.15
CA LEU A 275 -72.45 -11.32 1.17
C LEU A 275 -72.89 -9.91 1.52
N GLU A 276 -73.13 -9.63 2.81
CA GLU A 276 -73.58 -8.31 3.22
C GLU A 276 -72.50 -7.24 3.01
N ASP A 277 -71.23 -7.63 2.90
CA ASP A 277 -70.19 -6.65 2.61
C ASP A 277 -70.22 -6.22 1.15
N VAL A 278 -70.67 -7.10 0.26
CA VAL A 278 -70.77 -6.77 -1.15
C VAL A 278 -72.14 -6.19 -1.51
N GLY A 279 -73.10 -6.23 -0.59
CA GLY A 279 -74.44 -5.71 -0.84
C GLY A 279 -75.50 -6.76 -1.03
N ILE A 280 -75.14 -8.03 -1.22
CA ILE A 280 -76.15 -9.08 -1.39
C ILE A 280 -76.69 -9.48 -0.03
N PRO A 281 -78.00 -9.42 0.19
CA PRO A 281 -78.56 -9.96 1.43
C PRO A 281 -78.67 -11.48 1.34
N THR A 282 -78.26 -12.15 2.40
CA THR A 282 -78.36 -13.61 2.41
C THR A 282 -79.83 -14.02 2.44
N PRO A 283 -80.29 -14.84 1.49
CA PRO A 283 -81.70 -15.24 1.50
C PRO A 283 -81.99 -16.17 2.66
N ASP A 284 -83.23 -16.08 3.15
CA ASP A 284 -83.68 -16.89 4.27
C ASP A 284 -85.01 -17.53 3.92
N ILE A 285 -85.51 -18.34 4.84
CA ILE A 285 -86.75 -19.09 4.61
C ILE A 285 -87.92 -18.15 4.38
N ASN A 286 -87.96 -17.02 5.10
CA ASN A 286 -89.06 -16.07 4.94
C ASN A 286 -89.11 -15.47 3.55
N SER A 287 -87.97 -15.36 2.87
CA SER A 287 -87.89 -14.73 1.55
C SER A 287 -87.90 -15.79 0.46
N GLN A 288 -88.45 -15.43 -0.69
CA GLN A 288 -88.47 -16.30 -1.85
C GLN A 288 -87.17 -16.25 -2.65
N SER A 289 -86.26 -15.34 -2.30
CA SER A 289 -85.04 -15.15 -3.07
C SER A 289 -84.16 -16.39 -3.00
N LYS A 290 -83.43 -16.64 -4.09
CA LYS A 290 -82.50 -17.76 -4.18
C LYS A 290 -81.11 -17.22 -4.50
N LEU A 291 -80.10 -18.02 -4.17
CA LEU A 291 -78.71 -17.68 -4.42
C LEU A 291 -77.96 -18.94 -4.80
N ILE A 292 -77.45 -18.99 -6.03
CA ILE A 292 -76.76 -20.15 -6.55
C ILE A 292 -75.30 -19.78 -6.79
N LEU A 293 -74.39 -20.53 -6.19
CA LEU A 293 -72.97 -20.28 -6.31
C LEU A 293 -72.26 -21.55 -6.79
N THR A 294 -71.26 -21.36 -7.63
CA THR A 294 -70.45 -22.46 -8.14
C THR A 294 -69.00 -22.25 -7.74
N SER A 295 -68.34 -23.34 -7.36
CA SER A 295 -66.96 -23.29 -6.92
C SER A 295 -66.32 -24.66 -7.11
N ARG A 296 -65.02 -24.66 -7.35
CA ARG A 296 -64.28 -25.91 -7.45
C ARG A 296 -64.16 -26.63 -6.12
N TYR A 297 -64.25 -25.91 -5.01
CA TYR A 297 -63.96 -26.46 -3.69
C TYR A 297 -65.25 -26.66 -2.91
N ARG A 298 -65.43 -27.85 -2.37
CA ARG A 298 -66.57 -28.11 -1.50
C ARG A 298 -66.45 -27.35 -0.19
N GLU A 299 -65.22 -27.04 0.24
CA GLU A 299 -65.02 -26.30 1.47
C GLU A 299 -65.61 -24.90 1.37
N VAL A 300 -65.47 -24.25 0.22
CA VAL A 300 -66.05 -22.93 0.03
C VAL A 300 -67.58 -23.01 0.07
N CYS A 301 -68.15 -24.01 -0.59
CA CYS A 301 -69.60 -24.16 -0.59
C CYS A 301 -70.14 -24.45 0.80
N PHE A 302 -69.36 -25.12 1.65
CA PHE A 302 -69.78 -25.30 3.03
C PHE A 302 -69.62 -24.03 3.84
N GLN A 303 -68.57 -23.25 3.56
CA GLN A 303 -68.35 -22.01 4.29
C GLN A 303 -69.45 -20.98 4.00
N MET A 304 -69.98 -20.99 2.78
CA MET A 304 -71.02 -20.05 2.40
C MET A 304 -72.43 -20.55 2.71
N ASN A 305 -72.57 -21.45 3.67
CA ASN A 305 -73.87 -21.91 4.17
C ASN A 305 -74.69 -22.64 3.10
N ALA A 306 -74.04 -23.32 2.18
CA ALA A 306 -74.73 -24.10 1.15
C ALA A 306 -74.63 -25.60 1.39
N GLN A 307 -74.40 -26.03 2.64
CA GLN A 307 -74.18 -27.46 2.89
C GLN A 307 -75.42 -28.29 2.63
N ARG A 308 -76.61 -27.77 2.92
CA ARG A 308 -77.83 -28.56 2.81
C ARG A 308 -78.38 -28.63 1.38
N SER A 309 -77.76 -27.92 0.43
CA SER A 309 -78.20 -27.95 -0.96
C SER A 309 -77.02 -28.07 -1.93
N LEU A 310 -76.08 -28.96 -1.65
CA LEU A 310 -74.91 -29.10 -2.49
C LEU A 310 -75.14 -30.11 -3.61
N ILE A 311 -74.64 -29.79 -4.80
CA ILE A 311 -74.66 -30.67 -5.95
C ILE A 311 -73.25 -30.79 -6.50
N GLU A 312 -72.87 -32.02 -6.86
CA GLU A 312 -71.57 -32.29 -7.46
C GLU A 312 -71.74 -32.38 -8.97
N MET A 313 -70.91 -31.63 -9.70
CA MET A 313 -70.90 -31.70 -11.16
C MET A 313 -70.02 -32.87 -11.59
N GLN A 314 -70.66 -33.92 -12.07
CA GLN A 314 -69.95 -35.10 -12.51
C GLN A 314 -69.51 -34.94 -13.97
N ILE A 315 -68.50 -35.73 -14.35
CA ILE A 315 -67.98 -35.65 -15.71
C ILE A 315 -69.02 -36.17 -16.70
N LEU A 316 -68.78 -35.87 -17.98
CA LEU A 316 -69.73 -36.23 -19.03
C LEU A 316 -69.73 -37.75 -19.24
N GLY A 317 -70.84 -38.23 -19.79
CA GLY A 317 -71.00 -39.65 -20.00
C GLY A 317 -70.15 -40.16 -21.16
N ASN A 318 -70.19 -41.49 -21.32
CA ASN A 318 -69.38 -42.12 -22.36
C ASN A 318 -69.81 -41.69 -23.75
N ASP A 319 -71.12 -41.63 -24.00
CA ASP A 319 -71.61 -41.30 -25.34
C ASP A 319 -71.65 -39.80 -25.58
N ALA A 320 -72.07 -39.03 -24.57
CA ALA A 320 -72.15 -37.59 -24.70
C ALA A 320 -70.78 -36.97 -24.93
N SER A 321 -69.76 -37.47 -24.23
CA SER A 321 -68.40 -37.02 -24.49
C SER A 321 -67.96 -37.32 -25.90
N TRP A 322 -68.30 -38.50 -26.43
CA TRP A 322 -67.94 -38.83 -27.80
C TRP A 322 -68.60 -37.87 -28.79
N GLU A 323 -69.90 -37.62 -28.64
CA GLU A 323 -70.53 -36.72 -29.61
C GLU A 323 -70.08 -35.29 -29.41
N LEU A 324 -69.59 -34.93 -28.23
CA LEU A 324 -68.93 -33.65 -28.05
C LEU A 324 -67.63 -33.62 -28.84
N PHE A 325 -66.87 -34.73 -28.80
CA PHE A 325 -65.60 -34.80 -29.53
C PHE A 325 -65.83 -34.72 -31.04
N LEU A 326 -66.90 -35.36 -31.53
CA LEU A 326 -67.18 -35.36 -32.96
C LEU A 326 -67.44 -33.95 -33.48
N SER A 327 -68.20 -33.15 -32.73
CA SER A 327 -68.53 -31.80 -33.18
C SER A 327 -67.31 -30.89 -33.24
N LYS A 328 -66.21 -31.29 -32.61
CA LYS A 328 -65.00 -30.47 -32.57
C LYS A 328 -64.08 -30.69 -33.76
N LEU A 329 -64.38 -31.68 -34.61
CA LEU A 329 -63.52 -32.01 -35.75
C LEU A 329 -64.02 -31.34 -37.01
N SER A 330 -63.11 -31.16 -37.96
CA SER A 330 -63.47 -30.57 -39.25
C SER A 330 -64.35 -31.55 -40.04
N THR A 331 -64.90 -31.05 -41.15
CA THR A 331 -65.84 -31.86 -41.93
C THR A 331 -65.17 -33.09 -42.52
N GLU A 332 -64.04 -32.91 -43.20
CA GLU A 332 -63.36 -34.03 -43.82
C GLU A 332 -62.79 -34.98 -42.77
N THR A 333 -62.26 -34.43 -41.67
CA THR A 333 -61.74 -35.28 -40.60
C THR A 333 -62.87 -36.05 -39.92
N SER A 334 -64.01 -35.40 -39.69
CA SER A 334 -65.14 -36.10 -39.10
C SER A 334 -65.67 -37.19 -40.04
N ALA A 335 -65.57 -36.96 -41.35
CA ALA A 335 -66.04 -37.96 -42.31
C ALA A 335 -65.24 -39.25 -42.23
N ALA A 336 -64.07 -39.23 -41.59
CA ALA A 336 -63.27 -40.44 -41.45
C ALA A 336 -63.65 -41.24 -40.21
N VAL A 337 -64.13 -40.58 -39.16
CA VAL A 337 -64.47 -41.27 -37.92
C VAL A 337 -65.97 -41.35 -37.66
N GLU A 338 -66.79 -40.52 -38.31
CA GLU A 338 -68.23 -40.65 -38.18
C GLU A 338 -68.80 -41.96 -38.71
N PRO A 339 -68.47 -42.44 -39.92
CA PRO A 339 -69.30 -43.46 -40.55
C PRO A 339 -69.35 -44.77 -39.78
N LEU A 340 -70.49 -45.44 -39.87
CA LEU A 340 -70.68 -46.77 -39.33
C LEU A 340 -71.09 -47.71 -40.45
N GLY A 341 -71.26 -48.97 -40.12
CA GLY A 341 -71.46 -49.99 -41.16
C GLY A 341 -70.13 -50.41 -41.76
N SER A 342 -69.38 -49.46 -42.30
CA SER A 342 -67.99 -49.70 -42.65
C SER A 342 -67.13 -49.62 -41.40
N GLN A 343 -66.23 -50.58 -41.25
CA GLN A 343 -65.45 -50.74 -40.04
C GLN A 343 -63.99 -50.41 -40.32
N SER A 344 -63.42 -49.53 -39.48
CA SER A 344 -62.05 -49.07 -39.66
C SER A 344 -61.45 -48.80 -38.28
N ALA A 345 -60.12 -48.88 -38.22
CA ALA A 345 -59.42 -48.68 -36.96
C ALA A 345 -59.26 -47.21 -36.60
N THR A 346 -59.48 -46.29 -37.56
CA THR A 346 -59.41 -44.88 -37.25
C THR A 346 -60.48 -44.46 -36.25
N ARG A 347 -61.66 -45.09 -36.34
CA ARG A 347 -62.70 -44.88 -35.34
C ARG A 347 -62.21 -45.30 -33.96
N GLU A 348 -61.51 -46.44 -33.88
CA GLU A 348 -60.98 -46.90 -32.60
C GLU A 348 -59.92 -45.94 -32.07
N HIS A 349 -59.06 -45.42 -32.93
CA HIS A 349 -58.05 -44.46 -32.49
C HIS A 349 -58.70 -43.17 -31.98
N ALA A 350 -59.70 -42.68 -32.70
CA ALA A 350 -60.40 -41.47 -32.26
C ALA A 350 -61.09 -41.70 -30.94
N MET A 351 -61.72 -42.87 -30.77
CA MET A 351 -62.37 -43.17 -29.50
C MET A 351 -61.38 -43.30 -28.37
N LYS A 352 -60.19 -43.86 -28.65
CA LYS A 352 -59.13 -43.89 -27.64
C LYS A 352 -58.71 -42.49 -27.23
N ILE A 353 -58.55 -41.59 -28.21
CA ILE A 353 -58.19 -40.21 -27.89
C ILE A 353 -59.28 -39.55 -27.05
N ALA A 354 -60.55 -39.79 -27.41
CA ALA A 354 -61.65 -39.22 -26.65
C ALA A 354 -61.69 -39.74 -25.23
N GLN A 355 -61.47 -41.05 -25.05
CA GLN A 355 -61.47 -41.63 -23.71
C GLN A 355 -60.28 -41.14 -22.90
N SER A 356 -59.18 -40.79 -23.56
CA SER A 356 -58.01 -40.28 -22.85
C SER A 356 -58.28 -38.94 -22.18
N CYS A 357 -59.37 -38.26 -22.54
CA CYS A 357 -59.71 -36.97 -21.94
C CYS A 357 -60.55 -37.11 -20.67
N GLY A 358 -60.99 -38.32 -20.33
CA GLY A 358 -61.68 -38.54 -19.08
C GLY A 358 -63.05 -37.91 -18.98
N GLY A 359 -63.67 -37.58 -20.11
CA GLY A 359 -65.00 -37.00 -20.09
C GLY A 359 -65.07 -35.58 -19.59
N LEU A 360 -63.93 -34.89 -19.46
CA LEU A 360 -63.92 -33.51 -18.98
C LEU A 360 -64.17 -32.58 -20.15
N PRO A 361 -65.24 -31.78 -20.14
CA PRO A 361 -65.57 -30.96 -21.31
C PRO A 361 -64.46 -30.01 -21.74
N LEU A 362 -63.71 -29.43 -20.79
CA LEU A 362 -62.58 -28.59 -21.18
C LEU A 362 -61.52 -29.39 -21.90
N ALA A 363 -61.17 -30.56 -21.37
CA ALA A 363 -60.22 -31.43 -22.05
C ALA A 363 -60.78 -31.90 -23.39
N LEU A 364 -62.08 -32.22 -23.43
CA LEU A 364 -62.69 -32.60 -24.70
C LEU A 364 -62.52 -31.50 -25.75
N ASN A 365 -62.83 -30.27 -25.39
CA ASN A 365 -62.73 -29.16 -26.33
C ASN A 365 -61.30 -28.97 -26.80
N VAL A 366 -60.35 -28.93 -25.85
CA VAL A 366 -58.96 -28.66 -26.22
C VAL A 366 -58.41 -29.77 -27.10
N ILE A 367 -58.63 -31.02 -26.73
CA ILE A 367 -58.08 -32.13 -27.51
C ILE A 367 -58.75 -32.22 -28.87
N GLY A 368 -60.08 -32.09 -28.93
CA GLY A 368 -60.76 -32.12 -30.21
C GLY A 368 -60.33 -31.01 -31.14
N THR A 369 -60.10 -29.82 -30.60
CA THR A 369 -59.57 -28.73 -31.43
C THR A 369 -58.16 -29.05 -31.90
N ALA A 370 -57.34 -29.64 -31.04
CA ALA A 370 -55.96 -29.96 -31.42
C ALA A 370 -55.91 -30.96 -32.56
N VAL A 371 -56.78 -31.97 -32.54
CA VAL A 371 -56.75 -33.03 -33.53
C VAL A 371 -57.89 -32.88 -34.52
N ALA A 372 -58.40 -31.66 -34.66
CA ALA A 372 -59.52 -31.40 -35.57
C ALA A 372 -59.14 -31.53 -37.04
N GLY A 373 -57.86 -31.59 -37.36
CA GLY A 373 -57.44 -31.66 -38.74
C GLY A 373 -56.54 -32.84 -39.07
N LEU A 374 -56.60 -33.89 -38.24
CA LEU A 374 -55.80 -35.08 -38.48
C LEU A 374 -56.22 -35.75 -39.78
N GLU A 375 -55.24 -36.11 -40.60
CA GLU A 375 -55.53 -36.86 -41.81
C GLU A 375 -55.85 -38.31 -41.45
N GLU A 376 -56.32 -39.05 -42.47
CA GLU A 376 -56.75 -40.43 -42.24
C GLU A 376 -55.64 -41.32 -41.68
N GLY A 377 -54.40 -41.10 -42.12
CA GLY A 377 -53.32 -42.01 -41.76
C GLY A 377 -52.63 -41.75 -40.44
N GLU A 378 -52.76 -40.54 -39.90
CA GLU A 378 -52.02 -40.19 -38.70
C GLU A 378 -52.84 -40.25 -37.41
N TRP A 379 -54.03 -40.86 -37.45
CA TRP A 379 -54.75 -41.15 -36.22
C TRP A 379 -54.00 -42.16 -35.36
N GLN A 380 -53.37 -43.15 -36.01
CA GLN A 380 -52.77 -44.27 -35.27
C GLN A 380 -51.66 -43.82 -34.35
N SER A 381 -50.80 -42.91 -34.80
CA SER A 381 -49.68 -42.46 -33.98
C SER A 381 -50.13 -41.47 -32.90
N ALA A 382 -51.05 -40.57 -33.25
CA ALA A 382 -51.55 -39.61 -32.27
C ALA A 382 -52.27 -40.30 -31.13
N ALA A 383 -53.10 -41.30 -31.46
CA ALA A 383 -53.81 -42.05 -30.42
C ALA A 383 -52.85 -42.81 -29.52
N ASP A 384 -51.80 -43.41 -30.09
CA ASP A 384 -50.82 -44.12 -29.29
C ASP A 384 -50.06 -43.17 -28.38
N ALA A 385 -49.74 -41.97 -28.87
CA ALA A 385 -48.95 -41.04 -28.07
C ALA A 385 -49.80 -40.39 -26.97
N ILE A 386 -51.09 -40.19 -27.25
CA ILE A 386 -51.95 -39.51 -26.28
C ILE A 386 -52.18 -40.37 -25.05
N ALA A 387 -51.99 -41.69 -25.17
CA ALA A 387 -52.18 -42.59 -24.04
C ALA A 387 -51.12 -42.44 -22.96
N THR A 388 -49.99 -41.82 -23.27
CA THR A 388 -48.88 -41.71 -22.32
C THR A 388 -48.55 -40.28 -21.92
N ASN A 389 -48.62 -39.32 -22.84
CA ASN A 389 -48.24 -37.95 -22.53
C ASN A 389 -49.14 -36.99 -23.29
N MET A 390 -49.29 -35.78 -22.74
CA MET A 390 -50.14 -34.77 -23.36
C MET A 390 -49.51 -33.39 -23.35
N ASP A 391 -48.26 -33.25 -22.92
CA ASP A 391 -47.64 -31.93 -22.82
C ASP A 391 -47.35 -31.29 -24.18
N ASN A 392 -47.27 -32.09 -25.25
CA ASN A 392 -46.88 -31.58 -26.56
C ASN A 392 -48.05 -31.27 -27.48
N ILE A 393 -49.24 -31.79 -27.20
CA ILE A 393 -50.39 -31.55 -28.07
C ILE A 393 -50.86 -30.12 -27.92
N ASP A 394 -51.51 -29.60 -28.96
CA ASP A 394 -51.80 -28.17 -29.05
C ASP A 394 -52.82 -27.73 -28.03
N GLY A 395 -52.52 -26.63 -27.33
CA GLY A 395 -53.48 -25.98 -26.46
C GLY A 395 -53.61 -26.55 -25.06
N VAL A 396 -52.92 -27.64 -24.77
CA VAL A 396 -53.05 -28.26 -23.44
C VAL A 396 -52.19 -27.54 -22.41
N ASP A 397 -51.15 -26.82 -22.83
CA ASP A 397 -50.37 -26.03 -21.87
C ASP A 397 -51.25 -25.01 -21.16
N GLU A 398 -52.08 -24.29 -21.90
CA GLU A 398 -53.00 -23.35 -21.27
C GLU A 398 -54.13 -24.04 -20.53
N MET A 399 -54.50 -25.26 -20.93
CA MET A 399 -55.48 -26.02 -20.16
C MET A 399 -54.94 -26.35 -18.77
N PHE A 400 -53.69 -26.81 -18.70
CA PHE A 400 -53.08 -27.06 -17.40
C PHE A 400 -52.84 -25.76 -16.64
N GLY A 401 -52.53 -24.67 -17.34
CA GLY A 401 -52.45 -23.39 -16.67
C GLY A 401 -53.77 -22.97 -16.05
N ARG A 402 -54.88 -23.27 -16.71
CA ARG A 402 -56.20 -22.99 -16.17
C ARG A 402 -56.52 -23.88 -14.98
N LEU A 403 -56.18 -25.17 -15.05
CA LEU A 403 -56.49 -26.09 -13.96
C LEU A 403 -55.50 -25.96 -12.82
N LYS A 404 -54.41 -25.24 -13.01
CA LYS A 404 -53.31 -25.25 -12.05
C LYS A 404 -53.64 -24.49 -10.76
N TYR A 405 -54.64 -23.61 -10.79
CA TYR A 405 -54.91 -22.80 -9.62
C TYR A 405 -55.32 -23.66 -8.43
N SER A 406 -56.10 -24.72 -8.68
CA SER A 406 -56.48 -25.63 -7.60
C SER A 406 -55.26 -26.25 -6.94
N PHE A 407 -54.16 -26.37 -7.67
CA PHE A 407 -52.92 -26.88 -7.09
C PHE A 407 -52.14 -25.77 -6.40
N ASP A 408 -52.13 -24.56 -6.98
CA ASP A 408 -51.41 -23.45 -6.37
C ASP A 408 -52.08 -23.01 -5.07
N ARG A 409 -53.37 -23.28 -4.92
CA ARG A 409 -54.07 -22.96 -3.67
C ARG A 409 -53.53 -23.77 -2.50
N LEU A 410 -52.95 -24.93 -2.78
CA LEU A 410 -52.57 -25.87 -1.72
C LEU A 410 -51.37 -25.37 -0.94
N THR A 411 -51.27 -25.85 0.30
CA THR A 411 -50.05 -25.66 1.08
C THR A 411 -48.95 -26.57 0.53
N PRO A 412 -47.68 -26.26 0.80
CA PRO A 412 -46.60 -27.08 0.26
C PRO A 412 -46.68 -28.55 0.64
N THR A 413 -47.12 -28.86 1.86
CA THR A 413 -47.30 -30.25 2.24
C THR A 413 -48.36 -30.93 1.39
N GLN A 414 -49.49 -30.24 1.16
CA GLN A 414 -50.53 -30.79 0.29
C GLN A 414 -50.06 -30.88 -1.15
N GLN A 415 -49.23 -29.95 -1.60
CA GLN A 415 -48.67 -30.02 -2.94
C GLN A 415 -47.79 -31.26 -3.10
N GLN A 416 -46.94 -31.53 -2.10
CA GLN A 416 -46.10 -32.72 -2.16
C GLN A 416 -46.93 -33.99 -2.08
N CYS A 417 -47.98 -33.98 -1.26
CA CYS A 417 -48.84 -35.17 -1.15
C CYS A 417 -49.61 -35.43 -2.43
N PHE A 418 -50.01 -34.36 -3.14
CA PHE A 418 -50.71 -34.55 -4.41
C PHE A 418 -49.77 -35.06 -5.49
N LEU A 419 -48.56 -34.49 -5.57
CA LEU A 419 -47.59 -34.95 -6.55
C LEU A 419 -47.18 -36.39 -6.29
N TYR A 420 -47.09 -36.78 -5.03
CA TYR A 420 -46.71 -38.15 -4.69
C TYR A 420 -47.74 -39.14 -5.19
N CYS A 421 -49.01 -38.75 -5.22
CA CYS A 421 -50.07 -39.65 -5.68
C CYS A 421 -50.04 -39.86 -7.18
N THR A 422 -49.28 -39.05 -7.93
CA THR A 422 -49.29 -39.16 -9.38
C THR A 422 -48.49 -40.36 -9.89
N LEU A 423 -47.61 -40.93 -9.08
CA LEU A 423 -46.76 -42.03 -9.53
C LEU A 423 -47.41 -43.40 -9.33
N PHE A 424 -48.68 -43.45 -8.96
CA PHE A 424 -49.41 -44.70 -8.94
C PHE A 424 -49.97 -44.99 -10.34
N PRO A 425 -50.25 -46.26 -10.64
CA PRO A 425 -50.67 -46.60 -12.01
C PRO A 425 -51.97 -45.92 -12.39
N GLU A 426 -52.09 -45.58 -13.67
CA GLU A 426 -53.30 -44.97 -14.17
C GLU A 426 -54.45 -45.97 -14.14
N TYR A 427 -55.66 -45.45 -13.98
CA TYR A 427 -56.89 -46.23 -13.89
C TYR A 427 -56.90 -47.18 -12.70
N GLY A 428 -56.09 -46.93 -11.68
CA GLY A 428 -56.00 -47.81 -10.53
C GLY A 428 -56.31 -47.08 -9.24
N SER A 429 -57.30 -47.57 -8.50
CA SER A 429 -57.64 -47.01 -7.21
C SER A 429 -56.60 -47.42 -6.16
N ILE A 430 -56.28 -46.50 -5.26
CA ILE A 430 -55.31 -46.74 -4.21
C ILE A 430 -55.97 -46.46 -2.87
N SER A 431 -55.49 -47.13 -1.83
CA SER A 431 -56.13 -47.06 -0.52
C SER A 431 -55.57 -45.90 0.30
N LYS A 432 -56.43 -45.32 1.14
CA LYS A 432 -56.02 -44.17 1.95
C LYS A 432 -54.95 -44.56 2.96
N GLU A 433 -55.09 -45.72 3.60
CA GLU A 433 -54.16 -46.11 4.65
C GLU A 433 -52.75 -46.30 4.11
N GLN A 434 -52.63 -46.94 2.94
CA GLN A 434 -51.32 -47.16 2.34
C GLN A 434 -50.64 -45.85 1.99
N LEU A 435 -51.39 -44.92 1.41
CA LEU A 435 -50.85 -43.61 1.05
C LEU A 435 -50.45 -42.82 2.28
N ILE A 436 -51.26 -42.89 3.34
CA ILE A 436 -50.94 -42.18 4.57
C ILE A 436 -49.70 -42.78 5.22
N GLY A 437 -49.53 -44.10 5.10
CA GLY A 437 -48.31 -44.74 5.62
C GLY A 437 -47.08 -44.10 4.97
N TYR A 438 -47.09 -44.00 3.63
CA TYR A 438 -45.94 -43.40 2.90
C TYR A 438 -45.78 -41.93 3.31
N TRP A 439 -46.89 -41.21 3.45
CA TRP A 439 -46.85 -39.78 3.83
C TRP A 439 -46.22 -39.67 5.21
N LEU A 440 -46.38 -40.71 6.03
CA LEU A 440 -45.79 -40.72 7.37
C LEU A 440 -44.32 -41.08 7.31
N ALA A 441 -43.97 -42.09 6.51
CA ALA A 441 -42.58 -42.47 6.35
C ALA A 441 -41.76 -41.37 5.67
N GLU A 442 -42.32 -40.72 4.65
CA GLU A 442 -41.59 -39.71 3.89
C GLU A 442 -41.26 -38.48 4.74
N GLY A 443 -41.96 -38.28 5.84
CA GLY A 443 -41.78 -37.09 6.66
C GLY A 443 -42.69 -35.95 6.34
N LEU A 444 -43.59 -36.11 5.37
CA LEU A 444 -44.57 -35.06 5.07
C LEU A 444 -45.52 -34.84 6.24
N LEU A 445 -45.91 -35.91 6.92
CA LEU A 445 -46.74 -35.85 8.11
C LEU A 445 -45.85 -35.93 9.34
N LEU A 446 -46.06 -35.01 10.28
CA LEU A 446 -45.27 -35.03 11.51
C LEU A 446 -45.76 -36.13 12.44
N ASN A 447 -45.60 -37.38 12.01
CA ASN A 447 -45.99 -38.57 12.76
C ASN A 447 -47.48 -38.58 13.11
N ASP A 448 -48.32 -37.94 12.31
CA ASP A 448 -49.76 -37.87 12.55
C ASP A 448 -50.50 -38.45 11.36
N SER A 449 -51.27 -39.52 11.61
CA SER A 449 -52.08 -40.12 10.55
C SER A 449 -53.33 -39.29 10.26
N GLU A 450 -53.90 -38.66 11.28
CA GLU A 450 -55.04 -37.78 11.04
C GLU A 450 -54.67 -36.61 10.16
N LYS A 451 -53.42 -36.14 10.23
CA LYS A 451 -52.98 -35.12 9.29
C LYS A 451 -53.02 -35.63 7.86
N GLY A 452 -52.63 -36.89 7.64
CA GLY A 452 -52.74 -37.47 6.31
C GLY A 452 -54.18 -37.59 5.86
N TYR A 453 -55.07 -38.00 6.76
CA TYR A 453 -56.48 -38.05 6.41
C TYR A 453 -57.02 -36.66 6.07
N GLN A 454 -56.60 -35.64 6.82
CA GLN A 454 -57.00 -34.27 6.53
C GLN A 454 -56.49 -33.83 5.16
N ILE A 455 -55.25 -34.20 4.82
CA ILE A 455 -54.71 -33.84 3.52
C ILE A 455 -55.49 -34.52 2.40
N ILE A 456 -55.81 -35.80 2.58
CA ILE A 456 -56.60 -36.52 1.58
C ILE A 456 -57.96 -35.88 1.41
N ARG A 457 -58.59 -35.50 2.52
CA ARG A 457 -59.90 -34.87 2.45
C ARG A 457 -59.84 -33.49 1.82
N SER A 458 -58.79 -32.73 2.08
CA SER A 458 -58.61 -31.44 1.43
C SER A 458 -58.43 -31.61 -0.08
N LEU A 459 -57.66 -32.63 -0.48
CA LEU A 459 -57.48 -32.89 -1.91
C LEU A 459 -58.79 -33.31 -2.56
N VAL A 460 -59.57 -34.16 -1.89
CA VAL A 460 -60.82 -34.62 -2.50
C VAL A 460 -61.87 -33.52 -2.48
N SER A 461 -61.73 -32.53 -1.59
CA SER A 461 -62.64 -31.39 -1.58
C SER A 461 -62.27 -30.34 -2.60
N ALA A 462 -61.04 -30.35 -3.11
CA ALA A 462 -60.61 -29.47 -4.19
C ALA A 462 -60.70 -30.16 -5.54
N CYS A 463 -61.28 -31.36 -5.59
CA CYS A 463 -61.44 -32.17 -6.80
C CYS A 463 -60.12 -32.63 -7.40
N LEU A 464 -59.03 -32.55 -6.65
CA LEU A 464 -57.76 -33.08 -7.13
C LEU A 464 -57.67 -34.59 -6.98
N LEU A 465 -58.44 -35.17 -6.06
CA LEU A 465 -58.57 -36.61 -5.93
C LEU A 465 -60.05 -36.97 -5.90
N GLN A 466 -60.33 -38.24 -6.17
CA GLN A 466 -61.70 -38.74 -6.20
C GLN A 466 -61.81 -39.95 -5.29
N VAL A 467 -62.81 -39.91 -4.40
CA VAL A 467 -63.09 -41.07 -3.57
C VAL A 467 -63.95 -42.05 -4.38
N SER A 468 -63.47 -43.29 -4.51
CA SER A 468 -64.15 -44.25 -5.37
C SER A 468 -63.90 -45.68 -4.92
N GLY A 469 -64.87 -46.55 -5.15
CA GLY A 469 -64.73 -47.95 -4.80
C GLY A 469 -65.99 -48.46 -4.13
N SER A 470 -65.96 -49.75 -3.79
CA SER A 470 -67.04 -50.32 -2.99
C SER A 470 -67.12 -49.69 -1.61
N MET A 471 -66.02 -49.12 -1.13
CA MET A 471 -66.00 -48.37 0.12
C MET A 471 -65.11 -47.15 -0.09
N SER A 472 -65.38 -46.09 0.67
CA SER A 472 -64.65 -44.83 0.53
C SER A 472 -63.20 -44.92 0.97
N SER A 473 -62.68 -46.10 1.31
CA SER A 473 -61.29 -46.24 1.73
C SER A 473 -60.30 -46.09 0.59
N LYS A 474 -60.76 -46.06 -0.65
CA LYS A 474 -59.89 -45.96 -1.81
C LYS A 474 -60.06 -44.61 -2.50
N VAL A 475 -58.93 -44.00 -2.89
CA VAL A 475 -58.92 -42.76 -3.65
C VAL A 475 -58.28 -43.01 -5.00
N LYS A 476 -58.55 -42.10 -5.93
CA LYS A 476 -57.99 -42.19 -7.28
C LYS A 476 -57.94 -40.79 -7.88
N MET A 477 -57.20 -40.67 -8.98
CA MET A 477 -57.01 -39.41 -9.67
C MET A 477 -57.66 -39.47 -11.05
N HIS A 478 -58.32 -38.38 -11.43
CA HIS A 478 -58.85 -38.28 -12.78
C HIS A 478 -57.69 -38.20 -13.77
N HIS A 479 -57.93 -38.72 -14.98
CA HIS A 479 -56.86 -38.85 -15.96
C HIS A 479 -56.24 -37.49 -16.28
N VAL A 480 -57.08 -36.48 -16.51
CA VAL A 480 -56.56 -35.15 -16.80
C VAL A 480 -55.84 -34.57 -15.59
N ILE A 481 -56.32 -34.87 -14.38
CA ILE A 481 -55.64 -34.38 -13.19
C ILE A 481 -54.29 -35.06 -13.02
N ARG A 482 -54.21 -36.36 -13.35
CA ARG A 482 -52.92 -37.04 -13.30
C ARG A 482 -51.95 -36.46 -14.33
N GLN A 483 -52.44 -36.15 -15.52
CA GLN A 483 -51.58 -35.51 -16.51
C GLN A 483 -51.14 -34.13 -16.06
N LEU A 484 -52.02 -33.39 -15.39
CA LEU A 484 -51.62 -32.10 -14.81
C LEU A 484 -50.54 -32.29 -13.77
N GLY A 485 -50.67 -33.32 -12.93
CA GLY A 485 -49.63 -33.58 -11.94
C GLY A 485 -48.29 -33.91 -12.57
N LEU A 486 -48.31 -34.75 -13.60
CA LEU A 486 -47.07 -35.09 -14.31
C LEU A 486 -46.47 -33.86 -14.98
N TRP A 487 -47.31 -33.01 -15.56
CA TRP A 487 -46.83 -31.78 -16.18
C TRP A 487 -46.20 -30.85 -15.15
N LEU A 488 -46.83 -30.74 -13.97
CA LEU A 488 -46.25 -29.92 -12.90
C LEU A 488 -44.93 -30.49 -12.42
N VAL A 489 -44.84 -31.83 -12.32
CA VAL A 489 -43.58 -32.46 -11.93
C VAL A 489 -42.49 -32.14 -12.95
N ASN A 490 -42.82 -32.24 -14.24
CA ASN A 490 -41.85 -31.90 -15.28
C ASN A 490 -41.45 -30.44 -15.22
N LYS A 491 -42.39 -29.55 -14.90
CA LYS A 491 -42.06 -28.14 -14.75
C LYS A 491 -41.24 -27.86 -13.49
N SER A 492 -41.29 -28.75 -12.50
CA SER A 492 -40.54 -28.54 -11.28
C SER A 492 -39.07 -28.86 -11.48
N ASP A 493 -38.25 -28.47 -10.51
CA ASP A 493 -36.81 -28.68 -10.55
C ASP A 493 -36.39 -29.99 -9.88
N THR A 494 -37.34 -30.78 -9.41
CA THR A 494 -37.05 -32.08 -8.80
C THR A 494 -37.69 -33.15 -9.68
N LYS A 495 -36.86 -33.86 -10.43
CA LYS A 495 -37.36 -34.84 -11.39
C LYS A 495 -37.93 -36.05 -10.69
N PHE A 496 -39.02 -36.58 -11.23
CA PHE A 496 -39.57 -37.88 -10.86
C PHE A 496 -39.37 -38.86 -12.00
N LEU A 497 -39.16 -40.12 -11.66
CA LEU A 497 -39.17 -41.21 -12.63
C LEU A 497 -40.45 -41.99 -12.44
N VAL A 498 -41.42 -41.77 -13.32
CA VAL A 498 -42.77 -42.29 -13.14
C VAL A 498 -43.17 -43.12 -14.34
N GLN A 499 -43.03 -44.44 -14.24
CA GLN A 499 -43.54 -45.37 -15.27
C GLN A 499 -44.28 -46.55 -14.64
N PRO A 500 -45.40 -46.30 -13.97
CA PRO A 500 -46.23 -47.42 -13.49
C PRO A 500 -47.34 -47.74 -14.47
N GLY A 501 -47.80 -48.99 -14.42
CA GLY A 501 -48.94 -49.41 -15.21
C GLY A 501 -48.70 -49.32 -16.70
N MET A 502 -47.44 -49.20 -17.11
CA MET A 502 -47.08 -49.05 -18.50
C MET A 502 -46.86 -50.39 -19.21
N ALA A 503 -47.10 -51.51 -18.51
CA ALA A 503 -46.86 -52.84 -19.05
C ALA A 503 -45.43 -52.98 -19.53
N LEU A 504 -44.50 -52.42 -18.76
CA LEU A 504 -43.09 -52.47 -19.12
C LEU A 504 -42.56 -53.89 -18.95
N ASP A 505 -41.88 -54.39 -19.98
CA ASP A 505 -41.35 -55.74 -19.95
C ASP A 505 -39.91 -55.80 -19.43
N ASN A 506 -39.20 -54.67 -19.45
CA ASN A 506 -37.83 -54.61 -18.94
C ASN A 506 -37.65 -53.29 -18.21
N ALA A 507 -36.71 -53.27 -17.26
CA ALA A 507 -36.50 -52.09 -16.45
C ALA A 507 -36.00 -50.93 -17.31
N PRO A 508 -36.32 -49.69 -16.93
CA PRO A 508 -35.84 -48.55 -17.72
C PRO A 508 -34.33 -48.39 -17.61
N SER A 509 -33.76 -47.62 -18.53
CA SER A 509 -32.32 -47.41 -18.56
C SER A 509 -31.84 -46.80 -17.25
N ALA A 510 -30.72 -47.32 -16.74
CA ALA A 510 -30.22 -46.90 -15.44
C ALA A 510 -29.73 -45.45 -15.44
N GLU A 511 -29.54 -44.85 -16.63
CA GLU A 511 -29.09 -43.47 -16.69
C GLU A 511 -30.19 -42.48 -16.34
N GLU A 512 -31.46 -42.87 -16.50
CA GLU A 512 -32.57 -42.00 -16.17
C GLU A 512 -32.78 -41.87 -14.66
N TRP A 513 -32.13 -42.72 -13.87
CA TRP A 513 -32.33 -42.74 -12.42
C TRP A 513 -31.42 -41.78 -11.67
N ASN A 514 -30.60 -41.01 -12.38
CA ASN A 514 -29.57 -40.20 -11.72
C ASN A 514 -30.18 -39.14 -10.81
N GLU A 515 -30.89 -38.18 -11.39
CA GLU A 515 -31.36 -37.02 -10.64
C GLU A 515 -32.75 -37.19 -10.05
N ALA A 516 -33.44 -38.28 -10.37
CA ALA A 516 -34.81 -38.47 -9.88
C ALA A 516 -34.83 -38.64 -8.37
N THR A 517 -35.92 -38.21 -7.75
CA THR A 517 -36.13 -38.36 -6.32
C THR A 517 -37.18 -39.38 -5.96
N ARG A 518 -38.19 -39.56 -6.81
CA ARG A 518 -39.22 -40.57 -6.61
C ARG A 518 -39.21 -41.54 -7.80
N ILE A 519 -39.17 -42.83 -7.51
CA ILE A 519 -39.16 -43.87 -8.52
C ILE A 519 -40.40 -44.75 -8.33
N SER A 520 -41.10 -45.03 -9.42
CA SER A 520 -42.28 -45.88 -9.36
C SER A 520 -42.28 -46.81 -10.56
N ILE A 521 -42.31 -48.11 -10.28
CA ILE A 521 -42.32 -49.14 -11.32
C ILE A 521 -43.50 -50.07 -11.05
N MET A 522 -44.57 -49.51 -10.49
CA MET A 522 -45.76 -50.29 -10.15
C MET A 522 -46.33 -51.01 -11.35
N SER A 523 -46.96 -52.16 -11.07
CA SER A 523 -47.80 -52.91 -12.02
C SER A 523 -47.12 -53.22 -13.34
N ASN A 524 -45.80 -53.14 -13.37
CA ASN A 524 -45.08 -53.54 -14.58
C ASN A 524 -44.71 -55.03 -14.52
N ASN A 525 -44.42 -55.58 -15.69
CA ASN A 525 -44.03 -56.97 -15.82
C ASN A 525 -42.52 -57.18 -15.73
N ILE A 526 -41.83 -56.34 -14.97
CA ILE A 526 -40.37 -56.41 -14.86
C ILE A 526 -39.97 -57.81 -14.40
N THR A 527 -39.00 -58.39 -15.09
CA THR A 527 -38.52 -59.72 -14.77
C THR A 527 -37.12 -59.72 -14.15
N GLU A 528 -36.26 -58.78 -14.53
CA GLU A 528 -34.90 -58.75 -14.05
C GLU A 528 -34.50 -57.31 -13.73
N LEU A 529 -33.82 -57.15 -12.58
CA LEU A 529 -33.31 -55.85 -12.13
C LEU A 529 -31.85 -56.08 -11.74
N SER A 530 -30.95 -55.85 -12.70
CA SER A 530 -29.55 -56.23 -12.54
C SER A 530 -28.61 -55.04 -12.37
N PHE A 531 -28.94 -53.89 -12.95
CA PHE A 531 -28.03 -52.75 -12.84
C PHE A 531 -28.04 -52.18 -11.44
N SER A 532 -26.96 -51.49 -11.10
CA SER A 532 -26.87 -50.76 -9.84
C SER A 532 -26.95 -49.27 -10.11
N PRO A 533 -28.06 -48.61 -9.78
CA PRO A 533 -28.26 -47.22 -10.21
C PRO A 533 -27.43 -46.25 -9.36
N LYS A 534 -27.41 -45.00 -9.80
CA LYS A 534 -26.72 -43.92 -9.12
C LYS A 534 -27.67 -43.04 -8.32
N CYS A 535 -28.70 -43.63 -7.71
CA CYS A 535 -29.79 -42.86 -7.11
C CYS A 535 -29.40 -42.22 -5.78
N LYS A 536 -28.53 -41.22 -5.81
CA LYS A 536 -28.13 -40.54 -4.58
C LYS A 536 -29.26 -39.74 -3.95
N ASN A 537 -30.09 -39.08 -4.75
CA ASN A 537 -31.12 -38.20 -4.24
C ASN A 537 -32.47 -38.87 -4.02
N VAL A 538 -32.60 -40.14 -4.40
CA VAL A 538 -33.90 -40.81 -4.34
C VAL A 538 -34.37 -40.94 -2.90
N THR A 539 -35.65 -40.65 -2.68
CA THR A 539 -36.29 -40.82 -1.38
C THR A 539 -37.49 -41.76 -1.39
N THR A 540 -37.72 -42.49 -2.49
CA THR A 540 -38.87 -43.39 -2.56
C THR A 540 -38.67 -44.37 -3.72
N LEU A 541 -38.83 -45.67 -3.42
CA LEU A 541 -38.78 -46.72 -4.42
C LEU A 541 -40.04 -47.56 -4.32
N LEU A 542 -40.76 -47.69 -5.45
CA LEU A 542 -41.97 -48.50 -5.52
C LEU A 542 -41.82 -49.51 -6.64
N MET A 543 -42.02 -50.79 -6.32
CA MET A 543 -42.05 -51.86 -7.30
C MET A 543 -43.23 -52.81 -7.06
N GLN A 544 -44.28 -52.32 -6.42
CA GLN A 544 -45.44 -53.16 -6.12
C GLN A 544 -46.04 -53.74 -7.39
N ASN A 545 -46.65 -54.93 -7.25
CA ASN A 545 -47.35 -55.62 -8.33
C ASN A 545 -46.45 -55.93 -9.52
N ASN A 546 -45.18 -56.24 -9.27
CA ASN A 546 -44.33 -56.81 -10.31
C ASN A 546 -44.32 -58.33 -10.15
N PRO A 547 -45.17 -59.06 -10.87
CA PRO A 547 -45.33 -60.49 -10.59
C PRO A 547 -44.12 -61.34 -10.92
N ASN A 548 -43.25 -60.88 -11.81
CA ASN A 548 -42.15 -61.71 -12.29
C ASN A 548 -40.78 -61.25 -11.79
N LEU A 549 -40.69 -60.09 -11.14
CA LEU A 549 -39.40 -59.59 -10.67
C LEU A 549 -38.94 -60.44 -9.49
N ASN A 550 -37.94 -61.29 -9.72
CA ASN A 550 -37.42 -62.16 -8.68
C ASN A 550 -35.90 -62.17 -8.59
N LYS A 551 -35.19 -61.50 -9.50
CA LYS A 551 -33.72 -61.49 -9.52
C LYS A 551 -33.25 -60.04 -9.42
N MET A 552 -33.10 -59.56 -8.19
CA MET A 552 -32.51 -58.26 -7.96
C MET A 552 -31.04 -58.42 -7.62
N SER A 553 -30.20 -57.67 -8.33
CA SER A 553 -28.76 -57.80 -8.18
C SER A 553 -28.30 -57.37 -6.81
N TYR A 554 -27.36 -58.12 -6.24
CA TYR A 554 -26.79 -57.78 -4.95
C TYR A 554 -26.02 -56.46 -5.04
N GLY A 555 -26.10 -55.67 -3.98
CA GLY A 555 -25.54 -54.33 -4.00
C GLY A 555 -26.38 -53.32 -4.74
N PHE A 556 -27.67 -53.60 -4.93
CA PHE A 556 -28.54 -52.67 -5.64
C PHE A 556 -28.81 -51.42 -4.82
N PHE A 557 -28.83 -51.55 -3.49
CA PHE A 557 -29.15 -50.46 -2.58
C PHE A 557 -27.93 -49.67 -2.14
N ARG A 558 -26.79 -49.80 -2.84
CA ARG A 558 -25.57 -49.16 -2.37
C ARG A 558 -25.70 -47.64 -2.37
N THR A 559 -26.31 -47.08 -3.40
CA THR A 559 -26.46 -45.63 -3.51
C THR A 559 -27.80 -45.14 -2.96
N MET A 560 -28.56 -45.99 -2.27
CA MET A 560 -29.89 -45.65 -1.81
C MET A 560 -29.87 -45.17 -0.36
N SER A 561 -28.80 -44.47 0.02
CA SER A 561 -28.65 -44.03 1.41
C SER A 561 -29.83 -43.22 1.89
N SER A 562 -30.38 -42.34 1.06
CA SER A 562 -31.48 -41.48 1.46
C SER A 562 -32.84 -42.08 1.15
N LEU A 563 -32.91 -43.31 0.66
CA LEU A 563 -34.18 -43.97 0.39
C LEU A 563 -35.00 -44.13 1.66
N LYS A 564 -36.18 -43.50 1.70
CA LYS A 564 -37.00 -43.52 2.90
C LYS A 564 -38.16 -44.50 2.79
N VAL A 565 -38.73 -44.68 1.60
CA VAL A 565 -39.83 -45.61 1.39
C VAL A 565 -39.40 -46.65 0.35
N LEU A 566 -39.51 -47.92 0.70
CA LEU A 566 -39.13 -49.01 -0.18
C LEU A 566 -40.25 -50.04 -0.17
N ASP A 567 -40.89 -50.24 -1.32
CA ASP A 567 -42.01 -51.16 -1.44
C ASP A 567 -41.70 -52.21 -2.49
N LEU A 568 -41.77 -53.48 -2.10
CA LEU A 568 -41.59 -54.60 -3.02
C LEU A 568 -42.77 -55.55 -2.90
N SER A 569 -43.96 -55.01 -2.64
CA SER A 569 -45.14 -55.82 -2.44
C SER A 569 -45.56 -56.55 -3.72
N HIS A 570 -46.06 -57.76 -3.54
CA HIS A 570 -46.62 -58.56 -4.64
C HIS A 570 -45.60 -58.81 -5.74
N THR A 571 -44.33 -58.96 -5.35
CA THR A 571 -43.28 -59.35 -6.27
C THR A 571 -42.82 -60.76 -5.92
N ALA A 572 -42.04 -61.35 -6.82
CA ALA A 572 -41.64 -62.75 -6.71
C ALA A 572 -40.25 -62.93 -6.15
N ILE A 573 -39.64 -61.90 -5.58
CA ILE A 573 -38.29 -62.04 -5.02
C ILE A 573 -38.32 -63.01 -3.86
N THR A 574 -37.33 -63.90 -3.82
CA THR A 574 -37.18 -64.83 -2.71
C THR A 574 -36.05 -64.42 -1.76
N SER A 575 -35.11 -63.60 -2.23
CA SER A 575 -34.01 -63.12 -1.40
C SER A 575 -33.87 -61.62 -1.60
N LEU A 576 -33.29 -60.94 -0.61
CA LEU A 576 -33.20 -59.50 -0.76
C LEU A 576 -31.78 -59.02 -0.52
N PRO A 577 -31.27 -58.12 -1.36
CA PRO A 577 -29.87 -57.71 -1.25
C PRO A 577 -29.57 -57.02 0.08
N GLU A 578 -28.32 -57.11 0.52
CA GLU A 578 -27.95 -56.52 1.79
C GLU A 578 -28.17 -55.02 1.75
N CYS A 579 -28.55 -54.46 2.89
CA CYS A 579 -29.01 -53.08 2.92
C CYS A 579 -28.39 -52.26 4.05
N ASP A 580 -27.12 -52.48 4.37
CA ASP A 580 -26.46 -51.67 5.38
C ASP A 580 -26.34 -50.22 4.97
N ALA A 581 -26.41 -49.93 3.67
CA ALA A 581 -26.33 -48.55 3.21
C ALA A 581 -27.63 -47.78 3.37
N LEU A 582 -28.73 -48.48 3.65
CA LEU A 582 -30.02 -47.82 3.85
C LEU A 582 -30.08 -47.18 5.24
N VAL A 583 -29.33 -46.10 5.42
CA VAL A 583 -29.21 -45.49 6.73
C VAL A 583 -30.52 -44.83 7.16
N ALA A 584 -31.24 -44.23 6.23
CA ALA A 584 -32.41 -43.42 6.56
C ALA A 584 -33.75 -44.08 6.22
N LEU A 585 -33.75 -45.36 5.86
CA LEU A 585 -35.00 -46.03 5.52
C LEU A 585 -35.91 -46.11 6.75
N GLU A 586 -37.18 -45.80 6.56
CA GLU A 586 -38.17 -45.82 7.63
C GLU A 586 -39.36 -46.71 7.34
N HIS A 587 -39.60 -47.07 6.08
CA HIS A 587 -40.72 -47.91 5.69
C HIS A 587 -40.21 -48.98 4.75
N LEU A 588 -40.63 -50.22 4.99
CA LEU A 588 -40.23 -51.35 4.15
C LEU A 588 -41.38 -52.33 4.09
N ASN A 589 -41.91 -52.55 2.89
CA ASN A 589 -43.07 -53.41 2.68
C ASN A 589 -42.65 -54.60 1.82
N LEU A 590 -43.01 -55.80 2.27
CA LEU A 590 -42.74 -57.02 1.52
C LEU A 590 -43.93 -57.96 1.53
N SER A 591 -45.15 -57.42 1.52
CA SER A 591 -46.34 -58.27 1.58
C SER A 591 -46.51 -59.04 0.28
N HIS A 592 -47.00 -60.29 0.41
CA HIS A 592 -47.34 -61.15 -0.71
C HIS A 592 -46.13 -61.52 -1.56
N THR A 593 -44.92 -61.42 -1.01
CA THR A 593 -43.72 -61.82 -1.72
C THR A 593 -43.19 -63.14 -1.19
N HIS A 594 -42.36 -63.79 -2.01
CA HIS A 594 -41.87 -65.13 -1.71
C HIS A 594 -40.56 -65.12 -0.93
N ILE A 595 -40.28 -64.04 -0.20
CA ILE A 595 -39.08 -63.97 0.62
C ILE A 595 -39.14 -65.07 1.67
N MET A 596 -38.09 -65.89 1.75
CA MET A 596 -38.06 -66.95 2.74
C MET A 596 -37.27 -66.55 3.99
N ARG A 597 -36.04 -66.10 3.82
CA ARG A 597 -35.23 -65.63 4.93
C ARG A 597 -34.93 -64.15 4.72
N LEU A 598 -34.85 -63.41 5.83
CA LEU A 598 -34.70 -61.97 5.77
C LEU A 598 -33.30 -61.60 6.20
N PRO A 599 -32.56 -60.81 5.42
CA PRO A 599 -31.14 -60.58 5.73
C PRO A 599 -30.94 -59.91 7.08
N GLU A 600 -29.78 -60.20 7.68
CA GLU A 600 -29.47 -59.71 9.03
C GLU A 600 -29.10 -58.24 9.06
N ARG A 601 -28.95 -57.60 7.90
CA ARG A 601 -28.56 -56.19 7.91
C ARG A 601 -29.71 -55.29 8.35
N LEU A 602 -30.95 -55.78 8.32
CA LEU A 602 -32.08 -54.95 8.74
C LEU A 602 -32.00 -54.59 10.22
N TRP A 603 -31.50 -55.50 11.05
CA TRP A 603 -31.43 -55.21 12.48
C TRP A 603 -30.44 -54.09 12.80
N LEU A 604 -29.60 -53.70 11.85
CA LEU A 604 -28.71 -52.55 12.01
C LEU A 604 -29.30 -51.27 11.42
N LEU A 605 -30.49 -51.33 10.82
CA LEU A 605 -31.15 -50.14 10.29
C LEU A 605 -31.84 -49.42 11.44
N LYS A 606 -31.16 -48.40 11.95
CA LYS A 606 -31.59 -47.75 13.19
C LYS A 606 -32.81 -46.87 12.98
N GLU A 607 -33.03 -46.38 11.76
CA GLU A 607 -34.09 -45.43 11.50
C GLU A 607 -35.42 -46.07 11.09
N LEU A 608 -35.49 -47.39 11.00
CA LEU A 608 -36.70 -48.04 10.51
C LEU A 608 -37.86 -47.80 11.47
N ARG A 609 -39.05 -47.60 10.90
CA ARG A 609 -40.26 -47.32 11.67
C ARG A 609 -41.39 -48.30 11.37
N HIS A 610 -41.50 -48.76 10.13
CA HIS A 610 -42.57 -49.68 9.74
C HIS A 610 -41.98 -50.79 8.89
N LEU A 611 -42.31 -52.03 9.25
CA LEU A 611 -41.87 -53.20 8.49
C LEU A 611 -43.06 -54.15 8.35
N ASP A 612 -43.41 -54.47 7.11
CA ASP A 612 -44.58 -55.29 6.81
C ASP A 612 -44.15 -56.50 5.98
N LEU A 613 -44.51 -57.70 6.46
CA LEU A 613 -44.31 -58.93 5.71
C LEU A 613 -45.56 -59.79 5.71
N SER A 614 -46.74 -59.18 5.56
CA SER A 614 -47.99 -59.93 5.63
C SER A 614 -48.15 -60.85 4.43
N VAL A 615 -48.79 -61.99 4.66
CA VAL A 615 -49.15 -62.95 3.61
C VAL A 615 -47.89 -63.42 2.89
N THR A 616 -46.76 -63.39 3.59
CA THR A 616 -45.53 -63.95 3.05
C THR A 616 -45.59 -65.47 3.17
N VAL A 617 -45.83 -66.15 2.05
CA VAL A 617 -46.04 -67.60 2.09
C VAL A 617 -44.75 -68.33 2.46
N ALA A 618 -43.62 -67.89 1.91
CA ALA A 618 -42.37 -68.61 2.09
C ALA A 618 -41.55 -68.13 3.26
N PHE A 619 -41.97 -67.08 3.96
CA PHE A 619 -41.19 -66.53 5.06
C PHE A 619 -41.04 -67.56 6.18
N GLU A 620 -39.78 -67.84 6.57
CA GLU A 620 -39.54 -68.79 7.64
C GLU A 620 -38.37 -68.40 8.55
N ASP A 621 -37.97 -67.13 8.58
CA ASP A 621 -36.75 -66.70 9.27
C ASP A 621 -37.12 -66.19 10.65
N THR A 622 -36.32 -66.57 11.65
CA THR A 622 -36.59 -66.18 13.03
C THR A 622 -36.42 -64.67 13.21
N MET A 623 -37.33 -64.06 13.98
CA MET A 623 -37.30 -62.61 14.20
C MET A 623 -36.61 -62.22 15.50
N ASN A 624 -35.84 -63.13 16.12
CA ASN A 624 -35.29 -62.84 17.44
C ASN A 624 -34.37 -61.62 17.42
N ASN A 625 -33.80 -61.29 16.26
CA ASN A 625 -32.94 -60.11 16.16
C ASN A 625 -33.72 -58.82 16.00
N CYS A 626 -35.05 -58.88 15.95
CA CYS A 626 -35.84 -57.66 15.87
C CYS A 626 -35.72 -56.81 17.13
N SER A 627 -35.21 -57.37 18.22
CA SER A 627 -34.98 -56.59 19.43
C SER A 627 -34.03 -55.43 19.18
N LYS A 628 -33.04 -55.61 18.30
CA LYS A 628 -32.16 -54.51 17.93
C LYS A 628 -32.86 -53.40 17.17
N LEU A 629 -34.07 -53.66 16.68
CA LEU A 629 -34.87 -52.67 15.96
C LEU A 629 -35.76 -51.89 16.91
N HIS A 630 -35.13 -51.09 17.79
CA HIS A 630 -35.86 -50.39 18.84
C HIS A 630 -36.83 -49.37 18.27
N LYS A 631 -36.42 -48.61 17.26
CA LYS A 631 -37.19 -47.47 16.78
C LYS A 631 -38.45 -47.88 16.02
N LEU A 632 -38.59 -49.16 15.67
CA LEU A 632 -39.74 -49.61 14.90
C LEU A 632 -41.05 -49.30 15.61
N LYS A 633 -42.03 -48.81 14.85
CA LYS A 633 -43.34 -48.45 15.38
C LYS A 633 -44.43 -49.44 14.99
N VAL A 634 -44.31 -50.08 13.82
CA VAL A 634 -45.32 -51.01 13.34
C VAL A 634 -44.63 -52.22 12.72
N LEU A 635 -45.08 -53.42 13.10
CA LEU A 635 -44.59 -54.67 12.56
C LEU A 635 -45.78 -55.57 12.25
N ASN A 636 -45.85 -56.07 11.02
CA ASN A 636 -47.00 -56.82 10.55
C ASN A 636 -46.56 -58.16 9.98
N LEU A 637 -47.17 -59.25 10.47
CA LEU A 637 -46.97 -60.59 9.92
C LEU A 637 -48.30 -61.29 9.68
N PHE A 638 -49.36 -60.55 9.37
CA PHE A 638 -50.69 -61.13 9.23
C PHE A 638 -50.72 -62.11 8.07
N ARG A 639 -51.33 -63.28 8.31
CA ARG A 639 -51.44 -64.39 7.36
C ARG A 639 -50.09 -64.92 6.90
N SER A 640 -49.00 -64.56 7.58
CA SER A 640 -47.71 -65.14 7.26
C SER A 640 -47.68 -66.61 7.68
N HIS A 641 -47.06 -67.44 6.83
CA HIS A 641 -46.98 -68.86 7.13
C HIS A 641 -46.15 -69.14 8.38
N TYR A 642 -45.17 -68.30 8.69
CA TYR A 642 -44.38 -68.45 9.89
C TYR A 642 -44.70 -67.29 10.85
N GLY A 643 -44.59 -67.58 12.14
CA GLY A 643 -44.82 -66.57 13.16
C GLY A 643 -44.32 -67.04 14.51
N ILE A 644 -45.08 -66.74 15.57
CA ILE A 644 -44.73 -67.21 16.90
C ILE A 644 -45.33 -68.60 17.09
N ARG A 645 -44.62 -69.63 16.63
CA ARG A 645 -45.12 -71.00 16.77
C ARG A 645 -44.99 -71.50 18.20
N ASP A 646 -44.07 -70.92 18.98
CA ASP A 646 -43.89 -71.31 20.37
C ASP A 646 -43.47 -70.09 21.17
N VAL A 647 -43.62 -70.19 22.49
CA VAL A 647 -43.35 -69.07 23.38
C VAL A 647 -41.89 -68.63 23.32
N ASP A 648 -41.01 -69.47 22.77
CA ASP A 648 -39.59 -69.12 22.67
C ASP A 648 -39.37 -67.82 21.91
N ASN A 649 -40.24 -67.50 20.95
CA ASN A 649 -40.15 -66.26 20.20
C ASN A 649 -41.21 -65.24 20.62
N LEU A 650 -41.57 -65.21 21.90
CA LEU A 650 -42.47 -64.21 22.46
C LEU A 650 -41.72 -63.01 23.04
N ASN A 651 -40.52 -62.72 22.52
CA ASN A 651 -39.66 -61.68 23.04
C ASN A 651 -39.98 -60.30 22.45
N LEU A 652 -41.19 -60.10 21.95
CA LEU A 652 -41.58 -58.82 21.36
C LEU A 652 -41.71 -57.71 22.38
N ASP A 653 -41.57 -58.00 23.67
CA ASP A 653 -41.56 -56.96 24.68
C ASP A 653 -40.37 -56.02 24.55
N SER A 654 -39.35 -56.41 23.78
CA SER A 654 -38.25 -55.51 23.48
C SER A 654 -38.67 -54.42 22.49
N LEU A 655 -39.76 -54.63 21.76
CA LEU A 655 -40.28 -53.62 20.84
C LEU A 655 -41.06 -52.56 21.62
N LYS A 656 -40.31 -51.66 22.24
CA LYS A 656 -40.88 -50.67 23.14
C LYS A 656 -41.62 -49.57 22.38
N GLU A 657 -41.23 -49.29 21.14
CA GLU A 657 -41.87 -48.24 20.35
C GLU A 657 -43.07 -48.74 19.54
N LEU A 658 -43.37 -50.04 19.60
CA LEU A 658 -44.41 -50.61 18.74
C LEU A 658 -45.78 -50.09 19.13
N LEU A 659 -46.63 -49.87 18.11
CA LEU A 659 -48.00 -49.42 18.31
C LEU A 659 -49.03 -50.40 17.76
N PHE A 660 -48.85 -50.90 16.55
CA PHE A 660 -49.80 -51.81 15.91
C PHE A 660 -49.06 -53.00 15.35
N LEU A 661 -49.63 -54.19 15.55
CA LEU A 661 -49.01 -55.42 15.10
C LEU A 661 -50.10 -56.42 14.72
N GLY A 662 -49.80 -57.21 13.68
CA GLY A 662 -50.63 -58.33 13.30
C GLY A 662 -49.78 -59.54 13.04
N ILE A 663 -50.15 -60.70 13.61
CA ILE A 663 -49.30 -61.88 13.57
C ILE A 663 -50.20 -63.11 13.55
N THR A 664 -49.60 -64.26 13.24
CA THR A 664 -50.32 -65.53 13.18
C THR A 664 -50.03 -66.35 14.42
N ILE A 665 -51.09 -66.80 15.10
CA ILE A 665 -50.98 -67.57 16.33
C ILE A 665 -51.38 -69.01 16.04
N TYR A 666 -50.58 -69.96 16.54
CA TYR A 666 -50.69 -71.34 16.13
C TYR A 666 -51.21 -72.31 17.19
N ALA A 667 -51.29 -71.92 18.46
CA ALA A 667 -51.60 -72.91 19.48
C ALA A 667 -52.37 -72.28 20.63
N GLU A 668 -53.12 -73.14 21.33
CA GLU A 668 -53.89 -72.70 22.50
C GLU A 668 -52.97 -72.23 23.62
N ASP A 669 -51.85 -72.93 23.83
CA ASP A 669 -50.95 -72.54 24.92
C ASP A 669 -50.37 -71.16 24.66
N VAL A 670 -50.17 -70.78 23.40
CA VAL A 670 -49.73 -69.42 23.11
C VAL A 670 -50.81 -68.41 23.52
N LEU A 671 -52.07 -68.72 23.24
CA LEU A 671 -53.16 -67.82 23.61
C LEU A 671 -53.26 -67.69 25.14
N LYS A 672 -53.10 -68.80 25.86
CA LYS A 672 -53.19 -68.75 27.31
C LYS A 672 -51.91 -68.21 27.95
N LYS A 673 -50.82 -68.15 27.19
CA LYS A 673 -49.67 -67.35 27.59
C LYS A 673 -49.90 -65.87 27.34
N LEU A 674 -50.74 -65.54 26.36
CA LEU A 674 -51.04 -64.16 26.01
C LEU A 674 -52.37 -63.67 26.59
N ASN A 675 -53.06 -64.48 27.38
CA ASN A 675 -54.36 -64.07 27.91
C ASN A 675 -54.23 -63.29 29.21
N MET A 676 -53.35 -62.29 29.23
CA MET A 676 -53.17 -61.43 30.37
C MET A 676 -53.06 -60.00 29.89
N PRO A 677 -53.43 -59.01 30.72
CA PRO A 677 -53.34 -57.62 30.29
C PRO A 677 -51.92 -57.10 30.26
N ARG A 678 -51.37 -56.96 29.06
CA ARG A 678 -50.05 -56.37 28.87
C ARG A 678 -49.98 -55.87 27.43
N PRO A 679 -49.09 -54.91 27.15
CA PRO A 679 -49.07 -54.31 25.80
C PRO A 679 -48.90 -55.31 24.67
N LEU A 680 -48.07 -56.35 24.85
CA LEU A 680 -47.87 -57.33 23.79
C LEU A 680 -49.17 -58.04 23.42
N ALA A 681 -50.08 -58.20 24.38
CA ALA A 681 -51.35 -58.86 24.11
C ALA A 681 -52.36 -57.89 23.51
N LYS A 682 -52.38 -56.65 24.01
CA LYS A 682 -53.43 -55.72 23.61
C LYS A 682 -53.08 -54.93 22.37
N SER A 683 -51.80 -54.91 21.97
CA SER A 683 -51.41 -54.07 20.84
C SER A 683 -51.78 -54.70 19.50
N THR A 684 -52.20 -55.95 19.48
CA THR A 684 -52.51 -56.64 18.22
C THR A 684 -53.84 -56.13 17.68
N HIS A 685 -53.86 -55.77 16.40
CA HIS A 685 -55.10 -55.30 15.77
C HIS A 685 -55.78 -56.39 14.95
N ARG A 686 -55.05 -57.44 14.57
CA ARG A 686 -55.66 -58.54 13.84
C ARG A 686 -54.80 -59.80 13.98
N LEU A 687 -55.47 -60.95 13.88
CA LEU A 687 -54.83 -62.26 14.00
C LEU A 687 -55.16 -63.13 12.79
N ASN A 688 -54.24 -64.01 12.45
CA ASN A 688 -54.47 -65.12 11.54
C ASN A 688 -54.30 -66.42 12.32
N LEU A 689 -55.18 -67.38 12.08
CA LEU A 689 -55.15 -68.67 12.76
C LEU A 689 -54.95 -69.78 11.74
N LYS A 690 -53.78 -70.41 11.78
CA LYS A 690 -53.41 -71.43 10.80
C LYS A 690 -52.74 -72.59 11.52
N TYR A 691 -53.12 -73.81 11.15
CA TYR A 691 -52.61 -75.03 11.79
C TYR A 691 -52.76 -74.98 13.31
N CYS A 692 -53.94 -74.54 13.76
CA CYS A 692 -54.17 -74.36 15.19
C CYS A 692 -54.22 -75.70 15.90
N ALA A 693 -53.31 -75.88 16.87
CA ALA A 693 -53.29 -77.11 17.64
C ALA A 693 -54.06 -76.93 18.94
N GLU A 694 -54.88 -77.92 19.28
CA GLU A 694 -55.63 -77.98 20.54
C GLU A 694 -56.69 -76.90 20.64
N MET A 695 -56.83 -76.07 19.60
CA MET A 695 -57.84 -75.02 19.59
C MET A 695 -59.09 -75.48 18.84
N GLN A 696 -59.67 -76.57 19.35
CA GLN A 696 -60.93 -77.06 18.81
C GLN A 696 -62.09 -76.10 19.06
N SER A 697 -61.97 -75.24 20.07
CA SER A 697 -62.98 -74.24 20.35
C SER A 697 -62.29 -72.95 20.79
N ILE A 698 -62.96 -71.83 20.56
CA ILE A 698 -62.44 -70.52 20.92
C ILE A 698 -63.60 -69.60 21.23
N LYS A 699 -63.41 -68.73 22.22
CA LYS A 699 -64.42 -67.79 22.65
C LYS A 699 -63.89 -66.37 22.52
N ILE A 700 -64.79 -65.43 22.18
CA ILE A 700 -64.39 -64.04 22.08
C ILE A 700 -63.98 -63.50 23.45
N SER A 701 -64.54 -64.06 24.53
CA SER A 701 -64.09 -63.69 25.87
C SER A 701 -62.61 -63.99 26.06
N ASP A 702 -62.11 -65.07 25.46
CA ASP A 702 -60.68 -65.33 25.49
C ASP A 702 -59.90 -64.27 24.73
N LEU A 703 -60.50 -63.70 23.67
CA LEU A 703 -59.87 -62.61 22.93
C LEU A 703 -60.14 -61.24 23.55
N SER A 704 -60.89 -61.18 24.64
CA SER A 704 -61.21 -59.89 25.26
C SER A 704 -59.98 -59.15 25.74
N HIS A 705 -58.88 -59.86 26.02
CA HIS A 705 -57.64 -59.21 26.40
C HIS A 705 -56.96 -58.55 25.21
N MET A 706 -57.35 -58.90 23.99
CA MET A 706 -56.88 -58.23 22.77
C MET A 706 -57.77 -57.03 22.46
N GLU A 707 -57.51 -55.92 23.17
CA GLU A 707 -58.39 -54.77 23.12
C GLU A 707 -58.34 -54.05 21.77
N HIS A 708 -57.32 -54.31 20.95
CA HIS A 708 -57.20 -53.65 19.66
C HIS A 708 -57.60 -54.54 18.49
N LEU A 709 -57.83 -55.83 18.72
CA LEU A 709 -58.09 -56.76 17.62
C LEU A 709 -59.34 -56.35 16.86
N GLU A 710 -59.24 -56.35 15.53
CA GLU A 710 -60.37 -56.00 14.67
C GLU A 710 -60.63 -56.99 13.54
N GLU A 711 -59.65 -57.81 13.17
CA GLU A 711 -59.81 -58.76 12.09
C GLU A 711 -59.27 -60.12 12.50
N LEU A 712 -60.00 -61.18 12.15
CA LEU A 712 -59.57 -62.54 12.41
C LEU A 712 -59.58 -63.34 11.12
N TYR A 713 -58.54 -64.15 10.92
CA TYR A 713 -58.43 -65.04 9.78
C TYR A 713 -58.17 -66.45 10.29
N VAL A 714 -58.98 -67.40 9.85
CA VAL A 714 -58.86 -68.79 10.24
C VAL A 714 -58.71 -69.62 8.97
N GLU A 715 -57.57 -70.31 8.85
CA GLU A 715 -57.28 -71.10 7.66
C GLU A 715 -56.65 -72.42 8.07
N SER A 716 -57.18 -73.52 7.52
CA SER A 716 -56.61 -74.85 7.72
C SER A 716 -56.51 -75.23 9.20
N CYS A 717 -57.55 -74.91 9.97
CA CYS A 717 -57.66 -75.38 11.35
C CYS A 717 -58.43 -76.70 11.33
N TYR A 718 -57.66 -77.79 11.31
CA TYR A 718 -58.24 -79.10 11.02
C TYR A 718 -59.18 -79.57 12.12
N ASP A 719 -58.82 -79.35 13.39
CA ASP A 719 -59.57 -79.88 14.51
C ASP A 719 -60.55 -78.87 15.11
N LEU A 720 -60.70 -77.70 14.50
CA LEU A 720 -61.63 -76.69 15.01
C LEU A 720 -63.06 -77.17 14.82
N ASN A 721 -63.87 -77.09 15.87
CA ASN A 721 -65.25 -77.54 15.80
C ASN A 721 -66.27 -76.42 16.01
N THR A 722 -66.15 -75.67 17.10
CA THR A 722 -67.13 -74.65 17.43
C THR A 722 -66.44 -73.37 17.88
N VAL A 723 -67.14 -72.26 17.75
CA VAL A 723 -66.68 -70.95 18.18
C VAL A 723 -67.79 -70.30 18.99
N VAL A 724 -67.42 -69.53 20.00
CA VAL A 724 -68.37 -68.86 20.89
C VAL A 724 -68.33 -67.37 20.60
N ALA A 725 -69.46 -66.82 20.16
CA ALA A 725 -69.66 -65.38 20.02
C ALA A 725 -70.52 -64.94 21.21
N ASP A 726 -69.84 -64.59 22.30
CA ASP A 726 -70.51 -64.38 23.58
C ASP A 726 -71.34 -63.09 23.56
N ALA A 727 -72.25 -63.01 24.54
CA ALA A 727 -72.95 -61.75 24.80
C ALA A 727 -72.11 -60.78 25.61
N GLU A 728 -71.05 -61.25 26.24
CA GLU A 728 -70.15 -60.39 27.01
C GLU A 728 -69.38 -59.50 26.05
N LEU A 729 -69.69 -58.21 26.06
CA LEU A 729 -69.08 -57.29 25.11
C LEU A 729 -67.62 -57.02 25.46
N THR A 730 -66.89 -56.48 24.49
CA THR A 730 -65.50 -56.13 24.67
C THR A 730 -65.24 -54.76 24.04
N THR A 731 -64.24 -54.06 24.60
CA THR A 731 -63.78 -52.83 23.98
C THR A 731 -63.24 -53.05 22.58
N SER A 732 -62.71 -54.24 22.30
CA SER A 732 -62.28 -54.56 20.94
C SER A 732 -63.47 -54.63 20.00
N GLN A 733 -63.30 -54.08 18.80
CA GLN A 733 -64.37 -54.02 17.81
C GLN A 733 -64.01 -54.95 16.65
N LEU A 734 -64.72 -56.07 16.55
CA LEU A 734 -64.49 -57.01 15.46
C LEU A 734 -65.10 -56.47 14.17
N GLN A 735 -64.28 -56.34 13.13
CA GLN A 735 -64.72 -55.69 11.90
C GLN A 735 -64.71 -56.60 10.68
N PHE A 736 -63.61 -57.31 10.43
CA PHE A 736 -63.48 -58.15 9.24
C PHE A 736 -63.11 -59.56 9.65
N LEU A 737 -63.86 -60.55 9.14
CA LEU A 737 -63.57 -61.95 9.40
C LEU A 737 -63.50 -62.72 8.09
N THR A 738 -62.63 -63.71 8.06
CA THR A 738 -62.47 -64.60 6.91
C THR A 738 -62.27 -66.02 7.41
N LEU A 739 -63.20 -66.90 7.10
CA LEU A 739 -63.10 -68.32 7.42
C LEU A 739 -62.80 -69.06 6.13
N SER A 740 -61.61 -69.68 6.06
CA SER A 740 -61.13 -70.28 4.82
C SER A 740 -60.59 -71.67 5.10
N VAL A 741 -60.95 -72.62 4.23
CA VAL A 741 -60.43 -73.99 4.24
C VAL A 741 -60.56 -74.59 5.64
N LEU A 742 -61.78 -74.67 6.15
CA LEU A 742 -62.04 -75.29 7.45
C LEU A 742 -62.79 -76.58 7.24
N PRO A 743 -62.14 -77.74 7.34
CA PRO A 743 -62.81 -79.03 7.05
C PRO A 743 -63.59 -79.63 8.21
N SER A 744 -63.60 -79.01 9.40
CA SER A 744 -64.31 -79.60 10.52
C SER A 744 -65.11 -78.60 11.34
N LEU A 745 -65.07 -77.31 11.01
CA LEU A 745 -65.88 -76.34 11.75
C LEU A 745 -67.36 -76.61 11.50
N GLU A 746 -68.14 -76.58 12.58
CA GLU A 746 -69.56 -76.91 12.51
C GLU A 746 -70.48 -75.72 12.73
N SER A 747 -70.33 -75.00 13.85
CA SER A 747 -71.26 -73.93 14.19
C SER A 747 -70.57 -72.94 15.12
N VAL A 748 -71.10 -71.73 15.16
CA VAL A 748 -70.64 -70.69 16.08
C VAL A 748 -71.85 -70.18 16.87
N LEU A 749 -71.69 -70.14 18.20
CA LEU A 749 -72.78 -69.77 19.09
C LEU A 749 -72.81 -68.25 19.24
N VAL A 750 -73.90 -67.63 18.76
CA VAL A 750 -74.05 -66.18 18.79
C VAL A 750 -75.26 -65.83 19.64
N ALA A 751 -75.08 -64.89 20.57
CA ALA A 751 -76.15 -64.48 21.45
C ALA A 751 -77.24 -63.73 20.68
N PRO A 752 -78.50 -63.86 21.09
CA PRO A 752 -79.59 -63.26 20.33
C PRO A 752 -79.74 -61.76 20.53
N MET A 753 -79.49 -61.27 21.74
CA MET A 753 -79.75 -59.87 22.06
C MET A 753 -78.55 -58.98 21.79
N SER A 754 -77.43 -59.24 22.46
CA SER A 754 -76.22 -58.44 22.28
C SER A 754 -75.05 -59.40 22.06
N HIS A 755 -74.11 -58.97 21.22
CA HIS A 755 -73.00 -59.83 20.85
C HIS A 755 -71.83 -58.98 20.40
N ASN A 756 -70.65 -59.61 20.35
CA ASN A 756 -69.43 -58.91 19.96
C ASN A 756 -69.34 -58.70 18.46
N PHE A 757 -70.22 -59.34 17.68
CA PHE A 757 -70.19 -59.26 16.23
C PHE A 757 -70.94 -58.05 15.68
N GLN A 758 -71.63 -57.29 16.52
CA GLN A 758 -72.49 -56.21 16.02
C GLN A 758 -71.70 -55.10 15.35
N TYR A 759 -70.39 -55.01 15.59
CA TYR A 759 -69.54 -54.04 14.90
C TYR A 759 -68.91 -54.60 13.62
N ILE A 760 -69.47 -55.66 13.04
CA ILE A 760 -68.84 -56.28 11.88
C ILE A 760 -69.12 -55.46 10.63
N ARG A 761 -68.10 -55.30 9.78
CA ARG A 761 -68.25 -54.65 8.49
C ARG A 761 -68.09 -55.58 7.31
N LYS A 762 -67.24 -56.60 7.40
CA LYS A 762 -66.95 -57.48 6.28
C LYS A 762 -66.92 -58.94 6.74
N LEU A 763 -67.58 -59.81 5.98
CA LEU A 763 -67.56 -61.24 6.22
C LEU A 763 -67.15 -61.95 4.94
N ILE A 764 -66.18 -62.85 5.03
CA ILE A 764 -65.72 -63.65 3.91
C ILE A 764 -65.73 -65.11 4.34
N ILE A 765 -66.66 -65.89 3.78
CA ILE A 765 -66.81 -67.30 4.11
C ILE A 765 -66.37 -68.09 2.89
N SER A 766 -65.36 -68.94 3.06
CA SER A 766 -64.75 -69.63 1.93
C SER A 766 -64.30 -71.03 2.32
N HIS A 767 -64.48 -71.97 1.39
CA HIS A 767 -63.91 -73.32 1.47
C HIS A 767 -64.26 -74.04 2.77
N CYS A 768 -65.48 -73.88 3.27
CA CYS A 768 -65.89 -74.58 4.48
C CYS A 768 -66.99 -75.57 4.12
N PRO A 769 -66.67 -76.85 3.89
CA PRO A 769 -67.71 -77.81 3.50
C PRO A 769 -68.54 -78.32 4.66
N LYS A 770 -67.98 -78.42 5.87
CA LYS A 770 -68.70 -78.95 7.01
C LYS A 770 -69.38 -77.87 7.84
N LEU A 771 -69.21 -76.60 7.50
CA LEU A 771 -69.90 -75.51 8.21
C LEU A 771 -71.35 -75.48 7.77
N SER A 772 -72.27 -75.51 8.73
CA SER A 772 -73.70 -75.60 8.40
C SER A 772 -74.57 -74.72 9.29
N ASN A 773 -74.04 -73.58 9.72
CA ASN A 773 -74.83 -72.64 10.53
C ASN A 773 -74.30 -71.24 10.32
N ILE A 774 -75.06 -70.42 9.59
CA ILE A 774 -74.68 -69.05 9.30
C ILE A 774 -75.88 -68.14 9.54
N THR A 775 -76.86 -68.64 10.31
CA THR A 775 -78.07 -67.87 10.59
C THR A 775 -77.78 -66.56 11.31
N TRP A 776 -76.65 -66.47 12.00
CA TRP A 776 -76.35 -65.32 12.84
C TRP A 776 -76.15 -64.03 12.05
N VAL A 777 -76.02 -64.12 10.73
CA VAL A 777 -75.74 -62.95 9.91
C VAL A 777 -76.90 -61.95 9.97
N ARG A 778 -78.12 -62.44 10.18
CA ARG A 778 -79.28 -61.55 10.20
C ARG A 778 -79.23 -60.55 11.36
N ARG A 779 -78.46 -60.83 12.39
CA ARG A 779 -78.30 -59.92 13.52
C ARG A 779 -77.17 -58.92 13.32
N LEU A 780 -76.61 -58.84 12.10
CA LEU A 780 -75.43 -58.02 11.84
C LEU A 780 -75.89 -56.73 11.14
N GLN A 781 -76.24 -55.74 11.95
CA GLN A 781 -76.87 -54.53 11.42
C GLN A 781 -75.88 -53.54 10.84
N LEU A 782 -74.60 -53.58 11.24
CA LEU A 782 -73.56 -52.77 10.63
C LEU A 782 -72.82 -53.48 9.50
N LEU A 783 -73.24 -54.69 9.14
CA LEU A 783 -72.52 -55.47 8.14
C LEU A 783 -72.61 -54.82 6.77
N GLU A 784 -71.51 -54.87 6.01
CA GLU A 784 -71.40 -54.18 4.74
C GLU A 784 -71.01 -55.07 3.57
N ARG A 785 -70.11 -56.04 3.76
CA ARG A 785 -69.61 -56.86 2.66
C ARG A 785 -69.89 -58.32 2.93
N LEU A 786 -70.37 -59.03 1.90
CA LEU A 786 -70.62 -60.46 1.97
C LEU A 786 -69.77 -61.19 0.93
N VAL A 787 -69.04 -62.20 1.37
CA VAL A 787 -68.31 -63.10 0.48
C VAL A 787 -68.57 -64.53 0.93
N ILE A 788 -69.29 -65.29 0.12
CA ILE A 788 -69.57 -66.70 0.38
C ILE A 788 -69.07 -67.48 -0.83
N SER A 789 -68.20 -68.47 -0.59
CA SER A 789 -67.60 -69.22 -1.69
C SER A 789 -67.29 -70.65 -1.27
N HIS A 790 -67.65 -71.59 -2.15
CA HIS A 790 -67.24 -72.99 -2.05
C HIS A 790 -67.66 -73.64 -0.74
N CYS A 791 -68.66 -73.09 -0.06
CA CYS A 791 -69.16 -73.66 1.18
C CYS A 791 -70.50 -74.34 0.93
N ASP A 792 -70.42 -75.59 0.50
CA ASP A 792 -71.60 -76.37 0.14
C ASP A 792 -72.36 -76.82 1.37
N GLY A 793 -71.75 -76.69 2.55
CA GLY A 793 -72.44 -77.00 3.78
C GLY A 793 -73.43 -75.96 4.23
N VAL A 794 -73.38 -74.77 3.64
CA VAL A 794 -74.33 -73.71 3.96
C VAL A 794 -75.58 -73.90 3.10
N LEU A 795 -76.69 -74.26 3.75
CA LEU A 795 -77.95 -74.42 3.02
C LEU A 795 -78.48 -73.07 2.56
N GLU A 796 -78.52 -72.09 3.46
CA GLU A 796 -78.91 -70.73 3.13
C GLU A 796 -78.05 -69.77 3.95
N ILE A 797 -77.90 -68.55 3.45
CA ILE A 797 -77.19 -67.53 4.21
C ILE A 797 -77.93 -67.21 5.50
N VAL A 798 -79.26 -67.23 5.49
CA VAL A 798 -80.04 -67.18 6.72
C VAL A 798 -81.04 -68.33 6.70
N GLU A 799 -80.68 -69.44 7.35
CA GLU A 799 -81.56 -70.60 7.43
C GLU A 799 -82.62 -70.37 8.52
N ASP A 800 -83.35 -71.42 8.86
CA ASP A 800 -84.38 -71.35 9.90
C ASP A 800 -83.76 -71.03 11.26
N THR A 831 -88.54 -56.09 15.80
CA THR A 831 -88.51 -54.72 15.30
C THR A 831 -88.87 -54.66 13.82
N GLY A 832 -89.53 -53.57 13.42
CA GLY A 832 -89.84 -53.36 12.02
C GLY A 832 -88.62 -52.94 11.23
N GLN A 833 -87.63 -53.83 11.16
CA GLN A 833 -86.34 -53.51 10.58
C GLN A 833 -85.91 -54.65 9.66
N SER A 834 -85.20 -54.29 8.60
CA SER A 834 -84.62 -55.29 7.72
C SER A 834 -83.41 -55.94 8.38
N ASP A 835 -83.09 -57.16 7.94
CA ASP A 835 -81.96 -57.88 8.49
C ASP A 835 -80.62 -57.35 7.99
N PHE A 836 -80.61 -56.63 6.87
CA PHE A 836 -79.40 -56.06 6.28
C PHE A 836 -79.60 -54.59 5.98
N PRO A 837 -79.68 -53.75 7.02
CA PRO A 837 -79.97 -52.32 6.78
C PRO A 837 -78.79 -51.55 6.20
N LYS A 838 -77.55 -51.97 6.45
CA LYS A 838 -76.37 -51.23 6.02
C LYS A 838 -75.54 -52.00 5.00
N LEU A 839 -76.12 -53.00 4.34
CA LEU A 839 -75.37 -53.84 3.43
C LEU A 839 -75.04 -53.08 2.14
N ARG A 840 -73.84 -53.32 1.61
CA ARG A 840 -73.37 -52.67 0.39
C ARG A 840 -73.00 -53.66 -0.71
N LEU A 841 -72.31 -54.75 -0.39
CA LEU A 841 -71.77 -55.64 -1.40
C LEU A 841 -72.05 -57.09 -1.03
N ILE A 842 -72.44 -57.88 -2.03
CA ILE A 842 -72.63 -59.33 -1.89
C ILE A 842 -71.85 -60.02 -2.98
N VAL A 843 -71.02 -60.99 -2.60
CA VAL A 843 -70.24 -61.78 -3.55
C VAL A 843 -70.52 -63.25 -3.29
N LEU A 844 -70.96 -63.96 -4.32
CA LEU A 844 -71.21 -65.40 -4.26
C LEU A 844 -70.44 -66.10 -5.35
N THR A 845 -69.81 -67.23 -5.01
CA THR A 845 -68.92 -67.90 -5.95
C THR A 845 -68.84 -69.40 -5.63
N GLY A 846 -68.99 -70.22 -6.66
CA GLY A 846 -68.65 -71.63 -6.55
C GLY A 846 -69.52 -72.46 -5.63
N LEU A 847 -70.71 -71.99 -5.27
CA LEU A 847 -71.58 -72.74 -4.38
C LEU A 847 -72.36 -73.78 -5.18
N LYS A 848 -72.02 -75.05 -4.98
CA LYS A 848 -72.65 -76.13 -5.72
C LYS A 848 -73.87 -76.71 -5.01
N LYS A 849 -74.13 -76.35 -3.75
CA LYS A 849 -75.24 -76.90 -3.00
C LYS A 849 -76.08 -75.85 -2.28
N LEU A 850 -75.86 -74.57 -2.52
CA LEU A 850 -76.66 -73.54 -1.88
C LEU A 850 -78.06 -73.51 -2.49
N ARG A 851 -79.07 -73.29 -1.65
CA ARG A 851 -80.45 -73.18 -2.14
C ARG A 851 -80.83 -71.73 -2.39
N SER A 852 -80.80 -70.90 -1.35
CA SER A 852 -81.18 -69.50 -1.46
C SER A 852 -80.39 -68.71 -0.42
N ILE A 853 -80.45 -67.39 -0.54
CA ILE A 853 -79.69 -66.53 0.37
C ILE A 853 -80.43 -66.41 1.70
N CYS A 854 -81.62 -65.81 1.68
CA CYS A 854 -82.33 -65.55 2.92
C CYS A 854 -83.80 -65.29 2.61
N LYS A 855 -84.59 -65.17 3.68
CA LYS A 855 -86.01 -64.89 3.55
C LYS A 855 -86.24 -63.51 2.95
N ALA A 856 -87.50 -63.23 2.62
CA ALA A 856 -87.85 -61.98 1.97
C ALA A 856 -87.67 -60.81 2.93
N ARG A 857 -86.69 -59.96 2.65
CA ARG A 857 -86.45 -58.75 3.41
C ARG A 857 -86.12 -57.62 2.45
N GLU A 858 -86.20 -56.39 2.96
CA GLU A 858 -85.95 -55.21 2.15
C GLU A 858 -84.45 -54.92 2.10
N PHE A 859 -83.93 -54.72 0.88
CA PHE A 859 -82.51 -54.46 0.66
C PHE A 859 -82.34 -53.20 -0.19
N PRO A 860 -82.64 -52.02 0.37
CA PRO A 860 -82.57 -50.79 -0.43
C PRO A 860 -81.18 -50.17 -0.49
N CYS A 861 -80.31 -50.47 0.46
CA CYS A 861 -79.00 -49.82 0.55
C CYS A 861 -77.89 -50.59 -0.16
N LEU A 862 -78.22 -51.72 -0.79
CA LEU A 862 -77.20 -52.50 -1.48
C LEU A 862 -76.65 -51.75 -2.68
N GLU A 863 -75.36 -51.96 -2.96
CA GLU A 863 -74.69 -51.30 -4.08
C GLU A 863 -74.40 -52.23 -5.24
N THR A 864 -73.89 -53.43 -4.98
CA THR A 864 -73.47 -54.32 -6.07
C THR A 864 -73.65 -55.76 -5.62
N LEU A 865 -74.16 -56.58 -6.54
CA LEU A 865 -74.31 -58.02 -6.32
C LEU A 865 -73.61 -58.76 -7.45
N ARG A 866 -72.78 -59.74 -7.08
CA ARG A 866 -72.01 -60.52 -8.04
C ARG A 866 -72.11 -62.00 -7.69
N VAL A 867 -72.60 -62.79 -8.63
CA VAL A 867 -72.74 -64.24 -8.46
C VAL A 867 -72.06 -64.91 -9.65
N GLU A 868 -71.16 -65.85 -9.36
CA GLU A 868 -70.44 -66.59 -10.39
C GLU A 868 -70.37 -68.07 -10.03
N ASP A 869 -70.62 -68.92 -11.03
CA ASP A 869 -70.50 -70.37 -10.89
C ASP A 869 -71.33 -70.90 -9.74
N CYS A 870 -72.63 -70.60 -9.77
CA CYS A 870 -73.54 -71.10 -8.75
C CYS A 870 -74.72 -71.81 -9.41
N PRO A 871 -74.53 -73.04 -9.90
CA PRO A 871 -75.60 -73.74 -10.61
C PRO A 871 -76.70 -74.29 -9.69
N ASN A 872 -76.62 -74.07 -8.38
CA ASN A 872 -77.63 -74.58 -7.46
C ASN A 872 -78.46 -73.48 -6.79
N LEU A 873 -78.05 -72.22 -6.89
CA LEU A 873 -78.76 -71.12 -6.25
C LEU A 873 -80.15 -71.00 -6.87
N ARG A 874 -81.19 -71.06 -6.03
CA ARG A 874 -82.56 -71.07 -6.53
C ARG A 874 -83.15 -69.66 -6.62
N SER A 875 -82.86 -68.80 -5.65
CA SER A 875 -83.50 -67.49 -5.60
C SER A 875 -82.65 -66.54 -4.77
N ILE A 876 -82.97 -65.25 -4.89
CA ILE A 876 -82.31 -64.19 -4.12
C ILE A 876 -83.38 -63.35 -3.45
N PRO A 877 -83.04 -62.73 -2.30
CA PRO A 877 -84.03 -61.90 -1.61
C PRO A 877 -84.30 -60.57 -2.28
N LEU A 878 -83.51 -60.18 -3.27
CA LEU A 878 -83.74 -58.93 -3.97
C LEU A 878 -85.05 -58.99 -4.75
N SER A 879 -85.79 -57.88 -4.76
CA SER A 879 -87.07 -57.83 -5.44
C SER A 879 -87.37 -56.40 -5.84
N CYS A 880 -88.32 -56.24 -6.76
CA CYS A 880 -88.74 -54.93 -7.22
C CYS A 880 -89.53 -54.16 -6.16
N THR A 881 -89.90 -54.81 -5.06
CA THR A 881 -90.63 -54.12 -3.99
C THR A 881 -89.77 -53.02 -3.36
N HIS A 882 -88.45 -53.12 -3.48
CA HIS A 882 -87.56 -52.15 -2.88
C HIS A 882 -87.45 -50.90 -3.75
N ASN A 883 -87.04 -49.80 -3.11
CA ASN A 883 -86.62 -48.62 -3.87
C ASN A 883 -85.10 -48.63 -3.99
N TYR A 884 -84.61 -48.36 -5.20
CA TYR A 884 -83.18 -48.46 -5.47
C TYR A 884 -82.67 -47.15 -6.06
N TRP A 885 -81.64 -46.60 -5.40
CA TRP A 885 -80.84 -45.54 -5.99
C TRP A 885 -79.37 -45.84 -5.77
N LYS A 886 -79.07 -46.68 -4.77
CA LYS A 886 -77.69 -47.02 -4.45
C LYS A 886 -77.19 -48.24 -5.20
N LEU A 887 -78.09 -49.05 -5.75
CA LEU A 887 -77.70 -50.28 -6.43
C LEU A 887 -77.03 -49.92 -7.75
N LYS A 888 -75.70 -49.96 -7.76
CA LYS A 888 -74.94 -49.49 -8.93
C LYS A 888 -74.97 -50.50 -10.07
N GLN A 889 -74.70 -51.77 -9.79
CA GLN A 889 -74.63 -52.77 -10.84
C GLN A 889 -74.89 -54.15 -10.25
N ILE A 890 -75.23 -55.08 -11.13
CA ILE A 890 -75.37 -56.49 -10.79
C ILE A 890 -74.68 -57.30 -11.88
N CYS A 891 -73.82 -58.23 -11.45
CA CYS A 891 -73.05 -59.03 -12.39
C CYS A 891 -73.30 -60.51 -12.10
N GLY A 892 -73.45 -61.30 -13.16
CA GLY A 892 -73.74 -62.71 -12.99
C GLY A 892 -73.89 -63.41 -14.33
N SER A 893 -74.39 -64.63 -14.27
CA SER A 893 -74.55 -65.47 -15.45
C SER A 893 -76.01 -65.62 -15.82
N VAL A 894 -76.26 -65.91 -17.10
CA VAL A 894 -77.62 -66.06 -17.60
C VAL A 894 -78.25 -67.36 -17.09
N GLU A 895 -77.45 -68.41 -16.91
CA GLU A 895 -77.99 -69.66 -16.37
C GLU A 895 -78.54 -69.44 -14.96
N TRP A 896 -77.84 -68.65 -14.15
CA TRP A 896 -78.36 -68.30 -12.84
C TRP A 896 -79.68 -67.56 -12.94
N TRP A 897 -79.82 -66.67 -13.93
CA TRP A 897 -81.09 -66.00 -14.16
C TRP A 897 -82.18 -66.99 -14.54
N GLU A 898 -81.86 -68.00 -15.34
CA GLU A 898 -82.82 -69.05 -15.66
C GLU A 898 -83.24 -69.81 -14.41
N LYS A 899 -82.29 -70.11 -13.53
CA LYS A 899 -82.60 -70.84 -12.31
C LYS A 899 -83.15 -69.95 -11.20
N LEU A 900 -83.16 -68.63 -11.41
CA LEU A 900 -83.63 -67.72 -10.38
C LEU A 900 -85.14 -67.78 -10.24
N GLN A 901 -85.61 -67.90 -8.99
CA GLN A 901 -87.02 -67.74 -8.70
C GLN A 901 -87.34 -66.25 -8.53
N TRP A 902 -88.59 -65.89 -8.82
CA TRP A 902 -89.00 -64.50 -8.83
C TRP A 902 -90.24 -64.30 -7.97
N GLU A 903 -90.23 -63.21 -7.20
CA GLU A 903 -91.42 -62.79 -6.47
C GLU A 903 -92.52 -62.32 -7.40
N ASN A 904 -92.17 -61.72 -8.53
CA ASN A 904 -93.13 -61.31 -9.55
C ASN A 904 -92.58 -61.67 -10.91
N ARG A 905 -93.47 -61.98 -11.85
CA ARG A 905 -93.04 -62.35 -13.19
C ARG A 905 -92.51 -61.15 -13.98
N LYS A 906 -92.74 -59.93 -13.50
CA LYS A 906 -92.12 -58.77 -14.14
C LYS A 906 -90.64 -58.68 -13.78
N GLU A 907 -90.22 -59.34 -12.69
CA GLU A 907 -88.82 -59.25 -12.27
C GLU A 907 -87.90 -59.98 -13.23
N VAL A 908 -88.45 -60.81 -14.11
CA VAL A 908 -87.62 -61.50 -15.11
C VAL A 908 -86.97 -60.48 -16.03
N ALA A 909 -87.70 -59.46 -16.43
CA ALA A 909 -87.19 -58.41 -17.30
C ALA A 909 -86.71 -57.18 -16.54
N CYS A 910 -87.35 -56.84 -15.42
CA CYS A 910 -87.01 -55.62 -14.69
C CYS A 910 -85.59 -55.70 -14.11
N LEU A 911 -85.32 -56.71 -13.30
CA LEU A 911 -84.01 -56.88 -12.69
C LEU A 911 -82.92 -57.19 -13.70
N ASP A 912 -83.28 -57.56 -14.92
CA ASP A 912 -82.31 -57.79 -15.99
C ASP A 912 -81.96 -56.48 -16.68
N SER A 913 -82.98 -55.74 -17.11
CA SER A 913 -82.74 -54.51 -17.85
C SER A 913 -82.26 -53.38 -16.95
N LYS A 914 -82.45 -53.48 -15.63
CA LYS A 914 -82.03 -52.38 -14.77
C LYS A 914 -80.57 -52.51 -14.31
N TYR A 915 -80.15 -53.69 -13.85
CA TYR A 915 -78.84 -53.78 -13.22
C TYR A 915 -77.98 -54.96 -13.68
N PHE A 916 -78.55 -56.01 -14.27
CA PHE A 916 -77.78 -57.21 -14.57
C PHE A 916 -76.75 -56.95 -15.65
N ILE A 917 -75.51 -57.38 -15.40
CA ILE A 917 -74.42 -57.28 -16.34
C ILE A 917 -73.84 -58.68 -16.53
N PRO A 918 -73.90 -59.26 -17.74
CA PRO A 918 -73.44 -60.64 -17.91
C PRO A 918 -71.94 -60.77 -17.73
N ILE A 919 -71.51 -61.95 -17.31
CA ILE A 919 -70.09 -62.25 -17.16
C ILE A 919 -69.54 -62.85 -18.45
N LEU B 36 -107.19 51.81 -55.40
CA LEU B 36 -106.08 51.63 -56.32
C LEU B 36 -104.77 51.42 -55.55
N HIS B 37 -104.23 50.21 -55.65
CA HIS B 37 -103.02 49.85 -54.92
C HIS B 37 -102.03 49.04 -55.75
N LEU B 38 -102.25 48.89 -57.06
CA LEU B 38 -101.48 47.95 -57.85
C LEU B 38 -100.02 48.33 -57.92
N LYS B 39 -99.71 49.60 -58.18
CA LYS B 39 -98.32 50.00 -58.36
C LYS B 39 -97.52 49.88 -57.07
N SER B 40 -98.08 50.35 -55.95
CA SER B 40 -97.37 50.22 -54.68
C SER B 40 -97.21 48.76 -54.28
N ASN B 41 -98.26 47.96 -54.49
CA ASN B 41 -98.17 46.55 -54.10
C ASN B 41 -97.20 45.79 -54.98
N TRP B 42 -97.07 46.18 -56.26
CA TRP B 42 -96.09 45.55 -57.13
C TRP B 42 -94.67 45.97 -56.78
N SER B 43 -94.48 47.23 -56.35
CA SER B 43 -93.17 47.63 -55.85
C SER B 43 -92.80 46.84 -54.60
N ASP B 44 -93.75 46.66 -53.70
CA ASP B 44 -93.51 45.82 -52.53
C ASP B 44 -93.21 44.37 -52.92
N LEU B 45 -93.89 43.87 -53.95
CA LEU B 45 -93.60 42.53 -54.44
C LEU B 45 -92.18 42.42 -54.98
N ASP B 46 -91.72 43.46 -55.69
CA ASP B 46 -90.35 43.47 -56.19
C ASP B 46 -89.35 43.46 -55.05
N LYS B 47 -89.61 44.28 -54.02
CA LYS B 47 -88.73 44.26 -52.85
C LYS B 47 -88.72 42.89 -52.19
N ALA B 48 -89.90 42.28 -52.06
CA ALA B 48 -90.00 40.96 -51.43
C ALA B 48 -89.24 39.92 -52.24
N LYS B 49 -89.34 39.97 -53.57
CA LYS B 49 -88.62 39.03 -54.41
C LYS B 49 -87.12 39.20 -54.28
N LYS B 50 -86.64 40.45 -54.28
CA LYS B 50 -85.21 40.67 -54.15
C LYS B 50 -84.70 40.26 -52.78
N LEU B 51 -85.53 40.35 -51.74
CA LEU B 51 -85.12 39.87 -50.43
C LEU B 51 -85.17 38.34 -50.36
N LEU B 52 -86.15 37.73 -51.04
CA LEU B 52 -86.29 36.29 -51.04
C LEU B 52 -85.14 35.62 -51.76
N LEU B 53 -84.63 36.26 -52.82
CA LEU B 53 -83.45 35.73 -53.48
C LEU B 53 -82.26 35.68 -52.53
N ALA B 54 -82.07 36.74 -51.73
CA ALA B 54 -80.97 36.75 -50.76
C ALA B 54 -81.17 35.69 -49.68
N VAL B 55 -82.39 35.54 -49.17
CA VAL B 55 -82.65 34.53 -48.14
C VAL B 55 -82.40 33.13 -48.70
N GLU B 56 -82.86 32.89 -49.92
CA GLU B 56 -82.64 31.60 -50.56
C GLU B 56 -81.15 31.33 -50.76
N THR B 57 -80.39 32.37 -51.16
CA THR B 57 -78.95 32.20 -51.32
C THR B 57 -78.29 31.84 -50.00
N THR B 58 -78.68 32.52 -48.91
CA THR B 58 -78.13 32.18 -47.60
C THR B 58 -78.46 30.76 -47.19
N VAL B 59 -79.71 30.34 -47.41
CA VAL B 59 -80.13 29.00 -47.03
C VAL B 59 -79.38 27.96 -47.85
N ARG B 60 -79.22 28.21 -49.16
CA ARG B 60 -78.52 27.26 -50.01
C ARG B 60 -77.05 27.16 -49.64
N ALA B 61 -76.41 28.29 -49.30
CA ALA B 61 -75.03 28.23 -48.85
C ALA B 61 -74.91 27.43 -47.56
N ARG B 62 -75.84 27.66 -46.63
CA ARG B 62 -75.82 26.92 -45.36
C ARG B 62 -76.03 25.43 -45.58
N VAL B 63 -76.90 25.06 -46.52
CA VAL B 63 -77.14 23.64 -46.81
C VAL B 63 -75.93 23.02 -47.49
N THR B 64 -75.33 23.73 -48.45
CA THR B 64 -74.13 23.21 -49.11
C THR B 64 -72.99 23.04 -48.13
N ALA B 65 -72.94 23.89 -47.10
CA ALA B 65 -71.98 23.68 -46.02
C ALA B 65 -72.29 22.43 -45.22
N GLU B 66 -73.51 21.91 -45.30
CA GLU B 66 -73.90 20.69 -44.61
C GLU B 66 -73.67 19.44 -45.46
N VAL B 67 -73.97 19.52 -46.76
CA VAL B 67 -73.73 18.38 -47.65
C VAL B 67 -72.24 18.12 -47.77
N ASP B 68 -71.41 19.14 -47.60
CA ASP B 68 -69.96 18.94 -47.61
C ASP B 68 -69.51 18.05 -46.47
N LYS B 69 -70.24 18.04 -45.36
CA LYS B 69 -69.97 17.14 -44.24
C LYS B 69 -70.66 15.79 -44.40
N LEU B 70 -71.08 15.45 -45.62
CA LEU B 70 -71.78 14.21 -45.96
C LEU B 70 -73.16 14.13 -45.32
N ASN B 71 -73.65 15.21 -44.74
CA ASN B 71 -75.02 15.24 -44.25
C ASN B 71 -76.01 15.38 -45.40
N ILE B 72 -77.27 15.17 -45.09
CA ILE B 72 -78.35 15.34 -46.07
C ILE B 72 -79.15 16.58 -45.69
N CYS B 73 -79.58 17.32 -46.70
CA CYS B 73 -80.39 18.52 -46.46
C CYS B 73 -81.63 18.18 -45.66
N ASP B 74 -81.92 19.01 -44.67
CA ASP B 74 -83.04 18.76 -43.78
C ASP B 74 -84.35 18.77 -44.56
N PRO B 75 -85.26 17.83 -44.29
CA PRO B 75 -86.48 17.73 -45.11
C PRO B 75 -87.33 18.99 -45.13
N GLN B 76 -87.44 19.69 -43.99
CA GLN B 76 -88.20 20.93 -43.97
C GLN B 76 -87.52 22.02 -44.79
N VAL B 77 -86.18 22.12 -44.68
CA VAL B 77 -85.44 23.05 -45.53
C VAL B 77 -85.59 22.68 -46.99
N GLN B 78 -85.61 21.38 -47.29
CA GLN B 78 -85.82 20.93 -48.67
C GLN B 78 -87.18 21.35 -49.18
N VAL B 79 -88.24 21.22 -48.36
CA VAL B 79 -89.57 21.63 -48.78
C VAL B 79 -89.61 23.14 -49.01
N TRP B 80 -88.99 23.91 -48.12
CA TRP B 80 -88.94 25.36 -48.29
C TRP B 80 -88.22 25.74 -49.58
N LEU B 81 -87.08 25.10 -49.85
CA LEU B 81 -86.34 25.39 -51.07
C LEU B 81 -87.15 25.02 -52.30
N ARG B 82 -87.86 23.89 -52.26
CA ARG B 82 -88.68 23.48 -53.39
C ARG B 82 -89.79 24.49 -53.65
N ARG B 83 -90.42 25.00 -52.60
CA ARG B 83 -91.46 26.02 -52.78
C ARG B 83 -90.86 27.29 -53.36
N VAL B 84 -89.68 27.69 -52.88
CA VAL B 84 -89.02 28.88 -53.42
C VAL B 84 -88.75 28.70 -54.91
N GLU B 85 -88.27 27.52 -55.30
CA GLU B 85 -88.04 27.24 -56.72
C GLU B 85 -89.34 27.32 -57.52
N GLU B 86 -90.40 26.73 -56.98
CA GLU B 86 -91.69 26.66 -57.68
C GLU B 86 -92.42 27.99 -57.74
N LEU B 87 -91.99 29.00 -56.96
CA LEU B 87 -92.70 30.27 -56.91
C LEU B 87 -92.89 30.91 -58.28
N GLN B 88 -91.82 31.10 -59.04
CA GLN B 88 -91.89 31.56 -60.44
C GLN B 88 -92.61 32.91 -60.57
N LEU B 89 -91.98 33.96 -60.02
CA LEU B 89 -92.59 35.29 -60.07
C LEU B 89 -92.48 35.94 -61.45
N ASP B 90 -91.68 35.36 -62.35
CA ASP B 90 -91.52 35.96 -63.67
C ASP B 90 -92.81 35.92 -64.48
N ALA B 91 -93.68 34.94 -64.22
CA ALA B 91 -94.96 34.87 -64.93
C ALA B 91 -95.82 36.10 -64.64
N ILE B 92 -96.02 36.41 -63.35
CA ILE B 92 -96.79 37.60 -63.00
C ILE B 92 -96.03 38.86 -63.40
N ASP B 93 -94.70 38.81 -63.39
CA ASP B 93 -93.92 39.94 -63.89
C ASP B 93 -94.29 40.27 -65.33
N GLU B 94 -94.28 39.26 -66.20
CA GLU B 94 -94.64 39.48 -67.60
C GLU B 94 -96.11 39.85 -67.75
N ASP B 95 -96.99 39.25 -66.95
CA ASP B 95 -98.41 39.57 -67.02
C ASP B 95 -98.67 41.02 -66.67
N TYR B 96 -97.93 41.56 -65.69
CA TYR B 96 -98.06 42.97 -65.36
C TYR B 96 -97.37 43.84 -66.41
N SER B 97 -96.29 43.35 -67.01
CA SER B 97 -95.62 44.10 -68.07
C SER B 97 -96.51 44.31 -69.28
N GLN B 98 -97.32 43.30 -69.65
CA GLN B 98 -98.27 43.50 -70.74
C GLN B 98 -99.32 44.55 -70.41
N LEU B 99 -99.83 44.53 -69.18
CA LEU B 99 -100.77 45.57 -68.75
C LEU B 99 -100.11 46.94 -68.75
N ARG B 100 -98.80 47.00 -68.49
CA ARG B 100 -98.07 48.26 -68.59
C ARG B 100 -98.15 48.82 -70.00
N LYS B 101 -98.02 47.97 -71.02
CA LYS B 101 -98.25 48.41 -72.39
C LYS B 101 -99.69 48.81 -72.59
N TYR B 102 -100.63 48.06 -72.00
CA TYR B 102 -102.04 48.46 -72.05
C TYR B 102 -102.34 49.66 -71.16
N SER B 103 -101.39 50.08 -70.30
CA SER B 103 -101.66 51.12 -69.32
C SER B 103 -101.68 52.52 -69.92
N CYS B 104 -101.33 52.68 -71.21
CA CYS B 104 -101.33 54.00 -71.82
C CYS B 104 -102.72 54.62 -71.82
N LEU B 105 -103.77 53.80 -71.89
CA LEU B 105 -105.14 54.28 -71.84
C LEU B 105 -105.92 53.55 -70.76
N GLY B 106 -105.36 53.49 -69.55
CA GLY B 106 -105.96 52.75 -68.45
C GLY B 106 -107.34 53.23 -68.04
N GLN B 107 -107.73 54.45 -68.44
CA GLN B 107 -109.08 54.93 -68.16
C GLN B 107 -110.15 54.12 -68.86
N CYS B 108 -109.79 53.42 -69.94
CA CYS B 108 -110.77 52.63 -70.69
C CYS B 108 -111.20 51.41 -69.89
N THR B 109 -112.45 50.99 -70.09
CA THR B 109 -112.99 49.84 -69.38
C THR B 109 -112.66 48.52 -70.08
N ILE B 110 -112.05 48.58 -71.27
CA ILE B 110 -111.73 47.35 -72.00
C ILE B 110 -110.65 46.56 -71.26
N HIS B 111 -109.65 47.25 -70.72
CA HIS B 111 -108.52 46.60 -70.07
C HIS B 111 -108.78 46.30 -68.60
N ALA B 112 -109.99 46.56 -68.10
CA ALA B 112 -110.31 46.18 -66.72
C ALA B 112 -110.31 44.67 -66.53
N HIS B 113 -110.41 43.92 -67.63
CA HIS B 113 -110.35 42.47 -67.54
C HIS B 113 -108.99 41.99 -67.04
N ARG B 114 -107.91 42.64 -67.49
CA ARG B 114 -106.58 42.24 -67.08
C ARG B 114 -106.18 42.88 -65.76
N ARG B 115 -106.56 44.15 -65.56
CA ARG B 115 -106.15 44.86 -64.35
C ARG B 115 -106.77 44.26 -63.10
N ALA B 116 -108.01 43.76 -63.21
CA ALA B 116 -108.68 43.18 -62.05
C ALA B 116 -107.95 41.92 -61.58
N SER B 117 -107.54 41.06 -62.51
CA SER B 117 -106.86 39.82 -62.14
C SER B 117 -105.51 40.09 -61.50
N ILE B 118 -104.77 41.07 -62.04
CA ILE B 118 -103.43 41.36 -61.53
C ILE B 118 -103.52 41.91 -60.11
N GLY B 119 -104.54 42.73 -59.84
CA GLY B 119 -104.72 43.33 -58.53
C GLY B 119 -104.85 42.34 -57.39
N ARG B 120 -105.24 41.10 -57.68
CA ARG B 120 -105.27 40.03 -56.69
C ARG B 120 -104.16 39.01 -56.87
N ARG B 121 -103.66 38.81 -58.09
CA ARG B 121 -102.52 37.92 -58.28
C ARG B 121 -101.27 38.48 -57.63
N VAL B 122 -101.12 39.81 -57.61
CA VAL B 122 -99.99 40.42 -56.92
C VAL B 122 -100.04 40.08 -55.43
N LEU B 123 -101.22 40.15 -54.82
CA LEU B 123 -101.35 39.76 -53.42
C LEU B 123 -101.09 38.28 -53.23
N GLU B 124 -101.60 37.45 -54.14
CA GLU B 124 -101.43 36.00 -54.03
C GLU B 124 -99.96 35.62 -54.12
N ALA B 125 -99.15 36.40 -54.84
CA ALA B 125 -97.72 36.17 -54.87
C ALA B 125 -97.00 36.80 -53.69
N LEU B 126 -97.46 37.98 -53.25
CA LEU B 126 -96.74 38.73 -52.21
C LEU B 126 -96.88 38.08 -50.85
N ASP B 127 -98.07 37.58 -50.51
CA ASP B 127 -98.24 36.92 -49.23
C ASP B 127 -97.39 35.66 -49.16
N GLU B 128 -97.34 34.89 -50.26
CA GLU B 128 -96.47 33.71 -50.31
C GLU B 128 -95.00 34.10 -50.19
N ALA B 129 -94.60 35.18 -50.87
CA ALA B 129 -93.21 35.61 -50.80
C ALA B 129 -92.83 36.02 -49.38
N ASN B 130 -93.72 36.74 -48.70
CA ASN B 130 -93.43 37.15 -47.33
C ASN B 130 -93.42 35.97 -46.37
N LYS B 131 -94.32 35.01 -46.56
CA LYS B 131 -94.30 33.80 -45.74
C LYS B 131 -93.00 33.03 -45.94
N LEU B 132 -92.54 32.94 -47.19
CA LEU B 132 -91.26 32.29 -47.46
C LEU B 132 -90.10 33.07 -46.83
N ILE B 133 -90.19 34.40 -46.83
CA ILE B 133 -89.19 35.22 -46.15
C ILE B 133 -89.14 34.87 -44.68
N GLU B 134 -90.29 34.86 -44.02
CA GLU B 134 -90.34 34.64 -42.58
C GLU B 134 -90.12 33.19 -42.18
N GLU B 135 -90.18 32.25 -43.13
CA GLU B 135 -89.86 30.86 -42.82
C GLU B 135 -88.37 30.60 -42.94
N GLY B 136 -87.77 30.96 -44.08
CA GLY B 136 -86.37 30.66 -44.29
C GLY B 136 -85.44 31.47 -43.42
N ARG B 137 -85.91 32.61 -42.91
CA ARG B 137 -85.13 33.40 -41.98
C ARG B 137 -85.14 32.81 -40.58
N ARG B 138 -85.95 31.78 -40.34
CA ARG B 138 -86.17 31.23 -39.01
C ARG B 138 -85.50 29.87 -38.82
N PHE B 139 -85.04 29.24 -39.90
CA PHE B 139 -84.35 27.96 -39.80
C PHE B 139 -83.10 28.08 -38.95
N LYS B 140 -82.82 27.05 -38.15
CA LYS B 140 -81.62 27.00 -37.33
C LYS B 140 -80.79 25.74 -37.54
N LYS B 141 -81.36 24.65 -38.03
CA LYS B 141 -80.59 23.48 -38.41
C LYS B 141 -80.94 23.13 -39.85
N PHE B 142 -79.92 22.74 -40.62
CA PHE B 142 -80.08 22.58 -42.06
C PHE B 142 -79.74 21.19 -42.57
N GLY B 143 -79.19 20.32 -41.73
CA GLY B 143 -78.87 18.97 -42.17
C GLY B 143 -78.96 17.99 -41.01
N PHE B 144 -79.07 16.71 -41.37
CA PHE B 144 -79.11 15.64 -40.40
C PHE B 144 -78.23 14.49 -40.88
N LYS B 145 -77.53 13.87 -39.95
CA LYS B 145 -76.63 12.79 -40.30
C LYS B 145 -77.41 11.57 -40.73
N PRO B 146 -77.21 11.06 -41.95
CA PRO B 146 -77.97 9.89 -42.39
C PRO B 146 -77.54 8.63 -41.65
N LEU B 147 -78.45 7.65 -41.65
CA LEU B 147 -78.14 6.38 -41.01
C LEU B 147 -77.02 5.68 -41.75
N PRO B 148 -76.21 4.88 -41.05
CA PRO B 148 -75.09 4.20 -41.72
C PRO B 148 -75.58 3.28 -42.83
N LYS B 149 -74.78 3.21 -43.89
CA LYS B 149 -75.11 2.34 -45.01
C LYS B 149 -75.08 0.88 -44.59
N ILE B 150 -75.83 0.04 -45.31
CA ILE B 150 -75.83 -1.39 -45.03
C ILE B 150 -74.42 -1.95 -45.15
N VAL B 151 -73.74 -1.64 -46.26
CA VAL B 151 -72.34 -1.96 -46.45
C VAL B 151 -71.66 -0.77 -47.11
N ASP B 152 -70.57 -0.31 -46.51
CA ASP B 152 -69.82 0.80 -47.08
C ASP B 152 -68.67 0.27 -47.93
N PRO B 153 -68.43 0.88 -49.09
CA PRO B 153 -67.41 0.35 -50.00
C PRO B 153 -66.02 0.36 -49.37
N LEU B 154 -65.24 -0.65 -49.73
CA LEU B 154 -63.86 -0.82 -49.32
C LEU B 154 -62.94 -0.65 -50.52
N PRO B 155 -61.62 -0.46 -50.29
CA PRO B 155 -60.69 -0.27 -51.42
C PRO B 155 -60.86 -1.26 -52.56
N GLN B 156 -61.18 -0.74 -53.75
CA GLN B 156 -61.48 -1.58 -54.91
C GLN B 156 -60.28 -1.56 -55.86
N ILE B 157 -59.32 -2.45 -55.58
CA ILE B 157 -58.17 -2.60 -56.47
C ILE B 157 -58.54 -3.53 -57.62
N LYS B 158 -57.68 -3.54 -58.65
CA LYS B 158 -57.86 -4.45 -59.76
C LYS B 158 -57.37 -5.84 -59.38
N THR B 159 -58.24 -6.83 -59.49
CA THR B 159 -57.95 -8.19 -59.05
C THR B 159 -58.03 -9.14 -60.24
N PHE B 160 -57.14 -10.12 -60.26
CA PHE B 160 -57.07 -11.11 -61.32
C PHE B 160 -57.31 -12.51 -60.75
N GLY B 161 -58.11 -13.30 -61.47
CA GLY B 161 -58.33 -14.69 -61.11
C GLY B 161 -58.95 -14.93 -59.77
N LEU B 162 -59.74 -13.99 -59.26
CA LEU B 162 -60.38 -14.13 -57.96
C LEU B 162 -61.83 -14.62 -58.06
N GLU B 163 -62.30 -14.93 -59.26
CA GLU B 163 -63.71 -15.31 -59.43
C GLU B 163 -64.01 -16.64 -58.74
N THR B 164 -63.12 -17.62 -58.86
CA THR B 164 -63.40 -18.96 -58.32
C THR B 164 -63.45 -18.95 -56.80
N MET B 165 -62.48 -18.31 -56.14
CA MET B 165 -62.47 -18.27 -54.68
C MET B 165 -63.63 -17.45 -54.14
N LEU B 166 -63.95 -16.33 -54.80
CA LEU B 166 -65.11 -15.55 -54.40
C LEU B 166 -66.39 -16.36 -54.57
N SER B 167 -66.46 -17.17 -55.62
CA SER B 167 -67.62 -18.04 -55.83
C SER B 167 -67.73 -19.06 -54.71
N GLN B 168 -66.60 -19.65 -54.31
CA GLN B 168 -66.62 -20.60 -53.19
C GLN B 168 -67.08 -19.92 -51.90
N LEU B 169 -66.56 -18.73 -51.63
CA LEU B 169 -66.94 -18.01 -50.42
C LEU B 169 -68.42 -17.66 -50.42
N TYR B 170 -68.95 -17.23 -51.57
CA TYR B 170 -70.37 -16.93 -51.66
C TYR B 170 -71.21 -18.20 -51.56
N ASP B 171 -70.72 -19.32 -52.08
CA ASP B 171 -71.44 -20.58 -51.94
C ASP B 171 -71.57 -20.99 -50.48
N LEU B 172 -70.50 -20.81 -49.70
CA LEU B 172 -70.62 -21.08 -48.27
C LEU B 172 -71.50 -20.04 -47.58
N PHE B 173 -71.37 -18.77 -47.94
CA PHE B 173 -72.09 -17.71 -47.25
C PHE B 173 -73.60 -17.83 -47.46
N GLU B 174 -74.02 -18.15 -48.68
CA GLU B 174 -75.45 -18.22 -48.99
C GLU B 174 -76.09 -19.51 -48.47
N LYS B 175 -75.33 -20.60 -48.40
CA LYS B 175 -75.92 -21.92 -48.26
C LYS B 175 -75.32 -22.72 -47.11
N GLY B 176 -74.14 -22.33 -46.64
CA GLY B 176 -73.49 -23.08 -45.59
C GLY B 176 -74.30 -23.15 -44.32
N ASP B 177 -74.22 -24.30 -43.65
CA ASP B 177 -75.04 -24.52 -42.46
C ASP B 177 -74.51 -23.74 -41.26
N SER B 178 -73.19 -23.69 -41.09
CA SER B 178 -72.59 -23.00 -39.95
C SER B 178 -72.54 -21.50 -40.23
N ASN B 179 -72.77 -20.71 -39.19
CA ASN B 179 -72.79 -19.27 -39.32
C ASN B 179 -71.43 -18.62 -39.09
N ILE B 180 -70.42 -19.40 -38.72
CA ILE B 180 -69.06 -18.90 -38.59
C ILE B 180 -68.23 -19.53 -39.70
N ILE B 181 -67.68 -18.70 -40.58
CA ILE B 181 -66.95 -19.15 -41.76
C ILE B 181 -65.50 -18.71 -41.62
N GLY B 182 -64.58 -19.62 -41.84
CA GLY B 182 -63.16 -19.35 -41.75
C GLY B 182 -62.49 -19.48 -43.10
N VAL B 183 -61.53 -18.60 -43.37
CA VAL B 183 -60.74 -18.62 -44.59
C VAL B 183 -59.28 -18.57 -44.20
N TRP B 184 -58.49 -19.51 -44.70
CA TRP B 184 -57.08 -19.60 -44.31
C TRP B 184 -56.20 -19.77 -45.55
N GLY B 185 -54.97 -19.29 -45.42
CA GLY B 185 -53.99 -19.34 -46.50
C GLY B 185 -52.71 -18.64 -46.10
N GLN B 186 -51.62 -18.89 -46.82
CA GLN B 186 -50.34 -18.28 -46.50
C GLN B 186 -50.36 -16.78 -46.70
N GLY B 187 -49.36 -16.08 -46.18
CA GLY B 187 -49.31 -14.63 -46.31
C GLY B 187 -49.23 -14.17 -47.74
N GLY B 188 -50.21 -13.36 -48.17
CA GLY B 188 -50.17 -12.78 -49.49
C GLY B 188 -51.04 -13.43 -50.53
N VAL B 189 -51.79 -14.48 -50.19
CA VAL B 189 -52.65 -15.12 -51.18
C VAL B 189 -53.80 -14.22 -51.60
N GLY B 190 -54.26 -13.33 -50.71
CA GLY B 190 -55.36 -12.45 -51.05
C GLY B 190 -56.55 -12.54 -50.12
N LYS B 191 -56.32 -12.97 -48.87
CA LYS B 191 -57.41 -13.10 -47.92
C LYS B 191 -58.06 -11.75 -47.63
N THR B 192 -57.24 -10.74 -47.31
CA THR B 192 -57.78 -9.40 -47.07
C THR B 192 -58.40 -8.83 -48.33
N THR B 193 -57.75 -9.05 -49.48
CA THR B 193 -58.34 -8.62 -50.75
C THR B 193 -59.63 -9.37 -51.03
N LEU B 194 -59.69 -10.66 -50.66
CA LEU B 194 -60.95 -11.39 -50.80
C LEU B 194 -62.04 -10.77 -49.95
N LEU B 195 -61.71 -10.37 -48.72
CA LEU B 195 -62.70 -9.71 -47.86
C LEU B 195 -63.14 -8.39 -48.46
N HIS B 196 -62.21 -7.62 -49.03
CA HIS B 196 -62.57 -6.35 -49.64
C HIS B 196 -63.51 -6.56 -50.82
N VAL B 197 -63.18 -7.51 -51.70
CA VAL B 197 -64.00 -7.72 -52.89
C VAL B 197 -65.32 -8.42 -52.54
N PHE B 198 -65.37 -9.05 -51.37
CA PHE B 198 -66.62 -9.67 -50.92
C PHE B 198 -67.55 -8.63 -50.30
N ASN B 199 -66.99 -7.75 -49.47
CA ASN B 199 -67.76 -6.67 -48.89
C ASN B 199 -68.29 -5.74 -49.97
N ASN B 200 -67.44 -5.41 -50.95
CA ASN B 200 -67.88 -4.54 -52.04
C ASN B 200 -68.88 -5.25 -52.94
N ASP B 201 -68.86 -6.59 -52.97
CA ASP B 201 -69.82 -7.33 -53.78
C ASP B 201 -71.20 -7.36 -53.15
N LEU B 202 -71.27 -7.31 -51.82
CA LEU B 202 -72.56 -7.34 -51.13
C LEU B 202 -73.43 -6.15 -51.48
N GLU B 203 -72.84 -4.97 -51.68
CA GLU B 203 -73.60 -3.78 -52.04
C GLU B 203 -74.15 -3.86 -53.46
N LYS B 204 -73.73 -4.84 -54.26
CA LYS B 204 -74.27 -5.05 -55.60
C LYS B 204 -75.45 -6.00 -55.63
N LYS B 205 -75.47 -7.00 -54.74
CA LYS B 205 -76.53 -7.99 -54.74
C LYS B 205 -77.63 -7.60 -53.77
N ALA B 206 -78.63 -8.48 -53.67
CA ALA B 206 -79.73 -8.34 -52.73
C ALA B 206 -79.58 -9.35 -51.61
N HIS B 207 -79.66 -8.87 -50.37
CA HIS B 207 -79.45 -9.73 -49.22
C HIS B 207 -80.28 -9.20 -48.06
N ASP B 208 -80.53 -10.09 -47.09
CA ASP B 208 -81.39 -9.76 -45.96
C ASP B 208 -80.64 -9.09 -44.82
N TYR B 209 -79.31 -9.03 -44.89
CA TYR B 209 -78.53 -8.54 -43.77
C TYR B 209 -78.64 -7.03 -43.64
N GLN B 210 -78.41 -6.53 -42.43
CA GLN B 210 -78.61 -5.12 -42.11
C GLN B 210 -77.33 -4.34 -41.92
N VAL B 211 -76.26 -4.98 -41.44
CA VAL B 211 -74.97 -4.31 -41.30
C VAL B 211 -73.88 -5.28 -41.72
N VAL B 212 -72.89 -4.77 -42.45
CA VAL B 212 -71.71 -5.52 -42.83
C VAL B 212 -70.50 -4.79 -42.26
N ILE B 213 -69.86 -5.39 -41.27
CA ILE B 213 -68.78 -4.75 -40.52
C ILE B 213 -67.47 -5.43 -40.88
N PHE B 214 -66.46 -4.62 -41.21
CA PHE B 214 -65.12 -5.11 -41.48
C PHE B 214 -64.20 -4.64 -40.35
N ILE B 215 -63.58 -5.59 -39.67
CA ILE B 215 -62.79 -5.31 -38.47
C ILE B 215 -61.37 -5.81 -38.71
N GLU B 216 -60.39 -4.98 -38.39
CA GLU B 216 -58.98 -5.34 -38.53
C GLU B 216 -58.46 -5.84 -37.18
N VAL B 217 -58.49 -7.16 -37.00
CA VAL B 217 -57.88 -7.75 -35.81
C VAL B 217 -56.38 -7.90 -36.01
N SER B 218 -55.89 -7.66 -37.22
CA SER B 218 -54.47 -7.78 -37.51
C SER B 218 -53.63 -6.70 -36.85
N ASN B 219 -54.28 -5.69 -36.24
CA ASN B 219 -53.56 -4.60 -35.59
C ASN B 219 -52.54 -5.14 -34.59
N SER B 220 -52.90 -6.17 -33.85
CA SER B 220 -52.00 -6.78 -32.89
C SER B 220 -52.50 -8.18 -32.55
N GLU B 221 -51.65 -8.94 -31.87
CA GLU B 221 -52.09 -10.18 -31.25
C GLU B 221 -52.63 -9.94 -29.85
N ALA B 222 -52.56 -8.69 -29.38
CA ALA B 222 -53.05 -8.32 -28.06
C ALA B 222 -54.53 -7.98 -28.05
N LEU B 223 -55.22 -8.06 -29.19
CA LEU B 223 -56.66 -7.83 -29.26
C LEU B 223 -57.02 -6.43 -28.76
N ASN B 224 -56.69 -5.41 -29.54
CA ASN B 224 -56.95 -4.02 -29.14
C ASN B 224 -58.46 -3.80 -29.14
N THR B 225 -59.05 -4.13 -27.98
CA THR B 225 -60.50 -4.21 -27.84
C THR B 225 -61.16 -2.86 -28.08
N VAL B 226 -60.54 -1.79 -27.61
CA VAL B 226 -61.18 -0.47 -27.67
C VAL B 226 -61.45 -0.07 -29.12
N GLU B 227 -60.47 -0.28 -30.00
CA GLU B 227 -60.66 0.08 -31.40
C GLU B 227 -61.68 -0.81 -32.11
N ILE B 228 -61.75 -2.10 -31.78
CA ILE B 228 -62.76 -2.96 -32.36
C ILE B 228 -64.15 -2.52 -31.93
N GLN B 229 -64.30 -2.18 -30.64
CA GLN B 229 -65.58 -1.69 -30.16
C GLN B 229 -65.93 -0.35 -30.80
N GLN B 230 -64.93 0.50 -31.03
CA GLN B 230 -65.18 1.74 -31.76
C GLN B 230 -65.70 1.46 -33.16
N THR B 231 -65.07 0.51 -33.86
CA THR B 231 -65.50 0.18 -35.21
C THR B 231 -66.92 -0.37 -35.23
N ILE B 232 -67.27 -1.20 -34.24
CA ILE B 232 -68.61 -1.77 -34.18
C ILE B 232 -69.63 -0.68 -33.86
N SER B 233 -69.34 0.18 -32.88
CA SER B 233 -70.29 1.19 -32.46
C SER B 233 -70.50 2.23 -33.55
N GLU B 234 -69.43 2.67 -34.20
CA GLU B 234 -69.56 3.61 -35.31
C GLU B 234 -70.40 3.02 -36.44
N ARG B 235 -70.31 1.71 -36.62
CA ARG B 235 -71.08 1.02 -37.66
C ARG B 235 -72.52 0.75 -37.25
N LEU B 236 -72.83 0.85 -35.97
CA LEU B 236 -74.19 0.66 -35.48
C LEU B 236 -74.88 1.97 -35.12
N ASN B 237 -74.30 3.12 -35.49
CA ASN B 237 -74.84 4.43 -35.17
C ASN B 237 -75.02 4.61 -33.67
N LEU B 238 -74.10 4.08 -32.88
CA LEU B 238 -74.16 4.20 -31.44
C LEU B 238 -73.28 5.35 -30.96
N PRO B 239 -73.66 6.01 -29.87
CA PRO B 239 -72.78 7.03 -29.29
C PRO B 239 -71.60 6.39 -28.59
N TRP B 240 -70.44 7.03 -28.69
CA TRP B 240 -69.22 6.51 -28.10
C TRP B 240 -69.06 7.07 -26.69
N ASN B 241 -69.47 6.29 -25.70
CA ASN B 241 -69.26 6.64 -24.29
C ASN B 241 -67.84 6.25 -23.92
N ASP B 242 -66.94 7.23 -23.97
CA ASP B 242 -65.51 6.94 -23.87
C ASP B 242 -65.14 6.34 -22.51
N ALA B 243 -65.75 6.83 -21.44
CA ALA B 243 -65.38 6.40 -20.10
C ALA B 243 -66.05 5.10 -19.67
N GLU B 244 -66.91 4.53 -20.51
CA GLU B 244 -67.59 3.29 -20.16
C GLU B 244 -66.59 2.15 -20.07
N PRO B 245 -66.70 1.28 -19.07
CA PRO B 245 -65.79 0.13 -18.99
C PRO B 245 -65.97 -0.84 -20.14
N ILE B 246 -64.89 -1.54 -20.47
CA ILE B 246 -64.88 -2.41 -21.65
C ILE B 246 -65.89 -3.54 -21.50
N ALA B 247 -65.99 -4.12 -20.30
CA ALA B 247 -66.93 -5.22 -20.09
C ALA B 247 -68.37 -4.76 -20.27
N LYS B 248 -68.70 -3.59 -19.72
CA LYS B 248 -70.06 -3.06 -19.88
C LYS B 248 -70.36 -2.76 -21.34
N ARG B 249 -69.39 -2.18 -22.07
CA ARG B 249 -69.57 -1.93 -23.49
C ARG B 249 -69.77 -3.22 -24.26
N ALA B 250 -69.02 -4.26 -23.91
CA ALA B 250 -69.19 -5.55 -24.59
C ALA B 250 -70.58 -6.12 -24.33
N ARG B 251 -71.05 -6.04 -23.09
CA ARG B 251 -72.39 -6.51 -22.78
C ARG B 251 -73.44 -5.71 -23.54
N PHE B 252 -73.23 -4.41 -23.67
CA PHE B 252 -74.16 -3.57 -24.43
C PHE B 252 -74.15 -3.94 -25.91
N LEU B 253 -72.96 -4.17 -26.47
CA LEU B 253 -72.86 -4.49 -27.90
C LEU B 253 -73.46 -5.86 -28.20
N ILE B 254 -73.34 -6.80 -27.27
CA ILE B 254 -73.96 -8.12 -27.47
C ILE B 254 -75.47 -7.96 -27.65
N LYS B 255 -76.09 -7.09 -26.86
CA LYS B 255 -77.51 -6.82 -27.03
C LYS B 255 -77.78 -6.05 -28.32
N ALA B 256 -76.92 -5.06 -28.64
CA ALA B 256 -77.15 -4.24 -29.82
C ALA B 256 -77.03 -5.06 -31.10
N LEU B 257 -76.00 -5.89 -31.19
CA LEU B 257 -75.81 -6.69 -32.39
C LEU B 257 -76.83 -7.82 -32.48
N GLY B 258 -77.38 -8.25 -31.35
CA GLY B 258 -78.38 -9.29 -31.36
C GLY B 258 -79.70 -8.87 -31.96
N ARG B 259 -79.92 -7.57 -32.13
CA ARG B 259 -81.16 -7.07 -32.73
C ARG B 259 -81.10 -6.99 -34.24
N LYS B 260 -79.94 -7.20 -34.85
CA LYS B 260 -79.75 -7.02 -36.29
C LYS B 260 -79.13 -8.26 -36.91
N ARG B 261 -79.45 -8.48 -38.18
CA ARG B 261 -78.82 -9.53 -38.96
C ARG B 261 -77.48 -9.03 -39.50
N PHE B 262 -76.40 -9.26 -38.76
CA PHE B 262 -75.11 -8.66 -39.08
C PHE B 262 -74.23 -9.64 -39.84
N VAL B 263 -73.26 -9.07 -40.58
CA VAL B 263 -72.14 -9.81 -41.14
C VAL B 263 -70.87 -9.11 -40.69
N ILE B 264 -70.04 -9.80 -39.91
CA ILE B 264 -68.80 -9.24 -39.40
C ILE B 264 -67.65 -9.97 -40.08
N LEU B 265 -66.81 -9.20 -40.78
CA LEU B 265 -65.65 -9.75 -41.48
C LEU B 265 -64.41 -9.45 -40.66
N LEU B 266 -63.89 -10.48 -40.00
CA LEU B 266 -62.68 -10.35 -39.18
C LEU B 266 -61.48 -10.55 -40.08
N ASP B 267 -60.47 -9.70 -39.93
CA ASP B 267 -59.33 -9.67 -40.84
C ASP B 267 -58.06 -10.07 -40.10
N ASP B 268 -57.48 -11.20 -40.49
CA ASP B 268 -56.17 -11.66 -40.05
C ASP B 268 -56.10 -11.75 -38.51
N VAL B 269 -56.93 -12.65 -37.99
CA VAL B 269 -56.84 -12.99 -36.58
C VAL B 269 -55.64 -13.90 -36.36
N ARG B 270 -54.85 -13.61 -35.33
CA ARG B 270 -53.62 -14.34 -35.09
C ARG B 270 -53.62 -15.17 -33.81
N LYS B 271 -54.59 -14.94 -32.92
CA LYS B 271 -54.77 -15.77 -31.74
C LYS B 271 -56.26 -15.99 -31.52
N LYS B 272 -56.58 -17.05 -30.80
CA LYS B 272 -57.96 -17.25 -30.37
C LYS B 272 -58.36 -16.17 -29.37
N PHE B 273 -59.50 -15.55 -29.61
CA PHE B 273 -60.02 -14.54 -28.70
C PHE B 273 -61.52 -14.76 -28.53
N CYS B 274 -62.02 -14.35 -27.38
CA CYS B 274 -63.43 -14.53 -27.04
C CYS B 274 -64.25 -13.42 -27.68
N LEU B 275 -65.24 -13.81 -28.50
CA LEU B 275 -66.07 -12.83 -29.18
C LEU B 275 -66.89 -12.01 -28.21
N GLU B 276 -67.47 -12.67 -27.19
CA GLU B 276 -68.30 -11.96 -26.22
C GLU B 276 -67.51 -10.97 -25.38
N ASP B 277 -66.19 -11.13 -25.27
CA ASP B 277 -65.38 -10.17 -24.53
C ASP B 277 -65.19 -8.89 -25.32
N VAL B 278 -65.22 -8.97 -26.66
CA VAL B 278 -65.10 -7.79 -27.48
C VAL B 278 -66.45 -7.19 -27.84
N GLY B 279 -67.55 -7.88 -27.53
CA GLY B 279 -68.88 -7.40 -27.81
C GLY B 279 -69.61 -8.11 -28.92
N ILE B 280 -68.93 -8.93 -29.71
CA ILE B 280 -69.58 -9.63 -30.82
C ILE B 280 -70.28 -10.86 -30.27
N PRO B 281 -71.59 -11.02 -30.49
CA PRO B 281 -72.25 -12.28 -30.12
C PRO B 281 -71.93 -13.36 -31.14
N THR B 282 -71.62 -14.56 -30.66
CA THR B 282 -71.34 -15.65 -31.56
C THR B 282 -72.63 -16.04 -32.30
N PRO B 283 -72.63 -16.02 -33.63
CA PRO B 283 -73.83 -16.42 -34.37
C PRO B 283 -74.07 -17.92 -34.26
N ASP B 284 -75.35 -18.29 -34.27
CA ASP B 284 -75.75 -19.69 -34.17
C ASP B 284 -76.93 -19.93 -35.09
N ILE B 285 -77.44 -21.16 -35.04
CA ILE B 285 -78.38 -21.64 -36.05
C ILE B 285 -79.66 -20.80 -36.08
N ASN B 286 -80.22 -20.48 -34.93
CA ASN B 286 -81.48 -19.74 -34.91
C ASN B 286 -81.33 -18.32 -35.41
N SER B 287 -80.11 -17.80 -35.53
CA SER B 287 -79.87 -16.44 -35.98
C SER B 287 -79.38 -16.46 -37.42
N GLN B 288 -79.80 -15.45 -38.18
CA GLN B 288 -79.38 -15.30 -39.57
C GLN B 288 -77.99 -14.70 -39.69
N SER B 289 -77.45 -14.16 -38.61
CA SER B 289 -76.17 -13.46 -38.66
C SER B 289 -75.04 -14.40 -39.07
N LYS B 290 -74.03 -13.83 -39.71
CA LYS B 290 -72.86 -14.56 -40.18
C LYS B 290 -71.60 -13.90 -39.64
N LEU B 291 -70.53 -14.68 -39.58
CA LEU B 291 -69.23 -14.19 -39.13
C LEU B 291 -68.15 -14.84 -39.97
N ILE B 292 -67.36 -14.02 -40.67
CA ILE B 292 -66.31 -14.50 -41.55
C ILE B 292 -64.97 -13.99 -41.02
N LEU B 293 -64.06 -14.91 -40.73
CA LEU B 293 -62.74 -14.57 -40.22
C LEU B 293 -61.68 -15.17 -41.12
N THR B 294 -60.62 -14.42 -41.38
CA THR B 294 -59.49 -14.88 -42.14
C THR B 294 -58.25 -14.94 -41.25
N SER B 295 -57.41 -15.94 -41.49
CA SER B 295 -56.19 -16.12 -40.71
C SER B 295 -55.22 -16.96 -41.51
N ARG B 296 -53.94 -16.82 -41.19
CA ARG B 296 -52.92 -17.66 -41.81
C ARG B 296 -52.89 -19.07 -41.25
N TYR B 297 -53.47 -19.29 -40.07
CA TYR B 297 -53.35 -20.56 -39.35
C TYR B 297 -54.68 -21.28 -39.34
N ARG B 298 -54.66 -22.55 -39.78
CA ARG B 298 -55.85 -23.39 -39.67
C ARG B 298 -56.18 -23.68 -38.21
N GLU B 299 -55.16 -23.68 -37.35
CA GLU B 299 -55.40 -23.93 -35.93
C GLU B 299 -56.27 -22.84 -35.31
N VAL B 300 -56.07 -21.59 -35.71
CA VAL B 300 -56.88 -20.50 -35.18
C VAL B 300 -58.32 -20.62 -35.68
N CYS B 301 -58.52 -20.94 -36.96
CA CYS B 301 -59.87 -21.10 -37.49
C CYS B 301 -60.60 -22.26 -36.81
N PHE B 302 -59.86 -23.28 -36.37
CA PHE B 302 -60.49 -24.37 -35.62
C PHE B 302 -60.81 -23.95 -34.20
N GLN B 303 -59.95 -23.13 -33.59
CA GLN B 303 -60.20 -22.67 -32.23
C GLN B 303 -61.42 -21.77 -32.15
N MET B 304 -61.70 -21.02 -33.21
CA MET B 304 -62.83 -20.11 -33.26
C MET B 304 -64.11 -20.77 -33.78
N ASN B 305 -64.23 -22.09 -33.66
CA ASN B 305 -65.44 -22.83 -34.01
C ASN B 305 -65.82 -22.69 -35.48
N ALA B 306 -64.84 -22.55 -36.36
CA ALA B 306 -65.10 -22.49 -37.79
C ALA B 306 -64.66 -23.75 -38.52
N GLN B 307 -64.57 -24.89 -37.82
CA GLN B 307 -64.05 -26.10 -38.43
C GLN B 307 -64.96 -26.63 -39.53
N ARG B 308 -66.28 -26.51 -39.37
CA ARG B 308 -67.21 -27.11 -40.32
C ARG B 308 -67.41 -26.26 -41.57
N SER B 309 -66.84 -25.05 -41.62
CA SER B 309 -66.97 -24.21 -42.80
C SER B 309 -65.64 -23.55 -43.18
N LEU B 310 -64.54 -24.29 -43.20
CA LEU B 310 -63.24 -23.70 -43.49
C LEU B 310 -62.99 -23.69 -44.99
N ILE B 311 -62.27 -22.66 -45.44
CA ILE B 311 -61.90 -22.51 -46.84
C ILE B 311 -60.40 -22.25 -46.92
N GLU B 312 -59.73 -22.93 -47.85
CA GLU B 312 -58.31 -22.71 -48.09
C GLU B 312 -58.13 -21.78 -49.27
N MET B 313 -57.43 -20.65 -49.04
CA MET B 313 -57.19 -19.67 -50.09
C MET B 313 -55.95 -20.08 -50.86
N GLN B 314 -56.18 -20.70 -52.01
CA GLN B 314 -55.09 -21.25 -52.81
C GLN B 314 -54.40 -20.16 -53.63
N ILE B 315 -53.18 -20.46 -54.06
CA ILE B 315 -52.41 -19.52 -54.85
C ILE B 315 -53.05 -19.33 -56.22
N LEU B 316 -52.60 -18.27 -56.91
CA LEU B 316 -53.19 -17.91 -58.19
C LEU B 316 -52.79 -18.92 -59.28
N GLY B 317 -53.59 -18.97 -60.34
CA GLY B 317 -53.34 -19.91 -61.41
C GLY B 317 -52.19 -19.48 -62.30
N ASN B 318 -51.87 -20.35 -63.26
CA ASN B 318 -50.73 -20.11 -64.13
C ASN B 318 -50.95 -18.88 -65.01
N ASP B 319 -52.14 -18.73 -65.58
CA ASP B 319 -52.40 -17.63 -66.50
C ASP B 319 -52.73 -16.35 -65.75
N ALA B 320 -53.50 -16.46 -64.66
CA ALA B 320 -53.85 -15.28 -63.88
C ALA B 320 -52.63 -14.65 -63.25
N SER B 321 -51.68 -15.48 -62.78
CA SER B 321 -50.41 -14.96 -62.27
C SER B 321 -49.66 -14.17 -63.33
N TRP B 322 -49.58 -14.69 -64.55
CA TRP B 322 -48.88 -13.98 -65.61
C TRP B 322 -49.56 -12.66 -65.94
N GLU B 323 -50.88 -12.67 -66.11
CA GLU B 323 -51.56 -11.42 -66.48
C GLU B 323 -51.62 -10.45 -65.31
N LEU B 324 -51.39 -10.91 -64.09
CA LEU B 324 -51.16 -9.99 -62.97
C LEU B 324 -49.77 -9.39 -63.06
N PHE B 325 -48.79 -10.21 -63.45
CA PHE B 325 -47.42 -9.72 -63.61
C PHE B 325 -47.35 -8.69 -64.73
N LEU B 326 -48.11 -8.90 -65.80
CA LEU B 326 -48.09 -7.97 -66.92
C LEU B 326 -48.56 -6.57 -66.51
N SER B 327 -49.64 -6.50 -65.71
CA SER B 327 -50.19 -5.21 -65.33
C SER B 327 -49.25 -4.43 -64.42
N LYS B 328 -48.23 -5.07 -63.87
CA LYS B 328 -47.30 -4.42 -62.96
C LYS B 328 -46.14 -3.75 -63.68
N LEU B 329 -46.01 -3.94 -64.99
CA LEU B 329 -44.89 -3.41 -65.76
C LEU B 329 -45.26 -2.10 -66.43
N SER B 330 -44.25 -1.26 -66.64
CA SER B 330 -44.47 0.00 -67.34
C SER B 330 -44.86 -0.24 -68.79
N THR B 331 -45.27 0.84 -69.46
CA THR B 331 -45.78 0.71 -70.82
C THR B 331 -44.71 0.21 -71.77
N GLU B 332 -43.54 0.86 -71.78
CA GLU B 332 -42.48 0.44 -72.69
C GLU B 332 -41.93 -0.94 -72.33
N THR B 333 -41.81 -1.22 -71.03
CA THR B 333 -41.35 -2.54 -70.61
C THR B 333 -42.36 -3.62 -70.98
N SER B 334 -43.65 -3.33 -70.79
CA SER B 334 -44.68 -4.31 -71.16
C SER B 334 -44.70 -4.53 -72.67
N ALA B 335 -44.42 -3.48 -73.45
CA ALA B 335 -44.39 -3.61 -74.90
C ALA B 335 -43.31 -4.56 -75.37
N ALA B 336 -42.34 -4.89 -74.52
CA ALA B 336 -41.29 -5.83 -74.91
C ALA B 336 -41.70 -7.28 -74.66
N VAL B 337 -42.54 -7.53 -73.66
CA VAL B 337 -42.94 -8.89 -73.34
C VAL B 337 -44.40 -9.19 -73.65
N GLU B 338 -45.23 -8.17 -73.86
CA GLU B 338 -46.61 -8.43 -74.31
C GLU B 338 -46.71 -9.07 -75.69
N PRO B 339 -46.03 -8.60 -76.74
CA PRO B 339 -46.43 -8.96 -78.11
C PRO B 339 -46.31 -10.45 -78.38
N LEU B 340 -47.22 -10.94 -79.23
CA LEU B 340 -47.20 -12.30 -79.72
C LEU B 340 -47.11 -12.27 -81.24
N GLY B 341 -47.06 -13.45 -81.84
CA GLY B 341 -46.76 -13.52 -83.28
C GLY B 341 -45.27 -13.41 -83.53
N SER B 342 -44.67 -12.31 -83.09
CA SER B 342 -43.22 -12.23 -83.01
C SER B 342 -42.74 -12.93 -81.75
N GLN B 343 -41.73 -13.78 -81.92
CA GLN B 343 -41.25 -14.64 -80.84
C GLN B 343 -39.87 -14.21 -80.40
N SER B 344 -39.73 -13.97 -79.10
CA SER B 344 -38.47 -13.47 -78.54
C SER B 344 -38.24 -14.14 -77.19
N ALA B 345 -36.96 -14.20 -76.80
CA ALA B 345 -36.60 -14.88 -75.56
C ALA B 345 -36.89 -14.01 -74.34
N THR B 346 -37.11 -12.71 -74.53
CA THR B 346 -37.42 -11.85 -73.40
C THR B 346 -38.77 -12.23 -72.78
N ARG B 347 -39.71 -12.67 -73.62
CA ARG B 347 -40.97 -13.20 -73.10
C ARG B 347 -40.71 -14.41 -72.21
N GLU B 348 -39.80 -15.29 -72.63
CA GLU B 348 -39.46 -16.46 -71.82
C GLU B 348 -38.82 -16.06 -70.51
N HIS B 349 -37.93 -15.06 -70.53
CA HIS B 349 -37.30 -14.60 -69.29
C HIS B 349 -38.32 -13.99 -68.35
N ALA B 350 -39.24 -13.19 -68.88
CA ALA B 350 -40.29 -12.60 -68.05
C ALA B 350 -41.18 -13.70 -67.46
N MET B 351 -41.51 -14.71 -68.26
CA MET B 351 -42.31 -15.82 -67.75
C MET B 351 -41.58 -16.58 -66.66
N LYS B 352 -40.27 -16.79 -66.83
CA LYS B 352 -39.49 -17.44 -65.79
C LYS B 352 -39.50 -16.64 -64.49
N ILE B 353 -39.35 -15.31 -64.60
CA ILE B 353 -39.44 -14.46 -63.42
C ILE B 353 -40.80 -14.58 -62.76
N ALA B 354 -41.87 -14.60 -63.57
CA ALA B 354 -43.22 -14.71 -63.03
C ALA B 354 -43.41 -16.06 -62.32
N GLN B 355 -42.94 -17.15 -62.91
CA GLN B 355 -43.07 -18.46 -62.28
C GLN B 355 -42.23 -18.56 -61.02
N SER B 356 -41.14 -17.79 -60.94
CA SER B 356 -40.34 -17.79 -59.71
C SER B 356 -41.12 -17.29 -58.50
N CYS B 357 -42.21 -16.54 -58.73
CA CYS B 357 -43.02 -16.02 -57.64
C CYS B 357 -43.99 -17.05 -57.08
N GLY B 358 -44.19 -18.17 -57.78
CA GLY B 358 -45.03 -19.23 -57.26
C GLY B 358 -46.50 -18.90 -57.21
N GLY B 359 -46.96 -17.92 -57.99
CA GLY B 359 -48.36 -17.58 -58.00
C GLY B 359 -48.87 -16.85 -56.77
N LEU B 360 -47.97 -16.36 -55.92
CA LEU B 360 -48.36 -15.64 -54.72
C LEU B 360 -48.58 -14.18 -55.06
N PRO B 361 -49.78 -13.64 -54.90
CA PRO B 361 -50.03 -12.25 -55.33
C PRO B 361 -49.12 -11.22 -54.70
N LEU B 362 -48.75 -11.38 -53.43
CA LEU B 362 -47.83 -10.45 -52.81
C LEU B 362 -46.46 -10.50 -53.49
N ALA B 363 -45.96 -11.72 -53.72
CA ALA B 363 -44.69 -11.88 -54.43
C ALA B 363 -44.79 -11.36 -55.85
N LEU B 364 -45.92 -11.63 -56.53
CA LEU B 364 -46.10 -11.11 -57.87
C LEU B 364 -46.03 -9.59 -57.89
N ASN B 365 -46.73 -8.94 -56.97
CA ASN B 365 -46.73 -7.49 -56.91
C ASN B 365 -45.33 -6.95 -56.68
N VAL B 366 -44.64 -7.50 -55.68
CA VAL B 366 -43.31 -6.98 -55.34
C VAL B 366 -42.34 -7.18 -56.49
N ILE B 367 -42.31 -8.38 -57.07
CA ILE B 367 -41.36 -8.67 -58.14
C ILE B 367 -41.67 -7.85 -59.38
N GLY B 368 -42.95 -7.77 -59.76
CA GLY B 368 -43.32 -6.99 -60.92
C GLY B 368 -43.01 -5.52 -60.77
N THR B 369 -43.21 -4.98 -59.56
CA THR B 369 -42.83 -3.59 -59.31
C THR B 369 -41.32 -3.41 -59.39
N ALA B 370 -40.56 -4.40 -58.90
CA ALA B 370 -39.10 -4.29 -58.95
C ALA B 370 -38.58 -4.26 -60.38
N VAL B 371 -39.17 -5.06 -61.26
CA VAL B 371 -38.68 -5.17 -62.63
C VAL B 371 -39.63 -4.46 -63.59
N ALA B 372 -40.39 -3.50 -63.07
CA ALA B 372 -41.34 -2.76 -63.90
C ALA B 372 -40.66 -1.90 -64.94
N GLY B 373 -39.39 -1.55 -64.75
CA GLY B 373 -38.68 -0.71 -65.70
C GLY B 373 -37.49 -1.39 -66.32
N LEU B 374 -37.51 -2.72 -66.34
CA LEU B 374 -36.41 -3.50 -66.91
C LEU B 374 -36.32 -3.24 -68.40
N GLU B 375 -35.15 -2.80 -68.86
CA GLU B 375 -34.95 -2.57 -70.29
C GLU B 375 -34.87 -3.90 -71.03
N GLU B 376 -35.10 -3.83 -72.34
CA GLU B 376 -35.16 -5.04 -73.17
C GLU B 376 -33.92 -5.90 -73.02
N GLY B 377 -32.75 -5.29 -72.91
CA GLY B 377 -31.50 -6.02 -72.87
C GLY B 377 -31.27 -6.90 -71.65
N GLU B 378 -31.63 -6.41 -70.46
CA GLU B 378 -31.22 -7.04 -69.21
C GLU B 378 -32.28 -7.93 -68.59
N TRP B 379 -33.26 -8.40 -69.38
CA TRP B 379 -34.16 -9.45 -68.91
C TRP B 379 -33.39 -10.75 -68.65
N GLN B 380 -32.42 -11.05 -69.51
CA GLN B 380 -31.73 -12.34 -69.44
C GLN B 380 -31.01 -12.54 -68.12
N SER B 381 -30.27 -11.53 -67.65
CA SER B 381 -29.52 -11.66 -66.42
C SER B 381 -30.41 -11.67 -65.19
N ALA B 382 -31.44 -10.81 -65.16
CA ALA B 382 -32.35 -10.77 -64.03
C ALA B 382 -33.11 -12.09 -63.89
N ALA B 383 -33.57 -12.65 -65.01
CA ALA B 383 -34.27 -13.92 -64.97
C ALA B 383 -33.37 -15.05 -64.48
N ASP B 384 -32.11 -15.06 -64.92
CA ASP B 384 -31.18 -16.08 -64.46
C ASP B 384 -30.89 -15.95 -62.97
N ALA B 385 -30.74 -14.72 -62.48
CA ALA B 385 -30.37 -14.53 -61.08
C ALA B 385 -31.55 -14.78 -60.15
N ILE B 386 -32.77 -14.44 -60.60
CA ILE B 386 -33.93 -14.60 -59.72
C ILE B 386 -34.23 -16.06 -59.47
N ALA B 387 -33.83 -16.95 -60.40
CA ALA B 387 -34.10 -18.37 -60.23
C ALA B 387 -33.34 -18.97 -59.06
N THR B 388 -32.26 -18.34 -58.62
CA THR B 388 -31.43 -18.87 -57.54
C THR B 388 -31.55 -18.10 -56.23
N ASN B 389 -31.81 -16.79 -56.29
CA ASN B 389 -31.81 -15.98 -55.09
C ASN B 389 -32.70 -14.77 -55.30
N MET B 390 -33.38 -14.35 -54.23
CA MET B 390 -34.30 -13.23 -54.28
C MET B 390 -33.96 -12.13 -53.29
N ASP B 391 -32.87 -12.28 -52.52
CA ASP B 391 -32.57 -11.35 -51.44
C ASP B 391 -32.27 -9.94 -51.94
N ASN B 392 -31.69 -9.81 -53.14
CA ASN B 392 -31.23 -8.52 -53.63
C ASN B 392 -32.28 -7.74 -54.42
N ILE B 393 -33.44 -8.32 -54.68
CA ILE B 393 -34.46 -7.64 -55.48
C ILE B 393 -35.14 -6.57 -54.64
N ASP B 394 -35.41 -5.43 -55.26
CA ASP B 394 -36.00 -4.29 -54.57
C ASP B 394 -37.36 -4.66 -53.98
N GLY B 395 -37.55 -4.35 -52.69
CA GLY B 395 -38.81 -4.55 -52.02
C GLY B 395 -39.01 -5.93 -51.42
N VAL B 396 -38.20 -6.92 -51.80
CA VAL B 396 -38.36 -8.27 -51.26
C VAL B 396 -37.92 -8.33 -49.80
N ASP B 397 -36.95 -7.51 -49.41
CA ASP B 397 -36.49 -7.52 -48.03
C ASP B 397 -37.58 -7.11 -47.05
N GLU B 398 -38.61 -6.42 -47.52
CA GLU B 398 -39.78 -6.12 -46.70
C GLU B 398 -40.91 -7.11 -46.90
N MET B 399 -40.99 -7.76 -48.06
CA MET B 399 -41.93 -8.85 -48.23
C MET B 399 -41.63 -10.00 -47.28
N PHE B 400 -40.34 -10.35 -47.14
CA PHE B 400 -39.96 -11.36 -46.17
C PHE B 400 -40.23 -10.91 -44.75
N GLY B 401 -40.05 -9.61 -44.46
CA GLY B 401 -40.42 -9.11 -43.14
C GLY B 401 -41.91 -9.23 -42.87
N ARG B 402 -42.73 -9.02 -43.90
CA ARG B 402 -44.17 -9.21 -43.76
C ARG B 402 -44.52 -10.67 -43.51
N LEU B 403 -43.86 -11.59 -44.24
CA LEU B 403 -44.17 -13.01 -44.09
C LEU B 403 -43.51 -13.63 -42.87
N LYS B 404 -42.58 -12.91 -42.24
CA LYS B 404 -41.74 -13.51 -41.20
C LYS B 404 -42.52 -13.80 -39.92
N TYR B 405 -43.68 -13.20 -39.74
CA TYR B 405 -44.40 -13.40 -38.48
C TYR B 405 -44.81 -14.84 -38.29
N SER B 406 -45.23 -15.51 -39.37
CA SER B 406 -45.59 -16.93 -39.27
C SER B 406 -44.41 -17.76 -38.79
N PHE B 407 -43.18 -17.31 -39.04
CA PHE B 407 -42.01 -18.02 -38.54
C PHE B 407 -41.68 -17.61 -37.11
N ASP B 408 -41.86 -16.33 -36.78
CA ASP B 408 -41.58 -15.87 -35.42
C ASP B 408 -42.57 -16.43 -34.41
N ARG B 409 -43.78 -16.79 -34.87
CA ARG B 409 -44.76 -17.41 -34.00
C ARG B 409 -44.31 -18.76 -33.48
N LEU B 410 -43.42 -19.43 -34.20
CA LEU B 410 -43.06 -20.80 -33.89
C LEU B 410 -42.19 -20.88 -32.64
N THR B 411 -42.22 -22.05 -32.00
CA THR B 411 -41.28 -22.36 -30.95
C THR B 411 -39.90 -22.62 -31.56
N PRO B 412 -38.83 -22.50 -30.77
CA PRO B 412 -37.49 -22.70 -31.34
C PRO B 412 -37.30 -24.05 -32.00
N THR B 413 -37.88 -25.13 -31.44
CA THR B 413 -37.78 -26.43 -32.10
C THR B 413 -38.47 -26.41 -33.46
N GLN B 414 -39.66 -25.80 -33.55
CA GLN B 414 -40.34 -25.70 -34.83
C GLN B 414 -39.57 -24.81 -35.79
N GLN B 415 -38.93 -23.76 -35.27
CA GLN B 415 -38.09 -22.90 -36.12
C GLN B 415 -36.93 -23.68 -36.72
N GLN B 416 -36.27 -24.50 -35.89
CA GLN B 416 -35.16 -25.31 -36.40
C GLN B 416 -35.64 -26.36 -37.38
N CYS B 417 -36.81 -26.94 -37.13
CA CYS B 417 -37.34 -27.95 -38.03
C CYS B 417 -37.73 -27.33 -39.38
N PHE B 418 -38.24 -26.10 -39.35
CA PHE B 418 -38.59 -25.43 -40.60
C PHE B 418 -37.34 -25.02 -41.37
N LEU B 419 -36.36 -24.46 -40.66
CA LEU B 419 -35.12 -24.03 -41.32
C LEU B 419 -34.38 -25.23 -41.92
N TYR B 420 -34.41 -26.37 -41.23
CA TYR B 420 -33.77 -27.56 -41.77
C TYR B 420 -34.43 -28.02 -43.06
N CYS B 421 -35.73 -27.79 -43.23
CA CYS B 421 -36.41 -28.20 -44.44
C CYS B 421 -35.98 -27.40 -45.66
N THR B 422 -35.29 -26.28 -45.47
CA THR B 422 -34.96 -25.38 -46.58
C THR B 422 -33.80 -25.89 -47.43
N LEU B 423 -33.04 -26.88 -46.96
CA LEU B 423 -31.89 -27.37 -47.70
C LEU B 423 -32.23 -28.54 -48.61
N PHE B 424 -33.50 -28.84 -48.80
CA PHE B 424 -33.91 -29.82 -49.79
C PHE B 424 -34.12 -29.15 -51.14
N PRO B 425 -34.03 -29.91 -52.24
CA PRO B 425 -34.02 -29.29 -53.57
C PRO B 425 -35.31 -28.55 -53.89
N GLU B 426 -35.18 -27.52 -54.72
CA GLU B 426 -36.33 -26.77 -55.19
C GLU B 426 -37.28 -27.69 -55.97
N TYR B 427 -38.58 -27.47 -55.78
CA TYR B 427 -39.64 -28.17 -56.49
C TYR B 427 -39.64 -29.68 -56.22
N GLY B 428 -39.11 -30.11 -55.08
CA GLY B 428 -39.04 -31.53 -54.78
C GLY B 428 -39.81 -31.87 -53.51
N SER B 429 -40.78 -32.76 -53.64
CA SER B 429 -41.53 -33.24 -52.49
C SER B 429 -40.68 -34.20 -51.67
N ILE B 430 -40.83 -34.13 -50.36
CA ILE B 430 -40.06 -34.96 -49.44
C ILE B 430 -41.01 -35.66 -48.48
N SER B 431 -40.63 -36.86 -48.05
CA SER B 431 -41.50 -37.70 -47.24
C SER B 431 -41.41 -37.31 -45.77
N LYS B 432 -42.53 -37.45 -45.06
CA LYS B 432 -42.58 -37.09 -43.66
C LYS B 432 -41.67 -37.99 -42.82
N GLU B 433 -41.66 -39.29 -43.10
CA GLU B 433 -40.90 -40.23 -42.29
C GLU B 433 -39.40 -39.95 -42.36
N GLN B 434 -38.88 -39.66 -43.55
CA GLN B 434 -37.45 -39.38 -43.70
C GLN B 434 -37.06 -38.12 -42.94
N LEU B 435 -37.88 -37.07 -43.05
CA LEU B 435 -37.60 -35.83 -42.35
C LEU B 435 -37.67 -36.02 -40.84
N ILE B 436 -38.64 -36.80 -40.37
CA ILE B 436 -38.77 -37.08 -38.94
C ILE B 436 -37.59 -37.90 -38.46
N GLY B 437 -37.08 -38.80 -39.29
CA GLY B 437 -35.87 -39.53 -38.93
C GLY B 437 -34.68 -38.62 -38.78
N TYR B 438 -34.52 -37.67 -39.72
CA TYR B 438 -33.44 -36.70 -39.59
C TYR B 438 -33.58 -35.90 -38.30
N TRP B 439 -34.80 -35.44 -37.99
CA TRP B 439 -35.01 -34.64 -36.79
C TRP B 439 -34.74 -35.46 -35.53
N LEU B 440 -35.13 -36.73 -35.51
CA LEU B 440 -34.83 -37.60 -34.39
C LEU B 440 -33.33 -37.74 -34.21
N ALA B 441 -32.62 -37.93 -35.32
CA ALA B 441 -31.15 -38.09 -35.27
C ALA B 441 -30.51 -36.76 -34.90
N GLU B 442 -31.10 -35.65 -35.37
CA GLU B 442 -30.58 -34.31 -35.01
C GLU B 442 -30.71 -34.15 -33.49
N GLY B 443 -31.82 -34.64 -32.92
CA GLY B 443 -32.07 -34.49 -31.48
C GLY B 443 -33.22 -33.53 -31.26
N LEU B 444 -33.52 -32.72 -32.27
CA LEU B 444 -34.63 -31.78 -32.19
C LEU B 444 -35.85 -32.44 -31.54
N LEU B 445 -36.08 -33.71 -31.84
CA LEU B 445 -37.14 -34.49 -31.21
C LEU B 445 -36.53 -35.29 -30.07
N LEU B 446 -37.19 -35.26 -28.91
CA LEU B 446 -36.72 -36.00 -27.74
C LEU B 446 -37.08 -37.49 -27.86
N ASN B 447 -36.51 -38.10 -28.90
CA ASN B 447 -36.72 -39.51 -29.22
C ASN B 447 -38.18 -39.85 -29.44
N ASP B 448 -38.97 -38.89 -29.92
CA ASP B 448 -40.39 -39.07 -30.17
C ASP B 448 -40.70 -38.78 -31.63
N SER B 449 -41.21 -39.78 -32.34
CA SER B 449 -41.61 -39.57 -33.73
C SER B 449 -42.93 -38.83 -33.84
N GLU B 450 -43.86 -39.06 -32.91
CA GLU B 450 -45.11 -38.31 -32.92
C GLU B 450 -44.87 -36.83 -32.71
N LYS B 451 -43.82 -36.46 -31.96
CA LYS B 451 -43.47 -35.05 -31.85
C LYS B 451 -43.07 -34.48 -33.20
N GLY B 452 -42.33 -35.24 -34.01
CA GLY B 452 -42.01 -34.79 -35.35
C GLY B 452 -43.24 -34.65 -36.23
N TYR B 453 -44.17 -35.61 -36.11
CA TYR B 453 -45.42 -35.49 -36.85
C TYR B 453 -46.20 -34.26 -36.43
N GLN B 454 -46.22 -33.97 -35.12
CA GLN B 454 -46.89 -32.78 -34.63
C GLN B 454 -46.23 -31.51 -35.15
N ILE B 455 -44.90 -31.50 -35.22
CA ILE B 455 -44.20 -30.33 -35.76
C ILE B 455 -44.54 -30.14 -37.23
N ILE B 456 -44.56 -31.23 -38.01
CA ILE B 456 -44.91 -31.13 -39.42
C ILE B 456 -46.33 -30.62 -39.57
N ARG B 457 -47.25 -31.11 -38.73
CA ARG B 457 -48.64 -30.68 -38.79
C ARG B 457 -48.80 -29.22 -38.40
N SER B 458 -48.04 -28.76 -37.40
CA SER B 458 -48.07 -27.35 -37.03
C SER B 458 -47.53 -26.48 -38.17
N LEU B 459 -46.47 -26.93 -38.83
CA LEU B 459 -45.92 -26.17 -39.95
C LEU B 459 -46.91 -26.10 -41.11
N VAL B 460 -47.60 -27.21 -41.41
CA VAL B 460 -48.55 -27.19 -42.52
C VAL B 460 -49.81 -26.44 -42.12
N SER B 461 -50.10 -26.32 -40.82
CA SER B 461 -51.23 -25.51 -40.38
C SER B 461 -50.93 -24.03 -40.44
N ALA B 462 -49.67 -23.63 -40.35
CA ALA B 462 -49.26 -22.24 -40.47
C ALA B 462 -48.89 -21.87 -41.90
N CYS B 463 -49.12 -22.78 -42.86
CA CYS B 463 -48.85 -22.60 -44.28
C CYS B 463 -47.37 -22.49 -44.60
N LEU B 464 -46.50 -22.83 -43.65
CA LEU B 464 -45.06 -22.85 -43.94
C LEU B 464 -44.65 -24.06 -44.76
N LEU B 465 -45.32 -25.20 -44.57
CA LEU B 465 -45.15 -26.37 -45.40
C LEU B 465 -46.45 -26.65 -46.14
N GLN B 466 -46.37 -27.51 -47.15
CA GLN B 466 -47.55 -27.91 -47.92
C GLN B 466 -47.57 -29.42 -48.06
N VAL B 467 -48.70 -30.03 -47.70
CA VAL B 467 -48.89 -31.44 -47.97
C VAL B 467 -49.31 -31.62 -49.42
N SER B 468 -48.53 -32.39 -50.17
CA SER B 468 -48.74 -32.50 -51.61
C SER B 468 -48.27 -33.87 -52.08
N GLY B 469 -48.87 -34.34 -53.16
CA GLY B 469 -48.50 -35.61 -53.75
C GLY B 469 -49.73 -36.48 -53.94
N SER B 470 -49.49 -37.64 -54.57
CA SER B 470 -50.54 -38.64 -54.66
C SER B 470 -50.94 -39.20 -53.30
N MET B 471 -50.08 -39.04 -52.30
CA MET B 471 -50.40 -39.40 -50.92
C MET B 471 -49.93 -38.27 -50.03
N SER B 472 -50.57 -38.14 -48.86
CA SER B 472 -50.23 -37.08 -47.93
C SER B 472 -48.93 -37.34 -47.17
N SER B 473 -48.22 -38.43 -47.49
CA SER B 473 -46.96 -38.73 -46.82
C SER B 473 -45.83 -37.80 -47.23
N LYS B 474 -46.02 -36.97 -48.25
CA LYS B 474 -44.99 -36.07 -48.74
C LYS B 474 -45.34 -34.62 -48.41
N VAL B 475 -44.33 -33.85 -48.00
CA VAL B 475 -44.48 -32.43 -47.74
C VAL B 475 -43.55 -31.67 -48.67
N LYS B 476 -43.83 -30.39 -48.85
CA LYS B 476 -43.01 -29.52 -49.70
C LYS B 476 -43.23 -28.08 -49.28
N MET B 477 -42.37 -27.20 -49.80
CA MET B 477 -42.42 -25.77 -49.49
C MET B 477 -42.75 -24.98 -50.75
N HIS B 478 -43.56 -23.94 -50.58
CA HIS B 478 -43.77 -22.97 -51.64
C HIS B 478 -42.45 -22.24 -51.91
N HIS B 479 -42.25 -21.84 -53.16
CA HIS B 479 -40.98 -21.26 -53.57
C HIS B 479 -40.65 -20.02 -52.75
N VAL B 480 -41.63 -19.14 -52.57
CA VAL B 480 -41.40 -17.93 -51.78
C VAL B 480 -41.12 -18.28 -50.32
N ILE B 481 -41.76 -19.33 -49.79
CA ILE B 481 -41.48 -19.72 -48.42
C ILE B 481 -40.08 -20.27 -48.28
N ARG B 482 -39.59 -21.03 -49.27
CA ARG B 482 -38.21 -21.49 -49.22
C ARG B 482 -37.23 -20.34 -49.32
N GLN B 483 -37.54 -19.33 -50.15
CA GLN B 483 -36.70 -18.15 -50.21
C GLN B 483 -36.69 -17.41 -48.88
N LEU B 484 -37.85 -17.35 -48.22
CA LEU B 484 -37.91 -16.75 -46.88
C LEU B 484 -37.04 -17.53 -45.90
N GLY B 485 -37.07 -18.86 -45.98
CA GLY B 485 -36.24 -19.67 -45.10
C GLY B 485 -34.76 -19.43 -45.34
N LEU B 486 -34.35 -19.37 -46.60
CA LEU B 486 -32.96 -19.08 -46.92
C LEU B 486 -32.55 -17.70 -46.44
N TRP B 487 -33.44 -16.72 -46.62
CA TRP B 487 -33.15 -15.36 -46.16
C TRP B 487 -33.02 -15.31 -44.65
N LEU B 488 -33.86 -16.05 -43.93
CA LEU B 488 -33.75 -16.12 -42.48
C LEU B 488 -32.46 -16.80 -42.05
N VAL B 489 -32.05 -17.85 -42.76
CA VAL B 489 -30.77 -18.51 -42.48
C VAL B 489 -29.63 -17.52 -42.67
N ASN B 490 -29.65 -16.76 -43.76
CA ASN B 490 -28.61 -15.76 -44.00
C ASN B 490 -28.62 -14.69 -42.91
N LYS B 491 -29.80 -14.28 -42.46
CA LYS B 491 -29.90 -13.30 -41.39
C LYS B 491 -29.44 -13.84 -40.05
N SER B 492 -29.42 -15.17 -39.88
CA SER B 492 -29.01 -15.76 -38.62
C SER B 492 -27.49 -15.79 -38.51
N ASP B 493 -27.01 -16.16 -37.32
CA ASP B 493 -25.59 -16.22 -37.03
C ASP B 493 -25.02 -17.63 -37.20
N THR B 494 -25.82 -18.58 -37.67
CA THR B 494 -25.38 -19.95 -37.92
C THR B 494 -25.51 -20.21 -39.42
N LYS B 495 -24.37 -20.23 -40.12
CA LYS B 495 -24.40 -20.35 -41.57
C LYS B 495 -24.81 -21.76 -41.98
N PHE B 496 -25.59 -21.83 -43.05
CA PHE B 496 -25.88 -23.08 -43.75
C PHE B 496 -25.21 -23.05 -45.11
N LEU B 497 -24.78 -24.22 -45.57
CA LEU B 497 -24.32 -24.40 -46.94
C LEU B 497 -25.40 -25.14 -47.71
N VAL B 498 -26.22 -24.40 -48.45
CA VAL B 498 -27.40 -24.96 -49.09
C VAL B 498 -27.25 -24.86 -50.60
N GLN B 499 -26.78 -25.93 -51.24
CA GLN B 499 -26.68 -25.99 -52.70
C GLN B 499 -27.25 -27.29 -53.26
N PRO B 500 -28.54 -27.56 -53.06
CA PRO B 500 -29.14 -28.74 -53.69
C PRO B 500 -29.85 -28.40 -54.97
N GLY B 501 -29.94 -29.39 -55.85
CA GLY B 501 -30.80 -29.30 -57.02
C GLY B 501 -30.43 -28.23 -58.03
N MET B 502 -29.23 -27.67 -57.92
CA MET B 502 -28.79 -26.67 -58.87
C MET B 502 -28.01 -27.27 -60.03
N ALA B 503 -28.02 -28.59 -60.19
CA ALA B 503 -27.30 -29.27 -61.26
C ALA B 503 -25.81 -28.94 -61.21
N LEU B 504 -25.25 -28.96 -60.00
CA LEU B 504 -23.83 -28.69 -59.83
C LEU B 504 -23.01 -29.83 -60.43
N ASP B 505 -22.08 -29.49 -61.31
CA ASP B 505 -21.23 -30.49 -61.97
C ASP B 505 -19.98 -30.82 -61.17
N ASN B 506 -19.67 -30.04 -60.15
CA ASN B 506 -18.50 -30.29 -59.31
C ASN B 506 -18.79 -29.75 -57.91
N ALA B 507 -18.07 -30.29 -56.92
CA ALA B 507 -18.30 -29.91 -55.54
C ALA B 507 -17.96 -28.43 -55.33
N PRO B 508 -18.64 -27.76 -54.41
CA PRO B 508 -18.34 -26.35 -54.14
C PRO B 508 -16.97 -26.20 -53.50
N SER B 509 -16.47 -24.96 -53.51
CA SER B 509 -15.17 -24.66 -52.93
C SER B 509 -15.12 -25.06 -51.47
N ALA B 510 -14.03 -25.73 -51.08
CA ALA B 510 -13.90 -26.27 -49.73
C ALA B 510 -13.77 -25.20 -48.66
N GLU B 511 -13.53 -23.94 -49.05
CA GLU B 511 -13.44 -22.88 -48.06
C GLU B 511 -14.80 -22.50 -47.50
N GLU B 512 -15.86 -22.64 -48.31
CA GLU B 512 -17.20 -22.31 -47.86
C GLU B 512 -17.72 -23.24 -46.78
N TRP B 513 -17.04 -24.37 -46.54
CA TRP B 513 -17.50 -25.37 -45.60
C TRP B 513 -17.02 -25.12 -44.17
N ASN B 514 -16.32 -24.03 -43.92
CA ASN B 514 -15.67 -23.83 -42.63
C ASN B 514 -16.68 -23.64 -41.51
N GLU B 515 -17.46 -22.56 -41.57
CA GLU B 515 -18.33 -22.17 -40.47
C GLU B 515 -19.75 -22.72 -40.60
N ALA B 516 -20.06 -23.40 -41.69
CA ALA B 516 -21.42 -23.92 -41.88
C ALA B 516 -21.72 -25.03 -40.89
N THR B 517 -22.99 -25.19 -40.57
CA THR B 517 -23.47 -26.24 -39.67
C THR B 517 -24.30 -27.30 -40.38
N ARG B 518 -24.98 -26.94 -41.46
CA ARG B 518 -25.74 -27.89 -42.26
C ARG B 518 -25.26 -27.84 -43.70
N ILE B 519 -24.98 -29.00 -44.27
CA ILE B 519 -24.51 -29.12 -45.65
C ILE B 519 -25.50 -29.96 -46.43
N SER B 520 -25.89 -29.47 -47.60
CA SER B 520 -26.77 -30.22 -48.48
C SER B 520 -26.29 -30.05 -49.92
N ILE B 521 -25.99 -31.16 -50.57
CA ILE B 521 -25.53 -31.18 -51.95
C ILE B 521 -26.47 -32.10 -52.73
N MET B 522 -27.75 -32.10 -52.36
CA MET B 522 -28.73 -33.03 -52.90
C MET B 522 -28.90 -32.88 -54.41
N SER B 523 -29.27 -33.98 -55.07
CA SER B 523 -29.72 -33.99 -56.46
C SER B 523 -28.73 -33.38 -57.44
N ASN B 524 -27.49 -33.14 -56.99
CA ASN B 524 -26.47 -32.61 -57.88
C ASN B 524 -25.79 -33.74 -58.64
N ASN B 525 -25.12 -33.37 -59.73
CA ASN B 525 -24.38 -34.31 -60.55
C ASN B 525 -22.93 -34.46 -60.12
N ILE B 526 -22.65 -34.31 -58.81
CA ILE B 526 -21.27 -34.38 -58.32
C ILE B 526 -20.64 -35.70 -58.74
N THR B 527 -19.45 -35.61 -59.34
CA THR B 527 -18.73 -36.79 -59.80
C THR B 527 -17.56 -37.15 -58.90
N GLU B 528 -16.88 -36.16 -58.31
CA GLU B 528 -15.70 -36.41 -57.51
C GLU B 528 -15.71 -35.49 -56.30
N LEU B 529 -15.40 -36.06 -55.13
CA LEU B 529 -15.32 -35.34 -53.87
C LEU B 529 -13.97 -35.67 -53.25
N SER B 530 -12.95 -34.88 -53.60
CA SER B 530 -11.56 -35.25 -53.34
C SER B 530 -10.88 -34.40 -52.27
N PHE B 531 -11.51 -33.36 -51.76
CA PHE B 531 -10.85 -32.55 -50.75
C PHE B 531 -11.23 -33.03 -49.35
N SER B 532 -10.58 -32.47 -48.34
CA SER B 532 -10.88 -32.74 -46.94
C SER B 532 -11.31 -31.44 -46.27
N PRO B 533 -12.59 -31.25 -45.98
CA PRO B 533 -13.05 -29.94 -45.49
C PRO B 533 -12.68 -29.73 -44.03
N LYS B 534 -12.88 -28.49 -43.59
CA LYS B 534 -12.63 -28.08 -42.21
C LYS B 534 -13.91 -28.02 -41.38
N CYS B 535 -14.86 -28.92 -41.63
CA CYS B 535 -16.20 -28.82 -41.05
C CYS B 535 -16.25 -29.23 -39.59
N LYS B 536 -15.70 -28.41 -38.69
CA LYS B 536 -15.73 -28.73 -37.27
C LYS B 536 -17.14 -28.63 -36.69
N ASN B 537 -17.92 -27.62 -37.09
CA ASN B 537 -19.22 -27.37 -36.50
C ASN B 537 -20.37 -28.08 -37.21
N VAL B 538 -20.10 -28.74 -38.34
CA VAL B 538 -21.16 -29.32 -39.15
C VAL B 538 -21.84 -30.45 -38.40
N THR B 539 -23.18 -30.46 -38.42
CA THR B 539 -23.96 -31.53 -37.83
C THR B 539 -24.86 -32.25 -38.83
N THR B 540 -24.68 -32.03 -40.13
CA THR B 540 -25.52 -32.67 -41.14
C THR B 540 -24.83 -32.65 -42.49
N LEU B 541 -24.67 -33.82 -43.09
CA LEU B 541 -24.23 -33.97 -44.48
C LEU B 541 -25.29 -34.73 -45.25
N LEU B 542 -25.71 -34.18 -46.38
CA LEU B 542 -26.73 -34.79 -47.22
C LEU B 542 -26.26 -34.77 -48.67
N MET B 543 -26.06 -35.95 -49.25
CA MET B 543 -25.67 -36.09 -50.65
C MET B 543 -26.60 -37.03 -51.42
N GLN B 544 -27.86 -37.13 -51.01
CA GLN B 544 -28.82 -37.98 -51.71
C GLN B 544 -28.90 -37.60 -53.18
N ASN B 545 -29.19 -38.60 -54.02
CA ASN B 545 -29.42 -38.43 -55.45
C ASN B 545 -28.22 -37.81 -56.17
N ASN B 546 -27.00 -38.14 -55.76
CA ASN B 546 -25.83 -37.83 -56.56
C ASN B 546 -25.46 -39.06 -57.38
N PRO B 547 -25.92 -39.17 -58.63
CA PRO B 547 -25.79 -40.44 -59.35
C PRO B 547 -24.38 -40.78 -59.76
N ASN B 548 -23.53 -39.78 -59.99
CA ASN B 548 -22.18 -40.03 -60.47
C ASN B 548 -21.11 -39.94 -59.38
N LEU B 549 -21.50 -39.69 -58.13
CA LEU B 549 -20.53 -39.61 -57.05
C LEU B 549 -20.12 -41.02 -56.67
N ASN B 550 -18.90 -41.41 -57.06
CA ASN B 550 -18.39 -42.74 -56.78
C ASN B 550 -17.01 -42.74 -56.12
N LYS B 551 -16.30 -41.61 -56.12
CA LYS B 551 -14.99 -41.54 -55.49
C LYS B 551 -15.02 -40.44 -54.43
N MET B 552 -14.45 -40.74 -53.27
CA MET B 552 -14.37 -39.79 -52.17
C MET B 552 -12.96 -39.82 -51.59
N SER B 553 -12.52 -38.67 -51.10
CA SER B 553 -11.19 -38.59 -50.49
C SER B 553 -11.16 -39.40 -49.20
N TYR B 554 -10.14 -40.24 -49.06
CA TYR B 554 -9.96 -40.99 -47.84
C TYR B 554 -9.57 -40.04 -46.71
N GLY B 555 -10.13 -40.27 -45.53
CA GLY B 555 -9.99 -39.30 -44.46
C GLY B 555 -10.89 -38.08 -44.63
N PHE B 556 -12.01 -38.25 -45.34
CA PHE B 556 -12.92 -37.12 -45.55
C PHE B 556 -13.61 -36.73 -44.26
N PHE B 557 -13.90 -37.70 -43.40
CA PHE B 557 -14.67 -37.48 -42.17
C PHE B 557 -13.80 -37.14 -40.96
N ARG B 558 -12.53 -36.78 -41.17
CA ARG B 558 -11.64 -36.55 -40.03
C ARG B 558 -12.11 -35.37 -39.18
N THR B 559 -12.59 -34.30 -39.82
CA THR B 559 -13.05 -33.12 -39.10
C THR B 559 -14.54 -33.14 -38.79
N MET B 560 -15.23 -34.24 -39.06
CA MET B 560 -16.68 -34.34 -38.89
C MET B 560 -17.10 -34.95 -37.56
N SER B 561 -16.34 -34.68 -36.50
CA SER B 561 -16.63 -35.28 -35.20
C SER B 561 -18.06 -35.03 -34.74
N SER B 562 -18.61 -33.86 -35.02
CA SER B 562 -19.96 -33.52 -34.59
C SER B 562 -21.02 -33.84 -35.64
N LEU B 563 -20.65 -34.46 -36.75
CA LEU B 563 -21.61 -34.84 -37.78
C LEU B 563 -22.62 -35.85 -37.23
N LYS B 564 -23.90 -35.48 -37.23
CA LYS B 564 -24.93 -36.34 -36.65
C LYS B 564 -25.76 -37.07 -37.70
N VAL B 565 -25.99 -36.46 -38.85
CA VAL B 565 -26.76 -37.07 -39.93
C VAL B 565 -25.88 -37.14 -41.17
N LEU B 566 -25.79 -38.33 -41.76
CA LEU B 566 -24.99 -38.53 -42.96
C LEU B 566 -25.80 -39.38 -43.93
N ASP B 567 -26.11 -38.82 -45.10
CA ASP B 567 -26.89 -39.51 -46.12
C ASP B 567 -26.09 -39.60 -47.41
N LEU B 568 -25.95 -40.82 -47.92
CA LEU B 568 -25.34 -41.04 -49.22
C LEU B 568 -26.26 -41.91 -50.07
N SER B 569 -27.56 -41.64 -50.01
CA SER B 569 -28.56 -42.40 -50.73
C SER B 569 -28.48 -42.11 -52.22
N HIS B 570 -28.71 -43.14 -53.03
CA HIS B 570 -28.79 -43.03 -54.48
C HIS B 570 -27.49 -42.44 -55.06
N THR B 571 -26.37 -42.80 -54.45
CA THR B 571 -25.05 -42.45 -54.96
C THR B 571 -24.35 -43.71 -55.43
N ALA B 572 -23.29 -43.51 -56.23
CA ALA B 572 -22.59 -44.61 -56.89
C ALA B 572 -21.32 -45.03 -56.17
N ILE B 573 -21.10 -44.56 -54.94
CA ILE B 573 -19.91 -44.97 -54.20
C ILE B 573 -19.98 -46.45 -53.90
N THR B 574 -18.84 -47.14 -54.02
CA THR B 574 -18.74 -48.54 -53.66
C THR B 574 -17.98 -48.77 -52.36
N SER B 575 -17.27 -47.76 -51.88
CA SER B 575 -16.52 -47.85 -50.64
C SER B 575 -16.69 -46.56 -49.85
N LEU B 576 -16.52 -46.66 -48.53
CA LEU B 576 -16.67 -45.51 -47.65
C LEU B 576 -15.36 -45.21 -46.95
N PRO B 577 -14.98 -43.94 -46.83
CA PRO B 577 -13.76 -43.60 -46.08
C PRO B 577 -13.89 -43.99 -44.62
N GLU B 578 -12.74 -44.19 -43.97
CA GLU B 578 -12.75 -44.53 -42.56
C GLU B 578 -13.40 -43.43 -41.74
N CYS B 579 -14.13 -43.82 -40.70
CA CYS B 579 -14.93 -42.88 -39.93
C CYS B 579 -14.72 -43.02 -38.43
N ASP B 580 -13.48 -43.27 -38.00
CA ASP B 580 -13.20 -43.37 -36.57
C ASP B 580 -13.43 -42.05 -35.84
N ALA B 581 -13.42 -40.93 -36.58
CA ALA B 581 -13.66 -39.62 -35.97
C ALA B 581 -15.12 -39.27 -35.84
N LEU B 582 -16.03 -40.07 -36.41
CA LEU B 582 -17.45 -39.81 -36.31
C LEU B 582 -17.98 -40.28 -34.96
N VAL B 583 -17.58 -39.59 -33.89
CA VAL B 583 -17.94 -40.02 -32.55
C VAL B 583 -19.41 -39.83 -32.27
N ALA B 584 -20.02 -38.77 -32.79
CA ALA B 584 -21.38 -38.39 -32.44
C ALA B 584 -22.41 -38.75 -33.51
N LEU B 585 -22.02 -39.47 -34.56
CA LEU B 585 -22.97 -39.81 -35.61
C LEU B 585 -24.05 -40.74 -35.07
N GLU B 586 -25.30 -40.43 -35.42
CA GLU B 586 -26.45 -41.22 -34.98
C GLU B 586 -27.30 -41.74 -36.11
N HIS B 587 -27.21 -41.15 -37.31
CA HIS B 587 -27.97 -41.57 -38.47
C HIS B 587 -27.03 -41.72 -39.65
N LEU B 588 -27.16 -42.82 -40.38
CA LEU B 588 -26.31 -43.09 -41.53
C LEU B 588 -27.10 -43.89 -42.54
N ASN B 589 -27.47 -43.26 -43.65
CA ASN B 589 -28.29 -43.88 -44.68
C ASN B 589 -27.43 -44.10 -45.92
N LEU B 590 -27.45 -45.32 -46.45
CA LEU B 590 -26.74 -45.67 -47.67
C LEU B 590 -27.63 -46.45 -48.63
N SER B 591 -28.93 -46.15 -48.67
CA SER B 591 -29.84 -46.87 -49.53
C SER B 591 -29.53 -46.62 -51.00
N HIS B 592 -29.81 -47.63 -51.83
CA HIS B 592 -29.61 -47.55 -53.27
C HIS B 592 -28.17 -47.20 -53.65
N THR B 593 -27.21 -47.63 -52.84
CA THR B 593 -25.81 -47.29 -53.05
C THR B 593 -25.02 -48.57 -53.32
N HIS B 594 -24.05 -48.46 -54.22
CA HIS B 594 -23.29 -49.63 -54.67
C HIS B 594 -22.20 -50.03 -53.69
N ILE B 595 -22.31 -49.60 -52.43
CA ILE B 595 -21.36 -50.02 -51.40
C ILE B 595 -21.39 -51.54 -51.32
N MET B 596 -20.22 -52.17 -51.42
CA MET B 596 -20.16 -53.62 -51.41
C MET B 596 -19.76 -54.18 -50.05
N ARG B 597 -18.89 -53.50 -49.33
CA ARG B 597 -18.53 -53.91 -47.98
C ARG B 597 -18.48 -52.68 -47.09
N LEU B 598 -18.82 -52.86 -45.82
CA LEU B 598 -18.94 -51.76 -44.88
C LEU B 598 -17.74 -51.78 -43.94
N PRO B 599 -16.98 -50.69 -43.83
CA PRO B 599 -15.74 -50.73 -43.04
C PRO B 599 -15.99 -51.06 -41.58
N GLU B 600 -15.00 -51.73 -40.96
CA GLU B 600 -15.11 -52.22 -39.60
C GLU B 600 -15.06 -51.11 -38.55
N ARG B 601 -14.71 -49.87 -38.94
CA ARG B 601 -14.72 -48.78 -37.97
C ARG B 601 -16.14 -48.44 -37.52
N LEU B 602 -17.15 -48.80 -38.32
CA LEU B 602 -18.53 -48.51 -37.96
C LEU B 602 -18.95 -49.22 -36.67
N TRP B 603 -18.40 -50.41 -36.43
CA TRP B 603 -18.73 -51.14 -35.21
C TRP B 603 -18.24 -50.45 -33.95
N LEU B 604 -17.31 -49.50 -34.07
CA LEU B 604 -16.83 -48.74 -32.93
C LEU B 604 -17.55 -47.41 -32.75
N LEU B 605 -18.52 -47.10 -33.61
CA LEU B 605 -19.32 -45.87 -33.47
C LEU B 605 -20.37 -46.11 -32.41
N LYS B 606 -20.06 -45.63 -31.20
CA LYS B 606 -20.87 -45.96 -30.03
C LYS B 606 -22.21 -45.23 -30.03
N GLU B 607 -22.28 -44.07 -30.69
CA GLU B 607 -23.47 -43.23 -30.62
C GLU B 607 -24.47 -43.50 -31.74
N LEU B 608 -24.20 -44.44 -32.64
CA LEU B 608 -25.09 -44.66 -33.77
C LEU B 608 -26.45 -45.18 -33.31
N ARG B 609 -27.51 -44.72 -33.99
CA ARG B 609 -28.88 -45.09 -33.64
C ARG B 609 -29.68 -45.65 -34.81
N HIS B 610 -29.34 -45.29 -36.05
CA HIS B 610 -30.08 -45.75 -37.22
C HIS B 610 -29.10 -45.98 -38.36
N LEU B 611 -29.15 -47.18 -38.93
CA LEU B 611 -28.28 -47.55 -40.04
C LEU B 611 -29.11 -48.22 -41.12
N ASP B 612 -29.08 -47.66 -42.33
CA ASP B 612 -29.93 -48.10 -43.42
C ASP B 612 -29.06 -48.53 -44.60
N LEU B 613 -29.33 -49.74 -45.12
CA LEU B 613 -28.66 -50.26 -46.31
C LEU B 613 -29.65 -50.87 -47.29
N SER B 614 -30.85 -50.32 -47.40
CA SER B 614 -31.87 -50.93 -48.23
C SER B 614 -31.51 -50.81 -49.71
N VAL B 615 -31.89 -51.83 -50.47
CA VAL B 615 -31.74 -51.87 -51.92
C VAL B 615 -30.28 -51.69 -52.31
N THR B 616 -29.37 -52.09 -51.43
CA THR B 616 -27.94 -52.08 -51.75
C THR B 616 -27.62 -53.30 -52.61
N VAL B 617 -27.35 -53.07 -53.90
CA VAL B 617 -27.16 -54.17 -54.84
C VAL B 617 -25.82 -54.88 -54.59
N ALA B 618 -24.77 -54.12 -54.33
CA ALA B 618 -23.43 -54.71 -54.21
C ALA B 618 -23.08 -55.12 -52.79
N PHE B 619 -23.89 -54.79 -51.79
CA PHE B 619 -23.54 -55.06 -50.40
C PHE B 619 -23.43 -56.55 -50.15
N GLU B 620 -22.24 -56.97 -49.68
CA GLU B 620 -22.02 -58.39 -49.38
C GLU B 620 -21.18 -58.61 -48.13
N ASP B 621 -21.18 -57.70 -47.17
CA ASP B 621 -20.30 -57.76 -46.00
C ASP B 621 -21.07 -58.38 -44.84
N THR B 622 -20.43 -59.32 -44.15
CA THR B 622 -21.06 -60.00 -43.03
C THR B 622 -21.36 -59.02 -41.89
N MET B 623 -22.56 -59.14 -41.31
CA MET B 623 -23.00 -58.22 -40.27
C MET B 623 -22.71 -58.73 -38.86
N ASN B 624 -21.90 -59.77 -38.71
CA ASN B 624 -21.71 -60.37 -37.39
C ASN B 624 -21.15 -59.37 -36.38
N ASN B 625 -20.38 -58.39 -36.84
CA ASN B 625 -19.82 -57.39 -35.94
C ASN B 625 -20.81 -56.31 -35.53
N CYS B 626 -22.07 -56.40 -35.98
CA CYS B 626 -23.08 -55.45 -35.55
C CYS B 626 -23.39 -55.58 -34.06
N SER B 627 -22.99 -56.68 -33.43
CA SER B 627 -23.18 -56.85 -32.00
C SER B 627 -22.51 -55.75 -31.19
N LYS B 628 -21.35 -55.27 -31.64
CA LYS B 628 -20.68 -54.16 -30.99
C LYS B 628 -21.45 -52.86 -31.11
N LEU B 629 -22.44 -52.79 -32.00
CA LEU B 629 -23.29 -51.62 -32.16
C LEU B 629 -24.51 -51.71 -31.25
N HIS B 630 -24.26 -51.69 -29.94
CA HIS B 630 -25.32 -51.90 -28.97
C HIS B 630 -26.39 -50.82 -29.02
N LYS B 631 -25.99 -49.56 -29.15
CA LYS B 631 -26.92 -48.44 -29.02
C LYS B 631 -27.86 -48.31 -30.21
N LEU B 632 -27.61 -49.03 -31.30
CA LEU B 632 -28.41 -48.89 -32.51
C LEU B 632 -29.88 -49.22 -32.23
N LYS B 633 -30.77 -48.41 -32.78
CA LYS B 633 -32.20 -48.57 -32.60
C LYS B 633 -32.90 -49.13 -33.83
N VAL B 634 -32.38 -48.87 -35.03
CA VAL B 634 -33.05 -49.27 -36.27
C VAL B 634 -32.01 -49.77 -37.26
N LEU B 635 -32.29 -50.93 -37.86
CA LEU B 635 -31.59 -51.42 -39.04
C LEU B 635 -32.54 -51.42 -40.23
N ASN B 636 -31.99 -51.59 -41.43
CA ASN B 636 -32.80 -51.72 -42.64
C ASN B 636 -31.95 -52.36 -43.73
N LEU B 637 -32.27 -53.60 -44.07
CA LEU B 637 -31.66 -54.31 -45.18
C LEU B 637 -32.68 -54.73 -46.23
N PHE B 638 -33.79 -54.01 -46.33
CA PHE B 638 -34.88 -54.42 -47.22
C PHE B 638 -34.43 -54.38 -48.68
N ARG B 639 -34.80 -55.42 -49.41
CA ARG B 639 -34.45 -55.62 -50.82
C ARG B 639 -32.95 -55.62 -51.06
N SER B 640 -32.13 -55.78 -50.02
CA SER B 640 -30.70 -55.88 -50.21
C SER B 640 -30.34 -57.21 -50.85
N HIS B 641 -29.29 -57.20 -51.67
CA HIS B 641 -28.84 -58.42 -52.33
C HIS B 641 -28.37 -59.46 -51.33
N TYR B 642 -27.65 -59.04 -50.30
CA TYR B 642 -27.16 -59.94 -49.26
C TYR B 642 -27.95 -59.73 -47.98
N GLY B 643 -28.09 -60.80 -47.21
CA GLY B 643 -28.79 -60.75 -45.93
C GLY B 643 -28.50 -61.97 -45.08
N ILE B 644 -29.52 -62.47 -44.40
CA ILE B 644 -29.37 -63.70 -43.62
C ILE B 644 -29.65 -64.89 -44.53
N ARG B 645 -28.62 -65.34 -45.23
CA ARG B 645 -28.79 -66.49 -46.13
C ARG B 645 -28.82 -67.81 -45.36
N ASP B 646 -28.35 -67.81 -44.12
CA ASP B 646 -28.32 -69.01 -43.30
C ASP B 646 -28.37 -68.61 -41.83
N VAL B 647 -28.69 -69.59 -40.99
CA VAL B 647 -28.85 -69.37 -39.56
C VAL B 647 -27.54 -68.89 -38.92
N ASP B 648 -26.41 -69.10 -39.59
CA ASP B 648 -25.12 -68.71 -39.03
C ASP B 648 -25.05 -67.23 -38.68
N ASN B 649 -25.74 -66.37 -39.43
CA ASN B 649 -25.75 -64.94 -39.18
C ASN B 649 -26.99 -64.49 -38.43
N LEU B 650 -27.77 -65.42 -37.87
CA LEU B 650 -28.94 -65.09 -37.06
C LEU B 650 -28.56 -64.71 -35.64
N ASN B 651 -27.74 -63.67 -35.48
CA ASN B 651 -27.23 -63.25 -34.19
C ASN B 651 -27.68 -61.84 -33.82
N LEU B 652 -28.84 -61.41 -34.29
CA LEU B 652 -29.34 -60.07 -34.02
C LEU B 652 -29.95 -59.93 -32.64
N ASP B 653 -30.01 -61.02 -31.85
CA ASP B 653 -30.45 -60.90 -30.47
C ASP B 653 -29.50 -60.08 -29.62
N SER B 654 -28.28 -59.83 -30.09
CA SER B 654 -27.37 -58.92 -29.41
C SER B 654 -27.80 -57.46 -29.57
N LEU B 655 -28.65 -57.17 -30.55
CA LEU B 655 -29.17 -55.81 -30.76
C LEU B 655 -30.33 -55.60 -29.80
N LYS B 656 -29.97 -55.26 -28.55
CA LYS B 656 -30.97 -55.16 -27.50
C LYS B 656 -31.77 -53.87 -27.57
N GLU B 657 -31.25 -52.84 -28.22
CA GLU B 657 -31.96 -51.57 -28.37
C GLU B 657 -32.80 -51.48 -29.63
N LEU B 658 -32.75 -52.49 -30.50
CA LEU B 658 -33.40 -52.40 -31.79
C LEU B 658 -34.91 -52.34 -31.65
N LEU B 659 -35.55 -51.50 -32.47
CA LEU B 659 -36.99 -51.34 -32.48
C LEU B 659 -37.64 -51.77 -33.79
N PHE B 660 -37.03 -51.45 -34.92
CA PHE B 660 -37.57 -51.78 -36.24
C PHE B 660 -36.43 -52.11 -37.19
N LEU B 661 -36.64 -53.15 -38.00
CA LEU B 661 -35.67 -53.52 -39.02
C LEU B 661 -36.39 -54.25 -40.14
N GLY B 662 -35.89 -54.05 -41.36
CA GLY B 662 -36.31 -54.83 -42.50
C GLY B 662 -35.13 -55.54 -43.11
N ILE B 663 -35.35 -56.79 -43.48
CA ILE B 663 -34.25 -57.65 -43.94
C ILE B 663 -34.79 -58.56 -45.03
N THR B 664 -33.89 -59.19 -45.78
CA THR B 664 -34.24 -60.14 -46.82
C THR B 664 -33.93 -61.56 -46.34
N ILE B 665 -34.96 -62.41 -46.33
CA ILE B 665 -34.84 -63.80 -45.93
C ILE B 665 -34.77 -64.64 -47.20
N TYR B 666 -33.91 -65.66 -47.19
CA TYR B 666 -33.58 -66.42 -48.39
C TYR B 666 -34.01 -67.88 -48.38
N ALA B 667 -34.67 -68.37 -47.34
CA ALA B 667 -34.96 -69.80 -47.31
C ALA B 667 -36.15 -70.09 -46.42
N GLU B 668 -36.83 -71.21 -46.72
CA GLU B 668 -37.92 -71.70 -45.89
C GLU B 668 -37.43 -72.10 -44.51
N ASP B 669 -36.26 -72.75 -44.44
CA ASP B 669 -35.74 -73.18 -43.14
C ASP B 669 -35.40 -71.99 -42.27
N VAL B 670 -35.01 -70.86 -42.87
CA VAL B 670 -34.81 -69.64 -42.09
C VAL B 670 -36.13 -69.17 -41.50
N LEU B 671 -37.21 -69.22 -42.30
CA LEU B 671 -38.53 -68.83 -41.81
C LEU B 671 -38.98 -69.73 -40.66
N LYS B 672 -38.76 -71.03 -40.79
CA LYS B 672 -39.15 -71.96 -39.73
C LYS B 672 -38.20 -71.91 -38.53
N LYS B 673 -37.01 -71.32 -38.71
CA LYS B 673 -36.17 -70.96 -37.57
C LYS B 673 -36.67 -69.70 -36.91
N LEU B 674 -37.36 -68.82 -37.65
CA LEU B 674 -37.88 -67.57 -37.12
C LEU B 674 -39.32 -67.67 -36.63
N ASN B 675 -40.01 -68.79 -36.88
CA ASN B 675 -41.44 -68.86 -36.59
C ASN B 675 -41.76 -69.16 -35.13
N MET B 676 -41.14 -68.42 -34.22
CA MET B 676 -41.39 -68.54 -32.79
C MET B 676 -41.46 -67.14 -32.20
N PRO B 677 -42.19 -66.95 -31.09
CA PRO B 677 -42.31 -65.60 -30.52
C PRO B 677 -41.02 -65.13 -29.85
N ARG B 678 -40.32 -64.22 -30.50
CA ARG B 678 -39.13 -63.59 -29.95
C ARG B 678 -38.92 -62.27 -30.66
N PRO B 679 -38.18 -61.34 -30.06
CA PRO B 679 -38.02 -60.00 -30.68
C PRO B 679 -37.46 -60.04 -32.10
N LEU B 680 -36.52 -60.95 -32.38
CA LEU B 680 -35.95 -61.01 -33.73
C LEU B 680 -37.00 -61.38 -34.76
N ALA B 681 -38.08 -62.07 -34.34
CA ALA B 681 -39.13 -62.46 -35.27
C ALA B 681 -40.17 -61.37 -35.42
N LYS B 682 -40.58 -60.75 -34.31
CA LYS B 682 -41.70 -59.81 -34.32
C LYS B 682 -41.29 -58.39 -34.68
N SER B 683 -39.99 -58.08 -34.70
CA SER B 683 -39.55 -56.71 -34.94
C SER B 683 -39.42 -56.37 -36.42
N THR B 684 -39.69 -57.32 -37.32
CA THR B 684 -39.60 -57.07 -38.76
C THR B 684 -40.86 -56.36 -39.23
N HIS B 685 -40.72 -55.13 -39.71
CA HIS B 685 -41.86 -54.38 -40.22
C HIS B 685 -42.11 -54.62 -41.70
N ARG B 686 -41.07 -54.98 -42.44
CA ARG B 686 -41.24 -55.36 -43.84
C ARG B 686 -40.15 -56.36 -44.22
N LEU B 687 -40.50 -57.27 -45.12
CA LEU B 687 -39.66 -58.41 -45.45
C LEU B 687 -39.56 -58.55 -46.97
N ASN B 688 -38.40 -58.97 -47.45
CA ASN B 688 -38.16 -59.23 -48.85
C ASN B 688 -37.71 -60.67 -49.05
N LEU B 689 -38.19 -61.30 -50.13
CA LEU B 689 -37.85 -62.67 -50.45
C LEU B 689 -37.20 -62.70 -51.83
N LYS B 690 -35.96 -63.18 -51.89
CA LYS B 690 -35.18 -63.20 -53.13
C LYS B 690 -34.39 -64.48 -53.22
N TYR B 691 -34.45 -65.14 -54.38
CA TYR B 691 -33.76 -66.42 -54.62
C TYR B 691 -34.09 -67.43 -53.54
N CYS B 692 -35.31 -67.40 -53.05
CA CYS B 692 -35.69 -68.23 -51.91
C CYS B 692 -35.92 -69.66 -52.33
N ALA B 693 -35.37 -70.60 -51.57
CA ALA B 693 -35.46 -72.00 -51.91
C ALA B 693 -36.51 -72.72 -51.07
N GLU B 694 -37.13 -73.75 -51.65
CA GLU B 694 -38.01 -74.68 -50.96
C GLU B 694 -39.33 -74.06 -50.51
N MET B 695 -39.49 -72.74 -50.72
CA MET B 695 -40.72 -72.05 -50.35
C MET B 695 -41.69 -71.96 -51.53
N GLN B 696 -41.96 -73.12 -52.14
CA GLN B 696 -42.89 -73.18 -53.25
C GLN B 696 -44.27 -72.63 -52.88
N SER B 697 -44.70 -72.85 -51.63
CA SER B 697 -45.95 -72.27 -51.16
C SER B 697 -45.70 -71.60 -49.82
N ILE B 698 -46.44 -70.52 -49.57
CA ILE B 698 -46.31 -69.76 -48.33
C ILE B 698 -47.69 -69.26 -47.92
N LYS B 699 -47.92 -69.23 -46.61
CA LYS B 699 -49.19 -68.79 -46.04
C LYS B 699 -48.95 -67.52 -45.24
N ILE B 700 -49.92 -66.60 -45.30
CA ILE B 700 -49.84 -65.41 -44.46
C ILE B 700 -49.92 -65.78 -42.98
N SER B 701 -50.71 -66.81 -42.66
CA SER B 701 -50.76 -67.30 -41.29
C SER B 701 -49.40 -67.82 -40.82
N ASP B 702 -48.55 -68.26 -41.76
CA ASP B 702 -47.20 -68.64 -41.39
C ASP B 702 -46.37 -67.44 -40.94
N LEU B 703 -46.76 -66.24 -41.37
CA LEU B 703 -46.10 -65.01 -40.96
C LEU B 703 -46.73 -64.38 -39.73
N SER B 704 -47.61 -65.11 -39.03
CA SER B 704 -48.31 -64.55 -37.87
C SER B 704 -47.35 -64.15 -36.75
N HIS B 705 -46.14 -64.71 -36.71
CA HIS B 705 -45.17 -64.29 -35.71
C HIS B 705 -44.69 -62.86 -35.96
N MET B 706 -44.74 -62.40 -37.21
CA MET B 706 -44.34 -61.03 -37.57
C MET B 706 -45.45 -60.07 -37.14
N GLU B 707 -45.34 -59.61 -35.90
CA GLU B 707 -46.36 -58.71 -35.35
C GLU B 707 -46.37 -57.37 -36.07
N HIS B 708 -45.21 -56.86 -36.47
CA HIS B 708 -45.09 -55.52 -37.04
C HIS B 708 -45.00 -55.52 -38.55
N LEU B 709 -45.06 -56.67 -39.20
CA LEU B 709 -44.90 -56.73 -40.66
C LEU B 709 -46.01 -55.92 -41.35
N GLU B 710 -45.60 -55.11 -42.32
CA GLU B 710 -46.54 -54.31 -43.10
C GLU B 710 -46.31 -54.35 -44.60
N GLU B 711 -45.12 -54.73 -45.07
CA GLU B 711 -44.83 -54.80 -46.49
C GLU B 711 -44.09 -56.08 -46.81
N LEU B 712 -44.43 -56.69 -47.94
CA LEU B 712 -43.75 -57.89 -48.43
C LEU B 712 -43.31 -57.68 -49.86
N TYR B 713 -42.11 -58.15 -50.18
CA TYR B 713 -41.55 -58.07 -51.51
C TYR B 713 -41.01 -59.42 -51.92
N VAL B 714 -41.44 -59.91 -53.08
CA VAL B 714 -40.99 -61.19 -53.62
C VAL B 714 -40.33 -60.91 -54.97
N GLU B 715 -39.06 -61.27 -55.09
CA GLU B 715 -38.28 -61.00 -56.29
C GLU B 715 -37.49 -62.23 -56.68
N SER B 716 -37.71 -62.71 -57.91
CA SER B 716 -36.96 -63.82 -58.48
C SER B 716 -37.05 -65.09 -57.63
N CYS B 717 -38.26 -65.41 -57.17
CA CYS B 717 -38.51 -66.71 -56.54
C CYS B 717 -38.98 -67.67 -57.64
N TYR B 718 -38.04 -68.45 -58.15
CA TYR B 718 -38.29 -69.21 -59.38
C TYR B 718 -39.32 -70.32 -59.15
N ASP B 719 -39.25 -71.02 -58.01
CA ASP B 719 -40.05 -72.20 -57.77
C ASP B 719 -41.38 -71.89 -57.09
N LEU B 720 -41.67 -70.63 -56.80
CA LEU B 720 -42.94 -70.25 -56.18
C LEU B 720 -44.07 -70.44 -57.19
N ASN B 721 -45.14 -71.13 -56.77
CA ASN B 721 -46.30 -71.29 -57.64
C ASN B 721 -47.57 -70.73 -57.00
N THR B 722 -47.81 -71.05 -55.72
CA THR B 722 -49.05 -70.63 -55.08
C THR B 722 -48.74 -70.00 -53.73
N VAL B 723 -49.63 -69.09 -53.32
CA VAL B 723 -49.56 -68.41 -52.04
C VAL B 723 -50.93 -68.51 -51.36
N VAL B 724 -50.93 -68.56 -50.04
CA VAL B 724 -52.15 -68.71 -49.26
C VAL B 724 -52.41 -67.42 -48.50
N ALA B 725 -53.55 -66.80 -48.77
CA ALA B 725 -54.06 -65.66 -48.01
C ALA B 725 -55.18 -66.20 -47.12
N ASP B 726 -54.80 -66.71 -45.95
CA ASP B 726 -55.72 -67.44 -45.10
C ASP B 726 -56.75 -66.49 -44.49
N ALA B 727 -57.92 -67.06 -44.16
CA ALA B 727 -58.96 -66.28 -43.50
C ALA B 727 -58.60 -65.97 -42.06
N GLU B 728 -57.69 -66.73 -41.46
CA GLU B 728 -57.23 -66.49 -40.10
C GLU B 728 -56.51 -65.16 -40.06
N LEU B 729 -57.10 -64.18 -39.39
CA LEU B 729 -56.56 -62.83 -39.38
C LEU B 729 -55.23 -62.78 -38.61
N THR B 730 -54.42 -61.78 -38.95
CA THR B 730 -53.11 -61.59 -38.36
C THR B 730 -53.02 -60.20 -37.77
N THR B 731 -52.29 -60.08 -36.66
CA THR B 731 -52.05 -58.78 -36.05
C THR B 731 -51.28 -57.87 -36.99
N SER B 732 -50.51 -58.44 -37.91
CA SER B 732 -49.74 -57.66 -38.87
C SER B 732 -50.66 -56.94 -39.85
N GLN B 733 -50.58 -55.61 -39.89
CA GLN B 733 -51.34 -54.82 -40.86
C GLN B 733 -50.53 -54.75 -42.16
N LEU B 734 -50.77 -55.72 -43.04
CA LEU B 734 -50.06 -55.77 -44.30
C LEU B 734 -50.61 -54.71 -45.25
N GLN B 735 -49.82 -53.66 -45.50
CA GLN B 735 -50.29 -52.50 -46.25
C GLN B 735 -49.82 -52.50 -47.70
N PHE B 736 -48.54 -52.81 -47.93
CA PHE B 736 -47.96 -52.76 -49.27
C PHE B 736 -47.49 -54.14 -49.66
N LEU B 737 -47.83 -54.53 -50.89
CA LEU B 737 -47.43 -55.83 -51.42
C LEU B 737 -46.88 -55.65 -52.82
N THR B 738 -45.81 -56.39 -53.13
CA THR B 738 -45.14 -56.28 -54.43
C THR B 738 -44.63 -57.65 -54.85
N LEU B 739 -44.99 -58.06 -56.07
CA LEU B 739 -44.49 -59.29 -56.68
C LEU B 739 -43.68 -58.92 -57.92
N SER B 740 -42.46 -59.42 -57.99
CA SER B 740 -41.55 -59.03 -59.07
C SER B 740 -40.78 -60.23 -59.58
N VAL B 741 -40.72 -60.37 -60.91
CA VAL B 741 -39.85 -61.34 -61.58
C VAL B 741 -40.17 -62.75 -61.08
N LEU B 742 -41.45 -63.13 -61.12
CA LEU B 742 -41.84 -64.47 -60.73
C LEU B 742 -42.26 -65.25 -61.97
N PRO B 743 -41.42 -66.17 -62.46
CA PRO B 743 -41.77 -66.88 -63.70
C PRO B 743 -42.72 -68.06 -63.52
N SER B 744 -42.93 -68.52 -62.28
CA SER B 744 -43.76 -69.70 -62.06
C SER B 744 -44.93 -69.46 -61.12
N LEU B 745 -45.09 -68.26 -60.58
CA LEU B 745 -46.23 -67.97 -59.72
C LEU B 745 -47.53 -68.11 -60.51
N GLU B 746 -48.49 -68.83 -59.95
CA GLU B 746 -49.73 -69.14 -60.64
C GLU B 746 -50.94 -68.43 -60.04
N SER B 747 -51.19 -68.61 -58.74
CA SER B 747 -52.39 -68.06 -58.13
C SER B 747 -52.15 -67.91 -56.63
N VAL B 748 -52.99 -67.09 -56.00
CA VAL B 748 -52.99 -66.92 -54.55
C VAL B 748 -54.41 -67.13 -54.05
N LEU B 749 -54.55 -67.95 -53.01
CA LEU B 749 -55.86 -68.32 -52.48
C LEU B 749 -56.29 -67.27 -51.46
N VAL B 750 -57.35 -66.53 -51.78
CA VAL B 750 -57.87 -65.47 -50.92
C VAL B 750 -59.25 -65.87 -50.45
N ALA B 751 -59.47 -65.78 -49.13
CA ALA B 751 -60.77 -66.16 -48.57
C ALA B 751 -61.84 -65.17 -49.00
N PRO B 752 -63.09 -65.63 -49.16
CA PRO B 752 -64.16 -64.74 -49.64
C PRO B 752 -64.65 -63.75 -48.60
N MET B 753 -64.79 -64.18 -47.35
CA MET B 753 -65.42 -63.34 -46.34
C MET B 753 -64.42 -62.43 -45.61
N SER B 754 -63.43 -63.01 -44.95
CA SER B 754 -62.43 -62.24 -44.23
C SER B 754 -61.05 -62.72 -44.65
N HIS B 755 -60.11 -61.77 -44.76
CA HIS B 755 -58.80 -62.09 -45.30
C HIS B 755 -57.76 -61.17 -44.67
N ASN B 756 -56.49 -61.54 -44.84
CA ASN B 756 -55.40 -60.75 -44.30
C ASN B 756 -55.03 -59.58 -45.22
N PHE B 757 -55.61 -59.52 -46.41
CA PHE B 757 -55.33 -58.46 -47.37
C PHE B 757 -56.14 -57.20 -47.11
N GLN B 758 -56.97 -57.17 -46.07
CA GLN B 758 -57.87 -56.04 -45.85
C GLN B 758 -57.11 -54.73 -45.61
N TYR B 759 -55.89 -54.81 -45.08
CA TYR B 759 -55.12 -53.61 -44.78
C TYR B 759 -54.30 -53.11 -45.96
N ILE B 760 -54.44 -53.74 -47.14
CA ILE B 760 -53.61 -53.38 -48.28
C ILE B 760 -53.96 -51.99 -48.77
N ARG B 761 -52.95 -51.14 -48.92
CA ARG B 761 -53.10 -49.83 -49.52
C ARG B 761 -52.42 -49.71 -50.88
N LYS B 762 -51.40 -50.52 -51.16
CA LYS B 762 -50.62 -50.43 -52.38
C LYS B 762 -50.30 -51.82 -52.90
N LEU B 763 -50.61 -52.05 -54.18
CA LEU B 763 -50.26 -53.29 -54.86
C LEU B 763 -49.41 -52.97 -56.09
N ILE B 764 -48.25 -53.61 -56.18
CA ILE B 764 -47.36 -53.46 -57.32
C ILE B 764 -47.09 -54.86 -57.87
N ILE B 765 -47.48 -55.09 -59.12
CA ILE B 765 -47.31 -56.39 -59.77
C ILE B 765 -46.42 -56.17 -60.98
N SER B 766 -45.32 -56.90 -61.05
CA SER B 766 -44.32 -56.66 -62.08
C SER B 766 -43.66 -57.96 -62.50
N HIS B 767 -43.40 -58.09 -63.81
CA HIS B 767 -42.54 -59.12 -64.38
C HIS B 767 -43.00 -60.54 -64.06
N CYS B 768 -44.31 -60.77 -63.95
CA CYS B 768 -44.81 -62.12 -63.70
C CYS B 768 -45.55 -62.61 -64.93
N PRO B 769 -44.92 -63.43 -65.79
CA PRO B 769 -45.60 -63.85 -67.03
C PRO B 769 -46.64 -64.93 -66.84
N LYS B 770 -46.49 -65.82 -65.86
CA LYS B 770 -47.40 -66.92 -65.65
C LYS B 770 -48.45 -66.65 -64.58
N LEU B 771 -48.48 -65.44 -64.02
CA LEU B 771 -49.49 -65.09 -63.03
C LEU B 771 -50.80 -64.77 -63.74
N SER B 772 -51.84 -65.57 -63.48
CA SER B 772 -53.11 -65.42 -64.20
C SER B 772 -54.31 -65.53 -63.27
N ASN B 773 -54.24 -64.92 -62.09
CA ASN B 773 -55.38 -64.89 -61.18
C ASN B 773 -55.24 -63.67 -60.27
N ILE B 774 -56.02 -62.63 -60.56
CA ILE B 774 -55.91 -61.37 -59.84
C ILE B 774 -57.31 -60.88 -59.44
N THR B 775 -58.31 -61.74 -59.66
CA THR B 775 -59.70 -61.34 -59.42
C THR B 775 -59.94 -60.95 -57.97
N TRP B 776 -59.11 -61.45 -57.06
CA TRP B 776 -59.32 -61.22 -55.63
C TRP B 776 -59.15 -59.77 -55.21
N VAL B 777 -58.61 -58.92 -56.10
CA VAL B 777 -58.35 -57.52 -55.76
C VAL B 777 -59.64 -56.78 -55.41
N ARG B 778 -60.75 -57.19 -56.00
CA ARG B 778 -62.02 -56.49 -55.78
C ARG B 778 -62.47 -56.53 -54.33
N ARG B 779 -61.94 -57.45 -53.53
CA ARG B 779 -62.28 -57.54 -52.10
C ARG B 779 -61.46 -56.58 -51.25
N LEU B 780 -60.55 -55.82 -51.84
CA LEU B 780 -59.68 -54.90 -51.09
C LEU B 780 -60.26 -53.50 -51.23
N GLN B 781 -61.12 -53.13 -50.26
CA GLN B 781 -61.79 -51.84 -50.32
C GLN B 781 -60.85 -50.70 -49.98
N LEU B 782 -59.79 -50.96 -49.20
CA LEU B 782 -58.88 -49.91 -48.75
C LEU B 782 -57.70 -49.70 -49.68
N LEU B 783 -57.64 -50.40 -50.81
CA LEU B 783 -56.50 -50.31 -51.72
C LEU B 783 -56.49 -48.95 -52.39
N GLU B 784 -55.31 -48.33 -52.45
CA GLU B 784 -55.15 -47.00 -53.04
C GLU B 784 -54.40 -47.02 -54.36
N ARG B 785 -53.27 -47.72 -54.41
CA ARG B 785 -52.35 -47.66 -55.55
C ARG B 785 -52.33 -48.99 -56.28
N LEU B 786 -52.54 -48.94 -57.59
CA LEU B 786 -52.51 -50.12 -58.45
C LEU B 786 -51.34 -50.01 -59.42
N VAL B 787 -50.48 -51.02 -59.44
CA VAL B 787 -49.38 -51.10 -60.38
C VAL B 787 -49.36 -52.51 -60.98
N ILE B 788 -49.70 -52.62 -62.26
CA ILE B 788 -49.61 -53.87 -63.01
C ILE B 788 -48.67 -53.61 -64.18
N SER B 789 -47.56 -54.35 -64.23
CA SER B 789 -46.54 -54.10 -65.22
C SER B 789 -45.93 -55.40 -65.73
N HIS B 790 -45.83 -55.50 -67.07
CA HIS B 790 -45.09 -56.58 -67.74
C HIS B 790 -45.61 -57.96 -67.37
N CYS B 791 -46.84 -58.06 -66.88
CA CYS B 791 -47.44 -59.33 -66.49
C CYS B 791 -48.47 -59.71 -67.55
N ASP B 792 -48.00 -60.35 -68.63
CA ASP B 792 -48.86 -60.75 -69.74
C ASP B 792 -49.82 -61.87 -69.36
N GLY B 793 -49.61 -62.57 -68.25
CA GLY B 793 -50.53 -63.61 -67.84
C GLY B 793 -51.82 -63.10 -67.26
N VAL B 794 -51.86 -61.84 -66.82
CA VAL B 794 -53.07 -61.26 -66.25
C VAL B 794 -54.02 -60.91 -67.40
N LEU B 795 -55.13 -61.65 -67.49
CA LEU B 795 -56.12 -61.37 -68.53
C LEU B 795 -56.86 -60.07 -68.24
N GLU B 796 -57.53 -60.01 -67.09
CA GLU B 796 -58.18 -58.78 -66.64
C GLU B 796 -57.99 -58.67 -65.13
N ILE B 797 -58.02 -57.43 -64.64
CA ILE B 797 -57.93 -57.22 -63.20
C ILE B 797 -59.12 -57.85 -62.49
N VAL B 798 -60.32 -57.71 -63.06
CA VAL B 798 -61.50 -58.43 -62.61
C VAL B 798 -61.97 -59.25 -63.82
N GLU B 799 -61.63 -60.54 -63.83
CA GLU B 799 -61.96 -61.39 -64.96
C GLU B 799 -63.47 -61.66 -65.00
N ASP B 800 -63.92 -62.20 -66.13
CA ASP B 800 -65.33 -62.49 -66.35
C ASP B 800 -65.83 -63.56 -65.39
N THR B 831 -73.02 -56.76 -51.50
CA THR B 831 -73.25 -55.41 -50.99
C THR B 831 -73.25 -54.39 -52.13
N GLY B 832 -74.06 -53.34 -51.99
CA GLY B 832 -74.10 -52.28 -52.97
C GLY B 832 -72.91 -51.36 -52.87
N GLN B 833 -71.71 -51.89 -53.11
CA GLN B 833 -70.47 -51.14 -52.96
C GLN B 833 -69.61 -51.36 -54.19
N SER B 834 -68.84 -50.34 -54.55
CA SER B 834 -67.89 -50.47 -55.64
C SER B 834 -66.72 -51.36 -55.23
N ASP B 835 -66.08 -51.95 -56.23
CA ASP B 835 -64.94 -52.83 -55.97
C ASP B 835 -63.67 -52.04 -55.59
N PHE B 836 -63.61 -50.75 -55.92
CA PHE B 836 -62.47 -49.91 -55.59
C PHE B 836 -62.96 -48.60 -54.98
N PRO B 837 -63.51 -48.65 -53.75
CA PRO B 837 -64.06 -47.43 -53.16
C PRO B 837 -63.00 -46.43 -52.72
N LYS B 838 -61.83 -46.89 -52.28
CA LYS B 838 -60.76 -46.02 -51.83
C LYS B 838 -59.63 -45.92 -52.84
N LEU B 839 -59.90 -46.21 -54.11
CA LEU B 839 -58.88 -46.14 -55.14
C LEU B 839 -58.38 -44.71 -55.31
N ARG B 840 -57.07 -44.58 -55.50
CA ARG B 840 -56.45 -43.28 -55.74
C ARG B 840 -55.62 -43.21 -57.01
N LEU B 841 -54.92 -44.29 -57.36
CA LEU B 841 -54.03 -44.29 -58.52
C LEU B 841 -54.00 -45.65 -59.17
N ILE B 842 -54.05 -45.68 -60.50
CA ILE B 842 -53.90 -46.90 -61.29
C ILE B 842 -52.72 -46.71 -62.23
N VAL B 843 -51.79 -47.68 -62.22
CA VAL B 843 -50.61 -47.64 -63.07
C VAL B 843 -50.56 -48.93 -63.89
N LEU B 844 -50.52 -48.78 -65.21
CA LEU B 844 -50.35 -49.89 -66.13
C LEU B 844 -49.15 -49.63 -67.03
N THR B 845 -48.32 -50.64 -67.24
CA THR B 845 -47.07 -50.45 -67.98
C THR B 845 -46.65 -51.74 -68.65
N GLY B 846 -46.46 -51.70 -69.96
CA GLY B 846 -45.84 -52.81 -70.66
C GLY B 846 -46.66 -54.06 -70.80
N LEU B 847 -47.97 -54.00 -70.54
CA LEU B 847 -48.83 -55.18 -70.64
C LEU B 847 -49.13 -55.45 -72.11
N LYS B 848 -48.50 -56.49 -72.66
CA LYS B 848 -48.65 -56.83 -74.07
C LYS B 848 -49.82 -57.76 -74.35
N LYS B 849 -50.45 -58.33 -73.31
CA LYS B 849 -51.56 -59.24 -73.53
C LYS B 849 -52.76 -58.95 -72.64
N LEU B 850 -52.79 -57.81 -71.94
CA LEU B 850 -53.94 -57.48 -71.12
C LEU B 850 -55.14 -57.12 -72.00
N ARG B 851 -56.30 -57.66 -71.64
CA ARG B 851 -57.52 -57.32 -72.37
C ARG B 851 -58.14 -56.03 -71.85
N SER B 852 -58.53 -56.03 -70.57
CA SER B 852 -59.18 -54.88 -69.97
C SER B 852 -58.92 -54.90 -68.48
N ILE B 853 -59.22 -53.78 -67.82
CA ILE B 853 -59.04 -53.71 -66.38
C ILE B 853 -60.20 -54.42 -65.71
N CYS B 854 -61.41 -53.92 -65.89
CA CYS B 854 -62.59 -54.50 -65.25
C CYS B 854 -63.84 -53.91 -65.90
N LYS B 855 -65.00 -54.42 -65.48
CA LYS B 855 -66.26 -53.89 -65.96
C LYS B 855 -66.59 -52.57 -65.26
N ALA B 856 -67.75 -52.02 -65.61
CA ALA B 856 -68.10 -50.68 -65.15
C ALA B 856 -68.29 -50.63 -63.64
N ARG B 857 -67.59 -49.68 -63.00
CA ARG B 857 -67.72 -49.42 -61.57
C ARG B 857 -67.45 -47.94 -61.33
N GLU B 858 -67.87 -47.47 -60.17
CA GLU B 858 -67.66 -46.08 -59.78
C GLU B 858 -66.47 -45.94 -58.85
N PHE B 859 -65.70 -44.87 -59.04
CA PHE B 859 -64.51 -44.61 -58.25
C PHE B 859 -64.59 -43.20 -57.68
N PRO B 860 -65.01 -43.05 -56.42
CA PRO B 860 -65.15 -41.69 -55.87
C PRO B 860 -63.83 -41.01 -55.57
N CYS B 861 -62.84 -41.75 -55.07
CA CYS B 861 -61.59 -41.15 -54.62
C CYS B 861 -60.49 -41.17 -55.68
N LEU B 862 -60.81 -41.58 -56.91
CA LEU B 862 -59.79 -41.71 -57.95
C LEU B 862 -59.11 -40.37 -58.22
N GLU B 863 -57.78 -40.37 -58.29
CA GLU B 863 -57.00 -39.16 -58.46
C GLU B 863 -56.23 -39.11 -59.78
N THR B 864 -55.68 -40.22 -60.24
CA THR B 864 -54.85 -40.21 -61.45
C THR B 864 -54.83 -41.60 -62.06
N LEU B 865 -54.90 -41.65 -63.38
CA LEU B 865 -54.76 -42.88 -64.14
C LEU B 865 -53.57 -42.77 -65.08
N ARG B 866 -52.73 -43.80 -65.09
CA ARG B 866 -51.51 -43.79 -65.90
C ARG B 866 -51.37 -45.12 -66.63
N VAL B 867 -51.42 -45.08 -67.96
CA VAL B 867 -51.24 -46.26 -68.80
C VAL B 867 -50.17 -45.93 -69.83
N GLU B 868 -49.15 -46.79 -69.93
CA GLU B 868 -48.06 -46.60 -70.88
C GLU B 868 -47.69 -47.94 -71.49
N ASP B 869 -47.46 -47.93 -72.80
CA ASP B 869 -47.00 -49.11 -73.55
C ASP B 869 -47.93 -50.30 -73.35
N CYS B 870 -49.22 -50.09 -73.61
CA CYS B 870 -50.20 -51.15 -73.51
C CYS B 870 -50.98 -51.26 -74.81
N PRO B 871 -50.39 -51.83 -75.86
CA PRO B 871 -51.08 -51.90 -77.16
C PRO B 871 -52.20 -52.94 -77.20
N ASN B 872 -52.37 -53.75 -76.16
CA ASN B 872 -53.40 -54.78 -76.16
C ASN B 872 -54.62 -54.41 -75.35
N LEU B 873 -54.59 -53.30 -74.61
CA LEU B 873 -55.71 -52.90 -73.76
C LEU B 873 -56.95 -52.60 -74.59
N ARG B 874 -58.04 -53.32 -74.32
CA ARG B 874 -59.24 -53.18 -75.12
C ARG B 874 -60.17 -52.10 -74.57
N SER B 875 -60.30 -52.01 -73.25
CA SER B 875 -61.24 -51.08 -72.65
C SER B 875 -60.81 -50.76 -71.22
N ILE B 876 -61.36 -49.68 -70.69
CA ILE B 876 -61.12 -49.26 -69.32
C ILE B 876 -62.45 -49.01 -68.62
N PRO B 877 -62.48 -49.16 -67.30
CA PRO B 877 -63.75 -48.98 -66.57
C PRO B 877 -64.18 -47.54 -66.43
N LEU B 878 -63.38 -46.57 -66.89
CA LEU B 878 -63.77 -45.17 -66.81
C LEU B 878 -64.97 -44.89 -67.70
N SER B 879 -65.91 -44.09 -67.20
CA SER B 879 -67.13 -43.79 -67.93
C SER B 879 -67.67 -42.46 -67.45
N CYS B 880 -68.65 -41.94 -68.19
CA CYS B 880 -69.29 -40.67 -67.84
C CYS B 880 -70.20 -40.80 -66.63
N THR B 881 -70.46 -42.02 -66.15
CA THR B 881 -71.33 -42.20 -64.98
C THR B 881 -70.72 -41.59 -63.73
N HIS B 882 -69.40 -41.47 -63.67
CA HIS B 882 -68.72 -40.93 -62.50
C HIS B 882 -68.90 -39.42 -62.41
N ASN B 883 -68.79 -38.91 -61.18
CA ASN B 883 -68.65 -37.48 -60.98
C ASN B 883 -67.17 -37.11 -60.98
N TYR B 884 -66.82 -36.05 -61.72
CA TYR B 884 -65.44 -35.72 -61.99
C TYR B 884 -65.08 -34.43 -61.26
N TRP B 885 -64.60 -34.56 -60.02
CA TRP B 885 -64.13 -33.40 -59.28
C TRP B 885 -62.73 -33.64 -58.72
N LYS B 886 -62.44 -34.87 -58.29
CA LYS B 886 -61.20 -35.17 -57.60
C LYS B 886 -60.14 -35.79 -58.49
N LEU B 887 -60.53 -36.38 -59.63
CA LEU B 887 -59.55 -36.91 -60.56
C LEU B 887 -58.68 -35.77 -61.08
N LYS B 888 -57.36 -35.93 -60.99
CA LYS B 888 -56.47 -34.81 -61.27
C LYS B 888 -55.92 -34.83 -62.69
N GLN B 889 -55.35 -35.94 -63.13
CA GLN B 889 -54.80 -36.02 -64.47
C GLN B 889 -54.80 -37.48 -64.93
N ILE B 890 -54.74 -37.67 -66.23
CA ILE B 890 -54.73 -39.00 -66.84
C ILE B 890 -53.57 -39.09 -67.81
N CYS B 891 -52.77 -40.14 -67.69
CA CYS B 891 -51.64 -40.39 -68.57
C CYS B 891 -52.00 -41.50 -69.54
N GLY B 892 -51.75 -41.26 -70.83
CA GLY B 892 -52.07 -42.25 -71.84
C GLY B 892 -51.48 -41.92 -73.20
N SER B 893 -52.10 -42.43 -74.26
CA SER B 893 -51.63 -42.19 -75.61
C SER B 893 -52.82 -42.18 -76.57
N VAL B 894 -52.61 -41.58 -77.74
CA VAL B 894 -53.67 -41.49 -78.75
C VAL B 894 -53.98 -42.87 -79.32
N GLU B 895 -52.95 -43.69 -79.53
CA GLU B 895 -53.19 -45.06 -80.01
C GLU B 895 -54.00 -45.85 -79.00
N TRP B 896 -53.68 -45.71 -77.71
CA TRP B 896 -54.45 -46.37 -76.67
C TRP B 896 -55.90 -45.86 -76.63
N TRP B 897 -56.09 -44.56 -76.85
CA TRP B 897 -57.44 -44.02 -76.92
C TRP B 897 -58.21 -44.58 -78.10
N GLU B 898 -57.56 -44.74 -79.26
CA GLU B 898 -58.20 -45.37 -80.41
C GLU B 898 -58.56 -46.82 -80.12
N LYS B 899 -57.66 -47.56 -79.46
CA LYS B 899 -57.91 -48.97 -79.21
C LYS B 899 -58.94 -49.19 -78.10
N LEU B 900 -59.21 -48.18 -77.29
CA LEU B 900 -60.19 -48.31 -76.22
C LEU B 900 -61.59 -48.46 -76.80
N GLN B 901 -62.35 -49.41 -76.25
CA GLN B 901 -63.76 -49.50 -76.57
C GLN B 901 -64.54 -48.42 -75.84
N TRP B 902 -65.50 -47.83 -76.54
CA TRP B 902 -66.30 -46.74 -75.99
C TRP B 902 -67.77 -47.10 -76.06
N GLU B 903 -68.44 -47.09 -74.90
CA GLU B 903 -69.87 -47.39 -74.82
C GLU B 903 -70.74 -46.23 -75.25
N ASN B 904 -70.17 -45.03 -75.38
CA ASN B 904 -70.91 -43.85 -75.81
C ASN B 904 -69.94 -42.90 -76.50
N ARG B 905 -70.47 -42.14 -77.47
CA ARG B 905 -69.65 -41.16 -78.16
C ARG B 905 -69.25 -39.99 -77.25
N LYS B 906 -69.99 -39.78 -76.16
CA LYS B 906 -69.61 -38.75 -75.20
C LYS B 906 -68.33 -39.11 -74.48
N GLU B 907 -68.11 -40.41 -74.22
CA GLU B 907 -66.90 -40.85 -73.53
C GLU B 907 -65.65 -40.56 -74.35
N VAL B 908 -65.79 -40.42 -75.67
CA VAL B 908 -64.64 -40.15 -76.53
C VAL B 908 -64.03 -38.80 -76.18
N ALA B 909 -64.86 -37.78 -75.96
CA ALA B 909 -64.38 -36.45 -75.64
C ALA B 909 -64.46 -36.11 -74.16
N CYS B 910 -65.10 -36.96 -73.35
CA CYS B 910 -65.30 -36.64 -71.94
C CYS B 910 -63.97 -36.47 -71.21
N LEU B 911 -63.01 -37.36 -71.45
CA LEU B 911 -61.69 -37.23 -70.86
C LEU B 911 -60.80 -36.27 -71.64
N ASP B 912 -60.99 -36.22 -72.96
CA ASP B 912 -60.14 -35.35 -73.79
C ASP B 912 -60.33 -33.88 -73.46
N SER B 913 -61.58 -33.46 -73.21
CA SER B 913 -61.86 -32.06 -72.94
C SER B 913 -61.50 -31.63 -71.52
N LYS B 914 -61.32 -32.59 -70.60
CA LYS B 914 -61.11 -32.23 -69.21
C LYS B 914 -59.73 -32.62 -68.68
N TYR B 915 -59.41 -33.92 -68.74
CA TYR B 915 -58.36 -34.49 -67.90
C TYR B 915 -57.30 -35.29 -68.65
N PHE B 916 -57.53 -35.71 -69.88
CA PHE B 916 -56.60 -36.62 -70.56
C PHE B 916 -55.35 -35.86 -71.01
N ILE B 917 -54.18 -36.36 -70.61
CA ILE B 917 -52.91 -35.76 -70.97
C ILE B 917 -52.02 -36.82 -71.61
N PRO B 918 -52.08 -37.02 -72.93
CA PRO B 918 -51.23 -38.02 -73.57
C PRO B 918 -49.76 -37.65 -73.52
N ILE B 919 -48.91 -38.67 -73.54
CA ILE B 919 -47.47 -38.47 -73.55
C ILE B 919 -46.96 -38.31 -74.99
N LEU C 36 -102.94 70.37 -42.14
CA LEU C 36 -101.64 70.87 -42.54
C LEU C 36 -100.53 70.22 -41.72
N HIS C 37 -99.77 69.34 -42.37
CA HIS C 37 -98.74 68.57 -41.69
C HIS C 37 -97.44 68.43 -42.48
N LEU C 38 -97.19 69.30 -43.47
CA LEU C 38 -96.04 69.09 -44.34
C LEU C 38 -94.73 69.47 -43.65
N LYS C 39 -94.71 70.57 -42.91
CA LYS C 39 -93.45 71.10 -42.38
C LYS C 39 -92.87 70.18 -41.31
N SER C 40 -93.68 69.77 -40.34
CA SER C 40 -93.20 68.88 -39.29
C SER C 40 -92.77 67.54 -39.87
N ASN C 41 -93.52 67.04 -40.85
CA ASN C 41 -93.20 65.76 -41.45
C ASN C 41 -91.91 65.83 -42.25
N TRP C 42 -91.65 66.96 -42.91
CA TRP C 42 -90.39 67.14 -43.62
C TRP C 42 -89.22 67.27 -42.65
N SER C 43 -89.44 67.93 -41.51
CA SER C 43 -88.40 67.97 -40.49
C SER C 43 -88.09 66.56 -39.97
N ASP C 44 -89.13 65.76 -39.74
CA ASP C 44 -88.92 64.37 -39.34
C ASP C 44 -88.21 63.58 -40.43
N LEU C 45 -88.50 63.87 -41.69
CA LEU C 45 -87.78 63.21 -42.79
C LEU C 45 -86.30 63.59 -42.78
N ASP C 46 -85.99 64.85 -42.51
CA ASP C 46 -84.59 65.26 -42.41
C ASP C 46 -83.88 64.54 -41.27
N LYS C 47 -84.55 64.44 -40.11
CA LYS C 47 -83.96 63.70 -38.98
C LYS C 47 -83.74 62.24 -39.36
N ALA C 48 -84.72 61.64 -40.03
CA ALA C 48 -84.61 60.23 -40.43
C ALA C 48 -83.47 60.03 -41.42
N LYS C 49 -83.30 60.95 -42.36
CA LYS C 49 -82.21 60.85 -43.32
C LYS C 49 -80.86 60.96 -42.62
N LYS C 50 -80.73 61.91 -41.69
CA LYS C 50 -79.45 62.07 -41.00
C LYS C 50 -79.15 60.88 -40.10
N LEU C 51 -80.18 60.21 -39.57
CA LEU C 51 -79.94 59.00 -38.81
C LEU C 51 -79.62 57.81 -39.72
N LEU C 52 -80.26 57.76 -40.89
CA LEU C 52 -80.03 56.68 -41.82
C LEU C 52 -78.63 56.72 -42.39
N LEU C 53 -78.08 57.92 -42.60
CA LEU C 53 -76.69 58.01 -43.02
C LEU C 53 -75.76 57.40 -41.98
N ALA C 54 -76.00 57.67 -40.70
CA ALA C 54 -75.18 57.10 -39.65
C ALA C 54 -75.32 55.58 -39.58
N VAL C 55 -76.55 55.08 -39.69
CA VAL C 55 -76.77 53.63 -39.65
C VAL C 55 -76.07 52.96 -40.83
N GLU C 56 -76.18 53.56 -42.02
CA GLU C 56 -75.52 53.02 -43.20
C GLU C 56 -74.00 53.03 -43.03
N THR C 57 -73.46 54.11 -42.43
CA THR C 57 -72.03 54.17 -42.18
C THR C 57 -71.59 53.05 -41.25
N THR C 58 -72.35 52.82 -40.17
CA THR C 58 -72.01 51.74 -39.26
C THR C 58 -72.06 50.38 -39.95
N VAL C 59 -73.10 50.16 -40.77
CA VAL C 59 -73.24 48.87 -41.45
C VAL C 59 -72.11 48.68 -42.44
N ARG C 60 -71.74 49.73 -43.18
CA ARG C 60 -70.67 49.62 -44.16
C ARG C 60 -69.33 49.37 -43.48
N ALA C 61 -69.08 50.02 -42.35
CA ALA C 61 -67.84 49.76 -41.62
C ALA C 61 -67.81 48.32 -41.12
N ARG C 62 -68.94 47.83 -40.61
CA ARG C 62 -68.99 46.45 -40.14
C ARG C 62 -68.78 45.46 -41.27
N VAL C 63 -69.32 45.75 -42.46
CA VAL C 63 -69.15 44.87 -43.62
C VAL C 63 -67.70 44.91 -44.11
N THR C 64 -67.10 46.10 -44.17
CA THR C 64 -65.71 46.19 -44.57
C THR C 64 -64.79 45.47 -43.59
N ALA C 65 -65.17 45.44 -42.31
CA ALA C 65 -64.44 44.61 -41.36
C ALA C 65 -64.58 43.12 -41.66
N GLU C 66 -65.60 42.74 -42.42
CA GLU C 66 -65.81 41.34 -42.81
C GLU C 66 -65.09 40.99 -44.11
N VAL C 67 -65.16 41.88 -45.10
CA VAL C 67 -64.47 41.64 -46.36
C VAL C 67 -62.96 41.61 -46.16
N ASP C 68 -62.46 42.32 -45.13
CA ASP C 68 -61.04 42.26 -44.82
C ASP C 68 -60.62 40.85 -44.42
N LYS C 69 -61.52 40.08 -43.84
CA LYS C 69 -61.28 38.69 -43.50
C LYS C 69 -61.56 37.75 -44.67
N LEU C 70 -61.63 38.28 -45.89
CA LEU C 70 -61.92 37.54 -47.11
C LEU C 70 -63.32 36.96 -47.14
N ASN C 71 -64.20 37.37 -46.23
CA ASN C 71 -65.59 36.96 -46.30
C ASN C 71 -66.32 37.77 -47.36
N ILE C 72 -67.55 37.35 -47.64
CA ILE C 72 -68.40 38.05 -48.59
C ILE C 72 -69.55 38.72 -47.84
N CYS C 73 -69.92 39.93 -48.27
CA CYS C 73 -71.00 40.65 -47.63
C CYS C 73 -72.28 39.82 -47.65
N ASP C 74 -72.96 39.79 -46.51
CA ASP C 74 -74.13 38.94 -46.36
C ASP C 74 -75.22 39.39 -47.33
N PRO C 75 -75.91 38.45 -47.99
CA PRO C 75 -76.87 38.86 -49.04
C PRO C 75 -77.99 39.77 -48.54
N GLN C 76 -78.50 39.54 -47.33
CA GLN C 76 -79.53 40.41 -46.79
C GLN C 76 -78.99 41.80 -46.49
N VAL C 77 -77.78 41.87 -45.92
CA VAL C 77 -77.14 43.16 -45.71
C VAL C 77 -76.88 43.84 -47.05
N GLN C 78 -76.52 43.07 -48.08
CA GLN C 78 -76.33 43.64 -49.41
C GLN C 78 -77.62 44.23 -49.96
N VAL C 79 -78.74 43.53 -49.79
CA VAL C 79 -80.02 44.06 -50.25
C VAL C 79 -80.39 45.34 -49.50
N TRP C 80 -80.18 45.35 -48.18
CA TRP C 80 -80.45 46.54 -47.40
C TRP C 80 -79.60 47.72 -47.86
N LEU C 81 -78.30 47.47 -48.09
CA LEU C 81 -77.41 48.52 -48.56
C LEU C 81 -77.82 49.03 -49.92
N ARG C 82 -78.24 48.13 -50.82
CA ARG C 82 -78.68 48.54 -52.14
C ARG C 82 -79.93 49.42 -52.06
N ARG C 83 -80.88 49.06 -51.19
CA ARG C 83 -82.06 49.90 -51.03
C ARG C 83 -81.69 51.27 -50.47
N VAL C 84 -80.79 51.30 -49.48
CA VAL C 84 -80.34 52.58 -48.93
C VAL C 84 -79.69 53.43 -50.03
N GLU C 85 -78.88 52.81 -50.87
CA GLU C 85 -78.25 53.52 -51.98
C GLU C 85 -79.29 54.08 -52.94
N GLU C 86 -80.32 53.29 -53.25
CA GLU C 86 -81.33 53.69 -54.22
C GLU C 86 -82.40 54.60 -53.65
N LEU C 87 -82.37 54.90 -52.35
CA LEU C 87 -83.38 55.77 -51.76
C LEU C 87 -83.43 57.14 -52.45
N GLN C 88 -82.29 57.83 -52.54
CA GLN C 88 -82.17 59.10 -53.28
C GLN C 88 -83.16 60.15 -52.78
N LEU C 89 -82.95 60.60 -51.54
CA LEU C 89 -83.85 61.59 -50.95
C LEU C 89 -83.61 63.00 -51.52
N ASP C 90 -82.53 63.20 -52.25
CA ASP C 90 -82.23 64.52 -52.78
C ASP C 90 -83.28 65.00 -53.78
N ALA C 91 -83.96 64.07 -54.47
CA ALA C 91 -85.00 64.48 -55.42
C ALA C 91 -86.15 65.16 -54.71
N ILE C 92 -86.69 64.53 -53.66
CA ILE C 92 -87.77 65.16 -52.90
C ILE C 92 -87.25 66.38 -52.17
N ASP C 93 -85.97 66.39 -51.77
CA ASP C 93 -85.40 67.59 -51.17
C ASP C 93 -85.50 68.77 -52.14
N GLU C 94 -85.08 68.57 -53.40
CA GLU C 94 -85.13 69.63 -54.38
C GLU C 94 -86.57 70.02 -54.71
N ASP C 95 -87.47 69.04 -54.77
CA ASP C 95 -88.88 69.35 -55.05
C ASP C 95 -89.47 70.22 -53.94
N TYR C 96 -89.16 69.90 -52.68
CA TYR C 96 -89.63 70.73 -51.57
C TYR C 96 -88.97 72.10 -51.60
N SER C 97 -87.71 72.17 -52.03
CA SER C 97 -87.05 73.47 -52.17
C SER C 97 -87.75 74.34 -53.21
N GLN C 98 -88.15 73.76 -54.35
CA GLN C 98 -88.92 74.51 -55.33
C GLN C 98 -90.30 74.91 -54.79
N LEU C 99 -90.94 74.01 -54.05
CA LEU C 99 -92.22 74.35 -53.44
C LEU C 99 -92.08 75.51 -52.47
N ARG C 100 -90.94 75.61 -51.80
CA ARG C 100 -90.67 76.75 -50.93
C ARG C 100 -90.68 78.05 -51.71
N LYS C 101 -90.12 78.06 -52.93
CA LYS C 101 -90.22 79.23 -53.79
C LYS C 101 -91.66 79.47 -54.23
N TYR C 102 -92.42 78.39 -54.45
CA TYR C 102 -93.84 78.53 -54.74
C TYR C 102 -94.67 78.81 -53.49
N SER C 103 -94.07 78.72 -52.30
CA SER C 103 -94.83 78.84 -51.06
C SER C 103 -95.33 80.26 -50.81
N CYS C 104 -94.87 81.25 -51.57
CA CYS C 104 -95.29 82.63 -51.33
C CYS C 104 -96.79 82.82 -51.50
N LEU C 105 -97.42 82.07 -52.40
CA LEU C 105 -98.86 82.15 -52.62
C LEU C 105 -99.44 80.74 -52.75
N GLY C 106 -99.04 79.85 -51.83
CA GLY C 106 -99.49 78.46 -51.89
C GLY C 106 -100.98 78.29 -51.68
N GLN C 107 -101.65 79.25 -51.06
CA GLN C 107 -103.09 79.17 -50.87
C GLN C 107 -103.85 79.22 -52.19
N CYS C 108 -103.31 79.91 -53.20
CA CYS C 108 -103.92 79.92 -54.52
C CYS C 108 -103.87 78.53 -55.13
N THR C 109 -104.92 78.16 -55.85
CA THR C 109 -105.01 76.82 -56.43
C THR C 109 -103.94 76.57 -57.48
N ILE C 110 -103.37 77.63 -58.06
CA ILE C 110 -102.31 77.45 -59.05
C ILE C 110 -101.05 76.91 -58.39
N HIS C 111 -100.67 77.45 -57.23
CA HIS C 111 -99.48 77.01 -56.53
C HIS C 111 -99.73 75.82 -55.61
N ALA C 112 -100.99 75.53 -55.28
CA ALA C 112 -101.28 74.42 -54.38
C ALA C 112 -101.16 73.07 -55.07
N HIS C 113 -100.99 73.05 -56.39
CA HIS C 113 -100.87 71.78 -57.11
C HIS C 113 -99.64 71.00 -56.68
N ARG C 114 -98.51 71.70 -56.49
CA ARG C 114 -97.29 71.02 -56.09
C ARG C 114 -97.35 70.59 -54.62
N ARG C 115 -98.01 71.39 -53.77
CA ARG C 115 -98.07 71.07 -52.35
C ARG C 115 -98.86 69.80 -52.09
N ALA C 116 -99.82 69.49 -52.97
CA ALA C 116 -100.63 68.28 -52.77
C ALA C 116 -99.78 67.03 -52.92
N SER C 117 -98.89 66.99 -53.90
CA SER C 117 -98.08 65.80 -54.14
C SER C 117 -97.01 65.63 -53.08
N ILE C 118 -96.41 66.74 -52.63
CA ILE C 118 -95.33 66.66 -51.66
C ILE C 118 -95.84 66.15 -50.32
N GLY C 119 -97.06 66.54 -49.95
CA GLY C 119 -97.63 66.12 -48.68
C GLY C 119 -97.78 64.62 -48.52
N ARG C 120 -97.80 63.87 -49.62
CA ARG C 120 -97.78 62.42 -49.58
C ARG C 120 -96.45 61.81 -49.98
N ARG C 121 -95.67 62.49 -50.83
CA ARG C 121 -94.34 62.00 -51.17
C ARG C 121 -93.42 62.01 -49.96
N VAL C 122 -93.59 63.00 -49.06
CA VAL C 122 -92.80 63.05 -47.84
C VAL C 122 -93.06 61.82 -46.99
N LEU C 123 -94.32 61.41 -46.87
CA LEU C 123 -94.64 60.20 -46.13
C LEU C 123 -94.12 58.96 -46.85
N GLU C 124 -94.25 58.92 -48.17
CA GLU C 124 -93.78 57.78 -48.94
C GLU C 124 -92.27 57.60 -48.83
N ALA C 125 -91.54 58.68 -48.58
CA ALA C 125 -90.11 58.57 -48.30
C ALA C 125 -89.82 58.30 -46.83
N LEU C 126 -90.61 58.88 -45.92
CA LEU C 126 -90.32 58.77 -44.50
C LEU C 126 -90.57 57.37 -43.98
N ASP C 127 -91.65 56.72 -44.42
CA ASP C 127 -91.91 55.36 -43.96
C ASP C 127 -90.81 54.42 -44.42
N GLU C 128 -90.35 54.57 -45.67
CA GLU C 128 -89.23 53.76 -46.15
C GLU C 128 -87.96 54.05 -45.36
N ALA C 129 -87.70 55.33 -45.06
CA ALA C 129 -86.50 55.68 -44.30
C ALA C 129 -86.53 55.06 -42.91
N ASN C 130 -87.69 55.11 -42.24
CA ASN C 130 -87.78 54.53 -40.91
C ASN C 130 -87.70 53.00 -40.95
N LYS C 131 -88.27 52.37 -41.98
CA LYS C 131 -88.13 50.93 -42.12
C LYS C 131 -86.67 50.54 -42.33
N LEU C 132 -85.94 51.32 -43.13
CA LEU C 132 -84.52 51.08 -43.31
C LEU C 132 -83.76 51.30 -42.02
N ILE C 133 -84.16 52.29 -41.23
CA ILE C 133 -83.57 52.52 -39.91
C ILE C 133 -83.72 51.28 -39.04
N GLU C 134 -84.95 50.77 -38.95
CA GLU C 134 -85.22 49.67 -38.04
C GLU C 134 -84.78 48.32 -38.59
N GLU C 135 -84.42 48.24 -39.87
CA GLU C 135 -83.87 47.01 -40.41
C GLU C 135 -82.36 46.94 -40.20
N GLY C 136 -81.64 47.99 -40.60
CA GLY C 136 -80.20 47.97 -40.49
C GLY C 136 -79.70 48.02 -39.05
N ARG C 137 -80.53 48.50 -38.14
CA ARG C 137 -80.19 48.48 -36.72
C ARG C 137 -80.36 47.09 -36.12
N ARG C 138 -80.97 46.15 -36.85
CA ARG C 138 -81.27 44.82 -36.36
C ARG C 138 -80.32 43.75 -36.89
N PHE C 139 -79.32 44.13 -37.68
CA PHE C 139 -78.38 43.16 -38.21
C PHE C 139 -77.42 42.71 -37.12
N LYS C 140 -77.08 41.41 -37.13
CA LYS C 140 -76.13 40.86 -36.19
C LYS C 140 -75.02 40.06 -36.86
N LYS C 141 -75.22 39.56 -38.07
CA LYS C 141 -74.16 38.95 -38.85
C LYS C 141 -74.07 39.68 -40.19
N PHE C 142 -72.85 39.95 -40.63
CA PHE C 142 -72.62 40.79 -41.80
C PHE C 142 -71.86 40.10 -42.92
N GLY C 143 -71.37 38.89 -42.71
CA GLY C 143 -70.65 38.20 -43.77
C GLY C 143 -70.67 36.71 -43.55
N PHE C 144 -70.46 35.98 -44.64
CA PHE C 144 -70.41 34.53 -44.63
C PHE C 144 -69.18 34.06 -45.39
N LYS C 145 -68.52 33.05 -44.88
CA LYS C 145 -67.31 32.54 -45.51
C LYS C 145 -67.67 31.84 -46.81
N PRO C 146 -67.13 32.27 -47.95
CA PRO C 146 -67.50 31.63 -49.22
C PRO C 146 -66.92 30.23 -49.34
N LEU C 147 -67.52 29.45 -50.24
CA LEU C 147 -67.05 28.09 -50.46
C LEU C 147 -65.65 28.12 -51.07
N PRO C 148 -64.84 27.09 -50.80
CA PRO C 148 -63.48 27.07 -51.34
C PRO C 148 -63.48 27.09 -52.87
N LYS C 149 -62.49 27.77 -53.42
CA LYS C 149 -62.36 27.86 -54.87
C LYS C 149 -62.06 26.48 -55.45
N ILE C 150 -62.41 26.31 -56.73
CA ILE C 150 -62.11 25.06 -57.41
C ILE C 150 -60.62 24.79 -57.38
N VAL C 151 -59.83 25.79 -57.76
CA VAL C 151 -58.38 25.73 -57.66
C VAL C 151 -57.87 27.09 -57.20
N ASP C 152 -57.11 27.10 -56.11
CA ASP C 152 -56.56 28.34 -55.60
C ASP C 152 -55.16 28.57 -56.18
N PRO C 153 -54.83 29.81 -56.52
CA PRO C 153 -53.54 30.07 -57.18
C PRO C 153 -52.36 29.71 -56.28
N LEU C 154 -51.29 29.26 -56.92
CA LEU C 154 -50.03 28.93 -56.31
C LEU C 154 -48.94 29.89 -56.80
N PRO C 155 -47.79 29.95 -56.09
CA PRO C 155 -46.72 30.88 -56.50
C PRO C 155 -46.40 30.88 -57.99
N GLN C 156 -46.61 32.02 -58.63
CA GLN C 156 -46.44 32.15 -60.08
C GLN C 156 -45.13 32.87 -60.39
N ILE C 157 -44.05 32.09 -60.42
CA ILE C 157 -42.75 32.63 -60.78
C ILE C 157 -42.61 32.65 -62.30
N LYS C 158 -41.60 33.36 -62.78
CA LYS C 158 -41.29 33.39 -64.20
C LYS C 158 -40.61 32.08 -64.60
N THR C 159 -41.15 31.42 -65.62
CA THR C 159 -40.67 30.11 -66.05
C THR C 159 -40.23 30.17 -67.51
N PHE C 160 -39.13 29.48 -67.81
CA PHE C 160 -38.57 29.44 -69.15
C PHE C 160 -38.58 28.01 -69.68
N GLY C 161 -38.97 27.86 -70.94
CA GLY C 161 -38.91 26.58 -71.61
C GLY C 161 -39.74 25.49 -71.00
N LEU C 162 -40.83 25.83 -70.31
CA LEU C 162 -41.68 24.83 -69.67
C LEU C 162 -42.91 24.48 -70.50
N GLU C 163 -43.03 25.02 -71.71
CA GLU C 163 -44.23 24.79 -72.51
C GLU C 163 -44.35 23.34 -72.94
N THR C 164 -43.24 22.72 -73.36
CA THR C 164 -43.30 21.36 -73.88
C THR C 164 -43.65 20.36 -72.79
N MET C 165 -43.03 20.48 -71.62
CA MET C 165 -43.32 19.55 -70.53
C MET C 165 -44.74 19.73 -70.02
N LEU C 166 -45.21 20.97 -69.92
CA LEU C 166 -46.59 21.21 -69.53
C LEU C 166 -47.55 20.64 -70.56
N SER C 167 -47.19 20.73 -71.84
CA SER C 167 -48.02 20.15 -72.88
C SER C 167 -48.08 18.63 -72.74
N GLN C 168 -46.96 17.98 -72.44
CA GLN C 168 -46.96 16.55 -72.21
C GLN C 168 -47.82 16.17 -71.01
N LEU C 169 -47.68 16.92 -69.91
CA LEU C 169 -48.47 16.64 -68.72
C LEU C 169 -49.96 16.81 -68.99
N TYR C 170 -50.35 17.86 -69.71
CA TYR C 170 -51.75 18.04 -70.05
C TYR C 170 -52.24 16.98 -71.02
N ASP C 171 -51.38 16.53 -71.93
CA ASP C 171 -51.76 15.46 -72.85
C ASP C 171 -52.07 14.17 -72.10
N LEU C 172 -51.28 13.85 -71.08
CA LEU C 172 -51.62 12.70 -70.24
C LEU C 172 -52.86 12.96 -69.38
N PHE C 173 -52.97 14.16 -68.81
CA PHE C 173 -54.05 14.46 -67.87
C PHE C 173 -55.41 14.42 -68.56
N GLU C 174 -55.51 14.98 -69.77
CA GLU C 174 -56.77 15.05 -70.48
C GLU C 174 -57.18 13.71 -71.09
N LYS C 175 -56.22 12.88 -71.48
CA LYS C 175 -56.51 11.77 -72.38
C LYS C 175 -55.97 10.44 -71.85
N GLY C 176 -55.01 10.49 -70.94
CA GLY C 176 -54.41 9.27 -70.43
C GLY C 176 -55.43 8.35 -69.79
N ASP C 177 -55.27 7.05 -70.05
CA ASP C 177 -56.22 6.06 -69.56
C ASP C 177 -56.16 5.89 -68.05
N SER C 178 -54.94 5.85 -67.49
CA SER C 178 -54.79 5.66 -66.05
C SER C 178 -55.02 6.97 -65.31
N ASN C 179 -55.66 6.87 -64.15
CA ASN C 179 -56.01 8.04 -63.36
C ASN C 179 -54.92 8.45 -62.39
N ILE C 180 -53.86 7.67 -62.26
CA ILE C 180 -52.71 8.03 -61.43
C ILE C 180 -51.55 8.34 -62.36
N ILE C 181 -51.05 9.57 -62.28
CA ILE C 181 -50.00 10.07 -63.17
C ILE C 181 -48.76 10.34 -62.34
N GLY C 182 -47.61 9.86 -62.82
CA GLY C 182 -46.36 10.08 -62.12
C GLY C 182 -45.36 10.86 -62.94
N VAL C 183 -44.77 11.89 -62.34
CA VAL C 183 -43.74 12.70 -62.97
C VAL C 183 -42.46 12.51 -62.18
N TRP C 184 -41.38 12.13 -62.87
CA TRP C 184 -40.12 11.85 -62.20
C TRP C 184 -38.98 12.58 -62.89
N GLY C 185 -38.00 12.98 -62.09
CA GLY C 185 -36.85 13.72 -62.59
C GLY C 185 -35.84 14.00 -61.49
N GLN C 186 -34.64 14.46 -61.86
CA GLN C 186 -33.59 14.71 -60.88
C GLN C 186 -33.94 15.92 -60.02
N GLY C 187 -33.24 16.06 -58.89
CA GLY C 187 -33.47 17.20 -58.01
C GLY C 187 -33.21 18.53 -58.68
N GLY C 188 -34.16 19.46 -58.56
CA GLY C 188 -33.99 20.78 -59.13
C GLY C 188 -34.36 20.90 -60.59
N VAL C 189 -34.92 19.86 -61.20
CA VAL C 189 -35.24 19.91 -62.63
C VAL C 189 -36.53 20.70 -62.90
N GLY C 190 -37.41 20.83 -61.92
CA GLY C 190 -38.60 21.63 -62.11
C GLY C 190 -39.91 20.91 -61.88
N LYS C 191 -39.91 19.84 -61.08
CA LYS C 191 -41.14 19.09 -60.84
C LYS C 191 -42.14 19.91 -60.02
N THR C 192 -41.69 20.50 -58.91
CA THR C 192 -42.57 21.31 -58.08
C THR C 192 -43.05 22.54 -58.84
N THR C 193 -42.16 23.17 -59.60
CA THR C 193 -42.57 24.30 -60.43
C THR C 193 -43.56 23.86 -61.50
N LEU C 194 -43.37 22.64 -62.03
CA LEU C 194 -44.35 22.10 -62.98
C LEU C 194 -45.71 21.94 -62.33
N LEU C 195 -45.74 21.45 -61.09
CA LEU C 195 -47.01 21.33 -60.38
C LEU C 195 -47.64 22.70 -60.14
N HIS C 196 -46.83 23.69 -59.77
CA HIS C 196 -47.36 25.03 -59.54
C HIS C 196 -47.97 25.61 -60.81
N VAL C 197 -47.26 25.50 -61.93
CA VAL C 197 -47.76 26.06 -63.18
C VAL C 197 -48.93 25.25 -63.72
N PHE C 198 -49.00 23.97 -63.38
CA PHE C 198 -50.13 23.15 -63.78
C PHE C 198 -51.38 23.51 -63.00
N ASN C 199 -51.24 23.67 -61.68
CA ASN C 199 -52.36 24.07 -60.85
C ASN C 199 -52.86 25.46 -61.22
N ASN C 200 -51.92 26.39 -61.45
CA ASN C 200 -52.32 27.74 -61.83
C ASN C 200 -52.90 27.79 -63.24
N ASP C 201 -52.59 26.81 -64.08
CA ASP C 201 -53.15 26.77 -65.42
C ASP C 201 -54.56 26.19 -65.47
N LEU C 202 -54.93 25.37 -64.48
CA LEU C 202 -56.27 24.81 -64.44
C LEU C 202 -57.34 25.89 -64.27
N GLU C 203 -57.05 26.92 -63.50
CA GLU C 203 -58.01 28.02 -63.29
C GLU C 203 -58.22 28.87 -64.53
N LYS C 204 -57.39 28.69 -65.56
CA LYS C 204 -57.57 29.39 -66.84
C LYS C 204 -58.47 28.64 -67.81
N LYS C 205 -58.35 27.31 -67.85
CA LYS C 205 -59.14 26.53 -68.78
C LYS C 205 -60.46 26.10 -68.16
N ALA C 206 -61.25 25.36 -68.95
CA ALA C 206 -62.51 24.80 -68.49
C ALA C 206 -62.34 23.30 -68.25
N HIS C 207 -62.78 22.84 -67.09
CA HIS C 207 -62.61 21.44 -66.72
C HIS C 207 -63.78 21.04 -65.83
N ASP C 208 -64.01 19.72 -65.75
CA ASP C 208 -65.13 19.17 -65.02
C ASP C 208 -64.82 18.87 -63.56
N TYR C 209 -63.58 19.11 -63.12
CA TYR C 209 -63.19 18.76 -61.77
C TYR C 209 -63.69 19.79 -60.77
N GLN C 210 -63.83 19.35 -59.52
CA GLN C 210 -64.43 20.17 -58.47
C GLN C 210 -63.45 20.68 -57.44
N VAL C 211 -62.39 19.94 -57.14
CA VAL C 211 -61.35 20.40 -56.23
C VAL C 211 -60.00 20.02 -56.78
N VAL C 212 -59.04 20.94 -56.70
CA VAL C 212 -57.66 20.70 -57.08
C VAL C 212 -56.79 20.95 -55.85
N ILE C 213 -56.31 19.87 -55.26
CA ILE C 213 -55.59 19.92 -53.99
C ILE C 213 -54.10 19.72 -54.26
N PHE C 214 -53.29 20.59 -53.70
CA PHE C 214 -51.84 20.48 -53.77
C PHE C 214 -51.33 20.10 -52.39
N ILE C 215 -50.68 18.94 -52.28
CA ILE C 215 -50.24 18.38 -51.01
C ILE C 215 -48.73 18.20 -51.07
N GLU C 216 -48.05 18.63 -50.01
CA GLU C 216 -46.59 18.49 -49.92
C GLU C 216 -46.26 17.30 -49.02
N VAL C 217 -45.75 16.22 -49.63
CA VAL C 217 -45.19 15.13 -48.85
C VAL C 217 -43.69 15.30 -48.67
N SER C 218 -43.11 16.35 -49.26
CA SER C 218 -41.68 16.62 -49.18
C SER C 218 -41.23 16.92 -47.76
N ASN C 219 -42.20 17.22 -46.88
CA ASN C 219 -41.86 17.60 -45.51
C ASN C 219 -41.02 16.54 -44.82
N SER C 220 -41.36 15.27 -45.04
CA SER C 220 -40.61 14.18 -44.43
C SER C 220 -40.89 12.89 -45.20
N GLU C 221 -40.08 11.88 -44.93
CA GLU C 221 -40.37 10.53 -45.39
C GLU C 221 -41.22 9.78 -44.37
N ALA C 222 -41.52 10.42 -43.24
CA ALA C 222 -42.33 9.81 -42.19
C ALA C 222 -43.82 9.98 -42.42
N LEU C 223 -44.23 10.64 -43.52
CA LEU C 223 -45.63 10.76 -43.87
C LEU C 223 -46.44 11.47 -42.78
N ASN C 224 -46.24 12.78 -42.63
CA ASN C 224 -46.95 13.54 -41.60
C ASN C 224 -48.44 13.58 -41.97
N THR C 225 -49.12 12.52 -41.54
CA THR C 225 -50.52 12.30 -41.91
C THR C 225 -51.43 13.42 -41.44
N VAL C 226 -51.17 13.95 -40.24
CA VAL C 226 -52.06 14.95 -39.67
C VAL C 226 -52.12 16.19 -40.54
N GLU C 227 -50.97 16.67 -41.02
CA GLU C 227 -50.97 17.86 -41.86
C GLU C 227 -51.58 17.62 -43.23
N ILE C 228 -51.37 16.45 -43.83
CA ILE C 228 -52.01 16.14 -45.10
C ILE C 228 -53.52 16.11 -44.95
N GLN C 229 -54.00 15.48 -43.87
CA GLN C 229 -55.44 15.46 -43.62
C GLN C 229 -55.97 16.86 -43.34
N GLN C 230 -55.18 17.70 -42.67
CA GLN C 230 -55.56 19.09 -42.47
C GLN C 230 -55.73 19.80 -43.81
N THR C 231 -54.78 19.61 -44.72
CA THR C 231 -54.87 20.25 -46.02
C THR C 231 -56.10 19.77 -46.79
N ILE C 232 -56.35 18.46 -46.78
CA ILE C 232 -57.50 17.92 -47.51
C ILE C 232 -58.80 18.44 -46.92
N SER C 233 -58.93 18.43 -45.58
CA SER C 233 -60.15 18.89 -44.95
C SER C 233 -60.37 20.38 -45.18
N GLU C 234 -59.32 21.19 -45.04
CA GLU C 234 -59.44 22.62 -45.32
C GLU C 234 -59.83 22.86 -46.78
N ARG C 235 -59.34 22.03 -47.70
CA ARG C 235 -59.67 22.18 -49.10
C ARG C 235 -61.06 21.64 -49.43
N LEU C 236 -61.66 20.84 -48.55
CA LEU C 236 -63.00 20.32 -48.75
C LEU C 236 -64.05 21.05 -47.91
N ASN C 237 -63.69 22.17 -47.28
CA ASN C 237 -64.60 22.92 -46.42
C ASN C 237 -65.14 22.06 -45.28
N LEU C 238 -64.30 21.19 -44.73
CA LEU C 238 -64.70 20.34 -43.63
C LEU C 238 -64.24 20.90 -42.30
N PRO C 239 -65.01 20.70 -41.23
CA PRO C 239 -64.55 21.12 -39.90
C PRO C 239 -63.41 20.22 -39.43
N TRP C 240 -62.48 20.81 -38.69
CA TRP C 240 -61.32 20.07 -38.20
C TRP C 240 -61.61 19.56 -36.80
N ASN C 241 -61.97 18.29 -36.70
CA ASN C 241 -62.15 17.64 -35.41
C ASN C 241 -60.79 17.15 -34.95
N ASP C 242 -60.15 17.95 -34.08
CA ASP C 242 -58.75 17.73 -33.75
C ASP C 242 -58.55 16.40 -33.02
N ALA C 243 -59.47 16.03 -32.13
CA ALA C 243 -59.31 14.84 -31.31
C ALA C 243 -59.71 13.56 -32.04
N GLU C 244 -60.21 13.65 -33.27
CA GLU C 244 -60.62 12.47 -34.00
C GLU C 244 -59.41 11.61 -34.32
N PRO C 245 -59.52 10.28 -34.18
CA PRO C 245 -58.40 9.41 -34.53
C PRO C 245 -58.08 9.44 -36.02
N ILE C 246 -56.82 9.15 -36.34
CA ILE C 246 -56.34 9.28 -37.70
C ILE C 246 -57.07 8.32 -38.64
N ALA C 247 -57.29 7.08 -38.20
CA ALA C 247 -57.97 6.11 -39.04
C ALA C 247 -59.42 6.51 -39.33
N LYS C 248 -60.14 7.00 -38.32
CA LYS C 248 -61.51 7.44 -38.53
C LYS C 248 -61.57 8.62 -39.49
N ARG C 249 -60.63 9.57 -39.33
CA ARG C 249 -60.57 10.69 -40.26
C ARG C 249 -60.23 10.22 -41.67
N ALA C 250 -59.37 9.22 -41.78
CA ALA C 250 -59.02 8.68 -43.10
C ALA C 250 -60.24 8.07 -43.78
N ARG C 251 -61.02 7.29 -43.03
CA ARG C 251 -62.24 6.73 -43.59
C ARG C 251 -63.23 7.84 -43.97
N PHE C 252 -63.35 8.86 -43.12
CA PHE C 252 -64.25 9.97 -43.42
C PHE C 252 -63.83 10.70 -44.69
N LEU C 253 -62.54 10.93 -44.86
CA LEU C 253 -62.04 11.59 -46.07
C LEU C 253 -62.24 10.73 -47.29
N ILE C 254 -62.02 9.41 -47.16
CA ILE C 254 -62.26 8.49 -48.27
C ILE C 254 -63.72 8.58 -48.71
N LYS C 255 -64.64 8.65 -47.75
CA LYS C 255 -66.05 8.85 -48.09
C LYS C 255 -66.28 10.22 -48.73
N ALA C 256 -65.62 11.26 -48.22
CA ALA C 256 -65.87 12.61 -48.68
C ALA C 256 -65.30 12.84 -50.07
N LEU C 257 -64.05 12.42 -50.30
CA LEU C 257 -63.43 12.65 -51.59
C LEU C 257 -64.07 11.81 -52.69
N GLY C 258 -64.74 10.72 -52.32
CA GLY C 258 -65.43 9.91 -53.29
C GLY C 258 -66.66 10.57 -53.89
N ARG C 259 -67.13 11.66 -53.27
CA ARG C 259 -68.30 12.37 -53.77
C ARG C 259 -67.94 13.46 -54.79
N LYS C 260 -66.66 13.74 -55.00
CA LYS C 260 -66.24 14.83 -55.86
C LYS C 260 -65.22 14.36 -56.88
N ARG C 261 -65.20 15.03 -58.03
CA ARG C 261 -64.18 14.80 -59.04
C ARG C 261 -62.93 15.58 -58.69
N PHE C 262 -62.03 14.97 -57.92
CA PHE C 262 -60.89 15.70 -57.38
C PHE C 262 -59.65 15.52 -58.24
N VAL C 263 -58.72 16.46 -58.09
CA VAL C 263 -57.36 16.34 -58.60
C VAL C 263 -56.42 16.64 -57.44
N ILE C 264 -55.59 15.67 -57.09
CA ILE C 264 -54.63 15.81 -56.00
C ILE C 264 -53.24 15.81 -56.58
N LEU C 265 -52.51 16.90 -56.35
CA LEU C 265 -51.12 17.02 -56.78
C LEU C 265 -50.23 16.68 -55.61
N LEU C 266 -49.57 15.52 -55.69
CA LEU C 266 -48.79 14.98 -54.58
C LEU C 266 -47.33 15.31 -54.86
N ASP C 267 -46.78 16.26 -54.11
CA ASP C 267 -45.48 16.85 -54.43
C ASP C 267 -44.37 16.17 -53.64
N ASP C 268 -43.39 15.63 -54.38
CA ASP C 268 -42.14 15.12 -53.82
C ASP C 268 -42.40 14.04 -52.78
N VAL C 269 -42.99 12.94 -53.24
CA VAL C 269 -43.18 11.75 -52.41
C VAL C 269 -41.90 10.92 -52.48
N ARG C 270 -41.34 10.61 -51.32
CA ARG C 270 -40.03 9.95 -51.25
C ARG C 270 -40.11 8.48 -50.88
N LYS C 271 -41.23 8.01 -50.33
CA LYS C 271 -41.43 6.61 -50.04
C LYS C 271 -42.84 6.20 -50.45
N LYS C 272 -43.00 4.91 -50.74
CA LYS C 272 -44.33 4.39 -50.99
C LYS C 272 -45.18 4.49 -49.73
N PHE C 273 -46.38 5.04 -49.87
CA PHE C 273 -47.29 5.17 -48.75
C PHE C 273 -48.70 4.83 -49.22
N CYS C 274 -49.52 4.34 -48.29
CA CYS C 274 -50.87 3.92 -48.59
C CYS C 274 -51.78 5.14 -48.65
N LEU C 275 -52.44 5.33 -49.79
CA LEU C 275 -53.33 6.49 -49.95
C LEU C 275 -54.52 6.40 -49.01
N GLU C 276 -55.11 5.21 -48.87
CA GLU C 276 -56.26 5.05 -48.00
C GLU C 276 -55.93 5.26 -46.52
N ASP C 277 -54.65 5.16 -46.14
CA ASP C 277 -54.29 5.43 -44.76
C ASP C 277 -54.27 6.92 -44.47
N VAL C 278 -54.01 7.75 -45.49
CA VAL C 278 -54.03 9.19 -45.32
C VAL C 278 -55.40 9.80 -45.62
N GLY C 279 -56.31 9.03 -46.20
CA GLY C 279 -57.65 9.52 -46.46
C GLY C 279 -57.96 9.69 -47.94
N ILE C 280 -56.93 9.61 -48.78
CA ILE C 280 -57.11 9.77 -50.22
C ILE C 280 -57.58 8.46 -50.82
N PRO C 281 -58.72 8.42 -51.51
CA PRO C 281 -59.11 7.20 -52.23
C PRO C 281 -58.34 7.10 -53.55
N THR C 282 -57.85 5.92 -53.84
CA THR C 282 -57.14 5.72 -55.10
C THR C 282 -58.13 5.84 -56.26
N PRO C 283 -57.89 6.71 -57.23
CA PRO C 283 -58.80 6.83 -58.36
C PRO C 283 -58.76 5.61 -59.25
N ASP C 284 -59.90 5.29 -59.85
CA ASP C 284 -60.03 4.13 -60.71
C ASP C 284 -60.74 4.55 -61.99
N ILE C 285 -60.91 3.57 -62.89
CA ILE C 285 -61.51 3.84 -64.20
C ILE C 285 -62.93 4.39 -64.06
N ASN C 286 -63.70 3.83 -63.12
CA ASN C 286 -65.08 4.28 -62.93
C ASN C 286 -65.17 5.75 -62.53
N SER C 287 -64.17 6.27 -61.83
CA SER C 287 -64.18 7.64 -61.34
C SER C 287 -63.42 8.54 -62.29
N GLN C 288 -63.86 9.81 -62.38
CA GLN C 288 -63.18 10.82 -63.18
C GLN C 288 -62.00 11.43 -62.44
N SER C 289 -61.83 11.13 -61.16
CA SER C 289 -60.78 11.75 -60.36
C SER C 289 -59.40 11.38 -60.88
N LYS C 290 -58.47 12.32 -60.75
CA LYS C 290 -57.08 12.12 -61.13
C LYS C 290 -56.19 12.31 -59.91
N LEU C 291 -54.96 11.82 -60.02
CA LEU C 291 -53.97 11.94 -58.96
C LEU C 291 -52.60 12.02 -59.59
N ILE C 292 -51.92 13.15 -59.41
CA ILE C 292 -50.62 13.40 -60.02
C ILE C 292 -49.58 13.49 -58.91
N LEU C 293 -48.55 12.67 -58.98
CA LEU C 293 -47.49 12.65 -58.00
C LEU C 293 -46.14 12.85 -58.67
N THR C 294 -45.26 13.58 -58.00
CA THR C 294 -43.91 13.82 -58.48
C THR C 294 -42.91 13.27 -57.47
N SER C 295 -41.84 12.67 -57.99
CA SER C 295 -40.82 12.07 -57.15
C SER C 295 -39.52 11.98 -57.93
N ARG C 296 -38.40 12.07 -57.21
CA ARG C 296 -37.10 11.89 -57.84
C ARG C 296 -36.86 10.47 -58.30
N TYR C 297 -37.52 9.49 -57.69
CA TYR C 297 -37.24 8.08 -57.92
C TYR C 297 -38.34 7.46 -58.77
N ARG C 298 -37.94 6.79 -59.85
CA ARG C 298 -38.90 6.04 -60.66
C ARG C 298 -39.43 4.84 -59.91
N GLU C 299 -38.66 4.31 -58.95
CA GLU C 299 -39.12 3.18 -58.16
C GLU C 299 -40.36 3.54 -57.34
N VAL C 300 -40.38 4.75 -56.78
CA VAL C 300 -41.55 5.18 -56.01
C VAL C 300 -42.76 5.34 -56.93
N CYS C 301 -42.57 5.92 -58.11
CA CYS C 301 -43.67 6.10 -59.04
C CYS C 301 -44.22 4.76 -59.52
N PHE C 302 -43.36 3.73 -59.59
CA PHE C 302 -43.85 2.41 -59.93
C PHE C 302 -44.56 1.77 -58.74
N GLN C 303 -44.07 2.02 -57.53
CA GLN C 303 -44.70 1.44 -56.34
C GLN C 303 -46.09 2.00 -56.12
N MET C 304 -46.32 3.27 -56.49
CA MET C 304 -47.61 3.91 -56.31
C MET C 304 -48.55 3.72 -57.50
N ASN C 305 -48.37 2.65 -58.28
CA ASN C 305 -49.26 2.26 -59.36
C ASN C 305 -49.36 3.32 -60.46
N ALA C 306 -48.27 4.05 -60.71
CA ALA C 306 -48.23 5.04 -61.78
C ALA C 306 -47.37 4.59 -62.96
N GLN C 307 -47.17 3.29 -63.14
CA GLN C 307 -46.26 2.80 -64.17
C GLN C 307 -46.75 3.12 -65.57
N ARG C 308 -48.06 3.06 -65.81
CA ARG C 308 -48.60 3.21 -67.15
C ARG C 308 -48.74 4.66 -67.58
N SER C 309 -48.50 5.63 -66.69
CA SER C 309 -48.62 7.05 -67.02
C SER C 309 -47.42 7.83 -66.52
N LEU C 310 -46.22 7.34 -66.76
CA LEU C 310 -45.02 7.99 -66.24
C LEU C 310 -44.52 9.08 -67.19
N ILE C 311 -43.97 10.14 -66.61
CA ILE C 311 -43.37 11.24 -67.35
C ILE C 311 -41.99 11.50 -66.76
N GLU C 312 -41.00 11.65 -67.63
CA GLU C 312 -39.65 11.99 -67.22
C GLU C 312 -39.44 13.49 -67.37
N MET C 313 -39.10 14.16 -66.26
CA MET C 313 -38.88 15.60 -66.25
C MET C 313 -37.44 15.85 -66.73
N GLN C 314 -37.33 16.19 -68.01
CA GLN C 314 -36.02 16.37 -68.62
C GLN C 314 -35.46 17.75 -68.32
N ILE C 315 -34.14 17.87 -68.47
CA ILE C 315 -33.48 19.14 -68.20
C ILE C 315 -33.81 20.16 -69.28
N LEU C 316 -33.49 21.42 -68.99
CA LEU C 316 -33.84 22.51 -69.88
C LEU C 316 -32.98 22.50 -71.14
N GLY C 317 -33.49 23.12 -72.20
CA GLY C 317 -32.79 23.14 -73.46
C GLY C 317 -31.62 24.11 -73.47
N ASN C 318 -30.90 24.12 -74.59
CA ASN C 318 -29.72 24.97 -74.71
C ASN C 318 -30.06 26.45 -74.67
N ASP C 319 -31.13 26.86 -75.35
CA ASP C 319 -31.47 28.28 -75.42
C ASP C 319 -32.25 28.73 -74.20
N ALA C 320 -33.21 27.91 -73.75
CA ALA C 320 -34.02 28.26 -72.59
C ALA C 320 -33.18 28.39 -71.34
N SER C 321 -32.20 27.51 -71.17
CA SER C 321 -31.25 27.63 -70.06
C SER C 321 -30.48 28.94 -70.12
N TRP C 322 -30.04 29.35 -71.31
CA TRP C 322 -29.34 30.62 -71.44
C TRP C 322 -30.22 31.80 -71.06
N GLU C 323 -31.45 31.84 -71.56
CA GLU C 323 -32.30 32.99 -71.22
C GLU C 323 -32.74 32.94 -69.76
N LEU C 324 -32.74 31.75 -69.16
CA LEU C 324 -32.92 31.67 -67.71
C LEU C 324 -31.72 32.28 -66.99
N PHE C 325 -30.52 32.01 -67.49
CA PHE C 325 -29.31 32.55 -66.88
C PHE C 325 -29.28 34.08 -67.00
N LEU C 326 -29.72 34.60 -68.15
CA LEU C 326 -29.70 36.05 -68.36
C LEU C 326 -30.58 36.78 -67.35
N SER C 327 -31.78 36.25 -67.09
CA SER C 327 -32.70 36.91 -66.18
C SER C 327 -32.20 36.93 -64.74
N LYS C 328 -31.17 36.13 -64.42
CA LYS C 328 -30.66 36.05 -63.07
C LYS C 328 -29.54 37.06 -62.80
N LEU C 329 -29.10 37.80 -63.81
CA LEU C 329 -28.01 38.75 -63.66
C LEU C 329 -28.54 40.16 -63.43
N SER C 330 -27.71 41.00 -62.82
CA SER C 330 -28.09 42.39 -62.59
C SER C 330 -28.13 43.15 -63.92
N THR C 331 -28.63 44.38 -63.86
CA THR C 331 -28.81 45.17 -65.08
C THR C 331 -27.49 45.46 -65.76
N GLU C 332 -26.52 46.00 -65.00
CA GLU C 332 -25.23 46.35 -65.60
C GLU C 332 -24.47 45.10 -66.02
N THR C 333 -24.57 44.02 -65.25
CA THR C 333 -23.89 42.78 -65.62
C THR C 333 -24.53 42.16 -66.84
N SER C 334 -25.86 42.19 -66.93
CA SER C 334 -26.54 41.67 -68.11
C SER C 334 -26.18 42.49 -69.35
N ALA C 335 -26.06 43.81 -69.20
CA ALA C 335 -25.74 44.66 -70.34
C ALA C 335 -24.39 44.30 -70.95
N ALA C 336 -23.50 43.67 -70.18
CA ALA C 336 -22.22 43.25 -70.73
C ALA C 336 -22.36 42.03 -71.63
N VAL C 337 -23.18 41.05 -71.23
CA VAL C 337 -23.26 39.80 -71.96
C VAL C 337 -24.51 39.66 -72.81
N GLU C 338 -25.52 40.51 -72.60
CA GLU C 338 -26.73 40.46 -73.43
C GLU C 338 -26.49 40.79 -74.90
N PRO C 339 -25.76 41.85 -75.29
CA PRO C 339 -25.91 42.40 -76.64
C PRO C 339 -25.71 41.37 -77.75
N LEU C 340 -26.58 41.44 -78.75
CA LEU C 340 -26.54 40.57 -79.90
C LEU C 340 -25.67 41.19 -81.00
N GLY C 341 -25.57 40.47 -82.12
CA GLY C 341 -24.80 40.95 -83.25
C GLY C 341 -23.31 40.86 -83.04
N SER C 342 -22.78 41.64 -82.11
CA SER C 342 -21.36 41.61 -81.81
C SER C 342 -21.04 40.40 -80.95
N GLN C 343 -19.76 40.03 -80.92
CA GLN C 343 -19.26 38.95 -80.10
C GLN C 343 -18.10 39.43 -79.25
N SER C 344 -18.09 39.00 -78.00
CA SER C 344 -17.05 39.40 -77.06
C SER C 344 -16.68 38.20 -76.19
N ALA C 345 -15.49 38.27 -75.61
CA ALA C 345 -15.02 37.18 -74.75
C ALA C 345 -15.90 37.02 -73.52
N THR C 346 -16.47 38.12 -73.03
CA THR C 346 -17.33 38.04 -71.85
C THR C 346 -18.59 37.21 -72.14
N ARG C 347 -19.15 37.38 -73.33
CA ARG C 347 -20.30 36.57 -73.73
C ARG C 347 -19.94 35.09 -73.75
N GLU C 348 -18.76 34.76 -74.30
CA GLU C 348 -18.34 33.36 -74.36
C GLU C 348 -18.11 32.80 -72.96
N HIS C 349 -17.52 33.58 -72.07
CA HIS C 349 -17.31 33.11 -70.70
C HIS C 349 -18.64 32.91 -69.96
N ALA C 350 -19.58 33.83 -70.15
CA ALA C 350 -20.90 33.67 -69.54
C ALA C 350 -21.61 32.44 -70.09
N MET C 351 -21.50 32.19 -71.39
CA MET C 351 -22.12 31.01 -71.96
C MET C 351 -21.45 29.74 -71.46
N LYS C 352 -20.13 29.76 -71.27
CA LYS C 352 -19.46 28.60 -70.68
C LYS C 352 -19.95 28.34 -69.26
N ILE C 353 -20.11 29.40 -68.48
CA ILE C 353 -20.63 29.25 -67.13
C ILE C 353 -22.04 28.67 -67.15
N ALA C 354 -22.88 29.16 -68.08
CA ALA C 354 -24.24 28.65 -68.20
C ALA C 354 -24.25 27.18 -68.60
N GLN C 355 -23.39 26.80 -69.55
CA GLN C 355 -23.31 25.40 -69.97
C GLN C 355 -22.79 24.50 -68.86
N SER C 356 -21.97 25.04 -67.96
CA SER C 356 -21.48 24.25 -66.84
C SER C 356 -22.60 23.85 -65.89
N CYS C 357 -23.77 24.49 -65.98
CA CYS C 357 -24.90 24.17 -65.13
C CYS C 357 -25.67 22.95 -65.62
N GLY C 358 -25.43 22.49 -66.84
CA GLY C 358 -26.07 21.28 -67.33
C GLY C 358 -27.55 21.42 -67.58
N GLY C 359 -28.04 22.65 -67.75
CA GLY C 359 -29.45 22.85 -68.00
C GLY C 359 -30.37 22.53 -66.84
N LEU C 360 -29.84 22.39 -65.64
CA LEU C 360 -30.64 22.12 -64.46
C LEU C 360 -31.15 23.44 -63.90
N PRO C 361 -32.46 23.67 -63.85
CA PRO C 361 -32.96 24.99 -63.44
C PRO C 361 -32.46 25.45 -62.07
N LEU C 362 -32.31 24.53 -61.12
CA LEU C 362 -31.74 24.89 -59.83
C LEU C 362 -30.31 25.36 -59.99
N ALA C 363 -29.53 24.68 -60.84
CA ALA C 363 -28.16 25.11 -61.12
C ALA C 363 -28.14 26.47 -61.78
N LEU C 364 -29.03 26.71 -62.75
CA LEU C 364 -29.08 28.01 -63.40
C LEU C 364 -29.38 29.10 -62.39
N ASN C 365 -30.37 28.87 -61.51
CA ASN C 365 -30.72 29.87 -60.52
C ASN C 365 -29.55 30.16 -59.59
N VAL C 366 -28.96 29.12 -59.01
CA VAL C 366 -27.90 29.33 -58.02
C VAL C 366 -26.68 29.98 -58.66
N ILE C 367 -26.24 29.46 -59.82
CA ILE C 367 -25.03 29.99 -60.45
C ILE C 367 -25.25 31.42 -60.94
N GLY C 368 -26.38 31.69 -61.57
CA GLY C 368 -26.66 33.05 -62.01
C GLY C 368 -26.75 34.02 -60.85
N THR C 369 -27.34 33.60 -59.73
CA THR C 369 -27.37 34.47 -58.55
C THR C 369 -25.95 34.71 -58.02
N ALA C 370 -25.10 33.69 -58.05
CA ALA C 370 -23.74 33.85 -57.56
C ALA C 370 -22.95 34.85 -58.39
N VAL C 371 -23.13 34.82 -59.71
CA VAL C 371 -22.33 35.66 -60.60
C VAL C 371 -23.19 36.80 -61.15
N ALA C 372 -24.24 37.16 -60.43
CA ALA C 372 -25.13 38.22 -60.89
C ALA C 372 -24.48 39.59 -60.88
N GLY C 373 -23.37 39.76 -60.15
CA GLY C 373 -22.73 41.06 -60.06
C GLY C 373 -21.31 41.06 -60.57
N LEU C 374 -20.98 40.13 -61.46
CA LEU C 374 -19.63 40.04 -62.00
C LEU C 374 -19.35 41.22 -62.92
N GLU C 375 -18.26 41.94 -62.64
CA GLU C 375 -17.84 43.00 -63.54
C GLU C 375 -17.22 42.41 -64.80
N GLU C 376 -17.15 43.23 -65.85
CA GLU C 376 -16.69 42.76 -67.15
C GLU C 376 -15.29 42.17 -67.09
N GLY C 377 -14.45 42.67 -66.18
CA GLY C 377 -13.06 42.26 -66.15
C GLY C 377 -12.84 40.82 -65.73
N GLU C 378 -13.64 40.30 -64.80
CA GLU C 378 -13.37 39.00 -64.19
C GLU C 378 -14.37 37.91 -64.58
N TRP C 379 -15.02 38.04 -65.73
CA TRP C 379 -15.76 36.91 -66.28
C TRP C 379 -14.83 35.76 -66.62
N GLN C 380 -13.65 36.07 -67.14
CA GLN C 380 -12.74 35.05 -67.65
C GLN C 380 -12.28 34.09 -66.55
N SER C 381 -11.82 34.64 -65.42
CA SER C 381 -11.30 33.79 -64.36
C SER C 381 -12.40 32.92 -63.76
N ALA C 382 -13.58 33.49 -63.53
CA ALA C 382 -14.70 32.72 -62.98
C ALA C 382 -15.11 31.61 -63.94
N ALA C 383 -15.17 31.92 -65.23
CA ALA C 383 -15.53 30.90 -66.22
C ALA C 383 -14.48 29.80 -66.30
N ASP C 384 -13.20 30.16 -66.18
CA ASP C 384 -12.15 29.14 -66.20
C ASP C 384 -12.23 28.25 -64.97
N ALA C 385 -12.54 28.83 -63.80
CA ALA C 385 -12.54 28.05 -62.57
C ALA C 385 -13.78 27.18 -62.45
N ILE C 386 -14.93 27.67 -62.95
CA ILE C 386 -16.17 26.92 -62.78
C ILE C 386 -16.13 25.63 -63.59
N ALA C 387 -15.39 25.60 -64.69
CA ALA C 387 -15.33 24.41 -65.54
C ALA C 387 -14.69 23.23 -64.84
N THR C 388 -13.97 23.44 -63.75
CA THR C 388 -13.28 22.37 -63.04
C THR C 388 -13.84 22.10 -61.66
N ASN C 389 -14.25 23.13 -60.93
CA ASN C 389 -14.71 22.95 -59.55
C ASN C 389 -15.75 24.02 -59.23
N MET C 390 -16.75 23.63 -58.44
CA MET C 390 -17.83 24.52 -58.06
C MET C 390 -18.07 24.57 -56.56
N ASP C 391 -17.17 24.00 -55.75
CA ASP C 391 -17.39 23.96 -54.31
C ASP C 391 -17.30 25.34 -53.66
N ASN C 392 -16.62 26.29 -54.30
CA ASN C 392 -16.40 27.60 -53.71
C ASN C 392 -17.40 28.65 -54.17
N ILE C 393 -18.28 28.35 -55.13
CA ILE C 393 -19.23 29.33 -55.61
C ILE C 393 -20.32 29.55 -54.57
N ASP C 394 -20.71 30.81 -54.38
CA ASP C 394 -21.67 31.18 -53.35
C ASP C 394 -23.01 30.49 -53.59
N GLY C 395 -23.51 29.81 -52.56
CA GLY C 395 -24.80 29.17 -52.59
C GLY C 395 -24.80 27.72 -53.04
N VAL C 396 -23.69 27.23 -53.59
CA VAL C 396 -23.64 25.85 -54.08
C VAL C 396 -23.52 24.87 -52.91
N ASP C 397 -22.93 25.29 -51.80
CA ASP C 397 -22.81 24.40 -50.65
C ASP C 397 -24.17 24.00 -50.09
N GLU C 398 -25.21 24.81 -50.30
CA GLU C 398 -26.56 24.41 -49.95
C GLU C 398 -27.31 23.75 -51.11
N MET C 399 -26.91 24.05 -52.35
CA MET C 399 -27.31 23.22 -53.48
C MET C 399 -27.04 21.75 -53.22
N PHE C 400 -25.80 21.42 -52.85
CA PHE C 400 -25.46 20.02 -52.69
C PHE C 400 -26.12 19.42 -51.46
N GLY C 401 -26.36 20.23 -50.42
CA GLY C 401 -27.17 19.76 -49.32
C GLY C 401 -28.59 19.41 -49.75
N ARG C 402 -29.17 20.21 -50.63
CA ARG C 402 -30.50 19.92 -51.15
C ARG C 402 -30.49 18.65 -52.00
N LEU C 403 -29.48 18.48 -52.85
CA LEU C 403 -29.44 17.33 -53.75
C LEU C 403 -28.91 16.07 -53.08
N LYS C 404 -28.39 16.19 -51.85
CA LYS C 404 -27.67 15.09 -51.23
C LYS C 404 -28.60 13.99 -50.74
N TYR C 405 -29.89 14.27 -50.60
CA TYR C 405 -30.77 13.24 -50.04
C TYR C 405 -30.85 12.02 -50.95
N SER C 406 -30.84 12.21 -52.26
CA SER C 406 -30.84 11.08 -53.18
C SER C 406 -29.62 10.20 -52.98
N PHE C 407 -28.52 10.76 -52.49
CA PHE C 407 -27.33 9.98 -52.18
C PHE C 407 -27.43 9.34 -50.81
N ASP C 408 -27.99 10.06 -49.83
CA ASP C 408 -28.13 9.51 -48.48
C ASP C 408 -29.15 8.39 -48.43
N ARG C 409 -30.09 8.37 -49.39
CA ARG C 409 -31.06 7.29 -49.46
C ARG C 409 -30.40 5.96 -49.80
N LEU C 410 -29.23 5.99 -50.43
CA LEU C 410 -28.61 4.78 -50.94
C LEU C 410 -28.02 3.93 -49.82
N THR C 411 -27.90 2.64 -50.09
CA THR C 411 -27.15 1.75 -49.22
C THR C 411 -25.66 2.02 -49.39
N PRO C 412 -24.84 1.65 -48.40
CA PRO C 412 -23.40 1.94 -48.51
C PRO C 412 -22.75 1.37 -49.76
N THR C 413 -23.16 0.18 -50.21
CA THR C 413 -22.61 -0.36 -51.44
C THR C 413 -22.97 0.53 -52.63
N GLN C 414 -24.22 0.99 -52.70
CA GLN C 414 -24.62 1.88 -53.78
C GLN C 414 -23.92 3.23 -53.66
N GLN C 415 -23.66 3.69 -52.45
CA GLN C 415 -22.92 4.93 -52.26
C GLN C 415 -21.50 4.79 -52.80
N GLN C 416 -20.84 3.68 -52.49
CA GLN C 416 -19.49 3.45 -53.00
C GLN C 416 -19.49 3.31 -54.51
N CYS C 417 -20.50 2.65 -55.06
CA CYS C 417 -20.58 2.50 -56.51
C CYS C 417 -20.83 3.82 -57.21
N PHE C 418 -21.60 4.71 -56.58
CA PHE C 418 -21.85 6.03 -57.19
C PHE C 418 -20.61 6.91 -57.12
N LEU C 419 -19.94 6.93 -55.97
CA LEU C 419 -18.73 7.74 -55.82
C LEU C 419 -17.64 7.26 -56.78
N TYR C 420 -17.54 5.94 -56.99
CA TYR C 420 -16.54 5.43 -57.90
C TYR C 420 -16.79 5.88 -59.33
N CYS C 421 -18.04 6.11 -59.72
CA CYS C 421 -18.33 6.58 -61.07
C CYS C 421 -17.86 8.01 -61.32
N THR C 422 -17.51 8.74 -60.27
CA THR C 422 -17.17 10.15 -60.42
C THR C 422 -15.75 10.36 -60.96
N LEU C 423 -14.91 9.33 -60.95
CA LEU C 423 -13.54 9.48 -61.42
C LEU C 423 -13.38 9.22 -62.91
N PHE C 424 -14.48 8.98 -63.62
CA PHE C 424 -14.43 8.90 -65.08
C PHE C 424 -14.49 10.30 -65.68
N PRO C 425 -14.01 10.47 -66.91
CA PRO C 425 -13.88 11.83 -67.46
C PRO C 425 -15.21 12.52 -67.67
N GLU C 426 -15.16 13.85 -67.61
CA GLU C 426 -16.34 14.67 -67.83
C GLU C 426 -16.88 14.47 -69.24
N TYR C 427 -18.20 14.46 -69.38
CA TYR C 427 -18.88 14.33 -70.66
C TYR C 427 -18.48 13.04 -71.39
N GLY C 428 -18.14 12.00 -70.64
CA GLY C 428 -17.77 10.73 -71.24
C GLY C 428 -18.68 9.61 -70.79
N SER C 429 -19.35 8.99 -71.77
CA SER C 429 -20.19 7.84 -71.48
C SER C 429 -19.33 6.61 -71.21
N ILE C 430 -19.74 5.83 -70.21
CA ILE C 430 -19.01 4.64 -69.80
C ILE C 430 -19.95 3.45 -69.88
N SER C 431 -19.39 2.29 -70.23
CA SER C 431 -20.19 1.10 -70.46
C SER C 431 -20.51 0.41 -69.14
N LYS C 432 -21.68 -0.22 -69.07
CA LYS C 432 -22.10 -0.91 -67.85
C LYS C 432 -21.20 -2.09 -67.53
N GLU C 433 -20.81 -2.86 -68.55
CA GLU C 433 -20.02 -4.07 -68.32
C GLU C 433 -18.66 -3.73 -67.71
N GLN C 434 -18.01 -2.68 -68.21
CA GLN C 434 -16.71 -2.29 -67.68
C GLN C 434 -16.81 -1.86 -66.22
N LEU C 435 -17.83 -1.06 -65.90
CA LEU C 435 -18.03 -0.60 -64.54
C LEU C 435 -18.35 -1.76 -63.61
N ILE C 436 -19.17 -2.70 -64.07
CA ILE C 436 -19.53 -3.86 -63.25
C ILE C 436 -18.30 -4.74 -63.03
N GLY C 437 -17.43 -4.85 -64.04
CA GLY C 437 -16.18 -5.57 -63.84
C GLY C 437 -15.30 -4.92 -62.80
N TYR C 438 -15.19 -3.59 -62.85
CA TYR C 438 -14.44 -2.88 -61.82
C TYR C 438 -15.02 -3.15 -60.44
N TRP C 439 -16.34 -3.07 -60.31
CA TRP C 439 -16.98 -3.29 -59.01
C TRP C 439 -16.79 -4.71 -58.53
N LEU C 440 -16.87 -5.69 -59.43
CA LEU C 440 -16.65 -7.09 -59.06
C LEU C 440 -15.23 -7.28 -58.54
N ALA C 441 -14.25 -6.68 -59.22
CA ALA C 441 -12.87 -6.78 -58.77
C ALA C 441 -12.68 -6.10 -57.42
N GLU C 442 -13.31 -4.94 -57.22
CA GLU C 442 -13.07 -4.16 -56.01
C GLU C 442 -13.69 -4.78 -54.77
N GLY C 443 -14.55 -5.79 -54.93
CA GLY C 443 -15.21 -6.41 -53.80
C GLY C 443 -16.51 -5.78 -53.38
N LEU C 444 -16.96 -4.72 -54.06
CA LEU C 444 -18.27 -4.16 -53.78
C LEU C 444 -19.38 -5.16 -54.08
N LEU C 445 -19.23 -5.91 -55.17
CA LEU C 445 -20.16 -6.97 -55.53
C LEU C 445 -19.61 -8.30 -55.03
N LEU C 446 -20.46 -9.07 -54.37
CA LEU C 446 -20.04 -10.39 -53.86
C LEU C 446 -20.03 -11.42 -54.99
N ASN C 447 -19.13 -11.17 -55.95
CA ASN C 447 -18.94 -12.02 -57.12
C ASN C 447 -20.21 -12.21 -57.94
N ASP C 448 -21.09 -11.21 -57.93
CA ASP C 448 -22.35 -11.25 -58.66
C ASP C 448 -22.42 -10.07 -59.62
N SER C 449 -22.51 -10.35 -60.92
CA SER C 449 -22.64 -9.30 -61.92
C SER C 449 -24.05 -8.73 -61.95
N GLU C 450 -25.07 -9.57 -61.73
CA GLU C 450 -26.43 -9.06 -61.67
C GLU C 450 -26.61 -8.09 -60.53
N LYS C 451 -25.86 -8.25 -59.43
CA LYS C 451 -25.90 -7.24 -58.38
C LYS C 451 -25.38 -5.90 -58.88
N GLY C 452 -24.34 -5.90 -59.71
CA GLY C 452 -23.88 -4.67 -60.30
C GLY C 452 -24.90 -4.05 -61.24
N TYR C 453 -25.57 -4.89 -62.04
CA TYR C 453 -26.63 -4.38 -62.90
C TYR C 453 -27.76 -3.79 -62.08
N GLN C 454 -28.12 -4.43 -60.96
CA GLN C 454 -29.15 -3.90 -60.09
C GLN C 454 -28.73 -2.57 -59.48
N ILE C 455 -27.47 -2.44 -59.10
CA ILE C 455 -26.98 -1.19 -58.54
C ILE C 455 -27.03 -0.08 -59.60
N ILE C 456 -26.63 -0.39 -60.82
CA ILE C 456 -26.70 0.60 -61.90
C ILE C 456 -28.15 1.02 -62.15
N ARG C 457 -29.06 0.04 -62.15
CA ARG C 457 -30.47 0.33 -62.35
C ARG C 457 -31.05 1.17 -61.22
N SER C 458 -30.66 0.89 -59.98
CA SER C 458 -31.11 1.70 -58.85
C SER C 458 -30.59 3.12 -58.95
N LEU C 459 -29.33 3.28 -59.37
CA LEU C 459 -28.77 4.62 -59.53
C LEU C 459 -29.49 5.38 -60.65
N VAL C 460 -29.78 4.72 -61.77
CA VAL C 460 -30.44 5.40 -62.87
C VAL C 460 -31.90 5.65 -62.56
N SER C 461 -32.47 4.90 -61.61
CA SER C 461 -33.84 5.15 -61.17
C SER C 461 -33.94 6.25 -60.13
N ALA C 462 -32.82 6.63 -59.51
CA ALA C 462 -32.77 7.76 -58.59
C ALA C 462 -32.20 9.01 -59.24
N CYS C 463 -32.02 9.00 -60.56
CA CYS C 463 -31.50 10.10 -61.37
C CYS C 463 -30.04 10.43 -61.03
N LEU C 464 -29.35 9.57 -60.30
CA LEU C 464 -27.93 9.79 -60.05
C LEU C 464 -27.06 9.42 -61.25
N LEU C 465 -27.54 8.53 -62.11
CA LEU C 465 -26.88 8.22 -63.36
C LEU C 465 -27.89 8.32 -64.49
N GLN C 466 -27.39 8.47 -65.71
CA GLN C 466 -28.23 8.59 -66.89
C GLN C 466 -27.84 7.53 -67.90
N VAL C 467 -28.83 6.78 -68.38
CA VAL C 467 -28.58 5.84 -69.46
C VAL C 467 -28.61 6.59 -70.78
N SER C 468 -27.50 6.52 -71.52
CA SER C 468 -27.38 7.32 -72.74
C SER C 468 -26.42 6.69 -73.73
N GLY C 469 -26.62 6.97 -75.01
CA GLY C 469 -25.74 6.46 -76.05
C GLY C 469 -26.55 5.97 -77.22
N SER C 470 -25.84 5.39 -78.19
CA SER C 470 -26.52 4.71 -79.30
C SER C 470 -27.34 3.54 -78.81
N MET C 471 -27.01 2.97 -77.65
CA MET C 471 -27.84 1.96 -77.01
C MET C 471 -27.64 2.08 -75.51
N SER C 472 -28.48 1.37 -74.76
CA SER C 472 -28.52 1.52 -73.31
C SER C 472 -27.34 0.85 -72.61
N SER C 473 -26.32 0.39 -73.34
CA SER C 473 -25.17 -0.24 -72.70
C SER C 473 -24.25 0.74 -72.01
N LYS C 474 -24.41 2.05 -72.23
CA LYS C 474 -23.55 3.06 -71.65
C LYS C 474 -24.32 3.93 -70.67
N VAL C 475 -23.68 4.26 -69.56
CA VAL C 475 -24.24 5.17 -68.56
C VAL C 475 -23.32 6.39 -68.45
N LYS C 476 -23.89 7.47 -67.95
CA LYS C 476 -23.14 8.71 -67.75
C LYS C 476 -23.75 9.48 -66.59
N MET C 477 -23.02 10.50 -66.14
CA MET C 477 -23.43 11.31 -65.00
C MET C 477 -23.66 12.74 -65.46
N HIS C 478 -24.74 13.34 -64.97
CA HIS C 478 -24.99 14.75 -65.23
C HIS C 478 -23.90 15.58 -64.56
N HIS C 479 -23.57 16.73 -65.17
CA HIS C 479 -22.43 17.52 -64.72
C HIS C 479 -22.61 17.94 -63.27
N VAL C 480 -23.80 18.43 -62.92
CA VAL C 480 -24.06 18.83 -61.53
C VAL C 480 -24.01 17.62 -60.60
N ILE C 481 -24.47 16.46 -61.06
CA ILE C 481 -24.40 15.27 -60.22
C ILE C 481 -22.95 14.83 -60.01
N ARG C 482 -22.10 14.93 -61.04
CA ARG C 482 -20.70 14.61 -60.84
C ARG C 482 -20.03 15.60 -59.90
N GLN C 483 -20.38 16.89 -59.99
CA GLN C 483 -19.85 17.85 -59.04
C GLN C 483 -20.33 17.55 -57.62
N LEU C 484 -21.57 17.10 -57.46
CA LEU C 484 -22.05 16.68 -56.16
C LEU C 484 -21.25 15.48 -55.64
N GLY C 485 -20.94 14.53 -56.52
CA GLY C 485 -20.15 13.39 -56.11
C GLY C 485 -18.75 13.79 -55.67
N LEU C 486 -18.12 14.69 -56.43
CA LEU C 486 -16.79 15.18 -56.05
C LEU C 486 -16.84 15.93 -54.72
N TRP C 487 -17.88 16.75 -54.52
CA TRP C 487 -18.02 17.47 -53.27
C TRP C 487 -18.24 16.53 -52.10
N LEU C 488 -19.01 15.46 -52.31
CA LEU C 488 -19.20 14.46 -51.26
C LEU C 488 -17.89 13.74 -50.95
N VAL C 489 -17.11 13.42 -51.99
CA VAL C 489 -15.81 12.78 -51.77
C VAL C 489 -14.90 13.69 -50.96
N ASN C 490 -14.86 14.97 -51.31
CA ASN C 490 -14.05 15.92 -50.55
C ASN C 490 -14.55 16.08 -49.13
N LYS C 491 -15.87 15.96 -48.92
CA LYS C 491 -16.43 16.06 -47.58
C LYS C 491 -16.15 14.81 -46.75
N SER C 492 -15.89 13.68 -47.41
CA SER C 492 -15.65 12.43 -46.70
C SER C 492 -14.22 12.39 -46.17
N ASP C 493 -13.93 11.36 -45.38
CA ASP C 493 -12.61 11.16 -44.79
C ASP C 493 -11.73 10.26 -45.64
N THR C 494 -12.19 9.84 -46.82
CA THR C 494 -11.40 9.01 -47.73
C THR C 494 -11.16 9.84 -48.99
N LYS C 495 -9.91 10.24 -49.20
CA LYS C 495 -9.59 11.12 -50.31
C LYS C 495 -9.50 10.33 -51.62
N PHE C 496 -9.95 10.97 -52.70
CA PHE C 496 -9.76 10.47 -54.05
C PHE C 496 -8.83 11.42 -54.80
N LEU C 497 -8.08 10.87 -55.75
CA LEU C 497 -7.30 11.67 -56.69
C LEU C 497 -7.97 11.56 -58.05
N VAL C 498 -8.70 12.60 -58.43
CA VAL C 498 -9.56 12.55 -59.61
C VAL C 498 -9.20 13.67 -60.58
N GLN C 499 -8.39 13.35 -61.58
CA GLN C 499 -8.09 14.28 -62.67
C GLN C 499 -8.19 13.57 -64.03
N PRO C 500 -9.37 13.11 -64.41
CA PRO C 500 -9.54 12.54 -65.75
C PRO C 500 -10.05 13.58 -66.73
N GLY C 501 -9.74 13.36 -68.01
CA GLY C 501 -10.26 14.19 -69.07
C GLY C 501 -9.88 15.65 -68.94
N MET C 502 -8.82 15.92 -68.19
CA MET C 502 -8.39 17.28 -67.91
C MET C 502 -7.37 17.79 -68.92
N ALA C 503 -7.07 17.00 -69.95
CA ALA C 503 -6.03 17.34 -70.93
C ALA C 503 -4.69 17.60 -70.23
N LEU C 504 -4.41 16.77 -69.22
CA LEU C 504 -3.18 16.93 -68.46
C LEU C 504 -1.97 16.52 -69.30
N ASP C 505 -0.97 17.39 -69.36
CA ASP C 505 0.21 17.13 -70.16
C ASP C 505 1.31 16.44 -69.36
N ASN C 506 1.24 16.45 -68.04
CA ASN C 506 2.24 15.79 -67.21
C ASN C 506 1.55 15.28 -65.95
N ALA C 507 2.12 14.22 -65.38
CA ALA C 507 1.50 13.59 -64.22
C ALA C 507 1.48 14.54 -63.03
N PRO C 508 0.48 14.42 -62.15
CA PRO C 508 0.44 15.28 -60.98
C PRO C 508 1.55 14.97 -60.00
N SER C 509 1.78 15.91 -59.08
CA SER C 509 2.84 15.76 -58.08
C SER C 509 2.63 14.50 -57.26
N ALA C 510 3.72 13.78 -57.02
CA ALA C 510 3.65 12.50 -56.31
C ALA C 510 3.25 12.65 -54.85
N GLU C 511 3.26 13.87 -54.31
CA GLU C 511 2.84 14.06 -52.92
C GLU C 511 1.34 13.86 -52.76
N GLU C 512 0.55 14.20 -53.79
CA GLU C 512 -0.90 14.08 -53.70
C GLU C 512 -1.36 12.63 -53.69
N TRP C 513 -0.49 11.68 -54.00
CA TRP C 513 -0.84 10.28 -54.10
C TRP C 513 -0.75 9.54 -52.76
N ASN C 514 -0.49 10.24 -51.66
CA ASN C 514 -0.20 9.57 -50.40
C ASN C 514 -1.44 8.90 -49.81
N GLU C 515 -2.46 9.70 -49.48
CA GLU C 515 -3.61 9.19 -48.75
C GLU C 515 -4.78 8.81 -49.65
N ALA C 516 -4.72 9.13 -50.93
CA ALA C 516 -5.83 8.84 -51.83
C ALA C 516 -5.95 7.34 -52.05
N THR C 517 -7.20 6.85 -52.06
CA THR C 517 -7.48 5.43 -52.27
C THR C 517 -7.85 5.10 -53.71
N ARG C 518 -8.47 6.03 -54.43
CA ARG C 518 -8.79 5.86 -55.83
C ARG C 518 -8.05 6.91 -56.65
N ILE C 519 -7.36 6.46 -57.70
CA ILE C 519 -6.59 7.34 -58.56
C ILE C 519 -7.11 7.19 -59.98
N SER C 520 -7.33 8.31 -60.65
CA SER C 520 -7.78 8.30 -62.04
C SER C 520 -7.15 9.46 -62.79
N ILE C 521 -6.40 9.13 -63.83
CA ILE C 521 -5.80 10.14 -64.71
C ILE C 521 -6.18 9.79 -66.15
N MET C 522 -7.36 9.20 -66.32
CA MET C 522 -7.85 8.80 -67.63
C MET C 522 -7.94 9.99 -68.58
N SER C 523 -7.99 9.68 -69.88
CA SER C 523 -8.24 10.65 -70.93
C SER C 523 -7.28 11.84 -70.84
N ASN C 524 -6.01 11.52 -70.63
CA ASN C 524 -4.98 12.53 -70.48
C ASN C 524 -3.87 12.28 -71.48
N ASN C 525 -3.10 13.33 -71.75
CA ASN C 525 -1.94 13.25 -72.63
C ASN C 525 -0.65 12.96 -71.88
N ILE C 526 -0.73 12.21 -70.79
CA ILE C 526 0.46 11.92 -69.99
C ILE C 526 1.49 11.22 -70.86
N THR C 527 2.74 11.69 -70.76
CA THR C 527 3.83 11.13 -71.54
C THR C 527 4.83 10.33 -70.72
N GLU C 528 4.99 10.66 -69.44
CA GLU C 528 6.00 10.03 -68.61
C GLU C 528 5.49 9.92 -67.18
N LEU C 529 5.78 8.77 -66.55
CA LEU C 529 5.32 8.44 -65.20
C LEU C 529 6.53 7.92 -64.42
N SER C 530 7.64 8.67 -64.49
CA SER C 530 8.93 8.20 -64.03
C SER C 530 9.12 8.24 -62.52
N PHE C 531 8.17 8.78 -61.76
CA PHE C 531 8.32 8.81 -60.32
C PHE C 531 7.81 7.50 -59.70
N SER C 532 8.01 7.35 -58.40
CA SER C 532 7.49 6.22 -57.66
C SER C 532 6.73 6.73 -56.44
N PRO C 533 5.41 6.69 -56.44
CA PRO C 533 4.64 7.34 -55.37
C PRO C 533 4.50 6.46 -54.14
N LYS C 534 4.07 7.10 -53.05
CA LYS C 534 3.79 6.43 -51.78
C LYS C 534 2.34 5.97 -51.68
N CYS C 535 1.89 5.13 -52.60
CA CYS C 535 0.49 4.74 -52.67
C CYS C 535 0.20 3.52 -51.80
N LYS C 536 0.23 3.68 -50.49
CA LYS C 536 -0.05 2.58 -49.58
C LYS C 536 -1.53 2.19 -49.59
N ASN C 537 -2.43 3.18 -49.60
CA ASN C 537 -3.86 2.92 -49.45
C ASN C 537 -4.60 2.76 -50.78
N VAL C 538 -3.92 2.93 -51.91
CA VAL C 538 -4.60 2.90 -53.20
C VAL C 538 -5.18 1.52 -53.45
N THR C 539 -6.49 1.48 -53.71
CA THR C 539 -7.18 0.25 -54.09
C THR C 539 -7.68 0.25 -55.52
N THR C 540 -7.41 1.30 -56.30
CA THR C 540 -7.87 1.41 -57.68
C THR C 540 -7.03 2.45 -58.39
N LEU C 541 -6.52 2.08 -59.57
CA LEU C 541 -5.69 2.97 -60.37
C LEU C 541 -6.10 2.83 -61.83
N LEU C 542 -6.47 3.94 -62.45
CA LEU C 542 -6.98 3.94 -63.81
C LEU C 542 -6.13 4.86 -64.68
N MET C 543 -5.77 4.39 -65.87
CA MET C 543 -4.97 5.17 -66.81
C MET C 543 -5.45 5.02 -68.25
N GLN C 544 -6.74 4.76 -68.46
CA GLN C 544 -7.25 4.55 -69.82
C GLN C 544 -7.08 5.81 -70.66
N ASN C 545 -6.89 5.61 -71.96
CA ASN C 545 -6.81 6.70 -72.93
C ASN C 545 -5.66 7.66 -72.60
N ASN C 546 -4.45 7.10 -72.58
CA ASN C 546 -3.21 7.85 -72.42
C ASN C 546 -2.29 7.49 -73.59
N PRO C 547 -2.58 8.02 -74.78
CA PRO C 547 -1.86 7.56 -75.98
C PRO C 547 -0.36 7.80 -75.94
N ASN C 548 0.10 8.85 -75.27
CA ASN C 548 1.52 9.19 -75.25
C ASN C 548 2.27 8.56 -74.09
N LEU C 549 1.59 7.88 -73.18
CA LEU C 549 2.26 7.29 -72.02
C LEU C 549 2.89 5.96 -72.43
N ASN C 550 4.22 5.95 -72.54
CA ASN C 550 4.95 4.75 -72.91
C ASN C 550 6.13 4.43 -72.00
N LYS C 551 6.57 5.35 -71.14
CA LYS C 551 7.65 5.10 -70.22
C LYS C 551 7.12 5.18 -68.79
N MET C 552 7.40 4.14 -68.00
CA MET C 552 6.99 4.08 -66.62
C MET C 552 8.18 3.67 -65.76
N SER C 553 8.23 4.21 -64.54
CA SER C 553 9.34 3.92 -63.65
C SER C 553 9.32 2.46 -63.25
N TYR C 554 10.48 1.81 -63.32
CA TYR C 554 10.60 0.46 -62.83
C TYR C 554 10.46 0.44 -61.31
N GLY C 555 9.71 -0.53 -60.80
CA GLY C 555 9.33 -0.51 -59.40
C GLY C 555 8.25 0.50 -59.07
N PHE C 556 7.42 0.86 -60.05
CA PHE C 556 6.34 1.80 -59.81
C PHE C 556 5.32 1.22 -58.84
N PHE C 557 5.01 -0.06 -58.98
CA PHE C 557 4.00 -0.73 -58.17
C PHE C 557 4.52 -1.24 -56.84
N ARG C 558 5.67 -0.74 -56.36
CA ARG C 558 6.24 -1.28 -55.13
C ARG C 558 5.35 -1.00 -53.92
N THR C 559 4.76 0.19 -53.85
CA THR C 559 3.93 0.56 -52.71
C THR C 559 2.47 0.13 -52.87
N MET C 560 2.09 -0.39 -54.03
CA MET C 560 0.73 -0.88 -54.25
C MET C 560 0.49 -2.25 -53.62
N SER C 561 0.49 -2.33 -52.29
CA SER C 561 0.29 -3.60 -51.61
C SER C 561 -1.19 -3.94 -51.51
N SER C 562 -2.04 -3.02 -51.96
CA SER C 562 -3.48 -3.27 -51.91
C SER C 562 -4.21 -2.83 -53.18
N LEU C 563 -3.50 -2.54 -54.27
CA LEU C 563 -4.14 -2.16 -55.52
C LEU C 563 -4.94 -3.33 -56.06
N LYS C 564 -6.22 -3.10 -56.32
CA LYS C 564 -7.11 -4.17 -56.77
C LYS C 564 -7.52 -4.05 -58.24
N VAL C 565 -7.65 -2.83 -58.74
CA VAL C 565 -8.03 -2.59 -60.13
C VAL C 565 -6.93 -1.78 -60.78
N LEU C 566 -6.41 -2.27 -61.92
CA LEU C 566 -5.35 -1.61 -62.65
C LEU C 566 -5.71 -1.58 -64.12
N ASP C 567 -5.82 -0.39 -64.68
CA ASP C 567 -6.19 -0.21 -66.09
C ASP C 567 -5.11 0.59 -66.79
N LEU C 568 -4.55 0.01 -67.86
CA LEU C 568 -3.60 0.72 -68.70
C LEU C 568 -4.04 0.64 -70.16
N SER C 569 -5.35 0.62 -70.37
CA SER C 569 -5.93 0.47 -71.70
C SER C 569 -5.64 1.71 -72.54
N HIS C 570 -5.46 1.48 -73.84
CA HIS C 570 -5.22 2.53 -74.82
C HIS C 570 -3.99 3.38 -74.45
N THR C 571 -2.97 2.71 -73.94
CA THR C 571 -1.71 3.35 -73.63
C THR C 571 -0.64 2.80 -74.56
N ALA C 572 0.51 3.48 -74.58
CA ALA C 572 1.59 3.15 -75.50
C ALA C 572 2.73 2.38 -74.84
N ILE C 573 2.54 1.90 -73.62
CA ILE C 573 3.60 1.15 -72.95
C ILE C 573 3.79 -0.19 -73.66
N THR C 574 5.04 -0.51 -73.97
CA THR C 574 5.38 -1.81 -74.54
C THR C 574 5.86 -2.79 -73.48
N SER C 575 6.17 -2.32 -72.28
CA SER C 575 6.63 -3.18 -71.20
C SER C 575 5.99 -2.72 -69.90
N LEU C 576 5.85 -3.66 -68.96
CA LEU C 576 5.25 -3.35 -67.68
C LEU C 576 6.29 -3.49 -66.57
N PRO C 577 6.30 -2.58 -65.59
CA PRO C 577 7.24 -2.71 -64.47
C PRO C 577 6.95 -3.96 -63.65
N GLU C 578 7.97 -4.44 -62.95
CA GLU C 578 7.78 -5.63 -62.11
C GLU C 578 6.74 -5.35 -61.03
N CYS C 579 5.97 -6.40 -60.71
CA CYS C 579 4.81 -6.23 -59.85
C CYS C 579 4.71 -7.32 -58.79
N ASP C 580 5.84 -7.74 -58.21
CA ASP C 580 5.80 -8.73 -57.15
C ASP C 580 5.08 -8.22 -55.91
N ALA C 581 4.94 -6.90 -55.75
CA ALA C 581 4.26 -6.34 -54.59
C ALA C 581 2.75 -6.31 -54.76
N LEU C 582 2.23 -6.62 -55.94
CA LEU C 582 0.78 -6.65 -56.15
C LEU C 582 0.19 -7.92 -55.56
N VAL C 583 0.16 -8.02 -54.24
CA VAL C 583 -0.27 -9.23 -53.57
C VAL C 583 -1.78 -9.42 -53.64
N ALA C 584 -2.54 -8.36 -53.92
CA ALA C 584 -3.99 -8.43 -53.87
C ALA C 584 -4.67 -7.97 -55.14
N LEU C 585 -3.93 -7.78 -56.23
CA LEU C 585 -4.55 -7.34 -57.48
C LEU C 585 -5.46 -8.44 -58.02
N GLU C 586 -6.65 -8.04 -58.46
CA GLU C 586 -7.65 -8.96 -58.99
C GLU C 586 -8.10 -8.64 -60.40
N HIS C 587 -7.86 -7.42 -60.88
CA HIS C 587 -8.25 -7.01 -62.22
C HIS C 587 -7.07 -6.31 -62.86
N LEU C 588 -6.79 -6.64 -64.12
CA LEU C 588 -5.70 -6.01 -64.85
C LEU C 588 -6.05 -5.99 -66.33
N ASN C 589 -6.34 -4.80 -66.85
CA ASN C 589 -6.74 -4.63 -68.24
C ASN C 589 -5.61 -3.97 -69.00
N LEU C 590 -5.23 -4.55 -70.14
CA LEU C 590 -4.20 -3.99 -71.01
C LEU C 590 -4.67 -3.95 -72.47
N SER C 591 -5.95 -3.74 -72.70
CA SER C 591 -6.48 -3.74 -74.06
C SER C 591 -5.92 -2.56 -74.86
N HIS C 592 -5.76 -2.79 -76.16
CA HIS C 592 -5.31 -1.76 -77.10
C HIS C 592 -3.95 -1.21 -76.74
N THR C 593 -3.15 -1.98 -76.01
CA THR C 593 -1.82 -1.55 -75.59
C THR C 593 -0.76 -2.18 -76.47
N HIS C 594 0.37 -1.49 -76.60
CA HIS C 594 1.51 -1.97 -77.37
C HIS C 594 2.42 -2.90 -76.57
N ILE C 595 1.94 -3.46 -75.46
CA ILE C 595 2.74 -4.40 -74.68
C ILE C 595 3.05 -5.61 -75.55
N MET C 596 4.33 -5.97 -75.66
CA MET C 596 4.73 -7.06 -76.53
C MET C 596 4.99 -8.35 -75.77
N ARG C 597 5.47 -8.28 -74.54
CA ARG C 597 5.68 -9.48 -73.74
C ARG C 597 5.15 -9.25 -72.34
N LEU C 598 4.71 -10.33 -71.70
CA LEU C 598 4.07 -10.25 -70.40
C LEU C 598 5.06 -10.74 -69.34
N PRO C 599 5.44 -9.88 -68.39
CA PRO C 599 6.48 -10.28 -67.43
C PRO C 599 6.07 -11.45 -66.56
N GLU C 600 7.07 -12.22 -66.13
CA GLU C 600 6.83 -13.49 -65.44
C GLU C 600 6.34 -13.31 -64.01
N ARG C 601 6.41 -12.10 -63.45
CA ARG C 601 5.97 -11.91 -62.07
C ARG C 601 4.45 -12.04 -61.93
N LEU C 602 3.71 -11.84 -63.02
CA LEU C 602 2.26 -11.99 -62.99
C LEU C 602 1.83 -13.41 -62.64
N TRP C 603 2.61 -14.41 -63.05
CA TRP C 603 2.25 -15.79 -62.73
C TRP C 603 2.31 -16.08 -61.25
N LEU C 604 2.94 -15.22 -60.45
CA LEU C 604 2.98 -15.37 -59.00
C LEU C 604 1.86 -14.60 -58.30
N LEU C 605 1.03 -13.85 -59.05
CA LEU C 605 -0.08 -13.12 -58.46
C LEU C 605 -1.24 -14.08 -58.22
N LYS C 606 -1.33 -14.55 -56.98
CA LYS C 606 -2.28 -15.61 -56.66
C LYS C 606 -3.72 -15.10 -56.61
N GLU C 607 -3.91 -13.79 -56.39
CA GLU C 607 -5.24 -13.24 -56.19
C GLU C 607 -5.89 -12.74 -57.47
N LEU C 608 -5.23 -12.84 -58.62
CA LEU C 608 -5.77 -12.29 -59.85
C LEU C 608 -7.03 -13.06 -60.26
N ARG C 609 -8.01 -12.32 -60.77
CA ARG C 609 -9.28 -12.88 -61.21
C ARG C 609 -9.64 -12.57 -62.65
N HIS C 610 -9.23 -11.41 -63.16
CA HIS C 610 -9.52 -11.02 -64.54
C HIS C 610 -8.29 -10.34 -65.13
N LEU C 611 -7.87 -10.81 -66.30
CA LEU C 611 -6.74 -10.23 -67.02
C LEU C 611 -7.11 -10.12 -68.50
N ASP C 612 -7.13 -8.89 -69.01
CA ASP C 612 -7.57 -8.61 -70.38
C ASP C 612 -6.41 -8.00 -71.16
N LEU C 613 -6.12 -8.58 -72.33
CA LEU C 613 -5.13 -8.04 -73.25
C LEU C 613 -5.64 -8.06 -74.69
N SER C 614 -6.91 -7.70 -74.88
CA SER C 614 -7.49 -7.74 -76.21
C SER C 614 -6.90 -6.65 -77.10
N VAL C 615 -6.89 -6.92 -78.40
CA VAL C 615 -6.47 -5.96 -79.43
C VAL C 615 -5.04 -5.49 -79.15
N THR C 616 -4.25 -6.32 -78.48
CA THR C 616 -2.84 -6.01 -78.26
C THR C 616 -2.06 -6.35 -79.53
N VAL C 617 -1.67 -5.32 -80.27
CA VAL C 617 -1.01 -5.53 -81.57
C VAL C 617 0.37 -6.14 -81.40
N ALA C 618 1.12 -5.68 -80.40
CA ALA C 618 2.50 -6.14 -80.24
C ALA C 618 2.64 -7.39 -79.39
N PHE C 619 1.58 -7.84 -78.74
CA PHE C 619 1.68 -8.97 -77.81
C PHE C 619 2.12 -10.23 -78.54
N GLU C 620 3.23 -10.82 -78.08
CA GLU C 620 3.73 -12.03 -78.69
C GLU C 620 4.32 -13.02 -77.68
N ASP C 621 3.92 -12.96 -76.41
CA ASP C 621 4.53 -13.77 -75.35
C ASP C 621 3.67 -15.01 -75.12
N THR C 622 4.34 -16.15 -74.97
CA THR C 622 3.66 -17.41 -74.73
C THR C 622 2.92 -17.39 -73.40
N MET C 623 1.69 -17.90 -73.39
CA MET C 623 0.85 -17.89 -72.19
C MET C 623 0.95 -19.17 -71.38
N ASN C 624 1.89 -20.05 -71.67
CA ASN C 624 1.92 -21.36 -71.03
C ASN C 624 2.05 -21.26 -69.52
N ASN C 625 2.61 -20.16 -69.02
CA ASN C 625 2.74 -19.98 -67.58
C ASN C 625 1.45 -19.52 -66.91
N CYS C 626 0.38 -19.32 -67.68
CA CYS C 626 -0.90 -18.97 -67.08
C CYS C 626 -1.47 -20.10 -66.24
N SER C 627 -0.94 -21.32 -66.38
CA SER C 627 -1.37 -22.42 -65.54
C SER C 627 -1.16 -22.14 -64.06
N LYS C 628 -0.10 -21.42 -63.71
CA LYS C 628 0.12 -21.01 -62.32
C LYS C 628 -0.92 -20.01 -61.84
N LEU C 629 -1.69 -19.42 -62.74
CA LEU C 629 -2.74 -18.47 -62.39
C LEU C 629 -4.08 -19.18 -62.22
N HIS C 630 -4.15 -20.05 -61.19
CA HIS C 630 -5.32 -20.90 -60.99
C HIS C 630 -6.58 -20.08 -60.70
N LYS C 631 -6.46 -19.05 -59.86
CA LYS C 631 -7.63 -18.33 -59.37
C LYS C 631 -8.29 -17.47 -60.44
N LEU C 632 -7.65 -17.30 -61.60
CA LEU C 632 -8.20 -16.44 -62.65
C LEU C 632 -9.56 -16.92 -63.10
N LYS C 633 -10.47 -15.97 -63.32
CA LYS C 633 -11.82 -16.26 -63.77
C LYS C 633 -12.08 -15.90 -65.22
N VAL C 634 -11.41 -14.89 -65.75
CA VAL C 634 -11.64 -14.40 -67.10
C VAL C 634 -10.30 -14.09 -67.78
N LEU C 635 -10.15 -14.56 -69.01
CA LEU C 635 -9.05 -14.18 -69.89
C LEU C 635 -9.65 -13.63 -71.18
N ASN C 636 -8.98 -12.65 -71.78
CA ASN C 636 -9.47 -12.04 -73.01
C ASN C 636 -8.28 -11.69 -73.90
N LEU C 637 -8.16 -12.39 -75.02
CA LEU C 637 -7.18 -12.08 -76.05
C LEU C 637 -7.84 -11.82 -77.41
N PHE C 638 -9.05 -11.26 -77.41
CA PHE C 638 -9.78 -11.06 -78.65
C PHE C 638 -9.07 -10.04 -79.54
N ARG C 639 -9.00 -10.35 -80.83
CA ARG C 639 -8.35 -9.52 -81.84
C ARG C 639 -6.87 -9.28 -81.53
N SER C 640 -6.29 -10.09 -80.64
CA SER C 640 -4.87 -10.01 -80.39
C SER C 640 -4.09 -10.55 -81.57
N HIS C 641 -2.92 -9.95 -81.83
CA HIS C 641 -2.09 -10.40 -82.94
C HIS C 641 -1.61 -11.83 -82.73
N TYR C 642 -1.23 -12.19 -81.51
CA TYR C 642 -0.78 -13.53 -81.20
C TYR C 642 -1.85 -14.24 -80.37
N GLY C 643 -1.90 -15.56 -80.51
CA GLY C 643 -2.83 -16.37 -79.76
C GLY C 643 -2.44 -17.84 -79.75
N ILE C 644 -3.43 -18.73 -79.88
CA ILE C 644 -3.16 -20.16 -79.94
C ILE C 644 -2.96 -20.54 -81.40
N ARG C 645 -1.72 -20.44 -81.88
CA ARG C 645 -1.42 -20.76 -83.27
C ARG C 645 -1.36 -22.27 -83.50
N ASP C 646 -1.18 -23.05 -82.44
CA ASP C 646 -1.08 -24.50 -82.56
C ASP C 646 -1.53 -25.13 -81.26
N VAL C 647 -1.77 -26.45 -81.31
CA VAL C 647 -2.28 -27.19 -80.18
C VAL C 647 -1.30 -27.18 -79.01
N ASP C 648 -0.03 -26.82 -79.25
CA ASP C 648 0.97 -26.80 -78.19
C ASP C 648 0.57 -25.88 -77.04
N ASN C 649 -0.16 -24.80 -77.33
CA ASN C 649 -0.64 -23.89 -76.30
C ASN C 649 -2.12 -24.04 -76.02
N LEU C 650 -2.66 -25.25 -76.15
CA LEU C 650 -4.06 -25.51 -75.85
C LEU C 650 -4.18 -26.03 -74.43
N ASN C 651 -3.30 -25.56 -73.54
CA ASN C 651 -3.22 -26.04 -72.18
C ASN C 651 -4.13 -25.25 -71.25
N LEU C 652 -5.21 -24.69 -71.81
CA LEU C 652 -6.16 -23.91 -71.02
C LEU C 652 -6.94 -24.77 -70.02
N ASP C 653 -6.86 -26.10 -70.12
CA ASP C 653 -7.53 -26.96 -69.16
C ASP C 653 -7.01 -26.80 -67.75
N SER C 654 -5.83 -26.20 -67.57
CA SER C 654 -5.34 -25.86 -66.24
C SER C 654 -6.10 -24.68 -65.63
N LEU C 655 -6.79 -23.90 -66.45
CA LEU C 655 -7.59 -22.77 -65.96
C LEU C 655 -8.95 -23.29 -65.50
N LYS C 656 -8.94 -23.85 -64.29
CA LYS C 656 -10.12 -24.51 -63.76
C LYS C 656 -11.19 -23.52 -63.30
N GLU C 657 -10.80 -22.31 -62.91
CA GLU C 657 -11.76 -21.31 -62.44
C GLU C 657 -12.33 -20.45 -63.56
N LEU C 658 -11.86 -20.65 -64.79
CA LEU C 658 -12.21 -19.74 -65.89
C LEU C 658 -13.68 -19.87 -66.26
N LEU C 659 -14.30 -18.73 -66.57
CA LEU C 659 -15.71 -18.66 -66.95
C LEU C 659 -15.92 -18.11 -68.36
N PHE C 660 -15.25 -17.00 -68.70
CA PHE C 660 -15.42 -16.36 -69.99
C PHE C 660 -14.05 -16.09 -70.60
N LEU C 661 -13.89 -16.44 -71.87
CA LEU C 661 -12.61 -16.29 -72.55
C LEU C 661 -12.85 -15.91 -74.01
N GLY C 662 -12.03 -15.00 -74.50
CA GLY C 662 -12.01 -14.68 -75.92
C GLY C 662 -10.61 -14.80 -76.47
N ILE C 663 -10.48 -15.60 -77.54
CA ILE C 663 -9.17 -15.97 -78.06
C ILE C 663 -9.17 -15.85 -79.58
N THR C 664 -7.97 -15.71 -80.15
CA THR C 664 -7.77 -15.77 -81.59
C THR C 664 -7.26 -17.17 -81.95
N ILE C 665 -8.00 -17.86 -82.81
CA ILE C 665 -7.67 -19.22 -83.20
C ILE C 665 -7.22 -19.21 -84.66
N TYR C 666 -6.11 -19.89 -84.94
CA TYR C 666 -5.44 -19.78 -86.23
C TYR C 666 -5.54 -21.01 -87.11
N ALA C 667 -5.41 -22.21 -86.57
CA ALA C 667 -5.17 -23.39 -87.39
C ALA C 667 -6.31 -24.39 -87.23
N GLU C 668 -6.48 -25.21 -88.27
CA GLU C 668 -7.61 -26.15 -88.31
C GLU C 668 -7.39 -27.32 -87.36
N ASP C 669 -6.13 -27.70 -87.12
CA ASP C 669 -5.86 -28.75 -86.15
C ASP C 669 -6.25 -28.32 -84.74
N VAL C 670 -6.40 -27.01 -84.52
CA VAL C 670 -6.92 -26.52 -83.25
C VAL C 670 -8.45 -26.54 -83.25
N LEU C 671 -9.06 -26.16 -84.37
CA LEU C 671 -10.51 -26.16 -84.45
C LEU C 671 -11.07 -27.58 -84.31
N LYS C 672 -10.43 -28.55 -84.95
CA LYS C 672 -10.88 -29.93 -84.87
C LYS C 672 -10.34 -30.67 -83.65
N LYS C 673 -9.43 -30.05 -82.90
CA LYS C 673 -9.14 -30.48 -81.54
C LYS C 673 -10.06 -29.81 -80.53
N LEU C 674 -10.83 -28.81 -80.97
CA LEU C 674 -11.76 -28.11 -80.09
C LEU C 674 -13.22 -28.42 -80.41
N ASN C 675 -13.50 -29.10 -81.51
CA ASN C 675 -14.89 -29.36 -81.88
C ASN C 675 -15.44 -30.60 -81.17
N MET C 676 -15.24 -30.66 -79.86
CA MET C 676 -15.82 -31.69 -79.00
C MET C 676 -16.45 -31.00 -77.80
N PRO C 677 -17.48 -31.61 -77.20
CA PRO C 677 -18.15 -30.96 -76.08
C PRO C 677 -17.35 -31.00 -74.78
N ARG C 678 -16.80 -29.85 -74.39
CA ARG C 678 -16.16 -29.69 -73.10
C ARG C 678 -16.21 -28.22 -72.73
N PRO C 679 -16.08 -27.88 -71.44
CA PRO C 679 -16.15 -26.47 -71.04
C PRO C 679 -15.12 -25.58 -71.74
N LEU C 680 -13.91 -26.09 -71.97
CA LEU C 680 -12.88 -25.28 -72.60
C LEU C 680 -13.29 -24.85 -74.00
N ALA C 681 -13.91 -25.75 -74.76
CA ALA C 681 -14.35 -25.42 -76.10
C ALA C 681 -15.52 -24.45 -76.08
N LYS C 682 -16.46 -24.63 -75.15
CA LYS C 682 -17.68 -23.83 -75.13
C LYS C 682 -17.54 -22.55 -74.32
N SER C 683 -16.46 -22.39 -73.55
CA SER C 683 -16.30 -21.19 -72.73
C SER C 683 -15.97 -19.96 -73.55
N THR C 684 -15.65 -20.11 -74.84
CA THR C 684 -15.30 -18.96 -75.67
C THR C 684 -16.54 -18.16 -76.04
N HIS C 685 -16.58 -16.89 -75.62
CA HIS C 685 -17.74 -16.05 -75.92
C HIS C 685 -17.57 -15.28 -77.23
N ARG C 686 -16.34 -15.04 -77.67
CA ARG C 686 -16.12 -14.43 -78.97
C ARG C 686 -14.81 -14.93 -79.53
N LEU C 687 -14.72 -14.96 -80.86
CA LEU C 687 -13.62 -15.57 -81.57
C LEU C 687 -13.06 -14.60 -82.60
N ASN C 688 -11.74 -14.66 -82.79
CA ASN C 688 -11.06 -13.87 -83.81
C ASN C 688 -10.33 -14.80 -84.77
N LEU C 689 -10.45 -14.54 -86.06
CA LEU C 689 -9.80 -15.34 -87.09
C LEU C 689 -8.86 -14.45 -87.88
N LYS C 690 -7.57 -14.56 -87.59
CA LYS C 690 -6.55 -13.74 -88.23
C LYS C 690 -5.44 -14.64 -88.75
N TYR C 691 -4.94 -14.32 -89.95
CA TYR C 691 -3.89 -15.09 -90.61
C TYR C 691 -4.27 -16.56 -90.76
N CYS C 692 -5.55 -16.84 -90.96
CA CYS C 692 -6.03 -18.21 -91.02
C CYS C 692 -5.58 -18.90 -92.29
N ALA C 693 -5.14 -20.15 -92.14
CA ALA C 693 -4.77 -20.99 -93.26
C ALA C 693 -5.58 -22.27 -93.19
N GLU C 694 -5.83 -22.88 -94.36
CA GLU C 694 -6.64 -24.09 -94.47
C GLU C 694 -8.06 -23.87 -93.96
N MET C 695 -8.61 -22.69 -94.22
CA MET C 695 -10.00 -22.32 -93.93
C MET C 695 -10.70 -21.86 -95.19
N GLN C 696 -10.59 -22.67 -96.25
CA GLN C 696 -11.31 -22.39 -97.48
C GLN C 696 -12.82 -22.26 -97.25
N SER C 697 -13.35 -22.95 -96.26
CA SER C 697 -14.76 -22.81 -95.90
C SER C 697 -14.93 -23.12 -94.42
N ILE C 698 -16.03 -22.62 -93.85
CA ILE C 698 -16.38 -22.87 -92.46
C ILE C 698 -17.88 -22.75 -92.32
N LYS C 699 -18.44 -23.51 -91.39
CA LYS C 699 -19.88 -23.54 -91.17
C LYS C 699 -20.19 -23.14 -89.73
N ILE C 700 -21.33 -22.47 -89.54
CA ILE C 700 -21.77 -22.14 -88.20
C ILE C 700 -22.08 -23.41 -87.41
N SER C 701 -22.63 -24.42 -88.09
CA SER C 701 -22.85 -25.71 -87.43
C SER C 701 -21.53 -26.33 -86.97
N ASP C 702 -20.42 -26.00 -87.63
CA ASP C 702 -19.12 -26.43 -87.14
C ASP C 702 -18.73 -25.70 -85.86
N LEU C 703 -19.31 -24.53 -85.63
CA LEU C 703 -19.07 -23.77 -84.41
C LEU C 703 -20.08 -24.12 -83.31
N SER C 704 -20.92 -25.14 -83.52
CA SER C 704 -21.99 -25.45 -82.57
C SER C 704 -21.46 -25.85 -81.19
N HIS C 705 -20.21 -26.29 -81.10
CA HIS C 705 -19.66 -26.61 -79.79
C HIS C 705 -19.43 -25.37 -78.94
N MET C 706 -19.27 -24.21 -79.58
CA MET C 706 -19.09 -22.94 -78.88
C MET C 706 -20.45 -22.37 -78.46
N GLU C 707 -20.97 -22.93 -77.37
CA GLU C 707 -22.31 -22.57 -76.91
C GLU C 707 -22.38 -21.18 -76.31
N HIS C 708 -21.26 -20.52 -76.08
CA HIS C 708 -21.25 -19.16 -75.55
C HIS C 708 -20.82 -18.11 -76.55
N LEU C 709 -20.44 -18.50 -77.77
CA LEU C 709 -19.92 -17.57 -78.76
C LEU C 709 -20.97 -16.51 -79.09
N GLU C 710 -20.56 -15.24 -79.12
CA GLU C 710 -21.45 -14.15 -79.49
C GLU C 710 -20.91 -13.25 -80.58
N GLU C 711 -19.58 -13.15 -80.73
CA GLU C 711 -18.98 -12.24 -81.70
C GLU C 711 -17.87 -12.94 -82.45
N LEU C 712 -17.71 -12.59 -83.73
CA LEU C 712 -16.62 -13.09 -84.56
C LEU C 712 -15.89 -11.93 -85.22
N TYR C 713 -14.56 -12.03 -85.30
CA TYR C 713 -13.74 -11.15 -86.09
C TYR C 713 -12.98 -11.98 -87.12
N VAL C 714 -13.18 -11.68 -88.40
CA VAL C 714 -12.58 -12.45 -89.48
C VAL C 714 -11.74 -11.49 -90.32
N GLU C 715 -10.46 -11.81 -90.47
CA GLU C 715 -9.56 -10.98 -91.26
C GLU C 715 -8.35 -11.81 -91.68
N SER C 716 -7.72 -11.38 -92.78
CA SER C 716 -6.46 -11.93 -93.26
C SER C 716 -6.52 -13.44 -93.46
N CYS C 717 -7.66 -13.96 -93.89
CA CYS C 717 -7.78 -15.39 -94.17
C CYS C 717 -7.28 -15.66 -95.59
N TYR C 718 -6.07 -16.20 -95.70
CA TYR C 718 -5.35 -16.28 -96.97
C TYR C 718 -6.02 -17.21 -97.98
N ASP C 719 -6.98 -18.05 -97.54
CA ASP C 719 -7.61 -18.98 -98.47
C ASP C 719 -9.12 -19.09 -98.29
N LEU C 720 -9.74 -18.19 -97.51
CA LEU C 720 -11.18 -18.27 -97.30
C LEU C 720 -11.93 -17.93 -98.58
N ASN C 721 -12.91 -18.76 -98.92
CA ASN C 721 -13.77 -18.54 -100.07
C ASN C 721 -15.23 -18.37 -99.72
N THR C 722 -15.79 -19.28 -98.92
CA THR C 722 -17.21 -19.24 -98.58
C THR C 722 -17.39 -19.61 -97.12
N VAL C 723 -18.52 -19.18 -96.57
CA VAL C 723 -18.94 -19.54 -95.22
C VAL C 723 -20.38 -20.03 -95.29
N VAL C 724 -20.75 -20.92 -94.38
CA VAL C 724 -22.07 -21.53 -94.37
C VAL C 724 -22.78 -21.11 -93.08
N ALA C 725 -23.94 -20.48 -93.23
CA ALA C 725 -24.83 -20.18 -92.10
C ALA C 725 -25.97 -21.20 -92.17
N ASP C 726 -25.75 -22.37 -91.57
CA ASP C 726 -26.67 -23.48 -91.71
C ASP C 726 -27.99 -23.18 -90.99
N ALA C 727 -29.06 -23.82 -91.47
CA ALA C 727 -30.35 -23.71 -90.81
C ALA C 727 -30.35 -24.42 -89.46
N GLU C 728 -29.41 -25.33 -89.24
CA GLU C 728 -29.28 -26.01 -87.95
C GLU C 728 -28.88 -24.99 -86.91
N LEU C 729 -29.82 -24.66 -86.02
CA LEU C 729 -29.62 -23.57 -85.08
C LEU C 729 -28.59 -23.93 -84.02
N THR C 730 -27.81 -22.93 -83.62
CA THR C 730 -26.89 -23.05 -82.49
C THR C 730 -27.44 -22.26 -81.31
N THR C 731 -27.42 -22.90 -80.14
CA THR C 731 -27.95 -22.28 -78.93
C THR C 731 -27.16 -21.05 -78.51
N SER C 732 -25.92 -20.91 -78.98
CA SER C 732 -25.14 -19.71 -78.67
C SER C 732 -25.80 -18.48 -79.25
N GLN C 733 -25.93 -17.44 -78.43
CA GLN C 733 -26.51 -16.17 -78.90
C GLN C 733 -25.46 -15.47 -79.74
N LEU C 734 -25.59 -15.61 -81.06
CA LEU C 734 -24.66 -14.97 -81.98
C LEU C 734 -25.06 -13.52 -82.19
N GLN C 735 -24.30 -12.59 -81.61
CA GLN C 735 -24.78 -11.22 -81.48
C GLN C 735 -24.14 -10.28 -82.49
N PHE C 736 -22.82 -10.22 -82.56
CA PHE C 736 -22.11 -9.22 -83.35
C PHE C 736 -21.18 -9.90 -84.34
N LEU C 737 -21.23 -9.46 -85.60
CA LEU C 737 -20.31 -9.92 -86.63
C LEU C 737 -19.58 -8.73 -87.23
N THR C 738 -18.30 -8.91 -87.51
CA THR C 738 -17.46 -7.90 -88.14
C THR C 738 -16.55 -8.56 -89.15
N LEU C 739 -16.58 -8.06 -90.39
CA LEU C 739 -15.71 -8.55 -91.45
C LEU C 739 -14.78 -7.43 -91.88
N SER C 740 -13.48 -7.74 -91.95
CA SER C 740 -12.49 -6.72 -92.24
C SER C 740 -11.32 -7.34 -93.00
N VAL C 741 -10.83 -6.62 -94.01
CA VAL C 741 -9.63 -6.95 -94.77
C VAL C 741 -9.53 -8.43 -95.07
N LEU C 742 -10.35 -8.91 -96.01
CA LEU C 742 -10.33 -10.31 -96.41
C LEU C 742 -9.90 -10.42 -97.86
N PRO C 743 -8.95 -11.31 -98.19
CA PRO C 743 -8.40 -11.31 -99.55
C PRO C 743 -9.15 -12.15 -100.56
N SER C 744 -9.95 -13.15 -100.13
CA SER C 744 -10.57 -14.03 -101.12
C SER C 744 -12.01 -14.40 -100.79
N LEU C 745 -12.56 -13.85 -99.71
CA LEU C 745 -13.95 -14.16 -99.37
C LEU C 745 -14.90 -13.53 -100.38
N GLU C 746 -15.83 -14.34 -100.91
CA GLU C 746 -16.73 -13.87 -101.96
C GLU C 746 -18.20 -13.94 -101.57
N SER C 747 -18.64 -15.02 -100.96
CA SER C 747 -20.06 -15.18 -100.66
C SER C 747 -20.25 -16.05 -99.42
N VAL C 748 -21.41 -15.91 -98.79
CA VAL C 748 -21.81 -16.69 -97.63
C VAL C 748 -23.28 -17.07 -97.78
N LEU C 749 -23.61 -18.30 -97.41
CA LEU C 749 -24.94 -18.86 -97.64
C LEU C 749 -25.75 -18.84 -96.35
N VAL C 750 -27.00 -18.39 -96.46
CA VAL C 750 -27.91 -18.29 -95.32
C VAL C 750 -29.24 -18.93 -95.70
N ALA C 751 -29.80 -19.72 -94.79
CA ALA C 751 -31.06 -20.38 -95.04
C ALA C 751 -32.21 -19.36 -95.06
N PRO C 752 -33.26 -19.63 -95.85
CA PRO C 752 -34.34 -18.63 -95.99
C PRO C 752 -35.32 -18.59 -94.83
N MET C 753 -35.61 -19.75 -94.23
CA MET C 753 -36.64 -19.82 -93.20
C MET C 753 -36.08 -19.60 -91.80
N SER C 754 -35.16 -20.46 -91.37
CA SER C 754 -34.55 -20.34 -90.05
C SER C 754 -33.04 -20.41 -90.21
N HIS C 755 -32.34 -19.57 -89.45
CA HIS C 755 -30.90 -19.44 -89.61
C HIS C 755 -30.28 -19.03 -88.28
N ASN C 756 -28.96 -19.19 -88.21
CA ASN C 756 -28.25 -18.87 -86.97
C ASN C 756 -28.04 -17.37 -86.80
N PHE C 757 -28.28 -16.59 -87.85
CA PHE C 757 -28.11 -15.14 -87.81
C PHE C 757 -29.31 -14.40 -87.25
N GLN C 758 -30.35 -15.11 -86.80
CA GLN C 758 -31.54 -14.43 -86.31
C GLN C 758 -31.30 -13.72 -84.98
N TYR C 759 -30.21 -14.05 -84.28
CA TYR C 759 -29.87 -13.38 -83.03
C TYR C 759 -28.98 -12.15 -83.23
N ILE C 760 -28.72 -11.75 -84.48
CA ILE C 760 -27.74 -10.70 -84.73
C ILE C 760 -28.30 -9.34 -84.33
N ARG C 761 -27.48 -8.56 -83.62
CA ARG C 761 -27.77 -7.15 -83.34
C ARG C 761 -26.89 -6.19 -84.10
N LYS C 762 -25.60 -6.49 -84.25
CA LYS C 762 -24.64 -5.55 -84.83
C LYS C 762 -23.89 -6.20 -85.97
N LEU C 763 -23.84 -5.50 -87.10
CA LEU C 763 -23.07 -5.90 -88.27
C LEU C 763 -22.12 -4.78 -88.65
N ILE C 764 -20.83 -5.11 -88.77
CA ILE C 764 -19.81 -4.18 -89.23
C ILE C 764 -19.12 -4.82 -90.42
N ILE C 765 -19.35 -4.27 -91.61
CA ILE C 765 -18.81 -4.82 -92.85
C ILE C 765 -17.78 -3.81 -93.36
N SER C 766 -16.53 -4.24 -93.48
CA SER C 766 -15.45 -3.31 -93.78
C SER C 766 -14.37 -3.99 -94.62
N HIS C 767 -13.77 -3.21 -95.53
CA HIS C 767 -12.53 -3.55 -96.23
C HIS C 767 -12.59 -4.90 -96.93
N CYS C 768 -13.72 -5.25 -97.55
CA CYS C 768 -13.89 -6.53 -98.24
C CYS C 768 -14.41 -6.29 -99.65
N PRO C 769 -13.54 -5.89 -100.58
CA PRO C 769 -13.98 -5.73 -101.98
C PRO C 769 -14.20 -7.05 -102.70
N LYS C 770 -13.67 -8.16 -102.18
CA LYS C 770 -13.89 -9.46 -102.82
C LYS C 770 -15.30 -10.00 -102.56
N LEU C 771 -15.87 -9.67 -101.41
CA LEU C 771 -17.23 -10.12 -101.09
C LEU C 771 -18.24 -9.47 -102.00
N SER C 772 -19.20 -10.26 -102.49
CA SER C 772 -20.20 -9.74 -103.43
C SER C 772 -21.59 -10.29 -103.17
N ASN C 773 -21.86 -10.77 -101.95
CA ASN C 773 -23.18 -11.32 -101.64
C ASN C 773 -23.44 -11.23 -100.15
N ILE C 774 -24.18 -10.20 -99.74
CA ILE C 774 -24.61 -10.05 -98.35
C ILE C 774 -26.11 -9.77 -98.32
N THR C 775 -26.81 -10.20 -99.36
CA THR C 775 -28.24 -9.90 -99.52
C THR C 775 -29.08 -10.37 -98.34
N TRP C 776 -28.64 -11.43 -97.66
CA TRP C 776 -29.43 -12.06 -96.60
C TRP C 776 -29.60 -11.18 -95.36
N VAL C 777 -29.09 -9.95 -95.38
CA VAL C 777 -29.22 -9.06 -94.22
C VAL C 777 -30.68 -8.76 -93.92
N ARG C 778 -31.53 -8.77 -94.95
CA ARG C 778 -32.95 -8.45 -94.77
C ARG C 778 -33.66 -9.47 -93.87
N ARG C 779 -33.09 -10.65 -93.66
CA ARG C 779 -33.71 -11.67 -92.83
C ARG C 779 -33.35 -11.52 -91.35
N LEU C 780 -32.57 -10.51 -90.99
CA LEU C 780 -32.17 -10.31 -89.59
C LEU C 780 -33.18 -9.38 -88.93
N GLN C 781 -34.21 -9.99 -88.32
CA GLN C 781 -35.30 -9.22 -87.73
C GLN C 781 -34.93 -8.59 -86.40
N LEU C 782 -33.87 -9.06 -85.73
CA LEU C 782 -33.37 -8.44 -84.50
C LEU C 782 -32.18 -7.53 -84.75
N LEU C 783 -31.82 -7.28 -86.01
CA LEU C 783 -30.65 -6.50 -86.32
C LEU C 783 -30.82 -5.04 -85.89
N GLU C 784 -29.74 -4.45 -85.35
CA GLU C 784 -29.80 -3.12 -84.76
C GLU C 784 -28.77 -2.15 -85.32
N ARG C 785 -27.54 -2.57 -85.57
CA ARG C 785 -26.46 -1.67 -85.95
C ARG C 785 -25.88 -2.07 -87.29
N LEU C 786 -25.69 -1.09 -88.18
CA LEU C 786 -25.08 -1.30 -89.48
C LEU C 786 -23.83 -0.43 -89.61
N VAL C 787 -22.71 -1.04 -89.96
CA VAL C 787 -21.48 -0.34 -90.30
C VAL C 787 -20.93 -0.95 -91.58
N ILE C 788 -21.04 -0.22 -92.69
CA ILE C 788 -20.60 -0.69 -94.00
C ILE C 788 -19.54 0.28 -94.50
N SER C 789 -18.39 -0.27 -94.91
CA SER C 789 -17.28 0.61 -95.31
C SER C 789 -16.34 -0.10 -96.28
N HIS C 790 -15.96 0.62 -97.33
CA HIS C 790 -14.84 0.27 -98.21
C HIS C 790 -15.01 -1.11 -98.85
N CYS C 791 -16.23 -1.61 -98.92
CA CYS C 791 -16.53 -2.87 -99.60
C CYS C 791 -17.13 -2.57 -100.97
N ASP C 792 -16.24 -2.30 -101.94
CA ASP C 792 -16.67 -1.98 -103.29
C ASP C 792 -17.23 -3.16 -104.05
N GLY C 793 -17.03 -4.39 -103.57
CA GLY C 793 -17.67 -5.53 -104.16
C GLY C 793 -19.13 -5.70 -103.80
N VAL C 794 -19.62 -4.90 -102.86
CA VAL C 794 -21.02 -4.93 -102.46
C VAL C 794 -21.67 -3.70 -103.11
N LEU C 795 -22.25 -3.90 -104.29
CA LEU C 795 -22.92 -2.82 -104.99
C LEU C 795 -24.13 -2.33 -104.20
N GLU C 796 -24.88 -3.23 -103.60
CA GLU C 796 -25.95 -2.89 -102.67
C GLU C 796 -25.90 -3.86 -101.50
N ILE C 797 -26.10 -3.33 -100.29
CA ILE C 797 -26.05 -4.18 -99.11
C ILE C 797 -27.16 -5.22 -99.10
N VAL C 798 -28.22 -5.01 -99.89
CA VAL C 798 -29.24 -6.01 -100.14
C VAL C 798 -29.45 -6.05 -101.64
N GLU C 799 -28.82 -7.02 -102.31
CA GLU C 799 -28.89 -7.15 -103.75
C GLU C 799 -30.21 -7.81 -104.15
N ASP C 800 -30.30 -8.23 -105.40
CA ASP C 800 -31.49 -8.91 -105.91
C ASP C 800 -31.66 -10.26 -105.22
N THR C 831 -44.61 -11.91 -95.41
CA THR C 831 -45.23 -11.27 -94.25
C THR C 831 -45.31 -9.76 -94.44
N GLY C 832 -46.37 -9.16 -93.88
CA GLY C 832 -46.52 -7.72 -93.94
C GLY C 832 -45.62 -7.01 -92.96
N GLN C 833 -44.31 -7.23 -93.09
CA GLN C 833 -43.32 -6.70 -92.17
C GLN C 833 -42.16 -6.10 -92.96
N SER C 834 -41.56 -5.06 -92.39
CA SER C 834 -40.36 -4.48 -92.99
C SER C 834 -39.16 -5.39 -92.77
N ASP C 835 -38.13 -5.19 -93.58
CA ASP C 835 -36.91 -6.00 -93.47
C ASP C 835 -36.05 -5.62 -92.27
N PHE C 836 -36.22 -4.42 -91.72
CA PHE C 836 -35.44 -3.96 -90.58
C PHE C 836 -36.38 -3.39 -89.52
N PRO C 837 -37.16 -4.24 -88.83
CA PRO C 837 -38.12 -3.72 -87.86
C PRO C 837 -37.50 -3.22 -86.57
N LYS C 838 -36.29 -3.65 -86.23
CA LYS C 838 -35.65 -3.28 -84.97
C LYS C 838 -34.36 -2.50 -85.17
N LEU C 839 -34.17 -1.89 -86.35
CA LEU C 839 -32.92 -1.21 -86.64
C LEU C 839 -32.83 0.10 -85.86
N ARG C 840 -31.62 0.42 -85.39
CA ARG C 840 -31.37 1.63 -84.62
C ARG C 840 -30.35 2.55 -85.27
N LEU C 841 -29.21 2.02 -85.71
CA LEU C 841 -28.11 2.84 -86.19
C LEU C 841 -27.60 2.32 -87.53
N ILE C 842 -27.33 3.24 -88.46
CA ILE C 842 -26.69 2.94 -89.72
C ILE C 842 -25.47 3.83 -89.88
N VAL C 843 -24.33 3.23 -90.19
CA VAL C 843 -23.08 3.96 -90.42
C VAL C 843 -22.57 3.57 -91.81
N LEU C 844 -22.38 4.55 -92.68
CA LEU C 844 -21.86 4.35 -94.01
C LEU C 844 -20.62 5.21 -94.20
N THR C 845 -19.55 4.62 -94.73
CA THR C 845 -18.27 5.31 -94.81
C THR C 845 -17.45 4.77 -95.96
N GLY C 846 -16.99 5.67 -96.83
CA GLY C 846 -15.95 5.33 -97.79
C GLY C 846 -16.35 4.39 -98.91
N LEU C 847 -17.64 4.19 -99.16
CA LEU C 847 -18.06 3.33 -100.26
C LEU C 847 -17.88 4.05 -101.58
N LYS C 848 -17.15 3.43 -102.51
CA LYS C 848 -16.83 4.06 -103.78
C LYS C 848 -17.57 3.47 -104.96
N LYS C 849 -18.06 2.23 -104.88
CA LYS C 849 -18.81 1.60 -105.95
C LYS C 849 -20.20 1.17 -105.55
N LEU C 850 -20.65 1.51 -104.34
CA LEU C 850 -22.00 1.14 -103.91
C LEU C 850 -23.02 2.11 -104.51
N ARG C 851 -24.11 1.57 -105.05
CA ARG C 851 -25.17 2.38 -105.64
C ARG C 851 -26.21 2.81 -104.62
N SER C 852 -26.88 1.84 -103.99
CA SER C 852 -27.94 2.12 -103.04
C SER C 852 -27.88 1.12 -101.91
N ILE C 853 -28.60 1.40 -100.84
CA ILE C 853 -28.59 0.54 -99.66
C ILE C 853 -29.44 -0.70 -99.90
N CYS C 854 -30.74 -0.50 -100.10
CA CYS C 854 -31.66 -1.63 -100.23
C CYS C 854 -32.96 -1.15 -100.84
N LYS C 855 -33.88 -2.09 -101.02
CA LYS C 855 -35.17 -1.78 -101.61
C LYS C 855 -36.01 -0.93 -100.64
N ALA C 856 -37.08 -0.36 -101.17
CA ALA C 856 -37.91 0.55 -100.39
C ALA C 856 -38.71 -0.21 -99.34
N ARG C 857 -38.45 0.10 -98.07
CA ARG C 857 -39.20 -0.48 -96.96
C ARG C 857 -39.38 0.57 -95.89
N GLU C 858 -40.27 0.28 -94.93
CA GLU C 858 -40.54 1.21 -93.85
C GLU C 858 -39.51 1.07 -92.74
N PHE C 859 -38.97 2.21 -92.31
CA PHE C 859 -37.94 2.23 -91.28
C PHE C 859 -38.33 3.21 -90.17
N PRO C 860 -39.39 2.95 -89.40
CA PRO C 860 -39.81 3.92 -88.38
C PRO C 860 -39.02 3.83 -87.08
N CYS C 861 -38.34 2.71 -86.82
CA CYS C 861 -37.65 2.53 -85.55
C CYS C 861 -36.20 2.96 -85.58
N LEU C 862 -35.70 3.45 -86.72
CA LEU C 862 -34.31 3.90 -86.81
C LEU C 862 -34.08 5.10 -85.91
N GLU C 863 -32.87 5.19 -85.36
CA GLU C 863 -32.50 6.28 -84.47
C GLU C 863 -31.54 7.29 -85.09
N THR C 864 -30.54 6.83 -85.85
CA THR C 864 -29.53 7.73 -86.38
C THR C 864 -28.93 7.14 -87.64
N LEU C 865 -28.73 7.99 -88.65
CA LEU C 865 -28.08 7.61 -89.90
C LEU C 865 -26.91 8.53 -90.15
N ARG C 866 -25.76 7.95 -90.50
CA ARG C 866 -24.54 8.71 -90.74
C ARG C 866 -23.84 8.18 -91.99
N VAL C 867 -23.61 9.07 -92.94
CA VAL C 867 -22.94 8.74 -94.19
C VAL C 867 -21.77 9.71 -94.39
N GLU C 868 -20.58 9.19 -94.65
CA GLU C 868 -19.41 10.01 -94.86
C GLU C 868 -18.57 9.45 -96.01
N ASP C 869 -18.08 10.35 -96.86
CA ASP C 869 -17.18 10.01 -97.95
C ASP C 869 -17.75 8.92 -98.86
N CYS C 870 -19.01 9.08 -99.25
CA CYS C 870 -19.63 8.12 -100.16
C CYS C 870 -20.07 8.84 -101.42
N PRO C 871 -19.16 9.11 -102.36
CA PRO C 871 -19.51 9.86 -103.57
C PRO C 871 -20.30 9.05 -104.59
N ASN C 872 -20.57 7.77 -104.35
CA ASN C 872 -21.32 6.94 -105.27
C ASN C 872 -22.67 6.51 -104.73
N LEU C 873 -23.00 6.84 -103.49
CA LEU C 873 -24.29 6.49 -102.93
C LEU C 873 -25.37 7.37 -103.56
N ARG C 874 -26.31 6.74 -104.27
CA ARG C 874 -27.28 7.48 -105.07
C ARG C 874 -28.65 7.57 -104.43
N SER C 875 -29.01 6.65 -103.55
CA SER C 875 -30.34 6.68 -102.94
C SER C 875 -30.31 5.92 -101.62
N ILE C 876 -31.29 6.22 -100.77
CA ILE C 876 -31.47 5.55 -99.48
C ILE C 876 -32.91 5.12 -99.36
N PRO C 877 -33.16 4.04 -98.59
CA PRO C 877 -34.53 3.57 -98.41
C PRO C 877 -35.40 4.46 -97.54
N LEU C 878 -34.81 5.43 -96.83
CA LEU C 878 -35.60 6.33 -96.00
C LEU C 878 -36.44 7.25 -96.87
N SER C 879 -37.64 7.57 -96.40
CA SER C 879 -38.56 8.42 -97.15
C SER C 879 -39.50 9.11 -96.18
N CYS C 880 -40.17 10.16 -96.68
CA CYS C 880 -41.13 10.91 -95.88
C CYS C 880 -42.44 10.16 -95.64
N THR C 881 -42.62 9.00 -96.27
CA THR C 881 -43.80 8.18 -95.97
C THR C 881 -43.77 7.64 -94.55
N HIS C 882 -42.62 7.74 -93.89
CA HIS C 882 -42.42 7.16 -92.57
C HIS C 882 -43.04 8.05 -91.50
N ASN C 883 -43.28 7.46 -90.33
CA ASN C 883 -43.52 8.25 -89.14
C ASN C 883 -42.24 8.27 -88.29
N TYR C 884 -41.78 9.49 -87.99
CA TYR C 884 -40.50 9.68 -87.33
C TYR C 884 -40.70 10.22 -85.92
N TRP C 885 -40.48 9.37 -84.92
CA TRP C 885 -40.37 9.83 -83.55
C TRP C 885 -39.09 9.28 -82.93
N LYS C 886 -38.72 8.06 -83.31
CA LYS C 886 -37.50 7.45 -82.78
C LYS C 886 -36.25 8.02 -83.43
N LEU C 887 -36.36 8.51 -84.67
CA LEU C 887 -35.19 9.02 -85.38
C LEU C 887 -34.69 10.28 -84.69
N LYS C 888 -33.41 10.27 -84.30
CA LYS C 888 -32.84 11.37 -83.52
C LYS C 888 -32.13 12.39 -84.40
N GLN C 889 -31.19 11.96 -85.23
CA GLN C 889 -30.42 12.88 -86.05
C GLN C 889 -29.89 12.14 -87.25
N ILE C 890 -29.54 12.91 -88.29
CA ILE C 890 -28.89 12.40 -89.49
C ILE C 890 -27.69 13.27 -89.78
N CYS C 891 -26.54 12.64 -90.02
CA CYS C 891 -25.30 13.36 -90.28
C CYS C 891 -24.73 12.91 -91.61
N GLY C 892 -24.24 13.86 -92.40
CA GLY C 892 -23.71 13.53 -93.71
C GLY C 892 -23.25 14.78 -94.44
N SER C 893 -23.01 14.60 -95.74
CA SER C 893 -22.50 15.67 -96.59
C SER C 893 -23.58 16.19 -97.53
N VAL C 894 -23.34 17.39 -98.06
CA VAL C 894 -24.31 18.02 -98.96
C VAL C 894 -24.19 17.46 -100.37
N GLU C 895 -22.99 17.03 -100.78
CA GLU C 895 -22.84 16.40 -102.09
C GLU C 895 -23.65 15.11 -102.16
N TRP C 896 -23.68 14.36 -101.06
CA TRP C 896 -24.54 13.17 -100.98
C TRP C 896 -26.01 13.55 -101.18
N TRP C 897 -26.43 14.67 -100.57
CA TRP C 897 -27.80 15.14 -100.76
C TRP C 897 -28.06 15.51 -102.22
N GLU C 898 -27.07 16.10 -102.90
CA GLU C 898 -27.20 16.37 -104.33
C GLU C 898 -27.35 15.09 -105.12
N LYS C 899 -26.59 14.04 -104.77
CA LYS C 899 -26.66 12.78 -105.49
C LYS C 899 -27.80 11.89 -105.01
N LEU C 900 -28.51 12.28 -103.96
CA LEU C 900 -29.59 11.44 -103.44
C LEU C 900 -30.81 11.49 -104.35
N GLN C 901 -31.35 10.31 -104.66
CA GLN C 901 -32.65 10.22 -105.31
C GLN C 901 -33.76 10.41 -104.27
N TRP C 902 -34.91 10.87 -104.75
CA TRP C 902 -36.02 11.20 -103.86
C TRP C 902 -37.29 10.56 -104.36
N GLU C 903 -38.05 9.96 -103.43
CA GLU C 903 -39.38 9.48 -103.74
C GLU C 903 -40.36 10.62 -103.98
N ASN C 904 -40.18 11.74 -103.29
CA ASN C 904 -40.99 12.94 -103.50
C ASN C 904 -40.07 14.14 -103.55
N ARG C 905 -40.47 15.15 -104.33
CA ARG C 905 -39.66 16.36 -104.43
C ARG C 905 -39.75 17.21 -103.17
N LYS C 906 -40.70 16.91 -102.28
CA LYS C 906 -40.71 17.55 -100.96
C LYS C 906 -39.58 17.03 -100.09
N GLU C 907 -39.08 15.83 -100.38
CA GLU C 907 -38.03 15.23 -99.56
C GLU C 907 -36.71 15.97 -99.69
N VAL C 908 -36.56 16.80 -100.72
CA VAL C 908 -35.33 17.57 -100.90
C VAL C 908 -35.11 18.51 -99.73
N ALA C 909 -36.18 19.17 -99.28
CA ALA C 909 -36.10 20.09 -98.15
C ALA C 909 -36.55 19.48 -96.83
N CYS C 910 -37.52 18.56 -96.86
CA CYS C 910 -38.03 17.97 -95.64
C CYS C 910 -36.97 17.16 -94.91
N LEU C 911 -36.32 16.23 -95.61
CA LEU C 911 -35.29 15.39 -95.01
C LEU C 911 -34.03 16.17 -94.66
N ASP C 912 -33.87 17.38 -95.18
CA ASP C 912 -32.75 18.24 -94.84
C ASP C 912 -33.05 19.02 -93.57
N SER C 913 -34.21 19.68 -93.54
CA SER C 913 -34.56 20.52 -92.41
C SER C 913 -34.94 19.72 -91.17
N LYS C 914 -35.35 18.45 -91.35
CA LYS C 914 -35.79 17.69 -90.19
C LYS C 914 -34.65 17.09 -89.38
N TYR C 915 -33.70 16.41 -90.03
CA TYR C 915 -32.72 15.64 -89.27
C TYR C 915 -31.29 15.80 -89.75
N PHE C 916 -31.08 16.36 -90.94
CA PHE C 916 -29.76 16.37 -91.53
C PHE C 916 -28.83 17.32 -90.77
N ILE C 917 -27.64 16.84 -90.44
CA ILE C 917 -26.59 17.62 -89.79
C ILE C 917 -25.35 17.55 -90.66
N PRO C 918 -24.85 18.69 -91.17
CA PRO C 918 -23.69 18.63 -92.06
C PRO C 918 -22.42 18.22 -91.33
N ILE C 919 -21.50 17.61 -92.08
CA ILE C 919 -20.20 17.23 -91.53
C ILE C 919 -19.17 18.32 -91.83
N LEU D 36 -105.77 75.25 -19.80
CA LEU D 36 -104.60 75.98 -19.31
C LEU D 36 -103.59 75.02 -18.69
N HIS D 37 -102.45 74.85 -19.37
CA HIS D 37 -101.43 73.91 -18.92
C HIS D 37 -100.02 74.48 -19.08
N LEU D 38 -99.88 75.77 -19.40
CA LEU D 38 -98.57 76.31 -19.77
C LEU D 38 -97.60 76.25 -18.61
N LYS D 39 -98.03 76.62 -17.40
CA LYS D 39 -97.11 76.67 -16.27
C LYS D 39 -96.58 75.29 -15.91
N SER D 40 -97.46 74.32 -15.75
CA SER D 40 -97.03 72.96 -15.42
C SER D 40 -96.18 72.37 -16.54
N ASN D 41 -96.57 72.63 -17.79
CA ASN D 41 -95.81 72.06 -18.91
C ASN D 41 -94.42 72.69 -19.02
N TRP D 42 -94.31 73.98 -18.67
CA TRP D 42 -92.99 74.61 -18.68
C TRP D 42 -92.13 74.14 -17.52
N SER D 43 -92.74 73.88 -16.36
CA SER D 43 -91.97 73.27 -15.27
C SER D 43 -91.46 71.89 -15.67
N ASP D 44 -92.31 71.09 -16.33
CA ASP D 44 -91.87 69.80 -16.84
C ASP D 44 -90.76 69.97 -17.88
N LEU D 45 -90.85 71.00 -18.72
CA LEU D 45 -89.80 71.26 -19.69
C LEU D 45 -88.48 71.59 -19.01
N ASP D 46 -88.53 72.37 -17.91
CA ASP D 46 -87.30 72.67 -17.18
C ASP D 46 -86.70 71.42 -16.58
N LYS D 47 -87.53 70.56 -15.99
CA LYS D 47 -87.02 69.29 -15.45
C LYS D 47 -86.40 68.45 -16.55
N ALA D 48 -87.06 68.37 -17.71
CA ALA D 48 -86.54 67.60 -18.83
C ALA D 48 -85.23 68.19 -19.34
N LYS D 49 -85.11 69.51 -19.36
CA LYS D 49 -83.88 70.15 -19.81
C LYS D 49 -82.72 69.81 -18.89
N LYS D 50 -82.95 69.87 -17.58
CA LYS D 50 -81.86 69.53 -16.65
C LYS D 50 -81.48 68.05 -16.77
N LEU D 51 -82.48 67.18 -16.88
CA LEU D 51 -82.17 65.76 -17.03
C LEU D 51 -81.44 65.49 -18.34
N LEU D 52 -81.80 66.21 -19.40
CA LEU D 52 -81.13 66.06 -20.69
C LEU D 52 -79.69 66.54 -20.61
N LEU D 53 -79.43 67.63 -19.88
CA LEU D 53 -78.06 68.05 -19.68
C LEU D 53 -77.26 66.98 -18.94
N ALA D 54 -77.87 66.35 -17.92
CA ALA D 54 -77.16 65.28 -17.21
C ALA D 54 -76.86 64.10 -18.13
N VAL D 55 -77.85 63.69 -18.95
CA VAL D 55 -77.64 62.55 -19.85
C VAL D 55 -76.59 62.88 -20.90
N GLU D 56 -76.62 64.12 -21.41
CA GLU D 56 -75.61 64.54 -22.38
C GLU D 56 -74.22 64.53 -21.77
N THR D 57 -74.10 64.98 -20.52
CA THR D 57 -72.80 64.92 -19.85
C THR D 57 -72.32 63.49 -19.72
N THR D 58 -73.21 62.57 -19.34
CA THR D 58 -72.81 61.17 -19.23
C THR D 58 -72.37 60.62 -20.58
N VAL D 59 -73.12 60.91 -21.64
CA VAL D 59 -72.78 60.39 -22.97
C VAL D 59 -71.47 60.98 -23.46
N ARG D 60 -71.24 62.27 -23.23
CA ARG D 60 -70.00 62.89 -23.65
C ARG D 60 -68.80 62.32 -22.89
N ALA D 61 -68.96 62.07 -21.59
CA ALA D 61 -67.88 61.44 -20.84
C ALA D 61 -67.59 60.04 -21.37
N ARG D 62 -68.64 59.27 -21.67
CA ARG D 62 -68.46 57.93 -22.21
C ARG D 62 -67.77 57.96 -23.57
N VAL D 63 -68.11 58.94 -24.41
CA VAL D 63 -67.49 59.05 -25.72
C VAL D 63 -66.03 59.48 -25.61
N THR D 64 -65.75 60.45 -24.73
CA THR D 64 -64.37 60.87 -24.52
C THR D 64 -63.52 59.73 -23.98
N ALA D 65 -64.13 58.83 -23.19
CA ALA D 65 -63.43 57.62 -22.78
C ALA D 65 -63.12 56.70 -23.96
N GLU D 66 -63.84 56.86 -25.08
CA GLU D 66 -63.59 56.06 -26.28
C GLU D 66 -62.57 56.70 -27.20
N VAL D 67 -62.63 58.02 -27.37
CA VAL D 67 -61.65 58.70 -28.22
C VAL D 67 -60.26 58.60 -27.61
N ASP D 68 -60.17 58.47 -26.28
CA ASP D 68 -58.87 58.27 -25.64
C ASP D 68 -58.24 56.96 -26.08
N LYS D 69 -59.03 55.96 -26.43
CA LYS D 69 -58.55 54.70 -26.98
C LYS D 69 -58.35 54.76 -28.48
N LEU D 70 -58.26 55.96 -29.04
CA LEU D 70 -58.10 56.20 -30.48
C LEU D 70 -59.29 55.75 -31.31
N ASN D 71 -60.39 55.39 -30.66
CA ASN D 71 -61.61 55.07 -31.39
C ASN D 71 -62.29 56.36 -31.87
N ILE D 72 -63.26 56.19 -32.74
CA ILE D 72 -64.04 57.31 -33.25
C ILE D 72 -65.45 57.22 -32.67
N CYS D 73 -66.02 58.39 -32.34
CA CYS D 73 -67.37 58.42 -31.79
C CYS D 73 -68.35 57.74 -32.72
N ASP D 74 -69.22 56.92 -32.15
CA ASP D 74 -70.16 56.14 -32.95
C ASP D 74 -71.10 57.08 -33.71
N PRO D 75 -71.38 56.80 -35.00
CA PRO D 75 -72.17 57.76 -35.79
C PRO D 75 -73.56 58.04 -35.23
N GLN D 76 -74.23 57.04 -34.66
CA GLN D 76 -75.55 57.29 -34.08
C GLN D 76 -75.43 58.16 -32.83
N VAL D 77 -74.43 57.90 -32.00
CA VAL D 77 -74.17 58.76 -30.85
C VAL D 77 -73.82 60.17 -31.31
N GLN D 78 -73.08 60.29 -32.41
CA GLN D 78 -72.74 61.60 -32.95
C GLN D 78 -74.00 62.34 -33.38
N VAL D 79 -74.92 61.65 -34.05
CA VAL D 79 -76.17 62.28 -34.47
C VAL D 79 -76.99 62.73 -33.25
N TRP D 80 -77.06 61.88 -32.23
CA TRP D 80 -77.78 62.24 -31.02
C TRP D 80 -77.17 63.46 -30.35
N LEU D 81 -75.84 63.50 -30.25
CA LEU D 81 -75.16 64.65 -29.65
C LEU D 81 -75.40 65.91 -30.46
N ARG D 82 -75.38 65.80 -31.80
CA ARG D 82 -75.62 66.96 -32.64
C ARG D 82 -77.03 67.50 -32.44
N ARG D 83 -78.01 66.61 -32.33
CA ARG D 83 -79.38 67.06 -32.07
C ARG D 83 -79.49 67.73 -30.71
N VAL D 84 -78.83 67.17 -29.69
CA VAL D 84 -78.83 67.78 -28.37
C VAL D 84 -78.24 69.18 -28.42
N GLU D 85 -77.12 69.33 -29.16
CA GLU D 85 -76.52 70.65 -29.32
C GLU D 85 -77.47 71.61 -30.00
N GLU D 86 -78.14 71.16 -31.06
CA GLU D 86 -79.02 71.99 -31.87
C GLU D 86 -80.34 72.33 -31.18
N LEU D 87 -80.68 71.64 -30.08
CA LEU D 87 -81.98 71.85 -29.44
C LEU D 87 -82.21 73.32 -29.07
N GLN D 88 -81.29 73.93 -28.32
CA GLN D 88 -81.34 75.37 -28.03
C GLN D 88 -82.64 75.79 -27.34
N LEU D 89 -82.83 75.31 -26.11
CA LEU D 89 -84.04 75.63 -25.35
C LEU D 89 -84.03 77.06 -24.80
N ASP D 90 -82.89 77.76 -24.86
CA ASP D 90 -82.82 79.11 -24.33
C ASP D 90 -83.72 80.08 -25.08
N ALA D 91 -83.98 79.82 -26.37
CA ALA D 91 -84.86 80.70 -27.13
C ALA D 91 -86.27 80.69 -26.58
N ILE D 92 -86.84 79.50 -26.39
CA ILE D 92 -88.18 79.40 -25.81
C ILE D 92 -88.17 79.85 -24.36
N ASP D 93 -87.04 79.64 -23.66
CA ASP D 93 -86.93 80.19 -22.30
C ASP D 93 -87.10 81.70 -22.30
N GLU D 94 -86.39 82.40 -23.19
CA GLU D 94 -86.49 83.85 -23.27
C GLU D 94 -87.88 84.28 -23.71
N ASP D 95 -88.48 83.55 -24.66
CA ASP D 95 -89.82 83.89 -25.11
C ASP D 95 -90.83 83.78 -23.99
N TYR D 96 -90.73 82.73 -23.18
CA TYR D 96 -91.62 82.59 -22.02
C TYR D 96 -91.33 83.67 -20.99
N SER D 97 -90.07 84.07 -20.84
CA SER D 97 -89.74 85.16 -19.93
C SER D 97 -90.40 86.47 -20.37
N GLN D 98 -90.38 86.77 -21.67
CA GLN D 98 -91.08 87.96 -22.16
C GLN D 98 -92.59 87.83 -21.98
N LEU D 99 -93.15 86.64 -22.22
CA LEU D 99 -94.58 86.43 -22.00
C LEU D 99 -94.93 86.66 -20.53
N ARG D 100 -94.01 86.34 -19.62
CA ARG D 100 -94.22 86.62 -18.21
C ARG D 100 -94.36 88.13 -17.97
N LYS D 101 -93.57 88.94 -18.66
CA LYS D 101 -93.74 90.38 -18.59
C LYS D 101 -95.05 90.82 -19.23
N TYR D 102 -95.53 90.08 -20.24
CA TYR D 102 -96.85 90.33 -20.80
C TYR D 102 -97.97 89.62 -20.04
N SER D 103 -97.63 88.85 -19.01
CA SER D 103 -98.62 88.02 -18.34
C SER D 103 -99.64 88.84 -17.57
N CYS D 104 -99.25 90.04 -17.11
CA CYS D 104 -100.16 90.86 -16.30
C CYS D 104 -101.43 91.23 -17.05
N LEU D 105 -101.40 91.26 -18.38
CA LEU D 105 -102.57 91.53 -19.20
C LEU D 105 -102.85 90.43 -20.20
N GLY D 106 -102.56 89.18 -19.84
CA GLY D 106 -102.73 88.06 -20.76
C GLY D 106 -104.17 87.79 -21.15
N GLN D 107 -105.13 88.11 -20.28
CA GLN D 107 -106.54 87.91 -20.59
C GLN D 107 -107.01 88.76 -21.75
N CYS D 108 -106.46 89.96 -21.91
CA CYS D 108 -106.80 90.81 -23.05
C CYS D 108 -106.31 90.16 -24.34
N THR D 109 -107.12 90.28 -25.39
CA THR D 109 -106.78 89.65 -26.67
C THR D 109 -105.53 90.26 -27.30
N ILE D 110 -105.13 91.45 -26.88
CA ILE D 110 -103.92 92.06 -27.43
C ILE D 110 -102.68 91.27 -27.02
N HIS D 111 -102.61 90.85 -25.76
CA HIS D 111 -101.45 90.11 -25.26
C HIS D 111 -101.63 88.60 -25.27
N ALA D 112 -102.83 88.10 -25.60
CA ALA D 112 -103.02 86.66 -25.72
C ALA D 112 -102.39 86.10 -26.97
N HIS D 113 -101.93 86.97 -27.89
CA HIS D 113 -101.32 86.51 -29.13
C HIS D 113 -100.06 85.70 -28.86
N ARG D 114 -99.22 86.16 -27.93
CA ARG D 114 -97.98 85.45 -27.64
C ARG D 114 -98.22 84.18 -26.83
N ARG D 115 -99.23 84.19 -25.96
CA ARG D 115 -99.49 83.03 -25.12
C ARG D 115 -99.94 81.83 -25.96
N ALA D 116 -100.63 82.09 -27.08
CA ALA D 116 -101.11 81.01 -27.93
C ALA D 116 -99.96 80.20 -28.51
N SER D 117 -98.91 80.89 -28.98
CA SER D 117 -97.80 80.20 -29.63
C SER D 117 -96.97 79.42 -28.62
N ILE D 118 -96.77 79.98 -27.43
CA ILE D 118 -95.93 79.33 -26.41
C ILE D 118 -96.57 78.03 -25.95
N GLY D 119 -97.90 78.01 -25.84
CA GLY D 119 -98.61 76.83 -25.38
C GLY D 119 -98.40 75.60 -26.22
N ARG D 120 -97.98 75.76 -27.49
CA ARG D 120 -97.61 74.64 -28.34
C ARG D 120 -96.12 74.53 -28.58
N ARG D 121 -95.38 75.65 -28.51
CA ARG D 121 -93.93 75.58 -28.61
C ARG D 121 -93.32 74.84 -27.43
N VAL D 122 -93.93 74.96 -26.25
CA VAL D 122 -93.47 74.22 -25.08
C VAL D 122 -93.58 72.73 -25.33
N LEU D 123 -94.70 72.28 -25.91
CA LEU D 123 -94.85 70.87 -26.25
C LEU D 123 -93.86 70.46 -27.33
N GLU D 124 -93.67 71.31 -28.34
CA GLU D 124 -92.76 71.01 -29.44
C GLU D 124 -91.33 70.86 -28.95
N ALA D 125 -90.96 71.55 -27.88
CA ALA D 125 -89.65 71.35 -27.27
C ALA D 125 -89.63 70.18 -26.30
N LEU D 126 -90.72 69.96 -25.55
CA LEU D 126 -90.72 68.95 -24.50
C LEU D 126 -90.74 67.55 -25.07
N ASP D 127 -91.51 67.31 -26.13
CA ASP D 127 -91.51 65.97 -26.73
C ASP D 127 -90.14 65.62 -27.29
N GLU D 128 -89.47 66.58 -27.94
CA GLU D 128 -88.12 66.35 -28.43
C GLU D 128 -87.16 66.11 -27.28
N ALA D 129 -87.28 66.87 -26.19
CA ALA D 129 -86.40 66.68 -25.05
C ALA D 129 -86.58 65.29 -24.44
N ASN D 130 -87.82 64.83 -24.30
CA ASN D 130 -88.05 63.51 -23.74
C ASN D 130 -87.59 62.39 -24.68
N LYS D 131 -87.76 62.59 -25.99
CA LYS D 131 -87.24 61.60 -26.94
C LYS D 131 -85.72 61.52 -26.86
N LEU D 132 -85.05 62.68 -26.74
CA LEU D 132 -83.60 62.68 -26.57
C LEU D 132 -83.21 62.02 -25.24
N ILE D 133 -84.02 62.22 -24.21
CA ILE D 133 -83.77 61.54 -22.92
C ILE D 133 -83.80 60.03 -23.12
N GLU D 134 -84.86 59.53 -23.76
CA GLU D 134 -85.03 58.09 -23.88
C GLU D 134 -84.14 57.47 -24.95
N GLU D 135 -83.52 58.29 -25.80
CA GLU D 135 -82.55 57.76 -26.77
C GLU D 135 -81.16 57.64 -26.14
N GLY D 136 -80.67 58.73 -25.55
CA GLY D 136 -79.31 58.73 -25.02
C GLY D 136 -79.16 57.86 -23.79
N ARG D 137 -80.26 57.56 -23.11
CA ARG D 137 -80.22 56.65 -21.97
C ARG D 137 -80.18 55.19 -22.41
N ARG D 138 -80.28 54.93 -23.71
CA ARG D 138 -80.42 53.57 -24.23
C ARG D 138 -79.16 53.12 -24.96
N PHE D 139 -78.23 54.02 -25.26
CA PHE D 139 -76.99 53.66 -25.93
C PHE D 139 -76.19 52.67 -25.09
N LYS D 140 -75.53 51.74 -25.78
CA LYS D 140 -74.67 50.75 -25.12
C LYS D 140 -73.27 50.70 -25.67
N LYS D 141 -73.03 51.10 -26.92
CA LYS D 141 -71.68 51.23 -27.46
C LYS D 141 -71.53 52.65 -28.00
N PHE D 142 -70.38 53.25 -27.75
CA PHE D 142 -70.16 54.66 -28.03
C PHE D 142 -69.04 54.92 -29.01
N GLY D 143 -68.30 53.91 -29.43
CA GLY D 143 -67.24 54.11 -30.39
C GLY D 143 -66.96 52.85 -31.18
N PHE D 144 -66.41 53.04 -32.38
CA PHE D 144 -66.03 51.95 -33.26
C PHE D 144 -64.60 52.13 -33.70
N LYS D 145 -63.86 51.03 -33.77
CA LYS D 145 -62.45 51.09 -34.12
C LYS D 145 -62.29 51.44 -35.59
N PRO D 146 -61.60 52.51 -35.93
CA PRO D 146 -61.47 52.90 -37.34
C PRO D 146 -60.57 51.94 -38.11
N LEU D 147 -60.76 51.93 -39.42
CA LEU D 147 -59.93 51.10 -40.28
C LEU D 147 -58.49 51.58 -40.26
N PRO D 148 -57.53 50.68 -40.46
CA PRO D 148 -56.12 51.09 -40.44
C PRO D 148 -55.82 52.13 -41.51
N LYS D 149 -54.93 53.05 -41.19
CA LYS D 149 -54.53 54.08 -42.15
C LYS D 149 -53.80 53.45 -43.33
N ILE D 150 -53.81 54.15 -44.46
CA ILE D 150 -53.07 53.68 -45.63
C ILE D 150 -51.59 53.53 -45.30
N VAL D 151 -51.02 54.56 -44.69
CA VAL D 151 -49.64 54.53 -44.20
C VAL D 151 -49.60 55.29 -42.88
N ASP D 152 -49.09 54.62 -41.85
CA ASP D 152 -48.98 55.25 -40.54
C ASP D 152 -47.59 55.86 -40.36
N PRO D 153 -47.50 57.04 -39.79
CA PRO D 153 -46.20 57.72 -39.69
C PRO D 153 -45.19 56.93 -38.88
N LEU D 154 -43.94 57.02 -39.30
CA LEU D 154 -42.79 56.42 -38.63
C LEU D 154 -41.92 57.51 -38.02
N PRO D 155 -40.99 57.14 -37.12
CA PRO D 155 -40.12 58.15 -36.49
C PRO D 155 -39.52 59.14 -37.46
N GLN D 156 -39.81 60.43 -37.24
CA GLN D 156 -39.38 61.49 -38.15
C GLN D 156 -38.25 62.27 -37.51
N ILE D 157 -37.03 61.77 -37.71
CA ILE D 157 -35.84 62.48 -37.24
C ILE D 157 -35.44 63.55 -38.25
N LYS D 158 -34.55 64.44 -37.83
CA LYS D 158 -34.01 65.47 -38.73
C LYS D 158 -32.93 64.85 -39.60
N THR D 159 -33.13 64.89 -40.91
CA THR D 159 -32.25 64.24 -41.86
C THR D 159 -31.53 65.27 -42.72
N PHE D 160 -30.25 65.04 -42.99
CA PHE D 160 -29.44 65.93 -43.79
C PHE D 160 -28.99 65.23 -45.07
N GLY D 161 -29.12 65.92 -46.19
CA GLY D 161 -28.59 65.42 -47.45
C GLY D 161 -29.20 64.13 -47.93
N LEU D 162 -30.47 63.88 -47.65
CA LEU D 162 -31.14 62.66 -48.08
C LEU D 162 -32.03 62.87 -49.29
N GLU D 163 -32.02 64.06 -49.89
CA GLU D 163 -32.93 64.35 -51.00
C GLU D 163 -32.58 63.54 -52.24
N THR D 164 -31.29 63.41 -52.56
CA THR D 164 -30.90 62.73 -53.79
C THR D 164 -31.22 61.24 -53.74
N MET D 165 -30.90 60.58 -52.64
CA MET D 165 -31.17 59.15 -52.53
C MET D 165 -32.66 58.87 -52.48
N LEU D 166 -33.42 59.71 -51.77
CA LEU D 166 -34.87 59.56 -51.77
C LEU D 166 -35.44 59.78 -53.16
N SER D 167 -34.87 60.71 -53.91
CA SER D 167 -35.30 60.92 -55.29
C SER D 167 -35.02 59.70 -56.16
N GLN D 168 -33.85 59.08 -55.98
CA GLN D 168 -33.55 57.85 -56.72
C GLN D 168 -34.52 56.74 -56.36
N LEU D 169 -34.80 56.57 -55.07
CA LEU D 169 -35.73 55.53 -54.63
C LEU D 169 -37.12 55.77 -55.19
N TYR D 170 -37.57 57.03 -55.19
CA TYR D 170 -38.88 57.33 -55.76
C TYR D 170 -38.89 57.16 -57.26
N ASP D 171 -37.79 57.45 -57.94
CA ASP D 171 -37.71 57.21 -59.37
C ASP D 171 -37.85 55.74 -59.71
N LEU D 172 -37.23 54.87 -58.92
CA LEU D 172 -37.43 53.44 -59.11
C LEU D 172 -38.85 53.02 -58.74
N PHE D 173 -39.37 53.54 -57.63
CA PHE D 173 -40.66 53.09 -57.12
C PHE D 173 -41.80 53.46 -58.08
N GLU D 174 -41.77 54.68 -58.61
CA GLU D 174 -42.84 55.15 -59.49
C GLU D 174 -42.76 54.55 -60.89
N LYS D 175 -41.58 54.25 -61.39
CA LYS D 175 -41.40 54.01 -62.82
C LYS D 175 -40.67 52.69 -63.10
N GLY D 176 -39.98 52.15 -62.11
CA GLY D 176 -39.23 50.93 -62.32
C GLY D 176 -40.11 49.78 -62.75
N ASP D 177 -39.58 48.96 -63.66
CA ASP D 177 -40.35 47.85 -64.21
C ASP D 177 -40.54 46.72 -63.22
N SER D 178 -39.51 46.38 -62.45
CA SER D 178 -39.58 45.30 -61.48
C SER D 178 -40.29 45.77 -60.22
N ASN D 179 -41.11 44.89 -59.65
CA ASN D 179 -41.90 45.21 -58.47
C ASN D 179 -41.17 44.91 -57.16
N ILE D 180 -40.00 44.30 -57.23
CA ILE D 180 -39.16 44.07 -56.06
C ILE D 180 -37.94 44.97 -56.16
N ILE D 181 -37.78 45.86 -55.18
CA ILE D 181 -36.72 46.87 -55.20
C ILE D 181 -35.80 46.61 -54.02
N GLY D 182 -34.50 46.61 -54.29
CA GLY D 182 -33.52 46.40 -53.24
C GLY D 182 -32.60 47.57 -53.03
N VAL D 183 -32.41 47.97 -51.78
CA VAL D 183 -31.51 49.04 -51.41
C VAL D 183 -30.40 48.45 -50.54
N TRP D 184 -29.16 48.66 -50.93
CA TRP D 184 -28.02 48.07 -50.23
C TRP D 184 -26.98 49.13 -49.93
N GLY D 185 -26.29 48.94 -48.82
CA GLY D 185 -25.27 49.87 -48.36
C GLY D 185 -24.64 49.43 -47.05
N GLN D 186 -23.52 50.05 -46.67
CA GLN D 186 -22.80 49.65 -45.47
C GLN D 186 -23.62 49.96 -44.21
N GLY D 187 -23.24 49.36 -43.09
CA GLY D 187 -23.92 49.61 -41.84
C GLY D 187 -23.86 51.06 -41.41
N GLY D 188 -25.01 51.63 -41.06
CA GLY D 188 -25.06 53.01 -40.62
C GLY D 188 -25.11 54.04 -41.72
N VAL D 189 -25.21 53.63 -42.98
CA VAL D 189 -25.25 54.60 -44.06
C VAL D 189 -26.59 55.33 -44.15
N GLY D 190 -27.66 54.73 -43.63
CA GLY D 190 -28.94 55.41 -43.62
C GLY D 190 -30.07 54.67 -44.33
N LYS D 191 -29.99 53.35 -44.41
CA LYS D 191 -31.03 52.60 -45.11
C LYS D 191 -32.35 52.62 -44.34
N THR D 192 -32.30 52.34 -43.04
CA THR D 192 -33.51 52.36 -42.22
C THR D 192 -34.10 53.76 -42.15
N THR D 193 -33.24 54.77 -42.00
CA THR D 193 -33.73 56.14 -42.00
C THR D 193 -34.32 56.51 -43.36
N LEU D 194 -33.73 56.02 -44.45
CA LEU D 194 -34.32 56.22 -45.77
C LEU D 194 -35.70 55.61 -45.84
N LEU D 195 -35.87 54.41 -45.29
CA LEU D 195 -37.17 53.75 -45.33
C LEU D 195 -38.18 54.51 -44.47
N HIS D 196 -37.76 55.03 -43.33
CA HIS D 196 -38.66 55.84 -42.50
C HIS D 196 -39.10 57.09 -43.24
N VAL D 197 -38.16 57.80 -43.87
CA VAL D 197 -38.52 59.03 -44.55
C VAL D 197 -39.28 58.74 -45.84
N PHE D 198 -39.17 57.53 -46.37
CA PHE D 198 -39.93 57.16 -47.55
C PHE D 198 -41.37 56.80 -47.18
N ASN D 199 -41.53 56.04 -46.10
CA ASN D 199 -42.88 55.70 -45.62
C ASN D 199 -43.61 56.96 -45.18
N ASN D 200 -42.92 57.86 -44.49
CA ASN D 200 -43.55 59.11 -44.06
C ASN D 200 -43.83 60.03 -45.24
N ASP D 201 -43.09 59.88 -46.34
CA ASP D 201 -43.33 60.70 -47.52
C ASP D 201 -44.54 60.23 -48.31
N LEU D 202 -44.87 58.95 -48.25
CA LEU D 202 -46.03 58.44 -48.96
C LEU D 202 -47.33 59.06 -48.50
N GLU D 203 -47.48 59.31 -47.19
CA GLU D 203 -48.69 59.92 -46.66
C GLU D 203 -48.86 61.37 -47.10
N LYS D 204 -47.84 61.98 -47.68
CA LYS D 204 -47.93 63.35 -48.21
C LYS D 204 -48.41 63.38 -49.65
N LYS D 205 -47.95 62.45 -50.49
CA LYS D 205 -48.32 62.48 -51.89
C LYS D 205 -49.60 61.68 -52.13
N ALA D 206 -49.97 61.58 -53.40
CA ALA D 206 -51.12 60.79 -53.83
C ALA D 206 -50.61 59.54 -54.54
N HIS D 207 -51.16 58.39 -54.17
CA HIS D 207 -50.73 57.12 -54.72
C HIS D 207 -51.91 56.16 -54.72
N ASP D 208 -51.80 55.12 -55.56
CA ASP D 208 -52.88 54.17 -55.73
C ASP D 208 -52.84 53.03 -54.72
N TYR D 209 -51.78 52.93 -53.93
CA TYR D 209 -51.60 51.80 -53.03
C TYR D 209 -52.54 51.90 -51.84
N GLN D 210 -52.84 50.75 -51.25
CA GLN D 210 -53.84 50.67 -50.19
C GLN D 210 -53.26 50.40 -48.80
N VAL D 211 -52.13 49.70 -48.71
CA VAL D 211 -51.47 49.49 -47.43
C VAL D 211 -49.97 49.64 -47.63
N VAL D 212 -49.30 50.31 -46.69
CA VAL D 212 -47.85 50.43 -46.67
C VAL D 212 -47.36 49.83 -45.36
N ILE D 213 -46.74 48.65 -45.45
CA ILE D 213 -46.36 47.87 -44.29
C ILE D 213 -44.85 47.96 -44.12
N PHE D 214 -44.41 48.30 -42.91
CA PHE D 214 -42.99 48.33 -42.57
C PHE D 214 -42.70 47.16 -41.63
N ILE D 215 -41.82 46.27 -42.07
CA ILE D 215 -41.54 45.03 -41.36
C ILE D 215 -40.05 45.01 -41.03
N GLU D 216 -39.72 44.65 -39.80
CA GLU D 216 -38.33 44.58 -39.34
C GLU D 216 -37.89 43.12 -39.32
N VAL D 217 -37.01 42.75 -40.25
CA VAL D 217 -36.37 41.45 -40.19
C VAL D 217 -35.01 41.54 -39.50
N SER D 218 -34.60 42.75 -39.12
CA SER D 218 -33.32 42.98 -38.45
C SER D 218 -33.23 42.28 -37.11
N ASN D 219 -34.39 41.90 -36.55
CA ASN D 219 -34.43 41.29 -35.23
C ASN D 219 -33.52 40.06 -35.16
N SER D 220 -33.54 39.23 -36.20
CA SER D 220 -32.72 38.04 -36.22
C SER D 220 -32.52 37.58 -37.65
N GLU D 221 -31.55 36.69 -37.84
CA GLU D 221 -31.41 35.96 -39.09
C GLU D 221 -32.27 34.69 -39.08
N ALA D 222 -32.92 34.41 -37.96
CA ALA D 222 -33.76 33.22 -37.83
C ALA D 222 -35.17 33.43 -38.36
N LEU D 223 -35.48 34.63 -38.87
CA LEU D 223 -36.77 34.88 -39.50
C LEU D 223 -37.93 34.65 -38.53
N ASN D 224 -38.10 35.54 -37.56
CA ASN D 224 -39.16 35.40 -36.57
C ASN D 224 -40.51 35.58 -37.27
N THR D 225 -40.99 34.46 -37.82
CA THR D 225 -42.17 34.47 -38.68
C THR D 225 -43.40 34.95 -37.93
N VAL D 226 -43.54 34.55 -36.66
CA VAL D 226 -44.75 34.88 -35.91
C VAL D 226 -44.92 36.40 -35.79
N GLU D 227 -43.84 37.11 -35.48
CA GLU D 227 -43.90 38.56 -35.34
C GLU D 227 -44.20 39.25 -36.67
N ILE D 228 -43.60 38.77 -37.77
CA ILE D 228 -43.86 39.36 -39.07
C ILE D 228 -45.32 39.16 -39.47
N GLN D 229 -45.85 37.96 -39.22
CA GLN D 229 -47.26 37.71 -39.50
C GLN D 229 -48.16 38.55 -38.60
N GLN D 230 -47.76 38.76 -37.35
CA GLN D 230 -48.51 39.66 -36.47
C GLN D 230 -48.56 41.06 -37.06
N THR D 231 -47.42 41.56 -37.53
CA THR D 231 -47.38 42.91 -38.11
C THR D 231 -48.26 43.00 -39.35
N ILE D 232 -48.20 42.00 -40.22
CA ILE D 232 -49.00 42.03 -41.44
C ILE D 232 -50.48 41.96 -41.11
N SER D 233 -50.87 41.06 -40.20
CA SER D 233 -52.28 40.93 -39.85
C SER D 233 -52.82 42.18 -39.16
N GLU D 234 -52.06 42.74 -38.22
CA GLU D 234 -52.45 43.97 -37.57
C GLU D 234 -52.57 45.11 -38.58
N ARG D 235 -51.71 45.12 -39.60
CA ARG D 235 -51.77 46.15 -40.63
C ARG D 235 -52.87 45.90 -41.65
N LEU D 236 -53.42 44.69 -41.70
CA LEU D 236 -54.50 44.35 -42.60
C LEU D 236 -55.86 44.29 -41.92
N ASN D 237 -55.96 44.75 -40.68
CA ASN D 237 -57.20 44.70 -39.90
C ASN D 237 -57.72 43.28 -39.77
N LEU D 238 -56.82 42.31 -39.64
CA LEU D 238 -57.22 40.92 -39.50
C LEU D 238 -57.20 40.50 -38.03
N PRO D 239 -58.08 39.58 -37.64
CA PRO D 239 -58.01 39.05 -36.27
C PRO D 239 -56.84 38.10 -36.11
N TRP D 240 -56.24 38.13 -34.92
CA TRP D 240 -55.07 37.30 -34.65
C TRP D 240 -55.52 35.98 -34.04
N ASN D 241 -55.57 34.94 -34.87
CA ASN D 241 -55.86 33.58 -34.40
C ASN D 241 -54.54 32.99 -33.92
N ASP D 242 -54.33 33.04 -32.60
CA ASP D 242 -53.01 32.71 -32.04
C ASP D 242 -52.65 31.25 -32.28
N ALA D 243 -53.63 30.35 -32.17
CA ALA D 243 -53.34 28.92 -32.27
C ALA D 243 -53.24 28.42 -33.70
N GLU D 244 -53.48 29.28 -34.68
CA GLU D 244 -53.42 28.85 -36.07
C GLU D 244 -51.98 28.47 -36.45
N PRO D 245 -51.78 27.39 -37.18
CA PRO D 245 -50.43 27.02 -37.62
C PRO D 245 -49.84 28.05 -38.56
N ILE D 246 -48.51 28.14 -38.56
CA ILE D 246 -47.82 29.19 -39.32
C ILE D 246 -48.04 29.01 -40.81
N ALA D 247 -48.03 27.76 -41.29
CA ALA D 247 -48.24 27.53 -42.72
C ALA D 247 -49.64 27.94 -43.16
N LYS D 248 -50.66 27.61 -42.36
CA LYS D 248 -52.02 28.01 -42.69
C LYS D 248 -52.17 29.52 -42.67
N ARG D 249 -51.56 30.18 -41.68
CA ARG D 249 -51.60 31.64 -41.64
C ARG D 249 -50.91 32.25 -42.85
N ALA D 250 -49.78 31.67 -43.28
CA ALA D 250 -49.11 32.18 -44.46
C ALA D 250 -49.97 32.02 -45.70
N ARG D 251 -50.63 30.87 -45.84
CA ARG D 251 -51.53 30.67 -46.98
C ARG D 251 -52.69 31.67 -46.94
N PHE D 252 -53.20 31.96 -45.74
CA PHE D 252 -54.27 32.93 -45.61
C PHE D 252 -53.80 34.33 -45.97
N LEU D 253 -52.60 34.71 -45.51
CA LEU D 253 -52.07 36.04 -45.79
C LEU D 253 -51.76 36.23 -47.27
N ILE D 254 -51.30 35.17 -47.95
CA ILE D 254 -51.05 35.26 -49.39
C ILE D 254 -52.34 35.66 -50.12
N LYS D 255 -53.47 35.09 -49.71
CA LYS D 255 -54.75 35.48 -50.29
C LYS D 255 -55.16 36.88 -49.85
N ALA D 256 -54.94 37.21 -48.57
CA ALA D 256 -55.36 38.52 -48.07
C ALA D 256 -54.59 39.64 -48.73
N LEU D 257 -53.27 39.49 -48.86
CA LEU D 257 -52.46 40.54 -49.47
C LEU D 257 -52.67 40.58 -50.98
N GLY D 258 -53.11 39.48 -51.57
CA GLY D 258 -53.35 39.45 -53.01
C GLY D 258 -54.53 40.28 -53.44
N ARG D 259 -55.40 40.68 -52.51
CA ARG D 259 -56.57 41.47 -52.81
C ARG D 259 -56.31 42.98 -52.74
N LYS D 260 -55.12 43.40 -52.32
CA LYS D 260 -54.81 44.80 -52.11
C LYS D 260 -53.51 45.17 -52.79
N ARG D 261 -53.42 46.42 -53.23
CA ARG D 261 -52.19 46.96 -53.79
C ARG D 261 -51.26 47.39 -52.66
N PHE D 262 -50.42 46.49 -52.18
CA PHE D 262 -49.63 46.73 -50.99
C PHE D 262 -48.24 47.24 -51.34
N VAL D 263 -47.62 47.90 -50.36
CA VAL D 263 -46.19 48.21 -50.38
C VAL D 263 -45.61 47.71 -49.08
N ILE D 264 -44.71 46.73 -49.15
CA ILE D 264 -44.08 46.15 -47.97
C ILE D 264 -42.64 46.62 -47.93
N LEU D 265 -42.28 47.29 -46.85
CA LEU D 265 -40.92 47.77 -46.62
C LEU D 265 -40.21 46.79 -45.71
N LEU D 266 -39.27 46.04 -46.27
CA LEU D 266 -38.61 44.94 -45.58
C LEU D 266 -37.25 45.47 -45.13
N ASP D 267 -37.05 45.61 -43.82
CA ASP D 267 -35.89 46.31 -43.29
C ASP D 267 -34.82 45.33 -42.82
N ASP D 268 -33.61 45.49 -43.36
CA ASP D 268 -32.41 44.81 -42.88
C ASP D 268 -32.57 43.29 -42.90
N VAL D 269 -32.76 42.76 -44.10
CA VAL D 269 -32.74 41.30 -44.27
C VAL D 269 -31.30 40.83 -44.33
N ARG D 270 -30.99 39.81 -43.52
CA ARG D 270 -29.62 39.32 -43.41
C ARG D 270 -29.42 37.95 -44.04
N LYS D 271 -30.49 37.24 -44.39
CA LYS D 271 -30.41 35.98 -45.11
C LYS D 271 -31.54 35.92 -46.12
N LYS D 272 -31.35 35.10 -47.15
CA LYS D 272 -32.44 34.83 -48.08
C LYS D 272 -33.54 34.05 -47.38
N PHE D 273 -34.77 34.52 -47.53
CA PHE D 273 -35.91 33.81 -46.97
C PHE D 273 -37.04 33.84 -48.00
N CYS D 274 -37.88 32.81 -47.95
CA CYS D 274 -38.98 32.68 -48.89
C CYS D 274 -40.16 33.53 -48.42
N LEU D 275 -40.65 34.39 -49.32
CA LEU D 275 -41.75 35.29 -48.96
C LEU D 275 -43.04 34.52 -48.73
N GLU D 276 -43.32 33.52 -49.55
CA GLU D 276 -44.56 32.77 -49.43
C GLU D 276 -44.64 31.96 -48.14
N ASP D 277 -43.52 31.69 -47.48
CA ASP D 277 -43.57 30.97 -46.22
C ASP D 277 -43.82 31.90 -45.04
N VAL D 278 -43.68 33.22 -45.25
CA VAL D 278 -44.00 34.17 -44.20
C VAL D 278 -45.37 34.80 -44.43
N GLY D 279 -45.96 34.61 -45.61
CA GLY D 279 -47.30 35.11 -45.88
C GLY D 279 -47.34 36.22 -46.90
N ILE D 280 -46.18 36.66 -47.37
CA ILE D 280 -46.08 37.74 -48.33
C ILE D 280 -46.06 37.15 -49.74
N PRO D 281 -46.99 37.52 -50.61
CA PRO D 281 -46.91 37.07 -52.01
C PRO D 281 -45.88 37.90 -52.76
N THR D 282 -45.06 37.22 -53.56
CA THR D 282 -44.09 37.94 -54.37
C THR D 282 -44.81 38.75 -55.44
N PRO D 283 -44.58 40.05 -55.52
CA PRO D 283 -45.24 40.85 -56.56
C PRO D 283 -44.69 40.54 -57.94
N ASP D 284 -45.57 40.64 -58.93
CA ASP D 284 -45.22 40.37 -60.31
C ASP D 284 -45.70 41.49 -61.19
N ILE D 285 -45.43 41.37 -62.49
CA ILE D 285 -45.79 42.41 -63.45
C ILE D 285 -47.29 42.64 -63.46
N ASN D 286 -48.08 41.57 -63.43
CA ASN D 286 -49.54 41.68 -63.44
C ASN D 286 -50.08 42.48 -62.26
N SER D 287 -49.41 42.43 -61.11
CA SER D 287 -49.87 43.11 -59.91
C SER D 287 -49.19 44.47 -59.79
N GLN D 288 -49.93 45.43 -59.23
CA GLN D 288 -49.41 46.77 -58.99
C GLN D 288 -48.56 46.85 -57.73
N SER D 289 -48.64 45.84 -56.86
CA SER D 289 -47.97 45.88 -55.57
C SER D 289 -46.46 45.96 -55.72
N LYS D 290 -45.82 46.59 -54.74
CA LYS D 290 -44.37 46.74 -54.70
C LYS D 290 -43.83 46.11 -53.42
N LEU D 291 -42.52 45.93 -53.39
CA LEU D 291 -41.83 45.35 -52.24
C LEU D 291 -40.41 45.88 -52.22
N ILE D 292 -40.06 46.62 -51.17
CA ILE D 292 -38.75 47.25 -51.03
C ILE D 292 -38.04 46.62 -49.85
N LEU D 293 -36.85 46.07 -50.10
CA LEU D 293 -36.07 45.42 -49.07
C LEU D 293 -34.68 46.07 -48.98
N THR D 294 -34.15 46.12 -47.76
CA THR D 294 -32.84 46.69 -47.51
C THR D 294 -31.94 45.65 -46.86
N SER D 295 -30.66 45.69 -47.22
CA SER D 295 -29.68 44.76 -46.68
C SER D 295 -28.29 45.35 -46.87
N ARG D 296 -27.39 44.99 -45.96
CA ARG D 296 -25.99 45.37 -46.13
C ARG D 296 -25.31 44.60 -47.26
N TYR D 297 -25.89 43.49 -47.68
CA TYR D 297 -25.25 42.56 -48.62
C TYR D 297 -25.95 42.63 -49.97
N ARG D 298 -25.17 42.87 -51.02
CA ARG D 298 -25.71 42.78 -52.37
C ARG D 298 -26.08 41.35 -52.72
N GLU D 299 -25.42 40.37 -52.11
CA GLU D 299 -25.75 38.97 -52.38
C GLU D 299 -27.16 38.63 -51.93
N VAL D 300 -27.59 39.19 -50.79
CA VAL D 300 -28.95 38.94 -50.33
C VAL D 300 -29.97 39.59 -51.26
N CYS D 301 -29.71 40.82 -51.69
CA CYS D 301 -30.63 41.49 -52.60
C CYS D 301 -30.71 40.78 -53.94
N PHE D 302 -29.63 40.11 -54.36
CA PHE D 302 -29.69 39.31 -55.58
C PHE D 302 -30.46 38.02 -55.36
N GLN D 303 -30.32 37.42 -54.18
CA GLN D 303 -31.02 36.17 -53.91
C GLN D 303 -32.53 36.37 -53.84
N MET D 304 -32.97 37.56 -53.43
CA MET D 304 -34.39 37.87 -53.32
C MET D 304 -34.97 38.46 -54.60
N ASN D 305 -34.38 38.17 -55.74
CA ASN D 305 -34.89 38.56 -57.06
C ASN D 305 -35.01 40.07 -57.22
N ALA D 306 -34.12 40.84 -56.59
CA ALA D 306 -34.10 42.29 -56.75
C ALA D 306 -32.91 42.77 -57.59
N GLN D 307 -32.36 41.90 -58.44
CA GLN D 307 -31.15 42.27 -59.19
C GLN D 307 -31.41 43.40 -60.18
N ARG D 308 -32.58 43.43 -60.81
CA ARG D 308 -32.83 44.40 -61.86
C ARG D 308 -33.24 45.77 -61.33
N SER D 309 -33.43 45.92 -60.02
CA SER D 309 -33.81 47.20 -59.43
C SER D 309 -32.98 47.51 -58.18
N LEU D 310 -31.66 47.34 -58.26
CA LEU D 310 -30.81 47.56 -57.10
C LEU D 310 -30.40 49.02 -57.00
N ILE D 311 -30.39 49.53 -55.77
CA ILE D 311 -29.93 50.88 -55.45
C ILE D 311 -28.84 50.79 -54.39
N GLU D 312 -27.75 51.52 -54.60
CA GLU D 312 -26.65 51.55 -53.66
C GLU D 312 -26.76 52.79 -52.79
N MET D 313 -26.82 52.59 -51.47
CA MET D 313 -26.93 53.69 -50.51
C MET D 313 -25.53 54.22 -50.23
N GLN D 314 -25.21 55.33 -50.87
CA GLN D 314 -23.87 55.91 -50.76
C GLN D 314 -23.75 56.77 -49.52
N ILE D 315 -22.50 57.02 -49.11
CA ILE D 315 -22.25 57.82 -47.92
C ILE D 315 -22.60 59.28 -48.18
N LEU D 316 -22.67 60.04 -47.09
CA LEU D 316 -23.10 61.43 -47.16
C LEU D 316 -22.03 62.30 -47.83
N GLY D 317 -22.47 63.42 -48.39
CA GLY D 317 -21.56 64.32 -49.06
C GLY D 317 -20.69 65.10 -48.11
N ASN D 318 -19.75 65.87 -48.68
CA ASN D 318 -18.81 66.62 -47.86
C ASN D 318 -19.50 67.68 -47.02
N ASP D 319 -20.45 68.41 -47.62
CA ASP D 319 -21.11 69.51 -46.92
C ASP D 319 -22.19 68.99 -45.97
N ALA D 320 -22.99 68.03 -46.44
CA ALA D 320 -24.06 67.49 -45.61
C ALA D 320 -23.53 66.79 -44.38
N SER D 321 -22.41 66.08 -44.52
CA SER D 321 -21.73 65.51 -43.35
C SER D 321 -21.36 66.59 -42.33
N TRP D 322 -20.83 67.72 -42.78
CA TRP D 322 -20.47 68.78 -41.85
C TRP D 322 -21.70 69.36 -41.16
N GLU D 323 -22.76 69.66 -41.90
CA GLU D 323 -23.91 70.26 -41.24
C GLU D 323 -24.65 69.23 -40.37
N LEU D 324 -24.43 67.94 -40.62
CA LEU D 324 -24.92 66.92 -39.70
C LEU D 324 -24.08 66.94 -38.42
N PHE D 325 -22.77 67.10 -38.57
CA PHE D 325 -21.89 67.15 -37.41
C PHE D 325 -22.20 68.36 -36.54
N LEU D 326 -22.48 69.51 -37.16
CA LEU D 326 -22.74 70.72 -36.40
C LEU D 326 -23.99 70.59 -35.54
N SER D 327 -25.05 69.97 -36.06
CA SER D 327 -26.28 69.85 -35.30
C SER D 327 -26.13 68.93 -34.09
N LYS D 328 -25.05 68.16 -34.03
CA LYS D 328 -24.81 67.25 -32.92
C LYS D 328 -24.09 67.90 -31.75
N LEU D 329 -23.63 69.13 -31.90
CA LEU D 329 -22.86 69.80 -30.87
C LEU D 329 -23.76 70.70 -30.02
N SER D 330 -23.31 70.95 -28.78
CA SER D 330 -24.05 71.82 -27.88
C SER D 330 -24.02 73.27 -28.39
N THR D 331 -24.77 74.13 -27.70
CA THR D 331 -24.92 75.51 -28.16
C THR D 331 -23.61 76.26 -28.15
N GLU D 332 -22.91 76.26 -27.02
CA GLU D 332 -21.65 76.99 -26.92
C GLU D 332 -20.56 76.34 -27.77
N THR D 333 -20.52 75.00 -27.77
CA THR D 333 -19.54 74.30 -28.61
C THR D 333 -19.77 74.60 -30.08
N SER D 334 -21.03 74.63 -30.52
CA SER D 334 -21.32 74.99 -31.91
C SER D 334 -20.93 76.44 -32.19
N ALA D 335 -21.27 77.35 -31.28
CA ALA D 335 -20.89 78.75 -31.46
C ALA D 335 -19.38 78.93 -31.48
N ALA D 336 -18.63 77.98 -30.91
CA ALA D 336 -17.18 78.06 -30.98
C ALA D 336 -16.65 77.71 -32.36
N VAL D 337 -17.32 76.78 -33.07
CA VAL D 337 -16.78 76.24 -34.31
C VAL D 337 -17.62 76.58 -35.53
N GLU D 338 -18.89 76.99 -35.37
CA GLU D 338 -19.72 77.25 -36.55
C GLU D 338 -19.41 78.60 -37.20
N PRO D 339 -19.42 79.73 -36.48
CA PRO D 339 -19.33 81.02 -37.17
C PRO D 339 -18.02 81.22 -37.92
N LEU D 340 -18.11 81.96 -39.02
CA LEU D 340 -16.95 82.34 -39.81
C LEU D 340 -16.81 83.86 -39.77
N GLY D 341 -15.90 84.37 -40.57
CA GLY D 341 -15.49 85.76 -40.48
C GLY D 341 -14.39 85.92 -39.46
N SER D 342 -14.62 85.44 -38.24
CA SER D 342 -13.56 85.24 -37.27
C SER D 342 -12.90 83.89 -37.52
N GLN D 343 -11.59 83.91 -37.76
CA GLN D 343 -10.87 82.74 -38.23
C GLN D 343 -9.98 82.19 -37.12
N SER D 344 -10.12 80.91 -36.85
CA SER D 344 -9.30 80.23 -35.86
C SER D 344 -9.20 78.75 -36.24
N ALA D 345 -8.18 78.09 -35.70
CA ALA D 345 -7.91 76.70 -36.06
C ALA D 345 -8.91 75.72 -35.46
N THR D 346 -9.80 76.17 -34.56
CA THR D 346 -10.78 75.26 -33.99
C THR D 346 -11.75 74.75 -35.05
N ARG D 347 -12.09 75.60 -36.01
CA ARG D 347 -12.93 75.15 -37.12
C ARG D 347 -12.21 74.08 -37.93
N GLU D 348 -10.91 74.26 -38.17
CA GLU D 348 -10.14 73.27 -38.90
C GLU D 348 -10.08 71.95 -38.14
N HIS D 349 -9.91 72.01 -36.81
CA HIS D 349 -9.88 70.78 -36.02
C HIS D 349 -11.24 70.07 -36.03
N ALA D 350 -12.33 70.83 -35.91
CA ALA D 350 -13.66 70.24 -35.98
C ALA D 350 -13.91 69.61 -37.34
N MET D 351 -13.49 70.28 -38.40
CA MET D 351 -13.66 69.72 -39.74
C MET D 351 -12.81 68.47 -39.94
N LYS D 352 -11.60 68.44 -39.36
CA LYS D 352 -10.80 67.22 -39.43
C LYS D 352 -11.49 66.07 -38.71
N ILE D 353 -12.07 66.33 -37.54
CA ILE D 353 -12.80 65.30 -36.81
C ILE D 353 -13.99 64.82 -37.65
N ALA D 354 -14.71 65.75 -38.27
CA ALA D 354 -15.86 65.38 -39.10
C ALA D 354 -15.42 64.53 -40.29
N GLN D 355 -14.32 64.91 -40.94
CA GLN D 355 -13.83 64.14 -42.09
C GLN D 355 -13.33 62.77 -41.66
N SER D 356 -12.86 62.63 -40.42
CA SER D 356 -12.44 61.32 -39.93
C SER D 356 -13.59 60.32 -39.86
N CYS D 357 -14.84 60.79 -39.90
CA CYS D 357 -15.99 59.89 -39.89
C CYS D 357 -16.33 59.31 -41.25
N GLY D 358 -15.72 59.83 -42.32
CA GLY D 358 -15.93 59.26 -43.64
C GLY D 358 -17.32 59.46 -44.21
N GLY D 359 -18.08 60.41 -43.67
CA GLY D 359 -19.41 60.66 -44.18
C GLY D 359 -20.44 59.61 -43.81
N LEU D 360 -20.13 58.73 -42.87
CA LEU D 360 -21.06 57.69 -42.46
C LEU D 360 -21.97 58.26 -41.38
N PRO D 361 -23.28 58.33 -41.60
CA PRO D 361 -24.17 58.98 -40.62
C PRO D 361 -24.09 58.39 -39.22
N LEU D 362 -23.93 57.07 -39.09
CA LEU D 362 -23.80 56.48 -37.76
C LEU D 362 -22.53 56.97 -37.08
N ALA D 363 -21.40 56.94 -37.79
CA ALA D 363 -20.16 57.45 -37.23
C ALA D 363 -20.26 58.94 -36.95
N LEU D 364 -20.90 59.69 -37.85
CA LEU D 364 -21.09 61.12 -37.62
C LEU D 364 -21.85 61.36 -36.33
N ASN D 365 -22.96 60.64 -36.12
CA ASN D 365 -23.75 60.82 -34.91
C ASN D 365 -22.94 60.48 -33.66
N VAL D 366 -22.24 59.33 -33.68
CA VAL D 366 -21.52 58.89 -32.49
C VAL D 366 -20.40 59.87 -32.16
N ILE D 367 -19.61 60.27 -33.17
CA ILE D 367 -18.49 61.17 -32.93
C ILE D 367 -18.97 62.54 -32.50
N GLY D 368 -19.99 63.08 -33.16
CA GLY D 368 -20.52 64.38 -32.77
C GLY D 368 -21.08 64.39 -31.36
N THR D 369 -21.76 63.32 -30.97
CA THR D 369 -22.24 63.22 -29.60
C THR D 369 -21.08 63.13 -28.61
N ALA D 370 -20.03 62.39 -28.98
CA ALA D 370 -18.88 62.26 -28.09
C ALA D 370 -18.19 63.59 -27.83
N VAL D 371 -18.06 64.42 -28.87
CA VAL D 371 -17.33 65.68 -28.76
C VAL D 371 -18.30 66.85 -28.71
N ALA D 372 -19.54 66.59 -28.31
CA ALA D 372 -20.56 67.64 -28.28
C ALA D 372 -20.28 68.69 -27.21
N GLY D 373 -19.40 68.41 -26.25
CA GLY D 373 -19.16 69.33 -25.17
C GLY D 373 -17.73 69.80 -25.05
N LEU D 374 -16.95 69.66 -26.11
CA LEU D 374 -15.57 70.09 -26.09
C LEU D 374 -15.48 71.62 -26.06
N GLU D 375 -14.66 72.14 -25.16
CA GLU D 375 -14.41 73.58 -25.15
C GLU D 375 -13.30 73.93 -26.14
N GLU D 376 -13.05 75.23 -26.26
CA GLU D 376 -12.08 75.71 -27.25
C GLU D 376 -10.69 75.14 -27.01
N GLY D 377 -10.37 74.83 -25.76
CA GLY D 377 -9.01 74.47 -25.38
C GLY D 377 -8.50 73.17 -25.98
N GLU D 378 -9.35 72.16 -26.12
CA GLU D 378 -8.87 70.83 -26.50
C GLU D 378 -9.50 70.29 -27.78
N TRP D 379 -9.93 71.16 -28.69
CA TRP D 379 -10.25 70.69 -30.04
C TRP D 379 -9.01 70.16 -30.75
N GLN D 380 -7.86 70.80 -30.53
CA GLN D 380 -6.63 70.42 -31.21
C GLN D 380 -6.20 69.00 -30.85
N SER D 381 -6.15 68.68 -29.55
CA SER D 381 -5.69 67.37 -29.13
C SER D 381 -6.65 66.28 -29.58
N ALA D 382 -7.96 66.52 -29.46
CA ALA D 382 -8.95 65.54 -29.90
C ALA D 382 -8.86 65.30 -31.40
N ALA D 383 -8.70 66.37 -32.18
CA ALA D 383 -8.56 66.23 -33.62
C ALA D 383 -7.28 65.47 -33.99
N ASP D 384 -6.18 65.75 -33.29
CA ASP D 384 -4.93 65.05 -33.57
C ASP D 384 -5.05 63.56 -33.25
N ALA D 385 -5.72 63.22 -32.15
CA ALA D 385 -5.80 61.83 -31.74
C ALA D 385 -6.81 61.05 -32.59
N ILE D 386 -7.86 61.74 -33.06
CA ILE D 386 -8.90 61.05 -33.84
C ILE D 386 -8.37 60.60 -35.19
N ALA D 387 -7.30 61.22 -35.68
CA ALA D 387 -6.75 60.87 -36.97
C ALA D 387 -6.05 59.51 -36.97
N THR D 388 -5.71 58.97 -35.80
CA THR D 388 -4.96 57.73 -35.71
C THR D 388 -5.70 56.60 -35.02
N ASN D 389 -6.59 56.90 -34.07
CA ASN D 389 -7.22 55.86 -33.29
C ASN D 389 -8.61 56.32 -32.85
N MET D 390 -9.47 55.34 -32.54
CA MET D 390 -10.82 55.63 -32.10
C MET D 390 -11.27 54.73 -30.94
N ASP D 391 -10.33 54.28 -30.10
CA ASP D 391 -10.73 53.42 -28.99
C ASP D 391 -10.98 54.23 -27.72
N ASN D 392 -10.43 55.44 -27.62
CA ASN D 392 -10.54 56.26 -26.44
C ASN D 392 -11.73 57.22 -26.49
N ILE D 393 -12.56 57.14 -27.51
CA ILE D 393 -13.66 58.08 -27.72
C ILE D 393 -14.98 57.41 -27.35
N ASP D 394 -15.85 58.17 -26.69
CA ASP D 394 -17.06 57.60 -26.11
C ASP D 394 -18.03 57.12 -27.19
N GLY D 395 -18.65 55.96 -26.94
CA GLY D 395 -19.71 55.45 -27.77
C GLY D 395 -19.28 54.72 -29.03
N VAL D 396 -17.99 54.75 -29.36
CA VAL D 396 -17.54 54.10 -30.59
C VAL D 396 -17.45 52.59 -30.40
N ASP D 397 -17.28 52.13 -29.15
CA ASP D 397 -17.27 50.70 -28.89
C ASP D 397 -18.57 50.03 -29.34
N GLU D 398 -19.71 50.61 -28.98
CA GLU D 398 -20.99 50.05 -29.41
C GLU D 398 -21.24 50.27 -30.89
N MET D 399 -20.66 51.32 -31.49
CA MET D 399 -20.74 51.48 -32.93
C MET D 399 -20.05 50.33 -33.66
N PHE D 400 -18.84 49.99 -33.21
CA PHE D 400 -18.15 48.83 -33.79
C PHE D 400 -18.88 47.54 -33.47
N GLY D 401 -19.50 47.43 -32.29
CA GLY D 401 -20.32 46.26 -32.01
C GLY D 401 -21.48 46.14 -32.96
N ARG D 402 -22.08 47.26 -33.35
CA ARG D 402 -23.17 47.25 -34.32
C ARG D 402 -22.67 46.89 -35.72
N LEU D 403 -21.51 47.42 -36.12
CA LEU D 403 -21.00 47.14 -37.46
C LEU D 403 -20.32 45.78 -37.55
N LYS D 404 -20.09 45.12 -36.41
CA LYS D 404 -19.26 43.91 -36.39
C LYS D 404 -19.97 42.72 -37.01
N TYR D 405 -21.30 42.76 -37.15
CA TYR D 405 -22.01 41.58 -37.65
C TYR D 405 -21.58 41.25 -39.08
N SER D 406 -21.38 42.28 -39.92
CA SER D 406 -20.91 42.04 -41.28
C SER D 406 -19.58 41.29 -41.31
N PHE D 407 -18.77 41.44 -40.27
CA PHE D 407 -17.52 40.69 -40.15
C PHE D 407 -17.72 39.31 -39.56
N ASP D 408 -18.62 39.18 -38.58
CA ASP D 408 -18.89 37.89 -37.98
C ASP D 408 -19.57 36.95 -38.96
N ARG D 409 -20.28 37.50 -39.95
CA ARG D 409 -20.93 36.67 -40.96
C ARG D 409 -19.91 35.92 -41.81
N LEU D 410 -18.69 36.43 -41.91
CA LEU D 410 -17.71 35.88 -42.85
C LEU D 410 -17.18 34.53 -42.37
N THR D 411 -16.68 33.75 -43.33
CA THR D 411 -15.93 32.55 -43.03
C THR D 411 -14.56 32.94 -42.49
N PRO D 412 -13.89 32.04 -41.75
CA PRO D 412 -12.58 32.40 -41.19
C PRO D 412 -11.56 32.83 -42.22
N THR D 413 -11.56 32.22 -43.41
CA THR D 413 -10.65 32.67 -44.46
C THR D 413 -10.96 34.11 -44.88
N GLN D 414 -12.24 34.42 -45.04
CA GLN D 414 -12.63 35.79 -45.39
C GLN D 414 -12.31 36.75 -44.26
N GLN D 415 -12.45 36.31 -43.01
CA GLN D 415 -12.09 37.14 -41.87
C GLN D 415 -10.60 37.47 -41.88
N GLN D 416 -9.76 36.47 -42.15
CA GLN D 416 -8.32 36.71 -42.21
C GLN D 416 -7.97 37.60 -43.39
N CYS D 417 -8.65 37.41 -44.53
CA CYS D 417 -8.38 38.24 -45.70
C CYS D 417 -8.79 39.69 -45.47
N PHE D 418 -9.86 39.91 -44.71
CA PHE D 418 -10.29 41.27 -44.41
C PHE D 418 -9.34 41.96 -43.44
N LEU D 419 -8.93 41.24 -42.39
CA LEU D 419 -7.97 41.79 -41.45
C LEU D 419 -6.62 42.08 -42.11
N TYR D 420 -6.23 41.23 -43.07
CA TYR D 420 -4.99 41.44 -43.80
C TYR D 420 -5.02 42.76 -44.56
N CYS D 421 -6.19 43.16 -45.07
CA CYS D 421 -6.30 44.38 -45.83
C CYS D 421 -6.19 45.64 -44.97
N THR D 422 -6.28 45.51 -43.64
CA THR D 422 -6.30 46.69 -42.78
C THR D 422 -4.92 47.30 -42.57
N LEU D 423 -3.85 46.60 -42.91
CA LEU D 423 -2.50 47.09 -42.67
C LEU D 423 -1.92 47.86 -43.86
N PHE D 424 -2.72 48.12 -44.88
CA PHE D 424 -2.31 48.99 -45.96
C PHE D 424 -2.55 50.45 -45.57
N PRO D 425 -1.84 51.39 -46.19
CA PRO D 425 -1.96 52.79 -45.77
C PRO D 425 -3.38 53.32 -45.94
N GLU D 426 -3.78 54.18 -44.99
CA GLU D 426 -5.11 54.77 -45.03
C GLU D 426 -5.22 55.73 -46.20
N TYR D 427 -6.45 55.87 -46.73
CA TYR D 427 -6.76 56.68 -47.91
C TYR D 427 -5.97 56.26 -49.14
N GLY D 428 -5.56 54.99 -49.22
CA GLY D 428 -4.79 54.52 -50.36
C GLY D 428 -5.43 53.29 -50.99
N SER D 429 -5.74 53.40 -52.28
CA SER D 429 -6.28 52.27 -53.02
C SER D 429 -5.18 51.23 -53.27
N ILE D 430 -5.56 49.96 -53.18
CA ILE D 430 -4.65 48.85 -53.41
C ILE D 430 -5.20 47.98 -54.52
N SER D 431 -4.31 47.30 -55.24
CA SER D 431 -4.71 46.51 -56.39
C SER D 431 -5.14 45.11 -55.98
N LYS D 432 -6.09 44.54 -56.72
CA LYS D 432 -6.56 43.20 -56.42
C LYS D 432 -5.47 42.17 -56.62
N GLU D 433 -4.65 42.33 -57.67
CA GLU D 433 -3.63 41.33 -57.98
C GLU D 433 -2.59 41.24 -56.87
N GLN D 434 -2.13 42.39 -56.35
CA GLN D 434 -1.17 42.37 -55.26
C GLN D 434 -1.72 41.67 -54.04
N LEU D 435 -2.96 42.00 -53.66
CA LEU D 435 -3.58 41.42 -52.49
C LEU D 435 -3.77 39.91 -52.65
N ILE D 436 -4.18 39.49 -53.85
CA ILE D 436 -4.38 38.06 -54.10
C ILE D 436 -3.03 37.34 -54.07
N GLY D 437 -1.97 37.99 -54.55
CA GLY D 437 -0.64 37.39 -54.43
C GLY D 437 -0.22 37.21 -52.98
N TYR D 438 -0.44 38.25 -52.17
CA TYR D 438 -0.13 38.14 -50.74
C TYR D 438 -0.91 37.01 -50.09
N TRP D 439 -2.20 36.90 -50.42
CA TRP D 439 -3.01 35.83 -49.85
C TRP D 439 -2.57 34.45 -50.31
N LEU D 440 -2.21 34.32 -51.58
CA LEU D 440 -1.71 33.05 -52.11
C LEU D 440 -0.44 32.64 -51.38
N ALA D 441 0.47 33.58 -51.17
CA ALA D 441 1.70 33.28 -50.43
C ALA D 441 1.40 32.93 -48.98
N GLU D 442 0.48 33.66 -48.34
CA GLU D 442 0.20 33.46 -46.93
C GLU D 442 -0.45 32.12 -46.65
N GLY D 443 -0.97 31.45 -47.67
CA GLY D 443 -1.65 30.18 -47.48
C GLY D 443 -3.14 30.28 -47.23
N LEU D 444 -3.69 31.49 -47.20
CA LEU D 444 -5.14 31.64 -47.07
C LEU D 444 -5.88 31.04 -48.26
N LEU D 445 -5.32 31.19 -49.46
CA LEU D 445 -5.87 30.60 -50.67
C LEU D 445 -5.14 29.28 -50.94
N LEU D 446 -5.90 28.23 -51.24
CA LEU D 446 -5.32 26.93 -51.55
C LEU D 446 -4.78 26.92 -52.98
N ASN D 447 -3.79 27.79 -53.21
CA ASN D 447 -3.13 27.96 -54.50
C ASN D 447 -4.10 28.29 -55.63
N ASP D 448 -5.19 29.00 -55.31
CA ASP D 448 -6.20 29.37 -56.29
C ASP D 448 -6.37 30.88 -56.29
N SER D 449 -6.12 31.51 -57.44
CA SER D 449 -6.32 32.95 -57.55
C SER D 449 -7.79 33.32 -57.66
N GLU D 450 -8.58 32.49 -58.34
CA GLU D 450 -10.02 32.75 -58.41
C GLU D 450 -10.67 32.72 -57.04
N LYS D 451 -10.14 31.92 -56.10
CA LYS D 451 -10.63 31.97 -54.74
C LYS D 451 -10.38 33.33 -54.11
N GLY D 452 -9.21 33.92 -54.38
CA GLY D 452 -8.94 35.27 -53.89
C GLY D 452 -9.87 36.29 -54.51
N TYR D 453 -10.13 36.16 -55.82
CA TYR D 453 -11.10 37.05 -56.45
C TYR D 453 -12.49 36.89 -55.86
N GLN D 454 -12.90 35.65 -55.56
CA GLN D 454 -14.19 35.43 -54.92
C GLN D 454 -14.24 36.06 -53.53
N ILE D 455 -13.14 35.95 -52.77
CA ILE D 455 -13.10 36.56 -51.45
C ILE D 455 -13.21 38.08 -51.55
N ILE D 456 -12.49 38.67 -52.50
CA ILE D 456 -12.57 40.12 -52.70
C ILE D 456 -13.98 40.53 -53.08
N ARG D 457 -14.61 39.77 -53.97
CA ARG D 457 -15.97 40.08 -54.38
C ARG D 457 -16.96 39.93 -53.24
N SER D 458 -16.78 38.92 -52.39
CA SER D 458 -17.64 38.74 -51.22
C SER D 458 -17.48 39.91 -50.25
N LEU D 459 -16.25 40.36 -50.03
CA LEU D 459 -16.02 41.51 -49.16
C LEU D 459 -16.64 42.76 -49.75
N VAL D 460 -16.55 42.94 -51.06
CA VAL D 460 -17.17 44.10 -51.71
C VAL D 460 -18.69 44.04 -51.58
N SER D 461 -19.28 42.84 -51.72
CA SER D 461 -20.72 42.70 -51.62
C SER D 461 -21.23 42.87 -50.19
N ALA D 462 -20.37 42.73 -49.18
CA ALA D 462 -20.75 42.97 -47.79
C ALA D 462 -20.41 44.39 -47.34
N CYS D 463 -19.96 45.24 -48.26
CA CYS D 463 -19.59 46.63 -48.01
C CYS D 463 -18.37 46.77 -47.10
N LEU D 464 -17.65 45.68 -46.84
CA LEU D 464 -16.43 45.78 -46.05
C LEU D 464 -15.31 46.44 -46.84
N LEU D 465 -15.14 46.04 -48.09
CA LEU D 465 -14.25 46.71 -49.02
C LEU D 465 -15.04 47.56 -50.01
N GLN D 466 -14.32 48.36 -50.78
CA GLN D 466 -14.93 49.20 -51.80
C GLN D 466 -14.11 49.12 -53.07
N VAL D 467 -14.78 48.91 -54.19
CA VAL D 467 -14.12 48.95 -55.49
C VAL D 467 -14.08 50.40 -55.96
N SER D 468 -12.87 50.91 -56.21
CA SER D 468 -12.73 52.32 -56.52
C SER D 468 -11.45 52.59 -57.32
N GLY D 469 -11.47 53.63 -58.13
CA GLY D 469 -10.30 54.00 -58.91
C GLY D 469 -10.70 54.31 -60.34
N SER D 470 -9.69 54.62 -61.14
CA SER D 470 -9.90 54.77 -62.58
C SER D 470 -10.32 53.47 -63.23
N MET D 471 -10.04 52.33 -62.59
CA MET D 471 -10.48 51.03 -63.04
C MET D 471 -10.83 50.20 -61.81
N SER D 472 -11.71 49.22 -62.01
CA SER D 472 -12.16 48.38 -60.90
C SER D 472 -11.09 47.42 -60.39
N SER D 473 -9.87 47.50 -60.91
CA SER D 473 -8.80 46.62 -60.44
C SER D 473 -8.28 47.00 -59.06
N LYS D 474 -8.67 48.16 -58.52
CA LYS D 474 -8.22 48.62 -57.22
C LYS D 474 -9.35 48.57 -56.21
N VAL D 475 -9.07 48.03 -55.03
CA VAL D 475 -10.01 48.03 -53.93
C VAL D 475 -9.47 48.95 -52.84
N LYS D 476 -10.35 49.29 -51.90
CA LYS D 476 -9.97 50.13 -50.77
C LYS D 476 -10.95 49.88 -49.63
N MET D 477 -10.68 50.52 -48.49
CA MET D 477 -11.47 50.37 -47.29
C MET D 477 -11.96 51.73 -46.82
N HIS D 478 -13.23 51.79 -46.43
CA HIS D 478 -13.75 53.00 -45.80
C HIS D 478 -13.06 53.23 -44.47
N HIS D 479 -12.91 54.50 -44.09
CA HIS D 479 -12.13 54.85 -42.91
C HIS D 479 -12.70 54.19 -41.66
N VAL D 480 -14.02 54.26 -41.49
CA VAL D 480 -14.66 53.64 -40.33
C VAL D 480 -14.50 52.13 -40.38
N ILE D 481 -14.56 51.54 -41.57
CA ILE D 481 -14.36 50.10 -41.67
C ILE D 481 -12.93 49.72 -41.34
N ARG D 482 -11.95 50.54 -41.74
CA ARG D 482 -10.57 50.27 -41.36
C ARG D 482 -10.38 50.38 -39.84
N GLN D 483 -11.02 51.37 -39.23
CA GLN D 483 -10.97 51.48 -37.77
C GLN D 483 -11.61 50.27 -37.10
N LEU D 484 -12.71 49.77 -37.67
CA LEU D 484 -13.33 48.56 -37.17
C LEU D 484 -12.38 47.37 -37.29
N GLY D 485 -11.66 47.27 -38.40
CA GLY D 485 -10.69 46.19 -38.57
C GLY D 485 -9.57 46.26 -37.55
N LEU D 486 -9.04 47.47 -37.33
CA LEU D 486 -7.99 47.64 -36.33
C LEU D 486 -8.50 47.31 -34.93
N TRP D 487 -9.74 47.73 -34.63
CA TRP D 487 -10.33 47.41 -33.33
C TRP D 487 -10.51 45.91 -33.15
N LEU D 488 -10.94 45.21 -34.20
CA LEU D 488 -11.07 43.76 -34.14
C LEU D 488 -9.72 43.09 -33.96
N VAL D 489 -8.68 43.61 -34.62
CA VAL D 489 -7.33 43.08 -34.45
C VAL D 489 -6.89 43.25 -33.00
N ASN D 490 -7.13 44.42 -32.43
CA ASN D 490 -6.79 44.67 -31.03
C ASN D 490 -7.55 43.74 -30.11
N LYS D 491 -8.84 43.49 -30.39
CA LYS D 491 -9.62 42.56 -29.60
C LYS D 491 -9.14 41.12 -29.75
N SER D 492 -8.46 40.80 -30.85
CA SER D 492 -7.97 39.45 -31.07
C SER D 492 -6.62 39.25 -30.37
N ASP D 493 -6.33 37.99 -30.02
CA ASP D 493 -5.08 37.69 -29.34
C ASP D 493 -3.90 37.66 -30.31
N THR D 494 -4.15 37.54 -31.60
CA THR D 494 -3.09 37.56 -32.62
C THR D 494 -2.79 39.02 -32.96
N LYS D 495 -1.79 39.57 -32.27
CA LYS D 495 -1.48 40.98 -32.41
C LYS D 495 -0.87 41.28 -33.77
N PHE D 496 -1.26 42.43 -34.33
CA PHE D 496 -0.63 42.98 -35.51
C PHE D 496 0.17 44.22 -35.14
N LEU D 497 1.18 44.53 -35.94
CA LEU D 497 1.89 45.79 -35.86
C LEU D 497 1.59 46.57 -37.13
N VAL D 498 0.67 47.53 -37.02
CA VAL D 498 0.15 48.23 -38.19
C VAL D 498 0.47 49.71 -38.09
N GLN D 499 1.55 50.14 -38.74
CA GLN D 499 1.91 51.56 -38.80
C GLN D 499 2.27 52.00 -40.22
N PRO D 500 1.32 51.92 -41.16
CA PRO D 500 1.59 52.44 -42.50
C PRO D 500 1.05 53.86 -42.67
N GLY D 501 1.65 54.58 -43.60
CA GLY D 501 1.12 55.86 -44.04
C GLY D 501 1.06 56.93 -42.97
N MET D 502 1.77 56.72 -41.87
CA MET D 502 1.77 57.70 -40.79
C MET D 502 2.90 58.72 -40.91
N ALA D 503 3.63 58.71 -42.03
CA ALA D 503 4.79 59.58 -42.24
C ALA D 503 5.82 59.40 -41.13
N LEU D 504 6.07 58.15 -40.77
CA LEU D 504 7.06 57.86 -39.74
C LEU D 504 8.45 58.19 -40.25
N ASP D 505 9.20 58.97 -39.47
CA ASP D 505 10.55 59.36 -39.85
C ASP D 505 11.61 58.37 -39.37
N ASN D 506 11.26 57.44 -38.49
CA ASN D 506 12.18 56.44 -38.00
C ASN D 506 11.41 55.19 -37.64
N ALA D 507 12.11 54.06 -37.64
CA ALA D 507 11.46 52.78 -37.37
C ALA D 507 10.94 52.74 -35.94
N PRO D 508 9.88 51.98 -35.68
CA PRO D 508 9.37 51.87 -34.31
C PRO D 508 10.30 51.04 -33.44
N SER D 509 10.04 51.07 -32.14
CA SER D 509 10.86 50.34 -31.18
C SER D 509 10.78 48.84 -31.46
N ALA D 510 11.93 48.18 -31.34
CA ALA D 510 12.01 46.75 -31.65
C ALA D 510 11.29 45.88 -30.63
N GLU D 511 10.87 46.44 -29.49
CA GLU D 511 10.13 45.65 -28.51
C GLU D 511 8.73 45.33 -29.01
N GLU D 512 8.12 46.23 -29.79
CA GLU D 512 6.76 46.01 -30.28
C GLU D 512 6.68 44.89 -31.30
N TRP D 513 7.81 44.42 -31.82
CA TRP D 513 7.85 43.41 -32.87
C TRP D 513 7.85 41.99 -32.32
N ASN D 514 7.71 41.81 -31.00
CA ASN D 514 7.89 40.49 -30.42
C ASN D 514 6.75 39.54 -30.78
N GLU D 515 5.53 39.86 -30.35
CA GLU D 515 4.41 38.95 -30.51
C GLU D 515 3.58 39.22 -31.76
N ALA D 516 3.84 40.31 -32.47
CA ALA D 516 3.06 40.64 -33.65
C ALA D 516 3.32 39.63 -34.76
N THR D 517 2.25 39.26 -35.48
CA THR D 517 2.34 38.30 -36.58
C THR D 517 2.42 38.99 -37.94
N ARG D 518 1.74 40.11 -38.10
CA ARG D 518 1.78 40.89 -39.33
C ARG D 518 2.43 42.24 -39.06
N ILE D 519 3.45 42.58 -39.85
CA ILE D 519 4.15 43.84 -39.73
C ILE D 519 3.97 44.63 -41.02
N SER D 520 3.60 45.90 -40.88
CA SER D 520 3.40 46.77 -42.03
C SER D 520 3.80 48.19 -41.68
N ILE D 521 4.83 48.69 -42.37
CA ILE D 521 5.30 50.05 -42.18
C ILE D 521 5.35 50.76 -43.53
N MET D 522 4.45 50.37 -44.43
CA MET D 522 4.35 50.93 -45.77
C MET D 522 4.26 52.45 -45.79
N SER D 523 4.69 53.05 -46.90
CA SER D 523 4.54 54.48 -47.19
C SER D 523 5.17 55.39 -46.13
N ASN D 524 5.97 54.83 -45.24
CA ASN D 524 6.70 55.66 -44.30
C ASN D 524 7.98 56.20 -44.92
N ASN D 525 8.51 57.24 -44.29
CA ASN D 525 9.77 57.84 -44.71
C ASN D 525 10.98 57.24 -44.01
N ILE D 526 10.91 55.95 -43.65
CA ILE D 526 11.97 55.27 -42.93
C ILE D 526 13.29 55.44 -43.66
N THR D 527 14.33 55.85 -42.93
CA THR D 527 15.66 56.04 -43.50
C THR D 527 16.66 54.97 -43.09
N GLU D 528 16.52 54.42 -41.89
CA GLU D 528 17.47 53.43 -41.39
C GLU D 528 16.72 52.34 -40.63
N LEU D 529 17.12 51.09 -40.88
CA LEU D 529 16.59 49.93 -40.20
C LEU D 529 17.77 49.14 -39.65
N SER D 530 18.20 49.50 -38.43
CA SER D 530 19.49 49.06 -37.91
C SER D 530 19.40 48.02 -36.80
N PHE D 531 18.21 47.75 -36.27
CA PHE D 531 18.12 46.78 -35.19
C PHE D 531 17.84 45.38 -35.76
N SER D 532 17.86 44.38 -34.89
CA SER D 532 17.48 43.02 -35.24
C SER D 532 16.37 42.58 -34.31
N PRO D 533 15.10 42.60 -34.75
CA PRO D 533 13.99 42.34 -33.85
C PRO D 533 13.80 40.86 -33.56
N LYS D 534 13.00 40.59 -32.52
CA LYS D 534 12.66 39.23 -32.10
C LYS D 534 11.38 38.74 -32.75
N CYS D 535 11.33 38.69 -34.07
CA CYS D 535 10.10 38.40 -34.80
C CYS D 535 9.88 36.91 -35.00
N LYS D 536 9.76 36.15 -33.92
CA LYS D 536 9.57 34.71 -34.02
C LYS D 536 8.25 34.35 -34.70
N ASN D 537 7.17 35.03 -34.35
CA ASN D 537 5.83 34.67 -34.80
C ASN D 537 5.43 35.36 -36.10
N VAL D 538 6.27 36.24 -36.63
CA VAL D 538 5.90 37.04 -37.80
C VAL D 538 5.69 36.15 -39.02
N THR D 539 4.59 36.39 -39.74
CA THR D 539 4.33 35.73 -41.00
C THR D 539 4.16 36.68 -42.18
N THR D 540 4.45 37.97 -42.02
CA THR D 540 4.29 38.93 -43.11
C THR D 540 5.06 40.21 -42.79
N LEU D 541 5.90 40.63 -43.74
CA LEU D 541 6.63 41.89 -43.64
C LEU D 541 6.37 42.71 -44.89
N LEU D 542 5.93 43.96 -44.72
CA LEU D 542 5.70 44.88 -45.82
C LEU D 542 6.48 46.16 -45.56
N MET D 543 7.21 46.63 -46.58
CA MET D 543 7.95 47.88 -46.51
C MET D 543 7.80 48.69 -47.78
N GLN D 544 6.66 48.56 -48.46
CA GLN D 544 6.46 49.25 -49.73
C GLN D 544 6.52 50.76 -49.56
N ASN D 545 6.99 51.44 -50.60
CA ASN D 545 7.00 52.90 -50.69
C ASN D 545 7.78 53.56 -49.56
N ASN D 546 8.91 52.97 -49.16
CA ASN D 546 9.84 53.65 -48.27
C ASN D 546 10.97 54.24 -49.12
N PRO D 547 10.84 55.51 -49.53
CA PRO D 547 11.78 56.04 -50.53
C PRO D 547 13.19 56.24 -50.04
N ASN D 548 13.41 56.37 -48.73
CA ASN D 548 14.74 56.65 -48.20
C ASN D 548 15.37 55.46 -47.48
N LEU D 549 14.66 54.34 -47.36
CA LEU D 549 15.21 53.17 -46.69
C LEU D 549 16.23 52.51 -47.60
N ASN D 550 17.51 52.74 -47.32
CA ASN D 550 18.59 52.18 -48.12
C ASN D 550 19.60 51.38 -47.32
N LYS D 551 19.60 51.48 -46.00
CA LYS D 551 20.50 50.72 -45.16
C LYS D 551 19.70 49.84 -44.23
N MET D 552 20.11 48.58 -44.12
CA MET D 552 19.47 47.61 -43.25
C MET D 552 20.52 46.85 -42.47
N SER D 553 20.17 46.49 -41.23
CA SER D 553 21.09 45.73 -40.40
C SER D 553 21.30 44.34 -40.99
N TYR D 554 22.56 43.93 -41.11
CA TYR D 554 22.85 42.58 -41.57
C TYR D 554 22.45 41.58 -40.49
N GLY D 555 21.92 40.44 -40.93
CA GLY D 555 21.30 39.53 -39.99
C GLY D 555 19.94 39.97 -39.51
N PHE D 556 19.25 40.81 -40.29
CA PHE D 556 17.93 41.29 -39.90
C PHE D 556 16.91 40.16 -39.89
N PHE D 557 17.06 39.22 -40.83
CA PHE D 557 16.09 38.15 -41.02
C PHE D 557 16.40 36.90 -40.22
N ARG D 558 17.30 36.98 -39.23
CA ARG D 558 17.72 35.78 -38.50
C ARG D 558 16.57 35.19 -37.69
N THR D 559 15.68 36.03 -37.17
CA THR D 559 14.54 35.58 -36.39
C THR D 559 13.28 35.39 -37.22
N MET D 560 13.39 35.39 -38.55
CA MET D 560 12.24 35.30 -39.43
C MET D 560 11.99 33.89 -39.96
N SER D 561 12.21 32.88 -39.12
CA SER D 561 12.10 31.48 -39.53
C SER D 561 10.67 31.10 -39.92
N SER D 562 9.73 32.05 -39.87
CA SER D 562 8.38 31.76 -40.31
C SER D 562 7.81 32.86 -41.21
N LEU D 563 8.62 33.82 -41.66
CA LEU D 563 8.14 34.87 -42.55
C LEU D 563 7.74 34.27 -43.89
N LYS D 564 6.55 34.63 -44.38
CA LYS D 564 6.05 34.09 -45.63
C LYS D 564 5.96 35.11 -46.74
N VAL D 565 5.64 36.36 -46.41
CA VAL D 565 5.54 37.44 -47.39
C VAL D 565 6.51 38.54 -47.01
N LEU D 566 7.34 38.96 -47.97
CA LEU D 566 8.34 40.00 -47.73
C LEU D 566 8.31 40.96 -48.91
N ASP D 567 7.95 42.21 -48.64
CA ASP D 567 7.86 43.24 -49.67
C ASP D 567 8.85 44.36 -49.36
N LEU D 568 9.73 44.64 -50.31
CA LEU D 568 10.63 45.78 -50.23
C LEU D 568 10.50 46.62 -51.50
N SER D 569 9.28 46.76 -51.99
CA SER D 569 9.00 47.45 -53.24
C SER D 569 9.13 48.95 -53.06
N HIS D 570 9.61 49.61 -54.11
CA HIS D 570 9.74 51.07 -54.14
C HIS D 570 10.57 51.59 -52.97
N THR D 571 11.63 50.87 -52.63
CA THR D 571 12.53 51.26 -51.55
C THR D 571 13.91 51.50 -52.14
N ALA D 572 14.78 52.11 -51.33
CA ALA D 572 16.07 52.58 -51.80
C ALA D 572 17.23 51.65 -51.50
N ILE D 573 16.98 50.43 -51.03
CA ILE D 573 18.07 49.52 -50.70
C ILE D 573 18.79 49.11 -51.98
N THR D 574 20.11 48.95 -51.88
CA THR D 574 20.91 48.41 -52.98
C THR D 574 21.41 47.01 -52.68
N SER D 575 21.35 46.56 -51.43
CA SER D 575 21.80 45.23 -51.05
C SER D 575 20.81 44.66 -50.04
N LEU D 576 20.76 43.34 -49.97
CA LEU D 576 19.85 42.65 -49.08
C LEU D 576 20.64 41.82 -48.06
N PRO D 577 20.23 41.80 -46.80
CA PRO D 577 20.91 40.95 -45.81
C PRO D 577 20.73 39.48 -46.14
N GLU D 578 21.64 38.65 -45.63
CA GLU D 578 21.56 37.22 -45.87
C GLU D 578 20.26 36.66 -45.31
N CYS D 579 19.70 35.68 -46.02
CA CYS D 579 18.38 35.17 -45.70
C CYS D 579 18.37 33.65 -45.59
N ASP D 580 19.45 33.06 -45.07
CA ASP D 580 19.48 31.62 -44.89
C ASP D 580 18.46 31.13 -43.87
N ALA D 581 18.00 32.03 -42.99
CA ALA D 581 17.00 31.66 -41.99
C ALA D 581 15.57 31.71 -42.52
N LEU D 582 15.37 32.22 -43.75
CA LEU D 582 14.03 32.26 -44.34
C LEU D 582 13.66 30.88 -44.88
N VAL D 583 13.38 29.95 -43.97
CA VAL D 583 13.13 28.57 -44.38
C VAL D 583 11.75 28.40 -45.01
N ALA D 584 10.84 29.34 -44.79
CA ALA D 584 9.47 29.18 -45.25
C ALA D 584 8.96 30.34 -46.10
N LEU D 585 9.83 31.26 -46.51
CA LEU D 585 9.39 32.38 -47.33
C LEU D 585 8.92 31.88 -48.69
N GLU D 586 7.76 32.37 -49.13
CA GLU D 586 7.17 31.97 -50.41
C GLU D 586 6.98 33.13 -51.37
N HIS D 587 7.03 34.37 -50.89
CA HIS D 587 6.84 35.54 -51.72
C HIS D 587 7.91 36.55 -51.36
N LEU D 588 8.53 37.15 -52.39
CA LEU D 588 9.56 38.16 -52.18
C LEU D 588 9.50 39.15 -53.34
N ASN D 589 9.01 40.35 -53.07
CA ASN D 589 8.83 41.37 -54.09
C ASN D 589 9.90 42.43 -53.91
N LEU D 590 10.64 42.72 -54.98
CA LEU D 590 11.64 43.78 -55.00
C LEU D 590 11.50 44.66 -56.23
N SER D 591 10.29 45.15 -56.51
CA SER D 591 10.08 46.03 -57.64
C SER D 591 10.57 47.44 -57.33
N HIS D 592 11.08 48.11 -58.36
CA HIS D 592 11.40 49.53 -58.31
C HIS D 592 12.48 49.89 -57.30
N THR D 593 13.17 48.90 -56.75
CA THR D 593 14.24 49.17 -55.80
C THR D 593 15.60 49.13 -56.52
N HIS D 594 16.61 49.70 -55.86
CA HIS D 594 17.94 49.84 -56.43
C HIS D 594 18.85 48.66 -56.13
N ILE D 595 18.31 47.48 -55.88
CA ILE D 595 19.13 46.29 -55.65
C ILE D 595 19.94 46.02 -56.92
N MET D 596 21.25 45.84 -56.77
CA MET D 596 22.11 45.61 -57.92
C MET D 596 22.52 44.16 -58.07
N ARG D 597 22.72 43.44 -56.97
CA ARG D 597 23.01 42.02 -57.02
C ARG D 597 22.15 41.31 -55.97
N LEU D 598 21.69 40.11 -56.31
CA LEU D 598 20.82 39.35 -55.44
C LEU D 598 21.64 38.28 -54.74
N PRO D 599 21.66 38.25 -53.40
CA PRO D 599 22.59 37.36 -52.69
C PRO D 599 22.33 35.89 -53.02
N GLU D 600 23.41 35.10 -52.99
CA GLU D 600 23.36 33.70 -53.38
C GLU D 600 22.65 32.81 -52.37
N ARG D 601 22.32 33.33 -51.19
CA ARG D 601 21.54 32.53 -50.24
C ARG D 601 20.13 32.30 -50.72
N LEU D 602 19.67 33.10 -51.69
CA LEU D 602 18.30 32.93 -52.20
C LEU D 602 18.13 31.61 -52.93
N TRP D 603 19.18 31.09 -53.55
CA TRP D 603 19.07 29.86 -54.31
C TRP D 603 18.80 28.63 -53.45
N LEU D 604 19.01 28.71 -52.14
CA LEU D 604 18.71 27.61 -51.23
C LEU D 604 17.36 27.74 -50.55
N LEU D 605 16.60 28.80 -50.83
CA LEU D 605 15.27 28.96 -50.27
C LEU D 605 14.33 28.00 -50.99
N LYS D 606 14.13 26.83 -50.36
CA LYS D 606 13.42 25.75 -51.03
C LYS D 606 11.92 26.03 -51.17
N GLU D 607 11.37 26.84 -50.28
CA GLU D 607 9.93 27.05 -50.23
C GLU D 607 9.44 28.22 -51.07
N LEU D 608 10.35 28.95 -51.73
CA LEU D 608 9.94 30.15 -52.45
C LEU D 608 9.05 29.79 -53.63
N ARG D 609 8.01 30.60 -53.86
CA ARG D 609 7.07 30.39 -54.95
C ARG D 609 6.96 31.57 -55.91
N HIS D 610 7.17 32.80 -55.44
CA HIS D 610 7.06 33.98 -56.28
C HIS D 610 8.18 34.95 -55.92
N LEU D 611 8.93 35.37 -56.92
CA LEU D 611 10.00 36.35 -56.75
C LEU D 611 9.88 37.39 -57.86
N ASP D 612 9.84 38.66 -57.48
CA ASP D 612 9.63 39.76 -58.41
C ASP D 612 10.77 40.76 -58.28
N LEU D 613 11.36 41.13 -59.41
CA LEU D 613 12.36 42.20 -59.47
C LEU D 613 12.11 43.14 -60.63
N SER D 614 10.85 43.49 -60.89
CA SER D 614 10.52 44.33 -62.04
C SER D 614 11.03 45.75 -61.83
N VAL D 615 11.37 46.40 -62.95
CA VAL D 615 11.78 47.80 -62.99
C VAL D 615 12.96 48.05 -62.05
N THR D 616 13.76 47.02 -61.80
CA THR D 616 14.99 47.18 -61.03
C THR D 616 16.05 47.79 -61.93
N VAL D 617 16.35 49.07 -61.71
CA VAL D 617 17.29 49.78 -62.57
C VAL D 617 18.72 49.29 -62.37
N ALA D 618 19.13 49.09 -61.12
CA ALA D 618 20.52 48.75 -60.83
C ALA D 618 20.79 47.25 -60.89
N PHE D 619 19.76 46.41 -61.02
CA PHE D 619 19.96 44.97 -60.99
C PHE D 619 20.83 44.51 -62.13
N GLU D 620 21.93 43.82 -61.80
CA GLU D 620 22.84 43.31 -62.82
C GLU D 620 23.42 41.94 -62.48
N ASP D 621 22.72 41.13 -61.69
CA ASP D 621 23.24 39.86 -61.21
C ASP D 621 22.76 38.72 -62.09
N THR D 622 23.68 37.82 -62.45
CA THR D 622 23.35 36.68 -63.30
C THR D 622 22.36 35.75 -62.59
N MET D 623 21.34 35.28 -63.33
CA MET D 623 20.32 34.44 -62.73
C MET D 623 20.58 32.95 -62.93
N ASN D 624 21.77 32.56 -63.37
CA ASN D 624 22.01 31.15 -63.71
C ASN D 624 21.79 30.23 -62.52
N ASN D 625 21.95 30.74 -61.30
CA ASN D 625 21.74 29.91 -60.12
C ASN D 625 20.27 29.78 -59.74
N CYS D 626 19.36 30.42 -60.48
CA CYS D 626 17.94 30.25 -60.21
C CYS D 626 17.45 28.83 -60.49
N SER D 627 18.27 28.02 -61.18
CA SER D 627 17.92 26.63 -61.42
C SER D 627 17.71 25.87 -60.12
N LYS D 628 18.44 26.21 -59.06
CA LYS D 628 18.26 25.60 -57.75
C LYS D 628 16.93 25.99 -57.11
N LEU D 629 16.24 26.99 -57.66
CA LEU D 629 14.94 27.43 -57.15
C LEU D 629 13.81 26.68 -57.86
N HIS D 630 13.72 25.38 -57.62
CA HIS D 630 12.79 24.53 -58.36
C HIS D 630 11.34 24.87 -58.07
N LYS D 631 10.99 25.11 -56.80
CA LYS D 631 9.60 25.25 -56.41
C LYS D 631 8.96 26.54 -56.90
N LEU D 632 9.76 27.49 -57.38
CA LEU D 632 9.24 28.80 -57.73
C LEU D 632 8.23 28.71 -58.88
N LYS D 633 7.15 29.48 -58.77
CA LYS D 633 6.10 29.47 -59.76
C LYS D 633 6.08 30.72 -60.64
N VAL D 634 6.61 31.84 -60.16
CA VAL D 634 6.56 33.09 -60.90
C VAL D 634 7.90 33.82 -60.78
N LEU D 635 8.42 34.28 -61.92
CA LEU D 635 9.59 35.14 -62.00
C LEU D 635 9.24 36.36 -62.83
N ASN D 636 9.43 37.55 -62.28
CA ASN D 636 9.14 38.79 -62.99
C ASN D 636 10.38 39.65 -63.04
N LEU D 637 10.82 39.98 -64.27
CA LEU D 637 11.91 40.91 -64.51
C LEU D 637 11.52 42.02 -65.48
N PHE D 638 10.23 42.36 -65.53
CA PHE D 638 9.74 43.29 -66.53
C PHE D 638 10.34 44.68 -66.33
N ARG D 639 10.76 45.30 -67.42
CA ARG D 639 11.41 46.61 -67.47
C ARG D 639 12.70 46.66 -66.67
N SER D 640 13.25 45.51 -66.27
CA SER D 640 14.55 45.51 -65.61
C SER D 640 15.64 45.87 -66.60
N HIS D 641 16.61 46.66 -66.12
CA HIS D 641 17.71 47.07 -66.99
C HIS D 641 18.56 45.89 -67.45
N TYR D 642 18.63 44.83 -66.66
CA TYR D 642 19.35 43.62 -67.03
C TYR D 642 18.37 42.48 -67.24
N GLY D 643 18.74 41.55 -68.11
CA GLY D 643 17.91 40.39 -68.39
C GLY D 643 18.64 39.37 -69.24
N ILE D 644 17.95 38.81 -70.23
CA ILE D 644 18.58 37.88 -71.15
C ILE D 644 19.22 38.67 -72.29
N ARG D 645 20.45 39.14 -72.06
CA ARG D 645 21.15 39.88 -73.10
C ARG D 645 21.71 38.94 -74.17
N ASP D 646 21.83 37.66 -73.86
CA ASP D 646 22.34 36.68 -74.80
C ASP D 646 21.80 35.30 -74.42
N VAL D 647 21.93 34.36 -75.36
CA VAL D 647 21.40 33.01 -75.17
C VAL D 647 22.09 32.30 -74.01
N ASP D 648 23.22 32.82 -73.53
CA ASP D 648 23.95 32.16 -72.45
C ASP D 648 23.10 31.99 -71.20
N ASN D 649 22.20 32.94 -70.93
CA ASN D 649 21.33 32.87 -69.75
C ASN D 649 19.91 32.47 -70.12
N LEU D 650 19.74 31.67 -71.17
CA LEU D 650 18.44 31.13 -71.55
C LEU D 650 18.17 29.79 -70.89
N ASN D 651 18.81 29.50 -69.76
CA ASN D 651 18.70 28.23 -69.06
C ASN D 651 17.48 28.16 -68.16
N LEU D 652 16.47 29.00 -68.39
CA LEU D 652 15.27 29.01 -67.56
C LEU D 652 14.39 27.80 -67.76
N ASP D 653 14.76 26.87 -68.65
CA ASP D 653 14.02 25.62 -68.78
C ASP D 653 14.12 24.75 -67.53
N SER D 654 15.06 25.05 -66.64
CA SER D 654 15.12 24.36 -65.34
C SER D 654 13.98 24.78 -64.43
N LEU D 655 13.34 25.92 -64.70
CA LEU D 655 12.20 26.39 -63.92
C LEU D 655 10.94 25.63 -64.36
N LYS D 656 10.84 24.39 -63.87
CA LYS D 656 9.76 23.51 -64.28
C LYS D 656 8.42 23.89 -63.67
N GLU D 657 8.42 24.50 -62.48
CA GLU D 657 7.18 24.89 -61.83
C GLU D 657 6.66 26.24 -62.30
N LEU D 658 7.43 26.96 -63.12
CA LEU D 658 7.08 28.34 -63.47
C LEU D 658 5.78 28.39 -64.27
N LEU D 659 4.95 29.39 -63.98
CA LEU D 659 3.67 29.58 -64.64
C LEU D 659 3.59 30.88 -65.43
N PHE D 660 4.02 31.99 -64.84
CA PHE D 660 3.97 33.30 -65.48
C PHE D 660 5.30 34.00 -65.30
N LEU D 661 5.77 34.67 -66.35
CA LEU D 661 7.06 35.35 -66.30
C LEU D 661 7.02 36.58 -67.20
N GLY D 662 7.75 37.61 -66.78
CA GLY D 662 7.97 38.79 -67.59
C GLY D 662 9.43 39.18 -67.56
N ILE D 663 10.03 39.39 -68.73
CA ILE D 663 11.47 39.62 -68.82
C ILE D 663 11.73 40.62 -69.95
N THR D 664 12.96 41.11 -70.01
CA THR D 664 13.39 42.06 -71.03
C THR D 664 14.30 41.36 -72.04
N ILE D 665 14.01 41.55 -73.33
CA ILE D 665 14.75 40.91 -74.42
C ILE D 665 15.46 42.00 -75.22
N TYR D 666 16.74 41.74 -75.55
CA TYR D 666 17.60 42.76 -76.13
C TYR D 666 18.07 42.48 -77.56
N ALA D 667 17.84 41.29 -78.11
CA ALA D 667 18.48 40.96 -79.37
C ALA D 667 17.53 40.20 -80.28
N GLU D 668 17.75 40.35 -81.59
CA GLU D 668 16.99 39.61 -82.58
C GLU D 668 17.24 38.11 -82.47
N ASP D 669 18.51 37.73 -82.27
CA ASP D 669 18.84 36.30 -82.19
C ASP D 669 18.17 35.66 -80.99
N VAL D 670 17.98 36.42 -79.91
CA VAL D 670 17.24 35.90 -78.77
C VAL D 670 15.79 35.62 -79.15
N LEU D 671 15.17 36.55 -79.90
CA LEU D 671 13.78 36.36 -80.33
C LEU D 671 13.66 35.15 -81.25
N LYS D 672 14.60 34.99 -82.18
CA LYS D 672 14.54 33.86 -83.11
C LYS D 672 15.07 32.58 -82.48
N LYS D 673 15.65 32.67 -81.28
CA LYS D 673 15.91 31.48 -80.47
C LYS D 673 14.70 31.10 -79.63
N LEU D 674 13.84 32.07 -79.32
CA LEU D 674 12.61 31.83 -78.57
C LEU D 674 11.39 31.62 -79.46
N ASN D 675 11.50 31.81 -80.77
CA ASN D 675 10.33 31.73 -81.65
C ASN D 675 9.98 30.30 -82.06
N MET D 676 9.91 29.40 -81.09
CA MET D 676 9.50 28.03 -81.30
C MET D 676 8.59 27.61 -80.15
N PRO D 677 7.70 26.65 -80.37
CA PRO D 677 6.77 26.27 -79.30
C PRO D 677 7.43 25.51 -78.16
N ARG D 678 7.62 26.18 -77.03
CA ARG D 678 8.13 25.56 -75.82
C ARG D 678 7.68 26.40 -74.64
N PRO D 679 7.61 25.82 -73.43
CA PRO D 679 7.07 26.58 -72.29
C PRO D 679 7.78 27.88 -72.00
N LEU D 680 9.11 27.92 -72.13
CA LEU D 680 9.84 29.16 -71.88
C LEU D 680 9.44 30.26 -72.85
N ALA D 681 8.99 29.89 -74.05
CA ALA D 681 8.56 30.88 -75.02
C ALA D 681 7.13 31.35 -74.76
N LYS D 682 6.25 30.43 -74.37
CA LYS D 682 4.83 30.75 -74.28
C LYS D 682 4.43 31.25 -72.89
N SER D 683 5.28 31.06 -71.88
CA SER D 683 4.88 31.40 -70.52
C SER D 683 5.01 32.90 -70.24
N THR D 684 5.59 33.66 -71.14
CA THR D 684 5.78 35.10 -70.92
C THR D 684 4.45 35.82 -71.12
N HIS D 685 4.00 36.55 -70.09
CA HIS D 685 2.75 37.28 -70.20
C HIS D 685 2.96 38.73 -70.62
N ARG D 686 4.14 39.29 -70.35
CA ARG D 686 4.47 40.63 -70.84
C ARG D 686 5.96 40.71 -71.07
N LEU D 687 6.34 41.55 -72.03
CA LEU D 687 7.72 41.62 -72.52
C LEU D 687 8.15 43.06 -72.63
N ASN D 688 9.41 43.33 -72.32
CA ASN D 688 10.01 44.65 -72.45
C ASN D 688 11.16 44.59 -73.45
N LEU D 689 11.27 45.61 -74.29
CA LEU D 689 12.33 45.71 -75.29
C LEU D 689 13.11 47.00 -75.06
N LYS D 690 14.39 46.85 -74.73
CA LYS D 690 15.25 47.98 -74.41
C LYS D 690 16.60 47.79 -75.08
N TYR D 691 17.15 48.89 -75.61
CA TYR D 691 18.40 48.87 -76.36
C TYR D 691 18.35 47.84 -77.48
N CYS D 692 17.27 47.87 -78.26
CA CYS D 692 17.07 46.87 -79.31
C CYS D 692 18.14 46.96 -80.38
N ALA D 693 18.89 45.88 -80.54
CA ALA D 693 19.87 45.79 -81.62
C ALA D 693 19.36 44.84 -82.70
N GLU D 694 19.24 45.39 -83.92
CA GLU D 694 18.81 44.67 -85.12
C GLU D 694 17.29 44.48 -85.20
N MET D 695 16.54 44.93 -84.19
CA MET D 695 15.09 45.03 -84.33
C MET D 695 14.70 46.42 -84.84
N GLN D 696 15.05 46.68 -86.10
CA GLN D 696 14.53 47.85 -86.79
C GLN D 696 13.05 47.70 -87.12
N SER D 697 12.56 46.46 -87.19
CA SER D 697 11.15 46.20 -87.44
C SER D 697 10.75 44.95 -86.68
N ILE D 698 9.45 44.86 -86.38
CA ILE D 698 8.90 43.73 -85.63
C ILE D 698 7.44 43.57 -86.00
N LYS D 699 6.99 42.32 -86.01
CA LYS D 699 5.61 41.97 -86.36
C LYS D 699 4.96 41.29 -85.17
N ILE D 700 3.66 41.56 -84.98
CA ILE D 700 2.91 40.85 -83.94
C ILE D 700 2.80 39.37 -84.29
N SER D 701 2.67 39.05 -85.58
CA SER D 701 2.67 37.65 -86.00
C SER D 701 3.99 36.97 -85.66
N ASP D 702 5.08 37.73 -85.60
CA ASP D 702 6.35 37.16 -85.14
C ASP D 702 6.29 36.77 -83.68
N LEU D 703 5.40 37.40 -82.91
CA LEU D 703 5.22 37.08 -81.50
C LEU D 703 4.17 36.01 -81.26
N SER D 704 3.69 35.35 -82.32
CA SER D 704 2.63 34.35 -82.19
C SER D 704 3.03 33.16 -81.32
N HIS D 705 4.33 32.91 -81.15
CA HIS D 705 4.76 31.86 -80.24
C HIS D 705 4.42 32.18 -78.79
N MET D 706 4.38 33.47 -78.44
CA MET D 706 4.10 33.91 -77.07
C MET D 706 2.58 33.87 -76.84
N GLU D 707 2.13 32.71 -76.36
CA GLU D 707 0.69 32.50 -76.19
C GLU D 707 0.08 33.44 -75.16
N HIS D 708 0.80 33.70 -74.07
CA HIS D 708 0.25 34.44 -72.94
C HIS D 708 0.59 35.93 -72.94
N LEU D 709 1.28 36.42 -73.96
CA LEU D 709 1.69 37.82 -73.98
C LEU D 709 0.46 38.74 -73.95
N GLU D 710 0.52 39.75 -73.09
CA GLU D 710 -0.55 40.74 -73.00
C GLU D 710 -0.06 42.18 -72.99
N GLU D 711 1.20 42.44 -72.64
CA GLU D 711 1.72 43.79 -72.57
C GLU D 711 3.12 43.83 -73.16
N LEU D 712 3.42 44.88 -73.91
CA LEU D 712 4.75 45.11 -74.47
C LEU D 712 5.22 46.50 -74.09
N TYR D 713 6.50 46.61 -73.75
CA TYR D 713 7.13 47.88 -73.42
C TYR D 713 8.35 48.08 -74.30
N VAL D 714 8.42 49.23 -74.95
CA VAL D 714 9.51 49.57 -75.86
C VAL D 714 10.17 50.84 -75.35
N GLU D 715 11.46 50.75 -75.01
CA GLU D 715 12.18 51.85 -74.41
C GLU D 715 13.58 51.97 -75.02
N SER D 716 13.94 53.19 -75.42
CA SER D 716 15.29 53.52 -75.88
C SER D 716 15.74 52.62 -77.03
N CYS D 717 14.91 52.49 -78.06
CA CYS D 717 15.27 51.75 -79.26
C CYS D 717 15.80 52.72 -80.29
N TYR D 718 17.12 52.75 -80.47
CA TYR D 718 17.75 53.74 -81.33
C TYR D 718 17.46 53.51 -82.81
N ASP D 719 17.36 52.26 -83.25
CA ASP D 719 17.25 51.94 -84.68
C ASP D 719 15.89 51.39 -85.08
N LEU D 720 14.91 51.41 -84.18
CA LEU D 720 13.58 50.92 -84.54
C LEU D 720 12.91 51.87 -85.54
N ASN D 721 12.44 51.33 -86.66
CA ASN D 721 11.84 52.16 -87.70
C ASN D 721 10.32 51.96 -87.79
N THR D 722 9.87 50.72 -87.99
CA THR D 722 8.45 50.45 -88.19
C THR D 722 8.07 49.21 -87.41
N VAL D 723 6.76 49.07 -87.18
CA VAL D 723 6.18 47.92 -86.49
C VAL D 723 5.00 47.43 -87.31
N VAL D 724 4.82 46.12 -87.36
CA VAL D 724 3.75 45.49 -88.13
C VAL D 724 2.69 44.96 -87.18
N ALA D 725 1.48 45.49 -87.31
CA ALA D 725 0.30 44.97 -86.62
C ALA D 725 -0.49 44.18 -87.66
N ASP D 726 -0.13 42.91 -87.83
CA ASP D 726 -0.64 42.11 -88.93
C ASP D 726 -2.13 41.83 -88.73
N ALA D 727 -2.83 41.64 -89.86
CA ALA D 727 -4.23 41.28 -89.82
C ALA D 727 -4.43 39.86 -89.31
N GLU D 728 -3.46 38.99 -89.50
CA GLU D 728 -3.54 37.61 -89.02
C GLU D 728 -3.59 37.63 -87.49
N LEU D 729 -4.72 37.18 -86.94
CA LEU D 729 -4.94 37.26 -85.50
C LEU D 729 -3.99 36.31 -84.77
N THR D 730 -3.79 36.60 -83.48
CA THR D 730 -2.85 35.88 -82.65
C THR D 730 -3.57 35.31 -81.43
N THR D 731 -3.09 34.16 -80.95
CA THR D 731 -3.61 33.62 -79.70
C THR D 731 -3.33 34.55 -78.54
N SER D 732 -2.19 35.25 -78.57
CA SER D 732 -1.89 36.25 -77.56
C SER D 732 -2.90 37.39 -77.65
N GLN D 733 -3.28 37.93 -76.50
CA GLN D 733 -4.27 39.00 -76.42
C GLN D 733 -3.60 40.24 -75.84
N LEU D 734 -3.11 41.11 -76.72
CA LEU D 734 -2.45 42.34 -76.31
C LEU D 734 -3.43 43.25 -75.58
N GLN D 735 -3.02 43.79 -74.44
CA GLN D 735 -3.88 44.66 -73.66
C GLN D 735 -3.28 46.04 -73.44
N PHE D 736 -1.98 46.12 -73.14
CA PHE D 736 -1.31 47.38 -72.85
C PHE D 736 -0.03 47.50 -73.67
N LEU D 737 0.22 48.68 -74.21
CA LEU D 737 1.51 49.04 -74.79
C LEU D 737 2.01 50.32 -74.16
N THR D 738 3.33 50.49 -74.16
CA THR D 738 3.97 51.72 -73.74
C THR D 738 5.20 51.96 -74.61
N LEU D 739 5.13 52.98 -75.46
CA LEU D 739 6.23 53.37 -76.33
C LEU D 739 6.94 54.56 -75.69
N SER D 740 8.19 54.33 -75.25
CA SER D 740 8.92 55.31 -74.46
C SER D 740 10.29 55.55 -75.06
N VAL D 741 10.66 56.84 -75.18
CA VAL D 741 12.00 57.27 -75.55
C VAL D 741 12.43 56.60 -76.85
N LEU D 742 11.60 56.70 -77.89
CA LEU D 742 11.96 56.16 -79.18
C LEU D 742 12.28 57.30 -80.14
N PRO D 743 13.55 57.56 -80.43
CA PRO D 743 13.91 58.68 -81.31
C PRO D 743 13.89 58.35 -82.79
N SER D 744 13.57 57.12 -83.19
CA SER D 744 13.59 56.76 -84.59
C SER D 744 12.34 56.05 -85.10
N LEU D 745 11.41 55.65 -84.23
CA LEU D 745 10.20 55.00 -84.69
C LEU D 745 9.36 55.96 -85.51
N GLU D 746 8.85 55.48 -86.65
CA GLU D 746 8.10 56.32 -87.57
C GLU D 746 6.63 55.97 -87.66
N SER D 747 6.30 54.71 -87.96
CA SER D 747 4.91 54.33 -88.19
C SER D 747 4.73 52.86 -87.85
N VAL D 748 3.49 52.47 -87.57
CA VAL D 748 3.11 51.08 -87.34
C VAL D 748 1.97 50.75 -88.28
N LEU D 749 2.10 49.63 -89.00
CA LEU D 749 1.13 49.23 -90.01
C LEU D 749 0.00 48.47 -89.33
N VAL D 750 -1.20 49.05 -89.34
CA VAL D 750 -2.37 48.45 -88.71
C VAL D 750 -3.40 48.17 -89.81
N ALA D 751 -3.89 46.92 -89.83
CA ALA D 751 -4.85 46.52 -90.84
C ALA D 751 -6.21 47.20 -90.61
N PRO D 752 -6.94 47.50 -91.68
CA PRO D 752 -8.22 48.21 -91.53
C PRO D 752 -9.35 47.34 -90.98
N MET D 753 -9.45 46.09 -91.46
CA MET D 753 -10.61 45.28 -91.11
C MET D 753 -10.42 44.56 -89.78
N SER D 754 -9.40 43.73 -89.67
CA SER D 754 -9.13 42.99 -88.44
C SER D 754 -7.66 43.14 -88.09
N HIS D 755 -7.38 43.26 -86.79
CA HIS D 755 -6.02 43.52 -86.34
C HIS D 755 -5.84 42.90 -84.96
N ASN D 756 -4.57 42.75 -84.58
CA ASN D 756 -4.24 42.13 -83.29
C ASN D 756 -4.43 43.08 -82.12
N PHE D 757 -4.61 44.37 -82.38
CA PHE D 757 -4.76 45.35 -81.32
C PHE D 757 -6.18 45.43 -80.77
N GLN D 758 -7.16 44.85 -81.45
CA GLN D 758 -8.56 45.10 -81.10
C GLN D 758 -8.89 44.69 -79.67
N TYR D 759 -7.95 44.07 -78.94
CA TYR D 759 -8.15 43.75 -77.53
C TYR D 759 -7.47 44.76 -76.60
N ILE D 760 -7.02 45.90 -77.10
CA ILE D 760 -6.23 46.82 -76.28
C ILE D 760 -7.14 47.59 -75.34
N ARG D 761 -6.71 47.73 -74.08
CA ARG D 761 -7.39 48.57 -73.10
C ARG D 761 -6.61 49.83 -72.74
N LYS D 762 -5.28 49.81 -72.83
CA LYS D 762 -4.46 50.93 -72.39
C LYS D 762 -3.34 51.18 -73.39
N LEU D 763 -3.15 52.45 -73.75
CA LEU D 763 -2.04 52.88 -74.58
C LEU D 763 -1.30 54.03 -73.90
N ILE D 764 0.02 53.92 -73.82
CA ILE D 764 0.86 54.97 -73.27
C ILE D 764 1.93 55.30 -74.30
N ILE D 765 1.98 56.56 -74.72
CA ILE D 765 2.95 57.03 -75.69
C ILE D 765 3.77 58.13 -75.02
N SER D 766 5.10 57.97 -75.02
CA SER D 766 5.95 58.90 -74.30
C SER D 766 7.28 59.07 -75.01
N HIS D 767 7.76 60.32 -75.07
CA HIS D 767 9.12 60.65 -75.48
C HIS D 767 9.47 60.11 -76.87
N CYS D 768 8.53 60.16 -77.81
CA CYS D 768 8.80 59.73 -79.17
C CYS D 768 8.71 60.93 -80.09
N PRO D 769 9.82 61.60 -80.42
CA PRO D 769 9.72 62.81 -81.26
C PRO D 769 9.45 62.52 -82.72
N LYS D 770 9.95 61.41 -83.25
CA LYS D 770 9.79 61.09 -84.67
C LYS D 770 8.57 60.24 -84.96
N LEU D 771 7.77 59.91 -83.95
CA LEU D 771 6.57 59.12 -84.17
C LEU D 771 5.43 60.03 -84.63
N SER D 772 4.84 59.72 -85.78
CA SER D 772 3.81 60.57 -86.37
C SER D 772 2.51 59.84 -86.67
N ASN D 773 2.57 58.59 -87.11
CA ASN D 773 1.37 57.86 -87.53
C ASN D 773 0.67 57.31 -86.30
N ILE D 774 -0.49 57.90 -85.97
CA ILE D 774 -1.25 57.52 -84.78
C ILE D 774 -2.73 57.37 -85.15
N THR D 775 -3.03 57.50 -86.45
CA THR D 775 -4.43 57.49 -86.89
C THR D 775 -5.13 56.19 -86.58
N TRP D 776 -4.37 55.11 -86.37
CA TRP D 776 -4.95 53.79 -86.13
C TRP D 776 -5.69 53.70 -84.81
N VAL D 777 -5.54 54.69 -83.92
CA VAL D 777 -6.15 54.64 -82.60
C VAL D 777 -7.66 54.57 -82.69
N ARG D 778 -8.26 55.26 -83.66
CA ARG D 778 -9.71 55.29 -83.77
C ARG D 778 -10.30 53.92 -84.09
N ARG D 779 -9.48 52.97 -84.54
CA ARG D 779 -9.93 51.60 -84.77
C ARG D 779 -9.91 50.76 -83.50
N LEU D 780 -9.56 51.35 -82.35
CA LEU D 780 -9.46 50.61 -81.10
C LEU D 780 -10.73 50.83 -80.29
N GLN D 781 -11.66 49.87 -80.40
CA GLN D 781 -12.96 50.02 -79.75
C GLN D 781 -12.91 49.76 -78.25
N LEU D 782 -12.02 48.88 -77.79
CA LEU D 782 -11.95 48.51 -76.39
C LEU D 782 -10.95 49.35 -75.60
N LEU D 783 -10.35 50.36 -76.21
CA LEU D 783 -9.30 51.14 -75.57
C LEU D 783 -9.90 52.00 -74.46
N GLU D 784 -9.34 51.89 -73.25
CA GLU D 784 -9.87 52.64 -72.11
C GLU D 784 -9.00 53.85 -71.76
N ARG D 785 -7.68 53.66 -71.73
CA ARG D 785 -6.76 54.65 -71.20
C ARG D 785 -5.88 55.18 -72.32
N LEU D 786 -5.80 56.51 -72.43
CA LEU D 786 -4.95 57.18 -73.41
C LEU D 786 -3.90 58.00 -72.70
N VAL D 787 -2.63 57.79 -73.05
CA VAL D 787 -1.52 58.58 -72.53
C VAL D 787 -0.63 58.97 -73.71
N ILE D 788 -0.68 60.24 -74.08
CA ILE D 788 0.17 60.81 -75.12
C ILE D 788 1.03 61.88 -74.47
N SER D 789 2.35 61.69 -74.49
CA SER D 789 3.25 62.61 -73.79
C SER D 789 4.55 62.78 -74.55
N HIS D 790 5.01 64.02 -74.64
CA HIS D 790 6.33 64.36 -75.16
C HIS D 790 6.58 63.77 -76.54
N CYS D 791 5.58 63.85 -77.41
CA CYS D 791 5.65 63.34 -78.78
C CYS D 791 5.19 64.43 -79.74
N ASP D 792 6.14 65.26 -80.18
CA ASP D 792 5.82 66.37 -81.07
C ASP D 792 5.62 65.92 -82.51
N GLY D 793 5.93 64.67 -82.84
CA GLY D 793 5.67 64.18 -84.18
C GLY D 793 4.20 63.93 -84.47
N VAL D 794 3.38 63.81 -83.43
CA VAL D 794 1.94 63.62 -83.57
C VAL D 794 1.29 65.00 -83.63
N LEU D 795 1.02 65.48 -84.84
CA LEU D 795 0.31 66.75 -84.98
C LEU D 795 -1.14 66.62 -84.56
N GLU D 796 -1.79 65.54 -84.96
CA GLU D 796 -3.16 65.24 -84.56
C GLU D 796 -3.30 63.74 -84.39
N ILE D 797 -4.18 63.34 -83.46
CA ILE D 797 -4.46 61.92 -83.30
C ILE D 797 -5.23 61.38 -84.50
N VAL D 798 -6.25 62.11 -84.96
CA VAL D 798 -6.99 61.77 -86.17
C VAL D 798 -6.92 62.97 -87.11
N GLU D 799 -6.35 62.76 -88.29
CA GLU D 799 -6.23 63.82 -89.28
C GLU D 799 -7.50 63.89 -90.14
N ASP D 800 -7.44 64.71 -91.18
CA ASP D 800 -8.56 64.87 -92.10
C ASP D 800 -8.75 63.63 -92.95
N THR D 831 -19.22 51.98 -89.85
CA THR D 831 -20.38 51.67 -89.03
C THR D 831 -20.93 52.91 -88.35
N GLY D 832 -22.22 52.88 -88.02
CA GLY D 832 -22.86 54.00 -87.36
C GLY D 832 -22.60 54.05 -85.87
N GLN D 833 -21.34 54.10 -85.48
CA GLN D 833 -20.98 54.13 -84.07
C GLN D 833 -19.68 54.92 -83.91
N SER D 834 -19.47 55.41 -82.69
CA SER D 834 -18.30 56.23 -82.41
C SER D 834 -17.02 55.38 -82.45
N ASP D 835 -15.89 56.07 -82.56
CA ASP D 835 -14.60 55.39 -82.63
C ASP D 835 -14.08 54.99 -81.26
N PHE D 836 -14.63 55.55 -80.18
CA PHE D 836 -14.18 55.26 -78.82
C PHE D 836 -15.37 54.90 -77.94
N PRO D 837 -15.93 53.70 -78.11
CA PRO D 837 -17.09 53.32 -77.29
C PRO D 837 -16.73 52.98 -75.85
N LYS D 838 -15.51 52.52 -75.59
CA LYS D 838 -15.10 52.09 -74.26
C LYS D 838 -14.03 53.00 -73.64
N LEU D 839 -13.87 54.22 -74.16
CA LEU D 839 -12.89 55.14 -73.61
C LEU D 839 -13.24 55.51 -72.18
N ARG D 840 -12.23 55.53 -71.30
CA ARG D 840 -12.41 55.91 -69.91
C ARG D 840 -11.53 57.08 -69.47
N LEU D 841 -10.28 57.14 -69.93
CA LEU D 841 -9.35 58.16 -69.47
C LEU D 841 -8.48 58.62 -70.62
N ILE D 842 -8.25 59.93 -70.70
CA ILE D 842 -7.33 60.54 -71.66
C ILE D 842 -6.33 61.37 -70.89
N VAL D 843 -5.03 61.14 -71.15
CA VAL D 843 -3.95 61.87 -70.50
C VAL D 843 -3.06 62.46 -71.59
N LEU D 844 -2.85 63.77 -71.53
CA LEU D 844 -1.95 64.48 -72.43
C LEU D 844 -0.91 65.25 -71.62
N THR D 845 0.34 65.20 -72.04
CA THR D 845 1.42 65.78 -71.26
C THR D 845 2.52 66.30 -72.19
N GLY D 846 2.89 67.56 -72.02
CA GLY D 846 4.10 68.09 -72.63
C GLY D 846 4.13 68.13 -74.13
N LEU D 847 2.98 68.08 -74.80
CA LEU D 847 2.95 68.11 -76.26
C LEU D 847 3.10 69.54 -76.75
N LYS D 848 4.26 69.87 -77.31
CA LYS D 848 4.53 71.22 -77.78
C LYS D 848 4.08 71.48 -79.21
N LYS D 849 3.70 70.45 -79.96
CA LYS D 849 3.31 70.62 -81.34
C LYS D 849 2.00 69.92 -81.71
N LEU D 850 1.23 69.44 -80.73
CA LEU D 850 -0.05 68.83 -81.03
C LEU D 850 -1.08 69.90 -81.37
N ARG D 851 -1.80 69.71 -82.48
CA ARG D 851 -2.88 70.63 -82.83
C ARG D 851 -4.16 70.27 -82.07
N SER D 852 -4.70 69.09 -82.33
CA SER D 852 -5.92 68.64 -81.68
C SER D 852 -5.97 67.12 -81.73
N ILE D 853 -6.81 66.54 -80.88
CA ILE D 853 -6.94 65.09 -80.83
C ILE D 853 -7.70 64.61 -82.06
N CYS D 854 -8.95 65.02 -82.20
CA CYS D 854 -9.79 64.58 -83.30
C CYS D 854 -11.01 65.48 -83.38
N LYS D 855 -11.82 65.26 -84.41
CA LYS D 855 -13.06 66.00 -84.56
C LYS D 855 -14.09 65.51 -83.54
N ALA D 856 -15.20 66.25 -83.45
CA ALA D 856 -16.19 65.97 -82.43
C ALA D 856 -16.76 64.57 -82.56
N ARG D 857 -16.85 63.87 -81.41
CA ARG D 857 -17.39 62.53 -81.36
C ARG D 857 -18.08 62.33 -80.02
N GLU D 858 -18.74 61.18 -79.88
CA GLU D 858 -19.44 60.82 -78.66
C GLU D 858 -18.65 59.74 -77.92
N PHE D 859 -18.53 59.90 -76.61
CA PHE D 859 -17.80 58.96 -75.76
C PHE D 859 -18.73 58.46 -74.67
N PRO D 860 -19.37 57.30 -74.88
CA PRO D 860 -20.38 56.82 -73.93
C PRO D 860 -19.81 56.25 -72.64
N CYS D 861 -18.51 56.35 -72.39
CA CYS D 861 -17.91 55.81 -71.18
C CYS D 861 -16.85 56.70 -70.56
N LEU D 862 -16.67 57.93 -71.05
CA LEU D 862 -15.58 58.78 -70.58
C LEU D 862 -15.75 59.12 -69.10
N GLU D 863 -14.64 59.09 -68.36
CA GLU D 863 -14.64 59.34 -66.92
C GLU D 863 -13.83 60.55 -66.52
N THR D 864 -12.63 60.73 -67.07
CA THR D 864 -11.75 61.80 -66.64
C THR D 864 -10.83 62.19 -67.78
N LEU D 865 -10.58 63.49 -67.90
CA LEU D 865 -9.65 64.06 -68.88
C LEU D 865 -8.58 64.84 -68.15
N ARG D 866 -7.33 64.67 -68.56
CA ARG D 866 -6.21 65.33 -67.92
C ARG D 866 -5.24 65.84 -68.98
N VAL D 867 -4.93 67.13 -68.94
CA VAL D 867 -4.01 67.76 -69.88
C VAL D 867 -2.96 68.52 -69.07
N GLU D 868 -1.69 68.31 -69.42
CA GLU D 868 -0.58 68.97 -68.74
C GLU D 868 0.41 69.54 -69.76
N ASP D 869 0.74 70.81 -69.60
CA ASP D 869 1.80 71.47 -70.36
C ASP D 869 1.60 71.29 -71.87
N CYS D 870 0.44 71.71 -72.36
CA CYS D 870 0.14 71.61 -73.78
C CYS D 870 -0.20 72.99 -74.35
N PRO D 871 0.79 73.84 -74.58
CA PRO D 871 0.50 75.19 -75.09
C PRO D 871 0.16 75.22 -76.58
N ASN D 872 0.14 74.08 -77.27
CA ASN D 872 -0.18 74.04 -78.69
C ASN D 872 -1.54 73.42 -78.99
N LEU D 873 -2.17 72.79 -78.00
CA LEU D 873 -3.44 72.10 -78.23
C LEU D 873 -4.51 73.11 -78.61
N ARG D 874 -5.14 72.89 -79.77
CA ARG D 874 -6.11 73.86 -80.28
C ARG D 874 -7.53 73.56 -79.84
N SER D 875 -7.90 72.29 -79.73
CA SER D 875 -9.28 71.94 -79.41
C SER D 875 -9.32 70.51 -78.89
N ILE D 876 -10.47 70.16 -78.32
CA ILE D 876 -10.73 68.81 -77.83
C ILE D 876 -12.02 68.30 -78.46
N PRO D 877 -12.19 66.99 -78.66
CA PRO D 877 -13.41 66.48 -79.29
C PRO D 877 -14.64 66.50 -78.39
N LEU D 878 -14.51 66.93 -77.14
CA LEU D 878 -15.67 66.98 -76.26
C LEU D 878 -16.57 68.16 -76.61
N SER D 879 -17.84 68.04 -76.25
CA SER D 879 -18.83 69.07 -76.50
C SER D 879 -20.02 68.86 -75.57
N CYS D 880 -20.93 69.83 -75.59
CA CYS D 880 -22.14 69.73 -74.78
C CYS D 880 -23.18 68.78 -75.38
N THR D 881 -22.87 68.13 -76.51
CA THR D 881 -23.79 67.15 -77.07
C THR D 881 -23.92 65.93 -76.18
N HIS D 882 -22.90 65.62 -75.39
CA HIS D 882 -22.94 64.48 -74.50
C HIS D 882 -23.86 64.73 -73.32
N ASN D 883 -24.34 63.64 -72.73
CA ASN D 883 -24.93 63.70 -71.39
C ASN D 883 -23.83 63.48 -70.37
N TYR D 884 -23.86 64.27 -69.29
CA TYR D 884 -22.75 64.36 -68.35
C TYR D 884 -23.13 63.67 -67.05
N TRP D 885 -22.93 62.35 -66.99
CA TRP D 885 -23.06 61.63 -65.73
C TRP D 885 -21.83 60.77 -65.48
N LYS D 886 -21.25 60.20 -66.54
CA LYS D 886 -20.06 59.37 -66.38
C LYS D 886 -18.80 60.19 -66.18
N LEU D 887 -18.68 61.32 -66.85
CA LEU D 887 -17.49 62.17 -66.73
C LEU D 887 -17.42 62.73 -65.32
N LYS D 888 -16.26 62.59 -64.68
CA LYS D 888 -16.11 62.92 -63.27
C LYS D 888 -15.32 64.20 -63.02
N GLN D 889 -14.15 64.35 -63.66
CA GLN D 889 -13.33 65.52 -63.44
C GLN D 889 -12.45 65.75 -64.67
N ILE D 890 -11.98 66.99 -64.81
CA ILE D 890 -11.11 67.39 -65.91
C ILE D 890 -9.96 68.20 -65.34
N CYS D 891 -8.74 67.86 -65.73
CA CYS D 891 -7.54 68.58 -65.32
C CYS D 891 -7.05 69.43 -66.49
N GLY D 892 -6.83 70.71 -66.24
CA GLY D 892 -6.40 71.62 -67.29
C GLY D 892 -5.84 72.93 -66.77
N SER D 893 -5.69 73.90 -67.66
CA SER D 893 -5.13 75.20 -67.31
C SER D 893 -5.92 76.31 -68.00
N VAL D 894 -5.79 77.51 -67.46
CA VAL D 894 -6.49 78.67 -68.01
C VAL D 894 -5.98 79.00 -69.40
N GLU D 895 -4.67 78.90 -69.62
CA GLU D 895 -4.12 79.12 -70.96
C GLU D 895 -4.66 78.09 -71.94
N TRP D 896 -4.74 76.83 -71.51
CA TRP D 896 -5.32 75.79 -72.34
C TRP D 896 -6.77 76.07 -72.66
N TRP D 897 -7.53 76.54 -71.68
CA TRP D 897 -8.93 76.90 -71.90
C TRP D 897 -9.06 78.05 -72.89
N GLU D 898 -8.17 79.04 -72.80
CA GLU D 898 -8.18 80.14 -73.76
C GLU D 898 -7.87 79.65 -75.17
N LYS D 899 -6.91 78.72 -75.29
CA LYS D 899 -6.52 78.20 -76.60
C LYS D 899 -7.51 77.18 -77.14
N LEU D 900 -8.45 76.71 -76.33
CA LEU D 900 -9.40 75.71 -76.77
C LEU D 900 -10.43 76.31 -77.72
N GLN D 901 -10.67 75.60 -78.82
CA GLN D 901 -11.80 75.93 -79.70
C GLN D 901 -13.04 75.19 -79.24
N TRP D 902 -14.20 75.82 -79.45
CA TRP D 902 -15.45 75.30 -78.95
C TRP D 902 -16.42 75.04 -80.09
N GLU D 903 -17.03 73.85 -80.09
CA GLU D 903 -18.13 73.58 -81.00
C GLU D 903 -19.38 74.32 -80.57
N ASN D 904 -19.74 74.21 -79.29
CA ASN D 904 -20.80 75.01 -78.68
C ASN D 904 -20.15 75.98 -77.71
N ARG D 905 -20.56 77.25 -77.79
CA ARG D 905 -19.94 78.27 -76.94
C ARG D 905 -20.43 78.22 -75.51
N LYS D 906 -21.41 77.35 -75.19
CA LYS D 906 -21.75 77.09 -73.79
C LYS D 906 -20.66 76.27 -73.10
N GLU D 907 -19.77 75.65 -73.86
CA GLU D 907 -18.69 74.86 -73.27
C GLU D 907 -17.69 75.75 -72.54
N VAL D 908 -17.71 77.06 -72.80
CA VAL D 908 -16.77 77.98 -72.18
C VAL D 908 -16.94 77.97 -70.67
N ALA D 909 -18.19 78.02 -70.21
CA ALA D 909 -18.47 78.00 -68.78
C ALA D 909 -18.81 76.61 -68.26
N CYS D 910 -19.34 75.73 -69.12
CA CYS D 910 -19.75 74.40 -68.68
C CYS D 910 -18.56 73.60 -68.15
N LEU D 911 -17.58 73.36 -69.01
CA LEU D 911 -16.41 72.57 -68.62
C LEU D 911 -15.52 73.29 -67.61
N ASP D 912 -15.75 74.58 -67.36
CA ASP D 912 -15.00 75.31 -66.36
C ASP D 912 -15.64 75.14 -64.99
N SER D 913 -16.92 75.49 -64.88
CA SER D 913 -17.59 75.42 -63.58
C SER D 913 -17.85 73.98 -63.15
N LYS D 914 -17.99 73.05 -64.10
CA LYS D 914 -18.40 71.70 -63.74
C LYS D 914 -17.22 70.78 -63.45
N TYR D 915 -16.11 70.91 -64.20
CA TYR D 915 -15.05 69.92 -64.11
C TYR D 915 -13.63 70.46 -64.00
N PHE D 916 -13.41 71.77 -64.06
CA PHE D 916 -12.05 72.29 -64.12
C PHE D 916 -11.31 72.03 -62.81
N ILE D 917 -10.11 71.45 -62.93
CA ILE D 917 -9.19 71.26 -61.81
C ILE D 917 -7.79 71.65 -62.28
N PRO D 918 -7.10 72.53 -61.56
CA PRO D 918 -5.76 72.95 -62.01
C PRO D 918 -4.74 71.83 -61.85
N ILE D 919 -3.59 72.04 -62.48
CA ILE D 919 -2.50 71.06 -62.44
C ILE D 919 -1.87 71.03 -61.05
N LEU E 36 -114.60 64.14 -1.42
CA LEU E 36 -113.73 64.40 -0.28
C LEU E 36 -112.65 63.34 -0.16
N HIS E 37 -111.44 63.69 -0.59
CA HIS E 37 -110.31 62.76 -0.62
C HIS E 37 -109.08 63.29 0.08
N LEU E 38 -109.10 64.52 0.59
CA LEU E 38 -107.93 65.11 1.21
C LEU E 38 -107.50 64.34 2.46
N LYS E 39 -108.47 63.90 3.26
CA LYS E 39 -108.17 63.26 4.54
C LYS E 39 -107.33 62.00 4.36
N SER E 40 -107.51 61.29 3.24
CA SER E 40 -106.70 60.11 2.96
C SER E 40 -105.48 60.43 2.12
N ASN E 41 -105.60 61.40 1.20
CA ASN E 41 -104.48 61.73 0.35
C ASN E 41 -103.34 62.35 1.14
N TRP E 42 -103.65 63.07 2.22
CA TRP E 42 -102.57 63.64 3.04
C TRP E 42 -101.83 62.55 3.81
N SER E 43 -102.53 61.54 4.31
CA SER E 43 -101.86 60.41 4.94
C SER E 43 -101.00 59.65 3.94
N ASP E 44 -101.50 59.47 2.72
CA ASP E 44 -100.68 58.86 1.68
C ASP E 44 -99.46 59.71 1.37
N LEU E 45 -99.60 61.03 1.38
CA LEU E 45 -98.46 61.91 1.18
C LEU E 45 -97.44 61.77 2.30
N ASP E 46 -97.90 61.62 3.54
CA ASP E 46 -96.98 61.42 4.66
C ASP E 46 -96.21 60.11 4.51
N LYS E 47 -96.91 59.04 4.13
CA LYS E 47 -96.24 57.76 3.89
C LYS E 47 -95.21 57.90 2.78
N ALA E 48 -95.59 58.57 1.69
CA ALA E 48 -94.67 58.77 0.58
C ALA E 48 -93.46 59.61 0.99
N LYS E 49 -93.68 60.61 1.84
CA LYS E 49 -92.58 61.44 2.30
C LYS E 49 -91.58 60.64 3.12
N LYS E 50 -92.08 59.81 4.03
CA LYS E 50 -91.17 58.98 4.83
C LYS E 50 -90.42 57.98 3.97
N LEU E 51 -91.11 57.34 3.02
CA LEU E 51 -90.45 56.41 2.12
C LEU E 51 -89.42 57.11 1.25
N LEU E 52 -89.72 58.36 0.85
CA LEU E 52 -88.77 59.13 0.04
C LEU E 52 -87.54 59.50 0.86
N LEU E 53 -87.72 59.83 2.13
CA LEU E 53 -86.57 60.06 3.00
C LEU E 53 -85.71 58.81 3.11
N ALA E 54 -86.34 57.64 3.25
CA ALA E 54 -85.57 56.40 3.31
C ALA E 54 -84.80 56.14 2.02
N VAL E 55 -85.45 56.33 0.87
CA VAL E 55 -84.79 56.08 -0.42
C VAL E 55 -83.66 57.08 -0.62
N GLU E 56 -83.88 58.34 -0.24
CA GLU E 56 -82.83 59.35 -0.36
C GLU E 56 -81.65 59.02 0.52
N THR E 57 -81.90 58.52 1.73
CA THR E 57 -80.80 58.10 2.61
C THR E 57 -80.01 56.97 1.97
N THR E 58 -80.71 55.98 1.40
CA THR E 58 -80.01 54.88 0.74
C THR E 58 -79.17 55.37 -0.43
N VAL E 59 -79.74 56.26 -1.25
CA VAL E 59 -79.03 56.77 -2.43
C VAL E 59 -77.81 57.59 -2.01
N ARG E 60 -77.97 58.43 -0.99
CA ARG E 60 -76.85 59.24 -0.53
C ARG E 60 -75.74 58.38 0.06
N ALA E 61 -76.10 57.33 0.80
CA ALA E 61 -75.08 56.41 1.31
C ALA E 61 -74.35 55.72 0.16
N ARG E 62 -75.10 55.28 -0.85
CA ARG E 62 -74.48 54.64 -2.01
C ARG E 62 -73.56 55.59 -2.75
N VAL E 63 -73.94 56.86 -2.86
CA VAL E 63 -73.10 57.83 -3.55
C VAL E 63 -71.85 58.15 -2.75
N THR E 64 -72.00 58.31 -1.42
CA THR E 64 -70.85 58.54 -0.56
C THR E 64 -69.88 57.36 -0.62
N ALA E 65 -70.40 56.15 -0.80
CA ALA E 65 -69.53 55.01 -1.03
C ALA E 65 -68.77 55.12 -2.35
N GLU E 66 -69.26 55.94 -3.28
CA GLU E 66 -68.59 56.13 -4.56
C GLU E 66 -67.58 57.27 -4.52
N VAL E 67 -67.92 58.38 -3.85
CA VAL E 67 -66.98 59.49 -3.74
C VAL E 67 -65.77 59.09 -2.91
N ASP E 68 -65.93 58.12 -2.00
CA ASP E 68 -64.78 57.62 -1.25
C ASP E 68 -63.76 56.98 -2.15
N LYS E 69 -64.19 56.43 -3.29
CA LYS E 69 -63.29 55.89 -4.30
C LYS E 69 -62.81 56.94 -5.28
N LEU E 70 -62.94 58.22 -4.94
CA LEU E 70 -62.54 59.36 -5.77
C LEU E 70 -63.38 59.49 -7.03
N ASN E 71 -64.47 58.74 -7.15
CA ASN E 71 -65.39 58.94 -8.25
C ASN E 71 -66.24 60.18 -8.02
N ILE E 72 -66.94 60.61 -9.06
CA ILE E 72 -67.86 61.74 -8.97
C ILE E 72 -69.28 61.21 -9.06
N CYS E 73 -70.18 61.81 -8.29
CA CYS E 73 -71.58 61.40 -8.29
C CYS E 73 -72.16 61.46 -9.70
N ASP E 74 -72.90 60.43 -10.07
CA ASP E 74 -73.43 60.33 -11.43
C ASP E 74 -74.38 61.49 -11.70
N PRO E 75 -74.32 62.10 -12.89
CA PRO E 75 -75.14 63.30 -13.13
C PRO E 75 -76.64 63.07 -12.99
N GLN E 76 -77.14 61.91 -13.41
CA GLN E 76 -78.57 61.62 -13.25
C GLN E 76 -78.92 61.45 -11.78
N VAL E 77 -78.08 60.75 -11.01
CA VAL E 77 -78.29 60.65 -9.57
C VAL E 77 -78.21 62.02 -8.93
N GLN E 78 -77.30 62.88 -9.42
CA GLN E 78 -77.20 64.23 -8.90
C GLN E 78 -78.48 65.02 -9.14
N VAL E 79 -79.06 64.90 -10.34
CA VAL E 79 -80.30 65.59 -10.63
C VAL E 79 -81.43 65.07 -9.75
N TRP E 80 -81.51 63.75 -9.57
CA TRP E 80 -82.54 63.19 -8.71
C TRP E 80 -82.40 63.68 -7.27
N LEU E 81 -81.16 63.70 -6.77
CA LEU E 81 -80.91 64.18 -5.41
C LEU E 81 -81.28 65.64 -5.28
N ARG E 82 -80.96 66.44 -6.30
CA ARG E 82 -81.29 67.86 -6.25
C ARG E 82 -82.80 68.07 -6.20
N ARG E 83 -83.55 67.30 -7.00
CA ARG E 83 -85.01 67.40 -6.96
C ARG E 83 -85.56 66.99 -5.60
N VAL E 84 -85.05 65.88 -5.05
CA VAL E 84 -85.50 65.44 -3.73
C VAL E 84 -85.23 66.51 -2.68
N GLU E 85 -84.04 67.11 -2.71
CA GLU E 85 -83.70 68.15 -1.76
C GLU E 85 -84.59 69.37 -1.93
N GLU E 86 -84.91 69.72 -3.17
CA GLU E 86 -85.71 70.90 -3.47
C GLU E 86 -87.20 70.70 -3.22
N LEU E 87 -87.65 69.45 -3.02
CA LEU E 87 -89.09 69.18 -2.89
C LEU E 87 -89.74 70.03 -1.79
N GLN E 88 -89.21 70.01 -0.57
CA GLN E 88 -89.66 70.89 0.51
C GLN E 88 -91.16 70.72 0.82
N LEU E 89 -91.50 69.55 1.34
CA LEU E 89 -92.90 69.25 1.67
C LEU E 89 -93.36 69.96 2.95
N ASP E 90 -92.46 70.58 3.71
CA ASP E 90 -92.86 71.24 4.93
C ASP E 90 -93.80 72.42 4.69
N ALA E 91 -93.73 73.06 3.53
CA ALA E 91 -94.63 74.17 3.25
C ALA E 91 -96.08 73.70 3.18
N ILE E 92 -96.35 72.65 2.41
CA ILE E 92 -97.71 72.12 2.34
C ILE E 92 -98.09 71.49 3.67
N ASP E 93 -97.13 70.93 4.40
CA ASP E 93 -97.42 70.44 5.75
C ASP E 93 -97.97 71.56 6.63
N GLU E 94 -97.29 72.71 6.65
CA GLU E 94 -97.76 73.83 7.46
C GLU E 94 -99.09 74.38 6.95
N ASP E 95 -99.27 74.40 5.63
CA ASP E 95 -100.54 74.88 5.08
C ASP E 95 -101.70 74.00 5.51
N TYR E 96 -101.50 72.68 5.48
CA TYR E 96 -102.54 71.76 5.95
C TYR E 96 -102.77 71.91 7.45
N SER E 97 -101.69 72.16 8.20
CA SER E 97 -101.85 72.40 9.64
C SER E 97 -102.70 73.63 9.92
N GLN E 98 -102.49 74.72 9.17
CA GLN E 98 -103.34 75.90 9.32
C GLN E 98 -104.77 75.62 8.89
N LEU E 99 -104.95 74.87 7.79
CA LEU E 99 -106.29 74.52 7.34
C LEU E 99 -107.03 73.70 8.39
N ARG E 100 -106.30 72.88 9.14
CA ARG E 100 -106.90 72.14 10.24
C ARG E 100 -107.46 73.08 11.30
N LYS E 101 -106.75 74.16 11.60
CA LYS E 101 -107.28 75.17 12.52
C LYS E 101 -108.45 75.92 11.89
N TYR E 102 -108.45 76.06 10.57
CA TYR E 102 -109.57 76.71 9.89
C TYR E 102 -110.75 75.76 9.66
N SER E 103 -110.69 74.54 10.18
CA SER E 103 -111.69 73.52 9.90
C SER E 103 -112.90 73.63 10.84
N CYS E 104 -113.11 74.82 11.41
CA CYS E 104 -114.20 75.01 12.37
C CYS E 104 -115.56 74.62 11.79
N LEU E 105 -115.84 75.04 10.55
CA LEU E 105 -117.12 74.74 9.92
C LEU E 105 -116.85 74.20 8.52
N GLY E 106 -117.50 73.08 8.18
CA GLY E 106 -117.36 72.50 6.86
C GLY E 106 -118.38 72.97 5.85
N GLN E 107 -119.43 73.66 6.30
CA GLN E 107 -120.46 74.16 5.39
C GLN E 107 -120.24 75.61 5.00
N CYS E 108 -119.59 76.41 5.84
CA CYS E 108 -119.33 77.80 5.52
C CYS E 108 -118.36 77.90 4.34
N THR E 109 -118.58 78.91 3.49
CA THR E 109 -117.74 79.12 2.32
C THR E 109 -116.56 80.04 2.62
N ILE E 110 -116.41 80.51 3.85
CA ILE E 110 -115.31 81.40 4.19
C ILE E 110 -113.98 80.66 4.08
N HIS E 111 -113.92 79.44 4.60
CA HIS E 111 -112.68 78.66 4.61
C HIS E 111 -112.59 77.69 3.43
N ALA E 112 -113.57 77.69 2.53
CA ALA E 112 -113.47 76.84 1.34
C ALA E 112 -112.37 77.34 0.40
N HIS E 113 -111.93 78.59 0.57
CA HIS E 113 -110.84 79.11 -0.26
C HIS E 113 -109.54 78.37 0.00
N ARG E 114 -109.28 78.03 1.27
CA ARG E 114 -108.05 77.32 1.61
C ARG E 114 -108.15 75.83 1.30
N ARG E 115 -109.31 75.22 1.60
CA ARG E 115 -109.46 73.78 1.42
C ARG E 115 -109.40 73.40 -0.05
N ALA E 116 -109.90 74.26 -0.94
CA ALA E 116 -109.89 73.96 -2.36
C ALA E 116 -108.46 73.85 -2.89
N SER E 117 -107.58 74.75 -2.47
CA SER E 117 -106.21 74.74 -2.96
C SER E 117 -105.45 73.51 -2.46
N ILE E 118 -105.66 73.13 -1.20
CA ILE E 118 -104.93 72.02 -0.61
C ILE E 118 -105.31 70.72 -1.29
N GLY E 119 -106.59 70.55 -1.63
CA GLY E 119 -107.06 69.32 -2.26
C GLY E 119 -106.38 68.98 -3.57
N ARG E 120 -105.79 69.96 -4.23
CA ARG E 120 -104.98 69.73 -5.43
C ARG E 120 -103.49 69.87 -5.19
N ARG E 121 -103.07 70.70 -4.23
CA ARG E 121 -101.65 70.80 -3.91
C ARG E 121 -101.12 69.51 -3.32
N VAL E 122 -101.94 68.81 -2.55
CA VAL E 122 -101.53 67.52 -1.99
C VAL E 122 -101.26 66.53 -3.11
N LEU E 123 -102.12 66.49 -4.12
CA LEU E 123 -101.87 65.63 -5.27
C LEU E 123 -100.63 66.07 -6.05
N GLU E 124 -100.46 67.38 -6.22
CA GLU E 124 -99.32 67.92 -6.95
C GLU E 124 -98.01 67.59 -6.26
N ALA E 125 -98.02 67.44 -4.94
CA ALA E 125 -96.84 66.97 -4.22
C ALA E 125 -96.71 65.46 -4.21
N LEU E 126 -97.84 64.74 -4.13
CA LEU E 126 -97.81 63.29 -3.98
C LEU E 126 -97.35 62.61 -5.27
N ASP E 127 -97.81 63.09 -6.42
CA ASP E 127 -97.37 62.49 -7.67
C ASP E 127 -95.86 62.66 -7.86
N GLU E 128 -95.33 63.84 -7.54
CA GLU E 128 -93.89 64.06 -7.61
C GLU E 128 -93.16 63.17 -6.62
N ALA E 129 -93.70 63.02 -5.41
CA ALA E 129 -93.05 62.18 -4.41
C ALA E 129 -92.99 60.73 -4.87
N ASN E 130 -94.08 60.24 -5.46
CA ASN E 130 -94.10 58.85 -5.92
C ASN E 130 -93.18 58.66 -7.13
N LYS E 131 -93.12 59.65 -8.02
CA LYS E 131 -92.19 59.57 -9.14
C LYS E 131 -90.74 59.54 -8.65
N LEU E 132 -90.43 60.35 -7.65
CA LEU E 132 -89.10 60.31 -7.05
C LEU E 132 -88.83 58.97 -6.37
N ILE E 133 -89.85 58.39 -5.76
CA ILE E 133 -89.73 57.04 -5.18
C ILE E 133 -89.34 56.05 -6.26
N GLU E 134 -90.06 56.05 -7.38
CA GLU E 134 -89.85 55.04 -8.40
C GLU E 134 -88.65 55.34 -9.29
N GLU E 135 -88.07 56.55 -9.19
CA GLU E 135 -86.84 56.83 -9.90
C GLU E 135 -85.61 56.42 -9.09
N GLY E 136 -85.53 56.86 -7.84
CA GLY E 136 -84.37 56.57 -7.02
C GLY E 136 -84.25 55.11 -6.64
N ARG E 137 -85.37 54.38 -6.65
CA ARG E 137 -85.35 52.95 -6.42
C ARG E 137 -84.85 52.18 -7.64
N ARG E 138 -84.66 52.85 -8.77
CA ARG E 138 -84.33 52.21 -10.03
C ARG E 138 -82.86 52.41 -10.41
N PHE E 139 -82.13 53.26 -9.70
CA PHE E 139 -80.72 53.49 -10.01
C PHE E 139 -79.90 52.22 -9.78
N LYS E 140 -78.90 52.03 -10.63
CA LYS E 140 -77.99 50.90 -10.50
C LYS E 140 -76.52 51.29 -10.53
N LYS E 141 -76.17 52.42 -11.13
CA LYS E 141 -74.82 52.98 -11.05
C LYS E 141 -74.92 54.38 -10.46
N PHE E 142 -73.99 54.70 -9.57
CA PHE E 142 -74.06 55.94 -8.81
C PHE E 142 -72.86 56.85 -8.99
N GLY E 143 -71.82 56.42 -9.70
CA GLY E 143 -70.68 57.27 -9.92
C GLY E 143 -69.92 56.85 -11.16
N PHE E 144 -69.18 57.79 -11.71
CA PHE E 144 -68.36 57.56 -12.89
C PHE E 144 -66.94 58.06 -12.63
N LYS E 145 -65.97 57.30 -13.12
CA LYS E 145 -64.57 57.65 -12.90
C LYS E 145 -64.21 58.88 -13.71
N PRO E 146 -63.75 59.96 -13.08
CA PRO E 146 -63.45 61.18 -13.85
C PRO E 146 -62.21 61.03 -14.70
N LEU E 147 -62.11 61.90 -15.69
CA LEU E 147 -60.95 61.90 -16.57
C LEU E 147 -59.71 62.33 -15.79
N PRO E 148 -58.53 61.84 -16.19
CA PRO E 148 -57.31 62.21 -15.47
C PRO E 148 -57.05 63.71 -15.52
N LYS E 149 -56.52 64.23 -14.42
CA LYS E 149 -56.20 65.65 -14.34
C LYS E 149 -55.10 66.00 -15.33
N ILE E 150 -55.05 67.27 -15.72
CA ILE E 150 -54.00 67.74 -16.61
C ILE E 150 -52.64 67.47 -15.99
N VAL E 151 -52.46 67.87 -14.74
CA VAL E 151 -51.27 67.59 -13.97
C VAL E 151 -51.67 67.27 -12.53
N ASP E 152 -51.25 66.10 -12.05
CA ASP E 152 -51.57 65.71 -10.68
C ASP E 152 -50.44 66.12 -9.74
N PRO E 153 -50.77 66.59 -8.55
CA PRO E 153 -49.73 67.12 -7.64
C PRO E 153 -48.73 66.04 -7.24
N LEU E 154 -47.50 66.46 -7.06
CA LEU E 154 -46.39 65.65 -6.59
C LEU E 154 -45.96 66.11 -5.21
N PRO E 155 -45.16 65.29 -4.48
CA PRO E 155 -44.73 65.67 -3.13
C PRO E 155 -44.23 67.10 -3.01
N GLN E 156 -44.95 67.91 -2.23
CA GLN E 156 -44.63 69.34 -2.08
C GLN E 156 -43.89 69.57 -0.76
N ILE E 157 -42.58 69.33 -0.80
CA ILE E 157 -41.74 69.59 0.35
C ILE E 157 -41.34 71.06 0.39
N LYS E 158 -40.83 71.49 1.54
CA LYS E 158 -40.31 72.85 1.65
C LYS E 158 -38.98 72.97 0.91
N THR E 159 -38.87 73.99 0.06
CA THR E 159 -37.71 74.16 -0.80
C THR E 159 -37.10 75.53 -0.57
N PHE E 160 -35.76 75.58 -0.58
CA PHE E 160 -35.02 76.81 -0.34
C PHE E 160 -34.15 77.14 -1.54
N GLY E 161 -34.17 78.40 -1.95
CA GLY E 161 -33.28 78.91 -2.97
C GLY E 161 -33.41 78.24 -4.32
N LEU E 162 -34.60 77.73 -4.62
CA LEU E 162 -34.85 77.08 -5.90
C LEU E 162 -35.54 77.98 -6.91
N GLU E 163 -35.73 79.27 -6.58
CA GLU E 163 -36.49 80.15 -7.45
C GLU E 163 -35.73 80.48 -8.73
N THR E 164 -34.43 80.74 -8.63
CA THR E 164 -33.65 81.10 -9.82
C THR E 164 -33.57 79.94 -10.80
N MET E 165 -33.32 78.73 -10.30
CA MET E 165 -33.20 77.58 -11.19
C MET E 165 -34.54 77.24 -11.82
N LEU E 166 -35.62 77.33 -11.05
CA LEU E 166 -36.95 77.14 -11.61
C LEU E 166 -37.26 78.20 -12.66
N SER E 167 -36.81 79.42 -12.45
CA SER E 167 -36.98 80.47 -13.46
C SER E 167 -36.23 80.13 -14.73
N GLN E 168 -35.01 79.63 -14.60
CA GLN E 168 -34.25 79.21 -15.79
C GLN E 168 -34.97 78.09 -16.54
N LEU E 169 -35.46 77.09 -15.79
CA LEU E 169 -36.16 75.97 -16.42
C LEU E 169 -37.42 76.43 -17.11
N TYR E 170 -38.18 77.33 -16.47
CA TYR E 170 -39.38 77.85 -17.10
C TYR E 170 -39.06 78.73 -18.31
N ASP E 171 -37.95 79.45 -18.27
CA ASP E 171 -37.55 80.26 -19.41
C ASP E 171 -37.24 79.39 -20.62
N LEU E 172 -36.56 78.27 -20.39
CA LEU E 172 -36.32 77.35 -21.51
C LEU E 172 -37.60 76.63 -21.93
N PHE E 173 -38.47 76.30 -20.97
CA PHE E 173 -39.70 75.59 -21.30
C PHE E 173 -40.63 76.45 -22.15
N GLU E 174 -40.78 77.72 -21.80
CA GLU E 174 -41.69 78.60 -22.54
C GLU E 174 -41.11 79.01 -23.88
N LYS E 175 -39.81 79.35 -23.92
CA LYS E 175 -39.23 79.99 -25.09
C LYS E 175 -38.15 79.17 -25.79
N GLY E 176 -37.85 77.95 -25.33
CA GLY E 176 -36.83 77.16 -25.98
C GLY E 176 -37.26 76.72 -27.37
N ASP E 177 -36.31 76.77 -28.31
CA ASP E 177 -36.56 76.34 -29.68
C ASP E 177 -36.59 74.82 -29.82
N SER E 178 -35.90 74.09 -28.96
CA SER E 178 -35.88 72.63 -29.00
C SER E 178 -36.87 72.09 -27.98
N ASN E 179 -37.58 71.04 -28.38
CA ASN E 179 -38.66 70.48 -27.55
C ASN E 179 -38.16 69.45 -26.55
N ILE E 180 -36.90 69.05 -26.62
CA ILE E 180 -36.30 68.15 -25.64
C ILE E 180 -35.35 68.95 -24.76
N ILE E 181 -35.63 68.98 -23.46
CA ILE E 181 -34.88 69.80 -22.51
C ILE E 181 -34.16 68.87 -21.55
N GLY E 182 -32.86 69.10 -21.36
CA GLY E 182 -32.09 68.29 -20.45
C GLY E 182 -31.56 69.07 -19.26
N VAL E 183 -31.71 68.52 -18.07
CA VAL E 183 -31.20 69.12 -16.84
C VAL E 183 -30.20 68.16 -16.24
N TRP E 184 -29.00 68.65 -15.94
CA TRP E 184 -27.96 67.80 -15.39
C TRP E 184 -27.30 68.46 -14.19
N GLY E 185 -26.79 67.62 -13.30
CA GLY E 185 -26.15 68.06 -12.07
C GLY E 185 -25.73 66.88 -11.21
N GLN E 186 -24.86 67.13 -10.24
CA GLN E 186 -24.37 66.05 -9.38
C GLN E 186 -25.48 65.49 -8.50
N GLY E 187 -25.28 64.28 -7.99
CA GLY E 187 -26.27 63.64 -7.15
C GLY E 187 -26.62 64.43 -5.91
N GLY E 188 -27.91 64.55 -5.62
CA GLY E 188 -28.35 65.29 -4.46
C GLY E 188 -28.46 66.78 -4.64
N VAL E 189 -28.22 67.29 -5.86
CA VAL E 189 -28.29 68.73 -6.08
C VAL E 189 -29.72 69.24 -6.14
N GLY E 190 -30.70 68.36 -6.41
CA GLY E 190 -32.09 68.77 -6.39
C GLY E 190 -32.83 68.63 -7.70
N LYS E 191 -32.39 67.70 -8.56
CA LYS E 191 -33.02 67.56 -9.86
C LYS E 191 -34.43 66.98 -9.74
N THR E 192 -34.59 65.92 -8.95
CA THR E 192 -35.92 65.35 -8.74
C THR E 192 -36.83 66.33 -8.01
N THR E 193 -36.29 67.04 -7.03
CA THR E 193 -37.07 68.07 -6.35
C THR E 193 -37.44 69.19 -7.32
N LEU E 194 -36.54 69.51 -8.25
CA LEU E 194 -36.86 70.49 -9.29
C LEU E 194 -38.02 70.00 -10.14
N LEU E 195 -38.00 68.73 -10.52
CA LEU E 195 -39.10 68.18 -11.31
C LEU E 195 -40.40 68.23 -10.54
N HIS E 196 -40.36 67.91 -9.25
CA HIS E 196 -41.57 67.94 -8.42
C HIS E 196 -42.13 69.36 -8.35
N VAL E 197 -41.27 70.34 -8.10
CA VAL E 197 -41.76 71.71 -7.95
C VAL E 197 -42.17 72.29 -9.30
N PHE E 198 -41.61 71.78 -10.39
CA PHE E 198 -42.02 72.23 -11.72
C PHE E 198 -43.37 71.65 -12.10
N ASN E 199 -43.58 70.36 -11.83
CA ASN E 199 -44.86 69.72 -12.10
C ASN E 199 -45.95 70.34 -11.25
N ASN E 200 -45.67 70.58 -9.97
CA ASN E 200 -46.64 71.20 -9.08
C ASN E 200 -46.87 72.67 -9.40
N ASP E 201 -45.99 73.29 -10.19
CA ASP E 201 -46.17 74.68 -10.58
C ASP E 201 -47.02 74.82 -11.83
N LEU E 202 -47.09 73.79 -12.67
CA LEU E 202 -47.89 73.87 -13.89
C LEU E 202 -49.37 73.97 -13.62
N GLU E 203 -49.86 73.46 -12.50
CA GLU E 203 -51.27 73.56 -12.14
C GLU E 203 -51.62 74.92 -11.55
N LYS E 204 -50.63 75.77 -11.30
CA LYS E 204 -50.88 77.14 -10.86
C LYS E 204 -50.96 78.12 -12.01
N LYS E 205 -50.25 77.84 -13.10
CA LYS E 205 -50.26 78.74 -14.25
C LYS E 205 -51.24 78.27 -15.30
N ALA E 206 -51.28 79.00 -16.41
CA ALA E 206 -52.10 78.68 -17.56
C ALA E 206 -51.21 78.21 -18.70
N HIS E 207 -51.55 77.06 -19.29
CA HIS E 207 -50.73 76.48 -20.34
C HIS E 207 -51.65 75.70 -21.28
N ASP E 208 -51.13 75.43 -22.48
CA ASP E 208 -51.90 74.78 -23.52
C ASP E 208 -51.74 73.26 -23.52
N TYR E 209 -50.92 72.72 -22.63
CA TYR E 209 -50.64 71.29 -22.63
C TYR E 209 -51.81 70.51 -22.02
N GLN E 210 -51.91 69.24 -22.40
CA GLN E 210 -53.04 68.42 -22.02
C GLN E 210 -52.72 67.33 -21.00
N VAL E 211 -51.50 66.80 -21.00
CA VAL E 211 -51.07 65.84 -20.00
C VAL E 211 -49.64 66.16 -19.58
N VAL E 212 -49.38 66.08 -18.28
CA VAL E 212 -48.05 66.25 -17.72
C VAL E 212 -47.70 64.96 -16.99
N ILE E 213 -46.83 64.16 -17.59
CA ILE E 213 -46.51 62.83 -17.09
C ILE E 213 -45.14 62.88 -16.42
N PHE E 214 -45.05 62.36 -15.21
CA PHE E 214 -43.78 62.23 -14.49
C PHE E 214 -43.41 60.76 -14.45
N ILE E 215 -42.28 60.41 -15.05
CA ILE E 215 -41.85 59.03 -15.20
C ILE E 215 -40.51 58.86 -14.50
N GLU E 216 -40.39 57.80 -13.70
CA GLU E 216 -39.15 57.51 -12.99
C GLU E 216 -38.38 56.44 -13.77
N VAL E 217 -37.32 56.86 -14.45
CA VAL E 217 -36.41 55.90 -15.07
C VAL E 217 -35.28 55.52 -14.12
N SER E 218 -35.22 56.14 -12.94
CA SER E 218 -34.18 55.90 -11.94
C SER E 218 -34.24 54.48 -11.39
N ASN E 219 -35.36 53.79 -11.61
CA ASN E 219 -35.54 52.46 -11.04
C ASN E 219 -34.39 51.52 -11.44
N SER E 220 -33.94 51.61 -12.68
CA SER E 220 -32.84 50.78 -13.14
C SER E 220 -32.23 51.41 -14.39
N GLU E 221 -31.05 50.92 -14.77
CA GLU E 221 -30.48 51.24 -16.06
C GLU E 221 -30.94 50.27 -17.13
N ALA E 222 -31.71 49.25 -16.75
CA ALA E 222 -32.22 48.27 -17.70
C ALA E 222 -33.47 48.74 -18.42
N LEU E 223 -33.99 49.92 -18.10
CA LEU E 223 -35.18 50.44 -18.77
C LEU E 223 -36.36 49.50 -18.60
N ASN E 224 -36.86 49.37 -17.38
CA ASN E 224 -37.94 48.42 -17.10
C ASN E 224 -39.21 48.97 -17.75
N THR E 225 -39.38 48.60 -19.02
CA THR E 225 -40.34 49.23 -19.92
C THR E 225 -41.77 49.10 -19.42
N VAL E 226 -42.09 47.98 -18.78
CA VAL E 226 -43.48 47.65 -18.46
C VAL E 226 -44.09 48.71 -17.55
N GLU E 227 -43.36 49.12 -16.51
CA GLU E 227 -43.90 50.13 -15.60
C GLU E 227 -43.97 51.51 -16.22
N ILE E 228 -43.04 51.87 -17.10
CA ILE E 228 -43.14 53.16 -17.78
C ILE E 228 -44.37 53.19 -18.67
N GLN E 229 -44.62 52.10 -19.41
CA GLN E 229 -45.82 52.03 -20.22
C GLN E 229 -47.07 52.03 -19.36
N GLN E 230 -47.01 51.38 -18.18
CA GLN E 230 -48.12 51.43 -17.25
C GLN E 230 -48.41 52.86 -16.81
N THR E 231 -47.37 53.61 -16.47
CA THR E 231 -47.56 54.99 -16.04
C THR E 231 -48.15 55.83 -17.17
N ILE E 232 -47.63 55.67 -18.39
CA ILE E 232 -48.15 56.46 -19.51
C ILE E 232 -49.61 56.11 -19.79
N SER E 233 -49.95 54.81 -19.80
CA SER E 233 -51.32 54.41 -20.09
C SER E 233 -52.28 54.87 -18.99
N GLU E 234 -51.88 54.71 -17.73
CA GLU E 234 -52.71 55.20 -16.63
C GLU E 234 -52.89 56.70 -16.69
N ARG E 235 -51.86 57.41 -17.13
CA ARG E 235 -51.95 58.86 -17.27
C ARG E 235 -52.72 59.29 -18.50
N LEU E 236 -52.93 58.39 -19.46
CA LEU E 236 -53.68 58.69 -20.67
C LEU E 236 -55.09 58.12 -20.65
N ASN E 237 -55.56 57.65 -19.49
CA ASN E 237 -56.88 57.04 -19.36
C ASN E 237 -57.06 55.86 -20.30
N LEU E 238 -56.02 55.06 -20.46
CA LEU E 238 -56.07 53.91 -21.35
C LEU E 238 -56.24 52.62 -20.56
N PRO E 239 -56.95 51.64 -21.11
CA PRO E 239 -57.03 50.33 -20.45
C PRO E 239 -55.72 49.59 -20.55
N TRP E 240 -55.39 48.84 -19.49
CA TRP E 240 -54.13 48.11 -19.44
C TRP E 240 -54.36 46.70 -19.96
N ASN E 241 -53.97 46.47 -21.21
CA ASN E 241 -54.00 45.14 -21.80
C ASN E 241 -52.71 44.44 -21.41
N ASP E 242 -52.79 43.60 -20.38
CA ASP E 242 -51.58 43.05 -19.76
C ASP E 242 -50.82 42.14 -20.71
N ALA E 243 -51.54 41.34 -21.50
CA ALA E 243 -50.89 40.35 -22.36
C ALA E 243 -50.39 40.94 -23.68
N GLU E 244 -50.62 42.22 -23.93
CA GLU E 244 -50.18 42.83 -25.17
C GLU E 244 -48.65 42.86 -25.23
N PRO E 245 -48.05 42.56 -26.38
CA PRO E 245 -46.59 42.63 -26.50
C PRO E 245 -46.09 44.06 -26.36
N ILE E 246 -44.85 44.18 -25.90
CA ILE E 246 -44.28 45.49 -25.57
C ILE E 246 -44.19 46.37 -26.81
N ALA E 247 -43.78 45.80 -27.95
CA ALA E 247 -43.64 46.59 -29.17
C ALA E 247 -44.99 47.10 -29.66
N LYS E 248 -46.03 46.26 -29.60
CA LYS E 248 -47.36 46.70 -30.02
C LYS E 248 -47.87 47.82 -29.12
N ARG E 249 -47.68 47.68 -27.81
CA ARG E 249 -48.06 48.75 -26.88
C ARG E 249 -47.27 50.02 -27.15
N ALA E 250 -45.98 49.89 -27.50
CA ALA E 250 -45.18 51.05 -27.80
C ALA E 250 -45.71 51.79 -29.02
N ARG E 251 -46.06 51.04 -30.07
CA ARG E 251 -46.65 51.67 -31.25
C ARG E 251 -47.98 52.32 -30.92
N PHE E 252 -48.80 51.65 -30.11
CA PHE E 252 -50.10 52.19 -29.74
C PHE E 252 -49.94 53.49 -28.95
N LEU E 253 -48.95 53.53 -28.05
CA LEU E 253 -48.73 54.74 -27.25
C LEU E 253 -48.14 55.86 -28.10
N ILE E 254 -47.29 55.50 -29.07
CA ILE E 254 -46.79 56.50 -30.00
C ILE E 254 -47.94 57.14 -30.76
N LYS E 255 -48.90 56.32 -31.20
CA LYS E 255 -50.10 56.86 -31.83
C LYS E 255 -50.91 57.71 -30.86
N ALA E 256 -51.04 57.25 -29.61
CA ALA E 256 -51.90 57.93 -28.65
C ALA E 256 -51.30 59.26 -28.20
N LEU E 257 -50.01 59.26 -27.85
CA LEU E 257 -49.38 60.48 -27.37
C LEU E 257 -49.24 61.53 -28.47
N GLY E 258 -49.26 61.10 -29.73
CA GLY E 258 -49.21 62.05 -30.83
C GLY E 258 -50.47 62.88 -30.98
N ARG E 259 -51.55 62.47 -30.33
CA ARG E 259 -52.82 63.20 -30.40
C ARG E 259 -52.94 64.31 -29.36
N LYS E 260 -52.00 64.39 -28.42
CA LYS E 260 -52.10 65.34 -27.32
C LYS E 260 -50.81 66.14 -27.18
N ARG E 261 -50.94 67.36 -26.68
CA ARG E 261 -49.79 68.18 -26.34
C ARG E 261 -49.26 67.78 -24.97
N PHE E 262 -48.34 66.82 -24.92
CA PHE E 262 -47.91 66.24 -23.67
C PHE E 262 -46.64 66.90 -23.16
N VAL E 263 -46.42 66.77 -21.85
CA VAL E 263 -45.14 67.09 -21.21
C VAL E 263 -44.75 65.88 -20.39
N ILE E 264 -43.61 65.27 -20.72
CA ILE E 264 -43.11 64.10 -20.03
C ILE E 264 -41.85 64.50 -19.28
N LEU E 265 -41.84 64.27 -17.97
CA LEU E 265 -40.73 64.63 -17.10
C LEU E 265 -40.00 63.35 -16.72
N LEU E 266 -39.05 62.95 -17.56
CA LEU E 266 -38.22 61.80 -17.22
C LEU E 266 -37.30 62.16 -16.07
N ASP E 267 -37.06 61.19 -15.18
CA ASP E 267 -36.32 61.45 -13.96
C ASP E 267 -35.16 60.48 -13.83
N ASP E 268 -33.95 61.04 -13.70
CA ASP E 268 -32.73 60.29 -13.44
C ASP E 268 -32.55 59.15 -14.46
N VAL E 269 -32.40 59.56 -15.72
CA VAL E 269 -32.09 58.61 -16.78
C VAL E 269 -30.59 58.37 -16.79
N ARG E 270 -30.19 57.11 -16.64
CA ARG E 270 -28.78 56.77 -16.46
C ARG E 270 -28.12 56.20 -17.71
N LYS E 271 -28.90 55.78 -18.70
CA LYS E 271 -28.35 55.30 -19.96
C LYS E 271 -29.21 55.83 -21.11
N LYS E 272 -28.59 55.95 -22.28
CA LYS E 272 -29.34 56.30 -23.48
C LYS E 272 -30.32 55.19 -23.80
N PHE E 273 -31.58 55.56 -24.04
CA PHE E 273 -32.60 54.60 -24.40
C PHE E 273 -33.47 55.20 -25.49
N CYS E 274 -34.06 54.32 -26.30
CA CYS E 274 -34.88 54.74 -27.43
C CYS E 274 -36.29 55.08 -26.92
N LEU E 275 -36.73 56.31 -27.18
CA LEU E 275 -38.04 56.73 -26.73
C LEU E 275 -39.16 55.96 -27.42
N GLU E 276 -39.00 55.72 -28.73
CA GLU E 276 -40.02 54.99 -29.48
C GLU E 276 -40.15 53.54 -29.04
N ASP E 277 -39.12 52.97 -28.41
CA ASP E 277 -39.22 51.61 -27.90
C ASP E 277 -40.07 51.55 -26.64
N VAL E 278 -40.10 52.64 -25.87
CA VAL E 278 -40.91 52.68 -24.66
C VAL E 278 -42.31 53.22 -24.95
N GLY E 279 -42.55 53.73 -26.15
CA GLY E 279 -43.84 54.28 -26.50
C GLY E 279 -43.91 55.78 -26.58
N ILE E 280 -42.89 56.49 -26.10
CA ILE E 280 -42.89 57.96 -26.15
C ILE E 280 -42.44 58.42 -27.54
N PRO E 281 -43.23 59.23 -28.23
CA PRO E 281 -42.77 59.82 -29.49
C PRO E 281 -41.84 61.00 -29.20
N THR E 282 -40.73 61.06 -29.91
CA THR E 282 -39.82 62.18 -29.74
C THR E 282 -40.47 63.46 -30.25
N PRO E 283 -40.57 64.50 -29.43
CA PRO E 283 -41.18 65.74 -29.90
C PRO E 283 -40.31 66.44 -30.94
N ASP E 284 -40.98 67.14 -31.85
CA ASP E 284 -40.30 67.84 -32.92
C ASP E 284 -40.87 69.24 -33.03
N ILE E 285 -40.30 70.03 -33.93
CA ILE E 285 -40.69 71.43 -34.08
C ILE E 285 -42.15 71.55 -34.46
N ASN E 286 -42.65 70.64 -35.29
CA ASN E 286 -44.05 70.66 -35.71
C ASN E 286 -45.02 70.49 -34.54
N SER E 287 -44.62 69.79 -33.48
CA SER E 287 -45.50 69.51 -32.36
C SER E 287 -45.18 70.44 -31.20
N GLN E 288 -46.22 70.77 -30.42
CA GLN E 288 -46.07 71.59 -29.23
C GLN E 288 -45.56 70.79 -28.04
N SER E 289 -45.50 69.47 -28.15
CA SER E 289 -45.12 68.63 -27.02
C SER E 289 -43.69 68.92 -26.57
N LYS E 290 -43.48 68.81 -25.26
CA LYS E 290 -42.15 68.98 -24.67
C LYS E 290 -41.74 67.69 -23.99
N LEU E 291 -40.47 67.61 -23.62
CA LEU E 291 -39.91 66.43 -22.96
C LEU E 291 -38.70 66.88 -22.15
N ILE E 292 -38.79 66.77 -20.83
CA ILE E 292 -37.75 67.22 -19.92
C ILE E 292 -37.17 66.01 -19.21
N LEU E 293 -35.86 65.83 -19.32
CA LEU E 293 -35.17 64.70 -18.70
C LEU E 293 -34.05 65.21 -17.81
N THR E 294 -33.89 64.59 -16.65
CA THR E 294 -32.82 64.92 -15.73
C THR E 294 -31.88 63.73 -15.58
N SER E 295 -30.59 64.02 -15.50
CA SER E 295 -29.59 62.98 -15.37
C SER E 295 -28.33 63.57 -14.74
N ARG E 296 -27.55 62.70 -14.09
CA ARG E 296 -26.29 63.14 -13.53
C ARG E 296 -25.21 63.36 -14.57
N TYR E 297 -25.37 62.77 -15.76
CA TYR E 297 -24.32 62.75 -16.77
C TYR E 297 -24.71 63.64 -17.93
N ARG E 298 -23.81 64.55 -18.31
CA ARG E 298 -24.03 65.35 -19.51
C ARG E 298 -23.97 64.50 -20.77
N GLU E 299 -23.23 63.38 -20.73
CA GLU E 299 -23.16 62.51 -21.88
C GLU E 299 -24.51 61.90 -22.21
N VAL E 300 -25.29 61.52 -21.20
CA VAL E 300 -26.63 60.98 -21.44
C VAL E 300 -27.53 62.07 -22.03
N CYS E 301 -27.47 63.27 -21.47
CA CYS E 301 -28.30 64.36 -21.99
C CYS E 301 -27.92 64.74 -23.41
N PHE E 302 -26.66 64.55 -23.79
CA PHE E 302 -26.25 64.77 -25.17
C PHE E 302 -26.70 63.62 -26.07
N GLN E 303 -26.67 62.39 -25.55
CA GLN E 303 -27.08 61.24 -26.35
C GLN E 303 -28.56 61.28 -26.67
N MET E 304 -29.38 61.82 -25.76
CA MET E 304 -30.82 61.89 -25.94
C MET E 304 -31.26 63.15 -26.69
N ASN E 305 -30.37 63.75 -27.49
CA ASN E 305 -30.70 64.87 -28.37
C ASN E 305 -31.16 66.11 -27.60
N ALA E 306 -30.65 66.31 -26.39
CA ALA E 306 -30.94 67.50 -25.60
C ALA E 306 -29.76 68.45 -25.53
N GLN E 307 -28.86 68.43 -26.51
CA GLN E 307 -27.64 69.23 -26.44
C GLN E 307 -27.92 70.72 -26.46
N ARG E 308 -28.89 71.17 -27.26
CA ARG E 308 -29.14 72.58 -27.45
C ARG E 308 -30.15 73.16 -26.46
N SER E 309 -30.56 72.36 -25.46
CA SER E 309 -31.42 72.88 -24.40
C SER E 309 -30.95 72.39 -23.03
N LEU E 310 -29.65 72.36 -22.78
CA LEU E 310 -29.11 71.84 -21.54
C LEU E 310 -29.10 72.91 -20.44
N ILE E 311 -29.33 72.48 -19.21
CA ILE E 311 -29.23 73.33 -18.04
C ILE E 311 -28.40 72.60 -16.99
N GLU E 312 -27.51 73.32 -16.33
CA GLU E 312 -26.69 72.75 -15.27
C GLU E 312 -27.29 73.13 -13.92
N MET E 313 -27.55 72.11 -13.09
CA MET E 313 -28.09 72.31 -11.75
C MET E 313 -26.93 72.62 -10.81
N GLN E 314 -26.80 73.90 -10.48
CA GLN E 314 -25.72 74.35 -9.63
C GLN E 314 -26.09 74.17 -8.16
N ILE E 315 -25.06 74.12 -7.30
CA ILE E 315 -25.29 73.94 -5.87
C ILE E 315 -25.96 75.17 -5.29
N LEU E 316 -26.47 75.00 -4.06
CA LEU E 316 -27.22 76.06 -3.41
C LEU E 316 -26.29 77.20 -2.99
N GLY E 317 -26.89 78.39 -2.82
CA GLY E 317 -26.10 79.55 -2.47
C GLY E 317 -25.65 79.53 -1.02
N ASN E 318 -24.86 80.55 -0.67
CA ASN E 318 -24.31 80.62 0.68
C ASN E 318 -25.39 80.79 1.73
N ASP E 319 -26.38 81.65 1.47
CA ASP E 319 -27.41 81.95 2.46
C ASP E 319 -28.53 80.91 2.42
N ALA E 320 -28.92 80.49 1.22
CA ALA E 320 -29.99 79.51 1.08
C ALA E 320 -29.60 78.17 1.70
N SER E 321 -28.35 77.75 1.50
CA SER E 321 -27.86 76.53 2.13
C SER E 321 -27.87 76.64 3.65
N TRP E 322 -27.47 77.78 4.20
CA TRP E 322 -27.52 77.98 5.64
C TRP E 322 -28.94 77.89 6.17
N GLU E 323 -29.88 78.59 5.54
CA GLU E 323 -31.25 78.58 6.06
C GLU E 323 -31.95 77.25 5.77
N LEU E 324 -31.41 76.45 4.85
CA LEU E 324 -31.86 75.07 4.73
C LEU E 324 -31.32 74.22 5.87
N PHE E 325 -30.06 74.46 6.25
CA PHE E 325 -29.49 73.76 7.39
C PHE E 325 -30.20 74.14 8.69
N LEU E 326 -30.59 75.40 8.81
CA LEU E 326 -31.24 75.87 10.02
C LEU E 326 -32.58 75.16 10.24
N SER E 327 -33.36 74.98 9.19
CA SER E 327 -34.67 74.35 9.32
C SER E 327 -34.57 72.88 9.69
N LYS E 328 -33.39 72.28 9.59
CA LYS E 328 -33.21 70.87 9.89
C LYS E 328 -32.93 70.60 11.36
N LEU E 329 -32.77 71.64 12.18
CA LEU E 329 -32.42 71.49 13.58
C LEU E 329 -33.67 71.56 14.45
N SER E 330 -33.60 70.90 15.61
CA SER E 330 -34.69 70.93 16.56
C SER E 330 -34.88 72.34 17.12
N THR E 331 -35.98 72.52 17.86
CA THR E 331 -36.32 73.86 18.36
C THR E 331 -35.26 74.38 19.32
N GLU E 332 -34.91 73.58 20.34
CA GLU E 332 -33.93 74.04 21.32
C GLU E 332 -32.55 74.17 20.70
N THR E 333 -32.19 73.27 19.78
CA THR E 333 -30.89 73.36 19.12
C THR E 333 -30.84 74.57 18.18
N SER E 334 -31.94 74.83 17.47
CA SER E 334 -31.97 76.01 16.61
C SER E 334 -31.89 77.30 17.42
N ALA E 335 -32.55 77.32 18.58
CA ALA E 335 -32.53 78.52 19.43
C ALA E 335 -31.13 78.89 19.87
N ALA E 336 -30.19 77.93 19.88
CA ALA E 336 -28.81 78.24 20.23
C ALA E 336 -28.10 78.97 19.08
N VAL E 337 -28.33 78.54 17.85
CA VAL E 337 -27.59 79.08 16.71
C VAL E 337 -28.39 80.08 15.89
N GLU E 338 -29.71 80.16 16.08
CA GLU E 338 -30.52 81.14 15.37
C GLU E 338 -30.20 82.59 15.71
N PRO E 339 -30.05 83.00 16.98
CA PRO E 339 -30.21 84.42 17.31
C PRO E 339 -29.32 85.35 16.50
N LEU E 340 -29.92 86.45 16.05
CA LEU E 340 -29.23 87.47 15.28
C LEU E 340 -28.65 88.54 16.20
N GLY E 341 -27.98 89.51 15.60
CA GLY E 341 -27.41 90.61 16.35
C GLY E 341 -26.15 90.22 17.10
N SER E 342 -26.31 89.37 18.11
CA SER E 342 -25.17 88.90 18.87
C SER E 342 -24.42 87.82 18.10
N GLN E 343 -23.17 87.60 18.47
CA GLN E 343 -22.34 86.57 17.88
C GLN E 343 -21.82 85.65 18.97
N SER E 344 -21.88 84.35 18.70
CA SER E 344 -21.44 83.34 19.65
C SER E 344 -20.64 82.28 18.91
N ALA E 345 -19.80 81.57 19.66
CA ALA E 345 -18.98 80.52 19.06
C ALA E 345 -19.84 79.40 18.49
N THR E 346 -21.01 79.14 19.08
CA THR E 346 -21.89 78.09 18.58
C THR E 346 -22.39 78.41 17.18
N ARG E 347 -22.73 79.68 16.92
CA ARG E 347 -23.12 80.08 15.57
C ARG E 347 -21.99 79.85 14.58
N GLU E 348 -20.76 80.20 14.96
CA GLU E 348 -19.63 80.01 14.06
C GLU E 348 -19.39 78.53 13.79
N HIS E 349 -19.52 77.68 14.81
CA HIS E 349 -19.33 76.25 14.62
C HIS E 349 -20.44 75.65 13.74
N ALA E 350 -21.68 76.10 13.93
CA ALA E 350 -22.77 75.64 13.08
C ALA E 350 -22.55 76.05 11.63
N MET E 351 -22.09 77.28 11.42
CA MET E 351 -21.81 77.74 10.05
C MET E 351 -20.65 76.97 9.45
N LYS E 352 -19.64 76.64 10.26
CA LYS E 352 -18.53 75.83 9.77
C LYS E 352 -19.00 74.45 9.36
N ILE E 353 -19.92 73.86 10.12
CA ILE E 353 -20.50 72.57 9.75
C ILE E 353 -21.29 72.71 8.45
N ALA E 354 -22.07 73.78 8.33
CA ALA E 354 -22.89 73.96 7.14
C ALA E 354 -22.04 74.15 5.89
N GLN E 355 -20.95 74.91 5.99
CA GLN E 355 -20.10 75.15 4.83
C GLN E 355 -19.42 73.88 4.35
N SER E 356 -19.16 72.93 5.26
CA SER E 356 -18.50 71.69 4.88
C SER E 356 -19.37 70.84 3.95
N CYS E 357 -20.68 71.08 3.92
CA CYS E 357 -21.56 70.33 3.04
C CYS E 357 -21.51 70.82 1.59
N GLY E 358 -20.86 71.95 1.34
CA GLY E 358 -20.68 72.41 -0.03
C GLY E 358 -21.93 72.86 -0.74
N GLY E 359 -22.99 73.19 0.02
CA GLY E 359 -24.21 73.63 -0.61
C GLY E 359 -25.00 72.55 -1.31
N LEU E 360 -24.67 71.28 -1.07
CA LEU E 360 -25.36 70.18 -1.71
C LEU E 360 -26.59 69.82 -0.87
N PRO E 361 -27.81 69.99 -1.38
CA PRO E 361 -29.00 69.81 -0.52
C PRO E 361 -29.10 68.44 0.13
N LEU E 362 -28.65 67.38 -0.54
CA LEU E 362 -28.63 66.07 0.10
C LEU E 362 -27.69 66.06 1.30
N ALA E 363 -26.48 66.59 1.13
CA ALA E 363 -25.55 66.70 2.23
C ALA E 363 -26.08 67.61 3.33
N LEU E 364 -26.69 68.72 2.94
CA LEU E 364 -27.30 69.61 3.94
C LEU E 364 -28.33 68.86 4.77
N ASN E 365 -29.23 68.13 4.11
CA ASN E 365 -30.28 67.41 4.84
C ASN E 365 -29.67 66.37 5.78
N VAL E 366 -28.74 65.56 5.27
CA VAL E 366 -28.18 64.49 6.10
C VAL E 366 -27.42 65.06 7.29
N ILE E 367 -26.57 66.06 7.05
CA ILE E 367 -25.77 66.62 8.14
C ILE E 367 -26.65 67.33 9.15
N GLY E 368 -27.62 68.13 8.69
CA GLY E 368 -28.51 68.82 9.61
C GLY E 368 -29.33 67.86 10.44
N THR E 369 -29.80 66.76 9.85
CA THR E 369 -30.50 65.75 10.62
C THR E 369 -29.58 65.10 11.64
N ALA E 370 -28.33 64.86 11.27
CA ALA E 370 -27.39 64.23 12.19
C ALA E 370 -27.13 65.10 13.42
N VAL E 371 -27.01 66.42 13.22
CA VAL E 371 -26.65 67.33 14.31
C VAL E 371 -27.86 68.13 14.76
N ALA E 372 -29.06 67.60 14.50
CA ALA E 372 -30.28 68.30 14.86
C ALA E 372 -30.50 68.37 16.36
N GLY E 373 -29.82 67.54 17.14
CA GLY E 373 -30.02 67.52 18.58
C GLY E 373 -28.76 67.84 19.36
N LEU E 374 -27.82 68.55 18.73
CA LEU E 374 -26.57 68.90 19.39
C LEU E 374 -26.82 69.93 20.48
N GLU E 375 -26.38 69.61 21.70
CA GLU E 375 -26.43 70.59 22.78
C GLU E 375 -25.38 71.67 22.55
N GLU E 376 -25.52 72.77 23.30
CA GLU E 376 -24.69 73.95 23.07
C GLU E 376 -23.20 73.63 23.22
N GLY E 377 -22.85 72.68 24.10
CA GLY E 377 -21.45 72.40 24.35
C GLY E 377 -20.76 71.53 23.31
N GLU E 378 -21.53 70.80 22.51
CA GLU E 378 -20.93 69.85 21.57
C GLU E 378 -20.74 70.41 20.17
N TRP E 379 -21.08 71.68 19.93
CA TRP E 379 -20.82 72.28 18.63
C TRP E 379 -19.32 72.37 18.35
N GLN E 380 -18.53 72.71 19.37
CA GLN E 380 -17.11 72.99 19.18
C GLN E 380 -16.36 71.77 18.65
N SER E 381 -16.60 70.59 19.22
CA SER E 381 -15.90 69.39 18.79
C SER E 381 -16.44 68.84 17.48
N ALA E 382 -17.75 68.88 17.30
CA ALA E 382 -18.35 68.37 16.07
C ALA E 382 -17.91 69.19 14.88
N ALA E 383 -17.87 70.52 15.02
CA ALA E 383 -17.43 71.37 13.92
C ALA E 383 -15.97 71.13 13.58
N ASP E 384 -15.12 70.93 14.59
CA ASP E 384 -13.72 70.64 14.32
C ASP E 384 -13.55 69.30 13.63
N ALA E 385 -14.35 68.30 14.01
CA ALA E 385 -14.17 66.96 13.46
C ALA E 385 -14.72 66.87 12.04
N ILE E 386 -15.83 67.55 11.76
CA ILE E 386 -16.47 67.43 10.45
C ILE E 386 -15.57 68.03 9.36
N ALA E 387 -14.76 69.02 9.71
CA ALA E 387 -13.91 69.67 8.73
C ALA E 387 -12.85 68.75 8.15
N THR E 388 -12.56 67.62 8.78
CA THR E 388 -11.54 66.70 8.31
C THR E 388 -12.09 65.36 7.83
N ASN E 389 -13.15 64.86 8.46
CA ASN E 389 -13.68 63.54 8.13
C ASN E 389 -15.17 63.51 8.43
N MET E 390 -15.91 62.77 7.60
CA MET E 390 -17.35 62.69 7.72
C MET E 390 -17.87 61.25 7.73
N ASP E 391 -16.98 60.25 7.78
CA ASP E 391 -17.42 58.87 7.69
C ASP E 391 -18.22 58.42 8.90
N ASN E 392 -18.05 59.07 10.06
CA ASN E 392 -18.70 58.65 11.29
C ASN E 392 -20.01 59.36 11.58
N ILE E 393 -20.39 60.34 10.78
CA ILE E 393 -21.61 61.10 11.03
C ILE E 393 -22.82 60.26 10.63
N ASP E 394 -23.88 60.35 11.44
CA ASP E 394 -25.08 59.54 11.23
C ASP E 394 -25.69 59.81 9.85
N GLY E 395 -25.95 58.74 9.11
CA GLY E 395 -26.62 58.82 7.83
C GLY E 395 -25.73 59.14 6.64
N VAL E 396 -24.46 59.44 6.87
CA VAL E 396 -23.56 59.78 5.76
C VAL E 396 -23.17 58.52 4.99
N ASP E 397 -23.17 57.36 5.64
CA ASP E 397 -22.87 56.12 4.94
C ASP E 397 -23.83 55.87 3.80
N GLU E 398 -25.14 56.03 4.03
CA GLU E 398 -26.10 55.87 2.96
C GLU E 398 -26.09 57.03 1.97
N MET E 399 -25.65 58.21 2.39
CA MET E 399 -25.45 59.30 1.44
C MET E 399 -24.38 58.94 0.42
N PHE E 400 -23.26 58.41 0.90
CA PHE E 400 -22.22 57.96 -0.02
C PHE E 400 -22.67 56.74 -0.82
N GLY E 401 -23.47 55.86 -0.22
CA GLY E 401 -24.03 54.76 -0.98
C GLY E 401 -24.90 55.23 -2.13
N ARG E 402 -25.65 56.31 -1.91
CA ARG E 402 -26.47 56.90 -2.97
C ARG E 402 -25.62 57.58 -4.03
N LEU E 403 -24.57 58.30 -3.61
CA LEU E 403 -23.73 59.01 -4.57
C LEU E 403 -22.73 58.08 -5.27
N LYS E 404 -22.61 56.84 -4.80
CA LYS E 404 -21.53 55.98 -5.27
C LYS E 404 -21.76 55.45 -6.67
N TYR E 405 -23.01 55.50 -7.18
CA TYR E 405 -23.28 54.92 -8.49
C TYR E 405 -22.50 55.64 -9.59
N SER E 406 -22.37 56.97 -9.49
CA SER E 406 -21.59 57.71 -10.47
C SER E 406 -20.14 57.23 -10.50
N PHE E 407 -19.65 56.68 -9.40
CA PHE E 407 -18.30 56.12 -9.37
C PHE E 407 -18.29 54.68 -9.89
N ASP E 408 -19.31 53.90 -9.55
CA ASP E 408 -19.37 52.52 -10.02
C ASP E 408 -19.60 52.45 -11.52
N ARG E 409 -20.17 53.50 -12.10
CA ARG E 409 -20.37 53.56 -13.55
C ARG E 409 -19.04 53.60 -14.30
N LEU E 410 -17.98 54.09 -13.64
CA LEU E 410 -16.72 54.33 -14.32
C LEU E 410 -15.99 53.03 -14.63
N THR E 411 -15.12 53.09 -15.64
CA THR E 411 -14.19 52.01 -15.92
C THR E 411 -13.08 52.04 -14.87
N PRO E 412 -12.37 50.92 -14.67
CA PRO E 412 -11.33 50.89 -13.64
C PRO E 412 -10.26 51.96 -13.81
N THR E 413 -9.87 52.29 -15.05
CA THR E 413 -8.91 53.37 -15.25
C THR E 413 -9.47 54.70 -14.77
N GLN E 414 -10.74 54.99 -15.09
CA GLN E 414 -11.35 56.21 -14.62
C GLN E 414 -11.52 56.21 -13.10
N GLN E 415 -11.80 55.04 -12.53
CA GLN E 415 -11.90 54.93 -11.07
C GLN E 415 -10.57 55.26 -10.41
N GLN E 416 -9.48 54.73 -10.95
CA GLN E 416 -8.15 55.03 -10.40
C GLN E 416 -7.79 56.50 -10.59
N CYS E 417 -8.16 57.07 -11.74
CA CYS E 417 -7.86 58.48 -11.98
C CYS E 417 -8.67 59.38 -11.06
N PHE E 418 -9.89 58.98 -10.70
CA PHE E 418 -10.69 59.78 -9.79
C PHE E 418 -10.14 59.71 -8.37
N LEU E 419 -9.77 58.51 -7.92
CA LEU E 419 -9.20 58.36 -6.58
C LEU E 419 -7.87 59.09 -6.48
N TYR E 420 -7.08 59.08 -7.56
CA TYR E 420 -5.81 59.77 -7.58
C TYR E 420 -5.97 61.27 -7.34
N CYS E 421 -7.11 61.84 -7.73
CA CYS E 421 -7.35 63.27 -7.54
C CYS E 421 -7.78 63.62 -6.12
N THR E 422 -8.09 62.62 -5.28
CA THR E 422 -8.58 62.90 -3.94
C THR E 422 -7.46 63.29 -2.97
N LEU E 423 -6.20 63.05 -3.33
CA LEU E 423 -5.09 63.34 -2.44
C LEU E 423 -4.53 64.75 -2.62
N PHE E 424 -5.15 65.57 -3.46
CA PHE E 424 -4.80 66.97 -3.58
C PHE E 424 -5.49 67.77 -2.48
N PRO E 425 -4.96 68.95 -2.14
CA PRO E 425 -5.46 69.67 -0.96
C PRO E 425 -6.89 70.14 -1.10
N GLU E 426 -7.57 70.23 0.04
CA GLU E 426 -8.96 70.67 0.09
C GLU E 426 -9.07 72.12 -0.36
N TYR E 427 -10.15 72.43 -1.09
CA TYR E 427 -10.37 73.74 -1.71
C TYR E 427 -9.24 74.15 -2.64
N GLY E 428 -8.57 73.21 -3.29
CA GLY E 428 -7.48 73.55 -4.17
C GLY E 428 -7.68 73.16 -5.62
N SER E 429 -7.75 74.15 -6.51
CA SER E 429 -7.83 73.87 -7.93
C SER E 429 -6.49 73.33 -8.43
N ILE E 430 -6.55 72.31 -9.28
CA ILE E 430 -5.36 71.68 -9.83
C ILE E 430 -5.43 71.72 -11.35
N SER E 431 -4.27 71.78 -11.99
CA SER E 431 -4.21 71.91 -13.44
C SER E 431 -4.37 70.55 -14.11
N LYS E 432 -4.97 70.57 -15.30
CA LYS E 432 -5.16 69.33 -16.04
C LYS E 432 -3.82 68.73 -16.47
N GLU E 433 -2.87 69.57 -16.87
CA GLU E 433 -1.60 69.09 -17.38
C GLU E 433 -0.82 68.33 -16.30
N GLN E 434 -0.79 68.85 -15.08
CA GLN E 434 -0.09 68.17 -13.99
C GLN E 434 -0.70 66.81 -13.72
N LEU E 435 -2.03 66.75 -13.65
CA LEU E 435 -2.72 65.51 -13.36
C LEU E 435 -2.51 64.49 -14.48
N ILE E 436 -2.54 64.95 -15.73
CA ILE E 436 -2.32 64.05 -16.85
C ILE E 436 -0.87 63.55 -16.86
N GLY E 437 0.08 64.39 -16.46
CA GLY E 437 1.45 63.93 -16.33
C GLY E 437 1.60 62.87 -15.27
N TYR E 438 0.95 63.07 -14.11
CA TYR E 438 0.98 62.07 -13.06
C TYR E 438 0.39 60.76 -13.54
N TRP E 439 -0.74 60.83 -14.26
CA TRP E 439 -1.37 59.62 -14.77
C TRP E 439 -0.49 58.92 -15.81
N LEU E 440 0.16 59.69 -16.69
CA LEU E 440 1.04 59.11 -17.69
C LEU E 440 2.20 58.38 -17.02
N ALA E 441 2.78 59.00 -15.99
CA ALA E 441 3.86 58.35 -15.25
C ALA E 441 3.38 57.10 -14.53
N GLU E 442 2.18 57.17 -13.93
CA GLU E 442 1.67 56.05 -13.15
C GLU E 442 1.37 54.81 -13.99
N GLY E 443 1.27 54.96 -15.31
CA GLY E 443 0.89 53.86 -16.17
C GLY E 443 -0.59 53.71 -16.39
N LEU E 444 -1.42 54.58 -15.81
CA LEU E 444 -2.84 54.54 -16.07
C LEU E 444 -3.15 54.86 -17.52
N LEU E 445 -2.41 55.78 -18.12
CA LEU E 445 -2.52 56.13 -19.52
C LEU E 445 -1.42 55.41 -20.29
N LEU E 446 -1.80 54.70 -21.36
CA LEU E 446 -0.82 53.98 -22.18
C LEU E 446 -0.07 54.96 -23.06
N ASN E 447 0.70 55.84 -22.40
CA ASN E 447 1.53 56.86 -23.03
C ASN E 447 0.74 57.80 -23.92
N ASP E 448 -0.54 58.03 -23.63
CA ASP E 448 -1.39 58.91 -24.43
C ASP E 448 -1.97 59.99 -23.53
N SER E 449 -1.67 61.25 -23.85
CA SER E 449 -2.21 62.37 -23.08
C SER E 449 -3.67 62.65 -23.42
N GLU E 450 -4.06 62.43 -24.67
CA GLU E 450 -5.47 62.63 -25.03
C GLU E 450 -6.36 61.65 -24.28
N LYS E 451 -5.85 60.48 -23.93
CA LYS E 451 -6.61 59.58 -23.07
C LYS E 451 -6.84 60.21 -21.70
N GLY E 452 -5.84 60.91 -21.16
CA GLY E 452 -6.03 61.61 -19.91
C GLY E 452 -7.05 62.73 -20.02
N TYR E 453 -7.01 63.47 -21.13
CA TYR E 453 -8.01 64.51 -21.35
C TYR E 453 -9.40 63.90 -21.47
N GLN E 454 -9.52 62.75 -22.13
CA GLN E 454 -10.81 62.06 -22.24
C GLN E 454 -11.30 61.63 -20.86
N ILE E 455 -10.39 61.12 -20.02
CA ILE E 455 -10.77 60.72 -18.67
C ILE E 455 -11.24 61.92 -17.86
N ILE E 456 -10.55 63.05 -17.99
CA ILE E 456 -10.96 64.26 -17.29
C ILE E 456 -12.34 64.71 -17.76
N ARG E 457 -12.58 64.65 -19.07
CA ARG E 457 -13.88 65.02 -19.60
C ARG E 457 -14.97 64.08 -19.10
N SER E 458 -14.68 62.79 -19.03
CA SER E 458 -15.65 61.82 -18.51
C SER E 458 -15.97 62.10 -17.05
N LEU E 459 -14.95 62.43 -16.26
CA LEU E 459 -15.18 62.75 -14.86
C LEU E 459 -15.99 64.03 -14.70
N VAL E 460 -15.71 65.04 -15.54
CA VAL E 460 -16.46 66.29 -15.46
C VAL E 460 -17.92 66.07 -15.88
N SER E 461 -18.15 65.25 -16.91
CA SER E 461 -19.51 65.00 -17.37
C SER E 461 -20.32 64.20 -16.36
N ALA E 462 -19.68 63.37 -15.54
CA ALA E 462 -20.36 62.65 -14.48
C ALA E 462 -20.45 63.44 -13.19
N CYS E 463 -20.01 64.70 -13.20
CA CYS E 463 -20.03 65.61 -12.06
C CYS E 463 -19.11 65.17 -10.93
N LEU E 464 -18.17 64.26 -11.21
CA LEU E 464 -17.19 63.88 -10.19
C LEU E 464 -16.05 64.88 -10.08
N LEU E 465 -15.83 65.69 -11.11
CA LEU E 465 -14.88 66.79 -11.07
C LEU E 465 -15.58 68.05 -11.59
N GLN E 466 -15.01 69.20 -11.25
CA GLN E 466 -15.56 70.48 -11.67
C GLN E 466 -14.48 71.28 -12.38
N VAL E 467 -14.77 71.73 -13.59
CA VAL E 467 -13.86 72.64 -14.28
C VAL E 467 -14.09 74.05 -13.75
N SER E 468 -13.04 74.64 -13.20
CA SER E 468 -13.18 75.93 -12.53
C SER E 468 -11.88 76.71 -12.50
N GLY E 469 -11.98 78.04 -12.45
CA GLY E 469 -10.80 78.87 -12.38
C GLY E 469 -10.94 80.04 -13.33
N SER E 470 -9.91 80.88 -13.35
CA SER E 470 -9.83 81.94 -14.34
C SER E 470 -9.74 81.40 -15.76
N MET E 471 -9.29 80.15 -15.92
CA MET E 471 -9.28 79.48 -17.20
C MET E 471 -9.71 78.03 -16.95
N SER E 472 -10.28 77.41 -17.99
CA SER E 472 -10.77 76.05 -17.87
C SER E 472 -9.66 75.01 -17.78
N SER E 473 -8.40 75.42 -17.66
CA SER E 473 -7.29 74.47 -17.55
C SER E 473 -7.18 73.86 -16.16
N LYS E 474 -7.96 74.32 -15.19
CA LYS E 474 -7.90 73.82 -13.82
C LYS E 474 -9.18 73.05 -13.49
N VAL E 475 -9.01 71.93 -12.81
CA VAL E 475 -10.14 71.13 -12.32
C VAL E 475 -10.08 71.08 -10.80
N LYS E 476 -11.21 70.77 -10.19
CA LYS E 476 -11.30 70.66 -8.74
C LYS E 476 -12.44 69.71 -8.39
N MET E 477 -12.46 69.30 -7.12
CA MET E 477 -13.46 68.35 -6.62
C MET E 477 -14.35 69.05 -5.61
N HIS E 478 -15.65 68.77 -5.69
CA HIS E 478 -16.57 69.26 -4.66
C HIS E 478 -16.25 68.59 -3.34
N HIS E 479 -16.50 69.31 -2.25
CA HIS E 479 -16.09 68.83 -0.92
C HIS E 479 -16.72 67.48 -0.61
N VAL E 480 -18.03 67.36 -0.86
CA VAL E 480 -18.71 66.09 -0.61
C VAL E 480 -18.18 64.99 -1.53
N ILE E 481 -17.84 65.35 -2.77
CA ILE E 481 -17.31 64.35 -3.70
C ILE E 481 -15.92 63.87 -3.25
N ARG E 482 -15.10 64.79 -2.73
CA ARG E 482 -13.81 64.37 -2.20
C ARG E 482 -13.96 63.51 -0.95
N GLN E 483 -14.93 63.83 -0.10
CA GLN E 483 -15.20 62.97 1.05
C GLN E 483 -15.67 61.59 0.60
N LEU E 484 -16.48 61.53 -0.46
CA LEU E 484 -16.87 60.25 -1.03
C LEU E 484 -15.67 59.48 -1.55
N GLY E 485 -14.73 60.18 -2.19
CA GLY E 485 -13.52 59.52 -2.67
C GLY E 485 -12.69 58.96 -1.54
N LEU E 486 -12.52 59.74 -0.47
CA LEU E 486 -11.78 59.26 0.69
C LEU E 486 -12.48 58.08 1.34
N TRP E 487 -13.81 58.11 1.42
CA TRP E 487 -14.57 57.00 1.97
C TRP E 487 -14.40 55.75 1.11
N LEU E 488 -14.41 55.91 -0.21
CA LEU E 488 -14.19 54.76 -1.10
C LEU E 488 -12.78 54.21 -0.94
N VAL E 489 -11.80 55.09 -0.79
CA VAL E 489 -10.42 54.64 -0.56
C VAL E 489 -10.33 53.83 0.72
N ASN E 490 -10.96 54.34 1.79
CA ASN E 490 -10.95 53.62 3.06
C ASN E 490 -11.67 52.27 2.93
N LYS E 491 -12.74 52.21 2.15
CA LYS E 491 -13.44 50.96 1.93
C LYS E 491 -12.64 50.00 1.06
N SER E 492 -11.71 50.52 0.26
CA SER E 492 -10.91 49.67 -0.61
C SER E 492 -9.84 48.94 0.18
N ASP E 493 -9.24 47.94 -0.47
CA ASP E 493 -8.18 47.14 0.15
C ASP E 493 -6.79 47.71 -0.07
N THR E 494 -6.67 48.83 -0.78
CA THR E 494 -5.38 49.49 -0.99
C THR E 494 -5.41 50.83 -0.25
N LYS E 495 -4.64 50.92 0.82
CA LYS E 495 -4.68 52.10 1.67
C LYS E 495 -3.94 53.27 1.02
N PHE E 496 -4.51 54.46 1.17
CA PHE E 496 -3.84 55.70 0.83
C PHE E 496 -3.47 56.45 2.10
N LEU E 497 -2.37 57.19 2.04
CA LEU E 497 -2.01 58.14 3.09
C LEU E 497 -2.24 59.54 2.55
N VAL E 498 -3.35 60.14 2.95
CA VAL E 498 -3.79 61.41 2.36
C VAL E 498 -3.89 62.47 3.45
N GLN E 499 -2.84 63.29 3.58
CA GLN E 499 -2.84 64.41 4.53
C GLN E 499 -2.33 65.68 3.84
N PRO E 500 -3.03 66.18 2.82
CA PRO E 500 -2.63 67.44 2.21
C PRO E 500 -3.40 68.62 2.77
N GLY E 501 -2.78 69.80 2.71
CA GLY E 501 -3.47 71.03 3.02
C GLY E 501 -4.02 71.13 4.43
N MET E 502 -3.55 70.31 5.34
CA MET E 502 -4.02 70.31 6.72
C MET E 502 -3.18 71.20 7.62
N ALA E 503 -2.28 71.99 7.06
CA ALA E 503 -1.37 72.84 7.84
C ALA E 503 -0.57 72.00 8.84
N LEU E 504 -0.10 70.85 8.37
CA LEU E 504 0.69 69.96 9.21
C LEU E 504 2.03 70.61 9.53
N ASP E 505 2.40 70.65 10.81
CA ASP E 505 3.65 71.25 11.24
C ASP E 505 4.80 70.25 11.29
N ASN E 506 4.50 68.96 11.39
CA ASN E 506 5.51 67.92 11.42
C ASN E 506 5.02 66.72 10.61
N ALA E 507 5.96 65.92 10.12
CA ALA E 507 5.61 64.79 9.28
C ALA E 507 4.81 63.77 10.08
N PRO E 508 3.92 63.02 9.42
CA PRO E 508 3.15 62.00 10.13
C PRO E 508 4.04 60.85 10.57
N SER E 509 3.52 60.05 11.51
CA SER E 509 4.26 58.93 12.06
C SER E 509 4.66 57.96 10.96
N ALA E 510 5.91 57.49 11.04
CA ALA E 510 6.46 56.63 9.98
C ALA E 510 5.78 55.27 9.93
N GLU E 511 5.03 54.89 10.97
CA GLU E 511 4.36 53.61 10.97
C GLU E 511 3.17 53.60 9.99
N GLU E 512 2.53 54.75 9.80
CA GLU E 512 1.37 54.83 8.92
C GLU E 512 1.75 54.65 7.46
N TRP E 513 3.03 54.71 7.12
CA TRP E 513 3.48 54.63 5.73
C TRP E 513 3.69 53.21 5.24
N ASN E 514 3.42 52.20 6.07
CA ASN E 514 3.77 50.83 5.72
C ASN E 514 3.03 50.34 4.49
N GLU E 515 1.70 50.21 4.59
CA GLU E 515 0.91 49.58 3.54
C GLU E 515 0.37 50.56 2.52
N ALA E 516 0.53 51.86 2.73
CA ALA E 516 -0.03 52.84 1.81
C ALA E 516 0.65 52.79 0.46
N THR E 517 -0.12 53.01 -0.60
CA THR E 517 0.41 53.03 -1.97
C THR E 517 0.57 54.44 -2.51
N ARG E 518 -0.27 55.38 -2.08
CA ARG E 518 -0.17 56.78 -2.47
C ARG E 518 0.04 57.63 -1.23
N ILE E 519 1.05 58.50 -1.28
CA ILE E 519 1.36 59.42 -0.19
C ILE E 519 1.23 60.85 -0.71
N SER E 520 0.55 61.68 0.07
CA SER E 520 0.38 63.08 -0.30
C SER E 520 0.48 63.94 0.95
N ILE E 521 1.48 64.81 0.98
CA ILE E 521 1.70 65.71 2.10
C ILE E 521 1.78 67.14 1.56
N MET E 522 1.05 67.40 0.49
CA MET E 522 1.10 68.71 -0.16
C MET E 522 0.51 69.80 0.73
N SER E 523 0.87 71.04 0.40
CA SER E 523 0.31 72.23 1.05
C SER E 523 0.44 72.16 2.56
N ASN E 524 1.63 71.78 3.03
CA ASN E 524 1.89 71.63 4.44
C ASN E 524 3.13 72.41 4.83
N ASN E 525 3.21 72.76 6.11
CA ASN E 525 4.34 73.48 6.67
C ASN E 525 5.43 72.57 7.19
N ILE E 526 5.59 71.38 6.59
CA ILE E 526 6.59 70.42 7.06
C ILE E 526 7.96 71.08 7.05
N THR E 527 8.67 70.96 8.17
CA THR E 527 9.99 71.56 8.32
C THR E 527 11.12 70.54 8.25
N GLU E 528 10.89 69.31 8.65
CA GLU E 528 11.95 68.31 8.71
C GLU E 528 11.37 66.94 8.39
N LEU E 529 12.07 66.19 7.53
CA LEU E 529 11.69 64.84 7.13
C LEU E 529 12.91 63.96 7.38
N SER E 530 13.02 63.42 8.59
CA SER E 530 14.25 62.82 9.06
C SER E 530 14.20 61.30 9.20
N PHE E 531 13.02 60.69 9.15
CA PHE E 531 12.96 59.24 9.30
C PHE E 531 13.17 58.56 7.95
N SER E 532 13.16 57.24 7.96
CA SER E 532 13.28 56.43 6.75
C SER E 532 12.11 55.45 6.71
N PRO E 533 11.14 55.63 5.81
CA PRO E 533 9.92 54.82 5.86
C PRO E 533 10.15 53.41 5.32
N LYS E 534 9.15 52.57 5.54
CA LYS E 534 9.13 51.21 5.02
C LYS E 534 8.24 51.07 3.79
N CYS E 535 8.21 52.10 2.95
CA CYS E 535 7.24 52.19 1.87
C CYS E 535 7.56 51.29 0.69
N LYS E 536 7.45 49.97 0.87
CA LYS E 536 7.70 49.04 -0.22
C LYS E 536 6.63 49.14 -1.31
N ASN E 537 5.37 49.38 -0.94
CA ASN E 537 4.27 49.36 -1.90
C ASN E 537 3.97 50.72 -2.52
N VAL E 538 4.63 51.78 -2.06
CA VAL E 538 4.30 53.13 -2.52
C VAL E 538 4.63 53.28 -3.99
N THR E 539 3.69 53.88 -4.74
CA THR E 539 3.90 54.22 -6.13
C THR E 539 3.75 55.71 -6.42
N THR E 540 3.60 56.55 -5.40
CA THR E 540 3.44 57.99 -5.61
C THR E 540 3.83 58.73 -4.34
N LEU E 541 4.62 59.79 -4.50
CA LEU E 541 5.03 60.67 -3.40
C LEU E 541 4.83 62.11 -3.84
N LEU E 542 3.75 62.73 -3.35
CA LEU E 542 3.53 64.16 -3.61
C LEU E 542 3.91 64.98 -2.39
N MET E 543 4.73 66.01 -2.61
CA MET E 543 5.14 66.88 -1.52
C MET E 543 5.14 68.35 -1.90
N GLN E 544 4.36 68.78 -2.88
CA GLN E 544 4.37 70.16 -3.33
C GLN E 544 3.96 71.10 -2.20
N ASN E 545 4.40 72.37 -2.33
CA ASN E 545 4.05 73.42 -1.39
C ASN E 545 4.42 73.06 0.05
N ASN E 546 5.72 72.81 0.25
CA ASN E 546 6.31 72.60 1.57
C ASN E 546 7.45 73.60 1.72
N PRO E 547 7.13 74.88 1.94
CA PRO E 547 8.18 75.91 1.88
C PRO E 547 9.28 75.73 2.93
N ASN E 548 8.97 75.17 4.09
CA ASN E 548 9.96 75.04 5.14
C ASN E 548 10.72 73.72 5.10
N LEU E 549 10.32 72.79 4.24
CA LEU E 549 10.99 71.49 4.16
C LEU E 549 12.29 71.65 3.38
N ASN E 550 13.42 71.62 4.11
CA ASN E 550 14.73 71.76 3.49
C ASN E 550 15.72 70.67 3.87
N LYS E 551 15.43 69.86 4.89
CA LYS E 551 16.32 68.78 5.29
C LYS E 551 15.59 67.45 5.12
N MET E 552 16.28 66.47 4.54
CA MET E 552 15.73 65.14 4.35
C MET E 552 16.80 64.12 4.71
N SER E 553 16.35 63.01 5.31
CA SER E 553 17.27 61.97 5.72
C SER E 553 17.89 61.29 4.50
N TYR E 554 19.21 61.12 4.54
CA TYR E 554 19.89 60.35 3.50
C TYR E 554 19.46 58.90 3.58
N GLY E 555 19.32 58.26 2.41
CA GLY E 555 18.73 56.95 2.36
C GLY E 555 17.23 56.94 2.55
N PHE E 556 16.55 58.06 2.28
CA PHE E 556 15.10 58.12 2.42
C PHE E 556 14.41 57.24 1.39
N PHE E 557 15.00 57.14 0.20
CA PHE E 557 14.39 56.42 -0.92
C PHE E 557 14.84 54.98 -1.01
N ARG E 558 15.42 54.41 0.04
CA ARG E 558 15.93 53.04 -0.03
C ARG E 558 14.80 52.04 -0.27
N THR E 559 13.66 52.24 0.38
CA THR E 559 12.51 51.35 0.22
C THR E 559 11.54 51.82 -0.85
N MET E 560 11.89 52.84 -1.63
CA MET E 560 10.98 53.44 -2.60
C MET E 560 11.22 52.87 -3.99
N SER E 561 11.56 51.58 -4.06
CA SER E 561 11.90 50.95 -5.34
C SER E 561 10.78 51.10 -6.37
N SER E 562 9.53 50.98 -5.95
CA SER E 562 8.40 51.04 -6.86
C SER E 562 7.81 52.45 -6.99
N LEU E 563 8.42 53.45 -6.39
CA LEU E 563 7.95 54.83 -6.49
C LEU E 563 8.02 55.31 -7.93
N LYS E 564 6.89 55.77 -8.47
CA LYS E 564 6.83 56.18 -9.86
C LYS E 564 6.69 57.69 -10.04
N VAL E 565 6.04 58.37 -9.10
CA VAL E 565 5.84 59.82 -9.18
C VAL E 565 6.40 60.45 -7.93
N LEU E 566 7.21 61.50 -8.11
CA LEU E 566 7.89 62.16 -7.00
C LEU E 566 7.89 63.66 -7.27
N ASP E 567 7.29 64.43 -6.37
CA ASP E 567 7.14 65.88 -6.54
C ASP E 567 7.67 66.59 -5.30
N LEU E 568 8.94 66.98 -5.33
CA LEU E 568 9.47 67.95 -4.36
C LEU E 568 9.43 69.36 -4.95
N SER E 569 8.23 69.78 -5.34
CA SER E 569 8.01 71.08 -5.95
C SER E 569 7.75 72.11 -4.87
N HIS E 570 8.25 73.33 -5.11
CA HIS E 570 8.07 74.46 -4.21
C HIS E 570 8.55 74.13 -2.79
N THR E 571 9.65 73.37 -2.72
CA THR E 571 10.24 73.01 -1.45
C THR E 571 11.57 73.74 -1.31
N ALA E 572 12.13 73.70 -0.11
CA ALA E 572 13.35 74.43 0.21
C ALA E 572 14.59 73.55 0.24
N ILE E 573 14.49 72.29 -0.20
CA ILE E 573 15.65 71.41 -0.20
C ILE E 573 16.65 71.91 -1.24
N THR E 574 17.92 71.99 -0.85
CA THR E 574 18.98 72.32 -1.78
C THR E 574 19.72 71.09 -2.29
N SER E 575 19.53 69.95 -1.65
CA SER E 575 20.15 68.71 -2.08
C SER E 575 19.14 67.57 -1.97
N LEU E 576 19.31 66.56 -2.81
CA LEU E 576 18.40 65.42 -2.80
C LEU E 576 19.11 64.20 -2.26
N PRO E 577 18.46 63.38 -1.45
CA PRO E 577 19.10 62.14 -0.97
C PRO E 577 19.43 61.22 -2.13
N GLU E 578 20.49 60.43 -1.95
CA GLU E 578 20.90 59.49 -3.00
C GLU E 578 19.77 58.52 -3.29
N CYS E 579 19.55 58.25 -4.59
CA CYS E 579 18.35 57.51 -4.98
C CYS E 579 18.62 56.42 -6.02
N ASP E 580 19.72 55.66 -5.89
CA ASP E 580 19.95 54.56 -6.81
C ASP E 580 18.92 53.45 -6.69
N ALA E 581 18.15 53.41 -5.60
CA ALA E 581 17.13 52.38 -5.44
C ALA E 581 15.84 52.71 -6.18
N LEU E 582 15.72 53.90 -6.75
CA LEU E 582 14.54 54.28 -7.51
C LEU E 582 14.57 53.64 -8.89
N VAL E 583 14.40 52.32 -8.95
CA VAL E 583 14.53 51.61 -10.22
C VAL E 583 13.39 51.93 -11.16
N ALA E 584 12.16 52.06 -10.64
CA ALA E 584 10.98 52.18 -11.47
C ALA E 584 10.47 53.61 -11.60
N LEU E 585 11.20 54.61 -11.11
CA LEU E 585 10.72 55.98 -11.19
C LEU E 585 10.66 56.46 -12.64
N GLU E 586 9.59 57.17 -12.97
CA GLU E 586 9.37 57.70 -14.30
C GLU E 586 9.09 59.20 -14.33
N HIS E 587 8.66 59.77 -13.22
CA HIS E 587 8.38 61.21 -13.13
C HIS E 587 9.10 61.76 -11.90
N LEU E 588 9.75 62.91 -12.06
CA LEU E 588 10.52 63.52 -10.99
C LEU E 588 10.55 65.02 -11.22
N ASN E 589 9.83 65.78 -10.41
CA ASN E 589 9.66 67.21 -10.58
C ASN E 589 10.32 67.94 -9.41
N LEU E 590 11.19 68.90 -9.73
CA LEU E 590 11.82 69.76 -8.73
C LEU E 590 11.64 71.24 -9.06
N SER E 591 10.48 71.62 -9.59
CA SER E 591 10.25 73.01 -9.94
C SER E 591 10.23 73.89 -8.70
N HIS E 592 10.74 75.12 -8.86
CA HIS E 592 10.74 76.13 -7.81
C HIS E 592 11.50 75.69 -6.57
N THR E 593 12.41 74.72 -6.72
CA THR E 593 13.19 74.24 -5.61
C THR E 593 14.55 74.92 -5.56
N HIS E 594 15.15 74.95 -4.38
CA HIS E 594 16.46 75.58 -4.19
C HIS E 594 17.58 74.57 -4.42
N ILE E 595 17.29 73.48 -5.13
CA ILE E 595 18.30 72.48 -5.45
C ILE E 595 19.36 73.13 -6.34
N MET E 596 20.63 73.03 -5.92
CA MET E 596 21.71 73.67 -6.66
C MET E 596 22.46 72.70 -7.56
N ARG E 597 22.59 71.44 -7.16
CA ARG E 597 23.23 70.44 -8.00
C ARG E 597 22.43 69.15 -7.90
N LEU E 598 22.42 68.39 -9.00
CA LEU E 598 21.61 67.19 -9.09
C LEU E 598 22.52 65.97 -8.95
N PRO E 599 22.25 65.07 -8.01
CA PRO E 599 23.19 63.97 -7.75
C PRO E 599 23.36 63.05 -8.95
N GLU E 600 24.56 62.45 -9.03
CA GLU E 600 24.94 61.65 -10.18
C GLU E 600 24.20 60.31 -10.24
N ARG E 601 23.54 59.90 -9.16
CA ARG E 601 22.82 58.64 -9.19
C ARG E 601 21.60 58.70 -10.10
N LEU E 602 21.13 59.90 -10.43
CA LEU E 602 19.96 60.05 -11.30
C LEU E 602 20.23 59.52 -12.70
N TRP E 603 21.47 59.65 -13.18
CA TRP E 603 21.80 59.19 -14.52
C TRP E 603 21.74 57.68 -14.66
N LEU E 604 21.69 56.94 -13.55
CA LEU E 604 21.55 55.49 -13.59
C LEU E 604 20.09 55.05 -13.50
N LEU E 605 19.15 55.98 -13.39
CA LEU E 605 17.72 55.66 -13.35
C LEU E 605 17.26 55.43 -14.79
N LYS E 606 17.24 54.15 -15.18
CA LYS E 606 17.01 53.81 -16.58
C LYS E 606 15.56 54.02 -16.99
N GLU E 607 14.64 54.01 -16.03
CA GLU E 607 13.21 54.07 -16.34
C GLU E 607 12.65 55.49 -16.36
N LEU E 608 13.46 56.50 -16.07
CA LEU E 608 12.95 57.86 -15.97
C LEU E 608 12.43 58.34 -17.32
N ARG E 609 11.31 59.07 -17.30
CA ARG E 609 10.68 59.59 -18.49
C ARG E 609 10.44 61.10 -18.47
N HIS E 610 10.38 61.72 -17.30
CA HIS E 610 10.12 63.16 -17.23
C HIS E 610 10.92 63.74 -16.08
N LEU E 611 11.69 64.79 -16.38
CA LEU E 611 12.45 65.53 -15.38
C LEU E 611 12.14 67.01 -15.51
N ASP E 612 11.63 67.60 -14.43
CA ASP E 612 11.25 69.00 -14.41
C ASP E 612 12.03 69.72 -13.32
N LEU E 613 12.84 70.69 -13.72
CA LEU E 613 13.59 71.53 -12.79
C LEU E 613 13.40 73.00 -13.12
N SER E 614 12.19 73.39 -13.50
CA SER E 614 11.93 74.76 -13.92
C SER E 614 11.99 75.71 -12.74
N VAL E 615 12.40 76.95 -13.02
CA VAL E 615 12.45 78.04 -12.06
C VAL E 615 13.28 77.64 -10.84
N THR E 616 14.26 76.77 -11.06
CA THR E 616 15.21 76.42 -10.00
C THR E 616 16.26 77.54 -9.92
N VAL E 617 16.13 78.40 -8.91
CA VAL E 617 16.99 79.57 -8.80
C VAL E 617 18.43 79.16 -8.55
N ALA E 618 18.65 78.19 -7.67
CA ALA E 618 20.01 77.84 -7.27
C ALA E 618 20.65 76.79 -8.17
N PHE E 619 19.92 76.20 -9.11
CA PHE E 619 20.47 75.13 -9.93
C PHE E 619 21.60 75.63 -10.79
N GLU E 620 22.77 74.99 -10.68
CA GLU E 620 23.94 75.41 -11.44
C GLU E 620 24.77 74.24 -11.95
N ASP E 621 24.20 73.03 -12.03
CA ASP E 621 24.93 71.84 -12.43
C ASP E 621 24.63 71.51 -13.88
N THR E 622 25.67 71.09 -14.61
CA THR E 622 25.52 70.75 -16.02
C THR E 622 24.81 69.41 -16.16
N MET E 623 24.14 69.21 -17.30
CA MET E 623 23.46 67.95 -17.56
C MET E 623 24.25 67.04 -18.50
N ASN E 624 25.58 67.15 -18.55
CA ASN E 624 26.35 66.40 -19.53
C ASN E 624 26.17 64.89 -19.36
N ASN E 625 25.78 64.44 -18.16
CA ASN E 625 25.54 63.02 -17.95
C ASN E 625 24.12 62.60 -18.30
N CYS E 626 23.29 63.51 -18.81
CA CYS E 626 21.94 63.13 -19.22
C CYS E 626 21.94 62.20 -20.42
N SER E 627 23.08 62.07 -21.11
CA SER E 627 23.17 61.13 -22.22
C SER E 627 22.87 59.70 -21.79
N LYS E 628 23.28 59.32 -20.57
CA LYS E 628 22.92 58.02 -20.02
C LYS E 628 21.44 57.87 -19.74
N LEU E 629 20.68 58.97 -19.75
CA LEU E 629 19.24 58.95 -19.53
C LEU E 629 18.50 58.84 -20.86
N HIS E 630 18.69 57.72 -21.54
CA HIS E 630 18.13 57.56 -22.89
C HIS E 630 16.61 57.58 -22.90
N LYS E 631 15.98 56.94 -21.92
CA LYS E 631 14.53 56.75 -21.97
C LYS E 631 13.76 58.03 -21.67
N LEU E 632 14.44 59.10 -21.24
CA LEU E 632 13.75 60.32 -20.86
C LEU E 632 12.94 60.89 -22.02
N LYS E 633 11.72 61.34 -21.72
CA LYS E 633 10.81 61.86 -22.72
C LYS E 633 10.69 63.38 -22.70
N VAL E 634 10.78 64.00 -21.52
CA VAL E 634 10.58 65.43 -21.36
C VAL E 634 11.60 65.99 -20.39
N LEU E 635 12.22 67.12 -20.76
CA LEU E 635 13.00 67.94 -19.85
C LEU E 635 12.27 69.26 -19.63
N ASN E 636 12.68 70.00 -18.61
CA ASN E 636 12.14 71.33 -18.36
C ASN E 636 13.12 72.10 -17.49
N LEU E 637 13.79 73.10 -18.08
CA LEU E 637 14.63 74.03 -17.34
C LEU E 637 14.17 75.47 -17.51
N PHE E 638 12.87 75.69 -17.67
CA PHE E 638 12.34 77.02 -17.92
C PHE E 638 12.63 77.94 -16.74
N ARG E 639 13.14 79.13 -17.02
CA ARG E 639 13.54 80.14 -16.04
C ARG E 639 14.58 79.62 -15.05
N SER E 640 15.21 78.49 -15.32
CA SER E 640 16.30 78.03 -14.48
C SER E 640 17.53 78.92 -14.67
N HIS E 641 18.25 79.15 -13.57
CA HIS E 641 19.46 79.97 -13.65
C HIS E 641 20.54 79.33 -14.50
N TYR E 642 20.67 78.00 -14.46
CA TYR E 642 21.57 77.27 -15.33
C TYR E 642 20.86 76.87 -16.61
N GLY E 643 21.60 76.88 -17.71
CA GLY E 643 21.08 76.47 -18.99
C GLY E 643 22.15 76.34 -20.05
N ILE E 644 21.86 76.76 -21.28
CA ILE E 644 22.86 76.73 -22.35
C ILE E 644 23.63 78.04 -22.33
N ARG E 645 24.65 78.11 -21.47
CA ARG E 645 25.49 79.31 -21.42
C ARG E 645 26.44 79.37 -22.60
N ASP E 646 26.76 78.22 -23.19
CA ASP E 646 27.65 78.15 -24.35
C ASP E 646 27.30 76.92 -25.16
N VAL E 647 27.81 76.88 -26.39
CA VAL E 647 27.51 75.79 -27.31
C VAL E 647 28.04 74.45 -26.81
N ASP E 648 29.03 74.47 -25.91
CA ASP E 648 29.67 73.24 -25.46
C ASP E 648 28.69 72.28 -24.78
N ASN E 649 27.61 72.79 -24.17
CA ASN E 649 26.61 71.95 -23.53
C ASN E 649 25.36 71.77 -24.37
N LEU E 650 25.50 71.72 -25.70
CA LEU E 650 24.36 71.52 -26.60
C LEU E 650 24.30 70.06 -27.02
N ASN E 651 24.60 69.15 -26.09
CA ASN E 651 24.68 67.73 -26.39
C ASN E 651 23.32 67.05 -26.26
N LEU E 652 22.25 67.81 -26.44
CA LEU E 652 20.90 67.27 -26.34
C LEU E 652 20.57 66.25 -27.42
N ASP E 653 21.40 66.14 -28.46
CA ASP E 653 21.18 65.14 -29.50
C ASP E 653 21.32 63.72 -28.96
N SER E 654 21.92 63.53 -27.79
CA SER E 654 21.94 62.22 -27.16
C SER E 654 20.58 61.83 -26.60
N LEU E 655 19.70 62.80 -26.37
CA LEU E 655 18.34 62.53 -25.90
C LEU E 655 17.45 62.19 -27.08
N LYS E 656 17.52 60.93 -27.48
CA LYS E 656 16.82 60.47 -28.68
C LYS E 656 15.33 60.29 -28.46
N GLU E 657 14.89 60.10 -27.22
CA GLU E 657 13.47 59.89 -26.93
C GLU E 657 12.74 61.20 -26.58
N LEU E 658 13.46 62.32 -26.53
CA LEU E 658 12.86 63.57 -26.05
C LEU E 658 11.82 64.09 -27.02
N LEU E 659 10.74 64.64 -26.47
CA LEU E 659 9.67 65.24 -27.27
C LEU E 659 9.45 66.72 -26.97
N PHE E 660 9.58 67.14 -25.71
CA PHE E 660 9.36 68.53 -25.34
C PHE E 660 10.29 68.91 -24.20
N LEU E 661 10.89 70.10 -24.31
CA LEU E 661 11.76 70.61 -23.27
C LEU E 661 11.70 72.14 -23.28
N GLY E 662 11.98 72.72 -22.12
CA GLY E 662 12.14 74.15 -22.01
C GLY E 662 13.51 74.46 -21.43
N ILE E 663 14.14 75.49 -21.99
CA ILE E 663 15.53 75.80 -21.69
C ILE E 663 15.67 77.30 -21.53
N THR E 664 16.76 77.72 -20.88
CA THR E 664 17.10 79.13 -20.75
C THR E 664 18.25 79.46 -21.69
N ILE E 665 18.08 80.48 -22.50
CA ILE E 665 19.07 80.90 -23.48
C ILE E 665 19.75 82.16 -22.95
N TYR E 666 21.07 82.24 -23.16
CA TYR E 666 21.85 83.37 -22.65
C TYR E 666 22.62 84.16 -23.70
N ALA E 667 22.46 83.86 -24.99
CA ALA E 667 23.33 84.51 -25.96
C ALA E 667 22.68 84.55 -27.33
N GLU E 668 23.01 85.61 -28.08
CA GLU E 668 22.61 85.71 -29.49
C GLU E 668 23.26 84.60 -30.31
N ASP E 669 24.55 84.34 -30.07
CA ASP E 669 25.25 83.30 -30.82
C ASP E 669 24.69 81.92 -30.55
N VAL E 670 24.17 81.66 -29.35
CA VAL E 670 23.49 80.39 -29.11
C VAL E 670 22.23 80.29 -29.98
N LEU E 671 21.48 81.38 -30.08
CA LEU E 671 20.28 81.38 -30.94
C LEU E 671 20.67 81.15 -32.39
N LYS E 672 21.76 81.75 -32.85
CA LYS E 672 22.19 81.54 -34.24
C LYS E 672 22.75 80.14 -34.45
N LYS E 673 23.36 79.53 -33.43
CA LYS E 673 23.70 78.12 -33.47
C LYS E 673 22.45 77.24 -33.53
N LEU E 674 21.33 77.71 -33.00
CA LEU E 674 20.10 76.93 -33.00
C LEU E 674 19.17 77.28 -34.15
N ASN E 675 19.59 78.16 -35.07
CA ASN E 675 18.68 78.69 -36.07
C ASN E 675 18.51 77.77 -37.28
N MET E 676 18.88 76.50 -37.15
CA MET E 676 18.80 75.56 -38.26
C MET E 676 17.62 74.64 -38.03
N PRO E 677 16.96 74.19 -39.12
CA PRO E 677 15.80 73.30 -38.97
C PRO E 677 16.18 71.89 -38.57
N ARG E 678 15.85 71.52 -37.34
CA ARG E 678 16.05 70.16 -36.85
C ARG E 678 15.08 69.93 -35.69
N PRO E 679 14.82 68.65 -35.35
CA PRO E 679 13.87 68.38 -34.25
C PRO E 679 14.24 69.05 -32.94
N LEU E 680 15.54 69.16 -32.63
CA LEU E 680 15.96 69.80 -31.38
C LEU E 680 15.51 71.26 -31.35
N ALA E 681 15.64 71.96 -32.48
CA ALA E 681 15.27 73.37 -32.51
C ALA E 681 13.77 73.55 -32.27
N LYS E 682 12.94 72.73 -32.91
CA LYS E 682 11.50 72.87 -32.75
C LYS E 682 11.02 72.29 -31.43
N SER E 683 11.79 71.37 -30.84
CA SER E 683 11.34 70.67 -29.63
C SER E 683 11.19 71.60 -28.44
N THR E 684 11.79 72.79 -28.48
CA THR E 684 11.69 73.74 -27.37
C THR E 684 10.35 74.46 -27.46
N HIS E 685 9.42 74.05 -26.60
CA HIS E 685 8.08 74.64 -26.61
C HIS E 685 8.03 75.97 -25.88
N ARG E 686 9.03 76.29 -25.07
CA ARG E 686 9.10 77.59 -24.43
C ARG E 686 10.55 77.90 -24.08
N LEU E 687 10.86 79.20 -24.01
CA LEU E 687 12.23 79.68 -23.83
C LEU E 687 12.26 80.76 -22.77
N ASN E 688 13.38 80.85 -22.05
CA ASN E 688 13.65 81.93 -21.11
C ASN E 688 14.91 82.67 -21.56
N LEU E 689 14.88 83.99 -21.47
CA LEU E 689 16.01 84.83 -21.86
C LEU E 689 16.47 85.62 -20.64
N LYS E 690 17.62 85.25 -20.10
CA LYS E 690 18.16 85.88 -18.90
C LYS E 690 19.64 86.14 -19.08
N TYR E 691 20.07 87.36 -18.73
CA TYR E 691 21.46 87.80 -18.92
C TYR E 691 21.93 87.57 -20.34
N CYS E 692 21.04 87.77 -21.31
CA CYS E 692 21.34 87.49 -22.70
C CYS E 692 22.25 88.57 -23.28
N ALA E 693 23.29 88.15 -23.98
CA ALA E 693 24.27 89.09 -24.52
C ALA E 693 24.07 89.29 -26.01
N GLU E 694 24.37 90.50 -26.48
CA GLU E 694 24.51 90.84 -27.90
C GLU E 694 23.18 90.81 -28.65
N MET E 695 22.09 90.45 -27.98
CA MET E 695 20.79 90.36 -28.63
C MET E 695 19.99 91.65 -28.47
N GLN E 696 20.60 92.80 -28.79
CA GLN E 696 19.92 94.06 -28.58
C GLN E 696 18.60 94.14 -29.34
N SER E 697 18.49 93.46 -30.48
CA SER E 697 17.22 93.34 -31.18
C SER E 697 16.98 91.89 -31.52
N ILE E 698 15.71 91.48 -31.46
CA ILE E 698 15.33 90.10 -31.76
C ILE E 698 14.10 90.13 -32.66
N LYS E 699 14.09 89.21 -33.62
CA LYS E 699 13.02 89.11 -34.61
C LYS E 699 12.33 87.76 -34.48
N ILE E 700 11.01 87.75 -34.64
CA ILE E 700 10.28 86.49 -34.58
C ILE E 700 10.67 85.59 -35.75
N SER E 701 11.11 86.17 -36.87
CA SER E 701 11.63 85.37 -37.98
C SER E 701 12.82 84.54 -37.54
N ASP E 702 13.63 85.06 -36.61
CA ASP E 702 14.69 84.26 -36.02
C ASP E 702 14.14 83.09 -35.22
N LEU E 703 13.02 83.29 -34.53
CA LEU E 703 12.37 82.23 -33.78
C LEU E 703 11.52 81.32 -34.64
N SER E 704 11.39 81.62 -35.94
CA SER E 704 10.51 80.87 -36.81
C SER E 704 10.91 79.40 -36.96
N HIS E 705 12.17 79.07 -36.70
CA HIS E 705 12.58 77.67 -36.77
C HIS E 705 11.99 76.85 -35.63
N MET E 706 11.50 77.51 -34.58
CA MET E 706 10.89 76.83 -33.43
C MET E 706 9.40 76.61 -33.72
N GLU E 707 9.10 75.42 -34.23
CA GLU E 707 7.73 75.16 -34.66
C GLU E 707 6.83 74.65 -33.53
N HIS E 708 7.35 74.46 -32.32
CA HIS E 708 6.50 74.13 -31.17
C HIS E 708 6.56 75.16 -30.06
N LEU E 709 7.36 76.23 -30.23
CA LEU E 709 7.48 77.24 -29.19
C LEU E 709 6.13 77.90 -28.94
N GLU E 710 5.80 78.09 -27.66
CA GLU E 710 4.54 78.68 -27.27
C GLU E 710 4.68 79.81 -26.25
N GLU E 711 5.76 79.85 -25.49
CA GLU E 711 5.94 80.85 -24.44
C GLU E 711 7.39 81.35 -24.45
N LEU E 712 7.57 82.63 -24.11
CA LEU E 712 8.88 83.20 -23.92
C LEU E 712 8.93 83.98 -22.62
N TYR E 713 10.09 83.96 -21.98
CA TYR E 713 10.35 84.76 -20.79
C TYR E 713 11.61 85.56 -21.00
N VAL E 714 11.50 86.88 -20.87
CA VAL E 714 12.64 87.78 -20.99
C VAL E 714 12.82 88.47 -19.64
N GLU E 715 13.95 88.18 -18.98
CA GLU E 715 14.21 88.68 -17.64
C GLU E 715 15.65 89.19 -17.57
N SER E 716 15.81 90.42 -17.09
CA SER E 716 17.13 91.03 -16.89
C SER E 716 17.96 91.07 -18.17
N CYS E 717 17.32 91.37 -19.29
CA CYS E 717 18.03 91.66 -20.54
C CYS E 717 18.27 93.16 -20.61
N TYR E 718 19.43 93.57 -20.09
CA TYR E 718 19.68 94.98 -19.84
C TYR E 718 19.82 95.78 -21.13
N ASP E 719 20.45 95.21 -22.16
CA ASP E 719 20.78 95.95 -23.38
C ASP E 719 19.69 95.85 -24.44
N LEU E 720 18.63 95.09 -24.19
CA LEU E 720 17.54 94.98 -25.17
C LEU E 720 16.77 96.29 -25.25
N ASN E 721 16.55 96.79 -26.48
CA ASN E 721 15.79 98.02 -26.66
C ASN E 721 14.59 97.83 -27.58
N THR E 722 14.75 97.08 -28.67
CA THR E 722 13.68 96.93 -29.65
C THR E 722 13.48 95.46 -29.97
N VAL E 723 12.24 95.12 -30.33
CA VAL E 723 11.85 93.77 -30.72
C VAL E 723 11.06 93.87 -32.02
N VAL E 724 11.20 92.86 -32.87
CA VAL E 724 10.54 92.83 -34.17
C VAL E 724 9.43 91.78 -34.13
N ALA E 725 8.19 92.23 -34.30
CA ALA E 725 7.03 91.36 -34.46
C ALA E 725 6.65 91.42 -35.93
N ASP E 726 7.24 90.54 -36.72
CA ASP E 726 7.17 90.62 -38.17
C ASP E 726 5.82 90.13 -38.69
N ALA E 727 5.57 90.43 -39.96
CA ALA E 727 4.40 89.89 -40.65
C ALA E 727 4.64 88.48 -41.17
N GLU E 728 5.89 88.03 -41.22
CA GLU E 728 6.21 86.68 -41.66
C GLU E 728 5.75 85.70 -40.59
N LEU E 729 4.67 84.98 -40.88
CA LEU E 729 4.02 84.15 -39.88
C LEU E 729 4.84 82.91 -39.57
N THR E 730 4.60 82.34 -38.39
CA THR E 730 5.18 81.08 -37.97
C THR E 730 4.04 80.13 -37.57
N THR E 731 4.14 78.88 -38.02
CA THR E 731 3.10 77.90 -37.71
C THR E 731 3.00 77.62 -36.22
N SER E 732 4.08 77.86 -35.47
CA SER E 732 4.05 77.65 -34.03
C SER E 732 3.05 78.61 -33.38
N GLN E 733 2.22 78.07 -32.49
CA GLN E 733 1.24 78.87 -31.77
C GLN E 733 1.94 79.66 -30.68
N LEU E 734 2.07 80.98 -30.88
CA LEU E 734 2.69 81.83 -29.88
C LEU E 734 1.67 82.18 -28.81
N GLN E 735 1.61 81.37 -27.75
CA GLN E 735 0.57 81.49 -26.74
C GLN E 735 0.83 82.60 -25.73
N PHE E 736 1.92 82.50 -24.97
CA PHE E 736 2.14 83.34 -23.81
C PHE E 736 3.44 84.14 -23.98
N LEU E 737 3.38 85.41 -23.60
CA LEU E 737 4.56 86.27 -23.62
C LEU E 737 4.66 87.00 -22.29
N THR E 738 5.89 87.11 -21.78
CA THR E 738 6.14 87.80 -20.53
C THR E 738 7.46 88.57 -20.62
N LEU E 739 7.40 89.88 -20.36
CA LEU E 739 8.57 90.73 -20.31
C LEU E 739 8.78 91.19 -18.87
N SER E 740 9.97 90.95 -18.33
CA SER E 740 10.25 91.23 -16.92
C SER E 740 11.64 91.84 -16.79
N VAL E 741 11.74 92.87 -15.94
CA VAL E 741 13.01 93.51 -15.59
C VAL E 741 13.76 93.91 -16.85
N LEU E 742 13.22 94.86 -17.60
CA LEU E 742 13.83 95.35 -18.83
C LEU E 742 14.04 96.86 -18.69
N PRO E 743 15.19 97.29 -18.17
CA PRO E 743 15.42 98.72 -17.94
C PRO E 743 15.76 99.51 -19.20
N SER E 744 15.78 98.88 -20.37
CA SER E 744 16.10 99.61 -21.60
C SER E 744 15.22 99.26 -22.78
N LEU E 745 14.23 98.38 -22.62
CA LEU E 745 13.33 98.06 -23.72
C LEU E 745 12.51 99.31 -24.08
N GLU E 746 12.40 99.59 -25.37
CA GLU E 746 11.72 100.79 -25.84
C GLU E 746 10.41 100.50 -26.55
N SER E 747 10.43 99.69 -27.60
CA SER E 747 9.22 99.41 -28.37
C SER E 747 9.42 98.13 -29.15
N VAL E 748 8.30 97.57 -29.62
CA VAL E 748 8.30 96.39 -30.48
C VAL E 748 7.51 96.71 -31.74
N LEU E 749 8.10 96.40 -32.89
CA LEU E 749 7.51 96.74 -34.18
C LEU E 749 6.56 95.63 -34.59
N VAL E 750 5.26 95.92 -34.59
CA VAL E 750 4.22 94.96 -34.93
C VAL E 750 3.59 95.34 -36.26
N ALA E 751 3.50 94.38 -37.16
CA ALA E 751 2.90 94.63 -38.47
C ALA E 751 1.41 94.89 -38.34
N PRO E 752 0.85 95.78 -39.18
CA PRO E 752 -0.56 96.16 -39.02
C PRO E 752 -1.55 95.09 -39.43
N MET E 753 -1.29 94.40 -40.55
CA MET E 753 -2.26 93.47 -41.12
C MET E 753 -2.14 92.07 -40.54
N SER E 754 -0.98 91.44 -40.69
CA SER E 754 -0.77 90.09 -40.17
C SER E 754 0.49 90.08 -39.33
N HIS E 755 0.47 89.28 -38.27
CA HIS E 755 1.56 89.27 -37.32
C HIS E 755 1.62 87.91 -36.63
N ASN E 756 2.75 87.65 -35.98
CA ASN E 756 2.94 86.38 -35.28
C ASN E 756 2.29 86.38 -33.91
N PHE E 757 1.80 87.53 -33.44
CA PHE E 757 1.20 87.64 -32.11
C PHE E 757 -0.28 87.31 -32.11
N GLN E 758 -0.87 86.94 -33.25
CA GLN E 758 -2.31 86.69 -33.30
C GLN E 758 -2.71 85.47 -32.47
N TYR E 759 -1.75 84.60 -32.15
CA TYR E 759 -2.06 83.42 -31.33
C TYR E 759 -2.01 83.71 -29.85
N ILE E 760 -1.69 84.95 -29.45
CA ILE E 760 -1.44 85.26 -28.04
C ILE E 760 -2.74 85.18 -27.25
N ARG E 761 -2.69 84.49 -26.11
CA ARG E 761 -3.79 84.47 -25.15
C ARG E 761 -3.43 85.05 -23.80
N LYS E 762 -2.14 85.19 -23.49
CA LYS E 762 -1.70 85.72 -22.21
C LYS E 762 -0.52 86.65 -22.39
N LEU E 763 -0.64 87.87 -21.86
CA LEU E 763 0.45 88.84 -21.83
C LEU E 763 0.67 89.30 -20.40
N ILE E 764 1.91 89.21 -19.94
CA ILE E 764 2.31 89.66 -18.61
C ILE E 764 3.46 90.62 -18.79
N ILE E 765 3.22 91.90 -18.50
CA ILE E 765 4.20 92.96 -18.68
C ILE E 765 4.62 93.44 -17.29
N SER E 766 5.90 93.35 -17.00
CA SER E 766 6.40 93.63 -15.65
C SER E 766 7.76 94.30 -15.69
N HIS E 767 7.95 95.26 -14.78
CA HIS E 767 9.27 95.86 -14.51
C HIS E 767 9.93 96.39 -15.78
N CYS E 768 9.17 97.14 -16.57
CA CYS E 768 9.73 97.78 -17.75
C CYS E 768 9.57 99.29 -17.64
N PRO E 769 10.48 99.99 -16.97
CA PRO E 769 10.31 101.43 -16.78
C PRO E 769 10.49 102.25 -18.04
N LYS E 770 11.28 101.78 -19.01
CA LYS E 770 11.52 102.53 -20.23
C LYS E 770 10.62 102.10 -21.39
N LEU E 771 9.83 101.06 -21.22
CA LEU E 771 8.91 100.63 -22.27
C LEU E 771 7.75 101.63 -22.38
N SER E 772 7.58 102.21 -23.57
CA SER E 772 6.58 103.26 -23.75
C SER E 772 5.81 103.10 -25.06
N ASN E 773 5.59 101.87 -25.50
CA ASN E 773 4.82 101.62 -26.72
C ASN E 773 4.12 100.29 -26.58
N ILE E 774 2.81 100.33 -26.33
CA ILE E 774 2.01 99.13 -26.10
C ILE E 774 0.71 99.12 -26.89
N THR E 775 0.52 100.07 -27.80
CA THR E 775 -0.76 100.20 -28.51
C THR E 775 -1.07 98.97 -29.36
N TRP E 776 -0.04 98.18 -29.68
CA TRP E 776 -0.21 97.04 -30.57
C TRP E 776 -1.10 95.95 -29.97
N VAL E 777 -1.37 96.01 -28.66
CA VAL E 777 -2.15 94.98 -28.00
C VAL E 777 -3.56 94.88 -28.58
N ARG E 778 -4.09 95.99 -29.09
CA ARG E 778 -5.46 96.00 -29.60
C ARG E 778 -5.63 95.11 -30.83
N ARG E 779 -4.54 94.71 -31.48
CA ARG E 779 -4.61 93.82 -32.63
C ARG E 779 -4.67 92.35 -32.23
N LEU E 780 -4.61 92.04 -30.93
CA LEU E 780 -4.63 90.66 -30.44
C LEU E 780 -6.04 90.33 -29.97
N GLN E 781 -6.82 89.72 -30.87
CA GLN E 781 -8.21 89.42 -30.55
C GLN E 781 -8.33 88.22 -29.62
N LEU E 782 -7.39 87.28 -29.67
CA LEU E 782 -7.46 86.07 -28.88
C LEU E 782 -6.88 86.22 -27.49
N LEU E 783 -6.38 87.41 -27.13
CA LEU E 783 -5.73 87.63 -25.84
C LEU E 783 -6.76 87.50 -24.72
N GLU E 784 -6.42 86.75 -23.67
CA GLU E 784 -7.33 86.50 -22.57
C GLU E 784 -6.87 87.16 -21.26
N ARG E 785 -5.58 87.08 -20.95
CA ARG E 785 -5.06 87.52 -19.65
C ARG E 785 -4.16 88.72 -19.85
N LEU E 786 -4.42 89.79 -19.11
CA LEU E 786 -3.62 91.01 -19.14
C LEU E 786 -2.98 91.24 -17.78
N VAL E 787 -1.66 91.38 -17.75
CA VAL E 787 -0.92 91.73 -16.55
C VAL E 787 0.05 92.85 -16.89
N ILE E 788 -0.12 94.00 -16.25
CA ILE E 788 0.78 95.14 -16.38
C ILE E 788 1.19 95.54 -14.97
N SER E 789 2.50 95.49 -14.69
CA SER E 789 2.97 95.75 -13.34
C SER E 789 4.28 96.54 -13.35
N HIS E 790 4.31 97.61 -12.56
CA HIS E 790 5.51 98.41 -12.29
C HIS E 790 6.13 98.98 -13.56
N CYS E 791 5.36 99.07 -14.64
CA CYS E 791 5.85 99.64 -15.90
C CYS E 791 5.36 101.08 -16.06
N ASP E 792 6.05 102.00 -15.37
CA ASP E 792 5.68 103.41 -15.36
C ASP E 792 5.93 104.10 -16.70
N GLY E 793 6.66 103.48 -17.62
CA GLY E 793 6.86 104.07 -18.92
C GLY E 793 5.66 103.98 -19.84
N VAL E 794 4.72 103.11 -19.52
CA VAL E 794 3.50 102.95 -20.32
C VAL E 794 2.52 104.05 -19.94
N LEU E 795 2.14 104.88 -20.91
CA LEU E 795 1.18 105.94 -20.65
C LEU E 795 -0.24 105.37 -20.56
N GLU E 796 -0.67 104.67 -21.60
CA GLU E 796 -1.95 103.96 -21.59
C GLU E 796 -1.78 102.66 -22.34
N ILE E 797 -2.67 101.70 -22.04
CA ILE E 797 -2.67 100.44 -22.79
C ILE E 797 -2.97 100.68 -24.26
N VAL E 798 -3.90 101.58 -24.56
CA VAL E 798 -4.11 102.05 -25.93
C VAL E 798 -3.98 103.57 -25.91
N GLU E 799 -2.80 104.07 -26.30
CA GLU E 799 -2.53 105.50 -26.26
C GLU E 799 -3.33 106.22 -27.34
N ASP E 800 -3.37 107.55 -27.23
CA ASP E 800 -4.11 108.38 -28.15
C ASP E 800 -3.52 108.34 -29.55
N THR E 831 -12.51 97.61 -38.95
CA THR E 831 -13.60 96.67 -38.69
C THR E 831 -14.37 97.07 -37.44
N GLY E 832 -15.68 96.84 -37.47
CA GLY E 832 -16.51 97.11 -36.30
C GLY E 832 -16.36 96.05 -35.23
N GLN E 833 -15.16 95.96 -34.65
CA GLN E 833 -14.84 94.93 -33.69
C GLN E 833 -14.18 95.57 -32.47
N SER E 834 -14.41 94.96 -31.30
CA SER E 834 -13.76 95.41 -30.09
C SER E 834 -12.27 95.06 -30.11
N ASP E 835 -11.50 95.80 -29.33
CA ASP E 835 -10.06 95.55 -29.24
C ASP E 835 -9.74 94.31 -28.41
N PHE E 836 -10.63 93.91 -27.50
CA PHE E 836 -10.41 92.75 -26.64
C PHE E 836 -11.65 91.88 -26.64
N PRO E 837 -11.94 91.21 -27.77
CA PRO E 837 -13.16 90.39 -27.84
C PRO E 837 -13.11 89.13 -26.99
N LYS E 838 -11.94 88.53 -26.82
CA LYS E 838 -11.79 87.31 -26.05
C LYS E 838 -11.14 87.55 -24.69
N LEU E 839 -11.21 88.79 -24.18
CA LEU E 839 -10.60 89.12 -22.91
C LEU E 839 -11.27 88.37 -21.76
N ARG E 840 -10.46 87.90 -20.82
CA ARG E 840 -10.95 87.24 -19.62
C ARG E 840 -10.55 87.95 -18.33
N LEU E 841 -9.28 88.32 -18.20
CA LEU E 841 -8.77 88.88 -16.94
C LEU E 841 -7.80 90.01 -17.23
N ILE E 842 -7.90 91.07 -16.43
CA ILE E 842 -6.95 92.19 -16.47
C ILE E 842 -6.38 92.38 -15.07
N VAL E 843 -5.05 92.44 -14.98
CA VAL E 843 -4.36 92.63 -13.72
C VAL E 843 -3.44 93.83 -13.84
N LEU E 844 -3.55 94.78 -12.91
CA LEU E 844 -2.70 95.95 -12.85
C LEU E 844 -2.08 96.04 -11.46
N THR E 845 -0.80 96.43 -11.40
CA THR E 845 -0.08 96.43 -10.14
C THR E 845 1.04 97.46 -10.17
N GLY E 846 1.09 98.31 -9.14
CA GLY E 846 2.23 99.16 -8.89
C GLY E 846 2.50 100.23 -9.92
N LEU E 847 1.52 100.57 -10.76
CA LEU E 847 1.73 101.59 -11.78
C LEU E 847 1.61 102.98 -11.16
N LYS E 848 2.74 103.67 -11.05
CA LYS E 848 2.78 104.99 -10.44
C LYS E 848 2.65 106.12 -11.45
N LYS E 849 2.83 105.84 -12.74
CA LYS E 849 2.77 106.87 -13.77
C LYS E 849 1.77 106.57 -14.88
N LEU E 850 0.97 105.51 -14.75
CA LEU E 850 -0.04 105.21 -15.75
C LEU E 850 -1.20 106.21 -15.64
N ARG E 851 -1.63 106.75 -16.78
CA ARG E 851 -2.76 107.66 -16.78
C ARG E 851 -4.09 106.89 -16.81
N SER E 852 -4.28 106.06 -17.82
CA SER E 852 -5.51 105.31 -17.98
C SER E 852 -5.19 104.03 -18.74
N ILE E 853 -6.19 103.16 -18.84
CA ILE E 853 -6.03 101.92 -19.60
C ILE E 853 -6.23 102.22 -21.08
N CYS E 854 -7.45 102.64 -21.44
CA CYS E 854 -7.79 102.92 -22.83
C CYS E 854 -9.16 103.56 -22.86
N LYS E 855 -9.61 103.89 -24.08
CA LYS E 855 -10.94 104.45 -24.26
C LYS E 855 -12.00 103.35 -24.18
N ALA E 856 -13.25 103.78 -24.15
CA ALA E 856 -14.36 102.85 -23.91
C ALA E 856 -14.49 101.84 -25.05
N ARG E 857 -14.64 100.57 -24.68
CA ARG E 857 -14.90 99.50 -25.62
C ARG E 857 -15.77 98.45 -24.94
N GLU E 858 -16.42 97.62 -25.75
CA GLU E 858 -17.26 96.55 -25.23
C GLU E 858 -16.45 95.26 -25.09
N PHE E 859 -16.68 94.56 -23.99
CA PHE E 859 -15.98 93.31 -23.70
C PHE E 859 -17.00 92.23 -23.34
N PRO E 860 -17.28 91.30 -24.25
CA PRO E 860 -18.31 90.28 -23.97
C PRO E 860 -17.84 89.20 -23.01
N CYS E 861 -16.57 88.79 -23.14
CA CYS E 861 -16.06 87.65 -22.38
C CYS E 861 -15.36 88.05 -21.08
N LEU E 862 -15.34 89.34 -20.73
CA LEU E 862 -14.61 89.79 -19.55
C LEU E 862 -15.19 89.15 -18.29
N GLU E 863 -14.31 88.70 -17.41
CA GLU E 863 -14.70 88.01 -16.18
C GLU E 863 -14.31 88.77 -14.92
N THR E 864 -13.05 89.20 -14.80
CA THR E 864 -12.58 89.80 -13.57
C THR E 864 -11.54 90.87 -13.88
N LEU E 865 -11.62 91.99 -13.17
CA LEU E 865 -10.65 93.06 -13.25
C LEU E 865 -10.04 93.29 -11.88
N ARG E 866 -8.70 93.33 -11.83
CA ARG E 866 -7.97 93.47 -10.58
C ARG E 866 -6.95 94.59 -10.71
N VAL E 867 -7.07 95.60 -9.85
CA VAL E 867 -6.15 96.73 -9.81
C VAL E 867 -5.67 96.89 -8.37
N GLU E 868 -4.35 96.95 -8.19
CA GLU E 868 -3.75 97.10 -6.87
C GLU E 868 -2.59 98.09 -6.93
N ASP E 869 -2.55 99.00 -5.96
CA ASP E 869 -1.44 99.95 -5.80
C ASP E 869 -1.22 100.76 -7.08
N CYS E 870 -2.29 101.40 -7.56
CA CYS E 870 -2.19 102.25 -8.73
C CYS E 870 -2.74 103.64 -8.41
N PRO E 871 -1.97 104.47 -7.70
CA PRO E 871 -2.48 105.79 -7.31
C PRO E 871 -2.52 106.81 -8.44
N ASN E 872 -2.17 106.43 -9.67
CA ASN E 872 -2.20 107.35 -10.80
C ASN E 872 -3.23 106.95 -11.86
N LEU E 873 -3.86 105.78 -11.73
CA LEU E 873 -4.85 105.35 -12.70
C LEU E 873 -6.08 106.26 -12.61
N ARG E 874 -6.45 106.88 -13.73
CA ARG E 874 -7.49 107.91 -13.72
C ARG E 874 -8.80 107.45 -14.34
N SER E 875 -8.78 106.45 -15.21
CA SER E 875 -10.03 105.98 -15.82
C SER E 875 -9.82 104.56 -16.36
N ILE E 876 -10.95 103.87 -16.55
CA ILE E 876 -10.95 102.52 -17.10
C ILE E 876 -11.96 102.46 -18.24
N PRO E 877 -11.74 101.56 -19.20
CA PRO E 877 -12.67 101.45 -20.33
C PRO E 877 -14.03 100.88 -19.97
N LEU E 878 -14.19 100.35 -18.76
CA LEU E 878 -15.47 99.77 -18.36
C LEU E 878 -16.53 100.87 -18.21
N SER E 879 -17.76 100.52 -18.57
CA SER E 879 -18.87 101.47 -18.50
C SER E 879 -20.16 100.68 -18.40
N CYS E 880 -21.25 101.41 -18.14
CA CYS E 880 -22.57 100.80 -18.06
C CYS E 880 -23.13 100.42 -19.43
N THR E 881 -22.40 100.71 -20.51
CA THR E 881 -22.85 100.29 -21.84
C THR E 881 -22.81 98.78 -22.00
N HIS E 882 -22.02 98.10 -21.18
CA HIS E 882 -21.91 96.64 -21.27
C HIS E 882 -23.15 95.96 -20.70
N ASN E 883 -23.37 94.73 -21.16
CA ASN E 883 -24.31 93.83 -20.49
C ASN E 883 -23.55 93.03 -19.43
N TYR E 884 -24.12 92.98 -18.23
CA TYR E 884 -23.41 92.45 -17.07
C TYR E 884 -24.00 91.10 -16.69
N TRP E 885 -23.46 90.02 -17.27
CA TRP E 885 -23.85 88.68 -16.89
C TRP E 885 -22.64 87.83 -16.53
N LYS E 886 -21.53 88.04 -17.23
CA LYS E 886 -20.35 87.18 -17.08
C LYS E 886 -19.26 87.82 -16.24
N LEU E 887 -19.27 89.14 -16.07
CA LEU E 887 -18.31 89.80 -15.20
C LEU E 887 -18.50 89.32 -13.77
N LYS E 888 -17.55 88.55 -13.26
CA LYS E 888 -17.75 87.86 -11.98
C LYS E 888 -17.42 88.76 -10.79
N GLN E 889 -16.29 89.45 -10.83
CA GLN E 889 -15.89 90.30 -9.72
C GLN E 889 -14.92 91.35 -10.22
N ILE E 890 -14.78 92.42 -9.43
CA ILE E 890 -13.86 93.50 -9.71
C ILE E 890 -13.08 93.81 -8.44
N CYS E 891 -11.75 93.82 -8.55
CA CYS E 891 -10.86 94.08 -7.43
C CYS E 891 -10.25 95.47 -7.57
N GLY E 892 -10.29 96.23 -6.48
CA GLY E 892 -9.75 97.59 -6.51
C GLY E 892 -9.71 98.24 -5.14
N SER E 893 -9.75 99.57 -5.10
CA SER E 893 -9.68 100.33 -3.87
C SER E 893 -10.59 101.54 -3.95
N VAL E 894 -10.97 102.05 -2.78
CA VAL E 894 -11.84 103.22 -2.72
C VAL E 894 -11.13 104.46 -3.24
N GLU E 895 -9.84 104.59 -2.94
CA GLU E 895 -9.06 105.69 -3.49
C GLU E 895 -9.01 105.63 -5.01
N TRP E 896 -8.85 104.42 -5.56
CA TRP E 896 -8.89 104.25 -7.01
C TRP E 896 -10.26 104.63 -7.57
N TRP E 897 -11.33 104.28 -6.85
CA TRP E 897 -12.66 104.67 -7.27
C TRP E 897 -12.83 106.19 -7.28
N GLU E 898 -12.27 106.88 -6.27
CA GLU E 898 -12.29 108.34 -6.27
C GLU E 898 -11.50 108.91 -7.44
N LYS E 899 -10.35 108.32 -7.74
CA LYS E 899 -9.52 108.82 -8.84
C LYS E 899 -10.05 108.41 -10.21
N LEU E 900 -11.00 107.48 -10.26
CA LEU E 900 -11.58 107.08 -11.55
C LEU E 900 -12.46 108.18 -12.11
N GLN E 901 -12.23 108.52 -13.38
CA GLN E 901 -13.12 109.46 -14.07
C GLN E 901 -14.43 108.77 -14.42
N TRP E 902 -15.54 109.42 -14.09
CA TRP E 902 -16.87 108.87 -14.34
C TRP E 902 -17.60 109.74 -15.35
N GLU E 903 -18.06 109.11 -16.43
CA GLU E 903 -18.83 109.78 -17.46
C GLU E 903 -20.32 109.85 -17.14
N ASN E 904 -20.77 109.15 -16.10
CA ASN E 904 -22.16 109.17 -15.68
C ASN E 904 -22.21 108.89 -14.18
N ARG E 905 -23.17 109.52 -13.50
CA ARG E 905 -23.33 109.28 -12.06
C ARG E 905 -23.83 107.88 -11.76
N LYS E 906 -24.41 107.20 -12.74
CA LYS E 906 -24.83 105.81 -12.53
C LYS E 906 -23.62 104.90 -12.36
N GLU E 907 -22.53 105.20 -13.07
CA GLU E 907 -21.34 104.37 -13.00
C GLU E 907 -20.70 104.42 -11.61
N VAL E 908 -21.01 105.45 -10.83
CA VAL E 908 -20.41 105.60 -9.50
C VAL E 908 -20.83 104.45 -8.59
N ALA E 909 -22.11 104.05 -8.64
CA ALA E 909 -22.62 103.00 -7.78
C ALA E 909 -22.98 101.71 -8.51
N CYS E 910 -22.99 101.70 -9.84
CA CYS E 910 -23.38 100.50 -10.58
C CYS E 910 -22.44 99.34 -10.30
N LEU E 911 -21.13 99.59 -10.29
CA LEU E 911 -20.18 98.53 -9.94
C LEU E 911 -20.14 98.32 -8.43
N ASP E 912 -20.31 99.39 -7.65
CA ASP E 912 -20.19 99.30 -6.21
C ASP E 912 -21.25 98.39 -5.61
N SER E 913 -22.49 98.50 -6.09
CA SER E 913 -23.59 97.74 -5.53
C SER E 913 -23.73 96.34 -6.13
N LYS E 914 -23.00 96.03 -7.20
CA LYS E 914 -23.20 94.76 -7.88
C LYS E 914 -21.96 93.87 -7.89
N TYR E 915 -20.81 94.40 -8.29
CA TYR E 915 -19.66 93.56 -8.56
C TYR E 915 -18.34 94.03 -7.97
N PHE E 916 -18.20 95.29 -7.56
CA PHE E 916 -16.91 95.79 -7.09
C PHE E 916 -16.58 95.25 -5.71
N ILE E 917 -15.39 94.69 -5.57
CA ILE E 917 -14.93 94.12 -4.31
C ILE E 917 -13.62 94.79 -3.90
N PRO E 918 -13.66 95.84 -3.09
CA PRO E 918 -12.43 96.52 -2.69
C PRO E 918 -11.58 95.66 -1.76
N ILE E 919 -10.28 95.97 -1.75
CA ILE E 919 -9.34 95.27 -0.88
C ILE E 919 -9.29 95.96 0.48
N LEU F 36 -123.97 43.31 2.13
CA LEU F 36 -123.48 42.74 3.38
C LEU F 36 -122.20 41.93 3.14
N HIS F 37 -121.06 42.57 3.40
CA HIS F 37 -119.76 41.98 3.17
C HIS F 37 -118.86 41.94 4.40
N LEU F 38 -119.31 42.51 5.52
CA LEU F 38 -118.48 42.57 6.72
C LEU F 38 -118.17 41.18 7.26
N LYS F 39 -119.14 40.27 7.22
CA LYS F 39 -118.98 38.97 7.84
C LYS F 39 -117.82 38.18 7.23
N SER F 40 -117.60 38.32 5.93
CA SER F 40 -116.47 37.66 5.27
C SER F 40 -115.23 38.54 5.25
N ASN F 41 -115.41 39.86 5.17
CA ASN F 41 -114.27 40.76 5.10
C ASN F 41 -113.48 40.76 6.40
N TRP F 42 -114.16 40.62 7.54
CA TRP F 42 -113.43 40.55 8.80
C TRP F 42 -112.63 39.26 8.94
N SER F 43 -113.17 38.14 8.43
CA SER F 43 -112.41 36.90 8.42
C SER F 43 -111.19 37.03 7.52
N ASP F 44 -111.36 37.66 6.35
CA ASP F 44 -110.21 37.91 5.49
C ASP F 44 -109.18 38.81 6.17
N LEU F 45 -109.65 39.80 6.93
CA LEU F 45 -108.73 40.64 7.70
C LEU F 45 -107.97 39.84 8.74
N ASP F 46 -108.65 38.90 9.40
CA ASP F 46 -107.97 38.05 10.38
C ASP F 46 -106.90 37.20 9.71
N LYS F 47 -107.22 36.62 8.54
CA LYS F 47 -106.21 35.85 7.80
C LYS F 47 -105.04 36.74 7.41
N ALA F 48 -105.33 37.95 6.95
CA ALA F 48 -104.27 38.87 6.53
C ALA F 48 -103.38 39.25 7.72
N LYS F 49 -103.98 39.47 8.89
CA LYS F 49 -103.20 39.80 10.07
C LYS F 49 -102.31 38.65 10.49
N LYS F 50 -102.85 37.42 10.48
CA LYS F 50 -102.06 36.27 10.87
C LYS F 50 -100.93 36.00 9.88
N LEU F 51 -101.13 36.35 8.60
CA LEU F 51 -100.04 36.22 7.63
C LEU F 51 -99.03 37.35 7.79
N LEU F 52 -99.50 38.54 8.13
CA LEU F 52 -98.61 39.68 8.31
C LEU F 52 -97.70 39.50 9.50
N LEU F 53 -98.20 38.86 10.56
CA LEU F 53 -97.35 38.55 11.70
C LEU F 53 -96.20 37.64 11.28
N ALA F 54 -96.48 36.62 10.46
CA ALA F 54 -95.42 35.73 9.99
C ALA F 54 -94.43 36.45 9.09
N VAL F 55 -94.92 37.31 8.19
CA VAL F 55 -94.02 38.04 7.31
C VAL F 55 -93.14 38.98 8.12
N GLU F 56 -93.72 39.66 9.11
CA GLU F 56 -92.95 40.54 9.98
C GLU F 56 -91.90 39.76 10.77
N THR F 57 -92.26 38.56 11.25
CA THR F 57 -91.29 37.74 11.96
C THR F 57 -90.13 37.35 11.06
N THR F 58 -90.42 36.96 9.82
CA THR F 58 -89.35 36.62 8.89
C THR F 58 -88.45 37.82 8.61
N VAL F 59 -89.05 38.99 8.40
CA VAL F 59 -88.27 40.19 8.11
C VAL F 59 -87.41 40.57 9.31
N ARG F 60 -87.96 40.48 10.51
CA ARG F 60 -87.21 40.82 11.71
C ARG F 60 -86.05 39.85 11.94
N ALA F 61 -86.29 38.55 11.69
CA ALA F 61 -85.19 37.60 11.80
C ALA F 61 -84.10 37.90 10.79
N ARG F 62 -84.49 38.23 9.56
CA ARG F 62 -83.52 38.54 8.52
C ARG F 62 -82.71 39.80 8.89
N VAL F 63 -83.38 40.79 9.48
CA VAL F 63 -82.70 42.02 9.87
C VAL F 63 -81.75 41.77 11.04
N THR F 64 -82.21 41.00 12.04
CA THR F 64 -81.35 40.66 13.17
C THR F 64 -80.14 39.86 12.72
N ALA F 65 -80.28 39.05 11.66
CA ALA F 65 -79.12 38.40 11.08
C ALA F 65 -78.17 39.39 10.43
N GLU F 66 -78.63 40.60 10.14
CA GLU F 66 -77.79 41.64 9.55
C GLU F 66 -77.13 42.51 10.61
N VAL F 67 -77.87 42.87 11.67
CA VAL F 67 -77.28 43.66 12.75
C VAL F 67 -76.20 42.87 13.47
N ASP F 68 -76.30 41.54 13.46
CA ASP F 68 -75.26 40.71 14.05
C ASP F 68 -73.93 40.88 13.31
N LYS F 69 -73.98 41.18 12.02
CA LYS F 69 -72.79 41.49 11.23
C LYS F 69 -72.39 42.95 11.33
N LEU F 70 -72.88 43.66 12.34
CA LEU F 70 -72.63 45.09 12.58
C LEU F 70 -73.23 45.99 11.50
N ASN F 71 -74.03 45.45 10.59
CA ASN F 71 -74.72 46.28 9.62
C ASN F 71 -75.89 47.00 10.28
N ILE F 72 -76.42 47.99 9.57
CA ILE F 72 -77.57 48.74 10.03
C ILE F 72 -78.78 48.32 9.18
N CYS F 73 -79.94 48.23 9.83
CA CYS F 73 -81.16 47.86 9.13
C CYS F 73 -81.43 48.82 7.97
N ASP F 74 -81.80 48.25 6.83
CA ASP F 74 -81.99 49.05 5.63
C ASP F 74 -83.12 50.05 5.85
N PRO F 75 -82.98 51.30 5.40
CA PRO F 75 -84.01 52.32 5.71
C PRO F 75 -85.40 51.97 5.20
N GLN F 76 -85.51 51.37 4.02
CA GLN F 76 -86.82 50.97 3.52
C GLN F 76 -87.42 49.86 4.36
N VAL F 77 -86.61 48.87 4.75
CA VAL F 77 -87.09 47.83 5.66
C VAL F 77 -87.48 48.43 7.00
N GLN F 78 -86.73 49.44 7.46
CA GLN F 78 -87.08 50.12 8.70
C GLN F 78 -88.43 50.80 8.60
N VAL F 79 -88.69 51.48 7.47
CA VAL F 79 -89.98 52.13 7.28
C VAL F 79 -91.10 51.10 7.25
N TRP F 80 -90.89 49.99 6.55
CA TRP F 80 -91.91 48.94 6.49
C TRP F 80 -92.19 48.38 7.88
N LEU F 81 -91.14 48.12 8.66
CA LEU F 81 -91.31 47.60 10.01
C LEU F 81 -92.05 48.61 10.89
N ARG F 82 -91.73 49.89 10.74
CA ARG F 82 -92.41 50.91 11.53
C ARG F 82 -93.90 50.97 11.20
N ARG F 83 -94.24 50.87 9.92
CA ARG F 83 -95.64 50.85 9.54
C ARG F 83 -96.35 49.61 10.11
N VAL F 84 -95.68 48.45 10.04
CA VAL F 84 -96.27 47.24 10.61
C VAL F 84 -96.53 47.42 12.10
N GLU F 85 -95.56 48.01 12.82
CA GLU F 85 -95.76 48.27 14.24
C GLU F 85 -96.94 49.21 14.48
N GLU F 86 -97.04 50.27 13.68
CA GLU F 86 -98.06 51.29 13.86
C GLU F 86 -99.45 50.83 13.41
N LEU F 87 -99.56 49.70 12.71
CA LEU F 87 -100.86 49.27 12.17
C LEU F 87 -101.91 49.13 13.27
N GLN F 88 -101.63 48.36 14.33
CA GLN F 88 -102.50 48.26 15.50
C GLN F 88 -103.92 47.80 15.14
N LEU F 89 -104.03 46.56 14.68
CA LEU F 89 -105.34 46.02 14.29
C LEU F 89 -106.20 45.69 15.50
N ASP F 90 -105.62 45.67 16.70
CA ASP F 90 -106.41 45.32 17.88
C ASP F 90 -107.52 46.32 18.17
N ALA F 91 -107.36 47.58 17.77
CA ALA F 91 -108.42 48.56 17.99
C ALA F 91 -109.67 48.21 17.21
N ILE F 92 -109.52 47.95 15.90
CA ILE F 92 -110.69 47.57 15.11
C ILE F 92 -111.19 46.18 15.53
N ASP F 93 -110.30 45.30 16.00
CA ASP F 93 -110.75 44.03 16.56
C ASP F 93 -111.70 44.25 17.73
N GLU F 94 -111.32 45.12 18.66
CA GLU F 94 -112.18 45.42 19.80
C GLU F 94 -113.47 46.10 19.37
N ASP F 95 -113.39 47.01 18.39
CA ASP F 95 -114.59 47.67 17.90
C ASP F 95 -115.57 46.66 17.31
N TYR F 96 -115.07 45.70 16.53
CA TYR F 96 -115.93 44.67 15.98
C TYR F 96 -116.49 43.78 17.09
N SER F 97 -115.69 43.51 18.12
CA SER F 97 -116.18 42.73 19.26
C SER F 97 -117.33 43.44 19.97
N GLN F 98 -117.24 44.76 20.15
CA GLN F 98 -118.35 45.50 20.73
C GLN F 98 -119.57 45.51 19.79
N LEU F 99 -119.33 45.63 18.48
CA LEU F 99 -120.44 45.56 17.53
C LEU F 99 -121.14 44.21 17.60
N ARG F 100 -120.39 43.15 17.90
CA ARG F 100 -120.99 41.84 18.09
C ARG F 100 -121.97 41.85 19.25
N LYS F 101 -121.62 42.53 20.34
CA LYS F 101 -122.55 42.68 21.46
C LYS F 101 -123.74 43.56 21.07
N TYR F 102 -123.50 44.55 20.21
CA TYR F 102 -124.59 45.37 19.70
C TYR F 102 -125.44 44.63 18.66
N SER F 103 -125.06 43.41 18.29
CA SER F 103 -125.72 42.67 17.23
C SER F 103 -126.92 41.86 17.74
N CYS F 104 -127.55 42.32 18.83
CA CYS F 104 -128.69 41.62 19.39
C CYS F 104 -129.76 41.34 18.34
N LEU F 105 -130.02 42.28 17.44
CA LEU F 105 -130.88 42.06 16.30
C LEU F 105 -130.21 42.65 15.07
N GLY F 106 -130.32 41.94 13.94
CA GLY F 106 -129.56 42.28 12.75
C GLY F 106 -130.06 43.48 11.97
N GLN F 107 -131.23 44.03 12.32
CA GLN F 107 -131.79 45.16 11.58
C GLN F 107 -132.22 46.28 12.51
N CYS F 108 -131.47 46.51 13.58
CA CYS F 108 -131.72 47.65 14.46
C CYS F 108 -131.17 48.91 13.80
N THR F 109 -132.07 49.86 13.47
CA THR F 109 -131.63 51.08 12.81
C THR F 109 -130.82 51.97 13.75
N ILE F 110 -130.97 51.78 15.06
CA ILE F 110 -130.19 52.55 16.02
C ILE F 110 -128.74 52.11 16.08
N HIS F 111 -128.46 50.83 15.82
CA HIS F 111 -127.12 50.30 15.84
C HIS F 111 -126.42 50.38 14.49
N ALA F 112 -127.07 50.94 13.47
CA ALA F 112 -126.42 51.08 12.18
C ALA F 112 -125.32 52.12 12.21
N HIS F 113 -125.28 52.95 13.27
CA HIS F 113 -124.22 53.94 13.39
C HIS F 113 -122.86 53.29 13.53
N ARG F 114 -122.79 52.17 14.25
CA ARG F 114 -121.52 51.48 14.45
C ARG F 114 -121.21 50.54 13.29
N ARG F 115 -122.23 49.84 12.77
CA ARG F 115 -121.99 48.86 11.72
C ARG F 115 -121.53 49.53 10.43
N ALA F 116 -122.04 50.71 10.13
CA ALA F 116 -121.65 51.41 8.91
C ALA F 116 -120.16 51.77 8.93
N SER F 117 -119.67 52.26 10.07
CA SER F 117 -118.27 52.65 10.18
C SER F 117 -117.35 51.44 10.06
N ILE F 118 -117.75 50.32 10.67
CA ILE F 118 -116.91 49.11 10.65
C ILE F 118 -116.79 48.57 9.23
N GLY F 119 -117.88 48.63 8.46
CA GLY F 119 -117.88 48.11 7.10
C GLY F 119 -116.88 48.77 6.19
N ARG F 120 -116.41 49.98 6.51
CA ARG F 120 -115.34 50.63 5.77
C ARG F 120 -114.01 50.63 6.51
N ARG F 121 -114.02 50.61 7.85
CA ARG F 121 -112.78 50.51 8.60
C ARG F 121 -112.10 49.17 8.36
N VAL F 122 -112.89 48.10 8.19
CA VAL F 122 -112.31 46.80 7.90
C VAL F 122 -111.55 46.83 6.58
N LEU F 123 -112.14 47.48 5.56
CA LEU F 123 -111.43 47.62 4.29
C LEU F 123 -110.21 48.51 4.43
N GLU F 124 -110.34 49.61 5.18
CA GLU F 124 -109.23 50.53 5.39
C GLU F 124 -108.06 49.87 6.09
N ALA F 125 -108.31 48.85 6.90
CA ALA F 125 -107.23 48.08 7.49
C ALA F 125 -106.77 46.93 6.61
N LEU F 126 -107.68 46.30 5.87
CA LEU F 126 -107.33 45.13 5.08
C LEU F 126 -106.47 45.49 3.87
N ASP F 127 -106.78 46.60 3.21
CA ASP F 127 -105.94 47.01 2.08
C ASP F 127 -104.52 47.33 2.53
N GLU F 128 -104.38 48.01 3.67
CA GLU F 128 -103.06 48.28 4.22
C GLU F 128 -102.35 46.99 4.60
N ALA F 129 -103.07 46.04 5.20
CA ALA F 129 -102.46 44.78 5.59
C ALA F 129 -101.96 44.02 4.37
N ASN F 130 -102.76 43.99 3.30
CA ASN F 130 -102.34 43.28 2.10
C ASN F 130 -101.18 43.97 1.40
N LYS F 131 -101.18 45.31 1.41
CA LYS F 131 -100.04 46.04 0.84
C LYS F 131 -98.77 45.75 1.63
N LEU F 132 -98.88 45.70 2.95
CA LEU F 132 -97.72 45.35 3.78
C LEU F 132 -97.28 43.92 3.53
N ILE F 133 -98.23 43.01 3.28
CA ILE F 133 -97.90 41.64 2.91
C ILE F 133 -97.06 41.63 1.64
N GLU F 134 -97.55 42.32 0.61
CA GLU F 134 -96.89 42.28 -0.69
C GLU F 134 -95.62 43.12 -0.74
N GLU F 135 -95.39 43.99 0.24
CA GLU F 135 -94.14 44.73 0.29
C GLU F 135 -93.05 43.94 1.00
N GLY F 136 -93.33 43.47 2.22
CA GLY F 136 -92.32 42.77 2.99
C GLY F 136 -91.95 41.41 2.42
N ARG F 137 -92.82 40.84 1.61
CA ARG F 137 -92.51 39.59 0.91
C ARG F 137 -91.60 39.80 -0.28
N ARG F 138 -91.32 41.05 -0.63
CA ARG F 138 -90.59 41.39 -1.85
C ARG F 138 -89.17 41.90 -1.55
N PHE F 139 -88.87 42.19 -0.29
CA PHE F 139 -87.53 42.64 0.08
C PHE F 139 -86.48 41.58 -0.25
N LYS F 140 -85.31 42.04 -0.69
CA LYS F 140 -84.20 41.16 -0.99
C LYS F 140 -82.91 41.54 -0.30
N LYS F 141 -82.74 42.80 0.10
CA LYS F 141 -81.62 43.22 0.92
C LYS F 141 -82.17 43.88 2.18
N PHE F 142 -81.53 43.59 3.32
CA PHE F 142 -82.06 44.00 4.61
C PHE F 142 -81.11 44.86 5.43
N GLY F 143 -79.88 45.05 4.98
CA GLY F 143 -78.95 45.90 5.71
C GLY F 143 -77.89 46.46 4.80
N PHE F 144 -77.33 47.58 5.21
CA PHE F 144 -76.26 48.25 4.48
C PHE F 144 -75.10 48.52 5.43
N LYS F 145 -73.89 48.33 4.92
CA LYS F 145 -72.69 48.49 5.74
C LYS F 145 -72.48 49.96 6.05
N PRO F 146 -72.45 50.37 7.32
CA PRO F 146 -72.29 51.80 7.64
C PRO F 146 -70.91 52.30 7.31
N LEU F 147 -70.81 53.62 7.14
CA LEU F 147 -69.52 54.23 6.85
C LEU F 147 -68.61 54.10 8.07
N PRO F 148 -67.29 54.05 7.88
CA PRO F 148 -66.38 53.91 9.01
C PRO F 148 -66.51 55.07 9.98
N LYS F 149 -66.34 54.76 11.27
CA LYS F 149 -66.40 55.79 12.30
C LYS F 149 -65.24 56.76 12.15
N ILE F 150 -65.43 57.97 12.67
CA ILE F 150 -64.36 58.97 12.64
C ILE F 150 -63.13 58.43 13.36
N VAL F 151 -63.33 57.90 14.56
CA VAL F 151 -62.28 57.25 15.32
C VAL F 151 -62.88 56.04 16.03
N ASP F 152 -62.32 54.86 15.80
CA ASP F 152 -62.81 53.66 16.45
C ASP F 152 -62.02 53.42 17.74
N PRO F 153 -62.70 52.98 18.80
CA PRO F 153 -62.03 52.82 20.09
C PRO F 153 -60.91 51.79 20.03
N LEU F 154 -59.85 52.04 20.79
CA LEU F 154 -58.71 51.17 20.96
C LEU F 154 -58.70 50.60 22.37
N PRO F 155 -57.89 49.54 22.61
CA PRO F 155 -57.84 48.94 23.96
C PRO F 155 -57.71 49.96 25.09
N GLN F 156 -58.69 49.95 26.00
CA GLN F 156 -58.77 50.94 27.07
C GLN F 156 -58.39 50.28 28.40
N ILE F 157 -57.07 50.27 28.67
CA ILE F 157 -56.58 49.76 29.93
C ILE F 157 -56.66 50.85 30.99
N LYS F 158 -56.50 50.44 32.25
CA LYS F 158 -56.46 51.40 33.37
C LYS F 158 -55.07 52.03 33.43
N THR F 159 -55.01 53.34 33.28
CA THR F 159 -53.75 54.08 33.20
C THR F 159 -53.60 54.97 34.41
N PHE F 160 -52.36 55.04 34.93
CA PHE F 160 -52.03 55.86 36.09
C PHE F 160 -51.04 56.94 35.69
N GLY F 161 -51.30 58.16 36.15
CA GLY F 161 -50.38 59.27 35.97
C GLY F 161 -50.08 59.64 34.53
N LEU F 162 -51.01 59.39 33.61
CA LEU F 162 -50.80 59.72 32.21
C LEU F 162 -51.43 61.05 31.81
N GLU F 163 -51.98 61.80 32.77
CA GLU F 163 -52.72 63.01 32.43
C GLU F 163 -51.79 64.11 31.94
N THR F 164 -50.61 64.26 32.54
CA THR F 164 -49.72 65.35 32.17
C THR F 164 -49.15 65.16 30.77
N MET F 165 -48.69 63.95 30.45
CA MET F 165 -48.15 63.71 29.12
C MET F 165 -49.23 63.82 28.06
N LEU F 166 -50.44 63.32 28.36
CA LEU F 166 -51.55 63.48 27.42
C LEU F 166 -51.88 64.96 27.23
N SER F 167 -51.80 65.75 28.29
CA SER F 167 -52.02 67.18 28.17
C SER F 167 -50.97 67.83 27.27
N GLN F 168 -49.71 67.44 27.43
CA GLN F 168 -48.66 67.97 26.55
C GLN F 168 -48.92 67.59 25.10
N LEU F 169 -49.29 66.33 24.87
CA LEU F 169 -49.56 65.88 23.50
C LEU F 169 -50.73 66.62 22.89
N TYR F 170 -51.79 66.86 23.67
CA TYR F 170 -52.94 67.60 23.17
C TYR F 170 -52.58 69.07 22.95
N ASP F 171 -51.72 69.63 23.79
CA ASP F 171 -51.27 71.01 23.58
C ASP F 171 -50.52 71.15 22.27
N LEU F 172 -49.67 70.18 21.93
CA LEU F 172 -49.02 70.21 20.62
C LEU F 172 -50.02 69.97 19.49
N PHE F 173 -50.94 69.02 19.69
CA PHE F 173 -51.86 68.64 18.63
C PHE F 173 -52.79 69.80 18.26
N GLU F 174 -53.33 70.50 19.25
CA GLU F 174 -54.29 71.56 19.00
C GLU F 174 -53.62 72.83 18.50
N LYS F 175 -52.40 73.12 18.96
CA LYS F 175 -51.83 74.46 18.84
C LYS F 175 -50.48 74.44 18.13
N GLY F 176 -49.83 73.28 18.07
CA GLY F 176 -48.52 73.21 17.46
C GLY F 176 -48.54 73.64 16.00
N ASP F 177 -47.49 74.36 15.61
CA ASP F 177 -47.39 74.92 14.26
C ASP F 177 -47.00 73.91 13.20
N SER F 178 -46.41 72.78 13.57
CA SER F 178 -45.99 71.77 12.63
C SER F 178 -46.97 70.61 12.66
N ASN F 179 -47.23 70.03 11.49
CA ASN F 179 -48.25 69.00 11.35
C ASN F 179 -47.72 67.59 11.56
N ILE F 180 -46.41 67.42 11.72
CA ILE F 180 -45.82 66.13 12.04
C ILE F 180 -45.29 66.19 13.46
N ILE F 181 -45.84 65.36 14.34
CA ILE F 181 -45.52 65.37 15.76
C ILE F 181 -44.84 64.06 16.11
N GLY F 182 -43.72 64.15 16.83
CA GLY F 182 -42.99 62.97 17.23
C GLY F 182 -42.92 62.81 18.73
N VAL F 183 -43.19 61.61 19.23
CA VAL F 183 -43.09 61.28 20.65
C VAL F 183 -42.03 60.21 20.80
N TRP F 184 -41.07 60.45 21.68
CA TRP F 184 -39.97 59.50 21.87
C TRP F 184 -39.76 59.23 23.34
N GLY F 185 -39.26 58.02 23.62
CA GLY F 185 -39.02 57.57 24.97
C GLY F 185 -38.49 56.15 24.97
N GLN F 186 -38.00 55.75 26.14
CA GLN F 186 -37.42 54.42 26.28
C GLN F 186 -38.50 53.34 26.15
N GLY F 187 -38.05 52.11 25.91
CA GLY F 187 -38.96 50.99 25.80
C GLY F 187 -39.78 50.76 27.05
N GLY F 188 -41.09 50.64 26.89
CA GLY F 188 -41.98 50.40 28.01
C GLY F 188 -42.41 51.63 28.78
N VAL F 189 -42.06 52.83 28.32
CA VAL F 189 -42.42 54.04 29.06
C VAL F 189 -43.89 54.38 28.89
N GLY F 190 -44.54 53.94 27.82
CA GLY F 190 -45.96 54.20 27.64
C GLY F 190 -46.33 54.93 26.37
N LYS F 191 -45.50 54.83 25.32
CA LYS F 191 -45.78 55.52 24.07
C LYS F 191 -47.01 54.94 23.39
N THR F 192 -47.06 53.62 23.23
CA THR F 192 -48.21 52.98 22.60
C THR F 192 -49.47 53.17 23.42
N THR F 193 -49.36 53.06 24.74
CA THR F 193 -50.51 53.34 25.59
C THR F 193 -50.93 54.79 25.49
N LEU F 194 -49.97 55.70 25.33
CA LEU F 194 -50.31 57.11 25.09
C LEU F 194 -51.10 57.26 23.80
N LEU F 195 -50.69 56.57 22.74
CA LEU F 195 -51.44 56.62 21.49
C LEU F 195 -52.83 56.06 21.67
N HIS F 196 -52.98 54.94 22.40
CA HIS F 196 -54.29 54.36 22.62
C HIS F 196 -55.21 55.33 23.36
N VAL F 197 -54.70 55.94 24.44
CA VAL F 197 -55.53 56.83 25.24
C VAL F 197 -55.79 58.13 24.51
N PHE F 198 -54.91 58.52 23.58
CA PHE F 198 -55.14 59.73 22.79
C PHE F 198 -56.19 59.47 21.73
N ASN F 199 -56.12 58.32 21.06
CA ASN F 199 -57.12 57.96 20.06
C ASN F 199 -58.49 57.79 20.71
N ASN F 200 -58.54 57.13 21.86
CA ASN F 200 -59.82 56.95 22.56
C ASN F 200 -60.33 58.26 23.15
N ASP F 201 -59.47 59.26 23.28
CA ASP F 201 -59.91 60.56 23.78
C ASP F 201 -60.46 61.46 22.68
N LEU F 202 -60.05 61.25 21.43
CA LEU F 202 -60.56 62.05 20.32
C LEU F 202 -62.06 61.84 20.13
N GLU F 203 -62.54 60.62 20.35
CA GLU F 203 -63.96 60.33 20.19
C GLU F 203 -64.82 60.98 21.28
N LYS F 204 -64.21 61.52 22.33
CA LYS F 204 -64.92 62.26 23.36
C LYS F 204 -65.02 63.75 23.07
N LYS F 205 -63.96 64.35 22.53
CA LYS F 205 -63.97 65.78 22.26
C LYS F 205 -64.53 66.08 20.88
N ALA F 206 -64.63 67.38 20.58
CA ALA F 206 -65.08 67.84 19.27
C ALA F 206 -63.87 68.30 18.46
N HIS F 207 -63.76 67.79 17.23
CA HIS F 207 -62.62 68.09 16.39
C HIS F 207 -63.06 68.11 14.93
N ASP F 208 -62.26 68.75 14.09
CA ASP F 208 -62.60 68.93 12.69
C ASP F 208 -62.14 67.77 11.82
N TYR F 209 -61.37 66.84 12.36
CA TYR F 209 -60.78 65.79 11.56
C TYR F 209 -61.82 64.74 11.17
N GLN F 210 -61.56 64.04 10.07
CA GLN F 210 -62.51 63.12 9.50
C GLN F 210 -62.15 61.65 9.69
N VAL F 211 -60.87 61.32 9.75
CA VAL F 211 -60.44 59.94 10.00
C VAL F 211 -59.25 59.98 10.95
N VAL F 212 -59.24 59.06 11.91
CA VAL F 212 -58.12 58.86 12.82
C VAL F 212 -57.64 57.43 12.65
N ILE F 213 -56.45 57.28 12.07
CA ILE F 213 -55.91 55.98 11.69
C ILE F 213 -54.76 55.64 12.63
N PHE F 214 -54.78 54.43 13.18
CA PHE F 214 -53.70 53.92 14.01
C PHE F 214 -53.01 52.80 13.25
N ILE F 215 -51.72 52.97 13.01
CA ILE F 215 -50.94 52.05 12.18
C ILE F 215 -49.78 51.52 13.01
N GLU F 216 -49.58 50.20 12.96
CA GLU F 216 -48.50 49.55 13.70
C GLU F 216 -47.33 49.31 12.75
N VAL F 217 -46.38 50.25 12.74
CA VAL F 217 -45.16 50.06 11.96
C VAL F 217 -44.16 49.17 12.71
N SER F 218 -44.44 48.87 13.98
CA SER F 218 -43.54 48.04 14.78
C SER F 218 -43.53 46.59 14.33
N ASN F 219 -44.37 46.23 13.35
CA ASN F 219 -44.43 44.86 12.87
C ASN F 219 -43.04 44.35 12.47
N SER F 220 -42.25 45.21 11.83
CA SER F 220 -40.89 44.85 11.45
C SER F 220 -40.12 46.13 11.14
N GLU F 221 -38.82 45.96 10.90
CA GLU F 221 -38.02 47.03 10.33
C GLU F 221 -38.00 47.00 8.81
N ALA F 222 -38.69 46.02 8.21
CA ALA F 222 -38.77 45.89 6.77
C ALA F 222 -39.96 46.64 6.17
N LEU F 223 -40.74 47.35 6.98
CA LEU F 223 -41.83 48.18 6.47
C LEU F 223 -42.85 47.38 5.68
N ASN F 224 -43.66 46.58 6.37
CA ASN F 224 -44.65 45.74 5.71
C ASN F 224 -45.72 46.64 5.08
N THR F 225 -45.40 47.08 3.87
CA THR F 225 -46.21 48.08 3.18
C THR F 225 -47.63 47.58 2.91
N VAL F 226 -47.77 46.30 2.56
CA VAL F 226 -49.07 45.77 2.17
C VAL F 226 -50.07 45.89 3.32
N GLU F 227 -49.64 45.54 4.53
CA GLU F 227 -50.53 45.63 5.68
C GLU F 227 -50.87 47.05 6.07
N ILE F 228 -49.92 47.98 5.96
CA ILE F 228 -50.20 49.38 6.25
C ILE F 228 -51.22 49.92 5.25
N GLN F 229 -51.05 49.58 3.97
CA GLN F 229 -52.01 50.01 2.96
C GLN F 229 -53.37 49.37 3.19
N GLN F 230 -53.39 48.11 3.65
CA GLN F 230 -54.64 47.47 4.01
C GLN F 230 -55.34 48.24 5.12
N THR F 231 -54.60 48.63 6.16
CA THR F 231 -55.20 49.38 7.26
C THR F 231 -55.75 50.72 6.78
N ILE F 232 -54.98 51.42 5.95
CA ILE F 232 -55.42 52.73 5.46
C ILE F 232 -56.66 52.59 4.59
N SER F 233 -56.67 51.61 3.68
CA SER F 233 -57.81 51.44 2.79
C SER F 233 -59.05 51.00 3.56
N GLU F 234 -58.91 50.05 4.49
CA GLU F 234 -60.03 49.64 5.32
C GLU F 234 -60.55 50.80 6.15
N ARG F 235 -59.67 51.70 6.59
CA ARG F 235 -60.09 52.86 7.36
C ARG F 235 -60.67 53.97 6.49
N LEU F 236 -60.45 53.91 5.18
CA LEU F 236 -60.98 54.90 4.26
C LEU F 236 -62.18 54.40 3.47
N ASN F 237 -62.74 53.24 3.85
CA ASN F 237 -63.87 52.63 3.15
C ASN F 237 -63.56 52.38 1.68
N LEU F 238 -62.32 52.00 1.39
CA LEU F 238 -61.91 51.72 0.03
C LEU F 238 -61.94 50.22 -0.25
N PRO F 239 -62.24 49.84 -1.48
CA PRO F 239 -62.15 48.41 -1.84
C PRO F 239 -60.70 47.97 -1.95
N TRP F 240 -60.44 46.73 -1.53
CA TRP F 240 -59.09 46.20 -1.54
C TRP F 240 -58.84 45.47 -2.85
N ASN F 241 -58.16 46.14 -3.78
CA ASN F 241 -57.74 45.53 -5.03
C ASN F 241 -56.43 44.80 -4.77
N ASP F 242 -56.53 43.49 -4.54
CA ASP F 242 -55.39 42.72 -4.05
C ASP F 242 -54.24 42.70 -5.06
N ALA F 243 -54.56 42.58 -6.34
CA ALA F 243 -53.53 42.44 -7.37
C ALA F 243 -52.92 43.76 -7.80
N GLU F 244 -53.39 44.88 -7.27
CA GLU F 244 -52.85 46.18 -7.66
C GLU F 244 -51.41 46.31 -7.18
N PRO F 245 -50.52 46.87 -8.00
CA PRO F 245 -49.14 47.06 -7.57
C PRO F 245 -49.04 48.07 -6.43
N ILE F 246 -48.00 47.91 -5.61
CA ILE F 246 -47.86 48.72 -4.41
C ILE F 246 -47.67 50.19 -4.75
N ALA F 247 -46.89 50.49 -5.79
CA ALA F 247 -46.68 51.88 -6.17
C ALA F 247 -47.97 52.55 -6.62
N LYS F 248 -48.77 51.85 -7.43
CA LYS F 248 -50.04 52.40 -7.88
C LYS F 248 -50.99 52.61 -6.71
N ARG F 249 -51.02 51.66 -5.77
CA ARG F 249 -51.87 51.81 -4.59
C ARG F 249 -51.41 53.01 -3.75
N ALA F 250 -50.10 53.20 -3.62
CA ALA F 250 -49.60 54.35 -2.88
C ALA F 250 -49.99 55.66 -3.54
N ARG F 251 -49.88 55.72 -4.88
CA ARG F 251 -50.30 56.91 -5.59
C ARG F 251 -51.79 57.18 -5.42
N PHE F 252 -52.59 56.11 -5.42
CA PHE F 252 -54.03 56.25 -5.21
C PHE F 252 -54.33 56.74 -3.80
N LEU F 253 -53.64 56.19 -2.80
CA LEU F 253 -53.90 56.57 -1.41
C LEU F 253 -53.48 58.01 -1.14
N ILE F 254 -52.40 58.47 -1.80
CA ILE F 254 -51.99 59.87 -1.64
C ILE F 254 -53.12 60.80 -2.07
N LYS F 255 -53.80 60.46 -3.16
CA LYS F 255 -54.96 61.26 -3.59
C LYS F 255 -56.13 61.07 -2.64
N ALA F 256 -56.36 59.84 -2.18
CA ALA F 256 -57.51 59.58 -1.31
C ALA F 256 -57.38 60.29 0.03
N LEU F 257 -56.18 60.22 0.64
CA LEU F 257 -55.99 60.86 1.93
C LEU F 257 -55.91 62.38 1.80
N GLY F 258 -55.55 62.87 0.61
CA GLY F 258 -55.50 64.30 0.38
C GLY F 258 -56.86 64.98 0.39
N ARG F 259 -57.94 64.20 0.28
CA ARG F 259 -59.28 64.76 0.27
C ARG F 259 -59.88 64.89 1.67
N LYS F 260 -59.21 64.38 2.69
CA LYS F 260 -59.76 64.35 4.05
C LYS F 260 -58.77 64.91 5.05
N ARG F 261 -59.30 65.51 6.11
CA ARG F 261 -58.48 65.96 7.23
C ARG F 261 -58.18 64.78 8.14
N PHE F 262 -57.06 64.11 7.90
CA PHE F 262 -56.77 62.86 8.59
C PHE F 262 -55.83 63.08 9.78
N VAL F 263 -55.88 62.14 10.72
CA VAL F 263 -54.88 62.00 11.77
C VAL F 263 -54.38 60.56 11.72
N ILE F 264 -53.08 60.40 11.49
CA ILE F 264 -52.47 59.08 11.40
C ILE F 264 -51.51 58.93 12.57
N LEU F 265 -51.73 57.91 13.39
CA LEU F 265 -50.90 57.63 14.55
C LEU F 265 -50.00 56.45 14.24
N LEU F 266 -48.73 56.73 13.98
CA LEU F 266 -47.74 55.70 13.68
C LEU F 266 -47.19 55.17 14.99
N ASP F 267 -47.05 53.86 15.10
CA ASP F 267 -46.70 53.21 16.36
C ASP F 267 -45.35 52.52 16.24
N ASP F 268 -44.38 53.01 17.00
CA ASP F 268 -43.06 52.39 17.14
C ASP F 268 -42.40 52.18 15.77
N VAL F 269 -42.14 53.31 15.12
CA VAL F 269 -41.38 53.31 13.87
C VAL F 269 -39.90 53.21 14.21
N ARG F 270 -39.23 52.22 13.65
CA ARG F 270 -37.85 51.91 14.04
C ARG F 270 -36.82 52.34 13.01
N LYS F 271 -37.23 52.63 11.77
CA LYS F 271 -36.33 53.14 10.76
C LYS F 271 -37.04 54.25 9.98
N LYS F 272 -36.24 55.15 9.41
CA LYS F 272 -36.78 56.16 8.51
C LYS F 272 -37.38 55.50 7.29
N PHE F 273 -38.62 55.86 6.97
CA PHE F 273 -39.28 55.36 5.78
C PHE F 273 -40.03 56.51 5.13
N CYS F 274 -40.14 56.43 3.80
CA CYS F 274 -40.79 57.48 3.02
C CYS F 274 -42.30 57.28 3.08
N LEU F 275 -43.02 58.34 3.47
CA LEU F 275 -44.47 58.25 3.61
C LEU F 275 -45.15 58.06 2.25
N GLU F 276 -44.69 58.78 1.23
CA GLU F 276 -45.31 58.69 -0.08
C GLU F 276 -45.18 57.32 -0.72
N ASP F 277 -44.20 56.52 -0.30
CA ASP F 277 -44.08 55.17 -0.85
C ASP F 277 -45.03 54.19 -0.18
N VAL F 278 -45.59 54.56 0.98
CA VAL F 278 -46.58 53.72 1.63
C VAL F 278 -48.00 54.23 1.38
N GLY F 279 -48.16 55.41 0.78
CA GLY F 279 -49.46 55.98 0.50
C GLY F 279 -49.82 57.17 1.35
N ILE F 280 -49.13 57.41 2.46
CA ILE F 280 -49.47 58.55 3.34
C ILE F 280 -48.86 59.82 2.74
N PRO F 281 -49.66 60.85 2.49
CA PRO F 281 -49.10 62.14 2.08
C PRO F 281 -48.57 62.88 3.31
N THR F 282 -47.38 63.46 3.17
CA THR F 282 -46.81 64.22 4.27
C THR F 282 -47.65 65.49 4.49
N PRO F 283 -48.19 65.71 5.68
CA PRO F 283 -48.97 66.91 5.92
C PRO F 283 -48.11 68.16 5.89
N ASP F 284 -48.69 69.25 5.40
CA ASP F 284 -48.00 70.52 5.29
C ASP F 284 -48.84 71.60 5.95
N ILE F 285 -48.28 72.82 5.99
CA ILE F 285 -48.94 73.93 6.66
C ILE F 285 -50.29 74.23 6.03
N ASN F 286 -50.37 74.14 4.70
CA ASN F 286 -51.63 74.40 4.00
C ASN F 286 -52.74 73.41 4.38
N SER F 287 -52.39 72.20 4.80
CA SER F 287 -53.36 71.17 5.11
C SER F 287 -53.57 71.09 6.62
N GLN F 288 -54.80 70.78 7.02
CA GLN F 288 -55.15 70.62 8.42
C GLN F 288 -54.72 69.28 8.98
N SER F 289 -54.34 68.33 8.13
CA SER F 289 -54.05 66.97 8.56
C SER F 289 -52.84 66.94 9.51
N LYS F 290 -52.83 65.95 10.39
CA LYS F 290 -51.77 65.77 11.37
C LYS F 290 -51.22 64.36 11.25
N LEU F 291 -49.98 64.19 11.72
CA LEU F 291 -49.32 62.89 11.71
C LEU F 291 -48.51 62.77 13.00
N ILE F 292 -48.81 61.75 13.80
CA ILE F 292 -48.15 61.53 15.08
C ILE F 292 -47.44 60.18 15.02
N LEU F 293 -46.13 60.19 15.27
CA LEU F 293 -45.34 58.98 15.27
C LEU F 293 -44.60 58.83 16.59
N THR F 294 -44.53 57.61 17.09
CA THR F 294 -43.80 57.31 18.31
C THR F 294 -42.63 56.38 17.97
N SER F 295 -41.50 56.60 18.64
CA SER F 295 -40.31 55.80 18.39
C SER F 295 -39.40 55.90 19.61
N ARG F 296 -38.61 54.85 19.82
CA ARG F 296 -37.62 54.87 20.89
C ARG F 296 -36.44 55.80 20.59
N TYR F 297 -36.21 56.13 19.32
CA TYR F 297 -35.01 56.84 18.90
C TYR F 297 -35.37 58.26 18.50
N ARG F 298 -34.68 59.24 19.10
CA ARG F 298 -34.81 60.62 18.67
C ARG F 298 -34.28 60.81 17.26
N GLU F 299 -33.33 59.98 16.84
CA GLU F 299 -32.78 60.09 15.50
C GLU F 299 -33.83 59.79 14.44
N VAL F 300 -34.71 58.81 14.69
CA VAL F 300 -35.77 58.50 13.75
C VAL F 300 -36.78 59.63 13.68
N CYS F 301 -37.15 60.19 14.84
CA CYS F 301 -38.10 61.30 14.84
C CYS F 301 -37.52 62.53 14.17
N PHE F 302 -36.20 62.69 14.18
CA PHE F 302 -35.58 63.78 13.44
C PHE F 302 -35.53 63.50 11.95
N GLN F 303 -35.32 62.23 11.58
CA GLN F 303 -35.25 61.87 10.17
C GLN F 303 -36.61 62.04 9.49
N MET F 304 -37.69 61.84 10.23
CA MET F 304 -39.04 61.96 9.69
C MET F 304 -39.61 63.37 9.79
N ASN F 305 -38.75 64.40 9.84
CA ASN F 305 -39.15 65.80 9.80
C ASN F 305 -40.04 66.20 10.97
N ALA F 306 -39.86 65.55 12.12
CA ALA F 306 -40.60 65.91 13.32
C ALA F 306 -39.73 66.62 14.35
N GLN F 307 -38.67 67.29 13.92
CA GLN F 307 -37.73 67.89 14.86
C GLN F 307 -38.34 69.01 15.68
N ARG F 308 -39.20 69.83 15.08
CA ARG F 308 -39.73 71.00 15.74
C ARG F 308 -41.04 70.73 16.49
N SER F 309 -41.40 69.45 16.66
CA SER F 309 -42.57 69.10 17.46
C SER F 309 -42.31 67.89 18.35
N LEU F 310 -41.08 67.72 18.82
CA LEU F 310 -40.71 66.52 19.58
C LEU F 310 -41.25 66.58 21.00
N ILE F 311 -41.65 65.41 21.51
CA ILE F 311 -42.06 65.25 22.90
C ILE F 311 -41.30 64.06 23.47
N GLU F 312 -40.75 64.23 24.66
CA GLU F 312 -40.05 63.16 25.36
C GLU F 312 -40.99 62.51 26.35
N MET F 313 -41.18 61.20 26.20
CA MET F 313 -42.06 60.43 27.09
C MET F 313 -41.26 60.05 28.33
N GLN F 314 -41.53 60.77 29.41
CA GLN F 314 -40.78 60.59 30.64
C GLN F 314 -41.37 59.47 31.49
N ILE F 315 -40.54 58.94 32.40
CA ILE F 315 -40.98 57.86 33.27
C ILE F 315 -42.02 58.37 34.27
N LEU F 316 -42.70 57.43 34.90
CA LEU F 316 -43.80 57.77 35.81
C LEU F 316 -43.26 58.39 37.09
N GLY F 317 -44.11 59.16 37.76
CA GLY F 317 -43.71 59.83 38.97
C GLY F 317 -43.62 58.88 40.16
N ASN F 318 -43.20 59.44 41.29
CA ASN F 318 -42.98 58.63 42.49
C ASN F 318 -44.29 58.03 43.00
N ASP F 319 -45.37 58.82 43.01
CA ASP F 319 -46.62 58.35 43.59
C ASP F 319 -47.41 57.50 42.60
N ALA F 320 -47.47 57.94 41.34
CA ALA F 320 -48.20 57.20 40.32
C ALA F 320 -47.59 55.81 40.10
N SER F 321 -46.27 55.72 40.14
CA SER F 321 -45.61 54.42 40.09
C SER F 321 -46.05 53.51 41.22
N TRP F 322 -46.16 54.03 42.44
CA TRP F 322 -46.61 53.23 43.56
C TRP F 322 -48.05 52.75 43.38
N GLU F 323 -48.95 53.66 42.98
CA GLU F 323 -50.34 53.22 42.85
C GLU F 323 -50.53 52.30 41.65
N LEU F 324 -49.65 52.38 40.65
CA LEU F 324 -49.65 51.38 39.59
C LEU F 324 -49.19 50.04 40.13
N PHE F 325 -48.17 50.05 40.99
CA PHE F 325 -47.69 48.81 41.60
C PHE F 325 -48.76 48.18 42.48
N LEU F 326 -49.52 49.00 43.21
CA LEU F 326 -50.55 48.48 44.10
C LEU F 326 -51.63 47.74 43.34
N SER F 327 -52.07 48.28 42.20
CA SER F 327 -53.14 47.67 41.43
C SER F 327 -52.73 46.32 40.84
N LYS F 328 -51.43 46.02 40.82
CA LYS F 328 -50.94 44.78 40.24
C LYS F 328 -50.91 43.63 41.24
N LEU F 329 -51.20 43.88 42.51
CA LEU F 329 -51.13 42.86 43.55
C LEU F 329 -52.50 42.26 43.82
N SER F 330 -52.50 41.01 44.28
CA SER F 330 -53.74 40.34 44.63
C SER F 330 -54.38 41.00 45.84
N THR F 331 -55.62 40.60 46.14
CA THR F 331 -56.39 41.26 47.19
C THR F 331 -55.73 41.08 48.55
N GLU F 332 -55.43 39.84 48.93
CA GLU F 332 -54.82 39.59 50.24
C GLU F 332 -53.42 40.16 50.31
N THR F 333 -52.64 40.04 49.23
CA THR F 333 -51.30 40.63 49.22
C THR F 333 -51.36 42.14 49.31
N SER F 334 -52.30 42.77 48.59
CA SER F 334 -52.44 44.22 48.68
C SER F 334 -52.85 44.65 50.07
N ALA F 335 -53.73 43.88 50.72
CA ALA F 335 -54.18 44.24 52.06
C ALA F 335 -53.03 44.30 53.05
N ALA F 336 -51.92 43.63 52.78
CA ALA F 336 -50.76 43.71 53.67
C ALA F 336 -50.04 45.05 53.53
N VAL F 337 -49.87 45.54 52.31
CA VAL F 337 -49.08 46.74 52.07
C VAL F 337 -49.93 47.98 51.82
N GLU F 338 -51.23 47.84 51.59
CA GLU F 338 -52.10 49.01 51.40
C GLU F 338 -52.23 49.89 52.64
N PRO F 339 -52.47 49.37 53.86
CA PRO F 339 -53.02 50.22 54.92
C PRO F 339 -52.21 51.47 55.20
N LEU F 340 -52.91 52.58 55.39
CA LEU F 340 -52.31 53.86 55.70
C LEU F 340 -52.21 54.06 57.21
N GLY F 341 -51.64 55.20 57.60
CA GLY F 341 -51.50 55.53 59.00
C GLY F 341 -50.42 54.74 59.70
N SER F 342 -50.65 53.44 59.85
CA SER F 342 -49.65 52.58 60.46
C SER F 342 -48.49 52.35 59.50
N GLN F 343 -47.32 52.07 60.08
CA GLN F 343 -46.11 51.78 59.32
C GLN F 343 -45.62 50.39 59.68
N SER F 344 -45.22 49.63 58.66
CA SER F 344 -44.76 48.27 58.84
C SER F 344 -43.61 48.00 57.88
N ALA F 345 -42.82 46.98 58.20
CA ALA F 345 -41.66 46.65 57.38
C ALA F 345 -42.08 46.19 55.99
N THR F 346 -43.22 45.49 55.90
CA THR F 346 -43.68 44.98 54.61
C THR F 346 -43.97 46.12 53.64
N ARG F 347 -44.56 47.21 54.14
CA ARG F 347 -44.80 48.38 53.29
C ARG F 347 -43.49 48.94 52.76
N GLU F 348 -42.47 49.03 53.62
CA GLU F 348 -41.18 49.55 53.19
C GLU F 348 -40.53 48.64 52.16
N HIS F 349 -40.65 47.32 52.33
CA HIS F 349 -40.08 46.39 51.37
C HIS F 349 -40.80 46.47 50.03
N ALA F 350 -42.13 46.57 50.05
CA ALA F 350 -42.88 46.74 48.82
C ALA F 350 -42.52 48.04 48.11
N MET F 351 -42.35 49.12 48.88
CA MET F 351 -41.96 50.39 48.28
C MET F 351 -40.56 50.31 47.70
N LYS F 352 -39.64 49.60 48.36
CA LYS F 352 -38.31 49.40 47.81
C LYS F 352 -38.37 48.63 46.49
N ILE F 353 -39.20 47.58 46.43
CA ILE F 353 -39.34 46.83 45.19
C ILE F 353 -39.92 47.72 44.09
N ALA F 354 -40.90 48.55 44.44
CA ALA F 354 -41.48 49.47 43.45
C ALA F 354 -40.46 50.48 42.96
N GLN F 355 -39.65 51.02 43.87
CA GLN F 355 -38.62 51.98 43.48
C GLN F 355 -37.54 51.33 42.62
N SER F 356 -37.30 50.04 42.80
CA SER F 356 -36.33 49.34 41.97
C SER F 356 -36.73 49.33 40.51
N CYS F 357 -38.02 49.48 40.21
CA CYS F 357 -38.50 49.51 38.83
C CYS F 357 -38.17 50.81 38.11
N GLY F 358 -37.80 51.86 38.84
CA GLY F 358 -37.40 53.10 38.19
C GLY F 358 -38.52 53.87 37.55
N GLY F 359 -39.77 53.58 37.92
CA GLY F 359 -40.89 54.29 37.36
C GLY F 359 -41.25 53.91 35.94
N LEU F 360 -40.66 52.84 35.40
CA LEU F 360 -40.95 52.42 34.04
C LEU F 360 -42.22 51.57 34.07
N PRO F 361 -43.28 51.96 33.37
CA PRO F 361 -44.55 51.22 33.47
C PRO F 361 -44.45 49.75 33.10
N LEU F 362 -43.63 49.40 32.11
CA LEU F 362 -43.43 47.99 31.79
C LEU F 362 -42.77 47.28 32.95
N ALA F 363 -41.77 47.92 33.57
CA ALA F 363 -41.12 47.34 34.73
C ALA F 363 -42.10 47.19 35.89
N LEU F 364 -42.93 48.21 36.12
CA LEU F 364 -43.92 48.12 37.19
C LEU F 364 -44.88 46.96 36.94
N ASN F 365 -45.37 46.83 35.72
CA ASN F 365 -46.30 45.73 35.42
C ASN F 365 -45.66 44.38 35.66
N VAL F 366 -44.46 44.16 35.09
CA VAL F 366 -43.83 42.85 35.20
C VAL F 366 -43.51 42.52 36.65
N ILE F 367 -42.91 43.48 37.37
CA ILE F 367 -42.50 43.21 38.74
C ILE F 367 -43.71 43.02 39.66
N GLY F 368 -44.74 43.85 39.51
CA GLY F 368 -45.94 43.67 40.32
C GLY F 368 -46.63 42.36 40.04
N THR F 369 -46.65 41.92 38.78
CA THR F 369 -47.22 40.61 38.47
C THR F 369 -46.39 39.49 39.09
N ALA F 370 -45.06 39.66 39.09
CA ALA F 370 -44.19 38.62 39.65
C ALA F 370 -44.43 38.45 41.15
N VAL F 371 -44.62 39.55 41.87
CA VAL F 371 -44.75 39.51 43.32
C VAL F 371 -46.20 39.75 43.73
N ALA F 372 -47.14 39.47 42.83
CA ALA F 372 -48.55 39.71 43.12
C ALA F 372 -49.08 38.79 44.20
N GLY F 373 -48.42 37.66 44.45
CA GLY F 373 -48.91 36.70 45.43
C GLY F 373 -47.98 36.48 46.59
N LEU F 374 -47.09 37.44 46.83
CA LEU F 374 -46.14 37.33 47.94
C LEU F 374 -46.88 37.31 49.27
N GLU F 375 -46.52 36.36 50.14
CA GLU F 375 -47.12 36.31 51.46
C GLU F 375 -46.55 37.41 52.34
N GLU F 376 -47.14 37.55 53.53
CA GLU F 376 -46.77 38.62 54.45
C GLU F 376 -45.30 38.56 54.83
N GLY F 377 -44.78 37.37 55.10
CA GLY F 377 -43.45 37.23 55.66
C GLY F 377 -42.27 37.39 54.71
N GLU F 378 -42.46 37.05 53.44
CA GLU F 378 -41.34 36.90 52.51
C GLU F 378 -41.05 38.19 51.74
N TRP F 379 -41.75 39.29 52.05
CA TRP F 379 -41.44 40.56 51.42
C TRP F 379 -39.99 40.97 51.64
N GLN F 380 -39.44 40.65 52.82
CA GLN F 380 -38.10 41.08 53.17
C GLN F 380 -37.05 40.51 52.21
N SER F 381 -37.06 39.19 52.01
CA SER F 381 -36.04 38.56 51.17
C SER F 381 -36.15 39.00 49.72
N ALA F 382 -37.38 39.07 49.20
CA ALA F 382 -37.57 39.51 47.82
C ALA F 382 -37.10 40.94 47.64
N ALA F 383 -37.43 41.83 48.59
CA ALA F 383 -36.98 43.22 48.50
C ALA F 383 -35.46 43.33 48.59
N ASP F 384 -34.83 42.52 49.45
CA ASP F 384 -33.38 42.57 49.56
C ASP F 384 -32.71 42.08 48.29
N ALA F 385 -33.27 41.03 47.67
CA ALA F 385 -32.64 40.47 46.48
C ALA F 385 -32.89 41.32 45.25
N ILE F 386 -34.02 42.03 45.21
CA ILE F 386 -34.35 42.82 44.01
C ILE F 386 -33.37 43.97 43.83
N ALA F 387 -32.72 44.40 44.92
CA ALA F 387 -31.78 45.51 44.83
C ALA F 387 -30.50 45.12 44.11
N THR F 388 -30.20 43.83 44.00
CA THR F 388 -28.94 43.36 43.42
C THR F 388 -29.09 42.89 41.97
N ASN F 389 -29.97 41.92 41.73
CA ASN F 389 -30.08 41.34 40.40
C ASN F 389 -31.53 40.96 40.14
N MET F 390 -32.07 41.44 39.03
CA MET F 390 -33.47 41.20 38.66
C MET F 390 -33.65 40.04 37.70
N ASP F 391 -32.57 39.43 37.22
CA ASP F 391 -32.67 38.45 36.13
C ASP F 391 -33.39 37.17 36.52
N ASN F 392 -33.61 36.91 37.81
CA ASN F 392 -34.19 35.65 38.25
C ASN F 392 -35.67 35.74 38.58
N ILE F 393 -36.24 36.94 38.72
CA ILE F 393 -37.64 37.05 39.06
C ILE F 393 -38.50 36.71 37.84
N ASP F 394 -39.77 36.39 38.10
CA ASP F 394 -40.65 35.85 37.08
C ASP F 394 -41.05 36.86 36.03
N GLY F 395 -40.78 36.57 34.76
CA GLY F 395 -41.24 37.37 33.65
C GLY F 395 -40.26 38.39 33.12
N VAL F 396 -39.17 38.66 33.84
CA VAL F 396 -38.23 39.69 33.40
C VAL F 396 -37.33 39.18 32.28
N ASP F 397 -37.17 37.86 32.17
CA ASP F 397 -36.35 37.32 31.08
C ASP F 397 -36.93 37.64 29.71
N GLU F 398 -38.26 37.84 29.62
CA GLU F 398 -38.87 38.32 28.38
C GLU F 398 -38.97 39.84 28.35
N MET F 399 -39.00 40.49 29.50
CA MET F 399 -38.87 41.94 29.58
C MET F 399 -37.60 42.41 28.89
N PHE F 400 -36.47 41.81 29.24
CA PHE F 400 -35.20 42.19 28.64
C PHE F 400 -35.15 41.79 27.17
N GLY F 401 -35.79 40.69 26.79
CA GLY F 401 -35.90 40.37 25.37
C GLY F 401 -36.66 41.42 24.60
N ARG F 402 -37.71 41.99 25.20
CA ARG F 402 -38.46 43.07 24.58
C ARG F 402 -37.63 44.35 24.49
N LEU F 403 -36.87 44.67 25.53
CA LEU F 403 -36.08 45.90 25.53
C LEU F 403 -34.75 45.74 24.78
N LYS F 404 -34.40 44.52 24.39
CA LYS F 404 -33.07 44.25 23.87
C LYS F 404 -32.88 44.78 22.45
N TYR F 405 -33.95 45.09 21.74
CA TYR F 405 -33.81 45.53 20.36
C TYR F 405 -33.01 46.83 20.26
N SER F 406 -33.23 47.75 21.20
CA SER F 406 -32.48 49.00 21.21
C SER F 406 -30.98 48.74 21.35
N PHE F 407 -30.60 47.62 21.96
CA PHE F 407 -29.19 47.26 22.07
C PHE F 407 -28.71 46.55 20.82
N ASP F 408 -29.54 45.66 20.26
CA ASP F 408 -29.17 44.94 19.04
C ASP F 408 -29.05 45.87 17.85
N ARG F 409 -29.75 47.01 17.86
CA ARG F 409 -29.64 47.98 16.78
C ARG F 409 -28.25 48.59 16.71
N LEU F 410 -27.51 48.58 17.80
CA LEU F 410 -26.23 49.28 17.87
C LEU F 410 -25.15 48.57 17.06
N THR F 411 -24.14 49.34 16.68
CA THR F 411 -22.94 48.78 16.11
C THR F 411 -22.11 48.12 17.22
N PRO F 412 -21.21 47.20 16.87
CA PRO F 412 -20.42 46.52 17.92
C PRO F 412 -19.65 47.48 18.81
N THR F 413 -19.10 48.56 18.25
CA THR F 413 -18.42 49.53 19.09
C THR F 413 -19.37 50.18 20.08
N GLN F 414 -20.58 50.55 19.62
CA GLN F 414 -21.56 51.12 20.53
C GLN F 414 -22.03 50.10 21.55
N GLN F 415 -22.12 48.83 21.14
CA GLN F 415 -22.49 47.78 22.08
C GLN F 415 -21.46 47.65 23.20
N GLN F 416 -20.17 47.67 22.83
CA GLN F 416 -19.12 47.59 23.83
C GLN F 416 -19.08 48.84 24.71
N CYS F 417 -19.34 50.01 24.13
CA CYS F 417 -19.35 51.23 24.91
C CYS F 417 -20.52 51.26 25.89
N PHE F 418 -21.68 50.72 25.50
CA PHE F 418 -22.82 50.67 26.39
C PHE F 418 -22.59 49.66 27.51
N LEU F 419 -22.05 48.48 27.17
CA LEU F 419 -21.81 47.45 28.16
C LEU F 419 -20.77 47.92 29.18
N TYR F 420 -19.79 48.70 28.73
CA TYR F 420 -18.76 49.20 29.64
C TYR F 420 -19.36 50.16 30.66
N CYS F 421 -20.37 50.93 30.25
CA CYS F 421 -20.99 51.88 31.17
C CYS F 421 -21.75 51.22 32.30
N THR F 422 -22.00 49.90 32.22
CA THR F 422 -22.80 49.23 33.23
C THR F 422 -22.04 48.93 34.51
N LEU F 423 -20.71 49.04 34.51
CA LEU F 423 -19.93 48.71 35.69
C LEU F 423 -19.69 49.93 36.58
N PHE F 424 -20.32 51.06 36.29
CA PHE F 424 -20.29 52.19 37.19
C PHE F 424 -21.38 52.02 38.26
N PRO F 425 -21.23 52.68 39.41
CA PRO F 425 -22.14 52.40 40.53
C PRO F 425 -23.57 52.81 40.24
N GLU F 426 -24.49 52.11 40.90
CA GLU F 426 -25.91 52.41 40.80
C GLU F 426 -26.19 53.83 41.28
N TYR F 427 -27.12 54.49 40.60
CA TYR F 427 -27.58 55.84 40.93
C TYR F 427 -26.47 56.88 40.91
N GLY F 428 -25.41 56.64 40.14
CA GLY F 428 -24.30 57.58 40.08
C GLY F 428 -24.06 58.16 38.70
N SER F 429 -24.22 59.47 38.57
CA SER F 429 -23.91 60.14 37.30
C SER F 429 -22.41 60.11 37.04
N ILE F 430 -22.05 59.85 35.79
CA ILE F 430 -20.65 59.77 35.38
C ILE F 430 -20.41 60.79 34.28
N SER F 431 -19.22 61.39 34.29
CA SER F 431 -18.90 62.46 33.35
C SER F 431 -18.57 61.89 31.97
N LYS F 432 -18.92 62.65 30.93
CA LYS F 432 -18.64 62.21 29.57
C LYS F 432 -17.13 62.13 29.31
N GLU F 433 -16.36 63.09 29.84
CA GLU F 433 -14.93 63.12 29.57
C GLU F 433 -14.22 61.89 30.14
N GLN F 434 -14.56 61.48 31.36
CA GLN F 434 -13.95 60.29 31.93
C GLN F 434 -14.24 59.06 31.09
N LEU F 435 -15.51 58.89 30.69
CA LEU F 435 -15.90 57.73 29.92
C LEU F 435 -15.21 57.72 28.55
N ILE F 436 -15.11 58.89 27.91
CA ILE F 436 -14.45 58.98 26.62
C ILE F 436 -12.96 58.68 26.75
N GLY F 437 -12.35 59.12 27.85
CA GLY F 437 -10.96 58.76 28.10
C GLY F 437 -10.77 57.27 28.27
N TYR F 438 -11.66 56.63 29.03
CA TYR F 438 -11.60 55.19 29.20
C TYR F 438 -11.73 54.48 27.86
N TRP F 439 -12.67 54.93 27.03
CA TRP F 439 -12.87 54.32 25.71
C TRP F 439 -11.67 54.53 24.81
N LEU F 440 -11.07 55.72 24.85
CA LEU F 440 -9.87 55.98 24.05
C LEU F 440 -8.74 55.04 24.46
N ALA F 441 -8.57 54.86 25.77
CA ALA F 441 -7.54 53.92 26.25
C ALA F 441 -7.85 52.48 25.84
N GLU F 442 -9.12 52.07 25.94
CA GLU F 442 -9.49 50.69 25.66
C GLU F 442 -9.30 50.31 24.20
N GLY F 443 -9.20 51.29 23.30
CA GLY F 443 -9.10 51.01 21.89
C GLY F 443 -10.43 50.96 21.16
N LEU F 444 -11.54 51.16 21.86
CA LEU F 444 -12.83 51.23 21.19
C LEU F 444 -12.90 52.41 20.23
N LEU F 445 -12.30 53.54 20.61
CA LEU F 445 -12.21 54.73 19.77
C LEU F 445 -10.86 54.71 19.07
N LEU F 446 -10.86 54.96 17.77
CA LEU F 446 -9.60 55.01 17.03
C LEU F 446 -8.90 56.34 17.27
N ASN F 447 -8.51 56.59 18.52
CA ASN F 447 -7.81 57.81 18.93
C ASN F 447 -8.60 59.07 18.62
N ASP F 448 -9.92 58.98 18.61
CA ASP F 448 -10.80 60.11 18.30
C ASP F 448 -11.76 60.33 19.46
N SER F 449 -11.70 61.53 20.07
CA SER F 449 -12.61 61.85 21.15
C SER F 449 -14.00 62.20 20.64
N GLU F 450 -14.08 62.85 19.47
CA GLU F 450 -15.38 63.14 18.89
C GLU F 450 -16.15 61.86 18.57
N LYS F 451 -15.44 60.78 18.23
CA LYS F 451 -16.13 59.50 18.05
C LYS F 451 -16.78 59.04 19.35
N GLY F 452 -16.11 59.24 20.47
CA GLY F 452 -16.69 58.93 21.77
C GLY F 452 -17.90 59.79 22.08
N TYR F 453 -17.80 61.09 21.76
CA TYR F 453 -18.97 61.96 21.95
C TYR F 453 -20.13 61.52 21.06
N GLN F 454 -19.84 61.11 19.83
CA GLN F 454 -20.89 60.62 18.92
C GLN F 454 -21.53 59.35 19.48
N ILE F 455 -20.72 58.45 20.04
CA ILE F 455 -21.26 57.23 20.63
C ILE F 455 -22.15 57.55 21.82
N ILE F 456 -21.71 58.48 22.67
CA ILE F 456 -22.52 58.88 23.82
C ILE F 456 -23.84 59.49 23.35
N ARG F 457 -23.77 60.34 22.33
CA ARG F 457 -24.97 60.97 21.80
C ARG F 457 -25.93 59.96 21.17
N SER F 458 -25.39 58.96 20.47
CA SER F 458 -26.22 57.91 19.89
C SER F 458 -26.89 57.10 20.98
N LEU F 459 -26.15 56.78 22.06
CA LEU F 459 -26.75 56.06 23.18
C LEU F 459 -27.84 56.88 23.85
N VAL F 460 -27.62 58.19 23.97
CA VAL F 460 -28.65 59.06 24.56
C VAL F 460 -29.88 59.11 23.67
N SER F 461 -29.69 59.16 22.35
CA SER F 461 -30.81 59.22 21.41
C SER F 461 -31.60 57.91 21.36
N ALA F 462 -30.98 56.79 21.73
CA ALA F 462 -31.66 55.51 21.77
C ALA F 462 -32.23 55.20 23.15
N CYS F 463 -32.16 56.15 24.08
CA CYS F 463 -32.65 56.04 25.45
C CYS F 463 -31.89 55.00 26.27
N LEU F 464 -30.73 54.56 25.79
CA LEU F 464 -29.90 53.64 26.58
C LEU F 464 -29.11 54.38 27.66
N LEU F 465 -28.87 55.67 27.48
CA LEU F 465 -28.26 56.51 28.50
C LEU F 465 -29.10 57.77 28.67
N GLN F 466 -28.92 58.44 29.79
CA GLN F 466 -29.65 59.65 30.11
C GLN F 466 -28.69 60.76 30.45
N VAL F 467 -28.86 61.92 29.81
CA VAL F 467 -28.12 63.11 30.20
C VAL F 467 -28.80 63.72 31.41
N SER F 468 -28.05 63.90 32.49
CA SER F 468 -28.64 64.32 33.75
C SER F 468 -27.60 65.06 34.58
N GLY F 469 -28.09 65.76 35.59
CA GLY F 469 -27.27 66.56 36.48
C GLY F 469 -27.49 68.04 36.25
N SER F 470 -26.82 68.84 37.09
CA SER F 470 -26.83 70.28 36.91
C SER F 470 -26.14 70.70 35.62
N MET F 471 -25.37 69.81 35.00
CA MET F 471 -24.75 70.05 33.71
C MET F 471 -24.99 68.83 32.83
N SER F 472 -25.03 69.07 31.52
CA SER F 472 -25.16 67.98 30.56
C SER F 472 -23.86 67.25 30.31
N SER F 473 -22.81 67.55 31.07
CA SER F 473 -21.53 66.86 30.94
C SER F 473 -21.52 65.49 31.60
N LYS F 474 -22.57 65.13 32.33
CA LYS F 474 -22.65 63.84 32.99
C LYS F 474 -23.79 63.02 32.39
N VAL F 475 -23.53 61.73 32.22
CA VAL F 475 -24.52 60.78 31.74
C VAL F 475 -24.78 59.76 32.83
N LYS F 476 -25.94 59.10 32.75
CA LYS F 476 -26.30 58.06 33.70
C LYS F 476 -27.21 57.05 33.01
N MET F 477 -27.38 55.91 33.66
CA MET F 477 -28.18 54.81 33.11
C MET F 477 -29.39 54.58 34.00
N HIS F 478 -30.55 54.40 33.36
CA HIS F 478 -31.75 54.04 34.10
C HIS F 478 -31.57 52.66 34.73
N HIS F 479 -32.20 52.46 35.89
CA HIS F 479 -31.97 51.25 36.67
C HIS F 479 -32.31 50.00 35.86
N VAL F 480 -33.47 50.02 35.20
CA VAL F 480 -33.86 48.88 34.38
C VAL F 480 -32.90 48.70 33.21
N ILE F 481 -32.40 49.80 32.64
CA ILE F 481 -31.46 49.68 31.53
C ILE F 481 -30.13 49.10 32.02
N ARG F 482 -29.68 49.48 33.22
CA ARG F 482 -28.47 48.89 33.77
C ARG F 482 -28.66 47.41 34.05
N GLN F 483 -29.84 47.03 34.56
CA GLN F 483 -30.12 45.61 34.76
C GLN F 483 -30.12 44.86 33.44
N LEU F 484 -30.65 45.48 32.38
CA LEU F 484 -30.59 44.89 31.05
C LEU F 484 -29.15 44.72 30.59
N GLY F 485 -28.31 45.71 30.85
CA GLY F 485 -26.90 45.59 30.48
C GLY F 485 -26.21 44.47 31.21
N LEU F 486 -26.46 44.35 32.52
CA LEU F 486 -25.87 43.26 33.30
C LEU F 486 -26.37 41.90 32.81
N TRP F 487 -27.66 41.81 32.47
CA TRP F 487 -28.21 40.57 31.96
C TRP F 487 -27.60 40.20 30.62
N LEU F 488 -27.37 41.21 29.76
CA LEU F 488 -26.70 40.95 28.48
C LEU F 488 -25.26 40.51 28.69
N VAL F 489 -24.57 41.10 29.67
CA VAL F 489 -23.21 40.67 29.99
C VAL F 489 -23.21 39.22 30.43
N ASN F 490 -24.15 38.86 31.32
CA ASN F 490 -24.24 37.46 31.76
C ASN F 490 -24.59 36.53 30.62
N LYS F 491 -25.39 36.99 29.65
CA LYS F 491 -25.73 36.17 28.50
C LYS F 491 -24.55 36.00 27.55
N SER F 492 -23.59 36.92 27.58
CA SER F 492 -22.45 36.85 26.68
C SER F 492 -21.42 35.86 27.20
N ASP F 493 -20.43 35.57 26.35
CA ASP F 493 -19.36 34.64 26.68
C ASP F 493 -18.11 35.34 27.23
N THR F 494 -18.18 36.64 27.46
CA THR F 494 -17.08 37.40 28.05
C THR F 494 -17.55 37.91 29.41
N LYS F 495 -17.04 37.29 30.48
CA LYS F 495 -17.52 37.60 31.82
C LYS F 495 -17.02 38.96 32.28
N PHE F 496 -17.88 39.68 32.98
CA PHE F 496 -17.51 40.88 33.71
C PHE F 496 -17.63 40.61 35.21
N LEU F 497 -16.75 41.24 35.98
CA LEU F 497 -16.87 41.26 37.43
C LEU F 497 -17.30 42.66 37.84
N VAL F 498 -18.59 42.81 38.14
CA VAL F 498 -19.18 44.13 38.35
C VAL F 498 -19.78 44.22 39.75
N GLN F 499 -19.02 44.77 40.70
CA GLN F 499 -19.52 45.00 42.06
C GLN F 499 -19.19 46.41 42.54
N PRO F 500 -19.72 47.45 41.90
CA PRO F 500 -19.54 48.81 42.42
C PRO F 500 -20.72 49.25 43.25
N GLY F 501 -20.46 50.17 44.18
CA GLY F 501 -21.51 50.81 44.94
C GLY F 501 -22.32 49.88 45.82
N MET F 502 -21.80 48.66 46.04
CA MET F 502 -22.49 47.69 46.86
C MET F 502 -22.12 47.81 48.34
N ALA F 503 -21.35 48.82 48.71
CA ALA F 503 -20.89 49.01 50.10
C ALA F 503 -20.11 47.78 50.57
N LEU F 504 -19.29 47.23 49.69
CA LEU F 504 -18.47 46.08 50.03
C LEU F 504 -17.42 46.48 51.05
N ASP F 505 -17.29 45.69 52.12
CA ASP F 505 -16.30 45.96 53.16
C ASP F 505 -15.00 45.21 52.95
N ASN F 506 -15.01 44.15 52.14
CA ASN F 506 -13.80 43.39 51.84
C ASN F 506 -13.84 43.01 50.36
N ALA F 507 -12.66 42.83 49.77
CA ALA F 507 -12.57 42.53 48.35
C ALA F 507 -13.21 41.17 48.06
N PRO F 508 -13.77 41.00 46.86
CA PRO F 508 -14.36 39.71 46.51
C PRO F 508 -13.30 38.62 46.39
N SER F 509 -13.76 37.38 46.42
CA SER F 509 -12.87 36.23 46.35
C SER F 509 -12.06 36.27 45.06
N ALA F 510 -10.76 35.98 45.18
CA ALA F 510 -9.85 36.08 44.04
C ALA F 510 -10.13 35.03 42.97
N GLU F 511 -10.95 34.00 43.27
CA GLU F 511 -11.28 33.01 42.26
C GLU F 511 -12.22 33.59 41.20
N GLU F 512 -13.08 34.53 41.59
CA GLU F 512 -14.03 35.12 40.64
C GLU F 512 -13.34 35.97 39.58
N TRP F 513 -12.06 36.29 39.77
CA TRP F 513 -11.34 37.19 38.87
C TRP F 513 -10.69 36.46 37.70
N ASN F 514 -10.86 35.14 37.59
CA ASN F 514 -10.11 34.36 36.60
C ASN F 514 -10.46 34.78 35.17
N GLU F 515 -11.70 34.54 34.75
CA GLU F 515 -12.09 34.73 33.36
C GLU F 515 -12.64 36.11 33.06
N ALA F 516 -12.87 36.94 34.07
CA ALA F 516 -13.45 38.25 33.84
C ALA F 516 -12.49 39.15 33.08
N THR F 517 -13.05 39.97 32.19
CA THR F 517 -12.26 40.92 31.40
C THR F 517 -12.35 42.35 31.91
N ARG F 518 -13.48 42.73 32.50
CA ARG F 518 -13.66 44.05 33.09
C ARG F 518 -13.93 43.89 34.59
N ILE F 519 -13.16 44.61 35.40
CA ILE F 519 -13.31 44.58 36.85
C ILE F 519 -13.67 45.98 37.33
N SER F 520 -14.67 46.07 38.19
CA SER F 520 -15.08 47.34 38.76
C SER F 520 -15.58 47.12 40.17
N ILE F 521 -14.88 47.72 41.13
CA ILE F 521 -15.27 47.67 42.54
C ILE F 521 -15.34 49.09 43.08
N MET F 522 -15.72 50.03 42.22
CA MET F 522 -15.80 51.44 42.60
C MET F 522 -16.74 51.64 43.78
N SER F 523 -16.58 52.79 44.44
CA SER F 523 -17.46 53.27 45.51
C SER F 523 -17.62 52.27 46.65
N ASN F 524 -16.74 51.28 46.73
CA ASN F 524 -16.79 50.35 47.85
C ASN F 524 -15.92 50.86 48.99
N ASN F 525 -16.19 50.32 50.18
CA ASN F 525 -15.41 50.64 51.37
C ASN F 525 -14.24 49.71 51.58
N ILE F 526 -13.66 49.17 50.51
CA ILE F 526 -12.55 48.24 50.57
C ILE F 526 -11.42 48.83 51.40
N THR F 527 -10.88 48.03 52.32
CA THR F 527 -9.79 48.49 53.18
C THR F 527 -8.46 47.80 52.87
N GLU F 528 -8.49 46.54 52.43
CA GLU F 528 -7.27 45.80 52.17
C GLU F 528 -7.44 44.99 50.88
N LEU F 529 -6.39 45.03 50.04
CA LEU F 529 -6.32 44.26 48.82
C LEU F 529 -5.02 43.47 48.85
N SER F 530 -5.07 42.27 49.43
CA SER F 530 -3.86 41.55 49.81
C SER F 530 -3.54 40.35 48.92
N PHE F 531 -4.48 39.90 48.09
CA PHE F 531 -4.20 38.73 47.26
C PHE F 531 -3.57 39.15 45.95
N SER F 532 -3.16 38.15 45.16
CA SER F 532 -2.64 38.36 43.81
C SER F 532 -3.50 37.59 42.83
N PRO F 533 -4.36 38.25 42.06
CA PRO F 533 -5.34 37.53 41.24
C PRO F 533 -4.69 36.89 40.02
N LYS F 534 -5.48 36.05 39.34
CA LYS F 534 -5.08 35.36 38.13
C LYS F 534 -5.61 36.07 36.88
N CYS F 535 -5.68 37.40 36.89
CA CYS F 535 -6.38 38.16 35.87
C CYS F 535 -5.59 38.27 34.56
N LYS F 536 -5.44 37.15 33.85
CA LYS F 536 -4.75 37.18 32.57
C LYS F 536 -5.54 37.93 31.51
N ASN F 537 -6.88 37.82 31.53
CA ASN F 537 -7.71 38.37 30.48
C ASN F 537 -8.21 39.78 30.78
N VAL F 538 -7.92 40.33 31.95
CA VAL F 538 -8.49 41.62 32.34
C VAL F 538 -7.90 42.73 31.48
N THR F 539 -8.78 43.55 30.91
CA THR F 539 -8.39 44.71 30.12
C THR F 539 -8.83 46.03 30.72
N THR F 540 -9.49 46.01 31.87
CA THR F 540 -9.93 47.23 32.54
C THR F 540 -10.12 46.93 34.02
N LEU F 541 -9.57 47.79 34.89
CA LEU F 541 -9.66 47.61 36.32
C LEU F 541 -9.87 48.96 36.97
N LEU F 542 -10.96 49.09 37.74
CA LEU F 542 -11.35 50.36 38.34
C LEU F 542 -11.48 50.17 39.85
N MET F 543 -10.96 51.14 40.62
CA MET F 543 -11.13 51.18 42.06
C MET F 543 -11.44 52.59 42.57
N GLN F 544 -12.12 53.40 41.77
CA GLN F 544 -12.39 54.78 42.15
C GLN F 544 -13.26 54.83 43.40
N ASN F 545 -13.05 55.90 44.19
CA ASN F 545 -13.85 56.19 45.38
C ASN F 545 -13.78 55.09 46.42
N ASN F 546 -12.63 54.44 46.57
CA ASN F 546 -12.40 53.55 47.71
C ASN F 546 -11.65 54.34 48.78
N PRO F 547 -12.35 54.91 49.76
CA PRO F 547 -11.70 55.87 50.67
C PRO F 547 -10.71 55.24 51.64
N ASN F 548 -10.85 53.95 51.94
CA ASN F 548 -10.03 53.33 52.97
C ASN F 548 -9.00 52.34 52.43
N LEU F 549 -9.03 52.02 51.14
CA LEU F 549 -8.09 51.08 50.57
C LEU F 549 -6.73 51.75 50.45
N ASN F 550 -5.78 51.34 51.31
CA ASN F 550 -4.45 51.92 51.32
C ASN F 550 -3.33 50.89 51.29
N LYS F 551 -3.62 49.61 51.54
CA LYS F 551 -2.60 48.57 51.48
C LYS F 551 -2.91 47.65 50.31
N MET F 552 -1.92 47.46 49.45
CA MET F 552 -2.07 46.62 48.26
C MET F 552 -0.91 45.63 48.21
N SER F 553 -1.22 44.39 47.82
CA SER F 553 -0.21 43.35 47.77
C SER F 553 0.86 43.70 46.75
N TYR F 554 2.12 43.56 47.15
CA TYR F 554 3.22 43.77 46.22
C TYR F 554 3.23 42.67 45.17
N GLY F 555 3.48 43.06 43.92
CA GLY F 555 3.29 42.13 42.83
C GLY F 555 1.85 41.87 42.47
N PHE F 556 0.96 42.80 42.79
CA PHE F 556 -0.46 42.64 42.47
C PHE F 556 -0.68 42.60 40.96
N PHE F 557 0.04 43.43 40.22
CA PHE F 557 -0.14 43.58 38.78
C PHE F 557 0.66 42.57 37.97
N ARG F 558 1.12 41.48 38.57
CA ARG F 558 1.98 40.54 37.84
C ARG F 558 1.22 39.87 36.71
N THR F 559 -0.05 39.53 36.92
CA THR F 559 -0.85 38.86 35.91
C THR F 559 -1.66 39.83 35.04
N MET F 560 -1.44 41.13 35.19
CA MET F 560 -2.23 42.16 34.49
C MET F 560 -1.56 42.64 33.21
N SER F 561 -0.87 41.74 32.49
CA SER F 561 -0.14 42.14 31.29
C SER F 561 -1.04 42.85 30.28
N SER F 562 -2.28 42.40 30.12
CA SER F 562 -3.19 42.98 29.14
C SER F 562 -4.06 44.10 29.72
N LEU F 563 -3.85 44.48 30.97
CA LEU F 563 -4.61 45.57 31.58
C LEU F 563 -4.36 46.88 30.84
N LYS F 564 -5.42 47.52 30.36
CA LYS F 564 -5.29 48.74 29.58
C LYS F 564 -5.73 49.98 30.33
N VAL F 565 -6.73 49.88 31.20
CA VAL F 565 -7.23 51.01 31.97
C VAL F 565 -7.09 50.68 33.45
N LEU F 566 -6.46 51.58 34.20
CA LEU F 566 -6.24 51.40 35.63
C LEU F 566 -6.61 52.68 36.35
N ASP F 567 -7.61 52.61 37.21
CA ASP F 567 -8.07 53.78 37.95
C ASP F 567 -7.95 53.52 39.44
N LEU F 568 -7.22 54.39 40.13
CA LEU F 568 -7.09 54.39 41.58
C LEU F 568 -7.49 55.75 42.16
N SER F 569 -8.44 56.40 41.53
CA SER F 569 -8.85 57.74 41.95
C SER F 569 -9.55 57.69 43.31
N HIS F 570 -9.27 58.71 44.13
CA HIS F 570 -9.92 58.90 45.42
C HIS F 570 -9.73 57.69 46.33
N THR F 571 -8.54 57.09 46.25
CA THR F 571 -8.16 56.01 47.17
C THR F 571 -7.05 56.53 48.09
N ALA F 572 -6.82 55.78 49.17
CA ALA F 572 -5.92 56.21 50.23
C ALA F 572 -4.54 55.58 50.14
N ILE F 573 -4.21 54.91 49.03
CA ILE F 573 -2.89 54.32 48.90
C ILE F 573 -1.82 55.41 48.88
N THR F 574 -0.71 55.14 49.54
CA THR F 574 0.44 56.05 49.50
C THR F 574 1.56 55.55 48.61
N SER F 575 1.51 54.27 48.20
CA SER F 575 2.52 53.71 47.32
C SER F 575 1.85 52.74 46.36
N LEU F 576 2.50 52.49 45.23
CA LEU F 576 1.94 51.62 44.22
C LEU F 576 2.82 50.39 44.03
N PRO F 577 2.22 49.21 43.85
CA PRO F 577 3.02 48.01 43.58
C PRO F 577 3.75 48.12 42.26
N GLU F 578 4.83 47.35 42.13
CA GLU F 578 5.61 47.37 40.90
C GLU F 578 4.78 46.91 39.72
N CYS F 579 5.07 47.49 38.55
CA CYS F 579 4.23 47.27 37.37
C CYS F 579 5.05 46.95 36.12
N ASP F 580 6.16 46.22 36.25
CA ASP F 580 6.95 45.86 35.08
C ASP F 580 6.17 44.97 34.12
N ALA F 581 5.13 44.27 34.60
CA ALA F 581 4.34 43.41 33.74
C ALA F 581 3.22 44.16 33.01
N LEU F 582 2.98 45.43 33.34
CA LEU F 582 1.96 46.21 32.66
C LEU F 582 2.46 46.69 31.32
N VAL F 583 2.63 45.76 30.37
CA VAL F 583 3.19 46.10 29.07
C VAL F 583 2.22 46.92 28.24
N ALA F 584 0.94 46.60 28.30
CA ALA F 584 -0.07 47.19 27.41
C ALA F 584 -0.88 48.30 28.07
N LEU F 585 -0.54 48.71 29.28
CA LEU F 585 -1.31 49.76 29.95
C LEU F 585 -1.17 51.07 29.19
N GLU F 586 -2.30 51.74 28.97
CA GLU F 586 -2.34 53.01 28.25
C GLU F 586 -2.97 54.15 29.04
N HIS F 587 -3.68 53.84 30.12
CA HIS F 587 -4.32 54.86 30.95
C HIS F 587 -4.08 54.51 32.41
N LEU F 588 -3.71 55.52 33.20
CA LEU F 588 -3.47 55.32 34.62
C LEU F 588 -3.84 56.59 35.36
N ASN F 589 -4.86 56.50 36.21
CA ASN F 589 -5.39 57.64 36.94
C ASN F 589 -5.10 57.45 38.42
N LEU F 590 -4.57 58.50 39.05
CA LEU F 590 -4.30 58.49 40.48
C LEU F 590 -4.73 59.80 41.14
N SER F 591 -5.80 60.42 40.65
CA SER F 591 -6.24 61.69 41.20
C SER F 591 -6.74 61.53 42.63
N HIS F 592 -6.50 62.56 43.44
CA HIS F 592 -6.97 62.61 44.83
C HIS F 592 -6.40 61.46 45.65
N THR F 593 -5.28 60.90 45.21
CA THR F 593 -4.66 59.77 45.90
C THR F 593 -3.44 60.25 46.67
N HIS F 594 -3.25 59.66 47.86
CA HIS F 594 -2.19 60.07 48.78
C HIS F 594 -0.82 59.50 48.38
N ILE F 595 -0.68 59.09 47.12
CA ILE F 595 0.60 58.60 46.64
C ILE F 595 1.66 59.67 46.83
N MET F 596 2.77 59.29 47.47
CA MET F 596 3.86 60.24 47.70
C MET F 596 4.89 60.21 46.58
N ARG F 597 5.44 59.04 46.29
CA ARG F 597 6.41 58.90 45.22
C ARG F 597 5.93 57.84 44.25
N LEU F 598 6.19 58.06 42.97
CA LEU F 598 5.70 57.15 41.95
C LEU F 598 6.82 56.24 41.49
N PRO F 599 6.63 54.92 41.54
CA PRO F 599 7.76 53.99 41.34
C PRO F 599 8.39 54.14 39.95
N GLU F 600 9.69 53.86 39.90
CA GLU F 600 10.48 54.05 38.69
C GLU F 600 10.18 53.05 37.60
N ARG F 601 9.41 52.00 37.88
CA ARG F 601 9.03 51.06 36.82
C ARG F 601 8.09 51.69 35.81
N LEU F 602 7.46 52.81 36.17
CA LEU F 602 6.49 53.46 35.28
C LEU F 602 7.16 54.03 34.04
N TRP F 603 8.40 54.51 34.15
CA TRP F 603 9.06 55.15 33.02
C TRP F 603 9.44 54.16 31.92
N LEU F 604 9.41 52.86 32.18
CA LEU F 604 9.66 51.87 31.14
C LEU F 604 8.40 51.37 30.46
N LEU F 605 7.23 51.81 30.91
CA LEU F 605 5.96 51.44 30.28
C LEU F 605 5.88 52.12 28.93
N LYS F 606 6.14 51.35 27.86
CA LYS F 606 6.28 51.94 26.54
C LYS F 606 4.94 52.33 25.93
N GLU F 607 3.86 51.67 26.34
CA GLU F 607 2.56 51.86 25.70
C GLU F 607 1.69 52.91 26.39
N LEU F 608 2.15 53.52 27.49
CA LEU F 608 1.31 54.44 28.24
C LEU F 608 0.96 55.66 27.40
N ARG F 609 -0.28 56.11 27.52
CA ARG F 609 -0.80 57.23 26.73
C ARG F 609 -1.37 58.35 27.58
N HIS F 610 -1.94 58.04 28.74
CA HIS F 610 -2.53 59.05 29.62
C HIS F 610 -2.19 58.70 31.06
N LEU F 611 -1.63 59.65 31.79
CA LEU F 611 -1.32 59.49 33.20
C LEU F 611 -1.74 60.74 33.95
N ASP F 612 -2.57 60.57 34.97
CA ASP F 612 -3.15 61.68 35.71
C ASP F 612 -2.78 61.54 37.18
N LEU F 613 -2.30 62.62 37.78
CA LEU F 613 -2.04 62.69 39.22
C LEU F 613 -2.53 64.01 39.80
N SER F 614 -3.70 64.47 39.36
CA SER F 614 -4.22 65.74 39.85
C SER F 614 -4.66 65.63 41.30
N VAL F 615 -4.55 66.74 42.03
CA VAL F 615 -5.02 66.87 43.41
C VAL F 615 -4.32 65.82 44.28
N THR F 616 -3.12 65.42 43.88
CA THR F 616 -2.33 64.52 44.71
C THR F 616 -1.64 65.32 45.81
N VAL F 617 -2.20 65.28 47.01
CA VAL F 617 -1.72 66.12 48.11
C VAL F 617 -0.34 65.67 48.57
N ALA F 618 -0.08 64.36 48.58
CA ALA F 618 1.18 63.85 49.10
C ALA F 618 2.26 63.66 48.03
N PHE F 619 1.94 63.89 46.76
CA PHE F 619 2.90 63.62 45.70
C PHE F 619 4.08 64.57 45.78
N GLU F 620 5.29 64.01 45.85
CA GLU F 620 6.50 64.83 45.91
C GLU F 620 7.67 64.26 45.11
N ASP F 621 7.41 63.42 44.10
CA ASP F 621 8.46 62.72 43.38
C ASP F 621 8.80 63.49 42.10
N THR F 622 10.10 63.66 41.86
CA THR F 622 10.56 64.40 40.68
C THR F 622 10.14 63.68 39.40
N MET F 623 9.67 64.45 38.42
CA MET F 623 9.17 63.85 37.17
C MET F 623 10.22 63.77 36.09
N ASN F 624 11.50 64.02 36.41
CA ASN F 624 12.51 64.10 35.37
C ASN F 624 12.62 62.80 34.57
N ASN F 625 12.23 61.67 35.16
CA ASN F 625 12.27 60.40 34.45
C ASN F 625 11.15 60.25 33.44
N CYS F 626 10.21 61.19 33.38
CA CYS F 626 9.17 61.15 32.35
C CYS F 626 9.74 61.31 30.96
N SER F 627 11.01 61.76 30.85
CA SER F 627 11.66 61.88 29.56
C SER F 627 11.86 60.55 28.87
N LYS F 628 11.70 59.43 29.57
CA LYS F 628 11.75 58.11 28.97
C LYS F 628 10.40 57.64 28.45
N LEU F 629 9.34 58.44 28.65
CA LEU F 629 7.99 58.06 28.27
C LEU F 629 7.62 58.66 26.91
N HIS F 630 8.19 58.08 25.85
CA HIS F 630 8.00 58.64 24.52
C HIS F 630 6.77 58.06 23.84
N LYS F 631 5.65 58.00 24.54
CA LYS F 631 4.38 57.64 23.91
C LYS F 631 3.25 58.50 24.45
N LEU F 632 3.46 59.08 25.64
CA LEU F 632 2.37 59.66 26.40
C LEU F 632 1.72 60.82 25.66
N LYS F 633 0.39 60.88 25.74
CA LYS F 633 -0.39 61.93 25.11
C LYS F 633 -0.86 62.99 26.09
N VAL F 634 -1.12 62.61 27.34
CA VAL F 634 -1.66 63.52 28.34
C VAL F 634 -0.96 63.30 29.67
N LEU F 635 -0.51 64.40 30.28
CA LEU F 635 0.03 64.41 31.64
C LEU F 635 -0.71 65.47 32.44
N ASN F 636 -1.23 65.10 33.61
CA ASN F 636 -2.00 66.03 34.42
C ASN F 636 -1.45 66.06 35.84
N LEU F 637 -1.15 67.27 36.32
CA LEU F 637 -0.73 67.50 37.71
C LEU F 637 -1.50 68.66 38.34
N PHE F 638 -2.73 68.92 37.90
CA PHE F 638 -3.46 70.10 38.34
C PHE F 638 -3.78 70.02 39.82
N ARG F 639 -3.53 71.12 40.52
CA ARG F 639 -3.67 71.25 41.97
C ARG F 639 -2.81 70.26 42.74
N SER F 640 -1.78 69.68 42.11
CA SER F 640 -0.86 68.84 42.85
C SER F 640 -0.03 69.68 43.81
N HIS F 641 0.28 69.11 44.97
CA HIS F 641 1.09 69.82 45.95
C HIS F 641 2.48 70.13 45.41
N TYR F 642 3.06 69.21 44.65
CA TYR F 642 4.37 69.40 44.04
C TYR F 642 4.21 69.58 42.54
N GLY F 643 5.12 70.35 41.95
CA GLY F 643 5.11 70.58 40.52
C GLY F 643 6.43 71.13 40.02
N ILE F 644 6.38 72.07 39.09
CA ILE F 644 7.60 72.70 38.60
C ILE F 644 7.90 73.91 39.48
N ARG F 645 8.60 73.67 40.59
CA ARG F 645 8.95 74.75 41.51
C ARG F 645 10.09 75.59 40.97
N ASP F 646 10.87 75.06 40.02
CA ASP F 646 11.98 75.79 39.43
C ASP F 646 12.19 75.30 38.01
N VAL F 647 12.92 76.11 37.23
CA VAL F 647 13.14 75.83 35.82
C VAL F 647 13.90 74.52 35.61
N ASP F 648 14.54 74.00 36.66
CA ASP F 648 15.31 72.77 36.55
C ASP F 648 14.48 71.59 36.05
N ASN F 649 13.18 71.57 36.34
CA ASN F 649 12.30 70.51 35.87
C ASN F 649 11.38 70.97 34.75
N LEU F 650 11.86 71.84 33.86
CA LEU F 650 11.13 72.26 32.68
C LEU F 650 11.49 71.44 31.44
N ASN F 651 11.81 70.16 31.64
CA ASN F 651 12.30 69.29 30.58
C ASN F 651 11.17 68.59 29.85
N LEU F 652 9.97 69.20 29.86
CA LEU F 652 8.82 68.61 29.18
C LEU F 652 8.96 68.58 27.67
N ASP F 653 9.98 69.25 27.12
CA ASP F 653 10.21 69.19 25.68
C ASP F 653 10.59 67.80 25.20
N SER F 654 10.95 66.90 26.10
CA SER F 654 11.15 65.49 25.74
C SER F 654 9.85 64.76 25.49
N LEU F 655 8.72 65.31 25.96
CA LEU F 655 7.41 64.73 25.71
C LEU F 655 6.90 65.24 24.37
N LYS F 656 7.33 64.56 23.30
CA LYS F 656 7.02 64.99 21.96
C LYS F 656 5.62 64.62 21.51
N GLU F 657 4.98 63.67 22.18
CA GLU F 657 3.63 63.25 21.83
C GLU F 657 2.55 63.95 22.64
N LEU F 658 2.92 64.78 23.61
CA LEU F 658 1.96 65.37 24.52
C LEU F 658 0.99 66.29 23.78
N LEU F 659 -0.27 66.27 24.20
CA LEU F 659 -1.31 67.10 23.61
C LEU F 659 -2.01 68.03 24.59
N PHE F 660 -2.27 67.57 25.81
CA PHE F 660 -2.92 68.38 26.83
C PHE F 660 -2.27 68.10 28.18
N LEU F 661 -2.07 69.16 28.96
CA LEU F 661 -1.41 69.03 30.25
C LEU F 661 -1.99 70.06 31.23
N GLY F 662 -1.96 69.70 32.50
CA GLY F 662 -2.27 70.63 33.56
C GLY F 662 -1.29 70.47 34.71
N ILE F 663 -0.74 71.59 35.16
CA ILE F 663 0.35 71.56 36.12
C ILE F 663 0.20 72.75 37.07
N THR F 664 0.98 72.74 38.15
CA THR F 664 1.00 73.83 39.12
C THR F 664 2.33 74.58 39.01
N ILE F 665 2.24 75.90 38.92
CA ILE F 665 3.41 76.76 38.72
C ILE F 665 3.59 77.63 39.96
N TYR F 666 4.84 77.73 40.43
CA TYR F 666 5.14 78.37 41.69
C TYR F 666 5.99 79.64 41.61
N ALA F 667 6.51 80.00 40.43
CA ALA F 667 7.49 81.08 40.40
C ALA F 667 7.22 82.03 39.24
N GLU F 668 7.53 83.31 39.47
CA GLU F 668 7.43 84.32 38.41
C GLU F 668 8.40 84.03 37.27
N ASP F 669 9.64 83.66 37.61
CA ASP F 669 10.61 83.37 36.56
C ASP F 669 10.22 82.15 35.75
N VAL F 670 9.46 81.23 36.34
CA VAL F 670 8.89 80.14 35.56
C VAL F 670 7.89 80.68 34.55
N LEU F 671 7.07 81.65 34.97
CA LEU F 671 6.13 82.27 34.04
C LEU F 671 6.85 82.97 32.91
N LYS F 672 7.95 83.67 33.22
CA LYS F 672 8.71 84.36 32.18
C LYS F 672 9.50 83.40 31.29
N LYS F 673 9.94 82.26 31.82
CA LYS F 673 10.50 81.20 31.00
C LYS F 673 9.45 80.51 30.15
N LEU F 674 8.18 80.61 30.53
CA LEU F 674 7.09 80.12 29.70
C LEU F 674 6.48 81.23 28.85
N ASN F 675 7.08 82.42 28.86
CA ASN F 675 6.50 83.60 28.21
C ASN F 675 6.82 83.64 26.72
N MET F 676 7.43 82.58 26.20
CA MET F 676 7.75 82.51 24.78
C MET F 676 6.84 81.50 24.11
N PRO F 677 6.51 81.69 22.83
CA PRO F 677 5.51 80.82 22.19
C PRO F 677 6.06 79.45 21.80
N ARG F 678 5.52 78.41 22.43
CA ARG F 678 5.80 77.03 22.06
C ARG F 678 4.66 76.17 22.59
N PRO F 679 4.45 74.98 22.01
CA PRO F 679 3.38 74.11 22.52
C PRO F 679 3.53 73.77 23.99
N LEU F 680 4.76 73.60 24.47
CA LEU F 680 4.99 73.35 25.89
C LEU F 680 4.46 74.50 26.74
N ALA F 681 4.50 75.72 26.21
CA ALA F 681 4.01 76.89 26.92
C ALA F 681 2.51 77.09 26.80
N LYS F 682 1.84 76.38 25.88
CA LYS F 682 0.42 76.61 25.66
C LYS F 682 -0.40 75.33 25.75
N SER F 683 0.28 74.19 25.93
CA SER F 683 -0.45 72.93 26.14
C SER F 683 -1.15 72.88 27.49
N THR F 684 -0.88 73.83 28.38
CA THR F 684 -1.50 73.85 29.69
C THR F 684 -2.96 74.32 29.59
N HIS F 685 -3.88 73.37 29.44
CA HIS F 685 -5.30 73.72 29.33
C HIS F 685 -5.86 74.26 30.64
N ARG F 686 -5.23 73.92 31.78
CA ARG F 686 -5.59 74.52 33.04
C ARG F 686 -4.37 74.57 33.95
N LEU F 687 -4.33 75.58 34.82
CA LEU F 687 -3.15 75.88 35.61
C LEU F 687 -3.57 76.15 37.04
N ASN F 688 -2.75 75.72 37.99
CA ASN F 688 -2.96 75.99 39.41
C ASN F 688 -1.79 76.82 39.92
N LEU F 689 -2.10 77.80 40.77
CA LEU F 689 -1.10 78.68 41.36
C LEU F 689 -1.15 78.56 42.87
N LYS F 690 -0.11 77.97 43.46
CA LYS F 690 -0.05 77.72 44.89
C LYS F 690 1.28 78.21 45.45
N TYR F 691 1.21 78.88 46.60
CA TYR F 691 2.40 79.46 47.24
C TYR F 691 3.16 80.37 46.28
N CYS F 692 2.43 81.25 45.60
CA CYS F 692 3.04 82.12 44.60
C CYS F 692 4.06 83.05 45.24
N ALA F 693 5.32 82.89 44.85
CA ALA F 693 6.37 83.79 45.31
C ALA F 693 6.63 84.86 44.25
N GLU F 694 6.50 86.13 44.67
CA GLU F 694 6.71 87.31 43.83
C GLU F 694 5.56 87.55 42.86
N MET F 695 4.53 86.70 42.88
CA MET F 695 3.30 86.99 42.14
C MET F 695 2.32 87.76 43.01
N GLN F 696 2.72 88.98 43.38
CA GLN F 696 1.81 89.88 44.06
C GLN F 696 0.72 90.40 43.12
N SER F 697 0.97 90.36 41.81
CA SER F 697 -0.02 90.74 40.82
C SER F 697 0.21 89.91 39.56
N ILE F 698 -0.84 89.77 38.76
CA ILE F 698 -0.77 88.97 37.54
C ILE F 698 -1.76 89.56 36.54
N LYS F 699 -1.39 89.49 35.26
CA LYS F 699 -2.21 90.00 34.17
C LYS F 699 -2.51 88.87 33.19
N ILE F 700 -3.73 88.88 32.64
CA ILE F 700 -4.11 87.85 31.68
C ILE F 700 -3.26 87.95 30.41
N SER F 701 -2.79 89.15 30.08
CA SER F 701 -1.89 89.31 28.94
C SER F 701 -0.61 88.50 29.12
N ASP F 702 -0.14 88.35 30.36
CA ASP F 702 1.01 87.51 30.61
C ASP F 702 0.69 86.04 30.35
N LEU F 703 -0.60 85.67 30.37
CA LEU F 703 -1.03 84.32 30.04
C LEU F 703 -1.49 84.19 28.60
N SER F 704 -1.32 85.22 27.78
CA SER F 704 -1.86 85.22 26.42
C SER F 704 -1.24 84.14 25.54
N HIS F 705 -0.04 83.66 25.88
CA HIS F 705 0.55 82.57 25.09
C HIS F 705 -0.25 81.29 25.25
N MET F 706 -0.88 81.10 26.41
CA MET F 706 -1.62 79.89 26.72
C MET F 706 -2.94 79.84 25.95
N GLU F 707 -2.83 79.48 24.67
CA GLU F 707 -3.99 79.48 23.80
C GLU F 707 -4.96 78.37 24.14
N HIS F 708 -4.57 77.41 24.97
CA HIS F 708 -5.44 76.30 25.35
C HIS F 708 -5.98 76.42 26.76
N LEU F 709 -5.51 77.38 27.55
CA LEU F 709 -5.94 77.51 28.94
C LEU F 709 -7.45 77.72 29.01
N GLU F 710 -8.10 76.97 29.89
CA GLU F 710 -9.54 77.11 30.11
C GLU F 710 -9.93 77.17 31.58
N GLU F 711 -9.01 76.91 32.51
CA GLU F 711 -9.29 76.98 33.94
C GLU F 711 -8.05 77.42 34.69
N LEU F 712 -8.22 78.24 35.72
CA LEU F 712 -7.14 78.63 36.60
C LEU F 712 -7.57 78.44 38.05
N TYR F 713 -6.61 78.06 38.89
CA TYR F 713 -6.84 77.87 40.31
C TYR F 713 -5.76 78.60 41.10
N VAL F 714 -6.19 79.41 42.07
CA VAL F 714 -5.30 80.16 42.93
C VAL F 714 -5.55 79.75 44.36
N GLU F 715 -4.52 79.24 45.03
CA GLU F 715 -4.65 78.69 46.38
C GLU F 715 -3.44 79.09 47.21
N SER F 716 -3.71 79.61 48.41
CA SER F 716 -2.66 79.92 49.39
C SER F 716 -1.62 80.88 48.83
N CYS F 717 -2.06 81.89 48.07
CA CYS F 717 -1.17 82.95 47.60
C CYS F 717 -1.24 84.11 48.58
N TYR F 718 -0.33 84.08 49.56
CA TYR F 718 -0.43 84.98 50.70
C TYR F 718 -0.19 86.43 50.30
N ASP F 719 0.76 86.69 49.40
CA ASP F 719 1.16 88.06 49.08
C ASP F 719 0.44 88.62 47.85
N LEU F 720 -0.48 87.86 47.26
CA LEU F 720 -1.21 88.34 46.08
C LEU F 720 -2.12 89.50 46.49
N ASN F 721 -2.10 90.57 45.70
CA ASN F 721 -2.91 91.75 46.02
C ASN F 721 -3.98 92.02 44.97
N THR F 722 -3.59 92.18 43.70
CA THR F 722 -4.54 92.53 42.65
C THR F 722 -4.28 91.67 41.42
N VAL F 723 -5.31 91.53 40.59
CA VAL F 723 -5.25 90.79 39.34
C VAL F 723 -5.84 91.67 38.24
N VAL F 724 -5.21 91.63 37.06
CA VAL F 724 -5.62 92.45 35.93
C VAL F 724 -6.38 91.58 34.94
N ALA F 725 -7.67 91.88 34.75
CA ALA F 725 -8.48 91.26 33.70
C ALA F 725 -8.51 92.26 32.55
N ASP F 726 -7.55 92.12 31.63
CA ASP F 726 -7.30 93.11 30.62
C ASP F 726 -8.41 93.13 29.56
N ALA F 727 -8.49 94.25 28.84
CA ALA F 727 -9.38 94.33 27.69
C ALA F 727 -8.78 93.66 26.47
N GLU F 728 -7.48 93.39 26.47
CA GLU F 728 -6.82 92.71 25.35
C GLU F 728 -7.29 91.27 25.33
N LEU F 729 -8.10 90.92 24.33
CA LEU F 729 -8.73 89.61 24.29
C LEU F 729 -7.71 88.54 23.94
N THR F 730 -8.02 87.30 24.34
CA THR F 730 -7.21 86.13 24.03
C THR F 730 -8.12 85.04 23.48
N THR F 731 -7.60 84.30 22.51
CA THR F 731 -8.35 83.20 21.93
C THR F 731 -8.60 82.07 22.93
N SER F 732 -7.86 82.04 24.04
CA SER F 732 -8.09 81.08 25.10
C SER F 732 -9.45 81.32 25.74
N GLN F 733 -10.29 80.29 25.78
CA GLN F 733 -11.62 80.38 26.38
C GLN F 733 -11.49 80.17 27.88
N LEU F 734 -11.45 81.26 28.63
CA LEU F 734 -11.40 81.18 30.09
C LEU F 734 -12.75 80.72 30.62
N GLN F 735 -12.83 79.45 31.04
CA GLN F 735 -14.12 78.88 31.41
C GLN F 735 -14.36 78.90 32.91
N PHE F 736 -13.42 78.37 33.70
CA PHE F 736 -13.61 78.20 35.14
C PHE F 736 -12.48 78.86 35.91
N LEU F 737 -12.83 79.60 36.95
CA LEU F 737 -11.88 80.17 37.90
C LEU F 737 -12.26 79.77 39.31
N THR F 738 -11.25 79.61 40.16
CA THR F 738 -11.45 79.29 41.57
C THR F 738 -10.40 80.01 42.39
N LEU F 739 -10.86 80.90 43.28
CA LEU F 739 -9.98 81.63 44.19
C LEU F 739 -10.15 81.05 45.59
N SER F 740 -9.07 80.52 46.15
CA SER F 740 -9.12 79.80 47.41
C SER F 740 -7.99 80.25 48.33
N VAL F 741 -8.32 80.46 49.60
CA VAL F 741 -7.34 80.74 50.65
C VAL F 741 -6.43 81.88 50.26
N LEU F 742 -7.01 83.05 49.97
CA LEU F 742 -6.24 84.25 49.64
C LEU F 742 -6.50 85.31 50.70
N PRO F 743 -5.66 85.42 51.72
CA PRO F 743 -5.90 86.39 52.80
C PRO F 743 -5.45 87.81 52.49
N SER F 744 -4.99 88.10 51.28
CA SER F 744 -4.56 89.45 50.94
C SER F 744 -5.03 89.94 49.58
N LEU F 745 -5.73 89.12 48.80
CA LEU F 745 -6.26 89.57 47.52
C LEU F 745 -7.34 90.61 47.77
N GLU F 746 -7.22 91.76 47.10
CA GLU F 746 -8.12 92.88 47.31
C GLU F 746 -9.17 93.04 46.22
N SER F 747 -8.75 93.17 44.95
CA SER F 747 -9.68 93.44 43.87
C SER F 747 -9.06 92.98 42.56
N VAL F 748 -9.90 92.82 41.55
CA VAL F 748 -9.48 92.47 40.20
C VAL F 748 -9.98 93.55 39.25
N LEU F 749 -9.09 94.07 38.42
CA LEU F 749 -9.43 95.14 37.49
C LEU F 749 -10.00 94.53 36.21
N VAL F 750 -11.25 94.88 35.90
CA VAL F 750 -11.94 94.34 34.73
C VAL F 750 -12.40 95.50 33.85
N ALA F 751 -12.12 95.39 32.55
CA ALA F 751 -12.54 96.40 31.61
C ALA F 751 -14.06 96.40 31.46
N PRO F 752 -14.66 97.57 31.21
CA PRO F 752 -16.13 97.63 31.13
C PRO F 752 -16.70 97.13 29.81
N MET F 753 -15.96 97.32 28.72
CA MET F 753 -16.49 97.00 27.40
C MET F 753 -16.19 95.56 26.97
N SER F 754 -14.91 95.20 26.88
CA SER F 754 -14.53 93.86 26.47
C SER F 754 -13.50 93.32 27.45
N HIS F 755 -13.53 92.01 27.67
CA HIS F 755 -12.70 91.40 28.68
C HIS F 755 -12.44 89.94 28.32
N ASN F 756 -11.46 89.35 29.00
CA ASN F 756 -11.10 87.96 28.76
C ASN F 756 -12.00 86.98 29.52
N PHE F 757 -12.89 87.50 30.37
CA PHE F 757 -13.78 86.65 31.17
C PHE F 757 -15.08 86.34 30.47
N GLN F 758 -15.24 86.71 29.20
CA GLN F 758 -16.52 86.53 28.51
C GLN F 758 -16.90 85.05 28.40
N TYR F 759 -15.92 84.16 28.36
CA TYR F 759 -16.20 82.73 28.19
C TYR F 759 -16.46 82.01 29.50
N ILE F 760 -16.78 82.73 30.58
CA ILE F 760 -16.87 82.11 31.89
C ILE F 760 -18.18 81.36 32.03
N ARG F 761 -18.11 80.12 32.50
CA ARG F 761 -19.28 79.33 32.87
C ARG F 761 -19.36 79.00 34.35
N LYS F 762 -18.23 79.01 35.06
CA LYS F 762 -18.20 78.63 36.47
C LYS F 762 -17.24 79.53 37.22
N LEU F 763 -17.67 80.04 38.37
CA LEU F 763 -16.83 80.81 39.28
C LEU F 763 -16.98 80.27 40.69
N ILE F 764 -15.86 79.98 41.34
CA ILE F 764 -15.83 79.47 42.70
C ILE F 764 -14.96 80.40 43.53
N ILE F 765 -15.50 80.93 44.61
CA ILE F 765 -14.79 81.84 45.50
C ILE F 765 -14.81 81.23 46.90
N SER F 766 -13.63 81.10 47.51
CA SER F 766 -13.54 80.45 48.81
C SER F 766 -12.39 81.04 49.61
N HIS F 767 -12.63 81.20 50.92
CA HIS F 767 -11.59 81.49 51.90
C HIS F 767 -10.80 82.75 51.58
N CYS F 768 -11.48 83.80 51.12
CA CYS F 768 -10.80 85.06 50.86
C CYS F 768 -11.40 86.17 51.73
N PRO F 769 -10.95 86.29 52.97
CA PRO F 769 -11.54 87.30 53.87
C PRO F 769 -11.34 88.74 53.39
N LYS F 770 -10.23 89.04 52.75
CA LYS F 770 -9.94 90.41 52.35
C LYS F 770 -10.41 90.76 50.95
N LEU F 771 -11.02 89.81 50.23
CA LEU F 771 -11.58 90.10 48.92
C LEU F 771 -12.85 90.92 49.08
N SER F 772 -12.84 92.17 48.59
CA SER F 772 -13.95 93.08 48.80
C SER F 772 -14.39 93.76 47.51
N ASN F 773 -14.32 93.06 46.38
CA ASN F 773 -14.80 93.57 45.11
C ASN F 773 -15.28 92.42 44.25
N ILE F 774 -16.58 92.41 43.97
CA ILE F 774 -17.21 91.34 43.21
C ILE F 774 -18.14 91.85 42.11
N THR F 775 -18.24 93.17 41.94
CA THR F 775 -19.19 93.74 40.98
C THR F 775 -18.88 93.33 39.54
N TRP F 776 -17.67 92.86 39.28
CA TRP F 776 -17.30 92.44 37.92
C TRP F 776 -18.09 91.23 37.47
N VAL F 777 -18.73 90.51 38.39
CA VAL F 777 -19.41 89.27 38.05
C VAL F 777 -20.63 89.54 37.18
N ARG F 778 -21.35 90.63 37.44
CA ARG F 778 -22.59 90.89 36.71
C ARG F 778 -22.36 91.22 35.24
N ARG F 779 -21.11 91.47 34.83
CA ARG F 779 -20.79 91.62 33.41
C ARG F 779 -20.59 90.29 32.72
N LEU F 780 -20.73 89.17 33.43
CA LEU F 780 -20.44 87.85 32.90
C LEU F 780 -21.77 87.16 32.61
N GLN F 781 -22.27 87.37 31.39
CA GLN F 781 -23.59 86.89 31.02
C GLN F 781 -23.65 85.38 30.81
N LEU F 782 -22.52 84.74 30.49
CA LEU F 782 -22.49 83.31 30.22
C LEU F 782 -22.22 82.47 31.47
N LEU F 783 -22.11 83.09 32.63
CA LEU F 783 -21.77 82.38 33.86
C LEU F 783 -22.92 81.48 34.28
N GLU F 784 -22.62 80.20 34.54
CA GLU F 784 -23.65 79.25 34.93
C GLU F 784 -23.64 78.97 36.42
N ARG F 785 -22.46 78.72 36.99
CA ARG F 785 -22.33 78.21 38.35
C ARG F 785 -21.72 79.28 39.24
N LEU F 786 -22.38 79.58 40.35
CA LEU F 786 -21.91 80.55 41.33
C LEU F 786 -21.56 79.85 42.63
N VAL F 787 -20.34 80.04 43.11
CA VAL F 787 -19.89 79.50 44.39
C VAL F 787 -19.16 80.60 45.12
N ILE F 788 -19.80 81.17 46.15
CA ILE F 788 -19.19 82.15 47.03
C ILE F 788 -19.20 81.55 48.43
N SER F 789 -18.01 81.38 49.01
CA SER F 789 -17.92 80.70 50.29
C SER F 789 -16.83 81.31 51.16
N HIS F 790 -17.15 81.51 52.44
CA HIS F 790 -16.19 81.94 53.46
C HIS F 790 -15.40 83.18 53.04
N CYS F 791 -16.10 84.16 52.49
CA CYS F 791 -15.50 85.43 52.09
C CYS F 791 -16.36 86.57 52.63
N ASP F 792 -16.06 86.99 53.86
CA ASP F 792 -16.83 88.04 54.51
C ASP F 792 -16.49 89.43 53.98
N GLY F 793 -15.43 89.57 53.19
CA GLY F 793 -15.15 90.85 52.56
C GLY F 793 -16.13 91.24 51.48
N VAL F 794 -16.82 90.26 50.90
CA VAL F 794 -17.86 90.52 49.91
C VAL F 794 -19.18 90.68 50.67
N LEU F 795 -19.61 91.93 50.84
CA LEU F 795 -20.86 92.18 51.54
C LEU F 795 -22.07 91.85 50.68
N GLU F 796 -22.02 92.14 49.38
CA GLU F 796 -23.10 91.82 48.47
C GLU F 796 -22.52 91.34 47.15
N ILE F 797 -23.26 90.45 46.50
CA ILE F 797 -22.85 89.96 45.18
C ILE F 797 -22.89 91.07 44.14
N VAL F 798 -23.85 91.98 44.23
CA VAL F 798 -23.86 93.19 43.43
C VAL F 798 -23.98 94.37 44.38
N GLU F 799 -22.94 95.21 44.43
CA GLU F 799 -22.93 96.35 45.33
C GLU F 799 -23.68 97.52 44.72
N ASP F 800 -24.01 98.50 45.56
CA ASP F 800 -24.74 99.68 45.13
C ASP F 800 -23.83 100.64 44.39
N THR F 831 -27.85 98.20 28.25
CA THR F 831 -28.76 97.32 27.53
C THR F 831 -29.86 96.80 28.43
N GLY F 832 -31.06 96.66 27.87
CA GLY F 832 -32.17 96.08 28.62
C GLY F 832 -32.03 94.58 28.75
N GLN F 833 -31.02 94.14 29.48
CA GLN F 833 -30.68 92.73 29.57
C GLN F 833 -30.39 92.36 31.02
N SER F 834 -30.69 91.11 31.37
CA SER F 834 -30.38 90.61 32.70
C SER F 834 -28.88 90.44 32.87
N ASP F 835 -28.43 90.45 34.13
CA ASP F 835 -27.01 90.30 34.41
C ASP F 835 -26.54 88.86 34.22
N PHE F 836 -27.41 87.88 34.46
CA PHE F 836 -27.06 86.46 34.35
C PHE F 836 -28.10 85.73 33.52
N PRO F 837 -28.14 85.97 32.20
CA PRO F 837 -29.11 85.26 31.36
C PRO F 837 -28.88 83.75 31.33
N LYS F 838 -27.63 83.30 31.46
CA LYS F 838 -27.30 81.89 31.41
C LYS F 838 -27.07 81.29 32.80
N LEU F 839 -27.52 81.96 33.85
CA LEU F 839 -27.36 81.46 35.20
C LEU F 839 -28.08 80.12 35.37
N ARG F 840 -27.38 79.16 35.98
CA ARG F 840 -27.96 77.85 36.26
C ARG F 840 -27.97 77.49 37.74
N LEU F 841 -26.87 77.72 38.46
CA LEU F 841 -26.74 77.29 39.85
C LEU F 841 -26.07 78.37 40.66
N ILE F 842 -26.59 78.62 41.87
CA ILE F 842 -25.99 79.54 42.83
C ILE F 842 -25.74 78.78 44.12
N VAL F 843 -24.50 78.87 44.61
CA VAL F 843 -24.11 78.21 45.86
C VAL F 843 -23.49 79.25 46.79
N LEU F 844 -24.00 79.33 48.01
CA LEU F 844 -23.46 80.19 49.05
C LEU F 844 -23.16 79.34 50.29
N THR F 845 -22.03 79.61 50.93
CA THR F 845 -21.59 78.77 52.04
C THR F 845 -20.79 79.59 53.04
N GLY F 846 -21.25 79.63 54.29
CA GLY F 846 -20.45 80.16 55.38
C GLY F 846 -20.24 81.67 55.38
N LEU F 847 -21.03 82.41 54.60
CA LEU F 847 -20.88 83.87 54.54
C LEU F 847 -21.55 84.48 55.76
N LYS F 848 -20.74 84.70 56.81
CA LYS F 848 -21.28 85.27 58.05
C LYS F 848 -21.68 86.73 57.88
N LYS F 849 -20.88 87.52 57.15
CA LYS F 849 -21.09 88.96 57.04
C LYS F 849 -21.75 89.38 55.73
N LEU F 850 -22.22 88.44 54.93
CA LEU F 850 -22.90 88.80 53.68
C LEU F 850 -24.24 89.47 53.99
N ARG F 851 -24.50 90.58 53.30
CA ARG F 851 -25.78 91.27 53.49
C ARG F 851 -26.87 90.67 52.59
N SER F 852 -26.66 90.72 51.28
CA SER F 852 -27.63 90.23 50.32
C SER F 852 -26.91 89.91 49.02
N ILE F 853 -27.61 89.21 48.13
CA ILE F 853 -27.03 88.87 46.83
C ILE F 853 -27.09 90.10 45.94
N CYS F 854 -28.30 90.54 45.60
CA CYS F 854 -28.50 91.69 44.73
C CYS F 854 -29.98 92.04 44.70
N LYS F 855 -30.30 93.07 43.92
CA LYS F 855 -31.69 93.46 43.73
C LYS F 855 -32.39 92.51 42.77
N ALA F 856 -33.71 92.68 42.65
CA ALA F 856 -34.52 91.77 41.86
C ALA F 856 -34.10 91.76 40.40
N ARG F 857 -33.96 90.55 39.85
CA ARG F 857 -33.61 90.38 38.44
C ARG F 857 -34.26 89.11 37.94
N GLU F 858 -34.29 88.96 36.61
CA GLU F 858 -34.91 87.82 35.96
C GLU F 858 -33.83 86.88 35.44
N PHE F 859 -33.94 85.60 35.81
CA PHE F 859 -33.00 84.56 35.40
C PHE F 859 -33.77 83.43 34.72
N PRO F 860 -33.72 83.34 33.39
CA PRO F 860 -34.53 82.31 32.71
C PRO F 860 -34.00 80.89 32.89
N CYS F 861 -32.69 80.70 32.88
CA CYS F 861 -32.12 79.36 32.91
C CYS F 861 -31.83 78.84 34.31
N LEU F 862 -32.18 79.59 35.35
CA LEU F 862 -31.86 79.18 36.71
C LEU F 862 -32.50 77.84 37.05
N GLU F 863 -31.73 76.97 37.71
CA GLU F 863 -32.16 75.62 38.03
C GLU F 863 -32.22 75.32 39.51
N THR F 864 -31.22 75.76 40.28
CA THR F 864 -31.16 75.39 41.69
C THR F 864 -30.40 76.48 42.46
N LEU F 865 -30.91 76.78 43.66
CA LEU F 865 -30.26 77.71 44.57
C LEU F 865 -29.97 77.00 45.88
N ARG F 866 -28.75 77.14 46.38
CA ARG F 866 -28.33 76.48 47.61
C ARG F 866 -27.60 77.47 48.50
N VAL F 867 -28.05 77.59 49.74
CA VAL F 867 -27.47 78.50 50.72
C VAL F 867 -27.14 77.72 51.98
N GLU F 868 -25.92 77.90 52.50
CA GLU F 868 -25.49 77.23 53.72
C GLU F 868 -24.78 78.22 54.64
N ASP F 869 -25.21 78.22 55.91
CA ASP F 869 -24.54 78.98 56.96
C ASP F 869 -24.41 80.46 56.60
N CYS F 870 -25.54 81.11 56.38
CA CYS F 870 -25.55 82.54 56.08
C CYS F 870 -26.48 83.26 57.05
N PRO F 871 -26.03 83.53 58.28
CA PRO F 871 -26.92 84.12 59.29
C PRO F 871 -27.14 85.61 59.12
N ASN F 872 -26.73 86.18 57.99
CA ASN F 872 -26.92 87.60 57.73
C ASN F 872 -27.47 87.89 56.34
N LEU F 873 -27.90 86.87 55.59
CA LEU F 873 -28.40 87.07 54.24
C LEU F 873 -29.75 87.77 54.29
N ARG F 874 -29.76 89.08 54.04
CA ARG F 874 -30.95 89.89 54.24
C ARG F 874 -31.98 89.70 53.13
N SER F 875 -31.56 89.52 51.89
CA SER F 875 -32.50 89.41 50.79
C SER F 875 -31.85 88.66 49.63
N ILE F 876 -32.71 88.16 48.74
CA ILE F 876 -32.28 87.44 47.54
C ILE F 876 -33.00 88.02 46.34
N PRO F 877 -32.38 87.93 45.16
CA PRO F 877 -33.01 88.50 43.96
C PRO F 877 -34.23 87.75 43.46
N LEU F 878 -34.52 86.57 44.02
CA LEU F 878 -35.69 85.82 43.59
C LEU F 878 -36.97 86.57 43.95
N SER F 879 -37.93 86.54 43.04
CA SER F 879 -39.18 87.25 43.21
C SER F 879 -40.27 86.53 42.44
N CYS F 880 -41.48 87.08 42.51
CA CYS F 880 -42.63 86.50 41.81
C CYS F 880 -42.67 86.97 40.36
N THR F 881 -41.70 87.81 39.98
CA THR F 881 -41.68 88.34 38.61
C THR F 881 -41.28 87.28 37.60
N HIS F 882 -40.60 86.22 38.04
CA HIS F 882 -40.14 85.19 37.12
C HIS F 882 -41.29 84.30 36.66
N ASN F 883 -41.07 83.63 35.54
CA ASN F 883 -41.90 82.50 35.16
C ASN F 883 -41.28 81.22 35.73
N TYR F 884 -42.12 80.36 36.30
CA TYR F 884 -41.65 79.24 37.12
C TYR F 884 -41.86 77.95 36.34
N TRP F 885 -40.90 77.61 35.48
CA TRP F 885 -40.94 76.32 34.78
C TRP F 885 -39.62 75.57 34.91
N LYS F 886 -38.50 76.29 34.91
CA LYS F 886 -37.20 75.64 34.84
C LYS F 886 -36.48 75.58 36.18
N LEU F 887 -36.75 76.53 37.08
CA LEU F 887 -36.19 76.44 38.43
C LEU F 887 -36.74 75.20 39.11
N LYS F 888 -35.86 74.38 39.67
CA LYS F 888 -36.22 73.04 40.13
C LYS F 888 -36.28 72.90 41.64
N GLN F 889 -35.26 73.35 42.36
CA GLN F 889 -35.24 73.17 43.81
C GLN F 889 -34.41 74.28 44.44
N ILE F 890 -34.66 74.51 45.72
CA ILE F 890 -33.93 75.51 46.50
C ILE F 890 -33.56 74.89 47.83
N CYS F 891 -32.28 74.99 48.20
CA CYS F 891 -31.79 74.50 49.49
C CYS F 891 -31.57 75.67 50.43
N GLY F 892 -32.17 75.60 51.61
CA GLY F 892 -32.07 76.66 52.58
C GLY F 892 -32.49 76.26 53.98
N SER F 893 -32.83 77.23 54.81
CA SER F 893 -33.22 76.97 56.19
C SER F 893 -34.33 77.92 56.59
N VAL F 894 -35.09 77.52 57.61
CA VAL F 894 -36.18 78.34 58.10
C VAL F 894 -35.66 79.62 58.74
N GLU F 895 -34.52 79.55 59.43
CA GLU F 895 -33.89 80.76 59.96
C GLU F 895 -33.51 81.71 58.83
N TRP F 896 -32.97 81.16 57.75
CA TRP F 896 -32.65 81.98 56.58
C TRP F 896 -33.91 82.59 55.97
N TRP F 897 -35.00 81.82 55.94
CA TRP F 897 -36.27 82.36 55.43
C TRP F 897 -36.77 83.50 56.30
N GLU F 898 -36.67 83.37 57.63
CA GLU F 898 -37.05 84.45 58.52
C GLU F 898 -36.17 85.68 58.34
N LYS F 899 -34.87 85.48 58.18
CA LYS F 899 -33.95 86.61 58.05
C LYS F 899 -34.06 87.28 56.69
N LEU F 900 -34.68 86.62 55.71
CA LEU F 900 -34.93 87.26 54.42
C LEU F 900 -36.05 88.27 54.54
N GLN F 901 -35.71 89.55 54.44
CA GLN F 901 -36.71 90.62 54.46
C GLN F 901 -37.32 90.74 53.07
N TRP F 902 -38.45 90.07 52.90
CA TRP F 902 -39.09 90.00 51.59
C TRP F 902 -39.60 91.37 51.16
N GLU F 903 -39.35 91.72 49.90
CA GLU F 903 -39.86 92.97 49.35
C GLU F 903 -41.35 92.93 49.08
N ASN F 904 -41.92 91.74 48.92
CA ASN F 904 -43.35 91.56 48.76
C ASN F 904 -43.80 90.44 49.68
N ARG F 905 -44.95 90.64 50.33
CA ARG F 905 -45.46 89.64 51.27
C ARG F 905 -45.97 88.39 50.58
N LYS F 906 -46.14 88.41 49.26
CA LYS F 906 -46.47 87.18 48.54
C LYS F 906 -45.24 86.27 48.41
N GLU F 907 -44.04 86.86 48.41
CA GLU F 907 -42.83 86.06 48.29
C GLU F 907 -42.63 85.15 49.50
N VAL F 908 -43.29 85.45 50.62
CA VAL F 908 -43.17 84.63 51.82
C VAL F 908 -43.67 83.22 51.54
N ALA F 909 -44.77 83.10 50.82
CA ALA F 909 -45.33 81.79 50.50
C ALA F 909 -44.96 81.33 49.09
N CYS F 910 -44.82 82.27 48.14
CA CYS F 910 -44.55 81.90 46.77
C CYS F 910 -43.22 81.18 46.63
N LEU F 911 -42.18 81.67 47.29
CA LEU F 911 -40.87 81.05 47.23
C LEU F 911 -40.66 79.97 48.29
N ASP F 912 -41.67 79.72 49.12
CA ASP F 912 -41.56 78.65 50.13
C ASP F 912 -42.28 77.40 49.67
N SER F 913 -43.53 77.54 49.22
CA SER F 913 -44.33 76.38 48.83
C SER F 913 -43.85 75.74 47.54
N LYS F 914 -42.94 76.39 46.81
CA LYS F 914 -42.55 75.88 45.50
C LYS F 914 -41.27 75.04 45.55
N TYR F 915 -40.21 75.53 46.19
CA TYR F 915 -38.91 74.91 46.01
C TYR F 915 -38.13 74.74 47.32
N PHE F 916 -38.78 74.95 48.46
CA PHE F 916 -38.07 74.90 49.72
C PHE F 916 -37.64 73.49 50.07
N ILE F 917 -36.34 73.30 50.26
CA ILE F 917 -35.79 72.03 50.75
C ILE F 917 -34.80 72.35 51.86
N PRO F 918 -34.95 71.77 53.05
CA PRO F 918 -34.02 72.08 54.14
C PRO F 918 -32.63 71.51 53.87
N ILE F 919 -31.66 72.10 54.56
CA ILE F 919 -30.26 71.70 54.42
C ILE F 919 -30.06 70.27 54.91
N LEU G 36 -128.51 24.94 -11.30
CA LEU G 36 -128.16 23.73 -10.56
C LEU G 36 -126.71 23.34 -10.83
N HIS G 37 -125.85 23.55 -9.84
CA HIS G 37 -124.42 23.29 -9.97
C HIS G 37 -123.82 22.52 -8.80
N LEU G 38 -124.60 22.20 -7.77
CA LEU G 38 -124.06 21.52 -6.60
C LEU G 38 -123.53 20.13 -6.95
N LYS G 39 -124.23 19.42 -7.83
CA LYS G 39 -123.85 18.04 -8.14
C LYS G 39 -122.46 17.94 -8.73
N SER G 40 -122.00 18.98 -9.43
CA SER G 40 -120.65 19.00 -9.98
C SER G 40 -119.68 19.71 -9.06
N ASN G 41 -120.14 20.75 -8.36
CA ASN G 41 -119.25 21.51 -7.48
C ASN G 41 -118.78 20.67 -6.30
N TRP G 42 -119.64 19.75 -5.82
CA TRP G 42 -119.22 18.88 -4.72
C TRP G 42 -118.17 17.87 -5.18
N SER G 43 -118.29 17.34 -6.40
CA SER G 43 -117.24 16.48 -6.94
C SER G 43 -115.94 17.24 -7.12
N ASP G 44 -116.03 18.48 -7.60
CA ASP G 44 -114.83 19.31 -7.70
C ASP G 44 -114.21 19.56 -6.33
N LEU G 45 -115.05 19.76 -5.30
CA LEU G 45 -114.54 19.93 -3.95
C LEU G 45 -113.85 18.67 -3.46
N ASP G 46 -114.40 17.50 -3.78
CA ASP G 46 -113.74 16.25 -3.40
C ASP G 46 -112.39 16.10 -4.07
N LYS G 47 -112.31 16.43 -5.36
CA LYS G 47 -111.02 16.40 -6.05
C LYS G 47 -110.03 17.39 -5.41
N ALA G 48 -110.50 18.59 -5.07
CA ALA G 48 -109.65 19.59 -4.46
C ALA G 48 -109.14 19.13 -3.11
N LYS G 49 -110.01 18.48 -2.32
CA LYS G 49 -109.60 17.97 -1.02
C LYS G 49 -108.55 16.87 -1.16
N LYS G 50 -108.77 15.95 -2.11
CA LYS G 50 -107.80 14.87 -2.28
C LYS G 50 -106.48 15.38 -2.80
N LEU G 51 -106.48 16.48 -3.57
CA LEU G 51 -105.22 17.07 -4.00
C LEU G 51 -104.57 17.87 -2.86
N LEU G 52 -105.38 18.51 -2.03
CA LEU G 52 -104.85 19.29 -0.91
C LEU G 52 -104.20 18.40 0.12
N LEU G 53 -104.74 17.20 0.33
CA LEU G 53 -104.07 16.26 1.24
C LEU G 53 -102.69 15.91 0.74
N ALA G 54 -102.53 15.69 -0.57
CA ALA G 54 -101.22 15.38 -1.14
C ALA G 54 -100.27 16.57 -1.01
N VAL G 55 -100.75 17.77 -1.30
CA VAL G 55 -99.90 18.96 -1.18
C VAL G 55 -99.46 19.16 0.26
N GLU G 56 -100.38 18.98 1.21
CA GLU G 56 -100.04 19.10 2.62
C GLU G 56 -99.04 18.04 3.04
N THR G 57 -99.18 16.82 2.54
CA THR G 57 -98.21 15.77 2.84
C THR G 57 -96.83 16.14 2.33
N THR G 58 -96.75 16.65 1.10
CA THR G 58 -95.46 17.06 0.56
C THR G 58 -94.85 18.19 1.38
N VAL G 59 -95.67 19.18 1.76
CA VAL G 59 -95.16 20.31 2.53
C VAL G 59 -94.67 19.85 3.91
N ARG G 60 -95.44 18.96 4.55
CA ARG G 60 -95.04 18.48 5.87
C ARG G 60 -93.78 17.65 5.81
N ALA G 61 -93.64 16.82 4.78
CA ALA G 61 -92.40 16.07 4.62
C ALA G 61 -91.21 17.00 4.40
N ARG G 62 -91.40 18.03 3.57
CA ARG G 62 -90.33 19.00 3.33
C ARG G 62 -89.95 19.75 4.59
N VAL G 63 -90.94 20.08 5.43
CA VAL G 63 -90.67 20.78 6.69
C VAL G 63 -89.96 19.87 7.68
N THR G 64 -90.40 18.61 7.77
CA THR G 64 -89.74 17.65 8.65
C THR G 64 -88.30 17.42 8.22
N ALA G 65 -88.04 17.50 6.92
CA ALA G 65 -86.66 17.45 6.45
C ALA G 65 -85.86 18.67 6.91
N GLU G 66 -86.53 19.76 7.28
CA GLU G 66 -85.87 20.96 7.78
C GLU G 66 -85.67 20.93 9.28
N VAL G 67 -86.69 20.49 10.03
CA VAL G 67 -86.57 20.40 11.49
C VAL G 67 -85.51 19.37 11.87
N ASP G 68 -85.27 18.38 11.02
CA ASP G 68 -84.21 17.42 11.29
C ASP G 68 -82.84 18.09 11.29
N LYS G 69 -82.68 19.19 10.56
CA LYS G 69 -81.47 19.99 10.56
C LYS G 69 -81.48 21.04 11.66
N LEU G 70 -82.34 20.89 12.67
CA LEU G 70 -82.50 21.82 13.78
C LEU G 70 -83.04 23.18 13.37
N ASN G 71 -83.48 23.32 12.13
CA ASN G 71 -84.14 24.55 11.71
C ASN G 71 -85.57 24.59 12.27
N ILE G 72 -86.18 25.76 12.19
CA ILE G 72 -87.55 25.94 12.61
C ILE G 72 -88.41 26.14 11.37
N CYS G 73 -89.61 25.57 11.39
CA CYS G 73 -90.53 25.70 10.27
C CYS G 73 -90.78 27.17 9.93
N ASP G 74 -90.75 27.48 8.63
CA ASP G 74 -90.88 28.86 8.19
C ASP G 74 -92.23 29.42 8.60
N PRO G 75 -92.29 30.66 9.11
CA PRO G 75 -93.58 31.17 9.63
C PRO G 75 -94.70 31.20 8.61
N GLN G 76 -94.41 31.53 7.36
CA GLN G 76 -95.45 31.51 6.33
C GLN G 76 -95.92 30.09 6.05
N VAL G 77 -94.98 29.14 5.99
CA VAL G 77 -95.36 27.73 5.84
C VAL G 77 -96.16 27.28 7.05
N GLN G 78 -95.79 27.76 8.24
CA GLN G 78 -96.56 27.42 9.44
C GLN G 78 -97.98 27.93 9.36
N VAL G 79 -98.16 29.16 8.88
CA VAL G 79 -99.52 29.72 8.74
C VAL G 79 -100.32 28.92 7.72
N TRP G 80 -99.69 28.57 6.60
CA TRP G 80 -100.38 27.77 5.58
C TRP G 80 -100.79 26.41 6.13
N LEU G 81 -99.88 25.76 6.86
CA LEU G 81 -100.19 24.46 7.45
C LEU G 81 -101.32 24.58 8.47
N ARG G 82 -101.31 25.64 9.27
CA ARG G 82 -102.37 25.84 10.24
C ARG G 82 -103.72 26.03 9.57
N ARG G 83 -103.77 26.81 8.48
CA ARG G 83 -105.03 26.97 7.75
C ARG G 83 -105.50 25.65 7.15
N VAL G 84 -104.57 24.88 6.56
CA VAL G 84 -104.93 23.58 5.99
C VAL G 84 -105.51 22.67 7.07
N GLU G 85 -104.86 22.63 8.24
CA GLU G 85 -105.34 21.79 9.33
C GLU G 85 -106.70 22.26 9.83
N GLU G 86 -106.92 23.57 9.89
CA GLU G 86 -108.16 24.13 10.39
C GLU G 86 -109.31 24.04 9.39
N LEU G 87 -109.02 23.71 8.12
CA LEU G 87 -110.07 23.71 7.08
C LEU G 87 -111.27 22.84 7.47
N GLN G 88 -111.03 21.57 7.82
CA GLN G 88 -112.07 20.68 8.35
C GLN G 88 -113.25 20.53 7.38
N LEU G 89 -112.98 19.90 6.23
CA LEU G 89 -114.01 19.71 5.21
C LEU G 89 -115.01 18.62 5.60
N ASP G 90 -114.73 17.85 6.65
CA ASP G 90 -115.64 16.76 7.02
C ASP G 90 -117.00 17.27 7.48
N ALA G 91 -117.08 18.50 8.00
CA ALA G 91 -118.36 19.04 8.43
C ALA G 91 -119.29 19.23 7.24
N ILE G 92 -118.81 19.90 6.19
CA ILE G 92 -119.64 20.07 5.00
C ILE G 92 -119.86 18.73 4.31
N ASP G 93 -118.89 17.81 4.40
CA ASP G 93 -119.12 16.46 3.89
C ASP G 93 -120.33 15.82 4.55
N GLU G 94 -120.40 15.87 5.88
CA GLU G 94 -121.53 15.29 6.60
C GLU G 94 -122.82 16.03 6.29
N ASP G 95 -122.76 17.36 6.16
CA ASP G 95 -123.96 18.13 5.83
C ASP G 95 -124.51 17.72 4.47
N TYR G 96 -123.62 17.54 3.48
CA TYR G 96 -124.06 17.08 2.18
C TYR G 96 -124.59 15.65 2.24
N SER G 97 -123.99 14.82 3.10
CA SER G 97 -124.50 13.46 3.28
C SER G 97 -125.93 13.46 3.82
N GLN G 98 -126.23 14.33 4.79
CA GLN G 98 -127.59 14.48 5.27
C GLN G 98 -128.53 15.05 4.21
N LEU G 99 -128.05 16.01 3.42
CA LEU G 99 -128.86 16.54 2.33
C LEU G 99 -129.20 15.46 1.32
N ARG G 100 -128.29 14.50 1.13
CA ARG G 100 -128.56 13.36 0.26
C ARG G 100 -129.75 12.55 0.77
N LYS G 101 -129.86 12.36 2.09
CA LYS G 101 -131.04 11.72 2.65
C LYS G 101 -132.27 12.60 2.51
N TYR G 102 -132.08 13.93 2.56
CA TYR G 102 -133.19 14.85 2.31
C TYR G 102 -133.47 15.04 0.82
N SER G 103 -132.66 14.44 -0.05
CA SER G 103 -132.77 14.70 -1.48
C SER G 103 -134.00 14.05 -2.11
N CYS G 104 -134.76 13.25 -1.37
CA CYS G 104 -135.91 12.57 -1.95
C CYS G 104 -136.93 13.56 -2.49
N LEU G 105 -137.22 14.63 -1.76
CA LEU G 105 -138.18 15.64 -2.21
C LEU G 105 -137.60 17.03 -2.00
N GLY G 106 -136.35 17.25 -2.43
CA GLY G 106 -135.66 18.50 -2.18
C GLY G 106 -136.29 19.72 -2.83
N GLN G 107 -137.18 19.52 -3.81
CA GLN G 107 -137.80 20.67 -4.47
C GLN G 107 -138.78 21.40 -3.55
N CYS G 108 -139.45 20.68 -2.66
CA CYS G 108 -140.38 21.32 -1.74
C CYS G 108 -139.64 22.13 -0.68
N THR G 109 -140.34 23.09 -0.10
CA THR G 109 -139.71 24.00 0.87
C THR G 109 -139.26 23.28 2.14
N ILE G 110 -139.76 22.06 2.39
CA ILE G 110 -139.35 21.33 3.58
C ILE G 110 -137.87 20.95 3.50
N HIS G 111 -137.40 20.49 2.34
CA HIS G 111 -136.02 20.07 2.17
C HIS G 111 -135.16 21.07 1.42
N ALA G 112 -135.76 22.06 0.75
CA ALA G 112 -134.98 23.05 0.02
C ALA G 112 -134.21 23.97 0.95
N HIS G 113 -134.57 24.01 2.23
CA HIS G 113 -133.87 24.88 3.18
C HIS G 113 -132.42 24.44 3.35
N ARG G 114 -132.17 23.12 3.33
CA ARG G 114 -130.81 22.62 3.41
C ARG G 114 -130.05 22.83 2.10
N ARG G 115 -130.71 22.65 0.97
CA ARG G 115 -130.02 22.70 -0.32
C ARG G 115 -129.53 24.10 -0.63
N ALA G 116 -130.25 25.13 -0.17
CA ALA G 116 -129.85 26.50 -0.44
C ALA G 116 -128.51 26.82 0.22
N SER G 117 -128.32 26.39 1.46
CA SER G 117 -127.09 26.70 2.19
C SER G 117 -125.89 25.95 1.61
N ILE G 118 -126.10 24.68 1.23
CA ILE G 118 -125.00 23.86 0.73
C ILE G 118 -124.48 24.40 -0.59
N GLY G 119 -125.38 24.89 -1.44
CA GLY G 119 -124.98 25.40 -2.74
C GLY G 119 -124.00 26.55 -2.69
N ARG G 120 -123.92 27.26 -1.58
CA ARG G 120 -122.91 28.30 -1.37
C ARG G 120 -121.80 27.88 -0.41
N ARG G 121 -122.09 26.98 0.53
CA ARG G 121 -121.05 26.49 1.43
C ARG G 121 -120.02 25.67 0.66
N VAL G 122 -120.45 24.93 -0.36
CA VAL G 122 -119.52 24.17 -1.19
C VAL G 122 -118.55 25.11 -1.90
N LEU G 123 -119.06 26.22 -2.44
CA LEU G 123 -118.18 27.21 -3.07
C LEU G 123 -117.26 27.86 -2.04
N GLU G 124 -117.80 28.17 -0.86
CA GLU G 124 -117.00 28.79 0.20
C GLU G 124 -115.88 27.89 0.68
N ALA G 125 -116.07 26.57 0.58
CA ALA G 125 -114.99 25.64 0.89
C ALA G 125 -114.05 25.42 -0.30
N LEU G 126 -114.60 25.41 -1.51
CA LEU G 126 -113.80 25.08 -2.69
C LEU G 126 -112.83 26.18 -3.04
N ASP G 127 -113.26 27.45 -2.94
CA ASP G 127 -112.33 28.53 -3.24
C ASP G 127 -111.17 28.55 -2.26
N GLU G 128 -111.45 28.33 -0.98
CA GLU G 128 -110.38 28.23 0.01
C GLU G 128 -109.46 27.05 -0.27
N ALA G 129 -110.05 25.91 -0.64
CA ALA G 129 -109.22 24.73 -0.94
C ALA G 129 -108.30 24.99 -2.12
N ASN G 130 -108.81 25.63 -3.17
CA ASN G 130 -107.98 25.92 -4.33
C ASN G 130 -106.92 26.96 -4.03
N LYS G 131 -107.25 27.97 -3.21
CA LYS G 131 -106.24 28.94 -2.81
C LYS G 131 -105.13 28.27 -2.00
N LEU G 132 -105.51 27.35 -1.11
CA LEU G 132 -104.51 26.59 -0.35
C LEU G 132 -103.68 25.72 -1.27
N ILE G 133 -104.30 25.15 -2.31
CA ILE G 133 -103.57 24.37 -3.30
C ILE G 133 -102.50 25.23 -3.97
N GLU G 134 -102.91 26.40 -4.45
CA GLU G 134 -102.00 27.25 -5.22
C GLU G 134 -101.01 28.01 -4.35
N GLU G 135 -101.23 28.06 -3.03
CA GLU G 135 -100.24 28.65 -2.15
C GLU G 135 -99.16 27.65 -1.76
N GLY G 136 -99.56 26.47 -1.28
CA GLY G 136 -98.59 25.49 -0.83
C GLY G 136 -97.77 24.89 -1.96
N ARG G 137 -98.28 24.96 -3.19
CA ARG G 137 -97.52 24.51 -4.34
C ARG G 137 -96.45 25.53 -4.75
N ARG G 138 -96.49 26.73 -4.18
CA ARG G 138 -95.57 27.79 -4.55
C ARG G 138 -94.47 28.05 -3.52
N PHE G 139 -94.38 27.22 -2.49
CA PHE G 139 -93.32 27.39 -1.49
C PHE G 139 -91.99 26.90 -2.04
N LYS G 140 -90.92 27.63 -1.70
CA LYS G 140 -89.58 27.25 -2.10
C LYS G 140 -88.59 27.18 -0.95
N LYS G 141 -88.85 27.86 0.17
CA LYS G 141 -88.07 27.69 1.39
C LYS G 141 -89.02 27.32 2.51
N PHE G 142 -88.60 26.36 3.34
CA PHE G 142 -89.47 25.78 4.35
C PHE G 142 -88.96 25.93 5.76
N GLY G 143 -87.76 26.45 5.97
CA GLY G 143 -87.24 26.64 7.30
C GLY G 143 -86.16 27.70 7.32
N PHE G 144 -86.00 28.30 8.49
CA PHE G 144 -84.99 29.33 8.71
C PHE G 144 -84.16 28.96 9.93
N LYS G 145 -82.85 29.20 9.83
CA LYS G 145 -81.95 28.85 10.91
C LYS G 145 -82.17 29.76 12.10
N PRO G 146 -82.49 29.24 13.28
CA PRO G 146 -82.77 30.11 14.43
C PRO G 146 -81.51 30.78 14.94
N LEU G 147 -81.72 31.86 15.68
CA LEU G 147 -80.60 32.58 16.27
C LEU G 147 -79.94 31.71 17.35
N PRO G 148 -78.64 31.89 17.59
CA PRO G 148 -77.98 31.07 18.61
C PRO G 148 -78.58 31.29 19.99
N LYS G 149 -78.62 30.21 20.77
CA LYS G 149 -79.15 30.29 22.13
C LYS G 149 -78.26 31.18 22.98
N ILE G 150 -78.85 31.73 24.05
CA ILE G 150 -78.08 32.55 24.99
C ILE G 150 -76.94 31.73 25.56
N VAL G 151 -77.25 30.53 26.03
CA VAL G 151 -76.25 29.58 26.51
C VAL G 151 -76.68 28.18 26.10
N ASP G 152 -75.79 27.47 25.40
CA ASP G 152 -76.09 26.12 24.97
C ASP G 152 -75.56 25.11 25.98
N PRO G 153 -76.31 24.04 26.24
CA PRO G 153 -75.90 23.09 27.28
C PRO G 153 -74.56 22.43 26.97
N LEU G 154 -73.82 22.14 28.02
CA LEU G 154 -72.55 21.44 27.97
C LEU G 154 -72.68 20.09 28.65
N PRO G 155 -71.71 19.16 28.44
CA PRO G 155 -71.81 17.83 29.07
C PRO G 155 -72.17 17.86 30.54
N GLN G 156 -73.30 17.23 30.89
CA GLN G 156 -73.84 17.26 32.25
C GLN G 156 -73.59 15.90 32.90
N ILE G 157 -72.41 15.76 33.49
CA ILE G 157 -72.09 14.55 34.24
C ILE G 157 -72.64 14.66 35.65
N LYS G 158 -72.66 13.52 36.35
CA LYS G 158 -73.04 13.52 37.76
C LYS G 158 -71.88 14.06 38.59
N THR G 159 -72.16 15.08 39.40
CA THR G 159 -71.14 15.79 40.16
C THR G 159 -71.43 15.70 41.64
N PHE G 160 -70.38 15.53 42.44
CA PHE G 160 -70.48 15.39 43.88
C PHE G 160 -69.73 16.51 44.58
N GLY G 161 -70.36 17.09 45.60
CA GLY G 161 -69.70 18.06 46.45
C GLY G 161 -69.26 19.34 45.77
N LEU G 162 -69.90 19.70 44.65
CA LEU G 162 -69.51 20.90 43.93
C LEU G 162 -70.39 22.10 44.25
N GLU G 163 -71.32 21.96 45.21
CA GLU G 163 -72.25 23.04 45.49
C GLU G 163 -71.57 24.25 46.11
N THR G 164 -70.65 24.01 47.06
CA THR G 164 -69.99 25.13 47.74
C THR G 164 -69.11 25.92 46.79
N MET G 165 -68.34 25.23 45.96
CA MET G 165 -67.45 25.91 45.02
C MET G 165 -68.25 26.67 43.97
N LEU G 166 -69.32 26.06 43.47
CA LEU G 166 -70.20 26.76 42.53
C LEU G 166 -70.83 27.98 43.18
N SER G 167 -71.17 27.87 44.48
CA SER G 167 -71.69 29.02 45.20
C SER G 167 -70.66 30.14 45.29
N GLN G 168 -69.40 29.79 45.56
CA GLN G 168 -68.34 30.81 45.58
C GLN G 168 -68.19 31.48 44.22
N LEU G 169 -68.18 30.67 43.15
CA LEU G 169 -68.03 31.21 41.80
C LEU G 169 -69.20 32.13 41.46
N TYR G 170 -70.42 31.74 41.82
CA TYR G 170 -71.58 32.59 41.54
C TYR G 170 -71.55 33.84 42.38
N ASP G 171 -71.05 33.75 43.62
CA ASP G 171 -70.92 34.93 44.46
C ASP G 171 -69.96 35.94 43.86
N LEU G 172 -68.85 35.49 43.30
CA LEU G 172 -67.98 36.43 42.58
C LEU G 172 -68.63 36.93 41.30
N PHE G 173 -69.30 36.04 40.56
CA PHE G 173 -69.85 36.42 39.26
C PHE G 173 -70.94 37.48 39.40
N GLU G 174 -71.82 37.33 40.38
CA GLU G 174 -72.93 38.26 40.55
C GLU G 174 -72.49 39.57 41.18
N LYS G 175 -71.46 39.55 42.03
CA LYS G 175 -71.21 40.67 42.93
C LYS G 175 -69.78 41.19 42.84
N GLY G 176 -68.87 40.37 42.32
CA GLY G 176 -67.47 40.78 42.26
C GLY G 176 -67.28 42.03 41.44
N ASP G 177 -66.38 42.90 41.94
CA ASP G 177 -66.14 44.19 41.30
C ASP G 177 -65.41 44.02 39.97
N SER G 178 -64.40 43.17 39.91
CA SER G 178 -63.62 42.98 38.70
C SER G 178 -64.39 42.08 37.72
N ASN G 179 -64.29 42.42 36.43
CA ASN G 179 -65.00 41.69 35.39
C ASN G 179 -64.23 40.51 34.85
N ILE G 180 -62.96 40.35 35.23
CA ILE G 180 -62.16 39.19 34.86
C ILE G 180 -61.98 38.33 36.10
N ILE G 181 -62.50 37.11 36.04
CA ILE G 181 -62.50 36.19 37.18
C ILE G 181 -61.57 35.03 36.84
N GLY G 182 -60.67 34.71 37.77
CA GLY G 182 -59.76 33.61 37.57
C GLY G 182 -59.97 32.49 38.56
N VAL G 183 -60.00 31.26 38.08
CA VAL G 183 -60.14 30.06 38.90
C VAL G 183 -58.91 29.21 38.69
N TRP G 184 -58.24 28.84 39.78
CA TRP G 184 -57.03 28.05 39.69
C TRP G 184 -57.07 26.87 40.66
N GLY G 185 -56.36 25.81 40.29
CA GLY G 185 -56.31 24.59 41.07
C GLY G 185 -55.47 23.53 40.40
N GLN G 186 -55.11 22.48 41.14
CA GLN G 186 -54.26 21.43 40.59
C GLN G 186 -55.00 20.64 39.51
N GLY G 187 -54.25 19.93 38.67
CA GLY G 187 -54.85 19.14 37.62
C GLY G 187 -55.80 18.10 38.12
N GLY G 188 -57.00 18.03 37.53
CA GLY G 188 -57.98 17.06 37.91
C GLY G 188 -58.86 17.45 39.08
N VAL G 189 -58.73 18.68 39.59
CA VAL G 189 -59.57 19.09 40.72
C VAL G 189 -61.01 19.35 40.29
N GLY G 190 -61.25 19.65 39.02
CA GLY G 190 -62.60 19.83 38.53
C GLY G 190 -62.90 21.18 37.90
N LYS G 191 -61.86 21.86 37.41
CA LYS G 191 -62.05 23.21 36.88
C LYS G 191 -62.90 23.19 35.62
N THR G 192 -62.59 22.31 34.68
CA THR G 192 -63.40 22.21 33.47
C THR G 192 -64.81 21.73 33.80
N THR G 193 -64.93 20.79 34.73
CA THR G 193 -66.26 20.37 35.17
C THR G 193 -66.99 21.52 35.85
N LEU G 194 -66.26 22.36 36.59
CA LEU G 194 -66.86 23.54 37.18
C LEU G 194 -67.41 24.47 36.10
N LEU G 195 -66.63 24.69 35.03
CA LEU G 195 -67.12 25.54 33.95
C LEU G 195 -68.32 24.93 33.27
N HIS G 196 -68.34 23.61 33.09
CA HIS G 196 -69.50 22.94 32.49
C HIS G 196 -70.75 23.14 33.35
N VAL G 197 -70.62 22.92 34.66
CA VAL G 197 -71.79 23.02 35.54
C VAL G 197 -72.18 24.47 35.75
N PHE G 198 -71.27 25.40 35.50
CA PHE G 198 -71.59 26.82 35.62
C PHE G 198 -72.31 27.30 34.37
N ASN G 199 -71.83 26.91 33.19
CA ASN G 199 -72.49 27.25 31.94
C ASN G 199 -73.88 26.62 31.88
N ASN G 200 -74.00 25.36 32.30
CA ASN G 200 -75.30 24.71 32.30
C ASN G 200 -76.24 25.29 33.35
N ASP G 201 -75.70 25.90 34.41
CA ASP G 201 -76.54 26.50 35.43
C ASP G 201 -77.07 27.86 35.01
N LEU G 202 -76.39 28.54 34.08
CA LEU G 202 -76.87 29.84 33.62
C LEU G 202 -78.20 29.74 32.90
N GLU G 203 -78.42 28.68 32.11
CA GLU G 203 -79.68 28.53 31.40
C GLU G 203 -80.86 28.28 32.33
N LYS G 204 -80.61 27.95 33.59
CA LYS G 204 -81.67 27.77 34.57
C LYS G 204 -82.08 29.07 35.25
N LYS G 205 -81.12 29.93 35.57
CA LYS G 205 -81.43 31.18 36.25
C LYS G 205 -81.76 32.29 35.26
N ALA G 206 -82.04 33.46 35.79
CA ALA G 206 -82.32 34.65 35.00
C ALA G 206 -81.14 35.60 35.08
N HIS G 207 -80.66 36.06 33.92
CA HIS G 207 -79.49 36.92 33.86
C HIS G 207 -79.62 37.86 32.68
N ASP G 208 -78.86 38.95 32.73
CA ASP G 208 -78.94 40.00 31.73
C ASP G 208 -77.98 39.77 30.55
N TYR G 209 -77.18 38.71 30.59
CA TYR G 209 -76.18 38.50 29.56
C TYR G 209 -76.81 37.94 28.30
N GLN G 210 -76.15 38.18 27.16
CA GLN G 210 -76.69 37.84 25.86
C GLN G 210 -76.02 36.64 25.21
N VAL G 211 -74.74 36.41 25.46
CA VAL G 211 -74.04 35.24 24.94
C VAL G 211 -73.12 34.69 26.03
N VAL G 212 -73.09 33.37 26.15
CA VAL G 212 -72.20 32.67 27.05
C VAL G 212 -71.33 31.74 26.20
N ILE G 213 -70.07 32.11 26.00
CA ILE G 213 -69.17 31.41 25.11
C ILE G 213 -68.20 30.58 25.93
N PHE G 214 -68.04 29.32 25.55
CA PHE G 214 -67.09 28.41 26.18
C PHE G 214 -65.98 28.12 25.18
N ILE G 215 -64.75 28.43 25.56
CA ILE G 215 -63.60 28.34 24.66
C ILE G 215 -62.56 27.43 25.31
N GLU G 216 -62.04 26.49 24.54
CA GLU G 216 -60.99 25.58 24.99
C GLU G 216 -59.64 26.11 24.53
N VAL G 217 -59.00 26.88 25.42
CA VAL G 217 -57.64 27.34 25.13
C VAL G 217 -56.63 26.24 25.45
N SER G 218 -57.10 25.14 26.06
CA SER G 218 -56.22 24.03 26.42
C SER G 218 -55.72 23.27 25.22
N ASN G 219 -56.22 23.58 24.02
CA ASN G 219 -55.81 22.87 22.81
C ASN G 219 -54.29 22.83 22.67
N SER G 220 -53.64 23.95 22.98
CA SER G 220 -52.18 24.02 22.93
C SER G 220 -51.73 25.23 23.73
N GLU G 221 -50.41 25.32 23.92
CA GLU G 221 -49.79 26.54 24.42
C GLU G 221 -49.44 27.50 23.29
N ALA G 222 -49.69 27.11 22.04
CA ALA G 222 -49.42 27.97 20.89
C ALA G 222 -50.57 28.91 20.57
N LEU G 223 -51.66 28.85 21.33
CA LEU G 223 -52.79 29.76 21.12
C LEU G 223 -53.35 29.62 19.72
N ASN G 224 -54.01 28.50 19.44
CA ASN G 224 -54.53 28.22 18.09
C ASN G 224 -55.69 29.20 17.83
N THR G 225 -55.30 30.38 17.34
CA THR G 225 -56.20 31.52 17.24
C THR G 225 -57.38 31.25 16.32
N VAL G 226 -57.13 30.55 15.22
CA VAL G 226 -58.15 30.37 14.19
C VAL G 226 -59.37 29.65 14.76
N GLU G 227 -59.15 28.59 15.54
CA GLU G 227 -60.26 27.86 16.12
C GLU G 227 -61.01 28.64 17.19
N ILE G 228 -60.31 29.44 17.99
CA ILE G 228 -60.99 30.28 18.98
C ILE G 228 -61.87 31.31 18.27
N GLN G 229 -61.34 31.92 17.22
CA GLN G 229 -62.15 32.87 16.44
C GLN G 229 -63.32 32.17 15.78
N GLN G 230 -63.13 30.93 15.32
CA GLN G 230 -64.23 30.15 14.78
C GLN G 230 -65.32 29.96 15.82
N THR G 231 -64.94 29.59 17.04
CA THR G 231 -65.92 29.38 18.10
C THR G 231 -66.67 30.67 18.41
N ILE G 232 -65.94 31.78 18.50
CA ILE G 232 -66.59 33.05 18.82
C ILE G 232 -67.55 33.46 17.72
N SER G 233 -67.12 33.35 16.46
CA SER G 233 -67.97 33.75 15.34
C SER G 233 -69.19 32.85 15.22
N GLU G 234 -69.01 31.54 15.37
CA GLU G 234 -70.16 30.63 15.34
C GLU G 234 -71.11 30.91 16.48
N ARG G 235 -70.58 31.31 17.64
CA ARG G 235 -71.42 31.65 18.77
C ARG G 235 -72.06 33.03 18.65
N LEU G 236 -71.57 33.87 17.75
CA LEU G 236 -72.11 35.21 17.53
C LEU G 236 -72.97 35.30 16.28
N ASN G 237 -73.32 34.16 15.68
CA ASN G 237 -74.10 34.12 14.44
C ASN G 237 -73.44 34.90 13.32
N LEU G 238 -72.11 34.83 13.24
CA LEU G 238 -71.37 35.54 12.22
C LEU G 238 -70.97 34.60 11.09
N PRO G 239 -70.89 35.10 9.87
CA PRO G 239 -70.38 34.28 8.76
C PRO G 239 -68.87 34.10 8.88
N TRP G 240 -68.40 32.93 8.48
CA TRP G 240 -66.97 32.61 8.58
C TRP G 240 -66.30 32.97 7.26
N ASN G 241 -65.64 34.11 7.23
CA ASN G 241 -64.83 34.53 6.08
C ASN G 241 -63.46 33.88 6.24
N ASP G 242 -63.27 32.76 5.56
CA ASP G 242 -62.10 31.92 5.81
C ASP G 242 -60.80 32.63 5.44
N ALA G 243 -60.80 33.38 4.34
CA ALA G 243 -59.58 34.01 3.86
C ALA G 243 -59.25 35.32 4.56
N GLU G 244 -60.09 35.77 5.47
CA GLU G 244 -59.84 37.03 6.17
C GLU G 244 -58.60 36.88 7.05
N PRO G 245 -57.72 37.90 7.09
CA PRO G 245 -56.54 37.82 7.97
C PRO G 245 -56.93 37.83 9.43
N ILE G 246 -56.06 37.24 10.25
CA ILE G 246 -56.37 37.03 11.66
C ILE G 246 -56.53 38.37 12.39
N ALA G 247 -55.68 39.34 12.09
CA ALA G 247 -55.76 40.64 12.76
C ALA G 247 -57.06 41.35 12.42
N LYS G 248 -57.47 41.32 11.15
CA LYS G 248 -58.72 41.96 10.75
C LYS G 248 -59.91 41.29 11.43
N ARG G 249 -59.91 39.96 11.48
CA ARG G 249 -60.97 39.25 12.18
C ARG G 249 -60.98 39.58 13.66
N ALA G 250 -59.80 39.74 14.26
CA ALA G 250 -59.72 40.09 15.67
C ALA G 250 -60.33 41.46 15.91
N ARG G 251 -60.02 42.44 15.05
CA ARG G 251 -60.63 43.76 15.19
C ARG G 251 -62.13 43.69 15.00
N PHE G 252 -62.58 42.91 14.01
CA PHE G 252 -64.00 42.77 13.75
C PHE G 252 -64.73 42.16 14.95
N LEU G 253 -64.12 41.15 15.58
CA LEU G 253 -64.74 40.51 16.74
C LEU G 253 -64.71 41.43 17.96
N ILE G 254 -63.65 42.23 18.10
CA ILE G 254 -63.60 43.22 19.17
C ILE G 254 -64.75 44.20 19.01
N LYS G 255 -65.02 44.63 17.77
CA LYS G 255 -66.17 45.49 17.53
C LYS G 255 -67.48 44.75 17.80
N ALA G 256 -67.56 43.47 17.42
CA ALA G 256 -68.81 42.73 17.54
C ALA G 256 -69.13 42.39 18.99
N LEU G 257 -68.13 41.90 19.73
CA LEU G 257 -68.38 41.51 21.12
C LEU G 257 -68.64 42.72 22.01
N GLY G 258 -68.19 43.91 21.60
CA GLY G 258 -68.46 45.10 22.36
C GLY G 258 -69.92 45.53 22.34
N ARG G 259 -70.70 44.98 21.41
CA ARG G 259 -72.12 45.32 21.31
C ARG G 259 -73.01 44.47 22.21
N LYS G 260 -72.47 43.41 22.83
CA LYS G 260 -73.27 42.47 23.60
C LYS G 260 -72.68 42.28 24.99
N ARG G 261 -73.56 42.01 25.96
CA ARG G 261 -73.13 41.64 27.30
C ARG G 261 -72.74 40.17 27.33
N PHE G 262 -71.46 39.88 27.12
CA PHE G 262 -71.02 38.50 26.93
C PHE G 262 -70.42 37.93 28.21
N VAL G 263 -70.44 36.60 28.29
CA VAL G 263 -69.67 35.84 29.26
C VAL G 263 -68.84 34.83 28.49
N ILE G 264 -67.52 34.89 28.64
CA ILE G 264 -66.61 34.00 27.94
C ILE G 264 -65.89 33.16 28.98
N LEU G 265 -65.98 31.84 28.84
CA LEU G 265 -65.37 30.90 29.77
C LEU G 265 -64.14 30.29 29.12
N LEU G 266 -62.97 30.65 29.64
CA LEU G 266 -61.69 30.13 29.17
C LEU G 266 -61.34 28.91 30.00
N ASP G 267 -60.92 27.83 29.34
CA ASP G 267 -60.60 26.58 30.02
C ASP G 267 -59.12 26.25 29.85
N ASP G 268 -58.42 26.09 30.96
CA ASP G 268 -57.03 25.63 31.00
C ASP G 268 -56.14 26.44 30.07
N VAL G 269 -56.07 27.72 30.37
CA VAL G 269 -55.11 28.61 29.71
C VAL G 269 -53.75 28.42 30.35
N ARG G 270 -52.75 28.07 29.55
CA ARG G 270 -51.45 27.67 30.06
C ARG G 270 -50.38 28.72 29.89
N LYS G 271 -50.62 29.76 29.09
CA LYS G 271 -49.68 30.87 28.96
C LYS G 271 -50.46 32.17 28.88
N LYS G 272 -49.82 33.26 29.26
CA LYS G 272 -50.40 34.57 29.07
C LYS G 272 -50.53 34.87 27.58
N PHE G 273 -51.74 35.28 27.16
CA PHE G 273 -51.99 35.65 25.79
C PHE G 273 -52.83 36.91 25.75
N CYS G 274 -52.68 37.66 24.67
CA CYS G 274 -53.37 38.93 24.50
C CYS G 274 -54.79 38.66 24.01
N LEU G 275 -55.78 39.13 24.76
CA LEU G 275 -57.17 38.91 24.40
C LEU G 275 -57.52 39.62 23.09
N GLU G 276 -57.05 40.86 22.93
CA GLU G 276 -57.34 41.62 21.72
C GLU G 276 -56.72 41.02 20.48
N ASP G 277 -55.69 40.17 20.62
CA ASP G 277 -55.11 39.52 19.45
C ASP G 277 -56.00 38.38 18.97
N VAL G 278 -56.77 37.78 19.87
CA VAL G 278 -57.69 36.71 19.49
C VAL G 278 -59.09 37.24 19.16
N GLY G 279 -59.36 38.52 19.43
CA GLY G 279 -60.65 39.11 19.16
C GLY G 279 -61.49 39.39 20.39
N ILE G 280 -61.15 38.84 21.54
CA ILE G 280 -61.94 39.10 22.75
C ILE G 280 -61.56 40.47 23.31
N PRO G 281 -62.52 41.38 23.50
CA PRO G 281 -62.21 42.63 24.19
C PRO G 281 -62.15 42.41 25.69
N THR G 282 -61.14 42.97 26.33
CA THR G 282 -61.03 42.83 27.77
C THR G 282 -62.17 43.60 28.45
N PRO G 283 -62.97 42.96 29.28
CA PRO G 283 -64.06 43.67 29.95
C PRO G 283 -63.53 44.67 30.97
N ASP G 284 -64.28 45.75 31.14
CA ASP G 284 -63.90 46.80 32.06
C ASP G 284 -65.11 47.16 32.91
N ILE G 285 -64.90 48.09 33.85
CA ILE G 285 -65.95 48.47 34.79
C ILE G 285 -67.16 49.05 34.06
N ASN G 286 -66.91 49.82 33.00
CA ASN G 286 -68.00 50.41 32.23
C ASN G 286 -68.92 49.37 31.59
N SER G 287 -68.40 48.19 31.27
CA SER G 287 -69.17 47.15 30.58
C SER G 287 -69.64 46.10 31.57
N GLN G 288 -70.80 45.51 31.27
CA GLN G 288 -71.35 44.43 32.08
C GLN G 288 -70.72 43.08 31.76
N SER G 289 -69.91 43.00 30.70
CA SER G 289 -69.37 41.72 30.26
C SER G 289 -68.44 41.13 31.31
N LYS G 290 -68.38 39.80 31.35
CA LYS G 290 -67.54 39.07 32.27
C LYS G 290 -66.64 38.12 31.48
N LEU G 291 -65.54 37.72 32.10
CA LEU G 291 -64.60 36.79 31.51
C LEU G 291 -64.03 35.90 32.61
N ILE G 292 -64.30 34.60 32.52
CA ILE G 292 -63.88 33.63 33.52
C ILE G 292 -62.88 32.68 32.87
N LEU G 293 -61.70 32.58 33.47
CA LEU G 293 -60.65 31.71 32.96
C LEU G 293 -60.19 30.76 34.07
N THR G 294 -59.90 29.53 33.68
CA THR G 294 -59.37 28.52 34.58
C THR G 294 -57.98 28.11 34.14
N SER G 295 -57.08 27.93 35.11
CA SER G 295 -55.71 27.58 34.81
C SER G 295 -55.10 26.90 36.03
N ARG G 296 -54.18 25.97 35.78
CA ARG G 296 -53.47 25.31 36.87
C ARG G 296 -52.53 26.25 37.60
N TYR G 297 -52.08 27.32 36.96
CA TYR G 297 -51.04 28.18 37.49
C TYR G 297 -51.64 29.50 37.96
N ARG G 298 -51.34 29.88 39.21
CA ARG G 298 -51.74 31.19 39.70
C ARG G 298 -50.99 32.30 38.98
N GLU G 299 -49.79 32.03 38.49
CA GLU G 299 -49.03 33.05 37.78
C GLU G 299 -49.75 33.48 36.50
N VAL G 300 -50.36 32.53 35.79
CA VAL G 300 -51.10 32.88 34.58
C VAL G 300 -52.32 33.72 34.93
N CYS G 301 -53.05 33.35 35.98
CA CYS G 301 -54.22 34.12 36.39
C CYS G 301 -53.84 35.52 36.85
N PHE G 302 -52.63 35.70 37.38
CA PHE G 302 -52.17 37.05 37.73
C PHE G 302 -51.75 37.81 36.48
N GLN G 303 -51.15 37.11 35.51
CA GLN G 303 -50.71 37.77 34.29
C GLN G 303 -51.90 38.27 33.47
N MET G 304 -53.02 37.55 33.51
CA MET G 304 -54.21 37.94 32.76
C MET G 304 -55.12 38.89 33.53
N ASN G 305 -54.58 39.66 34.46
CA ASN G 305 -55.30 40.71 35.17
C ASN G 305 -56.48 40.18 35.98
N ALA G 306 -56.38 38.97 36.51
CA ALA G 306 -57.43 38.40 37.34
C ALA G 306 -57.03 38.32 38.82
N GLN G 307 -56.09 39.15 39.26
CA GLN G 307 -55.58 39.04 40.62
C GLN G 307 -56.64 39.37 41.66
N ARG G 308 -57.51 40.34 41.39
CA ARG G 308 -58.48 40.79 42.38
C ARG G 308 -59.70 39.90 42.48
N SER G 309 -59.84 38.90 41.61
CA SER G 309 -60.98 37.98 41.66
C SER G 309 -60.52 36.53 41.53
N LEU G 310 -59.50 36.14 42.26
CA LEU G 310 -58.97 34.78 42.16
C LEU G 310 -59.67 33.85 43.15
N ILE G 311 -59.99 32.65 42.67
CA ILE G 311 -60.57 31.59 43.51
C ILE G 311 -59.71 30.35 43.35
N GLU G 312 -59.43 29.69 44.47
CA GLU G 312 -58.66 28.45 44.47
C GLU G 312 -59.63 27.27 44.51
N MET G 313 -59.43 26.32 43.60
CA MET G 313 -60.22 25.09 43.60
C MET G 313 -59.60 24.09 44.56
N GLN G 314 -60.27 23.91 45.70
CA GLN G 314 -59.79 22.98 46.71
C GLN G 314 -60.27 21.57 46.39
N ILE G 315 -59.57 20.59 46.97
CA ILE G 315 -59.93 19.19 46.72
C ILE G 315 -61.26 18.85 47.38
N LEU G 316 -61.80 17.70 47.01
CA LEU G 316 -63.11 17.29 47.49
C LEU G 316 -63.05 16.92 48.97
N GLY G 317 -64.20 17.01 49.63
CA GLY G 317 -64.26 16.73 51.05
C GLY G 317 -64.15 15.24 51.35
N ASN G 318 -64.12 14.93 52.65
CA ASN G 318 -63.93 13.55 53.08
C ASN G 318 -65.12 12.68 52.67
N ASP G 319 -66.34 13.20 52.81
CA ASP G 319 -67.52 12.39 52.53
C ASP G 319 -67.89 12.42 51.06
N ALA G 320 -67.77 13.59 50.42
CA ALA G 320 -68.08 13.70 49.00
C ALA G 320 -67.13 12.84 48.16
N SER G 321 -65.86 12.79 48.54
CA SER G 321 -64.92 11.89 47.89
C SER G 321 -65.34 10.44 48.03
N TRP G 322 -65.81 10.04 49.21
CA TRP G 322 -66.25 8.66 49.39
C TRP G 322 -67.45 8.33 48.51
N GLU G 323 -68.46 9.21 48.48
CA GLU G 323 -69.64 8.90 47.67
C GLU G 323 -69.34 9.00 46.18
N LEU G 324 -68.32 9.78 45.80
CA LEU G 324 -67.87 9.75 44.41
C LEU G 324 -67.21 8.41 44.11
N PHE G 325 -66.42 7.90 45.05
CA PHE G 325 -65.80 6.59 44.88
C PHE G 325 -66.84 5.48 44.77
N LEU G 326 -67.91 5.59 45.56
CA LEU G 326 -68.94 4.55 45.55
C LEU G 326 -69.62 4.45 44.19
N SER G 327 -69.92 5.59 43.57
CA SER G 327 -70.62 5.57 42.29
C SER G 327 -69.78 4.97 41.18
N LYS G 328 -68.48 4.81 41.39
CA LYS G 328 -67.59 4.28 40.36
C LYS G 328 -67.49 2.76 40.38
N LEU G 329 -68.09 2.10 41.37
CA LEU G 329 -67.99 0.66 41.51
C LEU G 329 -69.21 -0.03 40.90
N SER G 330 -69.00 -1.28 40.47
CA SER G 330 -70.09 -2.06 39.91
C SER G 330 -71.11 -2.40 40.99
N THR G 331 -72.25 -2.95 40.56
CA THR G 331 -73.35 -3.20 41.49
C THR G 331 -72.96 -4.22 42.55
N GLU G 332 -72.45 -5.37 42.13
CA GLU G 332 -72.08 -6.41 43.09
C GLU G 332 -70.91 -5.96 43.97
N THR G 333 -69.92 -5.29 43.37
CA THR G 333 -68.80 -4.79 44.15
C THR G 333 -69.24 -3.73 45.14
N SER G 334 -70.12 -2.82 44.73
CA SER G 334 -70.63 -1.80 45.63
C SER G 334 -71.44 -2.43 46.76
N ALA G 335 -72.15 -3.53 46.47
CA ALA G 335 -72.95 -4.19 47.49
C ALA G 335 -72.09 -4.75 48.61
N ALA G 336 -70.78 -4.88 48.41
CA ALA G 336 -69.90 -5.38 49.45
C ALA G 336 -69.42 -4.27 50.39
N VAL G 337 -69.27 -3.05 49.88
CA VAL G 337 -68.76 -1.95 50.69
C VAL G 337 -69.83 -0.91 51.03
N GLU G 338 -70.97 -0.90 50.34
CA GLU G 338 -72.07 -0.03 50.74
C GLU G 338 -72.66 -0.32 52.12
N PRO G 339 -73.00 -1.57 52.48
CA PRO G 339 -73.90 -1.77 53.62
C PRO G 339 -73.33 -1.27 54.94
N LEU G 340 -74.22 -0.82 55.80
CA LEU G 340 -73.89 -0.43 57.16
C LEU G 340 -74.73 -1.26 58.12
N GLY G 341 -74.56 -1.01 59.40
CA GLY G 341 -75.16 -1.88 60.41
C GLY G 341 -74.34 -3.14 60.61
N SER G 342 -74.15 -3.91 59.54
CA SER G 342 -73.15 -4.97 59.54
C SER G 342 -71.76 -4.37 59.37
N GLN G 343 -70.81 -4.92 60.10
CA GLN G 343 -69.46 -4.38 60.14
C GLN G 343 -68.48 -5.36 59.50
N SER G 344 -67.68 -4.85 58.57
CA SER G 344 -66.74 -5.67 57.82
C SER G 344 -65.50 -4.85 57.50
N ALA G 345 -64.38 -5.54 57.32
CA ALA G 345 -63.11 -4.87 57.04
C ALA G 345 -62.99 -4.46 55.57
N THR G 346 -63.84 -4.98 54.70
CA THR G 346 -63.80 -4.57 53.30
C THR G 346 -64.18 -3.10 53.15
N ARG G 347 -65.10 -2.63 53.98
CA ARG G 347 -65.41 -1.20 54.01
C ARG G 347 -64.18 -0.40 54.39
N GLU G 348 -63.42 -0.87 55.39
CA GLU G 348 -62.21 -0.17 55.80
C GLU G 348 -61.17 -0.16 54.69
N HIS G 349 -61.03 -1.27 53.97
CA HIS G 349 -60.07 -1.32 52.87
C HIS G 349 -60.46 -0.40 51.74
N ALA G 350 -61.76 -0.38 51.38
CA ALA G 350 -62.23 0.52 50.34
C ALA G 350 -62.04 1.98 50.76
N MET G 351 -62.31 2.29 52.02
CA MET G 351 -62.09 3.66 52.50
C MET G 351 -60.62 4.03 52.49
N LYS G 352 -59.73 3.09 52.82
CA LYS G 352 -58.30 3.35 52.71
C LYS G 352 -57.91 3.65 51.27
N ILE G 353 -58.42 2.89 50.32
CA ILE G 353 -58.13 3.15 48.90
C ILE G 353 -58.66 4.52 48.50
N ALA G 354 -59.86 4.88 48.98
CA ALA G 354 -60.43 6.18 48.65
C ALA G 354 -59.58 7.31 49.22
N GLN G 355 -59.14 7.18 50.48
CA GLN G 355 -58.30 8.22 51.08
C GLN G 355 -56.94 8.29 50.41
N SER G 356 -56.47 7.19 49.81
CA SER G 356 -55.21 7.23 49.07
C SER G 356 -55.27 8.19 47.88
N CYS G 357 -56.47 8.45 47.35
CA CYS G 357 -56.61 9.35 46.21
C CYS G 357 -56.51 10.82 46.60
N GLY G 358 -56.57 11.14 47.89
CA GLY G 358 -56.37 12.51 48.34
C GLY G 358 -57.48 13.47 47.95
N GLY G 359 -58.66 12.97 47.65
CA GLY G 359 -59.78 13.83 47.31
C GLY G 359 -59.71 14.46 45.94
N LEU G 360 -58.80 14.02 45.09
CA LEU G 360 -58.67 14.57 43.75
C LEU G 360 -59.64 13.84 42.82
N PRO G 361 -60.62 14.54 42.22
CA PRO G 361 -61.64 13.84 41.42
C PRO G 361 -61.08 13.02 40.27
N LEU G 362 -60.01 13.47 39.62
CA LEU G 362 -59.41 12.66 38.56
C LEU G 362 -58.84 11.36 39.11
N ALA G 363 -58.08 11.45 40.21
CA ALA G 363 -57.57 10.25 40.84
C ALA G 363 -58.69 9.38 41.36
N LEU G 364 -59.74 10.00 41.91
CA LEU G 364 -60.90 9.23 42.36
C LEU G 364 -61.51 8.44 41.21
N ASN G 365 -61.73 9.08 40.07
CA ASN G 365 -62.33 8.40 38.93
C ASN G 365 -61.45 7.26 38.46
N VAL G 366 -60.15 7.52 38.29
CA VAL G 366 -59.26 6.48 37.75
C VAL G 366 -59.17 5.29 38.71
N ILE G 367 -59.01 5.57 40.01
CA ILE G 367 -58.86 4.48 40.97
C ILE G 367 -60.15 3.70 41.11
N GLY G 368 -61.29 4.40 41.22
CA GLY G 368 -62.56 3.70 41.31
C GLY G 368 -62.86 2.85 40.10
N THR G 369 -62.51 3.33 38.90
CA THR G 369 -62.66 2.51 37.70
C THR G 369 -61.74 1.31 37.75
N ALA G 370 -60.51 1.48 38.26
CA ALA G 370 -59.57 0.38 38.32
C ALA G 370 -60.07 -0.74 39.23
N VAL G 371 -60.66 -0.39 40.36
CA VAL G 371 -61.08 -1.37 41.34
C VAL G 371 -62.60 -1.53 41.33
N ALA G 372 -63.23 -1.19 40.20
CA ALA G 372 -64.68 -1.27 40.10
C ALA G 372 -65.20 -2.70 40.13
N GLY G 373 -64.34 -3.68 39.85
CA GLY G 373 -64.77 -5.07 39.82
C GLY G 373 -64.03 -5.96 40.79
N LEU G 374 -63.52 -5.36 41.87
CA LEU G 374 -62.79 -6.14 42.87
C LEU G 374 -63.73 -7.09 43.59
N GLU G 375 -63.36 -8.37 43.63
CA GLU G 375 -64.12 -9.33 44.39
C GLU G 375 -63.93 -9.10 45.88
N GLU G 376 -64.82 -9.71 46.67
CA GLU G 376 -64.87 -9.44 48.10
C GLU G 376 -63.54 -9.77 48.79
N GLY G 377 -62.89 -10.85 48.39
CA GLY G 377 -61.74 -11.35 49.14
C GLY G 377 -60.44 -10.64 48.86
N GLU G 378 -60.37 -9.79 47.84
CA GLU G 378 -59.11 -9.22 47.41
C GLU G 378 -59.01 -7.72 47.76
N TRP G 379 -60.02 -7.16 48.42
CA TRP G 379 -59.94 -5.77 48.85
C TRP G 379 -58.72 -5.52 49.73
N GLN G 380 -58.38 -6.51 50.58
CA GLN G 380 -57.29 -6.33 51.53
C GLN G 380 -55.95 -6.12 50.84
N SER G 381 -55.59 -6.99 49.90
CA SER G 381 -54.29 -6.88 49.24
C SER G 381 -54.19 -5.61 48.41
N ALA G 382 -55.25 -5.28 47.66
CA ALA G 382 -55.22 -4.06 46.85
C ALA G 382 -55.11 -2.83 47.73
N ALA G 383 -55.85 -2.79 48.83
CA ALA G 383 -55.76 -1.66 49.76
C ALA G 383 -54.38 -1.55 50.39
N ASP G 384 -53.77 -2.68 50.76
CA ASP G 384 -52.42 -2.63 51.34
C ASP G 384 -51.40 -2.14 50.33
N ALA G 385 -51.53 -2.58 49.08
CA ALA G 385 -50.53 -2.21 48.07
C ALA G 385 -50.72 -0.77 47.58
N ILE G 386 -51.95 -0.26 47.60
CA ILE G 386 -52.19 1.08 47.09
C ILE G 386 -51.56 2.14 47.97
N ALA G 387 -51.27 1.81 49.23
CA ALA G 387 -50.66 2.76 50.14
C ALA G 387 -49.19 3.02 49.82
N THR G 388 -48.56 2.15 49.01
CA THR G 388 -47.13 2.25 48.74
C THR G 388 -46.83 2.82 47.36
N ASN G 389 -47.43 2.26 46.30
CA ASN G 389 -47.09 2.66 44.95
C ASN G 389 -48.30 2.50 44.05
N MET G 390 -48.71 3.59 43.39
CA MET G 390 -49.88 3.58 42.53
C MET G 390 -49.55 3.29 41.07
N ASP G 391 -48.28 3.25 40.69
CA ASP G 391 -47.92 3.25 39.28
C ASP G 391 -48.41 2.01 38.53
N ASN G 392 -48.72 0.92 39.22
CA ASN G 392 -49.10 -0.32 38.56
C ASN G 392 -50.60 -0.57 38.55
N ILE G 393 -51.42 0.33 39.09
CA ILE G 393 -52.85 0.11 39.07
C ILE G 393 -53.39 0.39 37.67
N ASP G 394 -54.62 -0.06 37.41
CA ASP G 394 -55.19 -0.03 36.07
C ASP G 394 -55.66 1.38 35.72
N GLY G 395 -54.80 2.16 35.05
CA GLY G 395 -55.22 3.41 34.48
C GLY G 395 -54.42 4.63 34.89
N VAL G 396 -53.73 4.54 36.03
CA VAL G 396 -52.99 5.70 36.55
C VAL G 396 -51.79 6.06 35.68
N ASP G 397 -51.27 5.13 34.89
CA ASP G 397 -50.16 5.45 34.02
C ASP G 397 -50.50 6.54 33.01
N GLU G 398 -51.79 6.75 32.72
CA GLU G 398 -52.21 7.87 31.89
C GLU G 398 -52.65 9.07 32.72
N MET G 399 -53.10 8.86 33.95
CA MET G 399 -53.38 9.97 34.85
C MET G 399 -52.12 10.77 35.13
N PHE G 400 -51.01 10.09 35.40
CA PHE G 400 -49.75 10.79 35.58
C PHE G 400 -49.30 11.47 34.30
N GLY G 401 -49.56 10.87 33.15
CA GLY G 401 -49.27 11.55 31.89
C GLY G 401 -50.08 12.82 31.72
N ARG G 402 -51.33 12.80 32.15
CA ARG G 402 -52.16 14.00 32.13
C ARG G 402 -51.64 15.08 33.08
N LEU G 403 -51.22 14.67 34.28
CA LEU G 403 -50.75 15.64 35.26
C LEU G 403 -49.31 16.08 35.03
N LYS G 404 -48.60 15.40 34.12
CA LYS G 404 -47.16 15.60 33.99
C LYS G 404 -46.82 16.95 33.37
N TYR G 405 -47.77 17.60 32.70
CA TYR G 405 -47.43 18.84 32.01
C TYR G 405 -46.99 19.92 32.97
N SER G 406 -47.64 20.00 34.15
CA SER G 406 -47.22 20.98 35.15
C SER G 406 -45.77 20.79 35.55
N PHE G 407 -45.26 19.56 35.48
CA PHE G 407 -43.86 19.28 35.76
C PHE G 407 -42.97 19.57 34.55
N ASP G 408 -43.45 19.26 33.33
CA ASP G 408 -42.67 19.52 32.14
C ASP G 408 -42.52 21.02 31.89
N ARG G 409 -43.45 21.82 32.39
CA ARG G 409 -43.37 23.27 32.25
C ARG G 409 -42.17 23.84 33.01
N LEU G 410 -41.70 23.13 34.02
CA LEU G 410 -40.68 23.67 34.91
C LEU G 410 -39.31 23.72 34.24
N THR G 411 -38.46 24.62 34.73
CA THR G 411 -37.06 24.63 34.35
C THR G 411 -36.35 23.45 35.04
N PRO G 412 -35.20 23.02 34.50
CA PRO G 412 -34.52 21.86 35.11
C PRO G 412 -34.20 22.03 36.58
N THR G 413 -33.83 23.24 37.02
CA THR G 413 -33.60 23.45 38.44
C THR G 413 -34.88 23.25 39.25
N GLN G 414 -36.00 23.76 38.77
CA GLN G 414 -37.27 23.55 39.47
C GLN G 414 -37.68 22.08 39.42
N GLN G 415 -37.37 21.40 38.33
CA GLN G 415 -37.66 19.96 38.25
C GLN G 415 -36.87 19.19 39.29
N GLN G 416 -35.58 19.52 39.45
CA GLN G 416 -34.77 18.84 40.45
C GLN G 416 -35.23 19.19 41.86
N CYS G 417 -35.64 20.44 42.08
CA CYS G 417 -36.13 20.83 43.41
C CYS G 417 -37.45 20.15 43.74
N PHE G 418 -38.30 19.92 42.74
CA PHE G 418 -39.56 19.23 43.00
C PHE G 418 -39.33 17.74 43.27
N LEU G 419 -38.47 17.11 42.48
CA LEU G 419 -38.17 15.70 42.70
C LEU G 419 -37.50 15.48 44.05
N TYR G 420 -36.65 16.43 44.48
CA TYR G 420 -35.99 16.31 45.76
C TYR G 420 -36.99 16.34 46.92
N CYS G 421 -38.12 17.01 46.74
CA CYS G 421 -39.14 17.06 47.78
C CYS G 421 -39.90 15.74 47.95
N THR G 422 -39.77 14.82 47.00
CA THR G 422 -40.55 13.59 47.04
C THR G 422 -40.00 12.59 48.04
N LEU G 423 -38.77 12.76 48.50
CA LEU G 423 -38.17 11.79 49.41
C LEU G 423 -38.44 12.11 50.87
N PHE G 424 -39.25 13.12 51.16
CA PHE G 424 -39.68 13.38 52.52
C PHE G 424 -40.88 12.49 52.86
N PRO G 425 -41.13 12.23 54.14
CA PRO G 425 -42.19 11.29 54.50
C PRO G 425 -43.57 11.77 54.06
N GLU G 426 -44.40 10.81 53.69
CA GLU G 426 -45.76 11.12 53.25
C GLU G 426 -46.58 11.65 54.42
N TYR G 427 -47.55 12.51 54.11
CA TYR G 427 -48.41 13.18 55.09
C TYR G 427 -47.62 13.99 56.11
N GLY G 428 -46.43 14.47 55.75
CA GLY G 428 -45.60 15.23 56.66
C GLY G 428 -45.21 16.58 56.07
N SER G 429 -45.56 17.64 56.78
CA SER G 429 -45.18 18.98 56.36
C SER G 429 -43.71 19.22 56.62
N ILE G 430 -43.06 19.94 55.69
CA ILE G 430 -41.64 20.25 55.79
C ILE G 430 -41.47 21.76 55.71
N SER G 431 -40.44 22.26 56.38
CA SER G 431 -40.21 23.69 56.49
C SER G 431 -39.46 24.22 55.27
N LYS G 432 -39.77 25.46 54.89
CA LYS G 432 -39.12 26.06 53.74
C LYS G 432 -37.63 26.25 53.96
N GLU G 433 -37.24 26.70 55.16
CA GLU G 433 -35.84 27.01 55.42
C GLU G 433 -34.97 25.77 55.31
N GLN G 434 -35.42 24.65 55.86
CA GLN G 434 -34.65 23.41 55.81
C GLN G 434 -34.47 22.92 54.37
N LEU G 435 -35.55 22.97 53.59
CA LEU G 435 -35.49 22.57 52.20
C LEU G 435 -34.57 23.48 51.39
N ILE G 436 -34.62 24.78 51.64
CA ILE G 436 -33.76 25.73 50.94
C ILE G 436 -32.30 25.50 51.34
N GLY G 437 -32.06 25.14 52.60
CA GLY G 437 -30.70 24.78 52.99
C GLY G 437 -30.19 23.57 52.26
N TYR G 438 -31.03 22.54 52.15
CA TYR G 438 -30.65 21.36 51.36
C TYR G 438 -30.34 21.74 49.93
N TRP G 439 -31.18 22.57 49.32
CA TRP G 439 -30.95 22.97 47.92
C TRP G 439 -29.67 23.78 47.78
N LEU G 440 -29.40 24.67 48.73
CA LEU G 440 -28.16 25.45 48.69
C LEU G 440 -26.95 24.54 48.77
N ALA G 441 -27.01 23.53 49.66
CA ALA G 441 -25.89 22.59 49.77
C ALA G 441 -25.73 21.77 48.50
N GLU G 442 -26.84 21.32 47.91
CA GLU G 442 -26.79 20.47 46.73
C GLU G 442 -26.28 21.19 45.49
N GLY G 443 -26.19 22.52 45.53
CA GLY G 443 -25.74 23.26 44.36
C GLY G 443 -26.83 23.60 43.37
N LEU G 444 -28.08 23.24 43.65
CA LEU G 444 -29.18 23.65 42.79
C LEU G 444 -29.35 25.17 42.80
N LEU G 445 -29.17 25.79 43.96
CA LEU G 445 -29.20 27.24 44.09
C LEU G 445 -27.77 27.76 44.00
N LEU G 446 -27.57 28.81 43.22
CA LEU G 446 -26.24 29.39 43.08
C LEU G 446 -25.91 30.25 44.30
N ASN G 447 -25.86 29.60 45.47
CA ASN G 447 -25.56 30.24 46.76
C ASN G 447 -26.54 31.35 47.10
N ASP G 448 -27.78 31.27 46.64
CA ASP G 448 -28.80 32.28 46.89
C ASP G 448 -30.03 31.62 47.50
N SER G 449 -30.39 32.06 48.71
CA SER G 449 -31.58 31.51 49.36
C SER G 449 -32.86 32.07 48.78
N GLU G 450 -32.84 33.33 48.33
CA GLU G 450 -34.01 33.91 47.70
C GLU G 450 -34.39 33.15 46.44
N LYS G 451 -33.40 32.61 45.73
CA LYS G 451 -33.72 31.76 44.59
C LYS G 451 -34.47 30.51 45.04
N GLY G 452 -34.12 29.95 46.19
CA GLY G 452 -34.87 28.83 46.72
C GLY G 452 -36.30 29.20 47.08
N TYR G 453 -36.47 30.39 47.68
CA TYR G 453 -37.82 30.85 47.97
C TYR G 453 -38.62 31.06 46.68
N GLN G 454 -38.00 31.60 45.64
CA GLN G 454 -38.67 31.77 44.36
C GLN G 454 -39.05 30.43 43.76
N ILE G 455 -38.18 29.43 43.87
CA ILE G 455 -38.50 28.10 43.37
C ILE G 455 -39.67 27.51 44.13
N ILE G 456 -39.69 27.69 45.46
CA ILE G 456 -40.81 27.20 46.25
C ILE G 456 -42.11 27.89 45.83
N ARG G 457 -42.05 29.19 45.60
CA ARG G 457 -43.23 29.93 45.15
C ARG G 457 -43.70 29.46 43.78
N SER G 458 -42.76 29.19 42.88
CA SER G 458 -43.11 28.69 41.55
C SER G 458 -43.78 27.34 41.64
N LEU G 459 -43.28 26.47 42.52
CA LEU G 459 -43.90 25.16 42.71
C LEU G 459 -45.29 25.29 43.33
N VAL G 460 -45.45 26.22 44.28
CA VAL G 460 -46.76 26.42 44.91
C VAL G 460 -47.76 26.97 43.91
N SER G 461 -47.33 27.90 43.06
CA SER G 461 -48.23 28.49 42.07
C SER G 461 -48.64 27.51 40.98
N ALA G 462 -47.83 26.51 40.72
CA ALA G 462 -48.17 25.45 39.77
C ALA G 462 -48.91 24.29 40.42
N CYS G 463 -49.24 24.42 41.70
CA CYS G 463 -49.96 23.42 42.49
C CYS G 463 -49.15 22.14 42.70
N LEU G 464 -47.84 22.17 42.44
CA LEU G 464 -47.01 21.01 42.72
C LEU G 464 -46.64 20.90 44.18
N LEU G 465 -46.77 22.00 44.94
CA LEU G 465 -46.61 21.98 46.38
C LEU G 465 -47.75 22.77 47.02
N GLN G 466 -47.99 22.50 48.29
CA GLN G 466 -49.06 23.15 49.03
C GLN G 466 -48.48 23.81 50.27
N VAL G 467 -48.78 25.09 50.46
CA VAL G 467 -48.40 25.77 51.68
C VAL G 467 -49.43 25.46 52.75
N SER G 468 -48.98 24.87 53.86
CA SER G 468 -49.91 24.41 54.88
C SER G 468 -49.27 24.42 56.27
N GLY G 469 -50.11 24.55 57.29
CA GLY G 469 -49.63 24.53 58.66
C GLY G 469 -50.24 25.68 59.44
N SER G 470 -49.83 25.77 60.71
CA SER G 470 -50.20 26.92 61.51
C SER G 470 -49.57 28.20 61.00
N MET G 471 -48.50 28.10 60.21
CA MET G 471 -47.88 29.25 59.56
C MET G 471 -47.42 28.80 58.18
N SER G 472 -47.30 29.75 57.27
CA SER G 472 -46.92 29.45 55.89
C SER G 472 -45.46 29.05 55.74
N SER G 473 -44.71 28.85 56.84
CA SER G 473 -43.31 28.45 56.73
C SER G 473 -43.15 26.97 56.36
N LYS G 474 -44.23 26.20 56.33
CA LYS G 474 -44.18 24.78 56.01
C LYS G 474 -44.85 24.53 54.66
N VAL G 475 -44.24 23.66 53.86
CA VAL G 475 -44.81 23.21 52.60
C VAL G 475 -45.00 21.70 52.65
N LYS G 476 -45.89 21.21 51.80
CA LYS G 476 -46.18 19.78 51.72
C LYS G 476 -46.63 19.45 50.31
N MET G 477 -46.71 18.15 50.02
CA MET G 477 -47.09 17.65 48.70
C MET G 477 -48.36 16.84 48.81
N HIS G 478 -49.28 17.06 47.87
CA HIS G 478 -50.48 16.24 47.79
C HIS G 478 -50.09 14.80 47.45
N HIS G 479 -50.87 13.85 47.96
CA HIS G 479 -50.51 12.44 47.84
C HIS G 479 -50.36 12.04 46.37
N VAL G 480 -51.30 12.44 45.53
CA VAL G 480 -51.22 12.10 44.12
C VAL G 480 -50.02 12.79 43.47
N ILE G 481 -49.70 14.01 43.89
CA ILE G 481 -48.54 14.68 43.34
C ILE G 481 -47.25 13.99 43.77
N ARG G 482 -47.20 13.50 45.02
CA ARG G 482 -46.02 12.74 45.45
C ARG G 482 -45.89 11.44 44.66
N GLN G 483 -47.01 10.77 44.40
CA GLN G 483 -46.96 9.56 43.58
C GLN G 483 -46.50 9.88 42.17
N LEU G 484 -46.94 11.02 41.62
CA LEU G 484 -46.46 11.45 40.31
C LEU G 484 -44.96 11.71 40.34
N GLY G 485 -44.46 12.33 41.40
CA GLY G 485 -43.02 12.55 41.52
C GLY G 485 -42.24 11.25 41.57
N LEU G 486 -42.72 10.29 42.37
CA LEU G 486 -42.06 8.99 42.43
C LEU G 486 -42.09 8.28 41.09
N TRP G 487 -43.22 8.36 40.38
CA TRP G 487 -43.33 7.75 39.07
C TRP G 487 -42.37 8.39 38.08
N LEU G 488 -42.24 9.72 38.13
CA LEU G 488 -41.28 10.41 37.26
C LEU G 488 -39.85 10.01 37.59
N VAL G 489 -39.55 9.86 38.88
CA VAL G 489 -38.22 9.40 39.28
C VAL G 489 -37.95 8.00 38.71
N ASN G 490 -38.95 7.12 38.80
CA ASN G 490 -38.81 5.78 38.25
C ASN G 490 -38.58 5.81 36.74
N LYS G 491 -39.32 6.68 36.03
CA LYS G 491 -39.10 6.82 34.60
C LYS G 491 -37.77 7.46 34.27
N SER G 492 -37.16 8.18 35.21
CA SER G 492 -35.89 8.83 34.95
C SER G 492 -34.75 7.81 34.98
N ASP G 493 -33.58 8.25 34.52
CA ASP G 493 -32.39 7.41 34.46
C ASP G 493 -31.51 7.57 35.69
N THR G 494 -31.94 8.34 36.69
CA THR G 494 -31.20 8.51 37.93
C THR G 494 -32.07 7.95 39.05
N LYS G 495 -31.71 6.79 39.57
CA LYS G 495 -32.53 6.11 40.56
C LYS G 495 -32.45 6.81 41.92
N PHE G 496 -33.60 6.88 42.58
CA PHE G 496 -33.68 7.33 43.96
C PHE G 496 -34.03 6.15 44.86
N LEU G 497 -33.50 6.16 46.08
CA LEU G 497 -33.91 5.22 47.11
C LEU G 497 -34.75 5.97 48.12
N VAL G 498 -36.07 5.78 48.05
CA VAL G 498 -37.01 6.60 48.81
C VAL G 498 -37.91 5.71 49.66
N GLN G 499 -37.56 5.56 50.94
CA GLN G 499 -38.42 4.87 51.90
C GLN G 499 -38.51 5.66 53.20
N PRO G 500 -39.10 6.85 53.17
CA PRO G 500 -39.34 7.58 54.42
C PRO G 500 -40.73 7.33 54.96
N GLY G 501 -40.87 7.45 56.27
CA GLY G 501 -42.17 7.36 56.91
C GLY G 501 -42.86 6.02 56.70
N MET G 502 -42.07 5.01 56.34
CA MET G 502 -42.62 3.69 56.05
C MET G 502 -42.69 2.80 57.28
N ALA G 503 -42.36 3.33 58.45
CA ALA G 503 -42.30 2.55 59.69
C ALA G 503 -41.37 1.34 59.53
N LEU G 504 -40.24 1.55 58.84
CA LEU G 504 -39.29 0.49 58.61
C LEU G 504 -38.60 0.11 59.91
N ASP G 505 -38.59 -1.18 60.22
CA ASP G 505 -37.97 -1.68 61.44
C ASP G 505 -36.49 -2.00 61.27
N ASN G 506 -36.03 -2.19 60.04
CA ASN G 506 -34.63 -2.48 59.78
C ASN G 506 -34.23 -1.82 58.46
N ALA G 507 -32.94 -1.57 58.30
CA ALA G 507 -32.45 -0.87 57.13
C ALA G 507 -32.72 -1.71 55.87
N PRO G 508 -32.93 -1.05 54.73
CA PRO G 508 -33.13 -1.80 53.48
C PRO G 508 -31.87 -2.52 53.05
N SER G 509 -32.04 -3.47 52.14
CA SER G 509 -30.93 -4.27 51.63
C SER G 509 -29.86 -3.38 51.02
N ALA G 510 -28.60 -3.67 51.35
CA ALA G 510 -27.50 -2.81 50.90
C ALA G 510 -27.27 -2.88 49.40
N GLU G 511 -27.85 -3.87 48.72
CA GLU G 511 -27.67 -3.96 47.27
C GLU G 511 -28.48 -2.91 46.53
N GLU G 512 -29.58 -2.43 47.12
CA GLU G 512 -30.39 -1.41 46.49
C GLU G 512 -29.72 -0.04 46.50
N TRP G 513 -28.67 0.14 47.29
CA TRP G 513 -28.01 1.43 47.43
C TRP G 513 -26.96 1.70 46.36
N ASN G 514 -26.75 0.76 45.43
CA ASN G 514 -25.62 0.86 44.51
C ASN G 514 -25.73 2.07 43.59
N GLU G 515 -26.75 2.10 42.74
CA GLU G 515 -26.84 3.09 41.68
C GLU G 515 -27.64 4.33 42.07
N ALA G 516 -28.21 4.36 43.27
CA ALA G 516 -29.04 5.49 43.67
C ALA G 516 -28.20 6.74 43.86
N THR G 517 -28.85 7.90 43.73
CA THR G 517 -28.21 9.18 43.95
C THR G 517 -28.78 9.95 45.14
N ARG G 518 -30.02 9.67 45.53
CA ARG G 518 -30.63 10.27 46.70
C ARG G 518 -31.17 9.16 47.60
N ILE G 519 -30.82 9.23 48.88
CA ILE G 519 -31.24 8.22 49.86
C ILE G 519 -32.03 8.92 50.96
N SER G 520 -33.17 8.35 51.32
CA SER G 520 -33.99 8.88 52.39
C SER G 520 -34.69 7.75 53.12
N ILE G 521 -34.39 7.61 54.41
CA ILE G 521 -35.04 6.64 55.27
C ILE G 521 -35.59 7.36 56.48
N MET G 522 -36.00 8.62 56.29
CA MET G 522 -36.55 9.45 57.36
C MET G 522 -37.74 8.77 58.03
N SER G 523 -38.05 9.24 59.24
CA SER G 523 -39.26 8.84 59.97
C SER G 523 -39.39 7.32 60.06
N ASN G 524 -38.28 6.66 60.38
CA ASN G 524 -38.23 5.22 60.48
C ASN G 524 -37.73 4.82 61.86
N ASN G 525 -38.07 3.59 62.24
CA ASN G 525 -37.65 3.02 63.51
C ASN G 525 -36.33 2.25 63.39
N ILE G 526 -35.46 2.66 62.47
CA ILE G 526 -34.19 2.00 62.22
C ILE G 526 -33.40 1.90 63.52
N THR G 527 -32.95 0.68 63.85
CA THR G 527 -32.19 0.44 65.07
C THR G 527 -30.71 0.22 64.82
N GLU G 528 -30.35 -0.41 63.71
CA GLU G 528 -28.96 -0.73 63.44
C GLU G 528 -28.65 -0.46 61.98
N LEU G 529 -27.49 0.18 61.74
CA LEU G 529 -26.99 0.45 60.39
C LEU G 529 -25.53 0.00 60.37
N SER G 530 -25.31 -1.24 59.95
CA SER G 530 -24.00 -1.88 60.09
C SER G 530 -23.28 -2.07 58.76
N PHE G 531 -24.00 -2.33 57.67
CA PHE G 531 -23.34 -2.59 56.41
C PHE G 531 -22.67 -1.33 55.87
N SER G 532 -21.67 -1.54 55.00
CA SER G 532 -21.00 -0.44 54.32
C SER G 532 -21.43 -0.43 52.87
N PRO G 533 -22.25 0.52 52.42
CA PRO G 533 -22.79 0.45 51.07
C PRO G 533 -21.78 0.86 50.02
N LYS G 534 -22.16 0.65 48.76
CA LYS G 534 -21.33 0.99 47.61
C LYS G 534 -21.78 2.28 46.93
N CYS G 535 -22.26 3.25 47.71
CA CYS G 535 -22.91 4.44 47.16
C CYS G 535 -21.92 5.44 46.57
N LYS G 536 -21.32 5.09 45.42
CA LYS G 536 -20.38 6.01 44.78
C LYS G 536 -21.08 7.26 44.26
N ASN G 537 -22.27 7.11 43.67
CA ASN G 537 -22.95 8.21 43.01
C ASN G 537 -23.86 9.01 43.93
N VAL G 538 -24.05 8.57 45.17
CA VAL G 538 -25.00 9.22 46.07
C VAL G 538 -24.53 10.62 46.42
N THR G 539 -25.45 11.59 46.34
CA THR G 539 -25.16 12.96 46.73
C THR G 539 -26.05 13.48 47.86
N THR G 540 -26.77 12.59 48.56
CA THR G 540 -27.69 13.03 49.61
C THR G 540 -28.07 11.85 50.49
N LEU G 541 -27.89 12.00 51.80
CA LEU G 541 -28.35 11.03 52.79
C LEU G 541 -29.25 11.75 53.79
N LEU G 542 -30.43 11.19 54.03
CA LEU G 542 -31.38 11.75 54.99
C LEU G 542 -31.81 10.65 55.96
N MET G 543 -31.64 10.91 57.25
CA MET G 543 -32.03 9.99 58.31
C MET G 543 -32.69 10.70 59.49
N GLN G 544 -33.43 11.77 59.25
CA GLN G 544 -34.12 12.46 60.33
C GLN G 544 -35.17 11.57 60.96
N ASN G 545 -35.42 11.79 62.26
CA ASN G 545 -36.43 11.06 63.01
C ASN G 545 -36.21 9.54 62.93
N ASN G 546 -35.06 9.11 63.44
CA ASN G 546 -34.74 7.70 63.63
C ASN G 546 -34.35 7.52 65.09
N PRO G 547 -35.33 7.52 65.99
CA PRO G 547 -35.01 7.58 67.43
C PRO G 547 -34.18 6.40 67.93
N ASN G 548 -34.30 5.23 67.31
CA ASN G 548 -33.61 4.04 67.80
C ASN G 548 -32.25 3.83 67.14
N LEU G 549 -31.88 4.63 66.15
CA LEU G 549 -30.59 4.46 65.48
C LEU G 549 -29.48 5.03 66.35
N ASN G 550 -28.64 4.16 66.90
CA ASN G 550 -27.52 4.58 67.72
C ASN G 550 -26.23 3.82 67.46
N LYS G 551 -26.24 2.82 66.56
CA LYS G 551 -25.05 2.00 66.29
C LYS G 551 -24.76 2.09 64.78
N MET G 552 -23.96 3.08 64.41
CA MET G 552 -23.52 3.22 63.03
C MET G 552 -22.10 2.70 62.88
N SER G 553 -21.93 1.74 61.97
CA SER G 553 -20.65 1.07 61.82
C SER G 553 -19.62 2.00 61.20
N TYR G 554 -18.40 1.93 61.72
CA TYR G 554 -17.31 2.73 61.18
C TYR G 554 -16.97 2.26 59.77
N GLY G 555 -16.49 3.20 58.94
CA GLY G 555 -16.28 2.91 57.55
C GLY G 555 -17.54 2.94 56.71
N PHE G 556 -18.64 3.47 57.25
CA PHE G 556 -19.88 3.57 56.49
C PHE G 556 -19.74 4.60 55.38
N PHE G 557 -18.98 5.67 55.62
CA PHE G 557 -18.83 6.78 54.70
C PHE G 557 -17.68 6.62 53.72
N ARG G 558 -17.07 5.43 53.66
CA ARG G 558 -15.89 5.26 52.79
C ARG G 558 -16.24 5.48 51.33
N THR G 559 -17.40 5.02 50.89
CA THR G 559 -17.85 5.22 49.52
C THR G 559 -18.69 6.48 49.34
N MET G 560 -18.78 7.33 50.35
CA MET G 560 -19.64 8.51 50.33
C MET G 560 -18.91 9.77 49.88
N SER G 561 -17.93 9.63 48.97
CA SER G 561 -17.10 10.76 48.58
C SER G 561 -17.92 11.92 48.03
N SER G 562 -18.95 11.64 47.25
CA SER G 562 -19.76 12.69 46.62
C SER G 562 -20.97 13.09 47.46
N LEU G 563 -21.10 12.57 48.68
CA LEU G 563 -22.21 12.92 49.55
C LEU G 563 -22.14 14.39 49.90
N LYS G 564 -23.16 15.15 49.52
CA LYS G 564 -23.19 16.59 49.75
C LYS G 564 -24.08 17.00 50.90
N VAL G 565 -25.17 16.26 51.15
CA VAL G 565 -26.11 16.56 52.22
C VAL G 565 -26.21 15.34 53.12
N LEU G 566 -26.05 15.55 54.43
CA LEU G 566 -26.07 14.45 55.39
C LEU G 566 -26.84 14.92 56.61
N ASP G 567 -27.94 14.25 56.93
CA ASP G 567 -28.82 14.64 58.02
C ASP G 567 -29.03 13.46 58.98
N LEU G 568 -28.22 13.41 60.04
CA LEU G 568 -28.51 12.54 61.17
C LEU G 568 -29.22 13.34 62.25
N SER G 569 -30.43 13.81 61.98
CA SER G 569 -31.17 14.62 62.93
C SER G 569 -32.14 13.76 63.72
N HIS G 570 -32.32 14.12 64.99
CA HIS G 570 -33.25 13.43 65.89
C HIS G 570 -32.95 11.94 65.96
N THR G 571 -31.66 11.60 65.90
CA THR G 571 -31.20 10.23 66.00
C THR G 571 -30.57 10.03 67.38
N ALA G 572 -30.35 8.77 67.73
CA ALA G 572 -29.75 8.41 69.00
C ALA G 572 -28.26 8.10 68.90
N ILE G 573 -27.66 8.35 67.73
CA ILE G 573 -26.24 8.07 67.56
C ILE G 573 -25.42 8.94 68.50
N THR G 574 -24.47 8.32 69.19
CA THR G 574 -23.61 9.05 70.11
C THR G 574 -22.24 9.34 69.53
N SER G 575 -21.78 8.57 68.55
CA SER G 575 -20.51 8.79 67.91
C SER G 575 -20.69 8.69 66.39
N LEU G 576 -19.91 9.48 65.66
CA LEU G 576 -20.01 9.48 64.21
C LEU G 576 -18.87 8.68 63.62
N PRO G 577 -19.12 7.86 62.59
CA PRO G 577 -18.02 7.15 61.93
C PRO G 577 -17.05 8.13 61.28
N GLU G 578 -15.81 7.67 61.10
CA GLU G 578 -14.78 8.52 60.51
C GLU G 578 -15.20 8.96 59.11
N CYS G 579 -14.84 10.19 58.76
CA CYS G 579 -15.36 10.84 57.56
C CYS G 579 -14.26 11.49 56.73
N ASP G 580 -13.07 10.91 56.70
CA ASP G 580 -12.00 11.47 55.87
C ASP G 580 -12.32 11.38 54.39
N ALA G 581 -13.23 10.49 54.00
CA ALA G 581 -13.59 10.34 52.59
C ALA G 581 -14.66 11.32 52.14
N LEU G 582 -15.25 12.08 53.06
CA LEU G 582 -16.28 13.07 52.72
C LEU G 582 -15.63 14.33 52.15
N VAL G 583 -15.08 14.19 50.95
CA VAL G 583 -14.33 15.28 50.33
C VAL G 583 -15.26 16.41 49.91
N ALA G 584 -16.46 16.08 49.41
CA ALA G 584 -17.35 17.08 48.82
C ALA G 584 -18.52 17.46 49.71
N LEU G 585 -18.55 17.00 50.96
CA LEU G 585 -19.67 17.31 51.83
C LEU G 585 -19.72 18.81 52.13
N GLU G 586 -20.92 19.37 52.05
CA GLU G 586 -21.14 20.80 52.30
C GLU G 586 -22.18 21.08 53.37
N HIS G 587 -23.01 20.09 53.73
CA HIS G 587 -24.04 20.26 54.74
C HIS G 587 -24.00 19.06 55.67
N LEU G 588 -24.13 19.31 56.97
CA LEU G 588 -24.11 18.26 57.97
C LEU G 588 -24.90 18.72 59.18
N ASN G 589 -26.07 18.12 59.39
CA ASN G 589 -26.97 18.48 60.47
C ASN G 589 -26.99 17.35 61.49
N LEU G 590 -26.83 17.69 62.77
CA LEU G 590 -26.88 16.72 63.85
C LEU G 590 -27.75 17.19 65.01
N SER G 591 -28.81 17.95 64.73
CA SER G 591 -29.61 18.53 65.79
C SER G 591 -30.40 17.45 66.53
N HIS G 592 -30.59 17.69 67.84
CA HIS G 592 -31.42 16.86 68.70
C HIS G 592 -30.90 15.44 68.86
N THR G 593 -29.60 15.24 68.63
CA THR G 593 -28.99 13.93 68.80
C THR G 593 -28.08 13.91 70.02
N HIS G 594 -27.70 12.70 70.43
CA HIS G 594 -26.89 12.48 71.63
C HIS G 594 -25.40 12.40 71.34
N ILE G 595 -24.92 13.06 70.28
CA ILE G 595 -23.49 13.06 69.99
C ILE G 595 -22.76 13.76 71.13
N MET G 596 -21.70 13.12 71.63
CA MET G 596 -20.90 13.69 72.70
C MET G 596 -19.69 14.46 72.20
N ARG G 597 -18.82 13.81 71.42
CA ARG G 597 -17.63 14.45 70.90
C ARG G 597 -17.62 14.34 69.38
N LEU G 598 -17.38 15.47 68.72
CA LEU G 598 -17.36 15.53 67.28
C LEU G 598 -15.98 15.12 66.78
N PRO G 599 -15.87 14.09 65.94
CA PRO G 599 -14.54 13.57 65.58
C PRO G 599 -13.69 14.61 64.87
N GLU G 600 -12.37 14.47 65.04
CA GLU G 600 -11.41 15.45 64.54
C GLU G 600 -11.16 15.34 63.04
N ARG G 601 -11.70 14.32 62.37
CA ARG G 601 -11.56 14.25 60.91
C ARG G 601 -12.40 15.33 60.22
N LEU G 602 -13.36 15.91 60.92
CA LEU G 602 -14.19 16.96 60.34
C LEU G 602 -13.37 18.20 59.95
N TRP G 603 -12.31 18.48 60.71
CA TRP G 603 -11.49 19.66 60.40
C TRP G 603 -10.74 19.52 59.08
N LEU G 604 -10.66 18.32 58.52
CA LEU G 604 -10.06 18.11 57.21
C LEU G 604 -11.05 18.32 56.07
N LEU G 605 -12.34 18.47 56.37
CA LEU G 605 -13.37 18.67 55.34
C LEU G 605 -13.31 20.12 54.87
N LYS G 606 -12.59 20.33 53.77
CA LYS G 606 -12.34 21.68 53.28
C LYS G 606 -13.58 22.27 52.62
N GLU G 607 -14.49 21.43 52.13
CA GLU G 607 -15.64 21.90 51.37
C GLU G 607 -16.87 22.16 52.22
N LEU G 608 -16.82 21.91 53.52
CA LEU G 608 -18.01 22.05 54.35
C LEU G 608 -18.49 23.50 54.36
N ARG G 609 -19.81 23.67 54.36
CA ARG G 609 -20.43 24.98 54.27
C ARG G 609 -21.43 25.26 55.39
N HIS G 610 -22.07 24.23 55.92
CA HIS G 610 -23.05 24.39 56.99
C HIS G 610 -22.93 23.22 57.94
N LEU G 611 -22.86 23.52 59.24
CA LEU G 611 -22.77 22.51 60.28
C LEU G 611 -23.68 22.91 61.43
N ASP G 612 -24.65 22.04 61.75
CA ASP G 612 -25.65 22.32 62.77
C ASP G 612 -25.60 21.25 63.85
N LEU G 613 -25.50 21.68 65.11
CA LEU G 613 -25.57 20.79 66.26
C LEU G 613 -26.50 21.33 67.33
N SER G 614 -27.63 21.91 66.95
CA SER G 614 -28.51 22.54 67.91
C SER G 614 -29.21 21.51 68.79
N VAL G 615 -29.46 21.89 70.04
CA VAL G 615 -30.22 21.11 71.01
C VAL G 615 -29.56 19.75 71.20
N THR G 616 -28.24 19.69 71.00
CA THR G 616 -27.49 18.48 71.29
C THR G 616 -27.26 18.38 72.80
N VAL G 617 -28.00 17.50 73.45
CA VAL G 617 -27.95 17.40 74.90
C VAL G 617 -26.60 16.86 75.38
N ALA G 618 -26.07 15.85 74.68
CA ALA G 618 -24.85 15.20 75.12
C ALA G 618 -23.58 15.86 74.59
N PHE G 619 -23.69 16.88 73.73
CA PHE G 619 -22.51 17.50 73.15
C PHE G 619 -21.70 18.20 74.23
N GLU G 620 -20.42 17.79 74.34
CA GLU G 620 -19.54 18.40 75.34
C GLU G 620 -18.12 18.60 74.81
N ASP G 621 -17.91 18.62 73.50
CA ASP G 621 -16.58 18.70 72.90
C ASP G 621 -16.21 20.16 72.67
N THR G 622 -14.94 20.48 72.90
CA THR G 622 -14.43 21.82 72.64
C THR G 622 -14.44 22.13 71.15
N MET G 623 -14.89 23.33 70.78
CA MET G 623 -15.00 23.69 69.37
C MET G 623 -13.84 24.53 68.89
N ASN G 624 -12.69 24.48 69.58
CA ASN G 624 -11.55 25.31 69.19
C ASN G 624 -11.05 24.95 67.80
N ASN G 625 -11.01 23.66 67.48
CA ASN G 625 -10.46 23.22 66.20
C ASN G 625 -11.37 23.55 65.02
N CYS G 626 -12.48 24.26 65.25
CA CYS G 626 -13.31 24.70 64.13
C CYS G 626 -12.61 25.76 63.28
N SER G 627 -11.52 26.33 63.78
CA SER G 627 -10.77 27.33 63.01
C SER G 627 -10.27 26.79 61.68
N LYS G 628 -9.92 25.51 61.63
CA LYS G 628 -9.49 24.88 60.39
C LYS G 628 -10.61 24.77 59.36
N LEU G 629 -11.85 25.00 59.77
CA LEU G 629 -13.01 24.95 58.87
C LEU G 629 -13.29 26.34 58.29
N HIS G 630 -12.36 26.84 57.47
CA HIS G 630 -12.45 28.21 56.98
C HIS G 630 -13.66 28.42 56.08
N LYS G 631 -13.94 27.47 55.20
CA LYS G 631 -14.97 27.65 54.17
C LYS G 631 -16.38 27.68 54.74
N LEU G 632 -16.57 27.26 56.00
CA LEU G 632 -17.90 27.17 56.57
C LEU G 632 -18.60 28.52 56.56
N LYS G 633 -19.90 28.50 56.23
CA LYS G 633 -20.71 29.70 56.16
C LYS G 633 -21.68 29.83 57.33
N VAL G 634 -22.12 28.71 57.91
CA VAL G 634 -23.08 28.71 59.00
C VAL G 634 -22.66 27.68 60.04
N LEU G 635 -22.66 28.07 61.31
CA LEU G 635 -22.44 27.18 62.44
C LEU G 635 -23.55 27.42 63.45
N ASN G 636 -24.23 26.36 63.87
CA ASN G 636 -25.36 26.48 64.78
C ASN G 636 -25.13 25.61 66.00
N LEU G 637 -25.16 26.23 67.18
CA LEU G 637 -25.08 25.53 68.46
C LEU G 637 -26.19 25.96 69.41
N PHE G 638 -27.32 26.44 68.88
CA PHE G 638 -28.39 26.95 69.72
C PHE G 638 -28.96 25.86 70.62
N ARG G 639 -29.17 26.20 71.89
CA ARG G 639 -29.68 25.30 72.92
C ARG G 639 -28.78 24.09 73.17
N SER G 640 -27.55 24.10 72.66
CA SER G 640 -26.62 23.02 72.95
C SER G 640 -26.18 23.07 74.41
N HIS G 641 -25.89 21.90 74.97
CA HIS G 641 -25.47 21.83 76.37
C HIS G 641 -24.09 22.43 76.58
N TYR G 642 -23.22 22.39 75.59
CA TYR G 642 -21.87 22.93 75.70
C TYR G 642 -21.67 24.01 74.66
N GLY G 643 -20.92 25.04 75.05
CA GLY G 643 -20.66 26.16 74.17
C GLY G 643 -19.51 27.03 74.65
N ILE G 644 -19.65 28.34 74.50
CA ILE G 644 -18.61 29.27 74.90
C ILE G 644 -18.86 29.71 76.34
N ARG G 645 -18.25 29.01 77.30
CA ARG G 645 -18.38 29.39 78.70
C ARG G 645 -17.49 30.57 79.04
N ASP G 646 -16.34 30.69 78.35
CA ASP G 646 -15.41 31.77 78.63
C ASP G 646 -14.77 32.23 77.32
N VAL G 647 -13.99 33.31 77.43
CA VAL G 647 -13.38 33.93 76.27
C VAL G 647 -12.34 33.03 75.64
N ASP G 648 -11.90 31.99 76.36
CA ASP G 648 -10.93 31.04 75.83
C ASP G 648 -11.41 30.44 74.53
N ASN G 649 -12.73 30.18 74.42
CA ASN G 649 -13.24 29.67 73.17
C ASN G 649 -13.98 30.72 72.37
N LEU G 650 -13.51 31.99 72.38
CA LEU G 650 -14.10 33.04 71.54
C LEU G 650 -13.30 33.28 70.25
N ASN G 651 -12.68 32.22 69.72
CA ASN G 651 -11.83 32.35 68.55
C ASN G 651 -12.63 32.26 67.26
N LEU G 652 -13.92 32.63 67.31
CA LEU G 652 -14.77 32.60 66.13
C LEU G 652 -14.34 33.60 65.07
N ASP G 653 -13.45 34.55 65.40
CA ASP G 653 -12.91 35.45 64.40
C ASP G 653 -12.13 34.73 63.31
N SER G 654 -11.69 33.49 63.57
CA SER G 654 -11.08 32.68 62.51
C SER G 654 -12.09 32.22 61.47
N LEU G 655 -13.38 32.21 61.82
CA LEU G 655 -14.44 31.85 60.87
C LEU G 655 -14.78 33.07 60.01
N LYS G 656 -13.94 33.28 59.00
CA LYS G 656 -14.05 34.47 58.17
C LYS G 656 -15.24 34.39 57.22
N GLU G 657 -15.65 33.18 56.84
CA GLU G 657 -16.74 33.00 55.90
C GLU G 657 -18.10 32.90 56.57
N LEU G 658 -18.18 33.00 57.89
CA LEU G 658 -19.43 32.77 58.60
C LEU G 658 -20.41 33.93 58.38
N LEU G 659 -21.68 33.60 58.26
CA LEU G 659 -22.75 34.58 58.13
C LEU G 659 -23.79 34.51 59.24
N PHE G 660 -24.24 33.30 59.59
CA PHE G 660 -25.28 33.12 60.60
C PHE G 660 -24.83 32.08 61.60
N LEU G 661 -24.97 32.42 62.89
CA LEU G 661 -24.58 31.52 63.95
C LEU G 661 -25.56 31.64 65.12
N GLY G 662 -25.80 30.51 65.77
CA GLY G 662 -26.54 30.46 67.01
C GLY G 662 -25.78 29.64 68.03
N ILE G 663 -25.70 30.11 69.27
CA ILE G 663 -24.83 29.48 70.27
C ILE G 663 -25.41 29.75 71.65
N THR G 664 -24.97 28.98 72.63
CA THR G 664 -25.36 29.16 74.03
C THR G 664 -24.19 29.79 74.78
N ILE G 665 -24.44 30.94 75.41
CA ILE G 665 -23.41 31.69 76.14
C ILE G 665 -23.75 31.65 77.62
N TYR G 666 -22.74 31.37 78.45
CA TYR G 666 -22.96 31.09 79.86
C TYR G 666 -22.43 32.14 80.81
N ALA G 667 -21.74 33.18 80.33
CA ALA G 667 -21.02 34.08 81.22
C ALA G 667 -21.31 35.54 80.85
N GLU G 668 -21.40 36.37 81.90
CA GLU G 668 -21.62 37.80 81.70
C GLU G 668 -20.36 38.47 81.13
N ASP G 669 -19.18 38.01 81.56
CA ASP G 669 -17.95 38.61 81.06
C ASP G 669 -17.78 38.34 79.56
N VAL G 670 -18.31 37.20 79.09
CA VAL G 670 -18.34 36.95 77.64
C VAL G 670 -19.25 37.97 76.96
N LEU G 671 -20.37 38.30 77.59
CA LEU G 671 -21.26 39.31 77.03
C LEU G 671 -20.59 40.67 76.95
N LYS G 672 -19.83 41.02 77.99
CA LYS G 672 -19.14 42.32 78.01
C LYS G 672 -17.87 42.32 77.17
N LYS G 673 -17.36 41.14 76.80
CA LYS G 673 -16.36 41.04 75.75
C LYS G 673 -16.97 41.02 74.36
N LEU G 674 -18.28 40.79 74.27
CA LEU G 674 -18.98 40.77 72.99
C LEU G 674 -19.87 41.99 72.78
N ASN G 675 -19.94 42.92 73.74
CA ASN G 675 -20.81 44.07 73.59
C ASN G 675 -20.09 45.25 72.93
N MET G 676 -19.39 44.98 71.83
CA MET G 676 -18.80 46.01 71.00
C MET G 676 -19.18 45.73 69.56
N PRO G 677 -19.25 46.76 68.71
CA PRO G 677 -19.71 46.55 67.33
C PRO G 677 -18.68 45.87 66.44
N ARG G 678 -18.95 44.62 66.10
CA ARG G 678 -18.17 43.88 65.11
C ARG G 678 -19.05 42.77 64.55
N PRO G 679 -18.71 42.23 63.38
CA PRO G 679 -19.57 41.18 62.78
C PRO G 679 -19.77 39.98 63.68
N LEU G 680 -18.75 39.55 64.42
CA LEU G 680 -18.89 38.38 65.28
C LEU G 680 -19.95 38.60 66.35
N ALA G 681 -19.98 39.79 66.95
CA ALA G 681 -20.97 40.09 67.97
C ALA G 681 -22.38 40.10 67.38
N LYS G 682 -22.55 40.66 66.18
CA LYS G 682 -23.88 40.82 65.62
C LYS G 682 -24.33 39.61 64.81
N SER G 683 -23.41 38.73 64.41
CA SER G 683 -23.77 37.61 63.54
C SER G 683 -24.64 36.58 64.25
N THR G 684 -24.78 36.65 65.56
CA THR G 684 -25.59 35.68 66.30
C THR G 684 -27.06 35.99 66.08
N HIS G 685 -27.73 35.17 65.28
CA HIS G 685 -29.15 35.38 64.98
C HIS G 685 -30.07 34.94 66.11
N ARG G 686 -29.61 34.01 66.95
CA ARG G 686 -30.39 33.61 68.13
C ARG G 686 -29.46 33.09 69.20
N LEU G 687 -29.90 33.23 70.46
CA LEU G 687 -29.07 32.89 71.61
C LEU G 687 -29.86 32.02 72.58
N ASN G 688 -29.15 31.19 73.33
CA ASN G 688 -29.71 30.43 74.44
C ASN G 688 -28.90 30.76 75.70
N LEU G 689 -29.60 30.96 76.81
CA LEU G 689 -28.97 31.26 78.10
C LEU G 689 -29.35 30.18 79.09
N LYS G 690 -28.35 29.42 79.55
CA LYS G 690 -28.56 28.32 80.48
C LYS G 690 -27.47 28.35 81.53
N TYR G 691 -27.84 28.03 82.78
CA TYR G 691 -26.93 28.05 83.91
C TYR G 691 -26.28 29.42 84.07
N CYS G 692 -27.11 30.46 84.01
CA CYS G 692 -26.61 31.82 84.13
C CYS G 692 -26.03 32.07 85.52
N ALA G 693 -24.85 32.67 85.56
CA ALA G 693 -24.20 33.04 86.80
C ALA G 693 -23.66 34.45 86.68
N GLU G 694 -24.08 35.32 87.59
CA GLU G 694 -23.80 36.75 87.57
C GLU G 694 -24.53 37.48 86.45
N MET G 695 -25.73 37.01 86.09
CA MET G 695 -26.65 37.71 85.19
C MET G 695 -28.02 37.84 85.84
N GLN G 696 -28.05 38.30 87.10
CA GLN G 696 -29.31 38.47 87.80
C GLN G 696 -30.26 39.41 87.07
N SER G 697 -29.74 40.32 86.24
CA SER G 697 -30.58 41.20 85.44
C SER G 697 -29.93 41.36 84.06
N ILE G 698 -30.77 41.64 83.07
CA ILE G 698 -30.31 41.84 81.71
C ILE G 698 -31.26 42.79 81.00
N LYS G 699 -30.72 43.55 80.05
CA LYS G 699 -31.49 44.52 79.29
C LYS G 699 -31.38 44.20 77.81
N ILE G 700 -32.46 44.45 77.07
CA ILE G 700 -32.41 44.28 75.62
C ILE G 700 -31.43 45.28 75.00
N SER G 701 -31.35 46.49 75.57
CA SER G 701 -30.35 47.45 75.10
C SER G 701 -28.94 46.93 75.27
N ASP G 702 -28.72 46.05 76.26
CA ASP G 702 -27.43 45.39 76.38
C ASP G 702 -27.18 44.39 75.26
N LEU G 703 -28.24 43.98 74.56
CA LEU G 703 -28.11 43.11 73.40
C LEU G 703 -28.12 43.87 72.08
N SER G 704 -28.03 45.21 72.13
CA SER G 704 -28.13 46.02 70.92
C SER G 704 -27.00 45.75 69.93
N HIS G 705 -25.85 45.25 70.41
CA HIS G 705 -24.77 44.89 69.51
C HIS G 705 -25.12 43.69 68.65
N MET G 706 -26.06 42.86 69.10
CA MET G 706 -26.49 41.67 68.36
C MET G 706 -27.59 42.05 67.36
N GLU G 707 -27.16 42.70 66.27
CA GLU G 707 -28.12 43.29 65.33
C GLU G 707 -28.91 42.23 64.57
N HIS G 708 -28.42 40.99 64.52
CA HIS G 708 -29.14 39.93 63.82
C HIS G 708 -29.97 39.06 64.75
N LEU G 709 -29.91 39.29 66.06
CA LEU G 709 -30.59 38.42 67.01
C LEU G 709 -32.10 38.43 66.76
N GLU G 710 -32.69 37.23 66.71
CA GLU G 710 -34.12 37.08 66.51
C GLU G 710 -34.81 36.20 67.53
N GLU G 711 -34.07 35.35 68.25
CA GLU G 711 -34.68 34.45 69.23
C GLU G 711 -33.77 34.33 70.44
N LEU G 712 -34.37 34.31 71.62
CA LEU G 712 -33.66 34.06 72.87
C LEU G 712 -34.33 32.94 73.64
N TYR G 713 -33.52 32.06 74.20
CA TYR G 713 -34.00 30.95 75.02
C TYR G 713 -33.32 31.02 76.39
N VAL G 714 -34.12 31.07 77.44
CA VAL G 714 -33.63 31.06 78.81
C VAL G 714 -34.16 29.80 79.49
N GLU G 715 -33.27 28.88 79.82
CA GLU G 715 -33.65 27.60 80.37
C GLU G 715 -32.77 27.25 81.56
N SER G 716 -33.41 26.89 82.67
CA SER G 716 -32.72 26.45 83.89
C SER G 716 -31.75 27.53 84.40
N CYS G 717 -32.31 28.68 84.75
CA CYS G 717 -31.56 29.77 85.35
C CYS G 717 -32.10 30.06 86.75
N TYR G 718 -31.17 30.26 87.69
CA TYR G 718 -31.54 30.40 89.09
C TYR G 718 -31.08 31.69 89.74
N ASP G 719 -30.26 32.52 89.08
CA ASP G 719 -29.89 33.81 89.63
C ASP G 719 -30.64 34.97 88.99
N LEU G 720 -31.32 34.73 87.87
CA LEU G 720 -32.04 35.79 87.19
C LEU G 720 -33.21 36.29 88.03
N ASN G 721 -33.35 37.61 88.11
CA ASN G 721 -34.46 38.23 88.83
C ASN G 721 -35.34 39.09 87.94
N THR G 722 -34.75 39.99 87.15
CA THR G 722 -35.52 40.91 86.33
C THR G 722 -34.88 41.02 84.95
N VAL G 723 -35.72 41.41 83.98
CA VAL G 723 -35.27 41.67 82.62
C VAL G 723 -35.85 43.01 82.19
N VAL G 724 -35.08 43.75 81.40
CA VAL G 724 -35.46 45.10 80.97
C VAL G 724 -35.72 45.07 79.46
N ALA G 725 -36.94 45.41 79.08
CA ALA G 725 -37.30 45.63 77.68
C ALA G 725 -37.34 47.14 77.46
N ASP G 726 -36.17 47.73 77.19
CA ASP G 726 -36.03 49.17 77.18
C ASP G 726 -36.78 49.76 75.99
N ALA G 727 -37.20 51.02 76.15
CA ALA G 727 -37.85 51.74 75.06
C ALA G 727 -36.86 52.06 73.94
N GLU G 728 -35.56 52.04 74.23
CA GLU G 728 -34.54 52.28 73.23
C GLU G 728 -34.58 51.14 72.21
N LEU G 729 -35.06 51.45 71.01
CA LEU G 729 -35.29 50.43 70.00
C LEU G 729 -33.96 49.89 69.46
N THR G 730 -34.02 48.66 68.96
CA THR G 730 -32.89 48.00 68.34
C THR G 730 -33.30 47.49 66.97
N THR G 731 -32.39 47.63 66.00
CA THR G 731 -32.65 47.09 64.67
C THR G 731 -32.77 45.57 64.68
N SER G 732 -32.26 44.91 65.72
CA SER G 732 -32.46 43.47 65.88
C SER G 732 -33.94 43.18 66.03
N GLN G 733 -34.46 42.29 65.19
CA GLN G 733 -35.89 41.98 65.20
C GLN G 733 -36.11 40.82 66.16
N LEU G 734 -36.57 41.16 67.37
CA LEU G 734 -36.90 40.13 68.35
C LEU G 734 -38.17 39.41 67.93
N GLN G 735 -38.03 38.17 67.47
CA GLN G 735 -39.16 37.46 66.87
C GLN G 735 -39.74 36.41 67.81
N PHE G 736 -38.90 35.56 68.40
CA PHE G 736 -39.34 34.47 69.25
C PHE G 736 -38.62 34.53 70.59
N LEU G 737 -39.38 34.40 71.68
CA LEU G 737 -38.82 34.20 73.01
C LEU G 737 -39.40 32.95 73.64
N THR G 738 -38.55 32.20 74.33
CA THR G 738 -38.96 31.00 75.05
C THR G 738 -38.35 31.04 76.44
N LEU G 739 -39.20 31.10 77.46
CA LEU G 739 -38.77 31.09 78.86
C LEU G 739 -39.19 29.76 79.48
N SER G 740 -38.20 28.95 79.84
CA SER G 740 -38.45 27.58 80.32
C SER G 740 -37.66 27.33 81.59
N VAL G 741 -38.33 26.72 82.57
CA VAL G 741 -37.71 26.28 83.82
C VAL G 741 -36.96 27.44 84.46
N LEU G 742 -37.68 28.46 84.91
CA LEU G 742 -37.04 29.61 85.54
C LEU G 742 -37.69 29.90 86.89
N PRO G 743 -37.40 29.12 87.94
CA PRO G 743 -37.96 29.43 89.25
C PRO G 743 -37.13 30.46 90.01
N SER G 744 -36.68 31.50 89.31
CA SER G 744 -35.99 32.62 89.96
C SER G 744 -36.48 33.94 89.39
N LEU G 745 -37.01 33.92 88.17
CA LEU G 745 -37.41 35.15 87.50
C LEU G 745 -38.70 35.69 88.11
N GLU G 746 -38.77 37.00 88.26
CA GLU G 746 -39.93 37.66 88.86
C GLU G 746 -40.73 38.49 87.87
N SER G 747 -40.11 39.44 87.18
CA SER G 747 -40.85 40.35 86.32
C SER G 747 -39.91 40.89 85.24
N VAL G 748 -40.51 41.43 84.18
CA VAL G 748 -39.78 42.07 83.09
C VAL G 748 -40.39 43.45 82.85
N LEU G 749 -39.53 44.46 82.73
CA LEU G 749 -39.98 45.83 82.56
C LEU G 749 -40.14 46.15 81.07
N VAL G 750 -41.33 46.59 80.69
CA VAL G 750 -41.65 46.90 79.30
C VAL G 750 -42.20 48.32 79.22
N ALA G 751 -41.69 49.10 78.29
CA ALA G 751 -42.15 50.48 78.12
C ALA G 751 -43.56 50.50 77.54
N PRO G 752 -44.35 51.52 77.89
CA PRO G 752 -45.75 51.55 77.45
C PRO G 752 -45.93 51.98 75.99
N MET G 753 -45.11 52.92 75.51
CA MET G 753 -45.31 53.49 74.18
C MET G 753 -44.55 52.72 73.11
N SER G 754 -43.23 52.65 73.21
CA SER G 754 -42.41 51.95 72.23
C SER G 754 -41.48 51.00 72.96
N HIS G 755 -41.29 49.82 72.37
CA HIS G 755 -40.52 48.77 73.03
C HIS G 755 -39.85 47.90 71.99
N ASN G 756 -38.86 47.12 72.44
CA ASN G 756 -38.11 46.25 71.54
C ASN G 756 -38.87 44.98 71.19
N PHE G 757 -39.97 44.68 71.89
CA PHE G 757 -40.73 43.47 71.65
C PHE G 757 -41.78 43.62 70.56
N GLN G 758 -41.88 44.79 69.92
CA GLN G 758 -42.94 45.01 68.94
C GLN G 758 -42.80 44.11 67.72
N TYR G 759 -41.61 43.56 67.48
CA TYR G 759 -41.40 42.67 66.34
C TYR G 759 -41.78 41.23 66.63
N ILE G 760 -42.47 40.98 67.76
CA ILE G 760 -42.69 39.61 68.20
C ILE G 760 -43.68 38.89 67.30
N ARG G 761 -43.37 37.63 66.99
CA ARG G 761 -44.31 36.71 66.35
C ARG G 761 -44.74 35.55 67.24
N LYS G 762 -43.83 35.02 68.06
CA LYS G 762 -44.09 33.82 68.85
C LYS G 762 -43.58 34.02 70.27
N LEU G 763 -44.39 33.61 71.25
CA LEU G 763 -44.01 33.61 72.65
C LEU G 763 -44.30 32.24 73.25
N ILE G 764 -43.31 31.67 73.93
CA ILE G 764 -43.44 30.38 74.61
C ILE G 764 -43.06 30.60 76.06
N ILE G 765 -44.01 30.42 76.96
CA ILE G 765 -43.82 30.59 78.40
C ILE G 765 -44.06 29.24 79.06
N SER G 766 -43.04 28.74 79.77
CA SER G 766 -43.10 27.39 80.30
C SER G 766 -42.34 27.29 81.62
N HIS G 767 -42.89 26.51 82.55
CA HIS G 767 -42.21 26.11 83.78
C HIS G 767 -41.66 27.29 84.56
N CYS G 768 -42.45 28.36 84.70
CA CYS G 768 -42.02 29.52 85.47
C CYS G 768 -42.93 29.69 86.68
N PRO G 769 -42.59 29.14 87.85
CA PRO G 769 -43.47 29.28 89.00
C PRO G 769 -43.29 30.61 89.72
N LYS G 770 -42.10 31.19 89.64
CA LYS G 770 -41.83 32.46 90.30
C LYS G 770 -42.16 33.67 89.45
N LEU G 771 -42.35 33.48 88.14
CA LEU G 771 -42.69 34.59 87.27
C LEU G 771 -44.12 35.05 87.53
N SER G 772 -44.30 36.35 87.75
CA SER G 772 -45.62 36.90 88.08
C SER G 772 -45.88 38.21 87.33
N ASN G 773 -45.53 38.24 86.05
CA ASN G 773 -45.80 39.42 85.23
C ASN G 773 -45.82 39.00 83.76
N ILE G 774 -47.01 39.00 83.17
CA ILE G 774 -47.19 38.65 81.76
C ILE G 774 -48.13 39.66 81.13
N THR G 775 -48.48 40.71 81.89
CA THR G 775 -49.41 41.73 81.40
C THR G 775 -48.88 42.43 80.15
N TRP G 776 -47.56 42.45 79.98
CA TRP G 776 -46.95 43.17 78.88
C TRP G 776 -47.32 42.61 77.51
N VAL G 777 -47.89 41.41 77.46
CA VAL G 777 -48.24 40.78 76.19
C VAL G 777 -49.25 41.62 75.41
N ARG G 778 -50.10 42.37 76.12
CA ARG G 778 -51.16 43.13 75.46
C ARG G 778 -50.61 44.19 74.50
N ARG G 779 -49.36 44.61 74.67
CA ARG G 779 -48.75 45.61 73.79
C ARG G 779 -48.06 44.98 72.57
N LEU G 780 -48.18 43.66 72.39
CA LEU G 780 -47.50 42.97 71.30
C LEU G 780 -48.47 42.83 70.14
N GLN G 781 -48.44 43.81 69.24
CA GLN G 781 -49.45 43.92 68.20
C GLN G 781 -49.14 43.08 66.96
N LEU G 782 -47.91 42.57 66.82
CA LEU G 782 -47.59 41.64 65.76
C LEU G 782 -47.53 40.18 66.24
N LEU G 783 -47.90 39.92 67.49
CA LEU G 783 -47.78 38.58 68.05
C LEU G 783 -48.73 37.61 67.36
N GLU G 784 -48.26 36.37 67.18
CA GLU G 784 -49.00 35.35 66.44
C GLU G 784 -49.24 34.06 67.23
N ARG G 785 -48.28 33.65 68.07
CA ARG G 785 -48.35 32.35 68.73
C ARG G 785 -48.21 32.52 70.24
N LEU G 786 -49.05 31.82 70.99
CA LEU G 786 -49.00 31.81 72.45
C LEU G 786 -48.78 30.39 72.95
N VAL G 787 -47.81 30.21 73.83
CA VAL G 787 -47.58 28.95 74.52
C VAL G 787 -47.39 29.25 76.00
N ILE G 788 -48.37 28.87 76.81
CA ILE G 788 -48.32 29.02 78.26
C ILE G 788 -48.48 27.64 78.88
N SER G 789 -47.49 27.21 79.66
CA SER G 789 -47.50 25.87 80.23
C SER G 789 -46.85 25.85 81.60
N HIS G 790 -47.54 25.24 82.57
CA HIS G 790 -46.98 24.93 83.89
C HIS G 790 -46.47 26.15 84.62
N CYS G 791 -47.02 27.32 84.33
CA CYS G 791 -46.62 28.56 85.02
C CYS G 791 -47.74 29.00 85.95
N ASP G 792 -47.70 28.46 87.16
CA ASP G 792 -48.73 28.75 88.17
C ASP G 792 -48.48 30.12 88.81
N GLY G 793 -47.32 30.71 88.55
CA GLY G 793 -47.06 32.05 89.03
C GLY G 793 -47.79 33.13 88.26
N VAL G 794 -48.34 32.78 87.10
CA VAL G 794 -49.12 33.73 86.29
C VAL G 794 -50.54 33.77 86.86
N LEU G 795 -50.90 34.88 87.50
CA LEU G 795 -52.24 35.04 88.02
C LEU G 795 -53.26 35.10 86.88
N GLU G 796 -53.00 35.96 85.90
CA GLU G 796 -53.81 36.04 84.70
C GLU G 796 -52.89 36.34 83.51
N ILE G 797 -53.31 35.93 82.32
CA ILE G 797 -52.52 36.18 81.12
C ILE G 797 -52.36 37.68 80.87
N VAL G 798 -53.37 38.47 81.20
CA VAL G 798 -53.27 39.93 81.24
C VAL G 798 -53.78 40.39 82.60
N GLU G 799 -52.86 40.63 83.53
CA GLU G 799 -53.23 41.05 84.88
C GLU G 799 -53.61 42.53 84.89
N ASP G 800 -53.79 43.06 86.10
CA ASP G 800 -54.15 44.46 86.27
C ASP G 800 -53.02 45.38 85.83
N THR G 831 -56.13 53.42 71.97
CA THR G 831 -56.63 53.27 70.60
C THR G 831 -57.76 52.25 70.53
N GLY G 832 -58.64 52.42 69.55
CA GLY G 832 -59.74 51.49 69.36
C GLY G 832 -59.28 50.20 68.69
N GLN G 833 -58.37 49.49 69.35
CA GLN G 833 -57.78 48.28 68.80
C GLN G 833 -57.75 47.19 69.85
N SER G 834 -57.95 45.95 69.42
CA SER G 834 -57.85 44.82 70.31
C SER G 834 -56.39 44.57 70.70
N ASP G 835 -56.20 43.89 71.83
CA ASP G 835 -54.85 43.59 72.31
C ASP G 835 -54.17 42.47 71.53
N PHE G 836 -54.92 41.69 70.76
CA PHE G 836 -54.36 40.60 69.95
C PHE G 836 -54.90 40.69 68.53
N PRO G 837 -54.46 41.69 67.75
CA PRO G 837 -54.98 41.86 66.40
C PRO G 837 -54.44 40.85 65.39
N LYS G 838 -53.23 40.34 65.59
CA LYS G 838 -52.60 39.43 64.64
C LYS G 838 -52.41 38.02 65.21
N LEU G 839 -53.12 37.70 66.28
CA LEU G 839 -52.96 36.40 66.92
C LEU G 839 -53.47 35.28 66.01
N ARG G 840 -52.74 34.17 65.98
CA ARG G 840 -53.10 33.01 65.19
C ARG G 840 -53.32 31.75 66.01
N LEU G 841 -52.40 31.43 66.93
CA LEU G 841 -52.44 30.17 67.66
C LEU G 841 -52.31 30.43 69.15
N ILE G 842 -53.08 29.70 69.95
CA ILE G 842 -53.01 29.76 71.40
C ILE G 842 -52.82 28.34 71.92
N VAL G 843 -51.82 28.15 72.80
CA VAL G 843 -51.55 26.87 73.43
C VAL G 843 -51.51 27.08 74.94
N LEU G 844 -52.31 26.31 75.68
CA LEU G 844 -52.36 26.36 77.13
C LEU G 844 -52.21 24.94 77.67
N THR G 845 -51.41 24.80 78.73
CA THR G 845 -51.08 23.46 79.23
C THR G 845 -50.75 23.52 80.72
N GLY G 846 -51.30 22.58 81.48
CA GLY G 846 -50.82 22.26 82.81
C GLY G 846 -50.94 23.36 83.85
N LEU G 847 -51.83 24.31 83.67
CA LEU G 847 -51.98 25.39 84.64
C LEU G 847 -52.91 24.96 85.76
N LYS G 848 -52.42 25.03 87.01
CA LYS G 848 -53.19 24.61 88.17
C LYS G 848 -53.65 25.79 89.03
N LYS G 849 -53.06 26.96 88.87
CA LYS G 849 -53.42 28.13 89.68
C LYS G 849 -53.83 29.34 88.86
N LEU G 850 -54.13 29.17 87.58
CA LEU G 850 -54.54 30.31 86.76
C LEU G 850 -55.99 30.66 87.03
N ARG G 851 -56.22 31.87 87.54
CA ARG G 851 -57.58 32.34 87.78
C ARG G 851 -58.33 32.55 86.47
N SER G 852 -57.70 33.25 85.53
CA SER G 852 -58.34 33.61 84.27
C SER G 852 -57.27 33.97 83.26
N ILE G 853 -57.68 34.04 81.99
CA ILE G 853 -56.80 34.58 80.97
C ILE G 853 -56.75 36.09 81.06
N CYS G 854 -57.89 36.74 80.86
CA CYS G 854 -58.02 38.19 80.97
C CYS G 854 -59.50 38.54 80.88
N LYS G 855 -59.79 39.84 80.99
CA LYS G 855 -61.15 40.31 80.80
C LYS G 855 -61.55 40.21 79.33
N ALA G 856 -62.83 40.46 79.06
CA ALA G 856 -63.37 40.23 77.73
C ALA G 856 -62.64 41.06 76.68
N ARG G 857 -62.19 40.37 75.63
CA ARG G 857 -61.53 41.02 74.49
C ARG G 857 -61.87 40.24 73.23
N GLU G 858 -61.76 40.91 72.09
CA GLU G 858 -62.16 40.35 70.81
C GLU G 858 -60.95 39.83 70.05
N PHE G 859 -61.08 38.64 69.46
CA PHE G 859 -60.01 38.02 68.70
C PHE G 859 -60.41 37.97 67.22
N PRO G 860 -59.86 38.84 66.37
CA PRO G 860 -60.29 38.87 64.96
C PRO G 860 -59.66 37.79 64.09
N CYS G 861 -58.40 37.43 64.37
CA CYS G 861 -57.64 36.58 63.47
C CYS G 861 -57.23 35.24 64.06
N LEU G 862 -57.77 34.86 65.21
CA LEU G 862 -57.41 33.58 65.83
C LEU G 862 -57.76 32.41 64.92
N GLU G 863 -56.85 31.44 64.85
CA GLU G 863 -57.04 30.28 63.97
C GLU G 863 -57.31 29.00 64.75
N THR G 864 -56.50 28.70 65.77
CA THR G 864 -56.63 27.44 66.49
C THR G 864 -56.29 27.66 67.95
N LEU G 865 -57.09 27.05 68.83
CA LEU G 865 -56.90 27.10 70.27
C LEU G 865 -56.79 25.70 70.82
N ARG G 866 -55.78 25.47 71.66
CA ARG G 866 -55.54 24.16 72.27
C ARG G 866 -55.28 24.32 73.75
N VAL G 867 -56.10 23.67 74.58
CA VAL G 867 -55.97 23.71 76.03
C VAL G 867 -55.91 22.29 76.55
N GLU G 868 -54.95 22.00 77.40
CA GLU G 868 -54.79 20.68 78.00
C GLU G 868 -54.44 20.79 79.46
N ASP G 869 -55.12 19.99 80.29
CA ASP G 869 -54.83 19.87 81.72
C ASP G 869 -54.86 21.22 82.42
N CYS G 870 -55.96 21.94 82.26
CA CYS G 870 -56.20 23.22 82.93
C CYS G 870 -57.54 23.20 83.64
N PRO G 871 -57.66 22.48 84.76
CA PRO G 871 -58.95 22.36 85.42
C PRO G 871 -59.34 23.56 86.26
N ASN G 872 -58.38 24.38 86.70
CA ASN G 872 -58.65 25.49 87.59
C ASN G 872 -58.87 26.80 86.85
N LEU G 873 -58.82 26.81 85.52
CA LEU G 873 -59.16 28.00 84.76
C LEU G 873 -60.66 28.25 84.82
N ARG G 874 -61.05 29.50 85.07
CA ARG G 874 -62.45 29.80 85.28
C ARG G 874 -63.05 30.64 84.16
N SER G 875 -62.50 31.83 83.92
CA SER G 875 -63.09 32.75 82.95
C SER G 875 -62.12 33.03 81.82
N ILE G 876 -62.66 33.23 80.62
CA ILE G 876 -61.88 33.43 79.41
C ILE G 876 -62.43 34.62 78.64
N PRO G 877 -61.61 35.33 77.86
CA PRO G 877 -62.15 36.39 76.98
C PRO G 877 -62.84 35.84 75.75
N LEU G 878 -62.71 34.54 75.47
CA LEU G 878 -63.35 33.93 74.32
C LEU G 878 -64.87 33.96 74.47
N SER G 879 -65.55 34.64 73.55
CA SER G 879 -67.00 34.81 73.66
C SER G 879 -67.61 34.83 72.27
N CYS G 880 -68.92 34.61 72.22
CA CYS G 880 -69.64 34.61 70.95
C CYS G 880 -69.70 36.00 70.31
N THR G 881 -69.33 37.05 71.04
CA THR G 881 -69.34 38.40 70.47
C THR G 881 -68.40 38.55 69.28
N HIS G 882 -67.37 37.72 69.19
CA HIS G 882 -66.41 37.84 68.10
C HIS G 882 -67.05 37.38 66.79
N ASN G 883 -66.59 37.99 65.69
CA ASN G 883 -67.05 37.61 64.35
C ASN G 883 -66.09 36.62 63.72
N TYR G 884 -66.16 35.38 64.19
CA TYR G 884 -65.23 34.35 63.75
C TYR G 884 -65.46 33.99 62.29
N TRP G 885 -64.39 34.05 61.49
CA TRP G 885 -64.35 33.32 60.23
C TRP G 885 -63.00 32.65 60.07
N LYS G 886 -61.97 33.16 60.77
CA LYS G 886 -60.64 32.59 60.68
C LYS G 886 -60.42 31.45 61.65
N LEU G 887 -61.29 31.28 62.64
CA LEU G 887 -61.09 30.25 63.66
C LEU G 887 -61.30 28.88 63.03
N LYS G 888 -60.19 28.18 62.76
CA LYS G 888 -60.27 26.90 62.07
C LYS G 888 -60.85 25.82 62.97
N GLN G 889 -60.26 25.64 64.15
CA GLN G 889 -60.70 24.58 65.05
C GLN G 889 -60.26 24.92 66.47
N ILE G 890 -60.89 24.24 67.43
CA ILE G 890 -60.50 24.32 68.83
C ILE G 890 -60.38 22.88 69.35
N CYS G 891 -59.27 22.60 70.03
CA CYS G 891 -59.01 21.27 70.55
C CYS G 891 -58.73 21.37 72.04
N GLY G 892 -59.25 20.40 72.79
CA GLY G 892 -59.06 20.41 74.23
C GLY G 892 -59.84 19.31 74.91
N SER G 893 -59.79 19.32 76.23
CA SER G 893 -60.48 18.32 77.02
C SER G 893 -61.89 18.80 77.39
N VAL G 894 -62.82 17.84 77.50
CA VAL G 894 -64.19 18.17 77.86
C VAL G 894 -64.26 18.64 79.31
N GLU G 895 -63.37 18.16 80.17
CA GLU G 895 -63.35 18.60 81.56
C GLU G 895 -63.08 20.09 81.67
N TRP G 896 -62.22 20.62 80.80
CA TRP G 896 -61.94 22.05 80.79
C TRP G 896 -63.20 22.84 80.47
N TRP G 897 -64.00 22.37 79.52
CA TRP G 897 -65.28 22.99 79.24
C TRP G 897 -66.22 22.85 80.44
N GLU G 898 -66.18 21.71 81.13
CA GLU G 898 -67.04 21.49 82.28
C GLU G 898 -66.75 22.49 83.39
N LYS G 899 -65.47 22.73 83.68
CA LYS G 899 -65.09 23.58 84.80
C LYS G 899 -64.90 25.04 84.42
N LEU G 900 -65.18 25.42 83.18
CA LEU G 900 -65.05 26.80 82.76
C LEU G 900 -66.24 27.63 83.28
N GLN G 901 -66.08 28.95 83.17
CA GLN G 901 -67.16 29.89 83.44
C GLN G 901 -67.30 30.80 82.22
N TRP G 902 -68.54 31.23 81.95
CA TRP G 902 -68.87 31.87 80.69
C TRP G 902 -69.50 33.23 80.94
N GLU G 903 -69.11 34.21 80.12
CA GLU G 903 -69.74 35.53 80.17
C GLU G 903 -71.17 35.48 79.66
N ASN G 904 -71.38 34.81 78.53
CA ASN G 904 -72.70 34.63 77.94
C ASN G 904 -73.05 33.16 77.95
N ARG G 905 -74.30 32.84 78.31
CA ARG G 905 -74.71 31.46 78.43
C ARG G 905 -74.81 30.76 77.08
N LYS G 906 -74.80 31.52 75.98
CA LYS G 906 -74.78 30.91 74.66
C LYS G 906 -73.41 30.31 74.35
N GLU G 907 -72.37 30.77 75.03
CA GLU G 907 -71.01 30.28 74.76
C GLU G 907 -70.87 28.80 75.06
N VAL G 908 -71.69 28.29 75.99
CA VAL G 908 -71.58 26.89 76.40
C VAL G 908 -71.88 25.96 75.23
N ALA G 909 -72.92 26.28 74.46
CA ALA G 909 -73.30 25.44 73.33
C ALA G 909 -72.65 25.89 72.02
N CYS G 910 -72.57 27.20 71.78
CA CYS G 910 -72.06 27.70 70.51
C CYS G 910 -70.58 27.38 70.32
N LEU G 911 -69.76 27.71 71.32
CA LEU G 911 -68.32 27.48 71.22
C LEU G 911 -67.97 26.00 71.24
N ASP G 912 -68.87 25.15 71.71
CA ASP G 912 -68.65 23.71 71.68
C ASP G 912 -69.02 23.13 70.33
N SER G 913 -70.20 23.50 69.83
CA SER G 913 -70.69 22.93 68.58
C SER G 913 -69.98 23.50 67.35
N LYS G 914 -69.38 24.69 67.46
CA LYS G 914 -68.78 25.30 66.28
C LYS G 914 -67.34 24.86 66.05
N TYR G 915 -66.51 24.82 67.10
CA TYR G 915 -65.08 24.61 66.90
C TYR G 915 -64.45 23.57 67.80
N PHE G 916 -65.03 23.22 68.94
CA PHE G 916 -64.36 22.37 69.92
C PHE G 916 -64.18 20.96 69.37
N ILE G 917 -62.98 20.42 69.53
CA ILE G 917 -62.65 19.05 69.15
C ILE G 917 -62.06 18.35 70.36
N PRO G 918 -62.66 17.27 70.86
CA PRO G 918 -62.17 16.64 72.08
C PRO G 918 -60.81 15.96 71.86
N ILE G 919 -60.04 15.86 72.94
CA ILE G 919 -58.77 15.15 72.92
C ILE G 919 -58.96 13.74 73.46
N LEU H 36 -125.35 19.74 -33.81
CA LEU H 36 -124.90 18.36 -33.88
C LEU H 36 -123.38 18.27 -33.87
N HIS H 37 -122.84 17.72 -32.79
CA HIS H 37 -121.39 17.64 -32.60
C HIS H 37 -120.94 16.32 -31.99
N LEU H 38 -121.83 15.33 -31.88
CA LEU H 38 -121.52 14.12 -31.11
C LEU H 38 -120.41 13.31 -31.76
N LYS H 39 -120.47 13.11 -33.09
CA LYS H 39 -119.48 12.27 -33.74
C LYS H 39 -118.08 12.87 -33.68
N SER H 40 -117.95 14.17 -33.99
CA SER H 40 -116.66 14.83 -33.91
C SER H 40 -116.14 14.86 -32.48
N ASN H 41 -117.01 15.13 -31.52
CA ASN H 41 -116.57 15.19 -30.13
C ASN H 41 -116.15 13.82 -29.63
N TRP H 42 -116.81 12.76 -30.09
CA TRP H 42 -116.41 11.41 -29.69
C TRP H 42 -115.10 11.00 -30.35
N SER H 43 -114.87 11.40 -31.60
CA SER H 43 -113.56 11.17 -32.21
C SER H 43 -112.46 11.89 -31.44
N ASP H 44 -112.72 13.13 -31.04
CA ASP H 44 -111.76 13.86 -30.20
C ASP H 44 -111.56 13.16 -28.86
N LEU H 45 -112.63 12.60 -28.29
CA LEU H 45 -112.51 11.85 -27.05
C LEU H 45 -111.63 10.63 -27.23
N ASP H 46 -111.77 9.92 -28.36
CA ASP H 46 -110.91 8.77 -28.62
C ASP H 46 -109.44 9.17 -28.74
N LYS H 47 -109.18 10.27 -29.47
CA LYS H 47 -107.81 10.77 -29.57
C LYS H 47 -107.26 11.12 -28.20
N ALA H 48 -108.06 11.81 -27.38
CA ALA H 48 -107.63 12.18 -26.05
C ALA H 48 -107.38 10.96 -25.17
N LYS H 49 -108.21 9.94 -25.31
CA LYS H 49 -108.03 8.71 -24.52
C LYS H 49 -106.72 8.03 -24.88
N LYS H 50 -106.40 7.93 -26.18
CA LYS H 50 -105.14 7.31 -26.55
C LYS H 50 -103.94 8.13 -26.09
N LEU H 51 -104.03 9.46 -26.22
CA LEU H 51 -102.93 10.30 -25.74
C LEU H 51 -102.78 10.22 -24.23
N LEU H 52 -103.90 10.08 -23.51
CA LEU H 52 -103.86 9.95 -22.07
C LEU H 52 -103.24 8.62 -21.66
N LEU H 53 -103.53 7.55 -22.40
CA LEU H 53 -102.86 6.29 -22.13
C LEU H 53 -101.36 6.41 -22.34
N ALA H 54 -100.93 7.12 -23.40
CA ALA H 54 -99.50 7.31 -23.61
C ALA H 54 -98.86 8.10 -22.46
N VAL H 55 -99.51 9.19 -22.04
CA VAL H 55 -98.97 10.02 -20.96
C VAL H 55 -98.92 9.22 -19.66
N GLU H 56 -99.96 8.44 -19.39
CA GLU H 56 -99.97 7.60 -18.20
C GLU H 56 -98.85 6.57 -18.23
N THR H 57 -98.59 5.97 -19.40
CA THR H 57 -97.48 5.04 -19.51
C THR H 57 -96.16 5.73 -19.21
N THR H 58 -95.96 6.93 -19.76
CA THR H 58 -94.73 7.67 -19.49
C THR H 58 -94.59 7.98 -18.00
N VAL H 59 -95.66 8.43 -17.35
CA VAL H 59 -95.60 8.79 -15.95
C VAL H 59 -95.34 7.56 -15.09
N ARG H 60 -95.98 6.44 -15.42
CA ARG H 60 -95.77 5.21 -14.65
C ARG H 60 -94.34 4.71 -14.81
N ALA H 61 -93.78 4.80 -16.02
CA ALA H 61 -92.39 4.41 -16.20
C ALA H 61 -91.46 5.30 -15.38
N ARG H 62 -91.72 6.62 -15.39
CA ARG H 62 -90.89 7.54 -14.61
C ARG H 62 -90.99 7.25 -13.11
N VAL H 63 -92.19 6.91 -12.64
CA VAL H 63 -92.38 6.61 -11.22
C VAL H 63 -91.70 5.30 -10.84
N THR H 64 -91.83 4.28 -11.69
CA THR H 64 -91.17 3.01 -11.43
C THR H 64 -89.65 3.18 -11.43
N ALA H 65 -89.14 4.13 -12.23
CA ALA H 65 -87.73 4.46 -12.15
C ALA H 65 -87.36 5.11 -10.82
N GLU H 66 -88.34 5.63 -10.09
CA GLU H 66 -88.11 6.24 -8.79
C GLU H 66 -88.23 5.25 -7.64
N VAL H 67 -89.22 4.35 -7.72
CA VAL H 67 -89.37 3.33 -6.68
C VAL H 67 -88.18 2.37 -6.70
N ASP H 68 -87.54 2.21 -7.85
CA ASP H 68 -86.33 1.39 -7.93
C ASP H 68 -85.21 1.96 -7.07
N LYS H 69 -85.18 3.29 -6.91
CA LYS H 69 -84.23 3.95 -6.03
C LYS H 69 -84.71 4.01 -4.58
N LEU H 70 -85.67 3.17 -4.21
CA LEU H 70 -86.27 3.10 -2.89
C LEU H 70 -87.06 4.35 -2.53
N ASN H 71 -87.25 5.27 -3.47
CA ASN H 71 -88.09 6.43 -3.22
C ASN H 71 -89.57 6.03 -3.22
N ILE H 72 -90.40 6.94 -2.78
CA ILE H 72 -91.85 6.73 -2.77
C ILE H 72 -92.46 7.66 -3.81
N CYS H 73 -93.48 7.16 -4.52
CA CYS H 73 -94.15 7.94 -5.54
C CYS H 73 -94.68 9.25 -4.95
N ASP H 74 -94.47 10.34 -5.68
CA ASP H 74 -94.84 11.66 -5.19
C ASP H 74 -96.35 11.73 -4.98
N PRO H 75 -96.83 12.32 -3.88
CA PRO H 75 -98.28 12.28 -3.60
C PRO H 75 -99.13 12.90 -4.69
N GLN H 76 -98.68 14.00 -5.30
CA GLN H 76 -99.47 14.61 -6.37
C GLN H 76 -99.50 13.71 -7.60
N VAL H 77 -98.37 13.09 -7.95
CA VAL H 77 -98.36 12.12 -9.04
C VAL H 77 -99.25 10.94 -8.70
N GLN H 78 -99.26 10.52 -7.44
CA GLN H 78 -100.16 9.45 -7.02
C GLN H 78 -101.62 9.81 -7.20
N VAL H 79 -102.00 11.04 -6.84
CA VAL H 79 -103.37 11.49 -7.03
C VAL H 79 -103.73 11.52 -8.51
N TRP H 80 -102.82 12.03 -9.34
CA TRP H 80 -103.08 12.06 -10.78
C TRP H 80 -103.25 10.66 -11.34
N LEU H 81 -102.39 9.73 -10.94
CA LEU H 81 -102.50 8.35 -11.41
C LEU H 81 -103.80 7.72 -10.95
N ARG H 82 -104.22 8.00 -9.71
CA ARG H 82 -105.47 7.45 -9.21
C ARG H 82 -106.66 7.98 -10.00
N ARG H 83 -106.65 9.27 -10.34
CA ARG H 83 -107.72 9.82 -11.16
C ARG H 83 -107.73 9.19 -12.55
N VAL H 84 -106.54 8.99 -13.14
CA VAL H 84 -106.46 8.36 -14.44
C VAL H 84 -107.05 6.95 -14.39
N GLU H 85 -106.72 6.20 -13.34
CA GLU H 85 -107.28 4.87 -13.17
C GLU H 85 -108.80 4.92 -13.04
N GLU H 86 -109.30 5.85 -12.25
CA GLU H 86 -110.73 5.96 -11.96
C GLU H 86 -111.54 6.50 -13.13
N LEU H 87 -110.88 7.06 -14.17
CA LEU H 87 -111.61 7.67 -15.27
C LEU H 87 -112.60 6.70 -15.92
N GLN H 88 -112.14 5.53 -16.35
CA GLN H 88 -113.01 4.46 -16.86
C GLN H 88 -113.86 4.92 -18.05
N LEU H 89 -113.18 5.22 -19.16
CA LEU H 89 -113.90 5.66 -20.36
C LEU H 89 -114.64 4.53 -21.07
N ASP H 90 -114.39 3.28 -20.69
CA ASP H 90 -115.06 2.16 -21.35
C ASP H 90 -116.57 2.19 -21.14
N ALA H 91 -117.04 2.76 -20.03
CA ALA H 91 -118.48 2.84 -19.79
C ALA H 91 -119.16 3.71 -20.83
N ILE H 92 -118.65 4.92 -21.05
CA ILE H 92 -119.23 5.79 -22.06
C ILE H 92 -118.99 5.22 -23.45
N ASP H 93 -117.87 4.52 -23.65
CA ASP H 93 -117.65 3.83 -24.92
C ASP H 93 -118.78 2.85 -25.21
N GLU H 94 -119.13 2.00 -24.23
CA GLU H 94 -120.20 1.04 -24.41
C GLU H 94 -121.55 1.72 -24.57
N ASP H 95 -121.77 2.81 -23.83
CA ASP H 95 -123.03 3.53 -23.97
C ASP H 95 -123.19 4.11 -25.38
N TYR H 96 -122.11 4.67 -25.93
CA TYR H 96 -122.17 5.16 -27.30
C TYR H 96 -122.34 4.03 -28.29
N SER H 97 -121.73 2.87 -28.02
CA SER H 97 -121.93 1.71 -28.88
C SER H 97 -123.38 1.26 -28.91
N GLN H 98 -124.05 1.24 -27.74
CA GLN H 98 -125.47 0.91 -27.70
C GLN H 98 -126.31 1.97 -28.40
N LEU H 99 -125.95 3.25 -28.23
CA LEU H 99 -126.65 4.32 -28.93
C LEU H 99 -126.54 4.15 -30.43
N ARG H 100 -125.39 3.66 -30.92
CA ARG H 100 -125.24 3.39 -32.34
C ARG H 100 -126.24 2.36 -32.83
N LYS H 101 -126.49 1.30 -32.05
CA LYS H 101 -127.51 0.33 -32.40
C LYS H 101 -128.89 0.95 -32.34
N TYR H 102 -129.15 1.78 -31.33
CA TYR H 102 -130.42 2.50 -31.26
C TYR H 102 -130.57 3.48 -32.42
N SER H 103 -129.49 4.14 -32.80
CA SER H 103 -129.51 5.15 -33.85
C SER H 103 -129.19 4.59 -35.23
N CYS H 104 -129.50 3.31 -35.47
CA CYS H 104 -129.32 2.74 -36.81
C CYS H 104 -130.14 3.47 -37.86
N LEU H 105 -131.28 4.05 -37.47
CA LEU H 105 -132.08 4.90 -38.33
C LEU H 105 -132.06 6.30 -37.70
N GLY H 106 -131.53 7.27 -38.45
CA GLY H 106 -131.41 8.62 -37.92
C GLY H 106 -132.73 9.34 -37.72
N GLN H 107 -133.76 8.96 -38.49
CA GLN H 107 -135.06 9.61 -38.40
C GLN H 107 -136.00 8.96 -37.39
N CYS H 108 -135.62 7.82 -36.82
CA CYS H 108 -136.42 7.17 -35.79
C CYS H 108 -136.16 7.88 -34.47
N THR H 109 -137.11 8.71 -34.05
CA THR H 109 -136.89 9.59 -32.91
C THR H 109 -136.85 8.86 -31.57
N ILE H 110 -136.84 7.52 -31.57
CA ILE H 110 -136.77 6.78 -30.32
C ILE H 110 -135.42 6.95 -29.64
N HIS H 111 -134.34 6.99 -30.43
CA HIS H 111 -133.01 7.07 -29.83
C HIS H 111 -132.73 8.42 -29.18
N ALA H 112 -133.61 9.40 -29.38
CA ALA H 112 -133.38 10.73 -28.83
C ALA H 112 -133.29 10.71 -27.29
N HIS H 113 -133.90 9.72 -26.66
CA HIS H 113 -133.79 9.59 -25.21
C HIS H 113 -132.34 9.34 -24.79
N ARG H 114 -131.64 8.46 -25.51
CA ARG H 114 -130.26 8.15 -25.16
C ARG H 114 -129.29 9.18 -25.72
N ARG H 115 -129.60 9.74 -26.90
CA ARG H 115 -128.68 10.66 -27.55
C ARG H 115 -128.52 11.95 -26.74
N ALA H 116 -129.55 12.33 -25.99
CA ALA H 116 -129.48 13.56 -25.20
C ALA H 116 -128.40 13.48 -24.12
N SER H 117 -128.31 12.35 -23.43
CA SER H 117 -127.35 12.21 -22.34
C SER H 117 -125.93 12.09 -22.85
N ILE H 118 -125.73 11.38 -23.96
CA ILE H 118 -124.38 11.15 -24.47
C ILE H 118 -123.76 12.45 -24.94
N GLY H 119 -124.55 13.34 -25.52
CA GLY H 119 -124.04 14.62 -26.02
C GLY H 119 -123.40 15.49 -24.97
N ARG H 120 -123.73 15.30 -23.69
CA ARG H 120 -123.06 15.98 -22.60
C ARG H 120 -122.10 15.09 -21.82
N ARG H 121 -122.35 13.78 -21.79
CA ARG H 121 -121.41 12.87 -21.13
C ARG H 121 -120.08 12.82 -21.86
N VAL H 122 -120.11 12.94 -23.19
CA VAL H 122 -118.88 12.97 -23.97
C VAL H 122 -118.03 14.17 -23.57
N LEU H 123 -118.66 15.33 -23.41
CA LEU H 123 -117.93 16.50 -22.96
C LEU H 123 -117.44 16.34 -21.53
N GLU H 124 -118.28 15.78 -20.66
CA GLU H 124 -117.91 15.56 -19.27
C GLU H 124 -116.72 14.63 -19.13
N ALA H 125 -116.54 13.71 -20.08
CA ALA H 125 -115.34 12.88 -20.09
C ALA H 125 -114.16 13.54 -20.80
N LEU H 126 -114.43 14.30 -21.86
CA LEU H 126 -113.36 14.87 -22.68
C LEU H 126 -112.64 15.99 -21.95
N ASP H 127 -113.37 16.85 -21.23
CA ASP H 127 -112.70 17.91 -20.49
C ASP H 127 -111.80 17.33 -19.40
N GLU H 128 -112.28 16.29 -18.71
CA GLU H 128 -111.44 15.63 -17.71
C GLU H 128 -110.22 14.98 -18.34
N ALA H 129 -110.40 14.35 -19.51
CA ALA H 129 -109.28 13.72 -20.19
C ALA H 129 -108.24 14.74 -20.59
N ASN H 130 -108.67 15.89 -21.11
CA ASN H 130 -107.71 16.92 -21.51
C ASN H 130 -107.03 17.56 -20.30
N LYS H 131 -107.76 17.73 -19.19
CA LYS H 131 -107.14 18.25 -17.99
C LYS H 131 -106.09 17.28 -17.46
N LEU H 132 -106.38 15.98 -17.51
CA LEU H 132 -105.40 14.97 -17.11
C LEU H 132 -104.20 14.98 -18.06
N ILE H 133 -104.45 15.21 -19.35
CA ILE H 133 -103.35 15.34 -20.31
C ILE H 133 -102.43 16.49 -19.92
N GLU H 134 -103.02 17.66 -19.66
CA GLU H 134 -102.21 18.84 -19.38
C GLU H 134 -101.64 18.86 -17.97
N GLU H 135 -102.12 17.99 -17.08
CA GLU H 135 -101.53 17.88 -15.76
C GLU H 135 -100.34 16.93 -15.75
N GLY H 136 -100.53 15.71 -16.25
CA GLY H 136 -99.46 14.72 -16.23
C GLY H 136 -98.30 15.08 -17.14
N ARG H 137 -98.53 15.94 -18.13
CA ARG H 137 -97.46 16.42 -18.98
C ARG H 137 -96.64 17.51 -18.30
N ARG H 138 -97.09 18.01 -17.16
CA ARG H 138 -96.43 19.11 -16.47
C ARG H 138 -95.63 18.67 -15.26
N PHE H 139 -95.56 17.37 -14.99
CA PHE H 139 -94.79 16.88 -13.85
C PHE H 139 -93.30 16.96 -14.14
N LYS H 140 -92.53 17.30 -13.11
CA LYS H 140 -91.07 17.33 -13.22
C LYS H 140 -90.36 16.56 -12.12
N LYS H 141 -91.00 16.31 -10.98
CA LYS H 141 -90.48 15.42 -9.95
C LYS H 141 -91.52 14.35 -9.67
N PHE H 142 -91.06 13.12 -9.52
CA PHE H 142 -91.96 11.97 -9.42
C PHE H 142 -91.80 11.18 -8.13
N GLY H 143 -90.81 11.48 -7.31
CA GLY H 143 -90.64 10.77 -6.06
C GLY H 143 -89.90 11.61 -5.05
N PHE H 144 -90.12 11.27 -3.78
CA PHE H 144 -89.47 11.95 -2.66
C PHE H 144 -88.84 10.92 -1.74
N LYS H 145 -87.65 11.24 -1.25
CA LYS H 145 -86.93 10.32 -0.39
C LYS H 145 -87.62 10.19 0.95
N PRO H 146 -88.06 9.00 1.36
CA PRO H 146 -88.77 8.86 2.62
C PRO H 146 -87.85 9.05 3.82
N LEU H 147 -88.47 9.39 4.95
CA LEU H 147 -87.72 9.58 6.17
C LEU H 147 -87.12 8.25 6.62
N PRO H 148 -85.97 8.28 7.30
CA PRO H 148 -85.35 7.02 7.75
C PRO H 148 -86.26 6.25 8.69
N LYS H 149 -86.18 4.92 8.57
CA LYS H 149 -86.98 4.05 9.43
C LYS H 149 -86.53 4.20 10.88
N ILE H 150 -87.44 3.87 11.80
CA ILE H 150 -87.11 3.91 13.22
C ILE H 150 -85.94 2.99 13.51
N VAL H 151 -86.04 1.75 13.04
CA VAL H 151 -84.96 0.77 13.11
C VAL H 151 -84.91 0.03 11.79
N ASP H 152 -83.73 -0.01 11.16
CA ASP H 152 -83.61 -0.75 9.91
C ASP H 152 -83.08 -2.16 10.18
N PRO H 153 -83.60 -3.16 9.48
CA PRO H 153 -83.21 -4.55 9.78
C PRO H 153 -81.73 -4.78 9.56
N LEU H 154 -81.16 -5.65 10.38
CA LEU H 154 -79.78 -6.09 10.31
C LEU H 154 -79.73 -7.56 9.93
N PRO H 155 -78.55 -8.08 9.51
CA PRO H 155 -78.46 -9.49 9.09
C PRO H 155 -79.13 -10.48 10.03
N GLN H 156 -80.15 -11.15 9.54
CA GLN H 156 -80.95 -12.08 10.35
C GLN H 156 -80.52 -13.51 10.08
N ILE H 157 -79.41 -13.89 10.73
CA ILE H 157 -78.93 -15.26 10.63
C ILE H 157 -79.75 -16.16 11.55
N LYS H 158 -79.62 -17.47 11.35
CA LYS H 158 -80.27 -18.43 12.24
C LYS H 158 -79.49 -18.55 13.54
N THR H 159 -80.17 -18.33 14.66
CA THR H 159 -79.53 -18.28 15.96
C THR H 159 -80.10 -19.34 16.87
N PHE H 160 -79.23 -19.97 17.65
CA PHE H 160 -79.60 -21.04 18.57
C PHE H 160 -79.31 -20.64 20.00
N GLY H 161 -80.26 -20.93 20.90
CA GLY H 161 -80.06 -20.74 22.32
C GLY H 161 -79.80 -19.32 22.77
N LEU H 162 -80.26 -18.33 22.02
CA LEU H 162 -80.02 -16.93 22.36
C LEU H 162 -81.20 -16.30 23.08
N GLU H 163 -82.23 -17.07 23.40
CA GLU H 163 -83.46 -16.48 23.95
C GLU H 163 -83.24 -15.96 25.37
N THR H 164 -82.53 -16.72 26.21
CA THR H 164 -82.30 -16.28 27.59
C THR H 164 -81.42 -15.03 27.63
N MET H 165 -80.39 -14.99 26.81
CA MET H 165 -79.51 -13.82 26.72
C MET H 165 -80.27 -12.59 26.25
N LEU H 166 -81.10 -12.75 25.22
CA LEU H 166 -81.90 -11.62 24.73
C LEU H 166 -82.92 -11.20 25.78
N SER H 167 -83.45 -12.15 26.55
CA SER H 167 -84.37 -11.82 27.62
C SER H 167 -83.68 -11.00 28.70
N GLN H 168 -82.45 -11.37 29.08
CA GLN H 168 -81.70 -10.56 30.04
C GLN H 168 -81.43 -9.17 29.52
N LEU H 169 -81.01 -9.07 28.25
CA LEU H 169 -80.72 -7.75 27.68
C LEU H 169 -81.97 -6.89 27.64
N TYR H 170 -83.12 -7.47 27.27
CA TYR H 170 -84.36 -6.71 27.25
C TYR H 170 -84.82 -6.35 28.67
N ASP H 171 -84.56 -7.22 29.65
CA ASP H 171 -84.91 -6.91 31.03
C ASP H 171 -84.15 -5.70 31.52
N LEU H 172 -82.86 -5.60 31.19
CA LEU H 172 -82.12 -4.41 31.58
C LEU H 172 -82.51 -3.18 30.73
N PHE H 173 -82.80 -3.40 29.44
CA PHE H 173 -83.12 -2.28 28.56
C PHE H 173 -84.45 -1.63 28.94
N GLU H 174 -85.47 -2.44 29.24
CA GLU H 174 -86.79 -1.89 29.52
C GLU H 174 -86.88 -1.27 30.90
N LYS H 175 -86.14 -1.79 31.87
CA LYS H 175 -86.42 -1.50 33.28
C LYS H 175 -85.21 -0.97 34.02
N GLY H 176 -84.01 -1.17 33.46
CA GLY H 176 -82.80 -0.75 34.14
C GLY H 176 -82.74 0.75 34.36
N ASP H 177 -82.17 1.12 35.52
CA ASP H 177 -82.11 2.53 35.90
C ASP H 177 -81.09 3.30 35.08
N SER H 178 -79.92 2.71 34.85
CA SER H 178 -78.87 3.38 34.09
C SER H 178 -79.16 3.33 32.60
N ASN H 179 -78.87 4.42 31.91
CA ASN H 179 -79.15 4.52 30.49
C ASN H 179 -77.99 4.05 29.62
N ILE H 180 -76.84 3.73 30.20
CA ILE H 180 -75.73 3.14 29.48
C ILE H 180 -75.60 1.68 29.91
N ILE H 181 -75.73 0.78 28.94
CA ILE H 181 -75.75 -0.66 29.20
C ILE H 181 -74.55 -1.29 28.52
N GLY H 182 -73.81 -2.10 29.26
CA GLY H 182 -72.65 -2.77 28.71
C GLY H 182 -72.79 -4.27 28.68
N VAL H 183 -72.42 -4.89 27.56
CA VAL H 183 -72.42 -6.34 27.41
C VAL H 183 -70.99 -6.77 27.13
N TRP H 184 -70.49 -7.72 27.90
CA TRP H 184 -69.12 -8.18 27.75
C TRP H 184 -69.07 -9.69 27.70
N GLY H 185 -68.07 -10.20 26.99
CA GLY H 185 -67.88 -11.62 26.80
C GLY H 185 -66.67 -11.92 25.94
N GLN H 186 -66.23 -13.18 25.90
CA GLN H 186 -65.05 -13.56 25.14
C GLN H 186 -65.30 -13.44 23.64
N GLY H 187 -64.23 -13.44 22.85
CA GLY H 187 -64.37 -13.35 21.41
C GLY H 187 -65.16 -14.51 20.83
N GLY H 188 -66.14 -14.20 20.00
CA GLY H 188 -66.94 -15.22 19.35
C GLY H 188 -68.10 -15.75 20.16
N VAL H 189 -68.39 -15.16 21.32
CA VAL H 189 -69.48 -15.66 22.15
C VAL H 189 -70.84 -15.27 21.59
N GLY H 190 -70.94 -14.20 20.81
CA GLY H 190 -72.21 -13.83 20.22
C GLY H 190 -72.67 -12.42 20.50
N LYS H 191 -71.74 -11.52 20.87
CA LYS H 191 -72.13 -10.16 21.23
C LYS H 191 -72.69 -9.40 20.02
N THR H 192 -71.97 -9.44 18.89
CA THR H 192 -72.45 -8.78 17.69
C THR H 192 -73.75 -9.41 17.19
N THR H 193 -73.84 -10.73 17.23
CA THR H 193 -75.08 -11.39 16.86
C THR H 193 -76.21 -11.02 17.82
N LEU H 194 -75.88 -10.86 19.11
CA LEU H 194 -76.87 -10.38 20.06
C LEU H 194 -77.38 -9.00 19.69
N LEU H 195 -76.46 -8.09 19.31
CA LEU H 195 -76.89 -6.76 18.88
C LEU H 195 -77.76 -6.83 17.62
N HIS H 196 -77.40 -7.69 16.67
CA HIS H 196 -78.21 -7.82 15.46
C HIS H 196 -79.61 -8.32 15.79
N VAL H 197 -79.71 -9.35 16.64
CA VAL H 197 -81.02 -9.92 16.94
C VAL H 197 -81.81 -9.00 17.86
N PHE H 198 -81.13 -8.10 18.58
CA PHE H 198 -81.83 -7.15 19.42
C PHE H 198 -82.35 -5.98 18.59
N ASN H 199 -81.55 -5.49 17.66
CA ASN H 199 -82.00 -4.42 16.77
C ASN H 199 -83.14 -4.91 15.89
N ASN H 200 -83.03 -6.13 15.37
CA ASN H 200 -84.10 -6.68 14.53
C ASN H 200 -85.34 -6.98 15.36
N ASP H 201 -85.19 -7.16 16.67
CA ASP H 201 -86.34 -7.42 17.53
C ASP H 201 -87.09 -6.14 17.89
N LEU H 202 -86.41 -4.99 17.88
CA LEU H 202 -87.08 -3.74 18.20
C LEU H 202 -88.15 -3.38 17.19
N GLU H 203 -87.94 -3.68 15.91
CA GLU H 203 -88.92 -3.40 14.88
C GLU H 203 -90.17 -4.27 14.99
N LYS H 204 -90.15 -5.31 15.83
CA LYS H 204 -91.33 -6.14 16.05
C LYS H 204 -92.19 -5.60 17.18
N LYS H 205 -91.59 -5.17 18.28
CA LYS H 205 -92.36 -4.69 19.42
C LYS H 205 -92.71 -3.21 19.27
N ALA H 206 -93.37 -2.69 20.30
CA ALA H 206 -93.73 -1.28 20.37
C ALA H 206 -92.85 -0.59 21.41
N HIS H 207 -92.28 0.55 21.02
CA HIS H 207 -91.36 1.27 21.90
C HIS H 207 -91.46 2.76 21.60
N ASP H 208 -91.02 3.57 22.55
CA ASP H 208 -91.13 5.02 22.45
C ASP H 208 -89.96 5.64 21.71
N TYR H 209 -88.92 4.87 21.40
CA TYR H 209 -87.71 5.43 20.82
C TYR H 209 -87.93 5.81 19.36
N GLN H 210 -87.12 6.75 18.88
CA GLN H 210 -87.29 7.32 17.55
C GLN H 210 -86.23 6.90 16.55
N VAL H 211 -85.00 6.64 17.00
CA VAL H 211 -83.95 6.15 16.12
C VAL H 211 -83.17 5.07 16.85
N VAL H 212 -82.83 3.99 16.14
CA VAL H 212 -81.98 2.93 16.66
C VAL H 212 -80.77 2.85 15.75
N ILE H 213 -79.64 3.36 16.24
CA ILE H 213 -78.42 3.50 15.44
C ILE H 213 -77.47 2.37 15.84
N PHE H 214 -76.92 1.68 14.85
CA PHE H 214 -75.96 0.61 15.05
C PHE H 214 -74.61 1.08 14.49
N ILE H 215 -73.60 1.14 15.35
CA ILE H 215 -72.30 1.72 15.01
C ILE H 215 -71.24 0.66 15.26
N GLU H 216 -70.33 0.50 14.30
CA GLU H 216 -69.23 -0.45 14.41
C GLU H 216 -67.97 0.29 14.81
N VAL H 217 -67.68 0.31 16.12
CA VAL H 217 -66.43 0.89 16.60
C VAL H 217 -65.27 -0.10 16.46
N SER H 218 -65.57 -1.35 16.09
CA SER H 218 -64.53 -2.36 15.96
C SER H 218 -63.60 -2.10 14.78
N ASN H 219 -63.94 -1.13 13.94
CA ASN H 219 -63.13 -0.84 12.76
C ASN H 219 -61.66 -0.65 13.11
N SER H 220 -61.40 0.03 14.23
CA SER H 220 -60.03 0.22 14.70
C SER H 220 -60.06 0.58 16.18
N GLU H 221 -58.88 0.60 16.79
CA GLU H 221 -58.72 1.15 18.12
C GLU H 221 -58.38 2.64 18.09
N ALA H 222 -58.19 3.20 16.90
CA ALA H 222 -57.88 4.61 16.76
C ALA H 222 -59.13 5.49 16.75
N LEU H 223 -60.31 4.91 16.84
CA LEU H 223 -61.57 5.67 16.87
C LEU H 223 -61.74 6.54 15.62
N ASN H 224 -62.01 5.92 14.48
CA ASN H 224 -62.25 6.68 13.24
C ASN H 224 -63.58 7.43 13.39
N THR H 225 -63.43 8.70 13.78
CA THR H 225 -64.59 9.54 14.05
C THR H 225 -65.43 9.75 12.79
N VAL H 226 -64.78 9.77 11.63
CA VAL H 226 -65.43 10.28 10.41
C VAL H 226 -66.59 9.38 10.00
N GLU H 227 -66.37 8.07 9.89
CA GLU H 227 -67.46 7.21 9.45
C GLU H 227 -68.48 6.94 10.55
N ILE H 228 -68.10 7.07 11.82
CA ILE H 228 -69.10 7.00 12.88
C ILE H 228 -70.05 8.19 12.76
N GLN H 229 -69.51 9.38 12.53
CA GLN H 229 -70.35 10.55 12.31
C GLN H 229 -71.15 10.42 11.03
N GLN H 230 -70.57 9.79 10.01
CA GLN H 230 -71.33 9.52 8.78
C GLN H 230 -72.53 8.64 9.06
N THR H 231 -72.33 7.58 9.84
CA THR H 231 -73.43 6.69 10.18
C THR H 231 -74.50 7.42 10.98
N ILE H 232 -74.09 8.22 11.96
CA ILE H 232 -75.07 8.94 12.78
C ILE H 232 -75.86 9.94 11.94
N SER H 233 -75.17 10.69 11.07
CA SER H 233 -75.84 11.69 10.25
C SER H 233 -76.77 11.04 9.23
N GLU H 234 -76.31 9.98 8.56
CA GLU H 234 -77.15 9.25 7.62
C GLU H 234 -78.37 8.67 8.32
N ARG H 235 -78.21 8.24 9.57
CA ARG H 235 -79.32 7.70 10.33
C ARG H 235 -80.25 8.78 10.88
N LEU H 236 -79.81 10.03 10.90
CA LEU H 236 -80.62 11.14 11.38
C LEU H 236 -81.17 12.01 10.26
N ASN H 237 -81.07 11.55 9.01
CA ASN H 237 -81.54 12.29 7.84
C ASN H 237 -80.85 13.64 7.71
N LEU H 238 -79.59 13.74 8.13
CA LEU H 238 -78.86 14.99 8.06
C LEU H 238 -78.02 15.05 6.79
N PRO H 239 -77.81 16.25 6.25
CA PRO H 239 -76.90 16.38 5.10
C PRO H 239 -75.45 16.26 5.55
N TRP H 240 -74.65 15.62 4.70
CA TRP H 240 -73.23 15.39 5.02
C TRP H 240 -72.41 16.55 4.48
N ASN H 241 -72.05 17.47 5.38
CA ASN H 241 -71.15 18.57 5.06
C ASN H 241 -69.73 18.05 5.21
N ASP H 242 -69.12 17.66 4.09
CA ASP H 242 -67.86 16.93 4.13
C ASP H 242 -66.73 17.77 4.70
N ALA H 243 -66.71 19.06 4.39
CA ALA H 243 -65.60 19.91 4.78
C ALA H 243 -65.72 20.45 6.20
N GLU H 244 -66.81 20.14 6.90
CA GLU H 244 -67.00 20.64 8.25
C GLU H 244 -65.97 20.03 9.20
N PRO H 245 -65.42 20.81 10.14
CA PRO H 245 -64.48 20.24 11.10
C PRO H 245 -65.15 19.23 12.02
N ILE H 246 -64.35 18.28 12.52
CA ILE H 246 -64.89 17.17 13.29
C ILE H 246 -65.52 17.67 14.59
N ALA H 247 -64.89 18.64 15.25
CA ALA H 247 -65.44 19.15 16.51
C ALA H 247 -66.77 19.86 16.29
N LYS H 248 -66.88 20.66 15.23
CA LYS H 248 -68.14 21.34 14.94
C LYS H 248 -69.25 20.33 14.63
N ARG H 249 -68.93 19.30 13.85
CA ARG H 249 -69.91 18.24 13.58
C ARG H 249 -70.29 17.51 14.85
N ALA H 250 -69.33 17.29 15.76
CA ALA H 250 -69.64 16.62 17.02
C ALA H 250 -70.62 17.46 17.84
N ARG H 251 -70.38 18.77 17.92
CA ARG H 251 -71.32 19.63 18.63
C ARG H 251 -72.69 19.63 17.98
N PHE H 252 -72.72 19.66 16.64
CA PHE H 252 -73.99 19.66 15.92
C PHE H 252 -74.75 18.37 16.16
N LEU H 253 -74.05 17.22 16.17
CA LEU H 253 -74.69 15.95 16.44
C LEU H 253 -75.18 15.86 17.88
N ILE H 254 -74.41 16.40 18.83
CA ILE H 254 -74.85 16.44 20.21
C ILE H 254 -76.15 17.23 20.33
N LYS H 255 -76.24 18.36 19.62
CA LYS H 255 -77.49 19.10 19.59
C LYS H 255 -78.61 18.31 18.93
N ALA H 256 -78.30 17.60 17.85
CA ALA H 256 -79.33 16.91 17.07
C ALA H 256 -79.83 15.68 17.82
N LEU H 257 -78.92 14.88 18.37
CA LEU H 257 -79.33 13.65 19.05
C LEU H 257 -80.07 13.96 20.34
N GLY H 258 -79.83 15.15 20.93
CA GLY H 258 -80.54 15.53 22.12
C GLY H 258 -82.02 15.81 21.91
N ARG H 259 -82.44 15.96 20.65
CA ARG H 259 -83.84 16.22 20.33
C ARG H 259 -84.65 14.95 20.15
N LYS H 260 -84.01 13.78 20.15
CA LYS H 260 -84.70 12.52 19.86
C LYS H 260 -84.37 11.49 20.94
N ARG H 261 -85.32 10.58 21.16
CA ARG H 261 -85.11 9.45 22.05
C ARG H 261 -84.39 8.34 21.30
N PHE H 262 -83.06 8.34 21.34
CA PHE H 262 -82.28 7.45 20.51
C PHE H 262 -81.84 6.20 21.26
N VAL H 263 -81.52 5.16 20.50
CA VAL H 263 -80.82 3.97 21.00
C VAL H 263 -79.62 3.75 20.10
N ILE H 264 -78.43 3.80 20.67
CA ILE H 264 -77.19 3.61 19.92
C ILE H 264 -76.55 2.32 20.38
N LEU H 265 -76.33 1.40 19.45
CA LEU H 265 -75.72 0.11 19.72
C LEU H 265 -74.29 0.15 19.22
N LEU H 266 -73.34 0.18 20.15
CA LEU H 266 -71.91 0.23 19.81
C LEU H 266 -71.39 -1.19 19.75
N ASP H 267 -70.54 -1.48 18.77
CA ASP H 267 -70.03 -2.82 18.54
C ASP H 267 -68.53 -2.89 18.81
N ASP H 268 -68.15 -3.77 19.73
CA ASP H 268 -66.76 -4.14 19.98
C ASP H 268 -65.87 -2.91 20.13
N VAL H 269 -66.19 -2.13 21.16
CA VAL H 269 -65.37 -0.99 21.53
C VAL H 269 -64.17 -1.50 22.30
N ARG H 270 -62.97 -1.21 21.79
CA ARG H 270 -61.75 -1.80 22.32
C ARG H 270 -60.94 -0.85 23.18
N LYS H 271 -61.29 0.44 23.22
CA LYS H 271 -60.63 1.41 24.06
C LYS H 271 -61.66 2.40 24.58
N LYS H 272 -61.37 3.01 25.72
CA LYS H 272 -62.20 4.08 26.22
C LYS H 272 -62.14 5.28 25.28
N PHE H 273 -63.30 5.76 24.87
CA PHE H 273 -63.37 6.94 24.02
C PHE H 273 -64.49 7.84 24.52
N CYS H 274 -64.31 9.14 24.32
CA CYS H 274 -65.27 10.14 24.79
C CYS H 274 -66.41 10.25 23.79
N LEU H 275 -67.64 10.10 24.28
CA LEU H 275 -68.80 10.15 23.39
C LEU H 275 -69.01 11.54 22.82
N GLU H 276 -68.83 12.58 23.63
CA GLU H 276 -69.05 13.94 23.15
C GLU H 276 -68.07 14.37 22.07
N ASP H 277 -66.94 13.70 21.93
CA ASP H 277 -66.00 14.05 20.87
C ASP H 277 -66.36 13.36 19.56
N VAL H 278 -67.23 12.35 19.61
CA VAL H 278 -67.70 11.71 18.39
C VAL H 278 -69.08 12.21 17.98
N GLY H 279 -69.77 12.95 18.84
CA GLY H 279 -71.07 13.50 18.51
C GLY H 279 -72.20 12.92 19.31
N ILE H 280 -71.95 11.82 20.01
CA ILE H 280 -72.97 11.14 20.80
C ILE H 280 -73.07 11.81 22.17
N PRO H 281 -74.25 12.27 22.58
CA PRO H 281 -74.42 12.77 23.95
C PRO H 281 -74.57 11.61 24.91
N THR H 282 -73.91 11.69 26.05
CA THR H 282 -74.08 10.63 27.05
C THR H 282 -75.48 10.71 27.63
N PRO H 283 -76.25 9.63 27.55
CA PRO H 283 -77.61 9.66 28.12
C PRO H 283 -77.57 9.75 29.63
N ASP H 284 -78.58 10.43 30.19
CA ASP H 284 -78.68 10.61 31.63
C ASP H 284 -80.09 10.23 32.07
N ILE H 285 -80.30 10.29 33.39
CA ILE H 285 -81.58 9.88 33.96
C ILE H 285 -82.72 10.73 33.44
N ASN H 286 -82.47 12.03 33.25
CA ASN H 286 -83.52 12.92 32.76
C ASN H 286 -83.91 12.66 31.32
N SER H 287 -83.15 11.85 30.59
CA SER H 287 -83.44 11.54 29.20
C SER H 287 -83.81 10.07 29.07
N GLN H 288 -84.71 9.80 28.12
CA GLN H 288 -85.17 8.44 27.86
C GLN H 288 -84.20 7.66 26.98
N SER H 289 -83.21 8.33 26.38
CA SER H 289 -82.31 7.70 25.45
C SER H 289 -81.47 6.62 26.14
N LYS H 290 -81.11 5.60 25.37
CA LYS H 290 -80.29 4.50 25.85
C LYS H 290 -79.05 4.37 24.99
N LEU H 291 -78.06 3.64 25.50
CA LEU H 291 -76.79 3.43 24.81
C LEU H 291 -76.26 2.06 25.22
N ILE H 292 -76.19 1.13 24.28
CA ILE H 292 -75.73 -0.23 24.53
C ILE H 292 -74.42 -0.44 23.82
N LEU H 293 -73.38 -0.83 24.56
CA LEU H 293 -72.06 -1.09 24.01
C LEU H 293 -71.62 -2.49 24.37
N THR H 294 -70.99 -3.16 23.41
CA THR H 294 -70.43 -4.50 23.62
C THR H 294 -68.92 -4.44 23.47
N SER H 295 -68.22 -5.20 24.32
CA SER H 295 -66.77 -5.22 24.30
C SER H 295 -66.30 -6.51 24.96
N ARG H 296 -65.12 -6.97 24.55
CA ARG H 296 -64.52 -8.14 25.16
C ARG H 296 -64.00 -7.88 26.57
N TYR H 297 -63.78 -6.63 26.94
CA TYR H 297 -63.10 -6.27 28.17
C TYR H 297 -64.09 -5.64 29.14
N ARG H 298 -64.13 -6.17 30.37
CA ARG H 298 -64.92 -5.54 31.42
C ARG H 298 -64.34 -4.21 31.83
N GLU H 299 -63.03 -4.02 31.66
CA GLU H 299 -62.40 -2.75 31.99
C GLU H 299 -62.91 -1.62 31.10
N VAL H 300 -63.12 -1.90 29.81
CA VAL H 300 -63.65 -0.88 28.92
C VAL H 300 -65.08 -0.53 29.30
N CYS H 301 -65.91 -1.53 29.59
CA CYS H 301 -67.28 -1.27 29.97
C CYS H 301 -67.37 -0.50 31.29
N PHE H 302 -66.38 -0.67 32.17
CA PHE H 302 -66.34 0.13 33.39
C PHE H 302 -65.87 1.56 33.10
N GLN H 303 -64.94 1.70 32.16
CA GLN H 303 -64.44 3.03 31.82
C GLN H 303 -65.51 3.89 31.16
N MET H 304 -66.42 3.26 30.41
CA MET H 304 -67.49 3.97 29.73
C MET H 304 -68.73 4.15 30.58
N ASN H 305 -68.60 4.12 31.92
CA ASN H 305 -69.67 4.41 32.85
C ASN H 305 -70.84 3.43 32.74
N ALA H 306 -70.56 2.17 32.40
CA ALA H 306 -71.59 1.15 32.33
C ALA H 306 -71.48 0.13 33.45
N GLN H 307 -70.88 0.51 34.58
CA GLN H 307 -70.66 -0.44 35.67
C GLN H 307 -71.95 -0.94 36.28
N ARG H 308 -72.94 -0.07 36.43
CA ARG H 308 -74.18 -0.43 37.12
C ARG H 308 -75.14 -1.22 36.24
N SER H 309 -74.84 -1.38 34.96
CA SER H 309 -75.70 -2.18 34.08
C SER H 309 -74.90 -3.14 33.21
N LEU H 310 -73.95 -3.87 33.78
CA LEU H 310 -73.14 -4.80 33.02
C LEU H 310 -73.83 -6.15 32.90
N ILE H 311 -73.65 -6.80 31.76
CA ILE H 311 -74.12 -8.15 31.54
C ILE H 311 -72.96 -8.98 30.99
N GLU H 312 -72.79 -10.19 31.50
CA GLU H 312 -71.78 -11.11 30.99
C GLU H 312 -72.42 -12.04 29.96
N MET H 313 -71.85 -12.04 28.75
CA MET H 313 -72.34 -12.89 27.67
C MET H 313 -71.70 -14.26 27.82
N GLN H 314 -72.50 -15.21 28.30
CA GLN H 314 -71.99 -16.53 28.61
C GLN H 314 -72.02 -17.43 27.38
N ILE H 315 -71.23 -18.51 27.43
CA ILE H 315 -71.16 -19.45 26.32
C ILE H 315 -72.47 -20.23 26.20
N LEU H 316 -72.61 -20.91 25.06
CA LEU H 316 -73.86 -21.61 24.76
C LEU H 316 -74.00 -22.86 25.62
N GLY H 317 -75.24 -23.31 25.77
CA GLY H 317 -75.51 -24.47 26.59
C GLY H 317 -75.12 -25.77 25.92
N ASN H 318 -75.29 -26.87 26.67
CA ASN H 318 -74.89 -28.18 26.17
C ASN H 318 -75.72 -28.61 24.97
N ASP H 319 -77.04 -28.40 25.03
CA ASP H 319 -77.91 -28.86 23.96
C ASP H 319 -77.94 -27.87 22.80
N ALA H 320 -77.96 -26.58 23.11
CA ALA H 320 -77.97 -25.56 22.06
C ALA H 320 -76.69 -25.61 21.22
N SER H 321 -75.55 -25.82 21.86
CA SER H 321 -74.30 -26.00 21.13
C SER H 321 -74.36 -27.20 20.19
N TRP H 322 -74.89 -28.33 20.66
CA TRP H 322 -75.00 -29.50 19.79
C TRP H 322 -75.91 -29.23 18.60
N GLU H 323 -77.11 -28.68 18.84
CA GLU H 323 -78.01 -28.44 17.72
C GLU H 323 -77.54 -27.30 16.83
N LEU H 324 -76.60 -26.48 17.30
CA LEU H 324 -75.89 -25.56 16.41
C LEU H 324 -74.90 -26.32 15.54
N PHE H 325 -74.20 -27.29 16.14
CA PHE H 325 -73.24 -28.10 15.41
C PHE H 325 -73.92 -28.91 14.32
N LEU H 326 -75.12 -29.43 14.61
CA LEU H 326 -75.84 -30.25 13.63
C LEU H 326 -76.20 -29.45 12.39
N SER H 327 -76.64 -28.20 12.56
CA SER H 327 -77.05 -27.39 11.42
C SER H 327 -75.87 -27.02 10.52
N LYS H 328 -74.65 -27.21 11.00
CA LYS H 328 -73.47 -26.87 10.22
C LYS H 328 -72.98 -28.00 9.33
N LEU H 329 -73.59 -29.19 9.44
CA LEU H 329 -73.14 -30.34 8.68
C LEU H 329 -73.99 -30.52 7.42
N SER H 330 -73.39 -31.15 6.41
CA SER H 330 -74.11 -31.43 5.17
C SER H 330 -75.22 -32.45 5.41
N THR H 331 -76.07 -32.62 4.40
CA THR H 331 -77.24 -33.49 4.55
C THR H 331 -76.84 -34.93 4.80
N GLU H 332 -75.97 -35.48 3.94
CA GLU H 332 -75.56 -36.86 4.10
C GLU H 332 -74.77 -37.07 5.38
N THR H 333 -73.88 -36.12 5.70
CA THR H 333 -73.10 -36.22 6.94
C THR H 333 -74.00 -36.12 8.16
N SER H 334 -74.97 -35.20 8.14
CA SER H 334 -75.89 -35.07 9.27
C SER H 334 -76.76 -36.31 9.40
N ALA H 335 -77.06 -36.98 8.29
CA ALA H 335 -77.88 -38.19 8.34
C ALA H 335 -77.20 -39.32 9.12
N ALA H 336 -75.89 -39.22 9.34
CA ALA H 336 -75.18 -40.25 10.09
C ALA H 336 -75.23 -39.99 11.60
N VAL H 337 -75.16 -38.72 12.00
CA VAL H 337 -75.10 -38.38 13.43
C VAL H 337 -76.44 -37.92 13.99
N GLU H 338 -77.37 -37.47 13.16
CA GLU H 338 -78.69 -37.10 13.65
C GLU H 338 -79.49 -38.25 14.25
N PRO H 339 -79.64 -39.41 13.60
CA PRO H 339 -80.69 -40.35 14.03
C PRO H 339 -80.43 -40.94 15.41
N LEU H 340 -81.53 -41.27 16.09
CA LEU H 340 -81.51 -42.01 17.33
C LEU H 340 -82.30 -43.30 17.13
N GLY H 341 -82.35 -44.10 18.19
CA GLY H 341 -82.91 -45.45 18.05
C GLY H 341 -81.90 -46.40 17.46
N SER H 342 -81.39 -46.09 16.27
CA SER H 342 -80.21 -46.77 15.75
C SER H 342 -78.97 -46.18 16.41
N GLN H 343 -78.16 -47.04 17.02
CA GLN H 343 -77.07 -46.61 17.87
C GLN H 343 -75.73 -46.98 17.25
N SER H 344 -74.84 -46.00 17.18
CA SER H 344 -73.48 -46.21 16.68
C SER H 344 -72.58 -45.16 17.29
N ALA H 345 -71.28 -45.44 17.26
CA ALA H 345 -70.30 -44.58 17.92
C ALA H 345 -70.06 -43.26 17.19
N THR H 346 -70.55 -43.11 15.96
CA THR H 346 -70.33 -41.87 15.23
C THR H 346 -71.01 -40.70 15.92
N ARG H 347 -72.17 -40.94 16.54
CA ARG H 347 -72.81 -39.90 17.34
C ARG H 347 -71.92 -39.49 18.50
N GLU H 348 -71.28 -40.46 19.16
CA GLU H 348 -70.39 -40.15 20.26
C GLU H 348 -69.18 -39.34 19.79
N HIS H 349 -68.62 -39.71 18.64
CA HIS H 349 -67.48 -38.96 18.11
C HIS H 349 -67.86 -37.53 17.74
N ALA H 350 -69.02 -37.36 17.09
CA ALA H 350 -69.48 -36.02 16.76
C ALA H 350 -69.74 -35.20 18.01
N MET H 351 -70.32 -35.81 19.04
CA MET H 351 -70.55 -35.10 20.29
C MET H 351 -69.24 -34.73 20.97
N LYS H 352 -68.24 -35.61 20.91
CA LYS H 352 -66.92 -35.26 21.44
C LYS H 352 -66.32 -34.07 20.72
N ILE H 353 -66.44 -34.05 19.39
CA ILE H 353 -65.93 -32.91 18.62
C ILE H 353 -66.67 -31.64 18.99
N ALA H 354 -68.00 -31.73 19.16
CA ALA H 354 -68.78 -30.56 19.55
C ALA H 354 -68.39 -30.06 20.94
N GLN H 355 -68.19 -30.98 21.88
CA GLN H 355 -67.78 -30.58 23.23
C GLN H 355 -66.38 -30.00 23.24
N SER H 356 -65.54 -30.39 22.29
CA SER H 356 -64.21 -29.79 22.19
C SER H 356 -64.27 -28.31 21.83
N CYS H 357 -65.40 -27.82 21.34
CA CYS H 357 -65.57 -26.41 21.02
C CYS H 357 -65.87 -25.56 22.23
N GLY H 358 -66.22 -26.15 23.37
CA GLY H 358 -66.46 -25.39 24.58
C GLY H 358 -67.69 -24.53 24.56
N GLY H 359 -68.63 -24.79 23.65
CA GLY H 359 -69.84 -24.00 23.60
C GLY H 359 -69.68 -22.61 23.04
N LEU H 360 -68.53 -22.31 22.43
CA LEU H 360 -68.29 -20.99 21.86
C LEU H 360 -68.87 -20.97 20.45
N PRO H 361 -69.85 -20.10 20.15
CA PRO H 361 -70.51 -20.16 18.85
C PRO H 361 -69.57 -20.03 17.66
N LEU H 362 -68.52 -19.22 17.78
CA LEU H 362 -67.52 -19.15 16.72
C LEU H 362 -66.83 -20.49 16.55
N ALA H 363 -66.50 -21.15 17.66
CA ALA H 363 -65.92 -22.49 17.59
C ALA H 363 -66.87 -23.48 16.96
N LEU H 364 -68.14 -23.45 17.35
CA LEU H 364 -69.10 -24.36 16.75
C LEU H 364 -69.17 -24.15 15.24
N ASN H 365 -69.25 -22.89 14.81
CA ASN H 365 -69.35 -22.60 13.38
C ASN H 365 -68.11 -23.11 12.64
N VAL H 366 -66.92 -22.74 13.11
CA VAL H 366 -65.70 -23.10 12.39
C VAL H 366 -65.50 -24.61 12.35
N ILE H 367 -65.67 -25.27 13.51
CA ILE H 367 -65.42 -26.70 13.57
C ILE H 367 -66.46 -27.47 12.78
N GLY H 368 -67.73 -27.10 12.89
CA GLY H 368 -68.75 -27.77 12.10
C GLY H 368 -68.56 -27.58 10.61
N THR H 369 -68.13 -26.39 10.18
CA THR H 369 -67.84 -26.18 8.77
C THR H 369 -66.65 -27.04 8.33
N ALA H 370 -65.64 -27.16 9.18
CA ALA H 370 -64.47 -27.97 8.83
C ALA H 370 -64.83 -29.44 8.63
N VAL H 371 -65.72 -29.97 9.47
CA VAL H 371 -66.05 -31.39 9.44
C VAL H 371 -67.46 -31.58 8.86
N ALA H 372 -67.91 -30.62 8.05
CA ALA H 372 -69.26 -30.70 7.49
C ALA H 372 -69.40 -31.84 6.48
N GLY H 373 -68.30 -32.33 5.92
CA GLY H 373 -68.37 -33.35 4.90
C GLY H 373 -67.69 -34.65 5.30
N LEU H 374 -67.57 -34.89 6.60
CA LEU H 374 -66.92 -36.10 7.09
C LEU H 374 -67.71 -37.34 6.70
N GLU H 375 -67.02 -38.33 6.17
CA GLU H 375 -67.68 -39.61 5.87
C GLU H 375 -67.92 -40.40 7.14
N GLU H 376 -68.65 -41.51 7.00
CA GLU H 376 -69.07 -42.28 8.17
C GLU H 376 -67.89 -42.83 8.94
N GLY H 377 -66.89 -43.37 8.24
CA GLY H 377 -65.79 -44.05 8.88
C GLY H 377 -64.67 -43.18 9.41
N GLU H 378 -64.69 -41.87 9.12
CA GLU H 378 -63.60 -40.99 9.51
C GLU H 378 -63.84 -40.27 10.82
N TRP H 379 -65.09 -40.30 11.33
CA TRP H 379 -65.42 -39.58 12.57
C TRP H 379 -64.50 -39.98 13.72
N GLN H 380 -64.11 -41.25 13.78
CA GLN H 380 -63.31 -41.74 14.90
C GLN H 380 -61.97 -41.02 15.00
N SER H 381 -61.22 -41.00 13.90
CA SER H 381 -59.87 -40.41 13.93
C SER H 381 -59.94 -38.90 14.14
N ALA H 382 -60.89 -38.23 13.48
CA ALA H 382 -61.02 -36.78 13.67
C ALA H 382 -61.38 -36.44 15.10
N ALA H 383 -62.31 -37.20 15.69
CA ALA H 383 -62.68 -36.97 17.08
C ALA H 383 -61.52 -37.23 18.03
N ASP H 384 -60.74 -38.29 17.77
CA ASP H 384 -59.59 -38.58 18.62
C ASP H 384 -58.54 -37.48 18.53
N ALA H 385 -58.29 -36.95 17.34
CA ALA H 385 -57.24 -35.95 17.18
C ALA H 385 -57.70 -34.58 17.66
N ILE H 386 -59.01 -34.30 17.60
CA ILE H 386 -59.49 -32.97 17.99
C ILE H 386 -59.37 -32.76 19.49
N ALA H 387 -59.27 -33.84 20.26
CA ALA H 387 -59.17 -33.74 21.71
C ALA H 387 -57.81 -33.23 22.17
N THR H 388 -56.79 -33.25 21.31
CA THR H 388 -55.44 -32.87 21.69
C THR H 388 -54.88 -31.68 20.95
N ASN H 389 -55.28 -31.45 19.70
CA ASN H 389 -54.68 -30.40 18.89
C ASN H 389 -55.70 -29.86 17.91
N MET H 390 -55.48 -28.63 17.46
CA MET H 390 -56.37 -27.97 16.52
C MET H 390 -55.63 -27.20 15.43
N ASP H 391 -54.40 -27.61 15.10
CA ASP H 391 -53.66 -26.90 14.05
C ASP H 391 -53.89 -27.51 12.68
N ASN H 392 -54.32 -28.77 12.64
CA ASN H 392 -54.50 -29.49 11.37
C ASN H 392 -55.93 -29.41 10.85
N ILE H 393 -56.80 -28.62 11.47
CA ILE H 393 -58.21 -28.55 11.10
C ILE H 393 -58.45 -27.23 10.38
N ASP H 394 -59.24 -27.31 9.30
CA ASP H 394 -59.42 -26.18 8.39
C ASP H 394 -60.13 -25.02 9.07
N GLY H 395 -59.64 -23.80 8.81
CA GLY H 395 -60.30 -22.58 9.24
C GLY H 395 -60.00 -22.14 10.65
N VAL H 396 -59.22 -22.90 11.41
CA VAL H 396 -58.95 -22.55 12.80
C VAL H 396 -57.82 -21.53 12.90
N ASP H 397 -56.94 -21.48 11.90
CA ASP H 397 -55.87 -20.48 11.90
C ASP H 397 -56.43 -19.05 11.88
N GLU H 398 -57.41 -18.78 11.03
CA GLU H 398 -58.04 -17.46 11.03
C GLU H 398 -58.90 -17.24 12.27
N MET H 399 -59.45 -18.31 12.85
CA MET H 399 -60.04 -18.21 14.18
C MET H 399 -59.08 -17.64 15.20
N PHE H 400 -57.88 -18.24 15.30
CA PHE H 400 -56.94 -17.77 16.30
C PHE H 400 -56.40 -16.40 15.95
N GLY H 401 -56.31 -16.08 14.65
CA GLY H 401 -56.01 -14.71 14.27
C GLY H 401 -57.06 -13.72 14.74
N ARG H 402 -58.34 -14.12 14.69
CA ARG H 402 -59.42 -13.26 15.16
C ARG H 402 -59.40 -13.11 16.68
N LEU H 403 -59.14 -14.20 17.40
CA LEU H 403 -59.16 -14.15 18.86
C LEU H 403 -57.85 -13.64 19.44
N LYS H 404 -56.83 -13.46 18.60
CA LYS H 404 -55.50 -13.14 19.10
C LYS H 404 -55.39 -11.70 19.58
N TYR H 405 -56.33 -10.83 19.20
CA TYR H 405 -56.19 -9.43 19.58
C TYR H 405 -56.25 -9.25 21.10
N SER H 406 -57.12 -10.02 21.77
CA SER H 406 -57.19 -9.96 23.22
C SER H 406 -55.86 -10.31 23.87
N PHE H 407 -55.01 -11.09 23.20
CA PHE H 407 -53.68 -11.42 23.68
C PHE H 407 -52.66 -10.37 23.30
N ASP H 408 -52.76 -9.82 22.08
CA ASP H 408 -51.84 -8.78 21.64
C ASP H 408 -52.02 -7.50 22.41
N ARG H 409 -53.22 -7.26 22.96
CA ARG H 409 -53.45 -6.08 23.77
C ARG H 409 -52.63 -6.10 25.05
N LEU H 410 -52.24 -7.28 25.52
CA LEU H 410 -51.60 -7.41 26.82
C LEU H 410 -50.17 -6.87 26.79
N THR H 411 -49.69 -6.47 27.96
CA THR H 411 -48.29 -6.16 28.14
C THR H 411 -47.47 -7.45 28.12
N PRO H 412 -46.16 -7.36 27.83
CA PRO H 412 -45.36 -8.59 27.76
C PRO H 412 -45.39 -9.43 29.03
N THR H 413 -45.42 -8.80 30.21
CA THR H 413 -45.54 -9.58 31.43
C THR H 413 -46.87 -10.33 31.49
N GLN H 414 -47.96 -9.68 31.11
CA GLN H 414 -49.25 -10.37 31.08
C GLN H 414 -49.27 -11.45 30.02
N GLN H 415 -48.59 -11.23 28.89
CA GLN H 415 -48.50 -12.25 27.86
C GLN H 415 -47.78 -13.49 28.38
N GLN H 416 -46.66 -13.28 29.10
CA GLN H 416 -45.93 -14.41 29.67
C GLN H 416 -46.76 -15.11 30.74
N CYS H 417 -47.48 -14.34 31.56
CA CYS H 417 -48.31 -14.94 32.59
C CYS H 417 -49.46 -15.73 32.01
N PHE H 418 -49.99 -15.31 30.86
CA PHE H 418 -51.08 -16.05 30.23
C PHE H 418 -50.58 -17.35 29.62
N LEU H 419 -49.43 -17.29 28.93
CA LEU H 419 -48.85 -18.50 28.35
C LEU H 419 -48.45 -19.49 29.43
N TYR H 420 -48.01 -18.98 30.59
CA TYR H 420 -47.62 -19.85 31.68
C TYR H 420 -48.80 -20.67 32.18
N CYS H 421 -50.02 -20.16 32.05
CA CYS H 421 -51.19 -20.89 32.50
C CYS H 421 -51.64 -21.98 31.53
N THR H 422 -51.07 -22.01 30.32
CA THR H 422 -51.53 -22.97 29.32
C THR H 422 -50.97 -24.36 29.58
N LEU H 423 -49.95 -24.49 30.42
CA LEU H 423 -49.33 -25.79 30.66
C LEU H 423 -49.96 -26.54 31.83
N PHE H 424 -51.02 -26.01 32.42
CA PHE H 424 -51.78 -26.74 33.42
C PHE H 424 -52.77 -27.69 32.72
N PRO H 425 -53.20 -28.75 33.41
CA PRO H 425 -54.05 -29.74 32.75
C PRO H 425 -55.37 -29.16 32.29
N GLU H 426 -55.86 -29.69 31.17
CA GLU H 426 -57.15 -29.25 30.63
C GLU H 426 -58.28 -29.68 31.55
N TYR H 427 -59.35 -28.90 31.56
CA TYR H 427 -60.52 -29.11 32.41
C TYR H 427 -60.18 -29.09 33.90
N GLY H 428 -59.08 -28.48 34.29
CA GLY H 428 -58.66 -28.43 35.67
C GLY H 428 -58.52 -27.01 36.18
N SER H 429 -59.27 -26.68 37.22
CA SER H 429 -59.15 -25.38 37.86
C SER H 429 -57.87 -25.31 38.67
N ILE H 430 -57.22 -24.15 38.64
CA ILE H 430 -55.98 -23.93 39.37
C ILE H 430 -56.17 -22.75 40.30
N SER H 431 -55.41 -22.76 41.40
CA SER H 431 -55.58 -21.74 42.44
C SER H 431 -54.74 -20.51 42.12
N LYS H 432 -55.25 -19.35 42.53
CA LYS H 432 -54.55 -18.09 42.28
C LYS H 432 -53.22 -18.04 43.03
N GLU H 433 -53.20 -18.55 44.27
CA GLU H 433 -51.99 -18.47 45.08
C GLU H 433 -50.85 -19.28 44.47
N GLN H 434 -51.14 -20.49 43.99
CA GLN H 434 -50.11 -21.31 43.37
C GLN H 434 -49.53 -20.61 42.14
N LEU H 435 -50.39 -20.08 41.29
CA LEU H 435 -49.95 -19.42 40.07
C LEU H 435 -49.14 -18.17 40.38
N ILE H 436 -49.56 -17.40 41.39
CA ILE H 436 -48.82 -16.21 41.78
C ILE H 436 -47.47 -16.58 42.37
N GLY H 437 -47.40 -17.69 43.10
CA GLY H 437 -46.11 -18.16 43.58
C GLY H 437 -45.17 -18.56 42.45
N TYR H 438 -45.71 -19.27 41.46
CA TYR H 438 -44.91 -19.63 40.30
C TYR H 438 -44.40 -18.39 39.59
N TRP H 439 -45.26 -17.39 39.41
CA TRP H 439 -44.84 -16.15 38.76
C TRP H 439 -43.80 -15.40 39.58
N LEU H 440 -43.96 -15.35 40.90
CA LEU H 440 -42.98 -14.70 41.76
C LEU H 440 -41.63 -15.36 41.64
N ALA H 441 -41.60 -16.70 41.64
CA ALA H 441 -40.35 -17.41 41.47
C ALA H 441 -39.74 -17.17 40.08
N GLU H 442 -40.58 -17.15 39.04
CA GLU H 442 -40.09 -17.00 37.67
C GLU H 442 -39.48 -15.63 37.41
N GLY H 443 -39.73 -14.67 38.28
CA GLY H 443 -39.25 -13.31 38.06
C GLY H 443 -40.16 -12.44 37.24
N LEU H 444 -41.33 -12.95 36.84
CA LEU H 444 -42.30 -12.13 36.13
C LEU H 444 -42.83 -11.00 37.02
N LEU H 445 -43.02 -11.29 38.31
CA LEU H 445 -43.43 -10.31 39.29
C LEU H 445 -42.20 -9.81 40.04
N LEU H 446 -42.09 -8.49 40.19
CA LEU H 446 -40.96 -7.92 40.91
C LEU H 446 -41.14 -8.07 42.41
N ASN H 447 -41.18 -9.32 42.88
CA ASN H 447 -41.37 -9.66 44.30
C ASN H 447 -42.64 -9.06 44.88
N ASP H 448 -43.69 -8.94 44.07
CA ASP H 448 -44.95 -8.35 44.49
C ASP H 448 -46.09 -9.31 44.15
N SER H 449 -46.79 -9.80 45.17
CA SER H 449 -47.92 -10.70 44.94
C SER H 449 -49.15 -9.95 44.45
N GLU H 450 -49.34 -8.71 44.91
CA GLU H 450 -50.47 -7.93 44.43
C GLU H 450 -50.37 -7.68 42.92
N LYS H 451 -49.15 -7.55 42.40
CA LYS H 451 -48.99 -7.45 40.96
C LYS H 451 -49.49 -8.71 40.27
N GLY H 452 -49.24 -9.88 40.86
CA GLY H 452 -49.79 -11.11 40.30
C GLY H 452 -51.30 -11.14 40.35
N TYR H 453 -51.88 -10.68 41.45
CA TYR H 453 -53.35 -10.59 41.52
C TYR H 453 -53.89 -9.63 40.47
N GLN H 454 -53.22 -8.50 40.24
CA GLN H 454 -53.65 -7.57 39.21
C GLN H 454 -53.54 -8.19 37.82
N ILE H 455 -52.49 -8.96 37.58
CA ILE H 455 -52.35 -9.63 36.28
C ILE H 455 -53.48 -10.65 36.09
N ILE H 456 -53.81 -11.39 37.15
CA ILE H 456 -54.92 -12.34 37.07
C ILE H 456 -56.22 -11.61 36.78
N ARG H 457 -56.45 -10.48 37.45
CA ARG H 457 -57.67 -9.71 37.20
C ARG H 457 -57.72 -9.17 35.78
N SER H 458 -56.57 -8.72 35.26
CA SER H 458 -56.51 -8.23 33.90
C SER H 458 -56.84 -9.35 32.90
N LEU H 459 -56.32 -10.55 33.16
CA LEU H 459 -56.63 -11.69 32.30
C LEU H 459 -58.10 -12.05 32.39
N VAL H 460 -58.69 -11.99 33.58
CA VAL H 460 -60.10 -12.31 33.73
C VAL H 460 -60.97 -11.27 33.03
N SER H 461 -60.61 -9.99 33.12
CA SER H 461 -61.38 -8.94 32.48
C SER H 461 -61.32 -9.00 30.97
N ALA H 462 -60.25 -9.53 30.40
CA ALA H 462 -60.12 -9.70 28.96
C ALA H 462 -60.68 -11.04 28.49
N CYS H 463 -61.29 -11.81 29.39
CA CYS H 463 -61.89 -13.11 29.13
C CYS H 463 -60.85 -14.17 28.74
N LEU H 464 -59.57 -13.90 28.97
CA LEU H 464 -58.56 -14.91 28.72
C LEU H 464 -58.50 -15.97 29.81
N LEU H 465 -58.98 -15.64 31.01
CA LEU H 465 -59.12 -16.61 32.09
C LEU H 465 -60.54 -16.49 32.65
N GLN H 466 -60.95 -17.52 33.39
CA GLN H 466 -62.27 -17.56 33.98
C GLN H 466 -62.15 -17.86 35.46
N VAL H 467 -62.80 -17.04 36.28
CA VAL H 467 -62.88 -17.33 37.72
C VAL H 467 -64.01 -18.32 37.94
N SER H 468 -63.68 -19.48 38.50
CA SER H 468 -64.66 -20.54 38.65
C SER H 468 -64.24 -21.46 39.79
N GLY H 469 -65.20 -22.20 40.32
CA GLY H 469 -64.94 -23.14 41.39
C GLY H 469 -65.93 -22.93 42.52
N SER H 470 -65.73 -23.70 43.59
CA SER H 470 -66.52 -23.50 44.80
C SER H 470 -66.25 -22.14 45.43
N MET H 471 -65.13 -21.50 45.09
CA MET H 471 -64.82 -20.16 45.55
C MET H 471 -63.99 -19.48 44.47
N SER H 472 -64.01 -18.15 44.48
CA SER H 472 -63.32 -17.38 43.45
C SER H 472 -61.80 -17.46 43.56
N SER H 473 -61.26 -18.28 44.45
CA SER H 473 -59.82 -18.43 44.59
C SER H 473 -59.20 -19.25 43.47
N LYS H 474 -60.01 -19.89 42.63
CA LYS H 474 -59.52 -20.72 41.54
C LYS H 474 -59.82 -20.06 40.20
N VAL H 475 -58.86 -20.15 39.28
CA VAL H 475 -59.02 -19.68 37.91
C VAL H 475 -58.87 -20.86 36.97
N LYS H 476 -59.41 -20.71 35.75
CA LYS H 476 -59.32 -21.74 34.73
C LYS H 476 -59.40 -21.09 33.36
N MET H 477 -59.04 -21.86 32.34
CA MET H 477 -59.00 -21.38 30.97
C MET H 477 -60.03 -22.13 30.13
N HIS H 478 -60.76 -21.38 29.31
CA HIS H 478 -61.68 -21.99 28.36
C HIS H 478 -60.90 -22.83 27.36
N HIS H 479 -61.51 -23.91 26.88
CA HIS H 479 -60.80 -24.88 26.04
C HIS H 479 -60.26 -24.21 24.78
N VAL H 480 -61.09 -23.41 24.12
CA VAL H 480 -60.63 -22.71 22.92
C VAL H 480 -59.53 -21.71 23.26
N ILE H 481 -59.63 -21.06 24.42
CA ILE H 481 -58.58 -20.12 24.82
C ILE H 481 -57.28 -20.87 25.11
N ARG H 482 -57.36 -22.06 25.71
CA ARG H 482 -56.15 -22.85 25.92
C ARG H 482 -55.54 -23.29 24.60
N GLN H 483 -56.38 -23.67 23.63
CA GLN H 483 -55.87 -24.01 22.31
C GLN H 483 -55.20 -22.81 21.65
N LEU H 484 -55.79 -21.62 21.83
CA LEU H 484 -55.17 -20.40 21.32
C LEU H 484 -53.82 -20.17 21.98
N GLY H 485 -53.72 -20.40 23.29
CA GLY H 485 -52.44 -20.25 23.97
C GLY H 485 -51.39 -21.20 23.46
N LEU H 486 -51.78 -22.46 23.27
CA LEU H 486 -50.84 -23.45 22.73
C LEU H 486 -50.42 -23.09 21.31
N TRP H 487 -51.36 -22.61 20.49
CA TRP H 487 -51.04 -22.19 19.14
C TRP H 487 -50.10 -21.00 19.13
N LEU H 488 -50.28 -20.06 20.05
CA LEU H 488 -49.37 -18.92 20.16
C LEU H 488 -47.99 -19.37 20.61
N VAL H 489 -47.93 -20.33 21.53
CA VAL H 489 -46.64 -20.88 21.96
C VAL H 489 -45.93 -21.52 20.78
N ASN H 490 -46.66 -22.31 20.00
CA ASN H 490 -46.07 -22.94 18.82
C ASN H 490 -45.60 -21.90 17.81
N LYS H 491 -46.36 -20.82 17.63
CA LYS H 491 -45.97 -19.75 16.73
C LYS H 491 -44.75 -19.00 17.24
N SER H 492 -44.52 -19.00 18.54
CA SER H 492 -43.40 -18.28 19.13
C SER H 492 -42.09 -19.04 18.89
N ASP H 493 -40.98 -18.35 19.15
CA ASP H 493 -39.65 -18.91 18.97
C ASP H 493 -39.10 -19.56 20.23
N THR H 494 -39.88 -19.61 21.30
CA THR H 494 -39.48 -20.26 22.55
C THR H 494 -40.42 -21.45 22.77
N LYS H 495 -39.90 -22.65 22.58
CA LYS H 495 -40.72 -23.84 22.64
C LYS H 495 -41.10 -24.17 24.08
N PHE H 496 -42.33 -24.64 24.25
CA PHE H 496 -42.78 -25.23 25.50
C PHE H 496 -43.00 -26.73 25.29
N LEU H 497 -42.77 -27.51 26.34
CA LEU H 497 -43.12 -28.93 26.35
C LEU H 497 -44.32 -29.09 27.27
N VAL H 498 -45.51 -29.21 26.67
CA VAL H 498 -46.75 -29.18 27.42
C VAL H 498 -47.56 -30.45 27.18
N GLN H 499 -47.44 -31.41 28.10
CA GLN H 499 -48.24 -32.63 28.06
C GLN H 499 -48.81 -32.95 29.44
N PRO H 500 -49.67 -32.08 29.99
CA PRO H 500 -50.34 -32.43 31.24
C PRO H 500 -51.70 -33.04 31.01
N GLY H 501 -52.18 -33.79 31.99
CA GLY H 501 -53.53 -34.30 31.97
C GLY H 501 -53.84 -35.21 30.80
N MET H 502 -52.80 -35.71 30.14
CA MET H 502 -52.97 -36.56 28.96
C MET H 502 -53.01 -38.04 29.31
N ALA H 503 -53.02 -38.39 30.60
CA ALA H 503 -53.00 -39.78 31.05
C ALA H 503 -51.79 -40.52 30.48
N LEU H 504 -50.66 -39.81 30.42
CA LEU H 504 -49.44 -40.41 29.91
C LEU H 504 -48.94 -41.48 30.87
N ASP H 505 -48.65 -42.66 30.33
CA ASP H 505 -48.19 -43.78 31.14
C ASP H 505 -46.67 -43.86 31.26
N ASN H 506 -45.94 -43.12 30.41
CA ASN H 506 -44.48 -43.10 30.48
C ASN H 506 -44.01 -41.73 30.04
N ALA H 507 -42.82 -41.34 30.51
CA ALA H 507 -42.30 -40.02 30.22
C ALA H 507 -42.05 -39.85 28.72
N PRO H 508 -42.17 -38.64 28.20
CA PRO H 508 -41.91 -38.42 26.78
C PRO H 508 -40.43 -38.58 26.46
N SER H 509 -40.13 -38.71 25.17
CA SER H 509 -38.76 -38.89 24.69
C SER H 509 -37.88 -37.73 25.13
N ALA H 510 -36.67 -38.05 25.60
CA ALA H 510 -35.79 -37.04 26.15
C ALA H 510 -35.28 -36.07 25.09
N GLU H 511 -35.46 -36.38 23.80
CA GLU H 511 -35.04 -35.47 22.74
C GLU H 511 -35.90 -34.21 22.69
N GLU H 512 -37.18 -34.30 23.03
CA GLU H 512 -38.06 -33.15 22.97
C GLU H 512 -37.75 -32.11 24.03
N TRP H 513 -36.91 -32.44 25.01
CA TRP H 513 -36.61 -31.56 26.12
C TRP H 513 -35.44 -30.62 25.84
N ASN H 514 -34.92 -30.59 24.62
CA ASN H 514 -33.70 -29.84 24.35
C ASN H 514 -33.93 -28.33 24.38
N GLU H 515 -34.76 -27.83 23.47
CA GLU H 515 -34.94 -26.39 23.32
C GLU H 515 -36.10 -25.84 24.15
N ALA H 516 -36.89 -26.70 24.79
CA ALA H 516 -38.03 -26.23 25.56
C ALA H 516 -37.57 -25.43 26.77
N THR H 517 -38.36 -24.42 27.14
CA THR H 517 -38.09 -23.60 28.30
C THR H 517 -39.02 -23.88 29.47
N ARG H 518 -40.25 -24.32 29.20
CA ARG H 518 -41.19 -24.72 30.23
C ARG H 518 -41.58 -26.18 30.02
N ILE H 519 -41.48 -26.98 31.08
CA ILE H 519 -41.83 -28.39 31.04
C ILE H 519 -43.00 -28.62 32.00
N SER H 520 -44.02 -29.31 31.52
CA SER H 520 -45.19 -29.61 32.34
C SER H 520 -45.76 -30.96 31.93
N ILE H 521 -45.67 -31.93 32.83
CA ILE H 521 -46.23 -33.25 32.62
C ILE H 521 -47.13 -33.62 33.80
N MET H 522 -47.76 -32.60 34.39
CA MET H 522 -48.61 -32.80 35.55
C MET H 522 -49.76 -33.75 35.25
N SER H 523 -50.38 -34.26 36.31
CA SER H 523 -51.59 -35.09 36.27
C SER H 523 -51.42 -36.33 35.39
N ASN H 524 -50.18 -36.68 35.06
CA ASN H 524 -49.94 -37.91 34.32
C ASN H 524 -49.72 -39.07 35.27
N ASN H 525 -49.82 -40.28 34.72
CA ASN H 525 -49.57 -41.50 35.47
C ASN H 525 -48.13 -41.97 35.34
N ILE H 526 -47.18 -41.04 35.23
CA ILE H 526 -45.77 -41.39 35.08
C ILE H 526 -45.34 -42.28 36.22
N THR H 527 -44.63 -43.36 35.90
CA THR H 527 -44.13 -44.29 36.91
C THR H 527 -42.62 -44.25 37.07
N GLU H 528 -41.87 -43.98 35.99
CA GLU H 528 -40.42 -43.99 36.05
C GLU H 528 -39.88 -42.81 35.25
N LEU H 529 -38.90 -42.11 35.85
CA LEU H 529 -38.23 -40.98 35.20
C LEU H 529 -36.72 -41.24 35.36
N SER H 530 -36.14 -41.91 34.38
CA SER H 530 -34.78 -42.43 34.51
C SER H 530 -33.77 -41.66 33.68
N PHE H 531 -34.15 -41.17 32.49
CA PHE H 531 -33.18 -40.51 31.63
C PHE H 531 -32.74 -39.17 32.22
N SER H 532 -31.56 -38.73 31.80
CA SER H 532 -31.06 -37.41 32.18
C SER H 532 -31.20 -36.48 30.99
N PRO H 533 -32.10 -35.49 31.04
CA PRO H 533 -32.38 -34.69 29.85
C PRO H 533 -31.28 -33.66 29.58
N LYS H 534 -31.39 -33.02 28.42
CA LYS H 534 -30.47 -31.97 27.99
C LYS H 534 -31.03 -30.58 28.24
N CYS H 535 -31.81 -30.41 29.32
CA CYS H 535 -32.57 -29.18 29.55
C CYS H 535 -31.68 -28.02 29.98
N LYS H 536 -30.96 -27.42 29.03
CA LYS H 536 -30.12 -26.27 29.35
C LYS H 536 -30.96 -25.01 29.57
N ASN H 537 -31.94 -24.76 28.70
CA ASN H 537 -32.69 -23.51 28.72
C ASN H 537 -33.93 -23.56 29.62
N VAL H 538 -34.24 -24.72 30.20
CA VAL H 538 -35.48 -24.88 30.95
C VAL H 538 -35.48 -24.00 32.19
N THR H 539 -36.58 -23.31 32.43
CA THR H 539 -36.77 -22.52 33.63
C THR H 539 -37.96 -22.95 34.48
N THR H 540 -38.63 -24.05 34.15
CA THR H 540 -39.77 -24.52 34.92
C THR H 540 -39.97 -26.02 34.72
N LEU H 541 -40.13 -26.75 35.81
CA LEU H 541 -40.50 -28.17 35.79
C LEU H 541 -41.72 -28.36 36.67
N LEU H 542 -42.77 -28.94 36.10
CA LEU H 542 -44.00 -29.23 36.85
C LEU H 542 -44.30 -30.72 36.74
N MET H 543 -44.45 -31.37 37.88
CA MET H 543 -44.83 -32.78 37.96
C MET H 543 -45.87 -33.04 39.04
N GLN H 544 -46.77 -32.10 39.27
CA GLN H 544 -47.83 -32.30 40.27
C GLN H 544 -48.74 -33.45 39.86
N ASN H 545 -49.29 -34.11 40.87
CA ASN H 545 -50.32 -35.15 40.67
C ASN H 545 -49.80 -36.31 39.81
N ASN H 546 -48.54 -36.69 40.00
CA ASN H 546 -48.04 -37.94 39.43
C ASN H 546 -48.03 -38.99 40.53
N PRO H 547 -49.11 -39.76 40.67
CA PRO H 547 -49.24 -40.62 41.86
C PRO H 547 -48.29 -41.80 41.90
N ASN H 548 -47.74 -42.23 40.76
CA ASN H 548 -46.92 -43.43 40.73
C ASN H 548 -45.44 -43.14 40.48
N LEU H 549 -45.07 -41.91 40.16
CA LEU H 549 -43.68 -41.58 39.88
C LEU H 549 -42.91 -41.56 41.20
N ASN H 550 -42.07 -42.57 41.41
CA ASN H 550 -41.32 -42.70 42.66
C ASN H 550 -39.83 -42.96 42.46
N LYS H 551 -39.38 -43.26 41.26
CA LYS H 551 -37.96 -43.50 41.00
C LYS H 551 -37.44 -42.43 40.04
N MET H 552 -36.41 -41.72 40.48
CA MET H 552 -35.78 -40.68 39.69
C MET H 552 -34.27 -40.87 39.76
N SER H 553 -33.63 -40.90 38.60
CA SER H 553 -32.21 -41.19 38.54
C SER H 553 -31.40 -40.00 39.07
N TYR H 554 -30.32 -40.31 39.79
CA TYR H 554 -29.42 -39.27 40.26
C TYR H 554 -28.75 -38.60 39.06
N GLY H 555 -28.43 -37.32 39.22
CA GLY H 555 -27.94 -36.54 38.10
C GLY H 555 -29.00 -36.08 37.13
N PHE H 556 -30.28 -36.23 37.49
CA PHE H 556 -31.37 -35.77 36.63
C PHE H 556 -31.32 -34.26 36.45
N PHE H 557 -31.00 -33.53 37.52
CA PHE H 557 -30.94 -32.08 37.50
C PHE H 557 -29.57 -31.54 37.11
N ARG H 558 -28.73 -32.34 36.45
CA ARG H 558 -27.39 -31.88 36.11
C ARG H 558 -27.43 -30.72 35.13
N THR H 559 -28.29 -30.79 34.11
CA THR H 559 -28.36 -29.74 33.09
C THR H 559 -29.28 -28.59 33.47
N MET H 560 -30.00 -28.70 34.59
CA MET H 560 -30.86 -27.61 35.05
C MET H 560 -30.09 -26.48 35.71
N SER H 561 -29.27 -25.76 34.95
CA SER H 561 -28.48 -24.66 35.50
C SER H 561 -29.31 -23.38 35.60
N SER H 562 -30.54 -23.43 35.11
CA SER H 562 -31.42 -22.28 35.19
C SER H 562 -32.85 -22.62 35.59
N LEU H 563 -33.12 -23.82 36.09
CA LEU H 563 -34.45 -24.20 36.54
C LEU H 563 -34.84 -23.32 37.73
N LYS H 564 -35.91 -22.55 37.58
CA LYS H 564 -36.33 -21.63 38.62
C LYS H 564 -37.51 -22.13 39.43
N VAL H 565 -38.43 -22.87 38.81
CA VAL H 565 -39.59 -23.42 39.49
C VAL H 565 -39.56 -24.93 39.32
N LEU H 566 -39.67 -25.67 40.44
CA LEU H 566 -39.65 -27.12 40.42
C LEU H 566 -40.74 -27.62 41.36
N ASP H 567 -41.71 -28.34 40.82
CA ASP H 567 -42.85 -28.84 41.57
C ASP H 567 -42.89 -30.37 41.51
N LEU H 568 -42.66 -31.01 42.64
CA LEU H 568 -42.94 -32.43 42.83
C LEU H 568 -43.96 -32.54 43.96
N SER H 569 -45.23 -32.41 43.63
CA SER H 569 -46.29 -32.44 44.62
C SER H 569 -47.28 -33.54 44.28
N HIS H 570 -47.85 -34.14 45.33
CA HIS H 570 -48.79 -35.26 45.19
C HIS H 570 -48.15 -36.41 44.42
N THR H 571 -46.84 -36.56 44.58
CA THR H 571 -46.09 -37.61 43.89
C THR H 571 -45.54 -38.58 44.93
N ALA H 572 -45.08 -39.73 44.44
CA ALA H 572 -44.73 -40.85 45.31
C ALA H 572 -43.24 -41.00 45.58
N ILE H 573 -42.43 -39.99 45.25
CA ILE H 573 -41.00 -40.11 45.49
C ILE H 573 -40.72 -40.11 46.98
N THR H 574 -39.72 -40.88 47.39
CA THR H 574 -39.22 -40.86 48.76
C THR H 574 -37.83 -40.26 48.89
N SER H 575 -37.18 -39.97 47.76
CA SER H 575 -35.85 -39.39 47.77
C SER H 575 -35.72 -38.45 46.59
N LEU H 576 -34.75 -37.53 46.68
CA LEU H 576 -34.54 -36.55 45.64
C LEU H 576 -33.13 -36.66 45.08
N PRO H 577 -32.96 -36.53 43.76
CA PRO H 577 -31.61 -36.58 43.18
C PRO H 577 -30.74 -35.42 43.64
N GLU H 578 -29.43 -35.52 43.39
CA GLU H 578 -28.50 -34.47 43.78
C GLU H 578 -28.80 -33.18 43.02
N CYS H 579 -28.67 -32.05 43.73
CA CYS H 579 -29.10 -30.77 43.17
C CYS H 579 -28.02 -29.70 43.24
N ASP H 580 -26.75 -30.06 43.16
CA ASP H 580 -25.69 -29.06 43.19
C ASP H 580 -25.74 -28.13 41.99
N ALA H 581 -26.31 -28.58 40.87
CA ALA H 581 -26.38 -27.76 39.67
C ALA H 581 -27.55 -26.79 39.68
N LEU H 582 -28.45 -26.88 40.67
CA LEU H 582 -29.57 -25.96 40.77
C LEU H 582 -29.13 -24.64 41.35
N VAL H 583 -28.32 -23.88 40.58
CA VAL H 583 -27.73 -22.66 41.10
C VAL H 583 -28.73 -21.51 41.18
N ALA H 584 -29.83 -21.58 40.42
CA ALA H 584 -30.76 -20.47 40.32
C ALA H 584 -32.17 -20.84 40.78
N LEU H 585 -32.37 -22.02 41.33
CA LEU H 585 -33.71 -22.42 41.77
C LEU H 585 -34.18 -21.51 42.90
N GLU H 586 -35.43 -21.05 42.79
CA GLU H 586 -36.03 -20.16 43.78
C GLU H 586 -37.30 -20.71 44.40
N HIS H 587 -37.93 -21.70 43.77
CA HIS H 587 -39.15 -22.31 44.28
C HIS H 587 -39.00 -23.82 44.19
N LEU H 588 -39.39 -24.52 45.24
CA LEU H 588 -39.30 -25.98 45.29
C LEU H 588 -40.41 -26.49 46.19
N ASN H 589 -41.42 -27.09 45.60
CA ASN H 589 -42.59 -27.61 46.32
C ASN H 589 -42.53 -29.13 46.34
N LEU H 590 -42.64 -29.72 47.53
CA LEU H 590 -42.67 -31.17 47.68
C LEU H 590 -43.85 -31.63 48.54
N SER H 591 -44.95 -30.89 48.54
CA SER H 591 -46.07 -31.22 49.42
C SER H 591 -46.74 -32.52 49.00
N HIS H 592 -47.30 -33.21 49.98
CA HIS H 592 -48.05 -34.46 49.77
C HIS H 592 -47.21 -35.54 49.11
N THR H 593 -45.91 -35.57 49.42
CA THR H 593 -45.01 -36.59 48.90
C THR H 593 -44.35 -37.33 50.05
N HIS H 594 -43.88 -38.54 49.75
CA HIS H 594 -43.31 -39.43 50.75
C HIS H 594 -41.81 -39.23 50.96
N ILE H 595 -41.27 -38.06 50.65
CA ILE H 595 -39.87 -37.78 50.92
C ILE H 595 -39.63 -37.87 52.42
N MET H 596 -38.70 -38.74 52.84
CA MET H 596 -38.49 -38.94 54.26
C MET H 596 -37.38 -38.05 54.80
N ARG H 597 -36.35 -37.79 54.00
CA ARG H 597 -35.28 -36.89 54.41
C ARG H 597 -34.90 -36.02 53.22
N LEU H 598 -34.44 -34.82 53.51
CA LEU H 598 -34.18 -33.88 52.43
C LEU H 598 -32.68 -33.75 52.22
N PRO H 599 -32.19 -33.89 50.98
CA PRO H 599 -30.74 -33.98 50.76
C PRO H 599 -29.99 -32.75 51.26
N GLU H 600 -28.75 -32.98 51.70
CA GLU H 600 -27.92 -31.92 52.26
C GLU H 600 -27.47 -30.91 51.21
N ARG H 601 -27.51 -31.27 49.92
CA ARG H 601 -27.10 -30.33 48.89
C ARG H 601 -28.07 -29.16 48.77
N LEU H 602 -29.26 -29.27 49.36
CA LEU H 602 -30.23 -28.18 49.30
C LEU H 602 -29.77 -26.96 50.08
N TRP H 603 -29.04 -27.16 51.17
CA TRP H 603 -28.66 -26.05 52.04
C TRP H 603 -27.64 -25.11 51.40
N LEU H 604 -27.00 -25.50 50.30
CA LEU H 604 -26.08 -24.64 49.59
C LEU H 604 -26.74 -23.88 48.44
N LEU H 605 -28.04 -24.08 48.22
CA LEU H 605 -28.77 -23.36 47.19
C LEU H 605 -28.97 -21.92 47.65
N LYS H 606 -28.09 -21.04 47.20
CA LYS H 606 -28.07 -19.67 47.71
C LYS H 606 -29.26 -18.86 47.20
N GLU H 607 -29.82 -19.23 46.05
CA GLU H 607 -30.86 -18.43 45.42
C GLU H 607 -32.27 -18.85 45.82
N LEU H 608 -32.42 -19.87 46.65
CA LEU H 608 -33.76 -20.36 46.98
C LEU H 608 -34.54 -19.31 47.76
N ARG H 609 -35.84 -19.21 47.45
CA ARG H 609 -36.72 -18.24 48.10
C ARG H 609 -37.95 -18.86 48.74
N HIS H 610 -38.41 -20.01 48.26
CA HIS H 610 -39.60 -20.65 48.79
C HIS H 610 -39.41 -22.15 48.79
N LEU H 611 -39.55 -22.76 49.97
CA LEU H 611 -39.48 -24.21 50.12
C LEU H 611 -40.74 -24.68 50.84
N ASP H 612 -41.48 -25.58 50.18
CA ASP H 612 -42.74 -26.09 50.73
C ASP H 612 -42.63 -27.60 50.88
N LEU H 613 -42.92 -28.09 52.09
CA LEU H 613 -42.96 -29.53 52.36
C LEU H 613 -44.17 -29.92 53.18
N SER H 614 -45.31 -29.27 52.95
CA SER H 614 -46.49 -29.51 53.77
C SER H 614 -47.08 -30.89 53.53
N VAL H 615 -47.73 -31.43 54.56
CA VAL H 615 -48.45 -32.70 54.50
C VAL H 615 -47.52 -33.82 54.01
N THR H 616 -46.23 -33.68 54.27
CA THR H 616 -45.28 -34.74 53.96
C THR H 616 -45.34 -35.79 55.08
N VAL H 617 -46.03 -36.90 54.80
CA VAL H 617 -46.27 -37.90 55.84
C VAL H 617 -44.97 -38.57 56.28
N ALA H 618 -44.10 -38.91 55.32
CA ALA H 618 -42.89 -39.66 55.64
C ALA H 618 -41.72 -38.78 56.06
N PHE H 619 -41.86 -37.46 55.96
CA PHE H 619 -40.75 -36.57 56.27
C PHE H 619 -40.38 -36.69 57.74
N GLU H 620 -39.09 -36.99 58.00
CA GLU H 620 -38.62 -37.12 59.38
C GLU H 620 -37.22 -36.55 59.57
N ASP H 621 -36.78 -35.61 58.74
CA ASP H 621 -35.43 -35.06 58.79
C ASP H 621 -35.42 -33.78 59.60
N THR H 622 -34.37 -33.59 60.41
CA THR H 622 -34.22 -32.37 61.18
C THR H 622 -33.98 -31.18 60.26
N MET H 623 -34.51 -30.02 60.64
CA MET H 623 -34.40 -28.82 59.82
C MET H 623 -33.30 -27.88 60.29
N ASN H 624 -32.34 -28.35 61.10
CA ASN H 624 -31.34 -27.46 61.65
C ASN H 624 -30.46 -26.83 60.58
N ASN H 625 -30.22 -27.55 59.47
CA ASN H 625 -29.38 -27.03 58.41
C ASN H 625 -30.06 -25.95 57.58
N CYS H 626 -31.33 -25.63 57.86
CA CYS H 626 -31.99 -24.56 57.13
C CYS H 626 -31.36 -23.20 57.41
N SER H 627 -30.54 -23.08 58.45
CA SER H 627 -29.87 -21.83 58.76
C SER H 627 -28.97 -21.37 57.61
N LYS H 628 -28.37 -22.31 56.88
CA LYS H 628 -27.55 -21.95 55.73
C LYS H 628 -28.37 -21.39 54.58
N LEU H 629 -29.69 -21.52 54.64
CA LEU H 629 -30.58 -20.99 53.61
C LEU H 629 -31.06 -19.58 53.96
N HIS H 630 -30.13 -18.63 53.94
CA HIS H 630 -30.44 -17.27 54.39
C HIS H 630 -31.47 -16.59 53.51
N LYS H 631 -31.35 -16.74 52.20
CA LYS H 631 -32.17 -15.98 51.25
C LYS H 631 -33.63 -16.41 51.23
N LEU H 632 -33.96 -17.55 51.84
CA LEU H 632 -35.32 -18.07 51.78
C LEU H 632 -36.32 -17.09 52.37
N LYS H 633 -37.45 -16.92 51.69
CA LYS H 633 -38.52 -16.03 52.12
C LYS H 633 -39.70 -16.77 52.72
N VAL H 634 -39.97 -18.00 52.30
CA VAL H 634 -41.13 -18.77 52.75
C VAL H 634 -40.70 -20.21 53.01
N LEU H 635 -41.10 -20.73 54.16
CA LEU H 635 -40.84 -22.12 54.54
C LEU H 635 -42.12 -22.70 55.13
N ASN H 636 -42.66 -23.74 54.49
CA ASN H 636 -43.93 -24.33 54.90
C ASN H 636 -43.71 -25.77 55.31
N LEU H 637 -44.18 -26.12 56.51
CA LEU H 637 -44.18 -27.50 57.00
C LEU H 637 -45.54 -27.90 57.57
N PHE H 638 -46.63 -27.30 57.08
CA PHE H 638 -47.94 -27.53 57.67
C PHE H 638 -48.35 -28.99 57.55
N ARG H 639 -48.85 -29.55 58.66
CA ARG H 639 -49.31 -30.92 58.77
C ARG H 639 -48.20 -31.94 58.51
N SER H 640 -46.95 -31.50 58.42
CA SER H 640 -45.85 -32.43 58.27
C SER H 640 -45.69 -33.27 59.54
N HIS H 641 -45.34 -34.54 59.37
CA HIS H 641 -45.18 -35.43 60.50
C HIS H 641 -43.97 -35.09 61.36
N TYR H 642 -42.95 -34.44 60.78
CA TYR H 642 -41.78 -34.01 61.52
C TYR H 642 -41.71 -32.49 61.55
N GLY H 643 -41.19 -31.98 62.65
CA GLY H 643 -41.07 -30.56 62.83
C GLY H 643 -40.44 -30.20 64.16
N ILE H 644 -41.05 -29.24 64.84
CA ILE H 644 -40.59 -28.81 66.16
C ILE H 644 -41.18 -29.70 67.25
N ARG H 645 -40.56 -30.86 67.46
CA ARG H 645 -40.98 -31.73 68.54
C ARG H 645 -40.41 -31.27 69.88
N ASP H 646 -39.40 -30.41 69.85
CA ASP H 646 -38.80 -29.85 71.06
C ASP H 646 -38.17 -28.52 70.70
N VAL H 647 -37.83 -27.75 71.75
CA VAL H 647 -37.25 -26.42 71.57
C VAL H 647 -35.90 -26.46 70.89
N ASP H 648 -35.27 -27.64 70.79
CA ASP H 648 -33.95 -27.74 70.19
C ASP H 648 -33.92 -27.27 68.74
N ASN H 649 -35.00 -27.46 67.99
CA ASN H 649 -35.07 -27.02 66.60
C ASN H 649 -35.86 -25.74 66.43
N LEU H 650 -35.85 -24.87 67.43
CA LEU H 650 -36.45 -23.54 67.33
C LEU H 650 -35.47 -22.49 66.84
N ASN H 651 -34.52 -22.89 66.00
CA ASN H 651 -33.45 -22.01 65.54
C ASN H 651 -33.87 -21.26 64.28
N LEU H 652 -35.18 -21.08 64.09
CA LEU H 652 -35.68 -20.38 62.92
C LEU H 652 -35.31 -18.90 62.91
N ASP H 653 -34.79 -18.36 64.02
CA ASP H 653 -34.31 -16.99 64.03
C ASP H 653 -33.15 -16.75 63.07
N SER H 654 -32.49 -17.81 62.62
CA SER H 654 -31.49 -17.66 61.57
C SER H 654 -32.11 -17.33 60.22
N LEU H 655 -33.40 -17.62 60.04
CA LEU H 655 -34.11 -17.29 58.80
C LEU H 655 -34.55 -15.83 58.86
N LYS H 656 -33.60 -14.95 58.55
CA LYS H 656 -33.81 -13.52 58.67
C LYS H 656 -34.69 -12.95 57.57
N GLU H 657 -34.78 -13.63 56.42
CA GLU H 657 -35.59 -13.17 55.30
C GLU H 657 -37.00 -13.75 55.31
N LEU H 658 -37.34 -14.61 56.26
CA LEU H 658 -38.60 -15.34 56.23
C LEU H 658 -39.78 -14.38 56.42
N LEU H 659 -40.87 -14.64 55.70
CA LEU H 659 -42.08 -13.84 55.77
C LEU H 659 -43.32 -14.65 56.13
N PHE H 660 -43.45 -15.87 55.62
CA PHE H 660 -44.61 -16.73 55.88
C PHE H 660 -44.11 -18.13 56.21
N LEU H 661 -44.77 -18.78 57.18
CA LEU H 661 -44.39 -20.11 57.59
C LEU H 661 -45.59 -20.84 58.18
N GLY H 662 -45.57 -22.16 58.06
CA GLY H 662 -46.52 -23.03 58.71
C GLY H 662 -45.82 -24.27 59.21
N ILE H 663 -46.11 -24.72 60.44
CA ILE H 663 -45.38 -25.82 61.05
C ILE H 663 -46.30 -26.53 62.02
N THR H 664 -45.91 -27.73 62.44
CA THR H 664 -46.67 -28.53 63.39
C THR H 664 -46.07 -28.39 64.78
N ILE H 665 -46.92 -28.15 65.77
CA ILE H 665 -46.49 -27.93 67.15
C ILE H 665 -46.91 -29.13 67.99
N TYR H 666 -45.98 -29.63 68.81
CA TYR H 666 -46.21 -30.81 69.61
C TYR H 666 -46.13 -30.60 71.12
N ALA H 667 -45.81 -29.40 71.59
CA ALA H 667 -45.52 -29.24 73.01
C ALA H 667 -46.12 -27.96 73.57
N GLU H 668 -46.59 -28.04 74.81
CA GLU H 668 -47.03 -26.84 75.54
C GLU H 668 -45.88 -25.88 75.79
N ASP H 669 -44.73 -26.42 76.22
CA ASP H 669 -43.60 -25.55 76.53
C ASP H 669 -43.10 -24.82 75.30
N VAL H 670 -43.26 -25.38 74.11
CA VAL H 670 -42.93 -24.64 72.89
C VAL H 670 -43.93 -23.50 72.68
N LEU H 671 -45.21 -23.75 72.98
CA LEU H 671 -46.19 -22.69 72.88
C LEU H 671 -45.87 -21.55 73.84
N LYS H 672 -45.37 -21.87 75.03
CA LYS H 672 -44.93 -20.82 75.95
C LYS H 672 -43.59 -20.22 75.56
N LYS H 673 -42.78 -20.93 74.78
CA LYS H 673 -41.56 -20.38 74.18
C LYS H 673 -41.86 -19.45 73.03
N LEU H 674 -43.03 -19.56 72.42
CA LEU H 674 -43.52 -18.61 71.44
C LEU H 674 -44.55 -17.65 72.03
N ASN H 675 -44.65 -17.59 73.35
CA ASN H 675 -45.64 -16.76 74.04
C ASN H 675 -45.17 -15.31 74.11
N MET H 676 -43.93 -15.06 73.71
CA MET H 676 -43.36 -13.71 73.72
C MET H 676 -43.43 -13.13 72.31
N PRO H 677 -43.59 -11.82 72.19
CA PRO H 677 -43.80 -11.22 70.86
C PRO H 677 -42.53 -11.10 70.03
N ARG H 678 -42.50 -11.82 68.91
CA ARG H 678 -41.44 -11.69 67.91
C ARG H 678 -41.98 -12.20 66.59
N PRO H 679 -41.39 -11.79 65.47
CA PRO H 679 -41.86 -12.28 64.16
C PRO H 679 -41.84 -13.80 64.06
N LEU H 680 -40.83 -14.46 64.62
CA LEU H 680 -40.78 -15.92 64.59
C LEU H 680 -41.99 -16.52 65.28
N ALA H 681 -42.51 -15.85 66.32
CA ALA H 681 -43.67 -16.32 67.05
C ALA H 681 -44.99 -16.00 66.36
N LYS H 682 -44.98 -15.13 65.34
CA LYS H 682 -46.23 -14.74 64.69
C LYS H 682 -46.18 -14.98 63.19
N SER H 683 -45.01 -15.34 62.65
CA SER H 683 -44.92 -15.66 61.23
C SER H 683 -45.68 -16.92 60.86
N THR H 684 -46.12 -17.71 61.84
CA THR H 684 -46.86 -18.94 61.57
C THR H 684 -48.28 -18.62 61.13
N HIS H 685 -48.49 -18.43 59.81
CA HIS H 685 -49.81 -18.09 59.32
C HIS H 685 -50.81 -19.23 59.49
N ARG H 686 -50.35 -20.46 59.66
CA ARG H 686 -51.23 -21.55 60.00
C ARG H 686 -50.44 -22.61 60.75
N LEU H 687 -51.16 -23.37 61.58
CA LEU H 687 -50.54 -24.30 62.51
C LEU H 687 -51.25 -25.64 62.47
N ASN H 688 -50.50 -26.71 62.74
CA ASN H 688 -51.05 -28.05 62.88
C ASN H 688 -50.70 -28.58 64.26
N LEU H 689 -51.65 -29.24 64.90
CA LEU H 689 -51.47 -29.81 66.23
C LEU H 689 -51.66 -31.32 66.15
N LYS H 690 -50.56 -32.07 66.32
CA LYS H 690 -50.58 -33.52 66.18
C LYS H 690 -49.86 -34.15 67.36
N TYR H 691 -50.46 -35.20 67.92
CA TYR H 691 -49.93 -35.90 69.10
C TYR H 691 -49.66 -34.92 70.24
N CYS H 692 -50.62 -34.05 70.51
CA CYS H 692 -50.45 -33.02 71.53
C CYS H 692 -50.30 -33.64 72.92
N ALA H 693 -49.15 -33.40 73.53
CA ALA H 693 -48.93 -33.82 74.91
C ALA H 693 -49.05 -32.63 75.85
N GLU H 694 -49.90 -32.78 76.87
CA GLU H 694 -50.18 -31.78 77.89
C GLU H 694 -51.06 -30.64 77.38
N MET H 695 -51.44 -30.67 76.10
CA MET H 695 -52.47 -29.75 75.63
C MET H 695 -53.86 -30.36 75.77
N GLN H 696 -54.25 -30.68 77.00
CA GLN H 696 -55.62 -31.12 77.25
C GLN H 696 -56.63 -29.99 77.03
N SER H 697 -56.19 -28.75 77.15
CA SER H 697 -57.05 -27.59 76.89
C SER H 697 -56.21 -26.48 76.28
N ILE H 698 -56.86 -25.64 75.48
CA ILE H 698 -56.19 -24.54 74.80
C ILE H 698 -57.15 -23.37 74.69
N LYS H 699 -56.61 -22.16 74.77
CA LYS H 699 -57.37 -20.94 74.67
C LYS H 699 -56.88 -20.14 73.47
N ILE H 700 -57.81 -19.56 72.72
CA ILE H 700 -57.44 -18.72 71.58
C ILE H 700 -56.70 -17.48 72.07
N SER H 701 -57.07 -16.96 73.24
CA SER H 701 -56.33 -15.85 73.82
C SER H 701 -54.88 -16.22 74.08
N ASP H 702 -54.60 -17.50 74.34
CA ASP H 702 -53.23 -17.95 74.48
C ASP H 702 -52.50 -17.95 73.13
N LEU H 703 -53.24 -17.89 72.03
CA LEU H 703 -52.67 -17.79 70.70
C LEU H 703 -52.57 -16.36 70.20
N SER H 704 -52.87 -15.37 71.04
CA SER H 704 -52.89 -13.97 70.62
C SER H 704 -51.54 -13.47 70.14
N HIS H 705 -50.44 -14.09 70.55
CA HIS H 705 -49.14 -13.71 70.01
C HIS H 705 -49.01 -14.00 68.52
N MET H 706 -49.80 -14.95 68.01
CA MET H 706 -49.79 -15.31 66.60
C MET H 706 -50.76 -14.41 65.81
N GLU H 707 -50.24 -13.24 65.43
CA GLU H 707 -51.07 -12.23 64.77
C GLU H 707 -51.29 -12.52 63.29
N HIS H 708 -50.63 -13.54 62.73
CA HIS H 708 -50.84 -13.90 61.34
C HIS H 708 -51.51 -15.26 61.17
N LEU H 709 -51.67 -16.03 62.24
CA LEU H 709 -52.20 -17.38 62.12
C LEU H 709 -53.63 -17.36 61.61
N GLU H 710 -53.88 -18.03 60.49
CA GLU H 710 -55.19 -18.03 59.85
C GLU H 710 -55.88 -19.38 59.90
N GLU H 711 -55.13 -20.48 60.02
CA GLU H 711 -55.70 -21.82 60.02
C GLU H 711 -55.09 -22.64 61.13
N LEU H 712 -55.91 -23.44 61.81
CA LEU H 712 -55.48 -24.37 62.83
C LEU H 712 -55.96 -25.77 62.48
N TYR H 713 -55.05 -26.74 62.54
CA TYR H 713 -55.36 -28.14 62.30
C TYR H 713 -55.04 -28.94 63.55
N VAL H 714 -56.02 -29.69 64.05
CA VAL H 714 -55.86 -30.52 65.23
C VAL H 714 -56.11 -31.97 64.80
N GLU H 715 -55.09 -32.80 64.94
CA GLU H 715 -55.15 -34.18 64.45
C GLU H 715 -54.55 -35.12 65.49
N SER H 716 -55.28 -36.17 65.85
CA SER H 716 -54.80 -37.22 66.75
C SER H 716 -54.34 -36.66 68.09
N CYS H 717 -55.11 -35.70 68.64
CA CYS H 717 -54.84 -35.17 69.97
C CYS H 717 -55.72 -35.93 70.96
N TYR H 718 -55.16 -37.01 71.49
CA TYR H 718 -55.94 -37.99 72.25
C TYR H 718 -56.47 -37.41 73.56
N ASP H 719 -55.66 -36.61 74.26
CA ASP H 719 -56.00 -36.16 75.60
C ASP H 719 -56.71 -34.80 75.61
N LEU H 720 -56.96 -34.20 74.45
CA LEU H 720 -57.63 -32.91 74.39
C LEU H 720 -59.06 -33.01 74.89
N ASN H 721 -59.47 -32.08 75.75
CA ASN H 721 -60.82 -32.10 76.32
C ASN H 721 -61.65 -30.90 75.90
N THR H 722 -61.16 -29.69 76.16
CA THR H 722 -61.93 -28.48 75.91
C THR H 722 -61.06 -27.43 75.24
N VAL H 723 -61.73 -26.49 74.57
CA VAL H 723 -61.08 -25.36 73.90
C VAL H 723 -61.81 -24.09 74.30
N VAL H 724 -61.06 -23.01 74.47
CA VAL H 724 -61.63 -21.73 74.89
C VAL H 724 -61.56 -20.76 73.70
N ALA H 725 -62.73 -20.33 73.23
CA ALA H 725 -62.85 -19.27 72.23
C ALA H 725 -63.20 -18.00 73.01
N ASP H 726 -62.17 -17.35 73.56
CA ASP H 726 -62.38 -16.24 74.46
C ASP H 726 -62.93 -15.02 73.72
N ALA H 727 -63.67 -14.19 74.45
CA ALA H 727 -64.18 -12.95 73.88
C ALA H 727 -63.07 -11.92 73.64
N GLU H 728 -61.91 -12.10 74.28
CA GLU H 728 -60.77 -11.21 74.07
C GLU H 728 -60.26 -11.43 72.65
N LEU H 729 -60.53 -10.46 71.79
CA LEU H 729 -60.32 -10.64 70.36
C LEU H 729 -58.82 -10.67 70.01
N THR H 730 -58.47 -11.52 69.05
CA THR H 730 -57.14 -11.49 68.46
C THR H 730 -57.22 -10.87 67.06
N THR H 731 -56.31 -9.94 66.78
CA THR H 731 -56.30 -9.25 65.51
C THR H 731 -56.00 -10.18 64.34
N SER H 732 -55.48 -11.38 64.61
CA SER H 732 -55.25 -12.35 63.55
C SER H 732 -56.56 -12.78 62.92
N GLN H 733 -56.56 -12.95 61.60
CA GLN H 733 -57.75 -13.37 60.87
C GLN H 733 -57.87 -14.88 60.95
N LEU H 734 -58.66 -15.36 61.92
CA LEU H 734 -58.95 -16.78 62.04
C LEU H 734 -59.94 -17.19 60.95
N GLN H 735 -59.47 -17.89 59.91
CA GLN H 735 -60.32 -18.16 58.77
C GLN H 735 -60.73 -19.63 58.67
N PHE H 736 -59.80 -20.56 58.84
CA PHE H 736 -60.07 -21.97 58.63
C PHE H 736 -59.71 -22.76 59.88
N LEU H 737 -60.64 -23.60 60.33
CA LEU H 737 -60.39 -24.56 61.39
C LEU H 737 -60.70 -25.97 60.88
N THR H 738 -59.87 -26.93 61.29
CA THR H 738 -60.04 -28.32 60.92
C THR H 738 -59.74 -29.21 62.12
N LEU H 739 -60.75 -29.94 62.57
CA LEU H 739 -60.64 -30.86 63.68
C LEU H 739 -60.72 -32.29 63.16
N SER H 740 -59.70 -33.08 63.42
CA SER H 740 -59.60 -34.43 62.87
C SER H 740 -59.12 -35.40 63.93
N VAL H 741 -59.79 -36.55 64.03
CA VAL H 741 -59.40 -37.65 64.90
C VAL H 741 -59.19 -37.16 66.33
N LEU H 742 -60.29 -36.77 66.98
CA LEU H 742 -60.27 -36.29 68.36
C LEU H 742 -61.20 -37.17 69.18
N PRO H 743 -60.70 -38.29 69.71
CA PRO H 743 -61.58 -39.23 70.43
C PRO H 743 -61.92 -38.80 71.85
N SER H 744 -61.49 -37.60 72.26
CA SER H 744 -61.80 -37.13 73.60
C SER H 744 -62.21 -35.67 73.68
N LEU H 745 -62.23 -34.94 72.57
CA LEU H 745 -62.68 -33.56 72.58
C LEU H 745 -64.16 -33.51 72.95
N GLU H 746 -64.53 -32.60 73.86
CA GLU H 746 -65.89 -32.54 74.37
C GLU H 746 -66.64 -31.30 73.91
N SER H 747 -66.10 -30.12 74.17
CA SER H 747 -66.81 -28.88 73.86
C SER H 747 -65.82 -27.73 73.78
N VAL H 748 -66.24 -26.65 73.13
CA VAL H 748 -65.46 -25.42 73.03
C VAL H 748 -66.32 -24.27 73.53
N LEU H 749 -65.74 -23.45 74.41
CA LEU H 749 -66.46 -22.34 75.05
C LEU H 749 -66.39 -21.13 74.12
N VAL H 750 -67.55 -20.70 73.62
CA VAL H 750 -67.63 -19.57 72.70
C VAL H 750 -68.46 -18.47 73.35
N ALA H 751 -67.93 -17.25 73.33
CA ALA H 751 -68.63 -16.12 73.91
C ALA H 751 -69.86 -15.76 73.09
N PRO H 752 -70.93 -15.26 73.72
CA PRO H 752 -72.17 -14.99 72.99
C PRO H 752 -72.14 -13.70 72.19
N MET H 753 -71.46 -12.67 72.69
CA MET H 753 -71.50 -11.36 72.05
C MET H 753 -70.40 -11.18 71.02
N SER H 754 -69.14 -11.27 71.44
CA SER H 754 -68.01 -11.14 70.53
C SER H 754 -67.05 -12.27 70.80
N HIS H 755 -66.46 -12.79 69.72
CA HIS H 755 -65.60 -13.97 69.83
C HIS H 755 -64.52 -13.89 68.76
N ASN H 756 -63.47 -14.70 68.95
CA ASN H 756 -62.35 -14.69 68.02
C ASN H 756 -62.67 -15.40 66.72
N PHE H 757 -63.74 -16.19 66.67
CA PHE H 757 -64.10 -16.94 65.49
C PHE H 757 -64.79 -16.10 64.42
N GLN H 758 -65.25 -14.88 64.76
CA GLN H 758 -66.12 -14.14 63.84
C GLN H 758 -65.49 -13.92 62.47
N TYR H 759 -64.19 -14.17 62.33
CA TYR H 759 -63.53 -14.07 61.04
C TYR H 759 -63.55 -15.39 60.26
N ILE H 760 -64.15 -16.45 60.81
CA ILE H 760 -64.07 -17.77 60.20
C ILE H 760 -64.83 -17.80 58.89
N ARG H 761 -64.22 -18.42 57.87
CA ARG H 761 -64.88 -18.67 56.59
C ARG H 761 -65.10 -20.15 56.31
N LYS H 762 -64.24 -21.04 56.81
CA LYS H 762 -64.32 -22.47 56.53
C LYS H 762 -64.16 -23.26 57.81
N LEU H 763 -65.03 -24.25 58.00
CA LEU H 763 -64.94 -25.19 59.10
C LEU H 763 -64.98 -26.61 58.56
N ILE H 764 -64.04 -27.43 59.00
CA ILE H 764 -63.98 -28.85 58.63
C ILE H 764 -63.94 -29.65 59.93
N ILE H 765 -64.95 -30.47 60.16
CA ILE H 765 -65.08 -31.26 61.38
C ILE H 765 -65.06 -32.73 60.96
N SER H 766 -64.10 -33.49 61.47
CA SER H 766 -63.94 -34.88 61.06
C SER H 766 -63.50 -35.74 62.24
N HIS H 767 -64.06 -36.95 62.31
CA HIS H 767 -63.60 -38.00 63.23
C HIS H 767 -63.61 -37.51 64.68
N CYS H 768 -64.74 -36.94 65.10
CA CYS H 768 -64.93 -36.50 66.48
C CYS H 768 -66.09 -37.27 67.09
N PRO H 769 -65.85 -38.45 67.69
CA PRO H 769 -66.96 -39.22 68.25
C PRO H 769 -67.46 -38.72 69.59
N LYS H 770 -66.65 -37.95 70.33
CA LYS H 770 -67.04 -37.46 71.64
C LYS H 770 -67.38 -35.97 71.66
N LEU H 771 -67.26 -35.29 70.52
CA LEU H 771 -67.61 -33.87 70.45
C LEU H 771 -69.13 -33.73 70.36
N SER H 772 -69.72 -33.04 71.33
CA SER H 772 -71.17 -32.92 71.41
C SER H 772 -71.57 -31.48 71.73
N ASN H 773 -70.92 -30.51 71.08
CA ASN H 773 -71.29 -29.11 71.24
C ASN H 773 -70.84 -28.35 70.00
N ILE H 774 -71.78 -28.08 69.09
CA ILE H 774 -71.47 -27.42 67.83
C ILE H 774 -72.47 -26.30 67.60
N THR H 775 -73.37 -26.10 68.56
CA THR H 775 -74.43 -25.09 68.42
C THR H 775 -73.86 -23.68 68.23
N TRP H 776 -72.63 -23.46 68.69
CA TRP H 776 -72.02 -22.13 68.60
C TRP H 776 -71.79 -21.69 67.17
N VAL H 777 -71.88 -22.60 66.20
CA VAL H 777 -71.64 -22.26 64.79
C VAL H 777 -72.62 -21.21 64.31
N ARG H 778 -73.82 -21.16 64.90
CA ARG H 778 -74.83 -20.20 64.46
C ARG H 778 -74.40 -18.75 64.69
N ARG H 779 -73.39 -18.52 65.53
CA ARG H 779 -72.85 -17.19 65.74
C ARG H 779 -71.80 -16.81 64.69
N LEU H 780 -71.51 -17.70 63.74
CA LEU H 780 -70.50 -17.44 62.71
C LEU H 780 -71.18 -16.84 61.49
N GLN H 781 -71.06 -15.52 61.37
CA GLN H 781 -71.76 -14.80 60.31
C GLN H 781 -70.96 -14.75 59.01
N LEU H 782 -69.63 -14.84 59.08
CA LEU H 782 -68.79 -14.86 57.88
C LEU H 782 -68.49 -16.27 57.38
N LEU H 783 -69.03 -17.30 58.02
CA LEU H 783 -68.73 -18.68 57.64
C LEU H 783 -69.27 -18.97 56.24
N GLU H 784 -68.49 -19.71 55.45
CA GLU H 784 -68.80 -19.96 54.06
C GLU H 784 -68.80 -21.45 53.69
N ARG H 785 -68.06 -22.27 54.41
CA ARG H 785 -67.95 -23.69 54.11
C ARG H 785 -68.16 -24.52 55.37
N LEU H 786 -68.97 -25.56 55.27
CA LEU H 786 -69.23 -26.49 56.36
C LEU H 786 -68.85 -27.90 55.94
N VAL H 787 -68.05 -28.57 56.76
CA VAL H 787 -67.67 -29.96 56.53
C VAL H 787 -67.83 -30.71 57.85
N ILE H 788 -68.80 -31.61 57.91
CA ILE H 788 -69.01 -32.50 59.05
C ILE H 788 -68.90 -33.92 58.53
N SER H 789 -67.96 -34.69 59.10
CA SER H 789 -67.70 -36.03 58.59
C SER H 789 -67.38 -36.99 59.73
N HIS H 790 -68.10 -38.11 59.77
CA HIS H 790 -67.85 -39.24 60.68
C HIS H 790 -67.95 -38.88 62.15
N CYS H 791 -68.48 -37.69 62.47
CA CYS H 791 -68.60 -37.25 63.87
C CYS H 791 -69.98 -37.66 64.40
N ASP H 792 -70.03 -38.88 64.93
CA ASP H 792 -71.27 -39.43 65.47
C ASP H 792 -71.64 -38.77 66.78
N GLY H 793 -70.70 -38.05 67.39
CA GLY H 793 -71.00 -37.33 68.62
C GLY H 793 -71.85 -36.10 68.43
N VAL H 794 -71.89 -35.55 67.23
CA VAL H 794 -72.70 -34.37 66.94
C VAL H 794 -74.13 -34.84 66.69
N LEU H 795 -75.01 -34.64 67.69
CA LEU H 795 -76.41 -35.02 67.53
C LEU H 795 -77.10 -34.12 66.51
N GLU H 796 -76.92 -32.80 66.65
CA GLU H 796 -77.45 -31.83 65.71
C GLU H 796 -76.48 -30.66 65.62
N ILE H 797 -76.48 -29.99 64.47
CA ILE H 797 -75.65 -28.80 64.34
C ILE H 797 -76.14 -27.69 65.26
N VAL H 798 -77.45 -27.50 65.37
CA VAL H 798 -78.06 -26.62 66.37
C VAL H 798 -78.80 -27.51 67.35
N GLU H 799 -78.39 -27.49 68.61
CA GLU H 799 -78.92 -28.37 69.64
C GLU H 799 -79.89 -27.61 70.52
N ASP H 800 -81.05 -28.21 70.77
CA ASP H 800 -82.06 -27.59 71.61
C ASP H 800 -81.77 -27.81 73.09
N THR H 831 -81.61 -10.59 66.88
CA THR H 831 -81.59 -9.83 65.64
C THR H 831 -82.38 -10.54 64.54
N GLY H 832 -83.01 -9.76 63.67
CA GLY H 832 -83.73 -10.32 62.54
C GLY H 832 -82.81 -10.80 61.44
N GLN H 833 -81.91 -11.72 61.78
CA GLN H 833 -80.89 -12.20 60.86
C GLN H 833 -80.82 -13.72 60.93
N SER H 834 -80.53 -14.33 59.79
CA SER H 834 -80.33 -15.77 59.75
C SER H 834 -78.98 -16.14 60.37
N ASP H 835 -78.86 -17.41 60.77
CA ASP H 835 -77.64 -17.88 61.40
C ASP H 835 -76.52 -18.13 60.40
N PHE H 836 -76.83 -18.26 59.11
CA PHE H 836 -75.82 -18.49 58.08
C PHE H 836 -76.04 -17.55 56.90
N PRO H 837 -75.83 -16.24 57.08
CA PRO H 837 -76.10 -15.31 55.97
C PRO H 837 -75.10 -15.42 54.84
N LYS H 838 -73.85 -15.80 55.13
CA LYS H 838 -72.80 -15.88 54.12
C LYS H 838 -72.44 -17.31 53.75
N LEU H 839 -73.30 -18.28 54.08
CA LEU H 839 -73.03 -19.68 53.78
C LEU H 839 -72.98 -19.90 52.27
N ARG H 840 -72.01 -20.72 51.84
CA ARG H 840 -71.88 -21.10 50.44
C ARG H 840 -71.95 -22.60 50.21
N LEU H 841 -71.32 -23.42 51.06
CA LEU H 841 -71.23 -24.85 50.83
C LEU H 841 -71.40 -25.60 52.13
N ILE H 842 -72.16 -26.69 52.08
CA ILE H 842 -72.32 -27.62 53.21
C ILE H 842 -71.98 -29.02 52.72
N VAL H 843 -71.09 -29.70 53.44
CA VAL H 843 -70.69 -31.06 53.12
C VAL H 843 -70.95 -31.93 54.34
N LEU H 844 -71.72 -32.99 54.17
CA LEU H 844 -72.00 -33.97 55.22
C LEU H 844 -71.59 -35.35 54.75
N THR H 845 -70.91 -36.10 55.62
CA THR H 845 -70.34 -37.38 55.21
C THR H 845 -70.28 -38.33 56.40
N GLY H 846 -70.77 -39.55 56.20
CA GLY H 846 -70.52 -40.63 57.15
C GLY H 846 -71.13 -40.46 58.52
N LEU H 847 -72.10 -39.59 58.69
CA LEU H 847 -72.71 -39.35 60.00
C LEU H 847 -73.76 -40.42 60.26
N LYS H 848 -73.45 -41.37 61.14
CA LYS H 848 -74.35 -42.47 61.45
C LYS H 848 -75.30 -42.17 62.60
N LYS H 849 -75.13 -41.04 63.28
CA LYS H 849 -75.98 -40.70 64.42
C LYS H 849 -76.50 -39.26 64.39
N LEU H 850 -76.24 -38.51 63.33
CA LEU H 850 -76.78 -37.16 63.23
C LEU H 850 -78.29 -37.21 63.00
N ARG H 851 -79.02 -36.35 63.70
CA ARG H 851 -80.46 -36.26 63.48
C ARG H 851 -80.79 -35.25 62.39
N SER H 852 -80.42 -33.99 62.59
CA SER H 852 -80.69 -32.94 61.62
C SER H 852 -79.70 -31.81 61.84
N ILE H 853 -79.57 -30.95 60.83
CA ILE H 853 -78.67 -29.81 60.93
C ILE H 853 -79.26 -28.78 61.88
N CYS H 854 -80.42 -28.22 61.50
CA CYS H 854 -81.08 -27.20 62.31
C CYS H 854 -82.48 -26.99 61.76
N LYS H 855 -83.24 -26.16 62.47
CA LYS H 855 -84.58 -25.81 62.03
C LYS H 855 -84.51 -24.88 60.82
N ALA H 856 -85.69 -24.62 60.24
CA ALA H 856 -85.76 -23.88 58.98
C ALA H 856 -85.12 -22.50 59.12
N ARG H 857 -84.29 -22.14 58.15
CA ARG H 857 -83.62 -20.86 58.11
C ARG H 857 -83.41 -20.46 56.66
N GLU H 858 -82.97 -19.22 56.47
CA GLU H 858 -82.74 -18.66 55.14
C GLU H 858 -81.25 -18.60 54.83
N PHE H 859 -80.87 -19.06 53.65
CA PHE H 859 -79.48 -19.07 53.20
C PHE H 859 -79.39 -18.41 51.83
N PRO H 860 -79.36 -17.08 51.79
CA PRO H 860 -79.33 -16.39 50.49
C PRO H 860 -78.13 -16.72 49.62
N CYS H 861 -76.96 -16.95 50.22
CA CYS H 861 -75.75 -17.14 49.46
C CYS H 861 -75.40 -18.60 49.20
N LEU H 862 -76.27 -19.54 49.58
CA LEU H 862 -75.97 -20.95 49.43
C LEU H 862 -75.72 -21.32 47.99
N GLU H 863 -74.68 -22.11 47.75
CA GLU H 863 -74.27 -22.50 46.41
C GLU H 863 -74.40 -23.98 46.11
N THR H 864 -74.06 -24.85 47.07
CA THR H 864 -74.09 -26.29 46.83
C THR H 864 -74.25 -27.02 48.15
N LEU H 865 -75.09 -28.05 48.13
CA LEU H 865 -75.29 -28.93 49.28
C LEU H 865 -74.95 -30.37 48.87
N ARG H 866 -74.14 -31.03 49.68
CA ARG H 866 -73.69 -32.38 49.39
C ARG H 866 -73.78 -33.24 50.63
N VAL H 867 -74.55 -34.32 50.56
CA VAL H 867 -74.69 -35.28 51.64
C VAL H 867 -74.40 -36.67 51.10
N GLU H 868 -73.50 -37.40 51.78
CA GLU H 868 -73.12 -38.74 51.38
C GLU H 868 -73.04 -39.64 52.60
N ASP H 869 -73.61 -40.84 52.47
CA ASP H 869 -73.53 -41.87 53.51
C ASP H 869 -74.02 -41.35 54.86
N CYS H 870 -75.25 -40.84 54.88
CA CYS H 870 -75.85 -40.36 56.12
C CYS H 870 -77.21 -41.01 56.33
N PRO H 871 -77.25 -42.29 56.73
CA PRO H 871 -78.54 -42.97 56.89
C PRO H 871 -79.33 -42.55 58.12
N ASN H 872 -78.80 -41.65 58.95
CA ASN H 872 -79.50 -41.21 60.15
C ASN H 872 -80.06 -39.79 60.03
N LEU H 873 -79.68 -39.05 59.00
CA LEU H 873 -80.11 -37.66 58.86
C LEU H 873 -81.63 -37.62 58.65
N ARG H 874 -82.33 -36.85 59.49
CA ARG H 874 -83.78 -36.83 59.44
C ARG H 874 -84.32 -35.72 58.56
N SER H 875 -83.67 -34.56 58.52
CA SER H 875 -84.19 -33.43 57.77
C SER H 875 -83.07 -32.43 57.51
N ILE H 876 -83.36 -31.48 56.63
CA ILE H 876 -82.43 -30.40 56.29
C ILE H 876 -83.15 -29.08 56.51
N PRO H 877 -82.44 -27.99 56.85
CA PRO H 877 -83.12 -26.72 57.11
C PRO H 877 -83.55 -25.96 55.87
N LEU H 878 -83.29 -26.48 54.68
CA LEU H 878 -83.67 -25.77 53.46
C LEU H 878 -85.18 -25.77 53.30
N SER H 879 -85.71 -24.66 52.81
CA SER H 879 -87.14 -24.53 52.56
C SER H 879 -87.35 -23.58 51.40
N CYS H 880 -88.54 -23.69 50.78
CA CYS H 880 -88.85 -22.88 49.60
C CYS H 880 -89.44 -21.53 49.99
N THR H 881 -89.14 -21.07 51.20
CA THR H 881 -89.65 -19.79 51.66
C THR H 881 -89.05 -18.63 50.87
N HIS H 882 -87.86 -18.82 50.30
CA HIS H 882 -87.22 -17.77 49.52
C HIS H 882 -86.38 -18.41 48.42
N ASN H 883 -86.02 -17.61 47.43
CA ASN H 883 -85.30 -18.10 46.27
C ASN H 883 -83.86 -18.47 46.62
N TYR H 884 -83.30 -19.39 45.86
CA TYR H 884 -81.88 -19.73 45.91
C TYR H 884 -81.33 -19.65 44.49
N TRP H 885 -80.93 -18.44 44.08
CA TRP H 885 -80.41 -18.27 42.73
C TRP H 885 -78.96 -18.76 42.61
N LYS H 886 -78.17 -18.60 43.67
CA LYS H 886 -76.78 -19.03 43.64
C LYS H 886 -76.62 -20.52 43.93
N LEU H 887 -77.69 -21.21 44.35
CA LEU H 887 -77.61 -22.64 44.58
C LEU H 887 -77.41 -23.36 43.26
N LYS H 888 -76.23 -23.93 43.06
CA LYS H 888 -75.87 -24.53 41.78
C LYS H 888 -76.34 -25.97 41.65
N GLN H 889 -76.13 -26.79 42.67
CA GLN H 889 -76.54 -28.19 42.62
C GLN H 889 -76.67 -28.71 44.04
N ILE H 890 -77.40 -29.82 44.16
CA ILE H 890 -77.58 -30.52 45.42
C ILE H 890 -77.26 -31.99 45.21
N CYS H 891 -76.36 -32.52 46.03
CA CYS H 891 -75.95 -33.92 45.95
C CYS H 891 -76.52 -34.68 47.13
N GLY H 892 -77.11 -35.84 46.85
CA GLY H 892 -77.71 -36.66 47.89
C GLY H 892 -77.98 -38.09 47.44
N SER H 893 -78.95 -38.74 48.08
CA SER H 893 -79.31 -40.11 47.73
C SER H 893 -80.82 -40.27 47.87
N VAL H 894 -81.34 -41.30 47.18
CA VAL H 894 -82.78 -41.57 47.22
C VAL H 894 -83.21 -41.99 48.60
N GLU H 895 -82.39 -42.81 49.29
CA GLU H 895 -82.71 -43.19 50.66
C GLU H 895 -82.74 -41.98 51.58
N TRP H 896 -81.77 -41.07 51.40
CA TRP H 896 -81.76 -39.84 52.18
C TRP H 896 -83.00 -39.00 51.90
N TRP H 897 -83.44 -38.94 50.64
CA TRP H 897 -84.66 -38.24 50.30
C TRP H 897 -85.88 -38.89 50.96
N GLU H 898 -85.92 -40.22 51.01
CA GLU H 898 -87.00 -40.92 51.70
C GLU H 898 -87.00 -40.59 53.19
N LYS H 899 -85.82 -40.52 53.81
CA LYS H 899 -85.71 -40.20 55.23
C LYS H 899 -85.84 -38.71 55.52
N LEU H 900 -85.87 -37.87 54.49
CA LEU H 900 -85.95 -36.42 54.70
C LEU H 900 -87.34 -36.02 55.17
N GLN H 901 -87.39 -35.18 56.20
CA GLN H 901 -88.62 -34.51 56.58
C GLN H 901 -88.78 -33.23 55.78
N TRP H 902 -90.03 -32.88 55.47
CA TRP H 902 -90.31 -31.75 54.61
C TRP H 902 -91.26 -30.78 55.31
N GLU H 903 -90.92 -29.49 55.25
CA GLU H 903 -91.83 -28.47 55.76
C GLU H 903 -93.10 -28.40 54.94
N ASN H 904 -93.00 -28.59 53.62
CA ASN H 904 -94.15 -28.64 52.73
C ASN H 904 -94.03 -29.88 51.86
N ARG H 905 -95.16 -30.48 51.53
CA ARG H 905 -95.15 -31.69 50.72
C ARG H 905 -94.88 -31.43 49.25
N LYS H 906 -94.88 -30.18 48.81
CA LYS H 906 -94.45 -29.86 47.46
C LYS H 906 -92.93 -29.93 47.32
N GLU H 907 -92.22 -29.82 48.43
CA GLU H 907 -90.75 -29.86 48.40
C GLU H 907 -90.22 -31.24 48.08
N VAL H 908 -91.08 -32.26 48.08
CA VAL H 908 -90.66 -33.62 47.71
C VAL H 908 -90.15 -33.64 46.28
N ALA H 909 -90.80 -32.92 45.37
CA ALA H 909 -90.38 -32.82 43.99
C ALA H 909 -89.84 -31.45 43.61
N CYS H 910 -89.98 -30.44 44.48
CA CYS H 910 -89.47 -29.12 44.15
C CYS H 910 -87.96 -29.11 43.99
N LEU H 911 -87.23 -29.79 44.88
CA LEU H 911 -85.78 -29.91 44.72
C LEU H 911 -85.42 -30.88 43.61
N ASP H 912 -86.23 -31.93 43.42
CA ASP H 912 -85.97 -32.90 42.37
C ASP H 912 -86.04 -32.25 40.99
N SER H 913 -86.92 -31.28 40.80
CA SER H 913 -87.05 -30.60 39.53
C SER H 913 -86.12 -29.39 39.40
N LYS H 914 -85.44 -28.98 40.47
CA LYS H 914 -84.62 -27.78 40.38
C LYS H 914 -83.15 -28.01 40.67
N TYR H 915 -82.81 -28.71 41.75
CA TYR H 915 -81.41 -28.78 42.18
C TYR H 915 -80.90 -30.18 42.51
N PHE H 916 -81.76 -31.14 42.85
CA PHE H 916 -81.30 -32.39 43.42
C PHE H 916 -80.65 -33.27 42.37
N ILE H 917 -79.40 -33.67 42.63
CA ILE H 917 -78.64 -34.55 41.75
C ILE H 917 -78.12 -35.72 42.58
N PRO H 918 -78.84 -36.84 42.65
CA PRO H 918 -78.38 -37.96 43.46
C PRO H 918 -77.11 -38.61 42.90
N ILE H 919 -76.34 -39.22 43.79
CA ILE H 919 -75.11 -39.88 43.41
C ILE H 919 -75.41 -41.30 42.95
N LEU I 36 129.51 -16.76 21.91
CA LEU I 36 128.35 -17.12 22.71
C LEU I 36 127.11 -17.29 21.84
N HIS I 37 126.10 -17.97 22.38
CA HIS I 37 124.83 -18.14 21.69
C HIS I 37 123.92 -16.93 21.80
N LEU I 38 124.46 -15.80 22.27
CA LEU I 38 123.62 -14.61 22.48
C LEU I 38 123.16 -14.01 21.16
N LYS I 39 123.95 -14.16 20.10
CA LYS I 39 123.64 -13.50 18.84
C LYS I 39 122.33 -14.01 18.24
N SER I 40 121.98 -15.26 18.51
CA SER I 40 120.75 -15.81 17.95
C SER I 40 119.58 -15.65 18.91
N ASN I 41 119.82 -15.77 20.22
CA ASN I 41 118.73 -15.67 21.19
C ASN I 41 118.13 -14.27 21.20
N TRP I 42 118.97 -13.23 21.16
CA TRP I 42 118.45 -11.87 21.19
C TRP I 42 117.63 -11.55 19.95
N SER I 43 117.96 -12.17 18.82
CA SER I 43 117.14 -12.00 17.62
C SER I 43 115.74 -12.56 17.82
N ASP I 44 115.64 -13.71 18.49
CA ASP I 44 114.32 -14.30 18.75
C ASP I 44 113.57 -13.52 19.82
N LEU I 45 114.29 -12.82 20.70
CA LEU I 45 113.63 -11.97 21.68
C LEU I 45 112.90 -10.82 21.02
N ASP I 46 113.48 -10.24 19.96
CA ASP I 46 112.82 -9.16 19.25
C ASP I 46 111.53 -9.63 18.59
N LYS I 47 111.54 -10.85 18.04
CA LYS I 47 110.32 -11.41 17.48
C LYS I 47 109.27 -11.61 18.57
N ALA I 48 109.69 -12.10 19.74
CA ALA I 48 108.75 -12.33 20.84
C ALA I 48 108.20 -11.02 21.37
N LYS I 49 109.05 -10.00 21.47
CA LYS I 49 108.60 -8.70 21.99
C LYS I 49 107.55 -8.09 21.07
N LYS I 50 107.78 -8.12 19.76
CA LYS I 50 106.83 -7.53 18.83
C LYS I 50 105.56 -8.35 18.74
N LEU I 51 105.64 -9.65 18.99
CA LEU I 51 104.44 -10.48 19.05
C LEU I 51 103.68 -10.25 20.35
N LEU I 52 104.40 -10.02 21.45
CA LEU I 52 103.74 -9.77 22.73
C LEU I 52 102.96 -8.46 22.71
N LEU I 53 103.51 -7.43 22.06
CA LEU I 53 102.77 -6.18 21.91
C LEU I 53 101.51 -6.37 21.08
N ALA I 54 101.52 -7.32 20.15
CA ALA I 54 100.34 -7.60 19.36
C ALA I 54 99.28 -8.35 20.16
N VAL I 55 99.69 -9.32 20.97
CA VAL I 55 98.74 -10.05 21.81
C VAL I 55 98.17 -9.14 22.88
N GLU I 56 99.02 -8.29 23.46
CA GLU I 56 98.55 -7.34 24.48
C GLU I 56 97.53 -6.37 23.89
N THR I 57 97.78 -5.90 22.66
CA THR I 57 96.83 -4.99 22.01
C THR I 57 95.48 -5.67 21.79
N THR I 58 95.50 -6.94 21.40
CA THR I 58 94.24 -7.67 21.23
C THR I 58 93.50 -7.83 22.55
N VAL I 59 94.24 -8.12 23.63
CA VAL I 59 93.60 -8.32 24.93
C VAL I 59 93.03 -7.00 25.45
N ARG I 60 93.79 -5.91 25.35
CA ARG I 60 93.32 -4.63 25.85
C ARG I 60 92.09 -4.15 25.07
N ALA I 61 92.08 -4.35 23.75
CA ALA I 61 90.91 -4.01 22.96
C ALA I 61 89.72 -4.88 23.35
N ARG I 62 89.98 -6.16 23.64
CA ARG I 62 88.91 -7.06 24.08
C ARG I 62 88.42 -6.68 25.47
N VAL I 63 89.32 -6.24 26.35
CA VAL I 63 88.92 -5.82 27.69
C VAL I 63 88.16 -4.50 27.64
N THR I 64 88.61 -3.57 26.80
CA THR I 64 87.93 -2.29 26.67
C THR I 64 86.51 -2.47 26.15
N ALA I 65 86.28 -3.49 25.33
CA ALA I 65 84.91 -3.79 24.90
C ALA I 65 84.08 -4.36 26.03
N GLU I 66 84.70 -4.84 27.10
CA GLU I 66 83.98 -5.33 28.28
C GLU I 66 83.67 -4.20 29.26
N VAL I 67 84.63 -3.30 29.47
CA VAL I 67 84.39 -2.15 30.35
C VAL I 67 83.33 -1.24 29.74
N ASP I 68 83.20 -1.23 28.41
CA ASP I 68 82.15 -0.44 27.79
C ASP I 68 80.77 -0.95 28.15
N LYS I 69 80.64 -2.25 28.41
CA LYS I 69 79.40 -2.83 28.90
C LYS I 69 79.26 -2.74 30.41
N LEU I 70 80.04 -1.87 31.05
CA LEU I 70 80.06 -1.66 32.50
C LEU I 70 80.60 -2.87 33.26
N ASN I 71 81.13 -3.87 32.57
CA ASN I 71 81.78 -4.98 33.24
C ASN I 71 83.15 -4.56 33.77
N ILE I 72 83.69 -5.38 34.64
CA ILE I 72 85.03 -5.15 35.19
C ILE I 72 85.99 -6.15 34.54
N CYS I 73 87.21 -5.70 34.27
CA CYS I 73 88.21 -6.57 33.69
C CYS I 73 88.42 -7.81 34.55
N ASP I 74 88.50 -8.96 33.90
CA ASP I 74 88.57 -10.22 34.63
C ASP I 74 89.85 -10.27 35.47
N PRO I 75 89.79 -10.76 36.70
CA PRO I 75 90.98 -10.71 37.57
C PRO I 75 92.18 -11.46 37.00
N GLN I 76 91.95 -12.58 36.31
CA GLN I 76 93.07 -13.31 35.73
C GLN I 76 93.68 -12.56 34.57
N VAL I 77 92.86 -11.86 33.78
CA VAL I 77 93.38 -11.03 32.70
C VAL I 77 94.14 -9.84 33.27
N GLN I 78 93.62 -9.25 34.36
CA GLN I 78 94.27 -8.10 34.98
C GLN I 78 95.65 -8.48 35.49
N VAL I 79 95.81 -9.68 36.02
CA VAL I 79 97.12 -10.16 36.44
C VAL I 79 98.04 -10.32 35.24
N TRP I 80 97.53 -10.89 34.15
CA TRP I 80 98.34 -11.07 32.95
C TRP I 80 98.76 -9.73 32.36
N LEU I 81 97.83 -8.77 32.31
CA LEU I 81 98.16 -7.45 31.80
C LEU I 81 99.20 -6.76 32.66
N ARG I 82 99.09 -6.91 33.98
CA ARG I 82 100.03 -6.24 34.88
C ARG I 82 101.44 -6.83 34.73
N ARG I 83 101.54 -8.11 34.37
CA ARG I 83 102.85 -8.70 34.17
C ARG I 83 103.48 -8.22 32.86
N VAL I 84 102.65 -7.98 31.84
CA VAL I 84 103.17 -7.46 30.58
C VAL I 84 103.75 -6.06 30.77
N GLU I 85 103.03 -5.21 31.51
CA GLU I 85 103.51 -3.85 31.76
C GLU I 85 104.84 -3.86 32.53
N GLU I 86 104.92 -4.68 33.57
CA GLU I 86 106.08 -4.75 34.44
C GLU I 86 107.30 -5.38 33.76
N LEU I 87 107.12 -6.01 32.60
CA LEU I 87 108.21 -6.74 31.95
C LEU I 87 109.37 -5.79 31.61
N GLN I 88 109.07 -4.65 31.01
CA GLN I 88 110.08 -3.64 30.69
C GLN I 88 111.23 -4.24 29.87
N LEU I 89 110.89 -4.70 28.66
CA LEU I 89 111.90 -5.34 27.81
C LEU I 89 112.90 -4.32 27.26
N ASP I 90 112.62 -3.03 27.36
CA ASP I 90 113.54 -2.03 26.86
C ASP I 90 114.80 -1.91 27.71
N ALA I 91 114.75 -2.37 28.96
CA ALA I 91 115.91 -2.25 29.85
C ALA I 91 117.06 -3.12 29.36
N ILE I 92 116.77 -4.38 29.06
CA ILE I 92 117.83 -5.29 28.59
C ILE I 92 118.31 -4.88 27.20
N ASP I 93 117.44 -4.24 26.41
CA ASP I 93 117.82 -3.78 25.08
C ASP I 93 118.98 -2.79 25.15
N GLU I 94 118.88 -1.80 26.05
CA GLU I 94 119.98 -0.85 26.21
C GLU I 94 121.24 -1.53 26.75
N ASP I 95 121.06 -2.47 27.68
CA ASP I 95 122.22 -3.17 28.23
C ASP I 95 122.95 -3.95 27.15
N TYR I 96 122.21 -4.60 26.25
CA TYR I 96 122.84 -5.33 25.16
C TYR I 96 123.39 -4.38 24.11
N SER I 97 122.65 -3.31 23.79
CA SER I 97 123.09 -2.38 22.76
C SER I 97 124.35 -1.62 23.18
N GLN I 98 124.43 -1.19 24.45
CA GLN I 98 125.60 -0.48 24.92
C GLN I 98 126.83 -1.38 24.90
N LEU I 99 126.66 -2.65 25.28
CA LEU I 99 127.79 -3.58 25.30
C LEU I 99 128.33 -3.85 23.90
N ARG I 100 127.47 -3.77 22.87
CA ARG I 100 127.91 -3.99 21.50
C ARG I 100 128.96 -2.97 21.08
N LYS I 101 128.83 -1.72 21.54
CA LYS I 101 129.78 -0.68 21.14
C LYS I 101 131.17 -0.96 21.70
N TYR I 102 131.26 -1.39 22.95
CA TYR I 102 132.53 -1.53 23.65
C TYR I 102 133.15 -2.92 23.51
N SER I 103 132.33 -3.97 23.47
CA SER I 103 132.86 -5.33 23.35
C SER I 103 133.26 -5.63 21.92
N CYS I 104 134.28 -4.93 21.42
CA CYS I 104 134.72 -5.14 20.04
C CYS I 104 135.49 -6.43 19.87
N LEU I 105 136.14 -6.92 20.92
CA LEU I 105 136.95 -8.14 20.87
C LEU I 105 136.26 -9.24 21.68
N GLY I 106 136.06 -10.39 21.04
CA GLY I 106 135.47 -11.53 21.72
C GLY I 106 136.44 -12.39 22.50
N GLN I 107 137.73 -12.09 22.43
CA GLN I 107 138.74 -12.86 23.15
C GLN I 107 139.16 -12.21 24.46
N CYS I 108 139.14 -10.88 24.53
CA CYS I 108 139.55 -10.20 25.76
C CYS I 108 138.56 -10.50 26.89
N THR I 109 139.08 -10.63 28.10
CA THR I 109 138.25 -10.92 29.26
C THR I 109 137.70 -9.66 29.91
N ILE I 110 138.00 -8.47 29.38
CA ILE I 110 137.51 -7.24 29.96
C ILE I 110 135.99 -7.16 29.86
N HIS I 111 135.43 -7.52 28.70
CA HIS I 111 134.00 -7.45 28.48
C HIS I 111 133.29 -8.78 28.55
N ALA I 112 134.01 -9.87 28.81
CA ALA I 112 133.35 -11.16 29.01
C ALA I 112 132.52 -11.17 30.28
N HIS I 113 132.80 -10.26 31.21
CA HIS I 113 132.05 -10.19 32.46
C HIS I 113 130.59 -9.83 32.21
N ARG I 114 130.34 -8.89 31.30
CA ARG I 114 128.98 -8.45 31.04
C ARG I 114 128.28 -9.34 30.01
N ARG I 115 129.03 -9.81 29.00
CA ARG I 115 128.42 -10.61 27.94
C ARG I 115 127.97 -11.97 28.47
N ALA I 116 128.64 -12.48 29.50
CA ALA I 116 128.20 -13.74 30.09
C ALA I 116 126.84 -13.61 30.76
N SER I 117 126.60 -12.48 31.45
CA SER I 117 125.33 -12.30 32.13
C SER I 117 124.19 -12.04 31.15
N ILE I 118 124.49 -11.35 30.04
CA ILE I 118 123.45 -11.07 29.05
C ILE I 118 123.01 -12.37 28.37
N GLY I 119 123.95 -13.29 28.15
CA GLY I 119 123.62 -14.57 27.54
C GLY I 119 122.62 -15.40 28.31
N ARG I 120 122.46 -15.14 29.60
CA ARG I 120 121.40 -15.77 30.40
C ARG I 120 120.27 -14.81 30.74
N ARG I 121 120.52 -13.50 30.72
CA ARG I 121 119.45 -12.55 30.97
C ARG I 121 118.48 -12.47 29.80
N VAL I 122 118.98 -12.61 28.58
CA VAL I 122 118.10 -12.66 27.42
C VAL I 122 117.20 -13.88 27.49
N LEU I 123 117.78 -15.04 27.82
CA LEU I 123 116.97 -16.24 28.01
C LEU I 123 116.05 -16.10 29.22
N GLU I 124 116.47 -15.32 30.22
CA GLU I 124 115.63 -15.06 31.38
C GLU I 124 114.39 -14.25 31.01
N ALA I 125 114.49 -13.35 30.04
CA ALA I 125 113.34 -12.58 29.60
C ALA I 125 112.65 -13.19 28.39
N LEU I 126 113.32 -14.11 27.70
CA LEU I 126 112.69 -14.73 26.53
C LEU I 126 111.60 -15.72 26.94
N ASP I 127 111.87 -16.57 27.93
CA ASP I 127 110.88 -17.54 28.36
C ASP I 127 109.67 -16.86 28.98
N GLU I 128 109.90 -15.79 29.75
CA GLU I 128 108.78 -15.03 30.30
C GLU I 128 107.95 -14.41 29.18
N ALA I 129 108.62 -13.84 28.17
CA ALA I 129 107.90 -13.27 27.04
C ALA I 129 107.12 -14.34 26.28
N ASN I 130 107.72 -15.50 26.08
CA ASN I 130 107.02 -16.58 25.39
C ASN I 130 105.91 -17.17 26.24
N LYS I 131 106.10 -17.24 27.55
CA LYS I 131 105.03 -17.71 28.44
C LYS I 131 103.85 -16.76 28.41
N LEU I 132 104.12 -15.45 28.35
CA LEU I 132 103.05 -14.47 28.27
C LEU I 132 102.31 -14.58 26.93
N ILE I 133 103.00 -15.02 25.88
CA ILE I 133 102.35 -15.21 24.58
C ILE I 133 101.26 -16.27 24.69
N GLU I 134 101.62 -17.45 25.21
CA GLU I 134 100.69 -18.56 25.24
C GLU I 134 99.62 -18.42 26.31
N GLU I 135 99.77 -17.47 27.23
CA GLU I 135 98.72 -17.19 28.21
C GLU I 135 97.67 -16.25 27.63
N GLY I 136 98.11 -15.10 27.13
CA GLY I 136 97.17 -14.12 26.59
C GLY I 136 96.50 -14.59 25.32
N ARG I 137 97.12 -15.53 24.60
CA ARG I 137 96.50 -16.11 23.42
C ARG I 137 95.47 -17.17 23.79
N ARG I 138 95.35 -17.51 25.06
CA ARG I 138 94.51 -18.61 25.53
C ARG I 138 93.27 -18.13 26.26
N PHE I 139 93.19 -16.84 26.59
CA PHE I 139 92.03 -16.30 27.27
C PHE I 139 90.79 -16.42 26.39
N LYS I 140 89.66 -16.65 27.03
CA LYS I 140 88.37 -16.71 26.34
C LYS I 140 87.29 -15.85 26.96
N LYS I 141 87.41 -15.49 28.24
CA LYS I 141 86.53 -14.51 28.86
C LYS I 141 87.38 -13.40 29.44
N PHE I 142 86.92 -12.17 29.29
CA PHE I 142 87.72 -11.00 29.63
C PHE I 142 87.07 -10.08 30.66
N GLY I 143 85.82 -10.33 31.05
CA GLY I 143 85.18 -9.50 32.04
C GLY I 143 84.08 -10.25 32.75
N PHE I 144 83.82 -9.83 33.99
CA PHE I 144 82.76 -10.41 34.80
C PHE I 144 81.83 -9.30 35.28
N LYS I 145 80.54 -9.61 35.29
CA LYS I 145 79.54 -8.61 35.66
C LYS I 145 79.62 -8.35 37.17
N PRO I 146 79.85 -7.11 37.60
CA PRO I 146 79.99 -6.84 39.03
C PRO I 146 78.66 -6.96 39.75
N LEU I 147 78.75 -7.18 41.06
CA LEU I 147 77.55 -7.28 41.88
C LEU I 147 76.84 -5.93 41.93
N PRO I 148 75.52 -5.92 42.10
CA PRO I 148 74.80 -4.65 42.14
C PRO I 148 75.27 -3.77 43.29
N LYS I 149 75.27 -2.46 43.04
CA LYS I 149 75.68 -1.50 44.06
C LYS I 149 74.68 -1.52 45.22
N ILE I 150 75.16 -1.10 46.39
CA ILE I 150 74.28 -1.00 47.56
C ILE I 150 73.12 -0.07 47.25
N VAL I 151 73.44 1.12 46.74
CA VAL I 151 72.44 2.08 46.28
C VAL I 151 72.96 2.74 45.01
N ASP I 152 72.16 2.68 43.95
CA ASP I 152 72.55 3.30 42.70
C ASP I 152 71.98 4.71 42.60
N PRO I 153 72.76 5.66 42.09
CA PRO I 153 72.29 7.06 42.07
C PRO I 153 71.02 7.23 41.24
N LEU I 154 70.18 8.15 41.70
CA LEU I 154 68.95 8.54 41.03
C LEU I 154 69.09 9.97 40.51
N PRO I 155 68.18 10.41 39.61
CA PRO I 155 68.28 11.78 39.06
C PRO I 155 68.51 12.86 40.11
N GLN I 156 69.63 13.56 39.99
CA GLN I 156 70.03 14.57 40.98
C GLN I 156 69.79 15.97 40.40
N ILE I 157 68.56 16.45 40.58
CA ILE I 157 68.21 17.80 40.15
C ILE I 157 68.61 18.79 41.24
N LYS I 158 68.63 20.07 40.88
CA LYS I 158 68.88 21.13 41.85
C LYS I 158 67.64 21.33 42.70
N THR I 159 67.79 21.22 44.02
CA THR I 159 66.67 21.26 44.95
C THR I 159 66.86 22.42 45.93
N PHE I 160 65.75 23.08 46.25
CA PHE I 160 65.76 24.24 47.13
C PHE I 160 64.90 23.96 48.36
N GLY I 161 65.43 24.34 49.53
CA GLY I 161 64.68 24.26 50.76
C GLY I 161 64.25 22.87 51.19
N LEU I 162 64.95 21.83 50.76
CA LEU I 162 64.58 20.47 51.10
C LEU I 162 65.37 19.90 52.28
N GLU I 163 66.28 20.68 52.86
CA GLU I 163 67.09 20.17 53.96
C GLU I 163 66.25 19.90 55.20
N THR I 164 65.28 20.77 55.50
CA THR I 164 64.48 20.59 56.71
C THR I 164 63.63 19.34 56.64
N MET I 165 62.99 19.07 55.49
CA MET I 165 62.16 17.88 55.36
C MET I 165 63.01 16.61 55.31
N LEU I 166 64.13 16.67 54.59
CA LEU I 166 65.01 15.50 54.52
C LEU I 166 65.58 15.18 55.90
N SER I 167 65.79 16.19 56.74
CA SER I 167 66.20 15.95 58.12
C SER I 167 65.12 15.21 58.89
N GLN I 168 63.85 15.57 58.67
CA GLN I 168 62.76 14.85 59.31
C GLN I 168 62.71 13.40 58.86
N LEU I 169 62.90 13.14 57.57
CA LEU I 169 62.85 11.77 57.07
C LEU I 169 63.96 10.91 57.66
N TYR I 170 65.16 11.48 57.80
CA TYR I 170 66.25 10.73 58.41
C TYR I 170 66.02 10.53 59.90
N ASP I 171 65.33 11.47 60.55
CA ASP I 171 65.07 11.35 61.98
C ASP I 171 64.21 10.12 62.30
N LEU I 172 63.37 9.71 61.36
CA LEU I 172 62.61 8.48 61.54
C LEU I 172 63.38 7.27 61.03
N PHE I 173 64.02 7.42 59.87
CA PHE I 173 64.73 6.30 59.27
C PHE I 173 65.87 5.82 60.16
N GLU I 174 66.59 6.75 60.78
CA GLU I 174 67.72 6.38 61.62
C GLU I 174 67.27 5.81 62.97
N LYS I 175 66.26 6.39 63.60
CA LYS I 175 65.99 6.09 64.99
C LYS I 175 64.56 5.64 65.25
N GLY I 176 63.69 5.72 64.24
CA GLY I 176 62.31 5.32 64.44
C GLY I 176 62.21 3.83 64.76
N ASP I 177 61.26 3.50 65.64
CA ASP I 177 61.04 2.13 66.07
C ASP I 177 60.07 1.38 65.18
N SER I 178 59.46 2.04 64.21
CA SER I 178 58.57 1.39 63.25
C SER I 178 59.28 1.29 61.91
N ASN I 179 59.23 0.12 61.29
CA ASN I 179 60.01 -0.16 60.10
C ASN I 179 59.30 0.20 58.81
N ILE I 180 58.03 0.58 58.87
CA ILE I 180 57.30 1.06 57.70
C ILE I 180 57.04 2.55 57.90
N ILE I 181 57.61 3.37 57.02
CA ILE I 181 57.54 4.82 57.12
C ILE I 181 56.73 5.34 55.94
N GLY I 182 55.76 6.19 56.22
CA GLY I 182 54.92 6.78 55.19
C GLY I 182 55.14 8.28 55.09
N VAL I 183 55.16 8.78 53.87
CA VAL I 183 55.28 10.20 53.58
C VAL I 183 54.10 10.61 52.71
N TRP I 184 53.36 11.62 53.15
CA TRP I 184 52.17 12.04 52.43
C TRP I 184 52.16 13.54 52.23
N GLY I 185 51.54 13.96 51.14
CA GLY I 185 51.47 15.35 50.76
C GLY I 185 50.75 15.52 49.44
N GLN I 186 50.37 16.77 49.16
CA GLN I 186 49.62 17.07 47.94
C GLN I 186 50.47 16.82 46.70
N GLY I 187 49.82 16.69 45.55
CA GLY I 187 50.53 16.45 44.31
C GLY I 187 51.51 17.55 43.96
N GLY I 188 52.74 17.17 43.63
CA GLY I 188 53.75 18.13 43.25
C GLY I 188 54.46 18.81 44.39
N VAL I 189 54.22 18.40 45.64
CA VAL I 189 54.88 19.03 46.77
C VAL I 189 56.35 18.63 46.87
N GLY I 190 56.73 17.48 46.33
CA GLY I 190 58.12 17.06 46.37
C GLY I 190 58.35 15.69 46.97
N LYS I 191 57.32 14.84 46.99
CA LYS I 191 57.45 13.52 47.60
C LYS I 191 58.44 12.66 46.83
N THR I 192 58.26 12.57 45.50
CA THR I 192 59.18 11.75 44.70
C THR I 192 60.59 12.32 44.71
N THR I 193 60.71 13.65 44.57
CA THR I 193 62.03 14.27 44.61
C THR I 193 62.70 14.06 45.97
N LEU I 194 61.91 13.94 47.03
CA LEU I 194 62.48 13.61 48.34
C LEU I 194 63.14 12.24 48.31
N LEU I 195 62.50 11.27 47.66
CA LEU I 195 63.10 9.93 47.56
C LEU I 195 64.38 9.97 46.76
N HIS I 196 64.41 10.74 45.66
CA HIS I 196 65.61 10.85 44.85
C HIS I 196 66.75 11.46 45.64
N VAL I 197 66.47 12.48 46.45
CA VAL I 197 67.52 13.08 47.26
C VAL I 197 67.78 12.26 48.51
N PHE I 198 66.85 11.38 48.88
CA PHE I 198 67.07 10.49 50.01
C PHE I 198 67.89 9.29 49.58
N ASN I 199 67.54 8.69 48.44
CA ASN I 199 68.29 7.54 47.94
C ASN I 199 69.72 7.93 47.60
N ASN I 200 69.90 9.09 46.96
CA ASN I 200 71.24 9.53 46.60
C ASN I 200 72.05 9.93 47.83
N ASP I 201 71.38 10.34 48.90
CA ASP I 201 72.09 10.71 50.12
C ASP I 201 72.61 9.50 50.88
N LEU I 202 71.97 8.34 50.72
CA LEU I 202 72.43 7.14 51.39
C LEU I 202 73.80 6.70 50.93
N GLU I 203 74.12 6.86 49.64
CA GLU I 203 75.43 6.50 49.13
C GLU I 203 76.55 7.39 49.66
N LYS I 204 76.21 8.50 50.31
CA LYS I 204 77.20 9.38 50.94
C LYS I 204 77.51 8.97 52.38
N LYS I 205 76.49 8.63 53.17
CA LYS I 205 76.71 8.29 54.56
C LYS I 205 77.07 6.81 54.70
N ALA I 206 77.30 6.40 55.94
CA ALA I 206 77.58 5.01 56.29
C ALA I 206 76.33 4.39 56.91
N HIS I 207 75.96 3.21 56.43
CA HIS I 207 74.76 2.54 56.91
C HIS I 207 74.96 1.03 56.80
N ASP I 208 74.16 0.30 57.57
CA ASP I 208 74.27 -1.15 57.63
C ASP I 208 73.44 -1.87 56.58
N TYR I 209 72.66 -1.15 55.80
CA TYR I 209 71.76 -1.79 54.84
C TYR I 209 72.53 -2.31 53.63
N GLN I 210 71.95 -3.30 52.96
CA GLN I 210 72.62 -3.99 51.87
C GLN I 210 72.06 -3.68 50.50
N VAL I 211 70.77 -3.39 50.38
CA VAL I 211 70.16 -2.99 49.12
C VAL I 211 69.18 -1.87 49.37
N VAL I 212 69.21 -0.86 48.51
CA VAL I 212 68.24 0.22 48.52
C VAL I 212 67.50 0.19 47.19
N ILE I 213 66.23 -0.19 47.22
CA ILE I 213 65.43 -0.42 46.02
C ILE I 213 64.41 0.70 45.90
N PHE I 214 64.34 1.30 44.73
CA PHE I 214 63.37 2.34 44.42
C PHE I 214 62.37 1.77 43.41
N ILE I 215 61.10 1.73 43.79
CA ILE I 215 60.06 1.10 43.00
C ILE I 215 58.98 2.14 42.69
N GLU I 216 58.58 2.21 41.43
CA GLU I 216 57.53 3.15 41.01
C GLU I 216 56.21 2.41 40.93
N VAL I 217 55.44 2.47 42.03
CA VAL I 217 54.09 1.92 42.03
C VAL I 217 53.11 2.86 41.36
N SER I 218 53.55 4.06 41.00
CA SER I 218 52.70 5.06 40.36
C SER I 218 52.31 4.67 38.95
N ASN I 219 52.92 3.60 38.42
CA ASN I 219 52.65 3.16 37.06
C ASN I 219 51.16 2.98 36.82
N SER I 220 50.46 2.42 37.81
CA SER I 220 49.01 2.24 37.72
C SER I 220 48.45 2.02 39.11
N GLU I 221 47.13 2.09 39.20
CA GLU I 221 46.44 1.63 40.40
C GLU I 221 46.14 0.14 40.33
N ALA I 222 46.46 -0.50 39.20
CA ALA I 222 46.24 -1.92 39.02
C ALA I 222 47.39 -2.77 39.55
N LEU I 223 48.44 -2.14 40.11
CA LEU I 223 49.55 -2.87 40.69
C LEU I 223 50.22 -3.78 39.67
N ASN I 224 50.92 -3.20 38.70
CA ASN I 224 51.54 -3.97 37.62
C ASN I 224 52.68 -4.79 38.22
N THR I 225 52.30 -5.97 38.71
CA THR I 225 53.16 -6.77 39.58
C THR I 225 54.44 -7.19 38.88
N VAL I 226 54.36 -7.58 37.60
CA VAL I 226 55.50 -8.16 36.91
C VAL I 226 56.66 -7.18 36.88
N GLU I 227 56.38 -5.91 36.56
CA GLU I 227 57.43 -4.92 36.47
C GLU I 227 58.03 -4.57 37.83
N ILE I 228 57.26 -4.70 38.91
CA ILE I 228 57.82 -4.49 40.25
C ILE I 228 58.77 -5.62 40.60
N GLN I 229 58.38 -6.86 40.28
CA GLN I 229 59.24 -8.01 40.54
C GLN I 229 60.50 -7.96 39.67
N GLN I 230 60.39 -7.39 38.47
CA GLN I 230 61.57 -7.20 37.64
C GLN I 230 62.55 -6.24 38.31
N THR I 231 62.05 -5.18 38.92
CA THR I 231 62.92 -4.22 39.58
C THR I 231 63.60 -4.84 40.80
N ILE I 232 62.87 -5.65 41.56
CA ILE I 232 63.45 -6.26 42.76
C ILE I 232 64.46 -7.33 42.38
N SER I 233 64.10 -8.18 41.41
CA SER I 233 65.00 -9.25 41.00
C SER I 233 66.27 -8.69 40.36
N GLU I 234 66.14 -7.68 39.50
CA GLU I 234 67.30 -7.04 38.91
C GLU I 234 68.17 -6.39 39.97
N ARG I 235 67.56 -5.87 41.04
CA ARG I 235 68.30 -5.24 42.11
C ARG I 235 68.90 -6.25 43.10
N LEU I 236 68.45 -7.50 43.07
CA LEU I 236 68.96 -8.54 43.94
C LEU I 236 69.92 -9.49 43.22
N ASN I 237 70.34 -9.15 42.00
CA ASN I 237 71.22 -9.98 41.18
C ASN I 237 70.60 -11.35 40.90
N LEU I 238 69.28 -11.42 40.83
CA LEU I 238 68.59 -12.68 40.57
C LEU I 238 68.35 -12.85 39.07
N PRO I 239 68.34 -14.09 38.59
CA PRO I 239 67.96 -14.33 37.19
C PRO I 239 66.46 -14.19 37.00
N TRP I 240 66.08 -13.67 35.84
CA TRP I 240 64.67 -13.43 35.54
C TRP I 240 64.10 -14.65 34.83
N ASN I 241 63.39 -15.49 35.59
CA ASN I 241 62.69 -16.63 35.01
C ASN I 241 61.34 -16.13 34.52
N ASP I 242 61.26 -15.84 33.22
CA ASP I 242 60.10 -15.15 32.67
C ASP I 242 58.83 -15.97 32.80
N ALA I 243 58.92 -17.29 32.59
CA ALA I 243 57.74 -18.14 32.59
C ALA I 243 57.27 -18.51 33.99
N GLU I 244 58.01 -18.13 35.03
CA GLU I 244 57.61 -18.47 36.38
C GLU I 244 56.32 -17.73 36.75
N PRO I 245 55.38 -18.42 37.41
CA PRO I 245 54.14 -17.74 37.83
C PRO I 245 54.42 -16.67 38.88
N ILE I 246 53.55 -15.65 38.90
CA ILE I 246 53.75 -14.52 39.78
C ILE I 246 53.69 -14.95 41.25
N ALA I 247 52.77 -15.86 41.57
CA ALA I 247 52.64 -16.30 42.96
C ALA I 247 53.90 -17.05 43.42
N LYS I 248 54.51 -17.84 42.53
CA LYS I 248 55.72 -18.55 42.91
C LYS I 248 56.89 -17.60 43.11
N ARG I 249 57.02 -16.60 42.23
CA ARG I 249 58.08 -15.61 42.38
C ARG I 249 57.92 -14.82 43.68
N ALA I 250 56.68 -14.45 44.01
CA ALA I 250 56.43 -13.69 45.22
C ALA I 250 56.91 -14.45 46.45
N ARG I 251 56.67 -15.76 46.49
CA ARG I 251 57.20 -16.59 47.57
C ARG I 251 58.71 -16.63 47.53
N PHE I 252 59.30 -16.58 46.34
CA PHE I 252 60.75 -16.61 46.21
C PHE I 252 61.38 -15.30 46.66
N LEU I 253 60.81 -14.17 46.26
CA LEU I 253 61.37 -12.88 46.62
C LEU I 253 61.29 -12.64 48.13
N ILE I 254 60.24 -13.17 48.77
CA ILE I 254 60.12 -13.04 50.22
C ILE I 254 61.30 -13.70 50.91
N LYS I 255 61.69 -14.89 50.43
CA LYS I 255 62.87 -15.56 50.98
C LYS I 255 64.14 -14.81 50.62
N ALA I 256 64.23 -14.30 49.39
CA ALA I 256 65.44 -13.61 48.95
C ALA I 256 65.64 -12.31 49.72
N LEU I 257 64.56 -11.53 49.86
CA LEU I 257 64.67 -10.25 50.57
C LEU I 257 64.80 -10.46 52.08
N GLY I 258 64.34 -11.61 52.59
CA GLY I 258 64.48 -11.90 54.01
C GLY I 258 65.90 -12.15 54.45
N ARG I 259 66.81 -12.39 53.51
CA ARG I 259 68.21 -12.64 53.84
C ARG I 259 69.04 -11.37 53.90
N LYS I 260 68.48 -10.22 53.53
CA LYS I 260 69.24 -8.97 53.44
C LYS I 260 68.53 -7.85 54.18
N ARG I 261 69.32 -6.91 54.68
CA ARG I 261 68.79 -5.70 55.29
C ARG I 261 68.44 -4.69 54.20
N PHE I 262 67.21 -4.71 53.71
CA PHE I 262 66.84 -3.93 52.54
C PHE I 262 66.17 -2.63 52.95
N VAL I 263 66.20 -1.67 52.02
CA VAL I 263 65.38 -0.46 52.08
C VAL I 263 64.65 -0.34 50.76
N ILE I 264 63.32 -0.40 50.80
CA ILE I 264 62.50 -0.30 49.61
C ILE I 264 61.75 1.01 49.65
N LEU I 265 61.93 1.84 48.63
CA LEU I 265 61.33 3.17 48.56
C LEU I 265 60.19 3.12 47.53
N LEU I 266 59.01 2.75 48.00
CA LEU I 266 57.84 2.78 47.14
C LEU I 266 57.49 4.23 46.81
N ASP I 267 56.99 4.46 45.60
CA ASP I 267 56.75 5.81 45.10
C ASP I 267 55.33 5.94 44.60
N ASP I 268 54.58 6.87 45.19
CA ASP I 268 53.23 7.24 44.75
C ASP I 268 52.34 6.01 44.63
N VAL I 269 52.13 5.37 45.77
CA VAL I 269 51.18 4.26 45.86
C VAL I 269 49.78 4.84 46.02
N ARG I 270 48.86 4.42 45.17
CA ARG I 270 47.53 5.02 45.10
C ARG I 270 46.43 4.14 45.65
N LYS I 271 46.68 2.85 45.88
CA LYS I 271 45.73 1.97 46.52
C LYS I 271 46.47 1.05 47.49
N LYS I 272 45.73 0.56 48.48
CA LYS I 272 46.29 -0.45 49.36
C LYS I 272 46.57 -1.73 48.57
N PHE I 273 47.78 -2.24 48.71
CA PHE I 273 48.16 -3.49 48.08
C PHE I 273 48.97 -4.33 49.06
N CYS I 274 48.89 -5.64 48.88
CA CYS I 274 49.54 -6.58 49.79
C CYS I 274 51.00 -6.75 49.36
N LEU I 275 51.91 -6.49 50.30
CA LEU I 275 53.34 -6.59 49.99
C LEU I 275 53.74 -8.02 49.66
N GLU I 276 53.24 -8.99 50.43
CA GLU I 276 53.61 -10.38 50.21
C GLU I 276 53.12 -10.93 48.88
N ASP I 277 52.11 -10.31 48.26
CA ASP I 277 51.67 -10.75 46.94
C ASP I 277 52.56 -10.21 45.83
N VAL I 278 53.36 -9.18 46.11
CA VAL I 278 54.29 -8.67 45.12
C VAL I 278 55.72 -9.19 45.36
N GLY I 279 55.97 -9.82 46.50
CA GLY I 279 57.27 -10.39 46.79
C GLY I 279 58.00 -9.71 47.93
N ILE I 280 57.52 -8.53 48.31
CA ILE I 280 58.15 -7.76 49.39
C ILE I 280 57.68 -8.29 50.74
N PRO I 281 58.59 -8.69 51.62
CA PRO I 281 58.17 -9.07 52.99
C PRO I 281 57.99 -7.81 53.83
N THR I 282 56.90 -7.78 54.60
CA THR I 282 56.68 -6.65 55.48
C THR I 282 57.73 -6.63 56.59
N PRO I 283 58.47 -5.54 56.76
CA PRO I 283 59.49 -5.50 57.81
C PRO I 283 58.84 -5.46 59.19
N ASP I 284 59.51 -6.09 60.15
CA ASP I 284 59.03 -6.16 61.51
C ASP I 284 60.14 -5.72 62.46
N ILE I 285 59.82 -5.72 63.75
CA ILE I 285 60.77 -5.25 64.76
C ILE I 285 62.03 -6.10 64.76
N ASN I 286 61.88 -7.42 64.62
CA ASN I 286 63.02 -8.33 64.63
C ASN I 286 64.01 -8.06 63.50
N SER I 287 63.55 -7.54 62.36
CA SER I 287 64.39 -7.29 61.21
C SER I 287 64.80 -5.82 61.17
N GLN I 288 65.99 -5.58 60.63
CA GLN I 288 66.49 -4.21 60.46
C GLN I 288 65.99 -3.56 59.18
N SER I 289 65.26 -4.28 58.35
CA SER I 289 64.81 -3.75 57.08
C SER I 289 63.83 -2.60 57.28
N LYS I 290 63.80 -1.70 56.30
CA LYS I 290 62.91 -0.55 56.32
C LYS I 290 62.13 -0.48 55.02
N LEU I 291 60.97 0.17 55.08
CA LEU I 291 60.11 0.36 53.92
C LEU I 291 59.54 1.77 53.97
N ILE I 292 59.81 2.56 52.94
CA ILE I 292 59.36 3.94 52.86
C ILE I 292 58.44 4.08 51.65
N LEU I 293 57.22 4.51 51.89
CA LEU I 293 56.22 4.67 50.83
C LEU I 293 55.69 6.09 50.85
N THR I 294 55.55 6.68 49.66
CA THR I 294 54.96 8.00 49.52
C THR I 294 53.64 7.91 48.79
N SER I 295 52.69 8.75 49.21
CA SER I 295 51.36 8.74 48.62
C SER I 295 50.70 10.08 48.91
N ARG I 296 49.81 10.47 48.00
CA ARG I 296 49.02 11.69 48.22
C ARG I 296 47.98 11.54 49.31
N TYR I 297 47.61 10.31 49.66
CA TYR I 297 46.48 10.05 50.55
C TYR I 297 46.99 9.54 51.89
N ARG I 298 46.57 10.19 52.97
CA ARG I 298 46.88 9.67 54.30
C ARG I 298 46.14 8.37 54.58
N GLU I 299 45.01 8.17 53.92
CA GLU I 299 44.26 6.92 54.10
C GLU I 299 45.06 5.73 53.61
N VAL I 300 45.80 5.87 52.51
CA VAL I 300 46.63 4.79 52.02
C VAL I 300 47.78 4.50 52.98
N CYS I 301 48.42 5.55 53.50
CA CYS I 301 49.51 5.36 54.44
C CYS I 301 49.04 4.67 55.71
N PHE I 302 47.78 4.91 56.11
CA PHE I 302 47.23 4.21 57.26
C PHE I 302 46.88 2.77 56.93
N GLN I 303 46.40 2.52 55.70
CA GLN I 303 46.05 1.17 55.30
C GLN I 303 47.27 0.28 55.20
N MET I 304 48.42 0.85 54.84
CA MET I 304 49.66 0.09 54.71
C MET I 304 50.47 0.02 56.00
N ASN I 305 49.81 0.17 57.16
CA ASN I 305 50.42 -0.01 58.47
C ASN I 305 51.54 0.98 58.74
N ALA I 306 51.44 2.19 58.21
CA ALA I 306 52.42 3.23 58.46
C ALA I 306 51.90 4.33 59.37
N GLN I 307 50.85 4.05 60.16
CA GLN I 307 50.25 5.09 61.00
C GLN I 307 51.21 5.60 62.07
N ARG I 308 51.99 4.71 62.69
CA ARG I 308 52.85 5.12 63.79
C ARG I 308 54.01 5.98 63.32
N SER I 309 54.43 5.86 62.06
CA SER I 309 55.52 6.66 61.49
C SER I 309 55.02 7.27 60.19
N LEU I 310 54.55 8.51 60.27
CA LEU I 310 53.98 9.22 59.12
C LEU I 310 54.53 10.63 59.10
N ILE I 311 54.82 11.13 57.90
CA ILE I 311 55.34 12.48 57.69
C ILE I 311 54.46 13.19 56.68
N GLU I 312 54.11 14.43 56.99
CA GLU I 312 53.39 15.30 56.06
C GLU I 312 54.40 16.15 55.31
N MET I 313 54.40 16.03 53.98
CA MET I 313 55.33 16.77 53.13
C MET I 313 54.73 18.15 52.88
N GLN I 314 55.24 19.14 53.58
CA GLN I 314 54.67 20.48 53.53
C GLN I 314 55.21 21.27 52.35
N ILE I 315 54.46 22.31 51.98
CA ILE I 315 54.85 23.16 50.87
C ILE I 315 56.12 23.94 51.21
N LEU I 316 56.75 24.50 50.17
CA LEU I 316 58.00 25.20 50.35
C LEU I 316 57.77 26.51 51.10
N GLY I 317 58.81 26.97 51.79
CA GLY I 317 58.72 28.20 52.55
C GLY I 317 58.70 29.43 51.67
N ASN I 318 58.47 30.58 52.31
CA ASN I 318 58.35 31.83 51.56
C ASN I 318 59.66 32.18 50.85
N ASP I 319 60.78 32.03 51.55
CA ASP I 319 62.07 32.41 50.95
C ASP I 319 62.50 31.41 49.89
N ALA I 320 62.37 30.11 50.17
CA ALA I 320 62.85 29.10 49.24
C ALA I 320 61.97 29.00 48.02
N SER I 321 60.69 29.37 48.13
CA SER I 321 59.82 29.41 46.96
C SER I 321 60.23 30.50 45.98
N TRP I 322 60.96 31.52 46.44
CA TRP I 322 61.37 32.60 45.55
C TRP I 322 62.61 32.22 44.75
N GLU I 323 63.66 31.74 45.43
CA GLU I 323 64.88 31.35 44.72
C GLU I 323 64.67 30.16 43.81
N LEU I 324 63.66 29.32 44.07
CA LEU I 324 63.27 28.31 43.09
C LEU I 324 62.68 28.98 41.85
N PHE I 325 61.84 30.00 42.05
CA PHE I 325 61.28 30.74 40.93
C PHE I 325 62.37 31.47 40.15
N LEU I 326 63.35 32.03 40.87
CA LEU I 326 64.42 32.78 40.21
C LEU I 326 65.24 31.89 39.29
N SER I 327 65.58 30.68 39.73
CA SER I 327 66.39 29.78 38.93
C SER I 327 65.66 29.32 37.67
N LYS I 328 64.35 29.53 37.60
CA LYS I 328 63.57 29.11 36.45
C LYS I 328 63.53 30.16 35.34
N LEU I 329 64.05 31.35 35.59
CA LEU I 329 63.99 32.45 34.62
C LEU I 329 65.27 32.52 33.80
N SER I 330 65.15 33.08 32.60
CA SER I 330 66.29 33.22 31.72
C SER I 330 67.30 34.22 32.29
N THR I 331 68.47 34.29 31.64
CA THR I 331 69.55 35.13 32.15
C THR I 331 69.16 36.61 32.11
N GLU I 332 68.59 37.07 31.00
CA GLU I 332 68.23 38.49 30.90
C GLU I 332 67.01 38.81 31.74
N THR I 333 66.05 37.89 31.82
CA THR I 333 64.85 38.13 32.62
C THR I 333 65.20 38.16 34.11
N SER I 334 66.07 37.26 34.56
CA SER I 334 66.46 37.24 35.96
C SER I 334 67.21 38.51 36.35
N ALA I 335 67.96 39.08 35.40
CA ALA I 335 68.70 40.31 35.68
C ALA I 335 67.77 41.50 35.94
N ALA I 336 66.49 41.37 35.61
CA ALA I 336 65.56 42.46 35.84
C ALA I 336 64.90 42.35 37.21
N VAL I 337 64.60 41.13 37.66
CA VAL I 337 63.86 40.93 38.88
C VAL I 337 64.73 40.51 40.07
N GLU I 338 65.96 40.07 39.84
CA GLU I 338 66.81 39.67 40.96
C GLU I 338 67.43 40.86 41.69
N PRO I 339 68.13 41.79 41.03
CA PRO I 339 68.90 42.79 41.79
C PRO I 339 68.03 43.69 42.64
N LEU I 340 68.57 44.08 43.80
CA LEU I 340 67.96 45.05 44.68
C LEU I 340 68.88 46.26 44.78
N GLY I 341 68.52 47.18 45.67
CA GLY I 341 69.19 48.47 45.72
C GLY I 341 68.60 49.38 44.67
N SER I 342 68.70 48.99 43.41
CA SER I 342 67.90 49.60 42.36
C SER I 342 66.50 49.04 42.42
N GLN I 343 65.55 49.87 42.87
CA GLN I 343 64.22 49.41 43.23
C GLN I 343 63.23 49.81 42.15
N SER I 344 62.44 48.83 41.70
CA SER I 344 61.39 49.05 40.72
C SER I 344 60.28 48.04 40.97
N ALA I 345 59.08 48.36 40.48
CA ALA I 345 57.93 47.50 40.69
C ALA I 345 58.04 46.17 39.98
N THR I 346 58.99 46.01 39.05
CA THR I 346 59.11 44.75 38.33
C THR I 346 59.49 43.60 39.26
N ARG I 347 60.15 43.90 40.37
CA ARG I 347 60.39 42.89 41.39
C ARG I 347 59.10 42.53 42.11
N GLU I 348 58.29 43.54 42.43
CA GLU I 348 57.03 43.29 43.15
C GLU I 348 56.05 42.52 42.27
N HIS I 349 56.11 42.72 40.95
CA HIS I 349 55.24 41.97 40.07
C HIS I 349 55.67 40.51 39.96
N ALA I 350 56.98 40.26 39.95
CA ALA I 350 57.48 38.90 39.89
C ALA I 350 57.11 38.13 41.15
N MET I 351 57.26 38.76 42.32
CA MET I 351 56.93 38.10 43.58
C MET I 351 55.44 37.78 43.67
N LYS I 352 54.60 38.69 43.18
CA LYS I 352 53.15 38.43 43.17
C LYS I 352 52.82 37.19 42.36
N ILE I 353 53.57 36.94 41.29
CA ILE I 353 53.42 35.70 40.53
C ILE I 353 53.91 34.51 41.35
N ALA I 354 55.06 34.67 42.01
CA ALA I 354 55.63 33.58 42.81
C ALA I 354 54.71 33.22 43.98
N GLN I 355 54.14 34.22 44.65
CA GLN I 355 53.27 33.95 45.78
C GLN I 355 51.99 33.24 45.35
N SER I 356 51.54 33.44 44.11
CA SER I 356 50.33 32.79 43.63
C SER I 356 50.50 31.29 43.49
N CYS I 357 51.74 30.80 43.36
CA CYS I 357 52.00 29.37 43.27
C CYS I 357 51.81 28.65 44.61
N GLY I 358 51.70 29.39 45.70
CA GLY I 358 51.44 28.77 47.00
C GLY I 358 52.58 27.94 47.52
N GLY I 359 53.81 28.17 47.03
CA GLY I 359 54.94 27.39 47.49
C GLY I 359 54.94 25.95 47.03
N LEU I 360 54.12 25.61 46.03
CA LEU I 360 54.06 24.25 45.52
C LEU I 360 55.14 24.10 44.46
N PRO I 361 56.13 23.22 44.64
CA PRO I 361 57.23 23.14 43.66
C PRO I 361 56.77 22.81 42.24
N LEU I 362 55.72 22.02 42.09
CA LEU I 362 55.20 21.74 40.76
C LEU I 362 54.68 23.00 40.09
N ALA I 363 53.98 23.83 40.84
CA ALA I 363 53.46 25.08 40.27
C ALA I 363 54.58 26.06 39.98
N LEU I 364 55.58 26.13 40.86
CA LEU I 364 56.69 27.06 40.66
C LEU I 364 57.46 26.71 39.40
N ASN I 365 57.61 25.42 39.09
CA ASN I 365 58.31 25.02 37.88
C ASN I 365 57.51 25.36 36.63
N VAL I 366 56.20 25.09 36.65
CA VAL I 366 55.37 25.35 35.49
C VAL I 366 55.18 26.85 35.29
N ILE I 367 54.89 27.57 36.38
CA ILE I 367 54.67 29.02 36.28
C ILE I 367 55.99 29.73 35.97
N GLY I 368 57.07 29.32 36.64
CA GLY I 368 58.35 29.96 36.41
C GLY I 368 58.87 29.80 35.00
N THR I 369 58.64 28.63 34.40
CA THR I 369 59.11 28.39 33.04
C THR I 369 58.31 29.21 32.02
N ALA I 370 57.01 29.37 32.25
CA ALA I 370 56.17 30.11 31.33
C ALA I 370 56.59 31.57 31.25
N VAL I 371 56.96 32.16 32.38
CA VAL I 371 57.30 33.58 32.43
C VAL I 371 58.82 33.75 32.43
N ALA I 372 59.54 32.72 31.98
CA ALA I 372 61.00 32.79 31.97
C ALA I 372 61.53 33.77 30.94
N GLY I 373 60.71 34.16 29.96
CA GLY I 373 61.16 35.07 28.93
C GLY I 373 60.40 36.39 28.93
N LEU I 374 59.78 36.72 30.06
CA LEU I 374 59.03 37.97 30.17
C LEU I 374 59.98 39.16 30.13
N GLU I 375 59.65 40.15 29.31
CA GLU I 375 60.39 41.39 29.30
C GLU I 375 59.90 42.30 30.42
N GLU I 376 60.55 43.46 30.54
CA GLU I 376 60.25 44.38 31.64
C GLU I 376 58.81 44.87 31.59
N GLY I 377 58.32 45.19 30.39
CA GLY I 377 57.01 45.80 30.26
C GLY I 377 55.83 44.86 30.43
N GLU I 378 56.07 43.55 30.46
CA GLU I 378 54.98 42.59 30.56
C GLU I 378 54.83 41.98 31.95
N TRP I 379 55.71 42.31 32.89
CA TRP I 379 55.54 41.84 34.27
C TRP I 379 54.27 42.40 34.89
N GLN I 380 53.97 43.68 34.65
CA GLN I 380 52.81 44.32 35.24
C GLN I 380 51.50 43.66 34.80
N SER I 381 51.35 43.37 33.51
CA SER I 381 50.12 42.79 33.01
C SER I 381 50.00 41.31 33.33
N ALA I 382 51.11 40.58 33.34
CA ALA I 382 51.07 39.15 33.65
C ALA I 382 50.74 38.92 35.12
N ALA I 383 51.35 39.72 36.01
CA ALA I 383 51.12 39.55 37.44
C ALA I 383 49.69 39.86 37.84
N ASP I 384 49.01 40.75 37.12
CA ASP I 384 47.63 41.08 37.47
C ASP I 384 46.68 39.96 37.04
N ALA I 385 46.94 39.35 35.88
CA ALA I 385 46.02 38.33 35.37
C ALA I 385 46.18 37.01 36.11
N ILE I 386 47.37 36.74 36.62
CA ILE I 386 47.61 35.48 37.33
C ILE I 386 46.82 35.44 38.64
N ALA I 387 46.51 36.61 39.21
CA ALA I 387 45.74 36.66 40.44
C ALA I 387 44.31 36.19 40.25
N THR I 388 43.77 36.29 39.04
CA THR I 388 42.39 35.89 38.78
C THR I 388 42.28 34.44 38.37
N ASN I 389 43.06 34.01 37.38
CA ASN I 389 43.01 32.63 36.91
C ASN I 389 44.36 32.24 36.32
N MET I 390 44.62 30.93 36.26
CA MET I 390 45.90 30.44 35.78
C MET I 390 45.78 29.63 34.49
N ASP I 391 44.57 29.22 34.11
CA ASP I 391 44.41 28.25 33.03
C ASP I 391 44.94 28.74 31.68
N ASN I 392 45.11 30.05 31.49
CA ASN I 392 45.64 30.55 30.23
C ASN I 392 47.17 30.52 30.18
N ILE I 393 47.83 30.22 31.29
CA ILE I 393 49.29 30.21 31.33
C ILE I 393 49.80 28.96 30.64
N ASP I 394 50.95 29.08 29.96
CA ASP I 394 51.53 27.98 29.23
C ASP I 394 51.94 26.84 30.17
N GLY I 395 51.52 25.63 29.83
CA GLY I 395 51.87 24.44 30.59
C GLY I 395 51.00 24.17 31.79
N VAL I 396 50.16 25.12 32.21
CA VAL I 396 49.30 24.91 33.37
C VAL I 396 48.22 23.88 33.06
N ASP I 397 47.69 23.90 31.83
CA ASP I 397 46.62 22.98 31.47
C ASP I 397 47.00 21.53 31.62
N GLU I 398 48.29 21.20 31.59
CA GLU I 398 48.75 19.85 31.89
C GLU I 398 49.16 19.68 33.34
N MET I 399 49.46 20.78 34.04
CA MET I 399 49.73 20.69 35.47
C MET I 399 48.48 20.26 36.24
N PHE I 400 47.33 20.82 35.87
CA PHE I 400 46.08 20.38 36.50
C PHE I 400 45.74 18.95 36.13
N GLY I 401 46.11 18.52 34.92
CA GLY I 401 45.91 17.14 34.55
C GLY I 401 46.70 16.18 35.41
N ARG I 402 47.88 16.60 35.87
CA ARG I 402 48.66 15.79 36.80
C ARG I 402 48.02 15.76 38.17
N LEU I 403 47.43 16.87 38.61
CA LEU I 403 46.79 16.92 39.91
C LEU I 403 45.34 16.45 39.85
N LYS I 404 44.80 16.23 38.66
CA LYS I 404 43.37 15.94 38.53
C LYS I 404 43.01 14.57 39.08
N TYR I 405 43.99 13.65 39.17
CA TYR I 405 43.66 12.30 39.60
C TYR I 405 43.10 12.26 41.01
N SER I 406 43.65 13.09 41.91
CA SER I 406 43.12 13.16 43.26
C SER I 406 41.65 13.55 43.28
N PHE I 407 41.17 14.24 42.25
CA PHE I 407 39.77 14.59 42.12
C PHE I 407 38.97 13.47 41.45
N ASP I 408 39.54 12.80 40.45
CA ASP I 408 38.84 11.71 39.78
C ASP I 408 38.67 10.51 40.70
N ARG I 409 39.54 10.39 41.71
CA ARG I 409 39.43 9.29 42.67
C ARG I 409 38.16 9.40 43.50
N LEU I 410 37.62 10.61 43.65
CA LEU I 410 36.51 10.83 44.56
C LEU I 410 35.21 10.25 44.01
N THR I 411 34.30 9.96 44.93
CA THR I 411 32.94 9.60 44.56
C THR I 411 32.20 10.83 44.05
N PRO I 412 31.12 10.64 43.29
CA PRO I 412 30.38 11.81 42.77
C PRO I 412 29.89 12.75 43.86
N THR I 413 29.51 12.23 45.02
CA THR I 413 29.09 13.11 46.12
C THR I 413 30.26 13.94 46.62
N GLN I 414 31.45 13.36 46.70
CA GLN I 414 32.61 14.10 47.19
C GLN I 414 33.09 15.13 46.16
N GLN I 415 32.92 14.82 44.87
CA GLN I 415 33.32 15.77 43.84
C GLN I 415 32.51 17.06 43.92
N GLN I 416 31.19 16.94 44.13
CA GLN I 416 30.35 18.12 44.26
C GLN I 416 30.71 18.91 45.51
N CYS I 417 31.02 18.21 46.60
CA CYS I 417 31.40 18.90 47.84
C CYS I 417 32.71 19.65 47.68
N PHE I 418 33.65 19.09 46.92
CA PHE I 418 34.90 19.78 46.66
C PHE I 418 34.69 20.98 45.76
N LEU I 419 33.91 20.80 44.69
CA LEU I 419 33.62 21.91 43.78
C LEU I 419 32.84 23.00 44.49
N TYR I 420 31.95 22.63 45.42
CA TYR I 420 31.18 23.62 46.15
C TYR I 420 32.08 24.49 47.01
N CYS I 421 33.18 23.94 47.52
CA CYS I 421 34.10 24.70 48.35
C CYS I 421 34.92 25.71 47.56
N THR I 422 34.90 25.65 46.23
CA THR I 422 35.75 26.53 45.43
C THR I 422 35.17 27.93 45.30
N LEU I 423 33.91 28.14 45.64
CA LEU I 423 33.27 29.44 45.48
C LEU I 423 33.39 30.31 46.74
N PHE I 424 34.17 29.89 47.71
CA PHE I 424 34.49 30.74 48.86
C PHE I 424 35.69 31.62 48.54
N PRO I 425 35.84 32.75 49.23
CA PRO I 425 36.87 33.71 48.85
C PRO I 425 38.28 33.16 48.99
N GLU I 426 39.17 33.69 48.15
CA GLU I 426 40.58 33.32 48.19
C GLU I 426 41.19 33.68 49.54
N TYR I 427 42.08 32.82 50.03
CA TYR I 427 42.82 33.01 51.27
C TYR I 427 41.92 33.13 52.50
N GLY I 428 40.71 32.60 52.42
CA GLY I 428 39.80 32.68 53.55
C GLY I 428 39.42 31.34 54.13
N SER I 429 39.74 31.12 55.40
CA SER I 429 39.34 29.88 56.07
C SER I 429 37.84 29.87 56.29
N ILE I 430 37.24 28.69 56.11
CA ILE I 430 35.80 28.51 56.27
C ILE I 430 35.58 27.39 57.28
N SER I 431 34.47 27.49 58.03
CA SER I 431 34.21 26.56 59.11
C SER I 431 33.50 25.31 58.60
N LYS I 432 33.78 24.18 59.25
CA LYS I 432 33.16 22.92 58.85
C LYS I 432 31.65 22.95 59.06
N GLU I 433 31.21 23.55 60.18
CA GLU I 433 29.78 23.58 60.48
C GLU I 433 29.01 24.36 59.43
N GLN I 434 29.54 25.49 58.98
CA GLN I 434 28.91 26.23 57.89
C GLN I 434 28.89 25.40 56.62
N LEU I 435 30.03 24.80 56.27
CA LEU I 435 30.13 24.07 55.00
C LEU I 435 29.20 22.86 54.98
N ILE I 436 29.12 22.14 56.10
CA ILE I 436 28.20 21.00 56.17
C ILE I 436 26.75 21.48 56.12
N GLY I 437 26.46 22.62 56.74
CA GLY I 437 25.11 23.16 56.70
C GLY I 437 24.62 23.41 55.29
N TYR I 438 25.50 23.97 54.44
CA TYR I 438 25.13 24.17 53.04
C TYR I 438 24.89 22.84 52.34
N TRP I 439 25.72 21.84 52.64
CA TRP I 439 25.61 20.54 51.96
C TRP I 439 24.33 19.82 52.33
N LEU I 440 23.90 19.93 53.59
CA LEU I 440 22.68 19.24 54.01
C LEU I 440 21.46 19.74 53.24
N ALA I 441 21.34 21.05 53.10
CA ALA I 441 20.22 21.61 52.35
C ALA I 441 20.35 21.37 50.85
N GLU I 442 21.58 21.35 50.33
CA GLU I 442 21.79 21.15 48.91
C GLU I 442 21.36 19.76 48.45
N GLY I 443 21.20 18.81 49.38
CA GLY I 443 20.86 17.46 49.03
C GLY I 443 22.03 16.53 48.81
N LEU I 444 23.26 17.05 48.89
CA LEU I 444 24.43 16.19 48.77
C LEU I 444 24.49 15.18 49.90
N LEU I 445 24.15 15.59 51.12
CA LEU I 445 24.09 14.71 52.27
C LEU I 445 22.65 14.26 52.46
N LEU I 446 22.45 12.96 52.69
CA LEU I 446 21.12 12.40 52.90
C LEU I 446 20.66 12.69 54.33
N ASN I 447 20.56 13.97 54.65
CA ASN I 447 20.13 14.48 55.95
C ASN I 447 21.01 13.95 57.10
N ASP I 448 22.25 13.60 56.80
CA ASP I 448 23.18 13.06 57.79
C ASP I 448 24.32 14.07 57.98
N SER I 449 24.48 14.54 59.21
CA SER I 449 25.54 15.51 59.49
C SER I 449 26.91 14.85 59.55
N GLU I 450 26.98 13.60 60.03
CA GLU I 450 28.26 12.91 60.08
C GLU I 450 28.84 12.67 58.70
N LYS I 451 27.98 12.35 57.72
CA LYS I 451 28.46 12.14 56.35
C LYS I 451 29.16 13.38 55.83
N GLY I 452 28.75 14.57 56.28
CA GLY I 452 29.45 15.80 55.93
C GLY I 452 30.83 15.85 56.52
N TYR I 453 30.97 15.43 57.78
CA TYR I 453 32.29 15.37 58.40
C TYR I 453 33.16 14.30 57.75
N GLN I 454 32.55 13.21 57.30
CA GLN I 454 33.31 12.17 56.60
C GLN I 454 33.87 12.69 55.29
N ILE I 455 33.07 13.45 54.53
CA ILE I 455 33.54 13.99 53.27
C ILE I 455 34.67 14.98 53.49
N ILE I 456 34.53 15.85 54.50
CA ILE I 456 35.60 16.79 54.81
C ILE I 456 36.87 16.05 55.22
N ARG I 457 36.72 15.02 56.05
CA ARG I 457 37.87 14.21 56.44
C ARG I 457 38.46 13.48 55.24
N SER I 458 37.61 13.05 54.31
CA SER I 458 38.10 12.41 53.08
C SER I 458 38.90 13.40 52.24
N LEU I 459 38.39 14.62 52.10
CA LEU I 459 39.09 15.62 51.30
C LEU I 459 40.40 16.05 51.94
N VAL I 460 40.42 16.16 53.27
CA VAL I 460 41.66 16.51 53.96
C VAL I 460 42.71 15.41 53.78
N SER I 461 42.28 14.15 53.80
CA SER I 461 43.21 13.05 53.62
C SER I 461 43.74 12.94 52.20
N ALA I 462 43.03 13.49 51.21
CA ALA I 462 43.48 13.52 49.84
C ALA I 462 44.23 14.80 49.49
N CYS I 463 44.47 15.66 50.48
CA CYS I 463 45.16 16.95 50.33
C CYS I 463 44.40 17.94 49.47
N LEU I 464 43.13 17.68 49.17
CA LEU I 464 42.34 18.64 48.41
C LEU I 464 41.97 19.84 49.27
N LEU I 465 41.55 19.61 50.51
CA LEU I 465 41.35 20.67 51.49
C LEU I 465 42.47 20.64 52.52
N GLN I 466 42.50 21.67 53.36
CA GLN I 466 43.49 21.78 54.42
C GLN I 466 42.82 22.22 55.70
N VAL I 467 43.09 21.49 56.78
CA VAL I 467 42.64 21.92 58.10
C VAL I 467 43.63 22.94 58.64
N SER I 468 43.13 24.14 58.93
CA SER I 468 44.02 25.24 59.32
C SER I 468 43.26 26.22 60.19
N GLY I 469 44.00 27.01 60.96
CA GLY I 469 43.41 28.01 61.81
C GLY I 469 43.88 27.83 63.23
N SER I 470 43.45 28.76 64.08
CA SER I 470 43.69 28.62 65.52
C SER I 470 42.98 27.40 66.10
N MET I 471 41.94 26.91 65.42
CA MET I 471 41.28 25.67 65.79
C MET I 471 41.05 24.87 64.52
N SER I 472 40.97 23.55 64.67
CA SER I 472 40.77 22.65 63.54
C SER I 472 39.34 22.64 63.04
N SER I 473 38.49 23.55 63.50
CA SER I 473 37.12 23.64 63.02
C SER I 473 37.00 24.37 61.69
N LYS I 474 38.09 24.93 61.17
CA LYS I 474 38.09 25.65 59.91
C LYS I 474 38.90 24.89 58.87
N VAL I 475 38.36 24.80 57.66
CA VAL I 475 39.07 24.22 56.52
C VAL I 475 39.34 25.31 55.50
N LYS I 476 40.30 25.03 54.62
CA LYS I 476 40.66 25.97 53.56
C LYS I 476 41.27 25.20 52.40
N MET I 477 41.37 25.87 51.27
CA MET I 477 41.87 25.27 50.04
C MET I 477 43.18 25.95 49.63
N HIS I 478 44.16 25.16 49.23
CA HIS I 478 45.41 25.70 48.71
C HIS I 478 45.13 26.45 47.41
N HIS I 479 45.95 27.47 47.14
CA HIS I 479 45.68 28.35 46.00
C HIS I 479 45.68 27.56 44.69
N VAL I 480 46.67 26.71 44.49
CA VAL I 480 46.74 25.93 43.25
C VAL I 480 45.58 24.94 43.18
N ILE I 481 45.18 24.36 44.31
CA ILE I 481 44.07 23.43 44.30
C ILE I 481 42.76 24.14 43.95
N ARG I 482 42.56 25.35 44.47
CA ARG I 482 41.36 26.10 44.11
C ARG I 482 41.33 26.42 42.62
N GLN I 483 42.47 26.83 42.05
CA GLN I 483 42.53 27.07 40.62
C GLN I 483 42.23 25.80 39.83
N LEU I 484 42.62 24.64 40.36
CA LEU I 484 42.21 23.38 39.76
C LEU I 484 40.71 23.19 39.90
N GLY I 485 40.14 23.59 41.03
CA GLY I 485 38.70 23.49 41.19
C GLY I 485 37.94 24.36 40.20
N LEU I 486 38.37 25.61 40.03
CA LEU I 486 37.74 26.47 39.04
C LEU I 486 37.96 25.94 37.63
N TRP I 487 39.16 25.42 37.36
CA TRP I 487 39.45 24.87 36.03
C TRP I 487 38.58 23.66 35.73
N LEU I 488 38.33 22.83 36.73
CA LEU I 488 37.44 21.69 36.54
C LEU I 488 35.99 22.14 36.32
N VAL I 489 35.57 23.20 37.02
CA VAL I 489 34.24 23.74 36.82
C VAL I 489 34.06 24.24 35.40
N ASN I 490 35.07 24.97 34.90
CA ASN I 490 35.00 25.47 33.53
C ASN I 490 34.98 24.32 32.53
N LYS I 491 35.73 23.25 32.81
CA LYS I 491 35.71 22.08 31.94
C LYS I 491 34.39 21.34 31.99
N SER I 492 33.63 21.49 33.08
CA SER I 492 32.35 20.81 33.22
C SER I 492 31.26 21.51 32.42
N ASP I 493 30.12 20.83 32.30
CA ASP I 493 28.98 21.36 31.55
C ASP I 493 27.99 22.09 32.44
N THR I 494 28.27 22.24 33.73
CA THR I 494 27.42 22.98 34.65
C THR I 494 28.19 24.21 35.11
N LYS I 495 27.83 25.37 34.56
CA LYS I 495 28.58 26.59 34.84
C LYS I 495 28.36 27.06 36.27
N PHE I 496 29.42 27.59 36.87
CA PHE I 496 29.35 28.32 38.13
C PHE I 496 29.66 29.78 37.87
N LEU I 497 29.09 30.65 38.70
CA LEU I 497 29.45 32.06 38.73
C LEU I 497 30.18 32.35 40.02
N VAL I 498 31.51 32.42 39.95
CA VAL I 498 32.33 32.47 41.15
C VAL I 498 33.17 33.73 41.15
N GLN I 499 32.71 34.78 41.85
CA GLN I 499 33.51 35.98 42.07
C GLN I 499 33.45 36.43 43.54
N PRO I 500 33.97 35.62 44.47
CA PRO I 500 34.06 36.08 45.85
C PRO I 500 35.44 36.66 46.14
N GLY I 501 35.47 37.57 47.12
CA GLY I 501 36.73 38.13 47.58
C GLY I 501 37.48 38.91 46.51
N MET I 502 36.77 39.28 45.45
CA MET I 502 37.39 39.98 44.32
C MET I 502 37.36 41.49 44.50
N ALA I 503 36.91 41.99 45.66
CA ALA I 503 36.77 43.42 45.91
C ALA I 503 35.91 44.09 44.85
N LEU I 504 34.84 43.41 44.46
CA LEU I 504 33.93 43.95 43.46
C LEU I 504 33.15 45.13 44.03
N ASP I 505 33.15 46.24 43.31
CA ASP I 505 32.44 47.44 43.76
C ASP I 505 31.01 47.49 43.26
N ASN I 506 30.65 46.66 42.29
CA ASN I 506 29.29 46.61 41.76
C ASN I 506 28.99 45.19 41.31
N ALA I 507 27.70 44.85 41.27
CA ALA I 507 27.30 43.49 40.93
C ALA I 507 27.67 43.17 39.49
N PRO I 508 27.95 41.90 39.19
CA PRO I 508 28.27 41.53 37.81
C PRO I 508 27.05 41.63 36.91
N SER I 509 27.32 41.64 35.60
CA SER I 509 26.25 41.76 34.61
C SER I 509 25.26 40.63 34.76
N ALA I 510 23.96 40.97 34.66
CA ALA I 510 22.89 39.99 34.86
C ALA I 510 22.85 38.93 33.77
N GLU I 511 23.56 39.13 32.66
CA GLU I 511 23.58 38.11 31.60
C GLU I 511 24.37 36.88 32.03
N GLU I 512 25.41 37.07 32.85
CA GLU I 512 26.24 35.95 33.28
C GLU I 512 25.51 35.01 34.23
N TRP I 513 24.34 35.40 34.73
CA TRP I 513 23.60 34.61 35.71
C TRP I 513 22.65 33.60 35.07
N ASN I 514 22.66 33.47 33.74
CA ASN I 514 21.66 32.68 33.05
C ASN I 514 21.78 31.18 33.31
N GLU I 515 22.90 30.58 32.90
CA GLU I 515 23.05 29.14 32.98
C GLU I 515 23.77 28.67 34.25
N ALA I 516 24.28 29.60 35.05
CA ALA I 516 25.03 29.21 36.24
C ALA I 516 24.11 28.57 37.27
N THR I 517 24.62 27.55 37.95
CA THR I 517 23.87 26.84 38.98
C THR I 517 24.26 27.29 40.39
N ARG I 518 25.52 27.65 40.60
CA ARG I 518 26.00 28.16 41.87
C ARG I 518 26.48 29.59 41.69
N ILE I 519 26.01 30.49 42.55
CA ILE I 519 26.39 31.90 42.52
C ILE I 519 27.05 32.24 43.85
N SER I 520 28.18 32.94 43.78
CA SER I 520 28.89 33.35 44.97
C SER I 520 29.56 34.69 44.73
N ILE I 521 29.14 35.71 45.47
CA ILE I 521 29.73 37.03 45.40
C ILE I 521 30.14 37.46 46.80
N MET I 522 30.52 36.49 47.63
CA MET I 522 30.95 36.73 49.01
C MET I 522 32.06 37.77 49.13
N SER I 523 32.14 38.42 50.29
CA SER I 523 33.23 39.33 50.67
C SER I 523 33.43 40.47 49.66
N ASN I 524 32.46 40.71 48.79
CA ASN I 524 32.54 41.85 47.90
C ASN I 524 31.98 43.10 48.58
N ASN I 525 32.34 44.25 48.03
CA ASN I 525 31.83 45.54 48.48
C ASN I 525 30.56 45.96 47.76
N ILE I 526 29.73 45.00 47.34
CA ILE I 526 28.51 45.31 46.60
C ILE I 526 27.67 46.30 47.40
N THR I 527 27.18 47.32 46.72
CA THR I 527 26.33 48.34 47.33
C THR I 527 24.88 48.27 46.87
N GLU I 528 24.64 47.90 45.62
CA GLU I 528 23.29 47.86 45.07
C GLU I 528 23.10 46.61 44.24
N LEU I 529 21.96 45.94 44.44
CA LEU I 529 21.57 44.77 43.68
C LEU I 529 20.14 45.01 43.18
N SER I 530 20.02 45.60 41.99
CA SER I 530 18.74 46.10 41.51
C SER I 530 18.13 45.25 40.40
N PHE I 531 18.96 44.63 39.56
CA PHE I 531 18.42 43.87 38.44
C PHE I 531 17.73 42.60 38.93
N SER I 532 16.80 42.11 38.11
CA SER I 532 16.15 40.83 38.38
C SER I 532 16.72 39.80 37.44
N PRO I 533 17.53 38.85 37.93
CA PRO I 533 18.24 37.95 37.02
C PRO I 533 17.32 36.87 36.44
N LYS I 534 17.88 36.13 35.49
CA LYS I 534 17.18 35.02 34.85
C LYS I 534 17.57 33.67 35.45
N CYS I 535 17.82 33.63 36.76
CA CYS I 535 18.40 32.46 37.41
C CYS I 535 17.41 31.31 37.54
N LYS I 536 17.10 30.65 36.43
CA LYS I 536 16.21 29.49 36.49
C LYS I 536 16.90 28.28 37.12
N ASN I 537 18.17 28.06 36.80
CA ASN I 537 18.88 26.85 37.22
C ASN I 537 19.64 27.00 38.53
N VAL I 538 19.65 28.19 39.13
CA VAL I 538 20.45 28.43 40.32
C VAL I 538 19.94 27.61 41.49
N THR I 539 20.84 26.87 42.15
CA THR I 539 20.52 26.11 43.33
C THR I 539 21.28 26.54 44.57
N THR I 540 22.06 27.61 44.49
CA THR I 540 22.82 28.11 45.64
C THR I 540 23.22 29.55 45.37
N LEU I 541 22.88 30.44 46.30
CA LEU I 541 23.20 31.86 46.18
C LEU I 541 23.82 32.34 47.48
N LEU I 542 25.02 32.90 47.39
CA LEU I 542 25.79 33.32 48.56
C LEU I 542 26.11 34.81 48.43
N MET I 543 25.92 35.55 49.52
CA MET I 543 26.26 36.97 49.57
C MET I 543 26.88 37.38 50.90
N GLN I 544 27.58 36.47 51.56
CA GLN I 544 28.13 36.77 52.88
C GLN I 544 29.15 37.90 52.81
N ASN I 545 29.26 38.65 53.90
CA ASN I 545 30.27 39.68 54.08
C ASN I 545 30.18 40.79 53.03
N ASN I 546 28.97 41.14 52.60
CA ASN I 546 28.78 42.34 51.79
C ASN I 546 28.35 43.47 52.71
N PRO I 547 29.28 44.31 53.16
CA PRO I 547 28.95 45.26 54.23
C PRO I 547 28.04 46.39 53.79
N ASN I 548 28.01 46.72 52.50
CA ASN I 548 27.26 47.88 52.03
C ASN I 548 26.02 47.52 51.22
N LEU I 549 25.80 46.24 50.92
CA LEU I 549 24.65 45.85 50.10
C LEU I 549 23.41 45.91 50.97
N ASN I 550 22.57 46.92 50.74
CA ASN I 550 21.38 47.14 51.55
C ASN I 550 20.12 47.45 50.75
N LYS I 551 20.24 47.67 49.44
CA LYS I 551 19.10 48.01 48.59
C LYS I 551 18.88 46.86 47.60
N MET I 552 18.08 45.89 48.02
CA MET I 552 17.71 44.78 47.18
C MET I 552 16.36 45.02 46.54
N SER I 553 16.29 44.84 45.22
CA SER I 553 15.06 45.13 44.50
C SER I 553 14.05 44.01 44.67
N TYR I 554 12.80 44.41 44.87
CA TYR I 554 11.72 43.42 45.01
C TYR I 554 11.51 42.70 43.69
N GLY I 555 11.06 41.45 43.79
CA GLY I 555 10.99 40.59 42.62
C GLY I 555 12.31 40.01 42.18
N PHE I 556 13.34 40.11 43.03
CA PHE I 556 14.65 39.55 42.68
C PHE I 556 14.59 38.03 42.65
N PHE I 557 13.82 37.42 43.54
CA PHE I 557 13.74 35.98 43.68
C PHE I 557 12.67 35.36 42.79
N ARG I 558 12.16 36.08 41.80
CA ARG I 558 11.08 35.55 40.97
C ARG I 558 11.51 34.32 40.19
N THR I 559 12.69 34.35 39.59
CA THR I 559 13.17 33.22 38.80
C THR I 559 13.83 32.13 39.63
N MET I 560 14.03 32.36 40.93
CA MET I 560 14.63 31.36 41.82
C MET I 560 13.65 30.27 42.22
N SER I 561 13.20 29.46 41.26
CA SER I 561 12.23 28.41 41.54
C SER I 561 12.91 27.16 42.07
N SER I 562 14.24 27.17 42.11
CA SER I 562 14.97 26.02 42.62
C SER I 562 16.13 26.41 43.54
N LEU I 563 16.19 27.65 44.01
CA LEU I 563 17.24 28.08 44.93
C LEU I 563 17.09 27.34 46.25
N LYS I 564 18.11 26.58 46.64
CA LYS I 564 18.04 25.77 47.84
C LYS I 564 18.80 26.38 49.01
N VAL I 565 19.90 27.08 48.76
CA VAL I 565 20.69 27.72 49.80
C VAL I 565 20.75 29.21 49.51
N LEU I 566 20.40 30.03 50.51
CA LEU I 566 20.41 31.48 50.37
C LEU I 566 21.09 32.07 51.59
N ASP I 567 22.20 32.77 51.39
CA ASP I 567 22.97 33.36 52.47
C ASP I 567 23.04 34.87 52.29
N LEU I 568 22.60 35.61 53.30
CA LEU I 568 22.74 37.06 53.38
C LEU I 568 23.40 37.46 54.68
N SER I 569 24.35 36.65 55.15
CA SER I 569 25.04 36.93 56.41
C SER I 569 25.94 38.14 56.27
N HIS I 570 25.99 38.95 57.33
CA HIS I 570 26.88 40.10 57.43
C HIS I 570 26.67 41.09 56.28
N THR I 571 25.40 41.25 55.89
CA THR I 571 25.03 42.26 54.91
C THR I 571 24.16 43.31 55.61
N ALA I 572 23.98 44.43 54.92
CA ALA I 572 23.34 45.61 55.49
C ALA I 572 21.87 45.76 55.11
N ILE I 573 21.27 44.75 54.47
CA ILE I 573 19.87 44.86 54.08
C ILE I 573 19.00 44.93 55.33
N THR I 574 17.98 45.78 55.28
CA THR I 574 17.03 45.88 56.38
C THR I 574 15.69 45.24 56.04
N SER I 575 15.43 44.96 54.77
CA SER I 575 14.20 44.32 54.34
C SER I 575 14.53 43.28 53.28
N LEU I 576 13.67 42.26 53.17
CA LEU I 576 13.90 41.20 52.21
C LEU I 576 12.87 41.26 51.09
N PRO I 577 13.28 41.05 49.83
CA PRO I 577 12.31 41.03 48.73
C PRO I 577 11.31 39.90 48.87
N GLU I 578 10.15 40.04 48.22
CA GLU I 578 9.12 39.02 48.29
C GLU I 578 9.64 37.69 47.75
N CYS I 579 9.28 36.60 48.43
CA CYS I 579 9.86 35.30 48.13
C CYS I 579 8.83 34.21 47.96
N ASP I 580 7.66 34.51 47.39
CA ASP I 580 6.66 33.48 47.15
C ASP I 580 7.12 32.45 46.12
N ALA I 581 8.10 32.80 45.29
CA ALA I 581 8.59 31.89 44.27
C ALA I 581 9.64 30.91 44.80
N LEU I 582 10.12 31.10 46.03
CA LEU I 582 11.08 30.18 46.62
C LEU I 582 10.40 28.90 47.07
N VAL I 583 9.97 28.08 46.12
CA VAL I 583 9.18 26.90 46.44
C VAL I 583 10.03 25.78 47.02
N ALA I 584 11.34 25.78 46.78
CA ALA I 584 12.20 24.68 47.19
C ALA I 584 13.35 25.11 48.11
N LEU I 585 13.32 26.34 48.62
CA LEU I 585 14.38 26.79 49.51
C LEU I 585 14.34 25.99 50.82
N GLU I 586 15.52 25.56 51.26
CA GLU I 586 15.65 24.78 52.48
C GLU I 586 16.59 25.38 53.51
N HIS I 587 17.48 26.29 53.11
CA HIS I 587 18.41 26.94 54.02
C HIS I 587 18.36 28.44 53.76
N LEU I 588 18.22 29.22 54.82
CA LEU I 588 18.18 30.67 54.71
C LEU I 588 18.89 31.27 55.92
N ASN I 589 20.00 31.95 55.66
CA ASN I 589 20.83 32.53 56.71
C ASN I 589 20.76 34.04 56.60
N LEU I 590 20.51 34.71 57.74
CA LEU I 590 20.50 36.16 57.81
C LEU I 590 21.22 36.67 59.04
N SER I 591 22.27 35.98 59.49
CA SER I 591 22.98 36.39 60.70
C SER I 591 23.66 37.73 60.49
N HIS I 592 23.76 38.51 61.57
CA HIS I 592 24.46 39.79 61.59
C HIS I 592 23.86 40.79 60.60
N THR I 593 22.60 40.61 60.27
CA THR I 593 21.93 41.51 59.33
C THR I 593 21.08 42.54 60.07
N HIS I 594 20.87 43.67 59.42
CA HIS I 594 20.08 44.76 60.00
C HIS I 594 18.60 44.62 59.66
N ILE I 595 18.16 43.40 59.33
CA ILE I 595 16.75 43.17 59.05
C ILE I 595 15.94 43.40 60.31
N MET I 596 14.89 44.22 60.19
CA MET I 596 13.99 44.45 61.32
C MET I 596 12.82 43.48 61.35
N ARG I 597 12.06 43.38 60.26
CA ARG I 597 10.92 42.49 60.23
C ARG I 597 11.09 41.51 59.07
N LEU I 598 10.61 40.29 59.29
CA LEU I 598 10.76 39.22 58.31
C LEU I 598 9.45 39.05 57.57
N PRO I 599 9.45 39.13 56.23
CA PRO I 599 8.17 39.15 55.50
C PRO I 599 7.34 37.90 55.73
N GLU I 600 6.02 38.09 55.66
CA GLU I 600 5.08 37.02 55.98
C GLU I 600 5.02 35.93 54.92
N ARG I 601 5.64 36.14 53.76
CA ARG I 601 5.67 35.10 52.74
C ARG I 601 6.52 33.91 53.18
N LEU I 602 7.40 34.12 54.16
CA LEU I 602 8.28 33.04 54.62
C LEU I 602 7.50 31.90 55.26
N TRP I 603 6.39 32.21 55.94
CA TRP I 603 5.60 31.17 56.57
C TRP I 603 4.93 30.24 55.56
N LEU I 604 4.88 30.61 54.29
CA LEU I 604 4.33 29.76 53.24
C LEU I 604 5.39 28.93 52.54
N LEU I 605 6.66 29.08 52.91
CA LEU I 605 7.74 28.28 52.33
C LEU I 605 7.70 26.88 52.95
N LYS I 606 7.07 25.96 52.24
CA LYS I 606 6.80 24.65 52.80
C LYS I 606 8.07 23.80 52.94
N GLU I 607 9.05 24.02 52.08
CA GLU I 607 10.23 23.16 52.03
C GLU I 607 11.36 23.62 52.95
N LEU I 608 11.20 24.73 53.65
CA LEU I 608 12.29 25.28 54.44
C LEU I 608 12.69 24.31 55.55
N ARG I 609 13.99 24.20 55.80
CA ARG I 609 14.55 23.27 56.77
C ARG I 609 15.43 23.93 57.82
N HIS I 610 16.11 25.03 57.50
CA HIS I 610 16.96 25.74 58.44
C HIS I 610 16.87 27.23 58.17
N LEU I 611 16.55 28.00 59.21
CA LEU I 611 16.49 29.45 59.11
C LEU I 611 17.24 30.04 60.31
N ASP I 612 18.19 30.93 60.02
CA ASP I 612 19.05 31.52 61.04
C ASP I 612 18.95 33.04 60.97
N LEU I 613 18.72 33.67 62.12
CA LEU I 613 18.75 35.12 62.26
C LEU I 613 19.53 35.56 63.49
N SER I 614 20.66 34.90 63.77
CA SER I 614 21.43 35.21 64.96
C SER I 614 22.09 36.58 64.85
N VAL I 615 22.29 37.22 66.00
CA VAL I 615 23.00 38.49 66.13
C VAL I 615 22.35 39.54 65.24
N THR I 616 21.06 39.38 64.96
CA THR I 616 20.31 40.40 64.23
C THR I 616 19.97 41.54 65.19
N VAL I 617 20.72 42.65 65.08
CA VAL I 617 20.58 43.75 66.02
C VAL I 617 19.23 44.44 65.87
N ALA I 618 18.76 44.59 64.63
CA ALA I 618 17.53 45.34 64.40
C ALA I 618 16.28 44.48 64.35
N PHE I 619 16.41 43.16 64.51
CA PHE I 619 15.25 42.28 64.37
C PHE I 619 14.25 42.52 65.49
N GLU I 620 12.99 42.77 65.11
CA GLU I 620 11.94 43.01 66.10
C GLU I 620 10.60 42.39 65.71
N ASP I 621 10.57 41.34 64.90
CA ASP I 621 9.34 40.78 64.37
C ASP I 621 8.94 39.54 65.15
N THR I 622 7.66 39.43 65.49
CA THR I 622 7.15 38.30 66.25
C THR I 622 7.18 37.02 65.42
N MET I 623 7.55 35.90 66.05
CA MET I 623 7.68 34.64 65.32
C MET I 623 6.40 33.82 65.32
N ASN I 624 5.28 34.36 65.82
CA ASN I 624 4.11 33.53 66.08
C ASN I 624 3.62 32.82 64.82
N ASN I 625 3.92 33.36 63.64
CA ASN I 625 3.54 32.70 62.41
C ASN I 625 4.52 31.61 61.99
N CYS I 626 5.58 31.37 62.75
CA CYS I 626 6.50 30.28 62.43
C CYS I 626 5.85 28.91 62.63
N SER I 627 4.69 28.87 63.30
CA SER I 627 3.96 27.61 63.43
C SER I 627 3.60 27.02 62.07
N LYS I 628 3.32 27.86 61.08
CA LYS I 628 3.06 27.38 59.73
C LYS I 628 4.29 26.78 59.07
N LEU I 629 5.47 26.99 59.64
CA LEU I 629 6.72 26.43 59.13
C LEU I 629 7.01 25.07 59.77
N HIS I 630 6.17 24.09 59.45
CA HIS I 630 6.25 22.78 60.11
C HIS I 630 7.55 22.06 59.81
N LYS I 631 8.00 22.10 58.56
CA LYS I 631 9.13 21.27 58.14
C LYS I 631 10.46 21.73 58.73
N LEU I 632 10.52 22.93 59.29
CA LEU I 632 11.78 23.49 59.77
C LEU I 632 12.43 22.60 60.81
N LYS I 633 13.73 22.37 60.66
CA LYS I 633 14.49 21.53 61.58
C LYS I 633 15.35 22.34 62.53
N VAL I 634 15.81 23.52 62.13
CA VAL I 634 16.69 24.35 62.93
C VAL I 634 16.24 25.80 62.87
N LEU I 635 16.14 26.44 64.03
CA LEU I 635 15.81 27.86 64.15
C LEU I 635 16.80 28.50 65.12
N ASN I 636 17.52 29.52 64.65
CA ASN I 636 18.56 30.15 65.46
C ASN I 636 18.29 31.64 65.56
N LEU I 637 18.15 32.12 66.80
CA LEU I 637 18.03 33.55 67.09
C LEU I 637 19.03 34.00 68.16
N PHE I 638 20.20 33.36 68.23
CA PHE I 638 21.15 33.63 69.30
C PHE I 638 21.66 35.07 69.21
N ARG I 639 21.73 35.72 70.37
CA ARG I 639 22.15 37.12 70.53
C ARG I 639 21.30 38.10 69.74
N SER I 640 20.12 37.68 69.27
CA SER I 640 19.22 38.61 68.62
C SER I 640 18.65 39.59 69.64
N HIS I 641 18.39 40.82 69.18
CA HIS I 641 17.82 41.83 70.07
C HIS I 641 16.43 41.45 70.56
N TYR I 642 15.61 40.84 69.71
CA TYR I 642 14.29 40.39 70.10
C TYR I 642 14.31 38.89 70.31
N GLY I 643 13.41 38.42 71.19
CA GLY I 643 13.34 37.01 71.52
C GLY I 643 12.14 36.69 72.39
N ILE I 644 12.32 35.86 73.42
CA ILE I 644 11.22 35.53 74.31
C ILE I 644 11.15 36.57 75.41
N ARG I 645 10.49 37.70 75.12
CA ARG I 645 10.31 38.74 76.13
C ARG I 645 9.23 38.35 77.13
N ASP I 646 8.36 37.42 76.76
CA ASP I 646 7.30 36.95 77.63
C ASP I 646 6.86 35.56 77.19
N VAL I 647 6.08 34.90 78.05
CA VAL I 647 5.62 33.55 77.76
C VAL I 647 4.69 33.51 76.55
N ASP I 648 4.14 34.67 76.14
CA ASP I 648 3.20 34.71 75.04
C ASP I 648 3.77 34.16 73.75
N ASN I 649 5.08 34.26 73.54
CA ASN I 649 5.72 33.75 72.34
C ASN I 649 6.50 32.46 72.58
N LEU I 650 6.06 31.64 73.53
CA LEU I 650 6.65 30.33 73.77
C LEU I 650 5.92 29.21 73.03
N ASN I 651 5.42 29.52 71.84
CA ASN I 651 4.61 28.57 71.06
C ASN I 651 5.48 27.70 70.18
N LEU I 652 6.75 27.52 70.56
CA LEU I 652 7.68 26.70 69.77
C LEU I 652 7.30 25.23 69.76
N ASP I 653 6.36 24.80 70.59
CA ASP I 653 5.88 23.42 70.55
C ASP I 653 5.20 23.06 69.24
N SER I 654 4.80 24.07 68.44
CA SER I 654 4.31 23.81 67.10
C SER I 654 5.43 23.38 66.16
N LEU I 655 6.68 23.69 66.49
CA LEU I 655 7.83 23.27 65.70
C LEU I 655 8.20 21.83 66.06
N LYS I 656 7.44 20.90 65.47
CA LYS I 656 7.59 19.49 65.79
C LYS I 656 8.84 18.88 65.18
N GLU I 657 9.34 19.43 64.07
CA GLU I 657 10.53 18.91 63.41
C GLU I 657 11.82 19.48 63.98
N LEU I 658 11.74 20.44 64.90
CA LEU I 658 12.92 21.18 65.35
C LEU I 658 13.89 20.26 66.08
N LEU I 659 15.18 20.46 65.82
CA LEU I 659 16.24 19.68 66.46
C LEU I 659 17.20 20.53 67.28
N PHE I 660 17.63 21.67 66.77
CA PHE I 660 18.55 22.57 67.46
C PHE I 660 18.05 23.99 67.36
N LEU I 661 18.20 24.75 68.43
CA LEU I 661 17.70 26.12 68.46
C LEU I 661 18.57 26.97 69.38
N GLY I 662 18.64 28.25 69.06
CA GLY I 662 19.26 29.23 69.95
C GLY I 662 18.36 30.45 70.04
N ILE I 663 18.21 30.94 71.26
CA ILE I 663 17.22 31.99 71.55
C ILE I 663 17.79 32.90 72.64
N THR I 664 17.20 34.09 72.75
CA THR I 664 17.54 35.04 73.80
C THR I 664 16.41 35.08 74.82
N ILE I 665 16.75 34.94 76.10
CA ILE I 665 15.78 34.86 77.17
C ILE I 665 15.93 36.08 78.07
N TYR I 666 14.80 36.74 78.37
CA TYR I 666 14.79 38.01 79.07
C TYR I 666 14.23 37.96 80.48
N ALA I 667 13.53 36.89 80.89
CA ALA I 667 12.85 36.92 82.17
C ALA I 667 13.12 35.64 82.94
N GLU I 668 13.03 35.76 84.27
CA GLU I 668 13.22 34.59 85.14
C GLU I 668 12.07 33.60 85.00
N ASP I 669 10.83 34.11 84.94
CA ASP I 669 9.68 33.21 84.80
C ASP I 669 9.71 32.45 83.48
N VAL I 670 10.34 33.04 82.45
CA VAL I 670 10.57 32.30 81.21
C VAL I 670 11.49 31.12 81.47
N LEU I 671 12.54 31.33 82.27
CA LEU I 671 13.40 30.23 82.67
C LEU I 671 12.63 29.21 83.49
N LYS I 672 11.76 29.67 84.39
CA LYS I 672 10.92 28.76 85.16
C LYS I 672 9.79 28.16 84.32
N LYS I 673 9.46 28.76 83.18
CA LYS I 673 8.55 28.15 82.23
C LYS I 673 9.22 27.06 81.41
N LEU I 674 10.54 27.00 81.41
CA LEU I 674 11.30 25.91 80.83
C LEU I 674 11.93 25.03 81.90
N ASN I 675 11.47 25.12 83.15
CA ASN I 675 12.04 24.39 84.27
C ASN I 675 11.56 22.94 84.27
N MET I 676 10.61 22.62 83.40
CA MET I 676 10.06 21.28 83.32
C MET I 676 10.72 20.56 82.15
N PRO I 677 10.88 19.23 82.24
CA PRO I 677 11.62 18.52 81.18
C PRO I 677 10.81 18.27 79.92
N ARG I 678 11.26 18.85 78.81
CA ARG I 678 10.70 18.60 77.50
C ARG I 678 11.75 18.98 76.46
N PRO I 679 11.66 18.45 75.23
CA PRO I 679 12.64 18.82 74.21
C PRO I 679 12.70 20.32 73.95
N LEU I 680 11.57 21.02 73.99
CA LEU I 680 11.57 22.47 73.82
C LEU I 680 12.40 23.15 74.90
N ALA I 681 12.40 22.57 76.10
CA ALA I 681 13.16 23.13 77.21
C ALA I 681 14.64 22.80 77.15
N LYS I 682 15.06 21.88 76.27
CA LYS I 682 16.47 21.49 76.23
C LYS I 682 17.04 21.59 74.82
N SER I 683 16.19 21.85 73.82
CA SER I 683 16.69 22.01 72.46
C SER I 683 17.54 23.26 72.29
N THR I 684 17.55 24.16 73.27
CA THR I 684 18.37 25.36 73.20
C THR I 684 19.83 25.02 73.46
N HIS I 685 20.61 24.82 72.39
CA HIS I 685 22.02 24.49 72.55
C HIS I 685 22.84 25.68 73.00
N ARG I 686 22.33 26.90 72.86
CA ARG I 686 23.00 28.07 73.40
C ARG I 686 21.97 29.15 73.67
N LEU I 687 22.24 29.98 74.67
CA LEU I 687 21.31 30.99 75.14
C LEU I 687 22.00 32.35 75.23
N ASN I 688 21.24 33.41 75.01
CA ASN I 688 21.70 34.78 75.23
C ASN I 688 20.80 35.43 76.28
N LEU I 689 21.41 36.19 77.18
CA LEU I 689 20.68 36.91 78.23
C LEU I 689 20.83 38.41 77.98
N LYS I 690 19.71 39.05 77.65
CA LYS I 690 19.70 40.46 77.28
C LYS I 690 18.69 41.21 78.13
N TYR I 691 19.08 42.39 78.60
CA TYR I 691 18.21 43.27 79.40
C TYR I 691 17.60 42.53 80.58
N CYS I 692 18.41 41.74 81.26
CA CYS I 692 17.90 40.88 82.33
C CYS I 692 17.43 41.69 83.53
N ALA I 693 16.22 41.40 83.99
CA ALA I 693 15.69 41.97 85.21
C ALA I 693 15.11 40.84 86.05
N GLU I 694 15.20 40.99 87.37
CA GLU I 694 14.82 39.95 88.33
C GLU I 694 15.68 38.70 88.16
N MET I 695 16.93 38.87 87.75
CA MET I 695 17.92 37.81 87.68
C MET I 695 19.18 38.21 88.45
N GLN I 696 19.01 38.60 89.71
CA GLN I 696 20.15 38.96 90.54
C GLN I 696 21.14 37.81 90.68
N SER I 697 20.66 36.57 90.56
CA SER I 697 21.54 35.41 90.63
C SER I 697 20.98 34.32 89.72
N ILE I 698 21.87 33.41 89.31
CA ILE I 698 21.51 32.29 88.47
C ILE I 698 22.42 31.11 88.81
N LYS I 699 21.85 29.91 88.80
CA LYS I 699 22.57 28.70 89.15
C LYS I 699 22.57 27.74 87.98
N ILE I 700 23.67 26.99 87.83
CA ILE I 700 23.75 26.02 86.74
C ILE I 700 22.75 24.89 86.94
N SER I 701 22.49 24.50 88.19
CA SER I 701 21.44 23.51 88.45
C SER I 701 20.09 23.99 87.96
N ASP I 702 19.85 25.31 87.97
CA ASP I 702 18.63 25.85 87.38
C ASP I 702 18.66 25.77 85.86
N LEU I 703 19.84 25.56 85.28
CA LEU I 703 19.96 25.32 83.84
C LEU I 703 20.07 23.85 83.50
N SER I 704 19.99 22.95 84.48
CA SER I 704 20.19 21.52 84.26
C SER I 704 19.15 20.92 83.33
N HIS I 705 17.97 21.52 83.19
CA HIS I 705 16.99 21.01 82.25
C HIS I 705 17.47 21.16 80.81
N MET I 706 18.38 22.11 80.56
CA MET I 706 18.92 22.35 79.23
C MET I 706 20.10 21.43 78.96
N GLU I 707 19.77 20.18 78.59
CA GLU I 707 20.78 19.14 78.43
C GLU I 707 21.62 19.32 77.17
N HIS I 708 21.22 20.20 76.25
CA HIS I 708 21.99 20.45 75.04
C HIS I 708 22.74 21.77 75.06
N LEU I 709 22.52 22.60 76.09
CA LEU I 709 23.12 23.93 76.13
C LEU I 709 24.64 23.82 76.14
N GLU I 710 25.28 24.59 75.28
CA GLU I 710 26.74 24.59 75.16
C GLU I 710 27.37 25.97 75.25
N GLU I 711 26.62 27.04 74.98
CA GLU I 711 27.17 28.38 75.02
C GLU I 711 26.18 29.30 75.71
N LEU I 712 26.71 30.28 76.46
CA LEU I 712 25.89 31.28 77.13
C LEU I 712 26.46 32.67 76.87
N TYR I 713 25.57 33.61 76.53
CA TYR I 713 25.93 35.02 76.36
C TYR I 713 25.14 35.83 77.38
N VAL I 714 25.84 36.49 78.28
CA VAL I 714 25.22 37.26 79.36
C VAL I 714 25.64 38.72 79.18
N GLU I 715 24.65 39.60 79.05
CA GLU I 715 24.94 41.01 78.83
C GLU I 715 23.73 41.87 79.21
N SER I 716 24.01 43.11 79.57
CA SER I 716 22.99 44.11 79.91
C SER I 716 22.07 43.66 81.03
N CYS I 717 22.60 42.96 82.03
CA CYS I 717 21.80 42.57 83.19
C CYS I 717 21.76 43.72 84.19
N TYR I 718 20.55 44.20 84.48
CA TYR I 718 20.39 45.39 85.30
C TYR I 718 20.51 45.12 86.79
N ASP I 719 20.45 43.85 87.21
CA ASP I 719 20.49 43.54 88.63
C ASP I 719 21.33 42.32 88.97
N LEU I 720 22.08 41.76 88.01
CA LEU I 720 22.86 40.56 88.29
C LEU I 720 24.00 40.89 89.26
N ASN I 721 24.13 40.05 90.29
CA ASN I 721 25.18 40.21 91.28
C ASN I 721 26.16 39.04 91.29
N THR I 722 25.67 37.81 91.42
CA THR I 722 26.54 36.64 91.50
C THR I 722 25.93 35.51 90.69
N VAL I 723 26.78 34.54 90.35
CA VAL I 723 26.40 33.34 89.61
C VAL I 723 26.92 32.14 90.38
N VAL I 724 26.18 31.03 90.29
CA VAL I 724 26.53 29.80 90.99
C VAL I 724 27.03 28.79 89.97
N ALA I 725 28.28 28.35 90.13
CA ALA I 725 28.85 27.24 89.35
C ALA I 725 28.93 26.04 90.30
N ASP I 726 27.84 25.31 90.38
CA ASP I 726 27.67 24.28 91.40
C ASP I 726 28.47 23.04 91.07
N ALA I 727 28.65 22.19 92.10
CA ALA I 727 29.25 20.88 91.91
C ALA I 727 28.27 19.86 91.38
N GLU I 728 26.97 20.16 91.44
CA GLU I 728 25.94 19.28 90.87
C GLU I 728 26.08 19.29 89.36
N LEU I 729 26.60 18.20 88.81
CA LEU I 729 26.95 18.17 87.40
C LEU I 729 25.72 18.11 86.51
N THR I 730 25.90 18.55 85.26
CA THR I 730 24.89 18.47 84.24
C THR I 730 25.48 17.77 83.02
N THR I 731 24.67 16.91 82.39
CA THR I 731 25.13 16.20 81.21
C THR I 731 25.41 17.14 80.04
N SER I 732 24.84 18.34 80.07
CA SER I 732 25.13 19.35 79.06
C SER I 732 26.59 19.77 79.14
N GLN I 733 27.25 19.83 77.98
CA GLN I 733 28.65 20.22 77.91
C GLN I 733 28.73 21.72 77.76
N LEU I 734 29.04 22.40 78.87
CA LEU I 734 29.24 23.84 78.83
C LEU I 734 30.57 24.15 78.15
N GLN I 735 30.52 24.49 76.87
CA GLN I 735 31.73 24.61 76.06
C GLN I 735 32.25 26.04 75.99
N PHE I 736 31.39 27.00 75.63
CA PHE I 736 31.80 28.38 75.44
C PHE I 736 31.00 29.28 76.38
N LEU I 737 31.72 30.14 77.10
CA LEU I 737 31.09 31.13 77.97
C LEU I 737 31.63 32.51 77.63
N THR I 738 30.74 33.49 77.59
CA THR I 738 31.09 34.87 77.25
C THR I 738 30.32 35.82 78.15
N LEU I 739 31.04 36.68 78.85
CA LEU I 739 30.46 37.72 79.68
C LEU I 739 30.81 39.07 79.06
N SER I 740 29.80 39.87 78.75
CA SER I 740 30.00 41.15 78.08
C SER I 740 29.08 42.20 78.67
N VAL I 741 29.61 43.40 78.86
CA VAL I 741 28.85 44.58 79.27
C VAL I 741 27.94 44.26 80.45
N LEU I 742 28.55 43.96 81.61
CA LEU I 742 27.79 43.66 82.81
C LEU I 742 28.07 44.72 83.86
N PRO I 743 27.06 45.51 84.26
CA PRO I 743 27.32 46.62 85.18
C PRO I 743 27.48 46.22 86.65
N SER I 744 26.90 45.11 87.08
CA SER I 744 26.90 44.80 88.50
C SER I 744 27.35 43.39 88.85
N LEU I 745 27.82 42.58 87.91
CA LEU I 745 28.30 41.26 88.25
C LEU I 745 29.57 41.35 89.10
N GLU I 746 29.66 40.53 90.14
CA GLU I 746 30.79 40.56 91.05
C GLU I 746 31.61 39.28 91.06
N SER I 747 30.98 38.13 91.28
CA SER I 747 31.72 36.88 91.45
C SER I 747 30.83 35.71 91.03
N VAL I 748 31.49 34.59 90.75
CA VAL I 748 30.81 33.33 90.45
C VAL I 748 31.37 32.26 91.36
N LEU I 749 30.49 31.49 92.00
CA LEU I 749 30.88 30.50 93.00
C LEU I 749 31.16 29.17 92.30
N VAL I 750 32.44 28.91 92.04
CA VAL I 750 32.86 27.68 91.40
C VAL I 750 33.28 26.68 92.47
N ALA I 751 32.75 25.46 92.38
CA ALA I 751 33.08 24.43 93.36
C ALA I 751 34.53 23.99 93.20
N PRO I 752 35.19 23.61 94.30
CA PRO I 752 36.62 23.29 94.23
C PRO I 752 36.92 21.93 93.59
N MET I 753 36.14 20.91 93.92
CA MET I 753 36.46 19.55 93.48
C MET I 753 35.90 19.24 92.10
N SER I 754 34.59 19.30 91.93
CA SER I 754 33.95 19.04 90.65
C SER I 754 33.02 20.19 90.31
N HIS I 755 32.88 20.46 89.03
CA HIS I 755 32.12 21.63 88.59
C HIS I 755 31.55 21.37 87.21
N ASN I 756 30.56 22.20 86.84
CA ASN I 756 29.92 22.06 85.54
C ASN I 756 30.72 22.72 84.43
N PHE I 757 31.79 23.43 84.76
CA PHE I 757 32.61 24.12 83.78
C PHE I 757 33.73 23.25 83.22
N GLN I 758 33.76 21.96 83.56
CA GLN I 758 34.86 21.09 83.13
C GLN I 758 34.93 20.99 81.61
N TYR I 759 33.81 21.16 80.91
CA TYR I 759 33.78 21.02 79.46
C TYR I 759 34.13 22.32 78.73
N ILE I 760 34.55 23.35 79.45
CA ILE I 760 34.78 24.65 78.83
C ILE I 760 35.98 24.59 77.90
N ARG I 761 35.82 25.09 76.68
CA ARG I 761 36.92 25.29 75.74
C ARG I 761 37.26 26.75 75.53
N LYS I 762 36.27 27.64 75.56
CA LYS I 762 36.45 29.04 75.22
C LYS I 762 35.84 29.92 76.30
N LEU I 763 36.61 30.89 76.79
CA LEU I 763 36.14 31.89 77.73
C LEU I 763 36.45 33.28 77.18
N ILE I 764 35.42 34.12 77.10
CA ILE I 764 35.55 35.50 76.63
C ILE I 764 34.95 36.40 77.69
N ILE I 765 35.77 37.27 78.28
CA ILE I 765 35.33 38.22 79.29
C ILE I 765 35.57 39.62 78.73
N SER I 766 34.51 40.43 78.69
CA SER I 766 34.60 41.74 78.06
C SER I 766 33.69 42.72 78.78
N HIS I 767 34.13 43.98 78.84
CA HIS I 767 33.31 45.12 79.26
C HIS I 767 32.67 44.92 80.64
N CYS I 768 33.38 44.26 81.56
CA CYS I 768 32.86 44.07 82.91
C CYS I 768 33.75 44.82 83.89
N PRO I 769 33.41 46.05 84.29
CA PRO I 769 34.29 46.78 85.20
C PRO I 769 34.16 46.36 86.65
N LYS I 770 32.99 45.89 87.08
CA LYS I 770 32.77 45.52 88.46
C LYS I 770 33.08 44.06 88.76
N LEU I 771 33.41 43.27 87.75
CA LEU I 771 33.77 41.87 87.97
C LEU I 771 35.21 41.77 88.49
N SER I 772 35.40 40.99 89.55
CA SER I 772 36.71 40.88 90.17
C SER I 772 37.20 39.45 90.39
N ASN I 773 36.33 38.47 90.63
CA ASN I 773 36.76 37.12 90.98
C ASN I 773 36.93 36.29 89.71
N ILE I 774 38.16 35.92 89.39
CA ILE I 774 38.47 35.16 88.18
C ILE I 774 39.42 34.02 88.53
N THR I 775 39.72 33.86 89.83
CA THR I 775 40.71 32.87 90.25
C THR I 775 40.30 31.45 89.89
N TRP I 776 39.01 31.22 89.66
CA TRP I 776 38.50 29.88 89.39
C TRP I 776 38.98 29.32 88.06
N VAL I 777 39.57 30.14 87.20
CA VAL I 777 39.97 29.70 85.86
C VAL I 777 41.01 28.59 85.94
N ARG I 778 41.83 28.59 86.99
CA ARG I 778 42.90 27.60 87.10
C ARG I 778 42.35 26.18 87.24
N ARG I 779 41.08 26.02 87.60
CA ARG I 779 40.46 24.70 87.69
C ARG I 779 39.91 24.21 86.35
N LEU I 780 40.07 24.99 85.29
CA LEU I 780 39.51 24.64 83.98
C LEU I 780 40.61 23.98 83.15
N GLN I 781 40.72 22.65 83.31
CA GLN I 781 41.81 21.91 82.69
C GLN I 781 41.60 21.67 81.20
N LEU I 782 40.36 21.62 80.73
CA LEU I 782 40.08 21.49 79.30
C LEU I 782 39.98 22.83 78.58
N LEU I 783 40.21 23.95 79.27
CA LEU I 783 40.08 25.27 78.67
C LEU I 783 41.12 25.47 77.58
N GLU I 784 40.71 26.11 76.48
CA GLU I 784 41.57 26.34 75.32
C GLU I 784 41.77 27.80 75.00
N ARG I 785 40.70 28.60 74.95
CA ARG I 785 40.76 29.98 74.47
C ARG I 785 40.47 30.93 75.61
N LEU I 786 41.31 31.95 75.76
CA LEU I 786 41.14 32.98 76.78
C LEU I 786 41.01 34.34 76.13
N VAL I 787 39.96 35.07 76.49
CA VAL I 787 39.76 36.44 76.04
C VAL I 787 39.38 37.28 77.26
N ILE I 788 40.28 38.17 77.67
CA ILE I 788 40.04 39.11 78.75
C ILE I 788 40.19 40.51 78.20
N SER I 789 39.13 41.30 78.27
CA SER I 789 39.15 42.64 77.68
C SER I 789 38.27 43.58 78.48
N HIS I 790 38.74 44.82 78.67
CA HIS I 790 37.96 45.91 79.24
C HIS I 790 37.44 45.59 80.64
N CYS I 791 38.03 44.60 81.30
CA CYS I 791 37.66 44.26 82.67
C CYS I 791 38.78 44.66 83.63
N ASP I 792 38.73 45.92 84.07
CA ASP I 792 39.75 46.45 84.97
C ASP I 792 39.51 46.08 86.42
N GLY I 793 38.37 45.45 86.74
CA GLY I 793 38.16 44.95 88.08
C GLY I 793 38.96 43.69 88.38
N VAL I 794 39.54 43.08 87.36
CA VAL I 794 40.41 41.92 87.53
C VAL I 794 41.85 42.42 87.64
N LEU I 795 42.37 42.48 88.85
CA LEU I 795 43.77 42.87 89.03
C LEU I 795 44.72 41.80 88.52
N GLU I 796 44.42 40.53 88.82
CA GLU I 796 45.20 39.40 88.33
C GLU I 796 44.25 38.24 88.06
N ILE I 797 44.62 37.39 87.11
CA ILE I 797 43.83 36.20 86.84
C ILE I 797 43.95 35.20 87.99
N VAL I 798 45.16 34.99 88.49
CA VAL I 798 45.39 34.16 89.67
C VAL I 798 46.18 34.98 90.68
N GLU I 799 45.60 35.21 91.85
CA GLU I 799 46.25 35.99 92.89
C GLU I 799 47.17 35.10 93.72
N ASP I 800 47.68 35.66 94.82
CA ASP I 800 48.56 34.92 95.71
C ASP I 800 47.80 33.84 96.46
N THR I 831 47.85 18.11 92.94
CA THR I 831 48.32 17.26 91.84
C THR I 831 49.52 17.89 91.15
N GLY I 832 50.41 17.05 90.64
CA GLY I 832 51.55 17.52 89.89
C GLY I 832 51.18 17.90 88.47
N GLN I 833 50.20 18.78 88.32
CA GLN I 833 49.66 19.17 87.03
C GLN I 833 49.58 20.69 86.95
N SER I 834 49.82 21.20 85.75
CA SER I 834 49.68 22.63 85.51
C SER I 834 48.20 23.02 85.47
N ASP I 835 47.93 24.31 85.71
CA ASP I 835 46.55 24.78 85.73
C ASP I 835 45.96 24.93 84.34
N PHE I 836 46.79 24.97 83.30
CA PHE I 836 46.33 25.11 81.91
C PHE I 836 47.01 24.06 81.04
N PRO I 837 46.64 22.79 81.19
CA PRO I 837 47.29 21.76 80.37
C PRO I 837 46.86 21.78 78.91
N LYS I 838 45.65 22.24 78.61
CA LYS I 838 45.12 22.25 77.25
C LYS I 838 44.98 23.65 76.68
N LEU I 839 45.66 24.64 77.26
CA LEU I 839 45.58 26.01 76.77
C LEU I 839 46.11 26.11 75.35
N ARG I 840 45.40 26.86 74.51
CA ARG I 840 45.80 27.10 73.13
C ARG I 840 46.00 28.57 72.79
N LEU I 841 45.08 29.44 73.20
CA LEU I 841 45.12 30.84 72.79
C LEU I 841 44.77 31.73 73.98
N ILE I 842 45.51 32.83 74.13
CA ILE I 842 45.23 33.86 75.13
C ILE I 842 45.13 35.20 74.42
N VAL I 843 44.06 35.94 74.67
CA VAL I 843 43.84 37.26 74.10
C VAL I 843 43.57 38.24 75.23
N LEU I 844 44.34 39.33 75.26
CA LEU I 844 44.17 40.40 76.23
C LEU I 844 44.02 41.73 75.49
N THR I 845 43.11 42.57 75.96
CA THR I 845 42.79 43.80 75.25
C THR I 845 42.29 44.87 76.22
N GLY I 846 42.92 46.04 76.17
CA GLY I 846 42.37 47.23 76.80
C GLY I 846 42.41 47.27 78.31
N LEU I 847 43.16 46.39 78.96
CA LEU I 847 43.20 46.34 80.43
C LEU I 847 44.19 47.39 80.92
N LYS I 848 43.66 48.48 81.48
CA LYS I 848 44.49 49.56 81.99
C LYS I 848 44.96 49.30 83.42
N LYS I 849 44.34 48.36 84.15
CA LYS I 849 44.67 48.13 85.54
C LYS I 849 45.13 46.71 85.83
N LEU I 850 45.21 45.83 84.83
CA LEU I 850 45.68 44.47 85.08
C LEU I 850 47.15 44.47 85.45
N ARG I 851 47.51 43.68 86.46
CA ARG I 851 48.91 43.54 86.86
C ARG I 851 49.60 42.41 86.09
N SER I 852 49.10 41.19 86.26
CA SER I 852 49.68 40.02 85.59
C SER I 852 48.63 38.92 85.56
N ILE I 853 48.87 37.93 84.71
CA ILE I 853 47.93 36.83 84.57
C ILE I 853 48.06 35.89 85.77
N CYS I 854 49.22 35.28 85.92
CA CYS I 854 49.45 34.32 87.00
C CYS I 854 50.94 34.05 87.12
N LYS I 855 51.29 33.30 88.16
CA LYS I 855 52.67 32.91 88.36
C LYS I 855 53.08 31.83 87.36
N ALA I 856 54.36 31.49 87.38
CA ALA I 856 54.93 30.60 86.37
C ALA I 856 54.27 29.22 86.42
N ARG I 857 53.83 28.75 85.25
CA ARG I 857 53.24 27.43 85.10
C ARG I 857 53.57 26.94 83.70
N GLU I 858 53.44 25.63 83.51
CA GLU I 858 53.75 25.00 82.22
C GLU I 858 52.54 24.98 81.31
N PHE I 859 52.76 25.37 80.05
CA PHE I 859 51.70 25.44 79.04
C PHE I 859 52.17 24.66 77.81
N PRO I 860 52.03 23.33 77.83
CA PRO I 860 52.54 22.53 76.69
C PRO I 860 51.81 22.78 75.39
N CYS I 861 50.49 23.02 75.43
CA CYS I 861 49.70 23.09 74.21
C CYS I 861 49.53 24.50 73.67
N LEU I 862 50.18 25.50 74.26
CA LEU I 862 49.97 26.89 73.84
C LEU I 862 50.33 27.08 72.38
N GLU I 863 49.49 27.81 71.66
CA GLU I 863 49.68 28.07 70.24
C GLU I 863 49.95 29.53 69.91
N THR I 864 49.26 30.47 70.54
CA THR I 864 49.42 31.88 70.19
C THR I 864 49.06 32.73 71.40
N LEU I 865 49.88 33.76 71.63
CA LEU I 865 49.64 34.74 72.69
C LEU I 865 49.50 36.12 72.05
N ARG I 866 48.47 36.86 72.44
CA ARG I 866 48.17 38.16 71.86
C ARG I 866 47.74 39.12 72.94
N VAL I 867 48.47 40.23 73.07
CA VAL I 867 48.16 41.28 74.03
C VAL I 867 48.13 42.61 73.29
N GLU I 868 47.07 43.40 73.49
CA GLU I 868 46.94 44.69 72.85
C GLU I 868 46.42 45.71 73.86
N ASP I 869 47.05 46.89 73.86
CA ASP I 869 46.62 48.03 74.66
C ASP I 869 46.53 47.67 76.15
N CYS I 870 47.63 47.21 76.71
CA CYS I 870 47.70 46.90 78.12
C CYS I 870 48.86 47.65 78.76
N PRO I 871 48.70 48.94 79.07
CA PRO I 871 49.83 49.73 79.57
C PRO I 871 50.20 49.45 81.02
N ASN I 872 49.62 48.44 81.67
CA ASN I 872 49.95 48.11 83.04
C ASN I 872 50.24 46.62 83.25
N LEU I 873 50.23 45.82 82.18
CA LEU I 873 50.50 44.39 82.30
C LEU I 873 51.96 44.19 82.69
N ARG I 874 52.20 43.78 83.94
CA ARG I 874 53.56 43.75 84.47
C ARG I 874 54.35 42.54 84.01
N SER I 875 53.71 41.39 83.85
CA SER I 875 54.44 40.17 83.53
C SER I 875 53.48 39.15 82.93
N ILE I 876 54.08 38.11 82.34
CA ILE I 876 53.34 36.99 81.78
C ILE I 876 53.88 35.70 82.39
N PRO I 877 53.07 34.64 82.50
CA PRO I 877 53.54 33.41 83.15
C PRO I 877 54.35 32.49 82.26
N LEU I 878 54.68 32.94 81.04
CA LEU I 878 55.37 32.05 80.06
C LEU I 878 56.87 31.96 80.32
N SER I 879 57.44 30.76 80.20
CA SER I 879 58.91 30.54 80.37
C SER I 879 59.41 29.63 79.26
N CYS I 880 60.69 29.69 78.87
CA CYS I 880 61.13 28.86 77.71
C CYS I 880 60.96 27.37 78.06
N THR I 881 61.27 26.98 79.29
CA THR I 881 61.19 25.56 79.75
C THR I 881 60.20 24.67 78.98
N HIS I 882 58.95 25.10 78.80
CA HIS I 882 57.93 24.24 78.21
C HIS I 882 58.41 23.62 76.91
N ASN I 883 57.84 22.46 76.59
CA ASN I 883 58.18 21.73 75.38
C ASN I 883 57.36 22.24 74.19
N TYR I 884 57.72 23.42 73.70
CA TYR I 884 57.00 24.01 72.58
C TYR I 884 57.23 23.22 71.31
N TRP I 885 56.13 22.85 70.64
CA TRP I 885 56.20 22.58 69.21
C TRP I 885 55.00 23.19 68.50
N LYS I 886 53.94 23.46 69.25
CA LYS I 886 52.74 24.06 68.67
C LYS I 886 52.68 25.58 68.83
N LEU I 887 53.61 26.19 69.56
CA LEU I 887 53.57 27.64 69.74
C LEU I 887 53.96 28.31 68.43
N LYS I 888 52.98 28.88 67.74
CA LYS I 888 53.19 29.39 66.40
C LYS I 888 53.65 30.85 66.38
N GLN I 889 53.03 31.72 67.18
CA GLN I 889 53.38 33.13 67.16
C GLN I 889 52.98 33.76 68.49
N ILE I 890 53.58 34.92 68.76
CA ILE I 890 53.23 35.75 69.91
C ILE I 890 53.04 37.18 69.44
N CYS I 891 51.95 37.80 69.86
CA CYS I 891 51.60 39.15 69.43
C CYS I 891 51.65 40.10 70.62
N GLY I 892 52.13 41.32 70.39
CA GLY I 892 52.24 42.30 71.43
C GLY I 892 52.81 43.63 70.97
N SER I 893 53.47 44.34 71.88
CA SER I 893 54.06 45.64 71.56
C SER I 893 55.37 45.81 72.32
N VAL I 894 56.22 46.70 71.80
CA VAL I 894 57.51 46.96 72.42
C VAL I 894 57.34 47.63 73.78
N GLU I 895 56.39 48.56 73.89
CA GLU I 895 56.13 49.21 75.17
C GLU I 895 55.69 48.18 76.20
N TRP I 896 54.84 47.23 75.79
CA TRP I 896 54.47 46.13 76.66
C TRP I 896 55.69 45.30 77.04
N TRP I 897 56.61 45.09 76.08
CA TRP I 897 57.84 44.37 76.37
C TRP I 897 58.70 45.11 77.39
N GLU I 898 58.76 46.44 77.31
CA GLU I 898 59.51 47.21 78.30
C GLU I 898 58.90 47.07 79.68
N LYS I 899 57.57 47.08 79.77
CA LYS I 899 56.90 46.95 81.05
C LYS I 899 56.85 45.51 81.55
N LEU I 900 57.23 44.54 80.73
CA LEU I 900 57.23 43.15 81.15
C LEU I 900 58.31 42.90 82.19
N GLN I 901 57.95 42.24 83.28
CA GLN I 901 58.93 41.78 84.25
C GLN I 901 59.50 40.43 83.82
N TRP I 902 60.82 40.31 83.93
CA TRP I 902 61.52 39.11 83.51
C TRP I 902 62.24 38.50 84.70
N GLU I 903 61.93 37.24 85.00
CA GLU I 903 62.63 36.53 86.07
C GLU I 903 64.07 36.24 85.71
N ASN I 904 64.35 35.97 84.44
CA ASN I 904 65.70 35.78 83.94
C ASN I 904 65.95 36.75 82.80
N ARG I 905 67.13 37.35 82.78
CA ARG I 905 67.46 38.32 81.75
C ARG I 905 67.69 37.69 80.38
N LYS I 906 67.86 36.37 80.32
CA LYS I 906 67.93 35.70 79.03
C LYS I 906 66.55 35.64 78.36
N GLU I 907 65.49 35.52 79.15
CA GLU I 907 64.15 35.42 78.59
C GLU I 907 63.70 36.72 77.94
N VAL I 908 64.43 37.81 78.18
CA VAL I 908 64.09 39.09 77.54
C VAL I 908 64.19 38.97 76.03
N ALA I 909 65.24 38.30 75.55
CA ALA I 909 65.44 38.08 74.12
C ALA I 909 65.03 36.70 73.66
N CYS I 910 65.03 35.71 74.55
CA CYS I 910 64.68 34.34 74.15
C CYS I 910 63.22 34.24 73.73
N LEU I 911 62.32 34.82 74.53
CA LEU I 911 60.90 34.85 74.16
C LEU I 911 60.58 35.87 73.09
N ASP I 912 61.53 36.73 72.74
CA ASP I 912 61.34 37.75 71.71
C ASP I 912 61.77 37.24 70.35
N SER I 913 62.98 36.70 70.27
CA SER I 913 63.53 36.27 68.98
C SER I 913 62.86 35.01 68.44
N LYS I 914 62.03 34.34 69.24
CA LYS I 914 61.47 33.07 68.80
C LYS I 914 60.05 33.20 68.27
N TYR I 915 59.19 33.95 68.95
CA TYR I 915 57.77 33.93 68.60
C TYR I 915 57.15 35.33 68.49
N PHE I 916 57.77 36.33 69.12
CA PHE I 916 57.14 37.63 69.25
C PHE I 916 56.99 38.32 67.90
N ILE I 917 55.78 38.79 67.63
CA ILE I 917 55.46 39.54 66.43
C ILE I 917 54.72 40.82 66.83
N PRO I 918 55.38 41.97 66.84
CA PRO I 918 54.72 43.19 67.33
C PRO I 918 53.68 43.71 66.36
N ILE I 919 52.82 44.59 66.87
CA ILE I 919 51.80 45.24 66.05
C ILE I 919 52.33 46.55 65.48
N LEU J 36 127.38 -33.23 2.57
CA LEU J 36 126.95 -32.35 1.49
C LEU J 36 125.42 -32.33 1.37
N HIS J 37 124.80 -31.35 2.03
CA HIS J 37 123.35 -31.24 2.07
C HIS J 37 122.82 -29.96 1.42
N LEU J 38 123.71 -29.08 0.96
CA LEU J 38 123.26 -27.80 0.39
C LEU J 38 122.48 -28.00 -0.89
N LYS J 39 122.91 -28.94 -1.74
CA LYS J 39 122.29 -29.11 -3.05
C LYS J 39 120.82 -29.49 -2.94
N SER J 40 120.43 -30.16 -1.86
CA SER J 40 119.03 -30.54 -1.67
C SER J 40 118.26 -29.52 -0.83
N ASN J 41 118.91 -28.92 0.16
CA ASN J 41 118.21 -27.98 1.04
C ASN J 41 117.78 -26.72 0.28
N TRP J 42 118.65 -26.21 -0.59
CA TRP J 42 118.29 -25.02 -1.36
C TRP J 42 117.13 -25.31 -2.31
N SER J 43 117.05 -26.53 -2.84
CA SER J 43 115.88 -26.91 -3.64
C SER J 43 114.62 -26.89 -2.81
N ASP J 44 114.70 -27.33 -1.55
CA ASP J 44 113.53 -27.28 -0.67
C ASP J 44 113.18 -25.85 -0.28
N LEU J 45 114.16 -24.95 -0.28
CA LEU J 45 113.88 -23.55 0.00
C LEU J 45 113.02 -22.94 -1.09
N ASP J 46 113.28 -23.31 -2.36
CA ASP J 46 112.49 -22.77 -3.46
C ASP J 46 111.04 -23.21 -3.36
N LYS J 47 110.80 -24.46 -2.93
CA LYS J 47 109.44 -24.91 -2.70
C LYS J 47 108.78 -24.12 -1.58
N ALA J 48 109.53 -23.87 -0.50
CA ALA J 48 108.98 -23.12 0.63
C ALA J 48 108.69 -21.68 0.24
N LYS J 49 109.58 -21.06 -0.53
CA LYS J 49 109.37 -19.67 -0.93
C LYS J 49 108.11 -19.51 -1.78
N LYS J 50 107.92 -20.42 -2.75
CA LYS J 50 106.76 -20.32 -3.62
C LYS J 50 105.47 -20.66 -2.87
N LEU J 51 105.57 -21.49 -1.83
CA LEU J 51 104.42 -21.78 -1.00
C LEU J 51 104.12 -20.62 -0.06
N LEU J 52 105.17 -19.95 0.43
CA LEU J 52 104.98 -18.81 1.32
C LEU J 52 104.28 -17.66 0.61
N LEU J 53 104.64 -17.42 -0.65
CA LEU J 53 103.95 -16.39 -1.43
C LEU J 53 102.48 -16.74 -1.63
N ALA J 54 102.16 -18.04 -1.69
CA ALA J 54 100.77 -18.44 -1.83
C ALA J 54 99.99 -18.24 -0.53
N VAL J 55 100.60 -18.57 0.60
CA VAL J 55 99.93 -18.36 1.89
C VAL J 55 99.77 -16.88 2.17
N GLU J 56 100.81 -16.09 1.85
CA GLU J 56 100.72 -14.65 2.05
C GLU J 56 99.63 -14.03 1.17
N THR J 57 99.50 -14.50 -0.07
CA THR J 57 98.45 -14.01 -0.95
C THR J 57 97.07 -14.31 -0.38
N THR J 58 96.89 -15.51 0.18
CA THR J 58 95.62 -15.86 0.80
C THR J 58 95.33 -14.97 2.00
N VAL J 59 96.35 -14.70 2.82
CA VAL J 59 96.14 -13.89 4.02
C VAL J 59 95.82 -12.44 3.64
N ARG J 60 96.57 -11.87 2.70
CA ARG J 60 96.34 -10.48 2.31
C ARG J 60 94.96 -10.30 1.69
N ALA J 61 94.55 -11.26 0.85
CA ALA J 61 93.20 -11.20 0.28
C ALA J 61 92.15 -11.35 1.37
N ARG J 62 92.43 -12.19 2.38
CA ARG J 62 91.52 -12.35 3.49
C ARG J 62 91.49 -11.11 4.37
N VAL J 63 92.64 -10.45 4.55
CA VAL J 63 92.69 -9.22 5.34
C VAL J 63 92.00 -8.08 4.60
N THR J 64 92.19 -8.00 3.28
CA THR J 64 91.56 -6.94 2.50
C THR J 64 90.05 -7.04 2.56
N ALA J 65 89.51 -8.26 2.68
CA ALA J 65 88.07 -8.41 2.87
C ALA J 65 87.62 -7.92 4.23
N GLU J 66 88.54 -7.77 5.18
CA GLU J 66 88.21 -7.22 6.49
C GLU J 66 88.31 -5.70 6.52
N VAL J 67 89.33 -5.13 5.86
CA VAL J 67 89.43 -3.68 5.78
C VAL J 67 88.29 -3.10 4.96
N ASP J 68 87.76 -3.87 4.01
CA ASP J 68 86.61 -3.42 3.24
C ASP J 68 85.40 -3.24 4.14
N LYS J 69 85.29 -4.02 5.21
CA LYS J 69 84.24 -3.86 6.20
C LYS J 69 84.60 -2.83 7.26
N LEU J 70 85.57 -1.97 7.00
CA LEU J 70 86.06 -0.93 7.90
C LEU J 70 86.73 -1.48 9.15
N ASN J 71 86.97 -2.79 9.19
CA ASN J 71 87.75 -3.36 10.30
C ASN J 71 89.24 -3.04 10.11
N ILE J 72 90.00 -3.26 11.17
CA ILE J 72 91.44 -3.08 11.11
C ILE J 72 92.10 -4.45 11.12
N CYS J 73 93.19 -4.59 10.36
CA CYS J 73 93.91 -5.85 10.30
C CYS J 73 94.33 -6.29 11.69
N ASP J 74 94.16 -7.58 11.97
CA ASP J 74 94.41 -8.10 13.31
C ASP J 74 95.87 -7.92 13.67
N PRO J 75 96.17 -7.51 14.91
CA PRO J 75 97.59 -7.24 15.27
C PRO J 75 98.50 -8.44 15.11
N GLN J 76 98.00 -9.64 15.41
CA GLN J 76 98.84 -10.83 15.23
C GLN J 76 99.07 -11.14 13.76
N VAL J 77 98.07 -10.90 12.91
CA VAL J 77 98.27 -11.07 11.48
C VAL J 77 99.22 -10.01 10.94
N GLN J 78 99.10 -8.77 11.45
CA GLN J 78 99.97 -7.69 11.00
C GLN J 78 101.43 -7.99 11.32
N VAL J 79 101.69 -8.62 12.47
CA VAL J 79 103.05 -9.02 12.82
C VAL J 79 103.52 -10.11 11.87
N TRP J 80 102.67 -11.10 11.58
CA TRP J 80 103.04 -12.18 10.67
C TRP J 80 103.31 -11.64 9.26
N LEU J 81 102.46 -10.71 8.80
CA LEU J 81 102.68 -10.12 7.49
C LEU J 81 103.98 -9.34 7.44
N ARG J 82 104.30 -8.61 8.51
CA ARG J 82 105.51 -7.80 8.53
C ARG J 82 106.76 -8.68 8.52
N ARG J 83 106.67 -9.88 9.09
CA ARG J 83 107.81 -10.79 9.07
C ARG J 83 108.01 -11.39 7.68
N VAL J 84 106.92 -11.65 6.97
CA VAL J 84 107.03 -12.15 5.60
C VAL J 84 107.69 -11.10 4.70
N GLU J 85 107.27 -9.84 4.84
CA GLU J 85 107.84 -8.77 4.03
C GLU J 85 109.33 -8.61 4.29
N GLU J 86 109.73 -8.60 5.56
CA GLU J 86 111.11 -8.39 5.97
C GLU J 86 112.03 -9.55 5.62
N LEU J 87 111.46 -10.72 5.28
CA LEU J 87 112.28 -11.91 5.06
C LEU J 87 113.29 -11.71 3.95
N GLN J 88 112.86 -11.17 2.80
CA GLN J 88 113.74 -10.88 1.67
C GLN J 88 114.53 -12.12 1.25
N LEU J 89 113.81 -13.13 0.78
CA LEU J 89 114.46 -14.38 0.39
C LEU J 89 115.30 -14.23 -0.88
N ASP J 90 115.16 -13.12 -1.60
CA ASP J 90 115.95 -12.93 -2.81
C ASP J 90 117.41 -12.62 -2.51
N ALA J 91 117.73 -12.23 -1.28
CA ALA J 91 119.11 -11.89 -0.94
C ALA J 91 120.02 -13.10 -1.01
N ILE J 92 119.59 -14.22 -0.38
CA ILE J 92 120.39 -15.43 -0.41
C ILE J 92 120.43 -16.02 -1.81
N ASP J 93 119.37 -15.81 -2.60
CA ASP J 93 119.34 -16.32 -3.96
C ASP J 93 120.49 -15.76 -4.78
N GLU J 94 120.74 -14.46 -4.69
CA GLU J 94 121.88 -13.87 -5.39
C GLU J 94 123.19 -14.39 -4.84
N ASP J 95 123.29 -14.53 -3.51
CA ASP J 95 124.51 -15.06 -2.91
C ASP J 95 124.78 -16.49 -3.37
N TYR J 96 123.72 -17.30 -3.47
CA TYR J 96 123.89 -18.65 -4.00
C TYR J 96 124.21 -18.62 -5.48
N SER J 97 123.71 -17.62 -6.21
CA SER J 97 124.00 -17.50 -7.63
C SER J 97 125.47 -17.25 -7.91
N GLN J 98 126.15 -16.51 -7.03
CA GLN J 98 127.58 -16.28 -7.16
C GLN J 98 128.38 -17.52 -6.83
N LEU J 99 127.92 -18.32 -5.86
CA LEU J 99 128.60 -19.57 -5.52
C LEU J 99 128.56 -20.54 -6.69
N ARG J 100 127.50 -20.47 -7.50
CA ARG J 100 127.42 -21.34 -8.68
C ARG J 100 128.55 -21.04 -9.66
N LYS J 101 128.92 -19.76 -9.79
CA LYS J 101 130.05 -19.41 -10.64
C LYS J 101 131.37 -19.86 -10.00
N TYR J 102 131.46 -19.80 -8.67
CA TYR J 102 132.62 -20.36 -7.98
C TYR J 102 132.56 -21.88 -7.87
N SER J 103 131.42 -22.48 -8.22
CA SER J 103 131.24 -23.92 -8.05
C SER J 103 132.09 -24.75 -9.02
N CYS J 104 132.72 -24.10 -10.00
CA CYS J 104 133.53 -24.84 -10.96
C CYS J 104 134.68 -25.59 -10.29
N LEU J 105 135.37 -24.98 -9.34
CA LEU J 105 136.43 -25.64 -8.59
C LEU J 105 136.24 -25.34 -7.10
N GLY J 106 135.03 -25.55 -6.60
CA GLY J 106 134.71 -25.25 -5.22
C GLY J 106 135.32 -26.20 -4.21
N GLN J 107 135.94 -27.30 -4.67
CA GLN J 107 136.55 -28.23 -3.74
C GLN J 107 137.72 -27.61 -2.99
N CYS J 108 138.48 -26.74 -3.65
CA CYS J 108 139.62 -26.10 -3.01
C CYS J 108 139.15 -25.08 -1.97
N THR J 109 140.06 -24.74 -1.05
CA THR J 109 139.73 -23.82 0.03
C THR J 109 139.52 -22.40 -0.47
N ILE J 110 139.95 -22.08 -1.70
CA ILE J 110 139.75 -20.73 -2.22
C ILE J 110 138.27 -20.43 -2.40
N HIS J 111 137.52 -21.37 -2.98
CA HIS J 111 136.09 -21.18 -3.20
C HIS J 111 135.21 -21.82 -2.13
N ALA J 112 135.77 -22.67 -1.27
CA ALA J 112 134.98 -23.29 -0.20
C ALA J 112 134.58 -22.30 0.86
N HIS J 113 135.20 -21.11 0.89
CA HIS J 113 134.84 -20.11 1.89
C HIS J 113 133.41 -19.64 1.72
N ARG J 114 132.97 -19.44 0.47
CA ARG J 114 131.59 -19.04 0.22
C ARG J 114 130.62 -20.18 0.50
N ARG J 115 131.00 -21.41 0.17
CA ARG J 115 130.10 -22.55 0.33
C ARG J 115 129.79 -22.80 1.81
N ALA J 116 130.73 -22.48 2.69
CA ALA J 116 130.49 -22.69 4.12
C ALA J 116 129.35 -21.82 4.62
N SER J 117 129.31 -20.56 4.20
CA SER J 117 128.27 -19.65 4.66
C SER J 117 126.90 -20.02 4.10
N ILE J 118 126.85 -20.37 2.81
CA ILE J 118 125.57 -20.68 2.17
C ILE J 118 124.95 -21.93 2.78
N GLY J 119 125.78 -22.94 3.07
CA GLY J 119 125.27 -24.17 3.65
C GLY J 119 124.59 -24.00 5.00
N ARG J 120 124.91 -22.92 5.72
CA ARG J 120 124.24 -22.60 6.97
C ARG J 120 123.21 -21.49 6.82
N ARG J 121 123.35 -20.65 5.79
CA ARG J 121 122.39 -19.58 5.57
C ARG J 121 121.09 -20.09 4.99
N VAL J 122 121.14 -21.16 4.19
CA VAL J 122 119.92 -21.76 3.65
C VAL J 122 119.05 -22.29 4.79
N LEU J 123 119.66 -23.03 5.72
CA LEU J 123 118.91 -23.56 6.85
C LEU J 123 118.41 -22.43 7.75
N GLU J 124 119.15 -21.32 7.81
CA GLU J 124 118.72 -20.17 8.60
C GLU J 124 117.47 -19.52 8.03
N ALA J 125 117.28 -19.58 6.71
CA ALA J 125 116.08 -19.01 6.11
C ALA J 125 115.02 -20.06 5.80
N LEU J 126 115.40 -21.34 5.77
CA LEU J 126 114.41 -22.39 5.50
C LEU J 126 113.48 -22.59 6.69
N ASP J 127 114.04 -22.65 7.90
CA ASP J 127 113.20 -22.86 9.08
C ASP J 127 112.26 -21.69 9.31
N GLU J 128 112.75 -20.45 9.10
CA GLU J 128 111.88 -19.30 9.21
C GLU J 128 110.77 -19.33 8.17
N ALA J 129 111.11 -19.71 6.93
CA ALA J 129 110.10 -19.81 5.88
C ALA J 129 109.07 -20.87 6.22
N ASN J 130 109.52 -22.02 6.71
CA ASN J 130 108.59 -23.08 7.09
C ASN J 130 107.78 -22.72 8.32
N LYS J 131 108.38 -22.01 9.28
CA LYS J 131 107.63 -21.56 10.44
C LYS J 131 106.55 -20.57 10.03
N LEU J 132 106.87 -19.69 9.08
CA LEU J 132 105.87 -18.74 8.57
C LEU J 132 104.76 -19.46 7.82
N ILE J 133 105.06 -20.61 7.22
CA ILE J 133 104.04 -21.38 6.51
C ILE J 133 102.97 -21.84 7.49
N GLU J 134 103.39 -22.46 8.60
CA GLU J 134 102.44 -23.06 9.52
C GLU J 134 101.83 -22.05 10.48
N GLU J 135 102.31 -20.81 10.49
CA GLU J 135 101.64 -19.76 11.27
C GLU J 135 100.52 -19.13 10.47
N GLY J 136 100.81 -18.68 9.25
CA GLY J 136 99.79 -18.05 8.43
C GLY J 136 98.72 -19.01 7.95
N ARG J 137 99.03 -20.31 7.92
CA ARG J 137 98.04 -21.31 7.61
C ARG J 137 97.12 -21.61 8.80
N ARG J 138 97.46 -21.09 9.98
CA ARG J 138 96.71 -21.37 11.20
C ARG J 138 95.86 -20.19 11.65
N PHE J 139 95.76 -19.12 10.87
CA PHE J 139 94.94 -18.00 11.25
C PHE J 139 93.47 -18.30 10.98
N LYS J 140 92.61 -17.83 11.88
CA LYS J 140 91.17 -17.99 11.73
C LYS J 140 90.39 -16.69 11.80
N LYS J 141 90.91 -15.66 12.47
CA LYS J 141 90.30 -14.34 12.43
C LYS J 141 91.36 -13.34 11.98
N PHE J 142 90.97 -12.42 11.09
CA PHE J 142 91.92 -11.55 10.44
C PHE J 142 91.69 -10.07 10.71
N GLY J 143 90.60 -9.70 11.36
CA GLY J 143 90.34 -8.30 11.67
C GLY J 143 89.51 -8.17 12.92
N PHE J 144 89.61 -6.99 13.53
CA PHE J 144 88.83 -6.67 14.72
C PHE J 144 88.19 -5.30 14.54
N LYS J 145 86.95 -5.18 14.98
CA LYS J 145 86.21 -3.94 14.81
C LYS J 145 86.79 -2.87 15.73
N PRO J 146 87.23 -1.73 15.20
CA PRO J 146 87.83 -0.70 16.05
C PRO J 146 86.79 -0.03 16.94
N LEU J 147 87.29 0.60 18.00
CA LEU J 147 86.41 1.33 18.91
C LEU J 147 85.81 2.53 18.19
N PRO J 148 84.62 2.98 18.58
CA PRO J 148 84.00 4.13 17.91
C PRO J 148 84.86 5.38 18.04
N LYS J 149 84.85 6.19 17.00
CA LYS J 149 85.60 7.44 17.01
C LYS J 149 85.03 8.39 18.05
N ILE J 150 85.87 9.32 18.52
CA ILE J 150 85.41 10.32 19.47
C ILE J 150 84.27 11.13 18.87
N VAL J 151 84.45 11.61 17.65
CA VAL J 151 83.41 12.29 16.90
C VAL J 151 83.51 11.88 15.44
N ASP J 152 82.43 11.34 14.90
CA ASP J 152 82.43 10.92 13.50
C ASP J 152 81.94 12.06 12.61
N PRO J 153 82.55 12.24 11.45
CA PRO J 153 82.18 13.38 10.60
C PRO J 153 80.73 13.33 10.16
N LEU J 154 80.12 14.51 10.05
CA LEU J 154 78.77 14.72 9.56
C LEU J 154 78.80 15.45 8.23
N PRO J 155 77.69 15.45 7.47
CA PRO J 155 77.68 16.11 6.15
C PRO J 155 78.29 17.51 6.14
N GLN J 156 79.36 17.68 5.37
CA GLN J 156 80.10 18.94 5.34
C GLN J 156 79.77 19.71 4.05
N ILE J 157 78.67 20.44 4.12
CA ILE J 157 78.27 21.29 3.01
C ILE J 157 79.02 22.62 3.07
N LYS J 158 78.97 23.37 1.97
CA LYS J 158 79.55 24.70 1.95
C LYS J 158 78.65 25.68 2.69
N THR J 159 79.20 26.38 3.68
CA THR J 159 78.44 27.28 4.52
C THR J 159 78.99 28.69 4.39
N PHE J 160 78.07 29.67 4.38
CA PHE J 160 78.42 31.08 4.25
C PHE J 160 77.98 31.83 5.50
N GLY J 161 78.85 32.71 5.98
CA GLY J 161 78.53 33.58 7.10
C GLY J 161 78.18 32.87 8.39
N LEU J 162 78.62 31.63 8.58
CA LEU J 162 78.33 30.88 9.79
C LEU J 162 79.42 30.99 10.84
N GLU J 163 80.50 31.72 10.54
CA GLU J 163 81.62 31.80 11.47
C GLU J 163 81.25 32.56 12.73
N THR J 164 80.48 33.65 12.60
CA THR J 164 80.17 34.48 13.76
C THR J 164 79.22 33.76 14.72
N MET J 165 78.31 32.95 14.20
CA MET J 165 77.41 32.20 15.07
C MET J 165 78.14 31.02 15.71
N LEU J 166 78.98 30.33 14.95
CA LEU J 166 79.73 29.20 15.50
C LEU J 166 80.67 29.67 16.60
N SER J 167 81.16 30.90 16.51
CA SER J 167 81.96 31.47 17.59
C SER J 167 81.12 31.64 18.86
N GLN J 168 79.88 32.08 18.71
CA GLN J 168 79.00 32.23 19.87
C GLN J 168 78.72 30.89 20.53
N LEU J 169 78.46 29.86 19.73
CA LEU J 169 78.17 28.54 20.28
C LEU J 169 79.37 27.97 21.02
N TYR J 170 80.57 28.17 20.48
CA TYR J 170 81.77 27.66 21.14
C TYR J 170 82.05 28.43 22.43
N ASP J 171 81.70 29.72 22.47
CA ASP J 171 81.98 30.53 23.64
C ASP J 171 81.24 30.05 24.88
N LEU J 172 80.08 29.42 24.73
CA LEU J 172 79.41 28.78 25.85
C LEU J 172 79.95 27.37 26.09
N PHE J 173 80.10 26.60 25.01
CA PHE J 173 80.56 25.22 25.14
C PHE J 173 81.92 25.15 25.84
N GLU J 174 82.79 26.12 25.56
CA GLU J 174 84.09 26.17 26.24
C GLU J 174 83.99 26.78 27.63
N LYS J 175 83.10 27.72 27.84
CA LYS J 175 83.19 28.59 29.01
C LYS J 175 81.89 28.72 29.78
N GLY J 176 80.76 28.43 29.13
CA GLY J 176 79.47 28.62 29.77
C GLY J 176 79.31 27.79 31.03
N ASP J 177 78.63 28.37 32.02
CA ASP J 177 78.47 27.73 33.32
C ASP J 177 77.53 26.54 33.26
N SER J 178 76.40 26.69 32.57
CA SER J 178 75.42 25.62 32.50
C SER J 178 75.83 24.59 31.47
N ASN J 179 75.57 23.32 31.79
CA ASN J 179 75.95 22.22 30.92
C ASN J 179 74.90 21.87 29.88
N ILE J 180 73.72 22.47 29.94
CA ILE J 180 72.69 22.30 28.93
C ILE J 180 72.59 23.59 28.14
N ILE J 181 72.83 23.51 26.84
CA ILE J 181 72.88 24.67 25.96
C ILE J 181 71.75 24.56 24.95
N GLY J 182 70.99 25.64 24.80
CA GLY J 182 69.89 25.66 23.85
C GLY J 182 70.08 26.66 22.75
N VAL J 183 69.84 26.23 21.50
CA VAL J 183 69.92 27.11 20.34
C VAL J 183 68.54 27.14 19.70
N TRP J 184 68.01 28.33 19.47
CA TRP J 184 66.68 28.48 18.91
C TRP J 184 66.68 29.48 17.77
N GLY J 185 65.74 29.27 16.84
CA GLY J 185 65.62 30.10 15.66
C GLY J 185 64.51 29.61 14.74
N GLN J 186 64.08 30.45 13.81
CA GLN J 186 62.99 30.06 12.90
C GLN J 186 63.42 28.94 11.97
N GLY J 187 62.45 28.26 11.37
CA GLY J 187 62.74 27.16 10.48
C GLY J 187 63.61 27.54 9.30
N GLY J 188 64.66 26.77 9.05
CA GLY J 188 65.54 27.02 7.93
C GLY J 188 66.62 28.05 8.17
N VAL J 189 66.75 28.56 9.40
CA VAL J 189 67.77 29.57 9.67
C VAL J 189 69.16 28.97 9.74
N GLY J 190 69.29 27.68 10.01
CA GLY J 190 70.59 27.04 10.03
C GLY J 190 70.94 26.35 11.34
N LYS J 191 69.93 25.94 12.11
CA LYS J 191 70.19 25.31 13.39
C LYS J 191 70.84 23.94 13.20
N THR J 192 70.27 23.10 12.34
CA THR J 192 70.84 21.77 12.10
C THR J 192 72.22 21.88 11.46
N THR J 193 72.36 22.76 10.46
CA THR J 193 73.65 22.93 9.81
C THR J 193 74.70 23.44 10.79
N LEU J 194 74.26 24.20 11.80
CA LEU J 194 75.20 24.61 12.86
C LEU J 194 75.73 23.40 13.61
N LEU J 195 74.87 22.44 13.92
CA LEU J 195 75.32 21.24 14.59
C LEU J 195 76.29 20.44 13.73
N HIS J 196 76.01 20.34 12.42
CA HIS J 196 76.90 19.61 11.52
C HIS J 196 78.28 20.27 11.47
N VAL J 197 78.32 21.60 11.42
CA VAL J 197 79.60 22.29 11.38
C VAL J 197 80.23 22.34 12.78
N PHE J 198 79.41 22.29 13.83
CA PHE J 198 79.95 22.23 15.18
C PHE J 198 80.52 20.86 15.48
N ASN J 199 79.80 19.80 15.11
CA ASN J 199 80.28 18.45 15.34
C ASN J 199 81.56 18.18 14.55
N ASN J 200 81.59 18.62 13.30
CA ASN J 200 82.78 18.39 12.47
C ASN J 200 83.94 19.26 12.93
N ASP J 201 83.66 20.37 13.59
CA ASP J 201 84.73 21.23 14.10
C ASP J 201 85.40 20.65 15.33
N LEU J 202 84.68 19.83 16.10
CA LEU J 202 85.27 19.22 17.29
C LEU J 202 86.41 18.28 16.95
N GLU J 203 86.30 17.52 15.86
CA GLU J 203 87.37 16.62 15.45
C GLU J 203 88.63 17.35 14.99
N LYS J 204 88.54 18.65 14.75
CA LYS J 204 89.71 19.44 14.40
C LYS J 204 90.46 19.95 15.63
N LYS J 205 89.73 20.35 16.67
CA LYS J 205 90.36 20.91 17.86
C LYS J 205 90.70 19.79 18.86
N ALA J 206 91.25 20.23 20.00
CA ALA J 206 91.55 19.33 21.11
C ALA J 206 90.57 19.58 22.24
N HIS J 207 89.98 18.51 22.75
CA HIS J 207 88.96 18.61 23.78
C HIS J 207 89.04 17.39 24.68
N ASP J 208 88.47 17.52 25.88
CA ASP J 208 88.54 16.46 26.88
C ASP J 208 87.42 15.44 26.74
N TYR J 209 86.44 15.69 25.88
CA TYR J 209 85.27 14.84 25.80
C TYR J 209 85.60 13.52 25.10
N GLN J 210 84.80 12.50 25.40
CA GLN J 210 85.06 11.14 24.93
C GLN J 210 84.11 10.66 23.86
N VAL J 211 82.86 11.13 23.85
CA VAL J 211 81.91 10.80 22.80
C VAL J 211 81.11 12.04 22.44
N VAL J 212 80.88 12.23 21.15
CA VAL J 212 80.04 13.31 20.64
C VAL J 212 78.92 12.67 19.83
N ILE J 213 77.72 12.66 20.39
CA ILE J 213 76.58 11.95 19.82
C ILE J 213 75.64 12.98 19.20
N PHE J 214 75.24 12.73 17.96
CA PHE J 214 74.26 13.56 17.27
C PHE J 214 72.97 12.76 17.14
N ILE J 215 71.89 13.28 17.73
CA ILE J 215 70.61 12.57 17.80
C ILE J 215 69.55 13.43 17.11
N GLU J 216 68.79 12.81 16.22
CA GLU J 216 67.71 13.49 15.50
C GLU J 216 66.39 13.21 16.21
N VAL J 217 65.98 14.16 17.06
CA VAL J 217 64.66 14.06 17.69
C VAL J 217 63.57 14.60 16.78
N SER J 218 63.94 15.15 15.63
CA SER J 218 62.99 15.72 14.67
C SER J 218 62.15 14.63 14.01
N ASN J 219 62.53 13.36 14.22
CA ASN J 219 61.82 12.24 13.60
C ASN J 219 60.33 12.32 13.89
N SER J 220 59.96 12.67 15.11
CA SER J 220 58.55 12.83 15.46
C SER J 220 58.45 13.69 16.72
N GLU J 221 57.23 14.14 17.01
CA GLU J 221 56.94 14.73 18.31
C GLU J 221 56.57 13.66 19.32
N ALA J 222 56.47 12.41 18.88
CA ALA J 222 56.12 11.30 19.76
C ALA J 222 57.33 10.69 20.45
N LEU J 223 58.54 11.23 20.22
CA LEU J 223 59.74 10.76 20.90
C LEU J 223 59.99 9.28 20.63
N ASN J 224 60.39 8.95 19.40
CA ASN J 224 60.63 7.55 19.03
C ASN J 224 61.85 7.05 19.80
N THR J 225 61.56 6.55 21.00
CA THR J 225 62.60 6.26 21.99
C THR J 225 63.57 5.19 21.51
N VAL J 226 63.06 4.16 20.85
CA VAL J 226 63.90 3.01 20.49
C VAL J 226 65.03 3.44 19.57
N GLU J 227 64.71 4.26 18.56
CA GLU J 227 65.72 4.69 17.60
C GLU J 227 66.73 5.64 18.20
N ILE J 228 66.37 6.40 19.24
CA ILE J 228 67.34 7.23 19.93
C ILE J 228 68.30 6.36 20.73
N GLN J 229 67.77 5.34 21.42
CA GLN J 229 68.62 4.45 22.19
C GLN J 229 69.52 3.63 21.27
N GLN J 230 69.05 3.33 20.06
CA GLN J 230 69.91 2.68 19.08
C GLN J 230 71.11 3.55 18.73
N THR J 231 70.87 4.85 18.55
CA THR J 231 71.96 5.76 18.22
C THR J 231 72.96 5.87 19.36
N ILE J 232 72.47 5.93 20.60
CA ILE J 232 73.37 6.07 21.75
C ILE J 232 74.15 4.79 21.97
N SER J 233 73.47 3.64 21.94
CA SER J 233 74.15 2.38 22.17
C SER J 233 75.16 2.08 21.07
N GLU J 234 74.81 2.34 19.82
CA GLU J 234 75.76 2.17 18.72
C GLU J 234 76.95 3.10 18.88
N ARG J 235 76.74 4.29 19.44
CA ARG J 235 77.80 5.25 19.64
C ARG J 235 78.63 4.97 20.89
N LEU J 236 78.14 4.12 21.79
CA LEU J 236 78.85 3.74 22.99
C LEU J 236 79.48 2.36 22.90
N ASN J 237 79.52 1.78 21.70
CA ASN J 237 80.05 0.42 21.48
C ASN J 237 79.33 -0.60 22.36
N LEU J 238 78.02 -0.45 22.51
CA LEU J 238 77.22 -1.37 23.31
C LEU J 238 76.48 -2.36 22.42
N PRO J 239 76.28 -3.59 22.91
CA PRO J 239 75.47 -4.54 22.15
C PRO J 239 74.00 -4.18 22.23
N TRP J 240 73.28 -4.41 21.13
CA TRP J 240 71.87 -4.05 21.05
C TRP J 240 71.03 -5.26 21.46
N ASN J 241 70.60 -5.26 22.73
CA ASN J 241 69.69 -6.28 23.23
C ASN J 241 68.28 -5.86 22.84
N ASP J 242 67.80 -6.42 21.72
CA ASP J 242 66.55 -5.94 21.12
C ASP J 242 65.36 -6.16 22.04
N ALA J 243 65.29 -7.31 22.71
CA ALA J 243 64.14 -7.65 23.53
C ALA J 243 64.14 -6.94 24.88
N GLU J 244 65.19 -6.22 25.23
CA GLU J 244 65.25 -5.53 26.50
C GLU J 244 64.18 -4.45 26.55
N PRO J 245 63.46 -4.32 27.66
CA PRO J 245 62.45 -3.25 27.77
C PRO J 245 63.09 -1.87 27.77
N ILE J 246 62.33 -0.89 27.29
CA ILE J 246 62.84 0.46 27.13
C ILE J 246 63.24 1.06 28.48
N ALA J 247 62.42 0.82 29.51
CA ALA J 247 62.71 1.38 30.83
C ALA J 247 64.00 0.80 31.39
N LYS J 248 64.25 -0.49 31.17
CA LYS J 248 65.49 -1.10 31.67
C LYS J 248 66.70 -0.56 30.92
N ARG J 249 66.59 -0.39 29.60
CA ARG J 249 67.69 0.18 28.83
C ARG J 249 67.99 1.60 29.26
N ALA J 250 66.95 2.39 29.52
CA ALA J 250 67.16 3.77 29.93
C ALA J 250 67.96 3.84 31.22
N ARG J 251 67.68 2.94 32.16
CA ARG J 251 68.49 2.87 33.37
C ARG J 251 69.92 2.43 33.06
N PHE J 252 70.09 1.58 32.05
CA PHE J 252 71.42 1.11 31.68
C PHE J 252 72.22 2.22 31.02
N LEU J 253 71.61 2.96 30.09
CA LEU J 253 72.32 4.02 29.39
C LEU J 253 72.72 5.14 30.34
N ILE J 254 71.90 5.41 31.36
CA ILE J 254 72.25 6.43 32.34
C ILE J 254 73.55 6.07 33.04
N LYS J 255 73.71 4.79 33.40
CA LYS J 255 74.96 4.33 34.00
C LYS J 255 76.09 4.36 32.98
N ALA J 256 75.82 3.96 31.73
CA ALA J 256 76.86 3.92 30.71
C ALA J 256 77.34 5.31 30.36
N LEU J 257 76.42 6.24 30.14
CA LEU J 257 76.81 7.60 29.77
C LEU J 257 77.42 8.35 30.95
N GLY J 258 77.08 7.95 32.18
CA GLY J 258 77.65 8.59 33.35
C GLY J 258 79.13 8.32 33.55
N ARG J 259 79.67 7.31 32.86
CA ARG J 259 81.09 6.99 32.98
C ARG J 259 81.95 7.78 32.02
N LYS J 260 81.36 8.52 31.09
CA LYS J 260 82.10 9.20 30.05
C LYS J 260 81.72 10.68 30.00
N ARG J 261 82.68 11.50 29.57
CA ARG J 261 82.43 12.91 29.32
C ARG J 261 81.81 13.08 27.95
N PHE J 262 80.48 13.06 27.87
CA PHE J 262 79.80 13.01 26.58
C PHE J 262 79.36 14.40 26.14
N VAL J 263 79.14 14.53 24.84
CA VAL J 263 78.45 15.68 24.24
C VAL J 263 77.34 15.13 23.36
N ILE J 264 76.10 15.49 23.67
CA ILE J 264 74.95 15.04 22.91
C ILE J 264 74.33 16.25 22.23
N LEU J 265 74.21 16.17 20.91
CA LEU J 265 73.68 17.27 20.09
C LEU J 265 72.26 16.88 19.65
N LEU J 266 71.29 17.19 20.51
CA LEU J 266 69.89 16.96 20.15
C LEU J 266 69.51 17.91 19.03
N ASP J 267 68.71 17.43 18.09
CA ASP J 267 68.38 18.19 16.89
C ASP J 267 66.88 18.32 16.73
N ASP J 268 66.39 19.56 16.67
CA ASP J 268 65.00 19.88 16.39
C ASP J 268 64.05 19.12 17.32
N VAL J 269 64.20 19.40 18.61
CA VAL J 269 63.28 18.87 19.62
C VAL J 269 62.04 19.74 19.66
N ARG J 270 60.88 19.13 19.45
CA ARG J 270 59.64 19.88 19.28
C ARG J 270 58.74 19.86 20.50
N LYS J 271 58.96 18.97 21.45
CA LYS J 271 58.23 18.95 22.71
C LYS J 271 59.19 18.65 23.85
N LYS J 272 58.81 19.10 25.04
CA LYS J 272 59.56 18.74 26.24
C LYS J 272 59.49 17.24 26.45
N PHE J 273 60.64 16.62 26.67
CA PHE J 273 60.70 15.19 26.93
C PHE J 273 61.71 14.93 28.05
N CYS J 274 61.49 13.84 28.77
CA CYS J 274 62.35 13.50 29.90
C CYS J 274 63.61 12.81 29.39
N LEU J 275 64.76 13.38 29.73
CA LEU J 275 66.03 12.80 29.28
C LEU J 275 66.27 11.44 29.89
N GLU J 276 65.97 11.28 31.18
CA GLU J 276 66.18 10.01 31.86
C GLU J 276 65.27 8.91 31.33
N ASP J 277 64.15 9.26 30.68
CA ASP J 277 63.29 8.25 30.10
C ASP J 277 63.89 7.67 28.83
N VAL J 278 64.71 8.45 28.12
CA VAL J 278 65.35 7.96 26.91
C VAL J 278 66.73 7.39 27.19
N GLY J 279 67.28 7.60 28.39
CA GLY J 279 68.57 7.04 28.74
C GLY J 279 69.65 8.08 28.94
N ILE J 280 69.41 9.30 28.49
CA ILE J 280 70.40 10.36 28.63
C ILE J 280 70.35 10.91 30.05
N PRO J 281 71.47 10.92 30.78
CA PRO J 281 71.48 11.58 32.09
C PRO J 281 71.66 13.09 31.91
N THR J 282 70.86 13.85 32.64
CA THR J 282 70.98 15.30 32.56
C THR J 282 72.33 15.74 33.14
N PRO J 283 73.14 16.47 32.40
CA PRO J 283 74.43 16.92 32.93
C PRO J 283 74.25 17.97 34.02
N ASP J 284 75.19 17.97 34.96
CA ASP J 284 75.14 18.89 36.08
C ASP J 284 76.53 19.51 36.26
N ILE J 285 76.62 20.41 37.23
CA ILE J 285 77.87 21.14 37.47
C ILE J 285 79.00 20.19 37.83
N ASN J 286 78.70 19.13 38.59
CA ASN J 286 79.70 18.15 38.96
C ASN J 286 80.32 17.44 37.77
N SER J 287 79.55 17.24 36.69
CA SER J 287 80.02 16.51 35.53
C SER J 287 80.51 17.46 34.46
N GLN J 288 81.48 17.01 33.67
CA GLN J 288 82.01 17.77 32.55
C GLN J 288 81.14 17.66 31.31
N SER J 289 80.20 16.72 31.29
CA SER J 289 79.41 16.46 30.10
C SER J 289 78.55 17.67 29.73
N LYS J 290 78.35 17.84 28.43
CA LYS J 290 77.52 18.91 27.89
C LYS J 290 76.34 18.30 27.15
N LEU J 291 75.37 19.15 26.79
CA LEU J 291 74.19 18.72 26.07
C LEU J 291 73.63 19.93 25.32
N ILE J 292 73.69 19.89 24.00
CA ILE J 292 73.25 20.99 23.15
C ILE J 292 72.01 20.56 22.38
N LEU J 293 70.93 21.32 22.52
CA LEU J 293 69.67 21.04 21.84
C LEU J 293 69.26 22.24 21.01
N THR J 294 68.75 21.98 19.82
CA THR J 294 68.23 23.01 18.94
C THR J 294 66.73 22.82 18.74
N SER J 295 65.98 23.92 18.72
CA SER J 295 64.54 23.87 18.56
C SER J 295 64.06 25.19 18.01
N ARG J 296 62.93 25.15 17.31
CA ARG J 296 62.32 26.37 16.81
C ARG J 296 61.67 27.21 17.90
N TYR J 297 61.35 26.62 19.05
CA TYR J 297 60.55 27.27 20.07
C TYR J 297 61.41 27.56 21.29
N ARG J 298 61.41 28.81 21.74
CA ARG J 298 62.09 29.17 22.97
C ARG J 298 61.41 28.53 24.17
N GLU J 299 60.11 28.25 24.07
CA GLU J 299 59.41 27.60 25.18
C GLU J 299 59.96 26.21 25.45
N VAL J 300 60.28 25.45 24.39
CA VAL J 300 60.86 24.13 24.57
C VAL J 300 62.24 24.23 25.20
N CYS J 301 63.06 25.18 24.74
CA CYS J 301 64.39 25.34 25.30
C CYS J 301 64.34 25.77 26.76
N PHE J 302 63.29 26.50 27.15
CA PHE J 302 63.13 26.85 28.55
C PHE J 302 62.63 25.66 29.37
N GLN J 303 61.77 24.83 28.78
CA GLN J 303 61.24 23.68 29.49
C GLN J 303 62.34 22.64 29.75
N MET J 304 63.31 22.53 28.86
CA MET J 304 64.40 21.57 29.01
C MET J 304 65.57 22.12 29.81
N ASN J 305 65.34 23.11 30.68
CA ASN J 305 66.33 23.64 31.61
C ASN J 305 67.52 24.26 30.91
N ALA J 306 67.32 24.85 29.74
CA ALA J 306 68.38 25.55 29.02
C ALA J 306 68.22 27.06 29.04
N GLN J 307 67.51 27.61 30.03
CA GLN J 307 67.22 29.04 30.04
C GLN J 307 68.48 29.88 30.21
N ARG J 308 69.43 29.43 31.01
CA ARG J 308 70.61 30.22 31.32
C ARG J 308 71.68 30.18 30.24
N SER J 309 71.51 29.36 29.19
CA SER J 309 72.48 29.26 28.12
C SER J 309 71.81 29.28 26.74
N LEU J 310 70.90 30.22 26.50
CA LEU J 310 70.16 30.24 25.25
C LEU J 310 70.88 31.07 24.19
N ILE J 311 70.82 30.60 22.95
CA ILE J 311 71.35 31.31 21.79
C ILE J 311 70.25 31.44 20.76
N GLU J 312 70.11 32.63 20.20
CA GLU J 312 69.15 32.88 19.13
C GLU J 312 69.88 32.78 17.79
N MET J 313 69.40 31.88 16.93
CA MET J 313 70.00 31.67 15.61
C MET J 313 69.44 32.73 14.67
N GLN J 314 70.24 33.77 14.44
CA GLN J 314 69.78 34.89 13.65
C GLN J 314 69.95 34.63 12.15
N ILE J 315 69.19 35.40 11.36
CA ILE J 315 69.26 35.25 9.91
C ILE J 315 70.62 35.70 9.39
N LEU J 316 70.91 35.34 8.14
CA LEU J 316 72.19 35.64 7.54
C LEU J 316 72.30 37.14 7.25
N GLY J 317 73.53 37.63 7.22
CA GLY J 317 73.77 39.03 6.98
C GLY J 317 73.51 39.42 5.53
N ASN J 318 73.55 40.73 5.28
CA ASN J 318 73.26 41.24 3.94
C ASN J 318 74.27 40.74 2.92
N ASP J 319 75.55 40.77 3.25
CA ASP J 319 76.58 40.36 2.30
C ASP J 319 76.61 38.85 2.13
N ALA J 320 76.54 38.11 3.24
CA ALA J 320 76.64 36.66 3.16
C ALA J 320 75.39 36.03 2.55
N SER J 321 74.27 36.76 2.55
CA SER J 321 73.08 36.29 1.88
C SER J 321 73.19 36.42 0.36
N TRP J 322 74.13 37.23 -0.12
CA TRP J 322 74.29 37.40 -1.56
C TRP J 322 75.18 36.30 -2.14
N GLU J 323 76.35 36.06 -1.53
CA GLU J 323 77.26 35.05 -2.05
C GLU J 323 76.68 33.64 -1.92
N LEU J 324 75.80 33.43 -0.93
CA LEU J 324 75.07 32.16 -0.88
C LEU J 324 74.12 32.05 -2.07
N PHE J 325 73.47 33.15 -2.43
CA PHE J 325 72.61 33.17 -3.60
C PHE J 325 73.42 32.96 -4.87
N LEU J 326 74.60 33.57 -4.94
CA LEU J 326 75.43 33.45 -6.14
C LEU J 326 75.86 32.01 -6.38
N SER J 327 76.24 31.29 -5.31
CA SER J 327 76.70 29.92 -5.47
C SER J 327 75.59 28.99 -5.93
N LYS J 328 74.33 29.42 -5.86
CA LYS J 328 73.21 28.60 -6.26
C LYS J 328 72.89 28.71 -7.74
N LEU J 329 73.53 29.63 -8.46
CA LEU J 329 73.23 29.87 -9.86
C LEU J 329 74.19 29.11 -10.77
N SER J 330 73.72 28.79 -11.98
CA SER J 330 74.54 28.07 -12.93
C SER J 330 75.70 28.95 -13.41
N THR J 331 76.62 28.33 -14.15
CA THR J 331 77.82 29.03 -14.58
C THR J 331 77.50 30.19 -15.51
N GLU J 332 76.63 29.94 -16.50
CA GLU J 332 76.29 31.00 -17.45
C GLU J 332 75.39 32.06 -16.81
N THR J 333 74.45 31.64 -15.97
CA THR J 333 73.57 32.58 -15.30
C THR J 333 74.36 33.46 -14.33
N SER J 334 75.31 32.87 -13.60
CA SER J 334 76.11 33.65 -12.67
C SER J 334 76.94 34.70 -13.38
N ALA J 335 77.41 34.38 -14.59
CA ALA J 335 78.22 35.33 -15.35
C ALA J 335 77.44 36.59 -15.72
N ALA J 336 76.12 36.55 -15.64
CA ALA J 336 75.32 37.74 -15.90
C ALA J 336 75.23 38.66 -14.68
N VAL J 337 75.21 38.09 -13.48
CA VAL J 337 75.05 38.89 -12.27
C VAL J 337 76.32 39.02 -11.45
N GLU J 338 77.30 38.14 -11.64
CA GLU J 338 78.58 38.29 -10.96
C GLU J 338 79.36 39.56 -11.32
N PRO J 339 79.55 39.92 -12.60
CA PRO J 339 80.59 40.90 -12.93
C PRO J 339 80.33 42.28 -12.34
N LEU J 340 81.41 42.97 -12.03
CA LEU J 340 81.38 44.35 -11.58
C LEU J 340 82.21 45.20 -12.53
N GLY J 341 82.32 46.48 -12.22
CA GLY J 341 82.94 47.41 -13.16
C GLY J 341 81.98 47.79 -14.26
N SER J 342 81.52 46.82 -15.03
CA SER J 342 80.39 47.04 -15.92
C SER J 342 79.09 47.05 -15.12
N GLN J 343 78.24 48.03 -15.39
CA GLN J 343 77.03 48.25 -14.63
C GLN J 343 75.82 47.84 -15.46
N SER J 344 74.99 46.97 -14.89
CA SER J 344 73.83 46.44 -15.58
C SER J 344 72.69 46.28 -14.59
N ALA J 345 71.47 46.33 -15.11
CA ALA J 345 70.29 46.24 -14.25
C ALA J 345 70.01 44.81 -13.80
N THR J 346 70.60 43.81 -14.46
CA THR J 346 70.38 42.42 -14.06
C THR J 346 70.91 42.17 -12.65
N ARG J 347 72.03 42.81 -12.30
CA ARG J 347 72.54 42.71 -10.93
C ARG J 347 71.53 43.28 -9.94
N GLU J 348 70.91 44.41 -10.29
CA GLU J 348 69.92 45.02 -9.40
C GLU J 348 68.67 44.14 -9.29
N HIS J 349 68.33 43.43 -10.37
CA HIS J 349 67.14 42.57 -10.32
C HIS J 349 67.44 41.29 -9.55
N ALA J 350 68.66 40.76 -9.66
CA ALA J 350 69.02 39.57 -8.90
C ALA J 350 69.01 39.85 -7.41
N MET J 351 69.56 40.99 -6.99
CA MET J 351 69.59 41.33 -5.58
C MET J 351 68.19 41.52 -5.02
N LYS J 352 67.29 42.13 -5.80
CA LYS J 352 65.91 42.27 -5.36
C LYS J 352 65.27 40.92 -5.08
N ILE J 353 65.64 39.89 -5.85
CA ILE J 353 65.20 38.53 -5.56
C ILE J 353 65.87 38.02 -4.29
N ALA J 354 67.17 38.28 -4.15
CA ALA J 354 67.90 37.83 -2.96
C ALA J 354 67.39 38.50 -1.70
N GLN J 355 67.11 39.81 -1.76
CA GLN J 355 66.62 40.52 -0.59
C GLN J 355 65.24 40.05 -0.18
N SER J 356 64.43 39.57 -1.12
CA SER J 356 63.08 39.10 -0.81
C SER J 356 63.09 37.84 0.03
N CYS J 357 64.23 37.15 0.14
CA CYS J 357 64.32 35.95 0.95
C CYS J 357 64.58 36.25 2.42
N GLY J 358 64.83 37.51 2.77
CA GLY J 358 65.00 37.88 4.17
C GLY J 358 66.23 37.30 4.82
N GLY J 359 67.22 36.88 4.05
CA GLY J 359 68.42 36.31 4.62
C GLY J 359 68.24 34.94 5.23
N LEU J 360 67.12 34.28 4.98
CA LEU J 360 66.87 32.95 5.50
C LEU J 360 67.58 31.94 4.62
N PRO J 361 68.52 31.16 5.15
CA PRO J 361 69.28 30.24 4.29
C PRO J 361 68.42 29.23 3.54
N LEU J 362 67.32 28.79 4.15
CA LEU J 362 66.42 27.87 3.46
C LEU J 362 65.77 28.56 2.25
N ALA J 363 65.45 29.85 2.38
CA ALA J 363 64.89 30.60 1.27
C ALA J 363 65.93 30.82 0.18
N LEU J 364 67.18 31.07 0.57
CA LEU J 364 68.24 31.29 -0.41
C LEU J 364 68.43 30.06 -1.29
N ASN J 365 68.34 28.87 -0.68
CA ASN J 365 68.55 27.64 -1.45
C ASN J 365 67.37 27.37 -2.39
N VAL J 366 66.14 27.51 -1.89
CA VAL J 366 64.98 27.21 -2.71
C VAL J 366 64.79 28.26 -3.80
N ILE J 367 64.90 29.54 -3.45
CA ILE J 367 64.72 30.60 -4.43
C ILE J 367 65.89 30.62 -5.41
N GLY J 368 67.12 30.46 -4.90
CA GLY J 368 68.28 30.48 -5.77
C GLY J 368 68.30 29.36 -6.78
N THR J 369 67.85 28.17 -6.38
CA THR J 369 67.81 27.05 -7.30
C THR J 369 66.77 27.26 -8.40
N ALA J 370 65.63 27.86 -8.05
CA ALA J 370 64.58 28.08 -9.02
C ALA J 370 65.03 29.02 -10.14
N VAL J 371 65.79 30.06 -9.78
CA VAL J 371 66.23 31.05 -10.76
C VAL J 371 67.67 30.78 -11.17
N ALA J 372 68.14 29.55 -10.96
CA ALA J 372 69.51 29.20 -11.31
C ALA J 372 69.73 29.16 -12.81
N GLY J 373 68.67 29.06 -13.60
CA GLY J 373 68.80 29.00 -15.05
C GLY J 373 68.13 30.15 -15.77
N LEU J 374 67.90 31.25 -15.05
CA LEU J 374 67.28 32.42 -15.66
C LEU J 374 68.22 33.04 -16.68
N GLU J 375 67.73 33.20 -17.91
CA GLU J 375 68.52 33.89 -18.91
C GLU J 375 68.53 35.39 -18.64
N GLU J 376 69.45 36.08 -19.30
CA GLU J 376 69.65 37.51 -19.06
C GLU J 376 68.37 38.31 -19.28
N GLY J 377 67.58 37.94 -20.30
CA GLY J 377 66.47 38.78 -20.72
C GLY J 377 65.30 38.84 -19.74
N GLU J 378 65.15 37.84 -18.89
CA GLU J 378 63.96 37.76 -18.04
C GLU J 378 64.25 37.81 -16.55
N TRP J 379 65.36 38.44 -16.14
CA TRP J 379 65.52 38.77 -14.74
C TRP J 379 64.50 39.81 -14.29
N GLN J 380 64.17 40.76 -15.18
CA GLN J 380 63.26 41.84 -14.82
C GLN J 380 61.88 41.32 -14.46
N SER J 381 61.34 40.41 -15.27
CA SER J 381 59.99 39.93 -15.04
C SER J 381 59.90 39.08 -13.78
N ALA J 382 60.92 38.26 -13.52
CA ALA J 382 60.90 37.41 -12.33
C ALA J 382 61.07 38.25 -11.07
N ALA J 383 61.94 39.27 -11.11
CA ALA J 383 62.20 40.07 -9.93
C ALA J 383 60.98 40.87 -9.49
N ASP J 384 60.12 41.25 -10.44
CA ASP J 384 58.94 42.02 -10.08
C ASP J 384 57.88 41.15 -9.43
N ALA J 385 57.74 39.90 -9.89
CA ALA J 385 56.68 39.03 -9.37
C ALA J 385 57.03 38.50 -7.99
N ILE J 386 58.32 38.26 -7.72
CA ILE J 386 58.72 37.69 -6.43
C ILE J 386 58.48 38.69 -5.32
N ALA J 387 58.60 39.99 -5.61
CA ALA J 387 58.38 41.01 -4.59
C ALA J 387 56.95 41.05 -4.08
N THR J 388 56.01 40.45 -4.80
CA THR J 388 54.61 40.46 -4.39
C THR J 388 54.08 39.08 -4.04
N ASN J 389 54.52 38.03 -4.73
CA ASN J 389 54.01 36.70 -4.49
C ASN J 389 55.11 35.69 -4.78
N MET J 390 55.06 34.57 -4.05
CA MET J 390 56.05 33.50 -4.20
C MET J 390 55.41 32.11 -4.31
N ASP J 391 54.08 32.04 -4.43
CA ASP J 391 53.42 30.74 -4.48
C ASP J 391 53.73 29.95 -5.73
N ASN J 392 54.19 30.59 -6.80
CA ASN J 392 54.41 29.93 -8.08
C ASN J 392 55.87 29.56 -8.36
N ILE J 393 56.80 29.94 -7.49
CA ILE J 393 58.20 29.65 -7.73
C ILE J 393 58.47 28.19 -7.40
N ASP J 394 59.32 27.56 -8.21
CA ASP J 394 59.61 26.14 -8.07
C ASP J 394 60.18 25.82 -6.70
N GLY J 395 59.62 24.80 -6.06
CA GLY J 395 60.12 24.32 -4.78
C GLY J 395 59.57 25.05 -3.57
N VAL J 396 58.91 26.19 -3.75
CA VAL J 396 58.39 26.94 -2.61
C VAL J 396 57.21 26.22 -1.96
N ASP J 397 56.41 25.50 -2.75
CA ASP J 397 55.27 24.80 -2.19
C ASP J 397 55.70 23.78 -1.13
N GLU J 398 56.86 23.16 -1.30
CA GLU J 398 57.39 22.27 -0.27
C GLU J 398 58.20 23.03 0.78
N MET J 399 58.67 24.24 0.45
CA MET J 399 59.26 25.11 1.47
C MET J 399 58.27 25.40 2.59
N PHE J 400 57.09 25.90 2.23
CA PHE J 400 56.12 26.26 3.25
C PHE J 400 55.59 25.04 3.98
N GLY J 401 55.59 23.87 3.33
CA GLY J 401 55.27 22.64 4.04
C GLY J 401 56.25 22.34 5.15
N ARG J 402 57.52 22.68 4.94
CA ARG J 402 58.52 22.48 5.99
C ARG J 402 58.35 23.49 7.12
N LEU J 403 57.98 24.73 6.80
CA LEU J 403 57.79 25.76 7.81
C LEU J 403 56.39 25.72 8.41
N LYS J 404 55.48 24.93 7.83
CA LYS J 404 54.08 24.99 8.24
C LYS J 404 53.86 24.40 9.62
N TYR J 405 54.75 23.53 10.09
CA TYR J 405 54.51 22.85 11.37
C TYR J 405 54.46 23.85 12.52
N SER J 406 55.29 24.89 12.48
CA SER J 406 55.23 25.92 13.52
C SER J 406 53.86 26.57 13.57
N PHE J 407 53.13 26.56 12.46
CA PHE J 407 51.76 27.08 12.42
C PHE J 407 50.73 26.03 12.84
N ASP J 408 50.93 24.78 12.44
CA ASP J 408 50.01 23.73 12.84
C ASP J 408 50.10 23.44 14.33
N ARG J 409 51.24 23.73 14.95
CA ARG J 409 51.38 23.55 16.38
C ARG J 409 50.46 24.48 17.16
N LEU J 410 50.06 25.60 16.57
CA LEU J 410 49.30 26.61 17.29
C LEU J 410 47.88 26.16 17.58
N THR J 411 47.30 26.74 18.62
CA THR J 411 45.88 26.57 18.89
C THR J 411 45.07 27.37 17.86
N PRO J 412 43.80 27.01 17.65
CA PRO J 412 43.00 27.74 16.66
C PRO J 412 42.92 29.23 16.92
N THR J 413 42.90 29.65 18.18
CA THR J 413 42.89 31.09 18.48
C THR J 413 44.20 31.75 18.05
N GLN J 414 45.32 31.06 18.23
CA GLN J 414 46.61 31.65 17.85
C GLN J 414 46.78 31.65 16.33
N GLN J 415 46.20 30.69 15.64
CA GLN J 415 46.30 30.65 14.18
C GLN J 415 45.61 31.85 13.56
N GLN J 416 44.43 32.21 14.07
CA GLN J 416 43.73 33.39 13.56
C GLN J 416 44.50 34.67 13.85
N CYS J 417 45.11 34.75 15.03
CA CYS J 417 45.88 35.94 15.39
C CYS J 417 47.12 36.07 14.51
N PHE J 418 47.73 34.94 14.13
CA PHE J 418 48.88 35.00 13.23
C PHE J 418 48.44 35.38 11.82
N LEU J 419 47.35 34.78 11.34
CA LEU J 419 46.84 35.12 10.01
C LEU J 419 46.39 36.57 9.94
N TYR J 420 45.79 37.07 11.02
CA TYR J 420 45.35 38.45 11.04
C TYR J 420 46.54 39.42 10.92
N CYS J 421 47.70 39.01 11.42
CA CYS J 421 48.88 39.86 11.32
C CYS J 421 49.43 39.94 9.91
N THR J 422 48.95 39.09 8.99
CA THR J 422 49.52 39.05 7.65
C THR J 422 49.05 40.21 6.78
N LEU J 423 47.94 40.85 7.14
CA LEU J 423 47.37 41.90 6.31
C LEU J 423 47.92 43.29 6.63
N PHE J 424 48.93 43.38 7.48
CA PHE J 424 49.61 44.64 7.69
C PHE J 424 50.69 44.84 6.62
N PRO J 425 51.10 46.09 6.37
CA PRO J 425 52.05 46.34 5.28
C PRO J 425 53.38 45.65 5.51
N GLU J 426 53.97 45.18 4.41
CA GLU J 426 55.25 44.49 4.49
C GLU J 426 56.36 45.47 4.87
N TYR J 427 57.39 44.96 5.55
CA TYR J 427 58.49 45.73 6.09
C TYR J 427 58.04 46.83 7.04
N GLY J 428 56.89 46.67 7.69
CA GLY J 428 56.38 47.67 8.61
C GLY J 428 56.11 47.08 9.98
N SER J 429 56.75 47.68 10.99
CA SER J 429 56.54 47.27 12.37
C SER J 429 55.17 47.74 12.85
N ILE J 430 54.52 46.89 13.64
CA ILE J 430 53.21 47.21 14.19
C ILE J 430 53.27 47.05 15.70
N SER J 431 52.47 47.86 16.40
CA SER J 431 52.52 47.89 17.86
C SER J 431 51.62 46.81 18.46
N LYS J 432 52.02 46.30 19.61
CA LYS J 432 51.24 45.26 20.29
C LYS J 432 49.89 45.80 20.72
N GLU J 433 49.84 47.02 21.24
CA GLU J 433 48.59 47.59 21.73
C GLU J 433 47.56 47.71 20.62
N GLN J 434 47.98 48.17 19.44
CA GLN J 434 47.08 48.21 18.30
C GLN J 434 46.61 46.81 17.91
N LEU J 435 47.55 45.87 17.85
CA LEU J 435 47.23 44.52 17.42
C LEU J 435 46.29 43.82 18.39
N ILE J 436 46.52 44.00 19.69
CA ILE J 436 45.64 43.40 20.69
C ILE J 436 44.26 44.06 20.67
N GLY J 437 44.22 45.38 20.44
CA GLY J 437 42.94 46.07 20.38
C GLY J 437 42.03 45.53 19.30
N TYR J 438 42.59 45.21 18.13
CA TYR J 438 41.79 44.61 17.07
C TYR J 438 41.27 43.25 17.47
N TRP J 439 42.11 42.44 18.13
CA TRP J 439 41.72 41.09 18.51
C TRP J 439 40.60 41.08 19.54
N LEU J 440 40.61 42.04 20.47
CA LEU J 440 39.55 42.10 21.48
C LEU J 440 38.19 42.32 20.83
N ALA J 441 38.12 43.25 19.87
CA ALA J 441 36.86 43.51 19.19
C ALA J 441 36.48 42.37 18.25
N GLU J 442 37.48 41.74 17.62
CA GLU J 442 37.23 40.64 16.70
C GLU J 442 36.61 39.44 17.39
N GLY J 443 36.73 39.35 18.71
CA GLY J 443 36.22 38.21 19.44
C GLY J 443 37.21 37.08 19.66
N LEU J 444 38.43 37.22 19.14
CA LEU J 444 39.45 36.20 19.38
C LEU J 444 39.82 36.13 20.84
N LEU J 445 39.88 37.26 21.53
CA LEU J 445 40.15 37.34 22.96
C LEU J 445 38.83 37.55 23.69
N LEU J 446 38.58 36.72 24.71
CA LEU J 446 37.34 36.82 25.48
C LEU J 446 37.44 38.00 26.45
N ASN J 447 37.52 39.20 25.86
CA ASN J 447 37.59 40.46 26.59
C ASN J 447 38.76 40.52 27.54
N ASP J 448 39.84 39.78 27.27
CA ASP J 448 41.01 39.72 28.12
C ASP J 448 42.19 40.33 27.37
N SER J 449 42.78 41.38 27.93
CA SER J 449 43.93 42.03 27.31
C SER J 449 45.20 41.23 27.48
N GLU J 450 45.38 40.58 28.64
CA GLU J 450 46.58 39.77 28.86
C GLU J 450 46.63 38.59 27.89
N LYS J 451 45.49 37.96 27.62
CA LYS J 451 45.46 36.86 26.68
C LYS J 451 45.98 37.28 25.31
N GLY J 452 45.78 38.54 24.94
CA GLY J 452 46.38 39.04 23.71
C GLY J 452 47.89 39.11 23.80
N TYR J 453 48.41 39.56 24.94
CA TYR J 453 49.85 39.58 25.14
C TYR J 453 50.43 38.17 25.18
N GLN J 454 49.66 37.22 25.71
CA GLN J 454 50.11 35.82 25.72
C GLN J 454 50.27 35.29 24.30
N ILE J 455 49.30 35.58 23.43
CA ILE J 455 49.36 35.09 22.05
C ILE J 455 50.54 35.71 21.32
N ILE J 456 50.75 37.01 21.48
CA ILE J 456 51.90 37.66 20.86
C ILE J 456 53.19 37.07 21.40
N ARG J 457 53.26 36.86 22.71
CA ARG J 457 54.44 36.26 23.31
C ARG J 457 54.62 34.81 22.87
N SER J 458 53.52 34.08 22.68
CA SER J 458 53.61 32.72 22.17
C SER J 458 54.13 32.71 20.74
N LEU J 459 53.65 33.64 19.90
CA LEU J 459 54.09 33.69 18.52
C LEU J 459 55.56 34.09 18.41
N VAL J 460 56.00 35.01 19.27
CA VAL J 460 57.41 35.42 19.26
C VAL J 460 58.29 34.24 19.65
N SER J 461 57.86 33.41 20.58
CA SER J 461 58.63 32.25 20.99
C SER J 461 58.66 31.15 19.94
N ALA J 462 57.67 31.11 19.05
CA ALA J 462 57.66 30.15 17.95
C ALA J 462 58.30 30.70 16.69
N CYS J 463 58.88 31.90 16.77
CA CYS J 463 59.54 32.60 15.67
C CYS J 463 58.59 32.98 14.55
N LEU J 464 57.28 32.96 14.80
CA LEU J 464 56.33 33.43 13.80
C LEU J 464 56.19 34.95 13.81
N LEU J 465 56.62 35.61 14.88
CA LEU J 465 56.69 37.06 14.96
C LEU J 465 58.05 37.45 15.50
N GLN J 466 58.43 38.70 15.25
CA GLN J 466 59.70 39.23 15.72
C GLN J 466 59.46 40.52 16.49
N VAL J 467 59.97 40.58 17.71
CA VAL J 467 59.93 41.81 18.48
C VAL J 467 61.07 42.71 18.02
N SER J 468 60.74 43.89 17.53
CA SER J 468 61.75 44.75 16.93
C SER J 468 61.37 46.23 17.01
N GLY J 469 62.36 47.09 17.12
CA GLY J 469 62.14 48.51 17.15
C GLY J 469 63.01 49.16 18.21
N SER J 470 62.85 50.48 18.33
CA SER J 470 63.48 51.20 19.44
C SER J 470 62.92 50.78 20.78
N MET J 471 61.72 50.21 20.80
CA MET J 471 61.13 49.66 22.01
C MET J 471 60.51 48.30 21.65
N SER J 472 60.41 47.43 22.65
CA SER J 472 59.85 46.10 22.43
C SER J 472 58.34 46.12 22.28
N SER J 473 57.71 47.29 22.17
CA SER J 473 56.27 47.37 22.00
C SER J 473 55.81 47.14 20.57
N LYS J 474 56.73 46.98 19.63
CA LYS J 474 56.41 46.77 18.22
C LYS J 474 56.81 45.37 17.80
N VAL J 475 55.92 44.69 17.08
CA VAL J 475 56.20 43.37 16.53
C VAL J 475 56.16 43.46 15.00
N LYS J 476 56.78 42.48 14.35
CA LYS J 476 56.82 42.43 12.90
C LYS J 476 57.03 40.99 12.46
N MET J 477 56.85 40.75 11.17
CA MET J 477 56.98 39.44 10.58
C MET J 477 58.16 39.40 9.61
N HIS J 478 58.93 38.33 9.65
CA HIS J 478 59.94 38.09 8.62
C HIS J 478 59.25 37.90 7.28
N HIS J 479 59.92 38.33 6.20
CA HIS J 479 59.28 38.36 4.90
C HIS J 479 58.82 36.96 4.47
N VAL J 480 59.66 35.95 4.66
CA VAL J 480 59.30 34.60 4.26
C VAL J 480 58.12 34.09 5.10
N ILE J 481 58.09 34.45 6.38
CA ILE J 481 56.99 34.01 7.23
C ILE J 481 55.68 34.68 6.79
N ARG J 482 55.74 35.95 6.38
CA ARG J 482 54.53 36.59 5.88
C ARG J 482 54.02 35.92 4.61
N GLN J 483 54.94 35.56 3.70
CA GLN J 483 54.54 34.84 2.51
C GLN J 483 53.94 33.49 2.86
N LEU J 484 54.41 32.85 3.92
CA LEU J 484 53.78 31.63 4.42
C LEU J 484 52.37 31.93 4.91
N GLY J 485 52.18 33.07 5.59
CA GLY J 485 50.85 33.43 6.05
C GLY J 485 49.88 33.66 4.92
N LEU J 486 50.31 34.40 3.89
CA LEU J 486 49.47 34.60 2.72
C LEU J 486 49.21 33.29 2.00
N TRP J 487 50.24 32.43 1.90
CA TRP J 487 50.06 31.13 1.26
C TRP J 487 49.08 30.25 2.03
N LEU J 488 49.13 30.32 3.37
CA LEU J 488 48.17 29.57 4.17
C LEU J 488 46.77 30.11 4.01
N VAL J 489 46.63 31.43 3.90
CA VAL J 489 45.31 32.04 3.70
C VAL J 489 44.70 31.56 2.39
N ASN J 490 45.51 31.56 1.32
CA ASN J 490 45.01 31.10 0.03
C ASN J 490 44.61 29.63 0.06
N LYS J 491 45.32 28.81 0.83
CA LYS J 491 44.94 27.41 0.99
C LYS J 491 43.67 27.24 1.80
N SER J 492 43.34 28.19 2.68
CA SER J 492 42.13 28.12 3.46
C SER J 492 40.93 28.59 2.64
N ASP J 493 39.75 28.15 3.05
CA ASP J 493 38.52 28.51 2.37
C ASP J 493 37.96 29.86 2.81
N THR J 494 38.52 30.46 3.86
CA THR J 494 38.13 31.80 4.29
C THR J 494 39.07 32.80 3.62
N LYS J 495 38.65 33.29 2.45
CA LYS J 495 39.50 34.15 1.65
C LYS J 495 39.70 35.51 2.32
N PHE J 496 40.91 36.03 2.19
CA PHE J 496 41.24 37.39 2.61
C PHE J 496 41.47 38.25 1.38
N LEU J 497 41.32 39.56 1.56
CA LEU J 497 41.74 40.54 0.57
C LEU J 497 42.86 41.37 1.19
N VAL J 498 44.10 41.09 0.78
CA VAL J 498 45.27 41.65 1.43
C VAL J 498 46.10 42.43 0.42
N GLN J 499 45.92 43.74 0.37
CA GLN J 499 46.73 44.62 -0.48
C GLN J 499 47.20 45.84 0.31
N PRO J 500 48.01 45.65 1.35
CA PRO J 500 48.56 46.81 2.05
C PRO J 500 49.96 47.15 1.56
N GLY J 501 50.33 48.42 1.70
CA GLY J 501 51.69 48.84 1.43
C GLY J 501 52.17 48.63 0.01
N MET J 502 51.25 48.40 -0.93
CA MET J 502 51.62 48.16 -2.32
C MET J 502 51.66 49.43 -3.14
N ALA J 503 51.55 50.59 -2.51
CA ALA J 503 51.53 51.88 -3.21
C ALA J 503 50.41 51.93 -4.25
N LEU J 504 49.24 51.41 -3.87
CA LEU J 504 48.09 51.39 -4.76
C LEU J 504 47.59 52.81 -4.99
N ASP J 505 47.41 53.17 -6.26
CA ASP J 505 46.93 54.51 -6.60
C ASP J 505 45.41 54.58 -6.67
N ASN J 506 44.75 53.45 -6.90
CA ASN J 506 43.29 53.39 -6.97
C ASN J 506 42.82 52.14 -6.27
N ALA J 507 41.58 52.17 -5.77
CA ALA J 507 41.05 51.04 -5.02
C ALA J 507 40.91 49.82 -5.92
N PRO J 508 41.01 48.62 -5.35
CA PRO J 508 40.85 47.41 -6.17
C PRO J 508 39.41 47.24 -6.64
N SER J 509 39.24 46.37 -7.63
CA SER J 509 37.93 46.11 -8.21
C SER J 509 36.96 45.62 -7.15
N ALA J 510 35.73 46.13 -7.19
CA ALA J 510 34.73 45.81 -6.18
C ALA J 510 34.30 44.35 -6.24
N GLU J 511 34.61 43.64 -7.33
CA GLU J 511 34.22 42.23 -7.42
C GLU J 511 35.04 41.37 -6.47
N GLU J 512 36.31 41.73 -6.23
CA GLU J 512 37.17 40.94 -5.36
C GLU J 512 36.73 40.98 -3.90
N TRP J 513 35.83 41.90 -3.55
CA TRP J 513 35.42 42.10 -2.16
C TRP J 513 34.24 41.21 -1.76
N ASN J 514 33.83 40.27 -2.61
CA ASN J 514 32.59 39.54 -2.36
C ASN J 514 32.72 38.59 -1.17
N GLU J 515 33.60 37.60 -1.27
CA GLU J 515 33.67 36.54 -0.27
C GLU J 515 34.74 36.79 0.79
N ALA J 516 35.60 37.80 0.61
CA ALA J 516 36.68 38.03 1.55
C ALA J 516 36.13 38.48 2.90
N THR J 517 36.71 37.94 3.97
CA THR J 517 36.30 38.27 5.34
C THR J 517 37.15 39.36 5.96
N ARG J 518 38.44 39.42 5.62
CA ARG J 518 39.33 40.46 6.09
C ARG J 518 39.82 41.29 4.91
N ILE J 519 39.66 42.62 5.00
CA ILE J 519 40.10 43.54 3.97
C ILE J 519 41.15 44.45 4.57
N SER J 520 42.22 44.68 3.81
CA SER J 520 43.30 45.54 4.26
C SER J 520 43.91 46.26 3.07
N ILE J 521 43.79 47.58 3.06
CA ILE J 521 44.37 48.41 2.02
C ILE J 521 45.23 49.50 2.64
N MET J 522 45.83 49.18 3.79
CA MET J 522 46.67 50.13 4.51
C MET J 522 47.85 50.58 3.66
N SER J 523 48.45 51.70 4.07
CA SER J 523 49.68 52.22 3.48
C SER J 523 49.57 52.34 1.97
N ASN J 524 48.48 52.95 1.51
CA ASN J 524 48.21 53.11 0.10
C ASN J 524 47.92 54.58 -0.19
N ASN J 525 48.13 54.96 -1.45
CA ASN J 525 47.84 56.31 -1.93
C ASN J 525 46.43 56.44 -2.48
N ILE J 526 45.48 55.65 -1.97
CA ILE J 526 44.10 55.68 -2.42
C ILE J 526 43.56 57.09 -2.34
N THR J 527 42.89 57.54 -3.40
CA THR J 527 42.32 58.88 -3.46
C THR J 527 40.80 58.90 -3.45
N GLU J 528 40.16 57.83 -3.91
CA GLU J 528 38.71 57.81 -4.04
C GLU J 528 38.20 56.39 -3.82
N LEU J 529 37.08 56.29 -3.12
CA LEU J 529 36.49 55.01 -2.72
C LEU J 529 34.99 55.07 -3.06
N SER J 530 34.69 55.50 -4.29
CA SER J 530 33.35 55.89 -4.69
C SER J 530 32.39 54.73 -4.95
N PHE J 531 32.87 53.49 -4.96
CA PHE J 531 31.95 52.38 -5.20
C PHE J 531 31.32 51.92 -3.88
N SER J 532 30.45 50.91 -3.99
CA SER J 532 29.78 50.32 -2.82
C SER J 532 29.91 48.80 -2.92
N PRO J 533 30.69 48.18 -2.03
CA PRO J 533 30.99 46.76 -2.17
C PRO J 533 29.82 45.87 -1.76
N LYS J 534 29.98 44.58 -2.05
CA LYS J 534 29.04 43.55 -1.63
C LYS J 534 29.54 42.77 -0.42
N CYS J 535 30.25 43.45 0.49
CA CYS J 535 30.99 42.78 1.56
C CYS J 535 30.10 42.27 2.68
N LYS J 536 29.28 41.27 2.41
CA LYS J 536 28.44 40.69 3.45
C LYS J 536 29.23 39.98 4.53
N ASN J 537 30.32 39.30 4.16
CA ASN J 537 31.06 38.44 5.09
C ASN J 537 32.19 39.16 5.80
N VAL J 538 32.44 40.43 5.49
CA VAL J 538 33.60 41.11 6.05
C VAL J 538 33.43 41.32 7.54
N THR J 539 34.45 40.93 8.31
CA THR J 539 34.48 41.14 9.75
C THR J 539 35.62 42.05 10.20
N THR J 540 36.40 42.59 9.26
CA THR J 540 37.50 43.49 9.59
C THR J 540 37.87 44.28 8.34
N LEU J 541 38.01 45.60 8.50
CA LEU J 541 38.28 46.51 7.38
C LEU J 541 39.26 47.58 7.86
N LEU J 542 40.47 47.56 7.32
CA LEU J 542 41.48 48.53 7.72
C LEU J 542 41.81 49.48 6.57
N MET J 543 42.03 50.75 6.90
CA MET J 543 42.45 51.72 5.91
C MET J 543 43.52 52.68 6.41
N GLN J 544 44.36 52.28 7.36
CA GLN J 544 45.39 53.17 7.89
C GLN J 544 46.29 53.70 6.78
N ASN J 545 46.80 54.91 7.00
CA ASN J 545 47.80 55.54 6.13
C ASN J 545 47.33 55.61 4.67
N ASN J 546 46.24 56.36 4.48
CA ASN J 546 45.72 56.69 3.16
C ASN J 546 45.60 58.22 3.11
N PRO J 547 46.72 58.92 2.97
CA PRO J 547 46.70 60.39 3.13
C PRO J 547 45.82 61.11 2.10
N ASN J 548 45.63 60.54 0.92
CA ASN J 548 44.87 61.22 -0.12
C ASN J 548 43.41 60.79 -0.17
N LEU J 549 43.02 59.78 0.59
CA LEU J 549 41.64 59.29 0.55
C LEU J 549 40.78 60.20 1.41
N ASN J 550 39.90 60.98 0.76
CA ASN J 550 39.03 61.92 1.45
C ASN J 550 37.58 61.85 1.01
N LYS J 551 37.27 61.13 -0.06
CA LYS J 551 35.90 60.99 -0.52
C LYS J 551 35.52 59.52 -0.53
N MET J 552 34.34 59.22 0.02
CA MET J 552 33.78 57.87 0.04
C MET J 552 32.31 57.93 -0.33
N SER J 553 31.84 56.87 -0.98
CA SER J 553 30.44 56.82 -1.39
C SER J 553 29.54 56.70 -0.17
N TYR J 554 28.50 57.53 -0.14
CA TYR J 554 27.46 57.37 0.88
C TYR J 554 26.75 56.04 0.68
N GLY J 555 26.40 55.39 1.78
CA GLY J 555 25.93 54.02 1.71
C GLY J 555 27.01 53.00 1.49
N PHE J 556 28.26 53.33 1.83
CA PHE J 556 29.36 52.39 1.66
C PHE J 556 29.24 51.21 2.62
N PHE J 557 28.66 51.45 3.80
CA PHE J 557 28.59 50.46 4.86
C PHE J 557 27.27 49.69 4.90
N ARG J 558 26.47 49.75 3.83
CA ARG J 558 25.18 49.07 3.84
C ARG J 558 25.33 47.56 3.98
N THR J 559 26.32 46.98 3.30
CA THR J 559 26.57 45.55 3.38
C THR J 559 27.55 45.17 4.47
N MET J 560 27.99 46.13 5.30
CA MET J 560 29.00 45.88 6.32
C MET J 560 28.35 45.53 7.65
N SER J 561 27.20 44.84 7.60
CA SER J 561 26.48 44.51 8.83
C SER J 561 27.34 43.77 9.83
N SER J 562 28.19 42.85 9.38
CA SER J 562 29.01 42.05 10.26
C SER J 562 30.41 42.63 10.48
N LEU J 563 30.68 43.83 9.96
CA LEU J 563 31.97 44.47 10.16
C LEU J 563 32.22 44.78 11.63
N LYS J 564 33.32 44.28 12.17
CA LYS J 564 33.61 44.44 13.59
C LYS J 564 34.72 45.44 13.86
N VAL J 565 35.71 45.55 12.98
CA VAL J 565 36.83 46.47 13.15
C VAL J 565 36.89 47.38 11.93
N LEU J 566 36.89 48.69 12.17
CA LEU J 566 36.96 49.66 11.09
C LEU J 566 37.97 50.72 11.47
N ASP J 567 38.97 50.94 10.62
CA ASP J 567 40.08 51.84 10.91
C ASP J 567 40.28 52.80 9.75
N LEU J 568 39.66 53.97 9.83
CA LEU J 568 39.98 55.08 8.93
C LEU J 568 40.95 56.03 9.63
N SER J 569 42.12 55.49 9.94
CA SER J 569 43.15 56.22 10.68
C SER J 569 44.15 56.82 9.72
N HIS J 570 44.61 58.03 10.06
CA HIS J 570 45.58 58.77 9.25
C HIS J 570 45.07 58.96 7.82
N THR J 571 43.76 59.18 7.70
CA THR J 571 43.12 59.40 6.42
C THR J 571 42.69 60.86 6.34
N ALA J 572 42.25 61.26 5.15
CA ALA J 572 41.89 62.64 4.88
C ALA J 572 40.39 62.87 4.81
N ILE J 573 39.57 61.88 5.17
CA ILE J 573 38.13 62.06 5.08
C ILE J 573 37.67 63.12 6.08
N THR J 574 36.86 64.05 5.60
CA THR J 574 36.27 65.07 6.46
C THR J 574 34.90 64.67 6.98
N SER J 575 34.20 63.78 6.29
CA SER J 575 32.90 63.28 6.72
C SER J 575 32.87 61.77 6.56
N LEU J 576 32.04 61.12 7.37
CA LEU J 576 31.99 59.67 7.33
C LEU J 576 30.60 59.21 6.91
N PRO J 577 30.49 58.26 5.99
CA PRO J 577 29.17 57.89 5.44
C PRO J 577 28.23 57.34 6.51
N GLU J 578 26.94 57.56 6.32
CA GLU J 578 25.95 57.09 7.27
C GLU J 578 26.07 55.57 7.44
N CYS J 579 25.98 55.13 8.70
CA CYS J 579 26.34 53.75 9.03
C CYS J 579 25.32 53.08 9.94
N ASP J 580 24.03 53.22 9.65
CA ASP J 580 23.01 52.57 10.45
C ASP J 580 23.08 51.04 10.34
N ALA J 581 23.70 50.52 9.28
CA ALA J 581 23.76 49.08 9.08
C ALA J 581 24.87 48.41 9.86
N LEU J 582 25.76 49.17 10.51
CA LEU J 582 26.85 48.60 11.28
C LEU J 582 26.34 48.06 12.61
N VAL J 583 25.54 46.99 12.58
CA VAL J 583 24.90 46.49 13.78
C VAL J 583 25.92 45.87 14.74
N ALA J 584 26.93 45.18 14.21
CA ALA J 584 27.85 44.40 15.03
C ALA J 584 29.20 45.06 15.24
N LEU J 585 29.38 46.30 14.82
CA LEU J 585 30.67 46.96 14.96
C LEU J 585 31.01 47.16 16.44
N GLU J 586 32.27 46.92 16.78
CA GLU J 586 32.76 47.08 18.14
C GLU J 586 34.00 47.95 18.25
N HIS J 587 34.77 48.10 17.18
CA HIS J 587 35.97 48.93 17.17
C HIS J 587 35.88 49.90 16.02
N LEU J 588 36.18 51.17 16.29
CA LEU J 588 36.08 52.22 15.28
C LEU J 588 37.09 53.31 15.63
N ASN J 589 38.11 53.45 14.78
CA ASN J 589 39.23 54.34 15.03
C ASN J 589 39.29 55.39 13.93
N LEU J 590 39.32 56.67 14.31
CA LEU J 590 39.54 57.78 13.40
C LEU J 590 40.68 58.67 13.84
N SER J 591 41.78 58.08 14.32
CA SER J 591 42.92 58.87 14.77
C SER J 591 43.55 59.62 13.61
N HIS J 592 44.03 60.84 13.90
CA HIS J 592 44.75 61.66 12.93
C HIS J 592 43.92 61.97 11.69
N THR J 593 42.60 61.94 11.83
CA THR J 593 41.72 62.20 10.71
C THR J 593 41.19 63.63 10.76
N HIS J 594 40.78 64.14 9.59
CA HIS J 594 40.24 65.48 9.45
C HIS J 594 38.73 65.52 9.62
N ILE J 595 38.13 64.56 10.33
CA ILE J 595 36.69 64.55 10.54
C ILE J 595 36.29 65.76 11.37
N MET J 596 35.26 66.47 10.94
CA MET J 596 34.77 67.63 11.68
C MET J 596 33.61 67.28 12.61
N ARG J 597 32.51 66.78 12.07
CA ARG J 597 31.37 66.40 12.88
C ARG J 597 31.10 64.91 12.69
N LEU J 598 30.93 64.21 13.80
CA LEU J 598 30.76 62.77 13.76
C LEU J 598 29.27 62.46 13.62
N PRO J 599 28.86 61.68 12.62
CA PRO J 599 27.42 61.50 12.36
C PRO J 599 26.67 60.91 13.55
N GLU J 600 25.40 61.29 13.65
CA GLU J 600 24.57 60.91 14.79
C GLU J 600 24.12 59.46 14.78
N ARG J 601 24.33 58.73 13.67
CA ARG J 601 23.93 57.33 13.65
C ARG J 601 24.78 56.48 14.59
N LEU J 602 26.02 56.87 14.85
CA LEU J 602 26.88 56.09 15.71
C LEU J 602 26.37 56.00 17.14
N TRP J 603 25.57 56.98 17.59
CA TRP J 603 24.97 56.90 18.90
C TRP J 603 23.92 55.79 19.01
N LEU J 604 23.47 55.24 17.88
CA LEU J 604 22.53 54.13 17.87
C LEU J 604 23.20 52.79 17.64
N LEU J 605 24.54 52.75 17.50
CA LEU J 605 25.25 51.48 17.39
C LEU J 605 25.36 50.83 18.76
N LYS J 606 24.54 49.81 19.00
CA LYS J 606 24.42 49.26 20.35
C LYS J 606 25.63 48.44 20.75
N GLU J 607 26.36 47.88 19.77
CA GLU J 607 27.43 46.95 20.05
C GLU J 607 28.81 47.59 20.14
N LEU J 608 28.92 48.91 19.93
CA LEU J 608 30.24 49.54 19.91
C LEU J 608 30.92 49.43 21.27
N ARG J 609 32.24 49.23 21.24
CA ARG J 609 33.03 49.08 22.45
C ARG J 609 34.22 50.01 22.53
N HIS J 610 34.78 50.45 21.40
CA HIS J 610 35.95 51.31 21.41
C HIS J 610 35.82 52.36 20.31
N LEU J 611 35.97 53.62 20.69
CA LEU J 611 35.96 54.74 19.74
C LEU J 611 37.19 55.59 19.98
N ASP J 612 38.01 55.75 18.94
CA ASP J 612 39.25 56.52 19.01
C ASP J 612 39.19 57.64 17.99
N LEU J 613 39.26 58.88 18.48
CA LEU J 613 39.32 60.07 17.64
C LEU J 613 40.48 60.97 18.05
N SER J 614 41.62 60.37 18.41
CA SER J 614 42.74 61.15 18.90
C SER J 614 43.39 61.95 17.78
N VAL J 615 43.94 63.11 18.16
CA VAL J 615 44.69 63.99 17.26
C VAL J 615 43.83 64.37 16.05
N THR J 616 42.51 64.40 16.24
CA THR J 616 41.61 64.87 15.20
C THR J 616 41.63 66.39 15.21
N VAL J 617 42.32 66.98 14.23
CA VAL J 617 42.50 68.43 14.21
C VAL J 617 41.18 69.15 13.94
N ALA J 618 40.33 68.58 13.09
CA ALA J 618 39.11 69.27 12.69
C ALA J 618 37.90 68.90 13.53
N PHE J 619 38.03 67.96 14.48
CA PHE J 619 36.87 67.49 15.21
C PHE J 619 36.32 68.58 16.12
N GLU J 620 35.06 68.94 15.92
CA GLU J 620 34.42 70.00 16.69
C GLU J 620 32.98 69.66 17.06
N ASP J 621 32.61 68.38 17.09
CA ASP J 621 31.25 67.95 17.35
C ASP J 621 31.05 67.69 18.83
N THR J 622 29.89 68.05 19.36
CA THR J 622 29.57 67.80 20.75
C THR J 622 29.33 66.30 20.96
N MET J 623 29.94 65.75 22.01
CA MET J 623 29.95 64.32 22.26
C MET J 623 28.79 63.91 23.19
N ASN J 624 27.94 64.87 23.57
CA ASN J 624 26.92 64.65 24.59
C ASN J 624 26.02 63.46 24.28
N ASN J 625 25.80 63.15 23.00
CA ASN J 625 24.96 62.01 22.65
C ASN J 625 25.61 60.67 22.95
N CYS J 626 26.75 60.65 23.65
CA CYS J 626 27.38 59.39 24.04
C CYS J 626 26.57 58.63 25.08
N SER J 627 25.61 59.30 25.74
CA SER J 627 24.80 58.62 26.74
C SER J 627 24.06 57.43 26.14
N LYS J 628 23.62 57.53 24.89
CA LYS J 628 22.99 56.41 24.21
C LYS J 628 23.97 55.29 23.89
N LEU J 629 25.27 55.54 24.02
CA LEU J 629 26.31 54.54 23.75
C LEU J 629 26.74 53.86 25.05
N HIS J 630 25.81 53.10 25.64
CA HIS J 630 26.06 52.49 26.95
C HIS J 630 27.19 51.47 26.91
N LYS J 631 27.22 50.63 25.87
CA LYS J 631 28.12 49.48 25.84
C LYS J 631 29.58 49.89 25.62
N LEU J 632 29.85 51.14 25.29
CA LEU J 632 31.21 51.56 24.96
C LEU J 632 32.15 51.32 26.12
N LYS J 633 33.35 50.83 25.81
CA LYS J 633 34.35 50.50 26.81
C LYS J 633 35.48 51.51 26.89
N VAL J 634 35.90 52.08 25.76
CA VAL J 634 37.04 52.99 25.70
C VAL J 634 36.72 54.15 24.76
N LEU J 635 37.02 55.36 25.22
CA LEU J 635 37.07 56.55 24.38
C LEU J 635 38.51 57.00 24.23
N ASN J 636 38.74 57.93 23.31
CA ASN J 636 40.06 58.53 23.15
C ASN J 636 39.91 59.84 22.37
N LEU J 637 40.14 60.96 23.05
CA LEU J 637 40.18 62.28 22.42
C LEU J 637 41.50 62.98 22.68
N PHE J 638 42.59 62.23 22.85
CA PHE J 638 43.88 62.84 23.17
C PHE J 638 44.35 63.73 22.03
N ARG J 639 44.74 64.95 22.38
CA ARG J 639 45.14 66.00 21.44
C ARG J 639 44.05 66.35 20.44
N SER J 640 42.81 65.94 20.68
CA SER J 640 41.71 66.35 19.82
C SER J 640 41.42 67.83 20.02
N HIS J 641 41.05 68.49 18.93
CA HIS J 641 40.75 69.92 19.00
C HIS J 641 39.51 70.23 19.83
N TYR J 642 38.59 69.27 19.98
CA TYR J 642 37.43 69.46 20.83
C TYR J 642 37.67 68.65 22.10
N GLY J 643 37.27 69.21 23.23
CA GLY J 643 37.35 68.49 24.49
C GLY J 643 36.46 69.11 25.55
N ILE J 644 36.93 69.16 26.80
CA ILE J 644 36.14 69.76 27.85
C ILE J 644 36.43 71.26 27.88
N ARG J 645 35.76 72.01 27.02
CA ARG J 645 35.91 73.46 27.02
C ARG J 645 35.17 74.09 28.20
N ASP J 646 34.16 73.38 28.72
CA ASP J 646 33.39 73.85 29.86
C ASP J 646 32.73 72.66 30.53
N VAL J 647 32.23 72.90 31.75
CA VAL J 647 31.58 71.85 32.53
C VAL J 647 30.29 71.37 31.87
N ASP J 648 29.74 72.12 30.91
CA ASP J 648 28.49 71.75 30.27
C ASP J 648 28.54 70.38 29.62
N ASN J 649 29.69 69.95 29.12
CA ASN J 649 29.84 68.64 28.51
C ASN J 649 30.46 67.62 29.45
N LEU J 650 30.49 67.90 30.75
CA LEU J 650 31.01 66.96 31.73
C LEU J 650 29.96 65.94 32.10
N ASN J 651 29.50 65.16 31.11
CA ASN J 651 28.42 64.20 31.31
C ASN J 651 28.85 62.77 31.00
N LEU J 652 30.14 62.46 31.20
CA LEU J 652 30.63 61.12 30.93
C LEU J 652 30.22 60.10 31.97
N ASP J 653 29.57 60.52 33.07
CA ASP J 653 29.08 59.58 34.06
C ASP J 653 27.99 58.66 33.49
N SER J 654 27.39 59.03 32.36
CA SER J 654 26.47 58.13 31.68
C SER J 654 27.18 56.95 31.04
N LEU J 655 28.49 57.08 30.78
CA LEU J 655 29.30 55.99 30.23
C LEU J 655 29.71 55.08 31.38
N LYS J 656 28.78 54.19 31.73
CA LYS J 656 28.99 53.31 32.88
C LYS J 656 29.96 52.17 32.59
N GLU J 657 30.09 51.77 31.32
CA GLU J 657 30.97 50.66 30.96
C GLU J 657 32.40 51.12 30.67
N LEU J 658 32.68 52.41 30.72
CA LEU J 658 33.99 52.92 30.33
C LEU J 658 35.07 52.50 31.33
N LEU J 659 36.25 52.13 30.80
CA LEU J 659 37.41 51.80 31.62
C LEU J 659 38.62 52.70 31.37
N PHE J 660 38.76 53.26 30.17
CA PHE J 660 39.90 54.12 29.87
C PHE J 660 39.54 55.09 28.76
N LEU J 661 39.92 56.34 28.93
CA LEU J 661 39.70 57.35 27.91
C LEU J 661 40.72 58.47 28.06
N GLY J 662 41.01 59.13 26.95
CA GLY J 662 41.86 60.30 26.94
C GLY J 662 41.08 61.49 26.43
N ILE J 663 41.35 62.66 27.03
CA ILE J 663 40.56 63.84 26.75
C ILE J 663 41.41 65.09 26.88
N THR J 664 41.08 66.13 26.13
CA THR J 664 41.76 67.42 26.18
C THR J 664 41.00 68.36 27.10
N ILE J 665 41.69 68.90 28.11
CA ILE J 665 41.08 69.76 29.11
C ILE J 665 41.62 71.18 28.91
N TYR J 666 40.71 72.15 28.93
CA TYR J 666 41.04 73.54 28.60
C TYR J 666 41.00 74.51 29.78
N ALA J 667 40.39 74.14 30.90
CA ALA J 667 40.11 75.14 31.93
C ALA J 667 40.51 74.64 33.31
N GLU J 668 40.91 75.60 34.16
CA GLU J 668 41.28 75.27 35.53
C GLU J 668 40.07 74.81 36.34
N ASP J 669 38.93 75.48 36.17
CA ASP J 669 37.74 75.11 36.93
C ASP J 669 37.29 73.69 36.60
N VAL J 670 37.60 73.21 35.40
CA VAL J 670 37.37 71.79 35.07
C VAL J 670 38.23 70.91 35.96
N LEU J 671 39.50 71.28 36.14
CA LEU J 671 40.37 70.51 37.02
C LEU J 671 39.84 70.52 38.45
N LYS J 672 39.37 71.68 38.93
CA LYS J 672 38.74 71.74 40.24
C LYS J 672 37.40 71.02 40.25
N LYS J 673 36.67 71.03 39.14
CA LYS J 673 35.49 70.19 38.99
C LYS J 673 35.86 68.72 38.80
N LEU J 674 37.14 68.43 38.52
CA LEU J 674 37.64 67.08 38.40
C LEU J 674 38.39 66.61 39.63
N ASN J 675 38.30 67.37 40.74
CA ASN J 675 39.14 67.14 41.91
C ASN J 675 38.48 66.19 42.90
N MET J 676 37.28 65.70 42.58
CA MET J 676 36.58 64.77 43.45
C MET J 676 36.60 63.38 42.83
N PRO J 677 36.67 62.32 43.64
CA PRO J 677 36.79 60.97 43.09
C PRO J 677 35.49 60.47 42.47
N ARG J 678 35.53 60.17 41.18
CA ARG J 678 34.39 59.65 40.45
C ARG J 678 34.90 58.99 39.18
N PRO J 679 34.07 58.15 38.52
CA PRO J 679 34.55 57.47 37.31
C PRO J 679 35.09 58.41 36.24
N LEU J 680 34.50 59.60 36.08
CA LEU J 680 35.03 60.56 35.13
C LEU J 680 36.43 61.02 35.52
N ALA J 681 36.67 61.17 36.83
CA ALA J 681 37.95 61.72 37.29
C ALA J 681 39.06 60.69 37.23
N LYS J 682 38.75 59.43 37.53
CA LYS J 682 39.79 58.43 37.75
C LYS J 682 40.09 57.57 36.52
N SER J 683 39.19 57.55 35.53
CA SER J 683 39.36 56.64 34.41
C SER J 683 40.23 57.21 33.28
N THR J 684 40.72 58.44 33.42
CA THR J 684 41.57 59.04 32.39
C THR J 684 43.00 58.53 32.56
N HIS J 685 43.59 58.02 31.47
CA HIS J 685 44.96 57.56 31.50
C HIS J 685 45.95 58.55 30.89
N ARG J 686 45.47 59.47 30.06
CA ARG J 686 46.31 60.54 29.52
C ARG J 686 45.42 61.69 29.09
N LEU J 687 45.92 62.91 29.28
CA LEU J 687 45.15 64.11 29.01
C LEU J 687 46.03 65.13 28.30
N ASN J 688 45.41 66.03 27.54
CA ASN J 688 46.09 67.06 26.78
C ASN J 688 45.64 68.44 27.25
N LEU J 689 46.56 69.39 27.28
CA LEU J 689 46.28 70.78 27.64
C LEU J 689 46.41 71.64 26.38
N LYS J 690 45.30 72.26 25.98
CA LYS J 690 45.24 73.08 24.78
C LYS J 690 44.44 74.34 25.07
N TYR J 691 44.92 75.47 24.52
CA TYR J 691 44.27 76.77 24.71
C TYR J 691 43.99 77.05 26.19
N CYS J 692 44.95 76.73 27.03
CA CYS J 692 44.73 76.77 28.47
C CYS J 692 44.74 78.19 29.00
N ALA J 693 43.70 78.54 29.74
CA ALA J 693 43.59 79.83 30.40
C ALA J 693 43.40 79.62 31.90
N GLU J 694 43.90 80.58 32.68
CA GLU J 694 43.91 80.48 34.14
C GLU J 694 44.71 79.27 34.63
N MET J 695 45.77 78.91 33.91
CA MET J 695 46.68 77.84 34.28
C MET J 695 48.09 78.36 34.46
N GLN J 696 48.24 79.47 35.21
CA GLN J 696 49.56 80.03 35.44
C GLN J 696 50.48 79.04 36.12
N SER J 697 49.95 78.20 36.99
CA SER J 697 50.71 77.12 37.60
C SER J 697 49.82 75.90 37.75
N ILE J 698 50.45 74.73 37.69
CA ILE J 698 49.75 73.47 37.89
C ILE J 698 50.63 72.56 38.74
N LYS J 699 50.01 71.91 39.73
CA LYS J 699 50.72 71.02 40.65
C LYS J 699 50.30 69.59 40.36
N ILE J 700 51.28 68.68 40.28
CA ILE J 700 50.99 67.28 40.00
C ILE J 700 50.14 66.66 41.10
N SER J 701 50.24 67.20 42.33
CA SER J 701 49.40 66.71 43.42
C SER J 701 47.92 66.87 43.11
N ASP J 702 47.56 67.88 42.32
CA ASP J 702 46.17 68.02 41.88
C ASP J 702 45.76 66.93 40.91
N LEU J 703 46.73 66.24 40.29
CA LEU J 703 46.43 65.11 39.43
C LEU J 703 46.40 63.79 40.18
N SER J 704 46.54 63.81 41.51
CA SER J 704 46.54 62.58 42.30
C SER J 704 45.23 61.82 42.21
N HIS J 705 44.12 62.50 41.92
CA HIS J 705 42.87 61.78 41.69
C HIS J 705 42.93 60.98 40.39
N MET J 706 43.78 61.39 39.45
CA MET J 706 43.98 60.66 38.21
C MET J 706 45.02 59.55 38.41
N GLU J 707 44.59 58.50 39.10
CA GLU J 707 45.49 57.40 39.42
C GLU J 707 45.91 56.61 38.18
N HIS J 708 45.20 56.78 37.06
CA HIS J 708 45.54 56.07 35.84
C HIS J 708 46.39 56.91 34.88
N LEU J 709 46.64 58.18 35.20
CA LEU J 709 47.35 59.06 34.29
C LEU J 709 48.75 58.53 34.00
N GLU J 710 49.12 58.52 32.72
CA GLU J 710 50.43 58.04 32.32
C GLU J 710 51.14 59.03 31.39
N GLU J 711 50.37 59.81 30.63
CA GLU J 711 50.93 60.72 29.64
C GLU J 711 50.25 62.07 29.73
N LEU J 712 51.03 63.14 29.51
CA LEU J 712 50.52 64.50 29.48
C LEU J 712 51.00 65.22 28.22
N TYR J 713 50.11 66.01 27.63
CA TYR J 713 50.45 66.89 26.52
C TYR J 713 50.03 68.29 26.88
N VAL J 714 50.97 69.23 26.84
CA VAL J 714 50.73 70.61 27.22
C VAL J 714 51.12 71.50 26.05
N GLU J 715 50.18 72.34 25.61
CA GLU J 715 50.42 73.23 24.49
C GLU J 715 49.46 74.41 24.54
N SER J 716 49.92 75.55 24.02
CA SER J 716 49.10 76.75 23.84
C SER J 716 48.45 77.21 25.15
N CYS J 717 49.20 77.14 26.25
CA CYS J 717 48.70 77.64 27.53
C CYS J 717 48.97 79.13 27.61
N TYR J 718 47.91 79.93 27.49
CA TYR J 718 48.05 81.37 27.28
C TYR J 718 48.69 82.09 28.47
N ASP J 719 48.72 81.48 29.66
CA ASP J 719 49.24 82.15 30.84
C ASP J 719 50.12 81.25 31.70
N LEU J 720 50.55 80.10 31.20
CA LEU J 720 51.36 79.19 32.00
C LEU J 720 52.74 79.82 32.27
N ASN J 721 53.15 79.77 33.53
CA ASN J 721 54.47 80.26 33.94
C ASN J 721 55.34 79.16 34.52
N THR J 722 54.84 78.42 35.52
CA THR J 722 55.62 77.38 36.18
C THR J 722 54.74 76.17 36.42
N VAL J 723 55.40 75.04 36.69
CA VAL J 723 54.73 73.79 37.03
C VAL J 723 55.41 73.22 38.27
N VAL J 724 54.62 72.66 39.18
CA VAL J 724 55.11 72.12 40.44
C VAL J 724 55.03 70.61 40.38
N ALA J 725 56.19 69.95 40.54
CA ALA J 725 56.26 68.50 40.66
C ALA J 725 56.48 68.18 42.14
N ASP J 726 55.40 67.83 42.83
CA ASP J 726 55.44 67.66 44.28
C ASP J 726 56.29 66.44 44.65
N ALA J 727 56.87 66.50 45.85
CA ALA J 727 57.55 65.34 46.41
C ALA J 727 56.55 64.29 46.89
N GLU J 728 55.29 64.68 47.09
CA GLU J 728 54.25 63.72 47.45
C GLU J 728 54.00 62.78 46.29
N LEU J 729 54.30 61.50 46.48
CA LEU J 729 54.22 60.53 45.40
C LEU J 729 52.76 60.21 45.07
N THR J 730 52.57 59.67 43.87
CA THR J 730 51.26 59.24 43.41
C THR J 730 51.40 57.86 42.79
N THR J 731 50.38 57.03 42.99
CA THR J 731 50.37 55.70 42.38
C THR J 731 50.30 55.76 40.86
N SER J 732 49.86 56.89 40.30
CA SER J 732 49.86 57.07 38.85
C SER J 732 51.28 57.07 38.32
N GLN J 733 51.56 56.26 37.31
CA GLN J 733 52.89 56.16 36.74
C GLN J 733 53.00 57.16 35.59
N LEU J 734 53.66 58.29 35.87
CA LEU J 734 53.89 59.29 34.82
C LEU J 734 54.95 58.77 33.86
N GLN J 735 54.53 58.36 32.66
CA GLN J 735 55.44 57.71 31.74
C GLN J 735 55.97 58.65 30.66
N PHE J 736 55.08 59.31 29.93
CA PHE J 736 55.46 60.11 28.77
C PHE J 736 54.98 61.54 28.95
N LEU J 737 55.86 62.49 28.70
CA LEU J 737 55.50 63.90 28.71
C LEU J 737 56.00 64.58 27.44
N THR J 738 55.22 65.53 26.96
CA THR J 738 55.57 66.30 25.77
C THR J 738 55.10 67.74 25.94
N LEU J 739 56.02 68.67 25.70
CA LEU J 739 55.71 70.10 25.70
C LEU J 739 55.92 70.64 24.28
N SER J 740 55.02 71.49 23.83
CA SER J 740 55.06 71.99 22.47
C SER J 740 54.32 73.32 22.38
N VAL J 741 54.98 74.31 21.78
CA VAL J 741 54.39 75.62 21.51
C VAL J 741 53.77 76.20 22.78
N LEU J 742 54.62 76.64 23.71
CA LEU J 742 54.16 77.28 24.93
C LEU J 742 54.66 78.72 24.97
N PRO J 743 53.77 79.69 25.23
CA PRO J 743 54.18 81.10 25.08
C PRO J 743 54.88 81.70 26.29
N SER J 744 54.67 81.19 27.50
CA SER J 744 55.22 81.87 28.67
C SER J 744 55.82 80.92 29.71
N LEU J 745 55.88 79.63 29.42
CA LEU J 745 56.44 78.69 30.38
C LEU J 745 57.94 78.96 30.56
N GLU J 746 58.37 79.05 31.81
CA GLU J 746 59.74 79.40 32.14
C GLU J 746 60.50 78.29 32.84
N SER J 747 59.95 77.73 33.92
CA SER J 747 60.68 76.75 34.72
C SER J 747 59.68 75.82 35.41
N VAL J 748 60.18 74.66 35.81
CA VAL J 748 59.39 73.66 36.52
C VAL J 748 60.23 73.10 37.66
N LEU J 749 59.62 72.93 38.83
CA LEU J 749 60.32 72.58 40.05
C LEU J 749 60.11 71.10 40.36
N VAL J 750 61.21 70.41 40.69
CA VAL J 750 61.19 68.98 41.02
C VAL J 750 61.99 68.77 42.30
N ALA J 751 61.46 67.95 43.20
CA ALA J 751 62.13 67.67 44.45
C ALA J 751 63.41 66.86 44.21
N PRO J 752 64.43 67.04 45.06
CA PRO J 752 65.71 66.37 44.82
C PRO J 752 65.73 64.90 45.19
N MET J 753 65.04 64.52 46.26
CA MET J 753 65.11 63.15 46.76
C MET J 753 64.07 62.24 46.13
N SER J 754 62.79 62.53 46.31
CA SER J 754 61.73 61.72 45.74
C SER J 754 60.78 62.63 44.97
N HIS J 755 60.26 62.12 43.87
CA HIS J 755 59.44 62.92 42.98
C HIS J 755 58.48 62.02 42.22
N ASN J 756 57.43 62.63 41.66
CA ASN J 756 56.45 61.91 40.87
C ASN J 756 57.00 61.49 39.52
N PHE J 757 58.14 62.05 39.10
CA PHE J 757 58.76 61.71 37.83
C PHE J 757 59.73 60.54 37.93
N GLN J 758 59.53 59.62 38.89
CA GLN J 758 60.41 58.46 38.96
C GLN J 758 60.10 57.45 37.86
N TYR J 759 58.86 57.41 37.40
CA TYR J 759 58.43 56.43 36.39
C TYR J 759 58.66 56.91 34.97
N ILE J 760 59.60 57.84 34.75
CA ILE J 760 59.76 58.45 33.44
C ILE J 760 60.28 57.43 32.45
N ARG J 761 59.67 57.37 31.26
CA ARG J 761 60.16 56.56 30.15
C ARG J 761 60.49 57.37 28.91
N LYS J 762 59.75 58.44 28.64
CA LYS J 762 59.91 59.20 27.40
C LYS J 762 59.71 60.68 27.66
N LEU J 763 60.62 61.50 27.15
CA LEU J 763 60.51 62.95 27.18
C LEU J 763 60.63 63.50 25.77
N ILE J 764 59.71 64.39 25.40
CA ILE J 764 59.72 65.05 24.09
C ILE J 764 59.64 66.54 24.36
N ILE J 765 60.77 67.22 24.31
CA ILE J 765 60.86 68.65 24.60
C ILE J 765 60.88 69.35 23.26
N SER J 766 59.80 70.07 22.92
CA SER J 766 59.65 70.64 21.59
C SER J 766 59.05 72.04 21.65
N HIS J 767 59.49 72.88 20.71
CA HIS J 767 58.83 74.15 20.38
C HIS J 767 58.61 75.03 21.62
N CYS J 768 59.56 75.05 22.54
CA CYS J 768 59.46 75.85 23.76
C CYS J 768 60.75 76.66 23.94
N PRO J 769 60.89 77.77 23.22
CA PRO J 769 62.04 78.65 23.45
C PRO J 769 61.96 79.44 24.74
N LYS J 770 60.78 79.54 25.36
CA LYS J 770 60.65 80.27 26.61
C LYS J 770 61.18 79.48 27.79
N LEU J 771 61.11 78.15 27.73
CA LEU J 771 61.59 77.32 28.83
C LEU J 771 63.09 77.44 28.98
N SER J 772 63.56 77.57 30.22
CA SER J 772 64.99 77.75 30.46
C SER J 772 65.51 76.97 31.68
N ASN J 773 64.76 76.00 32.18
CA ASN J 773 65.20 75.24 33.35
C ASN J 773 64.57 73.86 33.34
N ILE J 774 65.32 72.87 32.85
CA ILE J 774 64.88 71.49 32.83
C ILE J 774 65.99 70.61 33.39
N THR J 775 66.85 71.20 34.23
CA THR J 775 68.05 70.52 34.71
C THR J 775 67.74 69.20 35.41
N TRP J 776 66.57 69.07 36.04
CA TRP J 776 66.26 67.90 36.84
C TRP J 776 66.09 66.62 36.03
N VAL J 777 66.33 66.66 34.71
CA VAL J 777 66.18 65.46 33.88
C VAL J 777 67.13 64.36 34.34
N ARG J 778 68.30 64.73 34.87
CA ARG J 778 69.27 63.75 35.31
C ARG J 778 68.78 62.88 36.46
N ARG J 779 67.72 63.29 37.16
CA ARG J 779 67.15 62.48 38.23
C ARG J 779 66.18 61.43 37.74
N LEU J 780 65.90 61.37 36.44
CA LEU J 780 64.96 60.40 35.89
C LEU J 780 65.73 59.13 35.53
N GLN J 781 65.82 58.23 36.51
CA GLN J 781 66.70 57.06 36.38
C GLN J 781 66.10 55.97 35.49
N LEU J 782 64.79 55.96 35.28
CA LEU J 782 64.16 55.03 34.36
C LEU J 782 63.98 55.59 32.95
N LEU J 783 64.45 56.80 32.70
CA LEU J 783 64.22 57.45 31.41
C LEU J 783 64.87 56.68 30.27
N GLU J 784 64.14 56.56 29.16
CA GLU J 784 64.57 55.81 27.99
C GLU J 784 64.74 56.68 26.74
N ARG J 785 63.74 57.50 26.42
CA ARG J 785 63.70 58.23 25.16
C ARG J 785 63.82 59.72 25.41
N LEU J 786 64.69 60.38 24.64
CA LEU J 786 64.89 61.82 24.71
C LEU J 786 64.62 62.43 23.35
N VAL J 787 63.72 63.42 23.31
CA VAL J 787 63.44 64.20 22.11
C VAL J 787 63.46 65.67 22.49
N ILE J 788 64.47 66.39 21.99
CA ILE J 788 64.63 67.81 22.27
C ILE J 788 64.66 68.55 20.95
N SER J 789 63.81 69.58 20.82
CA SER J 789 63.72 70.29 19.56
C SER J 789 63.17 71.70 19.77
N HIS J 790 63.75 72.66 19.04
CA HIS J 790 63.22 74.02 18.94
C HIS J 790 62.99 74.66 20.31
N CYS J 791 63.98 74.53 21.20
CA CYS J 791 63.88 75.06 22.55
C CYS J 791 65.12 75.85 22.92
N ASP J 792 65.52 76.78 22.06
CA ASP J 792 66.77 77.54 22.20
C ASP J 792 66.90 78.24 23.55
N GLY J 793 65.81 78.31 24.32
CA GLY J 793 65.92 78.78 25.69
C GLY J 793 66.60 77.81 26.62
N VAL J 794 66.78 76.58 26.19
CA VAL J 794 67.50 75.56 26.96
C VAL J 794 68.90 75.46 26.36
N LEU J 795 69.85 76.19 26.94
CA LEU J 795 71.23 76.14 26.45
C LEU J 795 71.82 74.75 26.61
N GLU J 796 71.57 74.10 27.75
CA GLU J 796 71.95 72.72 27.98
C GLU J 796 70.79 72.00 28.65
N ILE J 797 70.50 70.79 28.19
CA ILE J 797 69.37 70.04 28.74
C ILE J 797 69.57 69.71 30.21
N VAL J 798 70.81 69.69 30.69
CA VAL J 798 71.14 69.53 32.10
C VAL J 798 72.13 70.64 32.44
N GLU J 799 71.64 71.74 33.00
CA GLU J 799 72.48 72.87 33.35
C GLU J 799 73.17 72.60 34.68
N ASP J 800 73.76 73.64 35.27
CA ASP J 800 74.43 73.53 36.56
C ASP J 800 73.41 73.26 37.67
N THR J 831 75.44 59.14 44.84
CA THR J 831 75.62 57.73 44.56
C THR J 831 76.54 57.52 43.36
N GLY J 832 77.29 56.42 43.38
CA GLY J 832 78.15 56.09 42.26
C GLY J 832 77.36 55.51 41.10
N GLN J 833 76.47 56.32 40.53
CA GLN J 833 75.57 55.88 39.49
C GLN J 833 75.53 56.91 38.37
N SER J 834 75.24 56.45 37.16
CA SER J 834 75.07 57.34 36.04
C SER J 834 73.73 58.04 36.11
N ASP J 835 73.63 59.17 35.39
CA ASP J 835 72.39 59.94 35.37
C ASP J 835 71.30 59.28 34.54
N PHE J 836 71.66 58.52 33.51
CA PHE J 836 70.70 57.84 32.64
C PHE J 836 71.07 56.37 32.48
N PRO J 837 70.91 55.57 33.54
CA PRO J 837 71.26 54.15 33.43
C PRO J 837 70.40 53.38 32.44
N LYS J 838 69.13 53.78 32.27
CA LYS J 838 68.22 53.07 31.38
C LYS J 838 68.00 53.79 30.06
N LEU J 839 68.89 54.72 29.71
CA LEU J 839 68.76 55.46 28.45
C LEU J 839 68.83 54.53 27.26
N ARG J 840 67.94 54.75 26.28
CA ARG J 840 67.91 53.99 25.05
C ARG J 840 68.08 54.84 23.81
N LEU J 841 67.38 55.97 23.72
CA LEU J 841 67.37 56.78 22.50
C LEU J 841 67.45 58.25 22.85
N ILE J 842 68.25 58.99 22.08
CA ILE J 842 68.35 60.44 22.17
C ILE J 842 68.11 61.03 20.79
N VAL J 843 67.19 61.99 20.71
CA VAL J 843 66.87 62.66 19.46
C VAL J 843 66.98 64.17 19.67
N LEU J 844 67.73 64.84 18.81
CA LEU J 844 67.87 66.29 18.82
C LEU J 844 67.51 66.84 17.45
N THR J 845 66.89 68.02 17.42
CA THR J 845 66.39 68.57 16.17
C THR J 845 66.28 70.09 16.27
N GLY J 846 66.95 70.80 15.35
CA GLY J 846 66.69 72.21 15.15
C GLY J 846 67.10 73.13 16.28
N LEU J 847 67.99 72.70 17.17
CA LEU J 847 68.43 73.56 18.27
C LEU J 847 69.49 74.52 17.75
N LYS J 848 69.16 75.82 17.74
CA LYS J 848 70.05 76.84 17.22
C LYS J 848 70.91 77.50 18.28
N LYS J 849 70.59 77.30 19.57
CA LYS J 849 71.35 77.90 20.65
C LYS J 849 71.80 76.91 21.72
N LEU J 850 71.78 75.61 21.43
CA LEU J 850 72.23 74.61 22.40
C LEU J 850 73.75 74.52 22.38
N ARG J 851 74.37 74.53 23.57
CA ARG J 851 75.82 74.38 23.64
C ARG J 851 76.21 72.91 23.76
N SER J 852 75.74 72.24 24.80
CA SER J 852 76.08 70.85 25.04
C SER J 852 74.87 70.18 25.69
N ILE J 853 74.88 68.85 25.71
CA ILE J 853 73.75 68.10 26.24
C ILE J 853 73.83 68.05 27.76
N CYS J 854 74.87 67.42 28.29
CA CYS J 854 74.96 67.22 29.73
C CYS J 854 76.40 66.86 30.09
N LYS J 855 76.62 66.67 31.39
CA LYS J 855 77.94 66.32 31.89
C LYS J 855 78.33 64.91 31.48
N ALA J 856 79.62 64.61 31.63
CA ALA J 856 80.16 63.34 31.16
C ALA J 856 79.73 62.19 32.07
N ARG J 857 78.99 61.24 31.50
CA ARG J 857 78.58 60.04 32.21
C ARG J 857 78.56 58.86 31.23
N GLU J 858 78.58 57.65 31.79
CA GLU J 858 78.56 56.42 31.01
C GLU J 858 77.13 55.89 30.91
N PHE J 859 76.72 55.57 29.68
CA PHE J 859 75.37 55.07 29.42
C PHE J 859 75.43 53.65 28.92
N PRO J 860 75.06 52.66 29.74
CA PRO J 860 75.21 51.26 29.33
C PRO J 860 74.16 50.79 28.33
N CYS J 861 72.93 51.28 28.47
CA CYS J 861 71.82 50.77 27.67
C CYS J 861 71.57 51.58 26.41
N LEU J 862 72.39 52.58 26.11
CA LEU J 862 72.16 53.45 24.97
C LEU J 862 72.19 52.64 23.67
N GLU J 863 71.24 52.93 22.78
CA GLU J 863 71.10 52.21 21.51
C GLU J 863 71.37 53.07 20.29
N THR J 864 70.83 54.29 20.23
CA THR J 864 70.94 55.09 19.03
C THR J 864 70.89 56.57 19.40
N LEU J 865 71.76 57.35 18.76
CA LEU J 865 71.79 58.80 18.90
C LEU J 865 71.58 59.43 17.54
N ARG J 866 70.67 60.39 17.46
CA ARG J 866 70.32 61.05 16.22
C ARG J 866 70.25 62.56 16.44
N VAL J 867 71.04 63.31 15.67
CA VAL J 867 71.08 64.75 15.74
C VAL J 867 70.89 65.31 14.33
N GLU J 868 69.96 66.26 14.18
CA GLU J 868 69.69 66.86 12.88
C GLU J 868 69.50 68.36 13.03
N ASP J 869 70.10 69.11 12.11
CA ASP J 869 69.94 70.57 12.03
C ASP J 869 70.30 71.24 13.35
N CYS J 870 71.46 70.88 13.90
CA CYS J 870 71.93 71.52 15.13
C CYS J 870 73.30 72.15 14.88
N PRO J 871 73.34 73.32 14.24
CA PRO J 871 74.64 73.93 13.91
C PRO J 871 75.34 74.56 15.10
N ASN J 872 74.71 74.60 16.28
CA ASN J 872 75.33 75.20 17.45
C ASN J 872 75.78 74.17 18.49
N LEU J 873 75.45 72.90 18.31
CA LEU J 873 75.89 71.87 19.25
C LEU J 873 77.39 71.69 19.16
N ARG J 874 78.08 71.84 20.30
CA ARG J 874 79.53 71.84 20.33
C ARG J 874 80.13 70.59 20.94
N SER J 875 79.39 69.86 21.76
CA SER J 875 79.94 68.66 22.39
C SER J 875 78.79 67.76 22.82
N ILE J 876 79.10 66.48 22.98
CA ILE J 876 78.14 65.48 23.45
C ILE J 876 78.76 64.71 24.61
N PRO J 877 77.93 64.21 25.52
CA PRO J 877 78.47 63.45 26.66
C PRO J 877 79.08 62.12 26.27
N LEU J 878 78.81 61.62 25.07
CA LEU J 878 79.37 60.35 24.65
C LEU J 878 80.88 60.46 24.44
N SER J 879 81.60 59.41 24.81
CA SER J 879 83.04 59.38 24.68
C SER J 879 83.50 57.93 24.58
N CYS J 880 84.75 57.75 24.15
CA CYS J 880 85.31 56.42 24.00
C CYS J 880 85.55 55.72 25.33
N THR J 881 85.44 56.44 26.45
CA THR J 881 85.60 55.81 27.76
C THR J 881 84.51 54.79 28.04
N HIS J 882 83.36 54.91 27.36
CA HIS J 882 82.25 54.02 27.63
C HIS J 882 82.46 52.65 26.98
N ASN J 883 81.86 51.63 27.57
CA ASN J 883 81.76 50.33 26.93
C ASN J 883 80.43 50.23 26.19
N TYR J 884 80.48 49.72 24.97
CA TYR J 884 79.30 49.67 24.12
C TYR J 884 79.01 48.24 23.68
N TRP J 885 77.77 47.82 23.92
CA TRP J 885 77.28 46.55 23.37
C TRP J 885 75.97 46.77 22.65
N LYS J 886 75.12 47.65 23.20
CA LYS J 886 73.80 47.88 22.63
C LYS J 886 73.72 49.11 21.74
N LEU J 887 74.78 49.91 21.68
CA LEU J 887 74.79 51.09 20.82
C LEU J 887 74.80 50.64 19.37
N LYS J 888 73.64 50.75 18.71
CA LYS J 888 73.46 50.18 17.37
C LYS J 888 73.92 51.11 16.26
N GLN J 889 73.55 52.40 16.33
CA GLN J 889 73.90 53.32 15.27
C GLN J 889 73.90 54.74 15.82
N ILE J 890 74.57 55.64 15.11
CA ILE J 890 74.61 57.05 15.43
C ILE J 890 74.34 57.83 14.15
N CYS J 891 73.44 58.80 14.23
CA CYS J 891 73.03 59.58 13.08
C CYS J 891 73.37 61.05 13.30
N GLY J 892 73.91 61.69 12.27
CA GLY J 892 74.31 63.08 12.36
C GLY J 892 74.83 63.65 11.05
N SER J 893 75.77 64.58 11.14
CA SER J 893 76.32 65.24 9.95
C SER J 893 77.80 65.49 10.14
N VAL J 894 78.50 65.65 9.01
CA VAL J 894 79.94 65.90 9.05
C VAL J 894 80.22 67.28 9.65
N GLU J 895 79.40 68.28 9.33
CA GLU J 895 79.56 69.60 9.92
C GLU J 895 79.41 69.54 11.43
N TRP J 896 78.43 68.77 11.91
CA TRP J 896 78.30 68.53 13.35
C TRP J 896 79.53 67.81 13.89
N TRP J 897 80.08 66.88 13.12
CA TRP J 897 81.30 66.19 13.54
C TRP J 897 82.48 67.14 13.66
N GLU J 898 82.59 68.10 12.73
CA GLU J 898 83.63 69.12 12.84
C GLU J 898 83.44 70.01 14.06
N LYS J 899 82.21 70.40 14.36
CA LYS J 899 81.93 71.28 15.48
C LYS J 899 81.99 70.57 16.83
N LEU J 900 81.95 69.24 16.83
CA LEU J 900 82.02 68.49 18.08
C LEU J 900 83.40 68.62 18.71
N GLN J 901 83.43 68.81 20.02
CA GLN J 901 84.68 68.77 20.77
C GLN J 901 85.10 67.32 21.01
N TRP J 902 86.39 67.07 20.89
CA TRP J 902 86.92 65.71 21.03
C TRP J 902 88.01 65.69 22.09
N GLU J 903 87.99 64.66 22.93
CA GLU J 903 89.01 64.52 23.97
C GLU J 903 90.39 64.28 23.36
N ASN J 904 90.46 63.57 22.25
CA ASN J 904 91.71 63.29 21.57
C ASN J 904 91.42 62.91 20.13
N ARG J 905 92.47 62.86 19.31
CA ARG J 905 92.31 62.46 17.92
C ARG J 905 91.82 61.02 17.79
N LYS J 906 92.00 60.20 18.83
CA LYS J 906 91.46 58.85 18.80
C LYS J 906 89.94 58.86 18.71
N GLU J 907 89.29 59.75 19.47
CA GLU J 907 87.83 59.81 19.45
C GLU J 907 87.31 60.27 18.09
N VAL J 908 88.11 61.00 17.34
CA VAL J 908 87.69 61.47 16.02
C VAL J 908 87.45 60.30 15.09
N ALA J 909 88.34 59.30 15.13
CA ALA J 909 88.21 58.13 14.27
C ALA J 909 87.41 57.01 14.92
N CYS J 910 87.53 56.85 16.24
CA CYS J 910 86.84 55.75 16.92
C CYS J 910 85.33 55.94 16.92
N LEU J 911 84.87 57.16 17.20
CA LEU J 911 83.44 57.43 17.27
C LEU J 911 82.80 57.59 15.89
N ASP J 912 83.61 57.63 14.83
CA ASP J 912 83.06 57.74 13.47
C ASP J 912 82.95 56.37 12.81
N SER J 913 84.02 55.59 12.85
CA SER J 913 84.05 54.31 12.14
C SER J 913 83.16 53.26 12.78
N LYS J 914 82.76 53.46 14.04
CA LYS J 914 82.02 52.42 14.75
C LYS J 914 80.51 52.52 14.53
N TYR J 915 79.92 53.70 14.73
CA TYR J 915 78.46 53.81 14.72
C TYR J 915 77.89 54.97 13.92
N PHE J 916 78.71 55.93 13.48
CA PHE J 916 78.18 57.13 12.86
C PHE J 916 77.60 56.82 11.48
N ILE J 917 76.36 57.25 11.25
CA ILE J 917 75.70 57.12 9.96
C ILE J 917 75.18 58.50 9.56
N PRO J 918 75.87 59.22 8.68
CA PRO J 918 75.47 60.59 8.36
C PRO J 918 74.16 60.63 7.59
N ILE J 919 73.48 61.77 7.69
CA ILE J 919 72.24 61.99 6.97
C ILE J 919 72.53 62.31 5.50
N LEU K 36 119.84 -54.51 -2.69
CA LEU K 36 119.10 -54.50 -3.96
C LEU K 36 117.63 -54.20 -3.73
N HIS K 37 117.29 -52.91 -3.71
CA HIS K 37 115.93 -52.47 -3.46
C HIS K 37 115.27 -51.79 -4.65
N LEU K 38 116.00 -51.63 -5.76
CA LEU K 38 115.46 -50.91 -6.92
C LEU K 38 114.30 -51.67 -7.54
N LYS K 39 114.40 -53.00 -7.61
CA LYS K 39 113.41 -53.79 -8.34
C LYS K 39 112.01 -53.64 -7.75
N SER K 40 111.90 -53.46 -6.44
CA SER K 40 110.60 -53.30 -5.80
C SER K 40 110.19 -51.85 -5.67
N ASN K 41 111.16 -50.94 -5.52
CA ASN K 41 110.81 -49.53 -5.27
C ASN K 41 110.32 -48.85 -6.55
N TRP K 42 110.87 -49.22 -7.70
CA TRP K 42 110.34 -48.70 -8.95
C TRP K 42 108.92 -49.19 -9.20
N SER K 43 108.60 -50.41 -8.75
CA SER K 43 107.23 -50.90 -8.84
C SER K 43 106.29 -50.04 -7.98
N ASP K 44 106.75 -49.63 -6.81
CA ASP K 44 105.94 -48.76 -5.96
C ASP K 44 105.80 -47.36 -6.55
N LEU K 45 106.78 -46.93 -7.34
CA LEU K 45 106.67 -45.64 -8.02
C LEU K 45 105.53 -45.64 -9.03
N ASP K 46 105.36 -46.76 -9.75
CA ASP K 46 104.29 -46.84 -10.74
C ASP K 46 102.92 -46.76 -10.06
N LYS K 47 102.77 -47.39 -8.90
CA LYS K 47 101.52 -47.26 -8.15
C LYS K 47 101.30 -45.81 -7.71
N ALA K 48 102.36 -45.15 -7.25
CA ALA K 48 102.23 -43.75 -6.81
C ALA K 48 101.92 -42.83 -7.99
N LYS K 49 102.56 -43.07 -9.14
CA LYS K 49 102.33 -42.22 -10.29
C LYS K 49 100.88 -42.30 -10.76
N LYS K 50 100.34 -43.52 -10.83
CA LYS K 50 98.96 -43.68 -11.29
C LYS K 50 97.97 -43.16 -10.26
N LEU K 51 98.33 -43.20 -8.98
CA LEU K 51 97.48 -42.61 -7.96
C LEU K 51 97.57 -41.09 -7.98
N LEU K 52 98.74 -40.54 -8.30
CA LEU K 52 98.89 -39.10 -8.37
C LEU K 52 98.06 -38.51 -9.50
N LEU K 53 98.01 -39.19 -10.65
CA LEU K 53 97.17 -38.73 -11.74
C LEU K 53 95.70 -38.76 -11.36
N ALA K 54 95.31 -39.67 -10.46
CA ALA K 54 93.92 -39.72 -10.00
C ALA K 54 93.60 -38.58 -9.05
N VAL K 55 94.52 -38.27 -8.13
CA VAL K 55 94.31 -37.16 -7.20
C VAL K 55 94.33 -35.83 -7.96
N GLU K 56 95.24 -35.71 -8.92
CA GLU K 56 95.31 -34.48 -9.72
C GLU K 56 94.03 -34.28 -10.52
N THR K 57 93.47 -35.36 -11.06
CA THR K 57 92.22 -35.26 -11.81
C THR K 57 91.09 -34.79 -10.91
N THR K 58 91.03 -35.31 -9.68
CA THR K 58 90.00 -34.87 -8.74
C THR K 58 90.16 -33.40 -8.39
N VAL K 59 91.40 -32.93 -8.21
CA VAL K 59 91.63 -31.54 -7.84
C VAL K 59 91.28 -30.62 -9.01
N ARG K 60 91.71 -30.96 -10.21
CA ARG K 60 91.45 -30.12 -11.37
C ARG K 60 89.95 -30.02 -11.65
N ALA K 61 89.23 -31.14 -11.53
CA ALA K 61 87.78 -31.10 -11.68
C ALA K 61 87.14 -30.28 -10.58
N ARG K 62 87.68 -30.35 -9.37
CA ARG K 62 87.18 -29.54 -8.27
C ARG K 62 87.50 -28.06 -8.47
N VAL K 63 88.67 -27.75 -9.03
CA VAL K 63 89.03 -26.36 -9.31
C VAL K 63 88.20 -25.81 -10.46
N THR K 64 87.99 -26.62 -11.51
CA THR K 64 87.20 -26.17 -12.64
C THR K 64 85.77 -25.84 -12.24
N ALA K 65 85.24 -26.54 -11.23
CA ALA K 65 83.93 -26.19 -10.69
C ALA K 65 83.97 -24.87 -9.92
N GLU K 66 85.15 -24.40 -9.52
CA GLU K 66 85.26 -23.12 -8.85
C GLU K 66 85.42 -21.99 -9.85
N VAL K 67 86.20 -22.21 -10.92
CA VAL K 67 86.34 -21.21 -11.97
C VAL K 67 85.02 -20.98 -12.69
N ASP K 68 84.19 -22.01 -12.77
CA ASP K 68 82.86 -21.86 -13.37
C ASP K 68 82.00 -20.87 -12.58
N LYS K 69 82.20 -20.78 -11.27
CA LYS K 69 81.52 -19.79 -10.45
C LYS K 69 82.24 -18.44 -10.44
N LEU K 70 83.12 -18.20 -11.42
CA LEU K 70 83.91 -16.98 -11.56
C LEU K 70 84.93 -16.80 -10.43
N ASN K 71 85.12 -17.82 -9.60
CA ASN K 71 86.17 -17.75 -8.61
C ASN K 71 87.54 -17.97 -9.25
N ILE K 72 88.57 -17.74 -8.47
CA ILE K 72 89.95 -17.96 -8.91
C ILE K 72 90.51 -19.14 -8.14
N CYS K 73 91.30 -19.96 -8.83
CA CYS K 73 91.92 -21.12 -8.18
C CYS K 73 92.73 -20.69 -6.97
N ASP K 74 92.58 -21.43 -5.88
CA ASP K 74 93.20 -21.04 -4.62
C ASP K 74 94.73 -21.06 -4.77
N PRO K 75 95.43 -20.05 -4.22
CA PRO K 75 96.89 -19.99 -4.44
C PRO K 75 97.64 -21.22 -3.95
N GLN K 76 97.22 -21.80 -2.84
CA GLN K 76 97.90 -23.00 -2.36
C GLN K 76 97.65 -24.20 -3.26
N VAL K 77 96.44 -24.31 -3.83
CA VAL K 77 96.17 -25.37 -4.79
C VAL K 77 96.95 -25.13 -6.07
N GLN K 78 97.05 -23.88 -6.50
CA GLN K 78 97.78 -23.57 -7.72
C GLN K 78 99.25 -23.93 -7.60
N VAL K 79 99.82 -23.78 -6.40
CA VAL K 79 101.20 -24.20 -6.17
C VAL K 79 101.29 -25.72 -6.23
N TRP K 80 100.35 -26.42 -5.62
CA TRP K 80 100.35 -27.88 -5.64
C TRP K 80 100.19 -28.40 -7.07
N LEU K 81 99.27 -27.80 -7.84
CA LEU K 81 99.09 -28.22 -9.21
C LEU K 81 100.34 -27.99 -10.05
N ARG K 82 101.00 -26.86 -9.82
CA ARG K 82 102.19 -26.54 -10.61
C ARG K 82 103.34 -27.50 -10.29
N ARG K 83 103.39 -28.03 -9.07
CA ARG K 83 104.43 -29.00 -8.73
C ARG K 83 104.14 -30.35 -9.38
N VAL K 84 102.86 -30.71 -9.51
CA VAL K 84 102.51 -31.96 -10.18
C VAL K 84 102.91 -31.89 -11.65
N GLU K 85 102.64 -30.76 -12.31
CA GLU K 85 102.98 -30.61 -13.71
C GLU K 85 104.49 -30.69 -13.93
N GLU K 86 105.27 -30.01 -13.10
CA GLU K 86 106.72 -29.93 -13.21
C GLU K 86 107.41 -31.25 -12.86
N LEU K 87 106.69 -32.19 -12.25
CA LEU K 87 107.31 -33.43 -11.78
C LEU K 87 107.94 -34.22 -12.92
N GLN K 88 107.21 -34.38 -14.03
CA GLN K 88 107.71 -35.08 -15.22
C GLN K 88 108.27 -36.46 -14.87
N LEU K 89 107.39 -37.33 -14.40
CA LEU K 89 107.82 -38.67 -13.99
C LEU K 89 108.23 -39.54 -15.15
N ASP K 90 107.95 -39.13 -16.40
CA ASP K 90 108.36 -39.93 -17.55
C ASP K 90 109.86 -39.86 -17.80
N ALA K 91 110.54 -38.86 -17.23
CA ALA K 91 111.98 -38.72 -17.48
C ALA K 91 112.76 -39.88 -16.87
N ILE K 92 112.47 -40.23 -15.62
CA ILE K 92 113.16 -41.34 -14.99
C ILE K 92 112.75 -42.66 -15.62
N ASP K 93 111.52 -42.75 -16.13
CA ASP K 93 111.06 -43.98 -16.77
C ASP K 93 111.93 -44.34 -17.97
N GLU K 94 112.26 -43.34 -18.80
CA GLU K 94 113.17 -43.59 -19.92
C GLU K 94 114.57 -43.92 -19.44
N ASP K 95 115.05 -43.23 -18.41
CA ASP K 95 116.36 -43.51 -17.85
C ASP K 95 116.42 -44.93 -17.30
N TYR K 96 115.35 -45.36 -16.63
CA TYR K 96 115.28 -46.74 -16.14
C TYR K 96 115.12 -47.71 -17.31
N SER K 97 114.47 -47.26 -18.39
CA SER K 97 114.26 -48.13 -19.54
C SER K 97 115.56 -48.53 -20.22
N GLN K 98 116.54 -47.62 -20.28
CA GLN K 98 117.83 -47.95 -20.87
C GLN K 98 118.61 -48.92 -19.99
N LEU K 99 118.50 -48.78 -18.67
CA LEU K 99 119.15 -49.72 -17.76
C LEU K 99 118.59 -51.12 -17.91
N ARG K 100 117.32 -51.23 -18.33
CA ARG K 100 116.72 -52.53 -18.57
C ARG K 100 117.44 -53.28 -19.69
N LYS K 101 117.86 -52.54 -20.72
CA LYS K 101 118.63 -53.16 -21.81
C LYS K 101 120.02 -53.56 -21.34
N TYR K 102 120.62 -52.77 -20.44
CA TYR K 102 121.89 -53.15 -19.85
C TYR K 102 121.74 -54.15 -18.72
N SER K 103 120.50 -54.47 -18.32
CA SER K 103 120.27 -55.32 -17.16
C SER K 103 120.73 -56.76 -17.39
N CYS K 104 121.00 -57.14 -18.65
CA CYS K 104 121.49 -58.49 -18.92
C CYS K 104 122.82 -58.77 -18.25
N LEU K 105 123.64 -57.75 -18.05
CA LEU K 105 124.92 -57.88 -17.34
C LEU K 105 125.07 -56.73 -16.35
N GLY K 106 124.00 -56.49 -15.58
CA GLY K 106 123.99 -55.37 -14.64
C GLY K 106 125.06 -55.44 -13.58
N GLN K 107 125.56 -56.64 -13.26
CA GLN K 107 126.63 -56.79 -12.28
C GLN K 107 127.98 -56.31 -12.81
N CYS K 108 128.10 -56.03 -14.11
CA CYS K 108 129.32 -55.47 -14.64
C CYS K 108 129.54 -54.07 -14.07
N THR K 109 130.80 -53.77 -13.72
CA THR K 109 131.12 -52.48 -13.13
C THR K 109 130.88 -51.32 -14.07
N ILE K 110 130.86 -51.57 -15.39
CA ILE K 110 130.61 -50.50 -16.34
C ILE K 110 129.16 -50.04 -16.25
N HIS K 111 128.22 -50.99 -16.16
CA HIS K 111 126.81 -50.64 -16.08
C HIS K 111 126.37 -50.31 -14.65
N ALA K 112 127.25 -50.50 -13.66
CA ALA K 112 126.91 -50.10 -12.31
C ALA K 112 126.80 -48.59 -12.17
N HIS K 113 127.40 -47.85 -13.11
CA HIS K 113 127.30 -46.40 -13.09
C HIS K 113 125.85 -45.95 -13.28
N ARG K 114 125.12 -46.60 -14.19
CA ARG K 114 123.73 -46.22 -14.42
C ARG K 114 122.84 -46.73 -13.29
N ARG K 115 123.09 -47.95 -12.81
CA ARG K 115 122.23 -48.54 -11.78
C ARG K 115 122.33 -47.78 -10.47
N ALA K 116 123.51 -47.22 -10.18
CA ALA K 116 123.67 -46.43 -8.96
C ALA K 116 122.80 -45.19 -8.98
N SER K 117 122.73 -44.51 -10.13
CA SER K 117 121.93 -43.29 -10.23
C SER K 117 120.44 -43.59 -10.14
N ILE K 118 119.98 -44.64 -10.82
CA ILE K 118 118.56 -44.97 -10.82
C ILE K 118 118.10 -45.38 -9.42
N GLY K 119 118.91 -46.17 -8.72
CA GLY K 119 118.56 -46.61 -7.38
C GLY K 119 118.38 -45.49 -6.37
N ARG K 120 118.94 -44.31 -6.64
CA ARG K 120 118.73 -43.13 -5.80
C ARG K 120 117.77 -42.12 -6.42
N ARG K 121 117.64 -42.13 -7.75
CA ARG K 121 116.72 -41.20 -8.41
C ARG K 121 115.27 -41.62 -8.23
N VAL K 122 115.01 -42.93 -8.13
CA VAL K 122 113.65 -43.40 -7.87
C VAL K 122 113.17 -42.91 -6.52
N LEU K 123 114.03 -43.02 -5.49
CA LEU K 123 113.66 -42.53 -4.17
C LEU K 123 113.49 -41.01 -4.16
N GLU K 124 114.25 -40.31 -5.00
CA GLU K 124 114.15 -38.86 -5.07
C GLU K 124 112.80 -38.43 -5.64
N ALA K 125 112.19 -39.25 -6.50
CA ALA K 125 110.89 -38.94 -7.06
C ALA K 125 109.76 -39.68 -6.38
N LEU K 126 110.05 -40.76 -5.66
CA LEU K 126 109.00 -41.49 -4.96
C LEU K 126 108.48 -40.71 -3.76
N ASP K 127 109.39 -40.15 -2.95
CA ASP K 127 108.96 -39.38 -1.79
C ASP K 127 108.21 -38.12 -2.20
N GLU K 128 108.66 -37.46 -3.28
CA GLU K 128 107.93 -36.31 -3.78
C GLU K 128 106.54 -36.70 -4.27
N ALA K 129 106.44 -37.82 -4.99
CA ALA K 129 105.14 -38.28 -5.46
C ALA K 129 104.22 -38.62 -4.31
N ASN K 130 104.75 -39.28 -3.28
CA ASN K 130 103.92 -39.62 -2.13
C ASN K 130 103.56 -38.39 -1.30
N LYS K 131 104.47 -37.42 -1.22
CA LYS K 131 104.15 -36.18 -0.53
C LYS K 131 103.05 -35.42 -1.26
N LEU K 132 103.08 -35.44 -2.60
CA LEU K 132 102.03 -34.79 -3.37
C LEU K 132 100.69 -35.50 -3.19
N ILE K 133 100.71 -36.80 -2.92
CA ILE K 133 99.48 -37.54 -2.68
C ILE K 133 98.77 -36.99 -1.44
N GLU K 134 99.49 -36.96 -0.32
CA GLU K 134 98.89 -36.59 0.96
C GLU K 134 98.61 -35.09 1.06
N GLU K 135 99.13 -34.29 0.13
CA GLU K 135 98.79 -32.87 0.10
C GLU K 135 97.49 -32.62 -0.66
N GLY K 136 97.41 -33.12 -1.90
CA GLY K 136 96.21 -32.90 -2.70
C GLY K 136 95.00 -33.68 -2.20
N ARG K 137 95.24 -34.73 -1.42
CA ARG K 137 94.15 -35.47 -0.79
C ARG K 137 93.61 -34.77 0.45
N ARG K 138 94.25 -33.68 0.86
CA ARG K 138 93.95 -33.02 2.12
C ARG K 138 93.31 -31.65 1.91
N PHE K 139 93.32 -31.13 0.69
CA PHE K 139 92.67 -29.86 0.39
C PHE K 139 91.18 -29.93 0.68
N LYS K 140 90.64 -28.81 1.18
CA LYS K 140 89.21 -28.70 1.44
C LYS K 140 88.57 -27.48 0.80
N LYS K 141 89.32 -26.44 0.50
CA LYS K 141 88.82 -25.31 -0.27
C LYS K 141 89.71 -25.12 -1.50
N PHE K 142 89.09 -24.83 -2.63
CA PHE K 142 89.79 -24.81 -3.91
C PHE K 142 89.72 -23.49 -4.64
N GLY K 143 88.95 -22.52 -4.15
CA GLY K 143 88.88 -21.23 -4.80
C GLY K 143 88.48 -20.15 -3.83
N PHE K 144 88.87 -18.92 -4.16
CA PHE K 144 88.53 -17.75 -3.37
C PHE K 144 87.91 -16.69 -4.26
N LYS K 145 86.90 -16.03 -3.73
CA LYS K 145 86.18 -15.02 -4.51
C LYS K 145 87.05 -13.79 -4.72
N PRO K 146 87.33 -13.40 -5.95
CA PRO K 146 88.22 -12.26 -6.18
C PRO K 146 87.55 -10.94 -5.80
N LEU K 147 88.38 -9.94 -5.54
CA LEU K 147 87.88 -8.63 -5.20
C LEU K 147 87.16 -8.01 -6.40
N PRO K 148 86.17 -7.16 -6.18
CA PRO K 148 85.43 -6.56 -7.29
C PRO K 148 86.35 -5.74 -8.18
N LYS K 149 86.06 -5.76 -9.48
CA LYS K 149 86.84 -4.99 -10.44
C LYS K 149 86.66 -3.50 -10.19
N ILE K 150 87.65 -2.73 -10.65
CA ILE K 150 87.56 -1.27 -10.53
C ILE K 150 86.32 -0.76 -11.25
N VAL K 151 86.14 -1.20 -12.50
CA VAL K 151 84.95 -0.90 -13.28
C VAL K 151 84.58 -2.14 -14.08
N ASP K 152 83.34 -2.61 -13.91
CA ASP K 152 82.88 -3.77 -14.65
C ASP K 152 82.18 -3.34 -15.92
N PRO K 153 82.39 -4.07 -17.02
CA PRO K 153 81.82 -3.64 -18.30
C PRO K 153 80.31 -3.61 -18.28
N LEU K 154 79.75 -2.66 -19.02
CA LEU K 154 78.32 -2.47 -19.22
C LEU K 154 77.96 -2.76 -20.67
N PRO K 155 76.65 -2.94 -20.98
CA PRO K 155 76.25 -3.27 -22.36
C PRO K 155 76.90 -2.40 -23.43
N GLN K 156 77.73 -3.02 -24.26
CA GLN K 156 78.49 -2.32 -25.29
C GLN K 156 77.79 -2.43 -26.64
N ILE K 157 76.77 -1.58 -26.81
CA ILE K 157 76.08 -1.52 -28.09
C ILE K 157 76.87 -0.66 -29.07
N LYS K 158 76.50 -0.76 -30.35
CA LYS K 158 77.11 0.07 -31.37
C LYS K 158 76.55 1.49 -31.29
N THR K 159 77.44 2.48 -31.23
CA THR K 159 77.04 3.86 -31.06
C THR K 159 77.59 4.70 -32.21
N PHE K 160 76.76 5.62 -32.70
CA PHE K 160 77.11 6.51 -33.79
C PHE K 160 77.14 7.96 -33.32
N GLY K 161 78.19 8.68 -33.71
CA GLY K 161 78.29 10.10 -33.43
C GLY K 161 78.33 10.48 -31.97
N LEU K 162 78.78 9.57 -31.10
CA LEU K 162 78.84 9.86 -29.67
C LEU K 162 80.21 10.34 -29.22
N GLU K 163 81.18 10.45 -30.14
CA GLU K 163 82.53 10.84 -29.76
C GLU K 163 82.58 12.27 -29.26
N THR K 164 81.85 13.18 -29.92
CA THR K 164 81.92 14.59 -29.54
C THR K 164 81.36 14.82 -28.14
N MET K 165 80.23 14.19 -27.82
CA MET K 165 79.64 14.38 -26.51
C MET K 165 80.46 13.70 -25.42
N LEU K 166 80.98 12.51 -25.71
CA LEU K 166 81.82 11.81 -24.74
C LEU K 166 83.08 12.60 -24.45
N SER K 167 83.59 13.33 -25.44
CA SER K 167 84.73 14.22 -25.21
C SER K 167 84.36 15.34 -24.25
N GLN K 168 83.14 15.88 -24.38
CA GLN K 168 82.69 16.92 -23.46
C GLN K 168 82.59 16.40 -22.03
N LEU K 169 82.07 15.18 -21.87
CA LEU K 169 81.93 14.60 -20.53
C LEU K 169 83.27 14.37 -19.87
N TYR K 170 84.27 13.92 -20.64
CA TYR K 170 85.59 13.69 -20.07
C TYR K 170 86.28 15.01 -19.74
N ASP K 171 86.02 16.05 -20.54
CA ASP K 171 86.61 17.36 -20.27
C ASP K 171 86.14 17.94 -18.95
N LEU K 172 84.99 17.51 -18.45
CA LEU K 172 84.53 17.90 -17.12
C LEU K 172 85.02 16.92 -16.06
N PHE K 173 84.97 15.62 -16.38
CA PHE K 173 85.38 14.60 -15.43
C PHE K 173 86.86 14.73 -15.09
N GLU K 174 87.71 14.97 -16.10
CA GLU K 174 89.13 15.13 -15.87
C GLU K 174 89.50 16.49 -15.30
N LYS K 175 88.69 17.53 -15.56
CA LYS K 175 89.13 18.90 -15.34
C LYS K 175 88.15 19.75 -14.54
N GLY K 176 86.87 19.39 -14.43
CA GLY K 176 85.91 20.25 -13.77
C GLY K 176 86.24 20.45 -12.30
N ASP K 177 86.00 21.67 -11.82
CA ASP K 177 86.24 22.00 -10.42
C ASP K 177 85.23 21.35 -9.49
N SER K 178 83.98 21.26 -9.91
CA SER K 178 82.92 20.67 -9.10
C SER K 178 82.94 19.16 -9.27
N ASN K 179 82.76 18.44 -8.16
CA ASN K 179 82.82 16.98 -8.18
C ASN K 179 81.47 16.33 -8.48
N ILE K 180 80.40 17.11 -8.58
CA ILE K 180 79.09 16.62 -9.00
C ILE K 180 78.81 17.13 -10.39
N ILE K 181 78.62 16.20 -11.33
CA ILE K 181 78.44 16.53 -12.74
C ILE K 181 77.06 16.09 -13.18
N GLY K 182 76.35 16.97 -13.87
CA GLY K 182 75.02 16.65 -14.34
C GLY K 182 74.91 16.68 -15.84
N VAL K 183 74.26 15.66 -16.41
CA VAL K 183 74.00 15.57 -17.85
C VAL K 183 72.50 15.55 -18.04
N TRP K 184 71.99 16.44 -18.89
CA TRP K 184 70.55 16.53 -19.11
C TRP K 184 70.23 16.58 -20.59
N GLY K 185 69.04 16.11 -20.93
CA GLY K 185 68.55 16.06 -22.30
C GLY K 185 67.20 15.38 -22.39
N GLN K 186 66.50 15.56 -23.51
CA GLN K 186 65.18 14.95 -23.67
C GLN K 186 65.29 13.44 -23.72
N GLY K 187 64.17 12.76 -23.52
CA GLY K 187 64.16 11.32 -23.52
C GLY K 187 64.62 10.71 -24.82
N GLY K 188 65.66 9.90 -24.77
CA GLY K 188 66.13 9.19 -25.94
C GLY K 188 67.35 9.77 -26.64
N VAL K 189 67.91 10.87 -26.13
CA VAL K 189 69.11 11.42 -26.77
C VAL K 189 70.32 10.54 -26.57
N GLY K 190 70.37 9.73 -25.52
CA GLY K 190 71.50 8.87 -25.28
C GLY K 190 72.19 9.11 -23.95
N LYS K 191 71.45 9.62 -22.96
CA LYS K 191 72.04 9.88 -21.66
C LYS K 191 72.51 8.59 -21.00
N THR K 192 71.63 7.58 -20.94
CA THR K 192 72.02 6.28 -20.38
C THR K 192 73.11 5.63 -21.20
N THR K 193 72.96 5.66 -22.53
CA THR K 193 73.98 5.06 -23.40
C THR K 193 75.32 5.79 -23.25
N LEU K 194 75.27 7.08 -22.94
CA LEU K 194 76.51 7.81 -22.65
C LEU K 194 77.20 7.24 -21.43
N LEU K 195 76.43 6.92 -20.39
CA LEU K 195 77.02 6.33 -19.19
C LEU K 195 77.60 4.96 -19.49
N HIS K 196 76.91 4.14 -20.30
CA HIS K 196 77.44 2.83 -20.64
C HIS K 196 78.76 2.94 -21.41
N VAL K 197 78.84 3.91 -22.33
CA VAL K 197 80.09 4.06 -23.07
C VAL K 197 81.12 4.82 -22.25
N PHE K 198 80.67 5.64 -21.29
CA PHE K 198 81.61 6.30 -20.39
C PHE K 198 82.19 5.31 -19.40
N ASN K 199 81.35 4.47 -18.81
CA ASN K 199 81.81 3.49 -17.84
C ASN K 199 82.75 2.48 -18.49
N ASN K 200 82.40 2.01 -19.69
CA ASN K 200 83.24 1.03 -20.38
C ASN K 200 84.53 1.67 -20.88
N ASP K 201 84.53 2.99 -21.07
CA ASP K 201 85.75 3.67 -21.50
C ASP K 201 86.75 3.83 -20.37
N LEU K 202 86.27 3.88 -19.11
CA LEU K 202 87.18 4.03 -17.98
C LEU K 202 88.10 2.83 -17.81
N GLU K 203 87.62 1.62 -18.10
CA GLU K 203 88.45 0.43 -17.99
C GLU K 203 89.55 0.38 -19.04
N LYS K 204 89.51 1.26 -20.05
CA LYS K 204 90.57 1.36 -21.05
C LYS K 204 91.67 2.32 -20.65
N LYS K 205 91.32 3.49 -20.11
CA LYS K 205 92.33 4.47 -19.73
C LYS K 205 92.89 4.17 -18.35
N ALA K 206 93.81 5.04 -17.93
CA ALA K 206 94.40 4.98 -16.60
C ALA K 206 93.82 6.09 -15.74
N HIS K 207 93.39 5.74 -14.53
CA HIS K 207 92.76 6.70 -13.63
C HIS K 207 93.06 6.29 -12.20
N ASP K 208 92.93 7.25 -11.29
CA ASP K 208 93.23 7.05 -9.88
C ASP K 208 92.06 6.52 -9.08
N TYR K 209 90.88 6.41 -9.68
CA TYR K 209 89.70 6.02 -8.94
C TYR K 209 89.71 4.52 -8.63
N GLN K 210 88.99 4.15 -7.58
CA GLN K 210 89.03 2.79 -7.07
C GLN K 210 87.76 1.99 -7.32
N VAL K 211 86.60 2.64 -7.41
CA VAL K 211 85.35 1.98 -7.74
C VAL K 211 84.54 2.88 -8.66
N VAL K 212 83.93 2.28 -9.67
CA VAL K 212 83.01 2.97 -10.57
C VAL K 212 81.66 2.27 -10.46
N ILE K 213 80.69 2.93 -9.85
CA ILE K 213 79.40 2.33 -9.54
C ILE K 213 78.35 2.95 -10.45
N PHE K 214 77.56 2.09 -11.10
CA PHE K 214 76.45 2.52 -11.94
C PHE K 214 75.15 2.16 -11.23
N ILE K 215 74.38 3.18 -10.88
CA ILE K 215 73.15 3.01 -10.10
C ILE K 215 71.98 3.49 -10.93
N GLU K 216 70.90 2.71 -10.95
CA GLU K 216 69.70 3.07 -11.70
C GLU K 216 68.65 3.60 -10.73
N VAL K 217 68.40 4.91 -10.79
CA VAL K 217 67.28 5.48 -10.06
C VAL K 217 66.04 5.56 -10.94
N SER K 218 66.15 5.18 -12.21
CA SER K 218 65.05 5.21 -13.16
C SER K 218 63.92 4.28 -12.75
N ASN K 219 64.21 3.35 -11.84
CA ASN K 219 63.20 2.36 -11.43
C ASN K 219 61.95 3.04 -10.89
N SER K 220 62.11 4.11 -10.12
CA SER K 220 60.97 4.81 -9.56
C SER K 220 61.38 6.23 -9.19
N GLU K 221 60.36 7.07 -8.96
CA GLU K 221 60.60 8.38 -8.41
C GLU K 221 60.52 8.37 -6.89
N ALA K 222 60.16 7.24 -6.30
CA ALA K 222 60.05 7.11 -4.86
C ALA K 222 61.39 6.81 -4.19
N LEU K 223 62.47 6.69 -4.95
CA LEU K 223 63.79 6.41 -4.39
C LEU K 223 63.80 5.11 -3.61
N ASN K 224 63.63 3.98 -4.30
CA ASN K 224 63.61 2.69 -3.63
C ASN K 224 65.02 2.38 -3.10
N THR K 225 65.23 2.79 -1.85
CA THR K 225 66.57 2.86 -1.28
C THR K 225 67.25 1.50 -1.23
N VAL K 226 66.47 0.43 -1.04
CA VAL K 226 67.06 -0.86 -0.67
C VAL K 226 68.01 -1.38 -1.75
N GLU K 227 67.55 -1.40 -3.01
CA GLU K 227 68.39 -1.99 -4.05
C GLU K 227 69.45 -1.01 -4.54
N ILE K 228 69.35 0.27 -4.19
CA ILE K 228 70.48 1.17 -4.41
C ILE K 228 71.61 0.84 -3.44
N GLN K 229 71.26 0.57 -2.18
CA GLN K 229 72.26 0.16 -1.20
C GLN K 229 72.79 -1.23 -1.52
N GLN K 230 71.95 -2.10 -2.10
CA GLN K 230 72.42 -3.40 -2.54
C GLN K 230 73.47 -3.27 -3.63
N THR K 231 73.26 -2.33 -4.56
CA THR K 231 74.23 -2.13 -5.63
C THR K 231 75.55 -1.60 -5.09
N ILE K 232 75.50 -0.66 -4.14
CA ILE K 232 76.72 -0.09 -3.58
C ILE K 232 77.46 -1.12 -2.73
N SER K 233 76.73 -1.82 -1.87
CA SER K 233 77.37 -2.81 -1.00
C SER K 233 77.97 -3.96 -1.80
N GLU K 234 77.24 -4.44 -2.82
CA GLU K 234 77.78 -5.48 -3.69
C GLU K 234 79.02 -4.98 -4.43
N ARG K 235 79.05 -3.70 -4.77
CA ARG K 235 80.18 -3.12 -5.48
C ARG K 235 81.34 -2.76 -4.56
N LEU K 236 81.11 -2.72 -3.25
CA LEU K 236 82.16 -2.43 -2.28
C LEU K 236 82.65 -3.69 -1.56
N ASN K 237 82.26 -4.87 -2.03
CA ASN K 237 82.62 -6.14 -1.40
C ASN K 237 82.17 -6.20 0.05
N LEU K 238 81.01 -5.61 0.34
CA LEU K 238 80.47 -5.62 1.69
C LEU K 238 79.44 -6.74 1.86
N PRO K 239 79.35 -7.29 3.07
CA PRO K 239 78.28 -8.28 3.32
C PRO K 239 76.93 -7.59 3.43
N TRP K 240 75.90 -8.27 2.94
CA TRP K 240 74.55 -7.71 2.93
C TRP K 240 73.83 -8.16 4.20
N ASN K 241 73.79 -7.27 5.19
CA ASN K 241 73.03 -7.51 6.42
C ASN K 241 71.59 -7.11 6.15
N ASP K 242 70.76 -8.10 5.82
CA ASP K 242 69.42 -7.83 5.33
C ASP K 242 68.55 -7.13 6.38
N ALA K 243 68.68 -7.54 7.64
CA ALA K 243 67.82 -7.01 8.69
C ALA K 243 68.28 -5.65 9.21
N GLU K 244 69.43 -5.15 8.75
CA GLU K 244 69.91 -3.86 9.21
C GLU K 244 68.97 -2.75 8.74
N PRO K 245 68.64 -1.79 9.60
CA PRO K 245 67.78 -0.68 9.18
C PRO K 245 68.46 0.19 8.13
N ILE K 246 67.62 0.81 7.29
CA ILE K 246 68.13 1.60 6.17
C ILE K 246 68.96 2.77 6.68
N ALA K 247 68.51 3.43 7.74
CA ALA K 247 69.22 4.58 8.27
C ALA K 247 70.60 4.19 8.79
N LYS K 248 70.71 3.02 9.42
CA LYS K 248 72.01 2.57 9.92
C LYS K 248 72.96 2.22 8.78
N ARG K 249 72.44 1.57 7.74
CA ARG K 249 73.28 1.25 6.58
C ARG K 249 73.77 2.52 5.89
N ALA K 250 72.89 3.52 5.77
CA ALA K 250 73.28 4.77 5.12
C ALA K 250 74.45 5.42 5.84
N ARG K 251 74.45 5.39 7.17
CA ARG K 251 75.60 5.88 7.93
C ARG K 251 76.82 5.01 7.69
N PHE K 252 76.62 3.71 7.49
CA PHE K 252 77.74 2.80 7.26
C PHE K 252 78.35 3.03 5.88
N LEU K 253 77.50 3.14 4.85
CA LEU K 253 78.01 3.33 3.49
C LEU K 253 78.74 4.65 3.34
N ILE K 254 78.31 5.69 4.06
CA ILE K 254 79.01 6.97 4.01
C ILE K 254 80.45 6.80 4.48
N LYS K 255 80.65 6.04 5.56
CA LYS K 255 82.00 5.76 6.02
C LYS K 255 82.76 4.87 5.04
N ALA K 256 82.07 3.86 4.49
CA ALA K 256 82.72 2.94 3.56
C ALA K 256 83.15 3.65 2.28
N LEU K 257 82.25 4.46 1.71
CA LEU K 257 82.57 5.16 0.47
C LEU K 257 83.57 6.29 0.72
N GLY K 258 83.61 6.82 1.94
CA GLY K 258 84.55 7.88 2.26
C GLY K 258 86.00 7.44 2.27
N ARG K 259 86.25 6.12 2.31
CA ARG K 259 87.60 5.61 2.32
C ARG K 259 88.16 5.37 0.92
N LYS K 260 87.35 5.53 -0.12
CA LYS K 260 87.75 5.21 -1.49
C LYS K 260 87.45 6.37 -2.42
N ARG K 261 88.26 6.48 -3.47
CA ARG K 261 88.02 7.45 -4.53
C ARG K 261 87.01 6.89 -5.52
N PHE K 262 85.72 7.13 -5.27
CA PHE K 262 84.67 6.49 -6.04
C PHE K 262 84.19 7.38 -7.19
N VAL K 263 83.58 6.73 -8.19
CA VAL K 263 82.81 7.40 -9.22
C VAL K 263 81.45 6.72 -9.28
N ILE K 264 80.39 7.48 -9.03
CA ILE K 264 79.04 6.95 -9.03
C ILE K 264 78.29 7.57 -10.21
N LEU K 265 77.83 6.72 -11.12
CA LEU K 265 77.04 7.14 -12.27
C LEU K 265 75.58 6.96 -11.91
N LEU K 266 74.87 8.06 -11.73
CA LEU K 266 73.51 8.07 -11.20
C LEU K 266 72.57 8.26 -12.37
N ASP K 267 71.88 7.20 -12.78
CA ASP K 267 71.15 7.18 -14.05
C ASP K 267 69.69 7.55 -13.84
N ASP K 268 69.26 8.58 -14.58
CA ASP K 268 67.84 8.93 -14.73
C ASP K 268 67.18 9.20 -13.37
N VAL K 269 67.68 10.23 -12.70
CA VAL K 269 67.01 10.72 -11.50
C VAL K 269 65.85 11.60 -11.90
N ARG K 270 64.69 11.37 -11.29
CA ARG K 270 63.47 12.08 -11.64
C ARG K 270 62.98 13.03 -10.55
N LYS K 271 63.50 12.91 -9.33
CA LYS K 271 63.21 13.85 -8.26
C LYS K 271 64.49 14.12 -7.48
N LYS K 272 64.51 15.26 -6.80
CA LYS K 272 65.60 15.55 -5.88
C LYS K 272 65.55 14.58 -4.70
N PHE K 273 66.68 13.96 -4.41
CA PHE K 273 66.78 13.06 -3.26
C PHE K 273 68.09 13.32 -2.54
N CYS K 274 68.11 13.01 -1.25
CA CYS K 274 69.27 13.27 -0.40
C CYS K 274 70.24 12.11 -0.53
N LEU K 275 71.49 12.42 -0.87
CA LEU K 275 72.50 11.39 -1.06
C LEU K 275 72.85 10.71 0.26
N GLU K 276 72.98 11.49 1.34
CA GLU K 276 73.34 10.91 2.63
C GLU K 276 72.26 9.99 3.19
N ASP K 277 71.02 10.11 2.74
CA ASP K 277 69.97 9.20 3.20
C ASP K 277 70.00 7.88 2.45
N VAL K 278 70.67 7.82 1.30
CA VAL K 278 70.81 6.57 0.57
C VAL K 278 72.17 5.92 0.82
N GLY K 279 73.08 6.60 1.50
CA GLY K 279 74.39 6.07 1.79
C GLY K 279 75.52 6.72 1.01
N ILE K 280 75.25 7.46 -0.05
CA ILE K 280 76.28 8.10 -0.85
C ILE K 280 76.72 9.40 -0.18
N PRO K 281 78.01 9.57 0.11
CA PRO K 281 78.48 10.87 0.61
C PRO K 281 78.63 11.84 -0.55
N THR K 282 78.17 13.07 -0.35
CA THR K 282 78.32 14.08 -1.39
C THR K 282 79.80 14.42 -1.55
N PRO K 283 80.36 14.32 -2.74
CA PRO K 283 81.78 14.66 -2.91
C PRO K 283 82.01 16.15 -2.79
N ASP K 284 83.17 16.49 -2.22
CA ASP K 284 83.54 17.89 -2.02
C ASP K 284 84.91 18.13 -2.64
N ILE K 285 85.35 19.39 -2.59
CA ILE K 285 86.61 19.77 -3.22
C ILE K 285 87.78 19.03 -2.60
N ASN K 286 87.74 18.81 -1.28
CA ASN K 286 88.82 18.10 -0.59
C ASN K 286 88.96 16.66 -1.06
N SER K 287 87.89 16.03 -1.55
CA SER K 287 87.92 14.64 -1.98
C SER K 287 88.05 14.57 -3.49
N GLN K 288 88.70 13.51 -3.95
CA GLN K 288 88.88 13.28 -5.38
C GLN K 288 87.67 12.59 -6.01
N SER K 289 86.74 12.10 -5.19
CA SER K 289 85.61 11.35 -5.71
C SER K 289 84.72 12.21 -6.60
N LYS K 290 84.08 11.57 -7.57
CA LYS K 290 83.18 12.24 -8.50
C LYS K 290 81.81 11.60 -8.41
N LEU K 291 80.81 12.28 -8.97
CA LEU K 291 79.44 11.80 -9.00
C LEU K 291 78.77 12.38 -10.23
N ILE K 292 78.40 11.52 -11.18
CA ILE K 292 77.79 11.93 -12.43
C ILE K 292 76.34 11.47 -12.43
N LEU K 293 75.41 12.40 -12.60
CA LEU K 293 73.99 12.10 -12.63
C LEU K 293 73.37 12.59 -13.92
N THR K 294 72.45 11.81 -14.46
CA THR K 294 71.73 12.15 -15.67
C THR K 294 70.24 12.24 -15.38
N SER K 295 69.58 13.18 -16.05
CA SER K 295 68.15 13.39 -15.86
C SER K 295 67.62 14.15 -17.07
N ARG K 296 66.31 14.04 -17.29
CA ARG K 296 65.65 14.80 -18.33
C ARG K 296 65.42 16.26 -17.95
N TYR K 297 65.49 16.58 -16.67
CA TYR K 297 65.09 17.89 -16.15
C TYR K 297 66.32 18.66 -15.68
N ARG K 298 66.50 19.87 -16.20
CA ARG K 298 67.55 20.73 -15.69
C ARG K 298 67.26 21.17 -14.26
N GLU K 299 65.98 21.22 -13.87
CA GLU K 299 65.64 21.59 -12.51
C GLU K 299 66.16 20.58 -11.50
N VAL K 300 66.09 19.30 -11.84
CA VAL K 300 66.61 18.27 -10.93
C VAL K 300 68.13 18.37 -10.82
N CYS K 301 68.83 18.58 -11.94
CA CYS K 301 70.28 18.71 -11.88
C CYS K 301 70.71 19.95 -11.11
N PHE K 302 69.87 21.00 -11.10
CA PHE K 302 70.17 22.17 -10.27
C PHE K 302 69.90 21.88 -8.80
N GLN K 303 68.87 21.11 -8.51
CA GLN K 303 68.53 20.81 -7.12
C GLN K 303 69.60 19.93 -6.47
N MET K 304 70.25 19.07 -7.26
CA MET K 304 71.29 18.18 -6.75
C MET K 304 72.68 18.82 -6.77
N ASN K 305 72.77 20.15 -6.77
CA ASN K 305 74.02 20.87 -6.65
C ASN K 305 74.97 20.62 -7.82
N ALA K 306 74.43 20.38 -9.01
CA ALA K 306 75.24 20.19 -10.21
C ALA K 306 75.17 21.37 -11.17
N GLN K 307 74.84 22.57 -10.66
CA GLN K 307 74.64 23.72 -11.54
C GLN K 307 75.92 24.14 -12.24
N ARG K 308 77.05 24.07 -11.56
CA ARG K 308 78.30 24.57 -12.12
C ARG K 308 78.96 23.60 -13.08
N SER K 309 78.44 22.38 -13.24
CA SER K 309 79.01 21.39 -14.14
C SER K 309 77.93 20.72 -14.98
N LEU K 310 77.04 21.51 -15.56
CA LEU K 310 75.94 20.95 -16.35
C LEU K 310 76.35 20.75 -17.80
N ILE K 311 75.94 19.63 -18.37
CA ILE K 311 76.16 19.30 -19.76
C ILE K 311 74.82 18.98 -20.40
N GLU K 312 74.58 19.53 -21.59
CA GLU K 312 73.35 19.30 -22.32
C GLU K 312 73.57 18.23 -23.38
N MET K 313 72.77 17.17 -23.34
CA MET K 313 72.89 16.06 -24.29
C MET K 313 72.07 16.40 -25.53
N GLN K 314 72.76 16.87 -26.54
CA GLN K 314 72.10 17.35 -27.76
C GLN K 314 71.78 16.18 -28.69
N ILE K 315 70.85 16.44 -29.61
CA ILE K 315 70.45 15.41 -30.57
C ILE K 315 71.60 15.10 -31.54
N LEU K 316 71.46 13.99 -32.25
CA LEU K 316 72.49 13.54 -33.16
C LEU K 316 72.58 14.44 -34.38
N GLY K 317 73.76 14.49 -34.98
CA GLY K 317 73.97 15.33 -36.13
C GLY K 317 73.29 14.79 -37.37
N ASN K 318 73.32 15.60 -38.44
CA ASN K 318 72.65 15.23 -39.68
C ASN K 318 73.26 13.98 -40.29
N ASP K 319 74.59 13.89 -40.33
CA ASP K 319 75.24 12.75 -40.96
C ASP K 319 75.13 11.49 -40.10
N ALA K 320 75.36 11.64 -38.79
CA ALA K 320 75.36 10.48 -37.91
C ALA K 320 73.96 9.92 -37.71
N SER K 321 72.93 10.76 -37.81
CA SER K 321 71.56 10.28 -37.74
C SER K 321 71.20 9.41 -38.94
N TRP K 322 71.87 9.59 -40.07
CA TRP K 322 71.58 8.79 -41.25
C TRP K 322 72.21 7.40 -41.15
N GLU K 323 73.51 7.34 -40.86
CA GLU K 323 74.18 6.05 -40.77
C GLU K 323 73.70 5.23 -39.58
N LEU K 324 73.09 5.85 -38.58
CA LEU K 324 72.38 5.11 -37.55
C LEU K 324 71.12 4.48 -38.13
N PHE K 325 70.42 5.23 -38.99
CA PHE K 325 69.24 4.70 -39.65
C PHE K 325 69.61 3.57 -40.61
N LEU K 326 70.76 3.70 -41.28
CA LEU K 326 71.19 2.67 -42.24
C LEU K 326 71.43 1.34 -41.53
N SER K 327 72.07 1.36 -40.36
CA SER K 327 72.39 0.13 -39.66
C SER K 327 71.14 -0.58 -39.15
N LYS K 328 70.00 0.11 -39.12
CA LYS K 328 68.76 -0.47 -38.62
C LYS K 328 67.98 -1.21 -39.71
N LEU K 329 68.40 -1.13 -40.96
CA LEU K 329 67.67 -1.75 -42.06
C LEU K 329 68.25 -3.12 -42.40
N SER K 330 67.40 -3.98 -42.96
CA SER K 330 67.83 -5.31 -43.34
C SER K 330 68.82 -5.24 -44.51
N THR K 331 69.43 -6.40 -44.81
CA THR K 331 70.46 -6.44 -45.84
C THR K 331 69.91 -6.07 -47.21
N GLU K 332 68.77 -6.64 -47.59
CA GLU K 332 68.20 -6.35 -48.89
C GLU K 332 67.60 -4.95 -48.94
N THR K 333 66.95 -4.52 -47.86
CA THR K 333 66.39 -3.18 -47.82
C THR K 333 67.49 -2.11 -47.87
N SER K 334 68.59 -2.34 -47.16
CA SER K 334 69.69 -1.38 -47.16
C SER K 334 70.28 -1.23 -48.56
N ALA K 335 70.38 -2.34 -49.30
CA ALA K 335 70.95 -2.29 -50.64
C ALA K 335 70.14 -1.42 -51.59
N ALA K 336 68.88 -1.13 -51.26
CA ALA K 336 68.09 -0.23 -52.07
C ALA K 336 68.46 1.24 -51.84
N VAL K 337 68.79 1.60 -50.61
CA VAL K 337 69.12 2.98 -50.27
C VAL K 337 70.62 3.19 -50.05
N GLU K 338 71.41 2.12 -49.96
CA GLU K 338 72.86 2.28 -49.88
C GLU K 338 73.51 2.91 -51.11
N PRO K 339 73.18 2.54 -52.36
CA PRO K 339 74.07 2.85 -53.48
C PRO K 339 74.38 4.34 -53.62
N LEU K 340 75.62 4.63 -53.97
CA LEU K 340 76.11 5.99 -54.12
C LEU K 340 76.49 6.22 -55.58
N GLY K 341 76.96 7.44 -55.87
CA GLY K 341 77.28 7.81 -57.23
C GLY K 341 76.02 8.12 -58.01
N SER K 342 75.21 7.09 -58.28
CA SER K 342 73.91 7.30 -58.86
C SER K 342 72.92 7.76 -57.79
N GLN K 343 71.85 8.41 -58.25
CA GLN K 343 70.82 8.91 -57.35
C GLN K 343 69.47 8.31 -57.74
N SER K 344 68.72 7.91 -56.71
CA SER K 344 67.42 7.28 -56.90
C SER K 344 66.43 7.89 -55.94
N ALA K 345 65.15 7.83 -56.31
CA ALA K 345 64.10 8.42 -55.48
C ALA K 345 63.96 7.69 -54.15
N THR K 346 64.28 6.40 -54.11
CA THR K 346 64.17 5.65 -52.87
C THR K 346 65.11 6.19 -51.81
N ARG K 347 66.31 6.64 -52.21
CA ARG K 347 67.22 7.27 -51.27
C ARG K 347 66.61 8.54 -50.68
N GLU K 348 65.97 9.35 -51.53
CA GLU K 348 65.36 10.59 -51.05
C GLU K 348 64.16 10.30 -50.16
N HIS K 349 63.45 9.20 -50.42
CA HIS K 349 62.33 8.83 -49.57
C HIS K 349 62.81 8.30 -48.23
N ALA K 350 63.90 7.53 -48.23
CA ALA K 350 64.45 7.02 -46.97
C ALA K 350 64.96 8.15 -46.09
N MET K 351 65.66 9.11 -46.70
CA MET K 351 66.19 10.23 -45.92
C MET K 351 65.07 11.08 -45.33
N LYS K 352 63.99 11.27 -46.09
CA LYS K 352 62.86 12.05 -45.57
C LYS K 352 62.27 11.40 -44.32
N ILE K 353 62.29 10.07 -44.25
CA ILE K 353 61.86 9.39 -43.03
C ILE K 353 62.87 9.61 -41.91
N ALA K 354 64.16 9.55 -42.25
CA ALA K 354 65.20 9.76 -41.25
C ALA K 354 65.16 11.17 -40.67
N GLN K 355 64.94 12.16 -41.52
CA GLN K 355 64.87 13.54 -41.04
C GLN K 355 63.67 13.77 -40.14
N SER K 356 62.61 12.99 -40.31
CA SER K 356 61.42 13.13 -39.48
C SER K 356 61.65 12.68 -38.05
N CYS K 357 62.74 11.96 -37.77
CA CYS K 357 63.06 11.55 -36.41
C CYS K 357 63.77 12.64 -35.62
N GLY K 358 64.16 13.74 -36.27
CA GLY K 358 64.77 14.84 -35.57
C GLY K 358 66.12 14.53 -34.97
N GLY K 359 66.80 13.50 -35.46
CA GLY K 359 68.09 13.15 -34.89
C GLY K 359 68.02 12.56 -33.50
N LEU K 360 66.85 12.11 -33.06
CA LEU K 360 66.69 11.53 -31.74
C LEU K 360 67.00 10.04 -31.83
N PRO K 361 68.03 9.54 -31.14
CA PRO K 361 68.38 8.11 -31.28
C PRO K 361 67.25 7.16 -30.93
N LEU K 362 66.41 7.51 -29.97
CA LEU K 362 65.28 6.64 -29.62
C LEU K 362 64.31 6.53 -30.80
N ALA K 363 64.05 7.66 -31.47
CA ALA K 363 63.15 7.63 -32.61
C ALA K 363 63.78 6.91 -33.80
N LEU K 364 65.07 7.11 -34.02
CA LEU K 364 65.74 6.46 -35.15
C LEU K 364 65.71 4.95 -35.01
N ASN K 365 65.83 4.44 -33.78
CA ASN K 365 65.78 3.00 -33.57
C ASN K 365 64.38 2.46 -33.82
N VAL K 366 63.37 3.15 -33.30
CA VAL K 366 61.99 2.67 -33.46
C VAL K 366 61.53 2.83 -34.90
N ILE K 367 61.80 4.00 -35.50
CA ILE K 367 61.40 4.22 -36.88
C ILE K 367 62.21 3.36 -37.84
N GLY K 368 63.52 3.26 -37.62
CA GLY K 368 64.35 2.46 -38.50
C GLY K 368 63.99 0.99 -38.49
N THR K 369 63.60 0.46 -37.33
CA THR K 369 63.21 -0.95 -37.25
C THR K 369 61.88 -1.19 -37.95
N ALA K 370 60.95 -0.23 -37.85
CA ALA K 370 59.64 -0.40 -38.46
C ALA K 370 59.75 -0.50 -39.98
N VAL K 371 60.63 0.28 -40.59
CA VAL K 371 60.77 0.31 -42.04
C VAL K 371 61.98 -0.51 -42.46
N ALA K 372 62.44 -1.42 -41.59
CA ALA K 372 63.61 -2.22 -41.91
C ALA K 372 63.33 -3.25 -42.99
N GLY K 373 62.07 -3.50 -43.33
CA GLY K 373 61.73 -4.51 -44.32
C GLY K 373 60.97 -3.97 -45.51
N LEU K 374 61.02 -2.66 -45.72
CA LEU K 374 60.37 -2.04 -46.86
C LEU K 374 61.05 -2.48 -48.14
N GLU K 375 60.26 -2.97 -49.11
CA GLU K 375 60.81 -3.18 -50.43
C GLU K 375 60.83 -1.88 -51.21
N GLU K 376 61.42 -1.92 -52.41
CA GLU K 376 61.70 -0.70 -53.15
C GLU K 376 60.44 0.11 -53.44
N GLY K 377 59.29 -0.57 -53.59
CA GLY K 377 58.08 0.13 -54.01
C GLY K 377 57.33 0.85 -52.92
N GLU K 378 57.62 0.56 -51.65
CA GLU K 378 56.85 1.14 -50.56
C GLU K 378 57.51 2.34 -49.91
N TRP K 379 58.70 2.73 -50.36
CA TRP K 379 59.36 3.91 -49.79
C TRP K 379 58.56 5.18 -50.08
N GLN K 380 58.02 5.30 -51.29
CA GLN K 380 57.29 6.51 -51.68
C GLN K 380 56.06 6.74 -50.81
N SER K 381 55.27 5.71 -50.55
CA SER K 381 54.05 5.87 -49.76
C SER K 381 54.34 5.99 -48.28
N ALA K 382 55.37 5.30 -47.78
CA ALA K 382 55.70 5.37 -46.37
C ALA K 382 56.27 6.74 -46.00
N ALA K 383 57.16 7.27 -46.85
CA ALA K 383 57.79 8.55 -46.57
C ALA K 383 56.79 9.70 -46.56
N ASP K 384 55.71 9.61 -47.34
CA ASP K 384 54.72 10.68 -47.39
C ASP K 384 53.89 10.71 -46.12
N ALA K 385 53.52 9.53 -45.60
CA ALA K 385 52.67 9.48 -44.41
C ALA K 385 53.45 9.83 -43.15
N ILE K 386 54.76 9.55 -43.13
CA ILE K 386 55.56 9.83 -41.95
C ILE K 386 55.73 11.33 -41.75
N ALA K 387 55.57 12.11 -42.81
CA ALA K 387 55.70 13.56 -42.71
C ALA K 387 54.52 14.23 -42.02
N THR K 388 53.41 13.52 -41.86
CA THR K 388 52.21 14.10 -41.27
C THR K 388 51.79 13.42 -39.97
N ASN K 389 51.92 12.10 -39.88
CA ASN K 389 51.49 11.37 -38.69
C ASN K 389 52.42 10.19 -38.46
N MET K 390 52.54 9.80 -37.19
CA MET K 390 53.41 8.69 -36.81
C MET K 390 52.76 7.74 -35.82
N ASP K 391 51.47 7.92 -35.50
CA ASP K 391 50.81 7.09 -34.51
C ASP K 391 50.58 5.66 -34.98
N ASN K 392 50.64 5.41 -36.28
CA ASN K 392 50.27 4.10 -36.83
C ASN K 392 51.45 3.20 -37.16
N ILE K 393 52.66 3.74 -37.24
CA ILE K 393 53.81 2.91 -37.60
C ILE K 393 54.20 2.05 -36.42
N ASP K 394 54.96 0.99 -36.68
CA ASP K 394 55.21 -0.03 -35.67
C ASP K 394 56.14 0.47 -34.58
N GLY K 395 55.74 0.27 -33.32
CA GLY K 395 56.58 0.52 -32.18
C GLY K 395 56.52 1.92 -31.60
N VAL K 396 56.00 2.90 -32.33
CA VAL K 396 55.96 4.27 -31.83
C VAL K 396 54.94 4.40 -30.69
N ASP K 397 53.85 3.63 -30.73
CA ASP K 397 52.83 3.73 -29.69
C ASP K 397 53.40 3.42 -28.31
N GLU K 398 54.51 2.69 -28.23
CA GLU K 398 55.23 2.53 -26.97
C GLU K 398 56.39 3.50 -26.82
N MET K 399 56.89 4.06 -27.92
CA MET K 399 57.92 5.09 -27.84
C MET K 399 57.39 6.33 -27.14
N PHE K 400 56.18 6.78 -27.53
CA PHE K 400 55.56 7.90 -26.83
C PHE K 400 55.24 7.57 -25.39
N GLY K 401 54.94 6.29 -25.11
CA GLY K 401 54.74 5.88 -23.73
C GLY K 401 55.99 6.05 -22.88
N ARG K 402 57.17 5.90 -23.49
CA ARG K 402 58.42 6.12 -22.77
C ARG K 402 58.68 7.61 -22.57
N LEU K 403 58.30 8.43 -23.54
CA LEU K 403 58.49 9.88 -23.41
C LEU K 403 57.33 10.56 -22.69
N LYS K 404 56.24 9.81 -22.42
CA LYS K 404 55.05 10.44 -21.87
C LYS K 404 55.24 10.90 -20.44
N TYR K 405 56.20 10.33 -19.72
CA TYR K 405 56.36 10.66 -18.31
C TYR K 405 56.69 12.13 -18.11
N SER K 406 57.54 12.68 -19.00
CA SER K 406 57.86 14.11 -18.91
C SER K 406 56.62 14.98 -19.03
N PHE K 407 55.56 14.47 -19.67
CA PHE K 407 54.29 15.18 -19.75
C PHE K 407 53.41 14.92 -18.54
N ASP K 408 53.39 13.68 -18.05
CA ASP K 408 52.59 13.37 -16.87
C ASP K 408 53.13 14.05 -15.62
N ARG K 409 54.42 14.38 -15.60
CA ARG K 409 55.01 15.08 -14.47
C ARG K 409 54.43 16.48 -14.31
N LEU K 410 53.93 17.06 -15.40
CA LEU K 410 53.50 18.45 -15.39
C LEU K 410 52.21 18.64 -14.58
N THR K 411 52.02 19.85 -14.09
CA THR K 411 50.76 20.24 -13.50
C THR K 411 49.70 20.39 -14.59
N PRO K 412 48.42 20.31 -14.24
CA PRO K 412 47.38 20.43 -15.28
C PRO K 412 47.44 21.74 -16.06
N THR K 413 47.85 22.84 -15.42
CA THR K 413 48.00 24.09 -16.16
C THR K 413 49.13 24.01 -17.18
N GLN K 414 50.23 23.32 -16.84
CA GLN K 414 51.35 23.20 -17.76
C GLN K 414 51.03 22.24 -18.89
N GLN K 415 50.21 21.22 -18.62
CA GLN K 415 49.84 20.27 -19.66
C GLN K 415 49.05 20.96 -20.77
N GLN K 416 48.11 21.82 -20.40
CA GLN K 416 47.33 22.55 -21.41
C GLN K 416 48.22 23.50 -22.20
N CYS K 417 49.18 24.15 -21.53
CA CYS K 417 50.09 25.05 -22.23
C CYS K 417 50.99 24.30 -23.20
N PHE K 418 51.38 23.07 -22.86
CA PHE K 418 52.18 22.28 -23.78
C PHE K 418 51.37 21.81 -24.97
N LEU K 419 50.15 21.33 -24.72
CA LEU K 419 49.28 20.89 -25.81
C LEU K 419 48.91 22.05 -26.71
N TYR K 420 48.72 23.23 -26.13
CA TYR K 420 48.39 24.41 -26.93
C TYR K 420 49.51 24.77 -27.89
N CYS K 421 50.76 24.53 -27.49
CA CYS K 421 51.90 24.83 -28.35
C CYS K 421 52.00 23.89 -29.54
N THR K 422 51.27 22.77 -29.54
CA THR K 422 51.42 21.77 -30.60
C THR K 422 50.69 22.17 -31.89
N LEU K 423 49.79 23.15 -31.84
CA LEU K 423 49.02 23.51 -33.02
C LEU K 423 49.66 24.63 -33.82
N PHE K 424 50.88 25.02 -33.49
CA PHE K 424 51.65 25.93 -34.33
C PHE K 424 52.34 25.15 -35.45
N PRO K 425 52.69 25.81 -36.55
CA PRO K 425 53.25 25.09 -37.69
C PRO K 425 54.56 24.39 -37.34
N GLU K 426 54.74 23.21 -37.94
CA GLU K 426 55.95 22.44 -37.71
C GLU K 426 57.15 23.14 -38.32
N TYR K 427 58.33 22.92 -37.72
CA TYR K 427 59.58 23.55 -38.10
C TYR K 427 59.54 25.07 -38.02
N GLY K 428 58.64 25.64 -37.22
CA GLY K 428 58.51 27.08 -37.10
C GLY K 428 58.66 27.53 -35.66
N SER K 429 59.60 28.45 -35.44
CA SER K 429 59.79 29.03 -34.12
C SER K 429 58.69 30.03 -33.81
N ILE K 430 58.26 30.04 -32.55
CA ILE K 430 57.21 30.95 -32.09
C ILE K 430 57.74 31.75 -30.92
N SER K 431 57.23 32.97 -30.75
CA SER K 431 57.76 33.88 -29.74
C SER K 431 57.04 33.68 -28.42
N LYS K 432 57.77 33.91 -27.32
CA LYS K 432 57.19 33.75 -25.99
C LYS K 432 56.10 34.79 -25.74
N GLU K 433 56.31 36.02 -26.21
CA GLU K 433 55.33 37.07 -25.98
C GLU K 433 53.99 36.74 -26.62
N GLN K 434 54.02 36.23 -27.86
CA GLN K 434 52.80 35.79 -28.50
C GLN K 434 52.17 34.64 -27.73
N LEU K 435 52.98 33.63 -27.38
CA LEU K 435 52.45 32.43 -26.74
C LEU K 435 51.83 32.74 -25.39
N ILE K 436 52.46 33.60 -24.61
CA ILE K 436 51.89 34.00 -23.32
C ILE K 436 50.62 34.81 -23.54
N GLY K 437 50.58 35.63 -24.60
CA GLY K 437 49.39 36.41 -24.87
C GLY K 437 48.16 35.55 -25.09
N TYR K 438 48.31 34.45 -25.83
CA TYR K 438 47.19 33.53 -26.00
C TYR K 438 46.77 32.91 -24.68
N TRP K 439 47.75 32.54 -23.84
CA TRP K 439 47.44 31.87 -22.59
C TRP K 439 46.71 32.78 -21.62
N LEU K 440 47.05 34.07 -21.58
CA LEU K 440 46.39 35.00 -20.67
C LEU K 440 44.90 35.09 -20.98
N ALA K 441 44.56 35.23 -22.26
CA ALA K 441 43.14 35.32 -22.64
C ALA K 441 42.44 33.97 -22.48
N GLU K 442 43.16 32.87 -22.74
CA GLU K 442 42.56 31.55 -22.63
C GLU K 442 42.12 31.21 -21.22
N GLY K 443 42.67 31.89 -20.22
CA GLY K 443 42.36 31.61 -18.83
C GLY K 443 43.30 30.66 -18.14
N LEU K 444 44.32 30.15 -18.85
CA LEU K 444 45.31 29.29 -18.23
C LEU K 444 46.13 30.05 -17.19
N LEU K 445 46.45 31.31 -17.47
CA LEU K 445 47.17 32.18 -16.55
C LEU K 445 46.17 33.08 -15.84
N LEU K 446 46.28 33.18 -14.52
CA LEU K 446 45.38 34.02 -13.73
C LEU K 446 45.79 35.49 -13.85
N ASN K 447 45.73 35.99 -15.08
CA ASN K 447 46.07 37.36 -15.44
C ASN K 447 47.50 37.73 -15.07
N ASP K 448 48.38 36.76 -14.94
CA ASP K 448 49.77 37.00 -14.56
C ASP K 448 50.67 36.67 -15.75
N SER K 449 51.46 37.66 -16.18
CA SER K 449 52.35 37.44 -17.31
C SER K 449 53.58 36.64 -16.91
N GLU K 450 54.07 36.82 -15.68
CA GLU K 450 55.22 36.06 -15.22
C GLU K 450 54.92 34.56 -15.15
N LYS K 451 53.72 34.21 -14.69
CA LYS K 451 53.35 32.79 -14.63
C LYS K 451 53.43 32.15 -16.01
N GLY K 452 53.17 32.91 -17.07
CA GLY K 452 53.38 32.39 -18.41
C GLY K 452 54.84 32.13 -18.71
N TYR K 453 55.71 33.05 -18.29
CA TYR K 453 57.15 32.85 -18.47
C TYR K 453 57.65 31.67 -17.63
N GLN K 454 57.04 31.47 -16.46
CA GLN K 454 57.41 30.32 -15.62
C GLN K 454 57.08 29.01 -16.31
N ILE K 455 55.89 28.93 -16.92
CA ILE K 455 55.49 27.69 -17.60
C ILE K 455 56.39 27.41 -18.79
N ILE K 456 56.71 28.45 -19.58
CA ILE K 456 57.62 28.27 -20.70
C ILE K 456 58.99 27.82 -20.20
N ARG K 457 59.46 28.45 -19.12
CA ARG K 457 60.74 28.05 -18.54
C ARG K 457 60.69 26.65 -17.95
N SER K 458 59.55 26.27 -17.38
CA SER K 458 59.39 24.91 -16.86
C SER K 458 59.43 23.89 -17.99
N LEU K 459 58.78 24.19 -19.11
CA LEU K 459 58.77 23.26 -20.24
C LEU K 459 60.16 23.15 -20.87
N VAL K 460 60.91 24.26 -20.91
CA VAL K 460 62.26 24.20 -21.45
C VAL K 460 63.15 23.34 -20.58
N SER K 461 62.97 23.40 -19.25
CA SER K 461 63.78 22.58 -18.36
C SER K 461 63.43 21.10 -18.47
N ALA K 462 62.20 20.76 -18.82
CA ALA K 462 61.79 19.38 -19.01
C ALA K 462 62.04 18.89 -20.43
N CYS K 463 62.67 19.72 -21.28
CA CYS K 463 63.01 19.43 -22.66
C CYS K 463 61.79 19.24 -23.55
N LEU K 464 60.60 19.62 -23.08
CA LEU K 464 59.43 19.54 -23.94
C LEU K 464 59.46 20.63 -25.01
N LEU K 465 59.83 21.84 -24.64
CA LEU K 465 60.08 22.92 -25.59
C LEU K 465 61.58 23.15 -25.73
N GLN K 466 61.94 23.97 -26.70
CA GLN K 466 63.33 24.32 -26.95
C GLN K 466 63.44 25.81 -27.21
N VAL K 467 64.38 26.46 -26.53
CA VAL K 467 64.70 27.85 -26.80
C VAL K 467 65.68 27.90 -27.96
N SER K 468 65.29 28.58 -29.04
CA SER K 468 66.09 28.56 -30.24
C SER K 468 65.84 29.83 -31.05
N GLY K 469 66.80 30.19 -31.90
CA GLY K 469 66.66 31.34 -32.75
C GLY K 469 67.83 32.27 -32.57
N SER K 470 67.85 33.33 -33.39
CA SER K 470 68.80 34.41 -33.20
C SER K 470 68.61 35.13 -31.88
N MET K 471 67.44 34.98 -31.27
CA MET K 471 67.14 35.50 -29.94
C MET K 471 66.50 34.39 -29.13
N SER K 472 66.67 34.47 -27.81
CA SER K 472 66.05 33.52 -26.90
C SER K 472 64.57 33.79 -26.67
N SER K 473 64.02 34.83 -27.30
CA SER K 473 62.61 35.15 -27.18
C SER K 473 61.71 34.19 -27.94
N LYS K 474 62.27 33.30 -28.76
CA LYS K 474 61.50 32.35 -29.53
C LYS K 474 61.67 30.95 -28.96
N VAL K 475 60.57 30.20 -28.89
CA VAL K 475 60.59 28.81 -28.47
C VAL K 475 60.06 27.95 -29.62
N LYS K 476 60.46 26.69 -29.61
CA LYS K 476 60.02 25.74 -30.62
C LYS K 476 59.97 24.35 -30.03
N MET K 477 59.32 23.44 -30.74
CA MET K 477 59.13 22.06 -30.30
C MET K 477 59.89 21.12 -31.23
N HIS K 478 60.58 20.14 -30.62
CA HIS K 478 61.22 19.10 -31.41
C HIS K 478 60.16 18.28 -32.13
N HIS K 479 60.52 17.77 -33.32
CA HIS K 479 59.54 17.11 -34.18
C HIS K 479 58.91 15.91 -33.48
N VAL K 480 59.73 15.09 -32.83
CA VAL K 480 59.20 13.92 -32.13
C VAL K 480 58.34 14.34 -30.95
N ILE K 481 58.73 15.40 -30.25
CA ILE K 481 57.92 15.87 -29.13
C ILE K 481 56.59 16.41 -29.61
N ARG K 482 56.57 17.09 -30.77
CA ARG K 482 55.30 17.56 -31.32
C ARG K 482 54.39 16.40 -31.68
N GLN K 483 54.95 15.35 -32.28
CA GLN K 483 54.15 14.16 -32.57
C GLN K 483 53.62 13.52 -31.29
N LEU K 484 54.40 13.60 -30.21
CA LEU K 484 53.91 13.16 -28.91
C LEU K 484 52.75 14.04 -28.46
N GLY K 485 52.84 15.35 -28.69
CA GLY K 485 51.75 16.24 -28.32
C GLY K 485 50.47 15.94 -29.07
N LEU K 486 50.58 15.76 -30.39
CA LEU K 486 49.40 15.38 -31.18
C LEU K 486 48.86 14.03 -30.75
N TRP K 487 49.76 13.08 -30.48
CA TRP K 487 49.33 11.75 -30.06
C TRP K 487 48.61 11.81 -28.71
N LEU K 488 49.07 12.69 -27.81
CA LEU K 488 48.38 12.85 -26.53
C LEU K 488 47.02 13.49 -26.73
N VAL K 489 46.92 14.45 -27.65
CA VAL K 489 45.64 15.09 -27.93
C VAL K 489 44.64 14.07 -28.46
N ASN K 490 45.09 13.22 -29.39
CA ASN K 490 44.21 12.19 -29.93
C ASN K 490 43.78 11.21 -28.86
N LYS K 491 44.65 10.91 -27.90
CA LYS K 491 44.29 10.01 -26.80
C LYS K 491 43.32 10.64 -25.82
N SER K 492 43.23 11.97 -25.78
CA SER K 492 42.35 12.66 -24.85
C SER K 492 40.94 12.73 -25.41
N ASP K 493 40.02 13.19 -24.56
CA ASP K 493 38.61 13.34 -24.91
C ASP K 493 38.25 14.77 -25.30
N THR K 494 39.25 15.61 -25.56
CA THR K 494 39.05 16.99 -26.01
C THR K 494 39.76 17.13 -27.36
N LYS K 495 39.00 16.96 -28.44
CA LYS K 495 39.57 16.94 -29.77
C LYS K 495 40.12 18.30 -30.17
N PHE K 496 41.24 18.29 -30.87
CA PHE K 496 41.80 19.47 -31.51
C PHE K 496 41.71 19.30 -33.03
N LEU K 497 41.59 20.42 -33.73
CA LEU K 497 41.70 20.45 -35.18
C LEU K 497 43.00 21.16 -35.54
N VAL K 498 44.02 20.39 -35.88
CA VAL K 498 45.37 20.92 -36.03
C VAL K 498 45.91 20.63 -37.43
N GLN K 499 45.80 21.60 -38.32
CA GLN K 499 46.42 21.53 -39.65
C GLN K 499 47.15 22.82 -39.98
N PRO K 500 48.20 23.17 -39.24
CA PRO K 500 49.00 24.34 -39.62
C PRO K 500 50.21 23.93 -40.45
N GLY K 501 50.66 24.87 -41.29
CA GLY K 501 51.86 24.67 -42.06
C GLY K 501 51.78 23.50 -43.02
N MET K 502 50.56 23.05 -43.31
CA MET K 502 50.36 21.88 -44.16
C MET K 502 50.25 22.24 -45.64
N ALA K 503 50.47 23.51 -45.98
CA ALA K 503 50.32 23.98 -47.36
C ALA K 503 48.93 23.67 -47.90
N LEU K 504 47.93 23.84 -47.05
CA LEU K 504 46.55 23.58 -47.43
C LEU K 504 46.07 24.63 -48.42
N ASP K 505 45.53 24.18 -49.55
CA ASP K 505 45.03 25.09 -50.58
C ASP K 505 43.56 25.44 -50.39
N ASN K 506 42.85 24.74 -49.52
CA ASN K 506 41.45 25.02 -49.25
C ASN K 506 41.13 24.61 -47.82
N ALA K 507 40.10 25.23 -47.25
CA ALA K 507 39.76 24.99 -45.86
C ALA K 507 39.30 23.54 -45.68
N PRO K 508 39.51 22.96 -44.50
CA PRO K 508 39.03 21.60 -44.25
C PRO K 508 37.52 21.54 -44.18
N SER K 509 36.99 20.33 -44.31
CA SER K 509 35.55 20.12 -44.29
C SER K 509 34.95 20.62 -42.98
N ALA K 510 33.81 21.30 -43.08
CA ALA K 510 33.19 21.92 -41.92
C ALA K 510 32.66 20.89 -40.93
N GLU K 511 32.57 19.62 -41.31
CA GLU K 511 32.10 18.59 -40.38
C GLU K 511 33.13 18.31 -39.31
N GLU K 512 34.43 18.46 -39.62
CA GLU K 512 35.48 18.17 -38.66
C GLU K 512 35.53 19.21 -37.54
N TRP K 513 34.83 20.32 -37.68
CA TRP K 513 34.89 21.41 -36.70
C TRP K 513 33.86 21.27 -35.59
N ASN K 514 33.16 20.14 -35.50
CA ASN K 514 32.03 20.03 -34.59
C ASN K 514 32.49 19.99 -33.12
N GLU K 515 33.25 18.95 -32.76
CA GLU K 515 33.62 18.74 -31.37
C GLU K 515 34.98 19.32 -31.00
N ALA K 516 35.74 19.83 -31.97
CA ALA K 516 37.06 20.35 -31.68
C ALA K 516 36.97 21.61 -30.82
N THR K 517 37.92 21.78 -29.91
CA THR K 517 37.98 22.92 -29.02
C THR K 517 38.99 23.96 -29.46
N ARG K 518 40.09 23.53 -30.08
CA ARG K 518 41.09 24.44 -30.62
C ARG K 518 41.25 24.19 -32.11
N ILE K 519 41.17 25.26 -32.90
CA ILE K 519 41.33 25.19 -34.35
C ILE K 519 42.57 25.96 -34.73
N SER K 520 43.38 25.39 -35.61
CA SER K 520 44.60 26.02 -36.07
C SER K 520 44.85 25.67 -37.52
N ILE K 521 44.80 26.67 -38.40
CA ILE K 521 45.10 26.49 -39.82
C ILE K 521 46.16 27.50 -40.25
N MET K 522 47.05 27.85 -39.33
CA MET K 522 48.12 28.79 -39.61
C MET K 522 48.99 28.32 -40.77
N SER K 523 49.73 29.27 -41.35
CA SER K 523 50.73 29.00 -42.37
C SER K 523 50.14 28.18 -43.52
N ASN K 524 48.99 28.63 -44.02
CA ASN K 524 48.30 27.93 -45.09
C ASN K 524 48.01 28.92 -46.22
N ASN K 525 47.82 28.37 -47.41
CA ASN K 525 47.47 29.15 -48.59
C ASN K 525 45.96 29.25 -48.79
N ILE K 526 45.18 29.25 -47.71
CA ILE K 526 43.73 29.30 -47.81
C ILE K 526 43.32 30.54 -48.59
N THR K 527 42.44 30.35 -49.57
CA THR K 527 41.96 31.44 -50.41
C THR K 527 40.54 31.84 -50.11
N GLU K 528 39.69 30.91 -49.65
CA GLU K 528 38.30 31.21 -49.40
C GLU K 528 37.83 30.42 -48.18
N LEU K 529 37.06 31.10 -47.32
CA LEU K 529 36.47 30.50 -46.13
C LEU K 529 34.98 30.88 -46.16
N SER K 530 34.18 30.01 -46.78
CA SER K 530 32.82 30.37 -47.16
C SER K 530 31.75 29.65 -46.36
N PHE K 531 32.09 28.65 -45.55
CA PHE K 531 31.05 27.95 -44.80
C PHE K 531 30.85 28.60 -43.44
N SER K 532 29.80 28.14 -42.74
CA SER K 532 29.55 28.56 -41.37
C SER K 532 29.63 27.34 -40.46
N PRO K 533 30.70 27.19 -39.67
CA PRO K 533 30.90 25.95 -38.92
C PRO K 533 29.96 25.83 -37.74
N LYS K 534 29.94 24.62 -37.17
CA LYS K 534 29.14 24.31 -35.98
C LYS K 534 29.96 24.38 -34.70
N CYS K 535 30.93 25.30 -34.62
CA CYS K 535 31.90 25.33 -33.54
C CYS K 535 31.30 25.83 -32.23
N LYS K 536 30.55 24.97 -31.55
CA LYS K 536 29.98 25.36 -30.26
C LYS K 536 31.03 25.38 -29.16
N ASN K 537 31.90 24.37 -29.10
CA ASN K 537 32.85 24.21 -28.01
C ASN K 537 34.18 24.90 -28.26
N VAL K 538 34.38 25.49 -29.43
CA VAL K 538 35.68 26.06 -29.78
C VAL K 538 36.03 27.21 -28.85
N THR K 539 37.27 27.21 -28.37
CA THR K 539 37.79 28.30 -27.54
C THR K 539 39.02 28.99 -28.13
N THR K 540 39.43 28.65 -29.35
CA THR K 540 40.61 29.25 -29.96
C THR K 540 40.56 29.09 -31.47
N LEU K 541 40.76 30.19 -32.20
CA LEU K 541 40.87 30.19 -33.65
C LEU K 541 42.15 30.91 -34.03
N LEU K 542 42.99 30.24 -34.83
CA LEU K 542 44.23 30.83 -35.35
C LEU K 542 44.22 30.74 -36.86
N MET K 543 44.54 31.84 -37.53
CA MET K 543 44.64 31.89 -38.99
C MET K 543 45.86 32.69 -39.44
N GLN K 544 46.92 32.70 -38.64
CA GLN K 544 48.10 33.48 -38.97
C GLN K 544 48.72 33.01 -40.27
N ASN K 545 49.29 33.95 -41.03
CA ASN K 545 50.04 33.66 -42.24
C ASN K 545 49.19 32.92 -43.28
N ASN K 546 48.03 33.51 -43.57
CA ASN K 546 47.15 33.06 -44.64
C ASN K 546 47.09 34.19 -45.66
N PRO K 547 48.13 34.34 -46.49
CA PRO K 547 48.23 35.52 -47.36
C PRO K 547 47.08 35.66 -48.36
N ASN K 548 46.52 34.56 -48.83
CA ASN K 548 45.50 34.63 -49.88
C ASN K 548 44.08 34.64 -49.33
N LEU K 549 43.89 34.52 -48.02
CA LEU K 549 42.55 34.51 -47.45
C LEU K 549 42.04 35.94 -47.33
N ASN K 550 41.08 36.31 -48.17
CA ASN K 550 40.50 37.65 -48.15
C ASN K 550 38.98 37.65 -48.14
N LYS K 551 38.33 36.53 -48.47
CA LYS K 551 36.88 36.45 -48.44
C LYS K 551 36.46 35.50 -47.31
N MET K 552 35.58 35.98 -46.44
CA MET K 552 35.09 35.21 -45.31
C MET K 552 33.57 35.26 -45.29
N SER K 553 32.96 34.12 -44.99
CA SER K 553 31.51 34.04 -44.97
C SER K 553 30.94 34.94 -43.87
N TYR K 554 29.96 35.75 -44.22
CA TYR K 554 29.31 36.59 -43.23
C TYR K 554 28.47 35.72 -42.30
N GLY K 555 28.45 36.09 -41.03
CA GLY K 555 27.88 35.21 -40.02
C GLY K 555 28.73 34.00 -39.72
N PHE K 556 30.06 34.13 -39.87
CA PHE K 556 30.96 33.02 -39.60
C PHE K 556 31.01 32.71 -38.11
N PHE K 557 30.96 33.75 -37.27
CA PHE K 557 31.13 33.62 -35.83
C PHE K 557 29.83 33.40 -35.08
N ARG K 558 28.76 32.98 -35.75
CA ARG K 558 27.48 32.80 -35.06
C ARG K 558 27.55 31.72 -34.00
N THR K 559 28.21 30.60 -34.30
CA THR K 559 28.30 29.49 -33.35
C THR K 559 29.44 29.66 -32.35
N MET K 560 30.33 30.63 -32.55
CA MET K 560 31.43 30.87 -31.62
C MET K 560 30.97 31.61 -30.37
N SER K 561 30.17 30.97 -29.52
CA SER K 561 29.67 31.61 -28.30
C SER K 561 30.70 31.51 -27.18
N SER K 562 31.81 30.83 -27.45
CA SER K 562 32.86 30.70 -26.44
C SER K 562 34.26 30.88 -27.00
N LEU K 563 34.41 31.40 -28.23
CA LEU K 563 35.73 31.65 -28.80
C LEU K 563 36.45 32.72 -27.97
N LYS K 564 37.61 32.39 -27.44
CA LYS K 564 38.34 33.31 -26.57
C LYS K 564 39.54 33.95 -27.26
N VAL K 565 40.20 33.23 -28.16
CA VAL K 565 41.35 33.76 -28.88
C VAL K 565 41.05 33.68 -30.38
N LEU K 566 41.24 34.79 -31.08
CA LEU K 566 40.98 34.87 -32.50
C LEU K 566 42.13 35.62 -33.16
N ASP K 567 42.89 34.94 -34.00
CA ASP K 567 44.03 35.52 -34.69
C ASP K 567 43.79 35.49 -36.19
N LEU K 568 43.86 36.66 -36.83
CA LEU K 568 43.77 36.76 -38.28
C LEU K 568 44.97 37.53 -38.81
N SER K 569 46.12 37.38 -38.17
CA SER K 569 47.33 38.08 -38.54
C SER K 569 47.83 37.65 -39.91
N HIS K 570 48.38 38.62 -40.65
CA HIS K 570 48.99 38.38 -41.96
C HIS K 570 47.99 37.74 -42.92
N THR K 571 46.76 38.22 -42.88
CA THR K 571 45.72 37.77 -43.81
C THR K 571 45.40 38.91 -44.76
N ALA K 572 44.67 38.59 -45.82
CA ALA K 572 44.31 39.56 -46.84
C ALA K 572 42.90 40.11 -46.67
N ILE K 573 42.22 39.79 -45.57
CA ILE K 573 40.86 40.27 -45.38
C ILE K 573 40.87 41.78 -45.19
N THR K 574 39.96 42.46 -45.88
CA THR K 574 39.75 43.89 -45.68
C THR K 574 38.53 44.19 -44.81
N SER K 575 37.66 43.21 -44.62
CA SER K 575 36.47 43.38 -43.79
C SER K 575 36.30 42.15 -42.92
N LEU K 576 35.63 42.35 -41.78
CA LEU K 576 35.40 41.27 -40.83
C LEU K 576 33.91 41.01 -40.68
N PRO K 577 33.49 39.75 -40.62
CA PRO K 577 32.06 39.46 -40.40
C PRO K 577 31.59 39.98 -39.04
N GLU K 578 30.29 40.23 -38.93
CA GLU K 578 29.73 40.71 -37.68
C GLU K 578 29.98 39.69 -36.57
N CYS K 579 30.28 40.20 -35.37
CA CYS K 579 30.70 39.33 -34.28
C CYS K 579 29.95 39.60 -32.98
N ASP K 580 28.67 39.96 -33.06
CA ASP K 580 27.89 40.18 -31.86
C ASP K 580 27.71 38.90 -31.03
N ALA K 581 27.91 37.73 -31.64
CA ALA K 581 27.80 36.47 -30.92
C ALA K 581 29.06 36.13 -30.13
N LEU K 582 30.15 36.88 -30.32
CA LEU K 582 31.37 36.64 -29.57
C LEU K 582 31.24 37.23 -28.17
N VAL K 583 30.44 36.59 -27.32
CA VAL K 583 30.16 37.12 -26.00
C VAL K 583 31.34 37.00 -25.06
N ALA K 584 32.28 36.09 -25.33
CA ALA K 584 33.36 35.81 -24.40
C ALA K 584 34.75 36.02 -25.00
N LEU K 585 34.85 36.59 -26.19
CA LEU K 585 36.15 36.82 -26.79
C LEU K 585 36.95 37.81 -25.96
N GLU K 586 38.23 37.47 -25.71
CA GLU K 586 39.12 38.31 -24.92
C GLU K 586 40.37 38.74 -25.66
N HIS K 587 40.78 38.02 -26.70
CA HIS K 587 41.95 38.35 -27.48
C HIS K 587 41.57 38.35 -28.96
N LEU K 588 41.94 39.42 -29.66
CA LEU K 588 41.66 39.53 -31.09
C LEU K 588 42.83 40.25 -31.75
N ASN K 589 43.60 39.52 -32.54
CA ASN K 589 44.79 40.06 -33.19
C ASN K 589 44.50 40.22 -34.68
N LEU K 590 44.77 41.42 -35.20
CA LEU K 590 44.64 41.71 -36.63
C LEU K 590 45.86 42.45 -37.16
N SER K 591 47.06 41.96 -36.86
CA SER K 591 48.27 42.61 -37.36
C SER K 591 48.48 42.27 -38.83
N HIS K 592 49.03 43.24 -39.56
CA HIS K 592 49.50 43.06 -40.93
C HIS K 592 48.40 42.69 -41.92
N THR K 593 47.14 42.79 -41.51
CA THR K 593 46.06 42.50 -42.43
C THR K 593 45.51 43.79 -43.04
N HIS K 594 44.83 43.66 -44.17
CA HIS K 594 44.35 44.80 -44.94
C HIS K 594 42.99 45.32 -44.50
N ILE K 595 42.60 45.07 -43.24
CA ILE K 595 41.34 45.61 -42.75
C ILE K 595 41.41 47.13 -42.79
N MET K 596 40.41 47.75 -43.42
CA MET K 596 40.39 49.20 -43.57
C MET K 596 39.51 49.88 -42.53
N ARG K 597 38.43 49.25 -42.10
CA ARG K 597 37.58 49.78 -41.05
C ARG K 597 37.12 48.62 -40.18
N LEU K 598 36.93 48.91 -38.89
CA LEU K 598 36.60 47.88 -37.92
C LEU K 598 35.12 47.95 -37.60
N PRO K 599 34.37 46.86 -37.71
CA PRO K 599 32.91 46.94 -37.54
C PRO K 599 32.50 47.39 -36.16
N GLU K 600 31.33 48.04 -36.09
CA GLU K 600 30.87 48.65 -34.85
C GLU K 600 30.42 47.63 -33.81
N ARG K 601 30.24 46.36 -34.21
CA ARG K 601 29.84 45.35 -33.24
C ARG K 601 30.92 45.06 -32.21
N LEU K 602 32.17 45.41 -32.53
CA LEU K 602 33.27 45.18 -31.59
C LEU K 602 33.12 45.99 -30.32
N TRP K 603 32.50 47.18 -30.41
CA TRP K 603 32.30 48.00 -29.23
C TRP K 603 31.34 47.40 -28.23
N LEU K 604 30.55 46.40 -28.63
CA LEU K 604 29.63 45.72 -27.72
C LEU K 604 30.21 44.44 -27.14
N LEU K 605 31.45 44.08 -27.49
CA LEU K 605 32.11 42.90 -26.94
C LEU K 605 32.63 43.25 -25.55
N LYS K 606 31.82 42.92 -24.54
CA LYS K 606 32.07 43.39 -23.18
C LYS K 606 33.28 42.71 -22.56
N GLU K 607 33.60 41.49 -23.00
CA GLU K 607 34.66 40.71 -22.35
C GLU K 607 36.04 40.90 -22.99
N LEU K 608 36.16 41.73 -24.02
CA LEU K 608 37.43 41.84 -24.73
C LEU K 608 38.50 42.41 -23.81
N ARG K 609 39.72 41.88 -23.95
CA ARG K 609 40.83 42.25 -23.09
C ARG K 609 42.06 42.73 -23.86
N HIS K 610 42.25 42.27 -25.10
CA HIS K 610 43.39 42.67 -25.91
C HIS K 610 42.98 42.67 -27.37
N LEU K 611 43.20 43.78 -28.05
CA LEU K 611 42.91 43.93 -29.47
C LEU K 611 44.09 44.61 -30.14
N ASP K 612 44.63 43.98 -31.19
CA ASP K 612 45.83 44.45 -31.85
C ASP K 612 45.53 44.70 -33.32
N LEU K 613 45.96 45.86 -33.83
CA LEU K 613 45.88 46.17 -35.25
C LEU K 613 47.19 46.80 -35.76
N SER K 614 48.33 46.29 -35.32
CA SER K 614 49.60 46.86 -35.73
C SER K 614 49.86 46.59 -37.22
N VAL K 615 50.56 47.53 -37.86
CA VAL K 615 50.99 47.40 -39.25
C VAL K 615 49.77 47.18 -40.16
N THR K 616 48.62 47.69 -39.75
CA THR K 616 47.45 47.66 -40.61
C THR K 616 47.54 48.81 -41.61
N VAL K 617 47.97 48.50 -42.83
CA VAL K 617 48.22 49.54 -43.83
C VAL K 617 46.93 50.24 -44.23
N ALA K 618 45.85 49.48 -44.43
CA ALA K 618 44.61 50.06 -44.94
C ALA K 618 43.71 50.61 -43.84
N PHE K 619 44.05 50.39 -42.56
CA PHE K 619 43.16 50.80 -41.48
C PHE K 619 43.07 52.32 -41.42
N GLU K 620 41.84 52.84 -41.54
CA GLU K 620 41.62 54.28 -41.55
C GLU K 620 40.38 54.67 -40.75
N ASP K 621 39.94 53.84 -39.81
CA ASP K 621 38.72 54.06 -39.06
C ASP K 621 39.05 54.73 -37.73
N THR K 622 38.18 55.65 -37.30
CA THR K 622 38.35 56.28 -36.00
C THR K 622 38.06 55.26 -34.89
N MET K 623 38.79 55.39 -33.79
CA MET K 623 38.69 54.46 -32.68
C MET K 623 37.80 55.00 -31.55
N ASN K 624 37.13 56.13 -31.80
CA ASN K 624 36.43 56.88 -30.75
C ASN K 624 35.42 56.03 -29.99
N ASN K 625 34.80 55.05 -30.66
CA ASN K 625 33.81 54.22 -29.97
C ASN K 625 34.43 53.22 -29.01
N CYS K 626 35.74 53.32 -28.74
CA CYS K 626 36.38 52.43 -27.77
C CYS K 626 35.95 52.73 -26.34
N SER K 627 35.29 53.86 -26.10
CA SER K 627 34.83 54.17 -24.75
C SER K 627 33.91 53.11 -24.20
N LYS K 628 33.09 52.48 -25.05
CA LYS K 628 32.24 51.38 -24.63
C LYS K 628 33.02 50.11 -24.32
N LEU K 629 34.30 50.07 -24.67
CA LEU K 629 35.16 48.91 -24.42
C LEU K 629 35.95 49.09 -23.14
N HIS K 630 35.24 49.13 -22.01
CA HIS K 630 35.88 49.46 -20.73
C HIS K 630 36.89 48.41 -20.30
N LYS K 631 36.56 47.13 -20.42
CA LYS K 631 37.35 46.06 -19.81
C LYS K 631 38.69 45.85 -20.51
N LEU K 632 38.88 46.39 -21.70
CA LEU K 632 40.08 46.12 -22.49
C LEU K 632 41.34 46.57 -21.75
N LYS K 633 42.39 45.76 -21.87
CA LYS K 633 43.64 46.03 -21.17
C LYS K 633 44.76 46.50 -22.10
N VAL K 634 44.69 46.15 -23.39
CA VAL K 634 45.78 46.45 -24.32
C VAL K 634 45.21 46.91 -25.66
N LEU K 635 45.77 47.99 -26.19
CA LEU K 635 45.52 48.44 -27.55
C LEU K 635 46.87 48.58 -28.25
N ASN K 636 46.97 48.05 -29.46
CA ASN K 636 48.18 48.18 -30.26
C ASN K 636 47.82 48.68 -31.64
N LEU K 637 48.33 49.87 -32.00
CA LEU K 637 48.20 50.44 -33.33
C LEU K 637 49.54 50.80 -33.92
N PHE K 638 50.61 50.10 -33.55
CA PHE K 638 51.95 50.45 -33.96
C PHE K 638 52.10 50.31 -35.47
N ARG K 639 52.67 51.34 -36.09
CA ARG K 639 52.87 51.46 -37.54
C ARG K 639 51.57 51.40 -38.33
N SER K 640 50.43 51.56 -37.68
CA SER K 640 49.16 51.63 -38.40
C SER K 640 49.05 52.96 -39.12
N HIS K 641 48.39 52.94 -40.28
CA HIS K 641 48.16 54.17 -41.02
C HIS K 641 47.27 55.12 -40.23
N TYR K 642 46.22 54.61 -39.60
CA TYR K 642 45.40 55.44 -38.73
C TYR K 642 46.09 55.63 -37.39
N GLY K 643 45.94 56.83 -36.83
CA GLY K 643 46.48 57.11 -35.51
C GLY K 643 45.90 58.38 -34.95
N ILE K 644 46.69 59.05 -34.11
CA ILE K 644 46.27 60.31 -33.54
C ILE K 644 46.67 61.44 -34.49
N ARG K 645 45.83 61.68 -35.51
CA ARG K 645 46.12 62.71 -36.50
C ARG K 645 45.93 64.10 -35.90
N ASP K 646 45.08 64.21 -34.89
CA ASP K 646 44.78 65.49 -34.26
C ASP K 646 44.29 65.24 -32.85
N VAL K 647 44.19 66.33 -32.07
CA VAL K 647 43.76 66.22 -30.68
C VAL K 647 42.31 65.74 -30.58
N ASP K 648 41.52 65.87 -31.65
CA ASP K 648 40.12 65.48 -31.61
C ASP K 648 39.91 64.02 -31.24
N ASN K 649 40.81 63.13 -31.65
CA ASN K 649 40.68 61.71 -31.36
C ASN K 649 41.44 61.28 -30.12
N LEU K 650 41.95 62.24 -29.34
CA LEU K 650 42.69 61.95 -28.11
C LEU K 650 41.76 61.69 -26.94
N ASN K 651 40.87 60.71 -27.06
CA ASN K 651 39.85 60.43 -26.05
C ASN K 651 40.06 59.07 -25.38
N LEU K 652 41.30 58.59 -25.33
CA LEU K 652 41.57 57.28 -24.74
C LEU K 652 41.62 57.31 -23.22
N ASP K 653 41.33 58.46 -22.59
CA ASP K 653 41.20 58.50 -21.15
C ASP K 653 40.01 57.70 -20.64
N SER K 654 39.08 57.32 -21.52
CA SER K 654 38.00 56.42 -21.14
C SER K 654 38.50 54.99 -20.99
N LEU K 655 39.67 54.66 -21.53
CA LEU K 655 40.25 53.33 -21.40
C LEU K 655 40.94 53.23 -20.02
N LYS K 656 40.11 53.00 -19.01
CA LYS K 656 40.58 53.00 -17.64
C LYS K 656 41.34 51.74 -17.26
N GLU K 657 41.14 50.65 -17.99
CA GLU K 657 41.83 49.39 -17.72
C GLU K 657 43.09 49.20 -18.55
N LEU K 658 43.41 50.14 -19.44
CA LEU K 658 44.51 49.94 -20.37
C LEU K 658 45.84 49.93 -19.64
N LEU K 659 46.75 49.05 -20.09
CA LEU K 659 48.06 48.88 -19.47
C LEU K 659 49.21 49.14 -20.44
N PHE K 660 49.11 48.64 -21.67
CA PHE K 660 50.16 48.78 -22.67
C PHE K 660 49.54 49.24 -23.98
N LEU K 661 50.20 50.18 -24.66
CA LEU K 661 49.68 50.71 -25.91
C LEU K 661 50.82 51.19 -26.79
N GLY K 662 50.63 51.03 -28.10
CA GLY K 662 51.52 51.59 -29.10
C GLY K 662 50.72 52.23 -30.21
N ILE K 663 51.15 53.41 -30.66
CA ILE K 663 50.37 54.16 -31.64
C ILE K 663 51.28 55.04 -32.48
N THR K 664 50.77 55.53 -33.60
CA THR K 664 51.53 56.36 -34.53
C THR K 664 51.23 57.83 -34.25
N ILE K 665 52.29 58.64 -34.14
CA ILE K 665 52.18 60.07 -33.87
C ILE K 665 52.60 60.83 -35.12
N TYR K 666 51.81 61.84 -35.48
CA TYR K 666 52.00 62.56 -36.73
C TYR K 666 52.44 64.01 -36.60
N ALA K 667 52.15 64.69 -35.49
CA ALA K 667 52.36 66.13 -35.46
C ALA K 667 52.88 66.57 -34.10
N GLU K 668 53.62 67.67 -34.11
CA GLU K 668 54.20 68.22 -32.88
C GLU K 668 53.11 68.71 -31.94
N ASP K 669 52.08 69.38 -32.47
CA ASP K 669 51.01 69.90 -31.62
C ASP K 669 50.28 68.80 -30.88
N VAL K 670 50.35 67.57 -31.37
CA VAL K 670 49.84 66.41 -30.64
C VAL K 670 50.86 65.92 -29.63
N LEU K 671 52.15 65.94 -30.00
CA LEU K 671 53.20 65.56 -29.07
C LEU K 671 53.23 66.49 -27.86
N LYS K 672 53.12 67.80 -28.11
CA LYS K 672 53.07 68.75 -27.01
C LYS K 672 51.69 68.81 -26.34
N LYS K 673 50.70 68.13 -26.91
CA LYS K 673 49.46 67.88 -26.19
C LYS K 673 49.58 66.68 -25.25
N LEU K 674 50.64 65.90 -25.39
CA LEU K 674 50.85 64.69 -24.60
C LEU K 674 52.01 64.81 -23.63
N ASN K 675 52.78 65.89 -23.67
CA ASN K 675 53.98 66.02 -22.84
C ASN K 675 53.66 66.43 -21.40
N MET K 676 52.71 65.75 -20.78
CA MET K 676 52.33 65.97 -19.39
C MET K 676 52.08 64.61 -18.76
N PRO K 677 52.26 64.49 -17.44
CA PRO K 677 52.04 63.18 -16.80
C PRO K 677 50.57 62.80 -16.70
N ARG K 678 50.15 61.85 -17.53
CA ARG K 678 48.80 61.33 -17.50
C ARG K 678 48.80 59.96 -18.17
N PRO K 679 47.78 59.13 -17.93
CA PRO K 679 47.82 57.75 -18.46
C PRO K 679 48.01 57.66 -19.97
N LEU K 680 47.42 58.58 -20.74
CA LEU K 680 47.56 58.52 -22.19
C LEU K 680 49.00 58.78 -22.63
N ALA K 681 49.82 59.36 -21.76
CA ALA K 681 51.21 59.62 -22.11
C ALA K 681 52.14 58.52 -21.60
N LYS K 682 51.99 58.14 -20.33
CA LYS K 682 52.95 57.24 -19.70
C LYS K 682 52.74 55.79 -20.13
N SER K 683 51.53 55.41 -20.52
CA SER K 683 51.22 54.02 -20.76
C SER K 683 51.72 53.50 -22.10
N THR K 684 52.26 54.37 -22.95
CA THR K 684 52.72 53.95 -24.27
C THR K 684 54.09 53.28 -24.14
N HIS K 685 54.26 52.16 -24.85
CA HIS K 685 55.53 51.44 -24.78
C HIS K 685 56.37 51.61 -26.04
N ARG K 686 55.76 51.96 -27.17
CA ARG K 686 56.52 52.22 -28.38
C ARG K 686 55.73 53.14 -29.31
N LEU K 687 56.48 53.86 -30.16
CA LEU K 687 55.91 54.86 -31.05
C LEU K 687 56.35 54.62 -32.48
N ASN K 688 55.50 55.01 -33.42
CA ASN K 688 55.86 55.11 -34.83
C ASN K 688 55.62 56.54 -35.29
N LEU K 689 56.57 57.10 -36.04
CA LEU K 689 56.47 58.45 -36.54
C LEU K 689 56.45 58.41 -38.07
N LYS K 690 55.34 58.85 -38.65
CA LYS K 690 55.16 58.81 -40.10
C LYS K 690 54.47 60.10 -40.55
N TYR K 691 54.91 60.61 -41.69
CA TYR K 691 54.39 61.85 -42.26
C TYR K 691 54.54 63.00 -41.26
N CYS K 692 55.76 63.12 -40.72
CA CYS K 692 56.02 64.13 -39.70
C CYS K 692 55.84 65.54 -40.26
N ALA K 693 55.12 66.36 -39.51
CA ALA K 693 54.89 67.75 -39.87
C ALA K 693 55.12 68.63 -38.66
N GLU K 694 56.08 69.56 -38.79
CA GLU K 694 56.49 70.49 -37.74
C GLU K 694 57.31 69.82 -36.63
N MET K 695 58.06 68.78 -36.96
CA MET K 695 59.04 68.20 -36.04
C MET K 695 60.39 68.04 -36.72
N GLN K 696 60.89 69.11 -37.34
CA GLN K 696 62.20 69.08 -37.98
C GLN K 696 63.29 68.60 -37.02
N SER K 697 63.09 68.80 -35.71
CA SER K 697 64.00 68.26 -34.71
C SER K 697 63.18 67.64 -33.58
N ILE K 698 63.78 66.67 -32.91
CA ILE K 698 63.14 66.00 -31.78
C ILE K 698 64.22 65.54 -30.81
N LYS K 699 63.90 65.57 -29.53
CA LYS K 699 64.84 65.23 -28.47
C LYS K 699 64.29 64.07 -27.65
N ILE K 700 65.19 63.20 -27.19
CA ILE K 700 64.77 62.12 -26.30
C ILE K 700 64.28 62.67 -24.97
N SER K 701 64.91 63.75 -24.48
CA SER K 701 64.42 64.39 -23.26
C SER K 701 63.01 64.92 -23.44
N ASP K 702 62.63 65.27 -24.67
CA ASP K 702 61.24 65.65 -24.94
C ASP K 702 60.28 64.47 -24.80
N LEU K 703 60.79 63.25 -24.92
CA LEU K 703 60.00 62.04 -24.74
C LEU K 703 60.01 61.53 -23.30
N SER K 704 60.59 62.30 -22.37
CA SER K 704 60.71 61.84 -20.99
C SER K 704 59.37 61.61 -20.31
N HIS K 705 58.29 62.20 -20.83
CA HIS K 705 56.97 61.95 -20.26
C HIS K 705 56.53 60.51 -20.46
N MET K 706 56.97 59.87 -21.53
CA MET K 706 56.61 58.48 -21.84
C MET K 706 57.48 57.54 -21.00
N GLU K 707 56.90 57.08 -19.88
CA GLU K 707 57.63 56.26 -18.94
C GLU K 707 58.03 54.92 -19.53
N HIS K 708 57.13 54.31 -20.30
CA HIS K 708 57.30 52.93 -20.75
C HIS K 708 57.82 52.80 -22.18
N LEU K 709 58.15 53.92 -22.84
CA LEU K 709 58.59 53.86 -24.23
C LEU K 709 59.84 52.98 -24.35
N GLU K 710 59.83 52.09 -25.34
CA GLU K 710 60.96 51.20 -25.59
C GLU K 710 61.40 51.13 -27.03
N GLU K 711 60.54 51.49 -27.98
CA GLU K 711 60.88 51.40 -29.41
C GLU K 711 60.33 52.61 -30.14
N LEU K 712 61.12 53.14 -31.06
CA LEU K 712 60.71 54.23 -31.94
C LEU K 712 60.88 53.83 -33.39
N TYR K 713 59.87 54.15 -34.21
CA TYR K 713 59.91 53.89 -35.64
C TYR K 713 59.65 55.20 -36.38
N VAL K 714 60.54 55.55 -37.29
CA VAL K 714 60.41 56.76 -38.10
C VAL K 714 60.39 56.33 -39.56
N GLU K 715 59.25 56.51 -40.22
CA GLU K 715 59.08 56.05 -41.59
C GLU K 715 58.40 57.13 -42.42
N SER K 716 58.99 57.43 -43.58
CA SER K 716 58.43 58.38 -44.55
C SER K 716 58.21 59.76 -43.92
N CYS K 717 59.31 60.37 -43.50
CA CYS K 717 59.30 61.72 -42.97
C CYS K 717 60.22 62.60 -43.80
N TYR K 718 59.78 63.83 -44.05
CA TYR K 718 60.48 64.71 -44.98
C TYR K 718 60.86 66.07 -44.40
N ASP K 719 60.32 66.48 -43.26
CA ASP K 719 60.76 67.73 -42.64
C ASP K 719 61.84 67.51 -41.58
N LEU K 720 62.06 66.27 -41.16
CA LEU K 720 63.03 65.99 -40.11
C LEU K 720 64.45 66.30 -40.59
N ASN K 721 65.22 66.97 -39.74
CA ASN K 721 66.61 67.27 -40.03
C ASN K 721 67.57 66.63 -39.05
N THR K 722 67.38 66.84 -37.74
CA THR K 722 68.27 66.31 -36.72
C THR K 722 67.46 65.77 -35.55
N VAL K 723 68.10 64.89 -34.78
CA VAL K 723 67.53 64.31 -33.58
C VAL K 723 68.52 64.46 -32.45
N VAL K 724 68.02 64.72 -31.24
CA VAL K 724 68.86 64.94 -30.07
C VAL K 724 68.75 63.72 -29.16
N ALA K 725 69.90 63.08 -28.92
CA ALA K 725 70.02 62.01 -27.93
C ALA K 725 70.73 62.63 -26.72
N ASP K 726 69.93 63.22 -25.83
CA ASP K 726 70.47 64.02 -24.75
C ASP K 726 71.21 63.14 -23.74
N ALA K 727 72.19 63.75 -23.07
CA ALA K 727 72.92 63.04 -22.02
C ALA K 727 72.05 62.85 -20.78
N GLU K 728 71.06 63.70 -20.56
CA GLU K 728 70.16 63.57 -19.43
C GLU K 728 69.36 62.28 -19.57
N LEU K 729 69.55 61.36 -18.62
CA LEU K 729 68.94 60.05 -18.72
C LEU K 729 67.42 60.15 -18.55
N THR K 730 66.73 59.09 -18.97
CA THR K 730 65.29 59.05 -19.00
C THR K 730 64.79 57.82 -18.27
N THR K 731 63.60 57.94 -17.67
CA THR K 731 62.95 56.78 -17.09
C THR K 731 62.65 55.74 -18.16
N SER K 732 62.24 56.18 -19.34
CA SER K 732 62.06 55.27 -20.46
C SER K 732 63.40 54.65 -20.85
N GLN K 733 63.37 53.37 -21.18
CA GLN K 733 64.57 52.62 -21.54
C GLN K 733 64.41 52.15 -22.99
N LEU K 734 64.95 52.95 -23.92
CA LEU K 734 64.88 52.62 -25.34
C LEU K 734 65.61 51.32 -25.63
N GLN K 735 64.99 50.45 -26.43
CA GLN K 735 65.60 49.17 -26.73
C GLN K 735 65.82 48.94 -28.23
N PHE K 736 64.84 49.29 -29.06
CA PHE K 736 64.93 49.09 -30.50
C PHE K 736 64.55 50.36 -31.23
N LEU K 737 65.25 50.65 -32.32
CA LEU K 737 64.88 51.72 -33.24
C LEU K 737 64.85 51.19 -34.66
N THR K 738 64.05 51.82 -35.51
CA THR K 738 64.02 51.52 -36.93
C THR K 738 63.82 52.82 -37.70
N LEU K 739 64.83 53.22 -38.46
CA LEU K 739 64.77 54.40 -39.30
C LEU K 739 64.57 53.95 -40.74
N SER K 740 63.40 54.30 -41.31
CA SER K 740 63.02 53.80 -42.62
C SER K 740 62.55 54.94 -43.50
N VAL K 741 63.02 54.97 -44.75
CA VAL K 741 62.57 55.90 -45.77
C VAL K 741 62.64 57.33 -45.24
N LEU K 742 63.84 57.80 -44.93
CA LEU K 742 64.00 59.15 -44.41
C LEU K 742 65.04 59.92 -45.23
N PRO K 743 64.70 60.39 -46.44
CA PRO K 743 65.63 61.20 -47.23
C PRO K 743 65.59 62.68 -46.86
N SER K 744 65.49 62.96 -45.56
CA SER K 744 65.58 64.33 -45.06
C SER K 744 66.47 64.41 -43.83
N LEU K 745 66.63 63.28 -43.13
CA LEU K 745 67.39 63.26 -41.90
C LEU K 745 68.88 63.33 -42.19
N GLU K 746 69.61 64.09 -41.38
CA GLU K 746 71.04 64.28 -41.57
C GLU K 746 71.89 63.67 -40.47
N SER K 747 71.64 64.03 -39.21
CA SER K 747 72.51 63.60 -38.12
C SER K 747 71.71 63.54 -36.82
N VAL K 748 72.23 62.79 -35.87
CA VAL K 748 71.67 62.71 -34.52
C VAL K 748 72.77 62.97 -33.51
N LEU K 749 72.50 63.85 -32.56
CA LEU K 749 73.51 64.28 -31.58
C LEU K 749 73.49 63.30 -30.40
N VAL K 750 74.60 62.58 -30.21
CA VAL K 750 74.74 61.60 -29.15
C VAL K 750 75.86 62.04 -28.22
N ALA K 751 75.58 62.05 -26.91
CA ALA K 751 76.57 62.47 -25.94
C ALA K 751 77.68 61.43 -25.82
N PRO K 752 78.91 61.86 -25.50
CA PRO K 752 80.03 60.91 -25.43
C PRO K 752 80.08 60.11 -24.13
N MET K 753 79.66 60.71 -23.02
CA MET K 753 79.84 60.06 -21.72
C MET K 753 78.64 59.19 -21.36
N SER K 754 77.45 59.80 -21.25
CA SER K 754 76.24 59.06 -20.91
C SER K 754 75.16 59.46 -21.90
N HIS K 755 74.31 58.50 -22.24
CA HIS K 755 73.30 58.72 -23.27
C HIS K 755 72.13 57.76 -23.05
N ASN K 756 71.03 58.05 -23.72
CA ASN K 756 69.82 57.24 -23.59
C ASN K 756 69.87 55.99 -24.47
N PHE K 757 70.88 55.87 -25.33
CA PHE K 757 70.98 54.74 -26.24
C PHE K 757 71.85 53.61 -25.69
N GLN K 758 72.27 53.69 -24.42
CA GLN K 758 73.13 52.64 -23.87
C GLN K 758 72.35 51.36 -23.59
N TYR K 759 71.01 51.43 -23.55
CA TYR K 759 70.18 50.24 -23.38
C TYR K 759 69.75 49.60 -24.69
N ILE K 760 70.29 50.04 -25.82
CA ILE K 760 69.79 49.58 -27.12
C ILE K 760 70.31 48.18 -27.40
N ARG K 761 69.41 47.31 -27.88
CA ARG K 761 69.78 45.96 -28.30
C ARG K 761 69.62 45.74 -29.79
N LYS K 762 68.80 46.53 -30.48
CA LYS K 762 68.52 46.34 -31.89
C LYS K 762 68.51 47.67 -32.61
N LEU K 763 69.26 47.77 -33.70
CA LEU K 763 69.24 48.95 -34.57
C LEU K 763 68.96 48.51 -36.00
N ILE K 764 67.95 49.11 -36.61
CA ILE K 764 67.58 48.85 -38.00
C ILE K 764 67.55 50.20 -38.71
N ILE K 765 68.47 50.39 -39.66
CA ILE K 765 68.54 51.61 -40.46
C ILE K 765 68.27 51.23 -41.90
N SER K 766 67.26 51.86 -42.51
CA SER K 766 66.82 51.45 -43.84
C SER K 766 66.39 52.67 -44.66
N HIS K 767 66.72 52.63 -45.95
CA HIS K 767 66.22 53.59 -46.93
C HIS K 767 66.52 55.04 -46.54
N CYS K 768 67.71 55.28 -46.00
CA CYS K 768 68.10 56.63 -45.57
C CYS K 768 69.28 57.09 -46.40
N PRO K 769 69.04 57.82 -47.50
CA PRO K 769 70.16 58.30 -48.32
C PRO K 769 70.80 59.58 -47.80
N LYS K 770 70.05 60.43 -47.10
CA LYS K 770 70.60 61.69 -46.59
C LYS K 770 71.24 61.53 -45.23
N LEU K 771 71.03 60.41 -44.54
CA LEU K 771 71.65 60.19 -43.24
C LEU K 771 73.13 59.84 -43.41
N SER K 772 73.98 60.51 -42.64
CA SER K 772 75.42 60.31 -42.77
C SER K 772 76.08 59.99 -41.43
N ASN K 773 75.60 60.59 -40.35
CA ASN K 773 76.23 60.44 -39.03
C ASN K 773 75.81 59.12 -38.43
N ILE K 774 76.76 58.18 -38.32
CA ILE K 774 76.51 56.87 -37.75
C ILE K 774 77.59 56.44 -36.77
N THR K 775 78.61 57.27 -36.52
CA THR K 775 79.74 56.87 -35.69
C THR K 775 79.32 56.57 -34.26
N TRP K 776 78.17 57.09 -33.82
CA TRP K 776 77.73 56.91 -32.45
C TRP K 776 77.36 55.46 -32.12
N VAL K 777 77.26 54.60 -33.14
CA VAL K 777 76.83 53.22 -32.92
C VAL K 777 77.81 52.48 -32.03
N ARG K 778 79.10 52.78 -32.14
CA ARG K 778 80.13 52.08 -31.37
C ARG K 778 80.04 52.35 -29.87
N ARG K 779 79.25 53.34 -29.44
CA ARG K 779 79.08 53.64 -28.03
C ARG K 779 77.99 52.81 -27.37
N LEU K 780 77.33 51.92 -28.11
CA LEU K 780 76.25 51.10 -27.58
C LEU K 780 76.78 49.68 -27.36
N GLN K 781 77.15 49.40 -26.10
CA GLN K 781 77.76 48.12 -25.79
C GLN K 781 76.74 46.98 -25.78
N LEU K 782 75.47 47.28 -25.50
CA LEU K 782 74.44 46.26 -25.40
C LEU K 782 73.78 45.93 -26.72
N LEU K 783 74.23 46.53 -27.82
CA LEU K 783 73.59 46.36 -29.12
C LEU K 783 73.80 44.94 -29.61
N GLU K 784 72.70 44.23 -29.90
CA GLU K 784 72.79 42.84 -30.32
C GLU K 784 72.60 42.68 -31.83
N ARG K 785 71.63 43.38 -32.40
CA ARG K 785 71.22 43.18 -33.78
C ARG K 785 71.54 44.42 -34.60
N LEU K 786 72.24 44.24 -35.72
CA LEU K 786 72.55 45.32 -36.65
C LEU K 786 71.85 45.06 -37.98
N VAL K 787 71.09 46.05 -38.46
CA VAL K 787 70.46 46.02 -39.78
C VAL K 787 70.72 47.35 -40.47
N ILE K 788 71.56 47.32 -41.50
CA ILE K 788 71.84 48.48 -42.34
C ILE K 788 71.51 48.16 -43.77
N SER K 789 70.56 48.90 -44.36
CA SER K 789 70.11 48.60 -45.70
C SER K 789 69.81 49.87 -46.49
N HIS K 790 70.25 49.86 -47.74
CA HIS K 790 70.01 50.94 -48.72
C HIS K 790 70.33 52.30 -48.16
N CYS K 791 71.19 52.36 -47.13
CA CYS K 791 71.63 53.63 -46.56
C CYS K 791 72.99 54.03 -47.16
N ASP K 792 72.93 54.51 -48.41
CA ASP K 792 74.13 54.94 -49.15
C ASP K 792 74.75 56.22 -48.60
N GLY K 793 74.06 56.92 -47.71
CA GLY K 793 74.64 58.10 -47.11
C GLY K 793 75.68 57.78 -46.05
N VAL K 794 75.79 56.53 -45.66
CA VAL K 794 76.79 56.08 -44.68
C VAL K 794 77.96 55.50 -45.46
N LEU K 795 79.06 56.25 -45.53
CA LEU K 795 80.26 55.74 -46.18
C LEU K 795 80.93 54.66 -45.35
N GLU K 796 81.04 54.88 -44.03
CA GLU K 796 81.57 53.90 -43.10
C GLU K 796 80.85 54.04 -41.77
N ILE K 797 80.73 52.92 -41.06
CA ILE K 797 80.12 52.98 -39.74
C ILE K 797 81.03 53.69 -38.74
N VAL K 798 82.33 53.40 -38.76
CA VAL K 798 83.32 54.08 -37.95
C VAL K 798 84.40 54.62 -38.89
N GLU K 799 84.59 55.93 -38.89
CA GLU K 799 85.59 56.55 -39.75
C GLU K 799 86.93 56.67 -39.02
N ASP K 800 87.87 57.35 -39.65
CA ASP K 800 89.19 57.56 -39.06
C ASP K 800 89.13 58.60 -37.93
N THR K 831 88.85 53.19 -22.77
CA THR K 831 88.76 51.91 -22.09
C THR K 831 89.20 50.76 -22.99
N GLY K 832 89.88 49.78 -22.41
CA GLY K 832 90.29 48.60 -23.16
C GLY K 832 89.13 47.65 -23.41
N GLN K 833 88.13 48.12 -24.14
CA GLN K 833 86.91 47.36 -24.38
C GLN K 833 86.55 47.43 -25.86
N SER K 834 85.96 46.35 -26.36
CA SER K 834 85.45 46.34 -27.73
C SER K 834 84.21 47.23 -27.83
N ASP K 835 83.95 47.71 -29.05
CA ASP K 835 82.80 48.59 -29.27
C ASP K 835 81.48 47.82 -29.26
N PHE K 836 81.50 46.52 -29.55
CA PHE K 836 80.28 45.71 -29.58
C PHE K 836 80.47 44.41 -28.78
N PRO K 837 80.61 44.52 -27.45
CA PRO K 837 80.79 43.31 -26.65
C PRO K 837 79.61 42.36 -26.69
N LYS K 838 78.39 42.88 -26.82
CA LYS K 838 77.17 42.07 -26.82
C LYS K 838 76.60 41.86 -28.21
N LEU K 839 77.40 42.09 -29.25
CA LEU K 839 76.92 41.91 -30.62
C LEU K 839 76.55 40.45 -30.87
N ARG K 840 75.41 40.24 -31.52
CA ARG K 840 74.95 38.91 -31.90
C ARG K 840 74.77 38.75 -33.40
N LEU K 841 74.07 39.69 -34.05
CA LEU K 841 73.71 39.55 -35.46
C LEU K 841 74.00 40.85 -36.20
N ILE K 842 74.52 40.72 -37.41
CA ILE K 842 74.74 41.84 -38.32
C ILE K 842 74.07 41.52 -39.64
N VAL K 843 73.25 42.44 -40.14
CA VAL K 843 72.57 42.30 -41.42
C VAL K 843 72.90 43.52 -42.27
N LEU K 844 73.48 43.27 -43.46
CA LEU K 844 73.83 44.31 -44.41
C LEU K 844 73.16 44.02 -45.74
N THR K 845 72.53 45.02 -46.33
CA THR K 845 71.71 44.80 -47.52
C THR K 845 71.73 46.04 -48.41
N GLY K 846 71.98 45.84 -49.70
CA GLY K 846 71.75 46.87 -50.69
C GLY K 846 72.61 48.10 -50.61
N LEU K 847 73.73 48.06 -49.88
CA LEU K 847 74.59 49.23 -49.74
C LEU K 847 75.47 49.37 -50.99
N LYS K 848 75.24 50.43 -51.76
CA LYS K 848 75.98 50.67 -52.98
C LYS K 848 77.17 51.62 -52.79
N LYS K 849 77.20 52.39 -51.70
CA LYS K 849 78.26 53.34 -51.47
C LYS K 849 79.01 53.13 -50.15
N LEU K 850 78.75 52.02 -49.46
CA LEU K 850 79.48 51.74 -48.22
C LEU K 850 80.88 51.25 -48.54
N ARG K 851 81.88 51.78 -47.83
CA ARG K 851 83.25 51.30 -48.00
C ARG K 851 83.52 50.12 -47.06
N SER K 852 83.37 50.33 -45.76
CA SER K 852 83.61 49.30 -44.77
C SER K 852 82.86 49.68 -43.50
N ILE K 853 82.69 48.69 -42.62
CA ILE K 853 82.01 48.93 -41.35
C ILE K 853 82.93 49.69 -40.41
N CYS K 854 84.05 49.05 -40.04
CA CYS K 854 84.98 49.65 -39.10
C CYS K 854 86.28 48.87 -39.13
N LYS K 855 87.25 49.35 -38.35
CA LYS K 855 88.53 48.65 -38.24
C LYS K 855 88.38 47.41 -37.37
N ALA K 856 89.48 46.65 -37.28
CA ALA K 856 89.43 45.35 -36.61
C ALA K 856 89.06 45.50 -35.13
N ARG K 857 88.09 44.69 -34.71
CA ARG K 857 87.66 44.65 -33.32
C ARG K 857 87.17 43.23 -33.01
N GLU K 858 87.18 42.90 -31.72
CA GLU K 858 86.76 41.57 -31.27
C GLU K 858 85.28 41.57 -30.92
N PHE K 859 84.60 40.49 -31.27
CA PHE K 859 83.16 40.34 -30.99
C PHE K 859 82.94 38.98 -30.35
N PRO K 860 83.04 38.89 -29.03
CA PRO K 860 82.94 37.58 -28.36
C PRO K 860 81.60 36.90 -28.56
N CYS K 861 80.50 37.65 -28.63
CA CYS K 861 79.17 37.06 -28.67
C CYS K 861 78.58 36.96 -30.07
N LEU K 862 79.36 37.28 -31.11
CA LEU K 862 78.82 37.31 -32.47
C LEU K 862 78.36 35.92 -32.89
N GLU K 863 77.19 35.86 -33.52
CA GLU K 863 76.58 34.60 -33.94
C GLU K 863 76.49 34.44 -35.45
N THR K 864 75.97 35.44 -36.16
CA THR K 864 75.73 35.30 -37.59
C THR K 864 75.92 36.64 -38.27
N LEU K 865 76.61 36.62 -39.42
CA LEU K 865 76.78 37.79 -40.25
C LEU K 865 76.19 37.51 -41.63
N ARG K 866 75.33 38.42 -42.09
CA ARG K 866 74.65 38.24 -43.37
C ARG K 866 74.79 39.50 -44.21
N VAL K 867 75.31 39.33 -45.42
CA VAL K 867 75.49 40.44 -46.36
C VAL K 867 74.81 40.07 -47.67
N GLU K 868 73.99 40.98 -48.20
CA GLU K 868 73.27 40.76 -49.44
C GLU K 868 73.33 42.00 -50.31
N ASP K 869 73.64 41.79 -51.59
CA ASP K 869 73.60 42.84 -52.61
C ASP K 869 74.42 44.07 -52.20
N CYS K 870 75.65 43.83 -51.77
CA CYS K 870 76.54 44.92 -51.40
C CYS K 870 77.79 44.89 -52.27
N PRO K 871 77.71 45.39 -53.51
CA PRO K 871 78.87 45.32 -54.40
C PRO K 871 79.93 46.37 -54.12
N ASN K 872 79.87 47.08 -53.01
CA ASN K 872 80.85 48.09 -52.67
C ASN K 872 81.53 47.86 -51.33
N LEU K 873 81.10 46.87 -50.56
CA LEU K 873 81.71 46.58 -49.26
C LEU K 873 83.12 46.06 -49.49
N ARG K 874 84.12 46.79 -48.99
CA ARG K 874 85.52 46.48 -49.27
C ARG K 874 86.22 45.71 -48.15
N SER K 875 85.73 45.79 -46.92
CA SER K 875 86.35 45.05 -45.82
C SER K 875 85.35 44.94 -44.67
N ILE K 876 85.63 44.00 -43.78
CA ILE K 876 84.81 43.77 -42.59
C ILE K 876 85.73 43.75 -41.38
N PRO K 877 85.24 44.11 -40.20
CA PRO K 877 86.10 44.14 -39.00
C PRO K 877 86.47 42.76 -38.48
N LEU K 878 85.90 41.68 -39.01
CA LEU K 878 86.24 40.35 -38.55
C LEU K 878 87.64 39.97 -38.99
N SER K 879 88.28 39.11 -38.20
CA SER K 879 89.65 38.68 -38.47
C SER K 879 89.87 37.33 -37.79
N CYS K 880 91.09 36.82 -37.93
CA CYS K 880 91.47 35.55 -37.32
C CYS K 880 91.83 35.75 -35.85
N THR K 881 91.84 37.00 -35.40
CA THR K 881 92.18 37.29 -34.01
C THR K 881 91.14 36.74 -33.05
N HIS K 882 89.93 36.47 -33.53
CA HIS K 882 88.86 36.00 -32.66
C HIS K 882 89.02 34.49 -32.39
N ASN K 883 88.36 34.04 -31.33
CA ASN K 883 88.13 32.62 -31.14
C ASN K 883 86.77 32.25 -31.70
N TYR K 884 86.72 31.16 -32.47
CA TYR K 884 85.55 30.81 -33.25
C TYR K 884 84.85 29.61 -32.61
N TRP K 885 83.92 29.89 -31.69
CA TRP K 885 83.11 28.84 -31.10
C TRP K 885 81.62 29.17 -31.22
N LYS K 886 81.27 30.46 -31.10
CA LYS K 886 79.87 30.85 -31.07
C LYS K 886 79.38 31.40 -32.40
N LEU K 887 80.28 31.83 -33.28
CA LEU K 887 79.89 32.26 -34.61
C LEU K 887 79.33 31.07 -35.37
N LYS K 888 78.00 31.04 -35.54
CA LYS K 888 77.36 29.84 -36.06
C LYS K 888 77.47 29.75 -37.58
N GLN K 889 77.20 30.84 -38.29
CA GLN K 889 77.26 30.82 -39.74
C GLN K 889 77.43 32.24 -40.25
N ILE K 890 77.90 32.35 -41.48
CA ILE K 890 78.06 33.63 -42.17
C ILE K 890 77.49 33.50 -43.57
N CYS K 891 76.62 34.43 -43.95
CA CYS K 891 75.99 34.44 -45.27
C CYS K 891 76.62 35.52 -46.12
N GLY K 892 77.05 35.15 -47.32
CA GLY K 892 77.70 36.10 -48.22
C GLY K 892 77.79 35.60 -49.64
N SER K 893 78.61 36.28 -50.46
CA SER K 893 78.76 35.93 -51.86
C SER K 893 80.24 35.93 -52.24
N VAL K 894 80.55 35.19 -53.29
CA VAL K 894 81.93 35.09 -53.76
C VAL K 894 82.43 36.42 -54.27
N GLU K 895 81.59 37.16 -55.00
CA GLU K 895 81.97 38.48 -55.47
C GLU K 895 82.26 39.41 -54.30
N TRP K 896 81.44 39.34 -53.25
CA TRP K 896 81.73 40.07 -52.02
C TRP K 896 83.04 39.60 -51.40
N TRP K 897 83.28 38.28 -51.43
CA TRP K 897 84.55 37.75 -50.92
C TRP K 897 85.73 38.25 -51.74
N GLU K 898 85.58 38.34 -53.06
CA GLU K 898 86.65 38.90 -53.90
C GLU K 898 86.91 40.36 -53.59
N LYS K 899 85.85 41.14 -53.36
CA LYS K 899 86.01 42.57 -53.08
C LYS K 899 86.47 42.84 -51.65
N LEU K 900 86.41 41.85 -50.77
CA LEU K 900 86.86 42.04 -49.40
C LEU K 900 88.38 42.19 -49.36
N GLN K 901 88.85 43.22 -48.65
CA GLN K 901 90.27 43.36 -48.39
C GLN K 901 90.71 42.40 -47.30
N TRP K 902 91.80 41.67 -47.56
CA TRP K 902 92.30 40.67 -46.64
C TRP K 902 93.68 41.08 -46.14
N GLU K 903 93.83 41.15 -44.82
CA GLU K 903 95.11 41.50 -44.23
C GLU K 903 96.07 40.32 -44.17
N ASN K 904 95.58 39.11 -44.41
CA ASN K 904 96.42 37.92 -44.42
C ASN K 904 95.78 36.90 -45.36
N ARG K 905 96.63 36.05 -45.95
CA ARG K 905 96.13 35.00 -46.83
C ARG K 905 95.39 33.92 -46.04
N LYS K 906 95.65 33.81 -44.73
CA LYS K 906 94.89 32.86 -43.91
C LYS K 906 93.43 33.28 -43.79
N GLU K 907 93.17 34.59 -43.75
CA GLU K 907 91.78 35.07 -43.66
C GLU K 907 90.98 34.70 -44.90
N VAL K 908 91.65 34.49 -46.03
CA VAL K 908 90.95 34.11 -47.25
C VAL K 908 90.26 32.76 -47.09
N ALA K 909 90.96 31.79 -46.50
CA ALA K 909 90.40 30.47 -46.26
C ALA K 909 89.88 30.28 -44.84
N CYS K 910 89.90 31.34 -44.02
CA CYS K 910 89.43 31.21 -42.65
C CYS K 910 87.94 30.95 -42.59
N LEU K 911 87.16 31.69 -43.38
CA LEU K 911 85.72 31.52 -43.36
C LEU K 911 85.24 30.48 -44.36
N ASP K 912 85.99 30.29 -45.44
CA ASP K 912 85.57 29.35 -46.48
C ASP K 912 85.51 27.93 -45.94
N SER K 913 86.48 27.54 -45.11
CA SER K 913 86.54 26.19 -44.58
C SER K 913 85.71 26.01 -43.31
N LYS K 914 85.21 27.08 -42.70
CA LYS K 914 84.53 26.93 -41.42
C LYS K 914 83.04 27.29 -41.47
N TYR K 915 82.71 28.52 -41.87
CA TYR K 915 81.38 29.04 -41.67
C TYR K 915 80.77 29.80 -42.85
N PHE K 916 81.47 29.94 -43.97
CA PHE K 916 80.93 30.71 -45.08
C PHE K 916 79.78 29.95 -45.75
N ILE K 917 78.66 30.65 -45.95
CA ILE K 917 77.49 30.07 -46.60
C ILE K 917 77.04 31.01 -47.72
N PRO K 918 76.87 30.52 -48.95
CA PRO K 918 76.42 31.40 -50.03
C PRO K 918 75.00 31.89 -49.82
N ILE K 919 74.71 33.05 -50.37
CA ILE K 919 73.38 33.65 -50.26
C ILE K 919 72.35 32.81 -51.01
N LEU L 36 109.93 -71.81 9.55
CA LEU L 36 108.88 -72.36 8.71
C LEU L 36 107.55 -71.65 8.97
N HIS L 37 107.16 -70.77 8.04
CA HIS L 37 105.96 -69.96 8.19
C HIS L 37 105.03 -70.01 6.99
N LEU L 38 105.39 -70.73 5.92
CA LEU L 38 104.56 -70.77 4.73
C LEU L 38 103.22 -71.45 5.00
N LYS L 39 103.23 -72.51 5.81
CA LYS L 39 102.01 -73.26 6.06
C LYS L 39 100.93 -72.42 6.70
N SER L 40 101.30 -71.39 7.46
CA SER L 40 100.34 -70.53 8.13
C SER L 40 100.04 -69.26 7.34
N ASN L 41 101.05 -68.69 6.69
CA ASN L 41 100.85 -67.45 5.94
C ASN L 41 99.93 -67.65 4.75
N TRP L 42 100.08 -68.78 4.04
CA TRP L 42 99.20 -69.04 2.91
C TRP L 42 97.76 -69.24 3.36
N SER L 43 97.57 -69.80 4.57
CA SER L 43 96.22 -69.89 5.12
C SER L 43 95.63 -68.51 5.36
N ASP L 44 96.46 -67.57 5.83
CA ASP L 44 95.99 -66.20 6.04
C ASP L 44 95.74 -65.50 4.71
N LEU L 45 96.45 -65.90 3.65
CA LEU L 45 96.19 -65.32 2.34
C LEU L 45 94.79 -65.67 1.84
N ASP L 46 94.35 -66.90 2.10
CA ASP L 46 93.01 -67.31 1.67
C ASP L 46 91.93 -66.50 2.37
N LYS L 47 92.14 -66.19 3.65
CA LYS L 47 91.21 -65.32 4.36
C LYS L 47 91.20 -63.91 3.75
N ALA L 48 92.39 -63.40 3.43
CA ALA L 48 92.48 -62.07 2.84
C ALA L 48 91.85 -62.02 1.46
N LYS L 49 92.06 -63.06 0.65
CA LYS L 49 91.50 -63.09 -0.70
C LYS L 49 89.98 -63.08 -0.65
N LYS L 50 89.39 -63.91 0.21
CA LYS L 50 87.93 -63.97 0.29
C LYS L 50 87.35 -62.71 0.91
N LEU L 51 88.12 -62.03 1.76
CA LEU L 51 87.67 -60.73 2.28
C LEU L 51 87.81 -59.64 1.23
N LEU L 52 88.85 -59.71 0.40
CA LEU L 52 89.04 -58.71 -0.65
C LEU L 52 87.92 -58.77 -1.67
N LEU L 53 87.48 -59.98 -2.04
CA LEU L 53 86.36 -60.11 -2.95
C LEU L 53 85.08 -59.54 -2.34
N ALA L 54 84.97 -59.57 -1.01
CA ALA L 54 83.80 -58.99 -0.36
C ALA L 54 83.86 -57.47 -0.37
N VAL L 55 85.03 -56.89 -0.12
CA VAL L 55 85.17 -55.44 -0.13
C VAL L 55 85.01 -54.91 -1.55
N GLU L 56 85.57 -55.63 -2.53
CA GLU L 56 85.43 -55.23 -3.93
C GLU L 56 83.96 -55.26 -4.37
N THR L 57 83.22 -56.28 -3.92
CA THR L 57 81.81 -56.36 -4.26
C THR L 57 81.04 -55.19 -3.68
N THR L 58 81.36 -54.79 -2.45
CA THR L 58 80.71 -53.63 -1.84
C THR L 58 81.04 -52.35 -2.61
N VAL L 59 82.29 -52.20 -3.03
CA VAL L 59 82.69 -50.98 -3.74
C VAL L 59 82.03 -50.92 -5.11
N ARG L 60 82.05 -52.03 -5.85
CA ARG L 60 81.47 -52.03 -7.19
C ARG L 60 79.97 -51.77 -7.14
N ALA L 61 79.27 -52.36 -6.18
CA ALA L 61 77.85 -52.09 -6.01
C ALA L 61 77.62 -50.64 -5.63
N ARG L 62 78.51 -50.09 -4.79
CA ARG L 62 78.42 -48.68 -4.43
C ARG L 62 78.72 -47.77 -5.62
N VAL L 63 79.68 -48.16 -6.46
CA VAL L 63 80.01 -47.37 -7.64
C VAL L 63 78.88 -47.45 -8.67
N THR L 64 78.30 -48.64 -8.85
CA THR L 64 77.21 -48.80 -9.80
C THR L 64 76.01 -47.94 -9.42
N ALA L 65 75.80 -47.72 -8.12
CA ALA L 65 74.76 -46.80 -7.69
C ALA L 65 75.08 -45.36 -8.03
N GLU L 66 76.35 -45.05 -8.31
CA GLU L 66 76.76 -43.71 -8.72
C GLU L 66 76.65 -43.53 -10.22
N VAL L 67 77.05 -44.54 -10.99
CA VAL L 67 76.92 -44.47 -12.44
C VAL L 67 75.45 -44.45 -12.85
N ASP L 68 74.59 -45.06 -12.05
CA ASP L 68 73.15 -44.99 -12.33
C ASP L 68 72.61 -43.58 -12.22
N LYS L 69 73.23 -42.73 -11.40
CA LYS L 69 72.88 -41.32 -11.31
C LYS L 69 73.62 -40.48 -12.34
N LEU L 70 74.14 -41.10 -13.39
CA LEU L 70 74.90 -40.45 -14.47
C LEU L 70 76.21 -39.85 -13.98
N ASN L 71 76.65 -40.19 -12.77
CA ASN L 71 77.96 -39.76 -12.31
C ASN L 71 79.05 -40.65 -12.94
N ILE L 72 80.28 -40.30 -12.65
CA ILE L 72 81.44 -41.04 -13.13
C ILE L 72 82.18 -41.61 -11.93
N CYS L 73 82.66 -42.83 -12.05
CA CYS L 73 83.40 -43.48 -10.97
C CYS L 73 84.57 -42.61 -10.54
N ASP L 74 84.73 -42.46 -9.23
CA ASP L 74 85.73 -41.55 -8.70
C ASP L 74 87.13 -42.02 -9.11
N PRO L 75 88.02 -41.11 -9.53
CA PRO L 75 89.33 -41.56 -10.03
C PRO L 75 90.15 -42.34 -9.02
N GLN L 76 90.06 -41.99 -7.73
CA GLN L 76 90.80 -42.76 -6.73
C GLN L 76 90.20 -44.14 -6.53
N VAL L 77 88.88 -44.27 -6.62
CA VAL L 77 88.25 -45.58 -6.55
C VAL L 77 88.59 -46.40 -7.80
N GLN L 78 88.62 -45.75 -8.96
CA GLN L 78 88.95 -46.45 -10.19
C GLN L 78 90.35 -47.03 -10.15
N VAL L 79 91.30 -46.29 -9.56
CA VAL L 79 92.66 -46.81 -9.40
C VAL L 79 92.66 -48.00 -8.46
N TRP L 80 91.92 -47.91 -7.35
CA TRP L 80 91.85 -49.01 -6.40
C TRP L 80 91.21 -50.25 -7.04
N LEU L 81 90.13 -50.04 -7.80
CA LEU L 81 89.49 -51.17 -8.48
C LEU L 81 90.44 -51.81 -9.49
N ARG L 82 91.21 -50.98 -10.21
CA ARG L 82 92.11 -51.51 -11.22
C ARG L 82 93.24 -52.33 -10.59
N ARG L 83 93.64 -51.99 -9.37
CA ARG L 83 94.68 -52.76 -8.70
C ARG L 83 94.14 -54.09 -8.21
N VAL L 84 92.89 -54.12 -7.77
CA VAL L 84 92.26 -55.38 -7.38
C VAL L 84 92.16 -56.32 -8.57
N GLU L 85 91.74 -55.79 -9.72
CA GLU L 85 91.60 -56.61 -10.93
C GLU L 85 92.95 -57.19 -11.36
N GLU L 86 93.98 -56.35 -11.39
CA GLU L 86 95.31 -56.74 -11.84
C GLU L 86 96.02 -57.69 -10.87
N LEU L 87 95.52 -57.82 -9.64
CA LEU L 87 96.22 -58.60 -8.62
C LEU L 87 96.38 -60.05 -9.05
N GLN L 88 95.31 -60.68 -9.55
CA GLN L 88 95.34 -62.06 -10.06
C GLN L 88 95.93 -63.01 -9.02
N LEU L 89 95.21 -63.16 -7.90
CA LEU L 89 95.70 -64.00 -6.81
C LEU L 89 95.70 -65.48 -7.16
N ASP L 90 95.02 -65.88 -8.23
CA ASP L 90 94.99 -67.29 -8.59
C ASP L 90 96.32 -67.78 -9.15
N ALA L 91 97.22 -66.86 -9.53
CA ALA L 91 98.50 -67.27 -10.10
C ALA L 91 99.36 -67.98 -9.06
N ILE L 92 99.52 -67.38 -7.88
CA ILE L 92 100.32 -68.00 -6.83
C ILE L 92 99.62 -69.24 -6.30
N ASP L 93 98.29 -69.27 -6.33
CA ASP L 93 97.55 -70.44 -5.88
C ASP L 93 97.92 -71.68 -6.69
N GLU L 94 97.99 -71.54 -8.02
CA GLU L 94 98.41 -72.65 -8.86
C GLU L 94 99.86 -73.03 -8.60
N ASP L 95 100.74 -72.03 -8.45
CA ASP L 95 102.14 -72.30 -8.17
C ASP L 95 102.31 -73.04 -6.85
N TYR L 96 101.56 -72.65 -5.83
CA TYR L 96 101.60 -73.36 -4.55
C TYR L 96 100.99 -74.75 -4.68
N SER L 97 99.95 -74.88 -5.51
CA SER L 97 99.28 -76.18 -5.66
C SER L 97 100.20 -77.23 -6.28
N GLN L 98 100.99 -76.84 -7.29
CA GLN L 98 101.91 -77.79 -7.93
C GLN L 98 103.01 -78.23 -6.96
N LEU L 99 103.50 -77.29 -6.13
CA LEU L 99 104.54 -77.64 -5.17
C LEU L 99 104.04 -78.66 -4.15
N ARG L 100 102.73 -78.65 -3.87
CA ARG L 100 102.17 -79.58 -2.89
C ARG L 100 102.30 -81.02 -3.35
N LYS L 101 102.25 -81.24 -4.67
CA LYS L 101 102.28 -82.61 -5.19
C LYS L 101 103.60 -83.31 -4.94
N TYR L 102 104.73 -82.58 -4.95
CA TYR L 102 106.01 -83.14 -4.57
C TYR L 102 106.56 -82.49 -3.29
N SER L 103 105.66 -81.99 -2.43
CA SER L 103 106.09 -81.32 -1.21
C SER L 103 106.79 -82.30 -0.25
N CYS L 104 106.50 -83.59 -0.36
CA CYS L 104 107.17 -84.56 0.49
C CYS L 104 108.66 -84.66 0.21
N LEU L 105 109.12 -84.13 -0.92
CA LEU L 105 110.54 -84.04 -1.23
C LEU L 105 111.12 -82.67 -0.92
N GLY L 106 110.42 -81.84 -0.17
CA GLY L 106 110.84 -80.48 0.10
C GLY L 106 112.16 -80.35 0.83
N GLN L 107 112.52 -81.34 1.65
CA GLN L 107 113.79 -81.27 2.36
C GLN L 107 114.99 -81.55 1.47
N CYS L 108 114.76 -82.05 0.26
CA CYS L 108 115.84 -82.22 -0.70
C CYS L 108 116.16 -80.88 -1.36
N THR L 109 117.46 -80.62 -1.54
CA THR L 109 117.87 -79.33 -2.10
C THR L 109 117.42 -79.15 -3.55
N ILE L 110 117.14 -80.25 -4.26
CA ILE L 110 116.66 -80.13 -5.63
C ILE L 110 115.25 -79.57 -5.66
N HIS L 111 114.39 -79.98 -4.72
CA HIS L 111 113.00 -79.54 -4.69
C HIS L 111 112.73 -78.44 -3.68
N ALA L 112 113.70 -78.09 -2.83
CA ALA L 112 113.52 -76.96 -1.93
C ALA L 112 113.63 -75.63 -2.66
N HIS L 113 114.05 -75.65 -3.93
CA HIS L 113 114.22 -74.42 -4.69
C HIS L 113 112.90 -73.66 -4.87
N ARG L 114 111.82 -74.39 -5.15
CA ARG L 114 110.53 -73.74 -5.36
C ARG L 114 109.91 -73.27 -4.05
N ARG L 115 110.11 -74.02 -2.96
CA ARG L 115 109.53 -73.65 -1.68
C ARG L 115 110.13 -72.34 -1.16
N ALA L 116 111.39 -72.07 -1.50
CA ALA L 116 112.03 -70.83 -1.05
C ALA L 116 111.32 -69.62 -1.63
N SER L 117 110.96 -69.66 -2.91
CA SER L 117 110.31 -68.52 -3.55
C SER L 117 108.89 -68.33 -3.04
N ILE L 118 108.16 -69.44 -2.82
CA ILE L 118 106.77 -69.35 -2.39
C ILE L 118 106.70 -68.76 -0.98
N GLY L 119 107.67 -69.09 -0.13
CA GLY L 119 107.71 -68.57 1.24
C GLY L 119 107.81 -67.06 1.32
N ARG L 120 108.29 -66.40 0.26
CA ARG L 120 108.31 -64.94 0.18
C ARG L 120 107.33 -64.38 -0.83
N ARG L 121 106.88 -65.18 -1.80
CA ARG L 121 105.87 -64.72 -2.74
C ARG L 121 104.51 -64.57 -2.08
N VAL L 122 104.20 -65.43 -1.11
CA VAL L 122 102.95 -65.30 -0.36
C VAL L 122 102.93 -63.97 0.39
N LEU L 123 104.02 -63.65 1.08
CA LEU L 123 104.10 -62.37 1.78
C LEU L 123 104.07 -61.20 0.81
N GLU L 124 104.57 -61.41 -0.41
CA GLU L 124 104.54 -60.35 -1.42
C GLU L 124 103.11 -60.05 -1.86
N ALA L 125 102.24 -61.05 -1.87
CA ALA L 125 100.84 -60.83 -2.24
C ALA L 125 99.94 -60.66 -1.03
N LEU L 126 100.39 -61.06 0.16
CA LEU L 126 99.58 -60.90 1.34
C LEU L 126 99.49 -59.45 1.78
N ASP L 127 100.62 -58.74 1.81
CA ASP L 127 100.60 -57.34 2.22
C ASP L 127 99.83 -56.48 1.23
N GLU L 128 99.97 -56.76 -0.07
CA GLU L 128 99.18 -56.04 -1.06
C GLU L 128 97.70 -56.31 -0.88
N ALA L 129 97.33 -57.57 -0.63
CA ALA L 129 95.93 -57.90 -0.40
C ALA L 129 95.39 -57.20 0.85
N ASN L 130 96.20 -57.17 1.92
CA ASN L 130 95.77 -56.51 3.14
C ASN L 130 95.75 -55.00 2.99
N LYS L 131 96.69 -54.44 2.22
CA LYS L 131 96.66 -53.01 1.96
C LYS L 131 95.43 -52.61 1.15
N LEU L 132 95.03 -53.48 0.21
CA LEU L 132 93.81 -53.20 -0.56
C LEU L 132 92.57 -53.30 0.31
N ILE L 133 92.62 -54.11 1.37
CA ILE L 133 91.48 -54.20 2.29
C ILE L 133 91.24 -52.86 2.97
N GLU L 134 92.28 -52.31 3.61
CA GLU L 134 92.12 -51.10 4.40
C GLU L 134 91.97 -49.85 3.53
N GLU L 135 92.23 -49.94 2.23
CA GLU L 135 91.97 -48.80 1.35
C GLU L 135 90.51 -48.78 0.91
N GLY L 136 90.02 -49.90 0.39
CA GLY L 136 88.65 -49.95 -0.08
C GLY L 136 87.63 -49.90 1.03
N ARG L 137 88.03 -50.26 2.26
CA ARG L 137 87.16 -50.15 3.41
C ARG L 137 87.10 -48.72 3.94
N ARG L 138 87.91 -47.82 3.39
CA ARG L 138 88.06 -46.46 3.89
C ARG L 138 87.43 -45.43 2.96
N PHE L 139 87.03 -45.82 1.75
CA PHE L 139 86.39 -44.90 0.83
C PHE L 139 85.06 -44.39 1.40
N LYS L 140 84.77 -43.13 1.12
CA LYS L 140 83.52 -42.52 1.54
C LYS L 140 82.76 -41.84 0.41
N LYS L 141 83.43 -41.42 -0.65
CA LYS L 141 82.76 -40.92 -1.84
C LYS L 141 83.21 -41.76 -3.03
N PHE L 142 82.28 -42.09 -3.92
CA PHE L 142 82.52 -43.03 -4.99
C PHE L 142 82.29 -42.47 -6.38
N GLY L 143 81.77 -41.25 -6.50
CA GLY L 143 81.55 -40.67 -7.81
C GLY L 143 81.52 -39.16 -7.74
N PHE L 144 81.74 -38.55 -8.90
CA PHE L 144 81.72 -37.10 -9.04
C PHE L 144 80.91 -36.73 -10.27
N LYS L 145 80.15 -35.65 -10.16
CA LYS L 145 79.31 -35.21 -11.27
C LYS L 145 80.20 -34.65 -12.38
N PRO L 146 80.14 -35.20 -13.59
CA PRO L 146 80.99 -34.70 -14.66
C PRO L 146 80.54 -33.32 -15.14
N LEU L 147 81.47 -32.62 -15.77
CA LEU L 147 81.17 -31.30 -16.28
C LEU L 147 80.14 -31.39 -17.41
N PRO L 148 79.32 -30.36 -17.59
CA PRO L 148 78.29 -30.41 -18.63
C PRO L 148 78.89 -30.58 -20.01
N LYS L 149 78.20 -31.33 -20.86
CA LYS L 149 78.66 -31.55 -22.22
C LYS L 149 78.63 -30.25 -23.00
N ILE L 150 79.47 -30.18 -24.05
CA ILE L 150 79.48 -29.00 -24.89
C ILE L 150 78.10 -28.77 -25.49
N VAL L 151 77.51 -29.80 -26.08
CA VAL L 151 76.15 -29.78 -26.56
C VAL L 151 75.48 -31.09 -26.19
N ASP L 152 74.31 -31.01 -25.55
CA ASP L 152 73.60 -32.23 -25.21
C ASP L 152 72.55 -32.55 -26.27
N PRO L 153 72.36 -33.82 -26.60
CA PRO L 153 71.44 -34.16 -27.69
C PRO L 153 70.02 -33.73 -27.41
N LEU L 154 69.31 -33.37 -28.46
CA LEU L 154 67.90 -33.01 -28.45
C LEU L 154 67.10 -34.03 -29.24
N PRO L 155 65.76 -34.05 -29.09
CA PRO L 155 64.94 -35.04 -29.80
C PRO L 155 65.27 -35.20 -31.28
N GLN L 156 65.74 -36.38 -31.65
CA GLN L 156 66.20 -36.66 -33.01
C GLN L 156 65.11 -37.40 -33.79
N ILE L 157 64.10 -36.64 -34.22
CA ILE L 157 63.04 -37.23 -35.04
C ILE L 157 63.52 -37.37 -36.48
N LYS L 158 62.77 -38.13 -37.27
CA LYS L 158 63.08 -38.28 -38.69
C LYS L 158 62.60 -37.06 -39.45
N THR L 159 63.51 -36.45 -40.21
CA THR L 159 63.23 -35.22 -40.95
C THR L 159 63.43 -35.44 -42.43
N PHE L 160 62.61 -34.78 -43.24
CA PHE L 160 62.66 -34.89 -44.69
C PHE L 160 62.92 -33.53 -45.31
N GLY L 161 63.80 -33.49 -46.30
CA GLY L 161 64.04 -32.29 -47.08
C GLY L 161 64.55 -31.11 -46.28
N LEU L 162 65.25 -31.39 -45.18
CA LEU L 162 65.78 -30.33 -44.33
C LEU L 162 67.25 -30.04 -44.60
N GLU L 163 67.86 -30.73 -45.56
CA GLU L 163 69.29 -30.51 -45.84
C GLU L 163 69.55 -29.13 -46.41
N THR L 164 68.67 -28.67 -47.32
CA THR L 164 68.90 -27.39 -47.99
C THR L 164 68.85 -26.23 -47.01
N MET L 165 67.88 -26.24 -46.09
CA MET L 165 67.77 -25.17 -45.13
C MET L 165 68.87 -25.23 -44.07
N LEU L 166 69.17 -26.43 -43.58
CA LEU L 166 70.24 -26.58 -42.59
C LEU L 166 71.57 -26.14 -43.17
N SER L 167 71.77 -26.30 -44.47
CA SER L 167 72.96 -25.75 -45.13
C SER L 167 72.95 -24.23 -45.07
N GLN L 168 71.78 -23.61 -45.29
CA GLN L 168 71.68 -22.15 -45.22
C GLN L 168 72.00 -21.65 -43.82
N LEU L 169 71.47 -22.31 -42.80
CA LEU L 169 71.70 -21.88 -41.42
C LEU L 169 73.18 -22.00 -41.05
N TYR L 170 73.83 -23.08 -41.49
CA TYR L 170 75.25 -23.26 -41.18
C TYR L 170 76.10 -22.24 -41.92
N ASP L 171 75.67 -21.81 -43.11
CA ASP L 171 76.47 -20.89 -43.92
C ASP L 171 76.63 -19.54 -43.23
N LEU L 172 75.64 -19.12 -42.43
CA LEU L 172 75.81 -17.91 -41.64
C LEU L 172 76.57 -18.21 -40.35
N PHE L 173 76.19 -19.28 -39.67
CA PHE L 173 76.82 -19.62 -38.40
C PHE L 173 78.32 -19.79 -38.55
N GLU L 174 78.77 -20.33 -39.69
CA GLU L 174 80.19 -20.47 -39.94
C GLU L 174 80.83 -19.18 -40.44
N LYS L 175 80.08 -18.39 -41.21
CA LYS L 175 80.70 -17.34 -42.03
C LYS L 175 80.04 -15.98 -41.85
N GLY L 176 78.78 -15.96 -41.41
CA GLY L 176 78.05 -14.71 -41.32
C GLY L 176 78.74 -13.71 -40.41
N ASP L 177 78.68 -12.43 -40.82
CA ASP L 177 79.40 -11.38 -40.09
C ASP L 177 78.71 -11.08 -38.75
N SER L 178 77.39 -11.00 -38.74
CA SER L 178 76.66 -10.67 -37.51
C SER L 178 76.57 -11.89 -36.61
N ASN L 179 76.70 -11.66 -35.32
CA ASN L 179 76.67 -12.74 -34.33
C ASN L 179 75.28 -13.08 -33.84
N ILE L 180 74.27 -12.30 -34.22
CA ILE L 180 72.88 -12.60 -33.90
C ILE L 180 72.19 -13.02 -35.19
N ILE L 181 71.69 -14.25 -35.22
CA ILE L 181 71.08 -14.84 -36.41
C ILE L 181 69.61 -15.07 -36.13
N GLY L 182 68.76 -14.61 -37.06
CA GLY L 182 67.34 -14.78 -36.90
C GLY L 182 66.72 -15.65 -37.97
N VAL L 183 65.93 -16.64 -37.56
CA VAL L 183 65.21 -17.51 -38.48
C VAL L 183 63.72 -17.28 -38.29
N TRP L 184 63.02 -17.00 -39.38
CA TRP L 184 61.59 -16.71 -39.29
C TRP L 184 60.83 -17.54 -40.33
N GLY L 185 59.58 -17.84 -39.99
CA GLY L 185 58.72 -18.64 -40.83
C GLY L 185 57.39 -18.86 -40.18
N GLN L 186 56.42 -19.29 -40.99
CA GLN L 186 55.06 -19.52 -40.51
C GLN L 186 55.01 -20.66 -39.51
N GLY L 187 53.95 -20.72 -38.71
CA GLY L 187 53.81 -21.75 -37.71
C GLY L 187 53.80 -23.15 -38.30
N GLY L 188 54.63 -24.03 -37.76
CA GLY L 188 54.68 -25.40 -38.22
C GLY L 188 55.58 -25.66 -39.40
N VAL L 189 56.34 -24.66 -39.86
CA VAL L 189 57.21 -24.89 -41.00
C VAL L 189 58.44 -25.69 -40.61
N GLY L 190 58.81 -25.71 -39.33
CA GLY L 190 59.93 -26.51 -38.88
C GLY L 190 61.03 -25.72 -38.21
N LYS L 191 60.71 -24.56 -37.65
CA LYS L 191 61.74 -23.73 -37.02
C LYS L 191 62.34 -24.40 -35.80
N THR L 192 61.48 -24.91 -34.91
CA THR L 192 61.98 -25.61 -33.72
C THR L 192 62.73 -26.89 -34.11
N THR L 193 62.17 -27.64 -35.07
CA THR L 193 62.85 -28.85 -35.53
C THR L 193 64.19 -28.53 -36.17
N LEU L 194 64.30 -27.35 -36.79
CA LEU L 194 65.60 -26.94 -37.33
C LEU L 194 66.62 -26.77 -36.23
N LEU L 195 66.22 -26.19 -35.10
CA LEU L 195 67.13 -26.05 -33.97
C LEU L 195 67.53 -27.41 -33.41
N HIS L 196 66.59 -28.35 -33.32
CA HIS L 196 66.91 -29.67 -32.80
C HIS L 196 67.92 -30.38 -33.70
N VAL L 197 67.77 -30.25 -35.02
CA VAL L 197 68.72 -30.88 -35.92
C VAL L 197 69.99 -30.06 -36.03
N PHE L 198 69.91 -28.75 -35.78
CA PHE L 198 71.10 -27.92 -35.74
C PHE L 198 71.92 -28.19 -34.48
N ASN L 199 71.25 -28.26 -33.33
CA ASN L 199 71.93 -28.52 -32.07
C ASN L 199 72.57 -29.91 -32.09
N ASN L 200 71.85 -30.90 -32.59
CA ASN L 200 72.38 -32.26 -32.63
C ASN L 200 73.46 -32.41 -33.69
N ASP L 201 73.53 -31.47 -34.64
CA ASP L 201 74.58 -31.53 -35.65
C ASP L 201 75.91 -30.97 -35.15
N LEU L 202 75.88 -30.13 -34.10
CA LEU L 202 77.11 -29.55 -33.58
C LEU L 202 77.99 -30.58 -32.86
N GLU L 203 77.42 -31.65 -32.34
CA GLU L 203 78.19 -32.71 -31.70
C GLU L 203 78.80 -33.68 -32.69
N LYS L 204 78.51 -33.52 -33.98
CA LYS L 204 79.13 -34.32 -35.04
C LYS L 204 80.31 -33.62 -35.68
N LYS L 205 80.30 -32.28 -35.74
CA LYS L 205 81.38 -31.53 -36.33
C LYS L 205 82.35 -31.03 -35.25
N ALA L 206 83.39 -30.35 -35.72
CA ALA L 206 84.37 -29.72 -34.84
C ALA L 206 84.15 -28.22 -34.84
N HIS L 207 84.09 -27.63 -33.64
CA HIS L 207 83.81 -26.21 -33.50
C HIS L 207 84.53 -25.70 -32.26
N ASP L 208 84.71 -24.37 -32.22
CA ASP L 208 85.46 -23.74 -31.14
C ASP L 208 84.59 -23.37 -29.95
N TYR L 209 83.29 -23.55 -30.04
CA TYR L 209 82.38 -23.10 -28.99
C TYR L 209 82.43 -24.03 -27.79
N GLN L 210 82.05 -23.49 -26.63
CA GLN L 210 82.18 -24.19 -25.37
C GLN L 210 80.85 -24.64 -24.77
N VAL L 211 79.77 -23.89 -25.00
CA VAL L 211 78.44 -24.29 -24.54
C VAL L 211 77.44 -23.98 -25.63
N VAL L 212 76.50 -24.90 -25.84
CA VAL L 212 75.40 -24.72 -26.77
C VAL L 212 74.10 -24.87 -25.98
N ILE L 213 73.42 -23.75 -25.74
CA ILE L 213 72.26 -23.70 -24.87
C ILE L 213 71.01 -23.56 -25.72
N PHE L 214 70.01 -24.39 -25.47
CA PHE L 214 68.71 -24.32 -26.12
C PHE L 214 67.70 -23.81 -25.10
N ILE L 215 67.13 -22.63 -25.37
CA ILE L 215 66.22 -21.97 -24.45
C ILE L 215 64.87 -21.83 -25.13
N GLU L 216 63.81 -22.17 -24.42
CA GLU L 216 62.45 -22.07 -24.95
C GLU L 216 61.78 -20.82 -24.38
N VAL L 217 61.63 -19.79 -25.22
CA VAL L 217 60.84 -18.63 -24.84
C VAL L 217 59.38 -18.80 -25.25
N SER L 218 59.05 -19.92 -25.89
CA SER L 218 57.69 -20.21 -26.32
C SER L 218 56.76 -20.44 -25.14
N ASN L 219 57.34 -20.57 -23.94
CA ASN L 219 56.55 -20.82 -22.74
C ASN L 219 55.47 -19.75 -22.57
N SER L 220 55.82 -18.48 -22.81
CA SER L 220 54.86 -17.39 -22.70
C SER L 220 55.40 -16.18 -23.44
N GLU L 221 54.53 -15.19 -23.63
CA GLU L 221 54.97 -13.87 -24.06
C GLU L 221 55.36 -13.01 -22.87
N ALA L 222 55.16 -13.53 -21.65
CA ALA L 222 55.50 -12.81 -20.44
C ALA L 222 56.95 -12.99 -20.01
N LEU L 223 57.76 -13.73 -20.78
CA LEU L 223 59.18 -13.86 -20.53
C LEU L 223 59.47 -14.43 -19.15
N ASN L 224 59.23 -15.73 -18.97
CA ASN L 224 59.45 -16.37 -17.67
C ASN L 224 60.96 -16.39 -17.40
N THR L 225 61.41 -15.27 -16.81
CA THR L 225 62.84 -15.02 -16.65
C THR L 225 63.49 -16.07 -15.75
N VAL L 226 62.83 -16.46 -14.67
CA VAL L 226 63.42 -17.39 -13.71
C VAL L 226 63.73 -18.73 -14.37
N GLU L 227 62.78 -19.24 -15.16
CA GLU L 227 62.97 -20.52 -15.82
C GLU L 227 64.07 -20.47 -16.88
N ILE L 228 64.25 -19.33 -17.55
CA ILE L 228 65.33 -19.20 -18.52
C ILE L 228 66.68 -19.19 -17.80
N GLN L 229 66.76 -18.46 -16.68
CA GLN L 229 68.01 -18.42 -15.92
C GLN L 229 68.34 -19.78 -15.32
N GLN L 230 67.31 -20.57 -15.00
CA GLN L 230 67.55 -21.94 -14.55
C GLN L 230 68.22 -22.76 -15.64
N THR L 231 67.78 -22.60 -16.89
CA THR L 231 68.37 -23.35 -17.99
C THR L 231 69.82 -22.94 -18.23
N ILE L 232 70.10 -21.63 -18.17
CA ILE L 232 71.46 -21.15 -18.41
C ILE L 232 72.39 -21.58 -17.29
N SER L 233 71.96 -21.39 -16.03
CA SER L 233 72.81 -21.74 -14.90
C SER L 233 73.06 -23.24 -14.84
N GLU L 234 72.02 -24.05 -15.10
CA GLU L 234 72.21 -25.50 -15.16
C GLU L 234 73.16 -25.89 -16.28
N ARG L 235 73.16 -25.14 -17.38
CA ARG L 235 74.03 -25.43 -18.51
C ARG L 235 75.44 -24.89 -18.31
N LEU L 236 75.65 -24.00 -17.35
CA LEU L 236 76.97 -23.47 -17.04
C LEU L 236 77.57 -24.09 -15.79
N ASN L 237 76.98 -25.17 -15.27
CA ASN L 237 77.44 -25.81 -14.04
C ASN L 237 77.48 -24.84 -12.87
N LEU L 238 76.48 -23.96 -12.79
CA LEU L 238 76.42 -22.99 -11.71
C LEU L 238 75.43 -23.44 -10.64
N PRO L 239 75.71 -23.11 -9.38
CA PRO L 239 74.73 -23.41 -8.32
C PRO L 239 73.52 -22.51 -8.44
N TRP L 240 72.36 -23.05 -8.09
CA TRP L 240 71.10 -22.30 -8.18
C TRP L 240 70.81 -21.66 -6.84
N ASN L 241 71.16 -20.38 -6.71
CA ASN L 241 70.82 -19.60 -5.53
C ASN L 241 69.40 -19.10 -5.70
N ASP L 242 68.45 -19.85 -5.12
CA ASP L 242 67.04 -19.61 -5.40
C ASP L 242 66.59 -18.23 -4.92
N ALA L 243 67.07 -17.80 -3.75
CA ALA L 243 66.64 -16.54 -3.17
C ALA L 243 67.30 -15.33 -3.79
N GLU L 244 68.26 -15.52 -4.69
CA GLU L 244 68.94 -14.40 -5.31
C GLU L 244 67.96 -13.61 -6.18
N PRO L 245 67.99 -12.27 -6.13
CA PRO L 245 67.10 -11.49 -6.99
C PRO L 245 67.43 -11.67 -8.46
N ILE L 246 66.41 -11.50 -9.30
CA ILE L 246 66.58 -11.74 -10.74
C ILE L 246 67.59 -10.76 -11.33
N ALA L 247 67.53 -9.49 -10.91
CA ALA L 247 68.44 -8.49 -11.46
C ALA L 247 69.89 -8.81 -11.10
N LYS L 248 70.13 -9.30 -9.89
CA LYS L 248 71.49 -9.65 -9.49
C LYS L 248 71.99 -10.86 -10.27
N ARG L 249 71.15 -11.86 -10.48
CA ARG L 249 71.53 -13.02 -11.27
C ARG L 249 71.85 -12.63 -12.70
N ALA L 250 71.04 -11.74 -13.29
CA ALA L 250 71.26 -11.32 -14.66
C ALA L 250 72.63 -10.69 -14.83
N ARG L 251 73.05 -9.88 -13.84
CA ARG L 251 74.40 -9.33 -13.87
C ARG L 251 75.44 -10.43 -13.72
N PHE L 252 75.13 -11.47 -12.95
CA PHE L 252 76.07 -12.57 -12.75
C PHE L 252 76.21 -13.41 -14.01
N LEU L 253 75.09 -13.73 -14.66
CA LEU L 253 75.14 -14.55 -15.87
C LEU L 253 75.86 -13.83 -17.01
N ILE L 254 75.72 -12.50 -17.08
CA ILE L 254 76.44 -11.74 -18.10
C ILE L 254 77.94 -11.91 -17.95
N LYS L 255 78.42 -11.88 -16.70
CA LYS L 255 79.84 -12.14 -16.46
C LYS L 255 80.19 -13.60 -16.74
N ALA L 256 79.32 -14.53 -16.36
CA ALA L 256 79.61 -15.95 -16.55
C ALA L 256 79.64 -16.31 -18.02
N LEU L 257 78.64 -15.85 -18.78
CA LEU L 257 78.59 -16.17 -20.20
C LEU L 257 79.65 -15.42 -20.99
N GLY L 258 80.11 -14.29 -20.48
CA GLY L 258 81.15 -13.53 -21.16
C GLY L 258 82.51 -14.21 -21.15
N ARG L 259 82.69 -15.22 -20.30
CA ARG L 259 83.95 -15.94 -20.23
C ARG L 259 84.02 -17.10 -21.20
N LYS L 260 82.91 -17.44 -21.87
CA LYS L 260 82.86 -18.63 -22.72
C LYS L 260 82.33 -18.26 -24.09
N ARG L 261 82.77 -19.03 -25.10
CA ARG L 261 82.24 -18.89 -26.46
C ARG L 261 80.94 -19.67 -26.58
N PHE L 262 79.81 -19.01 -26.32
CA PHE L 262 78.54 -19.71 -26.21
C PHE L 262 77.76 -19.62 -27.52
N VAL L 263 76.84 -20.58 -27.68
CA VAL L 263 75.81 -20.53 -28.71
C VAL L 263 74.47 -20.75 -28.01
N ILE L 264 73.60 -19.75 -28.10
CA ILE L 264 72.29 -19.82 -27.46
C ILE L 264 71.24 -19.91 -28.56
N LEU L 265 70.48 -20.99 -28.56
CA LEU L 265 69.39 -21.19 -29.51
C LEU L 265 68.10 -20.74 -28.83
N LEU L 266 67.55 -19.62 -29.29
CA LEU L 266 66.44 -18.95 -28.64
C LEU L 266 65.17 -19.32 -29.42
N ASP L 267 64.38 -20.23 -28.88
CA ASP L 267 63.30 -20.87 -29.63
C ASP L 267 61.98 -20.14 -29.43
N ASP L 268 61.37 -19.72 -30.54
CA ASP L 268 60.01 -19.18 -30.59
C ASP L 268 59.85 -18.00 -29.63
N VAL L 269 60.59 -16.94 -29.92
CA VAL L 269 60.45 -15.69 -29.20
C VAL L 269 59.31 -14.89 -29.86
N ARG L 270 58.33 -14.48 -29.05
CA ARG L 270 57.12 -13.86 -29.57
C ARG L 270 57.06 -12.36 -29.33
N LYS L 271 57.90 -11.82 -28.45
CA LYS L 271 57.98 -10.38 -28.23
C LYS L 271 59.43 -9.98 -28.07
N LYS L 272 59.71 -8.71 -28.38
CA LYS L 272 61.03 -8.18 -28.11
C LYS L 272 61.30 -8.16 -26.61
N PHE L 273 62.45 -8.69 -26.22
CA PHE L 273 62.84 -8.70 -24.81
C PHE L 273 64.32 -8.38 -24.71
N CYS L 274 64.70 -7.80 -23.58
CA CYS L 274 66.07 -7.38 -23.35
C CYS L 274 66.90 -8.58 -22.92
N LEU L 275 67.96 -8.86 -23.67
CA LEU L 275 68.81 -10.01 -23.35
C LEU L 275 69.53 -9.81 -22.02
N GLU L 276 70.05 -8.61 -21.78
CA GLU L 276 70.77 -8.34 -20.54
C GLU L 276 69.89 -8.43 -19.30
N ASP L 277 68.57 -8.31 -19.46
CA ASP L 277 67.68 -8.46 -18.31
C ASP L 277 67.47 -9.92 -17.95
N VAL L 278 67.69 -10.83 -18.88
CA VAL L 278 67.57 -12.25 -18.59
C VAL L 278 68.93 -12.87 -18.25
N GLY L 279 70.02 -12.14 -18.49
CA GLY L 279 71.34 -12.63 -18.16
C GLY L 279 72.21 -12.92 -19.36
N ILE L 280 71.61 -12.94 -20.54
CA ILE L 280 72.34 -13.23 -21.77
C ILE L 280 73.03 -11.95 -22.26
N PRO L 281 74.36 -11.97 -22.43
CA PRO L 281 75.03 -10.81 -23.04
C PRO L 281 74.86 -10.85 -24.54
N THR L 282 74.54 -9.71 -25.13
CA THR L 282 74.42 -9.64 -26.58
C THR L 282 75.78 -9.83 -27.23
N PRO L 283 75.95 -10.80 -28.13
CA PRO L 283 77.24 -10.99 -28.77
C PRO L 283 77.58 -9.84 -29.71
N ASP L 284 78.88 -9.56 -29.81
CA ASP L 284 79.37 -8.48 -30.64
C ASP L 284 80.50 -9.01 -31.51
N ILE L 285 81.05 -8.12 -32.35
CA ILE L 285 82.09 -8.52 -33.29
C ILE L 285 83.33 -9.02 -32.56
N ASN L 286 83.70 -8.38 -31.46
CA ASN L 286 84.87 -8.78 -30.69
C ASN L 286 84.76 -10.20 -30.15
N SER L 287 83.56 -10.66 -29.82
CA SER L 287 83.35 -11.98 -29.25
C SER L 287 83.01 -12.98 -30.33
N GLN L 288 83.42 -14.23 -30.13
CA GLN L 288 83.10 -15.31 -31.05
C GLN L 288 81.73 -15.90 -30.79
N SER L 289 81.04 -15.46 -29.73
CA SER L 289 79.76 -16.05 -29.36
C SER L 289 78.71 -15.77 -30.43
N LYS L 290 77.75 -16.69 -30.54
CA LYS L 290 76.65 -16.57 -31.47
C LYS L 290 75.34 -16.70 -30.72
N LEU L 291 74.26 -16.19 -31.33
CA LEU L 291 72.93 -16.25 -30.76
C LEU L 291 71.93 -16.41 -31.89
N ILE L 292 71.21 -17.52 -31.90
CA ILE L 292 70.27 -17.85 -32.97
C ILE L 292 68.87 -17.87 -32.37
N LEU L 293 67.98 -17.06 -32.93
CA LEU L 293 66.61 -16.97 -32.46
C LEU L 293 65.64 -17.26 -33.60
N THR L 294 64.58 -17.99 -33.28
CA THR L 294 63.53 -18.30 -34.24
C THR L 294 62.22 -17.68 -33.78
N SER L 295 61.45 -17.16 -34.73
CA SER L 295 60.19 -16.50 -34.42
C SER L 295 59.32 -16.52 -35.67
N ARG L 296 58.01 -16.50 -35.45
CA ARG L 296 57.07 -16.41 -36.56
C ARG L 296 57.04 -15.04 -37.21
N TYR L 297 57.50 -14.00 -36.50
CA TYR L 297 57.34 -12.62 -36.95
C TYR L 297 58.69 -12.05 -37.34
N ARG L 298 58.76 -11.51 -38.56
CA ARG L 298 59.97 -10.80 -38.99
C ARG L 298 60.18 -9.53 -38.18
N GLU L 299 59.10 -8.94 -37.65
CA GLU L 299 59.23 -7.74 -36.85
C GLU L 299 60.01 -8.01 -35.56
N VAL L 300 59.77 -9.16 -34.93
CA VAL L 300 60.52 -9.50 -33.73
C VAL L 300 61.99 -9.73 -34.05
N CYS L 301 62.27 -10.42 -35.15
CA CYS L 301 63.65 -10.66 -35.54
C CYS L 301 64.37 -9.37 -35.89
N PHE L 302 63.65 -8.36 -36.40
CA PHE L 302 64.26 -7.07 -36.65
C PHE L 302 64.46 -6.28 -35.35
N GLN L 303 63.51 -6.41 -34.42
CA GLN L 303 63.64 -5.70 -33.15
C GLN L 303 64.81 -6.23 -32.33
N MET L 304 65.10 -7.52 -32.45
CA MET L 304 66.19 -8.15 -31.70
C MET L 304 67.54 -8.02 -32.40
N ASN L 305 67.70 -7.05 -33.29
CA ASN L 305 68.97 -6.74 -33.94
C ASN L 305 69.50 -7.89 -34.81
N ALA L 306 68.60 -8.66 -35.41
CA ALA L 306 68.99 -9.74 -36.31
C ALA L 306 68.67 -9.43 -37.77
N GLN L 307 68.58 -8.15 -38.13
CA GLN L 307 68.17 -7.78 -39.48
C GLN L 307 69.18 -8.23 -40.54
N ARG L 308 70.47 -8.13 -40.22
CA ARG L 308 71.51 -8.41 -41.22
C ARG L 308 71.75 -9.89 -41.44
N SER L 309 71.14 -10.77 -40.64
CA SER L 309 71.33 -12.21 -40.77
C SER L 309 70.02 -12.97 -40.73
N LEU L 310 69.01 -12.52 -41.49
CA LEU L 310 67.70 -13.14 -41.41
C LEU L 310 67.60 -14.31 -42.40
N ILE L 311 66.90 -15.36 -41.97
CA ILE L 311 66.60 -16.52 -42.80
C ILE L 311 65.10 -16.77 -42.77
N GLU L 312 64.51 -16.98 -43.93
CA GLU L 312 63.11 -17.34 -44.04
C GLU L 312 62.99 -18.85 -44.19
N MET L 313 62.21 -19.48 -43.31
CA MET L 313 61.98 -20.91 -43.37
C MET L 313 60.84 -21.17 -44.36
N GLN L 314 61.24 -21.60 -45.56
CA GLN L 314 60.27 -21.87 -46.60
C GLN L 314 59.63 -23.23 -46.41
N ILE L 315 58.44 -23.40 -47.00
CA ILE L 315 57.72 -24.65 -46.88
C ILE L 315 58.47 -25.78 -47.59
N LEU L 316 58.09 -27.01 -47.27
CA LEU L 316 58.75 -28.17 -47.84
C LEU L 316 58.47 -28.29 -49.33
N GLY L 317 59.41 -28.91 -50.04
CA GLY L 317 59.27 -29.04 -51.48
C GLY L 317 58.19 -30.03 -51.87
N ASN L 318 57.89 -30.05 -53.17
CA ASN L 318 56.83 -30.94 -53.67
C ASN L 318 57.16 -32.41 -53.44
N ASP L 319 58.40 -32.82 -53.71
CA ASP L 319 58.78 -34.21 -53.55
C ASP L 319 58.94 -34.59 -52.08
N ALA L 320 59.59 -33.73 -51.29
CA ALA L 320 59.87 -34.07 -49.91
C ALA L 320 58.61 -34.04 -49.05
N SER L 321 57.60 -33.28 -49.46
CA SER L 321 56.33 -33.29 -48.75
C SER L 321 55.55 -34.58 -48.97
N TRP L 322 55.86 -35.32 -50.03
CA TRP L 322 55.16 -36.57 -50.30
C TRP L 322 55.71 -37.70 -49.44
N GLU L 323 57.03 -37.87 -49.41
CA GLU L 323 57.62 -38.93 -48.60
C GLU L 323 57.41 -38.67 -47.11
N LEU L 324 57.23 -37.42 -46.71
CA LEU L 324 56.78 -37.13 -45.35
C LEU L 324 55.38 -37.67 -45.13
N PHE L 325 54.50 -37.49 -46.11
CA PHE L 325 53.14 -38.00 -46.02
C PHE L 325 53.14 -39.53 -46.00
N LEU L 326 54.00 -40.15 -46.82
CA LEU L 326 54.04 -41.60 -46.90
C LEU L 326 54.44 -42.22 -45.56
N SER L 327 55.43 -41.64 -44.89
CA SER L 327 55.89 -42.20 -43.62
C SER L 327 54.83 -42.09 -42.53
N LYS L 328 53.79 -41.28 -42.73
CA LYS L 328 52.75 -41.10 -41.72
C LYS L 328 51.64 -42.13 -41.84
N LEU L 329 51.63 -42.94 -42.89
CA LEU L 329 50.57 -43.91 -43.12
C LEU L 329 50.94 -45.27 -42.56
N SER L 330 49.92 -46.07 -42.27
CA SER L 330 50.14 -47.41 -41.75
C SER L 330 50.75 -48.31 -42.83
N THR L 331 51.14 -49.52 -42.41
CA THR L 331 51.80 -50.44 -43.33
C THR L 331 50.88 -50.86 -44.46
N GLU L 332 49.65 -51.27 -44.13
CA GLU L 332 48.73 -51.72 -45.17
C GLU L 332 48.23 -50.55 -46.01
N THR L 333 48.02 -49.38 -45.42
CA THR L 333 47.56 -48.22 -46.18
C THR L 333 48.65 -47.72 -47.12
N SER L 334 49.90 -47.73 -46.67
CA SER L 334 50.99 -47.28 -47.52
C SER L 334 51.14 -48.18 -48.75
N ALA L 335 50.92 -49.48 -48.58
CA ALA L 335 51.02 -50.41 -49.70
C ALA L 335 50.01 -50.12 -50.79
N ALA L 336 48.93 -49.41 -50.47
CA ALA L 336 47.95 -49.04 -51.49
C ALA L 336 48.42 -47.88 -52.35
N VAL L 337 49.20 -46.96 -51.79
CA VAL L 337 49.61 -45.75 -52.49
C VAL L 337 51.09 -45.75 -52.86
N GLU L 338 51.90 -46.62 -52.28
CA GLU L 338 53.32 -46.73 -52.60
C GLU L 338 53.61 -47.15 -54.04
N PRO L 339 52.99 -48.22 -54.57
CA PRO L 339 53.51 -48.83 -55.79
C PRO L 339 53.49 -47.89 -56.99
N LEU L 340 54.51 -48.06 -57.85
CA LEU L 340 54.62 -47.30 -59.10
C LEU L 340 54.71 -48.30 -60.24
N GLY L 341 55.03 -47.77 -61.43
CA GLY L 341 54.99 -48.56 -62.64
C GLY L 341 53.57 -48.62 -63.16
N SER L 342 52.71 -49.37 -62.47
CA SER L 342 51.29 -49.28 -62.70
C SER L 342 50.72 -48.02 -62.04
N GLN L 343 49.63 -47.52 -62.58
CA GLN L 343 48.98 -46.32 -62.07
C GLN L 343 47.59 -46.65 -61.56
N SER L 344 47.27 -46.13 -60.39
CA SER L 344 45.98 -46.36 -59.76
C SER L 344 45.43 -45.04 -59.26
N ALA L 345 44.09 -44.96 -59.21
CA ALA L 345 43.44 -43.71 -58.80
C ALA L 345 43.69 -43.41 -57.33
N THR L 346 43.96 -44.42 -56.51
CA THR L 346 44.19 -44.19 -55.09
C THR L 346 45.44 -43.34 -54.86
N ARG L 347 46.50 -43.58 -55.65
CA ARG L 347 47.68 -42.73 -55.55
C ARG L 347 47.36 -41.29 -55.94
N GLU L 348 46.56 -41.12 -56.99
CA GLU L 348 46.17 -39.77 -57.40
C GLU L 348 45.32 -39.09 -56.34
N HIS L 349 44.53 -39.87 -55.60
CA HIS L 349 43.72 -39.28 -54.53
C HIS L 349 44.57 -38.96 -53.32
N ALA L 350 45.55 -39.82 -53.00
CA ALA L 350 46.43 -39.56 -51.87
C ALA L 350 47.25 -38.30 -52.07
N MET L 351 47.79 -38.11 -53.28
CA MET L 351 48.58 -36.91 -53.56
C MET L 351 47.72 -35.65 -53.45
N LYS L 352 46.47 -35.72 -53.92
CA LYS L 352 45.59 -34.56 -53.82
C LYS L 352 45.40 -34.13 -52.38
N ILE L 353 45.39 -35.07 -51.43
CA ILE L 353 45.35 -34.72 -50.02
C ILE L 353 46.69 -34.11 -49.59
N ALA L 354 47.79 -34.69 -50.08
CA ALA L 354 49.10 -34.17 -49.72
C ALA L 354 49.31 -32.76 -50.24
N GLN L 355 48.85 -32.47 -51.46
CA GLN L 355 48.99 -31.12 -52.00
C GLN L 355 48.18 -30.11 -51.21
N SER L 356 47.05 -30.54 -50.64
CA SER L 356 46.23 -29.63 -49.84
C SER L 356 46.90 -29.20 -48.55
N CYS L 357 47.96 -29.89 -48.13
CA CYS L 357 48.70 -29.49 -46.94
C CYS L 357 49.65 -28.32 -47.20
N GLY L 358 49.87 -27.96 -48.46
CA GLY L 358 50.69 -26.82 -48.79
C GLY L 358 52.15 -26.97 -48.44
N GLY L 359 52.62 -28.19 -48.26
CA GLY L 359 54.02 -28.40 -47.91
C GLY L 359 54.38 -27.97 -46.51
N LEU L 360 53.39 -27.69 -45.66
CA LEU L 360 53.65 -27.28 -44.29
C LEU L 360 53.85 -28.53 -43.44
N PRO L 361 55.03 -28.74 -42.84
CA PRO L 361 55.27 -30.01 -42.12
C PRO L 361 54.28 -30.29 -41.01
N LEU L 362 53.75 -29.24 -40.36
CA LEU L 362 52.73 -29.45 -39.35
C LEU L 362 51.45 -29.99 -39.98
N ALA L 363 51.17 -29.59 -41.22
CA ALA L 363 49.98 -30.10 -41.91
C ALA L 363 50.17 -31.55 -42.35
N LEU L 364 51.35 -31.89 -42.85
CA LEU L 364 51.58 -33.26 -43.30
C LEU L 364 51.47 -34.24 -42.14
N ASN L 365 51.90 -33.84 -40.94
CA ASN L 365 51.81 -34.72 -39.80
C ASN L 365 50.37 -34.91 -39.34
N VAL L 366 49.62 -33.81 -39.21
CA VAL L 366 48.25 -33.90 -38.71
C VAL L 366 47.34 -34.54 -39.74
N ILE L 367 47.44 -34.11 -41.00
CA ILE L 367 46.60 -34.69 -42.04
C ILE L 367 47.00 -36.12 -42.35
N GLY L 368 48.30 -36.39 -42.40
CA GLY L 368 48.77 -37.73 -42.68
C GLY L 368 48.37 -38.74 -41.61
N THR L 369 48.40 -38.33 -40.35
CA THR L 369 48.00 -39.23 -39.27
C THR L 369 46.51 -39.54 -39.33
N ALA L 370 45.69 -38.54 -39.67
CA ALA L 370 44.25 -38.74 -39.72
C ALA L 370 43.85 -39.75 -40.78
N VAL L 371 44.53 -39.76 -41.91
CA VAL L 371 44.22 -40.67 -43.01
C VAL L 371 45.18 -41.86 -43.05
N ALA L 372 45.85 -42.15 -41.93
CA ALA L 372 46.82 -43.24 -41.91
C ALA L 372 46.16 -44.60 -41.97
N GLY L 373 44.86 -44.68 -41.67
CA GLY L 373 44.16 -45.96 -41.70
C GLY L 373 43.09 -46.03 -42.76
N LEU L 374 43.19 -45.19 -43.78
CA LEU L 374 42.22 -45.18 -44.85
C LEU L 374 42.32 -46.44 -45.68
N GLU L 375 41.21 -47.16 -45.83
CA GLU L 375 41.17 -48.31 -46.72
C GLU L 375 41.08 -47.84 -48.17
N GLU L 376 41.32 -48.78 -49.08
CA GLU L 376 41.38 -48.45 -50.50
C GLU L 376 40.08 -47.83 -51.01
N GLY L 377 38.95 -48.18 -50.40
CA GLY L 377 37.66 -47.80 -50.95
C GLY L 377 37.30 -46.34 -50.79
N GLU L 378 37.83 -45.67 -49.76
CA GLU L 378 37.41 -44.30 -49.46
C GLU L 378 38.54 -43.29 -49.54
N TRP L 379 39.59 -43.55 -50.33
CA TRP L 379 40.49 -42.47 -50.72
C TRP L 379 39.78 -41.45 -51.58
N GLN L 380 38.89 -41.92 -52.47
CA GLN L 380 38.20 -41.01 -53.39
C GLN L 380 37.32 -40.01 -52.65
N SER L 381 36.57 -40.46 -51.64
CA SER L 381 35.67 -39.59 -50.91
C SER L 381 36.41 -38.65 -49.98
N ALA L 382 37.48 -39.12 -49.34
CA ALA L 382 38.24 -38.27 -48.44
C ALA L 382 38.99 -37.19 -49.20
N ALA L 383 39.57 -37.54 -50.34
CA ALA L 383 40.34 -36.57 -51.12
C ALA L 383 39.45 -35.45 -51.66
N ASP L 384 38.22 -35.77 -52.06
CA ASP L 384 37.33 -34.75 -52.59
C ASP L 384 36.93 -33.75 -51.51
N ALA L 385 36.69 -34.22 -50.29
CA ALA L 385 36.23 -33.33 -49.23
C ALA L 385 37.38 -32.49 -48.68
N ILE L 386 38.60 -33.04 -48.70
CA ILE L 386 39.74 -32.31 -48.13
C ILE L 386 40.09 -31.10 -48.98
N ALA L 387 39.60 -31.07 -50.22
CA ALA L 387 39.80 -29.84 -51.01
C ALA L 387 38.90 -28.76 -50.39
N THR L 388 37.58 -28.95 -50.48
CA THR L 388 36.59 -27.95 -49.98
C THR L 388 36.63 -27.73 -48.46
N ASN L 389 36.79 -28.77 -47.64
CA ASN L 389 36.65 -28.57 -46.16
C ASN L 389 37.72 -29.29 -45.33
N MET L 390 37.96 -28.80 -44.11
CA MET L 390 38.96 -29.43 -43.20
C MET L 390 38.47 -29.41 -41.74
N ASP L 391 37.16 -29.31 -41.49
CA ASP L 391 36.64 -29.40 -40.13
C ASP L 391 36.25 -30.82 -39.74
N ASN L 392 35.99 -31.68 -40.71
CA ASN L 392 35.62 -33.07 -40.43
C ASN L 392 36.82 -33.99 -40.32
N ILE L 393 38.04 -33.45 -40.40
CA ILE L 393 39.27 -34.25 -40.39
C ILE L 393 39.83 -34.24 -38.98
N ASP L 394 40.40 -35.37 -38.57
CA ASP L 394 40.81 -35.57 -37.18
C ASP L 394 42.06 -34.78 -36.84
N GLY L 395 42.06 -34.16 -35.66
CA GLY L 395 43.24 -33.51 -35.12
C GLY L 395 43.51 -32.12 -35.64
N VAL L 396 42.70 -31.60 -36.56
CA VAL L 396 42.94 -30.29 -37.12
C VAL L 396 42.40 -29.18 -36.23
N ASP L 397 41.38 -29.48 -35.41
CA ASP L 397 40.85 -28.48 -34.50
C ASP L 397 41.92 -27.97 -33.55
N GLU L 398 42.88 -28.81 -33.19
CA GLU L 398 44.02 -28.36 -32.39
C GLU L 398 45.17 -27.85 -33.25
N MET L 399 45.20 -28.20 -34.53
CA MET L 399 46.15 -27.57 -35.45
C MET L 399 45.92 -26.07 -35.53
N PHE L 400 44.69 -25.66 -35.82
CA PHE L 400 44.41 -24.22 -35.96
C PHE L 400 44.55 -23.51 -34.62
N GLY L 401 44.30 -24.21 -33.51
CA GLY L 401 44.58 -23.63 -32.21
C GLY L 401 46.05 -23.32 -32.02
N ARG L 402 46.92 -24.16 -32.61
CA ARG L 402 48.35 -23.89 -32.57
C ARG L 402 48.73 -22.70 -33.44
N LEU L 403 48.09 -22.56 -34.60
CA LEU L 403 48.40 -21.45 -35.51
C LEU L 403 47.58 -20.20 -35.19
N LYS L 404 46.61 -20.30 -34.28
CA LYS L 404 45.68 -19.20 -34.05
C LYS L 404 46.36 -18.02 -33.38
N TYR L 405 47.46 -18.24 -32.67
CA TYR L 405 48.07 -17.15 -31.90
C TYR L 405 48.54 -16.02 -32.82
N SER L 406 49.09 -16.37 -33.99
CA SER L 406 49.48 -15.34 -34.94
C SER L 406 48.31 -14.46 -35.35
N PHE L 407 47.08 -14.98 -35.26
CA PHE L 407 45.88 -14.19 -35.53
C PHE L 407 45.40 -13.43 -34.30
N ASP L 408 45.49 -14.05 -33.11
CA ASP L 408 45.10 -13.36 -31.89
C ASP L 408 46.04 -12.22 -31.56
N ARG L 409 47.28 -12.29 -32.03
CA ARG L 409 48.24 -11.21 -31.82
C ARG L 409 47.80 -9.92 -32.51
N LEU L 410 46.99 -10.04 -33.56
CA LEU L 410 46.66 -8.88 -34.38
C LEU L 410 45.70 -7.94 -33.67
N THR L 411 45.74 -6.68 -34.07
CA THR L 411 44.74 -5.71 -33.64
C THR L 411 43.40 -6.02 -34.32
N PRO L 412 42.29 -5.54 -33.77
CA PRO L 412 40.99 -5.83 -34.39
C PRO L 412 40.88 -5.35 -35.82
N THR L 413 41.52 -4.24 -36.17
CA THR L 413 41.50 -3.79 -37.57
C THR L 413 42.25 -4.76 -38.48
N GLN L 414 43.36 -5.33 -38.00
CA GLN L 414 44.12 -6.26 -38.83
C GLN L 414 43.41 -7.61 -38.94
N GLN L 415 42.66 -8.00 -37.90
CA GLN L 415 41.93 -9.26 -37.95
C GLN L 415 40.87 -9.23 -39.05
N GLN L 416 40.14 -8.13 -39.15
CA GLN L 416 39.13 -8.01 -40.20
C GLN L 416 39.77 -7.99 -41.58
N CYS L 417 40.91 -7.32 -41.72
CA CYS L 417 41.60 -7.29 -43.01
C CYS L 417 42.11 -8.66 -43.40
N PHE L 418 42.54 -9.46 -42.43
CA PHE L 418 42.98 -10.82 -42.73
C PHE L 418 41.80 -11.69 -43.15
N LEU L 419 40.68 -11.61 -42.41
CA LEU L 419 39.49 -12.36 -42.78
C LEU L 419 38.93 -11.88 -44.12
N TYR L 420 39.11 -10.59 -44.42
CA TYR L 420 38.67 -10.05 -45.71
C TYR L 420 39.38 -10.73 -46.88
N CYS L 421 40.59 -11.24 -46.66
CA CYS L 421 41.34 -11.88 -47.73
C CYS L 421 40.95 -13.34 -47.93
N THR L 422 40.21 -13.93 -47.00
CA THR L 422 39.88 -15.35 -47.09
C THR L 422 38.78 -15.62 -48.11
N LEU L 423 38.09 -14.60 -48.59
CA LEU L 423 37.00 -14.80 -49.54
C LEU L 423 37.47 -14.68 -50.99
N PHE L 424 38.77 -14.53 -51.22
CA PHE L 424 39.32 -14.59 -52.57
C PHE L 424 39.59 -16.04 -52.95
N PRO L 425 39.65 -16.33 -54.25
CA PRO L 425 39.74 -17.73 -54.68
C PRO L 425 41.03 -18.39 -54.21
N GLU L 426 40.95 -19.68 -53.92
CA GLU L 426 42.12 -20.44 -53.52
C GLU L 426 43.10 -20.56 -54.69
N TYR L 427 44.39 -20.59 -54.37
CA TYR L 427 45.49 -20.62 -55.34
C TYR L 427 45.49 -19.41 -56.26
N GLY L 428 44.93 -18.29 -55.83
CA GLY L 428 44.92 -17.08 -56.64
C GLY L 428 45.64 -15.93 -55.96
N SER L 429 46.42 -15.20 -56.74
CA SER L 429 47.17 -14.05 -56.26
C SER L 429 46.35 -12.78 -56.48
N ILE L 430 46.25 -11.96 -55.44
CA ILE L 430 45.46 -10.73 -55.47
C ILE L 430 46.40 -9.55 -55.28
N SER L 431 46.03 -8.41 -55.84
CA SER L 431 46.90 -7.24 -55.81
C SER L 431 46.62 -6.39 -54.57
N LYS L 432 47.68 -5.74 -54.08
CA LYS L 432 47.54 -4.89 -52.90
C LYS L 432 46.62 -3.71 -53.16
N GLU L 433 46.74 -3.10 -54.34
CA GLU L 433 45.92 -1.93 -54.65
C GLU L 433 44.43 -2.27 -54.65
N GLN L 434 44.07 -3.42 -55.23
CA GLN L 434 42.68 -3.87 -55.18
C GLN L 434 42.25 -4.13 -53.74
N LEU L 435 43.09 -4.82 -52.97
CA LEU L 435 42.73 -5.21 -51.62
C LEU L 435 42.57 -3.98 -50.72
N ILE L 436 43.45 -3.00 -50.86
CA ILE L 436 43.33 -1.77 -50.09
C ILE L 436 42.08 -1.01 -50.49
N GLY L 437 41.73 -1.05 -51.79
CA GLY L 437 40.54 -0.35 -52.24
C GLY L 437 39.28 -0.82 -51.54
N TYR L 438 39.13 -2.13 -51.37
CA TYR L 438 37.97 -2.66 -50.65
C TYR L 438 37.99 -2.21 -49.20
N TRP L 439 39.18 -2.20 -48.58
CA TRP L 439 39.27 -1.82 -47.17
C TRP L 439 38.94 -0.35 -46.94
N LEU L 440 39.35 0.53 -47.86
CA LEU L 440 39.06 1.95 -47.70
C LEU L 440 37.56 2.21 -47.67
N ALA L 441 36.82 1.59 -48.60
CA ALA L 441 35.37 1.76 -48.63
C ALA L 441 34.70 1.07 -47.45
N GLU L 442 35.22 -0.08 -47.02
CA GLU L 442 34.62 -0.81 -45.91
C GLU L 442 34.69 -0.06 -44.60
N GLY L 443 35.54 0.97 -44.51
CA GLY L 443 35.70 1.71 -43.28
C GLY L 443 36.76 1.15 -42.35
N LEU L 444 37.43 0.08 -42.72
CA LEU L 444 38.52 -0.44 -41.90
C LEU L 444 39.68 0.55 -41.84
N LEU L 445 39.94 1.25 -42.94
CA LEU L 445 40.97 2.28 -42.99
C LEU L 445 40.28 3.64 -42.87
N LEU L 446 40.83 4.51 -42.02
CA LEU L 446 40.28 5.85 -41.83
C LEU L 446 40.69 6.77 -42.98
N ASN L 447 40.26 6.39 -44.17
CA ASN L 447 40.52 7.10 -45.42
C ASN L 447 42.01 7.26 -45.71
N ASP L 448 42.86 6.39 -45.16
CA ASP L 448 44.30 6.47 -45.35
C ASP L 448 44.76 5.27 -46.16
N SER L 449 45.40 5.52 -47.30
CA SER L 449 45.88 4.43 -48.14
C SER L 449 47.14 3.79 -47.59
N GLU L 450 47.99 4.56 -46.90
CA GLU L 450 49.20 4.00 -46.31
C GLU L 450 48.88 2.97 -45.24
N LYS L 451 47.87 3.24 -44.41
CA LYS L 451 47.49 2.29 -43.37
C LYS L 451 47.11 0.94 -43.97
N GLY L 452 46.55 0.93 -45.18
CA GLY L 452 46.30 -0.33 -45.86
C GLY L 452 47.58 -1.06 -46.20
N TYR L 453 48.60 -0.33 -46.67
CA TYR L 453 49.90 -0.94 -46.92
C TYR L 453 50.56 -1.39 -45.62
N GLN L 454 50.32 -0.65 -44.53
CA GLN L 454 50.85 -1.07 -43.23
C GLN L 454 50.26 -2.40 -42.79
N ILE L 455 48.95 -2.56 -42.94
CA ILE L 455 48.29 -3.80 -42.52
C ILE L 455 48.78 -4.97 -43.38
N ILE L 456 48.87 -4.77 -44.69
CA ILE L 456 49.38 -5.82 -45.56
C ILE L 456 50.83 -6.16 -45.19
N ARG L 457 51.64 -5.14 -44.93
CA ARG L 457 53.02 -5.38 -44.52
C ARG L 457 53.09 -6.06 -43.17
N SER L 458 52.19 -5.71 -42.26
CA SER L 458 52.15 -6.38 -40.95
C SER L 458 51.77 -7.85 -41.11
N LEU L 459 50.79 -8.13 -41.97
CA LEU L 459 50.37 -9.52 -42.18
C LEU L 459 51.44 -10.34 -42.85
N VAL L 460 52.18 -9.75 -43.78
CA VAL L 460 53.27 -10.46 -44.43
C VAL L 460 54.36 -10.81 -43.43
N SER L 461 54.65 -9.90 -42.49
CA SER L 461 55.66 -10.14 -41.47
C SER L 461 55.23 -11.18 -40.44
N ALA L 462 53.93 -11.40 -40.26
CA ALA L 462 53.42 -12.42 -39.37
C ALA L 462 53.17 -13.74 -40.08
N CYS L 463 53.54 -13.83 -41.36
CA CYS L 463 53.38 -15.01 -42.21
C CYS L 463 51.92 -15.37 -42.46
N LEU L 464 50.99 -14.45 -42.18
CA LEU L 464 49.60 -14.70 -42.51
C LEU L 464 49.29 -14.46 -43.98
N LEU L 465 50.11 -13.65 -44.66
CA LEU L 465 50.01 -13.45 -46.09
C LEU L 465 51.40 -13.64 -46.70
N GLN L 466 51.43 -13.90 -47.99
CA GLN L 466 52.66 -14.12 -48.72
C GLN L 466 52.74 -13.18 -49.91
N VAL L 467 53.83 -12.41 -49.99
CA VAL L 467 54.07 -11.60 -51.17
C VAL L 467 54.65 -12.48 -52.26
N SER L 468 53.96 -12.57 -53.40
CA SER L 468 54.35 -13.50 -54.44
C SER L 468 53.86 -13.01 -55.78
N GLY L 469 54.49 -13.48 -56.84
CA GLY L 469 54.10 -13.11 -58.18
C GLY L 469 55.32 -12.68 -58.98
N SER L 470 55.07 -12.35 -60.25
CA SER L 470 56.12 -11.75 -61.07
C SER L 470 56.56 -10.40 -60.54
N MET L 471 55.72 -9.73 -59.75
CA MET L 471 56.08 -8.50 -59.08
C MET L 471 55.53 -8.57 -57.66
N SER L 472 56.16 -7.85 -56.74
CA SER L 472 55.76 -7.85 -55.34
C SER L 472 54.47 -7.09 -55.08
N SER L 473 53.75 -6.68 -56.13
CA SER L 473 52.49 -5.96 -55.95
C SER L 473 51.32 -6.87 -55.66
N LYS L 474 51.51 -8.19 -55.69
CA LYS L 474 50.46 -9.16 -55.44
C LYS L 474 50.73 -9.91 -54.15
N VAL L 475 49.67 -10.12 -53.36
CA VAL L 475 49.75 -10.92 -52.15
C VAL L 475 48.84 -12.13 -52.30
N LYS L 476 49.14 -13.18 -51.53
CA LYS L 476 48.36 -14.40 -51.55
C LYS L 476 48.41 -15.04 -50.17
N MET L 477 47.60 -16.07 -49.98
CA MET L 477 47.48 -16.77 -48.70
C MET L 477 47.85 -18.24 -48.89
N HIS L 478 48.63 -18.77 -47.95
CA HIS L 478 48.93 -20.19 -47.96
C HIS L 478 47.65 -20.99 -47.71
N HIS L 479 47.58 -22.18 -48.30
CA HIS L 479 46.34 -22.96 -48.27
C HIS L 479 45.91 -23.25 -46.84
N VAL L 480 46.85 -23.68 -45.99
CA VAL L 480 46.52 -23.99 -44.61
C VAL L 480 46.09 -22.73 -43.86
N ILE L 481 46.74 -21.60 -44.15
CA ILE L 481 46.35 -20.36 -43.50
C ILE L 481 44.96 -19.93 -43.93
N ARG L 482 44.62 -20.13 -45.20
CA ARG L 482 43.26 -19.80 -45.66
C ARG L 482 42.22 -20.67 -44.95
N GLN L 483 42.51 -21.97 -44.79
CA GLN L 483 41.60 -22.84 -44.07
C GLN L 483 41.46 -22.40 -42.61
N LEU L 484 42.54 -21.87 -42.04
CA LEU L 484 42.46 -21.27 -40.71
C LEU L 484 41.56 -20.05 -40.72
N GLY L 485 41.64 -19.24 -41.78
CA GLY L 485 40.77 -18.07 -41.88
C GLY L 485 39.31 -18.45 -41.98
N LEU L 486 38.99 -19.43 -42.84
CA LEU L 486 37.62 -19.92 -42.92
C LEU L 486 37.17 -20.55 -41.61
N TRP L 487 38.06 -21.29 -40.96
CA TRP L 487 37.74 -21.89 -39.68
C TRP L 487 37.47 -20.82 -38.62
N LEU L 488 38.27 -19.75 -38.61
CA LEU L 488 38.02 -18.67 -37.65
C LEU L 488 36.71 -17.96 -37.93
N VAL L 489 36.35 -17.80 -39.22
CA VAL L 489 35.08 -17.19 -39.57
C VAL L 489 33.92 -18.03 -39.05
N ASN L 490 34.00 -19.35 -39.21
CA ASN L 490 32.93 -20.23 -38.74
C ASN L 490 32.77 -20.14 -37.23
N LYS L 491 33.86 -20.07 -36.47
CA LYS L 491 33.76 -19.92 -35.03
C LYS L 491 33.20 -18.56 -34.63
N SER L 492 33.43 -17.54 -35.44
CA SER L 492 32.90 -16.21 -35.16
C SER L 492 31.40 -16.17 -35.45
N ASP L 493 30.71 -15.27 -34.74
CA ASP L 493 29.26 -15.14 -34.91
C ASP L 493 28.89 -14.31 -36.14
N THR L 494 29.84 -13.60 -36.73
CA THR L 494 29.60 -12.84 -37.95
C THR L 494 29.85 -13.76 -39.14
N LYS L 495 28.79 -14.41 -39.60
CA LYS L 495 28.91 -15.41 -40.66
C LYS L 495 29.28 -14.77 -41.99
N PHE L 496 30.15 -15.45 -42.73
CA PHE L 496 30.47 -15.09 -44.11
C PHE L 496 29.86 -16.11 -45.05
N LEU L 497 29.66 -15.71 -46.30
CA LEU L 497 29.34 -16.62 -47.38
C LEU L 497 30.49 -16.61 -48.37
N VAL L 498 31.36 -17.62 -48.28
CA VAL L 498 32.60 -17.64 -49.04
C VAL L 498 32.60 -18.83 -49.98
N GLN L 499 32.23 -18.59 -51.24
CA GLN L 499 32.24 -19.65 -52.26
C GLN L 499 32.88 -19.17 -53.56
N PRO L 500 34.16 -18.78 -53.53
CA PRO L 500 34.83 -18.39 -54.77
C PRO L 500 35.64 -19.54 -55.35
N GLY L 501 35.88 -19.46 -56.66
CA GLY L 501 36.82 -20.32 -57.32
C GLY L 501 36.51 -21.81 -57.30
N MET L 502 35.27 -22.17 -56.97
CA MET L 502 34.90 -23.57 -56.92
C MET L 502 34.39 -24.08 -58.27
N ALA L 503 34.43 -23.26 -59.32
CA ALA L 503 33.83 -23.59 -60.60
C ALA L 503 32.34 -23.89 -60.44
N LEU L 504 31.67 -23.06 -59.64
CA LEU L 504 30.24 -23.18 -59.45
C LEU L 504 29.51 -22.87 -60.76
N ASP L 505 28.59 -23.74 -61.15
CA ASP L 505 27.85 -23.57 -62.39
C ASP L 505 26.54 -22.81 -62.21
N ASN L 506 26.05 -22.69 -60.98
CA ASN L 506 24.82 -21.96 -60.71
C ASN L 506 24.93 -21.31 -59.33
N ALA L 507 24.16 -20.26 -59.14
CA ALA L 507 24.23 -19.49 -57.90
C ALA L 507 23.78 -20.36 -56.72
N PRO L 508 24.32 -20.13 -55.53
CA PRO L 508 23.91 -20.90 -54.36
C PRO L 508 22.49 -20.54 -53.92
N SER L 509 21.97 -21.35 -53.00
CA SER L 509 20.64 -21.14 -52.48
C SER L 509 20.51 -19.77 -51.82
N ALA L 510 19.41 -19.08 -52.09
CA ALA L 510 19.20 -17.73 -51.58
C ALA L 510 18.96 -17.70 -50.08
N GLU L 511 18.72 -18.85 -49.44
CA GLU L 511 18.51 -18.87 -48.00
C GLU L 511 19.80 -18.62 -47.24
N GLU L 512 20.94 -19.05 -47.78
CA GLU L 512 22.21 -18.90 -47.09
C GLU L 512 22.68 -17.44 -47.05
N TRP L 513 22.02 -16.55 -47.78
CA TRP L 513 22.42 -15.15 -47.85
C TRP L 513 21.80 -14.30 -46.75
N ASN L 514 21.09 -14.90 -45.80
CA ASN L 514 20.33 -14.12 -44.83
C ASN L 514 21.24 -13.38 -43.85
N GLU L 515 22.01 -14.13 -43.05
CA GLU L 515 22.79 -13.53 -41.98
C GLU L 515 24.23 -13.21 -42.39
N ALA L 516 24.66 -13.63 -43.58
CA ALA L 516 26.04 -13.41 -43.99
C ALA L 516 26.30 -11.93 -44.24
N THR L 517 27.48 -11.46 -43.84
CA THR L 517 27.88 -10.08 -44.02
C THR L 517 28.79 -9.87 -45.22
N ARG L 518 29.63 -10.86 -45.53
CA ARG L 518 30.50 -10.80 -46.70
C ARG L 518 30.13 -11.93 -47.65
N ILE L 519 29.92 -11.59 -48.93
CA ILE L 519 29.54 -12.55 -49.95
C ILE L 519 30.61 -12.52 -51.04
N SER L 520 31.07 -13.70 -51.44
CA SER L 520 32.02 -13.81 -52.53
C SER L 520 31.72 -15.07 -53.34
N ILE L 521 31.43 -14.88 -54.62
CA ILE L 521 31.23 -15.99 -55.55
C ILE L 521 32.16 -15.77 -56.74
N MET L 522 33.32 -15.18 -56.47
CA MET L 522 34.32 -14.87 -57.47
C MET L 522 34.71 -16.06 -58.35
N SER L 523 35.14 -15.78 -59.58
CA SER L 523 35.77 -16.74 -60.48
C SER L 523 34.88 -17.95 -60.79
N ASN L 524 33.62 -17.90 -60.39
CA ASN L 524 32.69 -18.97 -60.73
C ASN L 524 32.16 -18.78 -62.15
N ASN L 525 31.55 -19.84 -62.67
CA ASN L 525 30.91 -19.81 -63.97
C ASN L 525 29.43 -19.47 -63.89
N ILE L 526 29.04 -18.63 -62.93
CA ILE L 526 27.64 -18.29 -62.74
C ILE L 526 27.08 -17.70 -64.02
N THR L 527 25.88 -18.14 -64.41
CA THR L 527 25.23 -17.65 -65.61
C THR L 527 23.98 -16.83 -65.33
N GLU L 528 23.29 -17.09 -64.23
CA GLU L 528 22.03 -16.41 -63.94
C GLU L 528 21.94 -16.14 -62.44
N LEU L 529 21.43 -14.95 -62.11
CA LEU L 529 21.32 -14.47 -60.73
C LEU L 529 19.92 -13.91 -60.55
N SER L 530 18.92 -14.69 -60.96
CA SER L 530 17.55 -14.22 -61.12
C SER L 530 16.77 -14.10 -59.82
N PHE L 531 17.31 -14.55 -58.69
CA PHE L 531 16.56 -14.44 -57.45
C PHE L 531 16.80 -13.07 -56.81
N SER L 532 16.17 -12.85 -55.66
CA SER L 532 16.34 -11.62 -54.88
C SER L 532 16.49 -12.01 -53.41
N PRO L 533 17.71 -12.01 -52.88
CA PRO L 533 17.95 -12.53 -51.54
C PRO L 533 17.61 -11.51 -50.46
N LYS L 534 17.55 -12.01 -49.23
CA LYS L 534 17.30 -11.19 -48.05
C LYS L 534 18.59 -10.69 -47.41
N CYS L 535 19.40 -9.95 -48.16
CA CYS L 535 20.72 -9.54 -47.68
C CYS L 535 20.67 -8.24 -46.90
N LYS L 536 20.04 -8.26 -45.72
CA LYS L 536 19.99 -7.08 -44.88
C LYS L 536 21.35 -6.69 -44.32
N ASN L 537 22.14 -7.68 -43.88
CA ASN L 537 23.39 -7.41 -43.18
C ASN L 537 24.62 -7.37 -44.10
N VAL L 538 24.45 -7.63 -45.40
CA VAL L 538 25.60 -7.71 -46.29
C VAL L 538 26.26 -6.35 -46.42
N THR L 539 27.58 -6.32 -46.20
CA THR L 539 28.38 -5.11 -46.38
C THR L 539 29.43 -5.26 -47.47
N THR L 540 29.45 -6.37 -48.19
CA THR L 540 30.40 -6.61 -49.27
C THR L 540 29.85 -7.67 -50.20
N LEU L 541 29.88 -7.38 -51.51
CA LEU L 541 29.40 -8.30 -52.53
C LEU L 541 30.43 -8.35 -53.65
N LEU L 542 30.92 -9.56 -53.94
CA LEU L 542 32.00 -9.75 -54.91
C LEU L 542 31.54 -10.76 -55.95
N MET L 543 31.68 -10.40 -57.23
CA MET L 543 31.33 -11.28 -58.33
C MET L 543 32.31 -11.17 -59.51
N GLN L 544 33.55 -10.77 -59.26
CA GLN L 544 34.48 -10.61 -60.36
C GLN L 544 34.82 -11.98 -60.98
N ASN L 545 35.23 -11.93 -62.25
CA ASN L 545 35.63 -13.11 -63.01
C ASN L 545 34.49 -14.11 -63.19
N ASN L 546 33.26 -13.64 -63.27
CA ASN L 546 32.14 -14.47 -63.70
C ASN L 546 31.92 -14.24 -65.19
N PRO L 547 32.49 -15.07 -66.06
CA PRO L 547 32.48 -14.74 -67.50
C PRO L 547 31.10 -14.83 -68.13
N ASN L 548 30.20 -15.64 -67.60
CA ASN L 548 28.91 -15.90 -68.24
C ASN L 548 27.74 -15.19 -67.56
N LEU L 549 27.94 -14.59 -66.39
CA LEU L 549 26.86 -13.92 -65.69
C LEU L 549 26.48 -12.65 -66.43
N ASN L 550 25.33 -12.65 -67.08
CA ASN L 550 24.85 -11.50 -67.83
C ASN L 550 23.40 -11.11 -67.55
N LYS L 551 22.62 -11.98 -66.91
CA LYS L 551 21.24 -11.66 -66.57
C LYS L 551 21.11 -11.57 -65.05
N MET L 552 20.55 -10.46 -64.58
CA MET L 552 20.35 -10.23 -63.16
C MET L 552 18.96 -9.67 -62.95
N SER L 553 18.29 -10.17 -61.91
CA SER L 553 16.92 -9.76 -61.64
C SER L 553 16.90 -8.31 -61.14
N TYR L 554 16.03 -7.50 -61.75
CA TYR L 554 15.83 -6.14 -61.26
C TYR L 554 15.23 -6.17 -59.86
N GLY L 555 15.65 -5.23 -59.04
CA GLY L 555 15.33 -5.30 -57.62
C GLY L 555 16.23 -6.23 -56.84
N PHE L 556 17.37 -6.63 -57.41
CA PHE L 556 18.30 -7.50 -56.70
C PHE L 556 18.87 -6.80 -55.48
N PHE L 557 19.16 -5.50 -55.61
CA PHE L 557 19.78 -4.73 -54.53
C PHE L 557 18.77 -4.08 -53.60
N ARG L 558 17.53 -4.56 -53.54
CA ARG L 558 16.54 -3.95 -52.67
C ARG L 558 16.92 -4.07 -51.21
N THR L 559 17.40 -5.24 -50.79
CA THR L 559 17.74 -5.46 -49.39
C THR L 559 19.16 -5.01 -49.03
N MET L 560 19.96 -4.62 -50.01
CA MET L 560 21.31 -4.10 -49.74
C MET L 560 21.28 -2.67 -49.23
N SER L 561 20.75 -2.45 -48.03
CA SER L 561 20.69 -1.12 -47.45
C SER L 561 22.02 -0.73 -46.82
N SER L 562 22.95 -1.69 -46.76
CA SER L 562 24.26 -1.39 -46.17
C SER L 562 25.40 -1.95 -47.00
N LEU L 563 25.18 -2.35 -48.25
CA LEU L 563 26.25 -2.86 -49.10
C LEU L 563 27.25 -1.74 -49.39
N LYS L 564 28.48 -1.90 -48.93
CA LYS L 564 29.49 -0.86 -49.07
C LYS L 564 30.44 -1.10 -50.24
N VAL L 565 30.74 -2.36 -50.54
CA VAL L 565 31.61 -2.70 -51.66
C VAL L 565 30.84 -3.58 -52.63
N LEU L 566 30.78 -3.16 -53.89
CA LEU L 566 30.06 -3.91 -54.92
C LEU L 566 31.00 -4.03 -56.12
N ASP L 567 31.42 -5.26 -56.43
CA ASP L 567 32.34 -5.52 -57.52
C ASP L 567 31.70 -6.49 -58.51
N LEU L 568 31.64 -6.08 -59.77
CA LEU L 568 31.09 -6.90 -60.85
C LEU L 568 32.09 -6.92 -62.00
N SER L 569 33.38 -6.93 -61.66
CA SER L 569 34.44 -6.86 -62.66
C SER L 569 34.47 -8.12 -63.50
N HIS L 570 34.92 -7.96 -64.75
CA HIS L 570 35.17 -9.10 -65.65
C HIS L 570 33.92 -9.98 -65.81
N THR L 571 32.75 -9.37 -65.78
CA THR L 571 31.50 -10.09 -65.92
C THR L 571 30.81 -9.62 -67.20
N ALA L 572 29.80 -10.38 -67.63
CA ALA L 572 29.20 -10.21 -68.94
C ALA L 572 27.91 -9.40 -68.93
N ILE L 573 27.55 -8.75 -67.82
CA ILE L 573 26.32 -7.98 -67.80
C ILE L 573 26.46 -6.77 -68.70
N THR L 574 25.33 -6.35 -69.28
CA THR L 574 25.28 -5.12 -70.05
C THR L 574 24.42 -4.04 -69.39
N SER L 575 23.55 -4.42 -68.47
CA SER L 575 22.71 -3.48 -67.76
C SER L 575 22.73 -3.80 -66.28
N LEU L 576 22.61 -2.76 -65.45
CA LEU L 576 22.62 -2.95 -64.02
C LEU L 576 21.23 -2.77 -63.44
N PRO L 577 20.84 -3.60 -62.45
CA PRO L 577 19.54 -3.41 -61.80
C PRO L 577 19.45 -2.08 -61.07
N GLU L 578 18.23 -1.61 -60.82
CA GLU L 578 18.06 -0.33 -60.14
C GLU L 578 18.67 -0.38 -58.75
N CYS L 579 19.22 0.75 -58.31
CA CYS L 579 20.01 0.77 -57.09
C CYS L 579 19.66 1.94 -56.17
N ASP L 580 18.39 2.34 -56.12
CA ASP L 580 18.00 3.42 -55.21
C ASP L 580 18.15 3.01 -53.75
N ALA L 581 18.15 1.71 -53.45
CA ALA L 581 18.29 1.24 -52.08
C ALA L 581 19.73 1.21 -51.60
N LEU L 582 20.71 1.42 -52.49
CA LEU L 582 22.11 1.45 -52.10
C LEU L 582 22.45 2.78 -51.44
N VAL L 583 21.93 2.99 -50.23
CA VAL L 583 22.09 4.28 -49.56
C VAL L 583 23.48 4.49 -49.01
N ALA L 584 24.26 3.41 -48.82
CA ALA L 584 25.56 3.51 -48.18
C ALA L 584 26.70 2.95 -49.04
N LEU L 585 26.46 2.68 -50.32
CA LEU L 585 27.52 2.17 -51.17
C LEU L 585 28.61 3.21 -51.37
N GLU L 586 29.86 2.78 -51.25
CA GLU L 586 31.01 3.66 -51.39
C GLU L 586 31.97 3.21 -52.48
N HIS L 587 31.97 1.94 -52.86
CA HIS L 587 32.86 1.42 -53.89
C HIS L 587 32.03 0.64 -54.90
N LEU L 588 32.24 0.90 -56.18
CA LEU L 588 31.53 0.21 -57.24
C LEU L 588 32.47 0.09 -58.44
N ASN L 589 32.89 -1.14 -58.75
CA ASN L 589 33.81 -1.41 -59.83
C ASN L 589 33.09 -2.22 -60.91
N LEU L 590 33.22 -1.78 -62.16
CA LEU L 590 32.66 -2.48 -63.31
C LEU L 590 33.66 -2.63 -64.44
N SER L 591 34.93 -2.88 -64.12
CA SER L 591 35.96 -2.96 -65.15
C SER L 591 35.80 -4.22 -65.99
N HIS L 592 36.11 -4.09 -67.29
CA HIS L 592 36.14 -5.21 -68.23
C HIS L 592 34.77 -5.85 -68.43
N THR L 593 33.70 -5.12 -68.12
CA THR L 593 32.35 -5.62 -68.34
C THR L 593 31.73 -4.96 -69.56
N HIS L 594 30.64 -5.58 -70.05
CA HIS L 594 29.95 -5.12 -71.24
C HIS L 594 28.84 -4.13 -70.95
N ILE L 595 28.91 -3.38 -69.85
CA ILE L 595 27.88 -2.41 -69.53
C ILE L 595 27.86 -1.35 -70.62
N MET L 596 26.66 -1.05 -71.13
CA MET L 596 26.51 -0.07 -72.20
C MET L 596 26.11 1.30 -71.68
N ARG L 597 25.06 1.37 -70.87
CA ARG L 597 24.66 2.62 -70.24
C ARG L 597 24.58 2.42 -68.74
N LEU L 598 24.95 3.46 -68.00
CA LEU L 598 24.97 3.41 -66.56
C LEU L 598 23.70 4.05 -66.02
N PRO L 599 22.88 3.33 -65.26
CA PRO L 599 21.54 3.84 -64.91
C PRO L 599 21.58 5.13 -64.12
N GLU L 600 20.52 5.93 -64.30
CA GLU L 600 20.44 7.27 -63.71
C GLU L 600 20.19 7.26 -62.21
N ARG L 601 19.89 6.11 -61.61
CA ARG L 601 19.72 6.06 -60.17
C ARG L 601 21.05 6.22 -59.45
N LEU L 602 22.16 6.09 -60.17
CA LEU L 602 23.48 6.22 -59.55
C LEU L 602 23.74 7.62 -59.03
N TRP L 603 23.21 8.63 -59.73
CA TRP L 603 23.43 10.01 -59.31
C TRP L 603 22.79 10.33 -57.97
N LEU L 604 21.86 9.51 -57.50
CA LEU L 604 21.26 9.68 -56.18
C LEU L 604 22.08 9.04 -55.07
N LEU L 605 23.12 8.27 -55.39
CA LEU L 605 23.97 7.63 -54.40
C LEU L 605 24.92 8.68 -53.84
N LYS L 606 24.51 9.25 -52.70
CA LYS L 606 25.27 10.36 -52.12
C LYS L 606 26.56 9.90 -51.45
N GLU L 607 26.62 8.63 -51.05
CA GLU L 607 27.75 8.13 -50.28
C GLU L 607 28.87 7.53 -51.15
N LEU L 608 28.69 7.49 -52.47
CA LEU L 608 29.68 6.84 -53.32
C LEU L 608 31.01 7.60 -53.28
N ARG L 609 32.10 6.85 -53.26
CA ARG L 609 33.44 7.41 -53.19
C ARG L 609 34.37 6.96 -54.31
N HIS L 610 34.10 5.81 -54.94
CA HIS L 610 34.95 5.30 -56.01
C HIS L 610 34.09 4.58 -57.02
N LEU L 611 34.23 4.95 -58.29
CA LEU L 611 33.54 4.30 -59.40
C LEU L 611 34.56 3.95 -60.48
N ASP L 612 34.64 2.68 -60.83
CA ASP L 612 35.59 2.19 -61.82
C ASP L 612 34.84 1.54 -62.97
N LEU L 613 35.03 2.08 -64.17
CA LEU L 613 34.47 1.49 -65.39
C LEU L 613 35.53 1.35 -66.48
N SER L 614 36.75 0.95 -66.11
CA SER L 614 37.84 0.88 -67.07
C SER L 614 37.65 -0.30 -68.02
N VAL L 615 38.15 -0.13 -69.25
CA VAL L 615 38.19 -1.18 -70.27
C VAL L 615 36.78 -1.69 -70.54
N THR L 616 35.78 -0.84 -70.30
CA THR L 616 34.40 -1.17 -70.64
C THR L 616 34.22 -0.99 -72.15
N VAL L 617 34.23 -2.10 -72.89
CA VAL L 617 34.19 -2.04 -74.34
C VAL L 617 32.86 -1.48 -74.83
N ALA L 618 31.75 -1.89 -74.22
CA ALA L 618 30.43 -1.50 -74.70
C ALA L 618 29.91 -0.21 -74.09
N PHE L 619 30.69 0.44 -73.22
CA PHE L 619 30.21 1.65 -72.56
C PHE L 619 30.09 2.80 -73.55
N GLU L 620 28.90 3.41 -73.59
CA GLU L 620 28.67 4.52 -74.51
C GLU L 620 27.77 5.61 -73.90
N ASP L 621 27.67 5.70 -72.59
CA ASP L 621 26.78 6.63 -71.91
C ASP L 621 27.58 7.84 -71.42
N THR L 622 26.96 9.01 -71.49
CA THR L 622 27.61 10.25 -71.09
C THR L 622 27.78 10.32 -69.59
N MET L 623 28.83 11.00 -69.14
CA MET L 623 28.99 11.19 -67.69
C MET L 623 28.42 12.51 -67.19
N ASN L 624 27.79 13.30 -68.05
CA ASN L 624 27.46 14.69 -67.68
C ASN L 624 26.65 14.75 -66.38
N ASN L 625 25.87 13.70 -66.10
CA ASN L 625 25.15 13.62 -64.85
C ASN L 625 26.01 13.19 -63.67
N CYS L 626 27.30 12.91 -63.89
CA CYS L 626 28.17 12.56 -62.77
C CYS L 626 28.44 13.75 -61.86
N SER L 627 28.10 14.97 -62.30
CA SER L 627 28.25 16.15 -61.47
C SER L 627 27.45 16.05 -60.18
N LYS L 628 26.34 15.31 -60.19
CA LYS L 628 25.57 15.08 -58.97
C LYS L 628 26.29 14.18 -57.98
N LEU L 629 27.35 13.51 -58.41
CA LEU L 629 28.14 12.64 -57.54
C LEU L 629 29.29 13.40 -56.90
N HIS L 630 28.95 14.35 -56.02
CA HIS L 630 29.95 15.27 -55.49
C HIS L 630 30.92 14.58 -54.53
N LYS L 631 30.48 13.53 -53.85
CA LYS L 631 31.31 12.89 -52.82
C LYS L 631 32.35 11.95 -53.42
N LEU L 632 32.25 11.62 -54.70
CA LEU L 632 33.16 10.67 -55.31
C LEU L 632 34.60 11.18 -55.24
N LYS L 633 35.51 10.27 -54.83
CA LYS L 633 36.92 10.59 -54.70
C LYS L 633 37.75 10.09 -55.87
N VAL L 634 37.34 9.01 -56.52
CA VAL L 634 38.10 8.42 -57.62
C VAL L 634 37.14 7.99 -58.72
N LEU L 635 37.46 8.38 -59.96
CA LEU L 635 36.80 7.87 -61.15
C LEU L 635 37.79 7.03 -61.93
N ASN L 636 37.29 6.31 -62.95
CA ASN L 636 38.17 5.55 -63.82
C ASN L 636 37.42 5.18 -65.10
N LEU L 637 37.89 5.70 -66.23
CA LEU L 637 37.40 5.29 -67.55
C LEU L 637 38.55 4.87 -68.47
N PHE L 638 39.65 4.39 -67.91
CA PHE L 638 40.84 4.06 -68.70
C PHE L 638 40.53 2.94 -69.69
N ARG L 639 40.94 3.14 -70.94
CA ARG L 639 40.70 2.24 -72.06
C ARG L 639 39.22 1.99 -72.33
N SER L 640 38.33 2.80 -71.77
CA SER L 640 36.92 2.68 -72.11
C SER L 640 36.68 3.19 -73.53
N HIS L 641 35.66 2.63 -74.18
CA HIS L 641 35.36 3.02 -75.55
C HIS L 641 34.81 4.42 -75.67
N TYR L 642 34.12 4.92 -74.65
CA TYR L 642 33.62 6.28 -74.67
C TYR L 642 34.31 7.04 -73.56
N GLY L 643 34.47 8.34 -73.78
CA GLY L 643 35.15 9.21 -72.85
C GLY L 643 35.03 10.65 -73.31
N ILE L 644 36.13 11.39 -73.27
CA ILE L 644 36.09 12.80 -73.67
C ILE L 644 36.26 12.92 -75.18
N ARG L 645 35.15 12.75 -75.92
CA ARG L 645 35.19 12.87 -77.37
C ARG L 645 35.22 14.33 -77.81
N ASP L 646 34.72 15.23 -76.97
CA ASP L 646 34.71 16.66 -77.27
C ASP L 646 34.69 17.42 -75.96
N VAL L 647 35.00 18.72 -76.04
CA VAL L 647 35.10 19.55 -74.85
C VAL L 647 33.76 19.68 -74.13
N ASP L 648 32.65 19.30 -74.79
CA ASP L 648 31.33 19.42 -74.19
C ASP L 648 31.20 18.65 -72.89
N ASN L 649 31.92 17.53 -72.74
CA ASN L 649 31.87 16.73 -71.53
C ASN L 649 33.08 16.93 -70.64
N LEU L 650 33.70 18.12 -70.66
CA LEU L 650 34.82 18.45 -69.80
C LEU L 650 34.37 19.09 -68.49
N ASN L 651 33.18 18.73 -68.01
CA ASN L 651 32.59 19.34 -66.82
C ASN L 651 33.06 18.63 -65.55
N LEU L 652 34.23 18.00 -65.60
CA LEU L 652 34.76 17.30 -64.44
C LEU L 652 35.14 18.24 -63.30
N ASP L 653 35.17 19.56 -63.54
CA ASP L 653 35.43 20.50 -62.47
C ASP L 653 34.35 20.48 -61.40
N SER L 654 33.18 19.91 -61.69
CA SER L 654 32.17 19.70 -60.67
C SER L 654 32.59 18.63 -59.66
N LEU L 655 33.52 17.76 -60.03
CA LEU L 655 34.04 16.73 -59.12
C LEU L 655 35.07 17.36 -58.19
N LYS L 656 34.55 18.01 -57.15
CA LYS L 656 35.40 18.75 -56.23
C LYS L 656 36.17 17.83 -55.28
N GLU L 657 35.67 16.62 -55.02
CA GLU L 657 36.35 15.67 -54.16
C GLU L 657 37.30 14.75 -54.92
N LEU L 658 37.44 14.91 -56.23
CA LEU L 658 38.22 14.00 -57.04
C LEU L 658 39.70 14.04 -56.67
N LEU L 659 40.34 12.88 -56.67
CA LEU L 659 41.77 12.75 -56.44
C LEU L 659 42.52 12.11 -57.60
N PHE L 660 41.94 11.07 -58.20
CA PHE L 660 42.59 10.36 -59.30
C PHE L 660 41.53 9.77 -60.22
N LEU L 661 41.79 9.86 -61.53
CA LEU L 661 40.96 9.21 -62.52
C LEU L 661 41.80 8.87 -63.75
N GLY L 662 41.31 7.92 -64.53
CA GLY L 662 41.88 7.64 -65.84
C GLY L 662 40.79 7.73 -66.89
N ILE L 663 41.16 8.29 -68.04
CA ILE L 663 40.17 8.57 -69.08
C ILE L 663 40.82 8.39 -70.45
N THR L 664 39.99 8.35 -71.49
CA THR L 664 40.46 8.22 -72.87
C THR L 664 40.25 9.54 -73.61
N ILE L 665 41.33 10.07 -74.18
CA ILE L 665 41.31 11.34 -74.89
C ILE L 665 41.40 11.08 -76.38
N TYR L 666 40.54 11.76 -77.15
CA TYR L 666 40.42 11.52 -78.57
C TYR L 666 40.86 12.68 -79.47
N ALA L 667 41.09 13.87 -78.92
CA ALA L 667 41.23 15.04 -79.79
C ALA L 667 42.43 15.88 -79.37
N GLU L 668 43.01 16.56 -80.37
CA GLU L 668 44.13 17.47 -80.11
C GLU L 668 43.69 18.64 -79.24
N ASP L 669 42.56 19.27 -79.59
CA ASP L 669 42.11 20.45 -78.85
C ASP L 669 41.79 20.11 -77.41
N VAL L 670 41.37 18.87 -77.14
CA VAL L 670 41.17 18.44 -75.76
C VAL L 670 42.49 18.49 -74.99
N LEU L 671 43.58 18.02 -75.62
CA LEU L 671 44.90 18.16 -75.01
C LEU L 671 45.27 19.62 -74.82
N LYS L 672 44.93 20.46 -75.80
CA LYS L 672 45.19 21.89 -75.67
C LYS L 672 44.20 22.57 -74.74
N LYS L 673 42.99 22.04 -74.62
CA LYS L 673 42.07 22.47 -73.57
C LYS L 673 42.49 21.98 -72.20
N LEU L 674 43.39 20.99 -72.15
CA LEU L 674 43.98 20.51 -70.91
C LEU L 674 45.39 21.04 -70.69
N ASN L 675 45.80 22.06 -71.46
CA ASN L 675 47.17 22.55 -71.45
C ASN L 675 47.38 23.59 -70.36
N MET L 676 46.33 23.94 -69.63
CA MET L 676 46.41 24.94 -68.58
C MET L 676 46.49 24.25 -67.22
N PRO L 677 47.18 24.85 -66.24
CA PRO L 677 47.39 24.17 -64.96
C PRO L 677 46.17 24.18 -64.06
N ARG L 678 45.65 22.99 -63.76
CA ARG L 678 44.56 22.82 -62.81
C ARG L 678 44.57 21.36 -62.37
N PRO L 679 43.96 21.07 -61.20
CA PRO L 679 43.90 19.66 -60.77
C PRO L 679 43.19 18.76 -61.77
N LEU L 680 42.18 19.27 -62.47
CA LEU L 680 41.53 18.49 -63.52
C LEU L 680 42.52 18.13 -64.63
N ALA L 681 43.50 19.00 -64.87
CA ALA L 681 44.53 18.75 -65.86
C ALA L 681 45.61 17.80 -65.37
N LYS L 682 45.70 17.55 -64.07
CA LYS L 682 46.73 16.66 -63.54
C LYS L 682 46.20 15.52 -62.70
N SER L 683 44.89 15.43 -62.42
CA SER L 683 44.37 14.29 -61.68
C SER L 683 44.40 13.01 -62.48
N THR L 684 44.66 13.10 -63.79
CA THR L 684 44.72 11.91 -64.64
C THR L 684 46.03 11.18 -64.46
N HIS L 685 46.04 10.17 -63.59
CA HIS L 685 47.25 9.39 -63.34
C HIS L 685 47.60 8.47 -64.50
N ARG L 686 46.63 8.13 -65.35
CA ARG L 686 46.92 7.36 -66.55
C ARG L 686 45.90 7.72 -67.62
N LEU L 687 46.34 7.61 -68.88
CA LEU L 687 45.58 8.11 -70.02
C LEU L 687 45.62 7.09 -71.15
N ASN L 688 44.50 6.94 -71.84
CA ASN L 688 44.40 6.09 -73.02
C ASN L 688 44.13 6.95 -74.24
N LEU L 689 44.76 6.60 -75.36
CA LEU L 689 44.59 7.33 -76.62
C LEU L 689 44.07 6.37 -77.68
N LYS L 690 42.83 6.58 -78.10
CA LYS L 690 42.17 5.71 -79.07
C LYS L 690 41.47 6.56 -80.12
N TYR L 691 41.54 6.11 -81.38
CA TYR L 691 40.99 6.84 -82.52
C TYR L 691 41.52 8.27 -82.59
N CYS L 692 42.83 8.44 -82.46
CA CYS L 692 43.43 9.76 -82.38
C CYS L 692 43.28 10.53 -83.68
N ALA L 693 42.70 11.72 -83.60
CA ALA L 693 42.59 12.59 -84.76
C ALA L 693 43.40 13.87 -84.55
N GLU L 694 44.29 14.15 -85.49
CA GLU L 694 45.15 15.34 -85.53
C GLU L 694 46.33 15.25 -84.56
N MET L 695 46.41 14.20 -83.74
CA MET L 695 47.67 13.91 -83.06
C MET L 695 48.51 12.93 -83.86
N GLN L 696 49.01 13.39 -85.01
CA GLN L 696 50.01 12.63 -85.76
C GLN L 696 51.33 12.56 -85.02
N SER L 697 51.63 13.56 -84.19
CA SER L 697 52.82 13.56 -83.36
C SER L 697 52.46 14.12 -81.99
N ILE L 698 53.20 13.67 -80.97
CA ILE L 698 52.95 14.09 -79.60
C ILE L 698 54.29 14.21 -78.87
N LYS L 699 54.38 15.22 -78.02
CA LYS L 699 55.56 15.45 -77.19
C LYS L 699 55.20 15.21 -75.73
N ILE L 700 56.08 14.51 -75.02
CA ILE L 700 55.85 14.26 -73.59
C ILE L 700 55.85 15.58 -72.82
N SER L 701 56.58 16.59 -73.32
CA SER L 701 56.56 17.90 -72.68
C SER L 701 55.17 18.52 -72.70
N ASP L 702 54.35 18.17 -73.69
CA ASP L 702 52.96 18.63 -73.70
C ASP L 702 52.16 18.00 -72.58
N LEU L 703 52.59 16.85 -72.07
CA LEU L 703 51.93 16.19 -70.96
C LEU L 703 52.48 16.64 -69.61
N SER L 704 53.39 17.62 -69.58
CA SER L 704 53.98 18.08 -68.34
C SER L 704 52.96 18.65 -67.36
N HIS L 705 51.78 19.07 -67.83
CA HIS L 705 50.74 19.48 -66.91
C HIS L 705 50.24 18.32 -66.07
N MET L 706 50.26 17.11 -66.63
CA MET L 706 49.83 15.91 -65.92
C MET L 706 50.95 15.42 -64.98
N GLU L 707 51.05 16.09 -63.84
CA GLU L 707 52.10 15.76 -62.88
C GLU L 707 51.87 14.40 -62.22
N HIS L 708 50.64 13.90 -62.24
CA HIS L 708 50.35 12.60 -61.64
C HIS L 708 50.35 11.47 -62.67
N LEU L 709 50.53 11.76 -63.94
CA LEU L 709 50.46 10.74 -64.97
C LEU L 709 51.53 9.69 -64.75
N GLU L 710 51.13 8.42 -64.82
CA GLU L 710 52.07 7.31 -64.68
C GLU L 710 51.94 6.22 -65.73
N GLU L 711 50.84 6.17 -66.50
CA GLU L 711 50.68 5.16 -67.54
C GLU L 711 50.00 5.79 -68.75
N LEU L 712 50.36 5.32 -69.93
CA LEU L 712 49.72 5.75 -71.16
C LEU L 712 49.37 4.53 -72.02
N TYR L 713 48.24 4.64 -72.72
CA TYR L 713 47.80 3.62 -73.64
C TYR L 713 47.50 4.25 -74.99
N VAL L 714 48.06 3.68 -76.05
CA VAL L 714 47.86 4.15 -77.41
C VAL L 714 47.35 2.99 -78.25
N GLU L 715 46.21 3.18 -78.90
CA GLU L 715 45.59 2.11 -79.66
C GLU L 715 44.81 2.68 -80.84
N SER L 716 44.95 2.03 -82.00
CA SER L 716 44.18 2.35 -83.20
C SER L 716 44.33 3.81 -83.62
N CYS L 717 45.58 4.27 -83.72
CA CYS L 717 45.86 5.62 -84.21
C CYS L 717 46.19 5.53 -85.69
N TYR L 718 45.27 6.01 -86.54
CA TYR L 718 45.44 5.86 -87.98
C TYR L 718 46.47 6.84 -88.54
N ASP L 719 46.59 8.03 -87.95
CA ASP L 719 47.44 9.08 -88.50
C ASP L 719 48.69 9.35 -87.66
N LEU L 720 48.93 8.56 -86.61
CA LEU L 720 50.11 8.77 -85.78
C LEU L 720 51.39 8.50 -86.57
N ASN L 721 52.36 9.40 -86.44
CA ASN L 721 53.62 9.24 -87.16
C ASN L 721 54.81 9.12 -86.22
N THR L 722 54.94 10.05 -85.28
CA THR L 722 56.11 10.10 -84.42
C THR L 722 55.70 10.49 -83.01
N VAL L 723 56.60 10.23 -82.06
CA VAL L 723 56.44 10.61 -80.67
C VAL L 723 57.75 11.23 -80.19
N VAL L 724 57.65 12.30 -79.42
CA VAL L 724 58.82 13.02 -78.92
C VAL L 724 58.96 12.74 -77.43
N ALA L 725 60.07 12.11 -77.06
CA ALA L 725 60.44 11.92 -75.66
C ALA L 725 61.46 13.01 -75.33
N ASP L 726 60.97 14.17 -74.91
CA ASP L 726 61.81 15.33 -74.74
C ASP L 726 62.80 15.14 -73.59
N ALA L 727 63.94 15.83 -73.70
CA ALA L 727 64.90 15.86 -72.60
C ALA L 727 64.43 16.73 -71.45
N GLU L 728 63.44 17.59 -71.68
CA GLU L 728 62.85 18.41 -70.63
C GLU L 728 62.12 17.49 -69.67
N LEU L 729 62.67 17.31 -68.48
CA LEU L 729 62.15 16.34 -67.53
C LEU L 729 60.82 16.79 -66.93
N THR L 730 60.08 15.83 -66.38
CA THR L 730 58.78 16.14 -65.72
C THR L 730 58.71 15.35 -64.40
N THR L 731 58.04 15.91 -63.39
CA THR L 731 57.87 15.22 -62.08
C THR L 731 57.09 13.93 -62.30
N SER L 732 56.07 13.96 -63.18
CA SER L 732 55.21 12.78 -63.39
C SER L 732 56.07 11.63 -63.93
N GLN L 733 55.78 10.40 -63.50
CA GLN L 733 56.64 9.26 -63.90
C GLN L 733 55.91 8.38 -64.90
N LEU L 734 56.51 8.14 -66.07
CA LEU L 734 55.89 7.24 -67.07
C LEU L 734 56.26 5.81 -66.70
N GLN L 735 55.68 5.28 -65.62
CA GLN L 735 56.07 3.94 -65.18
C GLN L 735 55.74 2.86 -66.21
N PHE L 736 54.52 2.87 -66.76
CA PHE L 736 54.08 1.82 -67.67
C PHE L 736 53.59 2.43 -68.97
N LEU L 737 54.20 2.00 -70.08
CA LEU L 737 53.79 2.42 -71.41
C LEU L 737 53.42 1.20 -72.24
N THR L 738 52.37 1.34 -73.04
CA THR L 738 51.89 0.25 -73.88
C THR L 738 51.46 0.82 -75.23
N LEU L 739 52.03 0.27 -76.30
CA LEU L 739 51.68 0.62 -77.67
C LEU L 739 51.01 -0.58 -78.32
N SER L 740 49.74 -0.42 -78.71
CA SER L 740 48.95 -1.54 -79.21
C SER L 740 48.19 -1.15 -80.46
N VAL L 741 48.18 -2.05 -81.45
CA VAL L 741 47.42 -1.88 -82.69
C VAL L 741 47.72 -0.54 -83.32
N LEU L 742 48.96 -0.33 -83.72
CA LEU L 742 49.36 0.95 -84.31
C LEU L 742 50.09 0.74 -85.63
N PRO L 743 49.37 0.47 -86.73
CA PRO L 743 50.01 0.42 -88.05
C PRO L 743 50.16 1.79 -88.70
N SER L 744 50.51 2.78 -87.88
CA SER L 744 50.83 4.12 -88.39
C SER L 744 52.14 4.62 -87.80
N LEU L 745 52.38 4.28 -86.53
CA LEU L 745 53.55 4.80 -85.82
C LEU L 745 54.83 4.26 -86.44
N GLU L 746 55.83 5.13 -86.55
CA GLU L 746 57.11 4.78 -87.15
C GLU L 746 58.27 4.81 -86.18
N SER L 747 58.49 5.93 -85.49
CA SER L 747 59.65 6.06 -84.61
C SER L 747 59.32 7.05 -83.50
N VAL L 748 60.08 6.95 -82.42
CA VAL L 748 59.97 7.85 -81.28
C VAL L 748 61.36 8.42 -80.97
N LEU L 749 61.43 9.74 -80.79
CA LEU L 749 62.70 10.42 -80.56
C LEU L 749 62.98 10.46 -79.07
N VAL L 750 64.10 9.87 -78.65
CA VAL L 750 64.50 9.80 -77.26
C VAL L 750 65.85 10.48 -77.09
N ALA L 751 65.95 11.38 -76.11
CA ALA L 751 67.19 12.09 -75.87
C ALA L 751 68.26 11.13 -75.34
N PRO L 752 69.53 11.38 -75.67
CA PRO L 752 70.59 10.44 -75.27
C PRO L 752 71.00 10.54 -73.81
N MET L 753 70.98 11.74 -73.25
CA MET L 753 71.50 11.93 -71.89
C MET L 753 70.41 11.83 -70.83
N SER L 754 69.39 12.69 -70.89
CA SER L 754 68.31 12.67 -69.93
C SER L 754 66.99 12.65 -70.67
N HIS L 755 66.04 11.88 -70.14
CA HIS L 755 64.77 11.70 -70.81
C HIS L 755 63.67 11.50 -69.77
N ASN L 756 62.43 11.62 -70.23
CA ASN L 756 61.28 11.47 -69.34
C ASN L 756 60.96 10.01 -69.07
N PHE L 757 61.53 9.09 -69.83
CA PHE L 757 61.24 7.67 -69.69
C PHE L 757 61.96 7.01 -68.52
N GLN L 758 62.99 7.65 -67.97
CA GLN L 758 63.88 6.99 -67.00
C GLN L 758 63.13 6.31 -65.85
N TYR L 759 61.89 6.73 -65.57
CA TYR L 759 61.02 6.07 -64.61
C TYR L 759 60.27 4.88 -65.20
N ILE L 760 60.75 4.28 -66.30
CA ILE L 760 60.05 3.15 -66.89
C ILE L 760 60.27 1.89 -66.06
N ARG L 761 59.18 1.18 -65.78
CA ARG L 761 59.23 -0.16 -65.19
C ARG L 761 58.63 -1.24 -66.08
N LYS L 762 57.69 -0.89 -66.96
CA LYS L 762 57.00 -1.86 -67.80
C LYS L 762 56.80 -1.30 -69.20
N LEU L 763 57.20 -2.08 -70.21
CA LEU L 763 56.95 -1.74 -71.61
C LEU L 763 56.27 -2.91 -72.29
N ILE L 764 55.12 -2.63 -72.91
CA ILE L 764 54.35 -3.63 -73.64
C ILE L 764 54.16 -3.10 -75.06
N ILE L 765 54.81 -3.75 -76.02
CA ILE L 765 54.77 -3.33 -77.42
C ILE L 765 54.02 -4.41 -78.19
N SER L 766 52.90 -4.04 -78.80
CA SER L 766 52.03 -5.03 -79.43
C SER L 766 51.44 -4.47 -80.71
N HIS L 767 51.34 -5.34 -81.73
CA HIS L 767 50.60 -5.05 -82.97
C HIS L 767 51.05 -3.75 -83.62
N CYS L 768 52.36 -3.57 -83.72
CA CYS L 768 52.89 -2.37 -84.38
C CYS L 768 53.75 -2.78 -85.57
N PRO L 769 53.15 -2.91 -86.76
CA PRO L 769 53.96 -3.31 -87.93
C PRO L 769 54.79 -2.19 -88.52
N LYS L 770 54.31 -0.94 -88.47
CA LYS L 770 55.06 0.17 -89.04
C LYS L 770 56.15 0.69 -88.13
N LEU L 771 56.15 0.31 -86.85
CA LEU L 771 57.18 0.75 -85.93
C LEU L 771 58.48 0.00 -86.23
N SER L 772 59.58 0.75 -86.40
CA SER L 772 60.83 0.15 -86.81
C SER L 772 62.03 0.74 -86.06
N ASN L 773 61.84 1.15 -84.80
CA ASN L 773 62.94 1.68 -84.01
C ASN L 773 62.63 1.48 -82.53
N ILE L 774 63.40 0.61 -81.87
CA ILE L 774 63.19 0.29 -80.47
C ILE L 774 64.53 0.31 -79.75
N THR L 775 65.55 0.87 -80.40
CA THR L 775 66.91 0.85 -79.84
C THR L 775 66.99 1.65 -78.54
N TRP L 776 66.07 2.59 -78.33
CA TRP L 776 66.11 3.46 -77.17
C TRP L 776 65.91 2.73 -75.85
N VAL L 777 65.44 1.48 -75.90
CA VAL L 777 65.11 0.74 -74.68
C VAL L 777 66.34 0.51 -73.82
N ARG L 778 67.51 0.38 -74.45
CA ARG L 778 68.74 0.09 -73.70
C ARG L 778 69.10 1.22 -72.74
N ARG L 779 68.56 2.43 -72.93
CA ARG L 779 68.76 3.51 -71.99
C ARG L 779 67.84 3.42 -70.78
N LEU L 780 66.94 2.45 -70.76
CA LEU L 780 65.96 2.31 -69.67
C LEU L 780 66.43 1.21 -68.72
N GLN L 781 67.26 1.62 -67.75
CA GLN L 781 67.86 0.67 -66.83
C GLN L 781 66.87 0.16 -65.79
N LEU L 782 65.81 0.90 -65.51
CA LEU L 782 64.85 0.52 -64.47
C LEU L 782 63.70 -0.33 -65.01
N LEU L 783 63.72 -0.68 -66.30
CA LEU L 783 62.65 -1.44 -66.91
C LEU L 783 62.62 -2.87 -66.36
N GLU L 784 61.44 -3.33 -65.96
CA GLU L 784 61.31 -4.66 -65.38
C GLU L 784 60.65 -5.65 -66.34
N ARG L 785 59.56 -5.24 -66.98
CA ARG L 785 58.71 -6.15 -67.75
C ARG L 785 58.81 -5.82 -69.23
N LEU L 786 59.14 -6.83 -70.04
CA LEU L 786 59.22 -6.68 -71.49
C LEU L 786 58.12 -7.52 -72.14
N VAL L 787 57.31 -6.87 -72.98
CA VAL L 787 56.30 -7.55 -73.78
C VAL L 787 56.40 -7.02 -75.20
N ILE L 788 56.86 -7.87 -76.11
CA ILE L 788 56.93 -7.55 -77.54
C ILE L 788 56.12 -8.60 -78.28
N SER L 789 55.11 -8.15 -79.02
CA SER L 789 54.21 -9.09 -79.69
C SER L 789 53.74 -8.54 -81.02
N HIS L 790 53.80 -9.40 -82.05
CA HIS L 790 53.21 -9.13 -83.36
C HIS L 790 53.76 -7.86 -84.01
N CYS L 791 54.91 -7.40 -83.55
CA CYS L 791 55.56 -6.23 -84.12
C CYS L 791 56.68 -6.64 -85.07
N ASP L 792 56.28 -7.02 -86.28
CA ASP L 792 57.24 -7.48 -87.29
C ASP L 792 58.11 -6.36 -87.84
N GLY L 793 57.77 -5.10 -87.57
CA GLY L 793 58.64 -4.00 -87.98
C GLY L 793 59.88 -3.83 -87.14
N VAL L 794 59.94 -4.51 -85.99
CA VAL L 794 61.12 -4.46 -85.13
C VAL L 794 62.04 -5.60 -85.52
N LEU L 795 63.24 -5.25 -86.00
CA LEU L 795 64.22 -6.26 -86.36
C LEU L 795 64.85 -6.89 -85.12
N GLU L 796 65.33 -6.06 -84.20
CA GLU L 796 65.87 -6.53 -82.94
C GLU L 796 65.52 -5.52 -81.86
N ILE L 797 65.51 -5.99 -80.60
CA ILE L 797 65.27 -5.09 -79.48
C ILE L 797 66.38 -4.06 -79.39
N VAL L 798 67.63 -4.47 -79.62
CA VAL L 798 68.75 -3.54 -79.77
C VAL L 798 69.37 -3.83 -81.14
N GLU L 799 69.07 -2.98 -82.12
CA GLU L 799 69.53 -3.20 -83.48
C GLU L 799 71.03 -2.91 -83.58
N ASP L 800 71.62 -3.36 -84.69
CA ASP L 800 73.04 -3.19 -84.93
C ASP L 800 73.41 -1.73 -85.14
N THR L 831 79.48 4.07 -69.95
CA THR L 831 79.61 3.46 -68.64
C THR L 831 79.65 1.94 -68.74
N GLY L 832 80.44 1.31 -67.87
CA GLY L 832 80.48 -0.13 -67.82
C GLY L 832 79.24 -0.70 -67.14
N GLN L 833 78.09 -0.52 -67.77
CA GLN L 833 76.82 -0.87 -67.18
C GLN L 833 76.00 -1.68 -68.18
N SER L 834 75.22 -2.62 -67.66
CA SER L 834 74.33 -3.40 -68.50
C SER L 834 73.15 -2.57 -68.98
N ASP L 835 72.52 -3.02 -70.06
CA ASP L 835 71.36 -2.33 -70.61
C ASP L 835 70.08 -2.62 -69.84
N PHE L 836 69.99 -3.77 -69.18
CA PHE L 836 68.79 -4.11 -68.41
C PHE L 836 69.18 -4.61 -67.02
N PRO L 837 69.72 -3.75 -66.16
CA PRO L 837 70.12 -4.22 -64.83
C PRO L 837 68.95 -4.57 -63.93
N LYS L 838 67.80 -3.92 -64.10
CA LYS L 838 66.63 -4.17 -63.26
C LYS L 838 65.58 -5.02 -63.97
N LEU L 839 65.98 -5.78 -64.99
CA LEU L 839 65.05 -6.63 -65.72
C LEU L 839 64.45 -7.70 -64.83
N ARG L 840 63.15 -7.94 -65.00
CA ARG L 840 62.46 -9.02 -64.30
C ARG L 840 61.84 -10.04 -65.23
N LEU L 841 61.11 -9.60 -66.25
CA LEU L 841 60.36 -10.51 -67.11
C LEU L 841 60.46 -10.06 -68.55
N ILE L 842 60.61 -11.02 -69.47
CA ILE L 842 60.56 -10.78 -70.91
C ILE L 842 59.51 -11.70 -71.51
N VAL L 843 58.60 -11.12 -72.28
CA VAL L 843 57.55 -11.86 -72.97
C VAL L 843 57.63 -11.55 -74.46
N LEU L 844 57.72 -12.60 -75.28
CA LEU L 844 57.75 -12.47 -76.72
C LEU L 844 56.63 -13.31 -77.32
N THR L 845 55.94 -12.77 -78.33
CA THR L 845 54.77 -13.44 -78.86
C THR L 845 54.60 -13.09 -80.34
N GLY L 846 54.42 -14.11 -81.17
CA GLY L 846 53.94 -13.92 -82.54
C GLY L 846 54.86 -13.14 -83.46
N LEU L 847 56.14 -13.01 -83.14
CA LEU L 847 57.06 -12.26 -83.98
C LEU L 847 57.50 -13.14 -85.15
N LYS L 848 57.08 -12.78 -86.36
CA LYS L 848 57.40 -13.55 -87.55
C LYS L 848 58.61 -13.03 -88.30
N LYS L 849 59.05 -11.81 -88.04
CA LYS L 849 60.19 -11.23 -88.73
C LYS L 849 61.29 -10.74 -87.79
N LEU L 850 61.19 -11.00 -86.49
CA LEU L 850 62.25 -10.62 -85.57
C LEU L 850 63.45 -11.54 -85.76
N ARG L 851 64.65 -10.94 -85.77
CA ARG L 851 65.86 -11.74 -85.89
C ARG L 851 66.35 -12.21 -84.53
N SER L 852 66.63 -11.27 -83.62
CA SER L 852 67.15 -11.59 -82.30
C SER L 852 66.71 -10.50 -81.33
N ILE L 853 66.96 -10.73 -80.05
CA ILE L 853 66.65 -9.73 -79.05
C ILE L 853 67.74 -8.67 -79.03
N CYS L 854 68.96 -9.07 -78.68
CA CYS L 854 70.10 -8.15 -78.59
C CYS L 854 71.35 -8.95 -78.32
N LYS L 855 72.47 -8.24 -78.24
CA LYS L 855 73.75 -8.87 -77.92
C LYS L 855 73.84 -9.14 -76.41
N ALA L 856 74.87 -9.90 -76.03
CA ALA L 856 74.97 -10.39 -74.67
C ALA L 856 75.23 -9.24 -73.69
N ARG L 857 74.44 -9.20 -72.63
CA ARG L 857 74.66 -8.30 -71.52
C ARG L 857 74.29 -9.05 -70.24
N GLU L 858 74.84 -8.57 -69.12
CA GLU L 858 74.59 -9.22 -67.84
C GLU L 858 73.28 -8.74 -67.25
N PHE L 859 72.52 -9.69 -66.69
CA PHE L 859 71.22 -9.40 -66.08
C PHE L 859 71.17 -10.03 -64.69
N PRO L 860 71.30 -9.22 -63.63
CA PRO L 860 71.30 -9.80 -62.28
C PRO L 860 69.91 -10.15 -61.77
N CYS L 861 68.92 -9.34 -62.11
CA CYS L 861 67.59 -9.45 -61.53
C CYS L 861 66.61 -10.26 -62.38
N LEU L 862 67.05 -10.82 -63.51
CA LEU L 862 66.15 -11.54 -64.40
C LEU L 862 65.49 -12.72 -63.69
N GLU L 863 64.19 -12.88 -63.91
CA GLU L 863 63.40 -13.92 -63.22
C GLU L 863 62.79 -14.94 -64.18
N THR L 864 62.21 -14.50 -65.29
CA THR L 864 61.48 -15.41 -66.17
C THR L 864 61.55 -14.89 -67.60
N LEU L 865 61.75 -15.81 -68.54
CA LEU L 865 61.72 -15.53 -69.96
C LEU L 865 60.69 -16.42 -70.63
N ARG L 866 59.81 -15.82 -71.42
CA ARG L 866 58.74 -16.56 -72.08
C ARG L 866 58.66 -16.17 -73.55
N VAL L 867 58.75 -17.16 -74.43
CA VAL L 867 58.69 -16.95 -75.87
C VAL L 867 57.59 -17.84 -76.44
N GLU L 868 56.71 -17.26 -77.25
CA GLU L 868 55.61 -17.98 -77.87
C GLU L 868 55.49 -17.62 -79.33
N ASP L 869 55.40 -18.63 -80.19
CA ASP L 869 55.14 -18.46 -81.62
C ASP L 869 56.13 -17.50 -82.26
N CYS L 870 57.41 -17.82 -82.14
CA CYS L 870 58.44 -17.00 -82.75
C CYS L 870 59.33 -17.85 -83.64
N PRO L 871 58.86 -18.22 -84.84
CA PRO L 871 59.66 -19.07 -85.72
C PRO L 871 60.84 -18.37 -86.38
N ASN L 872 61.03 -17.08 -86.13
CA ASN L 872 62.14 -16.33 -86.72
C ASN L 872 63.17 -15.87 -85.70
N LEU L 873 62.90 -16.05 -84.41
CA LEU L 873 63.86 -15.66 -83.38
C LEU L 873 65.09 -16.56 -83.46
N ARG L 874 66.27 -15.95 -83.57
CA ARG L 874 67.49 -16.69 -83.85
C ARG L 874 68.46 -16.77 -82.66
N SER L 875 68.42 -15.82 -81.74
CA SER L 875 69.32 -15.85 -80.60
C SER L 875 68.78 -14.96 -79.49
N ILE L 876 69.29 -15.20 -78.29
CA ILE L 876 68.91 -14.43 -77.11
C ILE L 876 70.17 -13.94 -76.41
N PRO L 877 70.09 -12.81 -75.69
CA PRO L 877 71.28 -12.28 -75.02
C PRO L 877 71.76 -13.11 -73.85
N LEU L 878 70.99 -14.12 -73.41
CA LEU L 878 71.41 -14.94 -72.29
C LEU L 878 72.64 -15.77 -72.65
N SER L 879 73.51 -15.99 -71.68
CA SER L 879 74.75 -16.72 -71.91
C SER L 879 75.21 -17.35 -70.62
N CYS L 880 76.25 -18.18 -70.72
CA CYS L 880 76.81 -18.86 -69.56
C CYS L 880 77.58 -17.94 -68.64
N THR L 881 77.83 -16.69 -69.06
CA THR L 881 78.54 -15.74 -68.21
C THR L 881 77.74 -15.39 -66.96
N HIS L 882 76.44 -15.65 -66.99
CA HIS L 882 75.56 -15.26 -65.88
C HIS L 882 75.79 -16.12 -64.66
N ASN L 883 75.49 -15.54 -63.49
CA ASN L 883 75.23 -16.35 -62.31
C ASN L 883 73.74 -16.63 -62.24
N TYR L 884 73.38 -17.89 -62.02
CA TYR L 884 71.98 -18.33 -62.13
C TYR L 884 71.46 -18.69 -60.74
N TRP L 885 70.91 -17.69 -60.05
CA TRP L 885 70.28 -17.95 -58.76
C TRP L 885 68.86 -17.39 -58.74
N LYS L 886 68.64 -16.25 -59.40
CA LYS L 886 67.34 -15.60 -59.33
C LYS L 886 66.47 -15.90 -60.55
N LEU L 887 67.08 -16.25 -61.69
CA LEU L 887 66.30 -16.71 -62.82
C LEU L 887 65.54 -17.96 -62.43
N LYS L 888 64.24 -18.00 -62.72
CA LYS L 888 63.36 -19.03 -62.21
C LYS L 888 62.89 -20.02 -63.27
N GLN L 889 62.51 -19.55 -64.45
CA GLN L 889 62.02 -20.45 -65.48
C GLN L 889 62.18 -19.79 -66.83
N ILE L 890 62.21 -20.63 -67.87
CA ILE L 890 62.25 -20.19 -69.26
C ILE L 890 61.19 -20.96 -70.03
N CYS L 891 60.27 -20.25 -70.67
CA CYS L 891 59.20 -20.86 -71.44
C CYS L 891 59.50 -20.71 -72.92
N GLY L 892 59.47 -21.83 -73.64
CA GLY L 892 59.77 -21.81 -75.06
C GLY L 892 59.45 -23.12 -75.76
N SER L 893 60.07 -23.34 -76.92
CA SER L 893 59.80 -24.53 -77.71
C SER L 893 61.12 -25.12 -78.20
N VAL L 894 61.10 -26.42 -78.49
CA VAL L 894 62.28 -27.10 -79.01
C VAL L 894 62.64 -26.55 -80.38
N GLU L 895 61.65 -26.22 -81.21
CA GLU L 895 61.93 -25.60 -82.49
C GLU L 895 62.65 -24.26 -82.31
N TRP L 896 62.21 -23.47 -81.33
CA TRP L 896 62.93 -22.24 -81.00
C TRP L 896 64.35 -22.54 -80.53
N TRP L 897 64.51 -23.59 -79.73
CA TRP L 897 65.85 -23.98 -79.28
C TRP L 897 66.73 -24.40 -80.45
N GLU L 898 66.16 -25.12 -81.43
CA GLU L 898 66.92 -25.49 -82.62
C GLU L 898 67.35 -24.28 -83.42
N LYS L 899 66.52 -23.23 -83.46
CA LYS L 899 66.85 -22.01 -84.17
C LYS L 899 67.71 -21.05 -83.35
N LEU L 900 67.95 -21.37 -82.07
CA LEU L 900 68.75 -20.51 -81.22
C LEU L 900 70.22 -20.64 -81.57
N GLN L 901 70.84 -19.51 -81.92
CA GLN L 901 72.28 -19.49 -82.14
C GLN L 901 73.02 -19.59 -80.80
N TRP L 902 74.18 -20.22 -80.84
CA TRP L 902 74.99 -20.42 -79.64
C TRP L 902 76.37 -19.82 -79.84
N GLU L 903 76.76 -18.93 -78.92
CA GLU L 903 78.10 -18.38 -78.90
C GLU L 903 79.11 -19.38 -78.34
N ASN L 904 78.66 -20.38 -77.59
CA ASN L 904 79.52 -21.43 -77.08
C ASN L 904 78.75 -22.74 -77.15
N ARG L 905 79.49 -23.84 -77.33
CA ARG L 905 78.84 -25.15 -77.43
C ARG L 905 78.25 -25.61 -76.11
N LYS L 906 78.66 -25.01 -75.00
CA LYS L 906 78.05 -25.35 -73.71
C LYS L 906 76.67 -24.73 -73.56
N GLU L 907 76.37 -23.68 -74.32
CA GLU L 907 75.07 -23.02 -74.22
C GLU L 907 73.94 -23.93 -74.68
N VAL L 908 74.27 -24.99 -75.44
CA VAL L 908 73.24 -25.92 -75.91
C VAL L 908 72.57 -26.60 -74.72
N ALA L 909 73.35 -27.02 -73.73
CA ALA L 909 72.81 -27.69 -72.56
C ALA L 909 72.63 -26.75 -71.38
N CYS L 910 73.48 -25.74 -71.24
CA CYS L 910 73.39 -24.83 -70.10
C CYS L 910 72.08 -24.05 -70.11
N LEU L 911 71.67 -23.55 -71.28
CA LEU L 911 70.45 -22.77 -71.35
C LEU L 911 69.19 -23.63 -71.46
N ASP L 912 69.34 -24.94 -71.63
CA ASP L 912 68.20 -25.83 -71.80
C ASP L 912 67.95 -26.66 -70.55
N SER L 913 68.98 -27.33 -70.05
CA SER L 913 68.81 -28.25 -68.93
C SER L 913 68.45 -27.55 -67.62
N LYS L 914 68.57 -26.21 -67.57
CA LYS L 914 68.40 -25.53 -66.30
C LYS L 914 66.99 -24.97 -66.11
N TYR L 915 66.40 -24.35 -67.13
CA TYR L 915 65.17 -23.60 -66.92
C TYR L 915 64.13 -23.80 -68.02
N PHE L 916 64.36 -24.76 -68.92
CA PHE L 916 63.43 -24.94 -70.03
C PHE L 916 62.10 -25.50 -69.56
N ILE L 917 61.01 -24.84 -69.96
CA ILE L 917 59.66 -25.33 -69.73
C ILE L 917 58.88 -25.20 -71.02
N PRO L 918 58.29 -26.28 -71.53
CA PRO L 918 57.55 -26.20 -72.79
C PRO L 918 56.32 -25.30 -72.68
N ILE L 919 55.95 -24.71 -73.81
CA ILE L 919 54.80 -23.81 -73.86
C ILE L 919 53.51 -24.60 -73.61
N LEU M 36 103.62 -74.93 31.70
CA LEU M 36 102.30 -75.57 31.70
C LEU M 36 101.19 -74.53 31.68
N HIS M 37 100.64 -74.29 30.48
CA HIS M 37 99.62 -73.27 30.28
C HIS M 37 98.35 -73.81 29.65
N LEU M 38 98.30 -75.10 29.29
CA LEU M 38 97.12 -75.65 28.62
C LEU M 38 95.90 -75.64 29.54
N LYS M 39 96.10 -75.94 30.81
CA LYS M 39 94.96 -76.07 31.72
C LYS M 39 94.18 -74.76 31.87
N SER M 40 94.84 -73.62 31.65
CA SER M 40 94.18 -72.33 31.75
C SER M 40 93.68 -71.83 30.39
N ASN M 41 94.44 -72.10 29.32
CA ASN M 41 94.06 -71.60 28.01
C ASN M 41 92.78 -72.26 27.50
N TRP M 42 92.64 -73.57 27.71
CA TRP M 42 91.42 -74.25 27.27
C TRP M 42 90.20 -73.75 28.03
N SER M 43 90.37 -73.37 29.30
CA SER M 43 89.27 -72.76 30.04
C SER M 43 88.87 -71.43 29.41
N ASP M 44 89.84 -70.65 28.96
CA ASP M 44 89.54 -69.39 28.28
C ASP M 44 88.92 -69.61 26.92
N LEU M 45 89.23 -70.75 26.27
CA LEU M 45 88.60 -71.06 25.00
C LEU M 45 87.10 -71.29 25.16
N ASP M 46 86.70 -71.94 26.25
CA ASP M 46 85.28 -72.19 26.48
C ASP M 46 84.53 -70.88 26.69
N LYS M 47 85.14 -69.92 27.38
CA LYS M 47 84.53 -68.60 27.51
C LYS M 47 84.40 -67.92 26.15
N ALA M 48 85.44 -68.03 25.32
CA ALA M 48 85.40 -67.41 24.00
C ALA M 48 84.36 -68.07 23.10
N LYS M 49 84.26 -69.40 23.17
CA LYS M 49 83.31 -70.11 22.33
C LYS M 49 81.87 -69.71 22.65
N LYS M 50 81.55 -69.65 23.95
CA LYS M 50 80.19 -69.29 24.36
C LYS M 50 79.90 -67.82 24.07
N LEU M 51 80.93 -66.97 24.08
CA LEU M 51 80.73 -65.58 23.69
C LEU M 51 80.58 -65.44 22.18
N LEU M 52 81.30 -66.27 21.42
CA LEU M 52 81.20 -66.22 19.97
C LEU M 52 79.81 -66.62 19.50
N LEU M 53 79.22 -67.63 20.14
CA LEU M 53 77.86 -68.01 19.79
C LEU M 53 76.87 -66.90 20.11
N ALA M 54 77.18 -66.07 21.11
CA ALA M 54 76.31 -64.94 21.42
C ALA M 54 76.44 -63.83 20.40
N VAL M 55 77.66 -63.52 19.97
CA VAL M 55 77.86 -62.49 18.96
C VAL M 55 77.29 -62.93 17.62
N GLU M 56 77.47 -64.21 17.29
CA GLU M 56 76.93 -64.74 16.04
C GLU M 56 75.41 -64.68 16.03
N THR M 57 74.79 -64.97 17.18
CA THR M 57 73.33 -64.89 17.28
C THR M 57 72.85 -63.46 17.06
N THR M 58 73.55 -62.49 17.63
CA THR M 58 73.18 -61.09 17.42
C THR M 58 73.33 -60.69 15.96
N VAL M 59 74.39 -61.15 15.30
CA VAL M 59 74.61 -60.78 13.91
C VAL M 59 73.58 -61.44 13.00
N ARG M 60 73.32 -62.73 13.22
CA ARG M 60 72.35 -63.43 12.39
C ARG M 60 70.95 -62.85 12.54
N ALA M 61 70.58 -62.50 13.78
CA ALA M 61 69.28 -61.85 14.00
C ALA M 61 69.26 -60.46 13.35
N ARG M 62 70.39 -59.77 13.38
CA ARG M 62 70.47 -58.46 12.73
C ARG M 62 70.42 -58.59 11.21
N VAL M 63 71.04 -59.63 10.66
CA VAL M 63 70.99 -59.86 9.21
C VAL M 63 69.60 -60.28 8.79
N THR M 64 68.95 -61.15 9.57
CA THR M 64 67.60 -61.59 9.23
C THR M 64 66.61 -60.44 9.20
N ALA M 65 66.85 -59.41 10.02
CA ALA M 65 66.03 -58.21 9.95
C ALA M 65 66.29 -57.40 8.69
N GLU M 66 67.42 -57.64 8.03
CA GLU M 66 67.73 -56.98 6.76
C GLU M 66 67.17 -57.73 5.57
N VAL M 67 67.23 -59.07 5.60
CA VAL M 67 66.64 -59.85 4.53
C VAL M 67 65.12 -59.71 4.53
N ASP M 68 64.53 -59.45 5.70
CA ASP M 68 63.09 -59.22 5.76
C ASP M 68 62.70 -57.97 4.98
N LYS M 69 63.59 -56.98 4.91
CA LYS M 69 63.37 -55.80 4.09
C LYS M 69 63.80 -56.00 2.64
N LEU M 70 63.94 -57.25 2.20
CA LEU M 70 64.36 -57.64 0.85
C LEU M 70 65.80 -57.24 0.54
N ASN M 71 66.55 -56.78 1.54
CA ASN M 71 67.97 -56.53 1.33
C ASN M 71 68.75 -57.83 1.28
N ILE M 72 69.99 -57.74 0.86
CA ILE M 72 70.90 -58.87 0.82
C ILE M 72 71.93 -58.70 1.93
N CYS M 73 72.30 -59.81 2.56
CA CYS M 73 73.32 -59.77 3.61
C CYS M 73 74.60 -59.15 3.09
N ASP M 74 75.19 -58.26 3.89
CA ASP M 74 76.36 -57.51 3.45
C ASP M 74 77.51 -58.47 3.18
N PRO M 75 78.27 -58.26 2.10
CA PRO M 75 79.33 -59.23 1.75
C PRO M 75 80.38 -59.40 2.84
N GLN M 76 80.73 -58.33 3.55
CA GLN M 76 81.71 -58.47 4.62
C GLN M 76 81.15 -59.24 5.80
N VAL M 77 79.86 -59.07 6.10
CA VAL M 77 79.23 -59.85 7.15
C VAL M 77 79.12 -61.31 6.73
N GLN M 78 78.81 -61.55 5.45
CA GLN M 78 78.69 -62.93 4.96
C GLN M 78 80.02 -63.67 5.08
N VAL M 79 81.13 -62.98 4.84
CA VAL M 79 82.44 -63.59 5.02
C VAL M 79 82.68 -63.91 6.49
N TRP M 80 82.33 -62.98 7.39
CA TRP M 80 82.50 -63.20 8.82
C TRP M 80 81.64 -64.36 9.30
N LEU M 81 80.38 -64.41 8.84
CA LEU M 81 79.50 -65.51 9.23
C LEU M 81 80.03 -66.84 8.74
N ARG M 82 80.58 -66.88 7.53
CA ARG M 82 81.09 -68.13 6.99
C ARG M 82 82.32 -68.62 7.74
N ARG M 83 83.12 -67.70 8.29
CA ARG M 83 84.27 -68.10 9.08
C ARG M 83 83.85 -68.63 10.44
N VAL M 84 82.84 -68.02 11.07
CA VAL M 84 82.31 -68.53 12.32
C VAL M 84 81.70 -69.92 12.10
N GLU M 85 80.93 -70.08 11.03
CA GLU M 85 80.26 -71.35 10.78
C GLU M 85 81.25 -72.47 10.53
N GLU M 86 82.33 -72.19 9.80
CA GLU M 86 83.32 -73.21 9.44
C GLU M 86 84.37 -73.43 10.53
N LEU M 87 84.27 -72.71 11.66
CA LEU M 87 85.29 -72.82 12.70
C LEU M 87 85.34 -74.23 13.29
N GLN M 88 84.17 -74.81 13.60
CA GLN M 88 84.07 -76.17 14.14
C GLN M 88 84.94 -76.33 15.39
N LEU M 89 84.58 -75.59 16.43
CA LEU M 89 85.34 -75.65 17.68
C LEU M 89 85.15 -76.97 18.42
N ASP M 90 84.16 -77.78 18.01
CA ASP M 90 83.94 -79.06 18.68
C ASP M 90 85.00 -80.09 18.34
N ALA M 91 85.75 -79.89 17.25
CA ALA M 91 86.76 -80.86 16.84
C ALA M 91 87.89 -80.94 17.87
N ILE M 92 88.40 -79.78 18.30
CA ILE M 92 89.47 -79.77 19.28
C ILE M 92 88.95 -80.22 20.65
N ASP M 93 87.67 -79.98 20.92
CA ASP M 93 87.08 -80.40 22.19
C ASP M 93 87.16 -81.92 22.36
N GLU M 94 86.84 -82.65 21.29
CA GLU M 94 86.98 -84.11 21.34
C GLU M 94 88.44 -84.52 21.48
N ASP M 95 89.34 -83.84 20.76
CA ASP M 95 90.76 -84.14 20.86
C ASP M 95 91.28 -83.91 22.27
N TYR M 96 90.83 -82.82 22.90
CA TYR M 96 91.20 -82.57 24.30
C TYR M 96 90.54 -83.60 25.22
N SER M 97 89.32 -84.04 24.87
CA SER M 97 88.63 -85.03 25.68
C SER M 97 89.37 -86.35 25.73
N GLN M 98 90.05 -86.74 24.65
CA GLN M 98 90.84 -87.97 24.67
C GLN M 98 92.11 -87.80 25.51
N LEU M 99 92.69 -86.60 25.50
CA LEU M 99 93.87 -86.36 26.32
C LEU M 99 93.56 -86.48 27.80
N ARG M 100 92.31 -86.19 28.18
CA ARG M 100 91.90 -86.34 29.57
C ARG M 100 92.00 -87.79 30.03
N LYS M 101 91.72 -88.73 29.14
CA LYS M 101 91.86 -90.15 29.47
C LYS M 101 93.31 -90.57 29.53
N TYR M 102 94.19 -89.91 28.77
CA TYR M 102 95.63 -90.15 28.87
C TYR M 102 96.28 -89.26 29.92
N SER M 103 95.51 -88.42 30.61
CA SER M 103 96.09 -87.45 31.54
C SER M 103 96.78 -88.13 32.71
N CYS M 104 96.24 -89.25 33.18
CA CYS M 104 96.84 -89.94 34.32
C CYS M 104 98.23 -90.47 34.01
N LEU M 105 98.58 -90.63 32.72
CA LEU M 105 99.89 -91.08 32.31
C LEU M 105 100.60 -90.06 31.43
N GLY M 106 100.31 -88.77 31.59
CA GLY M 106 100.89 -87.74 30.74
C GLY M 106 102.38 -87.56 30.91
N GLN M 107 102.96 -88.00 32.03
CA GLN M 107 104.39 -87.86 32.24
C GLN M 107 105.18 -88.70 31.25
N CYS M 108 104.68 -89.88 30.89
CA CYS M 108 105.36 -90.73 29.93
C CYS M 108 105.39 -90.06 28.56
N THR M 109 106.52 -90.20 27.86
CA THR M 109 106.67 -89.59 26.55
C THR M 109 105.74 -90.19 25.51
N ILE M 110 105.25 -91.41 25.74
CA ILE M 110 104.30 -92.02 24.81
C ILE M 110 102.98 -91.27 24.82
N HIS M 111 102.47 -90.94 26.01
CA HIS M 111 101.20 -90.24 26.13
C HIS M 111 101.32 -88.72 26.10
N ALA M 112 102.55 -88.18 26.15
CA ALA M 112 102.74 -86.75 26.02
C ALA M 112 102.67 -86.31 24.56
N HIS M 113 102.61 -87.25 23.62
CA HIS M 113 102.55 -86.90 22.21
C HIS M 113 101.26 -86.15 21.88
N ARG M 114 100.16 -86.50 22.55
CA ARG M 114 98.91 -85.77 22.36
C ARG M 114 98.97 -84.39 22.97
N ARG M 115 99.56 -84.27 24.18
CA ARG M 115 99.55 -83.00 24.88
C ARG M 115 100.38 -81.94 24.15
N ALA M 116 101.39 -82.37 23.39
CA ALA M 116 102.21 -81.42 22.65
C ALA M 116 101.40 -80.66 21.61
N SER M 117 100.53 -81.37 20.88
CA SER M 117 99.73 -80.72 19.84
C SER M 117 98.62 -79.88 20.42
N ILE M 118 97.99 -80.34 21.51
CA ILE M 118 96.86 -79.62 22.09
C ILE M 118 97.31 -78.29 22.67
N GLY M 119 98.50 -78.25 23.28
CA GLY M 119 99.02 -77.02 23.86
C GLY M 119 99.21 -75.90 22.87
N ARG M 120 99.33 -76.20 21.58
CA ARG M 120 99.39 -75.18 20.54
C ARG M 120 98.14 -75.12 19.69
N ARG M 121 97.34 -76.19 19.64
CA ARG M 121 96.10 -76.15 18.87
C ARG M 121 95.05 -75.30 19.56
N VAL M 122 95.07 -75.25 20.90
CA VAL M 122 94.15 -74.38 21.63
C VAL M 122 94.42 -72.92 21.29
N LEU M 123 95.69 -72.52 21.31
CA LEU M 123 96.05 -71.15 20.97
C LEU M 123 95.76 -70.86 19.49
N GLU M 124 95.85 -71.88 18.65
CA GLU M 124 95.56 -71.71 17.24
C GLU M 124 94.07 -71.40 17.02
N ALA M 125 93.20 -71.95 17.86
CA ALA M 125 91.77 -71.67 17.74
C ALA M 125 91.31 -70.58 18.69
N LEU M 126 92.09 -70.27 19.73
CA LEU M 126 91.68 -69.21 20.65
C LEU M 126 91.82 -67.83 20.03
N ASP M 127 92.94 -67.57 19.36
CA ASP M 127 93.15 -66.26 18.74
C ASP M 127 92.14 -66.03 17.62
N GLU M 128 91.86 -67.06 16.82
CA GLU M 128 90.83 -66.93 15.79
C GLU M 128 89.47 -66.65 16.40
N ALA M 129 89.13 -67.35 17.49
CA ALA M 129 87.85 -67.09 18.16
C ALA M 129 87.78 -65.68 18.71
N ASN M 130 88.88 -65.21 19.32
CA ASN M 130 88.90 -63.85 19.86
C ASN M 130 88.91 -62.81 18.75
N LYS M 131 89.58 -63.09 17.63
CA LYS M 131 89.55 -62.18 16.50
C LYS M 131 88.14 -62.08 15.92
N LEU M 132 87.42 -63.19 15.91
CA LEU M 132 86.04 -63.17 15.42
C LEU M 132 85.13 -62.42 16.38
N ILE M 133 85.48 -62.39 17.67
CA ILE M 133 84.70 -61.60 18.63
C ILE M 133 84.76 -60.13 18.29
N GLU M 134 85.97 -59.61 18.08
CA GLU M 134 86.14 -58.17 17.87
C GLU M 134 85.77 -57.73 16.46
N GLU M 135 85.55 -58.67 15.54
CA GLU M 135 85.07 -58.30 14.22
C GLU M 135 83.55 -58.17 14.20
N GLY M 136 82.85 -59.22 14.66
CA GLY M 136 81.40 -59.20 14.65
C GLY M 136 80.80 -58.22 15.63
N ARG M 137 81.56 -57.84 16.66
CA ARG M 137 81.11 -56.83 17.61
C ARG M 137 81.29 -55.42 17.06
N ARG M 138 81.93 -55.28 15.90
CA ARG M 138 82.30 -53.99 15.34
C ARG M 138 81.46 -53.62 14.12
N PHE M 139 80.71 -54.57 13.57
CA PHE M 139 79.87 -54.29 12.42
C PHE M 139 78.81 -53.25 12.76
N LYS M 140 78.51 -52.40 11.78
CA LYS M 140 77.48 -51.38 11.93
C LYS M 140 76.43 -51.40 10.84
N LYS M 141 76.74 -51.92 9.65
CA LYS M 141 75.75 -52.12 8.61
C LYS M 141 75.76 -53.59 8.22
N PHE M 142 74.57 -54.15 7.99
CA PHE M 142 74.43 -55.58 7.79
C PHE M 142 73.78 -55.95 6.46
N GLY M 143 73.34 -54.98 5.67
CA GLY M 143 72.74 -55.30 4.38
C GLY M 143 72.81 -54.12 3.45
N PHE M 144 72.69 -54.42 2.16
CA PHE M 144 72.69 -53.42 1.11
C PHE M 144 71.56 -53.70 0.14
N LYS M 145 70.92 -52.64 -0.33
CA LYS M 145 69.80 -52.79 -1.25
C LYS M 145 70.30 -53.28 -2.60
N PRO M 146 69.81 -54.41 -3.09
CA PRO M 146 70.28 -54.92 -4.37
C PRO M 146 69.78 -54.06 -5.53
N LEU M 147 70.50 -54.15 -6.64
CA LEU M 147 70.12 -53.40 -7.82
C LEU M 147 68.78 -53.91 -8.36
N PRO M 148 67.98 -53.05 -8.99
CA PRO M 148 66.67 -53.50 -9.49
C PRO M 148 66.82 -54.62 -10.51
N LYS M 149 65.85 -55.54 -10.47
CA LYS M 149 65.85 -56.65 -11.41
C LYS M 149 65.66 -56.15 -12.83
N ILE M 150 66.10 -56.96 -13.80
CA ILE M 150 65.93 -56.61 -15.20
C ILE M 150 64.45 -56.46 -15.51
N VAL M 151 63.65 -57.46 -15.13
CA VAL M 151 62.20 -57.40 -15.21
C VAL M 151 61.62 -58.00 -13.95
N ASP M 152 60.75 -57.25 -13.29
CA ASP M 152 60.10 -57.75 -12.08
C ASP M 152 58.75 -58.38 -12.42
N PRO M 153 58.42 -59.52 -11.81
CA PRO M 153 57.19 -60.21 -12.18
C PRO M 153 55.95 -59.36 -11.93
N LEU M 154 54.95 -59.56 -12.78
CA LEU M 154 53.65 -58.91 -12.71
C LEU M 154 52.58 -59.96 -12.43
N PRO M 155 51.36 -59.54 -12.01
CA PRO M 155 50.30 -60.50 -11.69
C PRO M 155 50.11 -61.61 -12.73
N GLN M 156 50.33 -62.85 -12.30
CA GLN M 156 50.28 -64.02 -13.20
C GLN M 156 48.96 -64.76 -13.01
N ILE M 157 47.94 -64.27 -13.71
CA ILE M 157 46.65 -64.94 -13.70
C ILE M 157 46.65 -66.09 -14.70
N LYS M 158 45.64 -66.96 -14.58
CA LYS M 158 45.48 -68.07 -15.52
C LYS M 158 44.84 -67.55 -16.81
N THR M 159 45.58 -67.66 -17.92
CA THR M 159 45.14 -67.13 -19.20
C THR M 159 44.83 -68.26 -20.16
N PHE M 160 43.77 -68.08 -20.96
CA PHE M 160 43.33 -69.09 -21.92
C PHE M 160 43.46 -68.53 -23.33
N GLY M 161 44.02 -69.35 -24.23
CA GLY M 161 44.08 -69.00 -25.63
C GLY M 161 44.87 -67.75 -25.96
N LEU M 162 45.91 -67.44 -25.21
CA LEU M 162 46.71 -66.25 -25.46
C LEU M 162 48.02 -66.55 -26.18
N GLU M 163 48.26 -67.81 -26.53
CA GLU M 163 49.54 -68.17 -27.16
C GLU M 163 49.67 -67.56 -28.54
N THR M 164 48.61 -67.62 -29.34
CA THR M 164 48.67 -67.08 -30.70
C THR M 164 48.89 -65.56 -30.69
N MET M 165 48.20 -64.86 -29.78
CA MET M 165 48.36 -63.42 -29.70
C MET M 165 49.73 -63.04 -29.18
N LEU M 166 50.22 -63.75 -28.16
CA LEU M 166 51.54 -63.45 -27.61
C LEU M 166 52.64 -63.76 -28.62
N SER M 167 52.41 -64.76 -29.48
CA SER M 167 53.37 -65.06 -30.54
C SER M 167 53.49 -63.91 -31.52
N GLN M 168 52.36 -63.27 -31.86
CA GLN M 168 52.39 -62.12 -32.75
C GLN M 168 53.16 -60.97 -32.14
N LEU M 169 52.98 -60.71 -30.84
CA LEU M 169 53.67 -59.61 -30.19
C LEU M 169 55.18 -59.83 -30.18
N TYR M 170 55.62 -61.07 -29.94
CA TYR M 170 57.04 -61.35 -29.96
C TYR M 170 57.61 -61.28 -31.36
N ASP M 171 56.81 -61.62 -32.38
CA ASP M 171 57.27 -61.55 -33.75
C ASP M 171 57.64 -60.13 -34.16
N LEU M 172 56.98 -59.13 -33.56
CA LEU M 172 57.33 -57.73 -33.79
C LEU M 172 58.45 -57.29 -32.85
N PHE M 173 58.37 -57.68 -31.58
CA PHE M 173 59.36 -57.25 -30.60
C PHE M 173 60.75 -57.78 -30.96
N GLU M 174 60.83 -59.03 -31.41
CA GLU M 174 62.12 -59.61 -31.76
C GLU M 174 62.63 -59.12 -33.11
N LYS M 175 61.73 -58.85 -34.05
CA LYS M 175 62.13 -58.75 -35.46
C LYS M 175 61.62 -57.47 -36.13
N GLY M 176 60.61 -56.83 -35.54
CA GLY M 176 60.03 -55.66 -36.17
C GLY M 176 61.04 -54.54 -36.34
N ASP M 177 60.88 -53.81 -37.45
CA ASP M 177 61.84 -52.75 -37.78
C ASP M 177 61.65 -51.53 -36.88
N SER M 178 60.40 -51.14 -36.65
CA SER M 178 60.12 -49.96 -35.83
C SER M 178 60.26 -50.30 -34.35
N ASN M 179 60.79 -49.35 -33.58
CA ASN M 179 61.02 -49.55 -32.16
C ASN M 179 59.84 -49.15 -31.30
N ILE M 180 58.80 -48.56 -31.87
CA ILE M 180 57.57 -48.25 -31.15
C ILE M 180 56.48 -49.19 -31.67
N ILE M 181 55.94 -50.01 -30.78
CA ILE M 181 54.97 -51.04 -31.12
C ILE M 181 53.65 -50.69 -30.45
N GLY M 182 52.57 -50.73 -31.22
CA GLY M 182 51.25 -50.44 -30.68
C GLY M 182 50.32 -51.62 -30.74
N VAL M 183 49.60 -51.88 -29.65
CA VAL M 183 48.60 -52.93 -29.59
C VAL M 183 47.26 -52.28 -29.29
N TRP M 184 46.25 -52.57 -30.11
CA TRP M 184 44.94 -51.96 -29.95
C TRP M 184 43.84 -53.00 -30.01
N GLY M 185 42.75 -52.71 -29.33
CA GLY M 185 41.60 -53.59 -29.26
C GLY M 185 40.50 -53.03 -28.37
N GLN M 186 39.31 -53.61 -28.43
CA GLN M 186 38.19 -53.11 -27.65
C GLN M 186 38.42 -53.34 -26.16
N GLY M 187 37.68 -52.63 -25.32
CA GLY M 187 37.83 -52.75 -23.89
C GLY M 187 37.58 -54.14 -23.38
N GLY M 188 38.50 -54.67 -22.58
CA GLY M 188 38.37 -55.99 -22.00
C GLY M 188 38.81 -57.14 -22.88
N VAL M 189 39.41 -56.85 -24.04
CA VAL M 189 39.83 -57.93 -24.93
C VAL M 189 41.07 -58.64 -24.41
N GLY M 190 41.88 -57.97 -23.58
CA GLY M 190 43.04 -58.61 -23.02
C GLY M 190 44.34 -57.87 -23.27
N LYS M 191 44.26 -56.57 -23.55
CA LYS M 191 45.47 -55.78 -23.84
C LYS M 191 46.40 -55.71 -22.63
N THR M 192 45.86 -55.31 -21.48
CA THR M 192 46.68 -55.21 -20.27
C THR M 192 47.20 -56.58 -19.85
N THR M 193 46.34 -57.60 -19.87
CA THR M 193 46.76 -58.94 -19.50
C THR M 193 47.84 -59.46 -20.45
N LEU M 194 47.82 -59.01 -21.71
CA LEU M 194 48.88 -59.36 -22.62
C LEU M 194 50.22 -58.81 -22.14
N LEU M 195 50.22 -57.56 -21.65
CA LEU M 195 51.45 -56.98 -21.13
C LEU M 195 51.95 -57.73 -19.90
N HIS M 196 51.05 -58.14 -19.01
CA HIS M 196 51.45 -58.88 -17.83
C HIS M 196 52.09 -60.22 -18.21
N VAL M 197 51.52 -60.91 -19.20
CA VAL M 197 52.10 -62.18 -19.61
C VAL M 197 53.30 -61.95 -20.52
N PHE M 198 53.35 -60.80 -21.20
CA PHE M 198 54.54 -60.46 -21.99
C PHE M 198 55.71 -60.09 -21.09
N ASN M 199 55.45 -59.25 -20.09
CA ASN M 199 56.51 -58.83 -19.17
C ASN M 199 57.04 -60.02 -18.38
N ASN M 200 56.14 -60.89 -17.90
CA ASN M 200 56.56 -62.06 -17.14
C ASN M 200 57.25 -63.09 -18.02
N ASP M 201 57.02 -63.05 -19.33
CA ASP M 201 57.69 -63.96 -20.24
C ASP M 201 59.13 -63.55 -20.49
N LEU M 202 59.45 -62.26 -20.41
CA LEU M 202 60.81 -61.80 -20.65
C LEU M 202 61.79 -62.33 -19.62
N GLU M 203 61.37 -62.49 -18.37
CA GLU M 203 62.23 -63.03 -17.33
C GLU M 203 62.55 -64.50 -17.53
N LYS M 204 61.87 -65.17 -18.45
CA LYS M 204 62.16 -66.56 -18.78
C LYS M 204 63.16 -66.69 -19.93
N LYS M 205 63.02 -65.90 -20.98
CA LYS M 205 63.94 -66.01 -22.11
C LYS M 205 65.21 -65.20 -21.87
N ALA M 206 66.11 -65.25 -22.85
CA ALA M 206 67.34 -64.50 -22.84
C ALA M 206 67.20 -63.32 -23.80
N HIS M 207 67.51 -62.12 -23.30
CA HIS M 207 67.36 -60.90 -24.09
C HIS M 207 68.46 -59.93 -23.72
N ASP M 208 68.71 -58.97 -24.61
CA ASP M 208 69.80 -58.02 -24.42
C ASP M 208 69.38 -56.79 -23.62
N TYR M 209 68.09 -56.64 -23.33
CA TYR M 209 67.61 -55.42 -22.69
C TYR M 209 67.98 -55.40 -21.22
N GLN M 210 68.05 -54.19 -20.66
CA GLN M 210 68.52 -53.99 -19.30
C GLN M 210 67.43 -53.64 -18.30
N VAL M 211 66.38 -52.95 -18.73
CA VAL M 211 65.25 -52.64 -17.86
C VAL M 211 63.96 -52.83 -18.63
N VAL M 212 62.96 -53.41 -17.97
CA VAL M 212 61.62 -53.55 -18.53
C VAL M 212 60.66 -52.84 -17.59
N ILE M 213 60.10 -51.72 -18.06
CA ILE M 213 59.29 -50.84 -17.22
C ILE M 213 57.85 -50.93 -17.67
N PHE M 214 56.94 -51.14 -16.73
CA PHE M 214 55.51 -51.16 -16.97
C PHE M 214 54.89 -49.93 -16.34
N ILE M 215 54.25 -49.10 -17.16
CA ILE M 215 53.73 -47.81 -16.72
C ILE M 215 52.23 -47.78 -16.99
N GLU M 216 51.46 -47.35 -15.99
CA GLU M 216 50.01 -47.24 -16.11
C GLU M 216 49.66 -45.81 -16.48
N VAL M 217 49.48 -45.56 -17.78
CA VAL M 217 49.00 -44.26 -18.23
C VAL M 217 47.48 -44.19 -18.13
N SER M 218 46.84 -45.32 -17.82
CA SER M 218 45.38 -45.35 -17.70
C SER M 218 44.87 -44.60 -16.50
N ASN M 219 45.76 -44.16 -15.60
CA ASN M 219 45.35 -43.44 -14.40
C ASN M 219 44.44 -42.27 -14.74
N SER M 220 44.75 -41.55 -15.81
CA SER M 220 43.91 -40.44 -16.25
C SER M 220 44.24 -40.12 -17.71
N GLU M 221 43.41 -39.26 -18.29
CA GLU M 221 43.74 -38.66 -19.58
C GLU M 221 44.54 -37.37 -19.42
N ALA M 222 44.76 -36.94 -18.18
CA ALA M 222 45.51 -35.72 -17.89
C ALA M 222 47.01 -35.97 -17.78
N LEU M 223 47.48 -37.21 -18.00
CA LEU M 223 48.90 -37.51 -18.00
C LEU M 223 49.55 -37.15 -16.66
N ASN M 224 49.24 -37.92 -15.62
CA ASN M 224 49.79 -37.64 -14.28
C ASN M 224 51.29 -37.90 -14.31
N THR M 225 52.02 -36.86 -14.72
CA THR M 225 53.43 -36.97 -15.05
C THR M 225 54.27 -37.39 -13.85
N VAL M 226 53.96 -36.87 -12.67
CA VAL M 226 54.81 -37.10 -11.49
C VAL M 226 54.86 -38.59 -11.16
N GLU M 227 53.71 -39.26 -11.18
CA GLU M 227 53.68 -40.66 -10.82
C GLU M 227 54.19 -41.58 -11.93
N ILE M 228 54.37 -41.06 -13.13
CA ILE M 228 55.05 -41.83 -14.17
C ILE M 228 56.56 -41.71 -13.98
N GLN M 229 57.04 -40.52 -13.64
CA GLN M 229 58.47 -40.34 -13.38
C GLN M 229 58.89 -41.08 -12.12
N GLN M 230 57.98 -41.22 -11.15
CA GLN M 230 58.28 -42.03 -9.97
C GLN M 230 58.50 -43.49 -10.36
N THR M 231 57.69 -44.01 -11.28
CA THR M 231 57.86 -45.39 -11.70
C THR M 231 59.17 -45.59 -12.45
N ILE M 232 59.55 -44.64 -13.31
CA ILE M 232 60.78 -44.77 -14.07
C ILE M 232 61.99 -44.61 -13.16
N SER M 233 61.97 -43.60 -12.29
CA SER M 233 63.11 -43.37 -11.39
C SER M 233 63.30 -44.53 -10.42
N GLU M 234 62.20 -45.04 -9.86
CA GLU M 234 62.28 -46.21 -8.98
C GLU M 234 62.81 -47.42 -9.74
N ARG M 235 62.49 -47.54 -11.03
CA ARG M 235 62.94 -48.66 -11.84
C ARG M 235 64.38 -48.48 -12.33
N LEU M 236 64.92 -47.27 -12.28
CA LEU M 236 66.29 -47.00 -12.67
C LEU M 236 67.24 -46.84 -11.49
N ASN M 237 66.79 -47.16 -10.28
CA ASN M 237 67.59 -47.01 -9.06
C ASN M 237 68.03 -45.57 -8.86
N LEU M 238 67.21 -44.62 -9.29
CA LEU M 238 67.53 -43.21 -9.12
C LEU M 238 66.92 -42.66 -7.83
N PRO M 239 67.59 -41.69 -7.21
CA PRO M 239 66.98 -41.04 -6.04
C PRO M 239 65.85 -40.12 -6.46
N TRP M 240 64.82 -40.05 -5.62
CA TRP M 240 63.64 -39.24 -5.92
C TRP M 240 63.81 -37.86 -5.29
N ASN M 241 64.25 -36.90 -6.11
CA ASN M 241 64.35 -35.51 -5.68
C ASN M 241 62.96 -34.90 -5.83
N ASP M 242 62.23 -34.86 -4.72
CA ASP M 242 60.81 -34.49 -4.77
C ASP M 242 60.61 -33.06 -5.25
N ALA M 243 61.46 -32.14 -4.81
CA ALA M 243 61.28 -30.74 -5.13
C ALA M 243 61.77 -30.36 -6.52
N GLU M 244 62.38 -31.29 -7.25
CA GLU M 244 62.88 -30.99 -8.58
C GLU M 244 61.71 -30.71 -9.52
N PRO M 245 61.81 -29.70 -10.37
CA PRO M 245 60.72 -29.42 -11.32
C PRO M 245 60.58 -30.54 -12.35
N ILE M 246 59.35 -30.69 -12.84
CA ILE M 246 59.03 -31.79 -13.76
C ILE M 246 59.85 -31.65 -15.04
N ALA M 247 59.99 -30.43 -15.55
CA ALA M 247 60.73 -30.24 -16.79
C ALA M 247 62.20 -30.62 -16.63
N LYS M 248 62.79 -30.32 -15.47
CA LYS M 248 64.18 -30.68 -15.24
C LYS M 248 64.35 -32.18 -15.12
N ARG M 249 63.43 -32.86 -14.43
CA ARG M 249 63.50 -34.31 -14.31
C ARG M 249 63.35 -34.98 -15.67
N ALA M 250 62.43 -34.46 -16.51
CA ALA M 250 62.24 -35.04 -17.83
C ALA M 250 63.52 -35.00 -18.65
N ARG M 251 64.26 -33.90 -18.56
CA ARG M 251 65.55 -33.83 -19.24
C ARG M 251 66.54 -34.82 -18.62
N PHE M 252 66.42 -35.06 -17.31
CA PHE M 252 67.33 -35.98 -16.64
C PHE M 252 67.02 -37.43 -17.02
N LEU M 253 65.73 -37.79 -17.03
CA LEU M 253 65.35 -39.17 -17.36
C LEU M 253 65.71 -39.51 -18.80
N ILE M 254 65.66 -38.53 -19.70
CA ILE M 254 66.03 -38.78 -21.09
C ILE M 254 67.49 -39.19 -21.17
N LYS M 255 68.37 -38.52 -20.41
CA LYS M 255 69.76 -38.92 -20.36
C LYS M 255 69.94 -40.26 -19.66
N ALA M 256 69.19 -40.49 -18.57
CA ALA M 256 69.31 -41.74 -17.82
C ALA M 256 68.85 -42.92 -18.66
N LEU M 257 67.70 -42.79 -19.33
CA LEU M 257 67.19 -43.89 -20.13
C LEU M 257 67.98 -44.06 -21.41
N GLY M 258 68.64 -43.02 -21.89
CA GLY M 258 69.45 -43.13 -23.09
C GLY M 258 70.70 -43.96 -22.91
N ARG M 259 71.10 -44.23 -21.67
CA ARG M 259 72.27 -45.04 -21.40
C ARG M 259 71.97 -46.53 -21.34
N LYS M 260 70.70 -46.93 -21.37
CA LYS M 260 70.31 -48.31 -21.19
C LYS M 260 69.40 -48.77 -22.32
N ARG M 261 69.46 -50.06 -22.62
CA ARG M 261 68.54 -50.67 -23.57
C ARG M 261 67.24 -51.02 -22.89
N PHE M 262 66.28 -50.08 -22.89
CA PHE M 262 65.07 -50.24 -22.09
C PHE M 262 63.93 -50.80 -22.92
N VAL M 263 62.95 -51.36 -22.21
CA VAL M 263 61.65 -51.72 -22.77
C VAL M 263 60.59 -51.10 -21.86
N ILE M 264 59.80 -50.19 -22.41
CA ILE M 264 58.75 -49.52 -21.65
C ILE M 264 57.40 -49.98 -22.18
N LEU M 265 56.58 -50.53 -21.29
CA LEU M 265 55.26 -51.01 -21.63
C LEU M 265 54.23 -50.03 -21.11
N LEU M 266 53.64 -49.25 -22.02
CA LEU M 266 52.64 -48.26 -21.66
C LEU M 266 51.27 -48.93 -21.68
N ASP M 267 50.48 -48.68 -20.64
CA ASP M 267 49.21 -49.38 -20.44
C ASP M 267 48.04 -48.42 -20.60
N ASP M 268 47.21 -48.69 -21.61
CA ASP M 268 45.95 -47.98 -21.83
C ASP M 268 46.15 -46.46 -21.87
N VAL M 269 46.91 -46.04 -22.88
CA VAL M 269 47.10 -44.62 -23.16
C VAL M 269 45.88 -44.13 -23.93
N ARG M 270 45.22 -43.11 -23.41
CA ARG M 270 43.95 -42.65 -23.96
C ARG M 270 44.05 -41.38 -24.78
N LYS M 271 45.16 -40.64 -24.68
CA LYS M 271 45.38 -39.46 -25.50
C LYS M 271 46.83 -39.42 -25.93
N LYS M 272 47.09 -38.73 -27.04
CA LYS M 272 48.46 -38.49 -27.47
C LYS M 272 49.17 -37.62 -26.45
N PHE M 273 50.36 -38.06 -26.04
CA PHE M 273 51.18 -37.29 -25.11
C PHE M 273 52.63 -37.35 -25.58
N CYS M 274 53.38 -36.31 -25.23
CA CYS M 274 54.77 -36.19 -25.65
C CYS M 274 55.64 -37.01 -24.71
N LEU M 275 56.40 -37.95 -25.27
CA LEU M 275 57.24 -38.82 -24.46
C LEU M 275 58.36 -38.03 -23.78
N GLU M 276 58.98 -37.10 -24.50
CA GLU M 276 60.06 -36.31 -23.93
C GLU M 276 59.60 -35.40 -22.80
N ASP M 277 58.31 -35.07 -22.72
CA ASP M 277 57.82 -34.25 -21.63
C ASP M 277 57.68 -35.07 -20.35
N VAL M 278 57.53 -36.39 -20.47
CA VAL M 278 57.44 -37.25 -19.29
C VAL M 278 58.79 -37.84 -18.92
N GLY M 279 59.79 -37.72 -19.79
CA GLY M 279 61.12 -38.20 -19.48
C GLY M 279 61.55 -39.39 -20.31
N ILE M 280 60.63 -39.94 -21.10
CA ILE M 280 60.92 -41.10 -21.93
C ILE M 280 61.48 -40.63 -23.27
N PRO M 281 62.68 -41.08 -23.65
CA PRO M 281 63.19 -40.76 -24.99
C PRO M 281 62.53 -41.67 -26.02
N THR M 282 62.12 -41.09 -27.14
CA THR M 282 61.53 -41.89 -28.21
C THR M 282 62.61 -42.78 -28.83
N PRO M 283 62.43 -44.09 -28.86
CA PRO M 283 63.43 -44.97 -29.46
C PRO M 283 63.50 -44.77 -30.97
N ASP M 284 64.70 -44.94 -31.51
CA ASP M 284 64.94 -44.79 -32.92
C ASP M 284 65.69 -46.00 -33.45
N ILE M 285 65.93 -46.02 -34.76
CA ILE M 285 66.56 -47.17 -35.40
C ILE M 285 67.96 -47.39 -34.84
N ASN M 286 68.69 -46.32 -34.57
CA ASN M 286 70.04 -46.43 -34.01
C ASN M 286 70.06 -47.10 -32.64
N SER M 287 69.01 -46.94 -31.84
CA SER M 287 68.95 -47.49 -30.49
C SER M 287 68.24 -48.84 -30.51
N GLN M 288 68.67 -49.72 -29.61
CA GLN M 288 68.06 -51.04 -29.46
C GLN M 288 66.78 -50.99 -28.63
N SER M 289 66.53 -49.90 -27.91
CA SER M 289 65.40 -49.83 -27.00
C SER M 289 64.08 -49.95 -27.74
N LYS M 290 63.08 -50.50 -27.06
CA LYS M 290 61.75 -50.68 -27.59
C LYS M 290 60.75 -49.96 -26.70
N LEU M 291 59.55 -49.75 -27.23
CA LEU M 291 58.47 -49.08 -26.51
C LEU M 291 57.15 -49.66 -27.01
N ILE M 292 56.40 -50.29 -26.11
CA ILE M 292 55.14 -50.96 -26.44
C ILE M 292 54.03 -50.24 -25.71
N LEU M 293 53.03 -49.80 -26.45
CA LEU M 293 51.88 -49.09 -25.89
C LEU M 293 50.59 -49.77 -26.33
N THR M 294 49.64 -49.82 -25.40
CA THR M 294 48.33 -50.40 -25.65
C THR M 294 47.26 -49.34 -25.49
N SER M 295 46.27 -49.36 -26.37
CA SER M 295 45.20 -48.36 -26.34
C SER M 295 43.98 -48.93 -27.05
N ARG M 296 42.80 -48.50 -26.60
CA ARG M 296 41.58 -48.91 -27.27
C ARG M 296 41.43 -48.27 -28.64
N TYR M 297 42.10 -47.15 -28.89
CA TYR M 297 41.90 -46.35 -30.09
C TYR M 297 43.08 -46.52 -31.03
N ARG M 298 42.78 -46.86 -32.29
CA ARG M 298 43.82 -46.90 -33.31
C ARG M 298 44.35 -45.51 -33.62
N GLU M 299 43.53 -44.48 -33.43
CA GLU M 299 43.98 -43.11 -33.68
C GLU M 299 45.11 -42.71 -32.74
N VAL M 300 45.03 -43.13 -31.47
CA VAL M 300 46.11 -42.82 -30.53
C VAL M 300 47.40 -43.53 -30.94
N CYS M 301 47.29 -44.80 -31.34
CA CYS M 301 48.48 -45.55 -31.75
C CYS M 301 49.10 -44.96 -33.01
N PHE M 302 48.29 -44.34 -33.87
CA PHE M 302 48.84 -43.66 -35.04
C PHE M 302 49.49 -42.34 -34.64
N GLN M 303 48.91 -41.64 -33.67
CA GLN M 303 49.46 -40.35 -33.25
C GLN M 303 50.80 -40.52 -32.56
N MET M 304 51.01 -41.65 -31.89
CA MET M 304 52.26 -41.92 -31.19
C MET M 304 53.29 -42.62 -32.06
N ASN M 305 53.22 -42.46 -33.38
CA ASN M 305 54.22 -42.96 -34.32
C ASN M 305 54.36 -44.48 -34.29
N ALA M 306 53.28 -45.20 -34.01
CA ALA M 306 53.28 -46.64 -34.03
C ALA M 306 52.53 -47.22 -35.23
N GLN M 307 52.39 -46.44 -36.30
CA GLN M 307 51.59 -46.88 -37.45
C GLN M 307 52.22 -48.09 -38.15
N ARG M 308 53.54 -48.14 -38.23
CA ARG M 308 54.20 -49.20 -38.99
C ARG M 308 54.35 -50.49 -38.20
N SER M 309 53.95 -50.51 -36.93
CA SER M 309 54.00 -51.75 -36.15
C SER M 309 52.73 -51.95 -35.33
N LEU M 310 51.56 -51.72 -35.90
CA LEU M 310 50.32 -51.89 -35.17
C LEU M 310 49.87 -53.34 -35.17
N ILE M 311 49.37 -53.78 -34.02
CA ILE M 311 48.82 -55.11 -33.84
C ILE M 311 47.41 -54.98 -33.27
N GLU M 312 46.48 -55.75 -33.82
CA GLU M 312 45.09 -55.73 -33.37
C GLU M 312 44.85 -56.89 -32.41
N MET M 313 44.37 -56.57 -31.21
CA MET M 313 44.08 -57.58 -30.19
C MET M 313 42.67 -58.10 -30.42
N GLN M 314 42.59 -59.28 -31.03
CA GLN M 314 41.31 -59.84 -31.41
C GLN M 314 40.67 -60.59 -30.25
N ILE M 315 39.36 -60.82 -30.36
CA ILE M 315 38.63 -61.52 -29.32
C ILE M 315 39.03 -62.98 -29.27
N LEU M 316 38.65 -63.64 -28.18
CA LEU M 316 39.03 -65.04 -27.96
C LEU M 316 38.29 -65.94 -28.94
N GLY M 317 38.91 -67.09 -29.24
CA GLY M 317 38.33 -68.03 -30.17
C GLY M 317 37.12 -68.74 -29.58
N ASN M 318 36.44 -69.49 -30.44
CA ASN M 318 35.22 -70.18 -30.02
C ASN M 318 35.50 -71.23 -28.95
N ASP M 319 36.63 -71.93 -29.05
CA ASP M 319 36.94 -73.00 -28.10
C ASP M 319 37.51 -72.44 -26.81
N ALA M 320 38.45 -71.51 -26.90
CA ALA M 320 39.09 -70.96 -25.70
C ALA M 320 38.13 -70.08 -24.91
N SER M 321 37.10 -69.54 -25.56
CA SER M 321 36.08 -68.79 -24.84
C SER M 321 35.21 -69.68 -23.98
N TRP M 322 35.18 -70.98 -24.26
CA TRP M 322 34.36 -71.90 -23.48
C TRP M 322 35.10 -72.36 -22.23
N GLU M 323 36.34 -72.81 -22.38
CA GLU M 323 37.09 -73.31 -21.23
C GLU M 323 37.45 -72.18 -20.27
N LEU M 324 37.46 -70.93 -20.74
CA LEU M 324 37.55 -69.80 -19.82
C LEU M 324 36.26 -69.67 -19.02
N PHE M 325 35.12 -69.88 -19.68
CA PHE M 325 33.84 -69.86 -18.99
C PHE M 325 33.74 -71.00 -17.98
N LEU M 326 34.27 -72.18 -18.34
CA LEU M 326 34.21 -73.32 -17.45
C LEU M 326 34.98 -73.08 -16.17
N SER M 327 36.17 -72.47 -16.26
CA SER M 327 36.97 -72.23 -15.08
C SER M 327 36.35 -71.22 -14.14
N LYS M 328 35.32 -70.48 -14.60
CA LYS M 328 34.68 -69.48 -13.78
C LYS M 328 33.52 -70.03 -12.96
N LEU M 329 33.15 -71.29 -13.16
CA LEU M 329 32.02 -71.89 -12.46
C LEU M 329 32.48 -72.67 -11.24
N SER M 330 31.57 -72.80 -10.28
CA SER M 330 31.88 -73.54 -9.06
C SER M 330 32.06 -75.02 -9.35
N THR M 331 32.52 -75.76 -8.35
CA THR M 331 32.83 -77.17 -8.53
C THR M 331 31.59 -77.98 -8.88
N GLU M 332 30.50 -77.77 -8.13
CA GLU M 332 29.29 -78.54 -8.38
C GLU M 332 28.58 -78.07 -9.64
N THR M 333 28.58 -76.76 -9.90
CA THR M 333 27.95 -76.24 -11.11
C THR M 333 28.69 -76.70 -12.36
N SER M 334 30.02 -76.72 -12.31
CA SER M 334 30.80 -77.17 -13.46
C SER M 334 30.51 -78.62 -13.78
N ALA M 335 30.36 -79.47 -12.76
CA ALA M 335 30.09 -80.88 -12.98
C ALA M 335 28.77 -81.10 -13.72
N ALA M 336 27.87 -80.12 -13.72
CA ALA M 336 26.64 -80.25 -14.49
C ALA M 336 26.88 -80.05 -15.98
N VAL M 337 27.73 -79.09 -16.35
CA VAL M 337 27.93 -78.76 -17.76
C VAL M 337 29.25 -79.27 -18.32
N GLU M 338 30.18 -79.70 -17.46
CA GLU M 338 31.44 -80.25 -17.96
C GLU M 338 31.29 -81.56 -18.75
N PRO M 339 30.52 -82.56 -18.30
CA PRO M 339 30.74 -83.93 -18.78
C PRO M 339 30.71 -84.06 -20.30
N LEU M 340 31.67 -84.83 -20.82
CA LEU M 340 31.79 -85.11 -22.23
C LEU M 340 31.03 -86.38 -22.60
N GLY M 341 31.12 -86.76 -23.87
CA GLY M 341 30.49 -87.98 -24.34
C GLY M 341 28.98 -87.85 -24.47
N SER M 342 28.30 -87.72 -23.35
CA SER M 342 26.85 -87.53 -23.36
C SER M 342 26.50 -86.08 -23.66
N GLN M 343 25.26 -85.87 -24.09
CA GLN M 343 24.76 -84.53 -24.37
C GLN M 343 23.53 -84.28 -23.52
N SER M 344 23.46 -83.07 -22.96
CA SER M 344 22.37 -82.69 -22.07
C SER M 344 21.96 -81.26 -22.38
N ALA M 345 20.73 -80.92 -22.00
CA ALA M 345 20.22 -79.58 -22.26
C ALA M 345 21.01 -78.53 -21.50
N THR M 346 21.49 -78.86 -20.30
CA THR M 346 22.24 -77.89 -19.50
C THR M 346 23.52 -77.46 -20.21
N ARG M 347 24.21 -78.39 -20.88
CA ARG M 347 25.38 -78.04 -21.65
C ARG M 347 25.02 -77.07 -22.77
N GLU M 348 23.90 -77.33 -23.46
CA GLU M 348 23.49 -76.46 -24.55
C GLU M 348 23.07 -75.09 -24.04
N HIS M 349 22.49 -75.03 -22.84
CA HIS M 349 22.10 -73.74 -22.29
C HIS M 349 23.31 -72.98 -21.77
N ALA M 350 24.28 -73.68 -21.20
CA ALA M 350 25.50 -73.01 -20.73
C ALA M 350 26.28 -72.40 -21.89
N MET M 351 26.40 -73.14 -23.00
CA MET M 351 27.12 -72.62 -24.15
C MET M 351 26.43 -71.42 -24.75
N LYS M 352 25.09 -71.43 -24.78
CA LYS M 352 24.35 -70.29 -25.30
C LYS M 352 24.66 -69.02 -24.52
N ILE M 353 24.89 -69.14 -23.21
CA ILE M 353 25.30 -67.99 -22.41
C ILE M 353 26.72 -67.59 -22.76
N ALA M 354 27.60 -68.58 -22.96
CA ALA M 354 28.99 -68.29 -23.31
C ALA M 354 29.09 -67.60 -24.68
N GLN M 355 28.29 -68.05 -25.65
CA GLN M 355 28.32 -67.44 -26.97
C GLN M 355 27.85 -66.00 -26.94
N SER M 356 26.95 -65.66 -26.00
CA SER M 356 26.43 -64.30 -25.94
C SER M 356 27.48 -63.29 -25.54
N CYS M 357 28.58 -63.73 -24.91
CA CYS M 357 29.64 -62.83 -24.52
C CYS M 357 30.55 -62.44 -25.67
N GLY M 358 30.41 -63.08 -26.83
CA GLY M 358 31.18 -62.70 -28.00
C GLY M 358 32.67 -62.96 -27.88
N GLY M 359 33.07 -63.86 -26.98
CA GLY M 359 34.47 -64.15 -26.81
C GLY M 359 35.29 -63.04 -26.18
N LEU M 360 34.63 -62.08 -25.54
CA LEU M 360 35.33 -60.98 -24.89
C LEU M 360 35.74 -61.43 -23.48
N PRO M 361 37.03 -61.47 -23.17
CA PRO M 361 37.44 -62.00 -21.84
C PRO M 361 36.84 -61.26 -20.67
N LEU M 362 36.63 -59.94 -20.80
CA LEU M 362 35.96 -59.21 -19.73
C LEU M 362 34.52 -59.68 -19.57
N ALA M 363 33.86 -60.01 -20.69
CA ALA M 363 32.49 -60.49 -20.61
C ALA M 363 32.42 -61.89 -20.02
N LEU M 364 33.35 -62.76 -20.41
CA LEU M 364 33.35 -64.12 -19.87
C LEU M 364 33.55 -64.13 -18.37
N ASN M 365 34.39 -63.23 -17.85
CA ASN M 365 34.66 -63.21 -16.42
C ASN M 365 33.45 -62.74 -15.64
N VAL M 366 32.82 -61.65 -16.08
CA VAL M 366 31.67 -61.11 -15.36
C VAL M 366 30.46 -62.03 -15.50
N ILE M 367 30.19 -62.49 -16.71
CA ILE M 367 29.04 -63.37 -16.93
C ILE M 367 29.26 -64.72 -16.27
N GLY M 368 30.47 -65.28 -16.41
CA GLY M 368 30.75 -66.57 -15.81
C GLY M 368 30.66 -66.57 -14.30
N THR M 369 31.12 -65.47 -13.67
CA THR M 369 31.07 -65.39 -12.22
C THR M 369 29.64 -65.32 -11.71
N ALA M 370 28.78 -64.58 -12.42
CA ALA M 370 27.39 -64.42 -11.99
C ALA M 370 26.64 -65.75 -12.01
N VAL M 371 26.94 -66.60 -12.99
CA VAL M 371 26.25 -67.87 -13.15
C VAL M 371 27.11 -69.00 -12.61
N ALA M 372 28.08 -68.66 -11.77
CA ALA M 372 28.96 -69.68 -11.21
C ALA M 372 28.21 -70.60 -10.24
N GLY M 373 27.14 -70.12 -9.63
CA GLY M 373 26.37 -70.92 -8.71
C GLY M 373 25.01 -71.32 -9.25
N LEU M 374 24.86 -71.27 -10.57
CA LEU M 374 23.59 -71.60 -11.21
C LEU M 374 23.28 -73.07 -10.99
N GLU M 375 22.15 -73.35 -10.36
CA GLU M 375 21.74 -74.73 -10.13
C GLU M 375 21.24 -75.35 -11.43
N GLU M 376 21.28 -76.69 -11.49
CA GLU M 376 20.92 -77.42 -12.69
C GLU M 376 19.55 -77.01 -13.24
N GLY M 377 18.57 -76.81 -12.37
CA GLY M 377 17.21 -76.59 -12.84
C GLY M 377 16.97 -75.27 -13.54
N GLU M 378 17.81 -74.26 -13.29
CA GLU M 378 17.55 -72.92 -13.80
C GLU M 378 18.56 -72.45 -14.85
N TRP M 379 19.31 -73.37 -15.47
CA TRP M 379 20.08 -73.02 -16.65
C TRP M 379 19.18 -72.59 -17.80
N GLN M 380 18.04 -73.28 -17.97
CA GLN M 380 17.14 -73.00 -19.09
C GLN M 380 16.59 -71.58 -19.06
N SER M 381 16.16 -71.09 -17.89
CA SER M 381 15.57 -69.76 -17.81
C SER M 381 16.62 -68.66 -17.94
N ALA M 382 17.81 -68.86 -17.39
CA ALA M 382 18.86 -67.87 -17.50
C ALA M 382 19.35 -67.73 -18.94
N ALA M 383 19.48 -68.87 -19.63
CA ALA M 383 19.98 -68.85 -21.00
C ALA M 383 19.05 -68.13 -21.97
N ASP M 384 17.74 -68.10 -21.68
CA ASP M 384 16.81 -67.38 -22.55
C ASP M 384 16.91 -65.87 -22.34
N ALA M 385 17.12 -65.44 -21.10
CA ALA M 385 17.18 -64.01 -20.83
C ALA M 385 18.51 -63.41 -21.26
N ILE M 386 19.55 -64.24 -21.42
CA ILE M 386 20.85 -63.73 -21.84
C ILE M 386 20.79 -63.22 -23.27
N ALA M 387 19.88 -63.76 -24.08
CA ALA M 387 19.79 -63.37 -25.48
C ALA M 387 19.09 -62.03 -25.68
N THR M 388 18.20 -61.64 -24.77
CA THR M 388 17.44 -60.40 -24.93
C THR M 388 18.20 -59.19 -24.39
N ASN M 389 18.56 -59.22 -23.10
CA ASN M 389 19.28 -58.11 -22.49
C ASN M 389 20.17 -58.66 -21.38
N MET M 390 21.24 -57.92 -21.06
CA MET M 390 22.20 -58.40 -20.08
C MET M 390 22.32 -57.48 -18.87
N ASP M 391 21.59 -56.37 -18.84
CA ASP M 391 21.76 -55.38 -17.78
C ASP M 391 21.33 -55.88 -16.40
N ASN M 392 20.53 -56.95 -16.33
CA ASN M 392 20.05 -57.44 -15.05
C ASN M 392 21.00 -58.45 -14.40
N ILE M 393 22.03 -58.90 -15.12
CA ILE M 393 22.96 -59.88 -14.57
C ILE M 393 23.94 -59.20 -13.61
N ASP M 394 24.28 -59.90 -12.53
CA ASP M 394 25.15 -59.35 -11.51
C ASP M 394 26.52 -58.97 -12.09
N GLY M 395 26.96 -57.75 -11.77
CA GLY M 395 28.26 -57.27 -12.19
C GLY M 395 28.30 -56.66 -13.57
N VAL M 396 27.26 -56.85 -14.39
CA VAL M 396 27.25 -56.29 -15.73
C VAL M 396 27.09 -54.77 -15.68
N ASP M 397 26.33 -54.25 -14.72
CA ASP M 397 26.14 -52.81 -14.62
C ASP M 397 27.45 -52.06 -14.40
N GLU M 398 28.46 -52.71 -13.83
CA GLU M 398 29.79 -52.11 -13.74
C GLU M 398 30.69 -52.52 -14.89
N MET M 399 30.34 -53.59 -15.61
CA MET M 399 31.03 -53.92 -16.84
C MET M 399 30.91 -52.79 -17.86
N PHE M 400 29.67 -52.34 -18.11
CA PHE M 400 29.45 -51.29 -19.10
C PHE M 400 30.05 -49.97 -18.64
N GLY M 401 30.08 -49.72 -17.33
CA GLY M 401 30.76 -48.53 -16.84
C GLY M 401 32.24 -48.54 -17.17
N ARG M 402 32.86 -49.72 -17.23
CA ARG M 402 34.24 -49.83 -17.65
C ARG M 402 34.39 -49.59 -19.15
N LEU M 403 33.43 -50.05 -19.94
CA LEU M 403 33.49 -49.86 -21.38
C LEU M 403 32.87 -48.54 -21.81
N LYS M 404 32.23 -47.82 -20.90
CA LYS M 404 31.47 -46.63 -21.28
C LYS M 404 32.38 -45.49 -21.72
N TYR M 405 33.64 -45.49 -21.29
CA TYR M 405 34.51 -44.35 -21.58
C TYR M 405 34.73 -44.19 -23.08
N SER M 406 34.85 -45.31 -23.81
CA SER M 406 34.98 -45.23 -25.26
C SER M 406 33.79 -44.52 -25.90
N PHE M 407 32.64 -44.55 -25.24
CA PHE M 407 31.46 -43.83 -25.70
C PHE M 407 31.43 -42.39 -25.23
N ASP M 408 31.86 -42.14 -23.99
CA ASP M 408 31.89 -40.77 -23.47
C ASP M 408 32.93 -39.93 -24.18
N ARG M 409 33.97 -40.57 -24.73
CA ARG M 409 34.99 -39.85 -25.48
C ARG M 409 34.43 -39.21 -26.75
N LEU M 410 33.34 -39.77 -27.27
CA LEU M 410 32.81 -39.32 -28.56
C LEU M 410 32.19 -37.93 -28.47
N THR M 411 32.16 -37.25 -29.61
CA THR M 411 31.41 -36.01 -29.72
C THR M 411 29.91 -36.32 -29.73
N PRO M 412 29.07 -35.35 -29.40
CA PRO M 412 27.62 -35.62 -29.38
C PRO M 412 27.07 -36.13 -30.70
N THR M 413 27.61 -35.67 -31.83
CA THR M 413 27.16 -36.19 -33.11
C THR M 413 27.51 -37.66 -33.28
N GLN M 414 28.70 -38.05 -32.82
CA GLN M 414 29.12 -39.45 -32.94
C GLN M 414 28.35 -40.35 -31.99
N GLN M 415 27.96 -39.82 -30.83
CA GLN M 415 27.19 -40.61 -29.87
C GLN M 415 25.85 -41.01 -30.45
N GLN M 416 25.17 -40.07 -31.11
CA GLN M 416 23.88 -40.37 -31.73
C GLN M 416 24.04 -41.38 -32.86
N CYS M 417 25.12 -41.25 -33.65
CA CYS M 417 25.35 -42.19 -34.74
C CYS M 417 25.65 -43.58 -34.24
N PHE M 418 26.30 -43.69 -33.07
CA PHE M 418 26.55 -45.00 -32.50
C PHE M 418 25.26 -45.62 -31.96
N LEU M 419 24.45 -44.81 -31.25
CA LEU M 419 23.16 -45.30 -30.77
C LEU M 419 22.24 -45.64 -31.92
N TYR M 420 22.32 -44.88 -33.02
CA TYR M 420 21.51 -45.16 -34.20
C TYR M 420 21.80 -46.54 -34.78
N CYS M 421 23.00 -47.07 -34.56
CA CYS M 421 23.35 -48.38 -35.08
C CYS M 421 22.90 -49.53 -34.18
N THR M 422 22.43 -49.24 -32.97
CA THR M 422 22.03 -50.30 -32.04
C THR M 422 20.66 -50.87 -32.36
N LEU M 423 19.89 -50.21 -33.23
CA LEU M 423 18.55 -50.68 -33.56
C LEU M 423 18.52 -51.60 -34.77
N PHE M 424 19.68 -51.97 -35.30
CA PHE M 424 19.76 -52.96 -36.36
C PHE M 424 19.80 -54.37 -35.74
N PRO M 425 19.43 -55.40 -36.51
CA PRO M 425 19.28 -56.72 -35.92
C PRO M 425 20.59 -57.30 -35.41
N GLU M 426 20.47 -58.15 -34.39
CA GLU M 426 21.62 -58.83 -33.82
C GLU M 426 22.27 -59.74 -34.86
N TYR M 427 23.60 -59.80 -34.84
CA TYR M 427 24.40 -60.60 -35.77
C TYR M 427 24.17 -60.26 -37.23
N GLY M 428 23.79 -59.01 -37.53
CA GLY M 428 23.57 -58.63 -38.92
C GLY M 428 24.47 -57.51 -39.39
N SER M 429 25.30 -57.80 -40.39
CA SER M 429 26.15 -56.78 -40.97
C SER M 429 25.31 -55.78 -41.76
N ILE M 430 25.62 -54.50 -41.61
CA ILE M 430 24.90 -53.43 -42.28
C ILE M 430 25.90 -52.64 -43.12
N SER M 431 25.41 -52.07 -44.23
CA SER M 431 26.29 -51.38 -45.16
C SER M 431 26.47 -49.93 -44.77
N LYS M 432 27.66 -49.39 -45.07
CA LYS M 432 27.95 -47.99 -44.72
C LYS M 432 27.05 -47.03 -45.50
N GLU M 433 26.79 -47.33 -46.77
CA GLU M 433 25.97 -46.44 -47.60
C GLU M 433 24.55 -46.33 -47.05
N GLN M 434 23.96 -47.45 -46.63
CA GLN M 434 22.66 -47.40 -46.00
C GLN M 434 22.70 -46.60 -44.70
N LEU M 435 23.71 -46.86 -43.86
CA LEU M 435 23.79 -46.23 -42.56
C LEU M 435 23.98 -44.72 -42.69
N ILE M 436 24.81 -44.29 -43.63
CA ILE M 436 25.01 -42.86 -43.86
C ILE M 436 23.73 -42.23 -44.40
N GLY M 437 22.99 -42.97 -45.23
CA GLY M 437 21.74 -42.44 -45.77
C GLY M 437 20.76 -42.05 -44.68
N TYR M 438 20.62 -42.90 -43.67
CA TYR M 438 19.74 -42.57 -42.55
C TYR M 438 20.25 -41.35 -41.80
N TRP M 439 21.56 -41.25 -41.62
CA TRP M 439 22.13 -40.12 -40.89
C TRP M 439 21.95 -38.80 -41.62
N LEU M 440 22.06 -38.81 -42.95
CA LEU M 440 21.91 -37.57 -43.72
C LEU M 440 20.50 -37.01 -43.56
N ALA M 441 19.49 -37.87 -43.66
CA ALA M 441 18.11 -37.40 -43.48
C ALA M 441 17.81 -37.02 -42.05
N GLU M 442 18.40 -37.75 -41.08
CA GLU M 442 18.14 -37.47 -39.67
C GLU M 442 18.66 -36.10 -39.24
N GLY M 443 19.53 -35.48 -40.03
CA GLY M 443 20.12 -34.21 -39.65
C GLY M 443 21.38 -34.31 -38.84
N LEU M 444 21.84 -35.53 -38.55
CA LEU M 444 23.10 -35.70 -37.84
C LEU M 444 24.27 -35.20 -38.68
N LEU M 445 24.23 -35.43 -39.99
CA LEU M 445 25.22 -34.94 -40.92
C LEU M 445 24.69 -33.67 -41.56
N LEU M 446 25.53 -32.64 -41.63
CA LEU M 446 25.12 -31.39 -42.26
C LEU M 446 25.16 -31.52 -43.78
N ASN M 447 24.36 -32.43 -44.33
CA ASN M 447 24.27 -32.69 -45.77
C ASN M 447 25.61 -33.07 -46.38
N ASP M 448 26.49 -33.69 -45.59
CA ASP M 448 27.82 -34.08 -46.05
C ASP M 448 27.95 -35.60 -45.92
N SER M 449 28.22 -36.26 -47.05
CA SER M 449 28.38 -37.71 -47.03
C SER M 449 29.72 -38.15 -46.46
N GLU M 450 30.78 -37.37 -46.68
CA GLU M 450 32.09 -37.70 -46.14
C GLU M 450 32.08 -37.67 -44.61
N LYS M 451 31.36 -36.70 -44.04
CA LYS M 451 31.25 -36.64 -42.58
C LYS M 451 30.67 -37.93 -42.01
N GLY M 452 29.76 -38.58 -42.76
CA GLY M 452 29.28 -39.87 -42.33
C GLY M 452 30.36 -40.93 -42.35
N TYR M 453 31.19 -40.93 -43.40
CA TYR M 453 32.31 -41.87 -43.45
C TYR M 453 33.33 -41.57 -42.37
N GLN M 454 33.49 -40.29 -42.02
CA GLN M 454 34.39 -39.93 -40.94
C GLN M 454 33.90 -40.49 -39.60
N ILE M 455 32.60 -40.39 -39.35
CA ILE M 455 32.05 -40.90 -38.09
C ILE M 455 32.19 -42.41 -38.02
N ILE M 456 31.94 -43.11 -39.12
CA ILE M 456 32.11 -44.56 -39.15
C ILE M 456 33.56 -44.92 -38.88
N ARG M 457 34.50 -44.20 -39.51
CA ARG M 457 35.91 -44.45 -39.25
C ARG M 457 36.27 -44.15 -37.80
N SER M 458 35.69 -43.11 -37.22
CA SER M 458 35.94 -42.80 -35.83
C SER M 458 35.43 -43.90 -34.92
N LEU M 459 34.26 -44.46 -35.24
CA LEU M 459 33.71 -45.54 -34.43
C LEU M 459 34.51 -46.83 -34.60
N VAL M 460 34.97 -47.10 -35.82
CA VAL M 460 35.78 -48.30 -36.04
C VAL M 460 37.12 -48.19 -35.32
N SER M 461 37.73 -47.01 -35.31
CA SER M 461 38.99 -46.81 -34.62
C SER M 461 38.87 -46.89 -33.11
N ALA M 462 37.69 -46.59 -32.56
CA ALA M 462 37.45 -46.72 -31.13
C ALA M 462 36.90 -48.08 -30.74
N CYS M 463 36.84 -49.01 -31.70
CA CYS M 463 36.35 -50.38 -31.52
C CYS M 463 34.87 -50.44 -31.16
N LEU M 464 34.12 -49.34 -31.34
CA LEU M 464 32.68 -49.39 -31.12
C LEU M 464 31.94 -50.02 -32.29
N LEU M 465 32.56 -50.07 -33.46
CA LEU M 465 32.03 -50.80 -34.61
C LEU M 465 33.13 -51.65 -35.21
N GLN M 466 32.74 -52.66 -35.98
CA GLN M 466 33.68 -53.57 -36.62
C GLN M 466 33.42 -53.59 -38.12
N VAL M 467 34.47 -53.39 -38.91
CA VAL M 467 34.36 -53.55 -40.35
C VAL M 467 34.49 -55.02 -40.67
N SER M 468 33.46 -55.59 -41.30
CA SER M 468 33.42 -57.04 -41.51
C SER M 468 32.56 -57.41 -42.70
N GLY M 469 32.86 -58.55 -43.30
CA GLY M 469 32.06 -59.07 -44.39
C GLY M 469 32.96 -59.50 -45.54
N SER M 470 32.30 -59.97 -46.61
CA SER M 470 33.02 -60.22 -47.85
C SER M 470 33.57 -58.94 -48.46
N MET M 471 33.11 -57.78 -48.01
CA MET M 471 33.60 -56.47 -48.43
C MET M 471 33.70 -55.59 -47.19
N SER M 472 34.64 -54.64 -47.22
CA SER M 472 34.79 -53.65 -46.16
C SER M 472 33.68 -52.58 -46.19
N SER M 473 32.70 -52.73 -47.08
CA SER M 473 31.59 -51.78 -47.16
C SER M 473 30.54 -52.02 -46.10
N LYS M 474 30.65 -53.10 -45.33
CA LYS M 474 29.69 -53.44 -44.29
C LYS M 474 30.33 -53.26 -42.92
N VAL M 475 29.56 -52.71 -41.99
CA VAL M 475 29.99 -52.56 -40.60
C VAL M 475 29.03 -53.36 -39.73
N LYS M 476 29.49 -53.70 -38.52
CA LYS M 476 28.69 -54.45 -37.57
C LYS M 476 29.16 -54.14 -36.16
N MET M 477 28.33 -54.50 -35.19
CA MET M 477 28.60 -54.22 -33.78
C MET M 477 28.81 -55.53 -33.04
N HIS M 478 29.83 -55.55 -32.18
CA HIS M 478 30.06 -56.69 -31.31
C HIS M 478 28.89 -56.83 -30.34
N HIS M 479 28.60 -58.08 -29.95
CA HIS M 479 27.41 -58.36 -29.15
C HIS M 479 27.43 -57.58 -27.84
N VAL M 480 28.56 -57.61 -27.13
CA VAL M 480 28.66 -56.90 -25.86
C VAL M 480 28.56 -55.40 -26.07
N ILE M 481 29.13 -54.88 -27.16
CA ILE M 481 29.05 -53.45 -27.43
C ILE M 481 27.62 -53.03 -27.71
N ARG M 482 26.86 -53.85 -28.46
CA ARG M 482 25.46 -53.53 -28.69
C ARG M 482 24.66 -53.53 -27.40
N GLN M 483 24.90 -54.50 -26.53
CA GLN M 483 24.24 -54.52 -25.22
C GLN M 483 24.59 -53.28 -24.42
N LEU M 484 25.82 -52.78 -24.58
CA LEU M 484 26.17 -51.49 -23.98
C LEU M 484 25.41 -50.35 -24.65
N GLY M 485 25.19 -50.46 -25.96
CA GLY M 485 24.41 -49.44 -26.64
C GLY M 485 22.98 -49.38 -26.16
N LEU M 486 22.34 -50.55 -26.04
CA LEU M 486 20.98 -50.59 -25.49
C LEU M 486 20.95 -50.15 -24.05
N TRP M 487 21.97 -50.52 -23.26
CA TRP M 487 22.02 -50.13 -21.86
C TRP M 487 22.17 -48.62 -21.72
N LEU M 488 22.95 -47.99 -22.60
CA LEU M 488 23.09 -46.54 -22.57
C LEU M 488 21.78 -45.86 -22.98
N VAL M 489 21.07 -46.45 -23.94
CA VAL M 489 19.77 -45.90 -24.34
C VAL M 489 18.80 -45.92 -23.18
N ASN M 490 18.74 -47.05 -22.47
CA ASN M 490 17.87 -47.16 -21.30
C ASN M 490 18.26 -46.16 -20.21
N LYS M 491 19.56 -45.95 -20.02
CA LYS M 491 20.01 -44.96 -19.05
C LYS M 491 19.64 -43.55 -19.47
N SER M 492 19.59 -43.28 -20.77
CA SER M 492 19.22 -41.97 -21.27
C SER M 492 17.71 -41.77 -21.18
N ASP M 493 17.29 -40.50 -21.22
CA ASP M 493 15.89 -40.16 -21.15
C ASP M 493 15.19 -40.10 -22.50
N THR M 494 15.94 -40.31 -23.60
CA THR M 494 15.34 -40.38 -24.93
C THR M 494 15.06 -41.84 -25.25
N LYS M 495 13.79 -42.22 -25.12
CA LYS M 495 13.42 -43.63 -25.24
C LYS M 495 13.55 -44.11 -26.68
N PHE M 496 14.05 -45.34 -26.83
CA PHE M 496 14.05 -46.06 -28.09
C PHE M 496 13.15 -47.28 -27.94
N LEU M 497 12.54 -47.69 -29.05
CA LEU M 497 11.83 -48.96 -29.13
C LEU M 497 12.58 -49.85 -30.11
N VAL M 498 13.33 -50.81 -29.58
CA VAL M 498 14.28 -51.58 -30.37
C VAL M 498 13.99 -53.07 -30.25
N GLN M 499 13.26 -53.63 -31.21
CA GLN M 499 13.04 -55.08 -31.29
C GLN M 499 13.24 -55.58 -32.71
N PRO M 500 14.46 -55.49 -33.25
CA PRO M 500 14.74 -56.11 -34.54
C PRO M 500 15.33 -57.51 -34.37
N GLY M 501 15.14 -58.33 -35.39
CA GLY M 501 15.75 -59.66 -35.42
C GLY M 501 15.29 -60.56 -34.29
N MET M 502 14.20 -60.20 -33.64
CA MET M 502 13.68 -60.95 -32.51
C MET M 502 12.70 -62.04 -32.92
N ALA M 503 12.51 -62.23 -34.23
CA ALA M 503 11.56 -63.21 -34.77
C ALA M 503 10.15 -62.94 -34.23
N LEU M 504 9.78 -61.68 -34.13
CA LEU M 504 8.46 -61.32 -33.64
C LEU M 504 7.40 -61.72 -34.66
N ASP M 505 6.36 -62.42 -34.18
CA ASP M 505 5.28 -62.86 -35.04
C ASP M 505 4.13 -61.86 -35.12
N ASN M 506 4.12 -60.87 -34.24
CA ASN M 506 3.09 -59.84 -34.24
C ASN M 506 3.69 -58.54 -33.73
N ALA M 507 3.12 -57.42 -34.15
CA ALA M 507 3.67 -56.11 -33.80
C ALA M 507 3.57 -55.89 -32.29
N PRO M 508 4.49 -55.14 -31.71
CA PRO M 508 4.42 -54.85 -30.27
C PRO M 508 3.22 -53.97 -29.94
N SER M 509 2.84 -53.99 -28.66
CA SER M 509 1.71 -53.21 -28.20
C SER M 509 1.89 -51.73 -28.51
N ALA M 510 0.82 -51.09 -28.99
CA ALA M 510 0.88 -49.71 -29.41
C ALA M 510 1.13 -48.75 -28.26
N GLU M 511 1.00 -49.20 -27.02
CA GLU M 511 1.28 -48.32 -25.88
C GLU M 511 2.77 -48.03 -25.75
N GLU M 512 3.62 -49.00 -26.12
CA GLU M 512 5.06 -48.82 -26.00
C GLU M 512 5.61 -47.80 -26.99
N TRP M 513 4.81 -47.38 -27.96
CA TRP M 513 5.24 -46.46 -29.01
C TRP M 513 5.06 -45.00 -28.63
N ASN M 514 4.64 -44.71 -27.39
CA ASN M 514 4.27 -43.35 -27.03
C ASN M 514 5.49 -42.43 -26.96
N GLU M 515 6.41 -42.71 -26.05
CA GLU M 515 7.52 -41.80 -25.80
C GLU M 515 8.78 -42.14 -26.61
N ALA M 516 8.78 -43.25 -27.33
CA ALA M 516 9.96 -43.62 -28.11
C ALA M 516 10.19 -42.64 -29.26
N THR M 517 11.45 -42.45 -29.61
CA THR M 517 11.84 -41.58 -30.72
C THR M 517 12.36 -42.34 -31.92
N ARG M 518 12.91 -43.53 -31.72
CA ARG M 518 13.37 -44.39 -32.80
C ARG M 518 12.69 -45.74 -32.70
N ILE M 519 12.07 -46.18 -33.79
CA ILE M 519 11.35 -47.44 -33.85
C ILE M 519 12.07 -48.34 -34.85
N SER M 520 12.29 -49.59 -34.45
CA SER M 520 12.96 -50.54 -35.32
C SER M 520 12.42 -51.94 -35.05
N ILE M 521 11.75 -52.51 -36.06
CA ILE M 521 11.23 -53.87 -35.96
C ILE M 521 11.72 -54.67 -37.17
N MET M 522 12.93 -54.37 -37.63
CA MET M 522 13.51 -55.06 -38.78
C MET M 522 13.53 -56.56 -38.58
N SER M 523 13.65 -57.28 -39.69
CA SER M 523 13.89 -58.72 -39.73
C SER M 523 12.87 -59.53 -38.94
N ASN M 524 11.74 -58.91 -38.59
CA ASN M 524 10.67 -59.64 -37.93
C ASN M 524 9.72 -60.26 -38.96
N ASN M 525 8.96 -61.24 -38.48
CA ASN M 525 7.94 -61.88 -39.30
C ASN M 525 6.58 -61.22 -39.19
N ILE M 526 6.55 -59.90 -38.98
CA ILE M 526 5.29 -59.18 -38.81
C ILE M 526 4.39 -59.43 -40.01
N THR M 527 3.14 -59.78 -39.74
CA THR M 527 2.17 -60.06 -40.79
C THR M 527 1.11 -58.97 -40.92
N GLU M 528 0.73 -58.33 -39.80
CA GLU M 528 -0.33 -57.33 -39.83
C GLU M 528 0.07 -56.16 -38.93
N LEU M 529 -0.15 -54.94 -39.43
CA LEU M 529 0.08 -53.71 -38.69
C LEU M 529 -1.22 -52.90 -38.75
N SER M 530 -2.10 -53.14 -37.78
CA SER M 530 -3.48 -52.67 -37.87
C SER M 530 -3.80 -51.52 -36.92
N PHE M 531 -2.93 -51.22 -35.96
CA PHE M 531 -3.24 -50.13 -35.04
C PHE M 531 -2.74 -48.80 -35.59
N SER M 532 -3.10 -47.71 -34.90
CA SER M 532 -2.62 -46.38 -35.21
C SER M 532 -1.89 -45.82 -34.00
N PRO M 533 -0.56 -45.75 -34.02
CA PRO M 533 0.17 -45.40 -32.80
C PRO M 533 0.10 -43.91 -32.49
N LYS M 534 0.56 -43.56 -31.30
CA LYS M 534 0.61 -42.18 -30.83
C LYS M 534 2.00 -41.58 -30.94
N CYS M 535 2.75 -41.92 -31.99
CA CYS M 535 4.17 -41.59 -32.08
C CYS M 535 4.41 -40.13 -32.45
N LYS M 536 4.12 -39.21 -31.53
CA LYS M 536 4.36 -37.80 -31.80
C LYS M 536 5.84 -37.46 -31.89
N ASN M 537 6.67 -38.03 -31.03
CA ASN M 537 8.09 -37.67 -30.97
C ASN M 537 8.97 -38.50 -31.89
N VAL M 538 8.41 -39.53 -32.55
CA VAL M 538 9.22 -40.43 -33.34
C VAL M 538 9.84 -39.70 -34.53
N THR M 539 11.13 -39.93 -34.74
CA THR M 539 11.84 -39.39 -35.91
C THR M 539 12.44 -40.47 -36.80
N THR M 540 12.09 -41.74 -36.59
CA THR M 540 12.68 -42.83 -37.37
C THR M 540 11.80 -44.07 -37.28
N LEU M 541 11.45 -44.63 -38.44
CA LEU M 541 10.75 -45.91 -38.53
C LEU M 541 11.54 -46.83 -39.45
N LEU M 542 11.77 -48.06 -38.98
CA LEU M 542 12.48 -49.07 -39.76
C LEU M 542 11.66 -50.35 -39.78
N MET M 543 11.38 -50.87 -40.97
CA MET M 543 10.68 -52.13 -41.15
C MET M 543 11.31 -53.00 -42.23
N GLN M 544 12.64 -52.95 -42.37
CA GLN M 544 13.32 -53.77 -43.36
C GLN M 544 13.09 -55.25 -43.10
N ASN M 545 13.07 -56.03 -44.17
CA ASN M 545 13.06 -57.49 -44.11
C ASN M 545 11.86 -58.06 -43.35
N ASN M 546 10.69 -57.43 -43.49
CA ASN M 546 9.46 -58.03 -43.00
C ASN M 546 8.78 -58.74 -44.16
N PRO M 547 8.99 -60.05 -44.34
CA PRO M 547 8.56 -60.70 -45.58
C PRO M 547 7.05 -60.86 -45.70
N ASN M 548 6.32 -60.85 -44.59
CA ASN M 548 4.90 -61.11 -44.61
C ASN M 548 4.05 -59.87 -44.33
N LEU M 549 4.68 -58.73 -44.02
CA LEU M 549 3.92 -57.51 -43.74
C LEU M 549 3.35 -56.97 -45.04
N ASN M 550 2.04 -57.20 -45.26
CA ASN M 550 1.39 -56.76 -46.48
C ASN M 550 0.15 -55.91 -46.24
N LYS M 551 -0.35 -55.85 -45.00
CA LYS M 551 -1.51 -55.02 -44.68
C LYS M 551 -1.12 -54.01 -43.62
N MET M 552 -1.52 -52.76 -43.82
CA MET M 552 -1.22 -51.68 -42.90
C MET M 552 -2.48 -50.86 -42.67
N SER M 553 -2.66 -50.40 -41.43
CA SER M 553 -3.82 -49.60 -41.10
C SER M 553 -3.79 -48.28 -41.85
N TYR M 554 -4.90 -47.95 -42.51
CA TYR M 554 -4.99 -46.66 -43.18
C TYR M 554 -5.03 -45.54 -42.16
N GLY M 555 -4.34 -44.44 -42.46
CA GLY M 555 -4.13 -43.42 -41.47
C GLY M 555 -3.10 -43.80 -40.42
N PHE M 556 -2.13 -44.64 -40.78
CA PHE M 556 -1.10 -45.06 -39.82
C PHE M 556 -0.16 -43.91 -39.49
N PHE M 557 0.07 -43.02 -40.45
CA PHE M 557 1.06 -41.96 -40.32
C PHE M 557 0.49 -40.63 -39.82
N ARG M 558 -0.70 -40.63 -39.24
CA ARG M 558 -1.29 -39.37 -38.80
C ARG M 558 -0.47 -38.70 -37.71
N THR M 559 0.05 -39.47 -36.76
CA THR M 559 0.83 -38.91 -35.67
C THR M 559 2.33 -38.86 -35.96
N MET M 560 2.75 -39.21 -37.18
CA MET M 560 4.16 -39.30 -37.52
C MET M 560 4.65 -38.01 -38.17
N SER M 561 4.11 -36.87 -37.73
CA SER M 561 4.47 -35.58 -38.33
C SER M 561 5.97 -35.34 -38.32
N SER M 562 6.67 -35.76 -37.27
CA SER M 562 8.10 -35.53 -37.15
C SER M 562 8.94 -36.69 -37.67
N LEU M 563 8.32 -37.71 -38.24
CA LEU M 563 9.05 -38.84 -38.82
C LEU M 563 9.95 -38.38 -39.94
N LYS M 564 11.23 -38.75 -39.89
CA LYS M 564 12.20 -38.32 -40.89
C LYS M 564 12.73 -39.45 -41.76
N VAL M 565 12.88 -40.65 -41.21
CA VAL M 565 13.36 -41.80 -41.96
C VAL M 565 12.29 -42.88 -41.90
N LEU M 566 11.92 -43.39 -43.07
CA LEU M 566 10.88 -44.42 -43.18
C LEU M 566 11.35 -45.47 -44.17
N ASP M 567 11.49 -46.71 -43.71
CA ASP M 567 12.03 -47.79 -44.52
C ASP M 567 11.10 -48.99 -44.50
N LEU M 568 10.23 -49.08 -45.51
CA LEU M 568 9.50 -50.31 -45.76
C LEU M 568 10.21 -51.12 -46.83
N SER M 569 11.43 -51.58 -46.54
CA SER M 569 12.24 -52.28 -47.53
C SER M 569 12.09 -53.79 -47.35
N HIS M 570 12.16 -54.51 -48.47
CA HIS M 570 12.06 -55.97 -48.49
C HIS M 570 10.80 -56.45 -47.79
N THR M 571 9.73 -55.67 -47.94
CA THR M 571 8.46 -55.97 -47.29
C THR M 571 7.41 -56.28 -48.36
N ALA M 572 6.31 -56.87 -47.92
CA ALA M 572 5.30 -57.39 -48.83
C ALA M 572 4.11 -56.45 -49.02
N ILE M 573 4.19 -55.20 -48.58
CA ILE M 573 3.07 -54.28 -48.73
C ILE M 573 2.81 -54.05 -50.21
N THR M 574 1.54 -53.85 -50.56
CA THR M 574 1.15 -53.56 -51.93
C THR M 574 0.68 -52.12 -52.11
N SER M 575 0.27 -51.46 -51.03
CA SER M 575 -0.16 -50.07 -51.08
C SER M 575 0.26 -49.37 -49.81
N LEU M 576 0.39 -48.05 -49.89
CA LEU M 576 0.84 -47.28 -48.75
C LEU M 576 -0.28 -46.39 -48.24
N PRO M 577 -0.46 -46.28 -46.92
CA PRO M 577 -1.49 -45.37 -46.40
C PRO M 577 -1.18 -43.93 -46.73
N GLU M 578 -2.22 -43.09 -46.72
CA GLU M 578 -2.01 -41.68 -47.00
C GLU M 578 -1.06 -41.05 -45.98
N CYS M 579 -0.22 -40.14 -46.46
CA CYS M 579 0.83 -39.58 -45.63
C CYS M 579 0.88 -38.06 -45.71
N ASP M 580 -0.28 -37.41 -45.77
CA ASP M 580 -0.29 -35.94 -45.79
C ASP M 580 0.27 -35.34 -44.51
N ALA M 581 0.30 -36.11 -43.42
CA ALA M 581 0.82 -35.60 -42.15
C ALA M 581 2.33 -35.72 -42.06
N LEU M 582 2.98 -36.42 -42.99
CA LEU M 582 4.43 -36.54 -42.99
C LEU M 582 5.08 -35.26 -43.51
N VAL M 583 4.98 -34.19 -42.73
CA VAL M 583 5.49 -32.89 -43.18
C VAL M 583 7.01 -32.88 -43.25
N ALA M 584 7.68 -33.55 -42.31
CA ALA M 584 9.13 -33.45 -42.16
C ALA M 584 9.89 -34.65 -42.72
N LEU M 585 9.22 -35.58 -43.38
CA LEU M 585 9.91 -36.75 -43.92
C LEU M 585 10.91 -36.33 -44.99
N GLU M 586 12.10 -36.91 -44.91
CA GLU M 586 13.18 -36.61 -45.85
C GLU M 586 13.74 -37.84 -46.54
N HIS M 587 13.53 -39.04 -45.98
CA HIS M 587 14.03 -40.29 -46.55
C HIS M 587 12.89 -41.29 -46.57
N LEU M 588 12.72 -41.98 -47.69
CA LEU M 588 11.65 -42.96 -47.85
C LEU M 588 12.12 -44.04 -48.80
N ASN M 589 12.35 -45.24 -48.27
CA ASN M 589 12.87 -46.36 -49.05
C ASN M 589 11.78 -47.43 -49.14
N LEU M 590 11.50 -47.88 -50.37
CA LEU M 590 10.55 -48.96 -50.61
C LEU M 590 11.11 -50.01 -51.55
N SER M 591 12.42 -50.29 -51.47
CA SER M 591 13.03 -51.24 -52.38
C SER M 591 12.56 -52.65 -52.10
N HIS M 592 12.46 -53.45 -53.17
CA HIS M 592 12.11 -54.86 -53.11
C HIS M 592 10.73 -55.11 -52.53
N THR M 593 9.77 -54.22 -52.79
CA THR M 593 8.40 -54.38 -52.32
C THR M 593 7.44 -54.38 -53.50
N HIS M 594 6.24 -54.92 -53.27
CA HIS M 594 5.23 -55.11 -54.30
C HIS M 594 4.30 -53.92 -54.46
N ILE M 595 4.73 -52.72 -54.08
CA ILE M 595 3.90 -51.52 -54.25
C ILE M 595 3.64 -51.31 -55.74
N MET M 596 2.37 -51.11 -56.11
CA MET M 596 2.02 -50.86 -57.50
C MET M 596 1.93 -49.39 -57.83
N ARG M 597 1.07 -48.63 -57.13
CA ARG M 597 0.92 -47.21 -57.38
C ARG M 597 1.28 -46.46 -56.11
N LEU M 598 2.09 -45.42 -56.28
CA LEU M 598 2.53 -44.60 -55.16
C LEU M 598 1.54 -43.48 -54.94
N PRO M 599 0.97 -43.33 -53.74
CA PRO M 599 -0.13 -42.37 -53.55
C PRO M 599 0.27 -40.94 -53.90
N GLU M 600 -0.71 -40.17 -54.39
CA GLU M 600 -0.45 -38.83 -54.88
C GLU M 600 -0.13 -37.83 -53.78
N ARG M 601 -0.32 -38.20 -52.50
CA ARG M 601 0.04 -37.29 -51.42
C ARG M 601 1.54 -37.09 -51.33
N LEU M 602 2.33 -38.04 -51.86
CA LEU M 602 3.79 -37.93 -51.80
C LEU M 602 4.29 -36.72 -52.59
N TRP M 603 3.58 -36.33 -53.65
CA TRP M 603 3.98 -35.16 -54.42
C TRP M 603 3.84 -33.85 -53.64
N LEU M 604 3.10 -33.86 -52.53
CA LEU M 604 2.96 -32.69 -51.69
C LEU M 604 3.88 -32.70 -50.48
N LEU M 605 4.72 -33.73 -50.33
CA LEU M 605 5.69 -33.79 -49.24
C LEU M 605 6.87 -32.89 -49.60
N LYS M 606 6.84 -31.67 -49.06
CA LYS M 606 7.77 -30.65 -49.51
C LYS M 606 9.19 -30.91 -49.02
N GLU M 607 9.35 -31.64 -47.92
CA GLU M 607 10.67 -31.81 -47.31
C GLU M 607 11.40 -33.05 -47.77
N LEU M 608 10.82 -33.86 -48.66
CA LEU M 608 11.45 -35.11 -49.05
C LEU M 608 12.76 -34.85 -49.79
N ARG M 609 13.75 -35.71 -49.53
CA ARG M 609 15.07 -35.59 -50.13
C ARG M 609 15.56 -36.85 -50.83
N HIS M 610 15.10 -38.02 -50.42
CA HIS M 610 15.55 -39.28 -51.00
C HIS M 610 14.37 -40.22 -51.11
N LEU M 611 14.13 -40.73 -52.30
CA LEU M 611 13.04 -41.66 -52.57
C LEU M 611 13.57 -42.83 -53.39
N ASP M 612 13.43 -44.05 -52.86
CA ASP M 612 14.02 -45.24 -53.45
C ASP M 612 12.91 -46.24 -53.77
N LEU M 613 12.90 -46.74 -55.00
CA LEU M 613 11.96 -47.77 -55.45
C LEU M 613 12.68 -48.86 -56.24
N SER M 614 13.93 -49.14 -55.89
CA SER M 614 14.71 -50.10 -56.66
C SER M 614 14.14 -51.51 -56.52
N VAL M 615 14.20 -52.26 -57.62
CA VAL M 615 13.78 -53.66 -57.69
C VAL M 615 12.33 -53.79 -57.25
N THR M 616 11.53 -52.75 -57.49
CA THR M 616 10.09 -52.84 -57.27
C THR M 616 9.45 -53.52 -58.47
N VAL M 617 9.04 -54.78 -58.29
CA VAL M 617 8.52 -55.57 -59.40
C VAL M 617 7.16 -55.06 -59.85
N ALA M 618 6.28 -54.74 -58.90
CA ALA M 618 4.90 -54.37 -59.22
C ALA M 618 4.69 -52.89 -59.44
N PHE M 619 5.72 -52.06 -59.27
CA PHE M 619 5.55 -50.62 -59.42
C PHE M 619 5.23 -50.27 -60.87
N GLU M 620 4.10 -49.58 -61.07
CA GLU M 620 3.70 -49.20 -62.43
C GLU M 620 3.06 -47.81 -62.49
N ASP M 621 3.37 -46.91 -61.56
CA ASP M 621 2.70 -45.62 -61.46
C ASP M 621 3.53 -44.56 -62.17
N THR M 622 2.88 -43.73 -62.97
CA THR M 622 3.56 -42.68 -63.71
C THR M 622 4.17 -41.66 -62.76
N MET M 623 5.41 -41.27 -63.03
CA MET M 623 6.13 -40.34 -62.16
C MET M 623 6.00 -38.88 -62.59
N ASN M 624 5.06 -38.55 -63.48
CA ASN M 624 4.98 -37.19 -64.01
C ASN M 624 4.75 -36.17 -62.91
N ASN M 625 4.13 -36.57 -61.80
CA ASN M 625 3.88 -35.65 -60.70
C ASN M 625 5.09 -35.45 -59.80
N CYS M 626 6.22 -36.11 -60.09
CA CYS M 626 7.43 -35.89 -59.31
C CYS M 626 7.98 -34.48 -59.47
N SER M 627 7.51 -33.74 -60.49
CA SER M 627 7.94 -32.36 -60.66
C SER M 627 7.61 -31.50 -59.45
N LYS M 628 6.49 -31.78 -58.78
CA LYS M 628 6.13 -31.07 -57.55
C LYS M 628 7.09 -31.38 -56.40
N LEU M 629 7.91 -32.41 -56.54
CA LEU M 629 8.90 -32.77 -55.52
C LEU M 629 10.24 -32.08 -55.79
N HIS M 630 10.25 -30.76 -55.67
CA HIS M 630 11.43 -29.97 -56.02
C HIS M 630 12.63 -30.28 -55.14
N LYS M 631 12.40 -30.43 -53.83
CA LYS M 631 13.50 -30.55 -52.89
C LYS M 631 14.22 -31.90 -52.97
N LEU M 632 13.68 -32.85 -53.71
CA LEU M 632 14.24 -34.19 -53.76
C LEU M 632 15.68 -34.17 -54.28
N LYS M 633 16.55 -34.92 -53.63
CA LYS M 633 17.96 -34.98 -53.99
C LYS M 633 18.31 -36.25 -54.75
N VAL M 634 17.68 -37.38 -54.41
CA VAL M 634 18.04 -38.67 -54.98
C VAL M 634 16.77 -39.45 -55.29
N LEU M 635 16.70 -40.01 -56.50
CA LEU M 635 15.73 -41.03 -56.87
C LEU M 635 16.45 -42.36 -57.03
N ASN M 636 15.68 -43.43 -57.16
CA ASN M 636 16.25 -44.74 -57.46
C ASN M 636 15.13 -45.65 -57.98
N LEU M 637 15.21 -45.98 -59.27
CA LEU M 637 14.29 -46.93 -59.89
C LEU M 637 15.05 -48.11 -60.50
N PHE M 638 16.23 -48.43 -59.97
CA PHE M 638 17.08 -49.45 -60.57
C PHE M 638 16.41 -50.82 -60.51
N ARG M 639 16.47 -51.55 -61.62
CA ARG M 639 15.85 -52.86 -61.81
C ARG M 639 14.35 -52.85 -61.60
N SER M 640 13.72 -51.68 -61.56
CA SER M 640 12.27 -51.63 -61.49
C SER M 640 11.65 -52.07 -62.80
N HIS M 641 10.56 -52.82 -62.71
CA HIS M 641 9.90 -53.31 -63.91
C HIS M 641 9.34 -52.19 -64.77
N TYR M 642 9.00 -51.05 -64.17
CA TYR M 642 8.53 -49.90 -64.90
C TYR M 642 9.53 -48.76 -64.78
N GLY M 643 9.59 -47.92 -65.80
CA GLY M 643 10.47 -46.78 -65.82
C GLY M 643 10.20 -45.84 -66.97
N ILE M 644 11.26 -45.34 -67.61
CA ILE M 644 11.11 -44.48 -68.77
C ILE M 644 11.02 -45.36 -70.02
N ARG M 645 9.81 -45.83 -70.33
CA ARG M 645 9.63 -46.67 -71.51
C ARG M 645 9.62 -45.84 -72.79
N ASP M 646 9.42 -44.53 -72.67
CA ASP M 646 9.39 -43.64 -73.83
C ASP M 646 9.73 -42.24 -73.38
N VAL M 647 9.99 -41.36 -74.36
CA VAL M 647 10.39 -39.99 -74.08
C VAL M 647 9.28 -39.22 -73.35
N ASP M 648 8.05 -39.73 -73.36
CA ASP M 648 6.94 -39.03 -72.72
C ASP M 648 7.16 -38.78 -71.24
N ASN M 649 7.88 -39.66 -70.55
CA ASN M 649 8.16 -39.49 -69.12
C ASN M 649 9.61 -39.08 -68.86
N LEU M 650 10.22 -38.35 -69.79
CA LEU M 650 11.56 -37.81 -69.61
C LEU M 650 11.54 -36.39 -69.06
N ASN M 651 10.53 -36.05 -68.27
CA ASN M 651 10.34 -34.70 -67.75
C ASN M 651 11.11 -34.50 -66.45
N LEU M 652 12.16 -35.30 -66.23
CA LEU M 652 12.95 -35.22 -65.01
C LEU M 652 13.82 -33.96 -64.95
N ASP M 653 13.81 -33.13 -65.99
CA ASP M 653 14.52 -31.85 -65.92
C ASP M 653 13.92 -30.91 -64.90
N SER M 654 12.71 -31.17 -64.42
CA SER M 654 12.13 -30.39 -63.35
C SER M 654 12.79 -30.69 -62.01
N LEU M 655 13.48 -31.83 -61.89
CA LEU M 655 14.20 -32.18 -60.66
C LEU M 655 15.51 -31.43 -60.61
N LYS M 656 15.42 -30.17 -60.16
CA LYS M 656 16.57 -29.28 -60.17
C LYS M 656 17.55 -29.57 -59.04
N GLU M 657 17.11 -30.26 -57.99
CA GLU M 657 17.98 -30.61 -56.88
C GLU M 657 18.59 -32.00 -57.01
N LEU M 658 18.31 -32.71 -58.10
CA LEU M 658 18.74 -34.09 -58.26
C LEU M 658 20.25 -34.20 -58.26
N LEU M 659 20.77 -35.22 -57.57
CA LEU M 659 22.21 -35.48 -57.53
C LEU M 659 22.55 -36.86 -58.09
N PHE M 660 21.70 -37.86 -57.85
CA PHE M 660 21.95 -39.22 -58.29
C PHE M 660 20.64 -39.98 -58.39
N LEU M 661 20.53 -40.84 -59.40
CA LEU M 661 19.41 -41.75 -59.52
C LEU M 661 19.82 -42.96 -60.37
N GLY M 662 19.03 -44.01 -60.26
CA GLY M 662 19.12 -45.13 -61.18
C GLY M 662 17.74 -45.48 -61.68
N ILE M 663 17.69 -45.91 -62.95
CA ILE M 663 16.41 -46.15 -63.61
C ILE M 663 16.62 -47.21 -64.69
N THR M 664 15.52 -47.76 -65.18
CA THR M 664 15.55 -48.76 -66.25
C THR M 664 15.18 -48.10 -67.57
N ILE M 665 16.00 -48.33 -68.60
CA ILE M 665 15.80 -47.74 -69.92
C ILE M 665 15.44 -48.85 -70.90
N TYR M 666 14.40 -48.61 -71.71
CA TYR M 666 13.80 -49.64 -72.52
C TYR M 666 13.94 -49.45 -74.04
N ALA M 667 14.42 -48.30 -74.50
CA ALA M 667 14.35 -48.05 -75.94
C ALA M 667 15.64 -47.40 -76.44
N GLU M 668 15.93 -47.65 -77.72
CA GLU M 668 17.09 -47.03 -78.36
C GLU M 668 16.96 -45.52 -78.43
N ASP M 669 15.78 -45.02 -78.82
CA ASP M 669 15.61 -43.59 -78.96
C ASP M 669 15.72 -42.89 -77.61
N VAL M 670 15.32 -43.57 -76.54
CA VAL M 670 15.53 -43.04 -75.20
C VAL M 670 17.03 -42.89 -74.91
N LEU M 671 17.81 -43.90 -75.32
CA LEU M 671 19.26 -43.77 -75.23
C LEU M 671 19.75 -42.62 -76.10
N LYS M 672 19.20 -42.47 -77.30
CA LYS M 672 19.55 -41.35 -78.16
C LYS M 672 18.89 -40.05 -77.74
N LYS M 673 17.78 -40.09 -76.99
CA LYS M 673 17.23 -38.90 -76.36
C LYS M 673 18.01 -38.48 -75.13
N LEU M 674 18.89 -39.34 -74.63
CA LEU M 674 19.80 -38.97 -73.55
C LEU M 674 21.22 -38.74 -74.08
N ASN M 675 21.39 -38.71 -75.41
CA ASN M 675 22.70 -38.67 -76.03
C ASN M 675 23.31 -37.26 -76.03
N MET M 676 22.52 -36.27 -75.61
CA MET M 676 23.00 -34.90 -75.56
C MET M 676 23.47 -34.60 -74.13
N PRO M 677 24.48 -33.74 -73.95
CA PRO M 677 25.06 -33.55 -72.62
C PRO M 677 24.21 -32.71 -71.68
N ARG M 678 23.79 -33.31 -70.57
CA ARG M 678 23.10 -32.62 -69.51
C ARG M 678 23.22 -33.44 -68.24
N PRO M 679 23.02 -32.84 -67.06
CA PRO M 679 23.07 -33.63 -65.82
C PRO M 679 22.10 -34.80 -65.80
N LEU M 680 20.91 -34.63 -66.36
CA LEU M 680 19.97 -35.74 -66.48
C LEU M 680 20.54 -36.87 -67.33
N ALA M 681 21.41 -36.55 -68.28
CA ALA M 681 22.07 -37.57 -69.08
C ALA M 681 23.22 -38.25 -68.36
N LYS M 682 23.68 -37.69 -67.23
CA LYS M 682 24.80 -38.26 -66.51
C LYS M 682 24.56 -38.47 -65.02
N SER M 683 23.45 -37.97 -64.45
CA SER M 683 23.16 -38.23 -63.04
C SER M 683 22.82 -39.69 -62.78
N THR M 684 22.59 -40.48 -63.83
CA THR M 684 22.27 -41.89 -63.66
C THR M 684 23.53 -42.69 -63.36
N HIS M 685 23.76 -42.98 -62.08
CA HIS M 685 24.97 -43.70 -61.70
C HIS M 685 24.89 -45.19 -62.03
N ARG M 686 23.70 -45.72 -62.25
CA ARG M 686 23.56 -47.10 -62.70
C ARG M 686 22.24 -47.26 -63.43
N LEU M 687 22.24 -48.17 -64.41
CA LEU M 687 21.10 -48.36 -65.30
C LEU M 687 20.75 -49.85 -65.38
N ASN M 688 19.48 -50.13 -65.62
CA ASN M 688 19.00 -51.49 -65.86
C ASN M 688 18.43 -51.57 -67.26
N LEU M 689 18.70 -52.68 -67.94
CA LEU M 689 18.23 -52.92 -69.30
C LEU M 689 17.34 -54.15 -69.32
N LYS M 690 16.04 -53.94 -69.53
CA LYS M 690 15.07 -55.02 -69.54
C LYS M 690 14.12 -54.83 -70.72
N TYR M 691 13.81 -55.93 -71.39
CA TYR M 691 12.97 -55.90 -72.61
C TYR M 691 13.53 -54.92 -73.64
N CYS M 692 14.83 -55.00 -73.89
CA CYS M 692 15.47 -54.08 -74.81
C CYS M 692 14.96 -54.27 -76.23
N ALA M 693 14.31 -53.23 -76.76
CA ALA M 693 13.84 -53.24 -78.14
C ALA M 693 14.77 -52.41 -79.01
N GLU M 694 15.36 -53.06 -80.01
CA GLU M 694 16.27 -52.46 -81.00
C GLU M 694 17.68 -52.22 -80.46
N MET M 695 17.93 -52.53 -79.19
CA MET M 695 19.32 -52.59 -78.73
C MET M 695 19.88 -54.01 -78.89
N GLN M 696 19.97 -54.48 -80.13
CA GLN M 696 20.66 -55.74 -80.38
C GLN M 696 22.17 -55.61 -80.16
N SER M 697 22.70 -54.40 -80.27
CA SER M 697 24.11 -54.15 -79.99
C SER M 697 24.22 -52.80 -79.28
N ILE M 698 25.27 -52.67 -78.48
CA ILE M 698 25.50 -51.44 -77.71
C ILE M 698 26.99 -51.26 -77.52
N LYS M 699 27.43 -50.01 -77.58
CA LYS M 699 28.83 -49.64 -77.38
C LYS M 699 28.96 -48.82 -76.10
N ILE M 700 30.02 -49.09 -75.33
CA ILE M 700 30.28 -48.29 -74.15
C ILE M 700 30.60 -46.85 -74.54
N SER M 701 31.13 -46.64 -75.75
CA SER M 701 31.34 -45.29 -76.25
C SER M 701 30.03 -44.52 -76.35
N ASP M 702 28.94 -45.22 -76.68
CA ASP M 702 27.63 -44.58 -76.69
C ASP M 702 27.16 -44.19 -75.29
N LEU M 703 27.73 -44.80 -74.25
CA LEU M 703 27.42 -44.46 -72.87
C LEU M 703 28.38 -43.43 -72.28
N SER M 704 29.29 -42.88 -73.09
CA SER M 704 30.31 -41.96 -72.60
C SER M 704 29.74 -40.69 -72.00
N HIS M 705 28.50 -40.31 -72.34
CA HIS M 705 27.89 -39.16 -71.70
C HIS M 705 27.64 -39.41 -70.22
N MET M 706 27.41 -40.67 -69.85
CA MET M 706 27.12 -41.04 -68.46
C MET M 706 28.40 -41.06 -67.64
N GLU M 707 28.84 -39.86 -67.24
CA GLU M 707 30.10 -39.74 -66.52
C GLU M 707 30.02 -40.32 -65.11
N HIS M 708 28.83 -40.57 -64.60
CA HIS M 708 28.66 -41.10 -63.25
C HIS M 708 28.28 -42.58 -63.23
N LEU M 709 28.11 -43.21 -64.38
CA LEU M 709 27.69 -44.61 -64.42
C LEU M 709 28.72 -45.50 -63.73
N GLU M 710 28.23 -46.43 -62.91
CA GLU M 710 29.11 -47.36 -62.23
C GLU M 710 28.63 -48.80 -62.38
N GLU M 711 27.34 -48.98 -62.68
CA GLU M 711 26.77 -50.32 -62.78
C GLU M 711 25.76 -50.38 -63.91
N LEU M 712 25.69 -51.53 -64.57
CA LEU M 712 24.67 -51.83 -65.56
C LEU M 712 24.06 -53.19 -65.27
N TYR M 713 22.76 -53.32 -65.50
CA TYR M 713 22.05 -54.58 -65.34
C TYR M 713 21.28 -54.89 -66.61
N VAL M 714 21.47 -56.10 -67.13
CA VAL M 714 20.83 -56.54 -68.36
C VAL M 714 20.04 -57.80 -68.06
N GLU M 715 18.75 -57.78 -68.35
CA GLU M 715 17.88 -58.91 -68.08
C GLU M 715 16.79 -59.01 -69.14
N SER M 716 16.55 -60.24 -69.62
CA SER M 716 15.48 -60.53 -70.58
C SER M 716 15.59 -59.67 -71.84
N CYS M 717 16.79 -59.63 -72.43
CA CYS M 717 16.99 -58.95 -73.72
C CYS M 717 17.03 -60.03 -74.80
N TYR M 718 15.87 -60.26 -75.40
CA TYR M 718 15.70 -61.42 -76.27
C TYR M 718 16.32 -61.24 -77.64
N ASP M 719 16.68 -60.01 -78.03
CA ASP M 719 17.24 -59.75 -79.35
C ASP M 719 18.67 -59.23 -79.30
N LEU M 720 19.24 -59.04 -78.11
CA LEU M 720 20.59 -58.49 -78.01
C LEU M 720 21.61 -59.52 -78.47
N ASN M 721 22.48 -59.13 -79.40
CA ASN M 721 23.46 -60.03 -79.99
C ASN M 721 24.85 -59.86 -79.39
N THR M 722 25.41 -58.66 -79.48
CA THR M 722 26.78 -58.42 -79.07
C THR M 722 26.89 -57.07 -78.36
N VAL M 723 27.96 -56.91 -77.60
CA VAL M 723 28.25 -55.68 -76.88
C VAL M 723 29.69 -55.29 -77.18
N VAL M 724 29.93 -53.98 -77.32
CA VAL M 724 31.24 -53.44 -77.66
C VAL M 724 31.83 -52.80 -76.43
N ALA M 725 32.96 -53.34 -75.95
CA ALA M 725 33.75 -52.73 -74.89
C ALA M 725 34.92 -52.03 -75.56
N ASP M 726 34.74 -50.74 -75.84
CA ASP M 726 35.68 -49.99 -76.66
C ASP M 726 37.01 -49.79 -75.94
N ALA M 727 38.04 -49.47 -76.74
CA ALA M 727 39.29 -49.00 -76.17
C ALA M 727 39.24 -47.52 -75.81
N GLU M 728 38.24 -46.79 -76.31
CA GLU M 728 38.06 -45.38 -75.99
C GLU M 728 37.60 -45.27 -74.56
N LEU M 729 38.46 -44.73 -73.69
CA LEU M 729 38.19 -44.72 -72.27
C LEU M 729 37.13 -43.68 -71.92
N THR M 730 36.51 -43.87 -70.75
CA THR M 730 35.53 -42.94 -70.21
C THR M 730 35.86 -42.68 -68.75
N THR M 731 35.59 -41.46 -68.31
CA THR M 731 35.80 -41.12 -66.90
C THR M 731 34.88 -41.88 -65.97
N SER M 732 33.80 -42.45 -66.49
CA SER M 732 32.87 -43.25 -65.69
C SER M 732 33.55 -44.50 -65.17
N GLN M 733 33.74 -44.59 -63.86
CA GLN M 733 34.32 -45.77 -63.23
C GLN M 733 33.27 -46.88 -63.24
N LEU M 734 33.35 -47.72 -64.27
CA LEU M 734 32.41 -48.83 -64.42
C LEU M 734 32.83 -49.97 -63.52
N GLN M 735 32.12 -50.14 -62.39
CA GLN M 735 32.57 -51.05 -61.34
C GLN M 735 31.88 -52.40 -61.36
N PHE M 736 30.55 -52.44 -61.48
CA PHE M 736 29.81 -53.68 -61.36
C PHE M 736 28.95 -53.89 -62.59
N LEU M 737 28.94 -55.12 -63.10
CA LEU M 737 28.06 -55.54 -64.17
C LEU M 737 27.36 -56.83 -63.78
N THR M 738 26.12 -56.98 -64.21
CA THR M 738 25.35 -58.20 -63.99
C THR M 738 24.59 -58.54 -65.26
N LEU M 739 24.94 -59.67 -65.87
CA LEU M 739 24.27 -60.17 -67.06
C LEU M 739 23.39 -61.34 -66.66
N SER M 740 22.07 -61.15 -66.72
CA SER M 740 21.12 -62.15 -66.24
C SER M 740 20.05 -62.38 -67.30
N VAL M 741 19.60 -63.63 -67.39
CA VAL M 741 18.52 -64.04 -68.30
C VAL M 741 18.79 -63.52 -69.71
N LEU M 742 19.87 -64.02 -70.32
CA LEU M 742 20.21 -63.61 -71.68
C LEU M 742 20.31 -64.82 -72.60
N PRO M 743 19.19 -65.26 -73.18
CA PRO M 743 19.21 -66.33 -74.19
C PRO M 743 19.52 -65.83 -75.59
N SER M 744 20.08 -64.63 -75.68
CA SER M 744 20.36 -64.01 -76.96
C SER M 744 21.82 -63.56 -77.07
N LEU M 745 22.42 -63.15 -75.96
CA LEU M 745 23.79 -62.67 -75.98
C LEU M 745 24.75 -63.76 -76.46
N GLU M 746 25.68 -63.36 -77.33
CA GLU M 746 26.69 -64.27 -77.87
C GLU M 746 28.10 -63.96 -77.38
N SER M 747 28.57 -62.73 -77.58
CA SER M 747 29.94 -62.37 -77.21
C SER M 747 30.03 -60.87 -77.04
N VAL M 748 31.09 -60.43 -76.36
CA VAL M 748 31.38 -59.02 -76.16
C VAL M 748 32.80 -58.75 -76.61
N LEU M 749 32.98 -57.70 -77.42
CA LEU M 749 34.29 -57.35 -77.97
C LEU M 749 35.04 -56.47 -76.98
N VAL M 750 36.24 -56.89 -76.59
CA VAL M 750 37.07 -56.18 -75.62
C VAL M 750 38.44 -55.94 -76.22
N ALA M 751 38.92 -54.71 -76.10
CA ALA M 751 40.25 -54.38 -76.61
C ALA M 751 41.33 -55.03 -75.76
N PRO M 752 42.48 -55.37 -76.36
CA PRO M 752 43.53 -56.06 -75.60
C PRO M 752 44.35 -55.15 -74.71
N MET M 753 44.58 -53.91 -75.13
CA MET M 753 45.48 -53.01 -74.43
C MET M 753 44.77 -52.17 -73.37
N SER M 754 43.79 -51.36 -73.77
CA SER M 754 43.06 -50.52 -72.83
C SER M 754 41.58 -50.69 -73.08
N HIS M 755 40.79 -50.60 -72.01
CA HIS M 755 39.36 -50.85 -72.10
C HIS M 755 38.65 -50.12 -70.97
N ASN M 756 37.33 -50.00 -71.12
CA ASN M 756 36.50 -49.40 -70.07
C ASN M 756 36.26 -50.35 -68.92
N PHE M 757 36.62 -51.62 -69.06
CA PHE M 757 36.44 -52.61 -68.01
C PHE M 757 37.57 -52.60 -66.98
N GLN M 758 38.42 -51.58 -66.97
CA GLN M 758 39.55 -51.56 -66.05
C GLN M 758 39.11 -51.36 -64.60
N TYR M 759 38.01 -50.65 -64.39
CA TYR M 759 37.53 -50.36 -63.03
C TYR M 759 36.64 -51.45 -62.47
N ILE M 760 36.70 -52.67 -63.00
CA ILE M 760 35.77 -53.72 -62.58
C ILE M 760 36.16 -54.22 -61.20
N ARG M 761 35.16 -54.28 -60.31
CA ARG M 761 35.31 -54.93 -59.01
C ARG M 761 34.42 -56.15 -58.83
N LYS M 762 33.28 -56.18 -59.52
CA LYS M 762 32.29 -57.25 -59.35
C LYS M 762 31.71 -57.61 -60.71
N LEU M 763 31.64 -58.92 -60.99
CA LEU M 763 30.98 -59.43 -62.18
C LEU M 763 30.04 -60.56 -61.77
N ILE M 764 28.79 -60.47 -62.20
CA ILE M 764 27.77 -61.47 -61.91
C ILE M 764 27.17 -61.92 -63.23
N ILE M 765 27.52 -63.12 -63.66
CA ILE M 765 27.06 -63.66 -64.94
C ILE M 765 26.10 -64.80 -64.62
N SER M 766 24.83 -64.64 -65.03
CA SER M 766 23.81 -65.61 -64.68
C SER M 766 22.84 -65.82 -65.83
N HIS M 767 22.27 -67.03 -65.91
CA HIS M 767 21.20 -67.36 -66.86
C HIS M 767 21.57 -66.97 -68.30
N CYS M 768 22.79 -67.30 -68.72
CA CYS M 768 23.16 -67.00 -70.09
C CYS M 768 23.53 -68.29 -70.82
N PRO M 769 22.57 -68.97 -71.45
CA PRO M 769 22.89 -70.21 -72.16
C PRO M 769 23.54 -70.01 -73.52
N LYS M 770 23.38 -68.84 -74.13
CA LYS M 770 23.94 -68.58 -75.45
C LYS M 770 25.27 -67.84 -75.41
N LEU M 771 25.63 -67.25 -74.28
CA LEU M 771 26.92 -66.58 -74.15
C LEU M 771 28.04 -67.60 -74.23
N SER M 772 29.05 -67.32 -75.06
CA SER M 772 30.12 -68.29 -75.28
C SER M 772 31.50 -67.64 -75.35
N ASN M 773 31.69 -66.45 -74.77
CA ASN M 773 32.99 -65.80 -74.75
C ASN M 773 33.17 -65.11 -73.40
N ILE M 774 34.14 -65.59 -72.63
CA ILE M 774 34.35 -65.11 -71.26
C ILE M 774 35.82 -64.83 -71.02
N THR M 775 36.63 -64.92 -72.09
CA THR M 775 38.07 -64.69 -71.97
C THR M 775 38.41 -63.30 -71.45
N TRP M 776 37.50 -62.33 -71.60
CA TRP M 776 37.77 -60.97 -71.18
C TRP M 776 37.90 -60.82 -69.67
N VAL M 777 37.49 -61.83 -68.91
CA VAL M 777 37.50 -61.72 -67.44
C VAL M 777 38.93 -61.58 -66.92
N ARG M 778 39.85 -62.38 -67.46
CA ARG M 778 41.22 -62.40 -66.93
C ARG M 778 42.00 -61.12 -67.21
N ARG M 779 41.47 -60.22 -68.05
CA ARG M 779 42.10 -58.93 -68.28
C ARG M 779 41.74 -57.90 -67.21
N LEU M 780 40.92 -58.28 -66.24
CA LEU M 780 40.44 -57.34 -65.21
C LEU M 780 41.12 -57.70 -63.90
N GLN M 781 42.25 -57.04 -63.64
CA GLN M 781 43.05 -57.36 -62.46
C GLN M 781 42.40 -56.87 -61.17
N LEU M 782 41.52 -55.88 -61.24
CA LEU M 782 40.88 -55.33 -60.04
C LEU M 782 39.61 -56.06 -59.65
N LEU M 783 39.23 -57.11 -60.37
CA LEU M 783 37.97 -57.81 -60.14
C LEU M 783 38.05 -58.54 -58.79
N GLU M 784 37.04 -58.30 -57.94
CA GLU M 784 37.03 -58.92 -56.62
C GLU M 784 36.04 -60.09 -56.53
N ARG M 785 34.83 -59.91 -57.07
CA ARG M 785 33.74 -60.84 -56.85
C ARG M 785 33.39 -61.52 -58.16
N LEU M 786 33.38 -62.85 -58.15
CA LEU M 786 33.01 -63.65 -59.32
C LEU M 786 31.72 -64.40 -59.04
N VAL M 787 30.75 -64.24 -59.94
CA VAL M 787 29.51 -64.99 -59.89
C VAL M 787 29.22 -65.52 -61.29
N ILE M 788 29.43 -66.83 -61.48
CA ILE M 788 29.16 -67.49 -62.75
C ILE M 788 28.14 -68.58 -62.48
N SER M 789 26.92 -68.41 -63.00
CA SER M 789 25.82 -69.27 -62.61
C SER M 789 24.81 -69.45 -63.74
N HIS M 790 24.25 -70.66 -63.83
CA HIS M 790 23.35 -71.09 -64.90
C HIS M 790 23.76 -70.52 -66.25
N CYS M 791 25.06 -70.55 -66.52
CA CYS M 791 25.58 -70.29 -67.87
C CYS M 791 26.18 -71.56 -68.46
N ASP M 792 25.34 -72.34 -69.13
CA ASP M 792 25.84 -73.56 -69.78
C ASP M 792 26.54 -73.27 -71.09
N GLY M 793 26.47 -72.03 -71.60
CA GLY M 793 27.15 -71.71 -72.84
C GLY M 793 28.64 -71.46 -72.67
N VAL M 794 29.13 -71.45 -71.44
CA VAL M 794 30.55 -71.23 -71.16
C VAL M 794 31.16 -72.57 -70.78
N LEU M 795 32.13 -73.02 -71.58
CA LEU M 795 32.81 -74.28 -71.27
C LEU M 795 33.91 -74.08 -70.24
N GLU M 796 34.70 -73.02 -70.37
CA GLU M 796 35.74 -72.69 -69.40
C GLU M 796 35.77 -71.18 -69.20
N ILE M 797 36.12 -70.76 -67.98
CA ILE M 797 36.25 -69.35 -67.69
C ILE M 797 37.40 -68.72 -68.46
N VAL M 798 38.48 -69.46 -68.69
CA VAL M 798 39.58 -69.02 -69.55
C VAL M 798 39.79 -70.10 -70.59
N GLU M 799 39.30 -69.86 -71.81
CA GLU M 799 39.49 -70.80 -72.89
C GLU M 799 40.95 -70.77 -73.38
N ASP M 800 41.34 -71.85 -74.06
CA ASP M 800 42.70 -71.98 -74.58
C ASP M 800 42.95 -70.98 -75.71
N THR M 831 53.33 -60.07 -69.51
CA THR M 831 53.78 -59.66 -68.19
C THR M 831 53.73 -60.83 -67.21
N GLY M 832 54.74 -60.91 -66.34
CA GLY M 832 54.76 -61.92 -65.31
C GLY M 832 53.81 -61.56 -64.18
N GLN M 833 52.51 -61.58 -64.46
CA GLN M 833 51.50 -61.12 -63.53
C GLN M 833 50.35 -62.10 -63.49
N SER M 834 49.75 -62.24 -62.33
CA SER M 834 48.56 -63.07 -62.18
C SER M 834 47.35 -62.37 -62.81
N ASP M 835 46.36 -63.18 -63.21
CA ASP M 835 45.17 -62.63 -63.84
C ASP M 835 44.23 -61.97 -62.83
N PHE M 836 44.22 -62.44 -61.58
CA PHE M 836 43.29 -61.93 -60.57
C PHE M 836 44.03 -61.58 -59.28
N PRO M 837 44.88 -60.55 -59.30
CA PRO M 837 45.58 -60.16 -58.07
C PRO M 837 44.66 -59.67 -56.97
N LYS M 838 43.53 -59.06 -57.32
CA LYS M 838 42.61 -58.50 -56.34
C LYS M 838 41.37 -59.37 -56.12
N LEU M 839 41.44 -60.64 -56.48
CA LEU M 839 40.30 -61.54 -56.31
C LEU M 839 39.98 -61.75 -54.83
N ARG M 840 38.70 -61.69 -54.49
CA ARG M 840 38.23 -61.96 -53.14
C ARG M 840 37.29 -63.15 -53.06
N LEU M 841 36.26 -63.18 -53.90
CA LEU M 841 35.22 -64.20 -53.80
C LEU M 841 34.89 -64.76 -55.18
N ILE M 842 34.68 -66.07 -55.25
CA ILE M 842 34.21 -66.75 -56.45
C ILE M 842 32.96 -67.53 -56.10
N VAL M 843 31.91 -67.34 -56.89
CA VAL M 843 30.63 -68.02 -56.69
C VAL M 843 30.26 -68.74 -57.98
N LEU M 844 30.11 -70.06 -57.88
CA LEU M 844 29.69 -70.90 -59.01
C LEU M 844 28.43 -71.67 -58.61
N THR M 845 27.44 -71.66 -59.50
CA THR M 845 26.14 -72.26 -59.18
C THR M 845 25.48 -72.80 -60.43
N GLY M 846 25.04 -74.06 -60.36
CA GLY M 846 24.16 -74.60 -61.38
C GLY M 846 24.76 -74.77 -62.76
N LEU M 847 26.07 -74.83 -62.89
CA LEU M 847 26.71 -74.98 -64.18
C LEU M 847 26.72 -76.46 -64.57
N LYS M 848 25.94 -76.82 -65.59
CA LYS M 848 25.83 -78.20 -66.03
C LYS M 848 26.76 -78.55 -67.17
N LYS M 849 27.30 -77.56 -67.87
CA LYS M 849 28.18 -77.81 -69.01
C LYS M 849 29.55 -77.18 -68.88
N LEU M 850 29.90 -76.63 -67.72
CA LEU M 850 31.23 -76.07 -67.53
C LEU M 850 32.24 -77.18 -67.29
N ARG M 851 33.40 -77.09 -67.97
CA ARG M 851 34.45 -78.08 -67.76
C ARG M 851 35.36 -77.68 -66.60
N SER M 852 35.97 -76.51 -66.68
CA SER M 852 36.90 -76.04 -65.66
C SER M 852 36.92 -74.53 -65.68
N ILE M 853 37.49 -73.95 -64.62
CA ILE M 853 37.61 -72.50 -64.54
C ILE M 853 38.77 -72.06 -65.43
N CYS M 854 39.98 -72.49 -65.07
CA CYS M 854 41.18 -72.12 -65.82
C CYS M 854 42.36 -72.93 -65.27
N LYS M 855 43.53 -72.69 -65.86
CA LYS M 855 44.73 -73.35 -65.40
C LYS M 855 45.22 -72.72 -64.09
N ALA M 856 46.15 -73.43 -63.43
CA ALA M 856 46.59 -73.03 -62.10
C ALA M 856 47.21 -71.64 -62.11
N ARG M 857 46.84 -70.84 -61.11
CA ARG M 857 47.38 -69.50 -60.94
C ARG M 857 47.51 -69.20 -59.46
N GLU M 858 47.93 -67.98 -59.16
CA GLU M 858 48.11 -67.52 -57.78
C GLU M 858 47.11 -66.42 -57.47
N PHE M 859 46.49 -66.49 -56.30
CA PHE M 859 45.50 -65.51 -55.86
C PHE M 859 45.84 -65.10 -54.43
N PRO M 860 46.49 -63.94 -54.25
CA PRO M 860 46.92 -63.56 -52.90
C PRO M 860 45.77 -63.11 -52.00
N CYS M 861 44.75 -62.46 -52.55
CA CYS M 861 43.68 -61.87 -51.75
C CYS M 861 42.43 -62.75 -51.67
N LEU M 862 42.49 -63.99 -52.15
CA LEU M 862 41.31 -64.84 -52.17
C LEU M 862 40.82 -65.10 -50.75
N GLU M 863 39.51 -65.01 -50.55
CA GLU M 863 38.90 -65.17 -49.23
C GLU M 863 37.96 -66.36 -49.16
N THR M 864 37.18 -66.63 -50.20
CA THR M 864 36.21 -67.71 -50.14
C THR M 864 35.88 -68.18 -51.56
N LEU M 865 35.86 -69.50 -51.73
CA LEU M 865 35.43 -70.12 -52.98
C LEU M 865 34.16 -70.92 -52.70
N ARG M 866 33.10 -70.61 -53.44
CA ARG M 866 31.79 -71.23 -53.23
C ARG M 866 31.31 -71.85 -54.52
N VAL M 867 31.15 -73.17 -54.52
CA VAL M 867 30.65 -73.92 -55.66
C VAL M 867 29.47 -74.76 -55.20
N GLU M 868 28.34 -74.63 -55.90
CA GLU M 868 27.13 -75.39 -55.56
C GLU M 868 26.47 -75.88 -56.83
N ASP M 869 26.01 -77.13 -56.80
CA ASP M 869 25.26 -77.75 -57.90
C ASP M 869 26.03 -77.66 -59.22
N CYS M 870 27.29 -78.07 -59.20
CA CYS M 870 28.10 -78.06 -60.42
C CYS M 870 28.64 -79.45 -60.68
N PRO M 871 27.82 -80.37 -61.19
CA PRO M 871 28.30 -81.75 -61.41
C PRO M 871 29.23 -81.90 -62.60
N ASN M 872 29.49 -80.84 -63.36
CA ASN M 872 30.37 -80.93 -64.52
C ASN M 872 31.72 -80.26 -64.32
N LEU M 873 31.89 -79.47 -63.26
CA LEU M 873 33.15 -78.80 -63.00
C LEU M 873 34.22 -79.85 -62.68
N ARG M 874 35.32 -79.83 -63.44
CA ARG M 874 36.32 -80.88 -63.34
C ARG M 874 37.60 -80.46 -62.63
N SER M 875 37.91 -79.16 -62.60
CA SER M 875 39.13 -78.71 -61.92
C SER M 875 39.01 -77.23 -61.59
N ILE M 876 39.86 -76.80 -60.67
CA ILE M 876 39.92 -75.40 -60.25
C ILE M 876 41.37 -74.94 -60.31
N PRO M 877 41.58 -73.63 -60.52
CA PRO M 877 42.95 -73.11 -60.62
C PRO M 877 43.68 -73.03 -59.28
N LEU M 878 43.02 -73.34 -58.16
CA LEU M 878 43.67 -73.25 -56.87
C LEU M 878 44.71 -74.35 -56.71
N SER M 879 45.80 -74.02 -56.03
CA SER M 879 46.88 -74.97 -55.79
C SER M 879 47.64 -74.53 -54.55
N CYS M 880 48.48 -75.44 -54.05
CA CYS M 880 49.30 -75.14 -52.87
C CYS M 880 50.55 -74.37 -53.25
N THR M 881 50.58 -73.81 -54.47
CA THR M 881 51.69 -72.97 -54.89
C THR M 881 51.75 -71.64 -54.16
N HIS M 882 50.69 -71.28 -53.42
CA HIS M 882 50.65 -70.04 -52.65
C HIS M 882 50.08 -70.34 -51.28
N ASN M 883 50.30 -69.41 -50.35
CA ASN M 883 49.79 -69.57 -49.00
C ASN M 883 48.32 -69.15 -48.92
N TYR M 884 47.63 -69.70 -47.91
CA TYR M 884 46.22 -69.42 -47.68
C TYR M 884 46.09 -68.80 -46.29
N TRP M 885 45.99 -67.47 -46.23
CA TRP M 885 45.84 -66.79 -44.95
C TRP M 885 44.59 -65.94 -44.93
N LYS M 886 44.26 -65.29 -46.05
CA LYS M 886 43.03 -64.52 -46.13
C LYS M 886 41.82 -65.38 -46.46
N LEU M 887 42.03 -66.65 -46.80
CA LEU M 887 40.93 -67.55 -47.08
C LEU M 887 40.15 -67.85 -45.81
N LYS M 888 38.83 -67.67 -45.86
CA LYS M 888 37.99 -68.02 -44.72
C LYS M 888 37.51 -69.45 -44.81
N GLN M 889 36.88 -69.82 -45.93
CA GLN M 889 36.33 -71.16 -46.09
C GLN M 889 36.13 -71.43 -47.57
N ILE M 890 35.99 -72.71 -47.91
CA ILE M 890 35.69 -73.16 -49.26
C ILE M 890 34.51 -74.11 -49.19
N CYS M 891 33.50 -73.85 -50.02
CA CYS M 891 32.27 -74.64 -50.02
C CYS M 891 32.17 -75.41 -51.33
N GLY M 892 31.77 -76.67 -51.23
CA GLY M 892 31.61 -77.51 -52.41
C GLY M 892 31.10 -78.87 -52.01
N SER M 893 30.68 -79.62 -53.02
CA SER M 893 30.15 -80.95 -52.77
C SER M 893 31.25 -82.01 -52.86
N VAL M 894 31.02 -83.14 -52.18
CA VAL M 894 31.96 -84.24 -52.22
C VAL M 894 32.05 -84.82 -53.63
N GLU M 895 30.92 -84.86 -54.34
CA GLU M 895 30.94 -85.29 -55.73
C GLU M 895 31.82 -84.37 -56.57
N TRP M 896 31.71 -83.06 -56.34
CA TRP M 896 32.60 -82.11 -57.01
C TRP M 896 34.05 -82.34 -56.60
N TRP M 897 34.28 -82.65 -55.32
CA TRP M 897 35.64 -82.96 -54.87
C TRP M 897 36.18 -84.22 -55.53
N GLU M 898 35.33 -85.23 -55.72
CA GLU M 898 35.76 -86.44 -56.43
C GLU M 898 36.09 -86.12 -57.88
N LYS M 899 35.31 -85.25 -58.53
CA LYS M 899 35.55 -84.88 -59.91
C LYS M 899 36.67 -83.88 -60.07
N LEU M 900 37.15 -83.29 -58.97
CA LEU M 900 38.20 -82.28 -59.05
C LEU M 900 39.52 -82.89 -59.48
N GLN M 901 40.17 -82.25 -60.46
CA GLN M 901 41.54 -82.60 -60.81
C GLN M 901 42.50 -81.87 -59.89
N TRP M 902 43.61 -82.53 -59.56
CA TRP M 902 44.57 -81.99 -58.61
C TRP M 902 45.95 -81.94 -59.24
N GLU M 903 46.62 -80.79 -59.11
CA GLU M 903 48.00 -80.67 -59.55
C GLU M 903 48.92 -81.55 -58.71
N ASN M 904 48.65 -81.64 -57.40
CA ASN M 904 49.38 -82.52 -56.49
C ASN M 904 48.37 -83.36 -55.73
N ARG M 905 48.72 -84.62 -55.49
CA ARG M 905 47.83 -85.53 -54.79
C ARG M 905 47.74 -85.23 -53.30
N LYS M 906 48.61 -84.36 -52.77
CA LYS M 906 48.44 -83.92 -51.39
C LYS M 906 47.29 -82.95 -51.26
N GLU M 907 46.91 -82.27 -52.35
CA GLU M 907 45.85 -81.28 -52.28
C GLU M 907 44.48 -81.90 -52.09
N VAL M 908 44.39 -83.23 -52.26
CA VAL M 908 43.10 -83.91 -52.08
C VAL M 908 42.62 -83.78 -50.64
N ALA M 909 43.53 -83.97 -49.69
CA ALA M 909 43.20 -83.84 -48.27
C ALA M 909 43.71 -82.55 -47.64
N CYS M 910 44.43 -81.72 -48.40
CA CYS M 910 44.94 -80.47 -47.85
C CYS M 910 43.80 -79.52 -47.46
N LEU M 911 42.81 -79.37 -48.33
CA LEU M 911 41.67 -78.51 -48.02
C LEU M 911 40.70 -79.20 -47.06
N ASP M 912 40.61 -80.53 -47.13
CA ASP M 912 39.58 -81.26 -46.39
C ASP M 912 39.73 -81.06 -44.88
N SER M 913 40.96 -81.13 -44.38
CA SER M 913 41.22 -81.02 -42.95
C SER M 913 41.38 -79.59 -42.48
N LYS M 914 41.48 -78.62 -43.39
CA LYS M 914 41.76 -77.24 -42.98
C LYS M 914 40.62 -76.29 -43.28
N TYR M 915 40.18 -76.21 -44.54
CA TYR M 915 39.26 -75.16 -44.96
C TYR M 915 38.07 -75.63 -45.79
N PHE M 916 37.80 -76.93 -45.86
CA PHE M 916 36.71 -77.41 -46.70
C PHE M 916 35.42 -77.56 -45.88
N ILE M 917 34.33 -77.04 -46.43
CA ILE M 917 33.01 -77.24 -45.85
C ILE M 917 32.18 -78.05 -46.85
N PRO M 918 32.28 -79.38 -46.81
CA PRO M 918 31.61 -80.19 -47.84
C PRO M 918 30.09 -80.15 -47.70
N ILE M 919 29.42 -80.32 -48.84
CA ILE M 919 27.97 -80.42 -48.88
C ILE M 919 27.57 -81.60 -49.76
N LEU N 36 103.24 -62.82 53.34
CA LEU N 36 102.47 -63.16 52.14
C LEU N 36 101.53 -62.02 51.75
N HIS N 37 101.17 -61.98 50.46
CA HIS N 37 100.28 -60.95 49.95
C HIS N 37 98.81 -61.35 50.03
N LEU N 38 98.51 -62.52 50.60
CA LEU N 38 97.12 -62.98 50.67
C LEU N 38 96.29 -62.10 51.58
N LYS N 39 96.89 -61.56 52.64
CA LYS N 39 96.14 -60.81 53.63
C LYS N 39 95.51 -59.55 53.03
N SER N 40 96.16 -58.94 52.05
CA SER N 40 95.64 -57.72 51.44
C SER N 40 94.81 -58.00 50.20
N ASN N 41 95.19 -59.02 49.42
CA ASN N 41 94.48 -59.29 48.17
C ASN N 41 93.11 -59.88 48.42
N TRP N 42 92.96 -60.70 49.47
CA TRP N 42 91.64 -61.21 49.82
C TRP N 42 90.72 -60.07 50.28
N SER N 43 91.28 -59.06 50.93
CA SER N 43 90.48 -57.89 51.29
C SER N 43 89.97 -57.17 50.04
N ASP N 44 90.81 -57.08 49.01
CA ASP N 44 90.38 -56.46 47.76
C ASP N 44 89.34 -57.32 47.04
N LEU N 45 89.35 -58.64 47.28
CA LEU N 45 88.33 -59.50 46.70
C LEU N 45 86.96 -59.20 47.29
N ASP N 46 86.90 -58.90 48.59
CA ASP N 46 85.63 -58.60 49.22
C ASP N 46 85.03 -57.32 48.64
N LYS N 47 85.87 -56.32 48.35
CA LYS N 47 85.38 -55.11 47.68
C LYS N 47 84.85 -55.43 46.29
N ALA N 48 85.57 -56.28 45.55
CA ALA N 48 85.15 -56.64 44.20
C ALA N 48 83.84 -57.43 44.22
N LYS N 49 83.70 -58.35 45.18
CA LYS N 49 82.49 -59.16 45.25
C LYS N 49 81.27 -58.29 45.52
N LYS N 50 81.38 -57.36 46.48
CA LYS N 50 80.24 -56.51 46.81
C LYS N 50 79.96 -55.51 45.70
N LEU N 51 80.98 -55.13 44.92
CA LEU N 51 80.75 -54.27 43.76
C LEU N 51 80.12 -55.06 42.61
N LEU N 52 80.51 -56.33 42.46
CA LEU N 52 79.96 -57.15 41.40
C LEU N 52 78.47 -57.41 41.61
N LEU N 53 78.07 -57.64 42.86
CA LEU N 53 76.64 -57.80 43.15
C LEU N 53 75.87 -56.52 42.85
N ALA N 54 76.53 -55.37 42.95
CA ALA N 54 75.86 -54.11 42.62
C ALA N 54 75.71 -53.94 41.12
N VAL N 55 76.75 -54.28 40.36
CA VAL N 55 76.67 -54.17 38.90
C VAL N 55 75.67 -55.18 38.34
N GLU N 56 75.68 -56.40 38.90
CA GLU N 56 74.72 -57.42 38.46
C GLU N 56 73.29 -56.99 38.75
N THR N 57 73.06 -56.37 39.90
CA THR N 57 71.73 -55.88 40.24
C THR N 57 71.26 -54.82 39.25
N THR N 58 72.18 -53.92 38.85
CA THR N 58 71.83 -52.90 37.86
C THR N 58 71.51 -53.54 36.51
N VAL N 59 72.28 -54.55 36.12
CA VAL N 59 72.07 -55.20 34.81
C VAL N 59 70.75 -55.96 34.82
N ARG N 60 70.49 -56.74 35.87
CA ARG N 60 69.27 -57.54 35.92
C ARG N 60 68.03 -56.63 35.94
N ALA N 61 68.08 -55.54 36.69
CA ALA N 61 66.97 -54.60 36.68
C ALA N 61 66.81 -53.95 35.31
N ARG N 62 67.94 -53.66 34.65
CA ARG N 62 67.89 -53.12 33.29
C ARG N 62 67.35 -54.14 32.30
N VAL N 63 67.71 -55.42 32.47
CA VAL N 63 67.20 -56.47 31.58
C VAL N 63 65.72 -56.71 31.82
N THR N 64 65.30 -56.70 33.09
CA THR N 64 63.89 -56.92 33.40
C THR N 64 63.02 -55.83 32.80
N ALA N 65 63.56 -54.62 32.67
CA ALA N 65 62.82 -53.56 31.98
C ALA N 65 62.72 -53.82 30.49
N GLU N 66 63.55 -54.71 29.94
CA GLU N 66 63.47 -55.08 28.53
C GLU N 66 62.51 -56.25 28.31
N VAL N 67 62.53 -57.24 29.19
CA VAL N 67 61.59 -58.35 29.08
C VAL N 67 60.16 -57.87 29.32
N ASP N 68 59.99 -56.80 30.10
CA ASP N 68 58.66 -56.24 30.29
C ASP N 68 58.10 -55.68 29.00
N LYS N 69 58.96 -55.23 28.09
CA LYS N 69 58.55 -54.79 26.76
C LYS N 69 58.49 -55.93 25.76
N LEU N 70 58.42 -57.18 26.24
CA LEU N 70 58.37 -58.39 25.44
C LEU N 70 59.65 -58.62 24.63
N ASN N 71 60.71 -57.88 24.91
CA ASN N 71 61.99 -58.17 24.29
C ASN N 71 62.64 -59.38 24.96
N ILE N 72 63.71 -59.85 24.36
CA ILE N 72 64.49 -60.95 24.90
C ILE N 72 65.83 -60.41 25.36
N CYS N 73 66.33 -60.94 26.48
CA CYS N 73 67.61 -60.50 27.01
C CYS N 73 68.70 -60.67 25.96
N ASP N 74 69.56 -59.66 25.82
CA ASP N 74 70.56 -59.66 24.78
C ASP N 74 71.52 -60.83 24.96
N PRO N 75 71.90 -61.52 23.89
CA PRO N 75 72.75 -62.72 24.06
C PRO N 75 74.09 -62.43 24.74
N GLN N 76 74.69 -61.28 24.47
CA GLN N 76 75.96 -60.95 25.12
C GLN N 76 75.77 -60.66 26.60
N VAL N 77 74.65 -60.02 26.97
CA VAL N 77 74.33 -59.81 28.38
C VAL N 77 74.03 -61.13 29.06
N GLN N 78 73.33 -62.02 28.36
CA GLN N 78 72.99 -63.32 28.94
C GLN N 78 74.25 -64.13 29.25
N VAL N 79 75.25 -64.06 28.38
CA VAL N 79 76.52 -64.73 28.65
C VAL N 79 77.20 -64.11 29.86
N TRP N 80 77.20 -62.79 29.95
CA TRP N 80 77.81 -62.11 31.09
C TRP N 80 77.09 -62.47 32.39
N LEU N 81 75.76 -62.48 32.35
CA LEU N 81 74.99 -62.85 33.54
C LEU N 81 75.29 -64.28 33.96
N ARG N 82 75.40 -65.19 32.99
CA ARG N 82 75.64 -66.59 33.31
C ARG N 82 77.02 -66.79 33.93
N ARG N 83 77.99 -65.96 33.54
CA ARG N 83 79.32 -66.07 34.14
C ARG N 83 79.32 -65.56 35.58
N VAL N 84 78.54 -64.51 35.85
CA VAL N 84 78.41 -64.02 37.22
C VAL N 84 77.77 -65.08 38.11
N GLU N 85 76.72 -65.74 37.60
CA GLU N 85 76.03 -66.77 38.37
C GLU N 85 76.96 -67.92 38.70
N GLU N 86 77.70 -68.41 37.71
CA GLU N 86 78.57 -69.56 37.86
C GLU N 86 79.83 -69.27 38.69
N LEU N 87 80.11 -67.99 38.96
CA LEU N 87 81.35 -67.63 39.67
C LEU N 87 81.44 -68.32 41.03
N GLN N 88 80.38 -68.23 41.83
CA GLN N 88 80.33 -68.87 43.16
C GLN N 88 81.52 -68.45 44.01
N LEU N 89 81.58 -67.15 44.33
CA LEU N 89 82.70 -66.63 45.11
C LEU N 89 82.65 -67.12 46.56
N ASP N 90 81.53 -67.70 46.98
CA ASP N 90 81.43 -68.19 48.36
C ASP N 90 82.27 -69.44 48.58
N ALA N 91 82.62 -70.16 47.52
CA ALA N 91 83.38 -71.41 47.68
C ALA N 91 84.78 -71.12 48.21
N ILE N 92 85.47 -70.13 47.64
CA ILE N 92 86.80 -69.80 48.09
C ILE N 92 86.76 -69.12 49.45
N ASP N 93 85.64 -68.46 49.77
CA ASP N 93 85.49 -67.81 51.08
C ASP N 93 85.64 -68.83 52.20
N GLU N 94 84.98 -69.99 52.08
CA GLU N 94 85.13 -71.04 53.06
C GLU N 94 86.53 -71.64 53.03
N ASP N 95 87.08 -71.83 51.83
CA ASP N 95 88.43 -72.39 51.71
C ASP N 95 89.47 -71.50 52.38
N TYR N 96 89.17 -70.20 52.52
CA TYR N 96 90.09 -69.30 53.20
C TYR N 96 89.72 -69.14 54.67
N SER N 97 88.43 -68.95 54.96
CA SER N 97 87.98 -68.72 56.33
C SER N 97 88.18 -69.94 57.22
N GLN N 98 87.97 -71.16 56.69
CA GLN N 98 88.24 -72.34 57.49
C GLN N 98 89.73 -72.53 57.75
N LEU N 99 90.58 -72.09 56.83
CA LEU N 99 92.02 -72.13 57.05
C LEU N 99 92.50 -70.95 57.89
N ARG N 100 91.62 -69.97 58.13
CA ARG N 100 91.98 -68.85 58.99
C ARG N 100 92.19 -69.27 60.43
N LYS N 101 91.73 -70.45 60.83
CA LYS N 101 91.92 -70.92 62.18
C LYS N 101 93.38 -71.23 62.49
N TYR N 102 94.23 -71.29 61.46
CA TYR N 102 95.67 -71.44 61.67
C TYR N 102 96.38 -70.10 61.79
N SER N 103 95.66 -68.98 61.71
CA SER N 103 96.29 -67.67 61.79
C SER N 103 96.84 -67.37 63.16
N CYS N 104 96.52 -68.17 64.18
CA CYS N 104 97.13 -67.99 65.49
C CYS N 104 98.65 -68.17 65.43
N LEU N 105 99.12 -69.09 64.59
CA LEU N 105 100.55 -69.28 64.31
C LEU N 105 100.67 -69.58 62.82
N GLY N 106 100.90 -68.53 62.03
CA GLY N 106 100.94 -68.66 60.59
C GLY N 106 102.24 -69.22 60.04
N GLN N 107 103.28 -69.32 60.89
CA GLN N 107 104.57 -69.82 60.43
C GLN N 107 104.65 -71.34 60.43
N CYS N 108 103.62 -72.02 60.92
CA CYS N 108 103.62 -73.48 60.93
C CYS N 108 103.63 -74.02 59.50
N THR N 109 104.44 -75.07 59.29
CA THR N 109 104.56 -75.65 57.97
C THR N 109 103.45 -76.65 57.66
N ILE N 110 102.66 -77.01 58.66
CA ILE N 110 101.58 -77.98 58.44
C ILE N 110 100.50 -77.39 57.54
N HIS N 111 100.09 -76.14 57.79
CA HIS N 111 99.03 -75.52 57.01
C HIS N 111 99.56 -74.70 55.83
N ALA N 112 100.89 -74.66 55.63
CA ALA N 112 101.45 -73.88 54.53
C ALA N 112 101.07 -74.48 53.18
N HIS N 113 100.77 -75.79 53.15
CA HIS N 113 100.42 -76.43 51.88
C HIS N 113 99.13 -75.87 51.30
N ARG N 114 98.10 -75.67 52.14
CA ARG N 114 96.86 -75.10 51.65
C ARG N 114 96.95 -73.60 51.46
N ARG N 115 97.76 -72.92 52.29
CA ARG N 115 97.88 -71.47 52.19
C ARG N 115 98.52 -71.05 50.87
N ALA N 116 99.40 -71.90 50.33
CA ALA N 116 100.01 -71.60 49.04
C ALA N 116 98.99 -71.56 47.93
N SER N 117 98.03 -72.49 47.94
CA SER N 117 97.01 -72.53 46.88
C SER N 117 96.07 -71.34 46.98
N ILE N 118 95.73 -70.93 48.21
CA ILE N 118 94.81 -69.81 48.39
C ILE N 118 95.44 -68.52 47.88
N GLY N 119 96.75 -68.37 48.05
CA GLY N 119 97.45 -67.18 47.56
C GLY N 119 97.34 -66.97 46.06
N ARG N 120 97.07 -68.03 45.29
CA ARG N 120 96.84 -67.91 43.86
C ARG N 120 95.38 -68.14 43.49
N ARG N 121 94.61 -68.85 44.32
CA ARG N 121 93.19 -69.02 44.05
C ARG N 121 92.43 -67.71 44.20
N VAL N 122 92.84 -66.87 45.15
CA VAL N 122 92.24 -65.54 45.27
C VAL N 122 92.49 -64.72 44.02
N LEU N 123 93.73 -64.75 43.52
CA LEU N 123 94.05 -64.01 42.31
C LEU N 123 93.33 -64.59 41.10
N GLU N 124 93.10 -65.91 41.11
CA GLU N 124 92.36 -66.54 40.02
C GLU N 124 90.90 -66.10 39.99
N ALA N 125 90.35 -65.72 41.14
CA ALA N 125 88.99 -65.23 41.21
C ALA N 125 88.90 -63.71 41.27
N LEU N 126 90.00 -63.04 41.64
CA LEU N 126 89.97 -61.58 41.70
C LEU N 126 89.97 -60.98 40.30
N ASP N 127 90.82 -61.49 39.40
CA ASP N 127 90.87 -60.95 38.04
C ASP N 127 89.56 -61.21 37.29
N GLU N 128 88.98 -62.39 37.49
CA GLU N 128 87.68 -62.67 36.88
C GLU N 128 86.61 -61.74 37.42
N ALA N 129 86.60 -61.50 38.73
CA ALA N 129 85.64 -60.58 39.32
C ALA N 129 85.82 -59.17 38.78
N ASN N 130 87.07 -58.72 38.69
CA ASN N 130 87.33 -57.38 38.16
C ASN N 130 87.04 -57.29 36.67
N LYS N 131 87.31 -58.35 35.92
CA LYS N 131 86.96 -58.36 34.50
C LYS N 131 85.45 -58.29 34.31
N LEU N 132 84.70 -58.97 35.19
CA LEU N 132 83.24 -58.91 35.11
C LEU N 132 82.73 -57.52 35.49
N ILE N 133 83.47 -56.79 36.32
CA ILE N 133 83.08 -55.42 36.67
C ILE N 133 83.08 -54.53 35.44
N GLU N 134 84.18 -54.57 34.69
CA GLU N 134 84.34 -53.65 33.57
C GLU N 134 83.58 -54.08 32.32
N GLU N 135 83.04 -55.30 32.31
CA GLU N 135 82.17 -55.72 31.21
C GLU N 135 80.73 -55.26 31.44
N GLY N 136 80.18 -55.59 32.60
CA GLY N 136 78.80 -55.23 32.88
C GLY N 136 78.60 -53.73 33.07
N ARG N 137 79.65 -53.02 33.45
CA ARG N 137 79.59 -51.57 33.55
C ARG N 137 79.61 -50.89 32.19
N ARG N 138 79.86 -51.65 31.12
CA ARG N 138 80.09 -51.11 29.79
C ARG N 138 78.95 -51.42 28.83
N PHE N 139 78.02 -52.30 29.21
CA PHE N 139 76.87 -52.59 28.37
C PHE N 139 76.03 -51.34 28.16
N LYS N 140 75.47 -51.23 26.95
CA LYS N 140 74.60 -50.12 26.61
C LYS N 140 73.27 -50.54 26.01
N LYS N 141 73.18 -51.74 25.43
CA LYS N 141 71.90 -52.30 25.01
C LYS N 141 71.71 -53.64 25.70
N PHE N 142 70.50 -53.89 26.17
CA PHE N 142 70.23 -55.04 27.01
C PHE N 142 69.18 -56.00 26.46
N GLY N 143 68.54 -55.66 25.34
CA GLY N 143 67.55 -56.55 24.76
C GLY N 143 67.37 -56.26 23.29
N PHE N 144 66.91 -57.28 22.57
CA PHE N 144 66.65 -57.17 21.14
C PHE N 144 65.25 -57.67 20.84
N LYS N 145 64.57 -56.98 19.94
CA LYS N 145 63.19 -57.32 19.60
C LYS N 145 63.16 -58.64 18.84
N PRO N 146 62.45 -59.65 19.33
CA PRO N 146 62.45 -60.95 18.64
C PRO N 146 61.67 -60.90 17.34
N LEU N 147 61.95 -61.87 16.48
CA LEU N 147 61.25 -61.96 15.21
C LEU N 147 59.79 -62.33 15.45
N PRO N 148 58.88 -61.91 14.57
CA PRO N 148 57.47 -62.24 14.75
C PRO N 148 57.23 -63.74 14.75
N LYS N 149 56.28 -64.17 15.58
CA LYS N 149 55.93 -65.58 15.65
C LYS N 149 55.32 -66.04 14.34
N ILE N 150 55.40 -67.36 14.09
CA ILE N 150 54.79 -67.92 12.89
C ILE N 150 53.30 -67.64 12.88
N VAL N 151 52.62 -67.92 13.99
CA VAL N 151 51.22 -67.59 14.18
C VAL N 151 51.03 -67.14 15.62
N ASP N 152 50.47 -65.94 15.79
CA ASP N 152 50.22 -65.42 17.12
C ASP N 152 48.81 -65.76 17.56
N PRO N 153 48.63 -66.12 18.84
CA PRO N 153 47.31 -66.56 19.30
C PRO N 153 46.26 -65.47 19.15
N LEU N 154 45.05 -65.90 18.85
CA LEU N 154 43.86 -65.07 18.76
C LEU N 154 42.89 -65.42 19.88
N PRO N 155 41.88 -64.57 20.15
CA PRO N 155 40.94 -64.83 21.24
C PRO N 155 40.39 -66.26 21.27
N GLN N 156 40.69 -66.98 22.34
CA GLN N 156 40.31 -68.38 22.47
C GLN N 156 39.11 -68.51 23.40
N ILE N 157 37.92 -68.31 22.82
CA ILE N 157 36.68 -68.49 23.56
C ILE N 157 36.29 -69.96 23.57
N LYS N 158 35.34 -70.29 24.44
CA LYS N 158 34.80 -71.65 24.47
C LYS N 158 33.86 -71.85 23.28
N THR N 159 34.08 -72.92 22.53
CA THR N 159 33.34 -73.20 21.31
C THR N 159 32.67 -74.56 21.40
N PHE N 160 31.45 -74.65 20.89
CA PHE N 160 30.67 -75.88 20.92
C PHE N 160 30.36 -76.33 19.50
N GLY N 161 30.50 -77.62 19.25
CA GLY N 161 30.12 -78.21 17.98
C GLY N 161 30.87 -77.71 16.77
N LEU N 162 32.08 -77.19 16.95
CA LEU N 162 32.86 -76.67 15.85
C LEU N 162 33.88 -77.66 15.31
N GLU N 163 33.93 -78.88 15.86
CA GLU N 163 34.91 -79.85 15.41
C GLU N 163 34.66 -80.29 13.97
N THR N 164 33.39 -80.55 13.63
CA THR N 164 33.08 -81.08 12.30
C THR N 164 33.33 -80.04 11.20
N MET N 165 33.08 -78.77 11.50
CA MET N 165 33.31 -77.72 10.50
C MET N 165 34.79 -77.41 10.37
N LEU N 166 35.52 -77.39 11.49
CA LEU N 166 36.95 -77.15 11.45
C LEU N 166 37.66 -78.27 10.70
N SER N 167 37.12 -79.49 10.78
CA SER N 167 37.68 -80.59 10.02
C SER N 167 37.53 -80.35 8.51
N GLN N 168 36.39 -79.79 8.10
CA GLN N 168 36.19 -79.49 6.68
C GLN N 168 37.19 -78.46 6.18
N LEU N 169 37.46 -77.43 6.99
CA LEU N 169 38.39 -76.38 6.57
C LEU N 169 39.80 -76.94 6.42
N TYR N 170 40.23 -77.80 7.35
CA TYR N 170 41.55 -78.40 7.24
C TYR N 170 41.62 -79.38 6.08
N ASP N 171 40.47 -79.96 5.69
CA ASP N 171 40.47 -80.92 4.59
C ASP N 171 40.88 -80.26 3.27
N LEU N 172 40.55 -78.98 3.09
CA LEU N 172 41.04 -78.25 1.92
C LEU N 172 42.44 -77.71 2.16
N PHE N 173 42.63 -77.01 3.29
CA PHE N 173 43.88 -76.32 3.55
C PHE N 173 45.07 -77.27 3.47
N GLU N 174 44.87 -78.52 3.87
CA GLU N 174 45.92 -79.53 3.75
C GLU N 174 45.99 -80.13 2.35
N LYS N 175 44.85 -80.25 1.65
CA LYS N 175 44.78 -81.11 0.48
C LYS N 175 44.14 -80.43 -0.72
N GLY N 176 43.38 -79.36 -0.50
CA GLY N 176 42.66 -78.73 -1.59
C GLY N 176 43.60 -78.21 -2.67
N ASP N 177 43.15 -78.34 -3.92
CA ASP N 177 44.00 -77.96 -5.05
C ASP N 177 44.13 -76.45 -5.19
N SER N 178 43.03 -75.72 -5.00
CA SER N 178 43.06 -74.27 -5.14
C SER N 178 43.64 -73.63 -3.89
N ASN N 179 44.45 -72.58 -4.08
CA ASN N 179 45.11 -71.91 -2.98
C ASN N 179 44.28 -70.79 -2.37
N ILE N 180 43.15 -70.45 -2.98
CA ILE N 180 42.22 -69.47 -2.41
C ILE N 180 40.99 -70.21 -1.93
N ILE N 181 40.72 -70.12 -0.63
CA ILE N 181 39.63 -70.86 0.01
C ILE N 181 38.60 -69.86 0.52
N GLY N 182 37.34 -70.11 0.21
CA GLY N 182 36.28 -69.25 0.66
C GLY N 182 35.31 -69.94 1.61
N VAL N 183 34.97 -69.27 2.70
CA VAL N 183 33.99 -69.77 3.66
C VAL N 183 32.85 -68.76 3.72
N TRP N 184 31.62 -69.24 3.55
CA TRP N 184 30.47 -68.35 3.53
C TRP N 184 29.36 -68.91 4.41
N GLY N 185 28.55 -67.99 4.94
CA GLY N 185 27.46 -68.33 5.83
C GLY N 185 26.74 -67.09 6.32
N GLN N 186 25.54 -67.25 6.88
CA GLN N 186 24.76 -66.12 7.36
C GLN N 186 25.44 -65.43 8.53
N GLY N 187 25.02 -64.21 8.83
CA GLY N 187 25.62 -63.45 9.92
C GLY N 187 25.49 -64.13 11.27
N GLY N 188 26.60 -64.23 11.99
CA GLY N 188 26.60 -64.82 13.30
C GLY N 188 26.68 -66.33 13.34
N VAL N 189 26.86 -66.99 12.20
CA VAL N 189 26.91 -68.44 12.19
C VAL N 189 28.22 -68.97 12.75
N GLY N 190 29.29 -68.18 12.75
CA GLY N 190 30.55 -68.61 13.32
C GLY N 190 31.74 -68.53 12.38
N LYS N 191 31.65 -67.69 11.34
CA LYS N 191 32.74 -67.59 10.37
C LYS N 191 33.99 -67.00 11.01
N THR N 192 33.86 -65.86 11.69
CA THR N 192 35.02 -65.23 12.31
C THR N 192 35.58 -66.10 13.43
N THR N 193 34.71 -66.69 14.24
CA THR N 193 35.17 -67.58 15.30
C THR N 193 35.89 -68.79 14.73
N LEU N 194 35.49 -69.23 13.54
CA LEU N 194 36.20 -70.32 12.87
C LEU N 194 37.64 -69.93 12.56
N LEU N 195 37.85 -68.70 12.11
CA LEU N 195 39.21 -68.24 11.83
C LEU N 195 40.03 -68.18 13.12
N HIS N 196 39.42 -67.70 14.21
CA HIS N 196 40.13 -67.64 15.48
C HIS N 196 40.55 -69.03 15.96
N VAL N 197 39.66 -70.02 15.81
CA VAL N 197 40.01 -71.36 16.25
C VAL N 197 40.90 -72.06 15.23
N PHE N 198 40.81 -71.66 13.96
CA PHE N 198 41.71 -72.24 12.95
C PHE N 198 43.11 -71.66 13.08
N ASN N 199 43.20 -70.34 13.29
CA ASN N 199 44.50 -69.71 13.46
C ASN N 199 45.19 -70.21 14.72
N ASN N 200 44.43 -70.34 15.82
CA ASN N 200 45.02 -70.79 17.07
C ASN N 200 45.35 -72.29 17.03
N ASP N 201 44.76 -73.04 16.10
CA ASP N 201 45.08 -74.46 15.99
C ASP N 201 46.31 -74.71 15.14
N LEU N 202 46.71 -73.76 14.29
CA LEU N 202 47.92 -73.92 13.51
C LEU N 202 49.17 -73.97 14.37
N GLU N 203 49.21 -73.20 15.45
CA GLU N 203 50.34 -73.22 16.36
C GLU N 203 50.47 -74.52 17.14
N LYS N 204 49.44 -75.37 17.10
CA LYS N 204 49.51 -76.71 17.68
C LYS N 204 50.01 -77.75 16.69
N LYS N 205 49.63 -77.62 15.42
CA LYS N 205 50.04 -78.59 14.41
C LYS N 205 51.41 -78.24 13.85
N ALA N 206 51.90 -79.11 12.97
CA ALA N 206 53.15 -78.90 12.25
C ALA N 206 52.84 -78.56 10.80
N HIS N 207 53.39 -77.45 10.32
CA HIS N 207 53.09 -76.98 8.97
C HIS N 207 54.32 -76.29 8.40
N ASP N 208 54.35 -76.18 7.07
CA ASP N 208 55.49 -75.61 6.38
C ASP N 208 55.41 -74.10 6.23
N TYR N 209 54.29 -73.49 6.61
CA TYR N 209 54.09 -72.07 6.36
C TYR N 209 54.92 -71.23 7.33
N GLN N 210 55.20 -70.00 6.91
CA GLN N 210 56.10 -69.11 7.65
C GLN N 210 55.41 -67.96 8.33
N VAL N 211 54.30 -67.46 7.80
CA VAL N 211 53.52 -66.41 8.44
C VAL N 211 52.05 -66.72 8.28
N VAL N 212 51.29 -66.52 9.35
CA VAL N 212 49.83 -66.66 9.33
C VAL N 212 49.24 -65.31 9.73
N ILE N 213 48.77 -64.56 8.73
CA ILE N 213 48.31 -63.19 8.91
C ILE N 213 46.80 -63.19 8.99
N PHE N 214 46.27 -62.50 10.00
CA PHE N 214 44.84 -62.35 10.18
C PHE N 214 44.47 -60.89 9.93
N ILE N 215 43.59 -60.66 8.95
CA ILE N 215 43.25 -59.31 8.51
C ILE N 215 41.74 -59.14 8.61
N GLU N 216 41.32 -58.02 9.19
CA GLU N 216 39.90 -57.70 9.31
C GLU N 216 39.51 -56.73 8.19
N VAL N 217 39.00 -57.28 7.10
CA VAL N 217 38.52 -56.44 6.01
C VAL N 217 37.12 -55.92 6.31
N SER N 218 36.50 -56.42 7.38
CA SER N 218 35.15 -55.99 7.75
C SER N 218 35.11 -54.56 8.27
N ASN N 219 36.27 -53.92 8.41
CA ASN N 219 36.31 -52.54 8.92
C ASN N 219 35.41 -51.63 8.11
N SER N 220 35.38 -51.81 6.79
CA SER N 220 34.51 -51.01 5.93
C SER N 220 34.34 -51.75 4.61
N GLU N 221 33.37 -51.27 3.82
CA GLU N 221 33.27 -51.69 2.44
C GLU N 221 34.14 -50.82 1.53
N ALA N 222 34.76 -49.78 2.10
CA ALA N 222 35.63 -48.89 1.34
C ALA N 222 37.06 -49.39 1.27
N LEU N 223 37.36 -50.56 1.86
CA LEU N 223 38.69 -51.14 1.78
C LEU N 223 39.75 -50.21 2.36
N ASN N 224 39.76 -50.05 3.69
CA ASN N 224 40.70 -49.14 4.34
C ASN N 224 42.11 -49.73 4.19
N THR N 225 42.73 -49.36 3.06
CA THR N 225 43.95 -50.01 2.60
C THR N 225 45.11 -49.82 3.58
N VAL N 226 45.23 -48.62 4.16
CA VAL N 226 46.39 -48.30 4.97
C VAL N 226 46.47 -49.24 6.18
N GLU N 227 45.34 -49.45 6.85
CA GLU N 227 45.35 -50.31 8.04
C GLU N 227 45.57 -51.77 7.72
N ILE N 228 45.21 -52.23 6.52
CA ILE N 228 45.54 -53.59 6.12
C ILE N 228 47.03 -53.73 5.88
N GLN N 229 47.64 -52.74 5.22
CA GLN N 229 49.08 -52.78 4.98
C GLN N 229 49.85 -52.65 6.28
N GLN N 230 49.30 -51.94 7.27
CA GLN N 230 49.92 -51.88 8.58
C GLN N 230 49.96 -53.27 9.22
N THR N 231 48.88 -54.03 9.07
CA THR N 231 48.83 -55.37 9.65
C THR N 231 49.83 -56.29 8.97
N ILE N 232 49.93 -56.22 7.65
CA ILE N 232 50.84 -57.09 6.91
C ILE N 232 52.29 -56.72 7.22
N SER N 233 52.62 -55.44 7.17
CA SER N 233 53.99 -55.00 7.41
C SER N 233 54.42 -55.31 8.83
N GLU N 234 53.55 -55.05 9.80
CA GLU N 234 53.85 -55.41 11.19
C GLU N 234 54.05 -56.90 11.35
N ARG N 235 53.31 -57.71 10.58
CA ARG N 235 53.43 -59.15 10.65
C ARG N 235 54.61 -59.69 9.87
N LEU N 236 55.21 -58.89 9.00
CA LEU N 236 56.38 -59.28 8.22
C LEU N 236 57.67 -58.69 8.77
N ASN N 237 57.63 -58.10 9.97
CA ASN N 237 58.79 -57.45 10.58
C ASN N 237 59.35 -56.35 9.68
N LEU N 238 58.47 -55.64 8.98
CA LEU N 238 58.89 -54.56 8.10
C LEU N 238 58.76 -53.21 8.80
N PRO N 239 59.62 -52.25 8.47
CA PRO N 239 59.45 -50.89 9.01
C PRO N 239 58.31 -50.18 8.33
N TRP N 240 57.62 -49.34 9.09
CA TRP N 240 56.45 -48.62 8.57
C TRP N 240 56.90 -47.27 8.05
N ASN N 241 57.05 -47.17 6.74
CA ASN N 241 57.35 -45.89 6.09
C ASN N 241 56.03 -45.18 5.86
N ASP N 242 55.68 -44.28 6.78
CA ASP N 242 54.35 -43.70 6.81
C ASP N 242 54.07 -42.88 5.56
N ALA N 243 55.06 -42.12 5.10
CA ALA N 243 54.85 -41.22 3.96
C ALA N 243 54.91 -41.93 2.61
N GLU N 244 55.20 -43.22 2.59
CA GLU N 244 55.26 -43.94 1.33
C GLU N 244 53.88 -44.01 0.70
N PRO N 245 53.76 -43.82 -0.62
CA PRO N 245 52.44 -43.92 -1.27
C PRO N 245 51.93 -45.34 -1.22
N ILE N 246 50.59 -45.47 -1.23
CA ILE N 246 49.95 -46.77 -1.10
C ILE N 246 50.32 -47.67 -2.27
N ALA N 247 50.33 -47.12 -3.49
CA ALA N 247 50.64 -47.93 -4.66
C ALA N 247 52.07 -48.46 -4.62
N LYS N 248 53.00 -47.69 -4.07
CA LYS N 248 54.38 -48.15 -3.98
C LYS N 248 54.53 -49.24 -2.92
N ARG N 249 53.85 -49.09 -1.78
CA ARG N 249 53.88 -50.13 -0.75
C ARG N 249 53.28 -51.42 -1.27
N ALA N 250 52.17 -51.32 -2.02
CA ALA N 250 51.53 -52.52 -2.55
C ALA N 250 52.48 -53.31 -3.43
N ARG N 251 53.26 -52.62 -4.25
CA ARG N 251 54.29 -53.29 -5.04
C ARG N 251 55.37 -53.88 -4.15
N PHE N 252 55.66 -53.22 -3.03
CA PHE N 252 56.68 -53.72 -2.10
C PHE N 252 56.20 -54.97 -1.37
N LEU N 253 54.96 -54.94 -0.87
CA LEU N 253 54.44 -56.08 -0.13
C LEU N 253 54.30 -57.31 -1.02
N ILE N 254 53.99 -57.11 -2.30
CA ILE N 254 53.89 -58.23 -3.23
C ILE N 254 55.23 -58.96 -3.32
N LYS N 255 56.32 -58.20 -3.38
CA LYS N 255 57.65 -58.80 -3.37
C LYS N 255 57.98 -59.42 -2.02
N ALA N 256 57.59 -58.75 -0.93
CA ALA N 256 57.91 -59.27 0.41
C ALA N 256 57.14 -60.55 0.70
N LEU N 257 55.85 -60.56 0.40
CA LEU N 257 55.04 -61.75 0.66
C LEU N 257 55.37 -62.89 -0.30
N GLY N 258 55.89 -62.56 -1.49
CA GLY N 258 56.27 -63.59 -2.45
C GLY N 258 57.47 -64.41 -2.02
N ARG N 259 58.23 -63.94 -1.03
CA ARG N 259 59.40 -64.67 -0.56
C ARG N 259 59.05 -65.69 0.53
N LYS N 260 57.82 -65.67 1.04
CA LYS N 260 57.44 -66.49 2.18
C LYS N 260 56.19 -67.31 1.85
N ARG N 261 56.10 -68.48 2.46
CA ARG N 261 54.90 -69.31 2.37
C ARG N 261 53.86 -68.81 3.37
N PHE N 262 53.00 -67.90 2.95
CA PHE N 262 52.10 -67.22 3.87
C PHE N 262 50.71 -67.86 3.89
N VAL N 263 50.00 -67.62 4.98
CA VAL N 263 48.57 -67.88 5.09
C VAL N 263 47.92 -66.60 5.57
N ILE N 264 47.01 -66.06 4.76
CA ILE N 264 46.32 -64.82 5.08
C ILE N 264 44.84 -65.12 5.28
N LEU N 265 44.32 -64.77 6.44
CA LEU N 265 42.93 -65.03 6.79
C LEU N 265 42.15 -63.72 6.69
N LEU N 266 41.29 -63.62 5.69
CA LEU N 266 40.43 -62.46 5.48
C LEU N 266 39.12 -62.70 6.22
N ASP N 267 38.62 -61.67 6.90
CA ASP N 267 37.39 -61.78 7.68
C ASP N 267 36.34 -60.81 7.14
N ASP N 268 35.18 -61.36 6.80
CA ASP N 268 34.00 -60.61 6.42
C ASP N 268 34.32 -59.55 5.36
N VAL N 269 34.80 -60.05 4.23
CA VAL N 269 34.98 -59.22 3.04
C VAL N 269 33.62 -59.02 2.39
N ARG N 270 33.22 -57.76 2.22
CA ARG N 270 31.86 -57.45 1.80
C ARG N 270 31.76 -57.00 0.35
N LYS N 271 32.88 -56.66 -0.29
CA LYS N 271 32.90 -56.34 -1.72
C LYS N 271 34.14 -56.95 -2.34
N LYS N 272 34.07 -57.21 -3.64
CA LYS N 272 35.25 -57.64 -4.38
C LYS N 272 36.28 -56.53 -4.37
N PHE N 273 37.51 -56.89 -4.02
CA PHE N 273 38.62 -55.94 -4.02
C PHE N 273 39.85 -56.62 -4.61
N CYS N 274 40.73 -55.80 -5.19
CA CYS N 274 41.93 -56.32 -5.84
C CYS N 274 42.99 -56.58 -4.80
N LEU N 275 43.48 -57.82 -4.74
CA LEU N 275 44.50 -58.19 -3.77
C LEU N 275 45.80 -57.44 -4.03
N GLU N 276 46.21 -57.35 -5.29
CA GLU N 276 47.45 -56.66 -5.62
C GLU N 276 47.41 -55.17 -5.33
N ASP N 277 46.22 -54.59 -5.21
CA ASP N 277 46.13 -53.17 -4.86
C ASP N 277 46.42 -52.96 -3.37
N VAL N 278 46.14 -53.97 -2.54
CA VAL N 278 46.43 -53.87 -1.12
C VAL N 278 47.79 -54.44 -0.75
N GLY N 279 48.46 -55.13 -1.67
CA GLY N 279 49.79 -55.64 -1.43
C GLY N 279 49.86 -57.15 -1.35
N ILE N 280 48.71 -57.80 -1.22
CA ILE N 280 48.67 -59.27 -1.13
C ILE N 280 48.81 -59.85 -2.54
N PRO N 281 49.78 -60.72 -2.78
CA PRO N 281 49.85 -61.41 -4.07
C PRO N 281 48.87 -62.59 -4.08
N THR N 282 48.15 -62.74 -5.17
CA THR N 282 47.22 -63.85 -5.28
C THR N 282 48.00 -65.16 -5.36
N PRO N 283 47.75 -66.12 -4.49
CA PRO N 283 48.48 -67.39 -4.56
C PRO N 283 48.08 -68.19 -5.78
N ASP N 284 49.03 -68.97 -6.29
CA ASP N 284 48.83 -69.78 -7.47
C ASP N 284 49.36 -71.18 -7.22
N ILE N 285 49.25 -72.03 -8.25
CA ILE N 285 49.66 -73.42 -8.12
C ILE N 285 51.14 -73.53 -7.80
N ASN N 286 51.97 -72.72 -8.45
CA ASN N 286 53.41 -72.75 -8.22
C ASN N 286 53.79 -72.43 -6.79
N SER N 287 53.01 -71.62 -6.09
CA SER N 287 53.32 -71.20 -4.72
C SER N 287 52.56 -72.07 -3.73
N GLN N 288 53.17 -72.29 -2.57
CA GLN N 288 52.55 -73.04 -1.50
C GLN N 288 51.61 -72.18 -0.66
N SER N 289 51.64 -70.86 -0.85
CA SER N 289 50.86 -69.95 -0.03
C SER N 289 49.36 -70.19 -0.19
N LYS N 290 48.63 -69.90 0.87
CA LYS N 290 47.17 -70.04 0.89
C LYS N 290 46.55 -68.70 1.24
N LEU N 291 45.24 -68.61 1.02
CA LEU N 291 44.48 -67.40 1.32
C LEU N 291 43.04 -67.81 1.62
N ILE N 292 42.60 -67.61 2.86
CA ILE N 292 41.26 -68.01 3.30
C ILE N 292 40.47 -66.75 3.60
N LEU N 293 39.32 -66.60 2.97
CA LEU N 293 38.45 -65.45 3.16
C LEU N 293 37.06 -65.91 3.59
N THR N 294 36.46 -65.16 4.50
CA THR N 294 35.11 -65.42 4.97
C THR N 294 34.22 -64.24 4.57
N SER N 295 33.00 -64.56 4.15
CA SER N 295 32.06 -63.53 3.72
C SER N 295 30.64 -64.08 3.80
N ARG N 296 29.69 -63.19 4.09
CA ARG N 296 28.29 -63.59 4.13
C ARG N 296 27.75 -63.94 2.75
N TYR N 297 28.33 -63.39 1.69
CA TYR N 297 27.78 -63.49 0.35
C TYR N 297 28.59 -64.48 -0.47
N ARG N 298 27.91 -65.45 -1.09
CA ARG N 298 28.58 -66.36 -2.00
C ARG N 298 29.04 -65.65 -3.26
N GLU N 299 28.37 -64.56 -3.63
CA GLU N 299 28.78 -63.80 -4.81
C GLU N 299 30.17 -63.21 -4.65
N VAL N 300 30.49 -62.72 -3.44
CA VAL N 300 31.82 -62.18 -3.20
C VAL N 300 32.87 -63.29 -3.28
N CYS N 301 32.58 -64.45 -2.69
CA CYS N 301 33.53 -65.55 -2.73
C CYS N 301 33.75 -66.06 -4.16
N PHE N 302 32.75 -65.94 -5.03
CA PHE N 302 32.95 -66.29 -6.43
C PHE N 302 33.74 -65.21 -7.16
N GLN N 303 33.51 -63.94 -6.80
CA GLN N 303 34.23 -62.85 -7.45
C GLN N 303 35.72 -62.87 -7.12
N MET N 304 36.07 -63.33 -5.91
CA MET N 304 37.46 -63.40 -5.49
C MET N 304 38.14 -64.70 -5.87
N ASN N 305 37.65 -65.39 -6.90
CA ASN N 305 38.28 -66.59 -7.46
C ASN N 305 38.36 -67.73 -6.46
N ALA N 306 37.39 -67.84 -5.56
CA ALA N 306 37.32 -68.94 -4.61
C ALA N 306 36.21 -69.93 -4.93
N GLN N 307 35.77 -70.00 -6.19
CA GLN N 307 34.63 -70.84 -6.54
C GLN N 307 34.91 -72.32 -6.34
N ARG N 308 36.14 -72.77 -6.62
CA ARG N 308 36.45 -74.19 -6.57
C ARG N 308 36.73 -74.71 -5.17
N SER N 309 36.78 -73.84 -4.17
CA SER N 309 37.07 -74.24 -2.79
C SER N 309 36.09 -73.61 -1.80
N LEU N 310 34.80 -73.64 -2.11
CA LEU N 310 33.82 -72.97 -1.27
C LEU N 310 33.20 -73.93 -0.25
N ILE N 311 33.15 -73.48 1.00
CA ILE N 311 32.49 -74.19 2.09
C ILE N 311 31.38 -73.32 2.65
N GLU N 312 30.26 -73.94 2.96
CA GLU N 312 29.12 -73.27 3.57
C GLU N 312 29.18 -73.47 5.08
N MET N 313 29.19 -72.35 5.83
CA MET N 313 29.21 -72.39 7.28
C MET N 313 27.78 -72.63 7.77
N GLN N 314 27.51 -73.89 8.10
CA GLN N 314 26.16 -74.30 8.48
C GLN N 314 25.88 -73.98 9.94
N ILE N 315 24.59 -73.93 10.28
CA ILE N 315 24.20 -73.61 11.65
C ILE N 315 24.52 -74.78 12.57
N LEU N 316 24.45 -74.51 13.87
CA LEU N 316 24.80 -75.51 14.87
C LEU N 316 23.72 -76.58 14.95
N GLY N 317 24.12 -77.76 15.41
CA GLY N 317 23.19 -78.87 15.50
C GLY N 317 22.25 -78.75 16.68
N ASN N 318 21.31 -79.69 16.77
CA ASN N 318 20.32 -79.67 17.83
C ASN N 318 20.98 -79.84 19.20
N ASP N 319 21.88 -80.80 19.33
CA ASP N 319 22.50 -81.06 20.63
C ASP N 319 23.51 -79.97 20.99
N ALA N 320 24.34 -79.58 20.03
CA ALA N 320 25.41 -78.63 20.32
C ALA N 320 24.86 -77.24 20.61
N SER N 321 23.72 -76.88 20.03
CA SER N 321 23.12 -75.59 20.33
C SER N 321 22.48 -75.54 21.71
N TRP N 322 22.17 -76.71 22.29
CA TRP N 322 21.60 -76.72 23.63
C TRP N 322 22.66 -76.46 24.69
N GLU N 323 23.78 -77.17 24.63
CA GLU N 323 24.85 -76.96 25.60
C GLU N 323 25.49 -75.59 25.45
N LEU N 324 25.41 -74.99 24.26
CA LEU N 324 25.78 -73.60 24.11
C LEU N 324 24.84 -72.70 24.90
N PHE N 325 23.53 -73.01 24.84
CA PHE N 325 22.54 -72.26 25.59
C PHE N 325 22.73 -72.45 27.09
N LEU N 326 23.05 -73.67 27.51
CA LEU N 326 23.22 -73.96 28.93
C LEU N 326 24.37 -73.16 29.53
N SER N 327 25.49 -73.06 28.80
CA SER N 327 26.65 -72.35 29.31
C SER N 327 26.40 -70.85 29.46
N LYS N 328 25.32 -70.34 28.86
CA LYS N 328 25.00 -68.92 28.94
C LYS N 328 24.15 -68.57 30.14
N LEU N 329 23.67 -69.55 30.90
CA LEU N 329 22.80 -69.30 32.03
C LEU N 329 23.57 -69.26 33.34
N SER N 330 23.03 -68.53 34.31
CA SER N 330 23.66 -68.41 35.61
C SER N 330 23.66 -69.75 36.34
N THR N 331 24.39 -69.78 37.46
CA THR N 331 24.54 -71.02 38.21
C THR N 331 23.21 -71.52 38.76
N GLU N 332 22.43 -70.62 39.36
CA GLU N 332 21.15 -71.03 39.95
C GLU N 332 20.12 -71.33 38.87
N THR N 333 20.15 -70.59 37.76
CA THR N 333 19.19 -70.83 36.69
C THR N 333 19.49 -72.13 35.95
N SER N 334 20.77 -72.42 35.73
CA SER N 334 21.14 -73.66 35.07
C SER N 334 20.77 -74.87 35.92
N ALA N 335 20.75 -74.70 37.25
CA ALA N 335 20.39 -75.81 38.12
C ALA N 335 18.92 -76.20 37.98
N ALA N 336 18.11 -75.37 37.33
CA ALA N 336 16.70 -75.67 37.15
C ALA N 336 16.45 -76.44 35.86
N VAL N 337 17.12 -76.06 34.77
CA VAL N 337 16.84 -76.62 33.46
C VAL N 337 17.81 -77.73 33.05
N GLU N 338 19.00 -77.81 33.67
CA GLU N 338 19.96 -78.83 33.27
C GLU N 338 19.64 -80.21 33.82
N PRO N 339 19.44 -80.40 35.13
CA PRO N 339 19.50 -81.77 35.68
C PRO N 339 18.40 -82.67 35.16
N LEU N 340 18.73 -83.96 35.06
CA LEU N 340 17.79 -85.01 34.71
C LEU N 340 17.38 -85.75 35.99
N GLY N 341 16.63 -86.84 35.80
CA GLY N 341 16.08 -87.57 36.93
C GLY N 341 14.83 -86.91 37.45
N SER N 342 14.95 -85.66 37.89
CA SER N 342 13.79 -84.85 38.19
C SER N 342 13.23 -84.24 36.92
N GLN N 343 11.93 -84.39 36.73
CA GLN N 343 11.28 -83.98 35.49
C GLN N 343 10.29 -82.88 35.77
N SER N 344 10.41 -81.79 35.02
CA SER N 344 9.50 -80.66 35.13
C SER N 344 9.47 -79.94 33.78
N ALA N 345 8.41 -79.15 33.59
CA ALA N 345 8.19 -78.49 32.31
C ALA N 345 9.16 -77.35 32.04
N THR N 346 9.96 -76.94 33.03
CA THR N 346 10.89 -75.85 32.80
C THR N 346 11.97 -76.23 31.80
N ARG N 347 12.36 -77.52 31.77
CA ARG N 347 13.28 -77.99 30.75
C ARG N 347 12.66 -77.86 29.36
N GLU N 348 11.37 -78.20 29.24
CA GLU N 348 10.69 -78.08 27.95
C GLU N 348 10.52 -76.62 27.55
N HIS N 349 10.38 -75.73 28.53
CA HIS N 349 10.25 -74.31 28.23
C HIS N 349 11.59 -73.72 27.80
N ALA N 350 12.68 -74.11 28.46
CA ALA N 350 14.00 -73.62 28.07
C ALA N 350 14.37 -74.09 26.67
N MET N 351 14.10 -75.35 26.35
CA MET N 351 14.41 -75.87 25.02
C MET N 351 13.61 -75.15 23.94
N LYS N 352 12.34 -74.84 24.22
CA LYS N 352 11.52 -74.11 23.27
C LYS N 352 12.13 -72.76 22.94
N ILE N 353 12.76 -72.11 23.91
CA ILE N 353 13.48 -70.86 23.64
C ILE N 353 14.74 -71.15 22.83
N ALA N 354 15.46 -72.21 23.19
CA ALA N 354 16.68 -72.55 22.46
C ALA N 354 16.39 -72.93 21.02
N GLN N 355 15.32 -73.70 20.78
CA GLN N 355 14.97 -74.09 19.42
C GLN N 355 14.56 -72.90 18.57
N SER N 356 14.03 -71.84 19.21
CA SER N 356 13.60 -70.67 18.46
C SER N 356 14.76 -69.90 17.86
N CYS N 357 15.97 -70.07 18.40
CA CYS N 357 17.13 -69.38 17.88
C CYS N 357 17.68 -70.01 16.60
N GLY N 358 17.17 -71.18 16.21
CA GLY N 358 17.55 -71.78 14.95
C GLY N 358 18.98 -72.23 14.87
N GLY N 359 19.61 -72.48 16.01
CA GLY N 359 20.99 -72.94 16.00
C GLY N 359 22.00 -71.90 15.55
N LEU N 360 21.63 -70.63 15.54
CA LEU N 360 22.53 -69.57 15.13
C LEU N 360 23.32 -69.10 16.35
N PRO N 361 24.64 -69.29 16.40
CA PRO N 361 25.39 -68.96 17.63
C PRO N 361 25.25 -67.51 18.07
N LEU N 362 25.09 -66.58 17.14
CA LEU N 362 24.84 -65.19 17.53
C LEU N 362 23.52 -65.07 18.27
N ALA N 363 22.49 -65.80 17.80
CA ALA N 363 21.21 -65.77 18.48
C ALA N 363 21.27 -66.50 19.82
N LEU N 364 22.03 -67.59 19.90
CA LEU N 364 22.14 -68.32 21.16
C LEU N 364 22.76 -67.46 22.24
N ASN N 365 23.79 -66.68 21.90
CA ASN N 365 24.46 -65.85 22.89
C ASN N 365 23.55 -64.72 23.36
N VAL N 366 22.87 -64.04 22.44
CA VAL N 366 22.03 -62.91 22.81
C VAL N 366 20.79 -63.38 23.56
N ILE N 367 20.14 -64.43 23.08
CA ILE N 367 18.95 -64.95 23.76
C ILE N 367 19.33 -65.61 25.08
N GLY N 368 20.41 -66.39 25.09
CA GLY N 368 20.83 -67.06 26.31
C GLY N 368 21.21 -66.10 27.41
N THR N 369 21.86 -64.99 27.06
CA THR N 369 22.23 -64.01 28.07
C THR N 369 21.00 -63.29 28.63
N ALA N 370 20.00 -63.03 27.77
CA ALA N 370 18.81 -62.32 28.22
C ALA N 370 18.05 -63.12 29.27
N VAL N 371 17.97 -64.45 29.10
CA VAL N 371 17.22 -65.29 30.00
C VAL N 371 18.15 -66.00 30.97
N ALA N 372 19.36 -65.46 31.13
CA ALA N 372 20.34 -66.08 32.01
C ALA N 372 19.95 -65.99 33.48
N GLY N 373 19.06 -65.07 33.83
CA GLY N 373 18.65 -64.90 35.21
C GLY N 373 17.18 -65.15 35.44
N LEU N 374 16.56 -65.91 34.54
CA LEU N 374 15.14 -66.24 34.67
C LEU N 374 14.92 -67.12 35.89
N GLU N 375 14.01 -66.70 36.77
CA GLU N 375 13.66 -67.53 37.90
C GLU N 375 12.83 -68.72 37.45
N GLU N 376 12.68 -69.69 38.36
CA GLU N 376 12.04 -70.96 38.02
C GLU N 376 10.61 -70.76 37.55
N GLY N 377 9.86 -69.88 38.20
CA GLY N 377 8.44 -69.79 37.95
C GLY N 377 8.01 -69.11 36.66
N GLU N 378 8.90 -68.39 35.99
CA GLU N 378 8.51 -67.61 34.83
C GLU N 378 9.19 -68.03 33.54
N TRP N 379 9.73 -69.26 33.48
CA TRP N 379 10.14 -69.82 32.19
C TRP N 379 8.95 -69.99 31.26
N GLN N 380 7.80 -70.38 31.81
CA GLN N 380 6.63 -70.66 30.98
C GLN N 380 6.16 -69.42 30.23
N SER N 381 6.14 -68.27 30.88
CA SER N 381 5.68 -67.05 30.23
C SER N 381 6.66 -66.52 29.19
N ALA N 382 7.96 -66.63 29.47
CA ALA N 382 8.97 -66.16 28.52
C ALA N 382 9.01 -67.05 27.29
N ALA N 383 8.93 -68.37 27.49
CA ALA N 383 9.00 -69.31 26.38
C ALA N 383 7.81 -69.18 25.43
N ASP N 384 6.65 -68.77 25.92
CA ASP N 384 5.49 -68.61 25.05
C ASP N 384 5.62 -67.36 24.19
N ALA N 385 6.15 -66.27 24.75
CA ALA N 385 6.23 -65.02 24.00
C ALA N 385 7.35 -65.06 22.97
N ILE N 386 8.37 -65.91 23.19
CA ILE N 386 9.50 -65.96 22.26
C ILE N 386 9.07 -66.57 20.94
N ALA N 387 7.97 -67.34 20.93
CA ALA N 387 7.48 -67.93 19.70
C ALA N 387 6.88 -66.89 18.75
N THR N 388 6.22 -65.87 19.29
CA THR N 388 5.55 -64.87 18.46
C THR N 388 6.53 -63.84 17.91
N ASN N 389 7.32 -63.21 18.78
CA ASN N 389 8.27 -62.19 18.36
C ASN N 389 9.46 -62.17 19.32
N MET N 390 10.58 -61.64 18.84
CA MET N 390 11.81 -61.63 19.64
C MET N 390 12.23 -60.23 20.05
N ASP N 391 11.75 -59.20 19.35
CA ASP N 391 12.28 -57.84 19.51
C ASP N 391 12.10 -57.28 20.91
N ASN N 392 11.18 -57.82 21.72
CA ASN N 392 10.97 -57.29 23.06
C ASN N 392 12.01 -57.78 24.06
N ILE N 393 12.76 -58.84 23.75
CA ILE N 393 13.72 -59.39 24.68
C ILE N 393 14.98 -58.52 24.68
N ASP N 394 15.81 -58.68 25.71
CA ASP N 394 16.95 -57.80 25.91
C ASP N 394 18.10 -58.17 24.97
N GLY N 395 18.64 -57.16 24.29
CA GLY N 395 19.82 -57.32 23.48
C GLY N 395 19.59 -57.71 22.03
N VAL N 396 18.40 -58.18 21.68
CA VAL N 396 18.14 -58.58 20.30
C VAL N 396 18.04 -57.35 19.39
N ASP N 397 17.58 -56.22 19.91
CA ASP N 397 17.43 -55.02 19.09
C ASP N 397 18.74 -54.58 18.46
N GLU N 398 19.88 -54.97 19.03
CA GLU N 398 21.17 -54.76 18.40
C GLU N 398 21.66 -55.97 17.62
N MET N 399 21.12 -57.17 17.92
CA MET N 399 21.46 -58.34 17.13
C MET N 399 20.97 -58.20 15.70
N PHE N 400 19.74 -57.71 15.52
CA PHE N 400 19.24 -57.46 14.17
C PHE N 400 20.01 -56.33 13.49
N GLY N 401 20.45 -55.33 14.26
CA GLY N 401 21.29 -54.30 13.70
C GLY N 401 22.60 -54.83 13.16
N ARG N 402 23.11 -55.92 13.75
CA ARG N 402 24.30 -56.56 13.22
C ARG N 402 24.00 -57.35 11.95
N LEU N 403 22.82 -57.97 11.88
CA LEU N 403 22.46 -58.74 10.70
C LEU N 403 21.80 -57.86 9.63
N LYS N 404 21.51 -56.60 9.97
CA LYS N 404 20.73 -55.76 9.07
C LYS N 404 21.50 -55.39 7.81
N TYR N 405 22.83 -55.41 7.86
CA TYR N 405 23.61 -54.94 6.72
C TYR N 405 23.36 -55.79 5.49
N SER N 406 23.19 -57.10 5.66
CA SER N 406 22.86 -57.95 4.52
C SER N 406 21.55 -57.52 3.86
N PHE N 407 20.67 -56.85 4.60
CA PHE N 407 19.44 -56.33 4.02
C PHE N 407 19.66 -54.95 3.40
N ASP N 408 20.49 -54.12 4.04
CA ASP N 408 20.77 -52.79 3.49
C ASP N 408 21.58 -52.88 2.21
N ARG N 409 22.34 -53.97 2.03
CA ARG N 409 23.08 -54.17 0.80
C ARG N 409 22.18 -54.33 -0.40
N LEU N 410 20.94 -54.78 -0.20
CA LEU N 410 20.05 -55.10 -1.29
C LEU N 410 19.57 -53.85 -2.02
N THR N 411 19.21 -54.03 -3.28
CA THR N 411 18.53 -52.99 -4.03
C THR N 411 17.11 -52.84 -3.51
N PRO N 412 16.48 -51.67 -3.74
CA PRO N 412 15.11 -51.48 -3.23
C PRO N 412 14.12 -52.51 -3.73
N THR N 413 14.29 -53.01 -4.96
CA THR N 413 13.39 -54.05 -5.45
C THR N 413 13.61 -55.38 -4.74
N GLN N 414 14.86 -55.68 -4.35
CA GLN N 414 15.13 -56.92 -3.64
C GLN N 414 14.66 -56.83 -2.19
N GLN N 415 14.69 -55.64 -1.61
CA GLN N 415 14.23 -55.47 -0.23
C GLN N 415 12.75 -55.81 -0.10
N GLN N 416 11.94 -55.35 -1.06
CA GLN N 416 10.52 -55.65 -1.02
C GLN N 416 10.26 -57.13 -1.22
N CYS N 417 11.04 -57.79 -2.08
CA CYS N 417 10.87 -59.21 -2.30
C CYS N 417 11.24 -60.01 -1.06
N PHE N 418 12.24 -59.55 -0.31
CA PHE N 418 12.60 -60.24 0.93
C PHE N 418 11.51 -60.03 1.99
N LEU N 419 11.03 -58.80 2.14
CA LEU N 419 9.96 -58.52 3.09
C LEU N 419 8.69 -59.26 2.71
N TYR N 420 8.42 -59.38 1.41
CA TYR N 420 7.23 -60.10 0.96
C TYR N 420 7.29 -61.57 1.38
N CYS N 421 8.49 -62.13 1.50
CA CYS N 421 8.62 -63.53 1.89
C CYS N 421 8.39 -63.74 3.39
N THR N 422 8.35 -62.67 4.18
CA THR N 422 8.25 -62.81 5.63
C THR N 422 6.82 -63.10 6.09
N LEU N 423 5.83 -62.94 5.22
CA LEU N 423 4.44 -63.16 5.62
C LEU N 423 3.98 -64.59 5.34
N PHE N 424 4.87 -65.48 4.96
CA PHE N 424 4.56 -66.90 4.86
C PHE N 424 4.73 -67.56 6.22
N PRO N 425 4.08 -68.71 6.45
CA PRO N 425 4.07 -69.29 7.79
C PRO N 425 5.44 -69.76 8.24
N GLU N 426 5.62 -69.76 9.56
CA GLU N 426 6.86 -70.25 10.15
C GLU N 426 7.08 -71.72 9.80
N TYR N 427 8.35 -72.08 9.58
CA TYR N 427 8.78 -73.45 9.32
C TYR N 427 8.13 -74.06 8.08
N GLY N 428 7.70 -73.23 7.13
CA GLY N 428 7.05 -73.73 5.93
C GLY N 428 7.81 -73.36 4.68
N SER N 429 8.26 -74.38 3.95
CA SER N 429 8.93 -74.16 2.68
C SER N 429 7.93 -73.69 1.63
N ILE N 430 8.35 -72.72 0.82
CA ILE N 430 7.51 -72.15 -0.22
C ILE N 430 8.22 -72.31 -1.55
N SER N 431 7.45 -72.46 -2.63
CA SER N 431 8.02 -72.73 -3.94
C SER N 431 8.38 -71.43 -4.65
N LYS N 432 9.44 -71.50 -5.46
CA LYS N 432 9.88 -70.31 -6.20
C LYS N 432 8.82 -69.87 -7.21
N GLU N 433 8.18 -70.82 -7.89
CA GLU N 433 7.18 -70.48 -8.90
C GLU N 433 6.02 -69.71 -8.28
N GLN N 434 5.54 -70.14 -7.12
CA GLN N 434 4.50 -69.40 -6.42
C GLN N 434 4.99 -68.01 -6.03
N LEU N 435 6.19 -67.94 -5.46
CA LEU N 435 6.71 -66.67 -4.97
C LEU N 435 6.94 -65.68 -6.11
N ILE N 436 7.45 -66.15 -7.24
CA ILE N 436 7.64 -65.28 -8.39
C ILE N 436 6.29 -64.85 -8.96
N GLY N 437 5.30 -65.73 -8.92
CA GLY N 437 3.98 -65.37 -9.41
C GLY N 437 3.37 -64.20 -8.67
N TYR N 438 3.54 -64.18 -7.35
CA TYR N 438 3.06 -63.03 -6.57
C TYR N 438 3.81 -61.77 -6.94
N TRP N 439 5.12 -61.88 -7.16
CA TRP N 439 5.92 -60.70 -7.45
C TRP N 439 5.60 -60.10 -8.82
N LEU N 440 5.32 -60.95 -9.81
CA LEU N 440 5.00 -60.43 -11.15
C LEU N 440 3.74 -59.56 -11.12
N ALA N 441 2.69 -60.04 -10.44
CA ALA N 441 1.47 -59.25 -10.34
C ALA N 441 1.66 -58.02 -9.45
N GLU N 442 2.45 -58.13 -8.39
CA GLU N 442 2.67 -57.02 -7.49
C GLU N 442 3.36 -55.84 -8.17
N GLY N 443 4.01 -56.08 -9.31
CA GLY N 443 4.74 -55.04 -10.01
C GLY N 443 6.19 -54.92 -9.65
N LEU N 444 6.69 -55.74 -8.72
CA LEU N 444 8.11 -55.73 -8.39
C LEU N 444 8.96 -56.15 -9.58
N LEU N 445 8.51 -57.15 -10.32
CA LEU N 445 9.18 -57.60 -11.53
C LEU N 445 8.52 -56.94 -12.73
N LEU N 446 9.33 -56.36 -13.61
CA LEU N 446 8.78 -55.72 -14.80
C LEU N 446 8.35 -56.75 -15.83
N ASN N 447 7.36 -57.56 -15.48
CA ASN N 447 6.81 -58.61 -16.34
C ASN N 447 7.86 -59.61 -16.79
N ASP N 448 8.93 -59.78 -16.02
CA ASP N 448 10.03 -60.69 -16.35
C ASP N 448 10.08 -61.79 -15.31
N SER N 449 9.96 -63.05 -15.77
CA SER N 449 10.03 -64.18 -14.86
C SER N 449 11.46 -64.49 -14.42
N GLU N 450 12.43 -64.31 -15.31
CA GLU N 450 13.83 -64.56 -14.94
C GLU N 450 14.29 -63.60 -13.85
N LYS N 451 13.89 -62.32 -13.93
CA LYS N 451 14.26 -61.36 -12.90
C LYS N 451 13.80 -61.81 -11.52
N GLY N 452 12.68 -62.52 -11.45
CA GLY N 452 12.26 -63.10 -10.18
C GLY N 452 13.20 -64.18 -9.71
N TYR N 453 13.66 -65.04 -10.62
CA TYR N 453 14.62 -66.08 -10.26
C TYR N 453 15.96 -65.45 -9.87
N GLN N 454 16.32 -64.33 -10.48
CA GLN N 454 17.55 -63.65 -10.09
C GLN N 454 17.48 -63.13 -8.67
N ILE N 455 16.33 -62.55 -8.28
CA ILE N 455 16.18 -62.02 -6.94
C ILE N 455 16.24 -63.13 -5.90
N ILE N 456 15.56 -64.25 -6.18
CA ILE N 456 15.61 -65.39 -5.27
C ILE N 456 17.04 -65.91 -5.17
N ARG N 457 17.71 -66.02 -6.31
CA ARG N 457 19.10 -66.45 -6.32
C ARG N 457 20.02 -65.45 -5.61
N SER N 458 19.73 -64.16 -5.75
CA SER N 458 20.50 -63.14 -5.04
C SER N 458 20.30 -63.26 -3.53
N LEU N 459 19.07 -63.50 -3.10
CA LEU N 459 18.79 -63.63 -1.67
C LEU N 459 19.41 -64.90 -1.10
N VAL N 460 19.39 -65.99 -1.86
CA VAL N 460 20.01 -67.23 -1.40
C VAL N 460 21.51 -67.04 -1.23
N SER N 461 22.15 -66.29 -2.13
CA SER N 461 23.59 -66.04 -2.03
C SER N 461 23.95 -65.09 -0.89
N ALA N 462 23.02 -64.26 -0.44
CA ALA N 462 23.23 -63.39 0.70
C ALA N 462 22.79 -64.01 2.02
N CYS N 463 22.38 -65.28 1.98
CA CYS N 463 21.92 -66.05 3.14
C CYS N 463 20.63 -65.52 3.74
N LEU N 464 19.91 -64.65 3.03
CA LEU N 464 18.61 -64.19 3.50
C LEU N 464 17.50 -65.20 3.23
N LEU N 465 17.73 -66.14 2.31
CA LEU N 465 16.82 -67.24 2.07
C LEU N 465 17.63 -68.53 1.98
N GLN N 466 16.95 -69.65 2.16
CA GLN N 466 17.59 -70.96 2.13
C GLN N 466 16.86 -71.84 1.13
N VAL N 467 17.61 -72.41 0.19
CA VAL N 467 17.03 -73.40 -0.71
C VAL N 467 16.98 -74.74 0.00
N SER N 468 15.78 -75.31 0.13
CA SER N 468 15.61 -76.51 0.92
C SER N 468 14.42 -77.33 0.46
N GLY N 469 14.47 -78.64 0.70
CA GLY N 469 13.37 -79.52 0.36
C GLY N 469 13.89 -80.75 -0.36
N SER N 470 12.96 -81.63 -0.71
CA SER N 470 13.30 -82.77 -1.55
C SER N 470 13.77 -82.34 -2.93
N MET N 471 13.41 -81.13 -3.36
CA MET N 471 13.91 -80.56 -4.61
C MET N 471 14.24 -79.10 -4.33
N SER N 472 15.17 -78.56 -5.11
CA SER N 472 15.61 -77.19 -4.93
C SER N 472 14.60 -76.15 -5.41
N SER N 473 13.37 -76.58 -5.73
CA SER N 473 12.34 -75.65 -6.19
C SER N 473 11.67 -74.90 -5.04
N LYS N 474 11.98 -75.24 -3.79
CA LYS N 474 11.37 -74.59 -2.63
C LYS N 474 12.42 -73.79 -1.87
N VAL N 475 12.03 -72.60 -1.43
CA VAL N 475 12.87 -71.74 -0.61
C VAL N 475 12.20 -71.54 0.74
N LYS N 476 13.00 -71.15 1.73
CA LYS N 476 12.51 -70.91 3.07
C LYS N 476 13.42 -69.90 3.77
N MET N 477 12.96 -69.41 4.91
CA MET N 477 13.68 -68.41 5.69
C MET N 477 14.08 -69.00 7.04
N HIS N 478 15.31 -68.72 7.45
CA HIS N 478 15.73 -69.10 8.80
C HIS N 478 14.93 -68.32 9.82
N HIS N 479 14.71 -68.93 10.99
CA HIS N 479 13.80 -68.35 11.97
C HIS N 479 14.27 -66.97 12.41
N VAL N 480 15.58 -66.83 12.69
CA VAL N 480 16.10 -65.54 13.12
C VAL N 480 16.01 -64.52 11.99
N ILE N 481 16.24 -64.95 10.74
CA ILE N 481 16.16 -64.02 9.62
C ILE N 481 14.73 -63.51 9.44
N ARG N 482 13.73 -64.40 9.62
CA ARG N 482 12.34 -63.97 9.51
C ARG N 482 12.01 -62.96 10.61
N GLN N 483 12.48 -63.19 11.84
CA GLN N 483 12.25 -62.23 12.91
C GLN N 483 12.89 -60.89 12.57
N LEU N 484 14.03 -60.92 11.89
CA LEU N 484 14.62 -59.68 11.40
C LEU N 484 13.75 -59.05 10.33
N GLY N 485 13.13 -59.88 9.48
CA GLY N 485 12.21 -59.34 8.49
C GLY N 485 11.00 -58.67 9.12
N LEU N 486 10.40 -59.34 10.10
CA LEU N 486 9.28 -58.73 10.83
C LEU N 486 9.72 -57.48 11.58
N TRP N 487 10.91 -57.53 12.19
CA TRP N 487 11.43 -56.38 12.91
C TRP N 487 11.67 -55.21 11.98
N LEU N 488 12.18 -55.47 10.78
CA LEU N 488 12.39 -54.41 9.80
C LEU N 488 11.06 -53.82 9.33
N VAL N 489 10.05 -54.67 9.18
CA VAL N 489 8.72 -54.20 8.79
C VAL N 489 8.17 -53.24 9.85
N ASN N 490 8.33 -53.61 11.13
CA ASN N 490 7.86 -52.75 12.22
C ASN N 490 8.55 -51.39 12.20
N LYS N 491 9.87 -51.38 11.96
CA LYS N 491 10.58 -50.11 11.88
C LYS N 491 10.22 -49.32 10.63
N SER N 492 9.69 -49.99 9.61
CA SER N 492 9.29 -49.30 8.39
C SER N 492 8.00 -48.52 8.60
N ASP N 493 7.72 -47.62 7.66
CA ASP N 493 6.54 -46.76 7.72
C ASP N 493 5.33 -47.36 7.00
N THR N 494 5.47 -48.57 6.45
CA THR N 494 4.35 -49.26 5.80
C THR N 494 4.05 -50.51 6.61
N LYS N 495 2.92 -50.50 7.31
CA LYS N 495 2.59 -51.60 8.20
C LYS N 495 2.17 -52.84 7.42
N PHE N 496 2.57 -54.00 7.93
CA PHE N 496 2.10 -55.29 7.44
C PHE N 496 1.24 -55.94 8.52
N LEU N 497 0.24 -56.71 8.08
CA LEU N 497 -0.54 -57.54 8.97
C LEU N 497 -0.15 -59.00 8.70
N VAL N 498 0.68 -59.55 9.57
CA VAL N 498 1.30 -60.85 9.33
C VAL N 498 0.99 -61.80 10.47
N GLN N 499 -0.02 -62.66 10.28
CA GLN N 499 -0.32 -63.73 11.23
C GLN N 499 -0.59 -65.04 10.49
N PRO N 500 0.41 -65.59 9.81
CA PRO N 500 0.23 -66.93 9.22
C PRO N 500 0.77 -68.01 10.14
N GLY N 501 0.21 -69.20 10.01
CA GLY N 501 0.70 -70.36 10.73
C GLY N 501 0.58 -70.22 12.24
N MET N 502 -0.24 -69.27 12.69
CA MET N 502 -0.42 -69.01 14.11
C MET N 502 -1.53 -69.84 14.72
N ALA N 503 -2.13 -70.75 13.94
CA ALA N 503 -3.25 -71.57 14.40
C ALA N 503 -4.40 -70.71 14.90
N LEU N 504 -4.67 -69.61 14.21
CA LEU N 504 -5.74 -68.71 14.60
C LEU N 504 -7.09 -69.39 14.37
N ASP N 505 -7.94 -69.36 15.39
CA ASP N 505 -9.27 -69.96 15.30
C ASP N 505 -10.32 -68.98 14.80
N ASN N 506 -10.08 -67.69 14.95
CA ASN N 506 -10.99 -66.66 14.47
C ASN N 506 -10.18 -65.54 13.84
N ALA N 507 -10.80 -64.83 12.89
CA ALA N 507 -10.09 -63.80 12.16
C ALA N 507 -9.68 -62.67 13.10
N PRO N 508 -8.58 -61.97 12.81
CA PRO N 508 -8.16 -60.86 13.66
C PRO N 508 -9.14 -59.70 13.58
N SER N 509 -9.05 -58.81 14.56
CA SER N 509 -9.93 -57.65 14.63
C SER N 509 -9.83 -56.81 13.37
N ALA N 510 -10.99 -56.36 12.87
CA ALA N 510 -11.03 -55.61 11.62
C ALA N 510 -10.37 -54.24 11.72
N GLU N 511 -10.11 -53.75 12.93
CA GLU N 511 -9.46 -52.45 13.09
C GLU N 511 -8.00 -52.50 12.69
N GLU N 512 -7.33 -53.64 12.90
CA GLU N 512 -5.92 -53.76 12.58
C GLU N 512 -5.64 -53.73 11.08
N TRP N 513 -6.68 -53.84 10.25
CA TRP N 513 -6.52 -53.91 8.80
C TRP N 513 -6.50 -52.53 8.13
N ASN N 514 -6.56 -51.45 8.91
CA ASN N 514 -6.73 -50.12 8.32
C ASN N 514 -5.53 -49.73 7.46
N GLU N 515 -4.36 -49.57 8.09
CA GLU N 515 -3.20 -49.02 7.39
C GLU N 515 -2.31 -50.07 6.76
N ALA N 516 -2.58 -51.35 6.98
CA ALA N 516 -1.72 -52.40 6.45
C ALA N 516 -1.77 -52.44 4.93
N THR N 517 -0.65 -52.82 4.32
CA THR N 517 -0.55 -52.96 2.88
C THR N 517 -0.51 -54.42 2.43
N ARG N 518 0.05 -55.29 3.25
CA ARG N 518 0.08 -56.72 2.97
C ARG N 518 -0.64 -57.47 4.10
N ILE N 519 -1.57 -58.33 3.73
CA ILE N 519 -2.33 -59.14 4.68
C ILE N 519 -2.01 -60.60 4.42
N SER N 520 -1.77 -61.35 5.50
CA SER N 520 -1.45 -62.76 5.38
C SER N 520 -1.96 -63.49 6.61
N ILE N 521 -2.94 -64.36 6.40
CA ILE N 521 -3.48 -65.20 7.48
C ILE N 521 -3.45 -66.66 7.03
N MET N 522 -2.46 -67.01 6.21
CA MET N 522 -2.33 -68.37 5.70
C MET N 522 -2.24 -69.39 6.83
N SER N 523 -2.54 -70.65 6.50
CA SER N 523 -2.38 -71.81 7.37
C SER N 523 -3.11 -71.68 8.69
N ASN N 524 -4.05 -70.74 8.78
CA ASN N 524 -4.87 -70.62 9.98
C ASN N 524 -6.11 -71.49 9.85
N ASN N 525 -6.72 -71.77 11.01
CA ASN N 525 -7.97 -72.51 11.07
C ASN N 525 -9.19 -71.61 11.01
N ILE N 526 -9.11 -70.48 10.31
CA ILE N 526 -10.22 -69.54 10.22
C ILE N 526 -11.45 -70.26 9.70
N THR N 527 -12.57 -70.05 10.37
CA THR N 527 -13.84 -70.66 9.98
C THR N 527 -14.81 -69.67 9.36
N GLU N 528 -14.80 -68.41 9.81
CA GLU N 528 -15.75 -67.42 9.34
C GLU N 528 -15.04 -66.08 9.16
N LEU N 529 -15.32 -65.43 8.02
CA LEU N 529 -14.78 -64.12 7.69
C LEU N 529 -15.97 -63.22 7.35
N SER N 530 -16.55 -62.60 8.38
CA SER N 530 -17.84 -61.95 8.26
C SER N 530 -17.80 -60.43 8.32
N PHE N 531 -16.69 -59.83 8.76
CA PHE N 531 -16.65 -58.38 8.87
C PHE N 531 -16.35 -57.78 7.49
N SER N 532 -16.17 -56.46 7.48
CA SER N 532 -15.88 -55.71 6.26
C SER N 532 -14.76 -54.71 6.54
N PRO N 533 -13.54 -54.98 6.07
CA PRO N 533 -12.41 -54.14 6.45
C PRO N 533 -12.40 -52.82 5.71
N LYS N 534 -11.55 -51.91 6.21
CA LYS N 534 -11.32 -50.61 5.58
C LYS N 534 -10.01 -50.58 4.80
N CYS N 535 -9.65 -51.70 4.16
CA CYS N 535 -8.33 -51.87 3.57
C CYS N 535 -8.14 -51.07 2.28
N LYS N 536 -8.06 -49.74 2.39
CA LYS N 536 -7.84 -48.92 1.20
C LYS N 536 -6.45 -49.10 0.61
N ASN N 537 -5.42 -49.25 1.47
CA ASN N 537 -4.04 -49.30 0.99
C ASN N 537 -3.55 -50.71 0.69
N VAL N 538 -4.34 -51.73 1.00
CA VAL N 538 -3.88 -53.11 0.86
C VAL N 538 -3.60 -53.44 -0.60
N THR N 539 -2.45 -54.09 -0.85
CA THR N 539 -2.10 -54.56 -2.17
C THR N 539 -1.86 -56.07 -2.24
N THR N 540 -2.23 -56.83 -1.20
CA THR N 540 -2.00 -58.27 -1.19
C THR N 540 -2.85 -58.91 -0.11
N LEU N 541 -3.61 -59.94 -0.49
CA LEU N 541 -4.37 -60.77 0.45
C LEU N 541 -3.99 -62.23 0.24
N LEU N 542 -3.59 -62.89 1.31
CA LEU N 542 -3.23 -64.30 1.29
C LEU N 542 -4.07 -65.05 2.31
N MET N 543 -4.73 -66.12 1.87
CA MET N 543 -5.52 -66.98 2.74
C MET N 543 -5.35 -68.45 2.43
N GLN N 544 -4.16 -68.85 1.96
CA GLN N 544 -3.93 -70.24 1.61
C GLN N 544 -4.04 -71.14 2.83
N ASN N 545 -4.44 -72.39 2.59
CA ASN N 545 -4.49 -73.44 3.61
C ASN N 545 -5.40 -73.10 4.77
N ASN N 546 -6.51 -72.40 4.51
CA ASN N 546 -7.56 -72.25 5.51
C ASN N 546 -8.61 -73.33 5.27
N PRO N 547 -8.55 -74.46 5.96
CA PRO N 547 -9.39 -75.61 5.58
C PRO N 547 -10.86 -75.44 5.92
N ASN N 548 -11.20 -74.54 6.85
CA ASN N 548 -12.58 -74.42 7.31
C ASN N 548 -13.25 -73.12 6.91
N LEU N 549 -12.51 -72.16 6.36
CA LEU N 549 -13.10 -70.87 5.99
C LEU N 549 -13.96 -71.07 4.75
N ASN N 550 -15.28 -71.00 4.92
CA ASN N 550 -16.22 -71.21 3.82
C ASN N 550 -17.28 -70.12 3.69
N LYS N 551 -17.47 -69.28 4.70
CA LYS N 551 -18.43 -68.19 4.64
C LYS N 551 -17.69 -66.86 4.67
N MET N 552 -18.00 -66.02 3.70
CA MET N 552 -17.40 -64.69 3.60
C MET N 552 -18.49 -63.66 3.39
N SER N 553 -18.32 -62.50 4.01
CA SER N 553 -19.31 -61.44 3.90
C SER N 553 -19.37 -60.93 2.47
N TYR N 554 -20.58 -60.80 1.93
CA TYR N 554 -20.74 -60.29 0.58
C TYR N 554 -20.33 -58.81 0.55
N GLY N 555 -19.64 -58.42 -0.52
CA GLY N 555 -19.05 -57.10 -0.59
C GLY N 555 -17.75 -56.96 0.19
N PHE N 556 -17.13 -58.07 0.59
CA PHE N 556 -15.91 -58.01 1.38
C PHE N 556 -14.80 -57.25 0.66
N PHE N 557 -14.83 -57.25 -0.67
CA PHE N 557 -13.77 -56.68 -1.48
C PHE N 557 -14.03 -55.24 -1.92
N ARG N 558 -15.07 -54.59 -1.41
CA ARG N 558 -15.43 -53.27 -1.94
C ARG N 558 -14.36 -52.23 -1.62
N THR N 559 -13.62 -52.41 -0.52
CA THR N 559 -12.55 -51.49 -0.17
C THR N 559 -11.18 -51.95 -0.68
N MET N 560 -11.14 -53.05 -1.41
CA MET N 560 -9.89 -53.65 -1.86
C MET N 560 -9.54 -53.21 -3.27
N SER N 561 -9.89 -51.96 -3.62
CA SER N 561 -9.68 -51.47 -4.98
C SER N 561 -8.24 -51.66 -5.45
N SER N 562 -7.27 -51.48 -4.55
CA SER N 562 -5.87 -51.61 -4.91
C SER N 562 -5.31 -53.00 -4.68
N LEU N 563 -6.15 -53.97 -4.29
CA LEU N 563 -5.70 -55.34 -4.07
C LEU N 563 -5.19 -55.94 -5.37
N LYS N 564 -3.93 -56.38 -5.38
CA LYS N 564 -3.31 -56.90 -6.59
C LYS N 564 -3.13 -58.41 -6.58
N VAL N 565 -2.97 -59.02 -5.41
CA VAL N 565 -2.78 -60.46 -5.28
C VAL N 565 -3.81 -60.99 -4.29
N LEU N 566 -4.52 -62.04 -4.68
CA LEU N 566 -5.57 -62.63 -3.86
C LEU N 566 -5.48 -64.14 -3.98
N ASP N 567 -5.34 -64.84 -2.85
CA ASP N 567 -5.13 -66.28 -2.85
C ASP N 567 -6.08 -66.94 -1.87
N LEU N 568 -7.20 -67.43 -2.38
CA LEU N 568 -8.09 -68.34 -1.65
C LEU N 568 -7.75 -69.76 -2.08
N SER N 569 -6.55 -70.21 -1.78
CA SER N 569 -6.07 -71.53 -2.17
C SER N 569 -6.25 -72.50 -1.01
N HIS N 570 -6.65 -73.73 -1.36
CA HIS N 570 -6.86 -74.80 -0.38
C HIS N 570 -7.84 -74.35 0.71
N THR N 571 -8.84 -73.56 0.31
CA THR N 571 -9.83 -73.04 1.24
C THR N 571 -11.19 -73.63 0.88
N ALA N 572 -12.12 -73.52 1.82
CA ALA N 572 -13.38 -74.25 1.75
C ALA N 572 -14.55 -73.44 1.22
N ILE N 573 -14.32 -72.24 0.70
CA ILE N 573 -15.43 -71.44 0.19
C ILE N 573 -16.04 -72.13 -1.02
N THR N 574 -17.36 -72.12 -1.09
CA THR N 574 -18.08 -72.64 -2.26
C THR N 574 -18.53 -71.54 -3.20
N SER N 575 -18.56 -70.29 -2.73
CA SER N 575 -18.92 -69.15 -3.56
C SER N 575 -18.05 -67.97 -3.18
N LEU N 576 -17.84 -67.06 -4.13
CA LEU N 576 -17.01 -65.88 -3.92
C LEU N 576 -17.87 -64.63 -4.00
N PRO N 577 -17.69 -63.67 -3.10
CA PRO N 577 -18.41 -62.40 -3.21
C PRO N 577 -18.06 -61.69 -4.50
N GLU N 578 -19.03 -60.98 -5.06
CA GLU N 578 -18.78 -60.23 -6.28
C GLU N 578 -17.75 -59.15 -6.03
N CYS N 579 -16.91 -58.91 -7.03
CA CYS N 579 -15.74 -58.05 -6.83
C CYS N 579 -15.53 -57.06 -7.97
N ASP N 580 -16.60 -56.40 -8.42
CA ASP N 580 -16.46 -55.37 -9.44
C ASP N 580 -15.62 -54.20 -8.98
N ALA N 581 -15.40 -54.04 -7.67
CA ALA N 581 -14.57 -52.96 -7.16
C ALA N 581 -13.08 -53.26 -7.23
N LEU N 582 -12.70 -54.49 -7.59
CA LEU N 582 -11.29 -54.85 -7.74
C LEU N 582 -10.76 -54.35 -9.08
N VAL N 583 -10.53 -53.05 -9.15
CA VAL N 583 -10.13 -52.41 -10.40
C VAL N 583 -8.72 -52.83 -10.81
N ALA N 584 -7.83 -53.02 -9.84
CA ALA N 584 -6.41 -53.23 -10.13
C ALA N 584 -5.93 -54.65 -9.89
N LEU N 585 -6.83 -55.60 -9.62
CA LEU N 585 -6.40 -56.96 -9.36
C LEU N 585 -5.78 -57.58 -10.61
N GLU N 586 -4.65 -58.25 -10.42
CA GLU N 586 -3.92 -58.89 -11.51
C GLU N 586 -3.66 -60.37 -11.29
N HIS N 587 -3.71 -60.85 -10.05
CA HIS N 587 -3.50 -62.25 -9.73
C HIS N 587 -4.64 -62.73 -8.86
N LEU N 588 -5.17 -63.92 -9.16
CA LEU N 588 -6.29 -64.48 -8.40
C LEU N 588 -6.21 -65.99 -8.50
N ASN N 589 -5.87 -66.63 -7.39
CA ASN N 589 -5.71 -68.08 -7.33
C ASN N 589 -6.82 -68.67 -6.48
N LEU N 590 -7.48 -69.72 -7.01
CA LEU N 590 -8.52 -70.42 -6.28
C LEU N 590 -8.32 -71.93 -6.36
N SER N 591 -7.08 -72.40 -6.38
CA SER N 591 -6.81 -73.83 -6.50
C SER N 591 -7.28 -74.57 -5.26
N HIS N 592 -7.68 -75.82 -5.46
CA HIS N 592 -8.14 -76.71 -4.39
C HIS N 592 -9.29 -76.13 -3.59
N THR N 593 -10.18 -75.39 -4.25
CA THR N 593 -11.28 -74.70 -3.59
C THR N 593 -12.60 -75.26 -4.11
N HIS N 594 -13.58 -75.38 -3.21
CA HIS N 594 -14.87 -75.98 -3.54
C HIS N 594 -15.79 -74.99 -4.25
N ILE N 595 -15.23 -73.93 -4.82
CA ILE N 595 -16.02 -72.97 -5.59
C ILE N 595 -16.71 -73.69 -6.74
N MET N 596 -18.04 -73.55 -6.82
CA MET N 596 -18.77 -74.23 -7.87
C MET N 596 -18.92 -73.35 -9.11
N ARG N 597 -19.41 -72.13 -8.94
CA ARG N 597 -19.58 -71.22 -10.06
C ARG N 597 -18.82 -69.93 -9.77
N LEU N 598 -18.29 -69.34 -10.82
CA LEU N 598 -17.46 -68.15 -10.70
C LEU N 598 -18.27 -66.93 -11.09
N PRO N 599 -18.39 -65.92 -10.22
CA PRO N 599 -19.32 -64.81 -10.50
C PRO N 599 -18.94 -64.04 -11.76
N GLU N 600 -19.97 -63.45 -12.39
CA GLU N 600 -19.82 -62.79 -13.67
C GLU N 600 -19.08 -61.46 -13.60
N ARG N 601 -18.84 -60.92 -12.39
CA ARG N 601 -18.15 -59.64 -12.30
C ARG N 601 -16.68 -59.77 -12.68
N LEU N 602 -16.12 -60.99 -12.62
CA LEU N 602 -14.72 -61.20 -13.00
C LEU N 602 -14.48 -60.85 -14.46
N TRP N 603 -15.48 -61.04 -15.32
CA TRP N 603 -15.31 -60.71 -16.72
C TRP N 603 -15.16 -59.22 -16.97
N LEU N 604 -15.48 -58.37 -15.99
CA LEU N 604 -15.28 -56.94 -16.09
C LEU N 604 -13.99 -56.47 -15.42
N LEU N 605 -13.20 -57.38 -14.84
CA LEU N 605 -11.92 -57.03 -14.24
C LEU N 605 -10.88 -56.92 -15.36
N LYS N 606 -10.69 -55.68 -15.82
CA LYS N 606 -9.90 -55.45 -17.02
C LYS N 606 -8.41 -55.66 -16.79
N GLU N 607 -7.96 -55.54 -15.53
CA GLU N 607 -6.53 -55.59 -15.24
C GLU N 607 -6.03 -56.99 -14.90
N LEU N 608 -6.92 -57.99 -14.87
CA LEU N 608 -6.50 -59.33 -14.44
C LEU N 608 -5.49 -59.92 -15.42
N ARG N 609 -4.51 -60.64 -14.87
CA ARG N 609 -3.44 -61.23 -15.65
C ARG N 609 -3.24 -62.72 -15.41
N HIS N 610 -3.72 -63.25 -14.29
CA HIS N 610 -3.53 -64.66 -13.98
C HIS N 610 -4.71 -65.16 -13.18
N LEU N 611 -5.33 -66.24 -13.64
CA LEU N 611 -6.44 -66.89 -12.96
C LEU N 611 -6.14 -68.38 -12.82
N ASP N 612 -6.13 -68.88 -11.59
CA ASP N 612 -5.82 -70.27 -11.30
C ASP N 612 -7.02 -70.90 -10.59
N LEU N 613 -7.58 -71.94 -11.21
CA LEU N 613 -8.67 -72.71 -10.61
C LEU N 613 -8.38 -74.20 -10.69
N SER N 614 -7.13 -74.59 -10.55
CA SER N 614 -6.75 -75.99 -10.68
C SER N 614 -7.28 -76.81 -9.51
N VAL N 615 -7.57 -78.08 -9.79
CA VAL N 615 -8.00 -79.06 -8.80
C VAL N 615 -9.25 -78.56 -8.08
N THR N 616 -10.06 -77.75 -8.76
CA THR N 616 -11.34 -77.32 -8.22
C THR N 616 -12.36 -78.43 -8.44
N VAL N 617 -12.69 -79.16 -7.37
CA VAL N 617 -13.56 -80.33 -7.49
C VAL N 617 -14.98 -79.93 -7.85
N ALA N 618 -15.47 -78.81 -7.31
CA ALA N 618 -16.86 -78.42 -7.51
C ALA N 618 -17.07 -77.43 -8.65
N PHE N 619 -16.01 -76.95 -9.29
CA PHE N 619 -16.14 -75.94 -10.33
C PHE N 619 -16.89 -76.49 -11.53
N GLU N 620 -18.00 -75.84 -11.89
CA GLU N 620 -18.78 -76.29 -13.04
C GLU N 620 -19.36 -75.14 -13.87
N ASP N 621 -18.75 -73.95 -13.82
CA ASP N 621 -19.31 -72.76 -14.47
C ASP N 621 -18.68 -72.60 -15.85
N THR N 622 -19.52 -72.31 -16.84
CA THR N 622 -19.06 -72.13 -18.22
C THR N 622 -18.10 -70.94 -18.31
N MET N 623 -16.98 -71.13 -19.01
CA MET N 623 -15.97 -70.09 -19.12
C MET N 623 -16.12 -69.22 -20.38
N ASN N 624 -17.25 -69.33 -21.09
CA ASN N 624 -17.38 -68.63 -22.37
C ASN N 624 -17.22 -67.13 -22.23
N ASN N 625 -17.50 -66.58 -21.05
CA ASN N 625 -17.35 -65.15 -20.84
C ASN N 625 -15.91 -64.73 -20.57
N CYS N 626 -14.96 -65.68 -20.57
CA CYS N 626 -13.56 -65.32 -20.41
C CYS N 626 -13.03 -64.53 -21.59
N SER N 627 -13.77 -64.52 -22.71
CA SER N 627 -13.36 -63.72 -23.86
C SER N 627 -13.26 -62.23 -23.51
N LYS N 628 -14.11 -61.74 -22.61
CA LYS N 628 -14.02 -60.36 -22.15
C LYS N 628 -12.76 -60.09 -21.35
N LEU N 629 -12.06 -61.14 -20.93
CA LEU N 629 -10.82 -61.01 -20.16
C LEU N 629 -9.61 -61.01 -21.08
N HIS N 630 -9.49 -59.96 -21.90
CA HIS N 630 -8.44 -59.90 -22.91
C HIS N 630 -7.05 -59.85 -22.30
N LYS N 631 -6.88 -59.07 -21.22
CA LYS N 631 -5.55 -58.82 -20.67
C LYS N 631 -4.97 -60.04 -19.98
N LEU N 632 -5.77 -61.08 -19.74
CA LEU N 632 -5.30 -62.25 -19.00
C LEU N 632 -4.11 -62.89 -19.70
N LYS N 633 -3.11 -63.28 -18.90
CA LYS N 633 -1.90 -63.90 -19.42
C LYS N 633 -1.88 -65.40 -19.20
N VAL N 634 -2.40 -65.89 -18.07
CA VAL N 634 -2.31 -67.29 -17.70
C VAL N 634 -3.64 -67.75 -17.12
N LEU N 635 -4.12 -68.90 -17.62
CA LEU N 635 -5.21 -69.64 -17.00
C LEU N 635 -4.65 -70.92 -16.37
N ASN N 636 -5.51 -71.63 -15.64
CA ASN N 636 -5.14 -72.93 -15.09
C ASN N 636 -6.40 -73.66 -14.68
N LEU N 637 -6.68 -74.78 -15.35
CA LEU N 637 -7.77 -75.67 -14.98
C LEU N 637 -7.31 -77.11 -14.81
N PHE N 638 -6.04 -77.32 -14.46
CA PHE N 638 -5.48 -78.66 -14.38
C PHE N 638 -6.16 -79.44 -13.25
N ARG N 639 -6.47 -80.71 -13.53
CA ARG N 639 -7.16 -81.62 -12.62
C ARG N 639 -8.53 -81.11 -12.17
N SER N 640 -9.07 -80.11 -12.84
CA SER N 640 -10.41 -79.64 -12.51
C SER N 640 -11.45 -80.67 -12.93
N HIS N 641 -12.53 -80.76 -12.15
CA HIS N 641 -13.62 -81.67 -12.48
C HIS N 641 -14.28 -81.32 -13.80
N TYR N 642 -14.44 -80.03 -14.07
CA TYR N 642 -15.07 -79.56 -15.30
C TYR N 642 -14.05 -78.82 -16.16
N GLY N 643 -14.24 -78.90 -17.47
CA GLY N 643 -13.38 -78.21 -18.41
C GLY N 643 -14.00 -78.10 -19.78
N ILE N 644 -13.19 -78.29 -20.83
CA ILE N 644 -13.70 -78.26 -22.19
C ILE N 644 -14.18 -79.65 -22.56
N ARG N 645 -15.45 -79.94 -22.27
CA ARG N 645 -16.01 -81.25 -22.57
C ARG N 645 -16.41 -81.39 -24.03
N ASP N 646 -16.50 -80.29 -24.76
CA ASP N 646 -16.88 -80.33 -26.17
C ASP N 646 -16.34 -79.09 -26.86
N VAL N 647 -16.34 -79.12 -28.20
CA VAL N 647 -15.80 -78.04 -28.99
C VAL N 647 -16.56 -76.73 -28.78
N ASP N 648 -17.77 -76.81 -28.21
CA ASP N 648 -18.57 -75.61 -27.97
C ASP N 648 -17.84 -74.58 -27.11
N ASN N 649 -17.00 -75.03 -26.17
CA ASN N 649 -16.23 -74.13 -25.32
C ASN N 649 -14.75 -74.08 -25.73
N LEU N 650 -14.47 -74.19 -27.02
CA LEU N 650 -13.11 -74.08 -27.54
C LEU N 650 -12.79 -72.67 -28.02
N ASN N 651 -13.38 -71.65 -27.39
CA ASN N 651 -13.24 -70.27 -27.84
C ASN N 651 -12.04 -69.60 -27.19
N LEU N 652 -11.04 -70.39 -26.83
CA LEU N 652 -9.84 -69.83 -26.20
C LEU N 652 -9.04 -68.94 -27.15
N ASP N 653 -9.33 -68.96 -28.45
CA ASP N 653 -8.65 -68.07 -29.39
C ASP N 653 -8.92 -66.60 -29.11
N SER N 654 -9.95 -66.28 -28.32
CA SER N 654 -10.16 -64.91 -27.89
C SER N 654 -9.13 -64.45 -26.88
N LEU N 655 -8.45 -65.39 -26.21
CA LEU N 655 -7.40 -65.06 -25.25
C LEU N 655 -6.10 -64.76 -26.02
N LYS N 656 -6.02 -63.51 -26.50
CA LYS N 656 -4.91 -63.11 -27.35
C LYS N 656 -3.63 -62.87 -26.57
N GLU N 657 -3.73 -62.61 -25.26
CA GLU N 657 -2.55 -62.41 -24.42
C GLU N 657 -2.09 -63.68 -23.73
N LEU N 658 -2.75 -64.81 -23.98
CA LEU N 658 -2.47 -66.05 -23.26
C LEU N 658 -1.04 -66.52 -23.49
N LEU N 659 -0.40 -66.98 -22.42
CA LEU N 659 0.96 -67.51 -22.50
C LEU N 659 1.04 -68.98 -22.08
N PHE N 660 0.25 -69.36 -21.06
CA PHE N 660 0.28 -70.72 -20.54
C PHE N 660 -1.02 -71.00 -19.78
N LEU N 661 -1.54 -72.21 -19.94
CA LEU N 661 -2.68 -72.66 -19.16
C LEU N 661 -2.64 -74.18 -19.01
N GLY N 662 -3.15 -74.65 -17.88
CA GLY N 662 -3.42 -76.07 -17.70
C GLY N 662 -4.86 -76.36 -18.08
N ILE N 663 -5.06 -77.50 -18.75
CA ILE N 663 -6.35 -77.83 -19.33
C ILE N 663 -6.74 -79.25 -18.99
N THR N 664 -8.05 -79.51 -19.04
CA THR N 664 -8.61 -80.85 -18.92
C THR N 664 -9.35 -81.19 -20.20
N ILE N 665 -8.92 -82.26 -20.86
CA ILE N 665 -9.47 -82.65 -22.15
C ILE N 665 -10.19 -83.99 -21.99
N TYR N 666 -11.37 -84.10 -22.61
CA TYR N 666 -12.25 -85.24 -22.40
C TYR N 666 -12.44 -86.13 -23.63
N ALA N 667 -12.41 -85.59 -24.84
CA ALA N 667 -12.88 -86.34 -25.99
C ALA N 667 -11.83 -86.31 -27.11
N GLU N 668 -11.88 -87.35 -27.96
CA GLU N 668 -10.94 -87.47 -29.07
C GLU N 668 -11.14 -86.37 -30.10
N ASP N 669 -12.40 -86.01 -30.39
CA ASP N 669 -12.63 -84.96 -31.39
C ASP N 669 -12.06 -83.63 -30.94
N VAL N 670 -12.11 -83.35 -29.63
CA VAL N 670 -11.45 -82.16 -29.10
C VAL N 670 -9.95 -82.25 -29.34
N LEU N 671 -9.36 -83.43 -29.15
CA LEU N 671 -7.96 -83.63 -29.48
C LEU N 671 -7.71 -83.44 -30.97
N LYS N 672 -8.63 -83.93 -31.81
CA LYS N 672 -8.51 -83.75 -33.26
C LYS N 672 -8.85 -82.33 -33.71
N LYS N 673 -9.61 -81.58 -32.91
CA LYS N 673 -9.74 -80.15 -33.12
C LYS N 673 -8.54 -79.37 -32.58
N LEU N 674 -7.72 -80.01 -31.75
CA LEU N 674 -6.45 -79.45 -31.30
C LEU N 674 -5.26 -80.00 -32.07
N ASN N 675 -5.51 -80.80 -33.10
CA ASN N 675 -4.46 -81.56 -33.78
C ASN N 675 -3.71 -80.70 -34.81
N MET N 676 -4.14 -79.45 -34.98
CA MET N 676 -3.54 -78.56 -35.95
C MET N 676 -2.59 -77.61 -35.23
N PRO N 677 -1.52 -77.16 -35.89
CA PRO N 677 -0.51 -76.34 -35.22
C PRO N 677 -0.95 -74.89 -35.00
N ARG N 678 -1.09 -74.50 -33.75
CA ARG N 678 -1.37 -73.12 -33.36
C ARG N 678 -0.96 -72.94 -31.91
N PRO N 679 -0.75 -71.69 -31.47
CA PRO N 679 -0.43 -71.47 -30.05
C PRO N 679 -1.46 -72.04 -29.10
N LEU N 680 -2.75 -71.96 -29.45
CA LEU N 680 -3.80 -72.53 -28.63
C LEU N 680 -3.60 -74.04 -28.47
N ALA N 681 -3.02 -74.68 -29.48
CA ALA N 681 -2.75 -76.11 -29.43
C ALA N 681 -1.49 -76.46 -28.65
N LYS N 682 -0.66 -75.48 -28.32
CA LYS N 682 0.60 -75.75 -27.62
C LYS N 682 0.73 -74.90 -26.36
N SER N 683 -0.21 -73.99 -26.13
CA SER N 683 -0.16 -73.18 -24.91
C SER N 683 -0.42 -74.00 -23.66
N THR N 684 -0.92 -75.23 -23.81
CA THR N 684 -1.19 -76.09 -22.66
C THR N 684 0.09 -76.78 -22.19
N HIS N 685 0.73 -76.24 -21.16
CA HIS N 685 1.96 -76.82 -20.65
C HIS N 685 1.71 -78.11 -19.88
N ARG N 686 0.49 -78.34 -19.40
CA ARG N 686 0.14 -79.61 -18.79
C ARG N 686 -1.33 -79.90 -19.06
N LEU N 687 -1.65 -81.19 -19.13
CA LEU N 687 -2.95 -81.65 -19.61
C LEU N 687 -3.50 -82.69 -18.65
N ASN N 688 -4.82 -82.74 -18.52
CA ASN N 688 -5.50 -83.68 -17.64
C ASN N 688 -6.53 -84.47 -18.43
N LEU N 689 -6.59 -85.78 -18.16
CA LEU N 689 -7.55 -86.67 -18.80
C LEU N 689 -8.45 -87.28 -17.73
N LYS N 690 -9.71 -86.86 -17.69
CA LYS N 690 -10.68 -87.35 -16.72
C LYS N 690 -11.99 -87.66 -17.44
N TYR N 691 -12.61 -88.76 -17.04
CA TYR N 691 -13.85 -89.25 -17.64
C TYR N 691 -13.72 -89.40 -19.15
N CYS N 692 -12.58 -89.89 -19.61
CA CYS N 692 -12.31 -89.96 -21.03
C CYS N 692 -13.11 -91.09 -21.68
N ALA N 693 -13.74 -90.78 -22.81
CA ALA N 693 -14.49 -91.75 -23.59
C ALA N 693 -14.01 -91.70 -25.03
N GLU N 694 -14.03 -92.85 -25.69
CA GLU N 694 -13.50 -93.02 -27.04
C GLU N 694 -12.00 -92.70 -27.09
N MET N 695 -11.29 -92.98 -26.00
CA MET N 695 -9.85 -92.80 -25.88
C MET N 695 -9.19 -94.09 -25.46
N GLN N 696 -9.51 -95.19 -26.15
CA GLN N 696 -8.98 -96.50 -25.79
C GLN N 696 -7.46 -96.56 -25.86
N SER N 697 -6.84 -95.75 -26.70
CA SER N 697 -5.39 -95.71 -26.79
C SER N 697 -4.96 -94.29 -27.12
N ILE N 698 -3.73 -93.96 -26.75
CA ILE N 698 -3.15 -92.66 -27.02
C ILE N 698 -1.66 -92.81 -27.24
N LYS N 699 -1.13 -92.05 -28.20
CA LYS N 699 0.28 -92.06 -28.54
C LYS N 699 0.88 -90.69 -28.26
N ILE N 700 2.16 -90.65 -27.93
CA ILE N 700 2.81 -89.36 -27.72
C ILE N 700 2.90 -88.59 -29.03
N SER N 701 2.78 -89.28 -30.17
CA SER N 701 2.81 -88.62 -31.46
C SER N 701 1.64 -87.64 -31.62
N ASP N 702 0.44 -88.02 -31.18
CA ASP N 702 -0.70 -87.15 -31.35
C ASP N 702 -0.65 -85.96 -30.39
N LEU N 703 0.29 -85.97 -29.44
CA LEU N 703 0.53 -84.84 -28.56
C LEU N 703 1.69 -83.96 -29.04
N SER N 704 2.26 -84.25 -30.21
CA SER N 704 3.44 -83.51 -30.66
C SER N 704 3.15 -82.05 -30.94
N HIS N 705 1.90 -81.69 -31.19
CA HIS N 705 1.57 -80.26 -31.33
C HIS N 705 1.74 -79.52 -30.02
N MET N 706 1.49 -80.19 -28.89
CA MET N 706 1.67 -79.60 -27.57
C MET N 706 3.16 -79.51 -27.23
N GLU N 707 3.82 -78.52 -27.84
CA GLU N 707 5.27 -78.38 -27.69
C GLU N 707 5.66 -77.89 -26.30
N HIS N 708 4.72 -77.32 -25.55
CA HIS N 708 5.01 -76.86 -24.20
C HIS N 708 4.60 -77.85 -23.12
N LEU N 709 4.04 -79.01 -23.51
CA LEU N 709 3.54 -79.96 -22.54
C LEU N 709 4.66 -80.47 -21.65
N GLU N 710 4.37 -80.54 -20.34
CA GLU N 710 5.37 -81.03 -19.38
C GLU N 710 4.78 -82.06 -18.43
N GLU N 711 3.47 -82.03 -18.21
CA GLU N 711 2.84 -82.91 -17.22
C GLU N 711 1.52 -83.44 -17.75
N LEU N 712 1.19 -84.67 -17.36
CA LEU N 712 -0.07 -85.33 -17.71
C LEU N 712 -0.72 -85.91 -16.47
N TYR N 713 -2.05 -85.82 -16.42
CA TYR N 713 -2.85 -86.52 -15.43
C TYR N 713 -3.87 -87.38 -16.16
N VAL N 714 -3.84 -88.69 -15.93
CA VAL N 714 -4.74 -89.63 -16.56
C VAL N 714 -5.54 -90.33 -15.46
N GLU N 715 -6.86 -90.21 -15.53
CA GLU N 715 -7.72 -90.83 -14.52
C GLU N 715 -9.11 -91.04 -15.09
N SER N 716 -9.82 -92.00 -14.51
CA SER N 716 -11.23 -92.27 -14.80
C SER N 716 -11.49 -92.49 -16.29
N CYS N 717 -10.57 -93.16 -16.98
CA CYS N 717 -10.79 -93.47 -18.38
C CYS N 717 -11.63 -94.74 -18.50
N TYR N 718 -12.79 -94.61 -19.15
CA TYR N 718 -13.76 -95.71 -19.19
C TYR N 718 -13.44 -96.77 -20.24
N ASP N 719 -12.53 -96.49 -21.17
CA ASP N 719 -12.22 -97.46 -22.22
C ASP N 719 -10.74 -97.53 -22.56
N LEU N 720 -9.87 -96.84 -21.84
CA LEU N 720 -8.45 -96.84 -22.17
C LEU N 720 -7.84 -98.20 -21.88
N ASN N 721 -7.02 -98.68 -22.81
CA ASN N 721 -6.33 -99.96 -22.67
C ASN N 721 -4.82 -99.83 -22.65
N THR N 722 -4.23 -99.16 -23.65
CA THR N 722 -2.79 -99.08 -23.76
C THR N 722 -2.40 -97.66 -24.18
N VAL N 723 -1.13 -97.33 -23.97
CA VAL N 723 -0.55 -96.04 -24.33
C VAL N 723 0.74 -96.31 -25.08
N VAL N 724 1.01 -95.47 -26.09
CA VAL N 724 2.18 -95.61 -26.94
C VAL N 724 3.17 -94.51 -26.61
N ALA N 725 4.37 -94.90 -26.17
CA ALA N 725 5.49 -93.98 -25.99
C ALA N 725 6.43 -94.19 -27.18
N ASP N 726 6.19 -93.43 -28.25
CA ASP N 726 6.85 -93.67 -29.52
C ASP N 726 8.33 -93.30 -29.46
N ALA N 727 9.07 -93.80 -30.45
CA ALA N 727 10.45 -93.37 -30.63
C ALA N 727 10.54 -92.01 -31.32
N GLU N 728 9.46 -91.57 -31.98
CA GLU N 728 9.43 -90.27 -32.63
C GLU N 728 9.49 -89.18 -31.57
N LEU N 729 10.63 -88.51 -31.48
CA LEU N 729 10.87 -87.56 -30.41
C LEU N 729 10.05 -86.29 -30.60
N THR N 730 9.83 -85.59 -29.49
CA THR N 730 9.14 -84.31 -29.49
C THR N 730 9.96 -83.32 -28.67
N THR N 731 9.96 -82.06 -29.11
CA THR N 731 10.66 -81.02 -28.38
C THR N 731 10.02 -80.71 -27.04
N SER N 732 8.77 -81.15 -26.83
CA SER N 732 8.10 -80.96 -25.55
C SER N 732 8.80 -81.75 -24.45
N GLN N 733 9.42 -81.05 -23.51
CA GLN N 733 10.09 -81.70 -22.39
C GLN N 733 9.01 -82.27 -21.46
N LEU N 734 8.71 -83.55 -21.66
CA LEU N 734 7.70 -84.22 -20.85
C LEU N 734 8.30 -84.59 -19.49
N GLN N 735 7.92 -83.85 -18.45
CA GLN N 735 8.64 -83.88 -17.19
C GLN N 735 7.98 -84.73 -16.12
N PHE N 736 6.67 -84.62 -15.94
CA PHE N 736 5.97 -85.29 -14.86
C PHE N 736 4.80 -86.10 -15.40
N LEU N 737 4.69 -87.35 -14.96
CA LEU N 737 3.54 -88.19 -15.25
C LEU N 737 2.93 -88.68 -13.95
N THR N 738 1.61 -88.84 -13.95
CA THR N 738 0.88 -89.39 -12.83
C THR N 738 -0.31 -90.19 -13.33
N LEU N 739 -0.33 -91.48 -13.00
CA LEU N 739 -1.43 -92.37 -13.35
C LEU N 739 -2.23 -92.66 -12.09
N SER N 740 -3.52 -92.32 -12.10
CA SER N 740 -4.34 -92.42 -10.91
C SER N 740 -5.71 -92.97 -11.28
N VAL N 741 -6.20 -93.92 -10.47
CA VAL N 741 -7.54 -94.49 -10.58
C VAL N 741 -7.87 -94.83 -12.03
N LEU N 742 -7.16 -95.80 -12.60
CA LEU N 742 -7.43 -96.25 -13.96
C LEU N 742 -8.00 -97.66 -13.94
N PRO N 743 -9.24 -97.84 -14.44
CA PRO N 743 -9.86 -99.17 -14.33
C PRO N 743 -9.43 -100.17 -15.38
N SER N 744 -8.86 -99.74 -16.51
CA SER N 744 -8.56 -100.68 -17.58
C SER N 744 -7.20 -100.48 -18.23
N LEU N 745 -6.29 -99.69 -17.66
CA LEU N 745 -4.94 -99.58 -18.21
C LEU N 745 -4.20 -100.90 -18.04
N GLU N 746 -3.53 -101.34 -19.10
CA GLU N 746 -2.77 -102.58 -19.09
C GLU N 746 -1.27 -102.38 -19.23
N SER N 747 -0.82 -101.70 -20.28
CA SER N 747 0.61 -101.57 -20.53
C SER N 747 0.85 -100.34 -21.40
N VAL N 748 2.09 -99.85 -21.39
CA VAL N 748 2.52 -98.74 -22.22
C VAL N 748 3.73 -99.19 -23.03
N LEU N 749 3.69 -98.93 -24.34
CA LEU N 749 4.75 -99.36 -25.25
C LEU N 749 5.81 -98.27 -25.31
N VAL N 750 7.03 -98.59 -24.88
CA VAL N 750 8.14 -97.65 -24.83
C VAL N 750 9.25 -98.16 -25.74
N ALA N 751 9.77 -97.28 -26.60
CA ALA N 751 10.83 -97.67 -27.52
C ALA N 751 12.12 -97.96 -26.75
N PRO N 752 12.92 -98.92 -27.23
CA PRO N 752 14.13 -99.30 -26.50
C PRO N 752 15.26 -98.29 -26.59
N MET N 753 15.49 -97.71 -27.77
CA MET N 753 16.65 -96.85 -27.98
C MET N 753 16.38 -95.40 -27.63
N SER N 754 15.42 -94.76 -28.29
CA SER N 754 15.10 -93.36 -28.02
C SER N 754 13.59 -93.26 -27.78
N HIS N 755 13.23 -92.43 -26.81
CA HIS N 755 11.84 -92.31 -26.40
C HIS N 755 11.56 -90.88 -25.98
N ASN N 756 10.26 -90.56 -25.91
CA ASN N 756 9.84 -89.21 -25.53
C ASN N 756 9.87 -89.01 -24.02
N PHE N 757 10.02 -90.08 -23.24
CA PHE N 757 10.05 -89.99 -21.79
C PHE N 757 11.34 -89.41 -21.24
N GLN N 758 12.38 -89.28 -22.07
CA GLN N 758 13.74 -89.01 -21.58
C GLN N 758 13.81 -87.83 -20.63
N TYR N 759 12.87 -86.89 -20.73
CA TYR N 759 12.87 -85.71 -19.87
C TYR N 759 12.16 -85.93 -18.53
N ILE N 760 11.79 -87.17 -18.21
CA ILE N 760 11.01 -87.42 -17.00
C ILE N 760 11.86 -87.19 -15.76
N ARG N 761 11.32 -86.42 -14.82
CA ARG N 761 11.90 -86.26 -13.49
C ARG N 761 11.04 -86.83 -12.37
N LYS N 762 9.72 -86.92 -12.58
CA LYS N 762 8.81 -87.38 -11.54
C LYS N 762 7.80 -88.35 -12.13
N LEU N 763 7.63 -89.50 -11.48
CA LEU N 763 6.61 -90.48 -11.85
C LEU N 763 5.82 -90.85 -10.61
N ILE N 764 4.50 -90.78 -10.71
CA ILE N 764 3.60 -91.13 -9.62
C ILE N 764 2.55 -92.10 -10.18
N ILE N 765 2.54 -93.32 -9.66
CA ILE N 765 1.59 -94.34 -10.07
C ILE N 765 0.71 -94.67 -8.88
N SER N 766 -0.60 -94.54 -9.05
CA SER N 766 -1.53 -94.70 -7.94
C SER N 766 -2.84 -95.32 -8.43
N HIS N 767 -3.41 -96.19 -7.59
CA HIS N 767 -4.77 -96.70 -7.76
C HIS N 767 -4.98 -97.33 -9.13
N CYS N 768 -3.98 -98.05 -9.64
CA CYS N 768 -4.09 -98.75 -10.92
C CYS N 768 -3.93 -100.24 -10.70
N PRO N 769 -5.04 -100.98 -10.50
CA PRO N 769 -4.93 -102.41 -10.22
C PRO N 769 -4.68 -103.24 -11.46
N LYS N 770 -5.17 -102.79 -12.61
CA LYS N 770 -5.04 -103.54 -13.85
C LYS N 770 -3.72 -103.31 -14.58
N LEU N 771 -2.95 -102.30 -14.17
CA LEU N 771 -1.65 -102.06 -14.78
C LEU N 771 -0.67 -103.14 -14.33
N SER N 772 0.05 -103.74 -15.30
CA SER N 772 0.94 -104.84 -14.98
C SER N 772 2.26 -104.80 -15.75
N ASN N 773 2.73 -103.61 -16.14
CA ASN N 773 4.02 -103.50 -16.83
C ASN N 773 4.65 -102.17 -16.45
N ILE N 774 5.79 -102.24 -15.77
CA ILE N 774 6.48 -101.05 -15.28
C ILE N 774 7.98 -101.16 -15.59
N THR N 775 8.35 -102.16 -16.38
CA THR N 775 9.76 -102.40 -16.68
C THR N 775 10.39 -101.23 -17.42
N TRP N 776 9.57 -100.40 -18.07
CA TRP N 776 10.08 -99.29 -18.88
C TRP N 776 10.78 -98.23 -18.05
N VAL N 777 10.61 -98.24 -16.73
CA VAL N 777 11.18 -97.19 -15.88
C VAL N 777 12.70 -97.21 -15.92
N ARG N 778 13.31 -98.39 -16.09
CA ARG N 778 14.76 -98.51 -16.03
C ARG N 778 15.45 -97.73 -17.13
N ARG N 779 14.73 -97.35 -18.20
CA ARG N 779 15.30 -96.53 -19.26
C ARG N 779 15.23 -95.05 -18.95
N LEU N 780 14.71 -94.66 -17.78
CA LEU N 780 14.58 -93.25 -17.42
C LEU N 780 15.71 -92.86 -16.47
N GLN N 781 16.79 -92.35 -17.08
CA GLN N 781 17.98 -92.01 -16.32
C GLN N 781 17.81 -90.72 -15.54
N LEU N 782 16.98 -89.78 -16.03
CA LEU N 782 16.83 -88.49 -15.40
C LEU N 782 15.72 -88.47 -14.35
N LEU N 783 15.07 -89.60 -14.10
CA LEU N 783 13.96 -89.66 -13.15
C LEU N 783 14.43 -89.41 -11.72
N GLU N 784 13.74 -88.51 -11.01
CA GLU N 784 14.13 -88.15 -9.65
C GLU N 784 13.19 -88.72 -8.59
N ARG N 785 11.87 -88.61 -8.81
CA ARG N 785 10.89 -88.92 -7.78
C ARG N 785 10.08 -90.15 -8.20
N LEU N 786 10.01 -91.14 -7.32
CA LEU N 786 9.23 -92.35 -7.53
C LEU N 786 8.11 -92.43 -6.52
N VAL N 787 6.88 -92.57 -7.01
CA VAL N 787 5.71 -92.78 -6.16
C VAL N 787 4.91 -93.93 -6.75
N ILE N 788 4.87 -95.06 -6.05
CA ILE N 788 4.08 -96.22 -6.44
C ILE N 788 3.14 -96.52 -5.28
N SER N 789 1.83 -96.45 -5.52
CA SER N 789 0.86 -96.64 -4.46
C SER N 789 -0.36 -97.39 -4.96
N HIS N 790 -0.82 -98.36 -4.17
CA HIS N 790 -2.07 -99.07 -4.37
C HIS N 790 -2.19 -99.74 -5.73
N CYS N 791 -1.07 -99.95 -6.43
CA CYS N 791 -1.09 -100.63 -7.73
C CYS N 791 -0.64 -102.08 -7.54
N ASP N 792 -1.61 -102.91 -7.12
CA ASP N 792 -1.33 -104.31 -6.85
C ASP N 792 -1.11 -105.12 -8.11
N GLY N 793 -1.38 -104.57 -9.30
CA GLY N 793 -1.06 -105.26 -10.53
C GLY N 793 0.41 -105.23 -10.87
N VAL N 794 1.20 -104.44 -10.14
CA VAL N 794 2.64 -104.38 -10.31
C VAL N 794 3.29 -105.16 -9.17
N LEU N 795 3.99 -106.23 -9.52
CA LEU N 795 4.64 -107.06 -8.51
C LEU N 795 6.02 -106.54 -8.12
N GLU N 796 6.76 -105.98 -9.07
CA GLU N 796 8.05 -105.38 -8.80
C GLU N 796 8.23 -104.14 -9.65
N ILE N 797 9.01 -103.19 -9.14
CA ILE N 797 9.29 -101.96 -9.89
C ILE N 797 10.05 -102.28 -11.17
N VAL N 798 10.95 -103.26 -11.13
CA VAL N 798 11.54 -103.82 -12.34
C VAL N 798 11.32 -105.33 -12.32
N GLU N 799 10.56 -105.83 -13.29
CA GLU N 799 10.23 -107.25 -13.33
C GLU N 799 11.44 -108.08 -13.74
N ASP N 800 11.34 -109.38 -13.48
CA ASP N 800 12.42 -110.31 -13.79
C ASP N 800 12.62 -110.45 -15.29
N THR N 831 25.42 -100.58 -21.75
CA THR N 831 26.35 -99.65 -21.12
C THR N 831 26.56 -99.99 -19.65
N GLY N 832 27.77 -99.75 -19.14
CA GLY N 832 28.04 -99.94 -17.74
C GLY N 832 27.46 -98.82 -16.90
N GLN N 833 26.14 -98.72 -16.89
CA GLN N 833 25.44 -97.61 -16.26
C GLN N 833 24.30 -98.15 -15.42
N SER N 834 24.03 -97.46 -14.31
CA SER N 834 22.91 -97.82 -13.46
C SER N 834 21.60 -97.38 -14.09
N ASP N 835 20.51 -98.04 -13.70
CA ASP N 835 19.19 -97.71 -14.23
C ASP N 835 18.61 -96.44 -13.62
N PHE N 836 19.10 -96.02 -12.46
CA PHE N 836 18.58 -94.82 -11.81
C PHE N 836 19.75 -93.92 -11.37
N PRO N 837 20.46 -93.30 -12.31
CA PRO N 837 21.61 -92.48 -11.91
C PRO N 837 21.23 -91.16 -11.25
N LYS N 838 20.08 -90.58 -11.61
CA LYS N 838 19.65 -89.29 -11.07
C LYS N 838 18.51 -89.43 -10.07
N LEU N 839 18.32 -90.61 -9.49
CA LEU N 839 17.24 -90.82 -8.54
C LEU N 839 17.42 -89.94 -7.30
N ARG N 840 16.31 -89.40 -6.80
CA ARG N 840 16.31 -88.60 -5.58
C ARG N 840 15.41 -89.17 -4.49
N LEU N 841 14.18 -89.54 -4.83
CA LEU N 841 13.19 -89.94 -3.83
C LEU N 841 12.38 -91.12 -4.35
N ILE N 842 12.11 -92.08 -3.47
CA ILE N 842 11.23 -93.21 -3.75
C ILE N 842 10.16 -93.25 -2.66
N VAL N 843 8.89 -93.31 -3.08
CA VAL N 843 7.76 -93.39 -2.15
C VAL N 843 6.92 -94.60 -2.52
N LEU N 844 6.65 -95.46 -1.54
CA LEU N 844 5.81 -96.63 -1.71
C LEU N 844 4.71 -96.61 -0.68
N THR N 845 3.49 -97.00 -1.09
CA THR N 845 2.34 -96.91 -0.20
C THR N 845 1.29 -97.95 -0.58
N GLY N 846 0.90 -98.77 0.40
CA GLY N 846 -0.28 -99.60 0.25
C GLY N 846 -0.16 -100.76 -0.72
N LEU N 847 1.04 -101.13 -1.14
CA LEU N 847 1.23 -102.23 -2.09
C LEU N 847 1.14 -103.55 -1.34
N LYS N 848 -0.03 -104.19 -1.40
CA LYS N 848 -0.22 -105.46 -0.72
C LYS N 848 0.43 -106.62 -1.46
N LYS N 849 0.42 -106.60 -2.79
CA LYS N 849 0.90 -107.72 -3.59
C LYS N 849 2.29 -107.50 -4.18
N LEU N 850 2.97 -106.41 -3.81
CA LEU N 850 4.30 -106.16 -4.34
C LEU N 850 5.32 -107.09 -3.68
N ARG N 851 6.12 -107.77 -4.50
CA ARG N 851 7.15 -108.66 -3.96
C ARG N 851 8.39 -107.88 -3.54
N SER N 852 9.00 -107.16 -4.48
CA SER N 852 10.21 -106.40 -4.23
C SER N 852 10.21 -105.18 -5.15
N ILE N 853 11.23 -104.34 -4.99
CA ILE N 853 11.38 -103.20 -5.89
C ILE N 853 12.08 -103.67 -7.16
N CYS N 854 13.33 -104.12 -7.04
CA CYS N 854 14.11 -104.58 -8.17
C CYS N 854 15.40 -105.20 -7.64
N LYS N 855 16.25 -105.65 -8.56
CA LYS N 855 17.54 -106.18 -8.19
C LYS N 855 18.51 -105.05 -7.89
N ALA N 856 19.71 -105.43 -7.43
CA ALA N 856 20.68 -104.47 -6.93
C ALA N 856 21.11 -103.50 -8.02
N ARG N 857 21.18 -102.22 -7.65
CA ARG N 857 21.64 -101.16 -8.54
C ARG N 857 22.29 -100.07 -7.70
N GLU N 858 22.97 -99.16 -8.38
CA GLU N 858 23.70 -98.06 -7.74
C GLU N 858 22.92 -96.77 -7.92
N PHE N 859 22.75 -96.03 -6.83
CA PHE N 859 22.00 -94.76 -6.83
C PHE N 859 22.86 -93.67 -6.21
N PRO N 860 23.73 -93.04 -7.01
CA PRO N 860 24.62 -92.00 -6.46
C PRO N 860 23.87 -90.80 -5.88
N CYS N 861 22.74 -90.42 -6.47
CA CYS N 861 22.05 -89.20 -6.05
C CYS N 861 20.89 -89.46 -5.09
N LEU N 862 20.71 -90.70 -4.63
CA LEU N 862 19.57 -91.02 -3.78
C LEU N 862 19.58 -90.18 -2.50
N GLU N 863 18.41 -89.65 -2.14
CA GLU N 863 18.28 -88.79 -0.97
C GLU N 863 17.41 -89.39 0.14
N THR N 864 16.24 -89.91 -0.20
CA THR N 864 15.31 -90.39 0.82
C THR N 864 14.47 -91.53 0.25
N LEU N 865 14.25 -92.54 1.07
CA LEU N 865 13.39 -93.66 0.74
C LEU N 865 12.32 -93.80 1.80
N ARG N 866 11.06 -93.86 1.37
CA ARG N 866 9.92 -93.94 2.27
C ARG N 866 8.98 -95.05 1.82
N VAL N 867 8.73 -96.00 2.71
CA VAL N 867 7.83 -97.13 2.44
C VAL N 867 6.82 -97.21 3.57
N GLU N 868 5.54 -97.29 3.22
CA GLU N 868 4.46 -97.42 4.19
C GLU N 868 3.45 -98.44 3.72
N ASP N 869 3.03 -99.31 4.64
CA ASP N 869 1.98 -100.30 4.40
C ASP N 869 2.29 -101.19 3.20
N CYS N 870 3.41 -101.90 3.29
CA CYS N 870 3.79 -102.86 2.27
C CYS N 870 4.08 -104.21 2.91
N PRO N 871 3.05 -105.00 3.24
CA PRO N 871 3.27 -106.25 3.97
C PRO N 871 3.91 -107.36 3.15
N ASN N 872 4.16 -107.16 1.86
CA ASN N 872 4.79 -108.17 1.03
C ASN N 872 6.12 -107.73 0.43
N LEU N 873 6.57 -106.51 0.73
CA LEU N 873 7.85 -106.02 0.21
C LEU N 873 8.98 -106.78 0.88
N ARG N 874 9.64 -107.65 0.12
CA ARG N 874 10.60 -108.59 0.68
C ARG N 874 12.05 -108.17 0.51
N SER N 875 12.38 -107.30 -0.44
CA SER N 875 13.75 -106.88 -0.63
C SER N 875 13.79 -105.54 -1.35
N ILE N 876 14.91 -104.84 -1.20
CA ILE N 876 15.12 -103.54 -1.85
C ILE N 876 16.46 -103.55 -2.55
N PRO N 877 16.58 -102.75 -3.62
CA PRO N 877 17.85 -102.69 -4.35
C PRO N 877 18.97 -101.97 -3.62
N LEU N 878 18.66 -101.27 -2.52
CA LEU N 878 19.68 -100.54 -1.80
C LEU N 878 20.67 -101.50 -1.16
N SER N 879 21.96 -101.18 -1.27
CA SER N 879 23.01 -102.01 -0.69
C SER N 879 24.24 -101.15 -0.48
N CYS N 880 25.17 -101.67 0.33
CA CYS N 880 26.42 -100.98 0.62
C CYS N 880 27.45 -101.14 -0.48
N THR N 881 27.08 -101.67 -1.65
CA THR N 881 28.02 -101.83 -2.76
C THR N 881 28.51 -100.50 -3.31
N HIS N 882 27.81 -99.40 -3.03
CA HIS N 882 28.24 -98.08 -3.45
C HIS N 882 28.03 -97.10 -2.31
N ASN N 883 28.85 -96.04 -2.32
CA ASN N 883 28.80 -95.06 -1.24
C ASN N 883 27.55 -94.20 -1.33
N TYR N 884 27.13 -93.66 -0.19
CA TYR N 884 26.03 -92.71 -0.11
C TYR N 884 26.48 -91.48 0.66
N TRP N 885 26.18 -90.30 0.11
CA TRP N 885 26.44 -89.05 0.80
C TRP N 885 25.19 -88.19 0.87
N LYS N 886 24.38 -88.22 -0.19
CA LYS N 886 23.15 -87.43 -0.21
C LYS N 886 21.96 -88.17 0.38
N LEU N 887 22.11 -89.43 0.76
CA LEU N 887 21.03 -90.19 1.39
C LEU N 887 20.78 -89.60 2.77
N LYS N 888 19.77 -88.75 2.88
CA LYS N 888 19.58 -87.99 4.12
C LYS N 888 18.83 -88.80 5.17
N GLN N 889 17.78 -89.51 4.78
CA GLN N 889 16.99 -90.27 5.74
C GLN N 889 16.25 -91.38 5.02
N ILE N 890 15.88 -92.40 5.78
CA ILE N 890 15.01 -93.48 5.32
C ILE N 890 13.89 -93.66 6.34
N CYS N 891 12.65 -93.66 5.87
CA CYS N 891 11.50 -93.74 6.75
C CYS N 891 10.66 -94.94 6.36
N GLY N 892 10.15 -95.64 7.36
CA GLY N 892 9.35 -96.82 7.09
C GLY N 892 8.96 -97.52 8.38
N SER N 893 8.39 -98.71 8.22
CA SER N 893 7.91 -99.49 9.36
C SER N 893 8.88 -100.60 9.71
N VAL N 894 8.90 -100.95 11.00
CA VAL N 894 9.79 -102.02 11.46
C VAL N 894 9.35 -103.36 10.90
N GLU N 895 8.04 -103.59 10.76
CA GLU N 895 7.57 -104.84 10.17
C GLU N 895 8.10 -105.02 8.75
N TRP N 896 8.11 -103.94 7.97
CA TRP N 896 8.73 -103.99 6.64
C TRP N 896 10.21 -104.33 6.75
N TRP N 897 10.90 -103.75 7.73
CA TRP N 897 12.31 -104.07 7.95
C TRP N 897 12.49 -105.54 8.31
N GLU N 898 11.60 -106.08 9.15
CA GLU N 898 11.67 -107.50 9.48
C GLU N 898 11.47 -108.38 8.25
N LYS N 899 10.52 -108.01 7.39
CA LYS N 899 10.25 -108.80 6.20
C LYS N 899 11.32 -108.63 5.13
N LEU N 900 12.11 -107.55 5.21
CA LEU N 900 13.19 -107.35 4.25
C LEU N 900 14.25 -108.44 4.37
N GLN N 901 14.71 -108.93 3.23
CA GLN N 901 15.81 -109.87 3.17
C GLN N 901 17.02 -109.19 2.56
N TRP N 902 18.20 -109.53 3.08
CA TRP N 902 19.43 -108.84 2.75
C TRP N 902 20.45 -109.80 2.16
N GLU N 903 21.15 -109.35 1.12
CA GLU N 903 22.24 -110.13 0.55
C GLU N 903 23.41 -110.26 1.52
N ASN N 904 23.64 -109.25 2.36
CA ASN N 904 24.64 -109.32 3.42
C ASN N 904 23.93 -109.12 4.74
N ARG N 905 24.22 -109.99 5.71
CA ARG N 905 23.56 -109.91 7.01
C ARG N 905 24.03 -108.73 7.85
N LYS N 906 25.09 -108.04 7.44
CA LYS N 906 25.48 -106.81 8.12
C LYS N 906 24.50 -105.67 7.81
N GLU N 907 23.79 -105.75 6.70
CA GLU N 907 22.87 -104.70 6.31
C GLU N 907 21.61 -104.67 7.18
N VAL N 908 21.43 -105.67 8.04
CA VAL N 908 20.28 -105.68 8.95
C VAL N 908 20.33 -104.47 9.88
N ALA N 909 21.51 -104.20 10.44
CA ALA N 909 21.68 -103.06 11.33
C ALA N 909 22.42 -101.90 10.70
N CYS N 910 22.94 -102.08 9.48
CA CYS N 910 23.68 -100.99 8.83
C CYS N 910 22.78 -99.79 8.55
N LEU N 911 21.57 -100.04 8.05
CA LEU N 911 20.62 -98.95 7.81
C LEU N 911 20.01 -98.47 9.12
N ASP N 912 19.89 -99.35 10.12
CA ASP N 912 19.29 -98.96 11.38
C ASP N 912 20.09 -97.88 12.09
N SER N 913 21.41 -98.00 12.06
CA SER N 913 22.29 -97.06 12.75
C SER N 913 22.69 -95.85 11.90
N LYS N 914 22.29 -95.81 10.63
CA LYS N 914 22.71 -94.73 9.76
C LYS N 914 21.55 -93.92 9.20
N TYR N 915 20.54 -94.59 8.64
CA TYR N 915 19.52 -93.87 7.88
C TYR N 915 18.08 -94.17 8.28
N PHE N 916 17.76 -95.37 8.76
CA PHE N 916 16.36 -95.75 8.92
C PHE N 916 15.72 -95.00 10.08
N ILE N 917 14.55 -94.42 9.82
CA ILE N 917 13.75 -93.70 10.81
C ILE N 917 12.39 -94.37 10.88
N PRO N 918 12.02 -94.99 11.99
CA PRO N 918 10.74 -95.70 12.05
C PRO N 918 9.56 -94.76 12.06
N ILE N 919 8.42 -95.27 11.59
CA ILE N 919 7.17 -94.51 11.58
C ILE N 919 6.35 -94.85 12.82
N LEU O 36 111.26 -39.97 59.25
CA LEU O 36 110.34 -40.71 58.39
C LEU O 36 109.49 -39.77 57.55
N HIS O 37 108.84 -40.33 56.53
CA HIS O 37 107.96 -39.56 55.65
C HIS O 37 106.57 -39.38 56.24
N LEU O 38 106.34 -39.82 57.48
CA LEU O 38 105.01 -39.75 58.08
C LEU O 38 104.57 -38.30 58.29
N LYS O 39 105.53 -37.40 58.53
CA LYS O 39 105.18 -36.02 58.84
C LYS O 39 104.43 -35.33 57.71
N SER O 40 104.71 -35.72 56.46
CA SER O 40 104.05 -35.12 55.31
C SER O 40 102.84 -35.92 54.84
N ASN O 41 102.90 -37.25 54.94
CA ASN O 41 101.79 -38.08 54.48
C ASN O 41 100.54 -37.84 55.31
N TRP O 42 100.68 -37.74 56.63
CA TRP O 42 99.52 -37.52 57.48
C TRP O 42 98.90 -36.15 57.24
N SER O 43 99.72 -35.16 56.89
CA SER O 43 99.18 -33.85 56.52
C SER O 43 98.32 -33.95 55.26
N ASP O 44 98.75 -34.75 54.28
CA ASP O 44 97.96 -34.93 53.07
C ASP O 44 96.73 -35.77 53.32
N LEU O 45 96.76 -36.63 54.35
CA LEU O 45 95.58 -37.41 54.71
C LEU O 45 94.46 -36.50 55.20
N ASP O 46 94.82 -35.46 55.98
CA ASP O 46 93.81 -34.55 56.48
C ASP O 46 93.13 -33.79 55.34
N LYS O 47 93.91 -33.41 54.32
CA LYS O 47 93.32 -32.78 53.14
C LYS O 47 92.36 -33.74 52.43
N ALA O 48 92.77 -35.01 52.30
CA ALA O 48 91.94 -35.99 51.63
C ALA O 48 90.67 -36.28 52.43
N LYS O 49 90.79 -36.37 53.75
CA LYS O 49 89.63 -36.66 54.58
C LYS O 49 88.59 -35.54 54.49
N LYS O 50 89.04 -34.29 54.55
CA LYS O 50 88.11 -33.17 54.48
C LYS O 50 87.52 -33.03 53.09
N LEU O 51 88.25 -33.45 52.05
CA LEU O 51 87.70 -33.45 50.71
C LEU O 51 86.72 -34.60 50.52
N LEU O 52 86.98 -35.73 51.17
CA LEU O 52 86.07 -36.88 51.06
C LEU O 52 84.73 -36.57 51.70
N LEU O 53 84.72 -35.87 52.83
CA LEU O 53 83.46 -35.46 53.44
C LEU O 53 82.69 -34.51 52.54
N ALA O 54 83.39 -33.72 51.72
CA ALA O 54 82.72 -32.82 50.80
C ALA O 54 82.11 -33.59 49.63
N VAL O 55 82.84 -34.56 49.08
CA VAL O 55 82.30 -35.36 47.99
C VAL O 55 81.15 -36.22 48.47
N GLU O 56 81.26 -36.78 49.67
CA GLU O 56 80.18 -37.59 50.23
C GLU O 56 78.93 -36.76 50.45
N THR O 57 79.09 -35.52 50.91
CA THR O 57 77.96 -34.63 51.10
C THR O 57 77.25 -34.34 49.79
N THR O 58 78.03 -34.13 48.72
CA THR O 58 77.43 -33.90 47.40
C THR O 58 76.67 -35.13 46.93
N VAL O 59 77.24 -36.32 47.15
CA VAL O 59 76.59 -37.55 46.68
C VAL O 59 75.32 -37.82 47.48
N ARG O 60 75.39 -37.68 48.81
CA ARG O 60 74.22 -37.94 49.63
C ARG O 60 73.09 -36.96 49.32
N ALA O 61 73.42 -35.68 49.10
CA ALA O 61 72.40 -34.73 48.71
C ALA O 61 71.85 -35.04 47.33
N ARG O 62 72.71 -35.53 46.43
CA ARG O 62 72.25 -35.94 45.10
C ARG O 62 71.37 -37.18 45.17
N VAL O 63 71.70 -38.11 46.06
CA VAL O 63 70.88 -39.32 46.22
C VAL O 63 69.55 -38.97 46.88
N THR O 64 69.57 -38.10 47.88
CA THR O 64 68.33 -37.71 48.55
C THR O 64 67.36 -37.04 47.59
N ALA O 65 67.87 -36.34 46.58
CA ALA O 65 67.01 -35.79 45.55
C ALA O 65 66.42 -36.87 44.66
N GLU O 66 67.00 -38.06 44.65
CA GLU O 66 66.46 -39.19 43.89
C GLU O 66 65.43 -39.96 44.70
N VAL O 67 65.67 -40.16 45.99
CA VAL O 67 64.68 -40.82 46.84
C VAL O 67 63.43 -39.98 46.97
N ASP O 68 63.57 -38.65 46.86
CA ASP O 68 62.40 -37.78 46.90
C ASP O 68 61.48 -38.04 45.70
N LYS O 69 62.04 -38.43 44.56
CA LYS O 69 61.27 -38.82 43.40
C LYS O 69 60.82 -40.28 43.45
N LEU O 70 60.85 -40.89 44.63
CA LEU O 70 60.48 -42.28 44.88
C LEU O 70 61.44 -43.27 44.22
N ASN O 71 62.55 -42.81 43.67
CA ASN O 71 63.55 -43.73 43.15
C ASN O 71 64.33 -44.37 44.29
N ILE O 72 65.10 -45.39 43.95
CA ILE O 72 65.95 -46.07 44.91
C ILE O 72 67.40 -45.70 44.60
N CYS O 73 68.20 -45.54 45.65
CA CYS O 73 69.61 -45.21 45.47
C CYS O 73 70.30 -46.27 44.61
N ASP O 74 71.11 -45.79 43.67
CA ASP O 74 71.74 -46.69 42.70
C ASP O 74 72.63 -47.68 43.42
N PRO O 75 72.63 -48.96 43.03
CA PRO O 75 73.42 -49.96 43.77
C PRO O 75 74.91 -49.65 43.80
N GLN O 76 75.47 -49.12 42.71
CA GLN O 76 76.89 -48.78 42.71
C GLN O 76 77.19 -47.61 43.63
N VAL O 77 76.29 -46.62 43.69
CA VAL O 77 76.46 -45.51 44.63
C VAL O 77 76.33 -46.02 46.06
N GLN O 78 75.37 -46.92 46.31
CA GLN O 78 75.19 -47.45 47.65
C GLN O 78 76.42 -48.19 48.14
N VAL O 79 77.11 -48.90 47.25
CA VAL O 79 78.36 -49.54 47.63
C VAL O 79 79.42 -48.50 47.96
N TRP O 80 79.51 -47.45 47.14
CA TRP O 80 80.49 -46.40 47.40
C TRP O 80 80.20 -45.68 48.70
N LEU O 81 78.92 -45.37 48.97
CA LEU O 81 78.56 -44.72 50.22
C LEU O 81 78.89 -45.60 51.42
N ARG O 82 78.67 -46.91 51.29
CA ARG O 82 78.94 -47.81 52.41
C ARG O 82 80.43 -47.90 52.70
N ARG O 83 81.27 -47.75 51.67
CA ARG O 83 82.71 -47.79 51.89
C ARG O 83 83.20 -46.51 52.56
N VAL O 84 82.64 -45.36 52.18
CA VAL O 84 82.98 -44.11 52.83
C VAL O 84 82.57 -44.14 54.30
N GLU O 85 81.36 -44.60 54.58
CA GLU O 85 80.87 -44.66 55.95
C GLU O 85 81.68 -45.61 56.80
N GLU O 86 82.06 -46.76 56.25
CA GLU O 86 82.81 -47.77 56.96
C GLU O 86 84.29 -47.41 57.16
N LEU O 87 84.77 -46.37 56.48
CA LEU O 87 86.19 -46.05 56.49
C LEU O 87 86.70 -45.80 57.91
N GLN O 88 85.97 -44.99 58.70
CA GLN O 88 86.35 -44.67 60.07
C GLN O 88 87.78 -44.12 60.13
N LEU O 89 87.97 -42.95 59.51
CA LEU O 89 89.30 -42.36 59.46
C LEU O 89 89.76 -41.85 60.81
N ASP O 90 88.84 -41.70 61.77
CA ASP O 90 89.21 -41.22 63.08
C ASP O 90 90.02 -42.23 63.88
N ALA O 91 90.02 -43.50 63.47
CA ALA O 91 90.75 -44.52 64.21
C ALA O 91 92.26 -44.29 64.14
N ILE O 92 92.77 -44.06 62.93
CA ILE O 92 94.20 -43.82 62.78
C ILE O 92 94.59 -42.47 63.38
N ASP O 93 93.64 -41.52 63.41
CA ASP O 93 93.93 -40.20 63.99
C ASP O 93 94.34 -40.32 65.45
N GLU O 94 93.60 -41.12 66.24
CA GLU O 94 93.98 -41.34 67.62
C GLU O 94 95.29 -42.11 67.71
N ASP O 95 95.47 -43.13 66.87
CA ASP O 95 96.70 -43.91 66.89
C ASP O 95 97.92 -43.05 66.58
N TYR O 96 97.72 -41.93 65.87
CA TYR O 96 98.83 -41.03 65.57
C TYR O 96 98.93 -39.94 66.63
N SER O 97 97.80 -39.37 67.05
CA SER O 97 97.82 -38.26 68.01
C SER O 97 98.32 -38.72 69.37
N GLN O 98 97.89 -39.90 69.85
CA GLN O 98 98.36 -40.38 71.14
C GLN O 98 99.85 -40.73 71.11
N LEU O 99 100.35 -41.24 69.98
CA LEU O 99 101.78 -41.54 69.88
C LEU O 99 102.61 -40.27 69.89
N ARG O 100 102.03 -39.15 69.44
CA ARG O 100 102.77 -37.88 69.40
C ARG O 100 103.20 -37.44 70.79
N LYS O 101 102.46 -37.86 71.82
CA LYS O 101 102.77 -37.42 73.18
C LYS O 101 104.15 -37.91 73.64
N TYR O 102 104.51 -39.15 73.32
CA TYR O 102 105.84 -39.67 73.61
C TYR O 102 106.64 -39.97 72.34
N SER O 103 106.27 -39.37 71.21
CA SER O 103 106.99 -39.59 69.96
C SER O 103 108.43 -39.12 70.03
N CYS O 104 108.75 -38.19 70.92
CA CYS O 104 110.13 -37.72 71.05
C CYS O 104 111.07 -38.83 71.50
N LEU O 105 110.54 -39.90 72.08
CA LEU O 105 111.34 -41.07 72.43
C LEU O 105 111.41 -42.09 71.29
N GLY O 106 111.04 -41.71 70.07
CA GLY O 106 110.99 -42.63 68.96
C GLY O 106 112.36 -43.06 68.46
N GLN O 107 113.41 -42.42 68.96
CA GLN O 107 114.77 -42.83 68.58
C GLN O 107 115.08 -44.23 69.11
N CYS O 108 114.64 -44.55 70.32
CA CYS O 108 114.88 -45.87 70.89
C CYS O 108 113.95 -46.90 70.24
N THR O 109 114.44 -48.12 70.13
CA THR O 109 113.66 -49.19 69.49
C THR O 109 112.43 -49.57 70.32
N ILE O 110 112.40 -49.22 71.60
CA ILE O 110 111.23 -49.54 72.43
C ILE O 110 110.01 -48.76 71.97
N HIS O 111 110.18 -47.48 71.64
CA HIS O 111 109.07 -46.63 71.22
C HIS O 111 108.99 -46.40 69.73
N ALA O 112 110.00 -46.83 68.96
CA ALA O 112 109.91 -46.72 67.50
C ALA O 112 108.97 -47.78 66.92
N HIS O 113 108.55 -48.75 67.74
CA HIS O 113 107.70 -49.82 67.25
C HIS O 113 106.36 -49.31 66.77
N ARG O 114 105.76 -48.37 67.50
CA ARG O 114 104.46 -47.83 67.09
C ARG O 114 104.57 -46.93 65.87
N ARG O 115 105.66 -46.16 65.77
CA ARG O 115 105.83 -45.26 64.63
C ARG O 115 105.98 -46.02 63.33
N ALA O 116 106.52 -47.25 63.38
CA ALA O 116 106.65 -48.04 62.16
C ALA O 116 105.30 -48.38 61.55
N SER O 117 104.31 -48.73 62.38
CA SER O 117 103.00 -49.10 61.88
C SER O 117 102.29 -47.90 61.26
N ILE O 118 102.41 -46.73 61.88
CA ILE O 118 101.70 -45.54 61.39
C ILE O 118 102.25 -45.11 60.04
N GLY O 119 103.56 -45.24 59.85
CA GLY O 119 104.18 -44.87 58.59
C GLY O 119 103.67 -45.63 57.38
N ARG O 120 103.09 -46.80 57.58
CA ARG O 120 102.44 -47.57 56.51
C ARG O 120 100.94 -47.58 56.61
N ARG O 121 100.38 -47.36 57.81
CA ARG O 121 98.94 -47.32 57.97
C ARG O 121 98.35 -46.05 57.37
N VAL O 122 99.08 -44.93 57.45
CA VAL O 122 98.60 -43.69 56.83
C VAL O 122 98.51 -43.86 55.32
N LEU O 123 99.55 -44.43 54.71
CA LEU O 123 99.49 -44.71 53.28
C LEU O 123 98.43 -45.74 52.95
N GLU O 124 98.15 -46.65 53.90
CA GLU O 124 97.10 -47.63 53.71
C GLU O 124 95.72 -47.00 53.66
N ALA O 125 95.50 -45.93 54.42
CA ALA O 125 94.22 -45.23 54.40
C ALA O 125 94.21 -44.04 53.45
N LEU O 126 95.38 -43.56 53.04
CA LEU O 126 95.43 -42.41 52.13
C LEU O 126 95.00 -42.81 50.72
N ASP O 127 95.53 -43.93 50.22
CA ASP O 127 95.18 -44.37 48.87
C ASP O 127 93.69 -44.73 48.77
N GLU O 128 93.15 -45.38 49.81
CA GLU O 128 91.73 -45.67 49.82
C GLU O 128 90.91 -44.38 49.82
N ALA O 129 91.32 -43.40 50.62
CA ALA O 129 90.62 -42.12 50.65
C ALA O 129 90.68 -41.42 49.30
N ASN O 130 91.86 -41.45 48.66
CA ASN O 130 91.99 -40.83 47.34
C ASN O 130 91.24 -41.61 46.27
N LYS O 131 91.21 -42.94 46.39
CA LYS O 131 90.43 -43.74 45.45
C LYS O 131 88.94 -43.45 45.58
N LEU O 132 88.49 -43.22 46.81
CA LEU O 132 87.08 -42.87 47.04
C LEU O 132 86.76 -41.49 46.48
N ILE O 133 87.76 -40.60 46.43
CA ILE O 133 87.55 -39.28 45.84
C ILE O 133 87.21 -39.41 44.37
N GLU O 134 88.08 -40.07 43.60
CA GLU O 134 87.91 -40.15 42.15
C GLU O 134 86.75 -41.06 41.74
N GLU O 135 86.19 -41.83 42.66
CA GLU O 135 85.00 -42.62 42.34
C GLU O 135 83.73 -41.79 42.51
N GLY O 136 83.55 -41.19 43.68
CA GLY O 136 82.34 -40.42 43.93
C GLY O 136 82.28 -39.13 43.13
N ARG O 137 83.44 -38.64 42.68
CA ARG O 137 83.48 -37.47 41.81
C ARG O 137 83.14 -37.82 40.37
N ARG O 138 82.98 -39.11 40.06
CA ARG O 138 82.81 -39.58 38.70
C ARG O 138 81.40 -40.10 38.42
N PHE O 139 80.60 -40.29 39.47
CA PHE O 139 79.22 -40.74 39.30
C PHE O 139 78.42 -39.74 38.48
N LYS O 140 77.52 -40.27 37.66
CA LYS O 140 76.63 -39.44 36.85
C LYS O 140 75.16 -39.78 37.00
N LYS O 141 74.81 -41.01 37.40
CA LYS O 141 73.45 -41.36 37.75
C LYS O 141 73.43 -41.89 39.16
N PHE O 142 72.41 -41.50 39.93
CA PHE O 142 72.35 -41.77 41.35
C PHE O 142 71.14 -42.58 41.79
N GLY O 143 70.20 -42.84 40.89
CA GLY O 143 69.03 -43.62 41.26
C GLY O 143 68.42 -44.28 40.06
N PHE O 144 67.73 -45.40 40.32
CA PHE O 144 67.04 -46.15 39.29
C PHE O 144 65.59 -46.36 39.70
N LYS O 145 64.69 -46.22 38.74
CA LYS O 145 63.27 -46.34 39.03
C LYS O 145 62.92 -47.79 39.35
N PRO O 146 62.37 -48.08 40.52
CA PRO O 146 62.07 -49.47 40.87
C PRO O 146 60.91 -50.03 40.07
N LEU O 147 60.87 -51.35 40.00
CA LEU O 147 59.78 -52.01 39.29
C LEU O 147 58.47 -51.79 40.03
N PRO O 148 57.34 -51.77 39.31
CA PRO O 148 56.05 -51.54 39.97
C PRO O 148 55.74 -52.62 41.00
N LYS O 149 55.08 -52.20 42.08
CA LYS O 149 54.70 -53.13 43.12
C LYS O 149 53.68 -54.13 42.60
N ILE O 150 53.61 -55.29 43.27
CA ILE O 150 52.63 -56.30 42.89
C ILE O 150 51.23 -55.73 43.00
N VAL O 151 50.92 -55.11 44.14
CA VAL O 151 49.68 -54.39 44.35
C VAL O 151 49.98 -53.11 45.11
N ASP O 152 49.56 -51.98 44.56
CA ASP O 152 49.77 -50.70 45.23
C ASP O 152 48.55 -50.34 46.07
N PRO O 153 48.76 -49.81 47.28
CA PRO O 153 47.63 -49.54 48.17
C PRO O 153 46.65 -48.53 47.57
N LEU O 154 45.38 -48.75 47.86
CA LEU O 154 44.28 -47.88 47.47
C LEU O 154 43.72 -47.19 48.70
N PRO O 155 42.89 -46.14 48.51
CA PRO O 155 42.32 -45.42 49.66
C PRO O 155 41.73 -46.33 50.73
N GLN O 156 42.23 -46.21 51.95
CA GLN O 156 41.86 -47.10 53.05
C GLN O 156 40.99 -46.32 54.04
N ILE O 157 39.69 -46.32 53.78
CA ILE O 157 38.74 -45.70 54.69
C ILE O 157 38.33 -46.69 55.76
N LYS O 158 37.72 -46.17 56.83
CA LYS O 158 37.20 -47.03 57.89
C LYS O 158 35.88 -47.65 57.44
N THR O 159 35.84 -48.99 57.37
CA THR O 159 34.69 -49.71 56.87
C THR O 159 34.05 -50.52 57.99
N PHE O 160 32.73 -50.58 57.99
CA PHE O 160 31.96 -51.29 58.99
C PHE O 160 31.19 -52.44 58.35
N GLY O 161 31.24 -53.61 58.99
CA GLY O 161 30.46 -54.75 58.55
C GLY O 161 30.77 -55.27 57.18
N LEU O 162 31.98 -55.04 56.67
CA LEU O 162 32.36 -55.49 55.34
C LEU O 162 33.09 -56.83 55.34
N GLU O 163 33.30 -57.42 56.51
CA GLU O 163 34.07 -58.66 56.58
C GLU O 163 33.30 -59.83 55.97
N THR O 164 31.97 -59.85 56.14
CA THR O 164 31.20 -60.99 55.67
C THR O 164 31.09 -61.01 54.15
N MET O 165 31.09 -59.83 53.52
CA MET O 165 31.05 -59.78 52.05
C MET O 165 32.43 -60.01 51.46
N LEU O 166 33.47 -59.44 52.09
CA LEU O 166 34.82 -59.66 51.62
C LEU O 166 35.21 -61.13 51.72
N SER O 167 34.67 -61.83 52.73
CA SER O 167 34.89 -63.28 52.82
C SER O 167 34.26 -64.00 51.64
N GLN O 168 33.07 -63.57 51.23
CA GLN O 168 32.43 -64.18 50.06
C GLN O 168 33.26 -63.96 48.80
N LEU O 169 33.74 -62.72 48.60
CA LEU O 169 34.55 -62.43 47.42
C LEU O 169 35.85 -63.20 47.42
N TYR O 170 36.51 -63.28 48.58
CA TYR O 170 37.76 -64.04 48.65
C TYR O 170 37.51 -65.53 48.47
N ASP O 171 36.40 -66.04 49.01
CA ASP O 171 36.08 -67.45 48.85
C ASP O 171 35.87 -67.78 47.37
N LEU O 172 35.16 -66.93 46.64
CA LEU O 172 34.97 -67.14 45.21
C LEU O 172 36.27 -66.88 44.45
N PHE O 173 37.08 -65.94 44.92
CA PHE O 173 38.34 -65.63 44.25
C PHE O 173 39.31 -66.80 44.34
N GLU O 174 39.34 -67.49 45.49
CA GLU O 174 40.27 -68.61 45.66
C GLU O 174 39.75 -69.87 45.00
N LYS O 175 38.59 -70.36 45.42
CA LYS O 175 38.08 -71.65 44.97
C LYS O 175 37.39 -71.59 43.63
N GLY O 176 37.14 -70.39 43.09
CA GLY O 176 36.42 -70.26 41.84
C GLY O 176 37.09 -70.91 40.65
N ASP O 177 36.34 -71.76 39.93
CA ASP O 177 36.84 -72.35 38.70
C ASP O 177 36.60 -71.46 37.49
N SER O 178 35.83 -70.39 37.64
CA SER O 178 35.63 -69.39 36.60
C SER O 178 36.52 -68.20 36.90
N ASN O 179 37.25 -67.72 35.89
CA ASN O 179 38.24 -66.69 36.10
C ASN O 179 37.70 -65.27 35.94
N ILE O 180 36.44 -65.13 35.55
CA ILE O 180 35.79 -63.83 35.48
C ILE O 180 34.74 -63.78 36.58
N ILE O 181 34.89 -62.84 37.51
CA ILE O 181 34.04 -62.74 38.69
C ILE O 181 33.30 -61.41 38.62
N GLY O 182 31.98 -61.45 38.81
CA GLY O 182 31.16 -60.25 38.79
C GLY O 182 30.56 -59.98 40.16
N VAL O 183 30.51 -58.70 40.51
CA VAL O 183 29.89 -58.25 41.76
C VAL O 183 28.86 -57.19 41.39
N TRP O 184 27.62 -57.36 41.85
CA TRP O 184 26.55 -56.46 41.49
C TRP O 184 25.76 -56.05 42.72
N GLY O 185 25.22 -54.83 42.66
CA GLY O 185 24.45 -54.26 43.76
C GLY O 185 24.00 -52.85 43.44
N GLN O 186 23.05 -52.32 44.21
CA GLN O 186 22.52 -50.99 43.96
C GLN O 186 23.58 -49.92 44.21
N GLY O 187 23.35 -48.72 43.69
CA GLY O 187 24.30 -47.63 43.85
C GLY O 187 24.56 -47.28 45.30
N GLY O 188 25.83 -47.22 45.69
CA GLY O 188 26.21 -46.85 47.02
C GLY O 188 26.21 -47.98 48.03
N VAL O 189 26.00 -49.22 47.59
CA VAL O 189 25.99 -50.34 48.54
C VAL O 189 27.39 -50.67 49.03
N GLY O 190 28.43 -50.33 48.27
CA GLY O 190 29.79 -50.60 48.70
C GLY O 190 30.61 -51.40 47.72
N LYS O 191 30.25 -51.40 46.44
CA LYS O 191 30.97 -52.20 45.46
C LYS O 191 32.38 -51.68 45.26
N THR O 192 32.53 -50.38 45.03
CA THR O 192 33.86 -49.80 44.82
C THR O 192 34.71 -49.92 46.09
N THR O 193 34.11 -49.62 47.24
CA THR O 193 34.84 -49.74 48.49
C THR O 193 35.26 -51.18 48.76
N LEU O 194 34.49 -52.15 48.27
CA LEU O 194 34.89 -53.55 48.39
C LEU O 194 36.17 -53.80 47.62
N LEU O 195 36.30 -53.22 46.43
CA LEU O 195 37.53 -53.38 45.65
C LEU O 195 38.72 -52.75 46.37
N HIS O 196 38.52 -51.58 46.97
CA HIS O 196 39.60 -50.93 47.70
C HIS O 196 40.05 -51.77 48.89
N VAL O 197 39.11 -52.37 49.61
CA VAL O 197 39.48 -53.19 50.75
C VAL O 197 39.95 -54.56 50.30
N PHE O 198 39.60 -54.96 49.08
CA PHE O 198 40.08 -56.23 48.54
C PHE O 198 41.47 -56.09 47.95
N ASN O 199 41.68 -55.00 47.19
CA ASN O 199 43.01 -54.74 46.62
C ASN O 199 44.04 -54.52 47.72
N ASN O 200 43.66 -53.75 48.75
CA ASN O 200 44.57 -53.51 49.87
C ASN O 200 44.76 -54.74 50.74
N ASP O 201 43.90 -55.76 50.60
CA ASP O 201 44.06 -56.99 51.37
C ASP O 201 45.01 -57.96 50.68
N LEU O 202 45.19 -57.86 49.37
CA LEU O 202 46.09 -58.76 48.66
C LEU O 202 47.54 -58.58 49.07
N GLU O 203 47.94 -57.37 49.46
CA GLU O 203 49.30 -57.13 49.91
C GLU O 203 49.56 -57.62 51.34
N LYS O 204 48.52 -58.06 52.04
CA LYS O 204 48.68 -58.67 53.35
C LYS O 204 48.80 -60.19 53.25
N LYS O 205 48.17 -60.79 52.25
CA LYS O 205 48.20 -62.23 52.09
C LYS O 205 49.31 -62.65 51.14
N ALA O 206 49.46 -63.96 50.96
CA ALA O 206 50.40 -64.55 50.02
C ALA O 206 49.63 -65.08 48.82
N HIS O 207 50.05 -64.70 47.63
CA HIS O 207 49.34 -65.08 46.41
C HIS O 207 50.34 -65.22 45.28
N ASP O 208 49.95 -65.97 44.26
CA ASP O 208 50.82 -66.25 43.13
C ASP O 208 50.79 -65.17 42.06
N TYR O 209 49.86 -64.23 42.16
CA TYR O 209 49.66 -63.25 41.10
C TYR O 209 50.80 -62.23 41.08
N GLN O 210 51.01 -61.63 39.91
CA GLN O 210 52.14 -60.75 39.69
C GLN O 210 51.77 -59.28 39.56
N VAL O 211 50.58 -58.96 39.06
CA VAL O 211 50.10 -57.59 38.98
C VAL O 211 48.63 -57.56 39.37
N VAL O 212 48.26 -56.56 40.16
CA VAL O 212 46.87 -56.32 40.53
C VAL O 212 46.52 -54.92 40.05
N ILE O 213 45.71 -54.84 38.99
CA ILE O 213 45.39 -53.59 38.32
C ILE O 213 43.98 -53.19 38.67
N PHE O 214 43.80 -51.95 39.09
CA PHE O 214 42.50 -51.38 39.39
C PHE O 214 42.18 -50.35 38.31
N ILE O 215 41.10 -50.58 37.55
CA ILE O 215 40.75 -49.76 36.41
C ILE O 215 39.35 -49.19 36.65
N GLU O 216 39.20 -47.89 36.40
CA GLU O 216 37.93 -47.21 36.59
C GLU O 216 37.25 -47.06 35.22
N VAL O 217 36.24 -47.89 34.96
CA VAL O 217 35.41 -47.70 33.77
C VAL O 217 34.21 -46.81 34.08
N SER O 218 34.04 -46.40 35.34
CA SER O 218 32.94 -45.56 35.77
C SER O 218 32.99 -44.18 35.14
N ASN O 219 34.16 -43.82 34.57
CA ASN O 219 34.32 -42.50 33.98
C ASN O 219 33.24 -42.20 32.95
N SER O 220 32.92 -43.18 32.11
CA SER O 220 31.89 -43.00 31.09
C SER O 220 31.40 -44.37 30.65
N GLU O 221 30.26 -44.36 29.96
CA GLU O 221 29.81 -45.54 29.22
C GLU O 221 30.44 -45.59 27.84
N ALA O 222 31.17 -44.54 27.46
CA ALA O 222 31.81 -44.46 26.16
C ALA O 222 33.14 -45.20 26.12
N LEU O 223 33.58 -45.81 27.23
CA LEU O 223 34.77 -46.64 27.23
C LEU O 223 36.01 -45.86 26.82
N ASN O 224 36.49 -44.97 27.69
CA ASN O 224 37.66 -44.15 27.37
C ASN O 224 38.89 -45.06 27.29
N THR O 225 39.07 -45.63 26.09
CA THR O 225 40.05 -46.69 25.87
C THR O 225 41.47 -46.20 26.16
N VAL O 226 41.78 -44.97 25.75
CA VAL O 226 43.15 -44.47 25.89
C VAL O 226 43.55 -44.41 27.34
N GLU O 227 42.66 -43.91 28.21
CA GLU O 227 42.98 -43.81 29.62
C GLU O 227 43.08 -45.17 30.30
N ILE O 228 42.31 -46.16 29.86
CA ILE O 228 42.42 -47.50 30.42
C ILE O 228 43.76 -48.13 30.03
N GLN O 229 44.17 -47.94 28.78
CA GLN O 229 45.45 -48.47 28.34
C GLN O 229 46.60 -47.77 29.04
N GLN O 230 46.42 -46.50 29.40
CA GLN O 230 47.44 -45.80 30.18
C GLN O 230 47.61 -46.45 31.55
N THR O 231 46.48 -46.84 32.17
CA THR O 231 46.56 -47.46 33.49
C THR O 231 47.24 -48.82 33.42
N ILE O 232 46.93 -49.59 32.38
CA ILE O 232 47.53 -50.93 32.25
C ILE O 232 49.01 -50.82 31.92
N SER O 233 49.36 -49.96 30.96
CA SER O 233 50.76 -49.83 30.57
C SER O 233 51.61 -49.28 31.71
N GLU O 234 51.09 -48.28 32.43
CA GLU O 234 51.81 -47.74 33.58
C GLU O 234 51.99 -48.81 34.66
N ARG O 235 50.99 -49.69 34.80
CA ARG O 235 51.06 -50.76 35.79
C ARG O 235 51.90 -51.94 35.33
N LEU O 236 52.22 -52.03 34.04
CA LEU O 236 53.06 -53.10 33.50
C LEU O 236 54.48 -52.64 33.23
N ASN O 237 54.86 -51.45 33.70
CA ASN O 237 56.18 -50.87 33.47
C ASN O 237 56.48 -50.75 31.98
N LEU O 238 55.46 -50.46 31.18
CA LEU O 238 55.63 -50.31 29.75
C LEU O 238 55.80 -48.83 29.38
N PRO O 239 56.55 -48.54 28.33
CA PRO O 239 56.65 -47.16 27.85
C PRO O 239 55.38 -46.76 27.11
N TRP O 240 54.99 -45.50 27.28
CA TRP O 240 53.76 -44.99 26.69
C TRP O 240 54.09 -44.38 25.33
N ASN O 241 53.84 -45.14 24.27
CA ASN O 241 53.98 -44.64 22.90
C ASN O 241 52.69 -43.93 22.54
N ASP O 242 52.70 -42.60 22.67
CA ASP O 242 51.47 -41.83 22.58
C ASP O 242 50.86 -41.91 21.18
N ALA O 243 51.68 -41.89 20.14
CA ALA O 243 51.18 -41.86 18.77
C ALA O 243 50.75 -43.23 18.27
N GLU O 244 50.96 -44.29 19.03
CA GLU O 244 50.59 -45.62 18.59
C GLU O 244 49.06 -45.72 18.49
N PRO O 245 48.54 -46.35 17.43
CA PRO O 245 47.08 -46.50 17.32
C PRO O 245 46.53 -47.41 18.39
N ILE O 246 45.26 -47.18 18.74
CA ILE O 246 44.62 -47.91 19.83
C ILE O 246 44.56 -49.41 19.51
N ALA O 247 44.22 -49.75 18.26
CA ALA O 247 44.11 -51.14 17.88
C ALA O 247 45.44 -51.86 17.97
N LYS O 248 46.55 -51.17 17.67
CA LYS O 248 47.86 -51.81 17.76
C LYS O 248 48.28 -52.01 19.22
N ARG O 249 47.99 -51.03 20.09
CA ARG O 249 48.30 -51.19 21.50
C ARG O 249 47.50 -52.33 22.11
N ALA O 250 46.22 -52.45 21.74
CA ALA O 250 45.39 -53.51 22.29
C ALA O 250 45.97 -54.89 21.98
N ARG O 251 46.49 -55.06 20.76
CA ARG O 251 47.17 -56.31 20.43
C ARG O 251 48.46 -56.47 21.23
N PHE O 252 49.12 -55.36 21.54
CA PHE O 252 50.36 -55.41 22.32
C PHE O 252 50.07 -55.75 23.77
N LEU O 253 49.06 -55.11 24.37
CA LEU O 253 48.74 -55.36 25.77
C LEU O 253 48.28 -56.80 25.99
N ILE O 254 47.58 -57.38 25.01
CA ILE O 254 47.14 -58.76 25.12
C ILE O 254 48.36 -59.68 25.25
N LYS O 255 49.39 -59.44 24.45
CA LYS O 255 50.61 -60.21 24.58
C LYS O 255 51.32 -59.92 25.90
N ALA O 256 51.34 -58.65 26.31
CA ALA O 256 52.04 -58.29 27.54
C ALA O 256 51.34 -58.88 28.77
N LEU O 257 50.01 -58.79 28.81
CA LEU O 257 49.28 -59.30 29.96
C LEU O 257 49.24 -60.82 29.95
N GLY O 258 49.35 -61.44 28.77
CA GLY O 258 49.37 -62.88 28.67
C GLY O 258 50.60 -63.53 29.27
N ARG O 259 51.66 -62.76 29.53
CA ARG O 259 52.87 -63.30 30.12
C ARG O 259 52.86 -63.29 31.64
N LYS O 260 51.85 -62.68 32.26
CA LYS O 260 51.80 -62.52 33.71
C LYS O 260 50.49 -63.01 34.26
N ARG O 261 50.52 -63.48 35.51
CA ARG O 261 49.31 -63.84 36.23
C ARG O 261 48.66 -62.60 36.83
N PHE O 262 47.78 -61.94 36.08
CA PHE O 262 47.25 -60.65 36.49
C PHE O 262 45.92 -60.78 37.21
N VAL O 263 45.59 -59.76 37.98
CA VAL O 263 44.27 -59.55 38.54
C VAL O 263 43.82 -58.15 38.18
N ILE O 264 42.77 -58.03 37.38
CA ILE O 264 42.25 -56.74 36.96
C ILE O 264 40.92 -56.53 37.64
N LEU O 265 40.81 -55.42 38.37
CA LEU O 265 39.61 -55.08 39.14
C LEU O 265 38.90 -53.94 38.41
N LEU O 266 38.04 -54.30 37.45
CA LEU O 266 37.25 -53.30 36.77
C LEU O 266 36.22 -52.73 37.74
N ASP O 267 35.89 -51.45 37.56
CA ASP O 267 35.02 -50.75 38.50
C ASP O 267 33.88 -50.07 37.76
N ASP O 268 32.66 -50.42 38.13
CA ASP O 268 31.45 -49.75 37.67
C ASP O 268 31.37 -49.73 36.15
N VAL O 269 31.30 -50.92 35.56
CA VAL O 269 31.04 -51.03 34.13
C VAL O 269 29.55 -50.84 33.87
N ARG O 270 29.22 -49.93 32.97
CA ARG O 270 27.83 -49.58 32.70
C ARG O 270 27.32 -50.10 31.37
N LYS O 271 28.20 -50.56 30.48
CA LYS O 271 27.80 -51.19 29.24
C LYS O 271 28.73 -52.37 28.98
N LYS O 272 28.24 -53.33 28.19
CA LYS O 272 29.10 -54.41 27.73
C LYS O 272 30.15 -53.86 26.78
N PHE O 273 31.41 -54.21 27.04
CA PHE O 273 32.51 -53.83 26.16
C PHE O 273 33.43 -55.02 25.98
N CYS O 274 34.09 -55.07 24.82
CA CYS O 274 34.98 -56.17 24.51
C CYS O 274 36.34 -55.94 25.15
N LEU O 275 36.82 -56.93 25.89
CA LEU O 275 38.09 -56.79 26.59
C LEU O 275 39.27 -56.73 25.63
N GLU O 276 39.24 -57.55 24.57
CA GLU O 276 40.35 -57.57 23.62
C GLU O 276 40.51 -56.27 22.85
N ASP O 277 39.46 -55.45 22.76
CA ASP O 277 39.60 -54.17 22.08
C ASP O 277 40.23 -53.11 22.97
N VAL O 278 40.26 -53.35 24.29
CA VAL O 278 40.91 -52.42 25.20
C VAL O 278 42.31 -52.91 25.60
N GLY O 279 42.66 -54.16 25.29
CA GLY O 279 43.98 -54.66 25.55
C GLY O 279 44.02 -55.75 26.60
N ILE O 280 42.89 -56.01 27.24
CA ILE O 280 42.80 -57.01 28.30
C ILE O 280 42.45 -58.35 27.68
N PRO O 281 43.26 -59.39 27.88
CA PRO O 281 42.87 -60.73 27.41
C PRO O 281 41.87 -61.35 28.38
N THR O 282 40.84 -61.97 27.84
CA THR O 282 39.87 -62.64 28.69
C THR O 282 40.51 -63.85 29.33
N PRO O 283 40.52 -63.96 30.65
CA PRO O 283 41.13 -65.13 31.30
C PRO O 283 40.32 -66.38 31.04
N ASP O 284 41.02 -67.51 30.97
CA ASP O 284 40.39 -68.80 30.71
C ASP O 284 40.90 -69.81 31.73
N ILE O 285 40.39 -71.04 31.62
CA ILE O 285 40.73 -72.10 32.56
C ILE O 285 42.22 -72.36 32.56
N ASN O 286 42.84 -72.39 31.37
CA ASN O 286 44.27 -72.66 31.25
C ASN O 286 45.13 -71.63 31.98
N SER O 287 44.68 -70.39 32.09
CA SER O 287 45.44 -69.32 32.72
C SER O 287 45.01 -69.16 34.17
N GLN O 288 45.96 -68.75 35.01
CA GLN O 288 45.69 -68.48 36.42
C GLN O 288 45.11 -67.09 36.64
N SER O 289 45.15 -66.23 35.63
CA SER O 289 44.71 -64.85 35.79
C SER O 289 43.24 -64.77 36.14
N LYS O 290 42.89 -63.76 36.93
CA LYS O 290 41.52 -63.51 37.33
C LYS O 290 41.09 -62.14 36.83
N LEU O 291 39.79 -61.87 36.90
CA LEU O 291 39.22 -60.61 36.42
C LEU O 291 37.94 -60.36 37.18
N ILE O 292 37.92 -59.29 37.97
CA ILE O 292 36.79 -58.95 38.83
C ILE O 292 36.20 -57.63 38.35
N LEU O 293 34.90 -57.64 38.04
CA LEU O 293 34.20 -56.44 37.59
C LEU O 293 32.99 -56.20 38.48
N THR O 294 32.76 -54.94 38.83
CA THR O 294 31.59 -54.54 39.59
C THR O 294 30.69 -53.66 38.73
N SER O 295 29.39 -53.83 38.91
CA SER O 295 28.41 -53.06 38.16
C SER O 295 27.10 -53.04 38.93
N ARG O 296 26.28 -52.03 38.66
CA ARG O 296 24.94 -51.98 39.24
C ARG O 296 23.97 -52.94 38.57
N TYR O 297 24.27 -53.42 37.36
CA TYR O 297 23.33 -54.17 36.55
C TYR O 297 23.79 -55.63 36.46
N ARG O 298 22.89 -56.55 36.82
CA ARG O 298 23.17 -57.96 36.63
C ARG O 298 23.22 -58.31 35.15
N GLU O 299 22.52 -57.55 34.31
CA GLU O 299 22.55 -57.80 32.88
C GLU O 299 23.95 -57.58 32.31
N VAL O 300 24.67 -56.59 32.82
CA VAL O 300 26.03 -56.35 32.35
C VAL O 300 26.96 -57.47 32.81
N CYS O 301 26.82 -57.93 34.05
CA CYS O 301 27.66 -59.02 34.54
C CYS O 301 27.41 -60.31 33.76
N PHE O 302 26.18 -60.50 33.27
CA PHE O 302 25.91 -61.66 32.43
C PHE O 302 26.47 -61.49 31.03
N GLN O 303 26.44 -60.26 30.51
CA GLN O 303 26.96 -60.02 29.17
C GLN O 303 28.47 -60.19 29.11
N MET O 304 29.16 -59.91 30.21
CA MET O 304 30.60 -60.05 30.29
C MET O 304 31.06 -61.43 30.75
N ASN O 305 30.23 -62.46 30.53
CA ASN O 305 30.59 -63.86 30.80
C ASN O 305 30.92 -64.12 32.26
N ALA O 306 30.28 -63.40 33.18
CA ALA O 306 30.48 -63.63 34.61
C ALA O 306 29.29 -64.30 35.27
N GLN O 307 28.45 -64.99 34.50
CA GLN O 307 27.23 -65.58 35.06
C GLN O 307 27.53 -66.68 36.08
N ARG O 308 28.54 -67.52 35.81
CA ARG O 308 28.79 -68.65 36.68
C ARG O 308 29.39 -68.24 38.01
N SER O 309 30.03 -67.07 38.09
CA SER O 309 30.62 -66.56 39.32
C SER O 309 30.11 -65.13 39.50
N LEU O 310 28.99 -64.99 40.21
CA LEU O 310 28.35 -63.70 40.43
C LEU O 310 28.04 -63.55 41.91
N ILE O 311 28.29 -62.35 42.44
CA ILE O 311 28.06 -62.05 43.85
C ILE O 311 27.15 -60.83 43.93
N GLU O 312 26.16 -60.90 44.81
CA GLU O 312 25.24 -59.79 45.05
C GLU O 312 25.72 -59.02 46.28
N MET O 313 25.96 -57.73 46.10
CA MET O 313 26.42 -56.86 47.19
C MET O 313 25.19 -56.39 47.94
N GLN O 314 24.98 -56.95 49.13
CA GLN O 314 23.78 -56.67 49.90
C GLN O 314 23.99 -55.48 50.82
N ILE O 315 22.87 -54.89 51.25
CA ILE O 315 22.93 -53.73 52.14
C ILE O 315 23.50 -54.13 53.50
N LEU O 316 23.91 -53.12 54.27
CA LEU O 316 24.52 -53.35 55.56
C LEU O 316 23.50 -53.89 56.56
N GLY O 317 24.00 -54.64 57.55
CA GLY O 317 23.12 -55.21 58.55
C GLY O 317 22.58 -54.16 59.51
N ASN O 318 21.64 -54.59 60.34
CA ASN O 318 20.99 -53.67 61.28
C ASN O 318 21.99 -53.10 62.27
N ASP O 319 22.87 -53.93 62.82
CA ASP O 319 23.83 -53.46 63.82
C ASP O 319 24.93 -52.61 63.19
N ALA O 320 25.47 -53.06 62.05
CA ALA O 320 26.59 -52.35 61.45
C ALA O 320 26.14 -51.04 60.81
N SER O 321 24.88 -50.94 60.42
CA SER O 321 24.35 -49.68 59.90
C SER O 321 24.27 -48.62 60.99
N TRP O 322 24.18 -49.02 62.26
CA TRP O 322 24.10 -48.06 63.35
C TRP O 322 25.46 -47.50 63.70
N GLU O 323 26.44 -48.37 63.94
CA GLU O 323 27.78 -47.90 64.31
C GLU O 323 28.47 -47.16 63.16
N LEU O 324 28.02 -47.37 61.91
CA LEU O 324 28.45 -46.50 60.83
C LEU O 324 27.84 -45.11 60.99
N PHE O 325 26.57 -45.05 61.40
CA PHE O 325 25.92 -43.77 61.63
C PHE O 325 26.56 -43.04 62.81
N LEU O 326 26.93 -43.79 63.86
CA LEU O 326 27.53 -43.17 65.04
C LEU O 326 28.85 -42.49 64.71
N SER O 327 29.68 -43.15 63.89
CA SER O 327 30.99 -42.58 63.56
C SER O 327 30.87 -41.32 62.71
N LYS O 328 29.69 -41.05 62.17
CA LYS O 328 29.49 -39.88 61.32
C LYS O 328 29.08 -38.64 62.11
N LEU O 329 28.85 -38.78 63.41
CA LEU O 329 28.37 -37.66 64.24
C LEU O 329 29.53 -37.02 64.99
N SER O 330 29.36 -35.73 65.28
CA SER O 330 30.38 -34.99 66.03
C SER O 330 30.51 -35.53 67.45
N THR O 331 31.57 -35.07 68.14
CA THR O 331 31.86 -35.60 69.46
C THR O 331 30.76 -35.28 70.46
N GLU O 332 30.27 -34.03 70.45
CA GLU O 332 29.23 -33.65 71.40
C GLU O 332 27.88 -34.26 71.02
N THR O 333 27.58 -34.31 69.72
CA THR O 333 26.32 -34.90 69.28
C THR O 333 26.30 -36.41 69.56
N SER O 334 27.42 -37.09 69.34
CA SER O 334 27.47 -38.53 69.58
C SER O 334 27.23 -38.84 71.05
N ALA O 335 27.77 -38.01 71.95
CA ALA O 335 27.60 -38.25 73.38
C ALA O 335 26.15 -38.21 73.81
N ALA O 336 25.27 -37.60 73.01
CA ALA O 336 23.84 -37.62 73.33
C ALA O 336 23.20 -38.97 73.00
N VAL O 337 23.63 -39.60 71.90
CA VAL O 337 23.01 -40.84 71.45
C VAL O 337 23.87 -42.08 71.72
N GLU O 338 25.15 -41.91 72.03
CA GLU O 338 26.01 -43.06 72.35
C GLU O 338 25.60 -43.81 73.62
N PRO O 339 25.32 -43.17 74.75
CA PRO O 339 25.37 -43.89 76.04
C PRO O 339 24.51 -45.14 76.07
N LEU O 340 25.07 -46.20 76.65
CA LEU O 340 24.39 -47.47 76.82
C LEU O 340 23.71 -47.54 78.18
N GLY O 341 23.05 -48.67 78.44
CA GLY O 341 22.39 -48.88 79.70
C GLY O 341 21.10 -48.10 79.83
N SER O 342 21.23 -46.77 79.93
CA SER O 342 20.06 -45.91 80.01
C SER O 342 19.41 -45.78 78.64
N GLN O 343 18.12 -45.45 78.65
CA GLN O 343 17.35 -45.23 77.44
C GLN O 343 16.76 -43.83 77.45
N SER O 344 16.80 -43.18 76.29
CA SER O 344 16.31 -41.82 76.17
C SER O 344 15.67 -41.65 74.80
N ALA O 345 14.82 -40.63 74.69
CA ALA O 345 14.12 -40.38 73.43
C ALA O 345 15.09 -40.01 72.31
N THR O 346 16.23 -39.39 72.64
CA THR O 346 17.19 -39.02 71.62
C THR O 346 17.78 -40.24 70.93
N ARG O 347 18.04 -41.30 71.68
CA ARG O 347 18.52 -42.54 71.07
C ARG O 347 17.48 -43.13 70.13
N GLU O 348 16.21 -43.11 70.55
CA GLU O 348 15.16 -43.67 69.72
C GLU O 348 14.91 -42.81 68.48
N HIS O 349 15.13 -41.50 68.60
CA HIS O 349 14.98 -40.62 67.44
C HIS O 349 16.14 -40.76 66.48
N ALA O 350 17.35 -40.93 67.00
CA ALA O 350 18.52 -41.11 66.13
C ALA O 350 18.42 -42.41 65.34
N MET O 351 18.01 -43.50 66.00
CA MET O 351 17.88 -44.77 65.31
C MET O 351 16.81 -44.72 64.23
N LYS O 352 15.71 -43.99 64.48
CA LYS O 352 14.68 -43.86 63.46
C LYS O 352 15.22 -43.22 62.19
N ILE O 353 16.15 -42.28 62.33
CA ILE O 353 16.80 -41.69 61.16
C ILE O 353 17.72 -42.71 60.51
N ALA O 354 18.46 -43.47 61.33
CA ALA O 354 19.37 -44.48 60.79
C ALA O 354 18.62 -45.57 60.04
N GLN O 355 17.48 -46.02 60.59
CA GLN O 355 16.73 -47.07 59.93
C GLN O 355 16.14 -46.60 58.60
N SER O 356 15.90 -45.30 58.46
CA SER O 356 15.35 -44.78 57.21
C SER O 356 16.33 -44.88 56.06
N CYS O 357 17.64 -44.96 56.34
CA CYS O 357 18.63 -45.10 55.29
C CYS O 357 18.64 -46.50 54.67
N GLY O 358 17.93 -47.45 55.27
CA GLY O 358 17.84 -48.78 54.69
C GLY O 358 19.15 -49.54 54.66
N GLY O 359 20.10 -49.18 55.52
CA GLY O 359 21.38 -49.85 55.53
C GLY O 359 22.24 -49.60 54.32
N LEU O 360 21.93 -48.57 53.53
CA LEU O 360 22.72 -48.25 52.35
C LEU O 360 23.87 -47.35 52.78
N PRO O 361 25.12 -47.78 52.61
CA PRO O 361 26.25 -46.97 53.11
C PRO O 361 26.31 -45.58 52.53
N LEU O 362 25.90 -45.39 51.27
CA LEU O 362 25.89 -44.06 50.68
C LEU O 362 24.92 -43.15 51.41
N ALA O 363 23.72 -43.68 51.74
CA ALA O 363 22.74 -42.88 52.45
C ALA O 363 23.17 -42.61 53.88
N LEU O 364 23.79 -43.60 54.54
CA LEU O 364 24.23 -43.41 55.92
C LEU O 364 25.28 -42.31 56.01
N ASN O 365 26.15 -42.21 55.01
CA ASN O 365 27.17 -41.17 55.02
C ASN O 365 26.55 -39.80 54.79
N VAL O 366 25.63 -39.69 53.83
CA VAL O 366 25.02 -38.40 53.52
C VAL O 366 24.08 -37.98 54.65
N ILE O 367 23.25 -38.90 55.13
CA ILE O 367 22.30 -38.56 56.19
C ILE O 367 23.04 -38.34 57.51
N GLY O 368 24.03 -39.18 57.81
CA GLY O 368 24.77 -39.02 59.04
C GLY O 368 25.54 -37.72 59.13
N THR O 369 26.12 -37.29 58.01
CA THR O 369 26.88 -36.04 58.01
C THR O 369 25.97 -34.83 58.20
N ALA O 370 24.76 -34.87 57.61
CA ALA O 370 23.84 -33.74 57.71
C ALA O 370 23.40 -33.52 59.15
N VAL O 371 23.21 -34.60 59.90
CA VAL O 371 22.73 -34.52 61.27
C VAL O 371 23.90 -34.70 62.24
N ALA O 372 25.12 -34.50 61.75
CA ALA O 372 26.29 -34.66 62.61
C ALA O 372 26.34 -33.60 63.71
N GLY O 373 25.76 -32.44 63.47
CA GLY O 373 25.75 -31.38 64.46
C GLY O 373 24.39 -31.13 65.06
N LEU O 374 23.51 -32.14 65.00
CA LEU O 374 22.16 -32.01 65.53
C LEU O 374 22.22 -31.85 67.05
N GLU O 375 21.70 -30.74 67.55
CA GLU O 375 21.66 -30.53 68.99
C GLU O 375 20.61 -31.43 69.63
N GLU O 376 20.79 -31.69 70.93
CA GLU O 376 19.92 -32.59 71.66
C GLU O 376 18.45 -32.24 71.49
N GLY O 377 18.11 -30.95 71.50
CA GLY O 377 16.72 -30.54 71.52
C GLY O 377 15.93 -30.84 70.26
N GLU O 378 16.60 -30.95 69.11
CA GLU O 378 15.90 -31.06 67.83
C GLU O 378 16.10 -32.40 67.13
N TRP O 379 16.44 -33.46 67.86
CA TRP O 379 16.38 -34.80 67.29
C TRP O 379 14.95 -35.20 66.95
N GLN O 380 14.00 -34.84 67.82
CA GLN O 380 12.61 -35.26 67.64
C GLN O 380 12.02 -34.70 66.34
N SER O 381 12.27 -33.42 66.06
CA SER O 381 11.68 -32.80 64.88
C SER O 381 12.32 -33.34 63.60
N ALA O 382 13.63 -33.58 63.62
CA ALA O 382 14.31 -34.11 62.45
C ALA O 382 13.91 -35.56 62.17
N ALA O 383 13.78 -36.36 63.23
CA ALA O 383 13.44 -37.76 63.06
C ALA O 383 12.03 -37.94 62.50
N ASP O 384 11.11 -37.06 62.85
CA ASP O 384 9.75 -37.17 62.34
C ASP O 384 9.70 -36.83 60.86
N ALA O 385 10.51 -35.86 60.43
CA ALA O 385 10.48 -35.42 59.04
C ALA O 385 11.16 -36.42 58.12
N ILE O 386 12.16 -37.13 58.64
CA ILE O 386 12.88 -38.10 57.82
C ILE O 386 11.98 -39.27 57.42
N ALA O 387 10.95 -39.54 58.22
CA ALA O 387 10.05 -40.65 57.93
C ALA O 387 9.18 -40.39 56.71
N THR O 388 8.91 -39.12 56.39
CA THR O 388 8.01 -38.77 55.30
C THR O 388 8.72 -38.32 54.04
N ASN O 389 9.76 -37.51 54.16
CA ASN O 389 10.42 -36.95 52.98
C ASN O 389 11.88 -36.68 53.31
N MET O 390 12.77 -37.04 52.38
CA MET O 390 14.20 -36.92 52.62
C MET O 390 14.83 -35.74 51.89
N ASP O 391 14.20 -35.26 50.82
CA ASP O 391 14.85 -34.32 49.91
C ASP O 391 15.21 -32.99 50.55
N ASN O 392 14.64 -32.65 51.70
CA ASN O 392 15.00 -31.40 52.37
C ASN O 392 16.30 -31.51 53.16
N ILE O 393 16.86 -32.72 53.29
CA ILE O 393 18.07 -32.91 54.07
C ILE O 393 19.28 -32.43 53.27
N ASP O 394 20.27 -31.89 53.98
CA ASP O 394 21.48 -31.36 53.36
C ASP O 394 22.27 -32.48 52.69
N GLY O 395 22.68 -32.25 51.45
CA GLY O 395 23.51 -33.18 50.71
C GLY O 395 22.77 -34.30 50.03
N VAL O 396 21.48 -34.48 50.30
CA VAL O 396 20.71 -35.54 49.65
C VAL O 396 20.48 -35.25 48.18
N ASP O 397 20.32 -33.97 47.81
CA ASP O 397 20.06 -33.61 46.42
C ASP O 397 21.15 -34.12 45.49
N GLU O 398 22.38 -34.23 45.98
CA GLU O 398 23.45 -34.79 45.16
C GLU O 398 23.52 -36.31 45.28
N MET O 399 23.00 -36.87 46.38
CA MET O 399 22.95 -38.32 46.52
C MET O 399 22.05 -38.94 45.48
N PHE O 400 20.84 -38.38 45.31
CA PHE O 400 19.94 -38.88 44.28
C PHE O 400 20.50 -38.66 42.88
N GLY O 401 21.27 -37.58 42.70
CA GLY O 401 21.92 -37.38 41.41
C GLY O 401 22.92 -38.47 41.09
N ARG O 402 23.57 -39.03 42.12
CA ARG O 402 24.49 -40.15 41.91
C ARG O 402 23.72 -41.43 41.59
N LEU O 403 22.56 -41.63 42.21
CA LEU O 403 21.76 -42.82 41.95
C LEU O 403 20.85 -42.65 40.75
N LYS O 404 20.75 -41.43 40.21
CA LYS O 404 19.77 -41.17 39.17
C LYS O 404 20.12 -41.86 37.86
N TYR O 405 21.39 -42.19 37.65
CA TYR O 405 21.80 -42.76 36.36
C TYR O 405 21.10 -44.08 36.08
N SER O 406 20.94 -44.92 37.12
CA SER O 406 20.22 -46.18 36.94
C SER O 406 18.79 -45.97 36.44
N PHE O 407 18.21 -44.80 36.71
CA PHE O 407 16.90 -44.45 36.20
C PHE O 407 16.97 -43.84 34.80
N ASP O 408 17.98 -43.01 34.54
CA ASP O 408 18.12 -42.41 33.22
C ASP O 408 18.48 -43.46 32.17
N ARG O 409 19.10 -44.56 32.59
CA ARG O 409 19.43 -45.63 31.65
C ARG O 409 18.18 -46.28 31.07
N LEU O 410 17.06 -46.21 31.79
CA LEU O 410 15.86 -46.93 31.39
C LEU O 410 15.23 -46.33 30.13
N THR O 411 14.48 -47.16 29.42
CA THR O 411 13.65 -46.67 28.34
C THR O 411 12.48 -45.89 28.90
N PRO O 412 11.87 -45.00 28.10
CA PRO O 412 10.75 -44.20 28.64
C PRO O 412 9.60 -45.04 29.16
N THR O 413 9.33 -46.21 28.57
CA THR O 413 8.28 -47.06 29.09
C THR O 413 8.65 -47.67 30.44
N GLN O 414 9.94 -47.95 30.65
CA GLN O 414 10.37 -48.50 31.93
C GLN O 414 10.39 -47.43 33.02
N GLN O 415 10.66 -46.18 32.63
CA GLN O 415 10.67 -45.09 33.60
C GLN O 415 9.29 -44.90 34.22
N GLN O 416 8.24 -44.94 33.40
CA GLN O 416 6.88 -44.79 33.91
C GLN O 416 6.51 -45.96 34.82
N CYS O 417 6.95 -47.17 34.46
CA CYS O 417 6.65 -48.33 35.29
C CYS O 417 7.35 -48.27 36.64
N PHE O 418 8.56 -47.69 36.68
CA PHE O 418 9.25 -47.52 37.94
C PHE O 418 8.59 -46.45 38.79
N LEU O 419 8.23 -45.32 38.17
CA LEU O 419 7.55 -44.27 38.90
C LEU O 419 6.18 -44.73 39.39
N TYR O 420 5.50 -45.56 38.60
CA TYR O 420 4.21 -46.09 39.00
C TYR O 420 4.32 -46.92 40.28
N CYS O 421 5.46 -47.61 40.47
CA CYS O 421 5.63 -48.44 41.64
C CYS O 421 5.87 -47.62 42.91
N THR O 422 6.14 -46.32 42.79
CA THR O 422 6.49 -45.51 43.96
C THR O 422 5.27 -45.13 44.79
N LEU O 423 4.05 -45.27 44.26
CA LEU O 423 2.86 -44.84 44.97
C LEU O 423 2.26 -45.95 45.83
N PHE O 424 2.91 -47.10 45.92
CA PHE O 424 2.47 -48.15 46.83
C PHE O 424 3.02 -47.88 48.23
N PRO O 425 2.39 -48.42 49.27
CA PRO O 425 2.81 -48.09 50.63
C PRO O 425 4.25 -48.53 50.92
N GLU O 426 4.93 -47.71 51.71
CA GLU O 426 6.30 -48.01 52.10
C GLU O 426 6.35 -49.24 53.01
N TYR O 427 7.48 -49.94 52.95
CA TYR O 427 7.71 -51.14 53.76
C TYR O 427 6.76 -52.27 53.38
N GLY O 428 6.00 -52.09 52.30
CA GLY O 428 5.11 -53.13 51.85
C GLY O 428 5.54 -53.76 50.55
N SER O 429 5.18 -55.04 50.40
CA SER O 429 5.51 -55.81 49.21
C SER O 429 4.28 -55.94 48.32
N ILE O 430 4.50 -55.81 47.01
CA ILE O 430 3.42 -55.86 46.04
C ILE O 430 3.70 -57.00 45.06
N SER O 431 2.62 -57.58 44.54
CA SER O 431 2.76 -58.74 43.67
C SER O 431 2.94 -58.31 42.22
N LYS O 432 3.67 -59.13 41.45
CA LYS O 432 3.90 -58.82 40.05
C LYS O 432 2.61 -58.86 39.25
N GLU O 433 1.73 -59.83 39.55
CA GLU O 433 0.49 -59.95 38.80
C GLU O 433 -0.39 -58.72 38.96
N GLN O 434 -0.49 -58.19 40.19
CA GLN O 434 -1.22 -56.94 40.40
C GLN O 434 -0.56 -55.80 39.66
N LEU O 435 0.78 -55.69 39.77
CA LEU O 435 1.49 -54.57 39.18
C LEU O 435 1.40 -54.58 37.66
N ILE O 436 1.49 -55.76 37.05
CA ILE O 436 1.37 -55.86 35.60
C ILE O 436 -0.06 -55.54 35.16
N GLY O 437 -1.04 -55.96 35.97
CA GLY O 437 -2.43 -55.67 35.63
C GLY O 437 -2.70 -54.17 35.52
N TYR O 438 -2.12 -53.39 36.43
CA TYR O 438 -2.26 -51.94 36.36
C TYR O 438 -1.62 -51.39 35.10
N TRP O 439 -0.45 -51.92 34.73
CA TRP O 439 0.26 -51.41 33.56
C TRP O 439 -0.47 -51.74 32.27
N LEU O 440 -1.10 -52.91 32.18
CA LEU O 440 -1.82 -53.28 30.96
C LEU O 440 -2.95 -52.31 30.68
N ALA O 441 -3.73 -51.96 31.70
CA ALA O 441 -4.83 -51.01 31.51
C ALA O 441 -4.30 -49.60 31.29
N GLU O 442 -3.20 -49.23 31.97
CA GLU O 442 -2.65 -47.89 31.82
C GLU O 442 -2.19 -47.59 30.40
N GLY O 443 -1.92 -48.62 29.60
CA GLY O 443 -1.41 -48.43 28.27
C GLY O 443 0.09 -48.48 28.14
N LEU O 444 0.81 -48.68 29.25
CA LEU O 444 2.26 -48.83 29.18
C LEU O 444 2.65 -50.10 28.44
N LEU O 445 1.87 -51.16 28.59
CA LEU O 445 2.08 -52.42 27.90
C LEU O 445 1.10 -52.53 26.75
N LEU O 446 1.60 -52.89 25.57
CA LEU O 446 0.75 -53.04 24.39
C LEU O 446 0.00 -54.38 24.44
N ASN O 447 -0.82 -54.51 25.47
CA ASN O 447 -1.63 -55.70 25.72
C ASN O 447 -0.79 -56.97 25.84
N ASP O 448 0.45 -56.84 26.30
CA ASP O 448 1.37 -57.97 26.45
C ASP O 448 1.67 -58.18 27.92
N SER O 449 1.37 -59.36 28.44
CA SER O 449 1.66 -59.67 29.83
C SER O 449 3.14 -59.98 30.05
N GLU O 450 3.78 -60.62 29.08
CA GLU O 450 5.21 -60.91 29.20
C GLU O 450 6.03 -59.63 29.25
N LYS O 451 5.66 -58.64 28.44
CA LYS O 451 6.38 -57.37 28.44
C LYS O 451 6.36 -56.73 29.82
N GLY O 452 5.29 -56.94 30.59
CA GLY O 452 5.27 -56.50 31.96
C GLY O 452 6.28 -57.24 32.82
N TYR O 453 6.38 -58.56 32.63
CA TYR O 453 7.38 -59.33 33.35
C TYR O 453 8.80 -58.94 32.92
N GLN O 454 8.96 -58.55 31.65
CA GLN O 454 10.26 -58.07 31.19
C GLN O 454 10.67 -56.80 31.91
N ILE O 455 9.74 -55.85 32.06
CA ILE O 455 10.06 -54.59 32.72
C ILE O 455 10.38 -54.82 34.19
N ILE O 456 9.60 -55.68 34.86
CA ILE O 456 9.88 -55.99 36.26
C ILE O 456 11.24 -56.66 36.39
N ARG O 457 11.54 -57.59 35.49
CA ARG O 457 12.84 -58.25 35.51
C ARG O 457 13.96 -57.28 35.15
N SER O 458 13.70 -56.33 34.26
CA SER O 458 14.70 -55.30 33.94
C SER O 458 14.98 -54.42 35.14
N LEU O 459 13.93 -54.03 35.87
CA LEU O 459 14.11 -53.18 37.04
C LEU O 459 14.83 -53.93 38.16
N VAL O 460 14.55 -55.22 38.32
CA VAL O 460 15.24 -56.01 39.33
C VAL O 460 16.71 -56.13 39.01
N SER O 461 17.06 -56.27 37.73
CA SER O 461 18.46 -56.37 37.33
C SER O 461 19.20 -55.06 37.49
N ALA O 462 18.49 -53.93 37.49
CA ALA O 462 19.11 -52.63 37.72
C ALA O 462 19.08 -52.21 39.18
N CYS O 463 18.62 -53.10 40.07
CA CYS O 463 18.51 -52.88 41.51
C CYS O 463 17.50 -51.78 41.87
N LEU O 464 16.67 -51.35 40.93
CA LEU O 464 15.65 -50.36 41.26
C LEU O 464 14.54 -51.01 42.08
N LEU O 465 14.09 -52.20 41.69
CA LEU O 465 13.17 -52.99 42.49
C LEU O 465 13.92 -54.14 43.16
N GLN O 466 13.23 -54.83 44.05
CA GLN O 466 13.80 -55.98 44.75
C GLN O 466 12.77 -57.09 44.79
N VAL O 467 13.20 -58.30 44.42
CA VAL O 467 12.34 -59.47 44.58
C VAL O 467 12.47 -59.98 46.00
N SER O 468 11.35 -60.04 46.71
CA SER O 468 11.39 -60.37 48.13
C SER O 468 10.10 -61.00 48.62
N GLY O 469 10.19 -61.81 49.66
CA GLY O 469 9.03 -62.44 50.25
C GLY O 469 9.24 -63.93 50.36
N SER O 470 8.21 -64.59 50.93
CA SER O 470 8.20 -66.05 50.94
C SER O 470 8.10 -66.64 49.54
N MET O 471 7.69 -65.83 48.56
CA MET O 471 7.65 -66.22 47.17
C MET O 471 8.26 -65.10 46.34
N SER O 472 8.77 -65.45 45.17
CA SER O 472 9.35 -64.46 44.27
C SER O 472 8.31 -63.69 43.48
N SER O 473 7.03 -64.00 43.66
CA SER O 473 5.95 -63.29 42.98
C SER O 473 5.74 -61.87 43.49
N LYS O 474 6.38 -61.49 44.60
CA LYS O 474 6.25 -60.16 45.17
C LYS O 474 7.52 -59.36 44.95
N VAL O 475 7.35 -58.10 44.55
CA VAL O 475 8.46 -57.17 44.40
C VAL O 475 8.27 -56.03 45.39
N LYS O 476 9.37 -55.35 45.70
CA LYS O 476 9.34 -54.22 46.62
C LYS O 476 10.48 -53.27 46.29
N MET O 477 10.38 -52.06 46.81
CA MET O 477 11.35 -51.00 46.54
C MET O 477 12.12 -50.67 47.82
N HIS O 478 13.43 -50.53 47.69
CA HIS O 478 14.25 -50.10 48.81
C HIS O 478 13.86 -48.67 49.21
N HIS O 479 13.98 -48.37 50.50
CA HIS O 479 13.48 -47.10 51.02
C HIS O 479 14.16 -45.91 50.33
N VAL O 480 15.48 -45.97 50.18
CA VAL O 480 16.19 -44.87 49.54
C VAL O 480 15.80 -44.77 48.07
N ILE O 481 15.60 -45.90 47.41
CA ILE O 481 15.20 -45.87 46.00
C ILE O 481 13.80 -45.28 45.86
N ARG O 482 12.90 -45.59 46.80
CA ARG O 482 11.56 -44.99 46.75
C ARG O 482 11.64 -43.48 46.92
N GLN O 483 12.47 -43.00 47.85
CA GLN O 483 12.65 -41.56 48.01
C GLN O 483 13.20 -40.93 46.73
N LEU O 484 14.07 -41.66 46.03
CA LEU O 484 14.52 -41.20 44.71
C LEU O 484 13.37 -41.18 43.73
N GLY O 485 12.47 -42.16 43.80
CA GLY O 485 11.31 -42.18 42.93
C GLY O 485 10.41 -40.98 43.16
N LEU O 486 10.12 -40.68 44.43
CA LEU O 486 9.31 -39.50 44.75
C LEU O 486 10.06 -38.23 44.37
N TRP O 487 11.37 -38.19 44.60
CA TRP O 487 12.15 -37.01 44.24
C TRP O 487 12.14 -36.77 42.74
N LEU O 488 12.21 -37.83 41.95
CA LEU O 488 12.14 -37.68 40.50
C LEU O 488 10.75 -37.21 40.05
N VAL O 489 9.70 -37.70 40.72
CA VAL O 489 8.35 -37.25 40.39
C VAL O 489 8.20 -35.76 40.67
N ASN O 490 8.72 -35.29 41.80
CA ASN O 490 8.64 -33.87 42.12
C ASN O 490 9.42 -33.03 41.12
N LYS O 491 10.55 -33.56 40.64
CA LYS O 491 11.34 -32.86 39.63
C LYS O 491 10.64 -32.80 38.28
N SER O 492 9.76 -33.75 37.99
CA SER O 492 9.05 -33.79 36.71
C SER O 492 7.91 -32.78 36.70
N ASP O 493 7.36 -32.56 35.51
CA ASP O 493 6.26 -31.62 35.31
C ASP O 493 4.89 -32.29 35.36
N THR O 494 4.83 -33.57 35.72
CA THR O 494 3.58 -34.30 35.87
C THR O 494 3.46 -34.70 37.34
N LYS O 495 2.64 -33.98 38.10
CA LYS O 495 2.56 -34.19 39.53
C LYS O 495 1.84 -35.50 39.85
N PHE O 496 2.34 -36.19 40.87
CA PHE O 496 1.65 -37.31 41.48
C PHE O 496 1.15 -36.91 42.86
N LEU O 497 0.02 -37.46 43.26
CA LEU O 497 -0.47 -37.32 44.62
C LEU O 497 -0.28 -38.66 45.32
N VAL O 498 0.79 -38.77 46.10
CA VAL O 498 1.22 -40.04 46.68
C VAL O 498 1.20 -39.94 48.20
N GLN O 499 0.12 -40.43 48.81
CA GLN O 499 0.02 -40.49 50.28
C GLN O 499 -0.51 -41.85 50.72
N PRO O 500 0.22 -42.94 50.45
CA PRO O 500 -0.21 -44.24 50.96
C PRO O 500 0.51 -44.58 52.26
N GLY O 501 -0.12 -45.45 53.04
CA GLY O 501 0.51 -46.04 54.20
C GLY O 501 0.94 -45.07 55.28
N MET O 502 0.41 -43.85 55.24
CA MET O 502 0.74 -42.84 56.23
C MET O 502 -0.24 -42.82 57.41
N ALA O 503 -1.12 -43.82 57.50
CA ALA O 503 -2.13 -43.87 58.56
C ALA O 503 -2.98 -42.61 58.57
N LEU O 504 -3.36 -42.15 57.39
CA LEU O 504 -4.19 -40.97 57.26
C LEU O 504 -5.59 -41.26 57.79
N ASP O 505 -6.09 -40.40 58.67
CA ASP O 505 -7.41 -40.57 59.25
C ASP O 505 -8.50 -39.86 58.47
N ASN O 506 -8.15 -38.90 57.62
CA ASN O 506 -9.10 -38.18 56.79
C ASN O 506 -8.48 -37.96 55.41
N ALA O 507 -9.33 -37.83 54.40
CA ALA O 507 -8.86 -37.68 53.04
C ALA O 507 -8.08 -36.37 52.90
N PRO O 508 -7.10 -36.32 52.00
CA PRO O 508 -6.35 -35.07 51.80
C PRO O 508 -7.22 -34.00 51.19
N SER O 509 -6.76 -32.75 51.30
CA SER O 509 -7.51 -31.61 50.78
C SER O 509 -7.78 -31.76 49.30
N ALA O 510 -9.02 -31.49 48.90
CA ALA O 510 -9.45 -31.70 47.52
C ALA O 510 -8.75 -30.76 46.55
N GLU O 511 -8.10 -29.70 47.04
CA GLU O 511 -7.40 -28.78 46.15
C GLU O 511 -6.09 -29.37 45.64
N GLU O 512 -5.49 -30.32 46.37
CA GLU O 512 -4.26 -30.95 45.92
C GLU O 512 -4.47 -31.89 44.75
N TRP O 513 -5.72 -32.23 44.44
CA TRP O 513 -6.03 -33.22 43.40
C TRP O 513 -6.16 -32.61 42.02
N ASN O 514 -5.94 -31.30 41.88
CA ASN O 514 -6.26 -30.62 40.62
C ASN O 514 -5.41 -31.14 39.46
N GLU O 515 -4.10 -30.93 39.52
CA GLU O 515 -3.22 -31.21 38.40
C GLU O 515 -2.54 -32.57 38.48
N ALA O 516 -2.79 -33.34 39.53
CA ALA O 516 -2.15 -34.64 39.66
C ALA O 516 -2.69 -35.62 38.62
N THR O 517 -1.86 -36.59 38.26
CA THR O 517 -2.22 -37.62 37.30
C THR O 517 -2.39 -38.99 37.95
N ARG O 518 -1.59 -39.29 38.97
CA ARG O 518 -1.70 -40.54 39.72
C ARG O 518 -2.05 -40.22 41.16
N ILE O 519 -3.09 -40.88 41.68
CA ILE O 519 -3.54 -40.70 43.05
C ILE O 519 -3.43 -42.04 43.76
N SER O 520 -2.90 -42.00 44.99
CA SER O 520 -2.74 -43.21 45.77
C SER O 520 -2.87 -42.88 47.26
N ILE O 521 -3.91 -43.42 47.89
CA ILE O 521 -4.10 -43.27 49.32
C ILE O 521 -4.28 -44.64 49.96
N MET O 522 -3.61 -45.65 49.40
CA MET O 522 -3.64 -47.01 49.91
C MET O 522 -3.32 -47.11 51.39
N SER O 523 -3.80 -48.17 52.03
CA SER O 523 -3.47 -48.55 53.41
C SER O 523 -3.72 -47.43 54.40
N ASN O 524 -4.54 -46.44 54.04
CA ASN O 524 -4.93 -45.42 54.99
C ASN O 524 -6.20 -45.82 55.73
N ASN O 525 -6.43 -45.18 56.86
CA ASN O 525 -7.63 -45.39 57.67
C ASN O 525 -8.76 -44.46 57.28
N ILE O 526 -8.85 -44.07 56.00
CA ILE O 526 -9.86 -43.14 55.55
C ILE O 526 -11.25 -43.67 55.91
N THR O 527 -12.08 -42.80 56.46
CA THR O 527 -13.44 -43.17 56.85
C THR O 527 -14.50 -42.55 55.96
N GLU O 528 -14.28 -41.34 55.46
CA GLU O 528 -15.27 -40.65 54.65
C GLU O 528 -14.60 -39.98 53.47
N LEU O 529 -15.23 -40.11 52.29
CA LEU O 529 -14.77 -39.47 51.06
C LEU O 529 -15.98 -38.72 50.48
N SER O 530 -16.14 -37.47 50.89
CA SER O 530 -17.39 -36.75 50.67
C SER O 530 -17.29 -35.63 49.66
N PHE O 531 -16.10 -35.21 49.25
CA PHE O 531 -16.00 -34.13 48.30
C PHE O 531 -16.06 -34.67 46.86
N SER O 532 -16.05 -33.76 45.89
CA SER O 532 -15.99 -34.10 44.48
C SER O 532 -14.76 -33.45 43.87
N PRO O 533 -13.71 -34.20 43.56
CA PRO O 533 -12.46 -33.58 43.14
C PRO O 533 -12.55 -33.04 41.71
N LYS O 534 -11.55 -32.24 41.35
CA LYS O 534 -11.41 -31.66 40.02
C LYS O 534 -10.44 -32.45 39.15
N CYS O 535 -10.38 -33.77 39.32
CA CYS O 535 -9.34 -34.59 38.71
C CYS O 535 -9.56 -34.82 37.22
N LYS O 536 -9.37 -33.78 36.40
CA LYS O 536 -9.51 -33.96 34.96
C LYS O 536 -8.39 -34.80 34.37
N ASN O 537 -7.15 -34.60 34.83
CA ASN O 537 -6.00 -35.27 34.25
C ASN O 537 -5.68 -36.61 34.89
N VAL O 538 -6.38 -36.99 35.97
CA VAL O 538 -6.06 -38.22 36.68
C VAL O 538 -6.35 -39.42 35.80
N THR O 539 -5.36 -40.30 35.68
CA THR O 539 -5.48 -41.53 34.91
C THR O 539 -5.30 -42.79 35.74
N THR O 540 -5.23 -42.68 37.06
CA THR O 540 -4.96 -43.82 37.92
C THR O 540 -5.31 -43.47 39.36
N LEU O 541 -6.14 -44.30 39.99
CA LEU O 541 -6.63 -44.05 41.34
C LEU O 541 -6.59 -45.36 42.12
N LEU O 542 -5.94 -45.35 43.28
CA LEU O 542 -5.81 -46.53 44.13
C LEU O 542 -6.39 -46.21 45.49
N MET O 543 -7.16 -47.15 46.05
CA MET O 543 -7.67 -47.05 47.41
C MET O 543 -7.64 -48.38 48.16
N GLN O 544 -6.68 -49.26 47.87
CA GLN O 544 -6.61 -50.54 48.56
C GLN O 544 -6.45 -50.35 50.06
N ASN O 545 -6.94 -51.34 50.83
CA ASN O 545 -6.70 -51.44 52.26
C ASN O 545 -7.20 -50.23 53.03
N ASN O 546 -8.34 -49.68 52.63
CA ASN O 546 -9.03 -48.69 53.44
C ASN O 546 -10.17 -49.38 54.18
N PRO O 547 -9.91 -49.89 55.39
CA PRO O 547 -10.91 -50.78 56.02
C PRO O 547 -12.16 -50.05 56.50
N ASN O 548 -12.10 -48.73 56.67
CA ASN O 548 -13.22 -47.99 57.23
C ASN O 548 -13.94 -47.11 56.21
N LEU O 549 -13.38 -46.94 55.03
CA LEU O 549 -14.00 -46.09 54.01
C LEU O 549 -15.23 -46.82 53.46
N ASN O 550 -16.42 -46.34 53.82
CA ASN O 550 -17.66 -46.94 53.37
C ASN O 550 -18.66 -45.94 52.77
N LYS O 551 -18.47 -44.64 52.98
CA LYS O 551 -19.34 -43.64 52.41
C LYS O 551 -18.56 -42.83 51.38
N MET O 552 -19.11 -42.73 50.18
CA MET O 552 -18.50 -41.99 49.09
C MET O 552 -19.52 -41.04 48.50
N SER O 553 -19.06 -39.85 48.12
CA SER O 553 -19.96 -38.85 47.58
C SER O 553 -20.50 -39.29 46.23
N TYR O 554 -21.82 -39.21 46.08
CA TYR O 554 -22.45 -39.50 44.79
C TYR O 554 -22.02 -38.45 43.77
N GLY O 555 -21.70 -38.90 42.56
CA GLY O 555 -21.07 -38.02 41.59
C GLY O 555 -19.61 -37.78 41.85
N PHE O 556 -18.93 -38.71 42.51
CA PHE O 556 -17.50 -38.55 42.77
C PHE O 556 -16.70 -38.63 41.48
N PHE O 557 -17.11 -39.49 40.55
CA PHE O 557 -16.38 -39.75 39.32
C PHE O 557 -16.79 -38.86 38.16
N ARG O 558 -17.43 -37.70 38.43
CA ARG O 558 -17.89 -36.84 37.34
C ARG O 558 -16.72 -36.30 36.53
N THR O 559 -15.64 -35.90 37.20
CA THR O 559 -14.49 -35.32 36.53
C THR O 559 -13.42 -36.34 36.16
N MET O 560 -13.67 -37.63 36.37
CA MET O 560 -12.68 -38.69 36.16
C MET O 560 -12.76 -39.34 34.80
N SER O 561 -13.11 -38.57 33.76
CA SER O 561 -13.29 -39.14 32.42
C SER O 561 -12.07 -39.91 31.94
N SER O 562 -10.87 -39.44 32.27
CA SER O 562 -9.65 -40.08 31.81
C SER O 562 -9.11 -41.12 32.79
N LEU O 563 -9.82 -41.39 33.88
CA LEU O 563 -9.40 -42.41 34.84
C LEU O 563 -9.36 -43.79 34.19
N LYS O 564 -8.21 -44.45 34.27
CA LYS O 564 -8.04 -45.74 33.61
C LYS O 564 -7.98 -46.91 34.59
N VAL O 565 -7.41 -46.70 35.78
CA VAL O 565 -7.30 -47.74 36.80
C VAL O 565 -8.01 -47.26 38.05
N LEU O 566 -8.91 -48.10 38.57
CA LEU O 566 -9.70 -47.77 39.75
C LEU O 566 -9.72 -48.98 40.67
N ASP O 567 -9.23 -48.82 41.88
CA ASP O 567 -9.12 -49.92 42.85
C ASP O 567 -9.77 -49.53 44.17
N LEU O 568 -11.04 -49.92 44.33
CA LEU O 568 -11.66 -49.93 45.65
C LEU O 568 -11.60 -51.36 46.20
N SER O 569 -10.39 -51.76 46.57
CA SER O 569 -10.13 -53.11 47.05
C SER O 569 -9.90 -53.11 48.56
N HIS O 570 -10.38 -54.17 49.21
CA HIS O 570 -10.24 -54.34 50.65
C HIS O 570 -10.81 -53.15 51.41
N THR O 571 -11.88 -52.58 50.86
CA THR O 571 -12.52 -51.41 51.44
C THR O 571 -13.94 -51.78 51.84
N ALA O 572 -14.57 -50.89 52.62
CA ALA O 572 -15.81 -51.19 53.29
C ALA O 572 -17.05 -50.63 52.59
N ILE O 573 -16.92 -50.15 51.35
CA ILE O 573 -18.08 -49.60 50.66
C ILE O 573 -19.08 -50.72 50.37
N THR O 574 -20.35 -50.40 50.52
CA THR O 574 -21.42 -51.31 50.13
C THR O 574 -22.09 -50.90 48.83
N SER O 575 -21.90 -49.66 48.40
CA SER O 575 -22.46 -49.17 47.15
C SER O 575 -21.44 -48.29 46.46
N LEU O 576 -21.55 -48.21 45.14
CA LEU O 576 -20.62 -47.41 44.35
C LEU O 576 -21.35 -46.30 43.63
N PRO O 577 -20.82 -45.08 43.62
CA PRO O 577 -21.45 -43.99 42.86
C PRO O 577 -21.53 -44.32 41.38
N GLU O 578 -22.58 -43.83 40.73
CA GLU O 578 -22.73 -44.07 39.30
C GLU O 578 -21.56 -43.46 38.53
N CYS O 579 -21.15 -44.15 37.47
CA CYS O 579 -19.91 -43.79 36.78
C CYS O 579 -20.07 -43.77 35.27
N ASP O 580 -21.16 -43.17 34.76
CA ASP O 580 -21.31 -43.02 33.33
C ASP O 580 -20.26 -42.10 32.72
N ALA O 581 -19.61 -41.26 33.54
CA ALA O 581 -18.59 -40.36 33.03
C ALA O 581 -17.24 -41.05 32.85
N LEU O 582 -17.08 -42.27 33.35
CA LEU O 582 -15.83 -43.01 33.19
C LEU O 582 -15.76 -43.61 31.79
N VAL O 583 -15.52 -42.76 30.80
CA VAL O 583 -15.53 -43.21 29.41
C VAL O 583 -14.33 -44.10 29.11
N ALA O 584 -13.17 -43.81 29.70
CA ALA O 584 -11.93 -44.48 29.33
C ALA O 584 -11.45 -45.50 30.36
N LEU O 585 -12.26 -45.83 31.36
CA LEU O 585 -11.82 -46.79 32.36
C LEU O 585 -11.65 -48.18 31.74
N GLU O 586 -10.55 -48.83 32.07
CA GLU O 586 -10.24 -50.16 31.57
C GLU O 586 -9.99 -51.19 32.65
N HIS O 587 -9.73 -50.77 33.89
CA HIS O 587 -9.49 -51.68 35.00
C HIS O 587 -10.32 -51.22 36.17
N LEU O 588 -10.98 -52.16 36.84
CA LEU O 588 -11.86 -51.85 37.97
C LEU O 588 -11.87 -53.06 38.91
N ASN O 589 -11.29 -52.90 40.09
CA ASN O 589 -11.18 -53.97 41.06
C ASN O 589 -11.95 -53.59 42.31
N LEU O 590 -12.82 -54.49 42.78
CA LEU O 590 -13.59 -54.28 44.00
C LEU O 590 -13.51 -55.49 44.93
N SER O 591 -12.40 -56.21 44.90
CA SER O 591 -12.29 -57.45 45.66
C SER O 591 -12.28 -57.18 47.16
N HIS O 592 -12.81 -58.15 47.92
CA HIS O 592 -12.83 -58.11 49.38
C HIS O 592 -13.60 -56.90 49.91
N THR O 593 -14.65 -56.50 49.22
CA THR O 593 -15.48 -55.38 49.64
C THR O 593 -16.94 -55.81 49.76
N HIS O 594 -17.72 -55.01 50.49
CA HIS O 594 -19.09 -55.37 50.82
C HIS O 594 -20.09 -54.82 49.80
N ILE O 595 -19.64 -54.59 48.57
CA ILE O 595 -20.54 -54.14 47.52
C ILE O 595 -21.59 -55.24 47.29
N MET O 596 -22.87 -54.88 47.42
CA MET O 596 -23.93 -55.87 47.29
C MET O 596 -24.56 -55.88 45.90
N ARG O 597 -24.70 -54.73 45.26
CA ARG O 597 -25.17 -54.67 43.89
C ARG O 597 -24.31 -53.68 43.12
N LEU O 598 -24.07 -54.01 41.86
CA LEU O 598 -23.20 -53.20 41.02
C LEU O 598 -24.05 -52.35 40.09
N PRO O 599 -23.87 -51.03 40.09
CA PRO O 599 -24.80 -50.14 39.38
C PRO O 599 -24.86 -50.44 37.88
N GLU O 600 -26.02 -50.17 37.29
CA GLU O 600 -26.27 -50.49 35.89
C GLU O 600 -25.49 -49.60 34.92
N ARG O 601 -24.88 -48.51 35.41
CA ARG O 601 -24.11 -47.65 34.53
C ARG O 601 -22.83 -48.35 34.05
N LEU O 602 -22.40 -49.39 34.76
CA LEU O 602 -21.18 -50.10 34.36
C LEU O 602 -21.34 -50.81 33.03
N TRP O 603 -22.55 -51.28 32.72
CA TRP O 603 -22.79 -52.01 31.48
C TRP O 603 -22.63 -51.15 30.23
N LEU O 604 -22.65 -49.83 30.35
CA LEU O 604 -22.44 -48.95 29.21
C LEU O 604 -20.98 -48.52 29.06
N LEU O 605 -20.12 -48.88 30.00
CA LEU O 605 -18.69 -48.56 29.91
C LEU O 605 -18.08 -49.39 28.79
N LYS O 606 -17.85 -48.74 27.64
CA LYS O 606 -17.44 -49.47 26.45
C LYS O 606 -15.97 -49.88 26.50
N GLU O 607 -15.14 -49.14 27.23
CA GLU O 607 -13.70 -49.36 27.21
C GLU O 607 -13.20 -50.32 28.28
N LEU O 608 -14.09 -50.84 29.14
CA LEU O 608 -13.64 -51.69 30.23
C LEU O 608 -13.03 -52.99 29.69
N ARG O 609 -11.94 -53.42 30.32
CA ARG O 609 -11.22 -54.62 29.91
C ARG O 609 -10.98 -55.61 31.03
N HIS O 610 -11.03 -55.17 32.29
CA HIS O 610 -10.80 -56.05 33.44
C HIS O 610 -11.71 -55.61 34.57
N LEU O 611 -12.51 -56.53 35.09
CA LEU O 611 -13.44 -56.27 36.17
C LEU O 611 -13.36 -57.40 37.17
N ASP O 612 -13.00 -57.08 38.41
CA ASP O 612 -12.76 -58.07 39.45
C ASP O 612 -13.68 -57.82 40.64
N LEU O 613 -14.36 -58.86 41.11
CA LEU O 613 -15.12 -58.82 42.35
C LEU O 613 -14.90 -60.05 43.20
N SER O 614 -13.66 -60.55 43.29
CA SER O 614 -13.40 -61.75 44.05
C SER O 614 -13.62 -61.51 45.54
N VAL O 615 -14.09 -62.55 46.23
CA VAL O 615 -14.29 -62.54 47.69
C VAL O 615 -15.22 -61.40 48.08
N THR O 616 -16.13 -61.03 47.19
CA THR O 616 -17.18 -60.06 47.54
C THR O 616 -18.28 -60.79 48.30
N VAL O 617 -18.30 -60.59 49.62
CA VAL O 617 -19.23 -61.34 50.47
C VAL O 617 -20.67 -60.90 50.25
N ALA O 618 -20.91 -59.60 50.11
CA ALA O 618 -22.27 -59.10 50.01
C ALA O 618 -22.80 -59.07 48.58
N PHE O 619 -21.97 -59.35 47.58
CA PHE O 619 -22.38 -59.21 46.18
C PHE O 619 -23.52 -60.17 45.87
N GLU O 620 -24.64 -59.61 45.37
CA GLU O 620 -25.79 -60.43 45.01
C GLU O 620 -26.50 -59.94 43.75
N ASP O 621 -25.80 -59.25 42.85
CA ASP O 621 -26.41 -58.64 41.67
C ASP O 621 -26.25 -59.56 40.47
N THR O 622 -27.34 -59.74 39.71
CA THR O 622 -27.32 -60.59 38.53
C THR O 622 -26.41 -60.01 37.46
N MET O 623 -25.60 -60.87 36.82
CA MET O 623 -24.65 -60.40 35.83
C MET O 623 -25.19 -60.43 34.41
N ASN O 624 -26.50 -60.60 34.22
CA ASN O 624 -27.04 -60.80 32.88
C ASN O 624 -26.75 -59.61 31.97
N ASN O 625 -26.59 -58.42 32.54
CA ASN O 625 -26.29 -57.24 31.74
C ASN O 625 -24.82 -57.14 31.35
N CYS O 626 -23.99 -58.13 31.71
CA CYS O 626 -22.59 -58.12 31.28
C CYS O 626 -22.46 -58.34 29.78
N SER O 627 -23.53 -58.76 29.11
CA SER O 627 -23.49 -58.90 27.66
C SER O 627 -23.15 -57.60 26.95
N LYS O 628 -23.63 -56.47 27.48
CA LYS O 628 -23.28 -55.17 26.91
C LYS O 628 -21.82 -54.81 27.11
N LEU O 629 -21.10 -55.54 27.96
CA LEU O 629 -19.68 -55.31 28.20
C LEU O 629 -18.82 -56.15 27.26
N HIS O 630 -18.89 -55.84 25.97
CA HIS O 630 -18.24 -56.66 24.96
C HIS O 630 -16.72 -56.66 25.08
N LYS O 631 -16.13 -55.50 25.32
CA LYS O 631 -14.68 -55.34 25.23
C LYS O 631 -13.93 -55.98 26.38
N LEU O 632 -14.62 -56.39 27.45
CA LEU O 632 -13.94 -56.87 28.63
C LEU O 632 -13.15 -58.15 28.35
N LYS O 633 -11.95 -58.22 28.90
CA LYS O 633 -11.06 -59.36 28.69
C LYS O 633 -11.03 -60.30 29.89
N VAL O 634 -11.29 -59.80 31.10
CA VAL O 634 -11.19 -60.59 32.31
C VAL O 634 -12.35 -60.26 33.24
N LEU O 635 -13.01 -61.29 33.74
CA LEU O 635 -14.01 -61.20 34.81
C LEU O 635 -13.64 -62.17 35.91
N ASN O 636 -13.76 -61.74 37.17
CA ASN O 636 -13.36 -62.58 38.30
C ASN O 636 -14.39 -62.47 39.40
N LEU O 637 -15.00 -63.60 39.75
CA LEU O 637 -15.90 -63.72 40.89
C LEU O 637 -15.47 -64.80 41.87
N PHE O 638 -14.17 -65.10 41.95
CA PHE O 638 -13.70 -66.21 42.75
C PHE O 638 -13.99 -65.99 44.23
N ARG O 639 -14.50 -67.02 44.89
CA ARG O 639 -14.93 -67.01 46.28
C ARG O 639 -16.02 -65.99 46.58
N SER O 640 -16.68 -65.45 45.56
CA SER O 640 -17.81 -64.57 45.79
C SER O 640 -19.00 -65.38 46.30
N HIS O 641 -19.77 -64.77 47.19
CA HIS O 641 -20.94 -65.44 47.75
C HIS O 641 -22.00 -65.74 46.70
N TYR O 642 -22.07 -64.94 45.64
CA TYR O 642 -23.01 -65.16 44.56
C TYR O 642 -22.26 -65.52 43.29
N GLY O 643 -22.90 -66.32 42.45
CA GLY O 643 -22.33 -66.72 41.19
C GLY O 643 -23.35 -67.31 40.25
N ILE O 644 -22.98 -68.37 39.53
CA ILE O 644 -23.90 -69.06 38.65
C ILE O 644 -24.57 -70.19 39.42
N ARG O 645 -25.70 -69.88 40.07
CA ARG O 645 -26.40 -70.89 40.85
C ARG O 645 -27.20 -71.84 39.96
N ASP O 646 -27.49 -71.43 38.72
CA ASP O 646 -28.26 -72.24 37.80
C ASP O 646 -27.92 -71.84 36.38
N VAL O 647 -28.33 -72.69 35.43
CA VAL O 647 -28.01 -72.48 34.01
C VAL O 647 -28.59 -71.18 33.48
N ASP O 648 -29.55 -70.59 34.21
CA ASP O 648 -30.17 -69.34 33.75
C ASP O 648 -29.17 -68.22 33.56
N ASN O 649 -28.09 -68.19 34.34
CA ASN O 649 -27.07 -67.16 34.22
C ASN O 649 -25.80 -67.68 33.56
N LEU O 650 -25.91 -68.67 32.67
CA LEU O 650 -24.78 -69.19 31.90
C LEU O 650 -24.61 -68.47 30.56
N ASN O 651 -24.99 -67.20 30.50
CA ASN O 651 -24.99 -66.44 29.25
C ASN O 651 -23.63 -65.79 29.00
N LEU O 652 -22.57 -66.38 29.55
CA LEU O 652 -21.23 -65.84 29.38
C LEU O 652 -20.73 -65.91 27.94
N ASP O 653 -21.44 -66.62 27.05
CA ASP O 653 -21.04 -66.70 25.66
C ASP O 653 -21.13 -65.35 24.95
N SER O 654 -21.80 -64.36 25.55
CA SER O 654 -21.80 -63.01 24.99
C SER O 654 -20.47 -62.31 25.23
N LEU O 655 -19.65 -62.80 26.15
CA LEU O 655 -18.33 -62.22 26.40
C LEU O 655 -17.34 -62.85 25.43
N LYS O 656 -17.26 -62.25 24.24
CA LYS O 656 -16.44 -62.81 23.17
C LYS O 656 -14.97 -62.45 23.31
N GLU O 657 -14.63 -61.44 24.12
CA GLU O 657 -13.25 -61.05 24.32
C GLU O 657 -12.61 -61.67 25.55
N LEU O 658 -13.36 -62.46 26.32
CA LEU O 658 -12.87 -62.94 27.61
C LEU O 658 -11.71 -63.91 27.42
N LEU O 659 -10.71 -63.81 28.30
CA LEU O 659 -9.53 -64.66 28.28
C LEU O 659 -9.34 -65.47 29.55
N PHE O 660 -9.54 -64.85 30.72
CA PHE O 660 -9.37 -65.52 32.00
C PHE O 660 -10.55 -65.16 32.90
N LEU O 661 -11.02 -66.15 33.67
CA LEU O 661 -12.16 -65.93 34.56
C LEU O 661 -12.07 -66.86 35.75
N GLY O 662 -12.56 -66.39 36.88
CA GLY O 662 -12.74 -67.22 38.06
C GLY O 662 -14.09 -66.96 38.68
N ILE O 663 -14.86 -68.03 38.89
CA ILE O 663 -16.25 -67.92 39.32
C ILE O 663 -16.56 -69.02 40.33
N THR O 664 -17.66 -68.84 41.04
CA THR O 664 -18.15 -69.83 41.99
C THR O 664 -19.32 -70.59 41.37
N ILE O 665 -19.22 -71.92 41.34
CA ILE O 665 -20.22 -72.78 40.72
C ILE O 665 -20.81 -73.68 41.80
N TYR O 666 -22.14 -73.82 41.79
CA TYR O 666 -22.85 -74.49 42.86
C TYR O 666 -23.49 -75.82 42.48
N ALA O 667 -23.85 -76.04 41.21
CA ALA O 667 -24.74 -77.12 40.85
C ALA O 667 -24.04 -78.13 39.94
N GLU O 668 -24.43 -79.39 40.10
CA GLU O 668 -23.85 -80.47 39.29
C GLU O 668 -24.24 -80.33 37.82
N ASP O 669 -25.49 -79.95 37.54
CA ASP O 669 -25.94 -79.82 36.16
C ASP O 669 -25.16 -78.74 35.43
N VAL O 670 -24.73 -77.70 36.15
CA VAL O 670 -23.86 -76.69 35.56
C VAL O 670 -22.54 -77.32 35.14
N LEU O 671 -21.99 -78.22 35.97
CA LEU O 671 -20.82 -78.98 35.57
C LEU O 671 -21.13 -79.86 34.35
N LYS O 672 -22.34 -80.41 34.29
CA LYS O 672 -22.77 -81.15 33.11
C LYS O 672 -23.04 -80.24 31.91
N LYS O 673 -23.44 -78.99 32.15
CA LYS O 673 -23.52 -77.99 31.09
C LYS O 673 -22.15 -77.40 30.74
N LEU O 674 -21.14 -77.67 31.55
CA LEU O 674 -19.76 -77.35 31.21
C LEU O 674 -18.94 -78.58 30.83
N ASN O 675 -19.60 -79.72 30.61
CA ASN O 675 -18.92 -80.97 30.34
C ASN O 675 -18.52 -81.07 28.86
N MET O 676 -18.94 -80.10 28.06
CA MET O 676 -18.61 -80.08 26.64
C MET O 676 -17.49 -79.07 26.40
N PRO O 677 -16.64 -79.31 25.40
CA PRO O 677 -15.47 -78.45 25.20
C PRO O 677 -15.78 -77.14 24.52
N ARG O 678 -15.54 -76.04 25.22
CA ARG O 678 -15.63 -74.69 24.67
C ARG O 678 -14.80 -73.78 25.55
N PRO O 679 -14.34 -72.63 25.03
CA PRO O 679 -13.57 -71.70 25.88
C PRO O 679 -14.32 -71.25 27.12
N LEU O 680 -15.64 -71.08 27.03
CA LEU O 680 -16.43 -70.69 28.20
C LEU O 680 -16.30 -71.72 29.30
N ALA O 681 -16.33 -73.00 28.93
CA ALA O 681 -16.22 -74.08 29.92
C ALA O 681 -14.80 -74.26 30.45
N LYS O 682 -13.79 -73.70 29.78
CA LYS O 682 -12.41 -73.93 30.18
C LYS O 682 -11.62 -72.65 30.47
N SER O 683 -12.18 -71.46 30.23
CA SER O 683 -11.49 -70.24 30.62
C SER O 683 -11.48 -70.01 32.11
N THR O 684 -12.13 -70.88 32.89
CA THR O 684 -12.15 -70.74 34.34
C THR O 684 -10.82 -71.22 34.94
N HIS O 685 -9.92 -70.28 35.22
CA HIS O 685 -8.61 -70.65 35.75
C HIS O 685 -8.67 -71.09 37.21
N ARG O 686 -9.70 -70.67 37.95
CA ARG O 686 -9.89 -71.14 39.31
C ARG O 686 -11.38 -71.11 39.64
N LEU O 687 -11.79 -72.03 40.50
CA LEU O 687 -13.20 -72.23 40.83
C LEU O 687 -13.36 -72.29 42.34
N ASN O 688 -14.53 -71.85 42.82
CA ASN O 688 -14.89 -71.95 44.22
C ASN O 688 -16.17 -72.78 44.34
N LEU O 689 -16.19 -73.70 45.30
CA LEU O 689 -17.33 -74.56 45.54
C LEU O 689 -17.88 -74.26 46.93
N LYS O 690 -19.08 -73.70 46.99
CA LYS O 690 -19.71 -73.30 48.25
C LYS O 690 -21.19 -73.60 48.18
N TYR O 691 -21.76 -74.04 49.31
CA TYR O 691 -23.18 -74.39 49.42
C TYR O 691 -23.55 -75.45 48.39
N CYS O 692 -22.66 -76.41 48.16
CA CYS O 692 -22.88 -77.41 47.13
C CYS O 692 -23.98 -78.38 47.52
N ALA O 693 -24.92 -78.60 46.60
CA ALA O 693 -25.99 -79.57 46.80
C ALA O 693 -25.97 -80.55 45.63
N GLU O 694 -26.24 -81.82 45.95
CA GLU O 694 -26.13 -82.92 44.99
C GLU O 694 -24.71 -83.03 44.43
N MET O 695 -23.72 -82.72 45.27
CA MET O 695 -22.31 -82.78 44.91
C MET O 695 -21.56 -83.66 45.90
N GLN O 696 -22.08 -84.86 46.15
CA GLN O 696 -21.46 -85.77 47.11
C GLN O 696 -20.04 -86.16 46.70
N SER O 697 -19.77 -86.22 45.40
CA SER O 697 -18.43 -86.54 44.93
C SER O 697 -18.13 -85.73 43.67
N ILE O 698 -16.85 -85.45 43.46
CA ILE O 698 -16.37 -84.74 42.29
C ILE O 698 -15.10 -85.41 41.80
N LYS O 699 -15.00 -85.61 40.49
CA LYS O 699 -13.86 -86.26 39.87
C LYS O 699 -13.10 -85.27 39.01
N ILE O 700 -11.77 -85.34 39.05
CA ILE O 700 -10.94 -84.45 38.25
C ILE O 700 -11.17 -84.70 36.76
N SER O 701 -11.60 -85.91 36.40
CA SER O 701 -11.85 -86.22 35.00
C SER O 701 -12.92 -85.32 34.40
N ASP O 702 -13.97 -85.02 35.15
CA ASP O 702 -14.96 -84.03 34.70
C ASP O 702 -14.38 -82.63 34.63
N LEU O 703 -13.37 -82.32 35.45
CA LEU O 703 -12.67 -81.05 35.37
C LEU O 703 -11.59 -81.03 34.29
N SER O 704 -11.35 -82.17 33.62
CA SER O 704 -10.29 -82.23 32.63
C SER O 704 -10.55 -81.31 31.43
N HIS O 705 -11.82 -80.96 31.17
CA HIS O 705 -12.10 -80.00 30.12
C HIS O 705 -11.55 -78.62 30.47
N MET O 706 -11.48 -78.31 31.76
CA MET O 706 -10.92 -77.04 32.24
C MET O 706 -9.39 -77.07 32.16
N GLU O 707 -8.89 -76.85 30.95
CA GLU O 707 -7.45 -76.91 30.73
C GLU O 707 -6.72 -75.73 31.36
N HIS O 708 -7.44 -74.71 31.80
CA HIS O 708 -6.84 -73.54 32.42
C HIS O 708 -6.96 -73.53 33.94
N LEU O 709 -7.70 -74.48 34.52
CA LEU O 709 -7.91 -74.48 35.96
C LEU O 709 -6.58 -74.63 36.70
N GLU O 710 -6.40 -73.81 37.73
CA GLU O 710 -5.16 -73.84 38.51
C GLU O 710 -5.43 -73.90 40.01
N GLU O 711 -6.62 -73.45 40.43
CA GLU O 711 -6.94 -73.40 41.84
C GLU O 711 -8.40 -73.79 42.07
N LEU O 712 -8.66 -74.41 43.22
CA LEU O 712 -10.01 -74.75 43.63
C LEU O 712 -10.24 -74.33 45.07
N TYR O 713 -11.46 -73.88 45.36
CA TYR O 713 -11.88 -73.54 46.71
C TYR O 713 -13.13 -74.33 47.05
N VAL O 714 -13.10 -75.03 48.18
CA VAL O 714 -14.25 -75.79 48.66
C VAL O 714 -14.53 -75.36 50.09
N GLU O 715 -15.76 -74.93 50.35
CA GLU O 715 -16.12 -74.47 51.68
C GLU O 715 -17.63 -74.58 51.87
N SER O 716 -18.02 -75.15 53.02
CA SER O 716 -19.42 -75.25 53.42
C SER O 716 -20.25 -76.01 52.38
N CYS O 717 -19.90 -77.28 52.19
CA CYS O 717 -20.64 -78.17 51.31
C CYS O 717 -21.56 -79.06 52.15
N TYR O 718 -22.83 -79.13 51.76
CA TYR O 718 -23.83 -79.81 52.58
C TYR O 718 -23.74 -81.33 52.48
N ASP O 719 -23.41 -81.87 51.30
CA ASP O 719 -23.44 -83.32 51.11
C ASP O 719 -22.14 -83.88 50.55
N LEU O 720 -21.06 -83.10 50.52
CA LEU O 720 -19.79 -83.61 50.02
C LEU O 720 -19.26 -84.70 50.93
N ASN O 721 -18.89 -85.82 50.34
CA ASN O 721 -18.31 -86.93 51.10
C ASN O 721 -16.94 -87.35 50.62
N THR O 722 -16.72 -87.43 49.31
CA THR O 722 -15.46 -87.91 48.75
C THR O 722 -15.12 -87.09 47.51
N VAL O 723 -13.84 -87.15 47.15
CA VAL O 723 -13.33 -86.54 45.92
C VAL O 723 -12.41 -87.54 45.25
N VAL O 724 -12.50 -87.64 43.92
CA VAL O 724 -11.72 -88.60 43.15
C VAL O 724 -10.67 -87.83 42.35
N ALA O 725 -9.40 -88.13 42.61
CA ALA O 725 -8.29 -87.59 41.82
C ALA O 725 -7.84 -88.67 40.86
N ASP O 726 -8.33 -88.61 39.63
CA ASP O 726 -8.09 -89.66 38.66
C ASP O 726 -6.61 -89.73 38.29
N ALA O 727 -6.17 -90.94 37.94
CA ALA O 727 -4.83 -91.12 37.40
C ALA O 727 -4.71 -90.57 35.98
N GLU O 728 -5.83 -90.36 35.30
CA GLU O 728 -5.84 -89.75 33.97
C GLU O 728 -5.37 -88.31 34.10
N LEU O 729 -4.20 -88.02 33.54
CA LEU O 729 -3.60 -86.70 33.70
C LEU O 729 -4.34 -85.66 32.88
N THR O 730 -4.14 -84.40 33.27
CA THR O 730 -4.71 -83.26 32.56
C THR O 730 -3.61 -82.23 32.35
N THR O 731 -3.69 -81.54 31.21
CA THR O 731 -2.74 -80.46 30.94
C THR O 731 -2.94 -79.27 31.87
N SER O 732 -4.08 -79.19 32.54
CA SER O 732 -4.31 -78.14 33.53
C SER O 732 -3.35 -78.32 34.70
N GLN O 733 -2.63 -77.27 35.05
CA GLN O 733 -1.68 -77.31 36.15
C GLN O 733 -2.42 -76.97 37.43
N LEU O 734 -2.75 -78.00 38.20
CA LEU O 734 -3.33 -77.79 39.53
C LEU O 734 -2.24 -77.25 40.45
N GLN O 735 -2.35 -75.99 40.83
CA GLN O 735 -1.27 -75.32 41.57
C GLN O 735 -1.61 -75.13 43.04
N PHE O 736 -2.79 -74.58 43.34
CA PHE O 736 -3.19 -74.24 44.70
C PHE O 736 -4.57 -74.82 44.98
N LEU O 737 -4.76 -75.36 46.17
CA LEU O 737 -6.09 -75.72 46.65
C LEU O 737 -6.25 -75.25 48.08
N THR O 738 -7.50 -75.06 48.50
CA THR O 738 -7.82 -74.70 49.87
C THR O 738 -9.12 -75.38 50.28
N LEU O 739 -9.06 -76.15 51.35
CA LEU O 739 -10.23 -76.79 51.93
C LEU O 739 -10.52 -76.11 53.27
N SER O 740 -11.65 -75.41 53.34
CA SER O 740 -11.99 -74.61 54.50
C SER O 740 -13.42 -74.91 54.93
N VAL O 741 -13.62 -75.02 56.25
CA VAL O 741 -14.95 -75.19 56.84
C VAL O 741 -15.73 -76.28 56.13
N LEU O 742 -15.25 -77.52 56.23
CA LEU O 742 -15.91 -78.63 55.56
C LEU O 742 -16.18 -79.77 56.52
N PRO O 743 -17.21 -79.68 57.38
CA PRO O 743 -17.60 -80.80 58.24
C PRO O 743 -18.53 -81.79 57.53
N SER O 744 -18.24 -82.06 56.25
CA SER O 744 -18.94 -83.09 55.51
C SER O 744 -17.94 -84.01 54.81
N LEU O 745 -16.85 -83.43 54.31
CA LEU O 745 -15.85 -84.20 53.58
C LEU O 745 -15.08 -85.11 54.52
N GLU O 746 -14.83 -86.35 54.08
CA GLU O 746 -14.15 -87.32 54.92
C GLU O 746 -12.82 -87.77 54.32
N SER O 747 -12.82 -88.15 53.05
CA SER O 747 -11.62 -88.71 52.43
C SER O 747 -11.59 -88.38 50.95
N VAL O 748 -10.40 -88.42 50.37
CA VAL O 748 -10.16 -88.16 48.96
C VAL O 748 -9.13 -89.15 48.44
N LEU O 749 -9.37 -89.69 47.24
CA LEU O 749 -8.55 -90.76 46.69
C LEU O 749 -7.59 -90.21 45.65
N VAL O 750 -6.34 -90.65 45.71
CA VAL O 750 -5.30 -90.24 44.77
C VAL O 750 -4.53 -91.47 44.32
N ALA O 751 -4.22 -91.52 43.02
CA ALA O 751 -3.49 -92.65 42.46
C ALA O 751 -2.06 -92.66 42.99
N PRO O 752 -1.46 -93.85 43.12
CA PRO O 752 -0.11 -93.95 43.72
C PRO O 752 1.02 -93.56 42.76
N MET O 753 0.89 -93.91 41.48
CA MET O 753 1.99 -93.72 40.54
C MET O 753 1.96 -92.34 39.89
N SER O 754 0.89 -92.01 39.18
CA SER O 754 0.77 -90.71 38.55
C SER O 754 -0.60 -90.14 38.89
N HIS O 755 -0.66 -88.82 39.03
CA HIS O 755 -1.87 -88.17 39.50
C HIS O 755 -1.93 -86.76 38.92
N ASN O 756 -3.13 -86.18 38.97
CA ASN O 756 -3.36 -84.84 38.45
C ASN O 756 -2.78 -83.76 39.35
N PHE O 757 -2.35 -84.11 40.56
CA PHE O 757 -1.79 -83.15 41.50
C PHE O 757 -0.27 -83.06 41.42
N GLN O 758 0.35 -83.34 40.28
CA GLN O 758 1.81 -83.31 40.25
C GLN O 758 2.33 -81.88 40.27
N TYR O 759 1.49 -80.90 39.88
CA TYR O 759 1.93 -79.52 39.74
C TYR O 759 1.66 -78.66 40.97
N ILE O 760 1.44 -79.27 42.15
CA ILE O 760 0.95 -78.51 43.29
C ILE O 760 2.05 -77.66 43.90
N ARG O 761 1.72 -76.43 44.26
CA ARG O 761 2.63 -75.53 44.95
C ARG O 761 2.17 -75.16 46.35
N LYS O 762 0.86 -74.99 46.56
CA LYS O 762 0.32 -74.49 47.82
C LYS O 762 -0.87 -75.32 48.25
N LEU O 763 -0.88 -75.74 49.51
CA LEU O 763 -2.00 -76.44 50.12
C LEU O 763 -2.42 -75.74 51.39
N ILE O 764 -3.71 -75.44 51.52
CA ILE O 764 -4.27 -74.83 52.71
C ILE O 764 -5.45 -75.67 53.16
N ILE O 765 -5.35 -76.27 54.34
CA ILE O 765 -6.43 -77.07 54.91
C ILE O 765 -6.84 -76.42 56.21
N SER O 766 -8.12 -76.10 56.35
CA SER O 766 -8.61 -75.38 57.50
C SER O 766 -10.02 -75.81 57.86
N HIS O 767 -10.31 -75.85 59.17
CA HIS O 767 -11.65 -76.03 59.71
C HIS O 767 -12.35 -77.28 59.17
N CYS O 768 -11.63 -78.38 58.99
CA CYS O 768 -12.24 -79.61 58.50
C CYS O 768 -12.20 -80.67 59.58
N PRO O 769 -13.27 -80.86 60.36
CA PRO O 769 -13.24 -81.91 61.40
C PRO O 769 -13.58 -83.30 60.89
N LYS O 770 -14.38 -83.43 59.83
CA LYS O 770 -14.76 -84.74 59.33
C LYS O 770 -13.71 -85.34 58.40
N LEU O 771 -12.78 -84.54 57.90
CA LEU O 771 -11.73 -85.04 57.02
C LEU O 771 -10.73 -85.86 57.83
N SER O 772 -10.43 -87.08 57.36
CA SER O 772 -9.54 -87.95 58.11
C SER O 772 -8.57 -88.74 57.22
N ASN O 773 -8.35 -88.32 55.98
CA ASN O 773 -7.44 -89.06 55.10
C ASN O 773 -6.88 -88.09 54.06
N ILE O 774 -5.70 -87.55 54.34
CA ILE O 774 -5.00 -86.67 53.40
C ILE O 774 -3.55 -87.17 53.26
N THR O 775 -3.34 -88.46 53.55
CA THR O 775 -1.99 -89.01 53.60
C THR O 775 -1.21 -88.80 52.30
N TRP O 776 -1.90 -88.73 51.16
CA TRP O 776 -1.23 -88.67 49.86
C TRP O 776 -0.44 -87.37 49.65
N VAL O 777 -0.35 -86.52 50.67
CA VAL O 777 0.43 -85.28 50.55
C VAL O 777 1.91 -85.57 50.33
N ARG O 778 2.40 -86.70 50.85
CA ARG O 778 3.81 -87.04 50.70
C ARG O 778 4.21 -87.24 49.24
N ARG O 779 3.26 -87.52 48.35
CA ARG O 779 3.54 -87.73 46.93
C ARG O 779 3.68 -86.43 46.17
N LEU O 780 3.65 -85.29 46.87
CA LEU O 780 3.58 -83.97 46.22
C LEU O 780 4.99 -83.39 46.16
N GLN O 781 5.69 -83.72 45.07
CA GLN O 781 7.13 -83.41 45.01
C GLN O 781 7.42 -81.96 44.63
N LEU O 782 6.47 -81.25 44.01
CA LEU O 782 6.65 -79.82 43.75
C LEU O 782 6.02 -78.93 44.81
N LEU O 783 5.47 -79.51 45.88
CA LEU O 783 4.74 -78.72 46.87
C LEU O 783 5.66 -77.75 47.58
N GLU O 784 5.20 -76.52 47.77
CA GLU O 784 5.98 -75.45 48.39
C GLU O 784 5.40 -74.97 49.71
N ARG O 785 4.08 -74.71 49.77
CA ARG O 785 3.46 -74.06 50.92
C ARG O 785 2.47 -74.99 51.58
N LEU O 786 2.52 -75.08 52.91
CA LEU O 786 1.60 -75.88 53.70
C LEU O 786 0.92 -74.99 54.74
N VAL O 787 -0.42 -75.03 54.75
CA VAL O 787 -1.21 -74.33 55.75
C VAL O 787 -2.25 -75.31 56.29
N ILE O 788 -2.03 -75.79 57.52
CA ILE O 788 -2.92 -76.74 58.17
C ILE O 788 -3.42 -76.10 59.45
N SER O 789 -4.74 -76.04 59.63
CA SER O 789 -5.31 -75.36 60.78
C SER O 789 -6.66 -75.95 61.15
N HIS O 790 -6.87 -76.15 62.45
CA HIS O 790 -8.18 -76.49 63.02
C HIS O 790 -8.77 -77.77 62.46
N CYS O 791 -7.96 -78.58 61.78
CA CYS O 791 -8.42 -79.86 61.24
C CYS O 791 -8.05 -80.98 62.20
N ASP O 792 -8.84 -81.07 63.29
CA ASP O 792 -8.59 -82.07 64.31
C ASP O 792 -8.90 -83.49 63.84
N GLY O 793 -9.62 -83.64 62.72
CA GLY O 793 -9.80 -84.96 62.15
C GLY O 793 -8.58 -85.50 61.43
N VAL O 794 -7.59 -84.64 61.20
CA VAL O 794 -6.33 -85.06 60.58
C VAL O 794 -5.32 -85.17 61.71
N LEU O 795 -5.18 -86.39 62.25
CA LEU O 795 -4.22 -86.63 63.32
C LEU O 795 -2.79 -86.37 62.86
N GLU O 796 -2.45 -86.80 61.65
CA GLU O 796 -1.18 -86.50 61.02
C GLU O 796 -1.44 -86.14 59.56
N ILE O 797 -0.75 -85.09 59.08
CA ILE O 797 -0.93 -84.70 57.69
C ILE O 797 -0.47 -85.78 56.73
N VAL O 798 0.41 -86.67 57.17
CA VAL O 798 0.81 -87.86 56.41
C VAL O 798 0.69 -89.03 57.38
N GLU O 799 -0.43 -89.76 57.31
CA GLU O 799 -0.67 -90.90 58.18
C GLU O 799 0.08 -92.12 57.66
N ASP O 800 -0.25 -93.29 58.21
CA ASP O 800 0.36 -94.54 57.76
C ASP O 800 -0.06 -94.87 56.33
N THR O 831 12.16 -94.83 45.92
CA THR O 831 13.20 -93.92 45.44
C THR O 831 13.93 -93.26 46.61
N GLY O 832 15.23 -93.02 46.44
CA GLY O 832 16.01 -92.34 47.44
C GLY O 832 15.77 -90.84 47.45
N GLN O 833 14.51 -90.45 47.66
CA GLN O 833 14.10 -89.05 47.60
C GLN O 833 13.22 -88.73 48.79
N SER O 834 13.34 -87.50 49.27
CA SER O 834 12.47 -87.03 50.36
C SER O 834 11.07 -86.77 49.83
N ASP O 835 10.10 -86.79 50.75
CA ASP O 835 8.71 -86.57 50.38
C ASP O 835 8.39 -85.11 50.11
N PHE O 836 9.21 -84.18 50.59
CA PHE O 836 8.99 -82.76 50.33
C PHE O 836 10.29 -82.11 49.86
N PRO O 837 10.75 -82.43 48.64
CA PRO O 837 12.03 -81.87 48.19
C PRO O 837 11.97 -80.40 47.88
N LYS O 838 10.80 -79.87 47.48
CA LYS O 838 10.66 -78.47 47.11
C LYS O 838 9.89 -77.67 48.15
N LEU O 839 9.76 -78.19 49.37
CA LEU O 839 9.04 -77.47 50.42
C LEU O 839 9.73 -76.16 50.77
N ARG O 840 8.94 -75.12 50.98
CA ARG O 840 9.45 -73.81 51.37
C ARG O 840 8.87 -73.29 52.68
N LEU O 841 7.57 -73.46 52.91
CA LEU O 841 6.90 -72.88 54.07
C LEU O 841 5.92 -73.87 54.66
N ILE O 842 5.87 -73.95 55.98
CA ILE O 842 4.89 -74.75 56.71
C ILE O 842 4.18 -73.83 57.71
N VAL O 843 2.85 -73.83 57.68
CA VAL O 843 2.04 -73.04 58.59
C VAL O 843 1.08 -73.97 59.31
N LEU O 844 1.14 -73.98 60.63
CA LEU O 844 0.24 -74.76 61.48
C LEU O 844 -0.40 -73.84 62.50
N THR O 845 -1.70 -74.02 62.73
CA THR O 845 -2.44 -73.10 63.60
C THR O 845 -3.62 -73.82 64.24
N GLY O 846 -3.69 -73.77 65.57
CA GLY O 846 -4.90 -74.14 66.28
C GLY O 846 -5.21 -75.62 66.36
N LEU O 847 -4.27 -76.48 65.99
CA LEU O 847 -4.53 -77.92 66.03
C LEU O 847 -4.45 -78.43 67.47
N LYS O 848 -5.51 -79.08 67.93
CA LYS O 848 -5.58 -79.61 69.29
C LYS O 848 -5.41 -81.12 69.37
N LYS O 849 -5.72 -81.85 68.31
CA LYS O 849 -5.60 -83.30 68.32
C LYS O 849 -4.52 -83.82 67.36
N LEU O 850 -3.64 -82.95 66.87
CA LEU O 850 -2.59 -83.38 65.96
C LEU O 850 -1.46 -84.03 66.75
N ARG O 851 -1.03 -85.22 66.31
CA ARG O 851 0.07 -85.91 66.97
C ARG O 851 1.41 -85.48 66.39
N SER O 852 1.61 -85.69 65.09
CA SER O 852 2.86 -85.36 64.43
C SER O 852 2.55 -84.93 63.00
N ILE O 853 3.54 -84.33 62.35
CA ILE O 853 3.36 -83.84 60.99
C ILE O 853 3.51 -85.00 60.01
N CYS O 854 4.70 -85.59 59.95
CA CYS O 854 4.98 -86.62 58.96
C CYS O 854 6.22 -87.40 59.41
N LYS O 855 6.53 -88.45 58.65
CA LYS O 855 7.67 -89.29 58.96
C LYS O 855 8.98 -88.52 58.76
N ALA O 856 10.05 -89.08 59.31
CA ALA O 856 11.33 -88.39 59.30
C ALA O 856 11.93 -88.35 57.90
N ARG O 857 12.15 -87.15 57.38
CA ARG O 857 12.78 -86.95 56.08
C ARG O 857 13.61 -85.67 56.14
N GLU O 858 14.42 -85.48 55.11
CA GLU O 858 15.23 -84.26 54.98
C GLU O 858 14.47 -83.23 54.16
N PHE O 859 14.58 -81.97 54.60
CA PHE O 859 13.87 -80.86 53.96
C PHE O 859 14.89 -79.78 53.60
N PRO O 860 15.49 -79.90 52.41
CA PRO O 860 16.58 -78.97 52.07
C PRO O 860 16.11 -77.56 51.75
N CYS O 861 15.00 -77.41 51.02
CA CYS O 861 14.59 -76.12 50.51
C CYS O 861 13.72 -75.32 51.47
N LEU O 862 13.45 -75.84 52.67
CA LEU O 862 12.56 -75.16 53.60
C LEU O 862 13.11 -73.80 53.99
N GLU O 863 12.24 -72.79 54.00
CA GLU O 863 12.60 -71.42 54.33
C GLU O 863 12.15 -71.00 55.73
N THR O 864 10.91 -71.31 56.09
CA THR O 864 10.36 -70.84 57.37
C THR O 864 9.35 -71.85 57.87
N LEU O 865 9.43 -72.13 59.17
CA LEU O 865 8.47 -72.99 59.86
C LEU O 865 7.71 -72.15 60.88
N ARG O 866 6.39 -72.22 60.83
CA ARG O 866 5.53 -71.43 61.70
C ARG O 866 4.44 -72.30 62.29
N VAL O 867 4.43 -72.43 63.62
CA VAL O 867 3.41 -73.18 64.34
C VAL O 867 2.90 -72.30 65.47
N GLU O 868 1.57 -72.11 65.53
CA GLU O 868 0.96 -71.29 66.56
C GLU O 868 -0.25 -72.00 67.14
N ASP O 869 -0.42 -71.89 68.46
CA ASP O 869 -1.58 -72.44 69.17
C ASP O 869 -1.76 -73.94 68.90
N CYS O 870 -0.66 -74.68 68.93
CA CYS O 870 -0.73 -76.13 68.76
C CYS O 870 -0.02 -76.81 69.93
N PRO O 871 -0.62 -76.82 71.12
CA PRO O 871 0.07 -77.37 72.30
C PRO O 871 0.25 -78.88 72.25
N ASN O 872 -0.58 -79.60 71.51
CA ASN O 872 -0.55 -81.07 71.53
C ASN O 872 0.31 -81.66 70.42
N LEU O 873 1.00 -80.84 69.64
CA LEU O 873 1.91 -81.35 68.61
C LEU O 873 3.15 -81.91 69.31
N ARG O 874 3.21 -83.24 69.43
CA ARG O 874 4.22 -83.88 70.27
C ARG O 874 5.61 -83.92 69.64
N SER O 875 5.70 -84.00 68.31
CA SER O 875 7.00 -84.20 67.66
C SER O 875 7.04 -83.41 66.37
N ILE O 876 8.24 -83.30 65.82
CA ILE O 876 8.48 -82.57 64.58
C ILE O 876 9.24 -83.46 63.59
N PRO O 877 9.03 -83.30 62.28
CA PRO O 877 9.83 -84.06 61.32
C PRO O 877 11.20 -83.47 61.06
N LEU O 878 11.42 -82.20 61.39
CA LEU O 878 12.72 -81.59 61.20
C LEU O 878 13.73 -82.16 62.19
N SER O 879 15.00 -82.17 61.78
CA SER O 879 16.06 -82.70 62.62
C SER O 879 17.37 -82.01 62.26
N CYS O 880 18.35 -82.11 63.16
CA CYS O 880 19.67 -81.53 62.93
C CYS O 880 20.44 -82.27 61.85
N THR O 881 19.96 -83.44 61.40
CA THR O 881 20.66 -84.17 60.35
C THR O 881 20.68 -83.41 59.04
N HIS O 882 19.72 -82.52 58.83
CA HIS O 882 19.63 -81.78 57.58
C HIS O 882 20.67 -80.66 57.53
N ASN O 883 21.10 -80.32 56.33
CA ASN O 883 21.86 -79.10 56.11
C ASN O 883 20.91 -77.96 55.75
N TYR O 884 21.19 -76.79 56.31
CA TYR O 884 20.30 -75.64 56.14
C TYR O 884 21.07 -74.45 55.58
N TRP O 885 20.55 -73.92 54.47
CA TRP O 885 21.07 -72.67 53.91
C TRP O 885 19.93 -71.68 53.69
N LYS O 886 18.77 -72.19 53.27
CA LYS O 886 17.64 -71.32 52.96
C LYS O 886 16.67 -71.19 54.12
N LEU O 887 16.87 -71.95 55.21
CA LEU O 887 15.99 -71.86 56.37
C LEU O 887 16.25 -70.53 57.06
N LYS O 888 15.37 -69.56 56.81
CA LYS O 888 15.64 -68.18 57.25
C LYS O 888 15.22 -67.96 58.70
N GLN O 889 14.05 -68.45 59.09
CA GLN O 889 13.55 -68.21 60.43
C GLN O 889 12.56 -69.30 60.80
N ILE O 890 12.32 -69.43 62.10
CA ILE O 890 11.29 -70.30 62.65
C ILE O 890 10.51 -69.50 63.69
N CYS O 891 9.18 -69.53 63.58
CA CYS O 891 8.34 -68.76 64.48
C CYS O 891 7.39 -69.72 65.19
N GLY O 892 7.22 -69.51 66.50
CA GLY O 892 6.38 -70.39 67.28
C GLY O 892 6.36 -69.98 68.74
N SER O 893 5.78 -70.84 69.56
CA SER O 893 5.61 -70.57 70.99
C SER O 893 6.57 -71.42 71.81
N VAL O 894 7.04 -70.84 72.91
CA VAL O 894 7.93 -71.56 73.83
C VAL O 894 7.18 -72.70 74.52
N GLU O 895 5.88 -72.53 74.76
CA GLU O 895 5.09 -73.60 75.37
C GLU O 895 5.11 -74.85 74.50
N TRP O 896 4.98 -74.67 73.18
CA TRP O 896 5.10 -75.80 72.27
C TRP O 896 6.50 -76.42 72.35
N TRP O 897 7.53 -75.57 72.53
CA TRP O 897 8.89 -76.08 72.65
C TRP O 897 9.05 -76.98 73.88
N GLU O 898 8.44 -76.59 75.01
CA GLU O 898 8.43 -77.45 76.18
C GLU O 898 7.62 -78.72 75.95
N LYS O 899 6.44 -78.60 75.35
CA LYS O 899 5.55 -79.74 75.17
C LYS O 899 6.00 -80.68 74.06
N LEU O 900 6.93 -80.26 73.21
CA LEU O 900 7.48 -81.16 72.21
C LEU O 900 8.25 -82.28 72.89
N GLN O 901 7.99 -83.52 72.45
CA GLN O 901 8.73 -84.68 72.95
C GLN O 901 9.92 -84.93 72.02
N TRP O 902 11.02 -84.23 72.34
CA TRP O 902 12.18 -84.22 71.46
C TRP O 902 12.81 -85.60 71.36
N GLU O 903 13.07 -86.03 70.12
CA GLU O 903 13.72 -87.33 69.91
C GLU O 903 15.18 -87.29 70.33
N ASN O 904 15.86 -86.17 70.13
CA ASN O 904 17.25 -86.01 70.53
C ASN O 904 17.37 -84.75 71.37
N ARG O 905 18.10 -84.84 72.48
CA ARG O 905 18.23 -83.69 73.38
C ARG O 905 19.09 -82.58 72.79
N LYS O 906 19.89 -82.89 71.76
CA LYS O 906 20.68 -81.85 71.11
C LYS O 906 19.80 -80.93 70.26
N GLU O 907 18.70 -81.46 69.72
CA GLU O 907 17.81 -80.65 68.90
C GLU O 907 17.13 -79.56 69.72
N VAL O 908 17.07 -79.72 71.04
CA VAL O 908 16.40 -78.74 71.89
C VAL O 908 17.11 -77.39 71.82
N ALA O 909 18.45 -77.41 71.84
CA ALA O 909 19.22 -76.18 71.79
C ALA O 909 19.64 -75.82 70.37
N CYS O 910 19.92 -76.81 69.53
CA CYS O 910 20.39 -76.55 68.17
C CYS O 910 19.31 -75.90 67.31
N LEU O 911 18.07 -76.40 67.41
CA LEU O 911 16.98 -75.85 66.62
C LEU O 911 16.39 -74.58 67.23
N ASP O 912 16.83 -74.20 68.44
CA ASP O 912 16.30 -72.99 69.08
C ASP O 912 17.23 -71.81 68.84
N SER O 913 18.53 -71.99 69.09
CA SER O 913 19.48 -70.89 69.00
C SER O 913 19.73 -70.46 67.55
N LYS O 914 19.28 -71.24 66.57
CA LYS O 914 19.61 -70.92 65.18
C LYS O 914 18.50 -70.17 64.46
N TYR O 915 17.25 -70.62 64.58
CA TYR O 915 16.20 -70.09 63.72
C TYR O 915 14.94 -69.70 64.49
N PHE O 916 14.72 -70.25 65.67
CA PHE O 916 13.46 -70.08 66.37
C PHE O 916 13.29 -68.63 66.82
N ILE O 917 12.12 -68.06 66.53
CA ILE O 917 11.76 -66.71 66.95
C ILE O 917 10.44 -66.81 67.71
N PRO O 918 10.40 -66.49 69.00
CA PRO O 918 9.17 -66.66 69.77
C PRO O 918 8.07 -65.70 69.35
N ILE O 919 6.83 -66.10 69.60
CA ILE O 919 5.68 -65.26 69.33
C ILE O 919 5.30 -64.48 70.58
N LEU P 36 121.95 -23.39 43.89
CA LEU P 36 121.32 -22.16 44.37
C LEU P 36 120.09 -21.82 43.52
N HIS P 37 118.91 -21.96 44.12
CA HIS P 37 117.66 -21.75 43.42
C HIS P 37 116.61 -20.99 44.21
N LEU P 38 117.00 -20.26 45.27
CA LEU P 38 116.01 -19.63 46.13
C LEU P 38 115.41 -18.40 45.48
N LYS P 39 116.26 -17.46 45.03
CA LYS P 39 115.75 -16.20 44.50
C LYS P 39 114.91 -16.40 43.25
N SER P 40 115.17 -17.45 42.48
CA SER P 40 114.35 -17.75 41.31
C SER P 40 113.01 -18.33 41.73
N ASN P 41 113.01 -19.24 42.71
CA ASN P 41 111.78 -19.89 43.13
C ASN P 41 110.88 -18.91 43.89
N TRP P 42 111.46 -18.09 44.77
CA TRP P 42 110.65 -17.13 45.52
C TRP P 42 110.05 -16.09 44.59
N SER P 43 110.75 -15.75 43.50
CA SER P 43 110.17 -14.88 42.49
C SER P 43 108.96 -15.53 41.84
N ASP P 44 109.04 -16.84 41.59
CA ASP P 44 107.90 -17.56 41.02
C ASP P 44 106.77 -17.69 42.03
N LEU P 45 107.08 -17.68 43.32
CA LEU P 45 106.03 -17.72 44.33
C LEU P 45 105.20 -16.46 44.31
N ASP P 46 105.83 -15.30 44.09
CA ASP P 46 105.10 -14.04 44.05
C ASP P 46 104.12 -14.03 42.88
N LYS P 47 104.53 -14.58 41.73
CA LYS P 47 103.61 -14.70 40.60
C LYS P 47 102.44 -15.62 40.94
N ALA P 48 102.73 -16.74 41.61
CA ALA P 48 101.68 -17.69 41.98
C ALA P 48 100.72 -17.07 43.00
N LYS P 49 101.25 -16.33 43.96
CA LYS P 49 100.41 -15.73 44.98
C LYS P 49 99.44 -14.71 44.37
N LYS P 50 99.94 -13.86 43.48
CA LYS P 50 99.08 -12.85 42.88
C LYS P 50 98.10 -13.45 41.89
N LEU P 51 98.44 -14.60 41.31
CA LEU P 51 97.48 -15.31 40.46
C LEU P 51 96.44 -16.03 41.31
N LEU P 52 96.84 -16.55 42.46
CA LEU P 52 95.89 -17.23 43.35
C LEU P 52 94.84 -16.28 43.87
N LEU P 53 95.24 -15.06 44.22
CA LEU P 53 94.27 -14.06 44.65
C LEU P 53 93.30 -13.71 43.53
N ALA P 54 93.74 -13.82 42.27
CA ALA P 54 92.86 -13.56 41.15
C ALA P 54 91.87 -14.70 40.94
N VAL P 55 92.34 -15.94 41.05
CA VAL P 55 91.44 -17.09 40.89
C VAL P 55 90.45 -17.14 42.05
N GLU P 56 90.92 -16.86 43.27
CA GLU P 56 90.03 -16.84 44.43
C GLU P 56 88.96 -15.76 44.29
N THR P 57 89.34 -14.59 43.77
CA THR P 57 88.37 -13.53 43.55
C THR P 57 87.30 -13.95 42.55
N THR P 58 87.70 -14.64 41.48
CA THR P 58 86.74 -15.14 40.52
C THR P 58 85.80 -16.16 41.13
N VAL P 59 86.33 -17.06 41.96
CA VAL P 59 85.51 -18.10 42.58
C VAL P 59 84.52 -17.50 43.57
N ARG P 60 85.01 -16.59 44.42
CA ARG P 60 84.14 -15.99 45.43
C ARG P 60 83.02 -15.17 44.78
N ALA P 61 83.34 -14.42 43.73
CA ALA P 61 82.31 -13.69 43.00
C ALA P 61 81.33 -14.66 42.32
N ARG P 62 81.84 -15.80 41.84
CA ARG P 62 80.98 -16.80 41.25
C ARG P 62 80.11 -17.48 42.29
N VAL P 63 80.66 -17.70 43.49
CA VAL P 63 79.88 -18.30 44.57
C VAL P 63 78.84 -17.32 45.09
N THR P 64 79.20 -16.04 45.21
CA THR P 64 78.25 -15.05 45.70
C THR P 64 77.05 -14.93 44.76
N ALA P 65 77.27 -15.14 43.46
CA ALA P 65 76.15 -15.17 42.53
C ALA P 65 75.26 -16.38 42.74
N GLU P 66 75.76 -17.42 43.43
CA GLU P 66 74.96 -18.59 43.74
C GLU P 66 74.19 -18.42 45.06
N VAL P 67 74.83 -17.83 46.06
CA VAL P 67 74.14 -17.57 47.32
C VAL P 67 73.04 -16.54 47.12
N ASP P 68 73.20 -15.63 46.15
CA ASP P 68 72.14 -14.67 45.85
C ASP P 68 70.89 -15.37 45.35
N LYS P 69 71.03 -16.52 44.70
CA LYS P 69 69.91 -17.33 44.27
C LYS P 69 69.43 -18.28 45.36
N LEU P 70 69.81 -18.02 46.61
CA LEU P 70 69.45 -18.83 47.78
C LEU P 70 70.06 -20.23 47.74
N ASN P 71 71.01 -20.48 46.85
CA ASN P 71 71.74 -21.73 46.88
C ASN P 71 72.81 -21.69 47.97
N ILE P 72 73.39 -22.84 48.22
CA ILE P 72 74.48 -22.95 49.19
C ILE P 72 75.77 -23.24 48.43
N CYS P 73 76.87 -22.65 48.90
CA CYS P 73 78.16 -22.86 48.26
C CYS P 73 78.49 -24.35 48.19
N ASP P 74 78.99 -24.78 47.03
CA ASP P 74 79.22 -26.20 46.80
C ASP P 74 80.26 -26.73 47.78
N PRO P 75 80.06 -27.92 48.34
CA PRO P 75 81.00 -28.40 49.37
C PRO P 75 82.43 -28.54 48.87
N GLN P 76 82.63 -28.92 47.62
CA GLN P 76 83.99 -29.03 47.09
C GLN P 76 84.63 -27.67 46.90
N VAL P 77 83.84 -26.66 46.51
CA VAL P 77 84.35 -25.30 46.42
C VAL P 77 84.64 -24.75 47.81
N GLN P 78 83.78 -25.06 48.78
CA GLN P 78 83.99 -24.58 50.14
C GLN P 78 85.28 -25.13 50.74
N VAL P 79 85.64 -26.37 50.39
CA VAL P 79 86.90 -26.93 50.84
C VAL P 79 88.07 -26.23 50.16
N TRP P 80 87.94 -25.96 48.86
CA TRP P 80 89.00 -25.26 48.14
C TRP P 80 89.19 -23.85 48.68
N LEU P 81 88.08 -23.14 48.94
CA LEU P 81 88.17 -21.80 49.50
C LEU P 81 88.83 -21.82 50.88
N ARG P 82 88.50 -22.81 51.70
CA ARG P 82 89.06 -22.87 53.05
C ARG P 82 90.55 -23.15 53.02
N ARG P 83 91.02 -23.89 52.01
CA ARG P 83 92.46 -24.14 51.90
C ARG P 83 93.20 -22.89 51.46
N VAL P 84 92.58 -22.09 50.59
CA VAL P 84 93.18 -20.82 50.20
C VAL P 84 93.29 -19.89 51.40
N GLU P 85 92.23 -19.83 52.21
CA GLU P 85 92.23 -18.94 53.37
C GLU P 85 93.33 -19.29 54.36
N GLU P 86 93.54 -20.58 54.62
CA GLU P 86 94.50 -21.04 55.61
C GLU P 86 95.93 -21.07 55.09
N LEU P 87 96.15 -20.74 53.81
CA LEU P 87 97.49 -20.80 53.25
C LEU P 87 98.44 -19.85 53.94
N GLN P 88 98.02 -18.60 54.16
CA GLN P 88 98.82 -17.59 54.86
C GLN P 88 100.21 -17.46 54.23
N LEU P 89 100.25 -17.02 52.97
CA LEU P 89 101.52 -16.88 52.28
C LEU P 89 102.35 -15.73 52.81
N ASP P 90 101.76 -14.85 53.63
CA ASP P 90 102.52 -13.73 54.19
C ASP P 90 103.49 -14.18 55.28
N ALA P 91 103.30 -15.38 55.83
CA ALA P 91 104.19 -15.85 56.90
C ALA P 91 105.59 -16.09 56.38
N ILE P 92 105.70 -16.81 55.27
CA ILE P 92 107.02 -17.08 54.69
C ILE P 92 107.62 -15.79 54.13
N ASP P 93 106.78 -14.86 53.67
CA ASP P 93 107.28 -13.60 53.15
C ASP P 93 108.06 -12.83 54.21
N GLU P 94 107.53 -12.78 55.44
CA GLU P 94 108.27 -12.15 56.53
C GLU P 94 109.55 -12.91 56.86
N ASP P 95 109.46 -14.25 56.85
CA ASP P 95 110.65 -15.05 57.12
C ASP P 95 111.73 -14.82 56.07
N TYR P 96 111.34 -14.71 54.80
CA TYR P 96 112.30 -14.39 53.75
C TYR P 96 112.82 -12.96 53.91
N SER P 97 111.97 -12.05 54.40
CA SER P 97 112.40 -10.68 54.61
C SER P 97 113.50 -10.57 55.66
N GLN P 98 113.44 -11.38 56.71
CA GLN P 98 114.50 -11.38 57.71
C GLN P 98 115.79 -11.98 57.16
N LEU P 99 115.66 -12.99 56.29
CA LEU P 99 116.85 -13.59 55.69
C LEU P 99 117.59 -12.60 54.81
N ARG P 100 116.86 -11.66 54.20
CA ARG P 100 117.49 -10.63 53.39
C ARG P 100 118.43 -9.76 54.22
N LYS P 101 118.09 -9.53 55.49
CA LYS P 101 118.97 -8.78 56.38
C LYS P 101 120.20 -9.61 56.76
N TYR P 102 120.04 -10.92 56.91
CA TYR P 102 121.18 -11.80 57.13
C TYR P 102 121.94 -12.10 55.85
N SER P 103 121.41 -11.70 54.69
CA SER P 103 122.01 -12.06 53.41
C SER P 103 123.40 -11.44 53.22
N CYS P 104 123.72 -10.37 53.95
CA CYS P 104 125.04 -9.76 53.83
C CYS P 104 126.15 -10.71 54.26
N LEU P 105 125.84 -11.68 55.13
CA LEU P 105 126.80 -12.69 55.55
C LEU P 105 126.24 -14.10 55.39
N GLY P 106 125.43 -14.33 54.35
CA GLY P 106 124.81 -15.63 54.15
C GLY P 106 125.79 -16.75 53.89
N GLN P 107 126.95 -16.44 53.31
CA GLN P 107 127.96 -17.46 53.07
C GLN P 107 128.53 -18.03 54.36
N CYS P 108 128.60 -17.23 55.42
CA CYS P 108 129.04 -17.73 56.71
C CYS P 108 128.04 -18.73 57.26
N THR P 109 128.54 -19.77 57.93
CA THR P 109 127.68 -20.83 58.44
C THR P 109 126.76 -20.33 59.55
N ILE P 110 127.08 -19.20 60.18
CA ILE P 110 126.24 -18.67 61.25
C ILE P 110 124.90 -18.22 60.71
N HIS P 111 124.86 -17.62 59.52
CA HIS P 111 123.63 -17.17 58.90
C HIS P 111 123.08 -18.14 57.87
N ALA P 112 123.73 -19.28 57.64
CA ALA P 112 123.27 -20.22 56.62
C ALA P 112 122.14 -21.11 57.12
N HIS P 113 121.88 -21.15 58.43
CA HIS P 113 120.82 -22.00 58.95
C HIS P 113 119.45 -21.55 58.45
N ARG P 114 119.20 -20.25 58.41
CA ARG P 114 117.91 -19.75 57.93
C ARG P 114 117.72 -20.00 56.44
N ARG P 115 118.79 -19.85 55.65
CA ARG P 115 118.68 -20.03 54.21
C ARG P 115 118.35 -21.48 53.85
N ALA P 116 118.82 -22.42 54.67
CA ALA P 116 118.55 -23.83 54.39
C ALA P 116 117.05 -24.14 54.46
N SER P 117 116.37 -23.61 55.47
CA SER P 117 114.95 -23.90 55.64
C SER P 117 114.10 -23.17 54.60
N ILE P 118 114.48 -21.92 54.28
CA ILE P 118 113.70 -21.14 53.34
C ILE P 118 113.76 -21.75 51.94
N GLY P 119 114.92 -22.29 51.57
CA GLY P 119 115.08 -22.89 50.25
C GLY P 119 114.16 -24.08 50.00
N ARG P 120 113.65 -24.71 51.05
CA ARG P 120 112.66 -25.77 50.92
C ARG P 120 111.26 -25.36 51.37
N ARG P 121 111.15 -24.31 52.20
CA ARG P 121 109.83 -23.82 52.58
C ARG P 121 109.14 -23.13 51.43
N VAL P 122 109.90 -22.46 50.55
CA VAL P 122 109.31 -21.84 49.36
C VAL P 122 108.70 -22.91 48.47
N LEU P 123 109.43 -24.00 48.22
CA LEU P 123 108.88 -25.09 47.42
C LEU P 123 107.71 -25.75 48.11
N GLU P 124 107.70 -25.75 49.44
CA GLU P 124 106.59 -26.31 50.19
C GLU P 124 105.31 -25.51 49.99
N ALA P 125 105.41 -24.19 49.82
CA ALA P 125 104.24 -23.36 49.59
C ALA P 125 104.00 -23.09 48.11
N LEU P 126 105.01 -23.28 47.26
CA LEU P 126 104.83 -23.03 45.84
C LEU P 126 103.96 -24.11 45.19
N ASP P 127 104.23 -25.38 45.50
CA ASP P 127 103.45 -26.46 44.91
C ASP P 127 102.00 -26.41 45.39
N GLU P 128 101.78 -26.10 46.67
CA GLU P 128 100.43 -25.93 47.16
C GLU P 128 99.71 -24.78 46.46
N ALA P 129 100.42 -23.65 46.28
CA ALA P 129 99.82 -22.52 45.60
C ALA P 129 99.49 -22.87 44.15
N ASN P 130 100.40 -23.57 43.47
CA ASN P 130 100.14 -23.96 42.08
C ASN P 130 99.07 -25.02 41.98
N LYS P 131 99.00 -25.93 42.95
CA LYS P 131 97.92 -26.92 42.96
C LYS P 131 96.57 -26.24 43.17
N LEU P 132 96.53 -25.21 44.02
CA LEU P 132 95.30 -24.47 44.22
C LEU P 132 94.90 -23.68 42.97
N ILE P 133 95.88 -23.28 42.17
CA ILE P 133 95.59 -22.58 40.91
C ILE P 133 94.80 -23.48 39.98
N GLU P 134 95.28 -24.71 39.77
CA GLU P 134 94.68 -25.60 38.80
C GLU P 134 93.42 -26.28 39.31
N GLU P 135 93.15 -26.21 40.61
CA GLU P 135 91.88 -26.73 41.13
C GLU P 135 90.77 -25.70 40.98
N GLY P 136 91.00 -24.48 41.44
CA GLY P 136 89.97 -23.45 41.36
C GLY P 136 89.70 -22.99 39.94
N ARG P 137 90.66 -23.20 39.03
CA ARG P 137 90.45 -22.88 37.63
C ARG P 137 89.65 -23.97 36.93
N ARG P 138 89.42 -25.11 37.58
CA ARG P 138 88.73 -26.24 36.98
C ARG P 138 87.32 -26.44 37.51
N PHE P 139 86.81 -25.50 38.31
CA PHE P 139 85.45 -25.59 38.80
C PHE P 139 84.45 -25.18 37.72
N LYS P 140 83.32 -25.88 37.69
CA LYS P 140 82.26 -25.58 36.74
C LYS P 140 80.89 -25.41 37.38
N LYS P 141 80.67 -25.99 38.56
CA LYS P 141 79.46 -25.73 39.34
C LYS P 141 79.88 -25.23 40.71
N PHE P 142 79.18 -24.21 41.21
CA PHE P 142 79.58 -23.54 42.44
C PHE P 142 78.54 -23.57 43.54
N GLY P 143 77.34 -24.07 43.26
CA GLY P 143 76.33 -24.15 44.29
C GLY P 143 75.32 -25.22 43.99
N PHE P 144 74.67 -25.72 45.03
CA PHE P 144 73.65 -26.74 44.91
C PHE P 144 72.40 -26.29 45.65
N LYS P 145 71.25 -26.56 45.06
CA LYS P 145 69.98 -26.13 45.64
C LYS P 145 69.70 -26.94 46.90
N PRO P 146 69.52 -26.29 48.05
CA PRO P 146 69.30 -27.04 49.28
C PRO P 146 67.92 -27.68 49.32
N LEU P 147 67.80 -28.69 50.18
CA LEU P 147 66.52 -29.37 50.34
C LEU P 147 65.51 -28.41 50.97
N PRO P 148 64.21 -28.59 50.70
CA PRO P 148 63.21 -27.69 51.28
C PRO P 148 63.22 -27.77 52.80
N LYS P 149 62.95 -26.63 53.43
CA LYS P 149 62.88 -26.57 54.88
C LYS P 149 61.71 -27.40 55.40
N ILE P 150 61.80 -27.83 56.65
CA ILE P 150 60.71 -28.58 57.27
C ILE P 150 59.44 -27.74 57.27
N VAL P 151 59.55 -26.50 57.72
CA VAL P 151 58.46 -25.53 57.66
C VAL P 151 59.05 -24.17 57.31
N ASP P 152 58.53 -23.56 56.25
CA ASP P 152 59.02 -22.26 55.82
C ASP P 152 58.17 -21.16 56.45
N PRO P 153 58.78 -20.07 56.90
CA PRO P 153 58.02 -19.02 57.59
C PRO P 153 56.93 -18.41 56.71
N LEU P 154 55.83 -18.06 57.34
CA LEU P 154 54.69 -17.38 56.73
C LEU P 154 54.57 -15.97 57.30
N PRO P 155 53.78 -15.09 56.63
CA PRO P 155 53.66 -13.70 57.12
C PRO P 155 53.40 -13.58 58.60
N GLN P 156 54.33 -12.95 59.31
CA GLN P 156 54.27 -12.82 60.77
C GLN P 156 53.83 -11.40 61.15
N ILE P 157 52.52 -11.22 61.16
CA ILE P 157 51.95 -9.94 61.59
C ILE P 157 51.83 -9.91 63.11
N LYS P 158 51.60 -8.71 63.66
CA LYS P 158 51.33 -8.59 65.08
C LYS P 158 49.93 -9.10 65.38
N THR P 159 49.82 -9.96 66.39
CA THR P 159 48.56 -10.61 66.72
C THR P 159 48.24 -10.39 68.19
N PHE P 160 46.95 -10.19 68.47
CA PHE P 160 46.47 -9.93 69.82
C PHE P 160 45.48 -11.00 70.25
N GLY P 161 45.63 -11.47 71.48
CA GLY P 161 44.67 -12.37 72.09
C GLY P 161 44.51 -13.71 71.41
N LEU P 162 45.51 -14.11 70.64
CA LEU P 162 45.48 -15.38 69.93
C LEU P 162 46.16 -16.51 70.69
N GLU P 163 46.73 -16.22 71.87
CA GLU P 163 47.45 -17.26 72.61
C GLU P 163 46.50 -18.34 73.12
N THR P 164 45.31 -17.95 73.58
CA THR P 164 44.39 -18.92 74.16
C THR P 164 43.84 -19.87 73.10
N MET P 165 43.59 -19.36 71.89
CA MET P 165 43.08 -20.22 70.83
C MET P 165 44.18 -21.11 70.26
N LEU P 166 45.38 -20.55 70.07
CA LEU P 166 46.49 -21.35 69.56
C LEU P 166 46.82 -22.49 70.51
N SER P 167 46.57 -22.30 71.81
CA SER P 167 46.71 -23.40 72.76
C SER P 167 45.72 -24.50 72.46
N GLN P 168 44.49 -24.15 72.10
CA GLN P 168 43.48 -25.16 71.78
C GLN P 168 43.88 -25.97 70.55
N LEU P 169 44.41 -25.30 69.53
CA LEU P 169 44.79 -26.00 68.31
C LEU P 169 45.95 -26.98 68.57
N TYR P 170 46.92 -26.57 69.39
CA TYR P 170 48.02 -27.47 69.73
C TYR P 170 47.55 -28.60 70.61
N ASP P 171 46.48 -28.38 71.38
CA ASP P 171 45.98 -29.43 72.27
C ASP P 171 45.47 -30.64 71.50
N LEU P 172 44.96 -30.43 70.28
CA LEU P 172 44.58 -31.54 69.43
C LEU P 172 45.76 -32.04 68.61
N PHE P 173 46.48 -31.11 67.99
CA PHE P 173 47.58 -31.48 67.10
C PHE P 173 48.62 -32.33 67.82
N GLU P 174 48.87 -32.03 69.08
CA GLU P 174 49.80 -32.85 69.87
C GLU P 174 49.16 -34.14 70.37
N LYS P 175 47.86 -34.11 70.68
CA LYS P 175 47.27 -35.17 71.50
C LYS P 175 45.99 -35.73 70.92
N GLY P 176 45.32 -34.99 70.04
CA GLY P 176 44.05 -35.44 69.51
C GLY P 176 44.15 -36.75 68.78
N ASP P 177 43.10 -37.57 68.90
CA ASP P 177 43.10 -38.91 68.34
C ASP P 177 42.94 -38.87 66.82
N SER P 178 42.04 -38.04 66.31
CA SER P 178 41.81 -37.97 64.88
C SER P 178 42.90 -37.17 64.19
N ASN P 179 43.32 -37.63 63.01
CA ASN P 179 44.39 -36.98 62.28
C ASN P 179 43.92 -35.86 61.37
N ILE P 180 42.61 -35.71 61.19
CA ILE P 180 42.05 -34.60 60.42
C ILE P 180 41.41 -33.63 61.40
N ILE P 181 41.91 -32.41 61.42
CA ILE P 181 41.46 -31.40 62.37
C ILE P 181 40.77 -30.27 61.60
N GLY P 182 39.58 -29.90 62.06
CA GLY P 182 38.84 -28.84 61.41
C GLY P 182 38.67 -27.62 62.30
N VAL P 183 38.92 -26.44 61.74
CA VAL P 183 38.74 -25.17 62.45
C VAL P 183 37.71 -24.37 61.68
N TRP P 184 36.66 -23.91 62.38
CA TRP P 184 35.60 -23.17 61.73
C TRP P 184 35.27 -21.91 62.51
N GLY P 185 34.78 -20.90 61.79
CA GLY P 185 34.45 -19.62 62.37
C GLY P 185 33.98 -18.64 61.31
N GLN P 186 33.34 -17.55 61.72
CA GLN P 186 32.82 -16.57 60.78
C GLN P 186 33.95 -15.86 60.05
N GLY P 187 33.64 -15.25 58.91
CA GLY P 187 34.63 -14.56 58.11
C GLY P 187 35.31 -13.43 58.86
N GLY P 188 36.64 -13.40 58.77
CA GLY P 188 37.41 -12.38 59.44
C GLY P 188 37.71 -12.64 60.90
N VAL P 189 37.31 -13.79 61.43
CA VAL P 189 37.58 -14.09 62.83
C VAL P 189 39.05 -14.42 63.07
N GLY P 190 39.81 -14.75 62.03
CA GLY P 190 41.23 -14.98 62.17
C GLY P 190 41.69 -16.39 61.84
N LYS P 191 40.93 -17.11 61.01
CA LYS P 191 41.25 -18.51 60.74
C LYS P 191 42.56 -18.63 59.97
N THR P 192 42.72 -17.84 58.91
CA THR P 192 43.97 -17.87 58.15
C THR P 192 45.14 -17.38 59.00
N THR P 193 44.93 -16.31 59.76
CA THR P 193 46.00 -15.80 60.62
C THR P 193 46.40 -16.84 61.67
N LEU P 194 45.45 -17.67 62.09
CA LEU P 194 45.79 -18.78 62.99
C LEU P 194 46.76 -19.74 62.33
N LEU P 195 46.52 -20.08 61.06
CA LEU P 195 47.42 -20.98 60.35
C LEU P 195 48.81 -20.35 60.20
N HIS P 196 48.86 -19.05 59.91
CA HIS P 196 50.14 -18.37 59.77
C HIS P 196 50.92 -18.40 61.08
N VAL P 197 50.24 -18.19 62.21
CA VAL P 197 50.94 -18.20 63.49
C VAL P 197 51.18 -19.62 63.97
N PHE P 198 50.35 -20.57 63.55
CA PHE P 198 50.58 -21.96 63.90
C PHE P 198 51.72 -22.55 63.09
N ASN P 199 51.75 -22.25 61.79
CA ASN P 199 52.84 -22.74 60.94
C ASN P 199 54.18 -22.15 61.38
N ASN P 200 54.20 -20.85 61.69
CA ASN P 200 55.44 -20.21 62.10
C ASN P 200 55.87 -20.66 63.50
N ASP P 201 54.92 -21.15 64.30
CA ASP P 201 55.28 -21.61 65.64
C ASP P 201 55.86 -23.02 65.61
N LEU P 202 55.58 -23.79 64.56
CA LEU P 202 56.15 -25.12 64.45
C LEU P 202 57.67 -25.10 64.30
N GLU P 203 58.21 -24.13 63.57
CA GLU P 203 59.65 -24.00 63.42
C GLU P 203 60.35 -23.60 64.71
N LYS P 204 59.61 -23.18 65.72
CA LYS P 204 60.18 -22.90 67.04
C LYS P 204 60.19 -24.15 67.92
N LYS P 205 59.13 -24.96 67.85
CA LYS P 205 59.04 -26.14 68.69
C LYS P 205 59.81 -27.31 68.06
N ALA P 206 59.83 -28.43 68.79
CA ALA P 206 60.42 -29.66 68.31
C ALA P 206 59.31 -30.65 67.98
N HIS P 207 59.36 -31.22 66.78
CA HIS P 207 58.31 -32.10 66.31
C HIS P 207 58.92 -33.14 65.38
N ASP P 208 58.19 -34.24 65.20
CA ASP P 208 58.65 -35.37 64.39
C ASP P 208 58.26 -35.26 62.93
N TYR P 209 57.51 -34.23 62.55
CA TYR P 209 57.02 -34.12 61.19
C TYR P 209 58.12 -33.67 60.24
N GLN P 210 57.96 -34.01 58.97
CA GLN P 210 58.98 -33.77 57.96
C GLN P 210 58.64 -32.67 56.98
N VAL P 211 57.37 -32.43 56.69
CA VAL P 211 56.96 -31.33 55.83
C VAL P 211 55.69 -30.70 56.40
N VAL P 212 55.65 -29.37 56.37
CA VAL P 212 54.48 -28.61 56.78
C VAL P 212 54.06 -27.76 55.59
N ILE P 213 52.98 -28.17 54.92
CA ILE P 213 52.55 -27.56 53.67
C ILE P 213 51.34 -26.70 53.97
N PHE P 214 51.37 -25.46 53.48
CA PHE P 214 50.24 -24.54 53.58
C PHE P 214 49.64 -24.37 52.19
N ILE P 215 48.39 -24.79 52.04
CA ILE P 215 47.71 -24.79 50.74
C ILE P 215 46.51 -23.88 50.83
N GLU P 216 46.36 -23.00 49.83
CA GLU P 216 45.22 -22.09 49.77
C GLU P 216 44.17 -22.67 48.83
N VAL P 217 43.09 -23.20 49.39
CA VAL P 217 41.94 -23.60 48.59
C VAL P 217 40.94 -22.47 48.44
N SER P 218 41.20 -21.33 49.09
CA SER P 218 40.32 -20.17 49.08
C SER P 218 40.21 -19.54 47.70
N ASN P 219 41.16 -19.87 46.81
CA ASN P 219 41.20 -19.24 45.50
C ASN P 219 39.87 -19.38 44.75
N SER P 220 39.26 -20.56 44.85
CA SER P 220 37.98 -20.79 44.20
C SER P 220 37.28 -21.97 44.86
N GLU P 221 36.00 -22.12 44.53
CA GLU P 221 35.27 -23.32 44.87
C GLU P 221 35.40 -24.37 43.78
N ALA P 222 36.08 -24.03 42.69
CA ALA P 222 36.27 -24.95 41.57
C ALA P 222 37.47 -25.87 41.76
N LEU P 223 38.19 -25.75 42.87
CA LEU P 223 39.28 -26.65 43.20
C LEU P 223 40.38 -26.63 42.13
N ASN P 224 41.13 -25.55 42.05
CA ASN P 224 42.22 -25.44 41.09
C ASN P 224 43.33 -26.43 41.50
N THR P 225 43.12 -27.68 41.06
CA THR P 225 44.00 -28.77 41.48
C THR P 225 45.42 -28.57 41.00
N VAL P 226 45.59 -28.04 39.78
CA VAL P 226 46.91 -27.89 39.21
C VAL P 226 47.78 -26.99 40.07
N GLU P 227 47.22 -25.87 40.53
CA GLU P 227 47.96 -24.97 41.41
C GLU P 227 48.20 -25.58 42.78
N ILE P 228 47.29 -26.41 43.27
CA ILE P 228 47.52 -27.10 44.54
C ILE P 228 48.63 -28.13 44.40
N GLN P 229 48.62 -28.89 43.30
CA GLN P 229 49.67 -29.88 43.07
C GLN P 229 51.03 -29.22 42.87
N GLN P 230 51.04 -28.00 42.31
CA GLN P 230 52.28 -27.25 42.21
C GLN P 230 52.83 -26.93 43.59
N THR P 231 51.97 -26.57 44.52
CA THR P 231 52.42 -26.25 45.87
C THR P 231 52.96 -27.48 46.58
N ILE P 232 52.30 -28.62 46.42
CA ILE P 232 52.74 -29.84 47.09
C ILE P 232 54.05 -30.34 46.49
N SER P 233 54.13 -30.39 45.16
CA SER P 233 55.34 -30.88 44.51
C SER P 233 56.53 -29.97 44.79
N GLU P 234 56.33 -28.66 44.74
CA GLU P 234 57.40 -27.73 45.08
C GLU P 234 57.84 -27.89 46.53
N ARG P 235 56.90 -28.22 47.42
CA ARG P 235 57.22 -28.43 48.82
C ARG P 235 57.81 -29.80 49.11
N LEU P 236 57.70 -30.73 48.16
CA LEU P 236 58.26 -32.07 48.31
C LEU P 236 59.55 -32.25 47.52
N ASN P 237 60.13 -31.16 47.00
CA ASN P 237 61.35 -31.22 46.18
C ASN P 237 61.16 -32.12 44.97
N LEU P 238 59.97 -32.08 44.37
CA LEU P 238 59.70 -32.90 43.20
C LEU P 238 59.79 -32.06 41.92
N PRO P 239 60.20 -32.68 40.82
CA PRO P 239 60.18 -31.96 39.53
C PRO P 239 58.77 -31.81 39.01
N TRP P 240 58.51 -30.68 38.36
CA TRP P 240 57.18 -30.37 37.84
C TRP P 240 57.09 -30.86 36.40
N ASN P 241 56.48 -32.02 36.21
CA ASN P 241 56.20 -32.55 34.88
C ASN P 241 54.89 -31.92 34.42
N ASP P 242 55.01 -30.85 33.64
CA ASP P 242 53.86 -30.02 33.31
C ASP P 242 52.82 -30.79 32.50
N ALA P 243 53.27 -31.64 31.56
CA ALA P 243 52.35 -32.32 30.67
C ALA P 243 51.73 -33.57 31.29
N GLU P 244 52.12 -33.94 32.50
CA GLU P 244 51.54 -35.11 33.14
C GLU P 244 50.06 -34.88 33.43
N PRO P 245 49.20 -35.87 33.20
CA PRO P 245 47.79 -35.70 33.52
C PRO P 245 47.55 -35.57 35.02
N ILE P 246 46.48 -34.87 35.38
CA ILE P 246 46.19 -34.60 36.78
C ILE P 246 45.96 -35.88 37.55
N ALA P 247 45.23 -36.83 36.96
CA ALA P 247 44.94 -38.08 37.66
C ALA P 247 46.21 -38.89 37.91
N LYS P 248 47.19 -38.81 37.01
CA LYS P 248 48.43 -39.55 37.22
C LYS P 248 49.28 -38.89 38.31
N ARG P 249 49.34 -37.56 38.33
CA ARG P 249 50.08 -36.86 39.38
C ARG P 249 49.46 -37.12 40.75
N ALA P 250 48.13 -37.17 40.81
CA ALA P 250 47.45 -37.42 42.09
C ALA P 250 47.85 -38.79 42.64
N ARG P 251 47.92 -39.80 41.77
CA ARG P 251 48.38 -41.11 42.21
C ARG P 251 49.84 -41.07 42.63
N PHE P 252 50.65 -40.26 41.96
CA PHE P 252 52.06 -40.13 42.30
C PHE P 252 52.24 -39.42 43.65
N LEU P 253 51.50 -38.33 43.86
CA LEU P 253 51.67 -37.55 45.09
C LEU P 253 51.17 -38.34 46.30
N ILE P 254 50.18 -39.21 46.11
CA ILE P 254 49.72 -40.06 47.21
C ILE P 254 50.84 -40.96 47.67
N LYS P 255 51.61 -41.51 46.73
CA LYS P 255 52.77 -42.32 47.09
C LYS P 255 53.87 -41.46 47.70
N ALA P 256 54.08 -40.26 47.17
CA ALA P 256 55.15 -39.39 47.67
C ALA P 256 54.85 -38.91 49.07
N LEU P 257 53.63 -38.45 49.32
CA LEU P 257 53.27 -37.97 50.65
C LEU P 257 53.14 -39.11 51.65
N GLY P 258 52.86 -40.32 51.17
CA GLY P 258 52.76 -41.46 52.08
C GLY P 258 54.07 -41.88 52.68
N ARG P 259 55.20 -41.41 52.13
CA ARG P 259 56.51 -41.74 52.67
C ARG P 259 56.98 -40.80 53.77
N LYS P 260 56.25 -39.71 54.02
CA LYS P 260 56.68 -38.68 54.95
C LYS P 260 55.58 -38.39 55.97
N ARG P 261 55.99 -37.97 57.16
CA ARG P 261 55.06 -37.50 58.18
C ARG P 261 54.71 -36.05 57.91
N PHE P 262 53.66 -35.80 57.12
CA PHE P 262 53.36 -34.47 56.65
C PHE P 262 52.32 -33.79 57.52
N VAL P 263 52.30 -32.46 57.46
CA VAL P 263 51.22 -31.64 57.98
C VAL P 263 50.78 -30.71 56.87
N ILE P 264 49.51 -30.81 56.48
CA ILE P 264 48.94 -29.98 55.43
C ILE P 264 47.92 -29.05 56.06
N LEU P 265 48.10 -27.75 55.85
CA LEU P 265 47.23 -26.74 56.43
C LEU P 265 46.37 -26.17 55.29
N LEU P 266 45.24 -26.82 55.04
CA LEU P 266 44.29 -26.30 54.07
C LEU P 266 43.67 -25.02 54.60
N ASP P 267 43.40 -24.07 53.71
CA ASP P 267 42.95 -22.75 54.11
C ASP P 267 41.68 -22.36 53.36
N ASP P 268 40.61 -22.11 54.12
CA ASP P 268 39.35 -21.61 53.59
C ASP P 268 38.82 -22.49 52.47
N VAL P 269 38.54 -23.74 52.84
CA VAL P 269 37.90 -24.67 51.92
C VAL P 269 36.39 -24.43 51.95
N ARG P 270 35.81 -24.19 50.78
CA ARG P 270 34.42 -23.78 50.69
C ARG P 270 33.47 -24.87 50.22
N LYS P 271 33.99 -25.96 49.67
CA LYS P 271 33.17 -27.10 49.27
C LYS P 271 33.90 -28.39 49.64
N LYS P 272 33.13 -29.45 49.85
CA LYS P 272 33.71 -30.76 50.02
C LYS P 272 34.43 -31.18 48.75
N PHE P 273 35.66 -31.64 48.90
CA PHE P 273 36.45 -32.10 47.78
C PHE P 273 37.23 -33.35 48.18
N CYS P 274 37.50 -34.19 47.19
CA CYS P 274 38.19 -35.45 47.42
C CYS P 274 39.68 -35.19 47.53
N LEU P 275 40.27 -35.59 48.66
CA LEU P 275 41.70 -35.38 48.87
C LEU P 275 42.53 -36.20 47.89
N GLU P 276 42.16 -37.45 47.68
CA GLU P 276 42.90 -38.31 46.76
C GLU P 276 42.85 -37.85 45.32
N ASP P 277 41.86 -37.03 44.94
CA ASP P 277 41.78 -36.53 43.59
C ASP P 277 42.81 -35.42 43.35
N VAL P 278 43.23 -34.74 44.41
CA VAL P 278 44.26 -33.71 44.28
C VAL P 278 45.65 -34.23 44.64
N GLY P 279 45.75 -35.43 45.19
CA GLY P 279 47.04 -36.03 45.48
C GLY P 279 47.33 -36.19 46.96
N ILE P 280 46.51 -35.58 47.81
CA ILE P 280 46.69 -35.67 49.25
C ILE P 280 46.11 -36.97 49.76
N PRO P 281 46.90 -37.82 50.42
CA PRO P 281 46.33 -39.02 51.06
C PRO P 281 45.67 -38.65 52.37
N THR P 282 44.48 -39.18 52.60
CA THR P 282 43.80 -38.92 53.86
C THR P 282 44.56 -39.59 55.00
N PRO P 283 44.96 -38.85 56.03
CA PRO P 283 45.68 -39.47 57.15
C PRO P 283 44.77 -40.37 57.95
N ASP P 284 45.37 -41.43 58.52
CA ASP P 284 44.63 -42.40 59.30
C ASP P 284 45.39 -42.65 60.60
N ILE P 285 44.82 -43.50 61.45
CA ILE P 285 45.40 -43.79 62.76
C ILE P 285 46.79 -44.39 62.62
N ASN P 286 46.98 -45.27 61.64
CA ASN P 286 48.28 -45.91 61.42
C ASN P 286 49.38 -44.91 61.11
N SER P 287 49.06 -43.78 60.48
CA SER P 287 50.05 -42.80 60.08
C SER P 287 50.10 -41.66 61.08
N GLN P 288 51.29 -41.06 61.22
CA GLN P 288 51.48 -39.91 62.09
C GLN P 288 51.06 -38.61 61.43
N SER P 289 50.77 -38.63 60.12
CA SER P 289 50.47 -37.41 59.39
C SER P 289 49.19 -36.75 59.92
N LYS P 290 49.17 -35.43 59.88
CA LYS P 290 48.02 -34.63 60.28
C LYS P 290 47.52 -33.83 59.08
N LEU P 291 46.33 -33.27 59.23
CA LEU P 291 45.72 -32.45 58.18
C LEU P 291 44.75 -31.48 58.85
N ILE P 292 45.07 -30.20 58.79
CA ILE P 292 44.27 -29.15 59.42
C ILE P 292 43.64 -28.29 58.33
N LEU P 293 42.31 -28.18 58.36
CA LEU P 293 41.57 -27.39 57.40
C LEU P 293 40.71 -26.36 58.12
N THR P 294 40.66 -25.15 57.56
CA THR P 294 39.83 -24.08 58.08
C THR P 294 38.74 -23.74 57.08
N SER P 295 37.54 -23.47 57.58
CA SER P 295 36.41 -23.15 56.71
C SER P 295 35.39 -22.37 57.52
N ARG P 296 34.62 -21.54 56.82
CA ARG P 296 33.55 -20.80 57.48
C ARG P 296 32.35 -21.67 57.84
N TYR P 297 32.21 -22.83 57.21
CA TYR P 297 31.01 -23.65 57.34
C TYR P 297 31.34 -24.92 58.13
N ARG P 298 30.56 -25.17 59.18
CA ARG P 298 30.69 -26.42 59.91
C ARG P 298 30.27 -27.60 59.06
N GLU P 299 29.38 -27.39 58.09
CA GLU P 299 28.96 -28.48 57.21
C GLU P 299 30.11 -29.00 56.38
N VAL P 300 30.98 -28.11 55.88
CA VAL P 300 32.13 -28.56 55.11
C VAL P 300 33.10 -29.34 56.00
N CYS P 301 33.33 -28.86 57.22
CA CYS P 301 34.24 -29.55 58.12
C CYS P 301 33.70 -30.92 58.53
N PHE P 302 32.38 -31.08 58.56
CA PHE P 302 31.81 -32.40 58.81
C PHE P 302 31.91 -33.28 57.57
N GLN P 303 31.75 -32.69 56.39
CA GLN P 303 31.83 -33.48 55.16
C GLN P 303 33.23 -34.02 54.92
N MET P 304 34.26 -33.28 55.37
CA MET P 304 35.64 -33.70 55.20
C MET P 304 36.15 -34.57 56.35
N ASN P 305 35.27 -35.26 57.05
CA ASN P 305 35.62 -36.23 58.09
C ASN P 305 36.39 -35.60 59.25
N ALA P 306 36.10 -34.34 59.58
CA ALA P 306 36.72 -33.67 60.71
C ALA P 306 35.77 -33.47 61.87
N GLN P 307 34.72 -34.28 61.98
CA GLN P 307 33.71 -34.06 63.01
C GLN P 307 34.26 -34.28 64.41
N ARG P 308 35.13 -35.27 64.59
CA ARG P 308 35.60 -35.61 65.92
C ARG P 308 36.66 -34.67 66.46
N SER P 309 37.17 -33.75 65.63
CA SER P 309 38.19 -32.79 66.07
C SER P 309 37.87 -31.37 65.63
N LEU P 310 36.64 -30.92 65.83
CA LEU P 310 36.24 -29.59 65.39
C LEU P 310 36.50 -28.55 66.47
N ILE P 311 37.00 -27.39 66.05
CA ILE P 311 37.22 -26.24 66.92
C ILE P 311 36.51 -25.03 66.32
N GLU P 312 35.83 -24.27 67.17
CA GLU P 312 35.16 -23.05 66.77
C GLU P 312 36.06 -21.86 67.12
N MET P 313 36.35 -21.02 66.12
CA MET P 313 37.11 -19.79 66.35
C MET P 313 36.16 -18.72 66.86
N GLN P 314 36.26 -18.45 68.16
CA GLN P 314 35.41 -17.44 68.78
C GLN P 314 36.00 -16.05 68.55
N ILE P 315 35.13 -15.04 68.66
CA ILE P 315 35.58 -13.67 68.45
C ILE P 315 36.55 -13.24 69.56
N LEU P 316 37.24 -12.14 69.30
CA LEU P 316 38.23 -11.65 70.25
C LEU P 316 37.57 -11.14 71.52
N GLY P 317 38.32 -11.20 72.61
CA GLY P 317 37.78 -10.79 73.90
C GLY P 317 37.63 -9.28 74.01
N ASN P 318 37.01 -8.86 75.10
CA ASN P 318 36.75 -7.44 75.31
C ASN P 318 38.05 -6.64 75.41
N ASP P 319 39.01 -7.14 76.18
CA ASP P 319 40.25 -6.41 76.39
C ASP P 319 41.15 -6.48 75.15
N ALA P 320 41.26 -7.67 74.55
CA ALA P 320 42.17 -7.84 73.42
C ALA P 320 41.67 -7.13 72.17
N SER P 321 40.35 -6.96 72.05
CA SER P 321 39.80 -6.21 70.93
C SER P 321 40.08 -4.71 71.04
N TRP P 322 40.42 -4.23 72.23
CA TRP P 322 40.70 -2.81 72.40
C TRP P 322 42.14 -2.48 72.01
N GLU P 323 43.10 -3.24 72.52
CA GLU P 323 44.50 -2.99 72.16
C GLU P 323 44.76 -3.28 70.69
N LEU P 324 43.95 -4.14 70.07
CA LEU P 324 43.99 -4.27 68.62
C LEU P 324 43.53 -2.97 67.96
N PHE P 325 42.48 -2.36 68.49
CA PHE P 325 42.00 -1.08 67.97
C PHE P 325 43.02 0.02 68.20
N LEU P 326 43.67 0.01 69.37
CA LEU P 326 44.65 1.04 69.68
C LEU P 326 45.82 1.03 68.72
N SER P 327 46.32 -0.17 68.37
CA SER P 327 47.46 -0.27 67.48
C SER P 327 47.14 0.20 66.08
N LYS P 328 45.87 0.36 65.74
CA LYS P 328 45.46 0.76 64.41
C LYS P 328 45.39 2.28 64.24
N LEU P 329 45.54 3.03 65.32
CA LEU P 329 45.41 4.49 65.28
C LEU P 329 46.78 5.14 65.13
N SER P 330 46.78 6.34 64.57
CA SER P 330 48.02 7.10 64.40
C SER P 330 48.59 7.52 65.74
N THR P 331 49.81 8.06 65.71
CA THR P 331 50.51 8.40 66.94
C THR P 331 49.78 9.52 67.69
N GLU P 332 49.42 10.60 66.98
CA GLU P 332 48.74 11.70 67.64
C GLU P 332 47.32 11.34 68.03
N THR P 333 46.60 10.58 67.19
CA THR P 333 45.24 10.18 67.52
C THR P 333 45.23 9.23 68.71
N SER P 334 46.20 8.32 68.80
CA SER P 334 46.26 7.40 69.93
C SER P 334 46.47 8.15 71.23
N ALA P 335 47.29 9.21 71.21
CA ALA P 335 47.55 9.97 72.42
C ALA P 335 46.30 10.63 72.98
N ALA P 336 45.25 10.76 72.17
CA ALA P 336 43.99 11.29 72.68
C ALA P 336 43.21 10.24 73.48
N VAL P 337 43.26 8.97 73.08
CA VAL P 337 42.46 7.95 73.71
C VAL P 337 43.29 6.98 74.55
N GLU P 338 44.61 6.95 74.38
CA GLU P 338 45.45 6.13 75.25
C GLU P 338 45.45 6.54 76.72
N PRO P 339 45.62 7.81 77.10
CA PRO P 339 46.01 8.12 78.48
C PRO P 339 44.95 7.73 79.50
N LEU P 340 45.44 7.38 80.70
CA LEU P 340 44.59 7.11 81.84
C LEU P 340 44.98 8.05 82.96
N GLY P 341 44.28 7.94 84.08
CA GLY P 341 44.44 8.92 85.15
C GLY P 341 43.68 10.19 84.85
N SER P 342 44.02 10.86 83.75
CA SER P 342 43.16 11.90 83.22
C SER P 342 41.96 11.27 82.52
N GLN P 343 40.77 11.76 82.86
CA GLN P 343 39.53 11.17 82.40
C GLN P 343 38.86 12.08 81.39
N SER P 344 38.55 11.54 80.21
CA SER P 344 37.98 12.31 79.13
C SER P 344 36.95 11.47 78.41
N ALA P 345 36.00 12.14 77.75
CA ALA P 345 34.93 11.45 77.05
C ALA P 345 35.38 10.89 75.70
N THR P 346 36.53 11.33 75.19
CA THR P 346 37.01 10.79 73.92
C THR P 346 37.37 9.31 74.04
N ARG P 347 37.86 8.91 75.22
CA ARG P 347 38.08 7.48 75.47
C ARG P 347 36.77 6.71 75.42
N GLU P 348 35.70 7.28 76.00
CA GLU P 348 34.41 6.61 75.97
C GLU P 348 33.84 6.55 74.57
N HIS P 349 34.15 7.55 73.74
CA HIS P 349 33.68 7.54 72.36
C HIS P 349 34.45 6.52 71.52
N ALA P 350 35.76 6.42 71.74
CA ALA P 350 36.57 5.45 71.01
C ALA P 350 36.15 4.03 71.32
N MET P 351 35.90 3.73 72.60
CA MET P 351 35.49 2.39 72.98
C MET P 351 34.13 2.04 72.38
N LYS P 352 33.22 3.01 72.31
CA LYS P 352 31.91 2.76 71.70
C LYS P 352 32.05 2.34 70.24
N ILE P 353 33.04 2.89 69.53
CA ILE P 353 33.31 2.44 68.17
C ILE P 353 33.92 1.04 68.18
N ALA P 354 34.83 0.78 69.11
CA ALA P 354 35.47 -0.53 69.20
C ALA P 354 34.46 -1.62 69.53
N GLN P 355 33.53 -1.33 70.45
CA GLN P 355 32.52 -2.32 70.81
C GLN P 355 31.57 -2.61 69.64
N SER P 356 31.39 -1.66 68.74
CA SER P 356 30.52 -1.88 67.59
C SER P 356 31.12 -2.86 66.60
N CYS P 357 32.43 -3.14 66.71
CA CYS P 357 33.08 -4.11 65.85
C CYS P 357 32.81 -5.55 66.26
N GLY P 358 32.25 -5.77 67.44
CA GLY P 358 31.88 -7.11 67.87
C GLY P 358 33.06 -8.03 68.09
N GLY P 359 34.24 -7.48 68.33
CA GLY P 359 35.41 -8.31 68.56
C GLY P 359 35.87 -9.10 67.36
N LEU P 360 35.40 -8.75 66.16
CA LEU P 360 35.81 -9.44 64.94
C LEU P 360 37.12 -8.82 64.47
N PRO P 361 38.21 -9.57 64.38
CA PRO P 361 39.50 -8.96 64.01
C PRO P 361 39.47 -8.25 62.67
N LEU P 362 38.69 -8.74 61.71
CA LEU P 362 38.50 -8.02 60.46
C LEU P 362 37.80 -6.70 60.70
N ALA P 363 36.89 -6.66 61.68
CA ALA P 363 36.18 -5.43 61.98
C ALA P 363 37.09 -4.40 62.65
N LEU P 364 37.97 -4.84 63.54
CA LEU P 364 38.86 -3.91 64.21
C LEU P 364 39.84 -3.28 63.23
N ASN P 365 40.31 -4.04 62.24
CA ASN P 365 41.27 -3.50 61.29
C ASN P 365 40.64 -2.47 60.37
N VAL P 366 39.48 -2.78 59.80
CA VAL P 366 38.86 -1.87 58.83
C VAL P 366 38.33 -0.63 59.54
N ILE P 367 37.63 -0.82 60.66
CA ILE P 367 37.08 0.32 61.39
C ILE P 367 38.20 1.13 62.03
N GLY P 368 39.19 0.46 62.61
CA GLY P 368 40.29 1.17 63.24
C GLY P 368 41.10 2.01 62.27
N THR P 369 41.28 1.53 61.04
CA THR P 369 42.03 2.28 60.05
C THR P 369 41.26 3.52 59.60
N ALA P 370 39.94 3.40 59.47
CA ALA P 370 39.13 4.53 59.02
C ALA P 370 39.19 5.69 60.00
N VAL P 371 39.19 5.41 61.30
CA VAL P 371 39.19 6.45 62.31
C VAL P 371 40.58 6.64 62.89
N ALA P 372 41.61 6.21 62.14
CA ALA P 372 42.97 6.30 62.62
C ALA P 372 43.49 7.74 62.65
N GLY P 373 42.80 8.66 61.98
CA GLY P 373 43.28 10.03 61.92
C GLY P 373 42.28 11.04 62.45
N LEU P 374 41.31 10.58 63.24
CA LEU P 374 40.31 11.47 63.80
C LEU P 374 40.93 12.36 64.87
N GLU P 375 40.75 13.67 64.73
CA GLU P 375 41.14 14.58 65.79
C GLU P 375 40.10 14.55 66.91
N GLU P 376 40.40 15.29 67.98
CA GLU P 376 39.64 15.16 69.22
C GLU P 376 38.16 15.48 69.03
N GLY P 377 37.84 16.39 68.11
CA GLY P 377 36.46 16.81 67.95
C GLY P 377 35.61 15.86 67.11
N GLU P 378 36.22 14.85 66.51
CA GLU P 378 35.46 13.96 65.63
C GLU P 378 34.94 12.72 66.36
N TRP P 379 35.49 12.41 67.54
CA TRP P 379 35.07 11.21 68.24
C TRP P 379 33.61 11.25 68.64
N GLN P 380 33.13 12.41 69.10
CA GLN P 380 31.75 12.51 69.56
C GLN P 380 30.75 12.24 68.44
N SER P 381 31.01 12.76 67.24
CA SER P 381 30.08 12.58 66.13
C SER P 381 30.26 11.26 65.42
N ALA P 382 31.50 10.77 65.31
CA ALA P 382 31.74 9.49 64.64
C ALA P 382 31.17 8.34 65.44
N ALA P 383 31.39 8.35 66.76
CA ALA P 383 30.90 7.27 67.61
C ALA P 383 29.39 7.17 67.63
N ASP P 384 28.69 8.29 67.46
CA ASP P 384 27.23 8.26 67.47
C ASP P 384 26.69 7.64 66.18
N ALA P 385 27.31 7.93 65.05
CA ALA P 385 26.82 7.39 63.78
C ALA P 385 27.17 5.92 63.62
N ILE P 386 28.29 5.48 64.22
CA ILE P 386 28.70 4.08 64.08
C ILE P 386 27.75 3.15 64.82
N ALA P 387 27.02 3.67 65.81
CA ALA P 387 26.08 2.85 66.56
C ALA P 387 24.86 2.48 65.75
N THR P 388 24.58 3.16 64.65
CA THR P 388 23.39 2.92 63.85
C THR P 388 23.67 2.48 62.42
N ASN P 389 24.78 2.91 61.82
CA ASN P 389 25.03 2.62 60.42
C ASN P 389 26.54 2.51 60.20
N MET P 390 26.90 1.72 59.18
CA MET P 390 28.30 1.50 58.84
C MET P 390 28.57 1.57 57.35
N ASP P 391 27.56 1.90 56.53
CA ASP P 391 27.72 1.89 55.08
C ASP P 391 28.63 3.00 54.56
N ASN P 392 28.83 4.07 55.33
CA ASN P 392 29.55 5.23 54.83
C ASN P 392 31.00 5.33 55.29
N ILE P 393 31.40 4.59 56.33
CA ILE P 393 32.76 4.70 56.83
C ILE P 393 33.72 4.04 55.85
N ASP P 394 34.98 4.46 55.89
CA ASP P 394 35.94 4.09 54.86
C ASP P 394 36.32 2.61 54.94
N GLY P 395 36.29 1.93 53.80
CA GLY P 395 36.78 0.58 53.68
C GLY P 395 35.79 -0.52 53.99
N VAL P 396 34.60 -0.18 54.48
CA VAL P 396 33.63 -1.21 54.84
C VAL P 396 32.88 -1.74 53.62
N ASP P 397 32.76 -0.95 52.55
CA ASP P 397 32.08 -1.43 51.35
C ASP P 397 32.81 -2.64 50.76
N GLU P 398 34.13 -2.69 50.88
CA GLU P 398 34.87 -3.88 50.48
C GLU P 398 34.90 -4.94 51.57
N MET P 399 34.67 -4.54 52.83
CA MET P 399 34.52 -5.50 53.93
C MET P 399 33.38 -6.46 53.67
N PHE P 400 32.16 -5.94 53.47
CA PHE P 400 31.01 -6.81 53.30
C PHE P 400 31.11 -7.64 52.03
N GLY P 401 31.84 -7.16 51.02
CA GLY P 401 32.13 -7.99 49.87
C GLY P 401 32.92 -9.22 50.23
N ARG P 402 33.81 -9.10 51.23
CA ARG P 402 34.55 -10.26 51.71
C ARG P 402 33.64 -11.21 52.49
N LEU P 403 32.69 -10.66 53.25
CA LEU P 403 31.79 -11.49 54.03
C LEU P 403 30.54 -11.89 53.25
N LYS P 404 30.34 -11.33 52.06
CA LYS P 404 29.10 -11.54 51.33
C LYS P 404 28.99 -12.96 50.79
N TYR P 405 30.13 -13.64 50.59
CA TYR P 405 30.07 -14.96 49.95
C TYR P 405 29.29 -15.95 50.80
N SER P 406 29.43 -15.89 52.12
CA SER P 406 28.64 -16.75 52.99
C SER P 406 27.13 -16.55 52.78
N PHE P 407 26.74 -15.37 52.32
CA PHE P 407 25.35 -15.08 52.01
C PHE P 407 24.99 -15.50 50.58
N ASP P 408 25.91 -15.29 49.62
CA ASP P 408 25.65 -15.69 48.25
C ASP P 408 25.60 -17.21 48.11
N ARG P 409 26.27 -17.93 49.02
CA ARG P 409 26.22 -19.38 49.01
C ARG P 409 24.82 -19.91 49.28
N LEU P 410 23.99 -19.13 49.96
CA LEU P 410 22.69 -19.60 50.40
C LEU P 410 21.72 -19.75 49.23
N THR P 411 20.73 -20.63 49.42
CA THR P 411 19.62 -20.72 48.49
C THR P 411 18.71 -19.50 48.66
N PRO P 412 17.90 -19.18 47.65
CA PRO P 412 17.03 -17.99 47.76
C PRO P 412 16.10 -18.04 48.96
N THR P 413 15.62 -19.22 49.36
CA THR P 413 14.78 -19.31 50.55
C THR P 413 15.56 -18.96 51.80
N GLN P 414 16.81 -19.39 51.89
CA GLN P 414 17.62 -19.09 53.07
C GLN P 414 18.03 -17.62 53.10
N GLN P 415 18.22 -17.01 51.93
CA GLN P 415 18.58 -15.60 51.90
C GLN P 415 17.48 -14.73 52.48
N GLN P 416 16.23 -15.02 52.13
CA GLN P 416 15.11 -14.25 52.68
C GLN P 416 14.98 -14.47 54.19
N CYS P 417 15.20 -15.70 54.65
CA CYS P 417 15.12 -15.98 56.07
C CYS P 417 16.23 -15.28 56.85
N PHE P 418 17.41 -15.13 56.25
CA PHE P 418 18.48 -14.39 56.90
C PHE P 418 18.16 -12.90 56.96
N LEU P 419 17.67 -12.34 55.85
CA LEU P 419 17.27 -10.94 55.83
C LEU P 419 16.09 -10.70 56.77
N TYR P 420 15.20 -11.68 56.88
CA TYR P 420 14.08 -11.58 57.81
C TYR P 420 14.54 -11.40 59.26
N CYS P 421 15.74 -11.89 59.60
CA CYS P 421 16.23 -11.77 60.95
C CYS P 421 16.89 -10.42 61.22
N THR P 422 17.11 -9.61 60.18
CA THR P 422 17.81 -8.35 60.36
C THR P 422 16.92 -7.24 60.92
N LEU P 423 15.61 -7.46 60.97
CA LEU P 423 14.69 -6.45 61.48
C LEU P 423 14.39 -6.63 62.97
N PHE P 424 15.05 -7.56 63.64
CA PHE P 424 14.94 -7.68 65.07
C PHE P 424 15.93 -6.74 65.76
N PRO P 425 15.67 -6.37 67.02
CA PRO P 425 16.50 -5.33 67.65
C PRO P 425 17.93 -5.78 67.88
N GLU P 426 18.83 -4.80 67.92
CA GLU P 426 20.23 -5.04 68.19
C GLU P 426 20.40 -5.66 69.58
N TYR P 427 21.35 -6.58 69.69
CA TYR P 427 21.73 -7.23 70.94
C TYR P 427 20.57 -7.97 71.60
N GLY P 428 19.59 -8.43 70.82
CA GLY P 428 18.45 -9.13 71.37
C GLY P 428 18.33 -10.54 70.83
N SER P 429 18.44 -11.51 71.73
CA SER P 429 18.24 -12.91 71.34
C SER P 429 16.78 -13.16 71.01
N ILE P 430 16.54 -13.91 69.94
CA ILE P 430 15.19 -14.23 69.49
C ILE P 430 15.04 -15.74 69.45
N SER P 431 13.82 -16.21 69.71
CA SER P 431 13.58 -17.64 69.81
C SER P 431 13.31 -18.25 68.44
N LYS P 432 13.74 -19.50 68.27
CA LYS P 432 13.55 -20.18 67.00
C LYS P 432 12.07 -20.38 66.69
N GLU P 433 11.27 -20.71 67.71
CA GLU P 433 9.85 -20.95 67.49
C GLU P 433 9.14 -19.70 66.98
N GLN P 434 9.47 -18.53 67.55
CA GLN P 434 8.90 -17.28 67.04
C GLN P 434 9.37 -17.03 65.60
N LEU P 435 10.66 -17.22 65.34
CA LEU P 435 11.21 -16.92 64.03
C LEU P 435 10.62 -17.84 62.96
N ILE P 436 10.46 -19.12 63.28
CA ILE P 436 9.86 -20.05 62.34
C ILE P 436 8.39 -19.71 62.12
N GLY P 437 7.71 -19.24 63.17
CA GLY P 437 6.31 -18.88 63.03
C GLY P 437 6.08 -17.80 61.99
N TYR P 438 6.93 -16.77 61.99
CA TYR P 438 6.83 -15.73 60.97
C TYR P 438 7.08 -16.30 59.58
N TRP P 439 8.07 -17.20 59.46
CA TRP P 439 8.41 -17.75 58.16
C TRP P 439 7.30 -18.61 57.59
N LEU P 440 6.62 -19.39 58.44
CA LEU P 440 5.54 -20.25 57.96
C LEU P 440 4.41 -19.43 57.34
N ALA P 441 4.01 -18.35 58.01
CA ALA P 441 2.97 -17.49 57.47
C ALA P 441 3.44 -16.72 56.24
N GLU P 442 4.72 -16.30 56.23
CA GLU P 442 5.24 -15.54 55.10
C GLU P 442 5.28 -16.35 53.82
N GLY P 443 5.16 -17.67 53.89
CA GLY P 443 5.24 -18.51 52.72
C GLY P 443 6.63 -18.97 52.35
N LEU P 444 7.64 -18.57 53.12
CA LEU P 444 9.00 -19.06 52.88
C LEU P 444 9.10 -20.56 53.09
N LEU P 445 8.43 -21.07 54.11
CA LEU P 445 8.37 -22.50 54.38
C LEU P 445 7.07 -23.05 53.80
N LEU P 446 7.17 -24.18 53.09
CA LEU P 446 6.00 -24.78 52.49
C LEU P 446 5.18 -25.52 53.55
N ASN P 447 4.69 -24.78 54.54
CA ASN P 447 3.87 -25.31 55.64
C ASN P 447 4.59 -26.40 56.42
N ASP P 448 5.91 -26.39 56.41
CA ASP P 448 6.73 -27.39 57.11
C ASP P 448 7.54 -26.69 58.20
N SER P 449 7.35 -27.12 59.45
CA SER P 449 8.07 -26.51 60.55
C SER P 449 9.52 -26.98 60.60
N GLU P 450 9.78 -28.23 60.22
CA GLU P 450 11.16 -28.73 60.23
C GLU P 450 12.02 -27.97 59.23
N LYS P 451 11.47 -27.66 58.06
CA LYS P 451 12.22 -26.89 57.06
C LYS P 451 12.67 -25.55 57.65
N GLY P 452 11.90 -24.98 58.56
CA GLY P 452 12.36 -23.79 59.26
C GLY P 452 13.54 -24.07 60.15
N TYR P 453 13.53 -25.21 60.85
CA TYR P 453 14.67 -25.58 61.68
C TYR P 453 15.89 -25.89 60.83
N GLN P 454 15.67 -26.43 59.62
CA GLN P 454 16.78 -26.68 58.71
C GLN P 454 17.47 -25.38 58.31
N ILE P 455 16.68 -24.34 58.00
CA ILE P 455 17.25 -23.06 57.59
C ILE P 455 18.03 -22.44 58.73
N ILE P 456 17.47 -22.46 59.94
CA ILE P 456 18.20 -21.95 61.09
C ILE P 456 19.48 -22.75 61.32
N ARG P 457 19.40 -24.07 61.18
CA ARG P 457 20.58 -24.90 61.31
C ARG P 457 21.61 -24.57 60.24
N SER P 458 21.16 -24.34 59.01
CA SER P 458 22.07 -23.98 57.93
C SER P 458 22.73 -22.64 58.19
N LEU P 459 21.96 -21.67 58.70
CA LEU P 459 22.53 -20.35 58.97
C LEU P 459 23.53 -20.40 60.12
N VAL P 460 23.24 -21.20 61.15
CA VAL P 460 24.17 -21.32 62.26
C VAL P 460 25.48 -21.97 61.81
N SER P 461 25.39 -22.96 60.92
CA SER P 461 26.58 -23.62 60.40
C SER P 461 27.40 -22.72 59.48
N ALA P 462 26.77 -21.74 58.84
CA ALA P 462 27.48 -20.77 58.00
C ALA P 462 27.91 -19.55 58.78
N CYS P 463 27.72 -19.54 60.10
CA CYS P 463 28.09 -18.45 61.00
C CYS P 463 27.31 -17.17 60.71
N LEU P 464 26.19 -17.27 60.00
CA LEU P 464 25.33 -16.11 59.81
C LEU P 464 24.37 -15.90 60.98
N LEU P 465 24.20 -16.91 61.83
CA LEU P 465 23.45 -16.79 63.07
C LEU P 465 24.25 -17.45 64.18
N GLN P 466 23.96 -17.06 65.42
CA GLN P 466 24.63 -17.61 66.58
C GLN P 466 23.57 -18.15 67.54
N VAL P 467 23.71 -19.43 67.91
CA VAL P 467 22.86 -19.99 68.94
C VAL P 467 23.40 -19.57 70.29
N SER P 468 22.57 -18.89 71.07
CA SER P 468 23.03 -18.29 72.33
C SER P 468 21.90 -18.13 73.33
N GLY P 469 22.25 -18.15 74.61
CA GLY P 469 21.28 -17.95 75.67
C GLY P 469 21.44 -19.01 76.74
N SER P 470 20.60 -18.90 77.76
CA SER P 470 20.52 -19.95 78.76
C SER P 470 20.02 -21.27 78.19
N MET P 471 19.34 -21.22 77.03
CA MET P 471 18.92 -22.39 76.31
C MET P 471 19.26 -22.19 74.84
N SER P 472 19.46 -23.30 74.13
CA SER P 472 19.78 -23.25 72.71
C SER P 472 18.56 -22.93 71.84
N SER P 473 17.43 -22.57 72.45
CA SER P 473 16.23 -22.24 71.69
C SER P 473 16.24 -20.81 71.16
N LYS P 474 17.24 -20.01 71.51
CA LYS P 474 17.34 -18.63 71.07
C LYS P 474 18.52 -18.46 70.12
N VAL P 475 18.29 -17.73 69.03
CA VAL P 475 19.32 -17.39 68.07
C VAL P 475 19.50 -15.88 68.05
N LYS P 476 20.67 -15.45 67.58
CA LYS P 476 21.00 -14.03 67.48
C LYS P 476 22.02 -13.83 66.38
N MET P 477 22.25 -12.57 66.03
CA MET P 477 23.20 -12.19 64.99
C MET P 477 24.34 -11.40 65.60
N HIS P 478 25.56 -11.68 65.12
CA HIS P 478 26.70 -10.84 65.45
C HIS P 478 26.48 -9.45 64.86
N HIS P 479 27.00 -8.43 65.54
CA HIS P 479 26.72 -7.04 65.16
C HIS P 479 27.16 -6.77 63.73
N VAL P 480 28.37 -7.20 63.37
CA VAL P 480 28.87 -6.96 62.03
C VAL P 480 28.04 -7.71 60.99
N ILE P 481 27.58 -8.92 61.32
CA ILE P 481 26.77 -9.67 60.37
C ILE P 481 25.43 -9.00 60.14
N ARG P 482 24.83 -8.42 61.18
CA ARG P 482 23.58 -7.69 61.00
C ARG P 482 23.79 -6.47 60.12
N GLN P 483 24.89 -5.74 60.32
CA GLN P 483 25.19 -4.60 59.46
C GLN P 483 25.36 -5.05 58.02
N LEU P 484 25.92 -6.24 57.81
CA LEU P 484 25.96 -6.82 56.48
C LEU P 484 24.56 -7.09 55.95
N GLY P 485 23.67 -7.57 56.81
CA GLY P 485 22.30 -7.81 56.39
C GLY P 485 21.59 -6.53 55.99
N LEU P 486 21.72 -5.48 56.80
CA LEU P 486 21.14 -4.20 56.45
C LEU P 486 21.77 -3.63 55.17
N TRP P 487 23.09 -3.78 55.04
CA TRP P 487 23.78 -3.33 53.84
C TRP P 487 23.29 -4.07 52.60
N LEU P 488 23.07 -5.38 52.73
CA LEU P 488 22.53 -6.15 51.61
C LEU P 488 21.11 -5.74 51.27
N VAL P 489 20.31 -5.44 52.29
CA VAL P 489 18.93 -4.98 52.05
C VAL P 489 18.94 -3.67 51.28
N ASN P 490 19.81 -2.74 51.68
CA ASN P 490 19.89 -1.46 50.99
C ASN P 490 20.34 -1.63 49.55
N LYS P 491 21.21 -2.60 49.28
CA LYS P 491 21.63 -2.88 47.91
C LYS P 491 20.57 -3.58 47.09
N SER P 492 19.59 -4.21 47.74
CA SER P 492 18.53 -4.89 47.03
C SER P 492 17.48 -3.90 46.53
N ASP P 493 16.59 -4.39 45.68
CA ASP P 493 15.53 -3.57 45.10
C ASP P 493 14.24 -3.64 45.87
N THR P 494 14.22 -4.33 47.01
CA THR P 494 13.03 -4.42 47.87
C THR P 494 13.40 -3.75 49.20
N LYS P 495 12.90 -2.53 49.39
CA LYS P 495 13.26 -1.76 50.57
C LYS P 495 12.63 -2.35 51.83
N PHE P 496 13.40 -2.35 52.91
CA PHE P 496 12.91 -2.64 54.25
C PHE P 496 12.89 -1.36 55.07
N LEU P 497 11.95 -1.29 56.01
CA LEU P 497 11.94 -0.23 57.00
C LEU P 497 12.28 -0.85 58.36
N VAL P 498 13.52 -0.65 58.79
CA VAL P 498 14.05 -1.37 59.94
C VAL P 498 14.54 -0.39 61.00
N GLN P 499 13.71 -0.11 61.99
CA GLN P 499 14.13 0.69 63.16
C GLN P 499 13.67 0.06 64.47
N PRO P 500 14.17 -1.14 64.81
CA PRO P 500 13.86 -1.70 66.12
C PRO P 500 14.96 -1.39 67.12
N GLY P 501 14.57 -1.35 68.39
CA GLY P 501 15.52 -1.18 69.47
C GLY P 501 16.27 0.15 69.41
N MET P 502 15.74 1.09 68.65
CA MET P 502 16.36 2.39 68.46
C MET P 502 15.92 3.41 69.50
N ALA P 503 15.12 2.99 70.49
CA ALA P 503 14.58 3.88 71.52
C ALA P 503 13.82 5.03 70.89
N LEU P 504 13.05 4.72 69.84
CA LEU P 504 12.26 5.73 69.16
C LEU P 504 11.13 6.20 70.07
N ASP P 505 10.99 7.51 70.23
CA ASP P 505 9.95 8.09 71.07
C ASP P 505 8.66 8.37 70.30
N ASN P 506 8.72 8.44 68.98
CA ASN P 506 7.55 8.67 68.16
C ASN P 506 7.71 7.89 66.86
N ALA P 507 6.59 7.59 66.21
CA ALA P 507 6.61 6.78 65.01
C ALA P 507 7.37 7.50 63.89
N PRO P 508 8.02 6.76 63.00
CA PRO P 508 8.74 7.39 61.89
C PRO P 508 7.78 8.03 60.92
N SER P 509 8.33 8.89 60.06
CA SER P 509 7.55 9.61 59.06
C SER P 509 6.78 8.65 58.16
N ALA P 510 5.51 8.97 57.92
CA ALA P 510 4.65 8.07 57.16
C ALA P 510 5.05 7.95 55.71
N GLU P 511 5.88 8.86 55.20
CA GLU P 511 6.30 8.79 53.81
C GLU P 511 7.28 7.65 53.57
N GLU P 512 8.09 7.31 54.58
CA GLU P 512 9.08 6.24 54.43
C GLU P 512 8.44 4.87 54.30
N TRP P 513 7.13 4.74 54.56
CA TRP P 513 6.47 3.45 54.54
C TRP P 513 5.94 3.08 53.16
N ASN P 514 6.18 3.90 52.14
CA ASN P 514 5.53 3.69 50.85
C ASN P 514 5.96 2.38 50.19
N GLU P 515 7.25 2.28 49.84
CA GLU P 515 7.72 1.15 49.04
C GLU P 515 8.27 0.00 49.87
N ALA P 516 8.32 0.14 51.19
CA ALA P 516 8.88 -0.91 52.03
C ALA P 516 7.98 -2.15 52.01
N THR P 517 8.60 -3.31 52.22
CA THR P 517 7.89 -4.58 52.30
C THR P 517 7.88 -5.18 53.69
N ARG P 518 8.92 -4.93 54.49
CA ARG P 518 9.00 -5.39 55.86
C ARG P 518 9.14 -4.18 56.78
N ILE P 519 8.30 -4.11 57.81
CA ILE P 519 8.30 -3.02 58.77
C ILE P 519 8.57 -3.59 60.16
N SER P 520 9.50 -2.97 60.87
CA SER P 520 9.79 -3.37 62.24
C SER P 520 10.12 -2.14 63.08
N ILE P 521 9.33 -1.93 64.12
CA ILE P 521 9.58 -0.85 65.06
C ILE P 521 9.59 -1.44 66.47
N MET P 522 10.03 -2.69 66.58
CA MET P 522 10.05 -3.41 67.85
C MET P 522 10.85 -2.65 68.90
N SER P 523 10.54 -2.95 70.17
CA SER P 523 11.29 -2.49 71.34
C SER P 523 11.42 -0.97 71.39
N ASN P 524 10.61 -0.25 70.61
CA ASN P 524 10.60 1.20 70.70
C ASN P 524 9.61 1.66 71.77
N ASN P 525 9.77 2.91 72.20
CA ASN P 525 8.89 3.53 73.17
C ASN P 525 7.73 4.27 72.50
N ILE P 526 7.28 3.81 71.34
CA ILE P 526 6.19 4.43 70.59
C ILE P 526 4.97 4.59 71.49
N THR P 527 4.39 5.78 71.49
CA THR P 527 3.21 6.05 72.30
C THR P 527 1.93 6.22 71.48
N GLU P 528 2.05 6.73 70.25
CA GLU P 528 0.87 7.01 69.45
C GLU P 528 1.17 6.67 67.99
N LEU P 529 0.19 6.01 67.35
CA LEU P 529 0.27 5.62 65.95
C LEU P 529 -1.02 6.12 65.28
N SER P 530 -1.00 7.37 64.81
CA SER P 530 -2.21 8.07 64.43
C SER P 530 -2.38 8.27 62.93
N PHE P 531 -1.35 8.00 62.13
CA PHE P 531 -1.49 8.20 60.69
C PHE P 531 -2.02 6.92 60.02
N SER P 532 -2.28 7.01 58.72
CA SER P 532 -2.69 5.87 57.92
C SER P 532 -1.71 5.70 56.77
N PRO P 533 -0.84 4.69 56.80
CA PRO P 533 0.24 4.61 55.81
C PRO P 533 -0.27 4.16 54.45
N LYS P 534 0.60 4.29 53.46
CA LYS P 534 0.33 3.85 52.10
C LYS P 534 0.99 2.51 51.78
N CYS P 535 1.07 1.61 52.76
CA CYS P 535 1.85 0.38 52.64
C CYS P 535 1.18 -0.65 51.74
N LYS P 536 1.16 -0.40 50.43
CA LYS P 536 0.56 -1.36 49.51
C LYS P 536 1.35 -2.67 49.45
N ASN P 537 2.68 -2.58 49.40
CA ASN P 537 3.51 -3.76 49.19
C ASN P 537 3.94 -4.45 50.48
N VAL P 538 3.61 -3.89 51.64
CA VAL P 538 4.07 -4.45 52.90
C VAL P 538 3.49 -5.84 53.12
N THR P 539 4.35 -6.79 53.50
CA THR P 539 3.92 -8.13 53.85
C THR P 539 4.27 -8.53 55.28
N THR P 540 4.70 -7.59 56.12
CA THR P 540 5.10 -7.92 57.48
C THR P 540 5.07 -6.66 58.34
N LEU P 541 4.40 -6.74 59.49
CA LEU P 541 4.39 -5.68 60.49
C LEU P 541 4.79 -6.26 61.84
N LEU P 542 5.74 -5.61 62.51
CA LEU P 542 6.22 -6.03 63.80
C LEU P 542 6.23 -4.84 64.75
N MET P 543 5.61 -5.00 65.93
CA MET P 543 5.56 -3.96 66.95
C MET P 543 5.79 -4.51 68.35
N GLN P 544 6.51 -5.62 68.49
CA GLN P 544 6.69 -6.24 69.79
C GLN P 544 7.40 -5.29 70.75
N ASN P 545 7.06 -5.42 72.04
CA ASN P 545 7.71 -4.69 73.12
C ASN P 545 7.57 -3.19 72.99
N ASN P 546 6.43 -2.70 72.51
CA ASN P 546 6.12 -1.27 72.59
C ASN P 546 5.25 -1.05 73.81
N PRO P 547 5.84 -0.68 74.95
CA PRO P 547 5.06 -0.67 76.21
C PRO P 547 4.03 0.43 76.32
N ASN P 548 4.17 1.52 75.56
CA ASN P 548 3.29 2.66 75.71
C ASN P 548 2.33 2.88 74.54
N LEU P 549 2.50 2.15 73.44
CA LEU P 549 1.64 2.33 72.27
C LEU P 549 0.27 1.73 72.60
N ASN P 550 -0.71 2.60 72.82
CA ASN P 550 -2.05 2.17 73.17
C ASN P 550 -3.14 2.78 72.28
N LYS P 551 -2.82 3.82 71.52
CA LYS P 551 -3.79 4.43 70.61
C LYS P 551 -3.31 4.24 69.18
N MET P 552 -4.20 3.70 68.35
CA MET P 552 -3.91 3.47 66.94
C MET P 552 -5.02 4.09 66.10
N SER P 553 -4.63 4.63 64.95
CA SER P 553 -5.60 5.26 64.06
C SER P 553 -6.59 4.23 63.54
N TYR P 554 -7.87 4.57 63.60
CA TYR P 554 -8.90 3.70 63.06
C TYR P 554 -8.78 3.68 61.53
N GLY P 555 -8.94 2.50 60.95
CA GLY P 555 -8.65 2.33 59.54
C GLY P 555 -7.16 2.34 59.23
N PHE P 556 -6.33 1.90 60.18
CA PHE P 556 -4.89 1.86 59.96
C PHE P 556 -4.52 0.82 58.92
N PHE P 557 -5.28 -0.27 58.85
CA PHE P 557 -4.96 -1.41 58.01
C PHE P 557 -5.62 -1.38 56.64
N ARG P 558 -6.10 -0.21 56.18
CA ARG P 558 -6.80 -0.16 54.91
C ARG P 558 -5.91 -0.55 53.74
N THR P 559 -4.66 -0.09 53.74
CA THR P 559 -3.72 -0.40 52.66
C THR P 559 -2.90 -1.65 52.93
N MET P 560 -3.19 -2.39 53.99
CA MET P 560 -2.38 -3.54 54.40
C MET P 560 -2.96 -4.83 53.85
N SER P 561 -3.53 -4.78 52.64
CA SER P 561 -4.16 -5.95 52.05
C SER P 561 -3.22 -7.14 51.98
N SER P 562 -1.95 -6.91 51.66
CA SER P 562 -0.98 -7.99 51.52
C SER P 562 -0.22 -8.29 52.80
N LEU P 563 -0.56 -7.63 53.92
CA LEU P 563 0.09 -7.88 55.19
C LEU P 563 -0.14 -9.32 55.64
N LYS P 564 0.93 -10.10 55.73
CA LYS P 564 0.81 -11.52 56.08
C LYS P 564 1.13 -11.81 57.53
N VAL P 565 2.06 -11.07 58.14
CA VAL P 565 2.44 -11.25 59.53
C VAL P 565 2.22 -9.94 60.27
N LEU P 566 1.49 -10.00 61.37
CA LEU P 566 1.18 -8.82 62.18
C LEU P 566 1.41 -9.15 63.64
N ASP P 567 2.40 -8.48 64.25
CA ASP P 567 2.74 -8.70 65.64
C ASP P 567 2.47 -7.42 66.43
N LEU P 568 1.65 -7.53 67.47
CA LEU P 568 1.42 -6.44 68.41
C LEU P 568 1.65 -6.93 69.83
N SER P 569 2.58 -7.88 69.98
CA SER P 569 2.86 -8.50 71.26
C SER P 569 3.47 -7.50 72.23
N HIS P 570 3.11 -7.64 73.50
CA HIS P 570 3.68 -6.83 74.58
C HIS P 570 3.48 -5.34 74.34
N THR P 571 2.33 -4.99 73.77
CA THR P 571 1.95 -3.59 73.61
C THR P 571 0.74 -3.30 74.47
N ALA P 572 0.44 -2.01 74.64
CA ALA P 572 -0.58 -1.56 75.57
C ALA P 572 -1.90 -1.23 74.89
N ILE P 573 -2.12 -1.70 73.66
CA ILE P 573 -3.39 -1.42 72.98
C ILE P 573 -4.54 -2.07 73.74
N THR P 574 -5.68 -1.39 73.76
CA THR P 574 -6.89 -1.93 74.36
C THR P 574 -7.91 -2.36 73.32
N SER P 575 -7.84 -1.80 72.11
CA SER P 575 -8.75 -2.17 71.03
C SER P 575 -7.97 -2.17 69.72
N LEU P 576 -8.48 -2.93 68.76
CA LEU P 576 -7.82 -3.04 67.46
C LEU P 576 -8.66 -2.37 66.39
N PRO P 577 -8.05 -1.65 65.44
CA PRO P 577 -8.83 -1.07 64.34
C PRO P 577 -9.44 -2.15 63.47
N GLU P 578 -10.48 -1.79 62.72
CA GLU P 578 -11.12 -2.75 61.83
C GLU P 578 -10.12 -3.24 60.79
N CYS P 579 -10.26 -4.53 60.44
CA CYS P 579 -9.27 -5.16 59.55
C CYS P 579 -9.92 -5.96 58.42
N ASP P 580 -11.07 -5.54 57.91
CA ASP P 580 -11.68 -6.25 56.80
C ASP P 580 -10.84 -6.20 55.53
N ALA P 581 -9.90 -5.26 55.43
CA ALA P 581 -9.01 -5.17 54.28
C ALA P 581 -7.84 -6.15 54.36
N LEU P 582 -7.63 -6.81 55.49
CA LEU P 582 -6.56 -7.78 55.64
C LEU P 582 -6.96 -9.10 54.97
N VAL P 583 -6.99 -9.11 53.64
CA VAL P 583 -7.45 -10.28 52.91
C VAL P 583 -6.48 -11.44 53.04
N ALA P 584 -5.17 -11.16 53.05
CA ALA P 584 -4.16 -12.20 52.97
C ALA P 584 -3.44 -12.46 54.29
N LEU P 585 -3.90 -11.89 55.40
CA LEU P 585 -3.23 -12.11 56.67
C LEU P 585 -3.35 -13.57 57.10
N GLU P 586 -2.22 -14.11 57.58
CA GLU P 586 -2.17 -15.50 58.01
C GLU P 586 -1.66 -15.67 59.44
N HIS P 587 -0.96 -14.68 59.99
CA HIS P 587 -0.43 -14.74 61.35
C HIS P 587 -0.81 -13.46 62.06
N LEU P 588 -1.27 -13.58 63.31
CA LEU P 588 -1.66 -12.43 64.10
C LEU P 588 -1.43 -12.76 65.57
N ASN P 589 -0.47 -12.08 66.20
CA ASN P 589 -0.09 -12.32 67.57
C ASN P 589 -0.47 -11.11 68.41
N LEU P 590 -1.14 -11.34 69.54
CA LEU P 590 -1.51 -10.28 70.47
C LEU P 590 -1.20 -10.67 71.92
N SER P 591 -0.11 -11.39 72.14
CA SER P 591 0.20 -11.86 73.48
C SER P 591 0.64 -10.70 74.38
N HIS P 592 0.27 -10.79 75.66
CA HIS P 592 0.69 -9.86 76.69
C HIS P 592 0.17 -8.45 76.45
N THR P 593 -0.91 -8.32 75.70
CA THR P 593 -1.53 -7.02 75.47
C THR P 593 -2.84 -6.89 76.24
N HIS P 594 -3.29 -5.65 76.39
CA HIS P 594 -4.48 -5.32 77.15
C HIS P 594 -5.75 -5.29 76.30
N ILE P 595 -5.79 -6.03 75.20
CA ILE P 595 -7.00 -6.06 74.37
C ILE P 595 -8.14 -6.66 75.18
N MET P 596 -9.28 -5.98 75.18
CA MET P 596 -10.46 -6.48 75.88
C MET P 596 -11.36 -7.31 74.97
N ARG P 597 -11.80 -6.75 73.86
CA ARG P 597 -12.64 -7.48 72.92
C ARG P 597 -11.97 -7.48 71.56
N LEU P 598 -12.12 -8.60 70.86
CA LEU P 598 -11.51 -8.77 69.55
C LEU P 598 -12.54 -8.50 68.47
N PRO P 599 -12.31 -7.56 67.57
CA PRO P 599 -13.37 -7.11 66.65
C PRO P 599 -13.91 -8.24 65.78
N GLU P 600 -15.18 -8.10 65.40
CA GLU P 600 -15.88 -9.15 64.65
C GLU P 600 -15.39 -9.28 63.22
N ARG P 601 -14.62 -8.32 62.71
CA ARG P 601 -14.13 -8.43 61.34
C ARG P 601 -13.12 -9.57 61.19
N LEU P 602 -12.51 -10.01 62.29
CA LEU P 602 -11.56 -11.11 62.23
C LEU P 602 -12.21 -12.41 61.75
N TRP P 603 -13.50 -12.59 62.05
CA TRP P 603 -14.22 -13.77 61.61
C TRP P 603 -14.37 -13.85 60.10
N LEU P 604 -14.21 -12.73 59.39
CA LEU P 604 -14.27 -12.72 57.93
C LEU P 604 -12.89 -12.83 57.29
N LEU P 605 -11.82 -12.91 58.07
CA LEU P 605 -10.47 -13.07 57.55
C LEU P 605 -10.29 -14.54 57.17
N LYS P 606 -10.51 -14.83 55.89
CA LYS P 606 -10.58 -16.21 55.43
C LYS P 606 -9.22 -16.88 55.40
N GLU P 607 -8.15 -16.11 55.22
CA GLU P 607 -6.81 -16.68 55.03
C GLU P 607 -6.04 -16.88 56.33
N LEU P 608 -6.62 -16.52 57.48
CA LEU P 608 -5.87 -16.61 58.74
C LEU P 608 -5.53 -18.05 59.07
N ARG P 609 -4.31 -18.26 59.57
CA ARG P 609 -3.82 -19.58 59.94
C ARG P 609 -3.38 -19.70 61.39
N HIS P 610 -2.86 -18.62 61.98
CA HIS P 610 -2.42 -18.64 63.37
C HIS P 610 -2.87 -17.35 64.04
N LEU P 611 -3.50 -17.48 65.20
CA LEU P 611 -3.92 -16.34 66.00
C LEU P 611 -3.61 -16.62 67.46
N ASP P 612 -2.77 -15.78 68.06
CA ASP P 612 -2.30 -15.97 69.43
C ASP P 612 -2.72 -14.78 70.28
N LEU P 613 -3.36 -15.06 71.41
CA LEU P 613 -3.74 -14.04 72.39
C LEU P 613 -3.41 -14.49 73.80
N SER P 614 -2.24 -15.11 73.99
CA SER P 614 -1.88 -15.64 75.30
C SER P 614 -1.56 -14.52 76.28
N VAL P 615 -1.80 -14.80 77.56
CA VAL P 615 -1.46 -13.92 78.67
C VAL P 615 -2.14 -12.56 78.48
N THR P 616 -3.26 -12.56 77.77
CA THR P 616 -4.05 -11.33 77.63
C THR P 616 -4.88 -11.12 78.89
N VAL P 617 -4.48 -10.16 79.72
CA VAL P 617 -5.13 -9.96 81.01
C VAL P 617 -6.54 -9.42 80.83
N ALA P 618 -6.74 -8.50 79.88
CA ALA P 618 -8.03 -7.85 79.74
C ALA P 618 -8.97 -8.54 78.76
N PHE P 619 -8.52 -9.60 78.08
CA PHE P 619 -9.35 -10.25 77.07
C PHE P 619 -10.57 -10.89 77.72
N GLU P 620 -11.76 -10.47 77.27
CA GLU P 620 -13.00 -11.01 77.82
C GLU P 620 -14.09 -11.21 76.76
N ASP P 621 -13.73 -11.40 75.50
CA ASP P 621 -14.69 -11.48 74.41
C ASP P 621 -14.92 -12.94 74.03
N THR P 622 -16.18 -13.30 73.83
CA THR P 622 -16.53 -14.67 73.48
C THR P 622 -15.93 -15.06 72.13
N MET P 623 -15.50 -16.31 72.02
CA MET P 623 -14.90 -16.81 70.78
C MET P 623 -15.87 -17.62 69.93
N ASN P 624 -17.18 -17.56 70.23
CA ASN P 624 -18.13 -18.44 69.54
C ASN P 624 -18.13 -18.22 68.04
N ASN P 625 -17.73 -17.03 67.58
CA ASN P 625 -17.67 -16.75 66.16
C ASN P 625 -16.40 -17.24 65.50
N CYS P 626 -15.47 -17.84 66.26
CA CYS P 626 -14.27 -18.41 65.66
C CYS P 626 -14.57 -19.60 64.77
N SER P 627 -15.79 -20.14 64.85
CA SER P 627 -16.19 -21.21 63.95
C SER P 627 -16.10 -20.81 62.49
N LYS P 628 -16.36 -19.53 62.18
CA LYS P 628 -16.20 -19.03 60.83
C LYS P 628 -14.75 -19.00 60.38
N LEU P 629 -13.81 -19.14 61.31
CA LEU P 629 -12.38 -19.18 61.00
C LEU P 629 -11.91 -20.60 60.74
N HIS P 630 -12.40 -21.18 59.63
CA HIS P 630 -12.15 -22.58 59.35
C HIS P 630 -10.66 -22.85 59.10
N LYS P 631 -10.01 -21.97 58.35
CA LYS P 631 -8.65 -22.23 57.87
C LYS P 631 -7.60 -22.14 58.99
N LEU P 632 -7.97 -21.65 60.16
CA LEU P 632 -7.02 -21.49 61.25
C LEU P 632 -6.38 -22.81 61.64
N LYS P 633 -5.07 -22.78 61.85
CA LYS P 633 -4.30 -23.96 62.22
C LYS P 633 -3.87 -23.97 63.68
N VAL P 634 -3.61 -22.80 64.26
CA VAL P 634 -3.16 -22.69 65.65
C VAL P 634 -3.91 -21.56 66.33
N LEU P 635 -4.41 -21.84 67.53
CA LEU P 635 -5.12 -20.86 68.36
C LEU P 635 -4.63 -21.00 69.78
N ASN P 636 -4.13 -19.90 70.36
CA ASN P 636 -3.51 -19.94 71.68
C ASN P 636 -4.18 -18.93 72.60
N LEU P 637 -4.59 -19.39 73.78
CA LEU P 637 -5.09 -18.54 74.86
C LEU P 637 -4.46 -18.87 76.19
N PHE P 638 -3.21 -19.34 76.20
CA PHE P 638 -2.59 -19.79 77.44
C PHE P 638 -2.39 -18.63 78.40
N ARG P 639 -2.73 -18.88 79.68
CA ARG P 639 -2.69 -17.90 80.77
C ARG P 639 -3.59 -16.70 80.51
N SER P 640 -4.50 -16.77 79.55
CA SER P 640 -5.46 -15.70 79.36
C SER P 640 -6.45 -15.67 80.52
N HIS P 641 -6.83 -14.46 80.93
CA HIS P 641 -7.76 -14.30 82.04
C HIS P 641 -9.13 -14.89 81.73
N TYR P 642 -9.54 -14.91 80.47
CA TYR P 642 -10.81 -15.49 80.06
C TYR P 642 -10.55 -16.68 79.15
N GLY P 643 -11.46 -17.65 79.21
CA GLY P 643 -11.37 -18.83 78.35
C GLY P 643 -12.68 -19.58 78.30
N ILE P 644 -12.62 -20.92 78.31
CA ILE P 644 -13.82 -21.73 78.35
C ILE P 644 -14.22 -21.94 79.80
N ARG P 645 -15.01 -21.01 80.34
CA ARG P 645 -15.45 -21.11 81.73
C ARG P 645 -16.58 -22.12 81.88
N ASP P 646 -17.24 -22.47 80.80
CA ASP P 646 -18.35 -23.42 80.85
C ASP P 646 -18.47 -24.12 79.50
N VAL P 647 -19.20 -25.24 79.50
CA VAL P 647 -19.34 -26.07 78.30
C VAL P 647 -20.04 -25.31 77.18
N ASP P 648 -20.71 -24.20 77.49
CA ASP P 648 -21.40 -23.43 76.48
C ASP P 648 -20.47 -22.98 75.36
N ASN P 649 -19.21 -22.69 75.67
CA ASN P 649 -18.23 -22.28 74.68
C ASN P 649 -17.30 -23.41 74.28
N LEU P 650 -17.67 -24.67 74.54
CA LEU P 650 -16.91 -25.82 74.08
C LEU P 650 -17.28 -26.21 72.65
N ASN P 651 -17.20 -25.26 71.72
CA ASN P 651 -17.62 -25.47 70.34
C ASN P 651 -16.44 -25.41 69.37
N LEU P 652 -15.24 -25.71 69.83
CA LEU P 652 -14.06 -25.65 68.98
C LEU P 652 -13.92 -26.85 68.06
N ASP P 653 -14.87 -27.80 68.12
CA ASP P 653 -14.88 -28.90 67.15
C ASP P 653 -15.15 -28.39 65.73
N SER P 654 -15.65 -27.17 65.57
CA SER P 654 -15.74 -26.56 64.26
C SER P 654 -14.38 -26.18 63.70
N LEU P 655 -13.36 -26.08 64.55
CA LEU P 655 -12.00 -25.79 64.10
C LEU P 655 -11.37 -27.08 63.58
N LYS P 656 -11.72 -27.40 62.34
CA LYS P 656 -11.32 -28.68 61.74
C LYS P 656 -9.87 -28.68 61.29
N GLU P 657 -9.26 -27.50 61.09
CA GLU P 657 -7.88 -27.41 60.66
C GLU P 657 -6.91 -27.24 61.82
N LEU P 658 -7.39 -27.17 63.06
CA LEU P 658 -6.54 -26.85 64.20
C LEU P 658 -5.59 -27.99 64.51
N LEU P 659 -4.35 -27.64 64.88
CA LEU P 659 -3.33 -28.61 65.25
C LEU P 659 -2.82 -28.42 66.67
N PHE P 660 -2.51 -27.18 67.07
CA PHE P 660 -1.97 -26.89 68.39
C PHE P 660 -2.80 -25.78 69.03
N LEU P 661 -3.18 -25.99 70.28
CA LEU P 661 -3.97 -25.02 71.02
C LEU P 661 -3.56 -25.02 72.48
N GLY P 662 -3.50 -23.82 73.06
CA GLY P 662 -3.29 -23.65 74.48
C GLY P 662 -4.37 -22.77 75.07
N ILE P 663 -5.00 -23.19 76.16
CA ILE P 663 -6.17 -22.50 76.69
C ILE P 663 -6.18 -22.65 78.19
N THR P 664 -6.98 -21.82 78.87
CA THR P 664 -7.16 -21.89 80.31
C THR P 664 -8.53 -22.49 80.61
N ILE P 665 -8.54 -23.56 81.42
CA ILE P 665 -9.75 -24.28 81.74
C ILE P 665 -10.07 -24.05 83.22
N TYR P 666 -11.35 -23.75 83.51
CA TYR P 666 -11.76 -23.30 84.82
C TYR P 666 -12.63 -24.27 85.60
N ALA P 667 -13.22 -25.28 84.95
CA ALA P 667 -14.27 -26.06 85.61
C ALA P 667 -14.02 -27.54 85.45
N GLU P 668 -14.49 -28.30 86.45
CA GLU P 668 -14.36 -29.76 86.42
C GLU P 668 -15.29 -30.37 85.37
N ASP P 669 -16.53 -29.88 85.27
CA ASP P 669 -17.46 -30.44 84.30
C ASP P 669 -16.95 -30.25 82.88
N VAL P 670 -16.26 -29.14 82.61
CA VAL P 670 -15.57 -28.97 81.34
C VAL P 670 -14.47 -30.01 81.20
N LEU P 671 -13.73 -30.25 82.28
CA LEU P 671 -12.66 -31.25 82.23
C LEU P 671 -13.21 -32.65 81.96
N LYS P 672 -14.30 -33.01 82.65
CA LYS P 672 -14.90 -34.33 82.45
C LYS P 672 -15.70 -34.41 81.15
N LYS P 673 -16.16 -33.29 80.62
CA LYS P 673 -16.68 -33.27 79.25
C LYS P 673 -15.56 -33.30 78.22
N LEU P 674 -14.34 -32.95 78.64
CA LEU P 674 -13.15 -33.11 77.82
C LEU P 674 -12.41 -34.42 78.10
N ASN P 675 -12.85 -35.19 79.09
CA ASN P 675 -12.17 -36.42 79.47
C ASN P 675 -12.57 -37.62 78.61
N MET P 676 -12.54 -37.47 77.30
CA MET P 676 -12.69 -38.54 76.33
C MET P 676 -11.77 -38.26 75.15
N PRO P 677 -11.37 -39.28 74.40
CA PRO P 677 -10.49 -39.04 73.25
C PRO P 677 -11.18 -38.36 72.09
N ARG P 678 -10.86 -37.09 71.87
CA ARG P 678 -11.35 -36.33 70.74
C ARG P 678 -10.37 -35.20 70.47
N PRO P 679 -10.40 -34.60 69.28
CA PRO P 679 -9.41 -33.54 68.97
C PRO P 679 -9.39 -32.39 69.97
N LEU P 680 -10.56 -32.00 70.51
CA LEU P 680 -10.58 -30.92 71.48
C LEU P 680 -9.82 -31.27 72.75
N ALA P 681 -9.67 -32.56 73.05
CA ALA P 681 -8.95 -32.96 74.26
C ALA P 681 -7.47 -33.18 73.97
N LYS P 682 -7.15 -33.87 72.88
CA LYS P 682 -5.77 -34.28 72.64
C LYS P 682 -4.92 -33.18 72.03
N SER P 683 -5.52 -32.14 71.45
CA SER P 683 -4.74 -31.14 70.73
C SER P 683 -4.17 -30.05 71.63
N THR P 684 -4.46 -30.08 72.93
CA THR P 684 -3.93 -29.07 73.85
C THR P 684 -2.49 -29.40 74.19
N HIS P 685 -1.57 -28.49 73.86
CA HIS P 685 -0.16 -28.72 74.15
C HIS P 685 0.24 -28.15 75.50
N ARG P 686 -0.47 -27.14 75.99
CA ARG P 686 -0.23 -26.62 77.33
C ARG P 686 -1.53 -26.06 77.89
N LEU P 687 -1.66 -26.14 79.21
CA LEU P 687 -2.91 -25.82 79.89
C LEU P 687 -2.63 -24.93 81.10
N ASN P 688 -3.54 -24.02 81.37
CA ASN P 688 -3.47 -23.13 82.53
C ASN P 688 -4.71 -23.31 83.38
N LEU P 689 -4.53 -23.34 84.70
CA LEU P 689 -5.63 -23.49 85.65
C LEU P 689 -5.66 -22.26 86.55
N LYS P 690 -6.77 -21.52 86.50
CA LYS P 690 -6.93 -20.30 87.27
C LYS P 690 -8.35 -20.23 87.81
N TYR P 691 -8.48 -19.81 89.08
CA TYR P 691 -9.76 -19.68 89.75
C TYR P 691 -10.54 -21.00 89.71
N CYS P 692 -9.84 -22.10 89.93
CA CYS P 692 -10.48 -23.41 89.87
C CYS P 692 -11.44 -23.61 91.03
N ALA P 693 -12.62 -24.15 90.73
CA ALA P 693 -13.63 -24.48 91.72
C ALA P 693 -14.13 -25.89 91.47
N GLU P 694 -14.10 -26.72 92.53
CA GLU P 694 -14.47 -28.14 92.49
C GLU P 694 -13.43 -29.01 91.79
N MET P 695 -12.16 -28.60 91.83
CA MET P 695 -11.03 -29.45 91.46
C MET P 695 -9.94 -29.37 92.53
N GLN P 696 -10.34 -29.57 93.78
CA GLN P 696 -9.39 -29.54 94.89
C GLN P 696 -8.22 -30.49 94.70
N SER P 697 -8.43 -31.59 93.99
CA SER P 697 -7.36 -32.52 93.67
C SER P 697 -7.42 -32.87 92.19
N ILE P 698 -6.26 -33.23 91.64
CA ILE P 698 -6.15 -33.58 90.23
C ILE P 698 -4.98 -34.53 90.06
N LYS P 699 -5.08 -35.39 89.05
CA LYS P 699 -4.06 -36.39 88.75
C LYS P 699 -3.54 -36.20 87.33
N ILE P 700 -2.28 -36.54 87.13
CA ILE P 700 -1.72 -36.51 85.78
C ILE P 700 -2.40 -37.55 84.90
N SER P 701 -2.74 -38.70 85.49
CA SER P 701 -3.50 -39.71 84.73
C SER P 701 -4.87 -39.18 84.32
N ASP P 702 -5.43 -38.23 85.08
CA ASP P 702 -6.65 -37.58 84.66
C ASP P 702 -6.44 -36.71 83.42
N LEU P 703 -5.19 -36.34 83.15
CA LEU P 703 -4.84 -35.59 81.95
C LEU P 703 -4.36 -36.49 80.82
N SER P 704 -4.53 -37.81 80.94
CA SER P 704 -4.03 -38.72 79.91
C SER P 704 -4.68 -38.51 78.56
N HIS P 705 -5.90 -37.95 78.51
CA HIS P 705 -6.50 -37.61 77.24
C HIS P 705 -5.78 -36.47 76.54
N MET P 706 -5.08 -35.62 77.30
CA MET P 706 -4.26 -34.56 76.73
C MET P 706 -2.98 -35.19 76.16
N GLU P 707 -3.08 -35.65 74.92
CA GLU P 707 -1.97 -36.36 74.30
C GLU P 707 -0.74 -35.48 74.12
N HIS P 708 -0.94 -34.22 73.72
CA HIS P 708 0.18 -33.34 73.40
C HIS P 708 0.54 -32.37 74.52
N LEU P 709 -0.12 -32.46 75.67
CA LEU P 709 0.12 -31.49 76.74
C LEU P 709 1.56 -31.60 77.23
N GLU P 710 2.21 -30.45 77.38
CA GLU P 710 3.60 -30.40 77.82
C GLU P 710 3.87 -29.40 78.93
N GLU P 711 3.02 -28.39 79.12
CA GLU P 711 3.23 -27.38 80.14
C GLU P 711 1.93 -27.12 80.89
N LEU P 712 2.03 -26.99 82.21
CA LEU P 712 0.89 -26.66 83.05
C LEU P 712 1.20 -25.43 83.90
N TYR P 713 0.20 -24.58 84.06
CA TYR P 713 0.30 -23.37 84.87
C TYR P 713 -0.88 -23.33 85.84
N VAL P 714 -0.59 -23.14 87.12
CA VAL P 714 -1.60 -23.06 88.15
C VAL P 714 -1.43 -21.73 88.88
N GLU P 715 -2.50 -20.93 88.91
CA GLU P 715 -2.46 -19.62 89.54
C GLU P 715 -3.79 -19.34 90.22
N SER P 716 -3.75 -19.05 91.52
CA SER P 716 -4.92 -18.64 92.29
C SER P 716 -6.02 -19.69 92.24
N CYS P 717 -5.69 -20.93 92.62
CA CYS P 717 -6.68 -21.98 92.80
C CYS P 717 -6.93 -22.12 94.30
N TYR P 718 -8.03 -21.53 94.76
CA TYR P 718 -8.26 -21.37 96.20
C TYR P 718 -8.65 -22.67 96.88
N ASP P 719 -9.33 -23.58 96.18
CA ASP P 719 -9.75 -24.84 96.78
C ASP P 719 -8.74 -25.97 96.59
N LEU P 720 -7.66 -25.73 95.86
CA LEU P 720 -6.69 -26.79 95.58
C LEU P 720 -6.03 -27.26 96.86
N ASN P 721 -5.95 -28.58 97.03
CA ASN P 721 -5.29 -29.15 98.21
C ASN P 721 -4.10 -30.01 97.84
N THR P 722 -4.29 -30.94 96.89
CA THR P 722 -3.26 -31.89 96.53
C THR P 722 -3.28 -32.15 95.04
N VAL P 723 -2.16 -32.64 94.52
CA VAL P 723 -2.02 -33.06 93.13
C VAL P 723 -1.33 -34.41 93.12
N VAL P 724 -1.74 -35.27 92.20
CA VAL P 724 -1.22 -36.64 92.11
C VAL P 724 -0.37 -36.76 90.84
N ALA P 725 0.89 -37.12 91.03
CA ALA P 725 1.78 -37.47 89.92
C ALA P 725 1.87 -38.99 89.88
N ASP P 726 1.04 -39.60 89.04
CA ASP P 726 0.85 -41.04 89.07
C ASP P 726 2.12 -41.77 88.62
N ALA P 727 2.29 -42.98 89.16
CA ALA P 727 3.32 -43.88 88.65
C ALA P 727 2.97 -44.39 87.25
N GLU P 728 1.68 -44.43 86.93
CA GLU P 728 1.23 -44.83 85.60
C GLU P 728 1.68 -43.78 84.59
N LEU P 729 2.60 -44.18 83.70
CA LEU P 729 3.15 -43.24 82.74
C LEU P 729 2.08 -42.79 81.75
N THR P 730 2.27 -41.57 81.24
CA THR P 730 1.31 -40.94 80.36
C THR P 730 1.94 -40.70 78.99
N THR P 731 1.10 -40.74 77.95
CA THR P 731 1.57 -40.40 76.61
C THR P 731 2.08 -38.97 76.57
N SER P 732 1.39 -38.06 77.25
CA SER P 732 1.88 -36.69 77.38
C SER P 732 3.19 -36.68 78.17
N GLN P 733 4.12 -35.86 77.73
CA GLN P 733 5.44 -35.74 78.35
C GLN P 733 5.55 -34.33 78.92
N LEU P 734 5.31 -34.21 80.22
CA LEU P 734 5.36 -32.91 80.90
C LEU P 734 6.76 -32.32 80.79
N GLN P 735 6.85 -31.03 80.44
CA GLN P 735 8.15 -30.40 80.26
C GLN P 735 8.36 -29.22 81.19
N PHE P 736 7.40 -28.30 81.26
CA PHE P 736 7.53 -27.09 82.08
C PHE P 736 6.33 -26.96 83.00
N LEU P 737 6.58 -26.67 84.27
CA LEU P 737 5.54 -26.36 85.24
C LEU P 737 5.84 -25.02 85.90
N THR P 738 4.77 -24.30 86.24
CA THR P 738 4.87 -23.05 86.97
C THR P 738 3.74 -22.98 87.98
N LEU P 739 4.09 -22.99 89.27
CA LEU P 739 3.13 -22.88 90.36
C LEU P 739 3.27 -21.48 90.95
N SER P 740 2.27 -20.64 90.71
CA SER P 740 2.33 -19.24 91.09
C SER P 740 1.09 -18.84 91.87
N VAL P 741 1.30 -18.09 92.96
CA VAL P 741 0.23 -17.52 93.77
C VAL P 741 -0.76 -18.61 94.17
N LEU P 742 -0.30 -19.57 94.97
CA LEU P 742 -1.14 -20.68 95.41
C LEU P 742 -1.08 -20.82 96.92
N PRO P 743 -1.82 -20.00 97.68
CA PRO P 743 -1.94 -20.20 99.14
C PRO P 743 -3.02 -21.22 99.49
N SER P 744 -3.10 -22.29 98.71
CA SER P 744 -4.02 -23.39 98.98
C SER P 744 -3.30 -24.74 98.90
N LEU P 745 -2.33 -24.84 97.99
CA LEU P 745 -1.68 -26.11 97.72
C LEU P 745 -0.86 -26.56 98.93
N GLU P 746 -0.92 -27.86 99.20
CA GLU P 746 -0.22 -28.46 100.33
C GLU P 746 0.88 -29.43 99.92
N SER P 747 0.57 -30.44 99.12
CA SER P 747 1.54 -31.45 98.77
C SER P 747 1.17 -32.09 97.44
N VAL P 748 2.16 -32.69 96.78
CA VAL P 748 1.97 -33.43 95.54
C VAL P 748 2.62 -34.79 95.69
N LEU P 749 1.89 -35.84 95.31
CA LEU P 749 2.38 -37.20 95.46
C LEU P 749 3.14 -37.64 94.22
N VAL P 750 4.39 -38.08 94.41
CA VAL P 750 5.26 -38.50 93.32
C VAL P 750 5.78 -39.90 93.63
N ALA P 751 5.69 -40.79 92.64
CA ALA P 751 6.14 -42.15 92.81
C ALA P 751 7.67 -42.22 92.89
N PRO P 752 8.21 -43.18 93.65
CA PRO P 752 9.67 -43.26 93.80
C PRO P 752 10.40 -43.79 92.57
N MET P 753 9.85 -44.83 91.93
CA MET P 753 10.56 -45.51 90.86
C MET P 753 10.31 -44.87 89.49
N SER P 754 9.06 -44.85 89.04
CA SER P 754 8.72 -44.27 87.74
C SER P 754 7.61 -43.25 87.94
N HIS P 755 7.74 -42.12 87.25
CA HIS P 755 6.81 -41.01 87.45
C HIS P 755 6.68 -40.24 86.15
N ASN P 756 5.63 -39.42 86.08
CA ASN P 756 5.37 -38.63 84.89
C ASN P 756 6.24 -37.38 84.82
N PHE P 757 6.96 -37.06 85.88
CA PHE P 757 7.82 -35.87 85.92
C PHE P 757 9.25 -36.15 85.49
N GLN P 758 9.52 -37.30 84.84
CA GLN P 758 10.88 -37.60 84.45
C GLN P 758 11.33 -36.78 83.24
N TYR P 759 10.38 -36.25 82.46
CA TYR P 759 10.73 -35.47 81.28
C TYR P 759 10.85 -33.99 81.56
N ILE P 760 10.88 -33.58 82.83
CA ILE P 760 10.79 -32.17 83.17
C ILE P 760 12.10 -31.48 82.85
N ARG P 761 12.02 -30.29 82.24
CA ARG P 761 13.18 -29.45 82.00
C ARG P 761 13.16 -28.14 82.76
N LYS P 762 11.97 -27.63 83.11
CA LYS P 762 11.86 -26.34 83.76
C LYS P 762 10.81 -26.40 84.86
N LEU P 763 11.18 -25.95 86.05
CA LEU P 763 10.27 -25.83 87.18
C LEU P 763 10.35 -24.41 87.74
N ILE P 764 9.19 -23.77 87.89
CA ILE P 764 9.09 -22.43 88.43
C ILE P 764 8.06 -22.46 89.56
N ILE P 765 8.53 -22.28 90.80
CA ILE P 765 7.66 -22.26 91.96
C ILE P 765 7.71 -20.87 92.56
N SER P 766 6.55 -20.22 92.66
CA SER P 766 6.49 -18.83 93.10
C SER P 766 5.24 -18.59 93.92
N HIS P 767 5.38 -17.72 94.93
CA HIS P 767 4.25 -17.21 95.72
C HIS P 767 3.40 -18.34 96.30
N CYS P 768 4.04 -19.38 96.82
CA CYS P 768 3.30 -20.48 97.42
C CYS P 768 3.63 -20.59 98.90
N PRO P 769 2.87 -19.94 99.79
CA PRO P 769 3.19 -20.00 101.22
C PRO P 769 2.71 -21.28 101.87
N LYS P 770 1.61 -21.85 101.37
CA LYS P 770 1.06 -23.08 101.94
C LYS P 770 1.77 -24.33 101.44
N LEU P 771 2.52 -24.24 100.35
CA LEU P 771 3.23 -25.40 99.82
C LEU P 771 4.39 -25.76 100.72
N SER P 772 4.54 -27.06 101.01
CA SER P 772 5.62 -27.53 101.87
C SER P 772 6.42 -28.65 101.22
N ASN P 773 5.74 -29.52 100.49
CA ASN P 773 6.39 -30.72 99.93
C ASN P 773 7.16 -30.35 98.67
N ILE P 774 8.48 -30.50 98.72
CA ILE P 774 9.35 -30.20 97.58
C ILE P 774 10.37 -31.31 97.33
N THR P 775 10.35 -32.40 98.10
CA THR P 775 11.39 -33.42 98.04
C THR P 775 11.49 -34.07 96.66
N TRP P 776 10.41 -34.05 95.88
CA TRP P 776 10.37 -34.74 94.59
C TRP P 776 11.28 -34.11 93.55
N VAL P 777 11.83 -32.91 93.82
CA VAL P 777 12.62 -32.22 92.81
C VAL P 777 13.87 -33.02 92.44
N ARG P 778 14.52 -33.62 93.44
CA ARG P 778 15.77 -34.35 93.20
C ARG P 778 15.57 -35.62 92.38
N ARG P 779 14.34 -36.06 92.17
CA ARG P 779 14.07 -37.23 91.34
C ARG P 779 13.98 -36.92 89.85
N LEU P 780 14.13 -35.65 89.46
CA LEU P 780 14.00 -35.25 88.07
C LEU P 780 15.40 -35.01 87.51
N GLN P 781 15.91 -36.01 86.79
CA GLN P 781 17.27 -35.95 86.28
C GLN P 781 17.42 -35.00 85.10
N LEU P 782 16.36 -34.82 84.32
CA LEU P 782 16.42 -33.99 83.12
C LEU P 782 16.11 -32.52 83.39
N LEU P 783 15.90 -32.15 84.65
CA LEU P 783 15.48 -30.79 85.00
C LEU P 783 16.63 -29.83 84.73
N GLU P 784 16.36 -28.78 83.95
CA GLU P 784 17.40 -27.82 83.58
C GLU P 784 17.28 -26.53 84.38
N ARG P 785 16.06 -26.00 84.52
CA ARG P 785 15.85 -24.65 85.06
C ARG P 785 15.13 -24.76 86.39
N LEU P 786 15.68 -24.12 87.42
CA LEU P 786 15.08 -24.06 88.74
C LEU P 786 14.72 -22.62 89.07
N VAL P 787 13.47 -22.39 89.45
CA VAL P 787 13.01 -21.08 89.90
C VAL P 787 12.18 -21.30 91.17
N ILE P 788 12.73 -20.88 92.31
CA ILE P 788 12.05 -20.93 93.59
C ILE P 788 12.00 -19.51 94.13
N SER P 789 10.79 -19.00 94.38
CA SER P 789 10.65 -17.62 94.83
C SER P 789 9.45 -17.48 95.76
N HIS P 790 9.64 -16.77 96.87
CA HIS P 790 8.57 -16.38 97.78
C HIS P 790 7.81 -17.58 98.34
N CYS P 791 8.37 -18.78 98.22
CA CYS P 791 7.77 -19.99 98.77
C CYS P 791 8.40 -20.32 100.12
N ASP P 792 8.05 -19.52 101.12
CA ASP P 792 8.60 -19.68 102.46
C ASP P 792 8.03 -20.89 103.20
N GLY P 793 7.05 -21.59 102.62
CA GLY P 793 6.56 -22.81 103.22
C GLY P 793 7.50 -23.99 103.07
N VAL P 794 8.57 -23.82 102.30
CA VAL P 794 9.58 -24.85 102.12
C VAL P 794 10.81 -24.45 102.93
N LEU P 795 11.13 -25.25 103.96
CA LEU P 795 12.32 -24.98 104.76
C LEU P 795 13.59 -25.36 104.00
N GLU P 796 13.59 -26.51 103.34
CA GLU P 796 14.73 -26.95 102.54
C GLU P 796 14.21 -27.72 101.34
N ILE P 797 14.96 -27.65 100.24
CA ILE P 797 14.59 -28.42 99.05
C ILE P 797 14.83 -29.91 99.29
N VAL P 798 15.95 -30.28 99.89
CA VAL P 798 16.25 -31.65 100.26
C VAL P 798 16.60 -31.66 101.75
N GLU P 799 15.79 -32.33 102.55
CA GLU P 799 16.03 -32.39 103.98
C GLU P 799 16.93 -33.58 104.32
N ASP P 800 17.13 -33.80 105.62
CA ASP P 800 17.95 -34.90 106.10
C ASP P 800 17.22 -36.23 105.92
N THR P 831 21.73 -45.62 93.41
CA THR P 831 22.62 -45.49 92.26
C THR P 831 23.68 -44.42 92.52
N GLY P 832 24.89 -44.65 92.01
CA GLY P 832 25.94 -43.66 92.10
C GLY P 832 25.73 -42.55 91.08
N GLN P 833 24.63 -41.81 91.25
CA GLN P 833 24.20 -40.83 90.27
C GLN P 833 23.84 -39.53 90.97
N SER P 834 24.12 -38.42 90.31
CA SER P 834 23.75 -37.12 90.84
C SER P 834 22.24 -36.89 90.67
N ASP P 835 21.69 -36.04 91.54
CA ASP P 835 20.26 -35.73 91.48
C ASP P 835 19.91 -34.77 90.37
N PHE P 836 20.88 -33.98 89.87
CA PHE P 836 20.61 -33.03 88.80
C PHE P 836 21.68 -33.13 87.72
N PRO P 837 21.75 -34.24 86.98
CA PRO P 837 22.78 -34.34 85.92
C PRO P 837 22.62 -33.32 84.81
N LYS P 838 21.39 -32.93 84.48
CA LYS P 838 21.14 -32.00 83.38
C LYS P 838 20.81 -30.59 83.85
N LEU P 839 21.09 -30.26 85.11
CA LEU P 839 20.81 -28.93 85.62
C LEU P 839 21.62 -27.88 84.85
N ARG P 840 20.98 -26.75 84.56
CA ARG P 840 21.62 -25.64 83.87
C ARG P 840 21.51 -24.32 84.62
N LEU P 841 20.36 -24.04 85.24
CA LEU P 841 20.14 -22.75 85.87
C LEU P 841 19.36 -22.93 87.17
N ILE P 842 19.77 -22.20 88.21
CA ILE P 842 19.04 -22.15 89.48
C ILE P 842 18.76 -20.68 89.80
N VAL P 843 17.51 -20.37 90.10
CA VAL P 843 17.09 -19.02 90.43
C VAL P 843 16.37 -19.04 91.77
N LEU P 844 16.83 -18.20 92.70
CA LEU P 844 16.20 -18.03 94.00
C LEU P 844 15.87 -16.55 94.21
N THR P 845 14.70 -16.27 94.77
CA THR P 845 14.23 -14.89 94.90
C THR P 845 13.32 -14.75 96.09
N GLY P 846 13.61 -13.78 96.96
CA GLY P 846 12.68 -13.35 97.98
C GLY P 846 12.40 -14.32 99.09
N LEU P 847 13.21 -15.37 99.26
CA LEU P 847 12.96 -16.36 100.29
C LEU P 847 13.49 -15.88 101.63
N LYS P 848 12.60 -15.72 102.60
CA LYS P 848 12.97 -15.25 103.94
C LYS P 848 13.07 -16.38 104.95
N LYS P 849 12.64 -17.60 104.61
CA LYS P 849 12.69 -18.71 105.54
C LYS P 849 13.38 -19.95 105.01
N LEU P 850 13.93 -19.93 103.79
CA LEU P 850 14.63 -21.09 103.27
C LEU P 850 15.99 -21.23 103.96
N ARG P 851 16.34 -22.47 104.31
CA ARG P 851 17.63 -22.75 104.92
C ARG P 851 18.68 -23.13 103.87
N SER P 852 18.41 -24.19 103.12
CA SER P 852 19.37 -24.69 102.13
C SER P 852 18.60 -25.45 101.06
N ILE P 853 19.26 -25.65 99.91
CA ILE P 853 18.68 -26.40 98.82
C ILE P 853 18.94 -27.89 99.02
N CYS P 854 20.21 -28.28 99.00
CA CYS P 854 20.58 -29.68 99.17
C CYS P 854 22.07 -29.75 99.46
N LYS P 855 22.54 -30.97 99.69
CA LYS P 855 23.95 -31.20 99.97
C LYS P 855 24.75 -31.23 98.66
N ALA P 856 26.07 -31.34 98.81
CA ALA P 856 26.95 -31.32 97.66
C ALA P 856 26.68 -32.50 96.73
N ARG P 857 26.62 -32.21 95.43
CA ARG P 857 26.35 -33.23 94.42
C ARG P 857 27.02 -32.83 93.12
N GLU P 858 27.11 -33.79 92.20
CA GLU P 858 27.66 -33.53 90.89
C GLU P 858 26.71 -32.70 90.05
N PHE P 859 27.22 -31.64 89.42
CA PHE P 859 26.44 -30.81 88.50
C PHE P 859 27.26 -30.57 87.23
N PRO P 860 27.40 -31.60 86.39
CA PRO P 860 28.22 -31.44 85.18
C PRO P 860 27.75 -30.37 84.23
N CYS P 861 26.43 -30.17 84.10
CA CYS P 861 25.90 -29.26 83.10
C CYS P 861 25.55 -27.88 83.66
N LEU P 862 25.84 -27.62 84.93
CA LEU P 862 25.45 -26.36 85.55
C LEU P 862 26.12 -25.18 84.84
N GLU P 863 25.33 -24.14 84.61
CA GLU P 863 25.80 -22.95 83.89
C GLU P 863 25.80 -21.69 84.75
N THR P 864 24.72 -21.45 85.51
CA THR P 864 24.60 -20.20 86.24
C THR P 864 23.78 -20.43 87.50
N LEU P 865 24.24 -19.83 88.60
CA LEU P 865 23.53 -19.81 89.86
C LEU P 865 23.19 -18.36 90.21
N ARG P 866 21.94 -18.12 90.57
CA ARG P 866 21.45 -16.77 90.82
C ARG P 866 20.55 -16.76 92.03
N VAL P 867 20.93 -15.97 93.04
CA VAL P 867 20.14 -15.79 94.26
C VAL P 867 20.00 -14.30 94.51
N GLU P 868 18.76 -13.84 94.73
CA GLU P 868 18.51 -12.44 95.00
C GLU P 868 17.51 -12.31 96.15
N ASP P 869 17.75 -11.33 97.03
CA ASP P 869 16.84 -11.01 98.12
C ASP P 869 16.53 -12.21 99.01
N CYS P 870 17.57 -12.98 99.37
CA CYS P 870 17.39 -14.11 100.26
C CYS P 870 18.32 -13.95 101.47
N PRO P 871 18.00 -13.05 102.40
CA PRO P 871 18.91 -12.80 103.52
C PRO P 871 19.07 -13.98 104.46
N ASN P 872 18.07 -14.86 104.56
CA ASN P 872 18.10 -15.96 105.52
C ASN P 872 18.55 -17.27 104.89
N LEU P 873 19.06 -17.25 103.67
CA LEU P 873 19.60 -18.47 103.06
C LEU P 873 20.88 -18.87 103.78
N ARG P 874 20.86 -20.06 104.39
CA ARG P 874 21.94 -20.48 105.27
C ARG P 874 23.12 -21.10 104.53
N SER P 875 22.87 -21.89 103.48
CA SER P 875 23.95 -22.53 102.77
C SER P 875 23.50 -22.84 101.35
N ILE P 876 24.49 -23.11 100.49
CA ILE P 876 24.25 -23.38 99.08
C ILE P 876 24.72 -24.80 98.75
N PRO P 877 24.13 -25.48 97.77
CA PRO P 877 24.54 -26.86 97.48
C PRO P 877 25.89 -26.97 96.78
N LEU P 878 26.37 -25.92 96.15
CA LEU P 878 27.63 -26.00 95.40
C LEU P 878 28.81 -26.10 96.36
N SER P 879 29.83 -26.84 95.93
CA SER P 879 31.03 -27.02 96.74
C SER P 879 32.22 -27.23 95.81
N CYS P 880 33.42 -26.99 96.36
CA CYS P 880 34.65 -27.16 95.59
C CYS P 880 35.02 -28.62 95.37
N THR P 881 34.32 -29.56 96.01
CA THR P 881 34.64 -30.97 95.91
C THR P 881 34.38 -31.55 94.52
N HIS P 882 33.67 -30.83 93.65
CA HIS P 882 33.34 -31.31 92.32
C HIS P 882 33.82 -30.30 91.27
N ASN P 883 34.03 -30.80 90.05
CA ASN P 883 34.50 -29.97 88.96
C ASN P 883 33.34 -29.30 88.24
N TYR P 884 33.60 -28.09 87.74
CA TYR P 884 32.63 -27.38 86.92
C TYR P 884 33.36 -26.72 85.76
N TRP P 885 32.77 -26.83 84.57
CA TRP P 885 33.37 -26.27 83.37
C TRP P 885 32.38 -25.36 82.65
N LYS P 886 31.10 -25.73 82.64
CA LYS P 886 30.08 -24.91 82.01
C LYS P 886 29.52 -23.83 82.93
N LEU P 887 29.88 -23.84 84.21
CA LEU P 887 29.41 -22.83 85.15
C LEU P 887 29.99 -21.49 84.73
N LYS P 888 29.14 -20.63 84.17
CA LYS P 888 29.60 -19.38 83.59
C LYS P 888 29.64 -18.23 84.60
N GLN P 889 28.72 -18.19 85.54
CA GLN P 889 28.68 -17.11 86.52
C GLN P 889 27.88 -17.55 87.73
N ILE P 890 28.08 -16.82 88.83
CA ILE P 890 27.31 -16.99 90.05
C ILE P 890 26.82 -15.62 90.49
N CYS P 891 25.53 -15.53 90.81
CA CYS P 891 24.91 -14.26 91.18
C CYS P 891 24.48 -14.30 92.63
N GLY P 892 24.74 -13.21 93.35
CA GLY P 892 24.40 -13.11 94.75
C GLY P 892 24.71 -11.74 95.34
N SER P 893 25.00 -11.70 96.63
CA SER P 893 25.31 -10.45 97.32
C SER P 893 26.30 -10.71 98.43
N VAL P 894 26.97 -9.64 98.87
CA VAL P 894 27.96 -9.75 99.93
C VAL P 894 27.31 -10.19 101.23
N GLU P 895 26.14 -9.63 101.56
CA GLU P 895 25.41 -10.07 102.74
C GLU P 895 25.04 -11.54 102.64
N TRP P 896 24.59 -11.97 101.45
CA TRP P 896 24.33 -13.39 101.22
C TRP P 896 25.61 -14.20 101.36
N TRP P 897 26.72 -13.67 100.83
CA TRP P 897 28.01 -14.35 100.99
C TRP P 897 28.43 -14.42 102.46
N GLU P 898 28.22 -13.34 103.22
CA GLU P 898 28.57 -13.35 104.64
C GLU P 898 27.71 -14.34 105.42
N LYS P 899 26.40 -14.36 105.15
CA LYS P 899 25.48 -15.16 105.95
C LYS P 899 25.43 -16.62 105.54
N LEU P 900 26.05 -16.99 104.42
CA LEU P 900 26.08 -18.39 104.02
C LEU P 900 26.95 -19.20 104.97
N GLN P 901 26.49 -20.41 105.29
CA GLN P 901 27.34 -21.36 105.97
C GLN P 901 28.22 -22.08 104.96
N TRP P 902 29.52 -22.08 105.20
CA TRP P 902 30.50 -22.65 104.28
C TRP P 902 31.02 -23.95 104.86
N GLU P 903 30.62 -25.07 104.25
CA GLU P 903 31.05 -26.38 104.70
C GLU P 903 32.56 -26.56 104.57
N ASN P 904 33.18 -25.92 103.58
CA ASN P 904 34.63 -25.90 103.43
C ASN P 904 35.08 -24.45 103.44
N ARG P 905 36.05 -24.14 104.29
CA ARG P 905 36.49 -22.76 104.46
C ARG P 905 37.22 -22.21 103.24
N LYS P 906 37.65 -23.08 102.32
CA LYS P 906 38.24 -22.60 101.08
C LYS P 906 37.18 -22.08 100.11
N GLU P 907 35.92 -22.47 100.30
CA GLU P 907 34.85 -22.01 99.41
C GLU P 907 34.62 -20.51 99.52
N VAL P 908 35.06 -19.90 100.62
CA VAL P 908 34.88 -18.46 100.80
C VAL P 908 35.61 -17.69 99.73
N ALA P 909 36.83 -18.10 99.40
CA ALA P 909 37.62 -17.42 98.38
C ALA P 909 37.52 -18.12 97.02
N CYS P 910 37.39 -19.44 97.00
CA CYS P 910 37.36 -20.17 95.74
C CYS P 910 36.08 -19.89 94.96
N LEU P 911 34.94 -19.84 95.64
CA LEU P 911 33.67 -19.61 94.97
C LEU P 911 33.42 -18.14 94.66
N ASP P 912 34.30 -17.24 95.11
CA ASP P 912 34.13 -15.82 94.83
C ASP P 912 34.96 -15.39 93.63
N SER P 913 36.24 -15.74 93.62
CA SER P 913 37.14 -15.28 92.58
C SER P 913 36.91 -15.97 91.24
N LYS P 914 36.07 -17.01 91.20
CA LYS P 914 35.93 -17.78 89.97
C LYS P 914 34.67 -17.41 89.17
N TYR P 915 33.51 -17.34 89.83
CA TYR P 915 32.27 -17.18 89.06
C TYR P 915 31.35 -16.10 89.64
N PHE P 916 31.61 -15.66 90.86
CA PHE P 916 30.67 -14.79 91.56
C PHE P 916 30.57 -13.42 90.91
N ILE P 917 29.34 -12.99 90.65
CA ILE P 917 29.06 -11.66 90.11
C ILE P 917 27.93 -11.05 90.94
N PRO P 918 28.24 -10.13 91.85
CA PRO P 918 27.19 -9.59 92.73
C PRO P 918 26.27 -8.63 92.00
N ILE P 919 25.17 -8.30 92.66
CA ILE P 919 24.19 -7.35 92.13
C ILE P 919 24.47 -5.96 92.66
PG ATP Q . -63.63 -23.51 -14.22
O1G ATP Q . -63.05 -24.06 -12.97
O2G ATP Q . -64.45 -22.22 -14.01
O3G ATP Q . -62.60 -23.27 -15.32
PB ATP Q . -66.10 -24.54 -15.55
O1B ATP Q . -66.83 -25.79 -15.29
O2B ATP Q . -66.81 -23.25 -15.13
O3B ATP Q . -64.68 -24.53 -14.87
PA ATP Q . -66.50 -24.11 -18.46
O1A ATP Q . -67.31 -22.87 -18.38
O2A ATP Q . -67.30 -25.37 -18.77
O3A ATP Q . -65.72 -24.37 -17.10
O5' ATP Q . -65.35 -23.98 -19.52
C5' ATP Q . -64.71 -25.15 -20.08
C4' ATP Q . -65.41 -25.53 -21.36
O4' ATP Q . -66.34 -26.60 -21.12
C3' ATP Q . -66.23 -24.43 -22.02
O3' ATP Q . -65.50 -23.78 -23.06
C2' ATP Q . -67.47 -25.16 -22.58
O2' ATP Q . -67.55 -25.03 -23.99
C1' ATP Q . -67.22 -26.62 -22.21
N9 ATP Q . -68.42 -27.36 -21.80
C8 ATP Q . -68.90 -27.52 -20.54
N7 ATP Q . -69.99 -28.25 -20.46
C5 ATP Q . -70.25 -28.59 -21.79
C6 ATP Q . -71.26 -29.35 -22.40
N6 ATP Q . -72.26 -29.92 -21.72
N1 ATP Q . -71.22 -29.49 -23.74
C2 ATP Q . -70.22 -28.92 -24.41
N3 ATP Q . -69.21 -28.18 -23.95
C4 ATP Q . -69.28 -28.04 -22.62
PG ATP R . -51.55 -11.27 -45.04
O1G ATP R . -51.13 -12.47 -44.25
O2G ATP R . -52.68 -10.48 -44.38
O3G ATP R . -50.41 -10.32 -45.37
PB ATP R . -53.33 -11.37 -47.43
O1B ATP R . -53.67 -12.49 -48.32
O2B ATP R . -54.46 -10.83 -46.58
O3B ATP R . -52.14 -11.72 -46.46
PA ATP R . -53.26 -9.11 -49.35
O1A ATP R . -54.38 -8.29 -48.84
O2A ATP R . -53.59 -9.93 -50.60
O3A ATP R . -52.74 -10.13 -48.25
O5' ATP R . -52.00 -8.22 -49.65
C5' ATP R . -50.95 -8.68 -50.54
C4' ATP R . -51.22 -8.15 -51.93
O4' ATP R . -51.88 -9.16 -52.70
C3' ATP R . -52.13 -6.93 -52.00
O3' ATP R . -51.37 -5.73 -52.12
C2' ATP R . -52.99 -7.16 -53.26
O2' ATP R . -52.78 -6.14 -54.23
C1' ATP R . -52.47 -8.50 -53.80
N9 ATP R . -53.51 -9.38 -54.34
C8 ATP R . -54.20 -10.35 -53.68
N7 ATP R . -55.07 -10.99 -54.43
C5 ATP R . -54.94 -10.39 -55.67
C6 ATP R . -55.58 -10.61 -56.90
N6 ATP R . -56.54 -11.54 -57.09
N1 ATP R . -55.23 -9.84 -57.94
C2 ATP R . -54.28 -8.92 -57.76
N3 ATP R . -53.60 -8.61 -56.65
C4 ATP R . -53.98 -9.39 -55.63
PG ATP S . -36.70 18.83 -55.77
O1G ATP S . -36.17 17.43 -55.79
O2G ATP S . -38.10 18.95 -55.17
O3G ATP S . -35.77 19.81 -55.06
PB ATP S . -37.85 20.24 -58.13
O1B ATP S . -37.71 19.96 -59.57
O2B ATP S . -39.25 20.02 -57.54
O3B ATP S . -36.84 19.40 -57.25
PA ATP S . -37.94 23.20 -58.12
O1A ATP S . -39.30 23.43 -57.60
O2A ATP S . -37.79 23.39 -59.63
O3A ATP S . -37.43 21.73 -57.77
O5' ATP S . -36.89 24.13 -57.40
C5' ATP S . -35.62 24.43 -57.99
C4' ATP S . -35.71 25.74 -58.75
O4' ATP S . -35.95 25.46 -60.14
C3' ATP S . -36.86 26.66 -58.33
O3' ATP S . -36.40 27.65 -57.42
C2' ATP S . -37.35 27.28 -59.64
O2' ATP S . -37.21 28.69 -59.64
C1' ATP S . -36.45 26.65 -60.70
N9 ATP S . -37.10 26.33 -61.96
C8 ATP S . -37.67 25.13 -62.31
N7 ATP S . -38.19 25.11 -63.51
C5 ATP S . -37.94 26.39 -64.00
C6 ATP S . -38.24 27.02 -65.23
N6 ATP S . -38.87 26.41 -66.23
N1 ATP S . -37.84 28.30 -65.38
C2 ATP S . -37.20 28.90 -64.38
N3 ATP S . -36.87 28.42 -63.18
C4 ATP S . -37.27 27.15 -63.05
PG ATP T . -27.78 49.18 -40.18
O1G ATP T . -26.89 48.23 -40.91
O2G ATP T . -29.25 48.75 -40.16
O3G ATP T . -27.32 49.46 -38.76
PB ATP T . -28.80 51.73 -41.34
O1B ATP T . -28.34 52.45 -42.54
O2B ATP T . -30.17 51.06 -41.45
O3B ATP T . -27.78 50.60 -40.90
PA ATP T . -29.60 53.98 -39.61
O1A ATP T . -31.06 53.79 -39.60
O2A ATP T . -29.10 55.11 -40.50
O3A ATP T . -28.83 52.66 -40.05
O5' ATP T . -29.06 54.23 -38.14
C5' ATP T . -27.78 54.86 -37.90
C4' ATP T . -28.01 56.33 -37.68
O4' ATP T . -27.84 57.04 -38.93
C3' ATP T . -29.40 56.72 -37.18
O3' ATP T . -29.39 56.92 -35.77
C2' ATP T . -29.73 58.02 -37.93
O2' ATP T . -29.94 59.10 -37.02
C1' ATP T . -28.47 58.28 -38.77
N9 ATP T . -28.75 58.83 -40.09
C8 ATP T . -28.89 58.13 -41.27
N7 ATP T . -29.11 58.88 -42.32
C5 ATP T . -29.12 60.17 -41.80
C6 ATP T . -29.31 61.43 -42.41
N6 ATP T . -29.54 61.61 -43.70
N1 ATP T . -29.25 62.52 -41.61
C2 ATP T . -29.03 62.35 -40.30
N3 ATP T . -28.83 61.22 -39.63
C4 ATP T . -28.89 60.15 -40.43
PG ATP U . -30.07 62.01 -7.45
O1G ATP U . -28.85 61.83 -8.29
O2G ATP U . -31.36 61.58 -8.14
O3G ATP U . -29.98 61.33 -6.09
PB ATP U . -31.45 64.61 -7.02
O1B ATP U . -30.99 65.97 -7.33
O2B ATP U . -32.59 64.09 -7.90
O3B ATP U . -30.29 63.55 -7.11
PA ATP U . -33.10 65.04 -4.60
O1A ATP U . -34.43 64.71 -5.16
O2A ATP U . -32.84 66.53 -4.41
O3A ATP U . -31.93 64.46 -5.51
O5' ATP U . -32.87 64.31 -3.22
C5' ATP U . -31.88 64.78 -2.28
C4' ATP U . -32.54 65.73 -1.30
O4' ATP U . -32.31 67.08 -1.73
C3' ATP U . -34.05 65.60 -1.17
O3' ATP U . -34.39 64.81 -0.03
C2' ATP U . -34.55 67.04 -1.01
O2' ATP U . -35.22 67.24 0.23
C1' ATP U . -33.26 67.87 -1.05
N9 ATP U . -33.38 69.15 -1.75
C8 ATP U . -33.10 69.39 -3.07
N7 ATP U . -33.28 70.64 -3.42
C5 ATP U . -33.71 71.25 -2.27
C6 ATP U . -34.09 72.58 -1.97
N6 ATP U . -34.07 73.57 -2.87
N1 ATP U . -34.47 72.87 -0.71
C2 ATP U . -34.48 71.89 0.20
N3 ATP U . -34.15 70.60 0.04
C4 ATP U . -33.78 70.35 -1.21
PG ATP V . -42.24 49.80 23.33
O1G ATP V . -40.87 50.26 22.96
O2G ATP V . -43.25 49.90 22.19
O3G ATP V . -42.27 48.38 23.91
PB ATP V . -44.20 51.45 24.85
O1B ATP V . -43.98 52.64 25.70
O2B ATP V . -44.95 51.70 23.55
O3B ATP V . -42.84 50.72 24.47
PA ATP V . -46.42 50.12 26.29
O1A ATP V . -47.50 50.23 25.28
O2A ATP V . -46.52 51.12 27.44
O3A ATP V . -44.98 50.31 25.63
O5' ATP V . -46.36 48.66 26.88
C5' ATP V . -45.71 48.39 28.15
C4' ATP V . -46.75 48.40 29.25
O4' ATP V . -46.78 49.70 29.86
C3' ATP V . -48.17 48.12 28.80
O3' ATP V . -48.52 46.76 29.03
C2' ATP V . -49.03 49.08 29.65
O2' ATP V . -49.96 48.36 30.45
C1' ATP V . -48.01 49.79 30.53
N9 ATP V . -48.29 51.20 30.78
C8 ATP V . -47.83 52.27 30.07
N7 ATP V . -48.23 53.43 30.53
C5 ATP V . -49.02 53.09 31.61
C6 ATP V . -49.75 53.88 32.53
N6 ATP V . -49.81 55.21 32.49
N1 ATP V . -50.44 53.23 33.49
C2 ATP V . -50.39 51.89 33.54
N3 ATP V . -49.73 51.06 32.73
C4 ATP V . -49.07 51.72 31.78
PG ATP W . -57.04 19.70 34.09
O1G ATP W . -55.79 20.33 34.59
O2G ATP W . -57.73 20.49 32.98
O3G ATP W . -56.84 18.25 33.61
PB ATP W . -59.69 19.80 35.47
O1B ATP W . -59.99 20.27 36.83
O2B ATP W . -60.17 20.70 34.35
O3B ATP W . -58.13 19.58 35.24
PA ATP W . -61.70 17.68 35.00
O1A ATP W . -62.47 18.35 33.93
O2A ATP W . -62.38 17.68 36.37
O3A ATP W . -60.26 18.34 35.19
O5' ATP W . -61.37 16.19 34.62
C5' ATP W . -61.01 15.22 35.63
C4' ATP W . -62.24 14.48 36.07
O4' ATP W . -62.73 15.04 37.30
C3' ATP W . -63.43 14.54 35.11
O3' ATP W . -63.48 13.37 34.30
C2' ATP W . -64.66 14.65 36.03
O2' ATP W . -65.53 13.54 35.86
C1' ATP W . -64.06 14.62 37.44
N9 ATP W . -64.72 15.50 38.40
C8 ATP W . -64.38 16.79 38.71
N7 ATP W . -65.14 17.33 39.62
C5 ATP W . -66.04 16.34 39.94
C6 ATP W . -67.12 16.29 40.85
N6 ATP W . -67.49 17.30 41.63
N1 ATP W . -67.82 15.13 40.91
C2 ATP W . -67.47 14.11 40.13
N3 ATP W . -66.47 14.05 39.25
C4 ATP W . -65.80 15.20 39.20
PG ATP X . -65.96 -10.67 18.53
O1G ATP X . -65.03 -10.43 19.66
O2G ATP X . -66.62 -9.40 17.97
O3G ATP X . -65.33 -11.44 17.36
PB ATP X . -68.75 -11.68 18.82
O1B ATP X . -69.39 -12.37 19.97
O2B ATP X . -69.26 -10.28 18.53
O3B ATP X . -67.18 -11.59 18.99
PA ATP X . -70.08 -13.02 16.55
O1A ATP X . -70.84 -11.89 15.97
O2A ATP X . -70.91 -14.00 17.36
O3A ATP X . -68.89 -12.52 17.47
O5' ATP X . -69.34 -13.82 15.41
C5' ATP X . -68.90 -15.17 15.61
C4' ATP X . -69.95 -16.12 15.09
O4' ATP X . -70.80 -16.54 16.16
C3' ATP X . -70.89 -15.53 14.03
O3' ATP X . -70.47 -15.89 12.72
C2' ATP X . -72.27 -16.12 14.38
O2' ATP X . -72.79 -16.89 13.30
C1' ATP X . -71.98 -17.02 15.58
N9 ATP X . -73.03 -17.04 16.59
C8 ATP X . -73.11 -16.24 17.71
N7 ATP X . -74.16 -16.47 18.45
C5 ATP X . -74.82 -17.49 17.78
C6 ATP X . -76.01 -18.18 18.06
N6 ATP X . -76.78 -17.96 19.13
N1 ATP X . -76.39 -19.14 17.19
C2 ATP X . -75.63 -19.38 16.12
N3 ATP X . -74.49 -18.79 15.76
C4 ATP X . -74.14 -17.84 16.64
PG ATP Y . 53.09 13.60 42.50
O1G ATP Y . 51.78 13.42 43.17
O2G ATP Y . 53.92 12.32 42.41
O3G ATP Y . 52.99 14.23 41.11
PB ATP Y . 55.50 14.76 43.85
O1B ATP Y . 55.60 15.63 45.03
O2B ATP Y . 56.04 13.34 44.02
O3B ATP Y . 54.01 14.62 43.33
PA ATP Y . 57.72 15.82 42.21
O1A ATP Y . 58.63 14.65 42.14
O2A ATP Y . 58.15 16.90 43.19
O3A ATP Y . 56.24 15.39 42.59
O5' ATP Y . 57.55 16.46 40.78
C5' ATP Y . 57.06 17.81 40.62
C4' ATP Y . 58.23 18.75 40.49
O4' ATP Y . 58.58 19.29 41.78
C3' ATP Y . 59.52 18.12 39.95
O3' ATP Y . 59.67 18.38 38.56
C2' ATP Y . 60.64 18.77 40.78
O2' ATP Y . 61.56 19.46 39.94
C1' ATP Y . 59.89 19.76 41.68
N9 ATP Y . 60.44 19.89 43.02
C8 ATP Y . 60.04 19.22 44.14
N7 ATP Y . 60.71 19.54 45.22
C5 ATP Y . 61.60 20.50 44.78
C6 ATP Y . 62.60 21.25 45.45
N6 ATP Y . 62.86 21.14 46.75
N1 ATP Y . 63.32 22.12 44.71
C2 ATP Y . 63.06 22.24 43.41
N3 ATP Y . 62.15 21.59 42.68
C4 ATP Y . 61.45 20.72 43.43
PG ATP Z . 64.42 23.36 10.58
O1G ATP Z . 63.37 24.00 11.44
O2G ATP Z . 65.06 22.12 11.22
O3G ATP Z . 63.93 23.00 9.18
PB ATP Z . 67.22 24.35 10.32
O1B ATP Z . 67.78 25.67 10.65
O2B ATP Z . 67.67 23.20 11.20
O3B ATP Z . 65.63 24.36 10.34
PA ATP Z . 68.82 23.65 7.94
O1A ATP Z . 69.57 22.49 8.45
O2A ATP Z . 69.61 24.95 7.86
O3A ATP Z . 67.53 23.93 8.82
O5' ATP Z . 68.22 23.34 6.51
C5' ATP Z . 67.80 24.40 5.62
C4' ATP Z . 68.94 24.70 4.67
O4' ATP Z . 69.70 25.81 5.17
C3' ATP Z . 69.95 23.57 4.46
O3' ATP Z . 69.66 22.87 3.26
C2' ATP Z . 71.30 24.30 4.38
O2' ATP Z . 71.94 24.05 3.12
C1' ATP Z . 70.95 25.77 4.51
N9 ATP Z . 71.90 26.56 5.29
C8 ATP Z . 71.84 26.86 6.62
N7 ATP Z . 72.84 27.60 7.04
C5 ATP Z . 73.60 27.82 5.91
C6 ATP Z . 74.78 28.53 5.68
N6 ATP Z . 75.44 29.19 6.63
N1 ATP Z . 75.28 28.54 4.43
C2 ATP Z . 74.62 27.89 3.46
N3 ATP Z . 73.49 27.18 3.56
C4 ATP Z . 73.03 27.19 4.81
PG ATP AA . 65.57 8.10 -21.22
O1G ATP AA . 64.88 9.34 -20.77
O2G ATP AA . 66.34 7.39 -20.12
O3G ATP AA . 64.64 7.09 -21.91
PB ATP AA . 68.16 8.04 -22.71
O1B ATP AA . 68.82 9.08 -23.52
O2B ATP AA . 68.87 7.68 -21.41
O3B ATP AA . 66.68 8.44 -22.32
PA ATP AA . 68.86 5.61 -24.23
O1A ATP AA . 69.70 4.90 -23.26
O2A ATP AA . 69.64 6.33 -25.33
O3A ATP AA . 67.94 6.70 -23.53
O5' ATP AA . 67.82 4.63 -24.90
C5' ATP AA . 67.17 4.97 -26.14
C4' ATP AA . 67.94 4.34 -27.29
O4' ATP AA . 68.88 5.30 -27.81
C3' ATP AA . 68.77 3.11 -26.91
O3' ATP AA . 68.08 1.91 -27.23
C2' ATP AA . 70.07 3.27 -27.73
O2' ATP AA . 70.24 2.17 -28.62
C1' ATP AA . 69.83 4.56 -28.53
N9 ATP AA . 71.03 5.38 -28.70
C8 ATP AA . 71.42 6.43 -27.90
N7 ATP AA . 72.53 7.01 -28.29
C5 ATP AA . 72.89 6.29 -29.42
C6 ATP AA . 73.98 6.40 -30.31
N6 ATP AA . 74.95 7.31 -30.18
N1 ATP AA . 74.05 5.53 -31.33
C2 ATP AA . 73.10 4.61 -31.46
N3 ATP AA . 72.02 4.41 -30.69
C4 ATP AA . 71.98 5.29 -29.68
PG ATP BA . 55.69 -23.13 -34.21
O1G ATP BA . 55.26 -21.76 -34.61
O2G ATP BA . 56.74 -23.16 -33.10
O3G ATP BA . 54.53 -24.05 -33.82
PB ATP BA . 57.65 -24.77 -35.75
O1B ATP BA . 58.13 -24.60 -37.13
O2B ATP BA . 58.68 -24.48 -34.66
O3B ATP BA . 56.39 -23.87 -35.44
PA ATP BA . 57.69 -27.71 -35.43
O1A ATP BA . 58.70 -27.83 -34.36
O2A ATP BA . 58.19 -28.05 -36.82
O3A ATP BA . 57.10 -26.24 -35.49
O5' ATP BA . 56.43 -28.60 -35.12
C5' ATP BA . 55.51 -28.98 -36.16
C4' ATP BA . 55.89 -30.34 -36.70
O4' ATP BA . 56.66 -30.19 -37.89
C3' ATP BA . 56.76 -31.19 -35.75
O3' ATP BA . 55.97 -32.12 -35.04
C2' ATP BA . 57.75 -31.89 -36.70
O2' ATP BA . 57.63 -33.30 -36.62
C1' ATP BA . 57.34 -31.40 -38.09
N9 ATP BA . 58.45 -31.18 -39.01
C8 ATP BA . 59.12 -30.00 -39.21
N7 ATP BA . 60.08 -30.07 -40.11
C5 ATP BA . 60.02 -31.39 -40.53
C6 ATP BA . 60.77 -32.10 -41.48
N6 ATP BA . 61.77 -31.59 -42.19
N1 ATP BA . 60.46 -33.41 -41.66
C2 ATP BA . 59.47 -33.95 -40.94
N3 ATP BA . 58.70 -33.36 -40.02
C4 ATP BA . 59.02 -32.09 -39.86
PG ATP CA . 40.71 -52.14 -20.85
O1G ATP CA . 40.24 -51.22 -21.92
O2G ATP CA . 42.07 -51.73 -20.26
O3G ATP CA . 39.71 -52.32 -19.71
PB ATP CA . 42.00 -54.78 -21.34
O1B ATP CA . 41.94 -55.66 -22.53
O2B ATP CA . 43.36 -54.15 -21.05
O3B ATP CA . 40.94 -53.60 -21.42
PA ATP CA . 42.06 -56.78 -19.17
O1A ATP CA . 43.38 -56.53 -18.57
O2A ATP CA . 41.99 -58.01 -20.08
O3A ATP CA . 41.54 -55.55 -20.02
O5' ATP CA . 40.95 -56.93 -18.05
C5' ATP CA . 39.69 -57.57 -18.32
C4' ATP CA . 39.77 -59.01 -17.88
O4' ATP CA . 40.12 -59.83 -19.01
C3' ATP CA . 40.81 -59.31 -16.81
O3' ATP CA . 40.21 -59.38 -15.52
C2' ATP CA . 41.41 -60.67 -17.23
O2' ATP CA . 41.23 -61.66 -16.23
C1' ATP CA . 40.61 -61.04 -18.48
N9 ATP CA . 41.38 -61.72 -19.52
C8 ATP CA . 42.02 -61.13 -20.59
N7 ATP CA . 42.63 -61.98 -21.38
C5 ATP CA . 42.38 -63.22 -20.79
C6 ATP CA . 42.75 -64.52 -21.13
N6 ATP CA . 43.50 -64.83 -22.20
N1 ATP CA . 42.34 -65.53 -20.33
C2 ATP CA . 41.61 -65.23 -19.25
N3 ATP CA . 41.19 -64.04 -18.84
C4 ATP CA . 41.62 -63.07 -19.65
PG ATP DA . 29.38 -61.86 11.07
O1G ATP DA . 28.65 -61.69 9.79
O2G ATP DA . 30.88 -61.54 10.99
O3G ATP DA . 28.77 -61.07 12.24
PB ATP DA . 30.26 -64.49 12.20
O1B ATP DA . 29.76 -65.85 11.97
O2B ATP DA . 31.68 -64.21 11.69
O3B ATP DA . 29.33 -63.38 11.55
PA ATP DA . 30.91 -64.60 15.08
O1A ATP DA . 32.36 -64.32 15.09
O2A ATP DA . 30.54 -66.07 15.24
O3A ATP DA . 30.22 -64.09 13.74
O5' ATP DA . 30.17 -63.78 16.20
C5' ATP DA . 28.87 -64.17 16.69
C4' ATP DA . 29.03 -65.00 17.94
O4' ATP DA . 28.97 -66.39 17.60
C3' ATP DA . 30.36 -64.81 18.67
O3' ATP DA . 30.20 -63.90 19.77
C2' ATP DA . 30.73 -66.22 19.16
O2' ATP DA . 30.83 -66.27 20.57
C1' ATP DA . 29.55 -67.08 18.68
N9 ATP DA . 29.92 -68.42 18.23
C8 ATP DA . 30.20 -68.81 16.94
N7 ATP DA . 30.49 -70.08 16.82
C5 ATP DA . 30.40 -70.57 18.11
C6 ATP DA . 30.59 -71.84 18.67
N6 ATP DA . 30.93 -72.92 17.94
N1 ATP DA . 30.41 -71.99 20.00
C2 ATP DA . 30.06 -70.92 20.72
N3 ATP DA . 29.85 -69.66 20.31
C4 ATP DA . 30.04 -69.55 18.99
PG ATP EA . 28.28 -46.63 42.86
O1G ATP EA . 27.18 -47.14 41.99
O2G ATP EA . 29.67 -46.82 42.27
O3G ATP EA . 28.10 -45.17 43.27
PB ATP EA . 29.36 -48.11 45.21
O1B ATP EA . 28.75 -49.16 46.04
O2B ATP EA . 30.54 -48.56 44.36
O3B ATP EA . 28.32 -47.43 44.24
PA ATP EA . 30.90 -46.61 47.25
O1A ATP EA . 32.29 -46.82 46.79
O2A ATP EA . 30.49 -47.49 48.43
O3A ATP EA . 29.86 -46.87 46.09
O5' ATP EA . 30.66 -45.11 47.62
C5' ATP EA . 29.55 -44.70 48.46
C4' ATP EA . 30.02 -44.59 49.89
O4' ATP EA . 29.78 -45.82 50.57
C3' ATP EA . 31.51 -44.30 50.05
O3' ATP EA . 31.74 -42.92 50.29
C2' ATP EA . 31.92 -45.16 51.27
O2' ATP EA . 32.42 -44.35 52.32
C1' ATP EA . 30.61 -45.83 51.71
N9 ATP EA . 30.75 -47.19 52.19
C8 ATP EA . 30.60 -48.34 51.45
N7 ATP EA . 30.78 -49.44 52.14
C5 ATP EA . 31.06 -48.98 53.42
C6 ATP EA . 31.34 -49.66 54.62
N6 ATP EA . 31.40 -50.99 54.73
N1 ATP EA . 31.58 -48.90 55.72
C2 ATP EA . 31.54 -47.58 55.61
N3 ATP EA . 31.27 -46.83 54.53
C4 ATP EA . 31.05 -47.60 53.46
PG ATP FA . 37.94 -15.34 55.84
O1G ATP FA . 36.59 -15.95 55.97
O2G ATP FA . 38.96 -16.24 55.15
O3G ATP FA . 37.95 -13.97 55.16
PB ATP FA . 39.92 -15.29 58.08
O1B ATP FA . 39.68 -15.72 59.47
O2B ATP FA . 40.78 -16.23 57.24
O3B ATP FA . 38.57 -15.06 57.29
PA ATP FA . 41.99 -13.21 58.41
O1A ATP FA . 43.13 -13.98 57.87
O2A ATP FA . 41.99 -13.04 59.92
O3A ATP FA . 40.60 -13.85 58.01
O5' ATP FA . 41.93 -11.77 57.76
C5' ATP FA . 41.20 -10.70 58.39
C4' ATP FA . 42.15 -9.89 59.24
O4' ATP FA . 42.07 -10.33 60.61
C3' ATP FA . 43.63 -10.01 58.87
O3' ATP FA . 44.03 -8.92 58.05
C2' ATP FA . 44.36 -9.99 60.23
O2' ATP FA . 45.23 -8.87 60.33
C1' ATP FA . 43.23 -9.86 61.25
N9 ATP FA . 43.42 -10.65 62.46
C8 ATP FA . 42.98 -11.91 62.70
N7 ATP FA . 43.28 -12.38 63.90
C5 ATP FA . 43.99 -11.33 64.48
C6 ATP FA . 44.59 -11.18 65.74
N6 ATP FA . 44.59 -12.13 66.69
N1 ATP FA . 45.21 -10.01 66.00
C2 ATP FA . 45.22 -9.06 65.07
N3 ATP FA . 44.68 -9.09 63.84
C4 ATP FA . 44.08 -10.26 63.60
#